data_8OIN
#
_entry.id   8OIN
#
_cell.length_a   1.00
_cell.length_b   1.00
_cell.length_c   1.00
_cell.angle_alpha   90.00
_cell.angle_beta   90.00
_cell.angle_gamma   90.00
#
_symmetry.space_group_name_H-M   'P 1'
#
loop_
_entity.id
_entity.type
_entity.pdbx_description
1 polymer 'Mitochondrial ribosomal protein L12'
2 polymer 'E-site tRNA'
3 polymer '16S rRNA'
4 polymer 'CP Phe-tRNA'
5 polymer 'Large ribosomal subunit protein uL22m'
6 polymer '39S ribosomal protein L23, mitochondrial'
7 polymer uL24m
8 polymer '39S ribosomal protein L27, mitochondrial'
9 polymer 'Mitochondrial ribosomal protein L28'
10 polymer 'Mitochondrial ribosomal protein L47'
11 polymer 'Large ribosomal subunit protein uL30m'
12 polymer 'Mitochondrial ribosomal protein L32'
13 polymer 'Large ribosomal subunit protein bL33m'
14 polymer 'Large ribosomal subunit protein bL34m'
15 polymer '39S ribosomal protein L35, mitochondrial'
16 polymer 'Mitochondrial ribosomal protein L2'
17 polymer ICT1
18 polymer 'Mitochondrial ribosomal protein L4'
19 polymer 'Mitochondrial ribosomal protein L9'
20 polymer 'Mitochondrial ribosomal protein L10'
21 polymer 'Mitochondrial ribosomal protein L11'
22 polymer '39S ribosomal protein L13, mitochondrial'
23 polymer 'Mitochondrial ribosomal protein L14'
24 polymer '39S ribosomal protein L15, mitochondrial'
25 polymer uL16m
26 polymer bL17m
27 polymer 'Mitochondrial ribosomal protein L18'
28 polymer '39S ribosomal protein L19, mitochondrial'
29 polymer 'Mitochondrial ribosomal protein L20'
30 polymer 'Mitochondrial ribosomal protein L21'
31 polymer '39S ribosomal protein L52, mitochondrial'
32 polymer 'Mitochondrial ribosomal protein L53'
33 polymer mL54
34 polymer 'Mitochondrial ribosomal protein L55'
35 polymer 'Mitochondrial ribosomal protein L57'
36 polymer 'mL62 (ICT1)'
37 polymer mL64
38 polymer 'Mitochondrial ribosomal protein S18A'
39 polymer '39S ribosomal protein S30, mitochondrial'
40 polymer '39S ribosomal protein L1, mitochondrial'
41 polymer 'Ribosomal protein'
42 polymer 'Mitochondrial ribosomal protein L37'
43 polymer 'Mitochondrial ribosomal protein L38'
44 polymer 'Mitochondrial ribosomal protein L39'
45 polymer 'Mitochondrial ribosomal protein L40'
46 polymer '39S ribosomal protein L41, mitochondrial'
47 polymer mL42
48 polymer 'Large ribosomal subunit protein mL43'
49 polymer mL44
50 polymer 'Mitochondrial ribosomal protein L45'
51 polymer 'Mitochondrial ribosomal protein L46'
52 polymer '39S ribosomal protein L48, mitochondrial'
53 polymer Mrpl34
54 polymer 'Mitochondrial ribosomal protein L50'
55 polymer 'Large ribosomal subunit protein mL51'
56 polymer '12S rRNA'
57 polymer '28S ribosomal protein S35, mitochondrial isoform 1'
58 polymer 'Mitochondrial ribosomal protein S24'
59 polymer 'Small ribosomal subunit protein mS38'
60 polymer 'Mitoribosomal protein bs6m, mrps6'
61 polymer 'Mitochondrial ribosomal protein S7'
62 polymer 'P-site Met-tRNA(fMet)'
63 polymer 'Mitochondrial ribosomal protein S10'
64 polymer mRNA
65 polymer 'Mitochondrial ribosomal protein S12'
66 polymer 'Mitochondrial ribosomal protein S14'
67 polymer '28S ribosomal protein S15, mitochondrial'
68 polymer '28S ribosomal protein S16, mitochondrial'
69 polymer '28S ribosomal protein S17, mitochondrial'
70 polymer '28S ribosomal protein S18b, mitochondrial'
71 polymer 'Mitochondrial ribosomal protein S18C'
72 polymer '28S ribosomal protein S21, mitochondrial'
73 polymer 'Mitochondrial ribosomal protein S22'
74 polymer mS23
75 polymer 'Mitochondrial ribosomal protein S25'
76 polymer 'Mitochondrial ribosomal protein S26'
77 polymer 'Mitochondrial ribosomal protein S27'
78 polymer 'Mitoribosomal protein ms28, mrps28'
79 polymer 'Small ribosomal subunit protein mS29'
80 polymer '28S ribosomal protein S31, mitochondrial'
81 polymer 'Mitochondrial ribosomal protein S33'
82 polymer 'Peptide chain release factor 1, mitochondrial'
83 polymer 'Mitochondrial ribosomal protein S2'
84 polymer 'Coiled-coil-helix-coiled-coil-helix domain containing 1'
85 polymer '28S ribosomal protein S5, mitochondrial isoform X2'
86 polymer mS39
87 polymer uS9m
88 polymer 'Mitochondrial ribosomal protein S11'
89 polymer 'Mitochondrial ribosomal protein S34'
90 non-polymer 'MAGNESIUM ION'
91 non-polymer 'POTASSIUM ION'
92 non-polymer PHENYLALANINE
93 non-polymer 'ZINC ION'
94 non-polymer 'FE2/S2 (INORGANIC) CLUSTER'
95 non-polymer SPERMINE
96 non-polymer SPERMIDINE
97 non-polymer N-FORMYLMETHIONINE
98 non-polymer "ADENOSINE-5'-TRIPHOSPHATE"
99 non-polymer "GUANOSINE-5'-DIPHOSPHATE"
100 water water
#
loop_
_entity_poly.entity_id
_entity_poly.type
_entity_poly.pdbx_seq_one_letter_code
_entity_poly.pdbx_strand_id
1 'polypeptide(L)'
;MLPAAASSLWGPCFGLRAAALRVARHQGPRLCGVRLMRCSSHRKGEALAGAPLDNAPKEYPPKIQQLVQDIASLTLLEIS
DLNELLKKTLKIQDVGFMPMGAVAPGAPPAAAAPEAAEEDLPKRKEQTHFTVRLTEAKPVDKVKLIKEIKSHIQGINLVQ
AKKLVESLPQEIKANVPKAEAEKIKAALEAVGGTVVLE
;
B1,B2,B3,B4,B5,B6
2 'polyribonucleotide' CCA B7
3 'polyribonucleotide'
;ACCAAAGCUAGCUCAACAUACUAAACAAAUACAAAAAUACACCAAAAUAAAAUAAAACAUUCACCUAACAUUAAAGUAUA
GGAGAUAGAAAUUUUUAUCCUGACGCUAUAGAGAUAGUACCGUAAGGGAAAGAUGAAAGAAUAAAAUAAAAGUAAAAAAA
AGCAAAGAUUACCCCUUCUACCUUUUGCAUAAUGGUUUAACCAGAAAAAAUCUAACAAAGAGAACUUUAGCUAGAUACCC
CGAAACCAGACGAGCUACCCAUGAGCAGUUUAAAAGAACCAACUCAUCUAUGUGGCAAAAUAGUGAGAAGACUUGUAGGU
AGAGGUGAAAAGCCUAACGAGCCUGGUGAUAGCUGGUUGUCCGAGAAAGAAUUUUAGUUCAACCUUAAAAAUACCCCAAA
AACCCUAAAUUCCAAUGUAUUUUUAAGAGAUAGUCUAAAAAGGUACAGCUUUUUAGAAACGGAUACAACCUUGACUAGAG
AGUAAAAUCUUAAUACUACCAUAGUAGGCCUAAAAGCAGCCAUCAAUUGAGAAAGCGUUAAAGCUCAACAAAUUCACCAA
CAUAAUCCCAAAAACUAAUAACAAACUCCUAGCCCAAUACCGGACUAAUCUAUUGAAACAUAGAAGCAAUAAUGUUAAUA
UGAGUAACAAGAAGCCUUUCUCCUCGCACACGCUUACAUCAGUAACUAAUAAUAUACUGAUAAUUAACAACCAAUAAACC
AAAACAACACUAAAACGUUUAUUAAUUACAUUGUUAACCCAACACAGGAGUGCACCAAGGAAAGAUUAAAAGAAGUAAAA
GGAACUCGGCAAACACAAACCCCGCCUGUUUACCAAAAACAUCACCUCUAGCAUUACUAGUAUUAGAGGCAAUGCCUGCC
CAGUGACACCAGUUUAACGGCCGCGGUAUUCUGACCGUGCAAAGGUAGCAUAAUCACUUGUUCUCCAA(1MA)UAAGGAC
UUGUAUGAAUGGCCACACGAGGGUUUUACUGUCUCUUACUUCCAAUCAGUGAAAUUAACCUUCCCGUGAAGAGGCGGGAA
UAAAAAAAUAAGACGAGAAGACCCUAUGGAGCUUUAAUUAACUAUUCCAAAAGUUAAACAACUCAACCACAAAGGGAUAA
AACAUAACUUAACAUGGACUAGCAAUUUCGGUUG(OMG)GGUGACCUCGGAGUACAAAAAACCCUCCGAGUGAUUUUAAU
CUAGACAAACCAGUCAAAAUAACCAUAACAUCACUUAUUGAUCCAAAAUUUUGAUCAACGGAACAAGUUACCCUAGGGAU
AACAGCGCAAUCCUGUUCUAGAGUUCCUAUCGACAAUAGGGUUUACGACCUCGAUGUUGGAUCAGGACACCCAAAUGGUG
CAACCGCUAUUAAAGGUUCGUU(OMU)(OMG)UUCAACGAUUAAAGUCCUACGUGAUC(PSU)GAGUUCAGACCGGAGCA
AUCCAGGUCGGUUUCUAUCUAUUAUAAAUUUCUCCCAGUACGAAAGGACAAGAGAAAUGGGACCAACCUCACAAACGCGU
CUCAGAGAUAAUUAAUGAUUUAAUCUUAACCUAAUUAACUCAUAAUAAAUCCAGCCCUAGAACAGGGCACA
;
B8
4 'polyribonucleotide' GUUAAUGUAGCUUAAAUUAUCAAAGCAAGGCACUGAA(MIA)AUGCCUAGAUGAGCCUCACAGCUCCAUAAACACCA B9
5 'polypeptide(L)'
;MAAAVLERLGGLWMQNLRGKLALRLLSSHSILPQSHIHTSASVEISRKWEKKNKIVYPPQLPGEPRRPAEIYHCRRQIKY
SKDKMWYLAKLIRGMSIDQALAQLEFSDKKGAQIIKEVLLEAQDMAVRDHNVEFRSNLYVAESTSGRGQYLKRIRYHGRG
RFGIMEKVFCHYFVKLVEGPPPPREAPKTAVAHAREYIQELRNRTITHAL
;
BA
6 'polypeptide(L)'
;M(AYA)RNVLYPLYQLGNPQLRVFRTNFFIQLVRPGTAQPEDTVQFRIPMEMTRVDLRNYLERIYNVPVAAVRTRVQYGS
NRRRDHRNIRIKKPDYKVAYVQLALGQTFTFPDLFPERKGASVDVDVRDQVLEDQRQKHSPDPRRGGVPGWFGL
;
BB
7 'polypeptide(L)'
;MRLSALLALASKVTLPPNYRYGMSRPGSLSDKRKNPPGTRRRRVPVEPISDEDWHLFCGDKVEILEGKDAGKQGKVVQVI
RQRNWVVVEGLNTHYRYVGKTVDYRGTMIPSEAPLLHNQVKLVDPTDRKPTDVEWRFTEAGERVRVSTRSGRIIPKPEFP
RADGIVPETWIDGPKDTSVEDALEKTYVPRLKTLEEEVMEAMGIQETRRHKKVYWY
;
BC
8 'polypeptide(L)'
;MALAVLALRTRAAVTALLSPPQAAALAVRYASKKTGGSSKNLGGKSPGKRFGIKKMEGHYVHAGNILATQRHFRWHPGAH
VGLGKNKCLYALEEGVVRYTKEVYVPNPSNSEAVDLVTRLPQGAVLYKTFVHVVPAKPEGTFKLVAML
;
BD
9 'polypeptide(L)'
;MPLHKVPVGLWKQLRLWEGIYSRLPRHYLRSLEEARTPTPVHYRPHGAKFKINPKNWQRERVEDVPIPVHYPPESQLGLW
GGEGWVLGHRYVNNDKLSKRVRKVWKPQLFQRELYSEILDKRFTVTVTMRTLDLIDQACGFDFYILKTPKEDLCSKFGMD
LKRGMLLRLARQDPQLHPDDPARRAAIYDRYKAFVIPEAEAEWVGLTLDEAVEKQRLLEEKDPIPLFKIFVEELLGQLQQ
QALSEPAVVQTRASRK
;
BE
10 'polypeptide(L)'
;MAAAGLAVFCRRVSAALKACRLLIRPQAPPSTRFSPSLLPKNTPNVTSFHQFRIFHTTFSRRGLEEFFDDPKNWGEEKVK
SGASWTCQQLRNKSNEDLHKLWYVLLKERNMLLTLEQEAKRQRLPMPSPERLEKVVDSMDALDKVVQEREDALRLLQTGQ
EKARPGAWRRDIFGRIIWHKFKQWPIPWYLNKKYNRKRFFAMPYVERFVRMRIEKQARIKARKRSLERKKEKFLQEKFPH
LSETQKSSHV
;
BF
11 'polypeptide(L)'
;HPPRQDFLVRRQPHRNRTVTKGMESLICTDWIRHKFTRSRIPDKVFQPSPEDHEKYGGDPQYPHKLHIVTRIKSTKRRPY
WEKDIIKMLGLEKAHTPQVHKNIPSVNAKLKVVKHLIRIKPLKLPQGLPTEEDMANTCLKSNGELVVRWLLNPANQEARK
S
;
BG
12 'polypeptide(L)'
;MLEVGVGPRPDGRGFWASNMASAMLVLVVPPWPAARGLLRNWWEQLQRKLQHNRLGLPLHPWGPALAVQGPAICTEPAND
TNGSKAISSLLDSVFWMAAPKNRRSIEVNRCRRRNPQKLIKVKNNIDVCPECGHLKQKHILCGYCYEKVRKETAEIRRQM
GKQEGGPFRAPTTETVVLYSGETPSEQDQGKRIIERERKRPSWFTQN
;
BH
13 'polypeptide(L)' MFLSAVTFAKSKSKTILVKMMSQAGTGFSFNTKRSRLREKLTLLHYDPVVKKKVLFVEQKKIRSL BI
14 'polypeptide(L)'
;MAFLARSVGRLLDPVSRSAALVGGRWLQPQAWLGFPDTWGLPAMQQTRGKARGNEYQPSNIKRKHKHGWVRRLRTPTGVQ
VILRRMHKGRKSLSH
;
BJ
15 'polypeptide(L)'
;MAASAFAGAVRAATGILRPLHILASSAYQNCAKNACLSSVLSSRHFSHIQTSALLSAPRLITSVRNLMCGPTAPVLNRVA
PLLPHVLKPPVRTVTYFSSRKGKRKTVKAVIYRFLRLHSGLWLRRKAGYKKKLWKKTAARKRRLREFVFCNKTQSKLLDK
MTTSFWKRRNWYADDPYQKYQDRTNLKV
;
BK
16 'polypeptide(L)'
;MALRVLTRALSSLSLTPRIAVAPGLNLLPAVQVTNNVLLTLPSGLMSLPCRPILTSVALSATSVSWKSRTKYTVMPVKMR
KSGGRNHTGQIQVHGIGGGHKQRYRMIDFLRFRPEHESKPGPFEEKVIAVRYDPCRSADIALVAGGNRKRWIIATENMKA
GDTVLNSDHIGRMAVAAREGDAHPLGALPVGTLINNVESEPGRGAQYIRAAGTCGVLLRKVNGTAIIQLPSKRQMQVLET
CIATVGRVSNVDHNKRVIGKAGRNRWLGKRPNSGLWQRKGGWAGRKIRPLPPMKSYVKLPSAAAQS
;
BL
17 'polypeptide(L)'
;MAPAALLPSWGQRGAAAGGGGKAWEGRRRNALKAEWRGAQRCSGRALLGLTMPGWGLLGRAGARVLGCGADGLGASRGLG
NRTDICLLVRSLHGKSVTWWDEHLSEENVPFVKQLVSDENKAQLASKLCPLKDEPWPIHPWEPGSSRVGLIALKLGMMPL
WTKDGQKHVVTLLQVQDCHVLKYTPKENHNGRMAALTVGGKTVSHFHKSASILEFYQELGLPPKQKVKIFNVTENAVIKP
GTPLYAAHFRPGQYVDVTAKTIGKGFQGVMRRWGFKGQPATHGQTKTHRRPGAISTGDVARVWPGTKMPGQLGNIDRTAF
GLKVWRINTKHNIIYVNGSVPGHKNCLVKIKDSKLPAYKDFCKNLPFPTYFPDGDEEALPEDLYDENVCQPGAPSITFT
;
BM
18 'polypeptide(L)'
;MLQLVRAGARTWFRPSGCRGLNTLAEEAVQQAEKPESVASLGLQPPVLRKCELPVPAHRRPVQAWIESLRGYEQERVGLT
ELHPDVFSTAPRLDILHQVAIWQKNFKRISYAKTKTRAEVRGGGRKPWVQKGSGRARHGSIRSPIWRGGGVAHGPRGPTS
YYYMLPMKVRVQGLKVALTVKLAQDDLHIVDSLELPTADPQYLIELARYRRWGDSVLLVDLEHEDMPQNVVAATSGLKTF
NLVPAVGLNVHSMLKHQTLVLTLPTVAFLEEKLLWHNSRYTPLYPFRLPYCDFP
;
BN
19 'polypeptide(L)'
;MAAAACTAAGGGLLRAGLERLLRGGVRALLRPRLEGVTPRSERAFSLSLSRSTVIVERWWKVPLAGEGRKPRLHRRHRVY
KLVEDTKHRPKDNLELVLTQSVEELGVRGDLVSVKKSVGRNRLLPQGLAVYASPENKKLFEEEKLLRQEGKLEKLQTKAG
EATVKFLRRCHLEVGMKNNVKWELNPEIVARHFLRNLGVVVAPHALKLPEEPITQRGEYWCEVTVNGLDTVRVPMSVVNF
ERPKTKRYKYWLAQQAAKGDVPTSSQMI
;
BO
20 'polypeptide(L)'
;MSSQAFRRHPPQGRLPTFQTVRYGSKAVTRHRRVMHFERQKLMAVTEYIPPKPTINPRCLPPPPTPPQEETGLVRLLRRE
IAAVFRDNRMIAVCQHVALSAEDKLLLRHQLRKHKILMKIFPNQVLKPFLEESKYQNLLPLFVGHNLLLVSEEPKVKEMV
RILKGIPFLPLLGGCIDDTILSRQGFINYSKLPSLALVQGELVGGLTFLTAQTYSMLQHQPRQLTALLDQYVKQQQEGHP
AVPASGQPEPPDPVPDP
;
BP
21 'polypeptide(L)'
;MSKLSRATRALKKPEASGMIRAIVRAGQARPGPPLGPILGQRGVSINQFCKEFNEKTKDIKEGIPLPTKIFVKPDRTFEI
KIGQPTVSYFLKAAAGIEKGARHTGKEVAGLVTLKHVYEIARVKAQDDAFALQDVPLSSVVRSIIGSARSLGIRVVKDLS
SEELAAFQKERALFLAAQREADLAAQAEAAKK
;
BQ
22 'polypeptide(L)'
;MRRDTSWILRKGRSCCWGNM(SAC)SFSKAPQQWATFARVWYLLDGKMQPPGKLAAMASVKLQGLHKPVYHQLSDCGDHV
VIMNTRHIAFSGNKWEQKVYSSHTGYPGGFRQVTAAQLHQKDPVAIVKLAIYGMLPKNLHRRTMMQRLHLFPDEDIPEDI
LKNLVEELPQPRKVPRRLDEYTQEEIEAFPRVWSPPEDYRL
;
BR
23 'polypeptide(L)'
;MVRGWGQRPAPLGPAGPGTSGSRRRLKGGDAQPSPGFFFGWWWDPQRKERGPGKGRVLTPRRRLGSSSEPRVGAGRGWGR
GRGSRWAARAPGSCGGRGCVWGRGSGRREGEEEGRGHEGPTPHASSRKARAHSQIAARPAGSDAQAQDYRPRGGEGGPGP
VGPAAGYSRAAKAGLPSRDCMAFCTGLRGPFAQVSRALSQRCFSTTGSLSAIQKMTRVRVVDNSALGTTPYHRPPRCIHV
YNKTGVGKVGDRILLAIRGQKKKALIVGHRMPGPRMTPRFDSNNVVLLEDNGNPVGTRIKTPIPSSLRQREGEFSKVLAI
AQNFV
;
BS
24 'polypeptide(L)'
;MGGPVQGGGPRALDLLRALPRVSLANLKPNPGSRKPERRPRGRRRGRKCGRGHKGERQRGTRPRLGFEGGQTPFYLRIPK
YGFNEGHSFRHQYQPLSLNRLQYLIDLGRVDPTQPIDLTQLVNGRGVTIQPSKRDYGVQLVEEGADTFKAKVNIEVQMAS
ELAIAAIEKNGGVVTTAFYDPRSLEILCKPVPFFLRGQPIPKRMLPPEALVPYYTDAKNRGYLADPARFPEARLELARKY
GYVLPDITKDELFKMLSTRKDPRQIFFGLAPGWVVNMADKKILKPTDENLLKYYSS
;
BT
25 'polypeptide(L)'
;MWRLLARACAPLLRAPLSDSWAAPSATAGFKTLLPVPTFEDVAIPEKPKLRFVERVPLVPKVRRERKNLSDIRGPSTEAT
EFTEGRFAILALGGGYLHWGHFEMMRLTINRSMDPKNMFALWRVPAPFKPITRKGMGQRMGGGKGAIDHYVTPVKAGRLI
VEMGGRCEFKEVQGFLDLVAHKLPFPAKAVSRETLEKMRKDQEERERNNQNPWTFERIATANMLGIRKVLSPYDLTHKGR
YWGKFYTPERV
;
BU
26 'polypeptide(L)'
;MRLSVAAAISHGRVFRRLGLGPESRIHLLQNLLTGLVRHERIEASWARVDELRGYAEKLIDYGKLGDTNERAMRMADFWL
TEKDLIPKLFQVLAPRFQGQNGGYTRMLQIPNRNEQDRAKMAVIEYKGNCLPPLPLPRRDSNLTLLNQLLQGLRQDQEAS
SHTAQTPAV
;
BV
27 'polypeptide(L)'
;MVLRSSVPLKQVAHARLHFLVPSRKGCRAAALSTSCKPATNPETDPVENEAVAPEFTNRNPRNLELLAVARKERGWGTVW
PSREFWHRLRVIRTQHHIEALVEHRNGQVVVSASTREWAIKKHLYSTRNVVACESVGRVLAERCLEAGINFMVYHPTPWE
AASDSIKRLQHAMTEGGVVLREPRRIYE
;
BW
28 'polypeptide(L)'
;MGVVVSTQRAGMAASITRGSWAAVGLGQSFPPTRALLPAPASVICRTLAGSGRQQVTGSSEPGAFQPPPKPVIVDKRRPQ
RPETRFLSPEFIPPRGRTNPLKFQIERKDMLERRKILHIPEFYVGSILRVTTADPYASAKTSQFLGICIQRSGSGLGATF
ILRNTIEGQGVEICFELYNPRIQEIQVVKLEKRLDNSLLYLRDALPEYSTFDVNMKPITQEFNQEVPVNQLKVKMKPKPW
SKRWERPKFNIKGIRFDLCLTEEQMREAQKWSQPWLEFDMMREYDTSKIEAAIWDEIEASKNS
;
BX
29 'polypeptide(L)'
;MVFLTVPLWLRSRVTDRYWRVQEVLKHARHFRGRKNRCYRLAVRAVTRAFVKCTRARRLKKRSLRTLWINRITAASQEHG
LKYPAFIINLIKCQVELNRKVLADLAIYEPKTFKSLAALAKRRREEGFAAALGDGKEPDGIFSRVVQHR
;
BY
30 'polypeptide(L)'
;MAAAVAASVLQGTFGRLVSAYSRSVLRTSRPGTAPPWSAPRRLSSQHTSSLRGCVPKTSLGSPPWPDIVLPDPVEETRHH
AEVVGQVNELIAAGRYGRLFAVVHFAGHQWKVTAEDLILIENELDVACGERIRLEKVLLVGADNFTLLGKPLLGKELVRV
EATVIEKTESWPKINMKFQKRKNYQRKRITVNPQTVLRINSIEIAPCLC
;
BZ
31 'polypeptide(L)'
;MAGPVIENQIQDGYFRLPPQRPAWPSRPRPFPALRLSMAAWGILLSSVRRLHCGTAAQAGSQWRLQQGFAANPSGYGPLT
ELPDWSYADGRPAPPMKGQLRRKAQREKFARRVVLLSQEMDAGLQAWQLRQQEKLQEEEGKQKNALKSKGALLQNPQPSQ
;
Ba
32 'polypeptide(L)'
;M(AYA)AALARLGLRAVKQVRVQFCPFEKNVESTRTFLQAVSSEKVRCTNLNCSVIADVRHDGSEPCVDVLFGDGHRLIM
RGAHLTAQEMLTAFASHIQARGAAGSGDKPSASTGR
;
Bb
33 'polypeptide(L)'
;MAARRLFGAARSWAAWRAWELSDAAVSGRLHVRNYAKRPVIKGGKGGKGAVVGEALKDPEVCTDPFRLTTHAMGVNIYKE
GQDVVLKPDSEYPEWLFEMNVGPPKKLEELDPETREYWRLLRKHNIWRHNRLSKNRKF
;
Bc
34 'polypeptide(L)'
;MAAKGSLLRLLWQRVVTGAAPESCRHLYTSSWRADCNRALLTRLHRQTYARLYPVLLVKQDGSTIHIRYREPRRMLTMPV
DLDSLSPEERRARFRKREAKFKEKKEEPELSDDFDVEQYKRFWTKK
;
Bd
35 'polypeptide(L)'
;MFLTALLRRNRIPGRQWIGKHRRPRPVSAQAKQNMIRRLETEAENQYWLSRPFLTAEQERGHAAVRRAAAFQALKAAQAA
RFPAHRRLEEQLGHLLVTRKWS
;
Be
36 'polypeptide(L)'
;MAAARCLRWGLNRAGAWLLPSPTRYPRRALHKQVEGTEFQSIYSLDKLYPESRGSDTAWRLPDDAKQANDIPVDRLTISY
CRSSGPGGQNVNKVNSKAEVRFHLASADWIAEPVRLKLAVKHKNRINRSGELILTSECSRYQFRNLADCLQKLRDMIAEA
SQPAKEPSREDAELRRSRIENMNRERLRKKRISSAIKTSRRVDVD
;
Bf
37 'polypeptide(L)'
;MAAPVQQARTLLRLVTTLGQGSRGYRARPPPRRSQEPRWPDPDDPLTPRWQLSPRYAAKQFARHGAASGVAAGSLWPSQE
QLRELEAEEREWYPSLAAMQESLRVQQLAEEQKRQAREQLIEECMAKMPQMIENWRQQQQERREKEQADKDRRARLQAEA
QERLGYHVDPRSARFQELLQDMEKQHRKRLKEEKQRKKKEARAAAMAAAAAQDPADSETPSS
;
Bg
38 'polypeptide(L)'
;MVGLNVLVSGCGRLLRGLLAGPAATSWARPPSRGFREVVEILDGKTTIIEGRITETPQESPNPPNPTGQCPICRWNLKHK
YNYEDVLLLSQFIRPHGGMLPRRITGLCQEEHLKIEECVKMAHRAGLLPNHRPKLPEGFVPKSKPRLNRYLTRWSPRSVK
PIYNKGHRWNKVRMPVGSPLLKDNVSYSGRPLLLYH
;
Bh
39 'polypeptide(L)'
;MAAARCWRFPLRGAGLSLHTAAKAAVTAPEVTGPDVPATPVARYPPIVASLTAKSKAARQRRVEQWQATVHAAKSVDEKL
RILTKMQFMKYVVYPQTFALNADNWYQSFTKTVFLSGLPPTPAKLEPEPTLDITALREAVCDCLLQEHFFLRRKKRAPVI
QDREAIASPFLDQLVASLTGLLSVHNPVLAAAALDCKRPVHFFWLRGEEIIPRGHRKGRVDALRYQINDKPHNQIRISRQ
LPEFVPLDYSIPIEVPVMSCKPDKLPLFKRQYENTIFIGSKTADPLCYGHTQFHLLPDKLKREKLLKQNCADQIEVVFRA
NAIASLFAWTGAQAMYQGFWSEADVTRPFVSQGVITDGKYFSFFCYQLNTLALTAQADQNNPRKNICWGTQSKPLYETIE
DNNVKGFNDDVLLQLVQFLLNRPKEDKSQLLEN
;
Bi
40 'polypeptide(L)'
;MVSQMPLYPRSVYIQLPNRHFAAAATKPAKKTQKGAKGKASDEKKDDIEKIKSYPFMEGEPEDDVYLKRLYPRQIYEVEK
AIHLLKKFQVLDFTNPNQGVYLDLTLDMTLGKKKKVEPFASVLSLPYPFTSEINKVAVFTGNASEIKIAEEKGAAFAGGT
NLIQKILDDEIQPDFYVAVPEIMPELNPLRKKLKKRFPKLTRNSIGRDIPKMLELFKTGHEIKVDEERENFLETKIATLN
MSSDQIAANLQAVINEVCRQRPLNLGPFVVRAFLRSSTSEGLLIKIEPLLPKEVEAKESGTLTA
;
Bj
41 'polypeptide(L)'
;MATAFLRTVLSAVGPLLHLGGRPLSTFAAGPPRAALAVGAQPSPAAALLSARPLLGPQPALGFKTKGVLKKRCRDCYLVK
RRGRWFIYCKTNPKHKQRQM
;
Bl
42 'polypeptide(L)'
;MALASGPARRALARLGRLGLGGCGAPRRGAYEWGVRSTRKPEPPPLDRVYEIPGLEPITYAGKMHFMPGLARPVFPPWDP
GWTHPKFRRLPPLHEHPLYKDQACYVFHQRCRLLEGVKQALWLTKTQLIEGLPEKVLRLADDPRNHIENQDERVLNAISH
ARLWHSTEDIPKRETYCPVIVDSLIQLCKSQILKHPSLARRICAQNNTLSATWNRESILLQVHGSSGARLNAKDPLPPVA
SQEEVEATKNHVLETFYPISPTMGLQECNVYDVNDDTGFQEGYPYPCPHTLYFLESANLRPRRFQPDQLRAKMILFAFGS
ALAQARLLYGNDSKVLEQPVVVQSVGTDGRLFQFLVLQLNTTDLASDEGVKNLAWVDSDQLLYQHFWCLPVIKKKVVVEP
VGPIGFQPETFRKFLALYLHGAV
;
Bm
43 'polypeptide(L)'
;MAAPWWRAALCASRRWRGFSTSAALSRRAAPLGPMPNEDIDVSDLERLKKYRSFDRYRRRAEQEARKPHWWRTYREHFGE
ESGPKDRVDIGLPPPKVSRTQQLLERKQALRELRANVEEERAARLQTARIPLEAVRAEWERTCGPYHKQRLAEYCGLYRD
LFHGATFVPRVPLHVAYAVGEDDLMPVYHGNEVTPTEAAQAPEVTYEADEGSLWTLLLTNLDGHLLEPDAEYVHWLVTNI
PGNRVTEGQETCPYLPPFPARGSGFHRFAFLLFKQDKRIDFSGDTRPSPCYQLAQRTFHTFDFYKKHQDAMTPAGLAFFQ
CRWDDSVTRVFHQLLDMREPVFEFVRPPPYHPKQKRFPHRQPLRYLDRYRDSHEPTYGIY
;
Bn
44 'polypeptide(L)'
;MAMGAWGLRLWRAVPRGEAGWRLIATSPASQLSPTELIEMQNDLFNKEKNRQLSLTPRTEKIEVKHVGKTDPGTVFVMNK
NISTPYSCAMHLSEWYCRKSILALVDGQPWDMYKPLTKSCEIKFLTFKDDDPGEVNKAYWRSCAMMMGCVIERAFKDEYV
VSLVRAPEVPVIAGAFCYDVVLDKRLDEWMPTKENLHSFTKDARALIYKDLPFETLEVEAKVALEIFQHNKYKLDFIEEK
ASQNPERIVKLHRFGDFIDVSEGPLIPRTSICFQYEVSAVHNLQTQSSLVRRFQGLSLPVHLRAHFTIWNKLLERSRKMV
TEDKTKPTEESAST
;
Bo
45 'polypeptide(L)'
;MRAEPLRKKKKVDPKKDQAAKDRLKKRIRRLEKASQELIPIEDFITPVKFLNKERQRPPVELPFEESERRALLLKRWSLY
KQREHEMERSAIRSLLEAQEEALQELRLSSPELHAEATKRDPSLFPFERQGPDYTPPISDYQPPEGRYQDITKVYTQVEF
KK
;
Bp
46 'polypeptide(L)'
;MGLLSGAARALVRGADRMSKWTSKRGPRTFCKGRGAKGTGFHGRDGKFVQIKEMIPELVVPELAGFKLKPYVNYRAPEGT
DTPLTAKQLFLETAAPAIEKDFKAGTFDPEHLEKYGFEPTQEGKLFQLYPKNFPR
;
Bq
47 'polypeptide(L)'
;MALAAVKWVISSRTILKHLFPIQNSASYCVCHKSTYSSLPDDYNCKVELALTSDGRTIVCYHPSVDIPYEHTKPIPRPDP
VHNIEETHDLVLKTRLEEKGEHLEQGPMIEQLSKMFFTTKHRWYPRGQYHRRRRKPNPPKDR
;
Br
48 'polypeptide(L)'
;(ACE)TARGTASRFLTSVLHNGLGRYVQQLQRLSFSLSRDAPSSRGAREFVEREVTDFARRNPGVVIYVNPRPCCVPRVV
AEYLNGAVREESIHCKSVEEIAALVQKLADQSGLDVIRIRKPFHTDSPSIQGQWHPFTNKPTTLGGLRPREVQDPAPAQV
QAQ
;
Bs
49 'polypeptide(L)'
;MASGLVRLLQWGPRRLLAPAAPTLAPPVRGAKKGFRAAYRFQKELERWRLLRCPPPPVRRSEKPNWDYHAEIQAFGHRLQ
ETFSLDLLKTAFVNSCYIKSEEAKRQKLGIDKEAALLNLKDNQELSEQGISFSQTCLTQFFEDAFPDLPTEGVTSLVDFL
TSEEVVCHVARNLAVEQLALSAEFPVPPPVLRQTFFAVIGALLQSSGPERTALFIRDFLITQMTGKELFEMWTITNPMGL
LVEELKKRKISAPESRLTRQSGSTTALPVYFVGLYCDRKLIAEGPGETVLVAEEEAARVALRKLFGFTENRRPWDYSKPK
EHVRAEKTITAS
;
Bt
50 'polypeptide(L)'
;MAAPVTRGLSCLPRVLGWWSRQPVLVTQSTAVVPVRTKKRFTPPTYQPKYKSEKEFVEHARKAGLVIPHERLERPIHLAC
TAGIFDAYVPPEGDARISSLSKEGLAQRAERLKKNVASQLSIRKIRESDPNFKIKDFPEKAKDIFIEAHLCLNNSDHDRL
HTLVTENCFPDMVWDIRYKTVRWSFVESLEPPQVVQVRCSSLMNQGNIYGQVTVRMHTRQTLAIYDRFGRLMYGQEDVPR
DVLEYVVFEKHLVDPYGSWRMHGKIIPPWAPPKQPILKTVMIPGPQLKPWEEFEEPQGEVHKPQPA
;
Bu
51 'polypeptide(L)'
;MAAPVRRTMLRVVRGWRRFEGPWAHSLGSRNLALAVAPSSSSSPWRLLGALCLQRPPLVTKPLTPLQEEMADLLQQIEIE
RSLYSDHELRALDEAQQLAKKKSDLYEEEDEQNILLAQDLEDMWEQKFLHFKLGARLTEADKKDDRTSLHRKLDRNLILL
VREKLGDQDIWMLPQSDWQPGETLRQTAERTLATLSENNMEAKFLGNAPCGHYKFKFPQAMRTETSLGAKVFFFKALLLT
GDFSQAGKKGHHVWVSKEELGDYLKPKYLAQVRRFLLDL
;
Bv
52 'polypeptide(L)'
;MSEAAGTKVLRELNASRSDIVTGPDQGRSVSIFRPPGIAAAWADLQLARLHTTRQQRMNGALGKALCLRNDTVLKQALSL
IRVRASGESPICSAGGILLSTSRHYRSKPTHGIGRYKHLVKAQEPKKKKGKVEVRPINLGTDYEYGVLNIHLIAYDMALA
ESYAQYVHNLCNHLAIKVEESYAMPTKTMEVLQLQEQGSKMFLDAVLTTHERVVQISGLSATFAEIFLEIIHSNLPEGVK
LSVREHTEEDFKGRFKARPELEELLAKLN
;
Bw
53 'polypeptide(L)'
;MAATVLCGVLRAWRTGVPLGCGLRRLSQTQGTPEYPSFVESVDEYHFVERLLPPASIPRPPKHEHYPTPSGWQPPRDPAP
SLPYFVRRSRMHNIPVYRDITHGNRQMTVIRKVEGDIWALQKDVEDFLSPLLGKTPVTQVNEVTGTLRVKGYFDQQLKAW
LLEKGF
;
Bx
54 'polypeptide(L)'
;MVRLRGKRECLTLSLRLIGWSWRVTAGGGRCFVSKFSSKMAARWVSGLARRSLTCAVSGAPRREFWSPFRKEKQPVVAET
VEEVKKEPILVCPPIQSRTYIPPEDLQSRLESHVKEVFGSSVPSNWQDISLEDVHLKFSFLARLANDLRHAVPNSRLHQM
CRVRDVLDFYNVPVQDRSKFDELIASNLPHNLKITWGY
;
By
55 'polypeptide(L)'
;MAGSLSWVTGRGLWGRLPLTCRSFSLGIPRLFHVRVTLPPRKVVDRWNEKRAMFGVYDNIGILGNFEKHPKELIKGPIWL
RGWKGNELQRCIRKKRMVGNRMFIDDLHNLNKRISYLYKHFNRHGKYR
;
Bz
56 'polyribonucleotide'
;ACAGGUUUGGUCCUGGCCUUUCUAUUAAUUCUUAAUAAAAUUACACAUGCAAGUAUCCGCGCCCCGGUGAGAAUGCCCUC
CAGAUCUUAAAGAUCAAAAGGAGCAGGUAUCAAGCACACCUAUAACGGUAGCUCAUAACGCCUUGCUCAACCACACCCCC
ACGGGAAACAGCAGUGAUAAAAAUUAAGCCAUGAACGAAAGUUUGACUAAGUUAUAUUAAUUAGAGUUGGUAAAUCUCGU
GCCAGCCACCGCGGUCAUACGAUUAACCCAAAUUAAUAGAUCCACGGCGUAAAGAGUGUUUAAGAAAAAAAAUCACAAUA
GAGUUAAAUUAUAACUAAGCUGUAAAAAGCCCUAGUUAAAAUAAAAUAACCCACGAAAGUGACUCUAAUAAUCCUGACAC
ACGAUAGCUAGGACCCAAACUGGGA(5MU)UAGAUACCCCACUAUGCCUAGCCCUAAACCCAAAUAGUUACAUAACAAAA
CUAUUCGCCAGAGUACUACUCGCAACUGCCUAAAACUCAAAGGACUUGGCGGUGCUUCACAUCCACCUAGAGGAGCCUGU
UCUAUAAUCGAUAAACCCCGAUAGACCUUACCAACCCUUGCCAAUUCAGCCUAUAUACCGCCAUCUUCAGCAAACCCUAA
AAAGGAACAAUAGUAAGCACAAUCAUAGCACAUAAAAACGUUAGGUCAAGGUGUAGCUUAUGGGUUGGAAAGAAAUGGGC
UACAUUUUCUACAUAAGAAUAUCCACCACACGAAAGUUUUUAUGAAACUAAAAACCAAAGGAGGAUUUAGCAGUAAAUCA
AGAAUAGAGUGCUUGAUUGAAUAAGGCCAUGAAGCACGCACACACCG(B8T)C(5MC)GUCACCCUCCUCAAGCAUGUAG
UAAUAAAAAUAACCUAUAUUCAAUUACACAACCAUGCAAGAAGAGACAAGUCGUAACAAGGUAAGCAUACUGG(MA6)
(MA6)AGUGUGCUUGGAUUACC
;
AA
57 'polypeptide(L)'
;MITVSCSRGGRARHVSLRSRASGPPVDSLRACPLPLAVCADMAATSLPAWLILKSRAGTFRAFSTAMSPATRSPRPALRT
TERTSKPERALRRKALPPRTEKMAVDQDWPSVYPVAAPFKPSAVPLPVRMGYPVKRGVPMAKEGNLELLKIPNFLHLTPV
AIKRHCEALKDFCTEWPAALDSDEKCEKHFPIEIDTADYVSAGPSIRNPKARVVTLRVKLSSLNLDDHAKKKLIKLVGDR
YCKSTDVLTIKTDRCPLKRQNYDYAVYLLTVLYHESWKTEEWEKKKTEADMEEYIWENSTSEKNILETLLQIKAAEKNLE
LSKEELLGTKEVEDYRKSVVSLKNEGDNENTLSQYKESVKRLLNLA
;
AB
58 'polypeptide(L)'
;MVASVCGGGLRPLVLSWSRELPCAWRALHISAVCAKNRAARVRVSKGDKPVTYEEAHAPHYIAHRKGWLSLHTGNLDGED
HAAERTVEDVFLRKFMLGTFPGCLADQLVLKRRANQLEICALVLRQLPPHKFYFLVGYSETLLSHFYKCPVHLHLQTVPS
KVVYKYI
;
AC
59 'polypeptide(L)'
;MFLVRLTSQLLRAVPGAGRSGSPRVSEVLGRHACRPRYSTQPPGPSGIASLPGKHVHPELEEMLVPRKMSISPLESWLTI
RYLLPRLGAGTPGTVSPAQLYQCPPSQVGEGVKQGDKEVRDTPQMQCKNILKIRRRKMNHHKYRKLVKRTRFLRRKVREG
RLRQKQVKFERDLKRIWQKAGLKEAPAGWQTPKIYLKNQ
;
AD
60 'polypeptide(L)'
;MPRYELALILKAMQRPETAAALKRTLEALMDRGAVVRNLENLGERMLPYKISAHNQRHSRGGYFLVDFYAPATTVESMME
HLSRDIDVIRPNIVKHPLTQEVKECEGIVPVPLEEKLYSTKKRK
;
AE
61 'polypeptide(L)'
;MAAPAVKAARGWSCSALGVRIAVLRFPGLTQVRWSRYGPEYKDPQIDKEYYRKPLAEQTEEEKYERDFKKTQLIKAAPAT
KTSSVFEDPVISKFTNMMMKGGNKVLARSLMTQTLEAVKRKQFAKYHAASAEEQATIERNPYTIFHQALKNCEPVIGLVP
ILKGGHFYQVPVPLADRRRRFLAMKWMIAECREKKHRRVLMPEKLSQELLEAFHNQGPVIKRKHDMHKMAEANRALAHYR
WW
;
AF
62 'polyribonucleotide' AGUAAGGUCAGCUAAAUAAGCUAUCGGGCCCAUACCCCGAAAAUGUUGGUUAUACCCUUCCCGUACUACCA AG
63 'polypeptide(L)'
;MAARTAFGALARRLWQGSRNFSVSSSRSSTAKNGGFLLTTMKWVQFSNLHVDVPKDMTKPEITISDEPDTLYKRLSVLVK
GHDKAVLDSYEYFAVLAAKELGISIKVHEPPRKIERFTLLKSVHIFKKHRVQYEMRTLYRCLELEHLTGSTADVYLEYIQ
RNLPEGVAMEVTKTKLEQLPEHIRKPIWETMPEEKEESKS
;
AH
64 'polyribonucleotide' AAUGAGACA AI
65 'polypeptide(L)'
;MSWSGLLRGLGTSLNCGLALVPRPWATRPMATLNQMHRLGPPKHPPGKMGPTAGRPQLKGVVLRTFIRKPKKPNSANRKC
CRVRLSTGREAVCFIPGEGHSLQEHHVVLVQGGRTQDLPGVKLTVVRGKYDCGHVQKKK
;
AJ
66 'polypeptide(L)'
;MAASMLGFLLRTVRQMVPSSASGQVRSYYVDWKMLRDVKRRKMAYEYADERLRINSLRKNTILPKDLQEVADEEIASLPR
DSCPVRIRNRCVMTSRPRGVKRRWRLSRIVFRHLADHGQLSGVQRAMW
;
AK
67 'polypeptide(L)'
;MLRAAWRALSSIRTQAVTQAPVLGLPGGGCARFPSVQRALPSRPAGLILRAARGYAAQKPGEEQGLTGEDRLISHCLCLN
IQPNQDDPPPSMLLLDYQNVPGIHKVDDVVKRLLSLEMANQKEKLKIKKMQLMNKVLENPEDTSSLEARIVALTVKIRNY
EEHMQKHRKDKAHKRFLLMSIDQRKKMLKNLRETNYAVFEKICKELGIEYTFPPPYHRKAHRRWVTKKALCTQVFREVQK
LKKQKRALRAAAVAAHKQG
;
AL
68 'polypeptide(L)'
;MVQLTTVLCRAYRGGHLTIRLALGGCTNRPFYRIVAAHSKCPRDGRFVEQLGSYDPLPNSHGEKLVALNFDRIRHWIGCG
AHLSKPVEKLLGLSGFYPLHPMMITNAERLRRKRAREVLLASQKTDTEATETKAS
;
AM
69 'polypeptide(L)'
;MSIARSSVHAKWVVGKVIGTAMQKTAKVRVTRLVLDPYLLKYFNKRKTYFAHDALQQCTVGDIVLLKALPVPRTKHVKHE
LAEIIFKVGQVIDPVTGKPCAGTTYLESPISPESTRLTKNLEALQLSSTQ
;
AN
70 'polypeptide(L)'
;MAASILNVLLRRLPGVSPFRGAYGVQVLLQTLCTKAPPEDDSLPQVPISPYKDEPWKYLDSEEYQNRYGSRPVWADYRRN
HKGGIPPQRTRKMCIRGNKVAGNPCPICRDQKLHVDFRNVKLLEQFVCAHTGIIFHAPYTGVCMKQHKKLTQAIQKARDH
GLLRYHIPQVEPRDLDFSTTHGAVSSTPPAPTLVSGDPWYPWYSWKQPPERELSRLRRLYQGRLREESGPPPELMPEVPL
TAPAEASSTEPGAPQSAL
;
AO
71 'polypeptide(L)'
;MAAVVSLCSRLGRRKSTDFVNAAVCLTDPGTHAVLWRSCSQYKQVASNEDLPVPMENPYKEPLKKCILCEKHVDYKNVQL
LSQFISPFTGCIYGRHITGLCGKKQKEITKAIKRAQILGFMPVTYKDPAYLKDPKVCNIKYRE
;
AP
72 'polypeptide(L)'
;M(AYA)NHLKFIARTVMVQEGNVEGAYRTLNRILTMDGLIEDIKRRRYYEKPCRRRQRESYETCRRIYNMEMARKINFLM
RKNRADPWQGC
;
AQ
73 'polypeptide(L)'
;MPHEPRETRNLSLPLPALVARIIMATLKASALLRSLQTNSCGTGRVCFPVRARPRPRALLQPLPGASGTGTLCRGLGSES
ESGNSEIRKPTFMDEEVQNILIKMTGLDLQKIFKPALQELKPPTYKLMTQAQLEEATKQAVEAAKVRLKMPPVLEERAPI
NDVLAEDKILEGTETAKYVFTDISYSIPHRERFIVVREPSGTLRKASWEERDRMIQVYFPREGRRILTPVIFKEENLQTM
YSQDQHVDVLNLCVAQFEPDSAEYIKIHHHTYEDIDKCGKYDLLRSTRHFGGMAWYFVNKKKIDGLLIDQIQRDLVSDAT
SLVHLYHILHPDGQSAQEAKKQGAEGLHLIKVFAKTEAQKGAYIELTLQAYQEAFITHSAAS
;
AR
74 'polypeptide(L)'
;MAGSRLETVGSIFSRTRDLIRAGVLKEKPLWLDIYNAFPPLREPVFRRPRLRYGKAKAAVQDIFYHEDRIRAKFYSAYGS
GPKAFDLFNPNFKSTCQRFVEKYIELQRLGETDEEKLFVEAGKALLAEGVTLRRVGEARTQQEGSPISRKSEPTGIKPQT
AVEENQPWKEVPQDQPLEAPEKESKGLPPP
;
AS
75 'polypeptide(L)'
;MPMKGRFPIRRTLQYLGQGDVVFKDSVKVMTVNYNTHGELGEGARKFVFFNIPQIQYKNPWVQITMFKNMTPSPFLRFYL
DSGEQVLVDVESKSNKEIVEHIRKILGKNEETLEKEEQEKKQLSHPAHFGPRKYCLRECMCEVEGQVPCPGLVPLPKEMT
GKYKAALKATAQD
;
AT
76 'polypeptide(L)'
;MLRVLGGLGARPAGRLPAPLLLPTRGRKTRHDPPAKSKAGRVATPPAVDPTEFFVLTERYRQYRQTVRALRLEFMSEVRK
KLHEARAGVQAERKAQEDAAEHRELMAWNQAENQRLHELRLARLRQEALEQERRQAEEAVLQAREAQAWAQLKEQEVLQL
QEEAKTFITRENLEARVEEALDSPKSYNWAITREGLVVRPQQKGS
;
AU
77 'polypeptide(L)'
;VVKSCRRCLLSAAYVDSHKWEARDKEDCHLADLASLMDKTYERKLPVSSLTISRFVDNIASREDIDHAEYYLYKFRHSPN
CWYLRDWTIHTWIRQCLKYGAQDKALYTLKNKVQYGIFPDNYTFNLLMDYFIKKENYKDALSVVFEIMMQEAFEVPSTQL
LSLYVLYHCLAEKTDLSWEEERNFGASLLLPGLKQKNSVGLSSQLYGYALLGKVELQQGLRAVYCNMPLLWQPGYLHRAL
QVMEKVASSPEDGQLCGEALDVLDRVLKAVTAPAQGTSEEQPQEGEESQRSEELVEQLDVEETEQSKLPQYLERFEALRS
KLQALGKVESESLLTLSTQLAKAQLPTCEAEDIAVYEQRLQQWHGERVRLIQREQEQRERARQDYEARRAAKASA
;
AV
78 'polypeptide(L)'
;MAALCRTRAVTAKSHFLRVFFFSRPCRGTGTESGSGSESSESTEPKQRPGGFASALERHSELQQKAEFGRMRGSPKNVES
FASMLRHSPLTQMGPAKNKLVIGQIFHIVEDDLYIDFGGKFHCVCKRPEVDGEKYQKGTRVRLRLLDLELTSRFLGATTD
TTILEADAVLLGLQESKDSKSKEERHEK
;
AW
79 'polypeptide(L)'
;MAQLLANLTSIQVMLKGVTRLISRVHKLDPGHVLYMGTQAPQSLAAHLDNQVPVKSPRAISRTSEDDPAKHREQHEGQHY
NISLQELKTVFPHGLPPRFAMQVKTFNEACLMVRKPALELLHYLKNTNFAHPAVRYVLYGEKGTGKTLSLCHILHFCAKQ
NWLILHIPDAHIWVKNCRDLLQSNYNKQRFDQPLEASTWLKNFKTANEHFLSQIKVQEKYVWNKRESTEKGRPLGEVVEQ
GIMRVRNATDAVGIVLKELKRQSSLGIFHLLVAVDGVNALWGRTTLKREDKSPIAPEELALIHNLRKMVKNDWQGGAIVL
TVSQTGSLFKPRNAYLPQELLGKEGFDALDPFIPILVSNYNPKEFESCIQYYLENNWLQHEKAHTEEGKKELLFLSNRNP
GQLERLCAYL
;
AX
80 'polypeptide(L)'
;MLPRVSAVIPLRPLSRLPLCSGGPEASAAAILLLDSLRGTVRTENNIQRYFGTNNLVYSKKDEQSGPTCEISKETESKGS
VKENSKKDLLNIIKGMKVELSTVNVQTTKPSNKRQLKNLETAIGRIKKAPEDTPQKRSESLSSELVAAVSAVADSLPFDR
RMTKSELLRQLQKHEEDSRDKKKKLIFSNIISDMKVARSATARVSTRPVHQIQFDEGTDDFADQEKTLNLKKRKNIFKGR
RLNIFEPQAVTEEAPETEAVPSLWDIEFAKQLAAVTERPFQNGFEEMIQWTKEGKLWEFPINNEAGFDDDGSEFHEHIFL
DKYLQDFPKQGPIRHFMELVTCGLSKNPYLSVKQKVEHIEWFRNYFNEKRVILKESGIQLN
;
AY
81 'polypeptide(L)'
;MRDGFRAPAEVSSLVESPRIGRINFINQLGGLTGTLAPAAQEMSSLSEYAVRMSRLSARLFGEVARPTDSKSMKVVKLFS
EQPLAKRKETYDWYPNHNTYFALMGTLRFLGLYRDEHQDFRDEQLRLKKLRGKGKPRKGEGKRAMKKK
;
AZ
82 'polypeptide(L)'
;MNRHLCVWLFRHPSLNGYLQCHIQLHSHQFRQIHLDTRLQVFRQNRNCILHLLSKNWSRRYCHQDTKMLWKHKALQKYME
NLSKEYQTLEQCLQHIPVNEENRRSLNRRHAELAPLAAIYQEIQETEQAIEELESMCKSLNKQDEKQLQELALEERQTID
QKINMLYNELFQSLVPKEKYDKNDVILEVTAGRTTGGDICQQFTREIFDMYQNYSCYKHWQFELLNYTPADYGGLHHAAA
RISGDGVYKHLKYEGGIHRVQRIPEVGLSSRMQRIHTGTMSVIVLPQPDEVDVKLDPKDLRIDTFRAKGAGGQHVNKTDS
AVRLVHIPTGLVVECQQERSQIKNKEIAFRVLRARLYQQIIEKDKRQQQSARKLQVGTRAQSERIRTYNFTQDRVSDHRI
AYEVRDIKEFLCGGKGLDQLIQRLLQSADEEAIAELLDEHLKSAKGGSGGSGDYKDHDGDYKDHDIDYKDDDDK
;
Aa
83 'polypeptide(L)'
;MASGPLLPRLLGAGAPRRPLRLHLVPTATPGPAGPTGRTLGSNAAPAAREPELGNDLRDRILSEPLKHADFFNLKELFSV
RSLFDARVHLGHKAGCRHRFMEPYLFGSRLGQDIIDLEQTAAHLQLALNFTAHVAYREGIILFVSRHRQFAHLIETTARD
CGEYAHTRYFKGGLLTNAPLLLGPGVRLPDLIIFLHTLNNVFEPHVAVRDAAKMNIPTVGIVDTNCNPALITYPVPGNDD
SPPAVRLFCRLFQVAISRAKEKRRQVEALYRLQGPAGAERGPAAPPPPE
;
Ab
84 'polypeptide(L)'
;M(AYA)TPSLRGRLARLGNPRRPILKPNKPLILANHVGERRREKGEATCITEMSVMMACWKQNEFRDEACRKEIQDFFDC
ASRAEAARKMRSIQENLGELGSLPPKKLNKLLHRFPNKPHVS
;
Ac
85 'polypeptide(L)'
;MAAAVRAAGFFPGLFGASAGNLWSRQLYLNTFPAASILTSKTFPSNGPLSPPGTRDNHHFTSLACALQTQCSISSPSNWM
GQQYRSYSFFTKLTADELWKGALAESGAGARKGRGKRTKKKRRKDLNRGQIIGEGRHGFLWPGLNIPLMRNGAVQTIAQR
SKEDQEKVEADMVQQREEWDRRRKMKVKRERGWSGNTWGGVSLGPPDPGPNGETYDDFDTRILEVRNVFNMTAKEGRKRS
VRVLVAVGNGKGAAGFAIGKATERADAFRKAKNRAVHYLHYIERYEDHTIYHDISLKFKRTHIKMKKQPRGYGLHCHRAI
MTICRLIGIKDLYAKVSGSVNMLNLTRGLFLGLSRQETHQQLADKKSLHVVEFREECGPLPIVVASPQGALRKDPEPEDE
VPDITLDWEDVKAAQGMKRSVWSGLKRAAT
;
Ad
86 'polypeptide(L)'
;MAAVASARWLGVRSGLCLPLTGRRVGPCGRTPRSRFYSGSAAHPEVEGANVTGIEEVVIPKKKTWDKVAILQALASTVHR
DSTAAPYVFQDDPYLIPTSSVESHSFLLAKKSGENAAKFIINSYPKYFQKDIAEPHIPCLMPEYFEPQIEDVSEAALQER
IKLRKVKASVDMFDQLLQAGTTVSLETTNSLLDLLCYYGNQEPSANYNFQQREQSEELEEATEADNEKSKTKAGHHLGVT
WRTKNNAERIFALMPEKNAHSYCTMIRGMVKHQAPTQALNLYTVLLNNRLRADVYTFNSLIEATALVVNEKFEEKWNNIL
DLLKQMVTQNVKPNLQTFNTILKCLRRFYAFGKLPALQTLREMKAIGIEPSLATYHYVIQLFYQHESPSKGSSLIIYDIM
NEVMGKRFSPRDPDDDMFFQSAMRVCSSLRDLELAYQVHGLLNTGDNWKLIGSDHRRNFYYSKFFNLLCFMEQIDVTLKW
YKDLIPSVFFPHSQTMIDLLQALDVANRLDMVPQIWKDSKEYGHTFRNELKEEILMLMARDQHPPELQVAFADCAADIKS
TYESQDARQTAPEWPASSLNYVAVLFLRAGRTQEAWKMLGLFRKHNKIPRAELLNEFLDSAKASSSPAQAIELVKLASAF
SLPVCEGLTRRVMAEFTLTQEQREALGELTALTSDSSSDSDSDSDSDISEGK
;
Ae
87 'polypeptide(L)'
;MAAPCVFCGAAVSYRLFLGCRVSFARGQVLWKAAAPELQAGARCQILRLRHTAVVTTKKNVAASRRETYTVDFIKKQIEE
FNIGKRHLANMMGEDPETFTQEDIDRAIAYLFPSGLFEKRARPIMKHPEEIFPKQRAIQWGEDGRPFHFLFYTGKQSYYS
LMHDTYGKLLDVEKHHNQLRAKDLLAEKTKILKDPIGSRWLIKEELEEMLVEKLSDQDYAQFIRLLERLSALPCGATEED
FVNRFRRSIPIQSKKQLIEPLQYDEQGMAFSRGEGKRKTAKAEVVVYGQGSGRIDVNGVDYLLYFPVTQDREQLMFPLHF
LDRLGKHDMTCAVSGGGRSAQAGAVRLAMARALCSFVTEDEVEWMRQAGLLTADPRVRERKKPGQEGARRKFTWKKR
;
Ag
88 'polypeptide(L)'
;MQVVRNAGSRLLQSWAWPPKTRIVAGLPASTIHRSAPHLQDAAAKLDIEDKEEARTPSHSSFSIYPPIPGQENSLRWAGK
KFEEIPIAHIKASYNNTQIQVVSAAHQPLAHASCGTEGFRNAKKGTGIAAQTAGIAAAAKATGKGVTHVRVVVKGLGPGR
LSAIKGLTMGGLEVISITDNTPIPH(5F0)GCRPRKARRL
;
Ai
89 'polypeptide(L)'
;MRERRLLGRVTQDTHTGRARIWLHSAPPEAPGRALGLHTVLTAQGVQGLHQDVGSSIFQDGWDGERRVSCHSFFSPRRDT
TGVRRADPQPRQHVDKTLIGSGSQSAGPSVSSSSPTGKPAPVPGRLTAFREALPCRSQADYHLSGLRGTSEESIPPPAAH
WARPHLGPRAPPGAARPARVAAAAVPWPPPCAPPPGPGRSRRPRAGGTLGVRVRDLPGRGPPRSPAPAPARAPGPPSSSV
GHGPPGLFCASGRARTPLRETPAASGIGRARRRAAASSGQSTEAPAAMARKKVRPRLIAELARRVRALREQRERPRDSQR
YALDYETMMRPHSGNRLPMRAWADVRHESRLLQLLNRLPLFGLGRLVTRKSWLWQHDEPCYWRLTRVRPDYAAENLDHGK
AWGILTFKGKTESEAREIEQVMYHDWRLVPKHEEEAFTAFTLVPEDTPLSVPYPPLLRAMILAQRQKYGDTSTEEPMLNL
ERARIDPWDYPAKLEAKTKTKGAAV
;
Aj
#
# COMPACT_ATOMS: atom_id res chain seq x y z
N GLU A 46 110.70 44.16 -16.55
CA GLU A 46 111.47 43.71 -17.70
C GLU A 46 110.57 43.05 -18.74
N ALA A 47 111.17 42.67 -19.87
CA ALA A 47 110.42 42.04 -20.95
C ALA A 47 111.33 41.04 -21.65
N LEU A 48 110.69 40.10 -22.36
CA LEU A 48 111.41 39.06 -23.08
C LEU A 48 111.62 39.47 -24.54
N ALA A 49 112.10 38.54 -25.35
CA ALA A 49 112.39 38.83 -26.74
C ALA A 49 111.11 38.82 -27.59
N GLY A 50 111.25 39.30 -28.83
CA GLY A 50 110.14 39.38 -29.76
C GLY A 50 109.83 38.13 -30.54
N ALA A 51 110.58 37.04 -30.32
CA ALA A 51 110.36 35.76 -30.97
C ALA A 51 110.44 35.90 -32.48
N PRO A 52 111.61 36.20 -33.04
CA PRO A 52 111.73 36.30 -34.50
C PRO A 52 111.49 34.96 -35.17
N LEU A 53 110.97 35.04 -36.39
CA LEU A 53 110.58 33.87 -37.16
C LEU A 53 111.65 33.49 -38.18
N ASP A 54 111.40 32.40 -38.90
CA ASP A 54 112.26 31.95 -39.97
C ASP A 54 111.89 32.51 -41.33
N ASN A 55 110.74 33.19 -41.43
CA ASN A 55 110.36 33.80 -42.71
C ASN A 55 111.33 34.90 -43.11
N ALA A 56 111.72 35.76 -42.16
CA ALA A 56 112.72 36.80 -42.38
C ALA A 56 113.74 36.78 -41.25
N PRO A 57 114.44 35.66 -41.07
CA PRO A 57 115.47 35.58 -40.02
C PRO A 57 116.75 36.26 -40.47
N LYS A 58 117.01 37.45 -39.92
CA LYS A 58 118.22 38.19 -40.28
C LYS A 58 118.94 38.83 -39.11
N GLU A 59 118.32 38.94 -37.93
CA GLU A 59 118.90 39.65 -36.79
C GLU A 59 119.41 38.63 -35.78
N TYR A 60 120.73 38.49 -35.70
CA TYR A 60 121.36 37.66 -34.68
C TYR A 60 121.49 38.43 -33.37
N PRO A 61 121.56 37.74 -32.24
CA PRO A 61 121.68 38.42 -30.94
C PRO A 61 122.94 39.26 -30.89
N PRO A 62 122.87 40.45 -30.27
CA PRO A 62 124.07 41.30 -30.17
C PRO A 62 125.07 40.81 -29.15
N LYS A 63 124.64 40.00 -28.17
CA LYS A 63 125.58 39.47 -27.18
C LYS A 63 126.60 38.56 -27.85
N ILE A 64 126.16 37.76 -28.83
CA ILE A 64 127.09 36.90 -29.55
C ILE A 64 128.10 37.74 -30.33
N GLN A 65 127.63 38.81 -30.99
CA GLN A 65 128.52 39.62 -31.82
C GLN A 65 129.62 40.27 -31.00
N GLN A 66 129.28 40.81 -29.82
CA GLN A 66 130.31 41.44 -29.00
C GLN A 66 131.28 40.41 -28.43
N LEU A 67 130.81 39.17 -28.22
CA LEU A 67 131.72 38.11 -27.81
C LEU A 67 132.71 37.77 -28.93
N VAL A 68 132.25 37.83 -30.18
CA VAL A 68 133.14 37.60 -31.32
C VAL A 68 134.23 38.67 -31.36
N GLN A 69 133.85 39.93 -31.16
CA GLN A 69 134.83 41.01 -31.19
C GLN A 69 135.81 40.89 -30.02
N ASP A 70 135.30 40.56 -28.83
CA ASP A 70 136.19 40.41 -27.68
C ASP A 70 137.16 39.25 -27.87
N ILE A 71 136.68 38.13 -28.42
CA ILE A 71 137.56 36.99 -28.67
C ILE A 71 138.63 37.37 -29.69
N ALA A 72 138.22 38.04 -30.77
CA ALA A 72 139.15 38.43 -31.82
C ALA A 72 140.15 39.48 -31.35
N SER A 73 139.87 40.15 -30.23
CA SER A 73 140.75 41.19 -29.70
C SER A 73 141.82 40.63 -28.75
N LEU A 74 142.18 39.36 -28.90
CA LEU A 74 143.13 38.71 -28.01
C LEU A 74 144.27 38.12 -28.83
N THR A 75 145.45 38.05 -28.21
CA THR A 75 146.63 37.51 -28.86
C THR A 75 146.56 35.98 -28.89
N LEU A 76 147.47 35.39 -29.68
CA LEU A 76 147.52 33.93 -29.78
C LEU A 76 147.92 33.29 -28.46
N LEU A 77 148.75 33.96 -27.67
CA LEU A 77 149.10 33.43 -26.35
C LEU A 77 147.88 33.34 -25.46
N GLU A 78 147.00 34.34 -25.52
CA GLU A 78 145.74 34.28 -24.79
C GLU A 78 144.76 33.28 -25.40
N ILE A 79 144.93 32.94 -26.68
CA ILE A 79 144.10 31.89 -27.27
C ILE A 79 144.37 30.56 -26.60
N SER A 80 145.64 30.22 -26.40
CA SER A 80 145.98 28.98 -25.72
C SER A 80 145.48 28.99 -24.28
N ASP A 81 145.63 30.12 -23.58
CA ASP A 81 145.12 30.23 -22.22
C ASP A 81 143.61 30.08 -22.20
N LEU A 82 142.91 30.71 -23.15
CA LEU A 82 141.47 30.55 -23.25
C LEU A 82 141.10 29.11 -23.60
N ASN A 83 141.84 28.49 -24.51
CA ASN A 83 141.57 27.11 -24.88
C ASN A 83 141.80 26.16 -23.71
N GLU A 84 142.92 26.33 -22.99
CA GLU A 84 143.23 25.43 -21.89
C GLU A 84 142.21 25.52 -20.78
N LEU A 85 141.75 26.74 -20.46
CA LEU A 85 140.71 26.90 -19.44
C LEU A 85 139.41 26.25 -19.88
N LEU A 86 139.03 26.40 -21.14
CA LEU A 86 137.82 25.76 -21.64
C LEU A 86 137.95 24.24 -21.61
N LYS A 87 139.11 23.72 -22.00
CA LYS A 87 139.31 22.28 -21.98
C LYS A 87 139.27 21.74 -20.56
N LYS A 88 139.88 22.45 -19.61
CA LYS A 88 139.84 22.01 -18.21
C LYS A 88 138.42 22.05 -17.67
N THR A 89 137.68 23.12 -17.96
CA THR A 89 136.31 23.22 -17.48
C THR A 89 135.37 22.31 -18.27
N LEU A 90 135.56 22.25 -19.59
CA LEU A 90 134.71 21.43 -20.44
C LEU A 90 135.51 20.40 -21.21
N ILE B 64 137.96 36.52 -19.88
CA ILE B 64 138.18 35.09 -20.13
C ILE B 64 137.32 34.26 -19.19
N GLN B 65 137.48 34.49 -17.89
CA GLN B 65 136.71 33.75 -16.90
C GLN B 65 135.21 34.06 -17.03
N GLN B 66 134.87 35.32 -17.25
CA GLN B 66 133.47 35.69 -17.44
C GLN B 66 132.88 35.07 -18.70
N LEU B 67 133.71 34.86 -19.73
CA LEU B 67 133.25 34.20 -20.94
C LEU B 67 132.82 32.77 -20.65
N VAL B 68 133.60 32.06 -19.82
CA VAL B 68 133.26 30.68 -19.48
C VAL B 68 131.95 30.62 -18.71
N GLN B 69 131.75 31.55 -17.78
CA GLN B 69 130.51 31.59 -17.01
C GLN B 69 129.32 31.89 -17.91
N ASP B 70 129.49 32.80 -18.88
CA ASP B 70 128.37 33.19 -19.74
C ASP B 70 127.96 32.04 -20.66
N ILE B 71 128.92 31.41 -21.32
CA ILE B 71 128.59 30.36 -22.29
C ILE B 71 127.94 29.17 -21.60
N ALA B 72 128.35 28.86 -20.38
CA ALA B 72 127.71 27.78 -19.64
C ALA B 72 126.28 28.12 -19.29
N SER B 73 125.98 29.41 -19.06
CA SER B 73 124.63 29.84 -18.77
C SER B 73 123.78 30.00 -20.02
N LEU B 74 124.39 30.03 -21.19
CA LEU B 74 123.63 30.20 -22.44
C LEU B 74 122.82 28.95 -22.75
N THR B 75 121.78 29.13 -23.55
CA THR B 75 120.93 28.03 -23.97
C THR B 75 121.56 27.28 -25.14
N LEU B 76 120.89 26.22 -25.58
CA LEU B 76 121.39 25.46 -26.73
C LEU B 76 121.42 26.31 -27.99
N LEU B 77 120.36 27.08 -28.23
CA LEU B 77 120.33 27.95 -29.41
C LEU B 77 121.40 29.03 -29.33
N GLU B 78 121.57 29.63 -28.15
CA GLU B 78 122.51 30.75 -28.01
C GLU B 78 123.94 30.32 -28.25
N ILE B 79 124.32 29.13 -27.77
CA ILE B 79 125.67 28.62 -28.04
C ILE B 79 125.79 28.21 -29.50
N SER B 80 124.77 27.55 -30.04
CA SER B 80 124.83 27.12 -31.44
C SER B 80 124.86 28.32 -32.38
N ASP B 81 124.04 29.34 -32.11
CA ASP B 81 124.10 30.56 -32.90
C ASP B 81 125.46 31.25 -32.73
N LEU B 82 126.06 31.13 -31.54
CA LEU B 82 127.44 31.60 -31.36
C LEU B 82 128.41 30.82 -32.24
N ASN B 83 128.24 29.50 -32.31
CA ASN B 83 129.10 28.69 -33.17
C ASN B 83 128.85 28.98 -34.65
N GLU B 84 127.59 29.16 -35.03
CA GLU B 84 127.27 29.45 -36.42
C GLU B 84 127.87 30.78 -36.86
N LEU B 85 127.77 31.81 -36.02
CA LEU B 85 128.39 33.08 -36.34
C LEU B 85 129.91 32.99 -36.30
N LEU B 86 130.45 32.18 -35.38
CA LEU B 86 131.89 31.92 -35.39
C LEU B 86 132.31 31.21 -36.66
N LYS B 87 131.50 30.23 -37.11
CA LYS B 87 131.82 29.53 -38.35
C LYS B 87 131.77 30.47 -39.54
N LYS B 88 130.78 31.37 -39.58
CA LYS B 88 130.71 32.34 -40.65
C LYS B 88 131.87 33.33 -40.58
N THR B 89 132.27 33.73 -39.38
CA THR B 89 133.35 34.70 -39.22
C THR B 89 134.70 34.08 -39.49
N LEU B 90 135.03 33.00 -38.78
CA LEU B 90 136.30 32.31 -38.97
C LEU B 90 136.26 31.41 -40.20
N ILE C 64 151.72 39.66 -41.33
CA ILE C 64 151.15 38.72 -42.28
C ILE C 64 152.05 38.59 -43.50
N GLN C 65 152.14 39.68 -44.29
CA GLN C 65 152.96 39.65 -45.49
C GLN C 65 154.44 39.45 -45.16
N GLN C 66 154.92 40.13 -44.12
CA GLN C 66 156.31 39.96 -43.71
C GLN C 66 156.57 38.55 -43.20
N LEU C 67 155.58 37.97 -42.50
CA LEU C 67 155.73 36.61 -42.01
C LEU C 67 155.87 35.62 -43.16
N VAL C 68 155.09 35.82 -44.23
CA VAL C 68 155.18 34.93 -45.38
C VAL C 68 156.58 34.99 -45.99
N GLN C 69 157.13 36.19 -46.12
CA GLN C 69 158.48 36.32 -46.67
C GLN C 69 159.52 35.69 -45.75
N ASP C 70 159.42 35.93 -44.45
CA ASP C 70 160.41 35.39 -43.51
C ASP C 70 160.37 33.86 -43.47
N ILE C 71 159.17 33.29 -43.44
CA ILE C 71 159.05 31.83 -43.47
C ILE C 71 159.56 31.29 -44.80
N ALA C 72 159.35 32.02 -45.89
CA ALA C 72 159.76 31.56 -47.21
C ALA C 72 161.28 31.47 -47.36
N SER C 73 162.04 32.08 -46.46
CA SER C 73 163.49 32.04 -46.52
C SER C 73 164.10 30.89 -45.72
N LEU C 74 163.28 30.03 -45.14
CA LEU C 74 163.75 28.93 -44.30
C LEU C 74 163.73 27.62 -45.07
N THR C 75 164.67 26.75 -44.74
CA THR C 75 164.78 25.44 -45.37
C THR C 75 163.71 24.50 -44.84
N LEU C 76 163.58 23.35 -45.51
CA LEU C 76 162.55 22.38 -45.12
C LEU C 76 162.82 21.80 -43.73
N LEU C 77 164.09 21.61 -43.38
CA LEU C 77 164.41 21.11 -42.03
C LEU C 77 163.95 22.07 -40.95
N GLU C 78 164.15 23.38 -41.17
CA GLU C 78 163.65 24.37 -40.22
C GLU C 78 162.13 24.44 -40.23
N ILE C 79 161.51 24.17 -41.39
CA ILE C 79 160.04 24.17 -41.46
C ILE C 79 159.46 23.08 -40.56
N SER C 80 160.05 21.88 -40.60
CA SER C 80 159.59 20.82 -39.71
C SER C 80 159.89 21.14 -38.26
N ASP C 81 161.01 21.81 -37.98
CA ASP C 81 161.35 22.19 -36.62
C ASP C 81 160.34 23.19 -36.05
N LEU C 82 159.97 24.20 -36.85
CA LEU C 82 159.01 25.20 -36.36
C LEU C 82 157.60 24.61 -36.26
N ASN C 83 157.25 23.68 -37.14
CA ASN C 83 155.95 23.01 -37.03
C ASN C 83 155.87 22.22 -35.73
N GLU C 84 156.96 21.54 -35.36
CA GLU C 84 156.98 20.79 -34.10
C GLU C 84 156.85 21.73 -32.90
N LEU C 85 157.53 22.89 -32.96
CA LEU C 85 157.42 23.85 -31.86
C LEU C 85 156.00 24.38 -31.71
N LEU C 86 155.33 24.66 -32.83
CA LEU C 86 153.93 25.10 -32.77
C LEU C 86 153.04 24.01 -32.19
N LYS C 87 153.25 22.76 -32.61
CA LYS C 87 152.49 21.65 -32.03
C LYS C 87 152.85 21.46 -30.55
N LYS C 88 154.13 21.62 -30.21
CA LYS C 88 154.53 21.51 -28.81
C LYS C 88 153.92 22.59 -27.96
N THR C 89 153.87 23.83 -28.48
CA THR C 89 153.39 24.96 -27.68
C THR C 89 151.87 25.00 -27.62
N LEU C 90 151.21 25.07 -28.77
CA LEU C 90 149.76 25.23 -28.82
C LEU C 90 149.04 23.89 -28.79
N LYS C 91 149.39 22.96 -29.68
CA LYS C 91 148.74 21.66 -29.79
C LYS C 91 147.24 21.80 -30.01
N ILE D 64 163.21 31.26 -36.53
CA ILE D 64 162.32 30.22 -36.04
C ILE D 64 161.59 30.70 -34.79
N GLN D 65 162.35 30.95 -33.72
CA GLN D 65 161.76 31.42 -32.48
C GLN D 65 161.13 32.80 -32.64
N GLN D 66 161.78 33.68 -33.41
CA GLN D 66 161.24 35.01 -33.64
C GLN D 66 159.91 34.96 -34.38
N LEU D 67 159.79 34.04 -35.35
CA LEU D 67 158.54 33.92 -36.10
C LEU D 67 157.39 33.47 -35.19
N VAL D 68 157.66 32.56 -34.26
CA VAL D 68 156.63 32.12 -33.33
C VAL D 68 156.13 33.28 -32.48
N GLN D 69 157.05 34.13 -32.01
CA GLN D 69 156.67 35.29 -31.21
C GLN D 69 155.82 36.26 -32.04
N ASP D 70 156.20 36.50 -33.29
CA ASP D 70 155.43 37.41 -34.14
C ASP D 70 154.05 36.86 -34.43
N ILE D 71 153.95 35.55 -34.69
CA ILE D 71 152.64 34.93 -34.89
C ILE D 71 151.81 35.03 -33.61
N ALA D 72 152.44 34.80 -32.46
CA ALA D 72 151.74 34.90 -31.19
C ALA D 72 151.30 36.32 -30.86
N SER D 73 151.84 37.33 -31.55
CA SER D 73 151.50 38.72 -31.30
C SER D 73 150.38 39.23 -32.18
N LEU D 74 149.77 38.37 -32.99
CA LEU D 74 148.69 38.78 -33.89
C LEU D 74 147.34 38.42 -33.31
N THR D 75 146.30 39.07 -33.84
CA THR D 75 144.94 38.84 -33.41
C THR D 75 144.30 37.75 -34.26
N LEU D 76 143.03 37.44 -33.97
CA LEU D 76 142.33 36.38 -34.69
C LEU D 76 142.17 36.72 -36.16
N LEU D 77 141.80 37.96 -36.47
CA LEU D 77 141.57 38.36 -37.85
C LEU D 77 142.85 38.29 -38.66
N GLU D 78 143.97 38.76 -38.10
CA GLU D 78 145.24 38.71 -38.80
C GLU D 78 145.70 37.27 -39.03
N ILE D 79 145.52 36.41 -38.02
CA ILE D 79 145.89 35.00 -38.18
C ILE D 79 145.00 34.33 -39.21
N SER D 80 143.69 34.61 -39.15
CA SER D 80 142.76 34.01 -40.10
C SER D 80 143.07 34.43 -41.54
N ASP D 81 143.37 35.72 -41.74
CA ASP D 81 143.75 36.18 -43.07
C ASP D 81 145.10 35.64 -43.49
N LEU D 82 146.00 35.38 -42.53
CA LEU D 82 147.28 34.77 -42.85
C LEU D 82 147.09 33.37 -43.44
N ASN D 83 146.19 32.59 -42.85
CA ASN D 83 145.95 31.24 -43.35
C ASN D 83 145.30 31.27 -44.73
N GLU D 84 144.40 32.22 -44.97
CA GLU D 84 143.75 32.32 -46.27
C GLU D 84 144.76 32.60 -47.38
N LEU D 85 145.72 33.50 -47.11
CA LEU D 85 146.77 33.77 -48.10
C LEU D 85 147.64 32.55 -48.31
N LEU D 86 147.95 31.81 -47.25
CA LEU D 86 148.68 30.55 -47.40
C LEU D 86 147.86 29.55 -48.20
N LYS D 87 146.55 29.51 -47.98
CA LYS D 87 145.69 28.66 -48.79
C LYS D 87 145.73 29.07 -50.26
N LYS D 88 145.72 30.37 -50.53
CA LYS D 88 145.81 30.85 -51.90
C LYS D 88 147.16 30.52 -52.52
N THR D 89 148.23 30.59 -51.72
CA THR D 89 149.57 30.29 -52.23
C THR D 89 149.82 28.78 -52.28
N LEU D 90 149.69 28.11 -51.14
CA LEU D 90 149.90 26.68 -51.07
C LEU D 90 148.65 25.95 -50.59
N ILE E 64 166.18 23.38 -59.35
CA ILE E 64 165.14 22.39 -59.09
C ILE E 64 164.91 21.53 -60.32
N GLN E 65 165.44 21.99 -61.46
CA GLN E 65 165.29 21.24 -62.71
C GLN E 65 165.99 19.88 -62.62
N GLN E 66 167.17 19.85 -62.00
CA GLN E 66 167.87 18.58 -61.81
C GLN E 66 167.07 17.64 -60.91
N LEU E 67 166.38 18.19 -59.91
CA LEU E 67 165.58 17.36 -59.02
C LEU E 67 164.42 16.70 -59.78
N VAL E 68 163.83 17.43 -60.73
CA VAL E 68 162.74 16.86 -61.51
C VAL E 68 163.22 15.68 -62.34
N GLN E 69 164.39 15.82 -62.97
CA GLN E 69 164.93 14.74 -63.78
C GLN E 69 165.29 13.53 -62.91
N ASP E 70 165.90 13.76 -61.76
CA ASP E 70 166.28 12.67 -60.89
C ASP E 70 165.06 11.93 -60.35
N ILE E 71 164.03 12.67 -59.97
CA ILE E 71 162.83 12.05 -59.39
C ILE E 71 162.13 11.17 -60.42
N ALA E 72 161.97 11.67 -61.65
CA ALA E 72 161.27 10.92 -62.69
C ALA E 72 162.09 9.77 -63.23
N SER E 73 163.38 9.70 -62.94
CA SER E 73 164.25 8.66 -63.46
C SER E 73 164.38 7.46 -62.53
N LEU E 74 163.74 7.47 -61.38
CA LEU E 74 163.83 6.37 -60.43
C LEU E 74 162.67 5.40 -60.63
N THR E 75 162.89 4.16 -60.20
CA THR E 75 161.91 3.10 -60.36
C THR E 75 160.84 3.20 -59.28
N LEU E 76 159.90 2.25 -59.28
CA LEU E 76 158.80 2.28 -58.33
C LEU E 76 159.30 2.07 -56.90
N LEU E 77 160.20 1.12 -56.70
CA LEU E 77 160.71 0.84 -55.36
C LEU E 77 161.51 2.01 -54.81
N GLU E 78 162.35 2.62 -55.64
CA GLU E 78 163.17 3.75 -55.19
C GLU E 78 162.29 4.94 -54.81
N ILE E 79 161.26 5.22 -55.60
CA ILE E 79 160.32 6.29 -55.26
C ILE E 79 159.54 5.92 -54.01
N SER E 80 159.19 4.64 -53.85
CA SER E 80 158.51 4.20 -52.64
C SER E 80 159.42 4.39 -51.42
N ASP E 81 160.71 4.09 -51.56
CA ASP E 81 161.65 4.32 -50.47
C ASP E 81 161.80 5.80 -50.16
N LEU E 82 161.65 6.66 -51.18
CA LEU E 82 161.69 8.11 -50.93
C LEU E 82 160.55 8.54 -50.03
N ASN E 83 159.35 8.00 -50.25
CA ASN E 83 158.21 8.35 -49.41
C ASN E 83 158.43 7.93 -47.96
N GLU E 84 158.99 6.75 -47.75
CA GLU E 84 159.27 6.29 -46.38
C GLU E 84 160.28 7.19 -45.69
N LEU E 85 161.35 7.56 -46.39
CA LEU E 85 162.36 8.42 -45.79
C LEU E 85 161.80 9.80 -45.49
N LEU E 86 161.01 10.37 -46.39
CA LEU E 86 160.46 11.70 -46.18
C LEU E 86 159.50 11.72 -44.99
N LYS E 87 158.66 10.70 -44.86
CA LYS E 87 157.75 10.64 -43.72
C LYS E 87 158.51 10.53 -42.40
N LYS E 88 159.54 9.69 -42.35
CA LYS E 88 160.33 9.56 -41.14
C LYS E 88 161.12 10.82 -40.84
N THR E 89 161.74 11.42 -41.87
CA THR E 89 162.50 12.65 -41.67
C THR E 89 161.57 13.80 -41.31
N LEU E 90 160.45 13.93 -42.01
CA LEU E 90 159.52 15.04 -41.77
C LEU E 90 158.22 14.54 -41.15
N ILE F 64 170.15 7.85 -53.55
CA ILE F 64 168.84 8.17 -52.98
C ILE F 64 169.00 9.16 -51.82
N GLN F 65 170.06 8.97 -51.02
CA GLN F 65 170.30 9.87 -49.90
C GLN F 65 170.67 11.27 -50.37
N GLN F 66 171.42 11.37 -51.47
CA GLN F 66 171.77 12.68 -52.01
C GLN F 66 170.54 13.45 -52.45
N LEU F 67 169.57 12.76 -53.06
CA LEU F 67 168.34 13.41 -53.49
C LEU F 67 167.55 13.95 -52.29
N VAL F 68 167.54 13.18 -51.19
CA VAL F 68 166.83 13.64 -49.99
C VAL F 68 167.48 14.88 -49.42
N GLN F 69 168.82 14.89 -49.37
CA GLN F 69 169.53 16.05 -48.83
C GLN F 69 169.30 17.29 -49.68
N ASP F 70 169.30 17.14 -51.00
CA ASP F 70 169.09 18.29 -51.88
C ASP F 70 167.71 18.90 -51.68
N ILE F 71 166.68 18.05 -51.55
CA ILE F 71 165.32 18.56 -51.35
C ILE F 71 165.21 19.29 -50.03
N ALA F 72 165.75 18.71 -48.95
CA ALA F 72 165.65 19.32 -47.64
C ALA F 72 166.47 20.61 -47.53
N SER F 73 167.44 20.82 -48.41
CA SER F 73 168.25 22.02 -48.39
C SER F 73 167.59 23.21 -49.07
N LEU F 74 166.43 23.01 -49.68
CA LEU F 74 165.73 24.09 -50.37
C LEU F 74 164.63 24.67 -49.49
N THR F 75 164.24 25.90 -49.82
CA THR F 75 163.17 26.59 -49.12
C THR F 75 161.81 26.20 -49.70
N LEU F 76 160.75 26.70 -49.05
CA LEU F 76 159.40 26.37 -49.48
C LEU F 76 159.07 26.99 -50.84
N LEU F 77 159.63 28.16 -51.15
CA LEU F 77 159.42 28.74 -52.47
C LEU F 77 160.05 27.87 -53.55
N GLU F 78 161.25 27.34 -53.29
CA GLU F 78 161.93 26.50 -54.27
C GLU F 78 161.18 25.18 -54.49
N ILE F 79 160.63 24.59 -53.42
CA ILE F 79 159.85 23.38 -53.58
C ILE F 79 158.45 23.66 -54.12
N SER F 80 157.96 24.89 -53.95
CA SER F 80 156.65 25.24 -54.52
C SER F 80 156.67 25.16 -56.04
N ASP F 81 157.73 25.68 -56.66
CA ASP F 81 157.89 25.52 -58.10
C ASP F 81 158.26 24.08 -58.45
N LEU F 82 158.98 23.39 -57.58
CA LEU F 82 159.30 21.99 -57.81
C LEU F 82 158.04 21.13 -57.85
N ASN F 83 157.12 21.37 -56.90
CA ASN F 83 155.87 20.61 -56.89
C ASN F 83 154.98 21.03 -58.06
N GLU F 84 155.02 22.31 -58.44
CA GLU F 84 154.18 22.78 -59.54
C GLU F 84 154.53 22.09 -60.85
N LEU F 85 155.83 21.91 -61.12
CA LEU F 85 156.25 21.17 -62.31
C LEU F 85 155.83 19.71 -62.22
N LEU F 86 155.94 19.11 -61.03
CA LEU F 86 155.53 17.72 -60.86
C LEU F 86 154.02 17.56 -60.98
N LYS F 87 153.26 18.56 -60.54
CA LYS F 87 151.80 18.49 -60.68
C LYS F 87 151.39 18.49 -62.15
N LYS F 88 152.06 19.28 -62.99
CA LYS F 88 151.75 19.30 -64.41
C LYS F 88 152.11 17.99 -65.11
N THR F 89 153.02 17.21 -64.53
CA THR F 89 153.47 15.94 -65.10
C THR F 89 153.95 16.09 -66.53
N ILE J 45 -34.69 75.03 -35.12
CA ILE J 45 -34.36 75.12 -36.52
C ILE J 45 -33.88 76.53 -36.87
N SER J 46 -33.19 76.65 -37.99
CA SER J 46 -32.68 77.94 -38.45
C SER J 46 -32.91 78.05 -39.95
N ARG J 47 -33.45 79.18 -40.40
CA ARG J 47 -33.72 79.42 -41.81
C ARG J 47 -33.19 80.81 -42.16
N LYS J 48 -31.93 80.89 -42.57
CA LYS J 48 -31.33 82.13 -43.01
C LYS J 48 -30.97 82.15 -44.48
N TRP J 49 -30.82 80.98 -45.11
CA TRP J 49 -30.48 80.94 -46.53
C TRP J 49 -31.63 81.47 -47.38
N GLU J 50 -32.87 81.19 -46.98
CA GLU J 50 -34.02 81.67 -47.74
C GLU J 50 -34.12 83.19 -47.71
N LYS J 51 -33.74 83.81 -46.59
CA LYS J 51 -33.88 85.25 -46.44
C LYS J 51 -32.79 86.04 -47.17
N LYS J 52 -31.79 85.37 -47.75
CA LYS J 52 -30.74 86.09 -48.44
C LYS J 52 -31.20 86.66 -49.78
N ASN J 53 -32.31 86.17 -50.32
CA ASN J 53 -32.85 86.69 -51.58
C ASN J 53 -33.62 87.98 -51.42
N LYS J 54 -33.95 88.38 -50.19
CA LYS J 54 -34.73 89.58 -49.94
C LYS J 54 -33.87 90.82 -49.74
N ILE J 55 -32.55 90.70 -49.87
CA ILE J 55 -31.67 91.84 -49.69
C ILE J 55 -31.75 92.74 -50.90
N VAL J 56 -32.01 94.03 -50.67
CA VAL J 56 -32.13 95.03 -51.73
C VAL J 56 -30.94 95.97 -51.63
N TYR J 57 -30.12 96.00 -52.67
CA TYR J 57 -28.96 96.87 -52.69
C TYR J 57 -29.33 98.26 -53.19
N PRO J 58 -28.60 99.29 -52.76
CA PRO J 58 -28.86 100.64 -53.26
C PRO J 58 -28.55 100.74 -54.74
N PRO J 59 -29.23 101.61 -55.47
CA PRO J 59 -28.96 101.75 -56.91
C PRO J 59 -27.53 102.18 -57.17
N GLN J 60 -26.97 101.65 -58.24
CA GLN J 60 -25.59 101.92 -58.61
C GLN J 60 -25.47 103.19 -59.43
N LEU J 61 -24.48 104.01 -59.11
CA LEU J 61 -24.22 105.21 -59.88
C LEU J 61 -23.66 104.85 -61.26
N PRO J 62 -23.90 105.68 -62.26
CA PRO J 62 -23.34 105.40 -63.59
C PRO J 62 -21.83 105.39 -63.56
N GLY J 63 -21.24 104.51 -64.38
CA GLY J 63 -19.81 104.34 -64.44
C GLY J 63 -19.26 103.25 -63.54
N GLU J 64 -20.03 102.81 -62.54
CA GLU J 64 -19.58 101.74 -61.68
C GLU J 64 -19.64 100.40 -62.42
N PRO J 65 -18.77 99.46 -62.07
CA PRO J 65 -18.81 98.14 -62.71
C PRO J 65 -20.14 97.44 -62.46
N ARG J 66 -20.60 96.69 -63.46
CA ARG J 66 -21.87 95.98 -63.35
C ARG J 66 -21.80 94.94 -62.24
N ARG J 67 -22.83 94.91 -61.41
CA ARG J 67 -22.87 93.97 -60.30
C ARG J 67 -23.40 92.62 -60.79
N PRO J 68 -22.64 91.54 -60.67
CA PRO J 68 -23.15 90.23 -61.07
C PRO J 68 -24.30 89.79 -60.18
N ALA J 69 -25.21 89.02 -60.77
CA ALA J 69 -26.38 88.55 -60.03
C ALA J 69 -26.00 87.45 -59.05
N GLU J 70 -26.76 87.36 -57.96
CA GLU J 70 -26.55 86.35 -56.93
C GLU J 70 -27.89 85.76 -56.57
N ILE J 71 -28.05 84.44 -56.75
CA ILE J 71 -29.28 83.74 -56.48
C ILE J 71 -29.02 82.69 -55.42
N TYR J 72 -29.79 82.71 -54.34
CA TYR J 72 -29.68 81.75 -53.25
C TYR J 72 -30.91 80.86 -53.24
N HIS J 73 -30.69 79.55 -53.24
CA HIS J 73 -31.78 78.58 -53.21
C HIS J 73 -31.35 77.37 -52.39
N CYS J 74 -32.34 76.69 -51.82
CA CYS J 74 -32.05 75.52 -50.99
C CYS J 74 -33.30 74.65 -50.91
N ARG J 75 -33.10 73.40 -50.50
CA ARG J 75 -34.18 72.47 -50.25
C ARG J 75 -34.00 71.85 -48.87
N ARG J 76 -35.09 71.70 -48.14
CA ARG J 76 -35.07 71.26 -46.76
C ARG J 76 -35.65 69.86 -46.63
N GLN J 77 -35.09 69.09 -45.70
CA GLN J 77 -35.58 67.76 -45.34
C GLN J 77 -35.58 66.82 -46.55
N ILE J 78 -34.38 66.55 -47.06
CA ILE J 78 -34.18 65.56 -48.10
C ILE J 78 -33.86 64.23 -47.44
N LYS J 79 -34.50 63.15 -47.93
CA LYS J 79 -34.31 61.84 -47.32
C LYS J 79 -32.89 61.33 -47.46
N TYR J 80 -32.11 61.89 -48.38
CA TYR J 80 -30.74 61.43 -48.59
C TYR J 80 -29.87 61.79 -47.39
N SER J 81 -28.78 61.04 -47.23
CA SER J 81 -27.91 61.22 -46.08
C SER J 81 -27.01 62.43 -46.25
N LYS J 82 -26.44 62.89 -45.14
CA LYS J 82 -25.59 64.08 -45.15
C LYS J 82 -24.26 63.81 -45.85
N ASP J 83 -23.59 62.72 -45.48
CA ASP J 83 -22.26 62.45 -46.02
C ASP J 83 -22.32 62.07 -47.49
N LYS J 84 -23.31 61.25 -47.87
CA LYS J 84 -23.43 60.85 -49.26
C LYS J 84 -23.75 62.04 -50.16
N MET J 85 -24.61 62.95 -49.69
CA MET J 85 -24.95 64.13 -50.46
C MET J 85 -23.76 65.06 -50.66
N TRP J 86 -22.78 65.02 -49.75
CA TRP J 86 -21.65 65.94 -49.85
C TRP J 86 -20.82 65.67 -51.11
N TYR J 87 -20.64 64.40 -51.47
CA TYR J 87 -19.80 64.08 -52.63
C TYR J 87 -20.39 64.66 -53.91
N LEU J 88 -21.72 64.63 -54.04
CA LEU J 88 -22.35 65.25 -55.20
C LEU J 88 -22.15 66.76 -55.20
N ALA J 89 -22.25 67.40 -54.03
CA ALA J 89 -22.06 68.84 -53.95
C ALA J 89 -20.63 69.23 -54.29
N LYS J 90 -19.65 68.46 -53.83
CA LYS J 90 -18.25 68.75 -54.15
C LYS J 90 -17.99 68.62 -55.64
N LEU J 91 -18.77 67.79 -56.34
CA LEU J 91 -18.53 67.55 -57.76
C LEU J 91 -18.76 68.81 -58.59
N ILE J 92 -19.82 69.57 -58.28
CA ILE J 92 -20.30 70.60 -59.18
C ILE J 92 -19.83 72.00 -58.78
N ARG J 93 -18.89 72.10 -57.84
CA ARG J 93 -18.39 73.41 -57.44
C ARG J 93 -17.52 74.00 -58.55
N GLY J 94 -17.80 75.27 -58.90
CA GLY J 94 -16.99 75.98 -59.85
C GLY J 94 -17.31 75.75 -61.31
N MET J 95 -18.28 74.90 -61.62
CA MET J 95 -18.64 74.61 -63.00
C MET J 95 -19.89 75.40 -63.40
N SER J 96 -20.01 75.65 -64.70
CA SER J 96 -21.18 76.35 -65.21
C SER J 96 -22.42 75.47 -65.07
N ILE J 97 -23.59 76.12 -65.09
CA ILE J 97 -24.83 75.42 -64.78
C ILE J 97 -25.14 74.35 -65.82
N ASP J 98 -24.81 74.61 -67.10
CA ASP J 98 -25.13 73.65 -68.14
C ASP J 98 -24.31 72.37 -67.99
N GLN J 99 -23.00 72.48 -67.77
CA GLN J 99 -22.19 71.29 -67.59
C GLN J 99 -22.40 70.65 -66.23
N ALA J 100 -22.81 71.42 -65.22
CA ALA J 100 -23.16 70.83 -63.94
C ALA J 100 -24.37 69.92 -64.06
N LEU J 101 -25.37 70.34 -64.82
CA LEU J 101 -26.54 69.49 -65.06
C LEU J 101 -26.16 68.25 -65.88
N ALA J 102 -25.24 68.38 -66.83
CA ALA J 102 -24.84 67.23 -67.63
C ALA J 102 -24.17 66.16 -66.78
N GLN J 103 -23.29 66.57 -65.85
CA GLN J 103 -22.61 65.60 -65.00
C GLN J 103 -23.61 64.88 -64.09
N LEU J 104 -24.57 65.62 -63.53
CA LEU J 104 -25.56 65.03 -62.64
C LEU J 104 -26.65 64.26 -63.39
N GLU J 105 -26.73 64.42 -64.70
CA GLU J 105 -27.74 63.69 -65.47
C GLU J 105 -27.49 62.20 -65.42
N PHE J 106 -26.24 61.78 -65.57
CA PHE J 106 -25.88 60.37 -65.68
C PHE J 106 -25.34 59.78 -64.38
N SER J 107 -25.25 60.57 -63.32
CA SER J 107 -24.81 60.02 -62.03
C SER J 107 -25.87 59.09 -61.48
N ASP J 108 -25.43 57.96 -60.91
CA ASP J 108 -26.34 56.93 -60.43
C ASP J 108 -26.79 57.16 -58.99
N LYS J 109 -26.27 58.17 -58.30
CA LYS J 109 -26.70 58.45 -56.95
C LYS J 109 -28.16 58.90 -56.95
N LYS J 110 -28.88 58.54 -55.87
CA LYS J 110 -30.26 58.97 -55.74
C LYS J 110 -30.36 60.48 -55.59
N GLY J 111 -29.36 61.11 -54.98
CA GLY J 111 -29.36 62.55 -54.82
C GLY J 111 -29.01 63.33 -56.06
N ALA J 112 -28.52 62.66 -57.11
CA ALA J 112 -28.22 63.36 -58.35
C ALA J 112 -29.48 63.95 -58.97
N GLN J 113 -30.58 63.19 -58.93
CA GLN J 113 -31.85 63.72 -59.43
C GLN J 113 -32.35 64.85 -58.55
N ILE J 114 -32.15 64.74 -57.23
CA ILE J 114 -32.61 65.76 -56.30
C ILE J 114 -31.90 67.08 -56.57
N ILE J 115 -30.59 67.04 -56.76
CA ILE J 115 -29.84 68.27 -56.98
C ILE J 115 -30.19 68.88 -58.34
N LYS J 116 -30.40 68.03 -59.35
CA LYS J 116 -30.73 68.55 -60.67
C LYS J 116 -32.05 69.30 -60.66
N GLU J 117 -33.03 68.83 -59.88
CA GLU J 117 -34.27 69.57 -59.74
C GLU J 117 -34.03 70.92 -59.07
N VAL J 118 -33.14 70.97 -58.07
CA VAL J 118 -32.86 72.21 -57.38
C VAL J 118 -32.23 73.23 -58.33
N LEU J 119 -31.26 72.79 -59.14
CA LEU J 119 -30.61 73.70 -60.06
C LEU J 119 -31.58 74.20 -61.12
N LEU J 120 -32.44 73.32 -61.64
CA LEU J 120 -33.39 73.73 -62.67
C LEU J 120 -34.39 74.75 -62.15
N GLU J 121 -34.92 74.52 -60.94
CA GLU J 121 -35.89 75.46 -60.39
C GLU J 121 -35.22 76.75 -59.95
N ALA J 122 -33.94 76.70 -59.59
CA ALA J 122 -33.22 77.93 -59.25
C ALA J 122 -32.91 78.75 -60.49
N GLN J 123 -32.67 78.08 -61.63
CA GLN J 123 -32.42 78.81 -62.87
C GLN J 123 -33.65 79.59 -63.31
N ASP J 124 -34.84 79.01 -63.15
CA ASP J 124 -36.07 79.71 -63.52
C ASP J 124 -36.28 80.96 -62.67
N MET J 125 -35.95 80.87 -61.37
CA MET J 125 -36.03 82.05 -60.52
C MET J 125 -35.07 83.13 -60.98
N ALA J 126 -33.87 82.74 -61.41
CA ALA J 126 -32.88 83.72 -61.85
C ALA J 126 -33.36 84.48 -63.08
N VAL J 127 -33.98 83.79 -64.03
CA VAL J 127 -34.39 84.44 -65.28
C VAL J 127 -35.72 85.18 -65.14
N ARG J 128 -36.58 84.79 -64.20
CA ARG J 128 -37.88 85.42 -64.03
C ARG J 128 -37.90 86.41 -62.87
N ASP J 129 -37.67 85.94 -61.65
CA ASP J 129 -37.71 86.83 -60.50
C ASP J 129 -36.63 87.90 -60.58
N HIS J 130 -35.44 87.52 -61.01
CA HIS J 130 -34.34 88.45 -61.23
C HIS J 130 -34.24 88.78 -62.72
N ASN J 131 -33.56 89.89 -63.01
CA ASN J 131 -33.39 90.34 -64.40
C ASN J 131 -32.13 89.74 -65.02
N VAL J 132 -31.98 88.42 -64.90
CA VAL J 132 -30.79 87.73 -65.41
C VAL J 132 -31.13 87.19 -66.78
N GLU J 133 -30.60 87.82 -67.82
CA GLU J 133 -30.68 87.27 -69.16
C GLU J 133 -29.60 86.20 -69.35
N PHE J 134 -29.69 85.48 -70.47
CA PHE J 134 -28.73 84.43 -70.81
C PHE J 134 -28.70 83.36 -69.71
N ARG J 135 -29.81 82.64 -69.61
CA ARG J 135 -29.98 81.63 -68.57
C ARG J 135 -28.86 80.60 -68.54
N SER J 136 -28.01 80.54 -69.57
CA SER J 136 -26.86 79.66 -69.58
C SER J 136 -25.60 80.33 -69.06
N ASN J 137 -25.69 81.57 -68.56
CA ASN J 137 -24.54 82.33 -68.12
C ASN J 137 -24.37 82.30 -66.60
N LEU J 138 -24.70 81.19 -65.97
CA LEU J 138 -24.60 81.03 -64.53
C LEU J 138 -23.62 79.93 -64.18
N TYR J 139 -22.91 80.11 -63.07
CA TYR J 139 -22.00 79.10 -62.55
C TYR J 139 -22.28 78.88 -61.08
N VAL J 140 -22.09 77.64 -60.63
CA VAL J 140 -22.35 77.27 -59.24
C VAL J 140 -21.19 77.80 -58.39
N ALA J 141 -21.41 78.93 -57.72
CA ALA J 141 -20.35 79.54 -56.93
C ALA J 141 -20.09 78.76 -55.65
N GLU J 142 -21.15 78.24 -55.02
CA GLU J 142 -21.00 77.54 -53.75
C GLU J 142 -22.11 76.52 -53.60
N SER J 143 -21.74 75.30 -53.23
CA SER J 143 -22.70 74.23 -52.95
C SER J 143 -22.19 73.42 -51.76
N THR J 144 -23.12 73.08 -50.86
CA THR J 144 -22.75 72.36 -49.65
C THR J 144 -23.97 71.60 -49.16
N SER J 145 -23.73 70.70 -48.21
CA SER J 145 -24.78 69.86 -47.64
C SER J 145 -24.75 69.98 -46.12
N GLY J 146 -25.92 70.24 -45.53
CA GLY J 146 -26.06 70.27 -44.09
C GLY J 146 -26.93 69.11 -43.60
N ARG J 147 -27.05 69.01 -42.29
CA ARG J 147 -27.84 67.96 -41.66
C ARG J 147 -29.17 68.53 -41.16
N GLY J 148 -30.22 67.74 -41.29
CA GLY J 148 -31.55 68.11 -40.86
C GLY J 148 -31.90 67.52 -39.52
N GLN J 149 -33.19 67.28 -39.30
CA GLN J 149 -33.69 66.67 -38.08
C GLN J 149 -33.80 65.16 -38.27
N TYR J 150 -33.22 64.41 -37.34
CA TYR J 150 -33.21 62.96 -37.43
C TYR J 150 -34.37 62.35 -36.66
N LEU J 151 -34.81 61.18 -37.11
CA LEU J 151 -35.80 60.38 -36.40
C LEU J 151 -35.11 59.17 -35.79
N LYS J 152 -35.37 58.92 -34.51
CA LYS J 152 -34.73 57.83 -33.79
C LYS J 152 -35.65 56.63 -33.74
N ARG J 153 -35.11 55.46 -34.05
CA ARG J 153 -35.84 54.20 -34.02
C ARG J 153 -35.03 53.17 -33.24
N ILE J 154 -35.56 51.95 -33.16
CA ILE J 154 -34.91 50.85 -32.46
C ILE J 154 -34.57 49.77 -33.48
N ARG J 155 -33.31 49.35 -33.49
CA ARG J 155 -32.84 48.29 -34.38
C ARG J 155 -32.48 47.07 -33.53
N TYR J 156 -33.08 45.93 -33.85
CA TYR J 156 -32.92 44.72 -33.07
C TYR J 156 -31.74 43.91 -33.56
N HIS J 157 -31.02 43.28 -32.62
CA HIS J 157 -29.91 42.40 -32.95
C HIS J 157 -30.21 40.95 -32.56
N GLY J 158 -30.55 40.71 -31.30
CA GLY J 158 -30.67 39.36 -30.78
C GLY J 158 -30.19 39.32 -29.35
N ARG J 159 -30.40 38.20 -28.66
CA ARG J 159 -30.10 38.06 -27.24
C ARG J 159 -30.77 39.14 -26.39
N GLY J 160 -31.85 39.72 -26.88
CA GLY J 160 -32.54 40.77 -26.16
C GLY J 160 -31.89 42.13 -26.24
N ARG J 161 -30.87 42.30 -27.08
CA ARG J 161 -30.19 43.57 -27.22
C ARG J 161 -30.84 44.41 -28.33
N PHE J 162 -30.44 45.67 -28.38
CA PHE J 162 -30.99 46.61 -29.37
C PHE J 162 -29.98 47.72 -29.62
N GLY J 163 -30.19 48.44 -30.70
CA GLY J 163 -29.39 49.60 -31.03
C GLY J 163 -30.25 50.70 -31.59
N ILE J 164 -29.87 51.93 -31.31
CA ILE J 164 -30.64 53.09 -31.73
C ILE J 164 -30.36 53.40 -33.19
N MET J 165 -31.42 53.44 -34.00
CA MET J 165 -31.31 53.72 -35.42
C MET J 165 -31.68 55.17 -35.68
N GLU J 166 -30.87 55.86 -36.47
CA GLU J 166 -31.06 57.27 -36.76
C GLU J 166 -31.46 57.42 -38.22
N LYS J 167 -32.73 57.73 -38.46
CA LYS J 167 -33.16 58.10 -39.80
C LYS J 167 -32.48 59.42 -40.19
N VAL J 168 -31.86 59.45 -41.36
CA VAL J 168 -30.98 60.53 -41.76
C VAL J 168 -31.71 61.44 -42.73
N PHE J 169 -31.64 62.75 -42.47
CA PHE J 169 -32.15 63.77 -43.37
C PHE J 169 -31.08 64.84 -43.56
N CYS J 170 -31.01 65.40 -44.76
CA CYS J 170 -29.98 66.37 -45.07
C CYS J 170 -30.58 67.52 -45.89
N HIS J 171 -29.90 68.67 -45.82
CA HIS J 171 -30.25 69.86 -46.58
C HIS J 171 -29.22 70.09 -47.68
N TYR J 172 -29.65 70.80 -48.73
CA TYR J 172 -28.78 71.16 -49.83
C TYR J 172 -28.83 72.66 -50.06
N PHE J 173 -27.67 73.29 -50.19
CA PHE J 173 -27.56 74.72 -50.40
C PHE J 173 -26.77 74.98 -51.67
N VAL J 174 -27.28 75.87 -52.52
CA VAL J 174 -26.62 76.22 -53.78
C VAL J 174 -26.75 77.72 -53.99
N LYS J 175 -25.67 78.33 -54.49
CA LYS J 175 -25.66 79.75 -54.83
C LYS J 175 -25.16 79.90 -56.26
N LEU J 176 -25.95 80.58 -57.09
CA LEU J 176 -25.63 80.78 -58.49
C LEU J 176 -25.28 82.25 -58.73
N VAL J 177 -24.18 82.48 -59.44
CA VAL J 177 -23.69 83.82 -59.73
C VAL J 177 -23.58 83.98 -61.24
N GLU J 178 -24.12 85.08 -61.75
CA GLU J 178 -24.06 85.35 -63.19
C GLU J 178 -22.63 85.60 -63.63
N GLY J 179 -22.27 85.04 -64.78
CA GLY J 179 -20.96 85.23 -65.35
C GLY J 179 -20.28 83.93 -65.71
N PRO J 180 -19.21 84.00 -66.50
CA PRO J 180 -18.47 82.79 -66.83
C PRO J 180 -17.78 82.23 -65.60
N PRO J 181 -17.55 80.92 -65.55
CA PRO J 181 -16.92 80.34 -64.38
C PRO J 181 -15.51 80.84 -64.23
N PRO J 182 -15.02 80.99 -62.99
CA PRO J 182 -13.65 81.44 -62.79
C PRO J 182 -12.67 80.38 -63.26
N PRO J 183 -11.46 80.77 -63.67
CA PRO J 183 -10.48 79.78 -64.13
C PRO J 183 -9.79 79.11 -62.96
N ARG J 184 -9.70 77.78 -63.02
CA ARG J 184 -9.10 77.01 -61.94
C ARG J 184 -7.60 77.30 -61.87
N GLU J 185 -7.07 77.34 -60.65
CA GLU J 185 -5.66 77.65 -60.44
C GLU J 185 -4.79 76.48 -60.87
N ALA J 186 -3.77 76.77 -61.67
CA ALA J 186 -2.80 75.77 -62.07
C ALA J 186 -1.76 75.57 -60.97
N PRO J 187 -1.12 74.39 -60.93
CA PRO J 187 -0.04 74.18 -59.94
C PRO J 187 1.11 75.13 -60.16
N LYS J 188 1.80 75.46 -59.08
CA LYS J 188 2.95 76.35 -59.16
C LYS J 188 4.02 75.75 -60.07
N THR J 189 4.61 76.60 -60.92
CA THR J 189 5.63 76.14 -61.85
C THR J 189 6.99 76.09 -61.15
N ALA J 190 8.00 75.65 -61.90
CA ALA J 190 9.35 75.57 -61.34
C ALA J 190 9.90 76.94 -60.99
N VAL J 191 9.61 77.95 -61.82
CA VAL J 191 10.06 79.30 -61.53
C VAL J 191 9.38 79.84 -60.28
N ALA J 192 8.10 79.49 -60.08
CA ALA J 192 7.37 79.99 -58.92
C ALA J 192 7.99 79.51 -57.62
N HIS J 193 8.37 78.24 -57.56
CA HIS J 193 9.02 77.72 -56.35
C HIS J 193 10.36 78.38 -56.12
N ALA J 194 11.15 78.57 -57.18
CA ALA J 194 12.46 79.18 -57.05
C ALA J 194 12.35 80.64 -56.59
N ARG J 195 11.37 81.36 -57.11
CA ARG J 195 11.20 82.76 -56.72
C ARG J 195 10.84 82.88 -55.25
N GLU J 196 9.97 82.01 -54.75
CA GLU J 196 9.61 82.06 -53.33
C GLU J 196 10.79 81.69 -52.44
N TYR J 197 11.56 80.68 -52.84
CA TYR J 197 12.69 80.25 -52.01
C TYR J 197 13.77 81.31 -51.94
N ILE J 198 14.09 81.95 -53.06
CA ILE J 198 15.09 83.01 -53.05
C ILE J 198 14.58 84.19 -52.23
N GLN J 199 13.29 84.51 -52.35
CA GLN J 199 12.70 85.57 -51.54
C GLN J 199 12.77 85.23 -50.06
N GLU J 200 12.52 83.97 -49.71
CA GLU J 200 12.57 83.56 -48.31
C GLU J 200 13.98 83.71 -47.75
N LEU J 201 15.00 83.33 -48.51
CA LEU J 201 16.37 83.50 -48.06
C LEU J 201 16.79 84.95 -47.98
N ARG J 202 16.07 85.86 -48.63
CA ARG J 202 16.40 87.27 -48.58
C ARG J 202 15.70 87.99 -47.44
N ASN J 203 14.66 87.41 -46.86
CA ASN J 203 13.99 88.01 -45.72
C ASN J 203 14.71 87.75 -44.40
N ARG J 204 15.73 86.89 -44.40
CA ARG J 204 16.38 86.53 -43.15
C ARG J 204 17.09 87.72 -42.53
N THR J 205 16.95 87.87 -41.21
CA THR J 205 17.63 88.89 -40.44
C THR J 205 18.35 88.23 -39.28
N ILE J 206 19.31 88.95 -38.71
CA ILE J 206 20.12 88.43 -37.62
C ILE J 206 19.23 88.28 -36.38
N THR J 207 18.98 87.05 -35.95
CA THR J 207 18.13 86.81 -34.80
C THR J 207 18.87 87.15 -33.51
N HIS J 208 18.18 87.86 -32.62
CA HIS J 208 18.76 88.35 -31.37
C HIS J 208 20.04 89.15 -31.66
N ALA J 209 19.95 90.00 -32.67
CA ALA J 209 21.11 90.65 -33.28
C ALA J 209 21.89 91.51 -32.31
N LEU J 210 21.25 92.54 -31.75
CA LEU J 210 21.96 93.49 -30.91
C LEU J 210 21.73 93.17 -29.44
N ARG K 3 -85.93 52.16 -24.37
CA ARG K 3 -84.59 51.96 -23.82
C ARG K 3 -84.36 52.85 -22.60
N ASN K 4 -83.40 52.46 -21.77
CA ASN K 4 -83.05 53.19 -20.55
C ASN K 4 -84.26 53.32 -19.62
N VAL K 5 -85.09 52.29 -19.59
CA VAL K 5 -86.26 52.23 -18.70
C VAL K 5 -86.31 50.87 -18.05
N LEU K 6 -87.09 50.78 -16.98
CA LEU K 6 -87.23 49.55 -16.20
C LEU K 6 -88.54 48.88 -16.57
N TYR K 7 -88.45 47.72 -17.23
CA TYR K 7 -89.65 46.97 -17.57
C TYR K 7 -90.25 46.32 -16.33
N PRO K 8 -91.56 46.13 -16.30
CA PRO K 8 -92.17 45.41 -15.18
C PRO K 8 -91.85 43.93 -15.23
N LEU K 9 -91.55 43.36 -14.06
CA LEU K 9 -91.35 41.92 -13.97
C LEU K 9 -92.64 41.19 -14.30
N TYR K 10 -92.53 40.12 -15.07
CA TYR K 10 -93.68 39.36 -15.53
C TYR K 10 -93.83 38.07 -14.74
N GLN K 11 -95.04 37.82 -14.26
CA GLN K 11 -95.44 36.56 -13.67
C GLN K 11 -96.71 36.08 -14.39
N LEU K 12 -97.29 35.00 -13.87
CA LEU K 12 -98.47 34.43 -14.51
C LEU K 12 -99.68 35.33 -14.28
N GLY K 13 -100.41 35.64 -15.35
CA GLY K 13 -101.62 36.43 -15.26
C GLY K 13 -101.44 37.93 -15.26
N ASN K 14 -100.23 38.43 -15.53
CA ASN K 14 -100.02 39.87 -15.55
C ASN K 14 -100.68 40.49 -16.78
N PRO K 15 -101.04 41.77 -16.71
CA PRO K 15 -101.62 42.45 -17.87
C PRO K 15 -100.60 42.65 -18.97
N GLN K 16 -101.10 42.97 -20.16
CA GLN K 16 -100.25 43.20 -21.30
C GLN K 16 -99.36 44.42 -21.08
N LEU K 17 -98.10 44.32 -21.49
CA LEU K 17 -97.16 45.41 -21.36
C LEU K 17 -97.32 46.37 -22.53
N ARG K 18 -97.51 47.65 -22.23
CA ARG K 18 -97.78 48.66 -23.24
C ARG K 18 -96.79 49.81 -23.09
N VAL K 19 -96.21 50.23 -24.20
CA VAL K 19 -95.33 51.39 -24.26
C VAL K 19 -95.95 52.41 -25.20
N PHE K 20 -96.12 53.64 -24.73
CA PHE K 20 -96.84 54.67 -25.47
C PHE K 20 -95.92 55.62 -26.21
N ARG K 21 -94.80 56.02 -25.62
CA ARG K 21 -93.83 56.91 -26.25
C ARG K 21 -92.52 56.14 -26.38
N THR K 22 -92.30 55.55 -27.56
CA THR K 22 -91.11 54.75 -27.78
C THR K 22 -89.86 55.61 -27.80
N ASN K 23 -88.78 55.10 -27.20
CA ASN K 23 -87.51 55.78 -27.16
C ASN K 23 -86.59 55.37 -28.31
N PHE K 24 -87.05 54.50 -29.21
CA PHE K 24 -86.21 53.98 -30.28
C PHE K 24 -86.28 54.85 -31.52
N PHE K 25 -85.17 54.90 -32.25
CA PHE K 25 -85.07 55.65 -33.49
C PHE K 25 -84.36 54.79 -34.53
N ILE K 26 -84.85 54.85 -35.77
CA ILE K 26 -84.42 53.96 -36.83
C ILE K 26 -83.87 54.78 -38.00
N GLN K 27 -82.73 54.36 -38.52
CA GLN K 27 -82.14 54.94 -39.73
C GLN K 27 -82.31 53.97 -40.88
N LEU K 28 -82.72 54.48 -42.03
CA LEU K 28 -82.77 53.71 -43.27
C LEU K 28 -81.53 54.04 -44.08
N VAL K 29 -80.75 53.02 -44.42
CA VAL K 29 -79.45 53.21 -45.04
C VAL K 29 -79.41 52.45 -46.37
N ARG K 30 -78.56 52.93 -47.28
CA ARG K 30 -78.33 52.25 -48.54
C ARG K 30 -77.42 51.06 -48.33
N PRO K 31 -77.80 49.87 -48.78
CA PRO K 31 -76.92 48.71 -48.62
C PRO K 31 -75.60 48.91 -49.32
N GLY K 32 -74.52 48.44 -48.68
CA GLY K 32 -73.20 48.56 -49.28
C GLY K 32 -72.87 47.51 -50.32
N THR K 33 -73.62 46.41 -50.35
CA THR K 33 -73.44 45.35 -51.32
C THR K 33 -74.75 45.09 -52.05
N ALA K 34 -74.76 44.06 -52.89
CA ALA K 34 -75.96 43.70 -53.62
C ALA K 34 -76.98 43.06 -52.68
N GLN K 35 -78.23 43.50 -52.78
CA GLN K 35 -79.32 42.97 -51.99
C GLN K 35 -80.49 42.60 -52.89
N PRO K 36 -81.31 41.62 -52.50
CA PRO K 36 -82.47 41.27 -53.32
C PRO K 36 -83.50 42.38 -53.36
N GLU K 37 -84.57 42.17 -54.12
CA GLU K 37 -85.53 43.24 -54.36
C GLU K 37 -86.37 43.56 -53.13
N ASP K 38 -86.58 42.57 -52.26
CA ASP K 38 -87.48 42.73 -51.11
C ASP K 38 -86.76 43.15 -49.84
N THR K 39 -85.45 43.30 -49.86
CA THR K 39 -84.69 43.53 -48.63
C THR K 39 -84.46 45.02 -48.40
N VAL K 40 -84.81 45.48 -47.21
CA VAL K 40 -84.58 46.85 -46.77
C VAL K 40 -83.71 46.80 -45.53
N GLN K 41 -82.63 47.58 -45.53
CA GLN K 41 -81.64 47.56 -44.46
C GLN K 41 -81.82 48.75 -43.53
N PHE K 42 -81.96 48.47 -42.23
CA PHE K 42 -82.13 49.48 -41.21
C PHE K 42 -81.01 49.39 -40.19
N ARG K 43 -80.75 50.52 -39.52
CA ARG K 43 -79.84 50.58 -38.39
C ARG K 43 -80.66 50.86 -37.14
N ILE K 44 -80.53 50.00 -36.14
CA ILE K 44 -81.39 50.06 -34.95
C ILE K 44 -80.52 50.14 -33.71
N PRO K 45 -81.04 50.68 -32.60
CA PRO K 45 -80.27 50.69 -31.36
C PRO K 45 -80.10 49.29 -30.79
N MET K 46 -79.13 49.15 -29.90
CA MET K 46 -78.77 47.84 -29.37
C MET K 46 -79.93 47.19 -28.63
N GLU K 47 -80.77 47.98 -27.95
CA GLU K 47 -81.84 47.44 -27.12
C GLU K 47 -83.09 47.08 -27.91
N MET K 48 -82.99 46.93 -29.23
CA MET K 48 -84.13 46.58 -30.07
C MET K 48 -83.98 45.17 -30.59
N THR K 49 -85.04 44.38 -30.49
CA THR K 49 -85.07 43.00 -30.93
C THR K 49 -85.83 42.88 -32.25
N ARG K 50 -85.90 41.66 -32.78
CA ARG K 50 -86.63 41.43 -34.02
C ARG K 50 -88.11 41.76 -33.86
N VAL K 51 -88.72 41.32 -32.75
CA VAL K 51 -90.15 41.53 -32.56
C VAL K 51 -90.46 43.01 -32.38
N ASP K 52 -89.55 43.76 -31.74
CA ASP K 52 -89.76 45.19 -31.59
C ASP K 52 -89.76 45.89 -32.94
N LEU K 53 -88.83 45.53 -33.82
CA LEU K 53 -88.76 46.19 -35.12
C LEU K 53 -89.96 45.82 -36.00
N ARG K 54 -90.43 44.57 -35.90
CA ARG K 54 -91.61 44.16 -36.65
C ARG K 54 -92.83 44.96 -36.24
N ASN K 55 -93.02 45.16 -34.94
CA ASN K 55 -94.12 46.00 -34.47
C ASN K 55 -93.86 47.47 -34.77
N TYR K 56 -92.59 47.87 -34.81
CA TYR K 56 -92.25 49.27 -35.07
C TYR K 56 -92.68 49.68 -36.47
N LEU K 57 -92.49 48.81 -37.46
CA LEU K 57 -92.83 49.16 -38.83
C LEU K 57 -94.30 48.93 -39.14
N GLU K 58 -94.87 47.84 -38.63
CA GLU K 58 -96.26 47.51 -38.96
C GLU K 58 -97.23 48.50 -38.38
N ARG K 59 -96.92 49.09 -37.22
CA ARG K 59 -97.84 50.01 -36.55
C ARG K 59 -97.55 51.47 -36.86
N ILE K 60 -96.31 51.93 -36.67
CA ILE K 60 -96.00 53.33 -36.87
C ILE K 60 -96.07 53.70 -38.35
N TYR K 61 -95.48 52.87 -39.21
CA TYR K 61 -95.39 53.19 -40.63
C TYR K 61 -96.31 52.35 -41.51
N ASN K 62 -96.93 51.29 -40.98
CA ASN K 62 -97.81 50.42 -41.75
C ASN K 62 -97.09 49.82 -42.97
N VAL K 63 -95.99 49.14 -42.68
CA VAL K 63 -95.19 48.46 -43.69
C VAL K 63 -95.35 46.95 -43.49
N PRO K 64 -95.95 46.23 -44.45
CA PRO K 64 -96.16 44.79 -44.25
C PRO K 64 -94.88 43.98 -44.39
N VAL K 65 -94.11 43.90 -43.30
CA VAL K 65 -92.88 43.12 -43.32
C VAL K 65 -93.22 41.63 -43.16
N ALA K 66 -92.29 40.78 -43.59
CA ALA K 66 -92.45 39.34 -43.51
C ALA K 66 -91.45 38.70 -42.55
N ALA K 67 -90.15 38.88 -42.78
CA ALA K 67 -89.12 38.31 -41.93
C ALA K 67 -88.07 39.38 -41.61
N VAL K 68 -87.52 39.31 -40.41
CA VAL K 68 -86.55 40.29 -39.92
C VAL K 68 -85.32 39.54 -39.44
N ARG K 69 -84.16 39.95 -39.91
CA ARG K 69 -82.88 39.38 -39.50
C ARG K 69 -81.95 40.49 -39.07
N THR K 70 -81.23 40.27 -37.97
CA THR K 70 -80.40 41.31 -37.37
C THR K 70 -79.02 40.79 -37.03
N ARG K 71 -78.07 41.71 -36.96
CA ARG K 71 -76.68 41.39 -36.62
C ARG K 71 -76.07 42.58 -35.91
N VAL K 72 -74.95 42.33 -35.23
CA VAL K 72 -74.25 43.34 -34.46
C VAL K 72 -72.92 43.64 -35.15
N GLN K 73 -72.67 44.93 -35.41
CA GLN K 73 -71.46 45.36 -36.08
C GLN K 73 -70.45 45.91 -35.06
N TYR K 74 -69.18 45.62 -35.29
CA TYR K 74 -68.10 46.01 -34.39
C TYR K 74 -67.34 47.18 -35.00
N GLY K 75 -67.19 48.25 -34.21
CA GLY K 75 -66.49 49.43 -34.68
C GLY K 75 -64.98 49.35 -34.49
N SER K 76 -64.28 50.19 -35.23
CA SER K 76 -62.82 50.21 -35.18
C SER K 76 -62.34 50.81 -33.87
N ASN K 77 -61.38 50.14 -33.23
CA ASN K 77 -60.76 50.61 -32.00
C ASN K 77 -59.24 50.64 -32.13
N ARG K 78 -58.74 50.94 -33.33
CA ARG K 78 -57.31 50.88 -33.61
C ARG K 78 -56.64 52.24 -33.62
N ARG K 79 -57.25 53.24 -34.24
CA ARG K 79 -56.61 54.55 -34.37
C ARG K 79 -56.39 55.17 -32.99
N ARG K 80 -55.24 55.81 -32.82
CA ARG K 80 -54.84 56.40 -31.56
C ARG K 80 -55.02 57.91 -31.59
N ASP K 81 -55.34 58.47 -30.42
CA ASP K 81 -55.50 59.90 -30.27
C ASP K 81 -54.14 60.59 -30.30
N HIS K 82 -54.13 61.91 -30.10
CA HIS K 82 -52.86 62.62 -30.05
C HIS K 82 -52.04 62.21 -28.83
N ARG K 83 -52.69 61.80 -27.74
CA ARG K 83 -52.02 61.34 -26.54
C ARG K 83 -51.89 59.82 -26.50
N ASN K 84 -51.98 59.17 -27.66
CA ASN K 84 -51.82 57.72 -27.79
C ASN K 84 -52.87 56.98 -26.94
N ILE K 85 -54.12 57.35 -27.11
CA ILE K 85 -55.25 56.68 -26.47
C ILE K 85 -56.21 56.23 -27.57
N ARG K 86 -56.65 54.98 -27.49
CA ARG K 86 -57.55 54.44 -28.49
C ARG K 86 -58.90 55.16 -28.44
N ILE K 87 -59.42 55.51 -29.61
CA ILE K 87 -60.75 56.08 -29.75
C ILE K 87 -61.62 55.06 -30.46
N LYS K 88 -62.72 54.67 -29.83
CA LYS K 88 -63.55 53.58 -30.32
C LYS K 88 -64.83 54.15 -30.94
N LYS K 89 -65.09 53.78 -32.18
CA LYS K 89 -66.37 54.12 -32.80
C LYS K 89 -67.49 53.31 -32.18
N PRO K 90 -68.68 53.86 -32.08
CA PRO K 90 -69.79 53.14 -31.44
C PRO K 90 -70.20 51.92 -32.25
N ASP K 91 -70.68 50.90 -31.54
CA ASP K 91 -71.18 49.68 -32.16
C ASP K 91 -72.66 49.83 -32.45
N TYR K 92 -73.06 49.49 -33.67
CA TYR K 92 -74.44 49.66 -34.12
C TYR K 92 -74.99 48.33 -34.60
N LYS K 93 -76.29 48.15 -34.42
CA LYS K 93 -76.99 46.90 -34.74
C LYS K 93 -77.74 47.09 -36.05
N VAL K 94 -77.44 46.24 -37.04
CA VAL K 94 -78.01 46.35 -38.37
C VAL K 94 -79.05 45.25 -38.53
N ALA K 95 -80.24 45.63 -38.98
CA ALA K 95 -81.35 44.70 -39.15
C ALA K 95 -81.87 44.77 -40.59
N TYR K 96 -82.10 43.61 -41.18
CA TYR K 96 -82.64 43.51 -42.54
C TYR K 96 -84.06 42.98 -42.46
N VAL K 97 -84.98 43.58 -43.22
CA VAL K 97 -86.36 43.14 -43.27
C VAL K 97 -86.72 42.82 -44.72
N GLN K 98 -87.72 41.96 -44.88
CA GLN K 98 -88.23 41.57 -46.19
C GLN K 98 -89.73 41.79 -46.22
N LEU K 99 -90.20 42.45 -47.28
CA LEU K 99 -91.61 42.78 -47.39
C LEU K 99 -92.43 41.54 -47.71
N ALA K 100 -93.72 41.59 -47.35
CA ALA K 100 -94.59 40.44 -47.36
C ALA K 100 -95.45 40.32 -48.62
N LEU K 101 -96.14 41.39 -49.00
CA LEU K 101 -97.10 41.34 -50.09
C LEU K 101 -96.47 41.52 -51.46
N GLY K 102 -95.17 41.27 -51.60
CA GLY K 102 -94.50 41.46 -52.87
C GLY K 102 -94.15 42.90 -53.17
N GLN K 103 -94.25 43.79 -52.19
CA GLN K 103 -93.90 45.19 -52.40
C GLN K 103 -92.41 45.32 -52.70
N THR K 104 -92.09 46.20 -53.65
CA THR K 104 -90.72 46.41 -54.10
C THR K 104 -90.24 47.77 -53.60
N PHE K 105 -89.05 47.79 -53.00
CA PHE K 105 -88.44 49.02 -52.51
C PHE K 105 -87.04 49.16 -53.08
N THR K 106 -86.75 50.32 -53.67
CA THR K 106 -85.42 50.67 -54.13
C THR K 106 -85.00 51.98 -53.47
N PHE K 107 -83.77 52.04 -53.01
CA PHE K 107 -83.30 53.23 -52.30
C PHE K 107 -83.16 54.40 -53.27
N PRO K 108 -83.83 55.51 -53.03
CA PRO K 108 -83.82 56.61 -54.00
C PRO K 108 -82.52 57.41 -53.95
N ASP K 109 -82.31 58.20 -55.00
CA ASP K 109 -81.17 59.10 -55.08
C ASP K 109 -81.54 60.41 -54.41
N LEU K 110 -80.97 60.66 -53.22
CA LEU K 110 -81.35 61.82 -52.43
C LEU K 110 -80.60 63.08 -52.82
N PHE K 111 -79.64 63.01 -53.74
CA PHE K 111 -78.87 64.17 -54.16
C PHE K 111 -78.83 64.24 -55.68
N PRO K 112 -79.95 64.59 -56.33
CA PRO K 112 -79.92 64.79 -57.78
C PRO K 112 -79.41 66.19 -58.10
N GLU K 113 -78.38 66.26 -58.94
CA GLU K 113 -77.81 67.54 -59.30
C GLU K 113 -78.78 68.32 -60.20
N ARG K 114 -78.59 69.64 -60.24
CA ARG K 114 -79.42 70.52 -61.04
C ARG K 114 -78.66 70.93 -62.30
N LYS K 115 -79.36 70.88 -63.44
CA LYS K 115 -78.74 71.27 -64.70
C LYS K 115 -78.34 72.74 -64.68
N GLY K 116 -79.20 73.60 -64.13
CA GLY K 116 -78.85 75.00 -64.00
C GLY K 116 -77.68 75.23 -63.06
N ALA K 117 -77.66 74.52 -61.94
CA ALA K 117 -76.55 74.64 -61.00
C ALA K 117 -75.25 74.14 -61.62
N SER K 118 -75.31 73.05 -62.38
CA SER K 118 -74.13 72.56 -63.07
C SER K 118 -73.63 73.56 -64.11
N VAL K 119 -74.56 74.19 -64.84
CA VAL K 119 -74.18 75.21 -65.81
C VAL K 119 -73.57 76.41 -65.09
N ASP K 120 -74.18 76.83 -63.98
CA ASP K 120 -73.66 77.97 -63.22
C ASP K 120 -72.27 77.67 -62.66
N VAL K 121 -72.06 76.44 -62.19
CA VAL K 121 -70.74 76.06 -61.68
C VAL K 121 -69.70 76.10 -62.80
N ASP K 122 -70.06 75.62 -63.98
CA ASP K 122 -69.14 75.69 -65.12
C ASP K 122 -68.84 77.13 -65.50
N VAL K 123 -69.85 78.00 -65.48
CA VAL K 123 -69.62 79.42 -65.80
C VAL K 123 -68.73 80.06 -64.75
N ARG K 124 -68.96 79.75 -63.47
CA ARG K 124 -68.11 80.29 -62.42
C ARG K 124 -66.68 79.79 -62.55
N ASP K 125 -66.50 78.50 -62.88
CA ASP K 125 -65.16 77.97 -63.12
C ASP K 125 -64.52 78.62 -64.34
N GLN K 126 -65.30 78.84 -65.40
CA GLN K 126 -64.76 79.48 -66.60
C GLN K 126 -64.35 80.92 -66.31
N VAL K 127 -65.13 81.63 -65.50
CA VAL K 127 -64.78 83.00 -65.15
C VAL K 127 -63.48 83.04 -64.36
N LEU K 128 -63.32 82.13 -63.40
CA LEU K 128 -62.08 82.08 -62.62
C LEU K 128 -60.89 81.75 -63.51
N GLU K 129 -61.05 80.81 -64.45
CA GLU K 129 -59.97 80.49 -65.36
C GLU K 129 -59.60 81.67 -66.24
N ASP K 130 -60.60 82.41 -66.72
CA ASP K 130 -60.33 83.60 -67.51
C ASP K 130 -59.62 84.66 -66.69
N GLN K 131 -60.05 84.84 -65.43
CA GLN K 131 -59.42 85.82 -64.56
C GLN K 131 -57.96 85.47 -64.30
N ARG K 132 -57.66 84.19 -64.13
CA ARG K 132 -56.27 83.77 -63.94
C ARG K 132 -55.44 84.06 -65.18
N GLN K 133 -56.00 83.81 -66.37
CA GLN K 133 -55.28 84.08 -67.61
C GLN K 133 -54.99 85.57 -67.76
N LYS K 134 -55.97 86.41 -67.42
CA LYS K 134 -55.74 87.86 -67.49
C LYS K 134 -54.67 88.30 -66.51
N HIS K 135 -54.66 87.71 -65.31
CA HIS K 135 -53.66 88.03 -64.31
C HIS K 135 -52.27 87.49 -64.64
N SER K 136 -52.17 86.59 -65.61
CA SER K 136 -50.88 86.00 -65.97
C SER K 136 -49.97 87.06 -66.56
N PRO K 137 -48.74 87.19 -66.08
CA PRO K 137 -47.83 88.21 -66.62
C PRO K 137 -47.48 87.95 -68.07
N ASP K 138 -47.21 89.04 -68.79
CA ASP K 138 -46.80 88.95 -70.18
C ASP K 138 -45.34 88.51 -70.26
N PRO K 139 -45.04 87.39 -70.92
CA PRO K 139 -43.63 86.93 -70.96
C PRO K 139 -42.67 87.92 -71.59
N ARG K 140 -43.12 88.71 -72.58
CA ARG K 140 -42.22 89.63 -73.25
C ARG K 140 -41.86 90.83 -72.39
N ARG K 141 -42.59 91.06 -71.30
CA ARG K 141 -42.26 92.17 -70.40
C ARG K 141 -41.05 91.88 -69.53
N GLY K 142 -40.68 90.61 -69.38
CA GLY K 142 -39.48 90.26 -68.63
C GLY K 142 -39.55 90.53 -67.15
N GLY K 143 -40.74 90.56 -66.57
CA GLY K 143 -40.91 90.83 -65.17
C GLY K 143 -41.04 92.29 -64.80
N VAL K 144 -40.89 93.19 -65.76
CA VAL K 144 -41.07 94.62 -65.49
C VAL K 144 -42.54 94.88 -65.15
N PRO K 145 -42.82 95.65 -64.09
CA PRO K 145 -44.23 95.95 -63.77
C PRO K 145 -44.92 96.68 -64.91
N GLY K 146 -46.17 96.32 -65.15
CA GLY K 146 -46.97 96.92 -66.19
C GLY K 146 -47.96 97.96 -65.74
N TRP K 147 -48.00 98.29 -64.46
CA TRP K 147 -48.94 99.29 -63.98
C TRP K 147 -48.59 100.68 -64.50
N PHE K 148 -47.31 101.05 -64.43
CA PHE K 148 -46.89 102.38 -64.87
C PHE K 148 -47.05 102.52 -66.37
N GLY K 149 -47.50 103.69 -66.80
CA GLY K 149 -47.67 103.96 -68.22
C GLY K 149 -46.36 104.07 -68.95
N LEU K 150 -45.59 105.11 -68.64
CA LEU K 150 -44.29 105.32 -69.26
C LEU K 150 -43.29 105.88 -68.26
N SER L 11 -75.51 71.29 -29.70
CA SER L 11 -74.22 70.65 -29.47
C SER L 11 -73.24 71.61 -28.83
N LYS L 12 -72.55 71.15 -27.79
CA LYS L 12 -71.56 71.94 -27.08
C LYS L 12 -70.20 71.26 -27.18
N VAL L 13 -69.18 72.02 -27.57
CA VAL L 13 -67.84 71.51 -27.78
C VAL L 13 -67.01 71.79 -26.54
N THR L 14 -66.44 70.74 -25.96
CA THR L 14 -65.60 70.88 -24.78
C THR L 14 -64.26 71.51 -25.15
N LEU L 15 -63.75 72.36 -24.26
CA LEU L 15 -62.49 73.04 -24.51
C LEU L 15 -61.48 72.68 -23.42
N PRO L 16 -60.19 72.74 -23.72
CA PRO L 16 -59.16 72.48 -22.70
C PRO L 16 -59.20 73.52 -21.60
N PRO L 17 -58.72 73.18 -20.41
CA PRO L 17 -58.75 74.16 -19.30
C PRO L 17 -58.03 75.46 -19.62
N ASN L 18 -56.93 75.40 -20.38
CA ASN L 18 -56.23 76.58 -20.85
C ASN L 18 -56.38 76.68 -22.35
N TYR L 19 -56.82 77.85 -22.83
CA TYR L 19 -57.17 78.02 -24.23
C TYR L 19 -56.94 79.47 -24.62
N ARG L 20 -56.72 79.69 -25.92
CA ARG L 20 -56.51 81.02 -26.46
C ARG L 20 -57.57 81.30 -27.52
N TYR L 21 -58.18 82.48 -27.44
CA TYR L 21 -59.23 82.89 -28.37
C TYR L 21 -58.69 83.90 -29.36
N GLY L 22 -59.04 83.72 -30.64
CA GLY L 22 -58.48 84.53 -31.70
C GLY L 22 -59.50 85.00 -32.72
N MET L 23 -60.71 85.33 -32.27
CA MET L 23 -61.82 85.73 -33.13
C MET L 23 -62.25 84.61 -34.07
N SER L 24 -62.14 83.37 -33.63
CA SER L 24 -62.62 82.22 -34.39
C SER L 24 -63.39 81.31 -33.46
N ARG L 25 -64.52 80.79 -33.93
CA ARG L 25 -65.32 79.89 -33.11
C ARG L 25 -64.56 78.58 -32.89
N PRO L 26 -64.74 77.96 -31.73
CA PRO L 26 -63.95 76.75 -31.42
C PRO L 26 -64.15 75.60 -32.39
N GLY L 27 -65.32 75.50 -33.02
CA GLY L 27 -65.60 74.37 -33.89
C GLY L 27 -65.33 74.64 -35.36
N SER L 28 -64.54 75.66 -35.65
CA SER L 28 -64.23 76.03 -37.03
C SER L 28 -62.94 75.36 -37.48
N LEU L 29 -62.83 75.14 -38.79
CA LEU L 29 -61.62 74.57 -39.34
C LEU L 29 -60.44 75.54 -39.23
N SER L 30 -60.71 76.84 -39.30
CA SER L 30 -59.64 77.82 -39.12
C SER L 30 -59.05 77.74 -37.73
N ASP L 31 -59.90 77.56 -36.71
CA ASP L 31 -59.40 77.44 -35.35
C ASP L 31 -58.55 76.19 -35.16
N LYS L 32 -58.99 75.06 -35.74
CA LYS L 32 -58.22 73.83 -35.65
C LYS L 32 -56.88 73.99 -36.36
N ARG L 33 -56.87 74.67 -37.50
CA ARG L 33 -55.61 74.94 -38.21
C ARG L 33 -54.69 75.80 -37.35
N LYS L 34 -55.24 76.83 -36.71
CA LYS L 34 -54.43 77.68 -35.84
C LYS L 34 -54.00 76.93 -34.59
N ASN L 35 -54.94 76.24 -33.93
CA ASN L 35 -54.65 75.53 -32.69
C ASN L 35 -54.88 74.04 -32.88
N PRO L 36 -53.83 73.25 -33.13
CA PRO L 36 -54.01 71.81 -33.20
C PRO L 36 -54.40 71.26 -31.84
N PRO L 37 -55.10 70.13 -31.78
CA PRO L 37 -55.58 69.60 -30.49
C PRO L 37 -54.46 69.24 -29.54
N GLY L 38 -53.24 69.02 -30.02
CA GLY L 38 -52.14 68.60 -29.18
C GLY L 38 -51.29 69.71 -28.60
N THR L 39 -51.69 70.97 -28.73
CA THR L 39 -50.88 72.09 -28.30
C THR L 39 -51.59 72.88 -27.21
N ARG L 40 -50.80 73.63 -26.45
CA ARG L 40 -51.29 74.54 -25.44
C ARG L 40 -50.28 75.67 -25.27
N ARG L 41 -50.77 76.90 -25.20
CA ARG L 41 -49.93 78.08 -25.23
C ARG L 41 -49.97 78.80 -23.89
N ARG L 42 -49.28 79.93 -23.84
CA ARG L 42 -49.23 80.75 -22.64
C ARG L 42 -50.60 81.40 -22.36
N ARG L 43 -50.90 81.56 -21.08
CA ARG L 43 -52.16 82.17 -20.66
C ARG L 43 -51.98 83.69 -20.58
N VAL L 44 -52.76 84.41 -21.39
CA VAL L 44 -52.72 85.87 -21.42
C VAL L 44 -53.41 86.42 -20.18
N PRO L 45 -52.94 87.54 -19.63
CA PRO L 45 -53.61 88.15 -18.47
C PRO L 45 -54.87 88.88 -18.91
N VAL L 46 -56.01 88.48 -18.35
CA VAL L 46 -57.30 89.11 -18.62
C VAL L 46 -57.87 89.59 -17.30
N GLU L 47 -58.16 90.89 -17.23
CA GLU L 47 -58.73 91.46 -16.01
C GLU L 47 -60.17 90.97 -15.85
N PRO L 48 -60.54 90.44 -14.68
CA PRO L 48 -61.89 89.88 -14.53
C PRO L 48 -62.95 90.96 -14.52
N ILE L 49 -63.94 90.81 -15.39
CA ILE L 49 -65.12 91.68 -15.43
C ILE L 49 -66.34 90.80 -15.23
N SER L 50 -67.10 91.08 -14.18
CA SER L 50 -68.30 90.32 -13.90
C SER L 50 -69.37 90.59 -14.96
N ASP L 51 -70.30 89.65 -15.09
CA ASP L 51 -71.36 89.78 -16.08
C ASP L 51 -72.22 91.01 -15.85
N GLU L 52 -72.26 91.51 -14.61
CA GLU L 52 -73.04 92.71 -14.29
C GLU L 52 -72.26 94.00 -14.53
N ASP L 53 -71.00 93.92 -14.92
CA ASP L 53 -70.18 95.09 -15.17
C ASP L 53 -69.80 95.27 -16.64
N TRP L 54 -70.29 94.40 -17.51
CA TRP L 54 -69.99 94.50 -18.95
C TRP L 54 -71.07 95.35 -19.61
N HIS L 55 -70.76 96.62 -19.86
CA HIS L 55 -71.71 97.57 -20.42
C HIS L 55 -71.63 97.70 -21.93
N LEU L 56 -70.74 96.96 -22.58
CA LEU L 56 -70.57 97.05 -24.03
C LEU L 56 -71.26 95.85 -24.68
N PHE L 57 -72.22 96.14 -25.56
CA PHE L 57 -72.93 95.12 -26.33
C PHE L 57 -72.61 95.30 -27.81
N CYS L 58 -73.29 94.52 -28.65
CA CYS L 58 -73.10 94.57 -30.09
C CYS L 58 -74.25 95.33 -30.75
N GLY L 59 -73.89 96.34 -31.53
CA GLY L 59 -74.86 97.15 -32.24
C GLY L 59 -74.93 98.60 -31.81
N ASP L 60 -74.19 99.00 -30.78
CA ASP L 60 -74.19 100.37 -30.30
C ASP L 60 -72.92 101.08 -30.75
N LYS L 61 -73.07 102.35 -31.13
CA LYS L 61 -71.93 103.13 -31.61
C LYS L 61 -70.95 103.38 -30.47
N VAL L 62 -69.66 103.20 -30.77
CA VAL L 62 -68.59 103.42 -29.81
C VAL L 62 -67.50 104.26 -30.47
N GLU L 63 -66.66 104.86 -29.64
CA GLU L 63 -65.57 105.71 -30.10
C GLU L 63 -64.23 105.10 -29.71
N ILE L 64 -63.31 105.06 -30.68
CA ILE L 64 -61.99 104.46 -30.48
C ILE L 64 -61.03 105.54 -29.97
N LEU L 65 -60.35 105.24 -28.87
CA LEU L 65 -59.44 106.18 -28.24
C LEU L 65 -58.01 106.06 -28.75
N GLU L 66 -57.49 104.84 -28.83
CA GLU L 66 -56.08 104.59 -29.12
C GLU L 66 -55.94 103.72 -30.36
N GLY L 67 -54.95 104.03 -31.18
CA GLY L 67 -54.68 103.32 -32.41
C GLY L 67 -54.28 104.30 -33.50
N LYS L 68 -54.18 103.78 -34.73
CA LYS L 68 -53.89 104.66 -35.86
C LYS L 68 -55.02 105.64 -36.12
N ASP L 69 -56.25 105.25 -35.79
CA ASP L 69 -57.41 106.12 -35.91
C ASP L 69 -57.92 106.46 -34.52
N ALA L 70 -58.01 107.75 -34.22
CA ALA L 70 -58.45 108.22 -32.91
C ALA L 70 -59.58 109.23 -33.09
N GLY L 71 -60.60 109.11 -32.25
CA GLY L 71 -61.74 109.99 -32.30
C GLY L 71 -62.84 109.56 -33.26
N LYS L 72 -62.62 108.52 -34.04
CA LYS L 72 -63.64 108.02 -34.95
C LYS L 72 -64.66 107.18 -34.19
N GLN L 73 -65.86 107.08 -34.77
CA GLN L 73 -66.95 106.32 -34.18
C GLN L 73 -67.40 105.23 -35.15
N GLY L 74 -67.80 104.09 -34.59
CA GLY L 74 -68.23 102.97 -35.40
C GLY L 74 -69.17 102.07 -34.63
N LYS L 75 -69.65 101.04 -35.32
CA LYS L 75 -70.63 100.12 -34.77
C LYS L 75 -69.96 98.81 -34.36
N VAL L 76 -70.33 98.31 -33.18
CA VAL L 76 -69.79 97.06 -32.68
C VAL L 76 -70.50 95.90 -33.37
N VAL L 77 -69.73 94.97 -33.92
CA VAL L 77 -70.26 93.84 -34.66
C VAL L 77 -70.06 92.52 -33.91
N GLN L 78 -68.92 92.36 -33.24
CA GLN L 78 -68.64 91.14 -32.49
C GLN L 78 -67.95 91.49 -31.19
N VAL L 79 -68.31 90.78 -30.12
CA VAL L 79 -67.71 90.94 -28.80
C VAL L 79 -67.18 89.60 -28.34
N ILE L 80 -65.92 89.58 -27.89
CA ILE L 80 -65.30 88.38 -27.36
C ILE L 80 -65.31 88.52 -25.85
N ARG L 81 -66.27 87.85 -25.21
CA ARG L 81 -66.42 87.97 -23.76
C ARG L 81 -65.27 87.30 -23.01
N GLN L 82 -64.68 86.25 -23.58
CA GLN L 82 -63.63 85.51 -22.89
C GLN L 82 -62.39 86.37 -22.68
N ARG L 83 -62.00 87.16 -23.68
CA ARG L 83 -60.82 88.00 -23.59
C ARG L 83 -61.15 89.48 -23.48
N ASN L 84 -62.42 89.83 -23.28
CA ASN L 84 -62.86 91.23 -23.14
C ASN L 84 -62.46 92.05 -24.37
N TRP L 85 -63.02 91.66 -25.51
CA TRP L 85 -62.75 92.31 -26.78
C TRP L 85 -64.04 92.87 -27.36
N VAL L 86 -63.93 94.05 -27.99
CA VAL L 86 -65.01 94.64 -28.77
C VAL L 86 -64.47 94.93 -30.15
N VAL L 87 -65.19 94.50 -31.18
CA VAL L 87 -64.76 94.64 -32.56
C VAL L 87 -65.65 95.68 -33.23
N VAL L 88 -65.03 96.80 -33.62
CA VAL L 88 -65.73 97.85 -34.35
C VAL L 88 -65.89 97.40 -35.80
N GLU L 89 -66.73 98.11 -36.56
CA GLU L 89 -67.01 97.74 -37.94
C GLU L 89 -66.08 98.53 -38.85
N GLY L 90 -64.93 97.94 -39.18
CA GLY L 90 -64.02 98.49 -40.15
C GLY L 90 -63.40 99.85 -39.82
N LEU L 91 -62.92 100.02 -38.59
CA LEU L 91 -62.19 101.22 -38.23
C LEU L 91 -60.72 100.94 -37.94
N ASN L 92 -60.42 100.01 -37.02
CA ASN L 92 -59.06 99.59 -36.74
C ASN L 92 -58.76 98.38 -37.62
N THR L 93 -58.43 98.65 -38.88
CA THR L 93 -58.39 97.62 -39.92
C THR L 93 -56.97 97.40 -40.42
N HIS L 94 -56.67 96.14 -40.73
CA HIS L 94 -55.46 95.74 -41.43
C HIS L 94 -55.86 94.88 -42.61
N TYR L 95 -55.03 94.91 -43.66
CA TYR L 95 -55.39 94.33 -44.94
C TYR L 95 -54.78 92.95 -45.12
N ARG L 96 -55.59 92.03 -45.65
CA ARG L 96 -55.16 90.66 -45.90
C ARG L 96 -55.72 90.19 -47.23
N TYR L 97 -55.23 89.05 -47.70
CA TYR L 97 -55.69 88.42 -48.92
C TYR L 97 -56.56 87.22 -48.58
N VAL L 98 -57.60 87.00 -49.38
CA VAL L 98 -58.55 85.91 -49.17
C VAL L 98 -58.40 84.82 -50.24
N GLY L 99 -58.62 85.18 -51.51
CA GLY L 99 -58.49 84.21 -52.58
C GLY L 99 -57.05 83.94 -52.95
N LYS L 100 -56.57 82.75 -52.62
CA LYS L 100 -55.19 82.35 -52.89
C LYS L 100 -55.17 81.03 -53.64
N THR L 101 -54.41 80.97 -54.72
CA THR L 101 -54.20 79.74 -55.45
C THR L 101 -52.79 79.76 -56.04
N VAL L 102 -52.50 78.78 -56.89
CA VAL L 102 -51.13 78.62 -57.41
C VAL L 102 -50.75 79.81 -58.28
N ASP L 103 -51.63 80.20 -59.21
CA ASP L 103 -51.29 81.20 -60.21
C ASP L 103 -52.14 82.47 -60.11
N TYR L 104 -52.86 82.66 -59.01
CA TYR L 104 -53.72 83.83 -58.88
C TYR L 104 -53.88 84.21 -57.43
N ARG L 105 -53.90 85.53 -57.18
CA ARG L 105 -54.21 86.08 -55.87
C ARG L 105 -55.01 87.36 -56.09
N GLY L 106 -55.87 87.68 -55.12
CA GLY L 106 -56.66 88.90 -55.23
C GLY L 106 -57.62 89.13 -54.10
N THR L 107 -58.77 89.73 -54.43
CA THR L 107 -59.85 90.10 -53.52
C THR L 107 -59.29 90.56 -52.17
N MET L 108 -58.46 91.61 -52.24
CA MET L 108 -57.88 92.23 -51.05
C MET L 108 -58.97 92.79 -50.16
N ILE L 109 -59.18 92.17 -49.00
CA ILE L 109 -60.28 92.50 -48.12
C ILE L 109 -59.71 93.04 -46.80
N PRO L 110 -60.04 94.27 -46.40
CA PRO L 110 -59.60 94.76 -45.10
C PRO L 110 -60.21 93.94 -43.97
N SER L 111 -59.44 93.76 -42.90
CA SER L 111 -59.87 93.02 -41.73
C SER L 111 -59.62 93.86 -40.48
N GLU L 112 -60.58 93.84 -39.56
CA GLU L 112 -60.53 94.67 -38.37
C GLU L 112 -59.90 93.92 -37.21
N ALA L 113 -58.94 94.57 -36.53
CA ALA L 113 -58.25 94.01 -35.39
C ALA L 113 -59.08 94.22 -34.12
N PRO L 114 -58.92 93.35 -33.13
CA PRO L 114 -59.67 93.50 -31.87
C PRO L 114 -59.21 94.70 -31.07
N LEU L 115 -60.10 95.18 -30.22
CA LEU L 115 -59.81 96.27 -29.29
C LEU L 115 -60.27 95.88 -27.89
N LEU L 116 -59.52 96.33 -26.89
CA LEU L 116 -59.87 96.06 -25.50
C LEU L 116 -60.96 97.02 -25.03
N HIS L 117 -61.51 96.72 -23.85
CA HIS L 117 -62.57 97.55 -23.29
C HIS L 117 -62.05 98.91 -22.86
N ASN L 118 -60.79 98.99 -22.42
CA ASN L 118 -60.25 100.26 -21.94
C ASN L 118 -60.00 101.25 -23.07
N GLN L 119 -59.91 100.79 -24.31
CA GLN L 119 -59.71 101.67 -25.46
C GLN L 119 -61.01 102.10 -26.11
N VAL L 120 -62.15 101.63 -25.62
CA VAL L 120 -63.46 101.90 -26.21
C VAL L 120 -64.39 102.41 -25.13
N LYS L 121 -64.99 103.58 -25.37
CA LYS L 121 -65.97 104.16 -24.47
C LYS L 121 -67.28 104.40 -25.22
N LEU L 122 -68.39 104.10 -24.56
CA LEU L 122 -69.70 104.21 -25.18
C LEU L 122 -70.03 105.67 -25.49
N VAL L 123 -70.79 105.88 -26.56
CA VAL L 123 -71.12 107.21 -27.05
C VAL L 123 -72.58 107.50 -26.74
N ASP L 124 -72.83 108.64 -26.09
CA ASP L 124 -74.20 109.03 -25.77
C ASP L 124 -74.91 109.49 -27.04
N PRO L 125 -76.21 109.19 -27.18
CA PRO L 125 -76.91 109.54 -28.42
C PRO L 125 -76.97 111.04 -28.69
N THR L 126 -77.08 111.87 -27.67
CA THR L 126 -77.36 113.29 -27.89
C THR L 126 -76.10 114.07 -28.26
N ASP L 127 -75.11 114.07 -27.37
CA ASP L 127 -73.93 114.90 -27.56
C ASP L 127 -72.89 114.27 -28.46
N ARG L 128 -72.99 112.96 -28.74
CA ARG L 128 -72.06 112.25 -29.61
C ARG L 128 -70.61 112.38 -29.12
N LYS L 129 -70.42 112.21 -27.82
CA LYS L 129 -69.10 112.24 -27.22
C LYS L 129 -68.93 111.07 -26.25
N PRO L 130 -67.70 110.61 -26.03
CA PRO L 130 -67.49 109.52 -25.07
C PRO L 130 -67.89 109.94 -23.67
N THR L 131 -68.47 109.00 -22.93
CA THR L 131 -68.93 109.26 -21.57
C THR L 131 -68.91 107.96 -20.79
N ASP L 132 -68.46 108.04 -19.53
CA ASP L 132 -68.48 106.87 -18.66
C ASP L 132 -69.92 106.45 -18.38
N VAL L 133 -70.13 105.14 -18.32
CA VAL L 133 -71.46 104.57 -18.18
C VAL L 133 -71.50 103.71 -16.93
N GLU L 134 -72.50 103.92 -16.09
CA GLU L 134 -72.72 103.11 -14.89
C GLU L 134 -74.14 102.57 -14.90
N TRP L 135 -74.28 101.29 -14.51
CA TRP L 135 -75.59 100.68 -14.43
C TRP L 135 -76.37 101.26 -13.26
N ARG L 136 -77.62 101.63 -13.50
CA ARG L 136 -78.50 102.15 -12.47
C ARG L 136 -79.83 101.41 -12.51
N PHE L 137 -80.44 101.26 -11.34
CA PHE L 137 -81.73 100.61 -11.21
C PHE L 137 -82.79 101.69 -11.04
N THR L 138 -83.65 101.84 -12.04
CA THR L 138 -84.66 102.89 -12.03
C THR L 138 -85.91 102.40 -11.31
N GLU L 139 -86.91 103.28 -11.20
CA GLU L 139 -88.14 102.94 -10.50
C GLU L 139 -89.03 101.98 -11.29
N ALA L 140 -88.72 101.73 -12.56
CA ALA L 140 -89.51 100.82 -13.37
C ALA L 140 -89.05 99.37 -13.27
N GLY L 141 -87.97 99.11 -12.54
CA GLY L 141 -87.48 97.76 -12.38
C GLY L 141 -86.62 97.24 -13.52
N GLU L 142 -86.25 98.10 -14.47
CA GLU L 142 -85.46 97.70 -15.62
C GLU L 142 -84.03 98.23 -15.48
N ARG L 143 -83.07 97.38 -15.84
CA ARG L 143 -81.66 97.75 -15.80
C ARG L 143 -81.31 98.51 -17.07
N VAL L 144 -81.13 99.82 -16.95
CA VAL L 144 -80.84 100.69 -18.09
C VAL L 144 -79.54 101.41 -17.81
N ARG L 145 -78.64 101.40 -18.81
CA ARG L 145 -77.37 102.08 -18.67
C ARG L 145 -77.59 103.60 -18.56
N VAL L 146 -76.83 104.23 -17.67
CA VAL L 146 -76.96 105.65 -17.40
C VAL L 146 -75.60 106.31 -17.56
N SER L 147 -75.55 107.41 -18.31
CA SER L 147 -74.30 108.13 -18.51
C SER L 147 -73.94 108.93 -17.25
N THR L 148 -72.68 109.37 -17.21
CA THR L 148 -72.16 110.13 -16.07
C THR L 148 -72.21 111.64 -16.31
N ARG L 149 -71.71 112.10 -17.45
CA ARG L 149 -71.66 113.53 -17.71
C ARG L 149 -73.02 114.09 -18.10
N SER L 150 -73.61 113.58 -19.19
CA SER L 150 -74.90 114.06 -19.65
C SER L 150 -76.03 113.61 -18.73
N GLY L 151 -75.94 112.42 -18.16
CA GLY L 151 -76.99 111.90 -17.32
C GLY L 151 -78.18 111.34 -18.05
N ARG L 152 -78.04 111.03 -19.34
CA ARG L 152 -79.12 110.46 -20.13
C ARG L 152 -78.94 108.96 -20.26
N ILE L 153 -80.04 108.22 -20.16
CA ILE L 153 -80.01 106.77 -20.32
C ILE L 153 -79.80 106.42 -21.78
N ILE L 154 -79.24 105.24 -22.02
CA ILE L 154 -78.94 104.76 -23.35
C ILE L 154 -79.68 103.45 -23.58
N PRO L 155 -80.51 103.35 -24.62
CA PRO L 155 -81.26 102.11 -24.85
C PRO L 155 -80.35 100.97 -25.29
N LYS L 156 -80.85 99.75 -25.14
CA LYS L 156 -80.08 98.58 -25.54
C LYS L 156 -79.93 98.54 -27.05
N PRO L 157 -78.77 98.11 -27.56
CA PRO L 157 -78.55 98.09 -29.01
C PRO L 157 -79.14 96.85 -29.68
N GLU L 158 -80.43 96.90 -30.02
CA GLU L 158 -81.08 95.79 -30.70
C GLU L 158 -80.33 95.41 -31.97
N PHE L 159 -79.90 94.16 -32.04
CA PHE L 159 -79.10 93.66 -33.15
C PHE L 159 -79.71 92.35 -33.65
N PRO L 160 -79.70 92.12 -34.97
CA PRO L 160 -80.28 90.88 -35.50
C PRO L 160 -79.52 89.65 -35.00
N ARG L 161 -80.26 88.56 -34.81
CA ARG L 161 -79.67 87.34 -34.30
C ARG L 161 -78.81 86.67 -35.37
N ALA L 162 -77.98 85.73 -34.91
CA ALA L 162 -77.03 85.07 -35.81
C ALA L 162 -77.74 84.20 -36.84
N ASP L 163 -78.96 83.75 -36.55
CA ASP L 163 -79.71 82.95 -37.52
C ASP L 163 -80.02 83.76 -38.78
N GLY L 164 -80.13 85.07 -38.66
CA GLY L 164 -80.43 85.91 -39.81
C GLY L 164 -81.88 85.90 -40.24
N ILE L 165 -82.77 85.33 -39.43
CA ILE L 165 -84.19 85.21 -39.77
C ILE L 165 -84.96 86.21 -38.92
N VAL L 166 -85.73 87.07 -39.56
CA VAL L 166 -86.55 88.06 -38.88
C VAL L 166 -87.94 87.47 -38.67
N PRO L 167 -88.41 87.32 -37.42
CA PRO L 167 -89.77 86.79 -37.21
C PRO L 167 -90.86 87.68 -37.79
N GLU L 168 -90.58 88.95 -38.04
CA GLU L 168 -91.59 89.83 -38.62
C GLU L 168 -92.03 89.36 -40.00
N THR L 169 -91.07 88.99 -40.84
CA THR L 169 -91.33 88.54 -42.20
C THR L 169 -91.01 87.05 -42.26
N TRP L 170 -92.04 86.21 -42.14
CA TRP L 170 -91.85 84.77 -42.15
C TRP L 170 -93.07 84.12 -42.81
N ILE L 171 -92.81 83.04 -43.54
CA ILE L 171 -93.84 82.28 -44.23
C ILE L 171 -93.82 80.86 -43.68
N ASP L 172 -94.98 80.36 -43.27
CA ASP L 172 -95.06 79.02 -42.71
C ASP L 172 -94.87 77.98 -43.81
N GLY L 173 -94.02 77.00 -43.54
CA GLY L 173 -93.77 75.93 -44.48
C GLY L 173 -94.74 74.78 -44.32
N PRO L 174 -94.53 73.70 -45.08
CA PRO L 174 -95.42 72.54 -44.95
C PRO L 174 -95.41 71.92 -43.57
N LYS L 175 -94.28 71.96 -42.86
CA LYS L 175 -94.15 71.37 -41.54
C LYS L 175 -94.02 72.45 -40.45
N ASP L 176 -94.68 73.58 -40.63
CA ASP L 176 -94.67 74.67 -39.67
C ASP L 176 -96.04 74.80 -39.03
N THR L 177 -96.08 74.87 -37.71
CA THR L 177 -97.32 74.99 -36.97
C THR L 177 -97.77 76.45 -36.92
N SER L 178 -99.07 76.66 -37.14
CA SER L 178 -99.63 78.00 -37.10
C SER L 178 -99.57 78.57 -35.68
N VAL L 179 -99.56 79.90 -35.60
CA VAL L 179 -99.48 80.57 -34.31
C VAL L 179 -100.74 80.29 -33.49
N GLU L 180 -101.89 80.20 -34.16
CA GLU L 180 -103.14 79.93 -33.45
C GLU L 180 -103.12 78.57 -32.78
N ASP L 181 -102.64 77.55 -33.48
CA ASP L 181 -102.58 76.21 -32.90
C ASP L 181 -101.50 76.10 -31.83
N ALA L 182 -100.40 76.82 -31.99
CA ALA L 182 -99.34 76.79 -30.99
C ALA L 182 -99.82 77.36 -29.66
N LEU L 183 -100.59 78.43 -29.70
CA LEU L 183 -101.09 79.08 -28.49
C LEU L 183 -102.44 78.51 -28.05
N GLU L 184 -103.03 77.60 -28.81
CA GLU L 184 -104.29 77.00 -28.42
C GLU L 184 -104.10 76.13 -27.18
N LYS L 185 -104.98 76.28 -26.20
CA LYS L 185 -104.90 75.56 -24.95
C LYS L 185 -106.01 74.51 -24.89
N THR L 186 -105.62 73.25 -24.68
CA THR L 186 -106.58 72.16 -24.56
C THR L 186 -106.35 71.33 -23.30
N TYR L 187 -105.50 71.80 -22.39
CA TYR L 187 -105.17 71.04 -21.19
C TYR L 187 -106.32 71.12 -20.19
N VAL L 188 -106.78 69.95 -19.73
CA VAL L 188 -107.76 69.87 -18.66
C VAL L 188 -107.07 69.23 -17.46
N PRO L 189 -106.64 70.02 -16.47
CA PRO L 189 -105.80 69.47 -15.40
C PRO L 189 -106.56 68.56 -14.45
N ARG L 190 -106.72 67.30 -14.84
CA ARG L 190 -107.28 66.28 -13.96
C ARG L 190 -106.14 65.53 -13.26
N LEU L 191 -106.51 64.60 -12.38
CA LEU L 191 -105.55 63.85 -11.59
C LEU L 191 -105.24 62.48 -12.19
N LYS L 192 -105.20 62.38 -13.52
CA LYS L 192 -104.84 61.15 -14.20
C LYS L 192 -103.58 61.38 -15.03
N THR L 193 -102.66 60.42 -14.99
CA THR L 193 -101.41 60.53 -15.73
C THR L 193 -101.67 60.43 -17.23
N LEU L 194 -100.61 60.64 -18.01
CA LEU L 194 -100.72 60.48 -19.45
C LEU L 194 -101.07 59.05 -19.82
N GLU L 195 -100.62 58.08 -19.01
CA GLU L 195 -100.95 56.69 -19.28
C GLU L 195 -102.45 56.43 -19.18
N GLU L 196 -103.10 56.98 -18.14
CA GLU L 196 -104.52 56.73 -17.94
C GLU L 196 -105.37 57.40 -19.01
N GLU L 197 -105.03 58.64 -19.38
CA GLU L 197 -105.87 59.40 -20.30
C GLU L 197 -105.89 58.76 -21.69
N VAL L 198 -104.73 58.36 -22.21
CA VAL L 198 -104.66 57.81 -23.55
C VAL L 198 -105.37 56.45 -23.61
N MET L 199 -105.25 55.65 -22.56
CA MET L 199 -105.88 54.33 -22.55
C MET L 199 -107.40 54.45 -22.64
N GLU L 200 -107.99 55.37 -21.87
CA GLU L 200 -109.44 55.56 -21.92
C GLU L 200 -109.88 56.36 -23.13
N ALA L 201 -108.97 57.07 -23.80
CA ALA L 201 -109.34 57.85 -24.98
C ALA L 201 -109.57 56.95 -26.19
N MET L 202 -108.77 55.91 -26.34
CA MET L 202 -108.87 54.99 -27.48
C MET L 202 -109.70 53.75 -27.17
N GLY L 203 -110.26 53.64 -25.97
CA GLY L 203 -111.04 52.48 -25.62
C GLY L 203 -110.26 51.23 -25.31
N ILE L 204 -108.98 51.37 -24.96
CA ILE L 204 -108.19 50.21 -24.56
C ILE L 204 -108.65 49.74 -23.19
N GLN L 205 -109.10 48.50 -23.10
CA GLN L 205 -109.66 47.94 -21.87
C GLN L 205 -108.77 46.83 -21.36
N GLU L 206 -108.36 46.92 -20.09
CA GLU L 206 -107.54 45.91 -19.44
C GLU L 206 -108.25 45.47 -18.17
N THR L 207 -108.32 44.15 -17.96
CA THR L 207 -109.08 43.58 -16.84
C THR L 207 -108.18 43.13 -15.70
N ARG L 208 -107.21 42.26 -15.99
CA ARG L 208 -106.37 41.68 -14.94
C ARG L 208 -105.42 42.73 -14.38
N ARG L 209 -104.84 42.40 -13.23
CA ARG L 209 -103.94 43.30 -12.51
C ARG L 209 -102.64 42.59 -12.19
N HIS L 210 -101.59 43.38 -12.00
CA HIS L 210 -100.27 42.84 -11.73
C HIS L 210 -100.23 42.14 -10.37
N LYS L 211 -99.35 41.14 -10.26
CA LYS L 211 -99.14 40.44 -9.01
C LYS L 211 -98.20 41.24 -8.12
N LYS L 212 -97.89 40.69 -6.95
CA LYS L 212 -96.99 41.35 -6.01
C LYS L 212 -95.55 41.14 -6.42
N VAL L 213 -94.78 42.22 -6.44
CA VAL L 213 -93.36 42.19 -6.82
C VAL L 213 -92.55 42.77 -5.68
N TYR L 214 -91.49 42.05 -5.29
CA TYR L 214 -90.66 42.45 -4.15
C TYR L 214 -89.47 43.26 -4.64
N TRP L 215 -89.26 44.42 -4.02
CA TRP L 215 -88.21 45.35 -4.41
C TRP L 215 -87.10 45.34 -3.38
N TYR L 216 -85.89 45.01 -3.81
CA TYR L 216 -84.70 45.09 -2.97
C TYR L 216 -83.42 44.99 -3.80
N GLY M 37 12.05 24.00 11.39
CA GLY M 37 11.43 23.29 12.48
C GLY M 37 10.46 24.13 13.28
N SER M 38 10.61 24.11 14.60
CA SER M 38 9.76 24.89 15.50
C SER M 38 10.62 25.61 16.52
N SER M 39 10.10 26.73 17.01
CA SER M 39 10.83 27.52 17.99
C SER M 39 10.84 26.81 19.35
N LYS M 40 12.00 26.78 19.98
CA LYS M 40 12.14 26.16 21.30
C LYS M 40 12.31 27.16 22.43
N ASN M 41 12.76 28.38 22.11
CA ASN M 41 12.97 29.39 23.14
C ASN M 41 11.70 30.17 23.39
N LEU M 42 11.33 30.29 24.67
CA LEU M 42 10.09 30.94 25.08
C LEU M 42 10.37 31.88 26.24
N GLY M 43 9.52 32.91 26.36
CA GLY M 43 9.58 33.79 27.50
C GLY M 43 10.73 34.77 27.50
N GLY M 44 11.35 35.04 26.36
CA GLY M 44 12.45 35.97 26.31
C GLY M 44 12.06 37.43 26.29
N LYS M 45 10.77 37.74 26.30
CA LYS M 45 10.29 39.11 26.21
C LYS M 45 10.02 39.66 27.60
N SER M 46 10.66 40.78 27.93
CA SER M 46 10.48 41.46 29.20
C SER M 46 10.97 42.89 29.11
N PRO M 47 10.18 43.88 29.53
CA PRO M 47 10.65 45.26 29.44
C PRO M 47 11.70 45.56 30.49
N GLY M 48 12.55 46.54 30.18
CA GLY M 48 13.58 46.93 31.12
C GLY M 48 13.01 47.61 32.34
N LYS M 49 13.75 47.53 33.45
CA LYS M 49 13.32 48.10 34.71
C LYS M 49 13.82 49.52 34.93
N ARG M 50 14.50 50.10 33.94
CA ARG M 50 15.04 51.46 34.03
C ARG M 50 15.98 51.61 35.22
N PHE M 51 16.77 50.57 35.48
CA PHE M 51 17.79 50.66 36.52
C PHE M 51 18.95 51.52 36.03
N GLY M 52 19.35 52.48 36.85
CA GLY M 52 20.40 53.39 36.47
C GLY M 52 20.59 54.47 37.51
N ILE M 53 21.33 55.49 37.10
CA ILE M 53 21.68 56.63 37.97
C ILE M 53 20.81 57.81 37.57
N LYS M 54 20.17 58.44 38.55
CA LYS M 54 19.22 59.51 38.31
C LYS M 54 19.85 60.91 38.45
N LYS M 55 20.49 61.18 39.57
CA LYS M 55 21.07 62.50 39.85
C LYS M 55 22.58 62.42 39.71
N MET M 56 23.13 63.20 38.78
CA MET M 56 24.57 63.29 38.62
C MET M 56 25.16 64.23 39.66
N GLU M 57 26.48 64.34 39.67
CA GLU M 57 27.13 65.23 40.62
C GLU M 57 26.78 66.69 40.33
N GLY M 58 26.48 67.43 41.40
CA GLY M 58 26.16 68.84 41.29
C GLY M 58 24.68 69.15 41.29
N HIS M 59 23.83 68.15 41.06
CA HIS M 59 22.39 68.39 41.07
C HIS M 59 21.91 68.68 42.50
N TYR M 60 21.06 69.69 42.62
CA TYR M 60 20.50 70.09 43.91
C TYR M 60 19.24 69.28 44.17
N VAL M 61 19.28 68.44 45.21
CA VAL M 61 18.18 67.54 45.49
C VAL M 61 17.64 67.82 46.88
N HIS M 62 16.36 67.51 47.08
CA HIS M 62 15.69 67.66 48.36
C HIS M 62 15.56 66.31 49.03
N ALA M 63 15.08 66.35 50.27
CA ALA M 63 14.92 65.12 51.04
C ALA M 63 13.84 64.24 50.42
N GLY M 64 14.16 62.97 50.22
CA GLY M 64 13.23 62.00 49.67
C GLY M 64 13.44 61.69 48.19
N ASN M 65 14.19 62.52 47.47
CA ASN M 65 14.44 62.25 46.06
C ASN M 65 15.32 61.02 45.90
N ILE M 66 15.00 60.19 44.93
CA ILE M 66 15.72 58.93 44.70
C ILE M 66 16.98 59.25 43.89
N LEU M 67 18.15 59.06 44.51
CA LEU M 67 19.41 59.34 43.81
C LEU M 67 19.66 58.34 42.69
N ALA M 68 19.44 57.05 42.97
CA ALA M 68 19.69 56.02 41.97
C ALA M 68 18.97 54.75 42.38
N THR M 69 18.63 53.93 41.39
CA THR M 69 18.07 52.61 41.60
C THR M 69 18.93 51.59 40.86
N GLN M 70 19.11 50.43 41.46
CA GLN M 70 20.06 49.45 40.95
C GLN M 70 19.57 48.05 41.26
N ARG M 71 20.09 47.08 40.50
CA ARG M 71 19.78 45.68 40.71
C ARG M 71 20.75 45.05 41.72
N HIS M 72 22.04 45.08 41.40
CA HIS M 72 23.08 44.71 42.34
C HIS M 72 23.70 45.97 42.93
N PHE M 73 24.57 45.78 43.92
CA PHE M 73 25.19 46.92 44.57
C PHE M 73 26.24 47.55 43.66
N ARG M 74 25.83 48.54 42.88
CA ARG M 74 26.74 49.26 42.00
C ARG M 74 27.34 50.48 42.69
N TRP M 75 26.49 51.29 43.33
CA TRP M 75 26.93 52.42 44.15
C TRP M 75 26.44 52.21 45.57
N HIS M 76 27.36 52.21 46.52
CA HIS M 76 26.97 52.08 47.91
C HIS M 76 26.53 53.42 48.47
N PRO M 77 25.56 53.43 49.38
CA PRO M 77 25.14 54.70 49.99
C PRO M 77 26.23 55.27 50.88
N GLY M 78 26.24 56.60 50.97
CA GLY M 78 27.24 57.29 51.76
C GLY M 78 26.65 58.14 52.87
N ALA M 79 27.17 59.34 53.07
CA ALA M 79 26.65 60.23 54.10
C ALA M 79 25.33 60.84 53.66
N HIS M 80 24.37 60.89 54.59
CA HIS M 80 23.06 61.50 54.35
C HIS M 80 22.30 60.82 53.22
N VAL M 81 22.60 59.55 52.95
CA VAL M 81 21.92 58.79 51.91
C VAL M 81 21.41 57.49 52.52
N GLY M 82 20.11 57.25 52.40
CA GLY M 82 19.51 56.05 52.92
C GLY M 82 19.67 54.88 51.97
N LEU M 83 18.96 53.80 52.29
CA LEU M 83 18.97 52.59 51.47
C LEU M 83 17.67 51.86 51.69
N GLY M 84 16.86 51.74 50.63
CA GLY M 84 15.60 51.05 50.72
C GLY M 84 15.76 49.54 50.66
N LYS M 85 14.63 48.84 50.85
CA LYS M 85 14.65 47.38 50.80
C LYS M 85 14.94 46.85 49.40
N ASN M 86 14.74 47.66 48.37
CA ASN M 86 15.06 47.28 47.00
C ASN M 86 16.38 47.88 46.52
N LYS M 87 17.27 48.21 47.45
CA LYS M 87 18.62 48.67 47.14
C LYS M 87 18.65 49.96 46.34
N CYS M 88 17.68 50.83 46.56
CA CYS M 88 17.67 52.15 45.93
C CYS M 88 18.23 53.20 46.89
N LEU M 89 18.90 54.20 46.33
CA LEU M 89 19.54 55.25 47.12
C LEU M 89 18.69 56.51 47.07
N TYR M 90 18.31 57.02 48.23
CA TYR M 90 17.52 58.24 48.33
C TYR M 90 18.18 59.19 49.33
N ALA M 91 18.21 60.47 48.98
CA ALA M 91 18.86 61.46 49.83
C ALA M 91 18.04 61.72 51.08
N LEU M 92 18.73 61.94 52.19
CA LEU M 92 18.08 62.21 53.47
C LEU M 92 18.05 63.69 53.82
N GLU M 93 18.98 64.49 53.29
CA GLU M 93 19.05 65.91 53.59
C GLU M 93 19.16 66.69 52.27
N GLU M 94 18.63 67.91 52.29
CA GLU M 94 18.71 68.77 51.13
C GLU M 94 20.14 69.26 50.93
N GLY M 95 20.64 69.13 49.70
CA GLY M 95 22.01 69.53 49.44
C GLY M 95 22.47 69.15 48.03
N VAL M 96 23.78 68.99 47.90
CA VAL M 96 24.43 68.72 46.62
C VAL M 96 24.91 67.27 46.61
N VAL M 97 24.62 66.56 45.53
CA VAL M 97 25.00 65.16 45.40
C VAL M 97 26.45 65.07 44.96
N ARG M 98 27.24 64.25 45.65
CA ARG M 98 28.64 64.05 45.33
C ARG M 98 28.97 62.56 45.30
N TYR M 99 29.88 62.18 44.40
CA TYR M 99 30.30 60.79 44.24
C TYR M 99 31.76 60.65 44.64
N THR M 100 32.08 59.56 45.33
CA THR M 100 33.38 59.43 45.98
C THR M 100 33.78 57.97 46.01
N LYS M 101 35.09 57.74 45.84
CA LYS M 101 35.68 56.41 45.99
C LYS M 101 36.30 56.31 47.37
N GLU M 102 35.84 55.34 48.16
CA GLU M 102 36.28 55.17 49.54
C GLU M 102 36.61 53.71 49.81
N VAL M 103 37.09 53.46 51.03
CA VAL M 103 37.42 52.09 51.45
C VAL M 103 36.16 51.38 51.91
N TYR M 104 36.24 50.06 51.97
CA TYR M 104 35.10 49.21 52.32
C TYR M 104 35.45 48.37 53.53
N VAL M 105 34.71 48.56 54.61
CA VAL M 105 34.85 47.78 55.83
C VAL M 105 33.51 47.09 56.09
N PRO M 106 33.38 45.80 55.76
CA PRO M 106 32.08 45.15 55.83
C PRO M 106 31.62 44.91 57.26
N ASN M 107 30.31 44.75 57.39
CA ASN M 107 29.72 44.44 58.69
C ASN M 107 30.19 43.05 59.13
N PRO M 108 30.66 42.89 60.36
CA PRO M 108 31.13 41.57 60.81
C PRO M 108 30.04 40.50 60.79
N SER M 109 28.78 40.87 60.95
CA SER M 109 27.71 39.88 60.94
C SER M 109 27.45 39.31 59.55
N ASN M 110 27.97 39.93 58.51
CA ASN M 110 27.81 39.44 57.14
C ASN M 110 28.93 38.43 56.88
N SER M 111 28.58 37.14 56.94
CA SER M 111 29.59 36.09 56.87
C SER M 111 30.29 36.07 55.52
N GLU M 112 29.53 36.25 54.43
CA GLU M 112 30.14 36.21 53.11
C GLU M 112 31.12 37.35 52.90
N ALA M 113 30.77 38.55 53.37
CA ALA M 113 31.65 39.71 53.15
C ALA M 113 32.91 39.62 53.97
N VAL M 114 32.79 39.22 55.25
CA VAL M 114 33.98 39.14 56.10
C VAL M 114 34.93 38.06 55.63
N ASP M 115 34.40 36.99 55.03
CA ASP M 115 35.26 35.93 54.50
C ASP M 115 36.12 36.44 53.35
N LEU M 116 35.54 37.27 52.49
CA LEU M 116 36.31 37.85 51.39
C LEU M 116 37.44 38.72 51.90
N VAL M 117 37.18 39.50 52.95
CA VAL M 117 38.21 40.36 53.53
C VAL M 117 39.31 39.52 54.16
N THR M 118 38.95 38.39 54.78
CA THR M 118 39.94 37.55 55.46
C THR M 118 40.99 37.03 54.49
N ARG M 119 40.58 36.62 53.30
CA ARG M 119 41.49 36.00 52.33
C ARG M 119 42.33 37.01 51.57
N LEU M 120 42.10 38.31 51.75
CA LEU M 120 42.87 39.31 51.02
C LEU M 120 44.32 39.33 51.53
N PRO M 121 45.27 39.64 50.65
CA PRO M 121 46.66 39.79 51.10
C PRO M 121 46.82 41.04 51.95
N GLN M 122 47.94 41.08 52.68
CA GLN M 122 48.13 42.13 53.68
C GLN M 122 48.24 43.52 53.04
N GLY M 123 48.71 43.61 51.80
CA GLY M 123 48.94 44.88 51.18
C GLY M 123 47.77 45.48 50.42
N ALA M 124 46.58 44.89 50.51
CA ALA M 124 45.44 45.31 49.70
C ALA M 124 44.28 45.73 50.58
N VAL M 125 43.50 46.67 50.07
CA VAL M 125 42.27 47.13 50.72
C VAL M 125 41.18 47.28 49.67
N LEU M 126 39.97 46.87 50.01
CA LEU M 126 38.85 47.01 49.09
C LEU M 126 38.49 48.48 48.89
N TYR M 127 38.11 48.82 47.67
CA TYR M 127 37.63 50.16 47.34
C TYR M 127 36.28 50.07 46.66
N LYS M 128 35.35 50.94 47.08
CA LYS M 128 34.00 50.98 46.53
C LYS M 128 33.64 52.43 46.27
N THR M 129 32.66 52.63 45.40
CA THR M 129 32.13 53.95 45.09
C THR M 129 30.94 54.26 45.98
N PHE M 130 30.84 55.52 46.39
CA PHE M 130 29.80 55.96 47.31
C PHE M 130 29.14 57.22 46.79
N VAL M 131 27.91 57.45 47.25
CA VAL M 131 27.13 58.62 46.88
C VAL M 131 26.89 59.45 48.14
N HIS M 132 27.30 60.71 48.12
CA HIS M 132 27.17 61.58 49.27
C HIS M 132 26.24 62.74 48.94
N VAL M 133 25.67 63.33 49.98
CA VAL M 133 24.86 64.54 49.86
C VAL M 133 25.33 65.53 50.92
N VAL M 134 26.14 66.50 50.53
CA VAL M 134 26.62 67.53 51.43
C VAL M 134 25.47 68.48 51.75
N PRO M 135 25.08 68.62 53.01
CA PRO M 135 23.96 69.51 53.34
C PRO M 135 24.26 70.95 52.99
N ALA M 136 23.22 71.67 52.56
CA ALA M 136 23.33 73.09 52.22
C ALA M 136 22.61 73.96 53.24
N LYS M 137 21.34 73.71 53.50
CA LYS M 137 20.60 74.50 54.47
C LYS M 137 21.05 74.14 55.88
N PRO M 138 21.25 75.12 56.76
CA PRO M 138 21.57 74.82 58.15
C PRO M 138 20.37 74.23 58.88
N GLU M 139 20.66 73.62 60.04
CA GLU M 139 19.60 72.98 60.82
C GLU M 139 18.54 73.99 61.24
N GLY M 140 18.96 75.17 61.68
CA GLY M 140 18.02 76.20 62.07
C GLY M 140 18.76 77.42 62.54
N THR M 141 18.00 78.48 62.80
CA THR M 141 18.53 79.74 63.25
C THR M 141 17.70 80.27 64.41
N PHE M 142 18.33 81.10 65.25
CA PHE M 142 17.69 81.66 66.43
C PHE M 142 17.15 83.04 66.10
N LYS M 143 15.88 83.26 66.39
CA LYS M 143 15.22 84.53 66.12
C LYS M 143 14.56 85.05 67.39
N LEU M 144 14.46 86.37 67.49
CA LEU M 144 13.86 87.01 68.65
C LEU M 144 12.34 86.93 68.54
N VAL M 145 11.71 86.23 69.48
CA VAL M 145 10.26 86.04 69.44
C VAL M 145 9.57 86.94 70.45
N ALA M 146 10.28 87.25 71.54
CA ALA M 146 9.71 88.11 72.58
C ALA M 146 10.83 88.74 73.37
N MET M 147 10.70 90.03 73.66
CA MET M 147 11.67 90.78 74.46
C MET M 147 10.93 91.32 75.68
N LEU M 148 10.93 90.52 76.76
CA LEU M 148 10.24 90.90 77.98
C LEU M 148 11.12 91.81 78.84
N PRO N 2 -51.41 71.34 5.22
CA PRO N 2 -52.81 71.19 5.66
C PRO N 2 -52.96 70.19 6.82
N LEU N 3 -53.66 70.61 7.86
CA LEU N 3 -53.87 69.78 9.04
C LEU N 3 -55.35 69.75 9.39
N HIS N 4 -55.76 68.65 10.02
CA HIS N 4 -57.15 68.53 10.47
C HIS N 4 -57.44 69.54 11.58
N LYS N 5 -58.59 70.21 11.46
CA LYS N 5 -58.99 71.14 12.51
C LYS N 5 -59.27 70.41 13.82
N VAL N 6 -59.94 69.26 13.74
CA VAL N 6 -60.21 68.43 14.92
C VAL N 6 -59.24 67.26 14.92
N PRO N 7 -58.62 66.94 16.05
CA PRO N 7 -57.68 65.83 16.09
C PRO N 7 -58.36 64.51 15.77
N VAL N 8 -57.57 63.57 15.25
CA VAL N 8 -58.12 62.30 14.75
C VAL N 8 -58.75 61.52 15.89
N GLY N 9 -58.17 61.58 17.10
CA GLY N 9 -58.70 60.82 18.21
C GLY N 9 -60.11 61.20 18.62
N LEU N 10 -60.56 62.40 18.27
CA LEU N 10 -61.89 62.86 18.62
C LEU N 10 -62.92 62.63 17.52
N TRP N 11 -62.52 62.04 16.39
CA TRP N 11 -63.48 61.79 15.32
C TRP N 11 -64.56 60.82 15.75
N LYS N 12 -64.19 59.75 16.45
CA LYS N 12 -65.18 58.79 16.91
C LYS N 12 -66.12 59.41 17.93
N GLN N 13 -65.59 60.25 18.82
CA GLN N 13 -66.44 60.89 19.82
C GLN N 13 -67.43 61.85 19.17
N LEU N 14 -66.98 62.62 18.17
CA LEU N 14 -67.87 63.54 17.48
C LEU N 14 -68.86 62.82 16.57
N ARG N 15 -68.60 61.55 16.25
CA ARG N 15 -69.56 60.78 15.45
C ARG N 15 -70.86 60.57 16.21
N LEU N 16 -70.80 60.54 17.54
CA LEU N 16 -71.99 60.33 18.36
C LEU N 16 -72.86 61.56 18.49
N TRP N 17 -72.33 62.75 18.20
CA TRP N 17 -73.06 64.00 18.42
C TRP N 17 -73.95 64.40 17.25
N GLU N 18 -73.96 63.63 16.16
CA GLU N 18 -74.71 64.00 14.97
C GLU N 18 -75.42 62.79 14.39
N GLY N 19 -76.45 63.06 13.61
CA GLY N 19 -77.16 62.00 12.92
C GLY N 19 -78.10 61.23 13.84
N ILE N 20 -78.23 59.93 13.55
CA ILE N 20 -79.11 59.08 14.34
C ILE N 20 -78.61 58.96 15.77
N TYR N 21 -77.29 58.99 15.97
CA TYR N 21 -76.73 58.87 17.30
C TYR N 21 -77.18 60.03 18.21
N SER N 22 -77.49 61.18 17.62
CA SER N 22 -77.93 62.32 18.43
C SER N 22 -79.33 62.11 19.00
N ARG N 23 -80.21 61.44 18.26
CA ARG N 23 -81.57 61.22 18.72
C ARG N 23 -81.71 60.07 19.71
N LEU N 24 -80.60 59.38 20.03
CA LEU N 24 -80.65 58.31 21.01
C LEU N 24 -80.99 58.88 22.38
N PRO N 25 -81.67 58.10 23.23
CA PRO N 25 -82.02 58.59 24.56
C PRO N 25 -80.77 58.94 25.37
N ARG N 26 -80.89 59.98 26.19
CA ARG N 26 -79.73 60.49 26.91
C ARG N 26 -79.20 59.49 27.92
N HIS N 27 -80.09 58.74 28.58
CA HIS N 27 -79.63 57.81 29.61
C HIS N 27 -78.76 56.72 29.02
N TYR N 28 -79.08 56.25 27.81
CA TYR N 28 -78.22 55.28 27.14
C TYR N 28 -76.86 55.89 26.82
N LEU N 29 -76.85 57.13 26.31
CA LEU N 29 -75.60 57.78 25.96
C LEU N 29 -74.72 58.03 27.19
N ARG N 30 -75.34 58.38 28.31
CA ARG N 30 -74.58 58.66 29.52
C ARG N 30 -73.83 57.42 30.01
N SER N 31 -74.51 56.26 29.99
CA SER N 31 -73.85 55.04 30.43
C SER N 31 -72.75 54.60 29.46
N LEU N 32 -72.97 54.81 28.17
CA LEU N 32 -71.98 54.39 27.17
C LEU N 32 -70.69 55.18 27.30
N GLU N 33 -70.79 56.49 27.53
CA GLU N 33 -69.59 57.34 27.55
C GLU N 33 -68.77 57.15 28.83
N GLU N 34 -69.33 56.52 29.85
CA GLU N 34 -68.62 56.32 31.12
C GLU N 34 -67.72 55.09 30.99
N ALA N 35 -66.41 55.32 30.88
CA ALA N 35 -65.44 54.24 30.76
C ALA N 35 -64.75 54.09 32.10
N ARG N 36 -65.36 53.32 32.99
CA ARG N 36 -64.81 53.06 34.31
C ARG N 36 -63.87 51.87 34.27
N THR N 37 -62.80 51.94 35.05
CA THR N 37 -61.83 50.86 35.10
C THR N 37 -62.49 49.60 35.67
N PRO N 38 -62.37 48.46 34.99
CA PRO N 38 -62.99 47.23 35.49
C PRO N 38 -62.27 46.70 36.72
N THR N 39 -62.96 45.82 37.43
CA THR N 39 -62.37 45.20 38.61
C THR N 39 -61.15 44.37 38.21
N PRO N 40 -60.01 44.54 38.88
CA PRO N 40 -58.82 43.76 38.52
C PRO N 40 -59.07 42.27 38.67
N VAL N 41 -58.59 41.50 37.69
CA VAL N 41 -58.76 40.04 37.66
C VAL N 41 -57.41 39.33 37.64
N HIS N 42 -56.57 39.63 36.66
CA HIS N 42 -55.28 38.96 36.55
C HIS N 42 -54.23 39.63 37.44
N TYR N 43 -53.94 40.90 37.20
CA TYR N 43 -52.93 41.59 37.99
C TYR N 43 -53.42 41.84 39.41
N ARG N 44 -52.48 41.84 40.35
CA ARG N 44 -52.81 42.06 41.75
C ARG N 44 -52.46 43.50 42.12
N PRO N 45 -53.44 44.35 42.39
CA PRO N 45 -53.14 45.75 42.67
C PRO N 45 -52.58 45.95 44.08
N HIS N 46 -51.92 47.09 44.26
CA HIS N 46 -51.40 47.50 45.55
C HIS N 46 -52.29 48.58 46.13
N GLY N 47 -52.73 48.38 47.37
CA GLY N 47 -53.70 49.30 47.97
C GLY N 47 -53.15 50.69 48.20
N ALA N 48 -51.92 50.78 48.72
CA ALA N 48 -51.36 52.06 49.08
C ALA N 48 -51.04 52.90 47.85
N LYS N 49 -51.43 54.18 47.89
CA LYS N 49 -51.10 55.09 46.80
C LYS N 49 -49.65 55.53 46.85
N PHE N 50 -49.07 55.64 48.04
CA PHE N 50 -47.67 56.01 48.22
C PHE N 50 -46.94 54.88 48.91
N LYS N 51 -45.71 54.61 48.45
CA LYS N 51 -44.92 53.51 48.96
C LYS N 51 -43.50 53.98 49.25
N ILE N 52 -42.80 53.22 50.08
CA ILE N 52 -41.42 53.52 50.46
C ILE N 52 -40.50 52.57 49.71
N ASN N 53 -39.52 53.12 49.01
CA ASN N 53 -38.58 52.30 48.24
C ASN N 53 -37.64 51.57 49.18
N PRO N 54 -37.59 50.24 49.15
CA PRO N 54 -36.68 49.52 50.07
C PRO N 54 -35.22 49.87 49.84
N LYS N 55 -34.82 50.08 48.58
CA LYS N 55 -33.43 50.44 48.30
C LYS N 55 -33.13 51.89 48.66
N ASN N 56 -34.07 52.79 48.37
CA ASN N 56 -33.83 54.22 48.52
C ASN N 56 -34.24 54.76 49.88
N TRP N 57 -35.15 54.08 50.59
CA TRP N 57 -35.67 54.54 51.88
C TRP N 57 -36.26 55.94 51.77
N GLN N 58 -37.04 56.18 50.72
CA GLN N 58 -37.66 57.47 50.49
C GLN N 58 -39.12 57.29 50.07
N ARG N 59 -39.92 58.32 50.32
CA ARG N 59 -41.32 58.31 49.94
C ARG N 59 -41.47 58.51 48.43
N GLU N 60 -42.18 57.60 47.78
CA GLU N 60 -42.37 57.66 46.34
C GLU N 60 -43.82 57.30 46.00
N ARG N 61 -44.26 57.78 44.84
CA ARG N 61 -45.62 57.55 44.38
C ARG N 61 -45.67 56.29 43.53
N VAL N 62 -46.75 55.52 43.68
CA VAL N 62 -46.94 54.29 42.93
C VAL N 62 -48.34 54.31 42.32
N GLU N 63 -48.46 53.74 41.12
CA GLU N 63 -49.72 53.74 40.38
C GLU N 63 -49.94 52.35 39.79
N ASP N 64 -51.20 51.88 39.86
CA ASP N 64 -51.55 50.59 39.29
C ASP N 64 -51.84 50.73 37.80
N VAL N 65 -51.19 49.89 37.00
CA VAL N 65 -51.39 49.86 35.54
C VAL N 65 -52.05 48.53 35.19
N PRO N 66 -53.25 48.54 34.62
CA PRO N 66 -53.91 47.27 34.28
C PRO N 66 -53.14 46.51 33.21
N ILE N 67 -53.21 45.18 33.31
CA ILE N 67 -52.57 44.30 32.35
C ILE N 67 -53.56 44.01 31.23
N PRO N 68 -53.22 44.30 29.97
CA PRO N 68 -54.17 44.04 28.88
C PRO N 68 -54.51 42.57 28.79
N VAL N 69 -55.79 42.28 28.50
CA VAL N 69 -56.29 40.93 28.39
C VAL N 69 -57.13 40.84 27.12
N HIS N 70 -56.95 39.77 26.36
CA HIS N 70 -57.64 39.57 25.09
C HIS N 70 -58.89 38.72 25.32
N TYR N 71 -60.02 39.19 24.79
CA TYR N 71 -61.29 38.49 24.91
C TYR N 71 -61.65 37.88 23.57
N PRO N 72 -61.55 36.55 23.40
CA PRO N 72 -61.91 35.93 22.13
C PRO N 72 -63.41 36.00 21.91
N PRO N 73 -63.86 35.93 20.65
CA PRO N 73 -65.32 35.93 20.39
C PRO N 73 -66.05 34.78 21.04
N GLU N 74 -65.37 33.67 21.33
CA GLU N 74 -66.02 32.55 22.01
C GLU N 74 -66.50 32.95 23.40
N SER N 75 -65.83 33.92 24.04
CA SER N 75 -66.20 34.32 25.38
C SER N 75 -67.56 35.01 25.42
N GLN N 76 -67.93 35.71 24.34
CA GLN N 76 -69.19 36.45 24.34
C GLN N 76 -70.40 35.55 24.39
N LEU N 77 -70.25 34.26 24.10
CA LEU N 77 -71.36 33.32 24.18
C LEU N 77 -71.52 32.71 25.57
N GLY N 78 -70.65 33.06 26.51
CA GLY N 78 -70.74 32.51 27.85
C GLY N 78 -70.46 33.53 28.95
N LEU N 79 -70.14 33.05 30.14
CA LEU N 79 -69.84 33.90 31.29
C LEU N 79 -68.48 33.48 31.85
N TRP N 80 -67.44 34.23 31.51
CA TRP N 80 -66.09 33.93 31.96
C TRP N 80 -65.69 34.72 33.20
N GLY N 81 -66.59 35.53 33.76
CA GLY N 81 -66.26 36.29 34.95
C GLY N 81 -65.37 37.48 34.73
N GLY N 82 -65.32 38.02 33.51
CA GLY N 82 -64.50 39.17 33.23
C GLY N 82 -63.04 38.90 32.96
N GLU N 83 -62.70 37.70 32.53
CA GLU N 83 -61.32 37.34 32.23
C GLU N 83 -61.25 36.67 30.86
N GLY N 84 -60.03 36.53 30.36
CA GLY N 84 -59.80 35.90 29.07
C GLY N 84 -58.34 35.56 28.85
N TRP N 85 -57.94 35.46 27.58
CA TRP N 85 -56.56 35.12 27.27
C TRP N 85 -55.63 36.26 27.65
N VAL N 86 -54.47 35.90 28.22
CA VAL N 86 -53.44 36.84 28.59
C VAL N 86 -52.29 36.67 27.60
N LEU N 87 -52.00 37.73 26.83
CA LEU N 87 -50.97 37.70 25.81
C LEU N 87 -49.75 38.48 26.29
N GLY N 88 -48.58 37.87 26.17
CA GLY N 88 -47.37 38.53 26.60
C GLY N 88 -46.17 37.63 26.39
N HIS N 89 -45.04 38.05 26.94
CA HIS N 89 -43.80 37.30 26.87
C HIS N 89 -43.42 36.80 28.26
N ARG N 90 -42.36 36.01 28.30
CA ARG N 90 -41.84 35.52 29.58
C ARG N 90 -40.37 35.15 29.40
N TYR N 91 -39.69 34.99 30.53
CA TYR N 91 -38.30 34.58 30.55
C TYR N 91 -38.22 33.12 31.01
N VAL N 92 -37.47 32.31 30.27
CA VAL N 92 -37.26 30.92 30.68
C VAL N 92 -36.41 30.89 31.95
N ASN N 93 -36.75 29.99 32.86
CA ASN N 93 -36.11 29.84 34.16
C ASN N 93 -36.27 31.07 35.04
N ASN N 94 -37.13 32.02 34.64
CA ASN N 94 -37.37 33.25 35.38
C ASN N 94 -36.09 34.05 35.61
N ASP N 95 -35.14 33.92 34.70
CA ASP N 95 -33.88 34.65 34.76
C ASP N 95 -33.87 35.72 33.68
N LYS N 96 -33.44 36.94 34.05
CA LYS N 96 -33.44 38.04 33.10
C LYS N 96 -32.51 37.78 31.93
N LEU N 97 -31.33 37.23 32.21
CA LEU N 97 -30.32 37.01 31.18
C LEU N 97 -30.62 35.80 30.30
N SER N 98 -31.81 35.23 30.39
CA SER N 98 -32.17 34.06 29.61
C SER N 98 -32.93 34.47 28.35
N LYS N 99 -33.40 33.46 27.61
CA LYS N 99 -34.11 33.70 26.36
C LYS N 99 -35.47 34.33 26.63
N ARG N 100 -35.91 35.17 25.69
CA ARG N 100 -37.25 35.74 25.73
C ARG N 100 -38.19 34.88 24.91
N VAL N 101 -39.33 34.51 25.50
CA VAL N 101 -40.22 33.52 24.95
C VAL N 101 -41.64 34.06 24.95
N ARG N 102 -42.34 33.90 23.83
CA ARG N 102 -43.76 34.24 23.76
C ARG N 102 -44.57 33.21 24.54
N LYS N 103 -45.48 33.67 25.38
CA LYS N 103 -46.30 32.78 26.19
C LYS N 103 -47.73 33.29 26.24
N VAL N 104 -48.68 32.36 26.11
CA VAL N 104 -50.10 32.67 26.16
C VAL N 104 -50.72 31.86 27.29
N TRP N 105 -51.42 32.54 28.20
CA TRP N 105 -52.11 31.88 29.30
C TRP N 105 -53.62 31.91 29.04
N LYS N 106 -54.24 30.73 29.13
CA LYS N 106 -55.65 30.60 28.84
C LYS N 106 -56.41 30.14 30.07
N PRO N 107 -57.59 30.69 30.33
CA PRO N 107 -58.40 30.22 31.45
C PRO N 107 -58.96 28.83 31.19
N GLN N 108 -59.20 28.09 32.27
CA GLN N 108 -59.75 26.75 32.20
C GLN N 108 -61.28 26.85 32.15
N LEU N 109 -61.86 26.39 31.05
CA LEU N 109 -63.29 26.52 30.82
C LEU N 109 -64.02 25.25 31.25
N PHE N 110 -65.24 25.43 31.77
CA PHE N 110 -66.07 24.32 32.22
C PHE N 110 -67.47 24.48 31.67
N GLN N 111 -68.16 23.35 31.52
CA GLN N 111 -69.51 23.31 30.98
C GLN N 111 -70.48 23.07 32.13
N ARG N 112 -71.30 24.08 32.43
CA ARG N 112 -72.28 23.99 33.50
C ARG N 112 -73.59 24.58 33.03
N GLU N 113 -74.68 24.15 33.66
CA GLU N 113 -76.01 24.70 33.44
C GLU N 113 -76.47 25.41 34.70
N LEU N 114 -76.95 26.63 34.54
CA LEU N 114 -77.32 27.48 35.67
C LEU N 114 -78.82 27.76 35.65
N TYR N 115 -79.37 28.01 36.83
CA TYR N 115 -80.79 28.24 37.02
C TYR N 115 -81.00 29.68 37.47
N SER N 116 -81.89 30.39 36.79
CA SER N 116 -82.23 31.78 37.13
C SER N 116 -83.67 31.84 37.61
N GLU N 117 -83.88 32.42 38.79
CA GLU N 117 -85.23 32.47 39.36
C GLU N 117 -86.12 33.44 38.59
N ILE N 118 -85.56 34.55 38.10
CA ILE N 118 -86.38 35.54 37.40
C ILE N 118 -86.97 34.96 36.12
N LEU N 119 -86.16 34.23 35.35
CA LEU N 119 -86.61 33.68 34.08
C LEU N 119 -87.12 32.25 34.17
N ASP N 120 -86.78 31.53 35.25
CA ASP N 120 -87.20 30.14 35.43
C ASP N 120 -86.82 29.27 34.23
N LYS N 121 -85.61 29.49 33.72
CA LYS N 121 -85.09 28.72 32.61
C LYS N 121 -83.65 28.33 32.90
N ARG N 122 -83.24 27.17 32.40
CA ARG N 122 -81.89 26.68 32.59
C ARG N 122 -81.06 26.94 31.35
N PHE N 123 -79.93 27.61 31.52
CA PHE N 123 -79.02 27.93 30.44
C PHE N 123 -77.71 27.17 30.64
N THR N 124 -77.31 26.41 29.61
CA THR N 124 -76.02 25.72 29.63
C THR N 124 -74.98 26.71 29.15
N VAL N 125 -74.20 27.26 30.08
CA VAL N 125 -73.30 28.36 29.81
C VAL N 125 -71.88 27.93 30.16
N THR N 126 -70.95 28.18 29.24
CA THR N 126 -69.53 27.93 29.50
C THR N 126 -69.05 28.91 30.57
N VAL N 127 -68.82 28.41 31.78
CA VAL N 127 -68.45 29.25 32.90
C VAL N 127 -67.08 28.83 33.41
N THR N 128 -66.43 29.75 34.12
CA THR N 128 -65.13 29.52 34.70
C THR N 128 -65.25 29.41 36.21
N MET N 129 -64.20 28.88 36.84
CA MET N 129 -64.20 28.73 38.29
C MET N 129 -64.32 30.08 39.00
N ARG N 130 -63.82 31.15 38.37
CA ARG N 130 -63.98 32.48 38.96
C ARG N 130 -65.43 32.93 38.92
N THR N 131 -66.14 32.60 37.84
CA THR N 131 -67.55 32.97 37.74
C THR N 131 -68.37 32.30 38.83
N LEU N 132 -68.11 31.02 39.09
CA LEU N 132 -68.84 30.31 40.14
C LEU N 132 -68.54 30.91 41.51
N ASP N 133 -67.29 31.31 41.74
CA ASP N 133 -66.95 31.97 43.00
C ASP N 133 -67.67 33.31 43.15
N LEU N 134 -67.80 34.05 42.05
CA LEU N 134 -68.55 35.30 42.09
C LEU N 134 -70.03 35.06 42.34
N ILE N 135 -70.58 33.95 41.83
CA ILE N 135 -71.97 33.62 42.09
C ILE N 135 -72.20 33.38 43.58
N ASP N 136 -71.31 32.63 44.21
CA ASP N 136 -71.43 32.39 45.65
C ASP N 136 -71.18 33.67 46.45
N GLN N 137 -70.28 34.53 45.96
CA GLN N 137 -70.02 35.79 46.66
C GLN N 137 -71.25 36.69 46.65
N ALA N 138 -71.98 36.71 45.54
CA ALA N 138 -73.20 37.51 45.45
C ALA N 138 -74.42 36.81 46.03
N CYS N 139 -74.26 35.55 46.48
CA CYS N 139 -75.34 34.78 47.11
C CYS N 139 -76.55 34.64 46.17
N GLY N 140 -76.26 34.25 44.93
CA GLY N 140 -77.32 34.04 43.96
C GLY N 140 -76.91 34.33 42.54
N PHE N 141 -77.36 33.50 41.60
CA PHE N 141 -77.04 33.73 40.19
C PHE N 141 -77.66 35.03 39.69
N ASP N 142 -78.92 35.28 40.04
CA ASP N 142 -79.58 36.51 39.62
C ASP N 142 -78.91 37.74 40.25
N PHE N 143 -78.49 37.62 41.50
CA PHE N 143 -77.79 38.72 42.15
C PHE N 143 -76.47 39.03 41.44
N TYR N 144 -75.74 37.99 41.01
CA TYR N 144 -74.47 38.20 40.34
C TYR N 144 -74.65 38.98 39.04
N ILE N 145 -75.68 38.65 38.26
CA ILE N 145 -75.93 39.37 37.03
C ILE N 145 -76.39 40.80 37.31
N LEU N 146 -77.28 40.97 38.28
CA LEU N 146 -77.89 42.27 38.53
C LEU N 146 -77.01 43.20 39.36
N LYS N 147 -75.94 42.69 39.99
CA LYS N 147 -75.05 43.53 40.79
C LYS N 147 -73.76 43.90 40.05
N THR N 148 -73.18 42.97 39.32
CA THR N 148 -71.94 43.26 38.60
C THR N 148 -72.22 44.23 37.45
N PRO N 149 -71.41 45.26 37.27
CA PRO N 149 -71.63 46.22 36.20
C PRO N 149 -71.15 45.66 34.86
N LYS N 150 -71.29 46.48 33.81
CA LYS N 150 -70.91 46.05 32.47
C LYS N 150 -69.41 45.81 32.37
N GLU N 151 -68.60 46.68 32.97
CA GLU N 151 -67.15 46.52 32.88
C GLU N 151 -66.66 45.27 33.59
N ASP N 152 -67.37 44.84 34.64
CA ASP N 152 -66.97 43.64 35.36
C ASP N 152 -67.44 42.36 34.65
N LEU N 153 -68.58 42.43 33.95
CA LEU N 153 -69.13 41.23 33.33
C LEU N 153 -68.40 40.90 32.03
N CYS N 154 -68.29 41.87 31.12
CA CYS N 154 -67.59 41.69 29.84
C CYS N 154 -68.13 40.50 29.06
N SER N 155 -69.44 40.52 28.81
CA SER N 155 -70.08 39.48 28.00
C SER N 155 -71.39 40.01 27.48
N LYS N 156 -71.58 39.93 26.16
CA LYS N 156 -72.85 40.37 25.57
C LYS N 156 -74.00 39.50 26.03
N PHE N 157 -73.76 38.21 26.27
CA PHE N 157 -74.80 37.34 26.82
C PHE N 157 -75.23 37.81 28.19
N GLY N 158 -74.27 38.23 29.03
CA GLY N 158 -74.63 38.71 30.35
C GLY N 158 -75.49 39.96 30.31
N MET N 159 -75.15 40.91 29.44
CA MET N 159 -75.94 42.13 29.31
C MET N 159 -77.35 41.82 28.82
N ASP N 160 -77.48 40.91 27.84
CA ASP N 160 -78.81 40.50 27.40
C ASP N 160 -79.54 39.76 28.50
N LEU N 161 -78.82 38.94 29.27
CA LEU N 161 -79.45 38.23 30.38
C LEU N 161 -79.94 39.21 31.44
N LYS N 162 -79.14 40.24 31.74
CA LYS N 162 -79.58 41.29 32.65
C LYS N 162 -80.76 42.06 32.09
N ARG N 163 -80.71 42.41 30.80
CA ARG N 163 -81.78 43.17 30.19
C ARG N 163 -83.08 42.39 30.16
N GLY N 164 -82.99 41.07 29.95
CA GLY N 164 -84.20 40.24 30.00
C GLY N 164 -84.84 40.23 31.37
N MET N 165 -84.02 40.11 32.42
CA MET N 165 -84.55 40.11 33.77
C MET N 165 -84.96 41.50 34.23
N LEU N 166 -84.21 42.53 33.83
CA LEU N 166 -84.56 43.89 34.20
C LEU N 166 -85.91 44.30 33.62
N LEU N 167 -86.18 43.91 32.37
CA LEU N 167 -87.50 44.15 31.79
C LEU N 167 -88.57 43.33 32.49
N ARG N 168 -88.22 42.13 32.96
CA ARG N 168 -89.20 41.29 33.64
C ARG N 168 -89.71 41.95 34.91
N LEU N 169 -88.82 42.56 35.69
CA LEU N 169 -89.24 43.20 36.93
C LEU N 169 -90.05 44.47 36.66
N ALA N 170 -89.58 45.31 35.75
CA ALA N 170 -90.26 46.58 35.49
C ALA N 170 -91.65 46.35 34.91
N ARG N 171 -91.78 45.42 33.97
CA ARG N 171 -93.08 45.13 33.39
C ARG N 171 -93.98 44.36 34.36
N GLN N 172 -93.40 43.68 35.34
CA GLN N 172 -94.14 42.86 36.29
C GLN N 172 -95.00 41.84 35.54
N ASP N 173 -94.35 41.07 34.69
CA ASP N 173 -95.06 40.15 33.81
C ASP N 173 -95.70 39.02 34.61
N PRO N 174 -97.01 38.80 34.49
CA PRO N 174 -97.65 37.68 35.18
C PRO N 174 -97.35 36.32 34.56
N GLN N 175 -96.56 36.26 33.49
CA GLN N 175 -96.26 35.01 32.81
C GLN N 175 -95.17 34.22 33.51
N LEU N 176 -94.57 34.75 34.59
CA LEU N 176 -93.55 34.01 35.31
C LEU N 176 -94.13 32.74 35.93
N HIS N 177 -95.30 32.84 36.55
CA HIS N 177 -95.99 31.68 37.12
C HIS N 177 -97.49 31.94 37.08
N PRO N 178 -98.16 31.52 36.01
CA PRO N 178 -99.60 31.77 35.90
C PRO N 178 -100.43 31.06 36.96
N ASP N 179 -99.89 30.03 37.60
CA ASP N 179 -100.66 29.23 38.57
C ASP N 179 -100.29 29.50 40.01
N ASP N 180 -99.19 30.21 40.27
CA ASP N 180 -98.72 30.48 41.63
C ASP N 180 -98.51 31.98 41.80
N PRO N 181 -99.59 32.74 41.98
CA PRO N 181 -99.42 34.19 42.22
C PRO N 181 -98.62 34.50 43.48
N ALA N 182 -98.72 33.67 44.52
CA ALA N 182 -97.92 33.90 45.72
C ALA N 182 -96.44 33.74 45.44
N ARG N 183 -96.08 32.74 44.63
CA ARG N 183 -94.68 32.55 44.25
C ARG N 183 -94.16 33.74 43.44
N ARG N 184 -95.01 34.32 42.58
CA ARG N 184 -94.60 35.47 41.78
C ARG N 184 -94.20 36.64 42.66
N ALA N 185 -95.00 36.93 43.69
CA ALA N 185 -94.69 38.05 44.57
C ALA N 185 -93.39 37.82 45.33
N ALA N 186 -93.14 36.58 45.75
CA ALA N 186 -91.93 36.28 46.51
C ALA N 186 -90.67 36.53 45.68
N ILE N 187 -90.70 36.16 44.40
CA ILE N 187 -89.51 36.30 43.56
C ILE N 187 -89.16 37.77 43.36
N TYR N 188 -90.15 38.59 43.00
CA TYR N 188 -89.89 40.00 42.76
C TYR N 188 -89.68 40.80 44.04
N ASP N 189 -90.02 40.23 45.20
CA ASP N 189 -89.84 40.97 46.45
C ASP N 189 -88.37 41.07 46.82
N ARG N 190 -87.60 40.00 46.60
CA ARG N 190 -86.19 40.00 47.00
C ARG N 190 -85.37 40.97 46.14
N TYR N 191 -85.69 41.07 44.85
CA TYR N 191 -84.95 41.92 43.93
C TYR N 191 -85.59 43.28 43.76
N LYS N 192 -86.23 43.79 44.81
CA LYS N 192 -86.93 45.08 44.72
C LYS N 192 -85.96 46.25 44.61
N ALA N 193 -84.71 46.09 45.05
CA ALA N 193 -83.75 47.18 44.99
C ALA N 193 -83.19 47.40 43.60
N PHE N 194 -83.36 46.44 42.70
CA PHE N 194 -82.86 46.54 41.33
C PHE N 194 -83.92 46.98 40.34
N VAL N 195 -85.10 47.36 40.81
CA VAL N 195 -86.18 47.75 39.91
C VAL N 195 -85.83 49.08 39.25
N ILE N 196 -85.98 49.13 37.93
CA ILE N 196 -85.67 50.33 37.16
C ILE N 196 -86.85 50.63 36.25
N PRO N 197 -87.08 51.88 35.87
CA PRO N 197 -88.24 52.20 35.03
C PRO N 197 -88.14 51.55 33.65
N GLU N 198 -89.28 51.49 32.97
CA GLU N 198 -89.36 50.79 31.69
C GLU N 198 -88.45 51.41 30.65
N ALA N 199 -88.37 52.74 30.61
CA ALA N 199 -87.54 53.42 29.61
C ALA N 199 -86.05 53.18 29.82
N GLU N 200 -85.65 52.65 30.97
CA GLU N 200 -84.25 52.37 31.25
C GLU N 200 -83.89 50.90 31.13
N ALA N 201 -84.87 50.00 31.28
CA ALA N 201 -84.59 48.57 31.34
C ALA N 201 -84.42 47.92 29.97
N GLU N 202 -84.79 48.61 28.89
CA GLU N 202 -84.66 48.05 27.55
C GLU N 202 -83.51 48.65 26.75
N TRP N 203 -82.56 49.31 27.42
CA TRP N 203 -81.40 49.86 26.75
C TRP N 203 -80.09 49.50 27.45
N VAL N 204 -80.12 48.60 28.42
CA VAL N 204 -78.90 48.29 29.18
C VAL N 204 -78.03 47.27 28.46
N GLY N 205 -78.62 46.34 27.71
CA GLY N 205 -77.85 45.29 27.07
C GLY N 205 -77.64 45.49 25.59
N LEU N 206 -77.87 46.71 25.10
CA LEU N 206 -77.77 47.00 23.68
C LEU N 206 -76.41 47.62 23.36
N THR N 207 -75.80 47.15 22.27
CA THR N 207 -74.57 47.74 21.76
C THR N 207 -74.90 48.96 20.91
N LEU N 208 -73.85 49.60 20.39
CA LEU N 208 -74.06 50.79 19.56
C LEU N 208 -74.83 50.45 18.29
N ASP N 209 -74.48 49.35 17.63
CA ASP N 209 -75.15 48.98 16.39
C ASP N 209 -76.61 48.58 16.64
N GLU N 210 -76.86 47.85 17.72
CA GLU N 210 -78.24 47.42 18.01
C GLU N 210 -79.13 48.61 18.33
N ALA N 211 -78.59 49.59 19.06
CA ALA N 211 -79.39 50.75 19.45
C ALA N 211 -79.81 51.57 18.23
N VAL N 212 -78.90 51.75 17.28
CA VAL N 212 -79.22 52.52 16.08
C VAL N 212 -80.33 51.85 15.29
N GLU N 213 -80.27 50.52 15.16
CA GLU N 213 -81.34 49.79 14.48
C GLU N 213 -82.67 49.95 15.23
N LYS N 214 -82.65 49.85 16.55
CA LYS N 214 -83.87 50.02 17.33
C LYS N 214 -84.40 51.45 17.22
N GLN N 215 -83.50 52.44 17.25
CA GLN N 215 -83.92 53.82 17.11
C GLN N 215 -84.54 54.09 15.75
N ARG N 216 -83.93 53.54 14.68
CA ARG N 216 -84.48 53.73 13.35
C ARG N 216 -85.86 53.09 13.23
N LEU N 217 -86.05 51.92 13.84
CA LEU N 217 -87.33 51.21 13.72
C LEU N 217 -88.46 52.02 14.33
N LEU N 218 -88.22 52.66 15.48
CA LEU N 218 -89.25 53.49 16.09
C LEU N 218 -89.52 54.74 15.26
N GLU N 219 -88.49 55.31 14.65
CA GLU N 219 -88.62 56.52 13.86
C GLU N 219 -88.93 56.24 12.39
N GLU N 220 -89.07 54.98 12.01
CA GLU N 220 -89.37 54.63 10.61
C GLU N 220 -90.80 55.04 10.31
N LYS N 221 -90.96 56.20 9.66
CA LYS N 221 -92.26 56.74 9.33
C LYS N 221 -92.36 56.92 7.82
N ASP N 222 -93.46 56.44 7.23
CA ASP N 222 -93.69 56.65 5.83
C ASP N 222 -93.93 58.14 5.56
N PRO N 223 -93.48 58.65 4.41
CA PRO N 223 -93.69 60.07 4.11
C PRO N 223 -95.17 60.40 4.02
N ILE N 224 -95.52 61.57 4.53
CA ILE N 224 -96.92 62.03 4.51
C ILE N 224 -97.22 62.58 3.12
N PRO N 225 -98.26 62.09 2.45
CA PRO N 225 -98.56 62.58 1.10
C PRO N 225 -98.88 64.07 1.12
N LEU N 226 -98.47 64.76 0.05
CA LEU N 226 -98.70 66.19 -0.04
C LEU N 226 -100.17 66.53 -0.18
N PHE N 227 -101.02 65.57 -0.54
CA PHE N 227 -102.46 65.82 -0.58
C PHE N 227 -103.00 66.11 0.81
N LYS N 228 -102.57 65.34 1.82
CA LYS N 228 -103.01 65.58 3.19
C LYS N 228 -102.51 66.92 3.71
N ILE N 229 -101.27 67.28 3.41
CA ILE N 229 -100.72 68.56 3.87
C ILE N 229 -101.48 69.72 3.24
N PHE N 230 -101.76 69.63 1.94
CA PHE N 230 -102.44 70.72 1.26
C PHE N 230 -103.90 70.86 1.71
N VAL N 231 -104.56 69.75 2.00
CA VAL N 231 -105.95 69.82 2.46
C VAL N 231 -106.04 70.56 3.79
N GLU N 232 -105.13 70.25 4.72
CA GLU N 232 -105.12 70.96 6.00
C GLU N 232 -104.83 72.44 5.81
N GLU N 233 -103.93 72.76 4.88
CA GLU N 233 -103.63 74.18 4.61
C GLU N 233 -104.86 74.90 4.08
N LEU N 234 -105.61 74.27 3.18
CA LEU N 234 -106.80 74.91 2.62
C LEU N 234 -107.89 75.09 3.65
N LEU N 235 -108.09 74.09 4.52
CA LEU N 235 -109.12 74.20 5.55
C LEU N 235 -108.82 75.34 6.52
N GLY N 236 -107.55 75.54 6.86
CA GLY N 236 -107.19 76.64 7.73
C GLY N 236 -107.51 78.00 7.13
N GLN N 237 -107.22 78.16 5.84
CA GLN N 237 -107.55 79.42 5.17
C GLN N 237 -109.06 79.62 5.09
N LEU N 238 -109.82 78.56 4.80
CA LEU N 238 -111.26 78.69 4.70
C LEU N 238 -111.87 79.04 6.06
N GLN N 239 -111.40 78.40 7.13
CA GLN N 239 -111.89 78.75 8.46
C GLN N 239 -111.47 80.16 8.86
N GLN N 240 -110.26 80.56 8.47
CA GLN N 240 -109.81 81.93 8.73
C GLN N 240 -110.70 82.94 8.02
N GLN N 241 -111.07 82.65 6.76
CA GLN N 241 -111.98 83.53 6.05
C GLN N 241 -113.37 83.50 6.68
N ALA N 242 -113.80 82.33 7.17
CA ALA N 242 -115.12 82.23 7.79
C ALA N 242 -115.21 83.09 9.05
N LEU N 243 -114.16 83.10 9.86
CA LEU N 243 -114.15 83.90 11.09
C LEU N 243 -113.91 85.38 10.82
N SER N 244 -113.54 85.75 9.59
CA SER N 244 -113.35 87.15 9.23
C SER N 244 -114.63 87.84 8.79
N GLU N 245 -115.73 87.10 8.66
CA GLU N 245 -117.00 87.68 8.25
C GLU N 245 -117.98 87.73 9.42
N GLY O 63 -96.33 52.74 -47.18
CA GLY O 63 -96.00 53.79 -46.23
C GLY O 63 -94.53 53.84 -45.88
N LEU O 64 -93.71 53.22 -46.73
CA LEU O 64 -92.27 53.17 -46.51
C LEU O 64 -91.55 54.43 -47.00
N GLU O 65 -92.25 55.32 -47.70
CA GLU O 65 -91.66 56.57 -48.17
C GLU O 65 -91.55 57.60 -47.06
N GLU O 66 -92.15 57.36 -45.89
CA GLU O 66 -92.11 58.31 -44.79
C GLU O 66 -90.69 58.54 -44.29
N PHE O 67 -89.79 57.59 -44.50
CA PHE O 67 -88.40 57.77 -44.08
C PHE O 67 -87.66 58.81 -44.91
N PHE O 68 -88.23 59.25 -46.02
CA PHE O 68 -87.60 60.26 -46.87
C PHE O 68 -88.51 61.46 -47.00
N ASP O 69 -87.91 62.62 -47.24
CA ASP O 69 -88.67 63.84 -47.46
C ASP O 69 -89.38 63.77 -48.81
N ASP O 70 -90.25 64.75 -49.05
CA ASP O 70 -90.98 64.78 -50.31
C ASP O 70 -90.02 65.00 -51.47
N PRO O 71 -90.30 64.41 -52.63
CA PRO O 71 -89.33 64.47 -53.75
C PRO O 71 -89.02 65.88 -54.21
N LYS O 72 -89.91 66.84 -54.00
CA LYS O 72 -89.65 68.20 -54.43
C LYS O 72 -88.49 68.84 -53.66
N ASN O 73 -88.13 68.29 -52.50
CA ASN O 73 -87.15 68.90 -51.61
C ASN O 73 -85.84 68.12 -51.54
N TRP O 74 -85.67 67.09 -52.39
CA TRP O 74 -84.48 66.26 -52.30
C TRP O 74 -83.22 67.03 -52.72
N GLY O 75 -83.30 67.76 -53.82
CA GLY O 75 -82.14 68.44 -54.35
C GLY O 75 -81.90 69.85 -53.83
N GLU O 76 -82.70 70.31 -52.88
CA GLU O 76 -82.55 71.68 -52.37
C GLU O 76 -81.35 71.75 -51.44
N GLU O 77 -80.49 72.75 -51.67
CA GLU O 77 -79.27 72.86 -50.87
C GLU O 77 -79.56 73.40 -49.47
N LYS O 78 -80.54 74.30 -49.35
CA LYS O 78 -80.92 74.86 -48.06
C LYS O 78 -82.43 74.73 -47.88
N VAL O 79 -82.84 74.17 -46.75
CA VAL O 79 -84.25 73.98 -46.41
C VAL O 79 -84.55 74.74 -45.13
N LYS O 80 -85.59 75.56 -45.15
CA LYS O 80 -85.97 76.34 -43.99
C LYS O 80 -86.97 75.56 -43.12
N SER O 81 -86.93 75.85 -41.83
CA SER O 81 -87.82 75.19 -40.88
C SER O 81 -88.16 76.17 -39.75
N GLY O 82 -89.26 75.88 -39.06
CA GLY O 82 -89.69 76.71 -37.97
C GLY O 82 -88.92 76.43 -36.69
N ALA O 83 -89.29 77.18 -35.65
CA ALA O 83 -88.64 77.02 -34.36
C ALA O 83 -89.11 75.74 -33.66
N SER O 84 -88.29 75.28 -32.72
CA SER O 84 -88.63 74.11 -31.94
C SER O 84 -89.67 74.46 -30.88
N TRP O 85 -90.37 73.43 -30.41
CA TRP O 85 -91.36 73.62 -29.36
C TRP O 85 -90.68 73.99 -28.05
N THR O 86 -91.16 75.06 -27.43
CA THR O 86 -90.64 75.47 -26.13
C THR O 86 -91.37 74.72 -25.02
N CYS O 87 -90.79 74.79 -23.82
CA CYS O 87 -91.36 74.06 -22.68
C CYS O 87 -92.74 74.59 -22.32
N GLN O 88 -92.92 75.91 -22.36
CA GLN O 88 -94.20 76.49 -21.95
C GLN O 88 -95.34 76.08 -22.86
N GLN O 89 -95.09 76.01 -24.18
CA GLN O 89 -96.16 75.72 -25.13
C GLN O 89 -96.73 74.33 -24.92
N LEU O 90 -95.89 73.37 -24.52
CA LEU O 90 -96.36 72.00 -24.33
C LEU O 90 -97.14 71.80 -23.04
N ARG O 91 -97.04 72.73 -22.09
CA ARG O 91 -97.82 72.62 -20.87
C ARG O 91 -99.29 72.97 -21.10
N ASN O 92 -99.60 73.70 -22.16
CA ASN O 92 -100.99 74.02 -22.48
C ASN O 92 -101.69 72.91 -23.24
N LYS O 93 -100.96 71.93 -23.75
CA LYS O 93 -101.54 70.83 -24.50
C LYS O 93 -101.98 69.72 -23.55
N SER O 94 -103.00 68.98 -23.97
CA SER O 94 -103.51 67.88 -23.17
C SER O 94 -102.57 66.68 -23.25
N ASN O 95 -102.76 65.74 -22.32
CA ASN O 95 -101.95 64.53 -22.32
C ASN O 95 -102.20 63.71 -23.58
N GLU O 96 -103.45 63.66 -24.04
CA GLU O 96 -103.74 63.03 -25.32
C GLU O 96 -103.05 63.75 -26.46
N ASP O 97 -103.01 65.08 -26.40
CA ASP O 97 -102.36 65.86 -27.45
C ASP O 97 -100.86 65.59 -27.50
N LEU O 98 -100.20 65.49 -26.33
CA LEU O 98 -98.78 65.22 -26.31
C LEU O 98 -98.46 63.84 -26.87
N HIS O 99 -99.33 62.87 -26.63
CA HIS O 99 -99.11 61.53 -27.14
C HIS O 99 -99.08 61.52 -28.66
N LYS O 100 -100.01 62.25 -29.29
CA LYS O 100 -100.02 62.33 -30.75
C LYS O 100 -98.86 63.13 -31.29
N LEU O 101 -98.46 64.19 -30.58
CA LEU O 101 -97.34 65.01 -31.04
C LEU O 101 -96.02 64.26 -30.95
N TRP O 102 -95.91 63.31 -30.02
CA TRP O 102 -94.66 62.56 -29.90
C TRP O 102 -94.35 61.77 -31.15
N TYR O 103 -95.37 61.16 -31.76
CA TYR O 103 -95.14 60.38 -32.97
C TYR O 103 -94.91 61.28 -34.18
N VAL O 104 -95.52 62.47 -34.21
CA VAL O 104 -95.23 63.42 -35.27
C VAL O 104 -93.76 63.83 -35.23
N LEU O 105 -93.24 64.07 -34.03
CA LEU O 105 -91.80 64.30 -33.87
C LEU O 105 -91.01 63.04 -34.21
N LEU O 106 -91.54 61.86 -33.85
CA LEU O 106 -90.81 60.61 -34.10
C LEU O 106 -90.62 60.36 -35.58
N LYS O 107 -91.66 60.58 -36.38
CA LYS O 107 -91.54 60.38 -37.83
C LYS O 107 -90.58 61.40 -38.45
N GLU O 108 -90.55 62.62 -37.92
CA GLU O 108 -89.62 63.63 -38.43
C GLU O 108 -88.18 63.27 -38.10
N ARG O 109 -87.93 62.77 -36.88
CA ARG O 109 -86.55 62.50 -36.47
C ARG O 109 -85.96 61.33 -37.25
N ASN O 110 -86.77 60.32 -37.57
CA ASN O 110 -86.28 59.19 -38.36
C ASN O 110 -85.84 59.64 -39.74
N MET O 111 -86.61 60.54 -40.36
CA MET O 111 -86.25 61.02 -41.69
C MET O 111 -84.95 61.82 -41.67
N LEU O 112 -84.77 62.65 -40.64
CA LEU O 112 -83.55 63.45 -40.55
C LEU O 112 -82.31 62.58 -40.36
N LEU O 113 -82.43 61.52 -39.55
CA LEU O 113 -81.29 60.63 -39.36
C LEU O 113 -80.94 59.89 -40.64
N THR O 114 -81.95 59.49 -41.41
CA THR O 114 -81.70 58.84 -42.69
C THR O 114 -80.97 59.78 -43.65
N LEU O 115 -81.41 61.03 -43.73
CA LEU O 115 -80.74 61.99 -44.61
C LEU O 115 -79.31 62.27 -44.14
N GLU O 116 -79.11 62.37 -42.83
CA GLU O 116 -77.77 62.65 -42.31
C GLU O 116 -76.80 61.52 -42.65
N GLN O 117 -77.23 60.28 -42.50
CA GLN O 117 -76.36 59.15 -42.85
C GLN O 117 -76.10 59.11 -44.36
N GLU O 118 -77.12 59.38 -45.16
CA GLU O 118 -76.94 59.40 -46.61
C GLU O 118 -75.99 60.50 -47.05
N ALA O 119 -75.93 61.61 -46.29
CA ALA O 119 -75.01 62.68 -46.61
C ALA O 119 -73.56 62.20 -46.51
N LYS O 120 -73.24 61.44 -45.46
CA LYS O 120 -71.89 60.90 -45.34
C LYS O 120 -71.57 59.91 -46.44
N ARG O 121 -72.56 59.09 -46.83
CA ARG O 121 -72.35 58.10 -47.88
C ARG O 121 -72.03 58.77 -49.20
N GLN O 122 -72.73 59.86 -49.52
CA GLN O 122 -72.50 60.59 -50.78
C GLN O 122 -71.37 61.60 -50.67
N ARG O 123 -70.74 61.72 -49.50
CA ARG O 123 -69.65 62.66 -49.27
C ARG O 123 -70.09 64.10 -49.58
N LEU O 124 -71.30 64.44 -49.16
CA LEU O 124 -71.86 65.77 -49.35
C LEU O 124 -72.42 66.28 -48.04
N PRO O 125 -72.41 67.59 -47.83
CA PRO O 125 -72.95 68.13 -46.57
C PRO O 125 -74.44 67.91 -46.45
N MET O 126 -74.88 67.76 -45.20
CA MET O 126 -76.31 67.61 -44.93
C MET O 126 -77.01 68.94 -45.10
N PRO O 127 -78.09 69.01 -45.89
CA PRO O 127 -78.78 70.28 -46.10
C PRO O 127 -79.45 70.77 -44.82
N SER O 128 -79.01 71.94 -44.33
CA SER O 128 -79.55 72.57 -43.14
C SER O 128 -79.56 71.60 -41.96
N PRO O 129 -78.39 71.25 -41.41
CA PRO O 129 -78.35 70.23 -40.35
C PRO O 129 -79.01 70.66 -39.05
N GLU O 130 -79.30 71.95 -38.87
CA GLU O 130 -79.87 72.42 -37.62
C GLU O 130 -81.28 71.91 -37.38
N ARG O 131 -81.93 71.32 -38.39
CA ARG O 131 -83.25 70.75 -38.19
C ARG O 131 -83.21 69.61 -37.18
N LEU O 132 -82.18 68.77 -37.25
CA LEU O 132 -82.05 67.68 -36.28
C LEU O 132 -81.87 68.21 -34.86
N GLU O 133 -81.11 69.30 -34.71
CA GLU O 133 -80.92 69.89 -33.39
C GLU O 133 -82.22 70.42 -32.83
N LYS O 134 -83.07 71.01 -33.69
CA LYS O 134 -84.36 71.51 -33.23
C LYS O 134 -85.29 70.38 -32.80
N VAL O 135 -85.30 69.28 -33.56
CA VAL O 135 -86.22 68.18 -33.27
C VAL O 135 -85.85 67.51 -31.95
N VAL O 136 -84.56 67.23 -31.74
CA VAL O 136 -84.15 66.57 -30.51
C VAL O 136 -84.42 67.46 -29.30
N ASP O 137 -84.31 68.78 -29.45
CA ASP O 137 -84.69 69.68 -28.37
C ASP O 137 -86.18 69.60 -28.08
N SER O 138 -87.00 69.48 -29.12
CA SER O 138 -88.44 69.32 -28.92
C SER O 138 -88.74 68.01 -28.19
N MET O 139 -88.01 66.94 -28.54
CA MET O 139 -88.21 65.66 -27.85
C MET O 139 -87.90 65.77 -26.37
N ASP O 140 -86.79 66.43 -26.02
CA ASP O 140 -86.43 66.57 -24.62
C ASP O 140 -87.44 67.41 -23.86
N ALA O 141 -87.94 68.49 -24.48
CA ALA O 141 -88.94 69.31 -23.84
C ALA O 141 -90.23 68.54 -23.60
N LEU O 142 -90.64 67.72 -24.58
CA LEU O 142 -91.84 66.91 -24.41
C LEU O 142 -91.65 65.88 -23.30
N ASP O 143 -90.46 65.28 -23.21
CA ASP O 143 -90.20 64.34 -22.13
C ASP O 143 -90.21 65.05 -20.77
N LYS O 144 -89.70 66.27 -20.71
CA LYS O 144 -89.64 66.98 -19.44
C LYS O 144 -91.03 67.29 -18.91
N VAL O 145 -91.93 67.78 -19.77
CA VAL O 145 -93.22 68.25 -19.30
C VAL O 145 -94.09 67.08 -18.82
N VAL O 146 -94.02 65.95 -19.53
CA VAL O 146 -94.77 64.77 -19.09
C VAL O 146 -94.21 64.26 -17.76
N GLN O 147 -92.88 64.25 -17.62
CA GLN O 147 -92.28 63.88 -16.35
C GLN O 147 -92.63 64.88 -15.26
N GLU O 148 -92.78 66.16 -15.63
CA GLU O 148 -93.22 67.15 -14.66
C GLU O 148 -94.64 66.89 -14.18
N ARG O 149 -95.45 66.19 -14.98
CA ARG O 149 -96.78 65.80 -14.54
C ARG O 149 -96.76 64.50 -13.74
N GLU O 150 -95.82 63.60 -14.05
CA GLU O 150 -95.77 62.34 -13.33
C GLU O 150 -95.31 62.53 -11.88
N ASP O 151 -94.22 63.28 -11.68
CA ASP O 151 -93.70 63.48 -10.33
C ASP O 151 -94.65 64.32 -9.49
N ALA O 152 -95.27 65.33 -10.11
CA ALA O 152 -96.24 66.15 -9.39
C ALA O 152 -97.43 65.32 -8.93
N LEU O 153 -97.93 64.45 -9.81
CA LEU O 153 -99.05 63.59 -9.43
C LEU O 153 -98.61 62.54 -8.41
N ARG O 154 -97.37 62.05 -8.53
CA ARG O 154 -96.87 61.08 -7.54
C ARG O 154 -96.73 61.71 -6.17
N LEU O 155 -96.27 62.96 -6.11
CA LEU O 155 -96.12 63.64 -4.82
C LEU O 155 -97.47 63.80 -4.12
N LEU O 156 -98.50 64.16 -4.87
CA LEU O 156 -99.83 64.31 -4.27
C LEU O 156 -100.35 62.98 -3.73
N GLN O 157 -100.18 61.90 -4.50
CA GLN O 157 -100.74 60.62 -4.10
C GLN O 157 -99.90 59.91 -3.04
N THR O 158 -98.57 59.93 -3.20
CA THR O 158 -97.69 59.21 -2.30
C THR O 158 -96.67 60.08 -1.57
N GLY O 159 -96.17 61.14 -2.19
CA GLY O 159 -95.19 61.99 -1.56
C GLY O 159 -93.75 61.54 -1.67
N GLN O 160 -93.47 60.51 -2.47
CA GLN O 160 -92.11 60.04 -2.64
C GLN O 160 -91.42 60.82 -3.76
N GLU O 161 -90.19 61.27 -3.50
CA GLU O 161 -89.49 62.09 -4.47
C GLU O 161 -89.10 61.28 -5.71
N LYS O 162 -88.66 60.04 -5.53
CA LYS O 162 -88.13 59.23 -6.62
C LYS O 162 -89.08 58.09 -6.95
N ALA O 163 -89.19 57.79 -8.24
CA ALA O 163 -90.11 56.77 -8.71
C ALA O 163 -89.56 55.35 -8.61
N ARG O 164 -88.28 55.18 -8.31
CA ARG O 164 -87.70 53.86 -8.13
C ARG O 164 -87.22 53.69 -6.70
N PRO O 165 -87.75 52.72 -5.96
CA PRO O 165 -87.38 52.58 -4.55
C PRO O 165 -85.89 52.29 -4.37
N GLY O 166 -85.34 52.82 -3.28
CA GLY O 166 -83.94 52.61 -2.97
C GLY O 166 -83.64 53.14 -1.58
N ALA O 167 -82.45 52.77 -1.09
CA ALA O 167 -82.01 53.21 0.23
C ALA O 167 -80.50 53.40 0.20
N TRP O 168 -80.02 54.28 1.07
CA TRP O 168 -78.59 54.53 1.18
C TRP O 168 -77.91 53.34 1.87
N ARG O 169 -76.85 52.84 1.25
CA ARG O 169 -76.10 51.71 1.78
C ARG O 169 -74.61 52.01 1.75
N ARG O 170 -73.87 51.30 2.62
CA ARG O 170 -72.43 51.39 2.68
C ARG O 170 -71.84 50.10 2.10
N ASP O 171 -71.14 50.22 0.98
CA ASP O 171 -70.58 49.06 0.30
C ASP O 171 -69.33 48.58 1.01
N ILE O 172 -68.72 47.52 0.45
CA ILE O 172 -67.52 46.95 1.04
C ILE O 172 -66.36 47.93 0.99
N PHE O 173 -66.35 48.84 0.01
CA PHE O 173 -65.26 49.78 -0.15
C PHE O 173 -65.32 50.96 0.82
N GLY O 174 -66.39 51.05 1.62
CA GLY O 174 -66.53 52.12 2.58
C GLY O 174 -67.25 53.35 2.06
N ARG O 175 -67.58 53.41 0.77
CA ARG O 175 -68.28 54.55 0.23
C ARG O 175 -69.76 54.52 0.63
N ILE O 176 -70.44 55.61 0.34
CA ILE O 176 -71.89 55.71 0.48
C ILE O 176 -72.49 55.68 -0.92
N ILE O 177 -73.29 54.66 -1.20
CA ILE O 177 -73.82 54.41 -2.53
C ILE O 177 -75.35 54.35 -2.45
N TRP O 178 -76.02 55.06 -3.36
CA TRP O 178 -77.47 55.00 -3.46
C TRP O 178 -77.84 53.74 -4.22
N HIS O 179 -78.24 52.70 -3.49
CA HIS O 179 -78.51 51.39 -4.07
C HIS O 179 -79.95 51.34 -4.56
N LYS O 180 -80.13 51.38 -5.88
CA LYS O 180 -81.45 51.22 -6.45
C LYS O 180 -81.94 49.79 -6.26
N PHE O 181 -83.24 49.65 -6.09
CA PHE O 181 -83.83 48.33 -5.91
C PHE O 181 -84.14 47.68 -7.26
N LYS O 182 -84.28 46.36 -7.24
CA LYS O 182 -84.58 45.58 -8.43
C LYS O 182 -85.83 44.74 -8.17
N GLN O 183 -86.48 44.34 -9.26
CA GLN O 183 -87.70 43.56 -9.18
C GLN O 183 -87.37 42.07 -9.10
N TRP O 184 -87.87 41.42 -8.06
CA TRP O 184 -87.65 40.00 -7.87
C TRP O 184 -88.97 39.32 -7.52
N PRO O 185 -89.16 38.07 -7.94
CA PRO O 185 -90.37 37.33 -7.54
C PRO O 185 -90.28 36.62 -6.20
N ILE O 186 -89.12 36.67 -5.54
CA ILE O 186 -88.94 36.02 -4.24
C ILE O 186 -88.37 37.04 -3.27
N PRO O 187 -88.60 36.86 -1.96
CA PRO O 187 -88.11 37.86 -0.99
C PRO O 187 -86.60 37.96 -0.94
N TRP O 188 -86.09 38.92 -0.16
CA TRP O 188 -84.66 39.15 -0.12
C TRP O 188 -83.92 37.97 0.51
N TYR O 189 -84.49 37.35 1.54
CA TYR O 189 -83.78 36.28 2.24
C TYR O 189 -83.80 34.96 1.48
N LEU O 190 -84.62 34.81 0.45
CA LEU O 190 -84.66 33.60 -0.35
C LEU O 190 -83.91 33.73 -1.67
N ASN O 191 -83.13 34.80 -1.84
CA ASN O 191 -82.40 35.04 -3.08
C ASN O 191 -80.95 34.62 -2.87
N LYS O 192 -80.48 33.70 -3.72
CA LYS O 192 -79.09 33.24 -3.62
C LYS O 192 -78.12 34.33 -4.05
N LYS O 193 -78.40 34.98 -5.19
CA LYS O 193 -77.47 36.00 -5.69
C LYS O 193 -77.44 37.22 -4.79
N TYR O 194 -78.61 37.68 -4.33
CA TYR O 194 -78.66 38.90 -3.53
C TYR O 194 -77.96 38.71 -2.19
N ASN O 195 -78.15 37.55 -1.56
CA ASN O 195 -77.54 37.30 -0.26
C ASN O 195 -76.02 37.21 -0.32
N ARG O 196 -75.44 37.09 -1.51
CA ARG O 196 -73.99 37.08 -1.64
C ARG O 196 -73.39 38.48 -1.66
N LYS O 197 -74.15 39.49 -2.07
CA LYS O 197 -73.67 40.86 -2.00
C LYS O 197 -73.60 41.31 -0.54
N ARG O 198 -72.60 42.13 -0.23
CA ARG O 198 -72.37 42.60 1.13
C ARG O 198 -72.54 44.12 1.17
N PHE O 199 -73.32 44.59 2.16
CA PHE O 199 -73.50 46.01 2.40
C PHE O 199 -73.05 46.31 3.83
N PHE O 200 -71.74 46.51 4.00
CA PHE O 200 -71.11 46.89 5.26
C PHE O 200 -69.61 47.01 5.03
N ALA O 201 -68.95 47.71 5.93
CA ALA O 201 -67.52 47.97 5.81
C ALA O 201 -66.77 47.20 6.90
N MET O 202 -65.78 46.43 6.48
CA MET O 202 -64.95 45.69 7.41
C MET O 202 -64.00 46.63 8.14
N PRO O 203 -63.44 46.20 9.28
CA PRO O 203 -62.55 47.10 10.03
C PRO O 203 -61.34 47.57 9.25
N TYR O 204 -60.80 46.77 8.34
CA TYR O 204 -59.64 47.21 7.56
C TYR O 204 -59.98 48.32 6.58
N VAL O 205 -61.27 48.54 6.29
CA VAL O 205 -61.66 49.62 5.39
C VAL O 205 -61.54 50.99 6.03
N GLU O 206 -61.46 51.05 7.37
CA GLU O 206 -61.42 52.33 8.06
C GLU O 206 -60.18 53.14 7.65
N ARG O 207 -59.03 52.48 7.57
CA ARG O 207 -57.81 53.18 7.18
C ARG O 207 -57.91 53.71 5.76
N PHE O 208 -58.46 52.91 4.85
CA PHE O 208 -58.56 53.35 3.45
C PHE O 208 -59.61 54.44 3.28
N VAL O 209 -60.69 54.42 4.07
CA VAL O 209 -61.66 55.50 4.02
C VAL O 209 -61.03 56.80 4.51
N ARG O 210 -60.20 56.72 5.56
CA ARG O 210 -59.52 57.90 6.06
C ARG O 210 -58.58 58.50 5.01
N MET O 211 -57.88 57.64 4.26
CA MET O 211 -56.93 58.12 3.27
C MET O 211 -57.62 58.90 2.15
N ARG O 212 -58.81 58.45 1.72
CA ARG O 212 -59.52 59.16 0.68
C ARG O 212 -59.88 60.58 1.12
N ILE O 213 -60.15 60.78 2.41
CA ILE O 213 -60.43 62.11 2.91
C ILE O 213 -59.21 63.02 2.78
N GLU O 214 -58.03 62.49 3.10
CA GLU O 214 -56.82 63.29 2.98
C GLU O 214 -56.54 63.67 1.54
N LYS O 215 -56.74 62.73 0.62
CA LYS O 215 -56.51 63.01 -0.79
C LYS O 215 -57.45 64.09 -1.31
N GLN O 216 -58.72 64.03 -0.93
CA GLN O 216 -59.67 65.06 -1.34
C GLN O 216 -59.37 66.39 -0.67
N ALA O 217 -58.91 66.37 0.58
CA ALA O 217 -58.59 67.60 1.28
C ALA O 217 -57.44 68.34 0.61
N ARG O 218 -56.40 67.62 0.20
CA ARG O 218 -55.27 68.27 -0.46
C ARG O 218 -55.67 68.82 -1.83
N ILE O 219 -56.55 68.12 -2.55
CA ILE O 219 -57.00 68.61 -3.85
C ILE O 219 -57.74 69.94 -3.69
N LYS O 220 -58.63 70.03 -2.71
CA LYS O 220 -59.33 71.29 -2.47
C LYS O 220 -58.38 72.36 -1.93
N ALA O 221 -57.43 71.96 -1.10
CA ALA O 221 -56.47 72.92 -0.56
C ALA O 221 -55.62 73.54 -1.67
N ARG O 222 -55.18 72.72 -2.63
CA ARG O 222 -54.43 73.24 -3.76
C ARG O 222 -55.30 74.17 -4.60
N LYS O 223 -56.57 73.81 -4.81
CA LYS O 223 -57.46 74.64 -5.61
C LYS O 223 -57.66 76.01 -4.97
N ARG O 224 -57.86 76.06 -3.66
CA ARG O 224 -58.09 77.34 -2.98
C ARG O 224 -56.87 78.24 -3.05
N SER O 225 -55.67 77.68 -2.87
CA SER O 225 -54.46 78.48 -2.96
C SER O 225 -54.22 78.97 -4.39
N LEU O 226 -54.67 78.20 -5.39
CA LEU O 226 -54.50 78.63 -6.77
C LEU O 226 -55.35 79.86 -7.07
N GLU O 227 -56.56 79.91 -6.53
CA GLU O 227 -57.43 81.06 -6.77
C GLU O 227 -56.84 82.33 -6.18
N ARG O 228 -56.25 82.24 -4.99
CA ARG O 228 -55.66 83.41 -4.34
C ARG O 228 -54.50 83.96 -5.17
N LYS O 229 -53.65 83.07 -5.69
CA LYS O 229 -52.48 83.52 -6.45
C LYS O 229 -52.89 84.29 -7.71
N LYS O 230 -53.92 83.81 -8.40
CA LYS O 230 -54.37 84.48 -9.62
C LYS O 230 -54.87 85.89 -9.33
N GLU O 231 -55.58 86.07 -8.22
CA GLU O 231 -56.11 87.39 -7.88
C GLU O 231 -54.99 88.40 -7.65
N LYS O 232 -53.95 88.00 -6.92
CA LYS O 232 -52.80 88.88 -6.72
C LYS O 232 -52.09 89.16 -8.04
N PHE O 233 -51.93 88.13 -8.88
CA PHE O 233 -51.22 88.31 -10.14
C PHE O 233 -51.95 89.28 -11.07
N LEU O 234 -53.27 89.18 -11.14
CA LEU O 234 -54.03 90.04 -12.03
C LEU O 234 -54.06 91.48 -11.55
N GLN O 235 -54.04 91.69 -10.23
CA GLN O 235 -54.08 93.06 -9.71
C GLN O 235 -52.83 93.84 -10.09
N GLU O 236 -51.67 93.18 -10.09
CA GLU O 236 -50.43 93.86 -10.43
C GLU O 236 -50.45 94.36 -11.87
N LYS O 237 -50.94 93.55 -12.80
CA LYS O 237 -50.99 93.95 -14.20
C LYS O 237 -52.19 94.83 -14.53
N PHE O 238 -53.16 94.92 -13.64
CA PHE O 238 -54.32 95.80 -13.81
C PHE O 238 -54.53 96.63 -12.54
N PRO O 239 -53.67 97.63 -12.32
CA PRO O 239 -53.82 98.49 -11.12
C PRO O 239 -54.81 99.63 -11.34
N HIS O 240 -56.06 99.26 -11.63
CA HIS O 240 -57.12 100.23 -11.84
C HIS O 240 -57.81 100.66 -10.56
N LEU O 241 -57.43 100.08 -9.42
CA LEU O 241 -58.05 100.41 -8.14
C LEU O 241 -57.30 101.55 -7.45
N PHE P 46 45.54 70.03 16.24
CA PHE P 46 45.57 71.49 16.15
C PHE P 46 46.90 72.06 16.62
N GLN P 47 47.99 71.31 16.40
CA GLN P 47 49.32 71.79 16.73
C GLN P 47 50.01 72.22 15.46
N PRO P 48 50.28 73.51 15.26
CA PRO P 48 50.87 73.95 13.99
C PRO P 48 52.35 73.61 13.92
N SER P 49 52.78 73.21 12.73
CA SER P 49 54.19 73.01 12.47
C SER P 49 54.88 74.36 12.36
N PRO P 50 56.20 74.41 12.59
CA PRO P 50 56.92 75.69 12.44
C PRO P 50 56.82 76.26 11.04
N GLU P 51 56.64 75.43 10.02
CA GLU P 51 56.50 75.91 8.65
C GLU P 51 55.09 76.37 8.33
N ASP P 52 54.10 76.04 9.17
CA ASP P 52 52.73 76.46 8.90
C ASP P 52 52.59 77.97 8.96
N HIS P 53 53.28 78.62 9.90
CA HIS P 53 53.16 80.07 10.05
C HIS P 53 53.63 80.80 8.80
N GLU P 54 54.73 80.32 8.20
CA GLU P 54 55.24 80.96 6.99
C GLU P 54 54.37 80.66 5.77
N LYS P 55 53.72 79.49 5.75
CA LYS P 55 52.92 79.12 4.59
C LYS P 55 51.62 79.93 4.54
N TYR P 56 50.94 80.07 5.68
CA TYR P 56 49.65 80.75 5.73
C TYR P 56 49.77 82.22 6.12
N GLY P 57 50.97 82.73 6.30
CA GLY P 57 51.14 84.12 6.66
C GLY P 57 50.74 84.46 8.08
N GLY P 58 50.74 83.49 8.98
CA GLY P 58 50.41 83.75 10.36
C GLY P 58 51.56 84.38 11.12
N ASP P 59 51.24 84.85 12.33
CA ASP P 59 52.25 85.46 13.20
C ASP P 59 52.71 84.43 14.21
N PRO P 60 54.00 84.07 14.25
CA PRO P 60 54.45 83.03 15.18
C PRO P 60 54.21 83.38 16.65
N GLN P 61 54.28 84.65 17.02
CA GLN P 61 54.17 85.03 18.42
C GLN P 61 52.76 85.43 18.82
N TYR P 62 52.17 86.38 18.11
CA TYR P 62 50.89 86.95 18.52
C TYR P 62 49.76 86.41 17.65
N PRO P 63 48.84 85.63 18.20
CA PRO P 63 47.68 85.18 17.42
C PRO P 63 46.78 86.36 17.06
N HIS P 64 46.06 86.20 15.95
CA HIS P 64 45.15 87.25 15.50
C HIS P 64 43.97 87.38 16.46
N LYS P 65 43.26 88.50 16.33
CA LYS P 65 42.25 88.88 17.31
C LYS P 65 40.82 88.52 16.92
N LEU P 66 40.47 88.61 15.63
CA LEU P 66 39.10 88.40 15.20
C LEU P 66 39.04 87.46 14.00
N HIS P 67 37.95 86.71 13.92
CA HIS P 67 37.69 85.78 12.82
C HIS P 67 36.82 86.43 11.75
N ILE P 68 36.96 85.92 10.53
CA ILE P 68 36.02 86.19 9.45
C ILE P 68 35.59 84.82 8.93
N VAL P 69 34.31 84.49 9.08
CA VAL P 69 33.80 83.17 8.78
C VAL P 69 32.82 83.26 7.62
N THR P 70 33.05 82.47 6.59
CA THR P 70 32.20 82.43 5.41
C THR P 70 31.81 80.98 5.14
N ARG P 71 30.51 80.72 5.05
CA ARG P 71 30.03 79.37 4.78
C ARG P 71 30.17 79.05 3.30
N ILE P 72 30.54 77.81 3.00
CA ILE P 72 30.76 77.35 1.63
C ILE P 72 29.74 76.28 1.23
N LYS P 73 29.69 75.17 1.97
CA LYS P 73 28.84 74.06 1.61
C LYS P 73 27.45 74.24 2.22
N SER P 74 26.61 73.22 2.09
CA SER P 74 25.22 73.28 2.53
C SER P 74 25.03 72.48 3.81
N THR P 75 24.07 72.92 4.62
CA THR P 75 23.70 72.16 5.81
C THR P 75 22.88 70.92 5.49
N LYS P 76 22.34 70.82 4.28
CA LYS P 76 21.61 69.63 3.87
C LYS P 76 22.56 68.45 3.72
N ARG P 77 22.01 67.25 3.86
CA ARG P 77 22.79 66.00 3.79
C ARG P 77 23.87 65.97 4.86
N ARG P 78 23.63 66.65 5.98
CA ARG P 78 24.51 66.68 7.13
C ARG P 78 23.67 66.47 8.38
N PRO P 79 24.28 65.94 9.46
CA PRO P 79 23.51 65.66 10.66
C PRO P 79 22.91 66.92 11.28
N TYR P 80 21.96 66.71 12.19
CA TYR P 80 21.21 67.83 12.74
C TYR P 80 22.07 68.71 13.64
N TRP P 81 23.03 68.13 14.36
CA TRP P 81 23.85 68.93 15.27
C TRP P 81 24.73 69.91 14.50
N GLU P 82 25.11 69.58 13.26
CA GLU P 82 25.84 70.54 12.45
C GLU P 82 24.93 71.65 11.95
N LYS P 83 23.65 71.35 11.72
CA LYS P 83 22.71 72.39 11.29
C LYS P 83 22.53 73.45 12.37
N ASP P 84 22.40 73.03 13.64
CA ASP P 84 22.19 73.98 14.72
C ASP P 84 23.39 74.89 14.91
N ILE P 85 24.60 74.34 14.79
CA ILE P 85 25.80 75.15 14.98
C ILE P 85 25.90 76.22 13.90
N ILE P 86 25.54 75.87 12.67
CA ILE P 86 25.52 76.87 11.59
C ILE P 86 24.49 77.95 11.90
N LYS P 87 23.31 77.56 12.39
CA LYS P 87 22.27 78.53 12.67
C LYS P 87 22.66 79.48 13.79
N MET P 88 23.30 78.96 14.84
CA MET P 88 23.63 79.78 16.00
C MET P 88 24.93 80.55 15.83
N LEU P 89 25.61 80.43 14.70
CA LEU P 89 26.79 81.23 14.41
C LEU P 89 26.51 82.36 13.42
N GLY P 90 25.27 82.55 13.01
CA GLY P 90 24.95 83.59 12.05
C GLY P 90 25.36 83.29 10.63
N LEU P 91 25.57 82.02 10.30
CA LEU P 91 25.99 81.62 8.96
C LEU P 91 24.84 81.02 8.15
N GLU P 92 23.63 81.56 8.32
CA GLU P 92 22.48 81.02 7.60
C GLU P 92 22.64 81.19 6.09
N LYS P 93 23.09 82.36 5.65
CA LYS P 93 23.25 82.66 4.24
C LYS P 93 24.69 82.43 3.82
N ALA P 94 24.88 81.67 2.74
CA ALA P 94 26.22 81.34 2.28
C ALA P 94 26.87 82.55 1.63
N HIS P 95 28.22 82.52 1.62
CA HIS P 95 29.04 83.54 0.96
C HIS P 95 28.80 84.93 1.54
N THR P 96 28.43 85.00 2.82
CA THR P 96 28.27 86.28 3.52
C THR P 96 29.22 86.32 4.70
N PRO P 97 30.23 87.18 4.69
CA PRO P 97 31.19 87.20 5.79
C PRO P 97 30.54 87.56 7.12
N GLN P 98 31.02 86.92 8.18
CA GLN P 98 30.57 87.17 9.54
C GLN P 98 31.80 87.16 10.44
N VAL P 99 31.83 88.08 11.41
CA VAL P 99 32.98 88.26 12.28
C VAL P 99 32.68 87.67 13.65
N HIS P 100 33.61 86.86 14.15
CA HIS P 100 33.48 86.25 15.47
C HIS P 100 34.81 86.40 16.22
N LYS P 101 34.72 86.27 17.54
CA LYS P 101 35.90 86.37 18.37
C LYS P 101 36.79 85.14 18.20
N ASN P 102 37.99 85.21 18.77
CA ASN P 102 38.95 84.11 18.71
C ASN P 102 39.05 83.39 20.05
N ILE P 103 38.04 83.53 20.91
CA ILE P 103 38.04 82.90 22.22
C ILE P 103 37.82 81.40 22.06
N PRO P 104 38.25 80.57 23.01
CA PRO P 104 38.04 79.13 22.86
C PRO P 104 36.58 78.72 22.80
N SER P 105 35.68 79.50 23.39
CA SER P 105 34.26 79.15 23.36
C SER P 105 33.72 79.13 21.94
N VAL P 106 34.07 80.13 21.14
CA VAL P 106 33.66 80.14 19.74
C VAL P 106 34.40 79.08 18.95
N ASN P 107 35.71 78.92 19.21
CA ASN P 107 36.50 77.95 18.47
C ASN P 107 36.02 76.52 18.73
N ALA P 108 35.40 76.28 19.89
CA ALA P 108 34.86 74.95 20.16
C ALA P 108 33.74 74.60 19.17
N LYS P 109 32.90 75.56 18.82
CA LYS P 109 31.82 75.30 17.88
C LYS P 109 32.33 75.25 16.44
N LEU P 110 33.32 76.06 16.11
CA LEU P 110 33.84 76.08 14.73
C LEU P 110 34.49 74.76 14.36
N LYS P 111 35.14 74.08 15.30
CA LYS P 111 35.82 72.84 14.99
C LYS P 111 34.85 71.76 14.52
N VAL P 112 33.60 71.80 14.99
CA VAL P 112 32.61 70.81 14.57
C VAL P 112 32.24 71.01 13.10
N VAL P 113 32.10 72.27 12.68
CA VAL P 113 31.67 72.58 11.32
C VAL P 113 32.80 73.21 10.53
N LYS P 114 34.04 72.86 10.87
CA LYS P 114 35.20 73.42 10.19
C LYS P 114 35.29 72.99 8.73
N HIS P 115 34.57 71.96 8.32
CA HIS P 115 34.58 71.50 6.93
C HIS P 115 33.49 72.15 6.09
N LEU P 116 32.69 73.04 6.67
CA LEU P 116 31.62 73.72 5.95
C LEU P 116 31.85 75.22 5.81
N ILE P 117 32.94 75.75 6.38
CA ILE P 117 33.15 77.19 6.42
C ILE P 117 34.57 77.50 5.96
N ARG P 118 34.79 78.76 5.61
CA ARG P 118 36.10 79.29 5.28
C ARG P 118 36.47 80.35 6.30
N ILE P 119 37.64 80.20 6.92
CA ILE P 119 38.05 81.06 8.03
C ILE P 119 39.29 81.83 7.59
N LYS P 120 39.22 83.16 7.70
CA LYS P 120 40.34 84.03 7.39
C LYS P 120 40.52 85.04 8.51
N PRO P 121 41.75 85.48 8.77
CA PRO P 121 41.96 86.49 9.81
C PRO P 121 41.48 87.85 9.34
N LEU P 122 41.15 88.69 10.32
CA LEU P 122 40.72 90.06 10.05
C LEU P 122 41.91 91.00 10.26
N LYS P 123 42.33 91.64 9.18
CA LYS P 123 43.44 92.59 9.23
C LYS P 123 42.91 94.01 9.23
N LEU P 124 43.62 94.90 9.92
CA LEU P 124 43.21 96.29 10.10
C LEU P 124 44.35 97.21 9.69
N PRO P 125 44.46 97.53 8.40
CA PRO P 125 45.54 98.44 7.96
C PRO P 125 45.47 99.80 8.62
N GLN P 126 44.26 100.34 8.85
CA GLN P 126 44.09 101.65 9.45
C GLN P 126 43.60 101.57 10.89
N GLY P 127 43.56 100.38 11.48
CA GLY P 127 43.09 100.23 12.84
C GLY P 127 41.58 100.19 12.94
N LEU P 128 41.10 100.15 14.17
CA LEU P 128 39.66 100.08 14.41
C LEU P 128 39.00 101.38 13.95
N PRO P 129 37.85 101.28 13.28
CA PRO P 129 37.14 102.50 12.86
C PRO P 129 36.63 103.28 14.07
N THR P 130 36.62 104.60 13.93
CA THR P 130 36.08 105.47 14.95
C THR P 130 34.60 105.72 14.69
N GLU P 131 33.98 106.54 15.54
CA GLU P 131 32.57 106.87 15.36
C GLU P 131 32.35 107.81 14.18
N GLU P 132 33.40 108.49 13.71
CA GLU P 132 33.26 109.38 12.56
C GLU P 132 33.21 108.62 11.24
N ASP P 133 33.93 107.52 11.13
CA ASP P 133 34.09 106.81 9.87
C ASP P 133 33.33 105.48 9.84
N MET P 134 32.24 105.38 10.60
CA MET P 134 31.47 104.14 10.63
C MET P 134 30.83 103.86 9.28
N ALA P 135 30.32 104.89 8.61
CA ALA P 135 29.56 104.69 7.38
C ALA P 135 30.44 104.47 6.15
N ASN P 136 31.76 104.68 6.25
CA ASN P 136 32.65 104.56 5.11
C ASN P 136 33.46 103.27 5.11
N THR P 137 33.14 102.32 6.00
CA THR P 137 33.91 101.09 6.09
C THR P 137 33.54 100.13 4.97
N CYS P 138 34.54 99.45 4.43
CA CYS P 138 34.35 98.44 3.40
C CYS P 138 35.31 97.29 3.66
N LEU P 139 34.82 96.07 3.45
CA LEU P 139 35.59 94.86 3.71
C LEU P 139 36.04 94.26 2.38
N LYS P 140 37.35 94.21 2.18
CA LYS P 140 37.88 93.68 0.93
C LYS P 140 37.88 92.15 0.97
N SER P 141 38.11 91.54 -0.20
CA SER P 141 38.09 90.09 -0.32
C SER P 141 39.28 89.44 0.38
N ASN P 142 40.45 90.09 0.34
CA ASN P 142 41.65 89.48 0.89
C ASN P 142 41.62 89.37 2.42
N GLY P 143 40.66 90.01 3.07
CA GLY P 143 40.51 89.92 4.50
C GLY P 143 40.94 91.12 5.31
N GLU P 144 40.98 92.31 4.71
CA GLU P 144 41.34 93.53 5.42
C GLU P 144 40.19 94.52 5.34
N LEU P 145 40.03 95.28 6.42
CA LEU P 145 38.95 96.25 6.54
C LEU P 145 39.53 97.64 6.30
N VAL P 146 39.03 98.31 5.27
CA VAL P 146 39.49 99.65 4.92
C VAL P 146 38.52 100.66 5.52
N VAL P 147 39.03 101.53 6.40
CA VAL P 147 38.17 102.46 7.11
C VAL P 147 37.60 103.51 6.17
N ARG P 148 38.45 104.10 5.33
CA ARG P 148 38.06 105.15 4.40
C ARG P 148 38.02 104.56 3.00
N TRP P 149 36.81 104.46 2.44
CA TRP P 149 36.58 103.82 1.14
C TRP P 149 35.98 104.84 0.19
N LEU P 150 36.66 105.07 -0.94
CA LEU P 150 36.21 105.99 -1.98
C LEU P 150 35.99 107.40 -1.42
N LEU P 151 37.08 107.99 -0.91
CA LEU P 151 37.02 109.34 -0.38
C LEU P 151 36.77 110.34 -1.49
N ASN P 152 35.95 111.36 -1.20
CA ASN P 152 35.63 112.43 -2.14
C ASN P 152 35.10 111.89 -3.47
N ALA Q 98 -12.57 42.57 -32.67
CA ALA Q 98 -11.68 43.64 -32.21
C ALA Q 98 -12.45 44.94 -32.03
N ALA Q 99 -11.95 45.81 -31.17
CA ALA Q 99 -12.58 47.09 -30.88
C ALA Q 99 -11.58 48.22 -31.06
N PRO Q 100 -12.02 49.41 -31.46
CA PRO Q 100 -11.09 50.53 -31.62
C PRO Q 100 -10.48 50.94 -30.29
N LYS Q 101 -9.24 51.41 -30.36
CA LYS Q 101 -8.50 51.81 -29.17
C LYS Q 101 -8.75 53.26 -28.79
N ASN Q 102 -8.91 54.15 -29.76
CA ASN Q 102 -9.14 55.56 -29.48
C ASN Q 102 -10.06 56.13 -30.55
N ARG Q 103 -10.65 57.28 -30.22
CA ARG Q 103 -11.53 57.97 -31.16
C ARG Q 103 -10.71 58.64 -32.25
N ARG Q 104 -11.10 58.41 -33.50
CA ARG Q 104 -10.42 59.06 -34.62
C ARG Q 104 -10.70 60.55 -34.62
N SER Q 105 -9.63 61.34 -34.74
CA SER Q 105 -9.79 62.79 -34.79
C SER Q 105 -10.38 63.21 -36.13
N ILE Q 106 -11.04 64.37 -36.13
CA ILE Q 106 -11.67 64.85 -37.35
C ILE Q 106 -10.63 65.18 -38.41
N GLU Q 107 -9.41 65.53 -38.00
CA GLU Q 107 -8.35 65.80 -38.97
C GLU Q 107 -8.01 64.55 -39.77
N VAL Q 108 -7.95 63.39 -39.11
CA VAL Q 108 -7.67 62.15 -39.82
C VAL Q 108 -8.85 61.75 -40.68
N ASN Q 109 -10.08 61.90 -40.16
CA ASN Q 109 -11.27 61.51 -40.91
C ASN Q 109 -11.42 62.32 -42.19
N ARG Q 110 -11.14 63.62 -42.12
CA ARG Q 110 -11.29 64.45 -43.32
C ARG Q 110 -10.32 64.02 -44.41
N CYS Q 111 -9.11 63.59 -44.04
CA CYS Q 111 -8.17 63.09 -45.03
C CYS Q 111 -8.71 61.84 -45.71
N ARG Q 112 -9.31 60.93 -44.94
CA ARG Q 112 -9.80 59.69 -45.51
C ARG Q 112 -11.07 59.91 -46.32
N ARG Q 113 -11.99 60.73 -45.82
CA ARG Q 113 -13.29 60.90 -46.47
C ARG Q 113 -13.23 61.78 -47.71
N ARG Q 114 -12.11 62.47 -47.96
CA ARG Q 114 -11.99 63.36 -49.11
C ARG Q 114 -10.83 62.99 -50.01
N ASN Q 115 -10.34 61.75 -49.92
CA ASN Q 115 -9.25 61.30 -50.76
C ASN Q 115 -9.69 61.30 -52.22
N PRO Q 116 -8.79 61.62 -53.16
CA PRO Q 116 -9.19 61.69 -54.58
C PRO Q 116 -9.81 60.40 -55.11
N GLN Q 117 -9.44 59.25 -54.56
CA GLN Q 117 -10.06 57.99 -55.00
C GLN Q 117 -11.55 57.98 -54.68
N LYS Q 118 -11.92 58.42 -53.47
CA LYS Q 118 -13.31 58.34 -53.03
C LYS Q 118 -14.19 59.43 -53.62
N LEU Q 119 -13.61 60.44 -54.25
CA LEU Q 119 -14.40 61.48 -54.88
C LEU Q 119 -15.05 60.97 -56.15
N ILE Q 120 -16.10 61.66 -56.59
CA ILE Q 120 -16.79 61.29 -57.82
C ILE Q 120 -16.00 61.81 -59.01
N LYS Q 121 -15.69 60.92 -59.94
CA LYS Q 121 -14.95 61.30 -61.14
C LYS Q 121 -15.89 61.90 -62.18
N VAL Q 122 -15.40 62.94 -62.86
CA VAL Q 122 -16.19 63.58 -63.91
C VAL Q 122 -16.25 62.68 -65.13
N LYS Q 123 -17.27 62.91 -65.97
CA LYS Q 123 -17.46 62.16 -67.20
C LYS Q 123 -17.22 63.09 -68.38
N ASN Q 124 -16.35 62.66 -69.29
CA ASN Q 124 -15.99 63.45 -70.46
C ASN Q 124 -16.55 62.90 -71.76
N ASN Q 125 -17.44 61.92 -71.69
CA ASN Q 125 -18.03 61.29 -72.87
C ASN Q 125 -19.51 61.63 -73.02
N ILE Q 126 -19.89 62.87 -72.69
CA ILE Q 126 -21.27 63.33 -72.80
C ILE Q 126 -21.41 64.16 -74.07
N ASP Q 127 -22.41 63.83 -74.88
CA ASP Q 127 -22.62 64.47 -76.17
C ASP Q 127 -24.10 64.74 -76.37
N VAL Q 128 -24.40 65.67 -77.26
CA VAL Q 128 -25.78 66.03 -77.57
C VAL Q 128 -26.27 65.15 -78.72
N CYS Q 129 -27.48 64.63 -78.59
CA CYS Q 129 -28.05 63.79 -79.63
C CYS Q 129 -28.40 64.64 -80.85
N PRO Q 130 -27.89 64.29 -82.03
CA PRO Q 130 -28.17 65.13 -83.22
C PRO Q 130 -29.64 65.25 -83.56
N GLU Q 131 -30.44 64.22 -83.31
CA GLU Q 131 -31.82 64.22 -83.75
C GLU Q 131 -32.71 65.06 -82.84
N CYS Q 132 -32.65 64.83 -81.53
CA CYS Q 132 -33.54 65.49 -80.59
C CYS Q 132 -32.86 66.58 -79.75
N GLY Q 133 -31.53 66.66 -79.76
CA GLY Q 133 -30.83 67.69 -79.04
C GLY Q 133 -30.67 67.45 -77.55
N HIS Q 134 -31.10 66.31 -77.03
CA HIS Q 134 -30.94 65.99 -75.62
C HIS Q 134 -29.52 65.46 -75.38
N LEU Q 135 -29.27 64.96 -74.17
CA LEU Q 135 -27.95 64.50 -73.78
C LEU Q 135 -27.89 62.97 -73.80
N LYS Q 136 -26.74 62.46 -74.24
CA LYS Q 136 -26.49 61.02 -74.26
C LYS Q 136 -24.99 60.80 -74.25
N GLN Q 137 -24.60 59.57 -73.92
CA GLN Q 137 -23.20 59.20 -73.98
C GLN Q 137 -22.86 58.67 -75.36
N LYS Q 138 -21.56 58.65 -75.68
CA LYS Q 138 -21.13 58.27 -77.02
C LYS Q 138 -21.44 56.81 -77.31
N HIS Q 139 -21.26 55.93 -76.33
CA HIS Q 139 -21.43 54.50 -76.53
C HIS Q 139 -22.81 53.99 -76.12
N ILE Q 140 -23.73 54.89 -75.77
CA ILE Q 140 -25.06 54.52 -75.30
C ILE Q 140 -26.09 55.15 -76.21
N LEU Q 141 -27.15 54.40 -76.52
CA LEU Q 141 -28.24 54.94 -77.31
C LEU Q 141 -28.92 56.07 -76.56
N CYS Q 142 -29.48 57.02 -77.30
CA CYS Q 142 -30.17 58.15 -76.70
C CYS Q 142 -31.36 57.66 -75.89
N GLY Q 143 -31.49 58.17 -74.66
CA GLY Q 143 -32.62 57.79 -73.83
C GLY Q 143 -33.94 58.30 -74.37
N TYR Q 144 -33.97 59.54 -74.86
CA TYR Q 144 -35.20 60.11 -75.38
C TYR Q 144 -35.62 59.44 -76.68
N CYS Q 145 -34.67 59.20 -77.59
CA CYS Q 145 -35.00 58.58 -78.87
C CYS Q 145 -35.46 57.14 -78.68
N TYR Q 146 -34.77 56.38 -77.83
CA TYR Q 146 -35.18 55.00 -77.60
C TYR Q 146 -36.55 54.93 -76.93
N GLU Q 147 -36.81 55.82 -75.97
CA GLU Q 147 -38.13 55.86 -75.36
C GLU Q 147 -39.21 56.19 -76.38
N LYS Q 148 -38.87 57.01 -77.38
CA LYS Q 148 -39.81 57.26 -78.48
C LYS Q 148 -40.12 55.98 -79.24
N VAL Q 149 -39.10 55.16 -79.50
CA VAL Q 149 -39.31 53.91 -80.22
C VAL Q 149 -40.06 52.91 -79.37
N ARG Q 150 -39.71 52.82 -78.08
CA ARG Q 150 -40.33 51.82 -77.21
C ARG Q 150 -41.83 52.06 -77.07
N LYS Q 151 -42.25 53.31 -76.94
CA LYS Q 151 -43.67 53.61 -76.85
C LYS Q 151 -44.41 53.19 -78.11
N GLU Q 152 -43.83 53.45 -79.28
CA GLU Q 152 -44.45 53.02 -80.53
C GLU Q 152 -44.46 51.50 -80.66
N THR Q 153 -43.38 50.85 -80.23
CA THR Q 153 -43.32 49.39 -80.32
C THR Q 153 -44.38 48.75 -79.45
N ALA Q 154 -44.64 49.32 -78.27
CA ALA Q 154 -45.68 48.78 -77.40
C ALA Q 154 -47.06 48.87 -78.07
N GLU Q 155 -47.33 49.99 -78.75
CA GLU Q 155 -48.61 50.14 -79.43
C GLU Q 155 -48.77 49.12 -80.55
N ILE Q 156 -47.71 48.89 -81.31
CA ILE Q 156 -47.77 47.90 -82.39
C ILE Q 156 -48.02 46.50 -81.81
N ARG Q 157 -47.28 46.14 -80.76
CA ARG Q 157 -47.48 44.84 -80.14
C ARG Q 157 -48.86 44.73 -79.50
N ARG Q 158 -49.39 45.83 -78.97
CA ARG Q 158 -50.73 45.80 -78.40
C ARG Q 158 -51.78 45.51 -79.48
N GLN Q 159 -51.57 46.05 -80.69
CA GLN Q 159 -52.48 45.77 -81.79
C GLN Q 159 -52.41 44.31 -82.21
N MET Q 160 -51.20 43.72 -82.20
CA MET Q 160 -51.06 42.32 -82.59
C MET Q 160 -51.80 41.41 -81.63
N GLY Q 161 -51.76 41.71 -80.33
CA GLY Q 161 -52.44 40.87 -79.37
C GLY Q 161 -53.93 40.77 -79.62
N LYS Q 162 -54.55 41.88 -80.05
CA LYS Q 162 -55.98 41.86 -80.37
C LYS Q 162 -56.26 41.08 -81.64
N GLN Q 163 -55.27 40.89 -82.50
CA GLN Q 163 -55.45 40.13 -83.73
C GLN Q 163 -55.21 38.63 -83.55
N GLU Q 164 -54.73 38.21 -82.37
CA GLU Q 164 -54.56 36.80 -82.04
C GLU Q 164 -55.08 36.62 -80.61
N GLY Q 165 -56.35 36.22 -80.50
CA GLY Q 165 -56.98 36.14 -79.20
C GLY Q 165 -56.34 35.10 -78.29
N GLY Q 166 -55.98 33.94 -78.85
CA GLY Q 166 -55.41 32.87 -78.07
C GLY Q 166 -54.02 33.20 -77.56
N PRO Q 167 -53.65 32.60 -76.43
CA PRO Q 167 -52.29 32.83 -75.90
C PRO Q 167 -51.21 32.07 -76.65
N PHE Q 168 -51.57 31.05 -77.43
CA PHE Q 168 -50.63 30.24 -78.18
C PHE Q 168 -50.83 30.38 -79.68
N ARG Q 169 -51.33 31.52 -80.13
CA ARG Q 169 -51.53 31.78 -81.54
C ARG Q 169 -50.42 32.69 -82.06
N ALA Q 170 -49.62 32.17 -82.98
CA ALA Q 170 -48.54 32.93 -83.59
C ALA Q 170 -48.58 32.77 -85.09
N PRO Q 171 -48.24 33.81 -85.85
CA PRO Q 171 -48.27 33.70 -87.30
C PRO Q 171 -47.19 32.77 -87.82
N THR Q 172 -47.49 32.13 -88.95
CA THR Q 172 -46.53 31.29 -89.65
C THR Q 172 -45.85 32.02 -90.79
N THR Q 173 -46.12 33.30 -90.97
CA THR Q 173 -45.56 34.10 -92.06
C THR Q 173 -44.96 35.38 -91.49
N GLU Q 174 -44.39 36.19 -92.37
CA GLU Q 174 -43.80 37.45 -91.97
C GLU Q 174 -44.90 38.45 -91.60
N THR Q 175 -44.48 39.54 -90.94
CA THR Q 175 -45.39 40.57 -90.47
C THR Q 175 -44.99 41.92 -91.04
N VAL Q 176 -45.99 42.70 -91.44
CA VAL Q 176 -45.78 44.04 -91.97
C VAL Q 176 -46.73 45.00 -91.26
N VAL Q 177 -46.21 46.16 -90.87
CA VAL Q 177 -46.97 47.18 -90.16
C VAL Q 177 -47.29 48.31 -91.13
N LEU Q 178 -48.57 48.63 -91.26
CA LEU Q 178 -49.05 49.67 -92.15
C LEU Q 178 -49.86 50.70 -91.36
N TYR Q 179 -49.62 51.97 -91.64
CA TYR Q 179 -50.31 53.06 -90.98
C TYR Q 179 -51.45 53.56 -91.86
N SER Q 180 -52.09 54.65 -91.44
CA SER Q 180 -53.20 55.21 -92.18
C SER Q 180 -52.72 55.80 -93.50
N GLY Q 181 -53.57 55.72 -94.53
CA GLY Q 181 -53.23 56.25 -95.83
C GLY Q 181 -52.30 55.40 -96.65
N GLU Q 182 -52.14 54.13 -96.31
CA GLU Q 182 -51.26 53.22 -97.04
C GLU Q 182 -52.00 51.93 -97.35
N THR Q 183 -51.54 51.26 -98.40
CA THR Q 183 -52.09 49.97 -98.82
C THR Q 183 -50.95 48.98 -99.00
N PRO Q 184 -51.21 47.70 -98.81
CA PRO Q 184 -50.15 46.69 -98.96
C PRO Q 184 -49.62 46.66 -100.39
N SER Q 185 -48.31 46.46 -100.52
CA SER Q 185 -47.67 46.37 -101.81
C SER Q 185 -47.68 44.94 -102.32
N GLU Q 186 -47.21 44.76 -103.56
CA GLU Q 186 -47.16 43.43 -104.15
C GLU Q 186 -46.20 42.53 -103.40
N GLN Q 187 -45.05 43.05 -103.00
CA GLN Q 187 -44.10 42.26 -102.22
C GLN Q 187 -44.59 42.00 -100.80
N ASP Q 188 -45.49 42.84 -100.29
CA ASP Q 188 -46.01 42.68 -98.94
C ASP Q 188 -47.20 41.73 -98.85
N GLN Q 189 -47.69 41.23 -99.99
CA GLN Q 189 -48.80 40.31 -99.96
C GLN Q 189 -48.37 38.95 -99.40
N GLY Q 190 -49.34 38.21 -98.86
CA GLY Q 190 -49.05 36.97 -98.21
C GLY Q 190 -48.58 37.08 -96.78
N LYS Q 191 -48.66 38.26 -96.19
CA LYS Q 191 -48.22 38.50 -94.83
C LYS Q 191 -49.35 39.15 -94.03
N ARG Q 192 -49.31 38.94 -92.71
CA ARG Q 192 -50.31 39.56 -91.84
C ARG Q 192 -50.14 41.07 -91.84
N ILE Q 193 -51.26 41.78 -91.75
CA ILE Q 193 -51.31 43.23 -91.86
C ILE Q 193 -51.70 43.81 -90.51
N ILE Q 194 -50.92 44.76 -90.02
CA ILE Q 194 -51.20 45.48 -88.79
C ILE Q 194 -51.59 46.90 -89.17
N GLU Q 195 -52.76 47.34 -88.70
CA GLU Q 195 -53.30 48.65 -89.04
C GLU Q 195 -53.20 49.58 -87.84
N ARG Q 196 -52.67 50.78 -88.06
CA ARG Q 196 -52.59 51.82 -87.05
C ARG Q 196 -53.23 53.10 -87.57
N GLU Q 197 -54.00 53.76 -86.72
CA GLU Q 197 -54.74 54.94 -87.15
C GLU Q 197 -53.84 56.16 -87.32
N ARG Q 198 -52.79 56.28 -86.49
CA ARG Q 198 -51.95 57.45 -86.55
C ARG Q 198 -51.13 57.48 -87.85
N LYS Q 199 -50.73 58.68 -88.23
CA LYS Q 199 -49.91 58.86 -89.42
C LYS Q 199 -48.55 58.20 -89.22
N ARG Q 200 -47.98 57.71 -90.33
CA ARG Q 200 -46.69 57.03 -90.25
C ARG Q 200 -45.62 57.97 -89.70
N PRO Q 201 -44.90 57.57 -88.66
CA PRO Q 201 -43.89 58.46 -88.08
C PRO Q 201 -42.72 58.69 -89.02
N SER Q 202 -42.07 59.84 -88.85
CA SER Q 202 -40.95 60.22 -89.71
C SER Q 202 -39.78 59.25 -89.56
N TRP Q 203 -39.46 58.86 -88.33
CA TRP Q 203 -38.31 57.99 -88.12
C TRP Q 203 -38.51 56.62 -88.75
N PHE Q 204 -39.73 56.08 -88.65
CA PHE Q 204 -40.03 54.81 -89.30
C PHE Q 204 -39.99 54.97 -90.82
N THR Q 205 -39.27 54.09 -91.49
CA THR Q 205 -39.06 54.17 -92.93
C THR Q 205 -39.73 52.99 -93.61
N GLN Q 206 -40.52 53.27 -94.64
CA GLN Q 206 -41.17 52.22 -95.42
C GLN Q 206 -40.22 51.64 -96.46
N ASN Q 207 -40.31 50.33 -96.66
CA ASN Q 207 -39.53 49.65 -97.68
C ASN Q 207 -40.44 49.08 -98.77
N SER R 13 1.75 19.00 48.17
CA SER R 13 1.36 19.71 49.38
C SER R 13 0.64 21.02 49.05
N LYS R 14 -0.55 21.19 49.58
CA LYS R 14 -1.35 22.38 49.37
C LYS R 14 -1.56 23.11 50.69
N THR R 15 -1.53 24.43 50.64
CA THR R 15 -1.74 25.27 51.81
C THR R 15 -3.20 25.72 51.89
N ILE R 16 -3.59 26.18 53.07
CA ILE R 16 -4.96 26.59 53.36
C ILE R 16 -4.93 28.03 53.85
N LEU R 17 -5.93 28.81 53.44
CA LEU R 17 -6.09 30.19 53.89
C LEU R 17 -7.22 30.24 54.91
N VAL R 18 -6.91 30.70 56.12
CA VAL R 18 -7.85 30.72 57.22
C VAL R 18 -7.95 32.14 57.76
N LYS R 19 -9.09 32.46 58.37
CA LYS R 19 -9.33 33.76 58.98
C LYS R 19 -9.20 33.65 60.49
N MET R 20 -8.44 34.56 61.09
CA MET R 20 -8.18 34.53 62.52
C MET R 20 -8.85 35.73 63.19
N MET R 21 -9.66 35.45 64.21
CA MET R 21 -10.37 36.47 64.96
C MET R 21 -9.65 36.75 66.27
N SER R 22 -9.65 38.01 66.67
CA SER R 22 -8.99 38.40 67.91
C SER R 22 -9.70 37.81 69.12
N GLN R 23 -8.91 37.46 70.13
CA GLN R 23 -9.43 36.97 71.40
C GLN R 23 -9.65 38.09 72.41
N ALA R 24 -9.43 39.34 72.02
CA ALA R 24 -9.63 40.48 72.90
C ALA R 24 -11.07 40.98 72.88
N GLY R 25 -11.96 40.33 72.12
CA GLY R 25 -13.34 40.71 72.02
C GLY R 25 -13.67 41.65 70.87
N THR R 26 -12.72 42.50 70.49
CA THR R 26 -12.93 43.42 69.38
C THR R 26 -13.05 42.65 68.07
N GLY R 27 -13.75 43.24 67.11
CA GLY R 27 -13.88 42.64 65.80
C GLY R 27 -12.73 42.99 64.88
N PHE R 28 -11.78 42.06 64.72
CA PHE R 28 -10.61 42.29 63.88
C PHE R 28 -10.16 40.94 63.34
N SER R 29 -10.12 40.80 62.02
CA SER R 29 -9.76 39.55 61.37
C SER R 29 -8.79 39.81 60.23
N PHE R 30 -7.73 39.02 60.18
CA PHE R 30 -6.76 39.05 59.08
C PHE R 30 -6.50 37.62 58.63
N ASN R 31 -6.42 37.44 57.32
CA ASN R 31 -6.24 36.11 56.74
C ASN R 31 -4.76 35.74 56.69
N THR R 32 -4.48 34.45 56.91
CA THR R 32 -3.12 33.94 56.96
C THR R 32 -3.06 32.61 56.23
N LYS R 33 -2.00 32.43 55.43
CA LYS R 33 -1.80 31.18 54.71
C LYS R 33 -1.19 30.14 55.63
N ARG R 34 -1.79 28.95 55.66
CA ARG R 34 -1.37 27.88 56.56
C ARG R 34 -1.26 26.57 55.80
N SER R 35 -0.33 25.73 56.22
CA SER R 35 -0.19 24.40 55.63
C SER R 35 -1.33 23.50 56.07
N ARG R 36 -1.78 22.63 55.14
CA ARG R 36 -2.95 21.81 55.41
C ARG R 36 -2.68 20.77 56.49
N LEU R 37 -1.51 20.12 56.44
CA LEU R 37 -1.20 19.08 57.42
C LEU R 37 -1.00 19.62 58.83
N ARG R 38 -0.78 20.92 58.98
CA ARG R 38 -0.62 21.49 60.30
C ARG R 38 -1.98 21.59 61.01
N GLU R 39 -1.94 21.55 62.34
CA GLU R 39 -3.14 21.65 63.16
C GLU R 39 -3.58 23.11 63.23
N LYS R 40 -4.54 23.40 64.12
CA LYS R 40 -5.01 24.77 64.31
C LYS R 40 -3.86 25.68 64.72
N LEU R 41 -3.77 26.83 64.08
CA LEU R 41 -2.68 27.77 64.31
C LEU R 41 -3.12 28.85 65.30
N THR R 42 -2.16 29.32 66.10
CA THR R 42 -2.40 30.38 67.08
C THR R 42 -1.19 31.29 67.08
N LEU R 43 -1.41 32.58 66.83
CA LEU R 43 -0.34 33.55 66.67
C LEU R 43 -0.52 34.70 67.66
N LEU R 44 0.38 35.68 67.54
CA LEU R 44 0.38 36.89 68.38
C LEU R 44 0.44 38.10 67.44
N HIS R 45 -0.72 38.56 67.00
CA HIS R 45 -0.78 39.69 66.08
C HIS R 45 -0.92 40.98 66.88
N TYR R 46 -1.19 42.09 66.18
CA TYR R 46 -1.28 43.41 66.80
C TYR R 46 -2.46 44.14 66.18
N ASP R 47 -3.61 44.09 66.87
CA ASP R 47 -4.82 44.74 66.35
C ASP R 47 -4.83 46.22 66.75
N PRO R 48 -5.00 47.14 65.79
CA PRO R 48 -5.02 48.56 66.13
C PRO R 48 -6.19 48.96 67.02
N VAL R 49 -7.25 48.16 67.10
CA VAL R 49 -8.42 48.53 67.88
C VAL R 49 -8.05 48.69 69.35
N VAL R 50 -7.27 47.75 69.89
CA VAL R 50 -6.83 47.84 71.28
C VAL R 50 -5.46 48.48 71.40
N LYS R 51 -4.73 48.66 70.30
CA LYS R 51 -3.40 49.24 70.29
C LYS R 51 -2.41 48.42 71.14
N LYS R 52 -2.72 47.14 71.34
CA LYS R 52 -1.85 46.25 72.11
C LYS R 52 -1.89 44.87 71.49
N LYS R 53 -0.79 44.14 71.65
CA LYS R 53 -0.72 42.78 71.13
C LYS R 53 -1.64 41.85 71.92
N VAL R 54 -2.46 41.08 71.20
CA VAL R 54 -3.42 40.18 71.81
C VAL R 54 -3.37 38.85 71.08
N LEU R 55 -3.93 37.82 71.72
CA LEU R 55 -3.93 36.49 71.15
C LEU R 55 -4.91 36.38 69.99
N PHE R 56 -4.49 35.68 68.94
CA PHE R 56 -5.32 35.40 67.78
C PHE R 56 -5.38 33.91 67.54
N VAL R 57 -6.57 33.39 67.26
CA VAL R 57 -6.77 31.97 67.01
C VAL R 57 -7.50 31.80 65.69
N GLU R 58 -7.31 30.63 65.07
CA GLU R 58 -7.99 30.31 63.82
C GLU R 58 -9.47 30.10 64.06
N GLN R 59 -10.31 30.71 63.23
CA GLN R 59 -11.75 30.60 63.37
C GLN R 59 -12.39 29.87 62.19
N LYS R 60 -12.15 30.33 60.97
CA LYS R 60 -12.85 29.81 59.80
C LYS R 60 -11.88 29.53 58.67
N LYS R 61 -12.28 28.62 57.79
CA LYS R 61 -11.55 28.31 56.56
C LYS R 61 -12.26 28.96 55.38
N ILE R 62 -11.53 29.73 54.60
CA ILE R 62 -12.10 30.50 53.48
C ILE R 62 -11.63 29.95 52.13
N ARG R 63 -10.32 29.92 51.90
CA ARG R 63 -9.76 29.55 50.61
C ARG R 63 -8.67 28.49 50.80
N SER R 64 -8.57 27.61 49.82
CA SER R 64 -7.54 26.58 49.83
C SER R 64 -6.37 26.96 48.93
N LYS S 50 -37.61 24.26 -24.04
CA LYS S 50 -36.17 24.44 -24.26
C LYS S 50 -35.87 25.80 -24.89
N ALA S 51 -36.94 26.53 -25.24
CA ALA S 51 -36.85 27.88 -25.78
C ALA S 51 -37.84 28.75 -25.01
N ARG S 52 -37.41 29.26 -23.86
CA ARG S 52 -38.30 30.02 -23.01
C ARG S 52 -38.54 31.41 -23.58
N GLY S 53 -39.57 32.07 -23.06
CA GLY S 53 -39.93 33.40 -23.51
C GLY S 53 -41.40 33.53 -23.85
N ASN S 54 -42.05 32.40 -24.09
CA ASN S 54 -43.46 32.35 -24.46
C ASN S 54 -44.31 31.75 -23.33
N GLU S 55 -43.99 32.10 -22.09
CA GLU S 55 -44.67 31.51 -20.94
C GLU S 55 -46.14 31.91 -20.87
N TYR S 56 -46.53 32.98 -21.55
CA TYR S 56 -47.91 33.46 -21.50
C TYR S 56 -48.70 32.85 -22.64
N GLN S 57 -49.55 31.88 -22.32
CA GLN S 57 -50.48 31.31 -23.29
C GLN S 57 -51.87 31.85 -23.02
N PRO S 58 -52.42 32.69 -23.90
CA PRO S 58 -53.67 33.40 -23.56
C PRO S 58 -54.83 32.44 -23.35
N SER S 59 -55.71 32.83 -22.44
CA SER S 59 -56.95 32.08 -22.19
C SER S 59 -57.90 32.98 -21.40
N ASN S 60 -59.09 33.23 -21.95
CA ASN S 60 -60.03 34.10 -21.27
C ASN S 60 -60.65 33.43 -20.05
N ILE S 61 -60.87 32.12 -20.11
CA ILE S 61 -61.44 31.43 -18.95
C ILE S 61 -60.53 31.53 -17.74
N LYS S 62 -59.23 31.32 -17.96
CA LYS S 62 -58.29 31.38 -16.84
C LYS S 62 -58.09 32.81 -16.36
N ARG S 63 -58.01 33.77 -17.29
CA ARG S 63 -57.73 35.15 -16.90
C ARG S 63 -58.84 35.74 -16.04
N LYS S 64 -60.10 35.47 -16.41
CA LYS S 64 -61.23 35.99 -15.65
C LYS S 64 -61.46 35.23 -14.35
N HIS S 65 -60.96 34.01 -14.24
CA HIS S 65 -61.10 33.24 -13.00
C HIS S 65 -60.01 33.57 -11.99
N LYS S 66 -58.84 34.01 -12.45
CA LYS S 66 -57.73 34.29 -11.56
C LYS S 66 -57.65 35.77 -11.17
N HIS S 67 -57.82 36.67 -12.14
CA HIS S 67 -57.69 38.10 -11.89
C HIS S 67 -59.00 38.85 -12.14
N GLY S 68 -60.12 38.15 -12.07
CA GLY S 68 -61.40 38.79 -12.34
C GLY S 68 -61.87 39.66 -11.19
N TRP S 69 -62.90 40.45 -11.48
CA TRP S 69 -63.47 41.33 -10.46
C TRP S 69 -64.16 40.54 -9.38
N VAL S 70 -64.80 39.42 -9.74
CA VAL S 70 -65.53 38.63 -8.75
C VAL S 70 -64.58 38.03 -7.72
N ARG S 71 -63.46 37.48 -8.18
CA ARG S 71 -62.52 36.86 -7.25
C ARG S 71 -61.90 37.89 -6.31
N ARG S 72 -61.67 39.11 -6.82
CA ARG S 72 -61.09 40.16 -5.98
C ARG S 72 -61.96 40.49 -4.79
N LEU S 73 -63.28 40.34 -4.92
CA LEU S 73 -64.21 40.68 -3.85
C LEU S 73 -64.61 39.48 -2.99
N ARG S 74 -64.02 38.31 -3.22
CA ARG S 74 -64.36 37.13 -2.43
C ARG S 74 -63.42 36.89 -1.27
N THR S 75 -62.20 37.41 -1.32
CA THR S 75 -61.27 37.23 -0.22
C THR S 75 -60.97 38.57 0.45
N PRO S 76 -60.82 38.59 1.78
CA PRO S 76 -60.51 39.87 2.45
C PRO S 76 -59.23 40.52 1.98
N THR S 77 -58.20 39.73 1.65
CA THR S 77 -56.97 40.31 1.11
C THR S 77 -57.18 40.85 -0.30
N GLY S 78 -58.05 40.21 -1.07
CA GLY S 78 -58.31 40.69 -2.43
C GLY S 78 -58.98 42.06 -2.43
N VAL S 79 -59.88 42.30 -1.48
CA VAL S 79 -60.57 43.59 -1.42
C VAL S 79 -59.57 44.71 -1.15
N GLN S 80 -58.56 44.45 -0.32
CA GLN S 80 -57.54 45.45 -0.07
C GLN S 80 -56.78 45.80 -1.33
N VAL S 81 -56.61 44.83 -2.25
CA VAL S 81 -55.99 45.13 -3.53
C VAL S 81 -56.83 46.13 -4.31
N ILE S 82 -58.15 45.93 -4.32
CA ILE S 82 -59.05 46.88 -5.00
C ILE S 82 -58.96 48.24 -4.33
N LEU S 83 -58.93 48.28 -3.00
CA LEU S 83 -58.87 49.56 -2.29
C LEU S 83 -57.60 50.31 -2.62
N ARG S 84 -56.47 49.60 -2.69
CA ARG S 84 -55.21 50.28 -3.02
C ARG S 84 -55.25 50.88 -4.42
N ARG S 85 -55.82 50.15 -5.38
CA ARG S 85 -55.86 50.66 -6.74
C ARG S 85 -56.84 51.81 -6.90
N MET S 86 -57.95 51.79 -6.17
CA MET S 86 -58.87 52.92 -6.19
C MET S 86 -58.22 54.16 -5.59
N HIS S 87 -57.48 54.00 -4.49
CA HIS S 87 -56.81 55.13 -3.88
C HIS S 87 -55.73 55.70 -4.80
N LYS S 88 -54.97 54.83 -5.48
CA LYS S 88 -53.93 55.28 -6.37
C LYS S 88 -54.48 55.96 -7.62
N GLY S 89 -55.75 55.73 -7.94
CA GLY S 89 -56.35 56.35 -9.10
C GLY S 89 -56.22 55.53 -10.37
N ARG S 90 -56.11 54.22 -10.27
CA ARG S 90 -55.94 53.37 -11.45
C ARG S 90 -57.17 53.44 -12.34
N LYS S 91 -56.93 53.41 -13.65
CA LYS S 91 -58.03 53.42 -14.60
C LYS S 91 -58.76 52.08 -14.62
N SER S 92 -58.02 50.98 -14.48
CA SER S 92 -58.59 49.64 -14.48
C SER S 92 -58.26 48.98 -13.15
N LEU S 93 -59.28 48.82 -12.29
CA LEU S 93 -59.05 48.18 -11.00
C LEU S 93 -58.66 46.72 -11.17
N SER S 94 -59.30 46.02 -12.10
CA SER S 94 -59.03 44.60 -12.30
C SER S 94 -59.49 44.22 -13.71
N HIS S 95 -59.14 43.00 -14.11
CA HIS S 95 -59.51 42.49 -15.43
C HIS S 95 -61.02 42.35 -15.57
N VAL T 94 -22.58 58.29 24.43
CA VAL T 94 -23.16 59.55 24.87
C VAL T 94 -24.20 60.03 23.86
N THR T 95 -25.42 60.26 24.35
CA THR T 95 -26.52 60.73 23.50
C THR T 95 -26.47 62.24 23.45
N TYR T 96 -25.97 62.79 22.34
CA TYR T 96 -25.90 64.24 22.20
C TYR T 96 -27.29 64.86 22.16
N PHE T 97 -28.22 64.23 21.46
CA PHE T 97 -29.59 64.73 21.33
C PHE T 97 -30.56 63.59 21.64
N SER T 98 -31.33 63.75 22.70
CA SER T 98 -32.31 62.74 23.07
C SER T 98 -33.55 62.84 22.17
N SER T 99 -34.34 61.77 22.17
CA SER T 99 -35.51 61.68 21.31
C SER T 99 -36.79 62.20 21.95
N ARG T 100 -36.77 62.53 23.25
CA ARG T 100 -37.97 63.00 23.93
C ARG T 100 -37.96 64.53 24.10
N LYS T 101 -36.91 65.07 24.74
CA LYS T 101 -36.80 66.50 24.96
C LYS T 101 -35.79 67.18 24.05
N GLY T 102 -34.88 66.43 23.44
CA GLY T 102 -33.88 67.02 22.58
C GLY T 102 -32.68 67.60 23.29
N LYS T 103 -32.58 67.43 24.61
CA LYS T 103 -31.45 67.95 25.37
C LYS T 103 -30.31 66.93 25.32
N ARG T 104 -29.28 67.17 26.11
CA ARG T 104 -28.09 66.31 26.14
C ARG T 104 -28.14 65.40 27.36
N LYS T 105 -28.05 64.10 27.12
CA LYS T 105 -28.11 63.14 28.21
C LYS T 105 -26.73 62.99 28.86
N THR T 106 -26.71 62.23 29.95
CA THR T 106 -25.48 61.96 30.69
C THR T 106 -25.28 60.45 30.83
N VAL T 107 -24.05 60.06 31.10
CA VAL T 107 -23.69 58.65 31.29
C VAL T 107 -23.70 58.37 32.78
N LYS T 108 -24.60 57.47 33.20
CA LYS T 108 -24.73 57.16 34.62
C LYS T 108 -23.57 56.36 35.17
N ALA T 109 -22.69 55.83 34.32
CA ALA T 109 -21.54 55.09 34.82
C ALA T 109 -20.52 56.02 35.47
N VAL T 110 -20.40 57.24 34.96
CA VAL T 110 -19.39 58.16 35.48
C VAL T 110 -19.75 58.64 36.89
N ILE T 111 -21.01 59.00 37.10
CA ILE T 111 -21.40 59.60 38.38
C ILE T 111 -21.32 58.58 39.51
N TYR T 112 -21.59 57.31 39.22
CA TYR T 112 -21.60 56.31 40.28
C TYR T 112 -20.20 55.99 40.81
N ARG T 113 -19.14 56.45 40.14
CA ARG T 113 -17.79 56.11 40.57
C ARG T 113 -16.82 57.27 40.47
N PHE T 114 -17.29 58.50 40.32
CA PHE T 114 -16.42 59.67 40.27
C PHE T 114 -17.04 60.82 41.05
N LEU T 115 -16.19 61.69 41.56
CA LEU T 115 -16.61 62.91 42.24
C LEU T 115 -15.93 64.10 41.58
N ARG T 116 -16.71 65.11 41.26
CA ARG T 116 -16.21 66.30 40.58
C ARG T 116 -16.17 67.47 41.56
N LEU T 117 -14.98 68.03 41.76
CA LEU T 117 -14.85 69.25 42.54
C LEU T 117 -15.10 70.45 41.63
N HIS T 118 -15.52 71.56 42.25
CA HIS T 118 -15.88 72.74 41.48
C HIS T 118 -14.67 73.36 40.78
N SER T 119 -13.46 72.99 41.16
CA SER T 119 -12.25 73.49 40.51
C SER T 119 -11.97 72.79 39.19
N GLY T 120 -12.75 71.78 38.83
CA GLY T 120 -12.54 71.01 37.63
C GLY T 120 -11.88 69.66 37.86
N LEU T 121 -11.23 69.47 39.01
CA LEU T 121 -10.58 68.21 39.31
C LEU T 121 -11.62 67.13 39.58
N TRP T 122 -11.33 65.91 39.13
CA TRP T 122 -12.17 64.76 39.40
C TRP T 122 -11.48 63.83 40.39
N LEU T 123 -12.28 63.10 41.16
CA LEU T 123 -11.78 62.24 42.22
C LEU T 123 -12.25 60.81 41.97
N ARG T 124 -11.37 59.85 42.26
CA ARG T 124 -11.67 58.44 42.03
C ARG T 124 -10.92 57.59 43.03
N ARG T 125 -11.34 56.33 43.13
CA ARG T 125 -10.69 55.35 43.98
C ARG T 125 -9.70 54.53 43.15
N LYS T 126 -8.66 54.03 43.82
CA LYS T 126 -7.69 53.18 43.16
C LYS T 126 -8.32 51.86 42.73
N ALA T 127 -7.84 51.33 41.61
CA ALA T 127 -8.34 50.07 41.10
C ALA T 127 -7.77 48.90 41.90
N GLY T 128 -8.63 47.96 42.27
CA GLY T 128 -8.18 46.79 43.00
C GLY T 128 -7.95 46.98 44.48
N TYR T 129 -8.73 47.83 45.13
CA TYR T 129 -8.58 48.07 46.56
C TYR T 129 -9.39 47.10 47.41
N LYS T 130 -10.07 46.13 46.79
CA LYS T 130 -10.86 45.14 47.52
C LYS T 130 -10.55 43.71 47.09
N LYS T 131 -9.55 43.51 46.24
CA LYS T 131 -9.25 42.20 45.67
C LYS T 131 -7.93 41.68 46.22
N LYS T 132 -7.98 40.51 46.86
CA LYS T 132 -6.80 39.78 47.31
C LYS T 132 -5.93 40.64 48.22
N LEU T 133 -6.49 41.00 49.38
CA LEU T 133 -5.78 41.85 50.31
C LEU T 133 -4.68 41.10 51.07
N TRP T 134 -4.86 39.80 51.32
CA TRP T 134 -3.84 39.05 52.05
C TRP T 134 -2.56 38.92 51.24
N LYS T 135 -2.65 39.00 49.92
CA LYS T 135 -1.48 38.82 49.07
C LYS T 135 -0.58 40.05 49.05
N LYS T 136 -1.16 41.25 49.15
CA LYS T 136 -0.42 42.48 49.01
C LYS T 136 0.21 42.89 50.34
N THR T 137 1.29 43.67 50.25
CA THR T 137 2.00 44.14 51.42
C THR T 137 1.23 45.25 52.13
N ALA T 138 1.75 45.64 53.29
CA ALA T 138 1.10 46.70 54.06
C ALA T 138 1.14 48.04 53.33
N ALA T 139 2.28 48.36 52.72
CA ALA T 139 2.40 49.62 51.98
C ALA T 139 1.50 49.63 50.75
N ARG T 140 1.42 48.51 50.04
CA ARG T 140 0.60 48.45 48.83
C ARG T 140 -0.88 48.62 49.16
N LYS T 141 -1.34 48.03 50.25
CA LYS T 141 -2.74 48.20 50.65
C LYS T 141 -3.04 49.64 51.00
N ARG T 142 -2.10 50.33 51.66
CA ARG T 142 -2.30 51.73 51.99
C ARG T 142 -2.40 52.58 50.73
N ARG T 143 -1.57 52.31 49.74
CA ARG T 143 -1.59 53.08 48.50
C ARG T 143 -2.90 52.89 47.75
N LEU T 144 -3.45 51.66 47.76
CA LEU T 144 -4.68 51.39 47.04
C LEU T 144 -5.92 51.94 47.74
N ARG T 145 -5.84 52.29 49.02
CA ARG T 145 -6.97 52.81 49.75
C ARG T 145 -7.05 54.33 49.73
N GLU T 146 -6.22 55.00 48.92
CA GLU T 146 -6.16 56.45 48.90
C GLU T 146 -6.88 57.01 47.69
N PHE T 147 -7.59 58.12 47.89
CA PHE T 147 -8.23 58.83 46.79
C PHE T 147 -7.16 59.48 45.91
N VAL T 148 -7.40 59.51 44.60
CA VAL T 148 -6.45 60.07 43.66
C VAL T 148 -7.17 60.99 42.68
N PHE T 149 -6.40 61.89 42.07
CA PHE T 149 -6.89 62.80 41.07
C PHE T 149 -6.67 62.24 39.67
N CYS T 150 -7.35 62.84 38.70
CA CYS T 150 -7.27 62.44 37.30
C CYS T 150 -6.61 63.55 36.49
N ASN T 151 -5.84 63.14 35.48
CA ASN T 151 -5.10 64.10 34.68
C ASN T 151 -6.04 64.86 33.75
N LYS T 152 -5.45 65.73 32.93
CA LYS T 152 -6.24 66.66 32.12
C LYS T 152 -7.11 65.92 31.10
N THR T 153 -6.55 64.94 30.41
CA THR T 153 -7.30 64.24 29.37
C THR T 153 -8.49 63.49 29.97
N GLN T 154 -8.28 62.79 31.09
CA GLN T 154 -9.39 62.10 31.74
C GLN T 154 -10.41 63.09 32.30
N SER T 155 -9.94 64.19 32.88
CA SER T 155 -10.87 65.20 33.38
C SER T 155 -11.66 65.82 32.25
N LYS T 156 -11.00 66.12 31.12
CA LYS T 156 -11.70 66.67 29.97
C LYS T 156 -12.66 65.64 29.37
N LEU T 157 -12.27 64.36 29.36
CA LEU T 157 -13.14 63.32 28.82
C LEU T 157 -14.43 63.21 29.61
N LEU T 158 -14.34 63.25 30.94
CA LEU T 158 -15.53 63.08 31.77
C LEU T 158 -16.45 64.30 31.73
N ASP T 159 -15.91 65.49 31.42
CA ASP T 159 -16.76 66.67 31.33
C ASP T 159 -17.69 66.62 30.12
N LYS T 160 -17.29 65.94 29.06
CA LYS T 160 -18.13 65.79 27.88
C LYS T 160 -19.08 64.61 27.98
N MET T 161 -18.90 63.73 28.97
CA MET T 161 -19.80 62.61 29.18
C MET T 161 -20.90 62.89 30.18
N THR T 162 -20.82 64.01 30.89
CA THR T 162 -21.84 64.38 31.86
C THR T 162 -22.43 65.74 31.50
N THR T 163 -23.67 65.96 31.89
CA THR T 163 -24.37 67.20 31.57
C THR T 163 -23.90 68.31 32.51
N SER T 164 -24.54 69.47 32.43
CA SER T 164 -24.14 70.63 33.21
C SER T 164 -24.76 70.65 34.61
N PHE T 165 -25.63 69.70 34.93
CA PHE T 165 -26.20 69.65 36.27
C PHE T 165 -25.16 69.29 37.31
N TRP T 166 -24.23 68.40 36.98
CA TRP T 166 -23.24 67.92 37.93
C TRP T 166 -22.05 68.85 38.11
N LYS T 167 -21.96 69.91 37.30
CA LYS T 167 -20.89 70.88 37.42
C LYS T 167 -21.29 72.10 38.23
N ARG T 168 -22.50 72.10 38.79
CA ARG T 168 -22.97 73.25 39.55
C ARG T 168 -22.27 73.34 40.90
N ARG T 169 -22.48 74.46 41.58
CA ARG T 169 -21.94 74.68 42.91
C ARG T 169 -22.94 74.21 43.95
N ASN T 170 -22.54 73.26 44.79
CA ASN T 170 -23.41 72.68 45.80
C ASN T 170 -22.89 73.01 47.18
N TRP T 171 -23.80 73.35 48.09
CA TRP T 171 -23.47 73.64 49.48
C TRP T 171 -24.15 72.56 50.34
N TYR T 172 -23.47 71.43 50.52
CA TYR T 172 -24.01 70.37 51.34
C TYR T 172 -23.76 70.66 52.81
N ALA T 173 -24.64 70.12 53.67
CA ALA T 173 -24.46 70.22 55.10
C ALA T 173 -23.54 69.10 55.59
N ASP T 174 -22.50 69.47 56.33
CA ASP T 174 -21.53 68.52 56.85
C ASP T 174 -20.88 67.71 55.73
N ASP T 175 -20.41 68.40 54.70
CA ASP T 175 -19.75 67.75 53.58
C ASP T 175 -18.26 67.68 53.82
N PRO T 176 -17.66 66.49 53.87
CA PRO T 176 -16.20 66.41 54.08
C PRO T 176 -15.39 67.09 52.98
N TYR T 177 -15.87 67.07 51.74
CA TYR T 177 -15.16 67.64 50.62
C TYR T 177 -15.51 69.10 50.36
N GLN T 178 -16.30 69.72 51.26
CA GLN T 178 -16.75 71.08 51.02
C GLN T 178 -15.60 72.08 51.02
N LYS T 179 -14.53 71.78 51.75
CA LYS T 179 -13.38 72.69 51.79
C LYS T 179 -12.44 72.51 50.61
N TYR T 180 -12.59 71.44 49.83
CA TYR T 180 -11.75 71.21 48.66
C TYR T 180 -12.36 71.75 47.37
N GLN T 181 -13.53 72.39 47.45
CA GLN T 181 -14.25 72.78 46.23
C GLN T 181 -13.47 73.81 45.42
N ASP T 182 -12.86 74.79 46.10
CA ASP T 182 -12.21 75.90 45.42
C ASP T 182 -10.69 75.76 45.51
N ARG T 183 -10.01 76.11 44.43
CA ARG T 183 -8.56 76.13 44.38
C ARG T 183 -8.03 77.39 45.03
N THR T 184 -6.76 77.34 45.44
CA THR T 184 -6.15 78.48 46.11
C THR T 184 -4.64 78.48 45.89
N ASN T 185 -4.07 79.68 45.82
CA ASN T 185 -2.62 79.88 45.69
C ASN T 185 -2.06 79.12 44.50
N LEU T 186 -2.76 79.22 43.36
CA LEU T 186 -2.36 78.54 42.13
C LEU T 186 -1.76 79.59 41.19
N LYS T 187 -0.44 79.57 41.05
CA LYS T 187 0.28 80.50 40.18
C LYS T 187 0.61 79.78 38.88
N VAL T 188 -0.20 80.03 37.86
CA VAL T 188 0.02 79.42 36.55
C VAL T 188 0.51 80.47 35.55
N ALA U 61 -58.52 25.43 -1.98
CA ALA U 61 -59.98 25.39 -1.97
C ALA U 61 -60.48 24.04 -1.47
N THR U 62 -61.54 24.07 -0.66
CA THR U 62 -62.11 22.84 -0.12
C THR U 62 -62.78 22.04 -1.23
N SER U 63 -62.45 20.75 -1.31
CA SER U 63 -63.05 19.85 -2.28
C SER U 63 -64.21 19.09 -1.64
N VAL U 64 -64.90 18.30 -2.47
CA VAL U 64 -66.05 17.53 -2.04
C VAL U 64 -65.74 16.05 -2.26
N SER U 65 -65.97 15.25 -1.23
CA SER U 65 -65.75 13.81 -1.34
C SER U 65 -66.81 13.19 -2.25
N TRP U 66 -66.37 12.20 -3.05
CA TRP U 66 -67.28 11.54 -3.99
C TRP U 66 -68.27 10.62 -3.30
N LYS U 67 -68.11 10.35 -2.01
CA LYS U 67 -68.98 9.45 -1.28
C LYS U 67 -70.26 10.19 -0.89
N SER U 68 -71.11 10.42 -1.88
CA SER U 68 -72.34 11.18 -1.69
C SER U 68 -73.60 10.34 -1.80
N ARG U 69 -73.50 9.10 -2.28
CA ARG U 69 -74.68 8.27 -2.44
C ARG U 69 -75.26 7.90 -1.08
N THR U 70 -76.59 7.95 -0.98
CA THR U 70 -77.30 7.66 0.26
C THR U 70 -78.03 6.33 0.26
N LYS U 71 -78.59 5.92 -0.87
CA LYS U 71 -79.37 4.69 -0.97
C LYS U 71 -78.53 3.55 -1.50
N TYR U 72 -78.63 2.39 -0.88
CA TYR U 72 -77.89 1.21 -1.31
C TYR U 72 -78.40 0.74 -2.67
N THR U 73 -77.46 0.34 -3.53
CA THR U 73 -77.80 -0.18 -4.85
C THR U 73 -76.70 -1.14 -5.29
N VAL U 74 -77.11 -2.23 -5.96
CA VAL U 74 -76.16 -3.26 -6.34
C VAL U 74 -75.34 -2.85 -7.54
N MET U 75 -75.84 -1.92 -8.35
CA MET U 75 -75.13 -1.49 -9.54
C MET U 75 -73.86 -0.72 -9.15
N PRO U 76 -72.80 -0.83 -9.95
CA PRO U 76 -71.57 -0.09 -9.64
C PRO U 76 -71.80 1.41 -9.68
N VAL U 77 -71.10 2.12 -8.81
CA VAL U 77 -71.22 3.57 -8.67
C VAL U 77 -69.92 4.22 -9.12
N LYS U 78 -70.03 5.46 -9.60
CA LYS U 78 -68.85 6.17 -10.08
C LYS U 78 -67.90 6.48 -8.91
N MET U 79 -66.61 6.48 -9.21
CA MET U 79 -65.58 6.63 -8.20
C MET U 79 -64.51 7.60 -8.71
N ARG U 80 -64.12 8.53 -7.84
CA ARG U 80 -63.07 9.49 -8.15
C ARG U 80 -61.86 9.24 -7.27
N LYS U 81 -60.69 9.12 -7.89
CA LYS U 81 -59.47 8.90 -7.14
C LYS U 81 -59.07 10.16 -6.37
N SER U 82 -58.25 9.96 -5.35
CA SER U 82 -57.76 11.04 -4.50
C SER U 82 -56.31 11.41 -4.79
N GLY U 83 -55.42 10.43 -4.84
CA GLY U 83 -54.03 10.70 -5.07
C GLY U 83 -53.23 11.11 -3.86
N GLY U 84 -53.76 10.90 -2.66
CA GLY U 84 -53.10 11.29 -1.44
C GLY U 84 -53.37 12.72 -1.00
N ARG U 85 -54.10 13.49 -1.78
CA ARG U 85 -54.42 14.87 -1.39
C ARG U 85 -55.63 14.88 -0.47
N ASN U 86 -55.51 15.60 0.64
CA ASN U 86 -56.62 15.75 1.57
C ASN U 86 -57.59 16.80 1.03
N HIS U 87 -58.58 17.20 1.83
CA HIS U 87 -59.55 18.17 1.37
C HIS U 87 -58.91 19.53 1.12
N THR U 88 -57.85 19.86 1.85
CA THR U 88 -57.15 21.12 1.61
C THR U 88 -56.52 21.14 0.23
N GLY U 89 -55.86 20.05 -0.15
CA GLY U 89 -55.23 19.97 -1.46
C GLY U 89 -53.76 19.61 -1.42
N GLN U 90 -53.24 19.35 -0.22
CA GLN U 90 -51.84 19.02 -0.03
C GLN U 90 -51.65 17.51 0.08
N ILE U 91 -50.45 17.07 -0.27
CA ILE U 91 -50.12 15.65 -0.19
C ILE U 91 -50.01 15.23 1.28
N GLN U 92 -50.73 14.19 1.64
CA GLN U 92 -50.65 13.61 2.98
C GLN U 92 -50.15 12.19 2.98
N VAL U 93 -50.52 11.39 1.98
CA VAL U 93 -50.02 10.03 1.81
C VAL U 93 -49.33 9.97 0.45
N HIS U 94 -48.06 9.62 0.45
CA HIS U 94 -47.27 9.59 -0.78
C HIS U 94 -47.44 8.26 -1.50
N GLY U 95 -47.00 8.23 -2.75
CA GLY U 95 -46.98 7.01 -3.53
C GLY U 95 -48.34 6.52 -3.99
N ILE U 96 -49.31 7.41 -4.08
CA ILE U 96 -50.66 7.05 -4.53
C ILE U 96 -51.07 8.01 -5.63
N GLY U 97 -51.55 7.47 -6.73
CA GLY U 97 -52.08 8.28 -7.82
C GLY U 97 -51.77 7.66 -9.17
N GLY U 98 -52.50 8.12 -10.18
CA GLY U 98 -52.28 7.68 -11.54
C GLY U 98 -52.61 6.22 -11.81
N GLY U 99 -53.73 5.73 -11.28
CA GLY U 99 -54.14 4.37 -11.50
C GLY U 99 -55.23 4.25 -12.57
N HIS U 100 -55.54 3.01 -12.91
CA HIS U 100 -56.60 2.73 -13.88
C HIS U 100 -57.96 3.07 -13.26
N LYS U 101 -58.86 3.59 -14.11
CA LYS U 101 -60.17 4.02 -13.62
C LYS U 101 -60.98 2.83 -13.12
N GLN U 102 -61.68 3.02 -12.01
CA GLN U 102 -62.39 1.94 -11.35
C GLN U 102 -63.79 2.39 -10.96
N ARG U 103 -64.69 1.41 -10.81
CA ARG U 103 -66.03 1.63 -10.30
C ARG U 103 -66.18 0.89 -8.98
N TYR U 104 -66.98 1.46 -8.07
CA TYR U 104 -67.13 0.95 -6.73
C TYR U 104 -68.45 0.19 -6.61
N ARG U 105 -68.41 -0.98 -5.98
CA ARG U 105 -69.59 -1.77 -5.70
C ARG U 105 -69.99 -1.60 -4.25
N MET U 106 -71.28 -1.35 -4.02
CA MET U 106 -71.80 -1.14 -2.67
C MET U 106 -71.83 -2.46 -1.93
N ILE U 107 -70.96 -2.63 -0.93
CA ILE U 107 -70.82 -3.88 -0.19
C ILE U 107 -71.58 -3.78 1.12
N ASP U 108 -72.47 -4.74 1.37
CA ASP U 108 -73.24 -4.80 2.61
C ASP U 108 -72.47 -5.66 3.60
N PHE U 109 -71.84 -5.01 4.59
CA PHE U 109 -71.05 -5.75 5.56
C PHE U 109 -71.93 -6.49 6.56
N LEU U 110 -73.02 -5.88 6.99
CA LEU U 110 -73.91 -6.49 7.98
C LEU U 110 -74.60 -7.69 7.36
N ARG U 111 -74.18 -8.89 7.77
CA ARG U 111 -74.74 -10.11 7.19
C ARG U 111 -76.21 -10.26 7.54
N PHE U 112 -76.58 -9.98 8.78
CA PHE U 112 -77.96 -10.17 9.25
C PHE U 112 -78.70 -8.84 9.12
N ARG U 113 -79.61 -8.77 8.14
CA ARG U 113 -80.40 -7.55 7.92
C ARG U 113 -81.71 -7.98 7.26
N PRO U 114 -82.77 -8.13 8.05
CA PRO U 114 -84.07 -8.53 7.47
C PRO U 114 -84.62 -7.47 6.53
N GLU U 115 -85.39 -7.93 5.54
CA GLU U 115 -86.04 -7.00 4.63
C GLU U 115 -87.02 -6.09 5.35
N HIS U 116 -87.81 -6.65 6.27
CA HIS U 116 -88.76 -5.89 7.04
C HIS U 116 -88.67 -6.32 8.51
N GLU U 117 -89.07 -5.40 9.39
CA GLU U 117 -89.03 -5.67 10.83
C GLU U 117 -90.23 -6.48 11.30
N SER U 118 -91.19 -6.77 10.42
CA SER U 118 -92.34 -7.57 10.82
C SER U 118 -91.93 -8.99 11.20
N LYS U 119 -90.98 -9.56 10.46
CA LYS U 119 -90.52 -10.94 10.68
C LYS U 119 -89.03 -10.92 10.94
N PRO U 120 -88.61 -10.79 12.20
CA PRO U 120 -87.17 -10.76 12.53
C PRO U 120 -86.49 -12.11 12.54
N GLY U 121 -87.14 -13.16 12.05
CA GLY U 121 -86.58 -14.49 12.09
C GLY U 121 -85.44 -14.67 11.11
N PRO U 122 -84.68 -15.75 11.27
CA PRO U 122 -83.59 -16.04 10.33
C PRO U 122 -84.13 -16.26 8.92
N PHE U 123 -83.34 -15.83 7.94
CA PHE U 123 -83.71 -15.94 6.54
C PHE U 123 -82.57 -16.56 5.75
N GLU U 124 -82.92 -17.17 4.63
CA GLU U 124 -81.98 -17.87 3.77
C GLU U 124 -81.99 -17.24 2.38
N GLU U 125 -80.80 -17.04 1.82
CA GLU U 125 -80.65 -16.36 0.54
C GLU U 125 -79.94 -17.28 -0.45
N LYS U 126 -79.91 -16.84 -1.71
CA LYS U 126 -79.32 -17.61 -2.80
C LYS U 126 -78.21 -16.80 -3.47
N VAL U 127 -77.13 -17.48 -3.84
CA VAL U 127 -76.00 -16.84 -4.51
C VAL U 127 -76.22 -16.90 -6.01
N ILE U 128 -76.04 -15.76 -6.68
CA ILE U 128 -76.27 -15.67 -8.11
C ILE U 128 -74.96 -15.83 -8.87
N ALA U 129 -73.99 -14.97 -8.58
CA ALA U 129 -72.72 -14.99 -9.29
C ALA U 129 -71.61 -14.47 -8.39
N VAL U 130 -70.38 -14.82 -8.74
CA VAL U 130 -69.19 -14.37 -8.04
C VAL U 130 -68.36 -13.55 -9.02
N ARG U 131 -68.10 -12.30 -8.67
CA ARG U 131 -67.41 -11.36 -9.55
C ARG U 131 -66.09 -10.93 -8.92
N TYR U 132 -65.33 -10.12 -9.67
CA TYR U 132 -64.05 -9.59 -9.23
C TYR U 132 -64.23 -8.12 -8.88
N ASP U 133 -63.80 -7.74 -7.67
CA ASP U 133 -63.95 -6.38 -7.20
C ASP U 133 -62.61 -5.66 -7.26
N PRO U 134 -62.49 -4.60 -8.07
CA PRO U 134 -61.20 -3.90 -8.16
C PRO U 134 -60.78 -3.23 -6.87
N CYS U 135 -61.72 -2.84 -6.01
CA CYS U 135 -61.36 -2.09 -4.81
C CYS U 135 -60.60 -2.96 -3.82
N ARG U 136 -61.23 -4.03 -3.35
CA ARG U 136 -60.61 -4.89 -2.34
C ARG U 136 -59.90 -6.06 -3.00
N SER U 137 -59.05 -6.72 -2.21
CA SER U 137 -58.25 -7.84 -2.69
C SER U 137 -59.01 -9.16 -2.71
N ALA U 138 -60.24 -9.18 -2.22
CA ALA U 138 -61.05 -10.39 -2.19
C ALA U 138 -62.00 -10.40 -3.38
N ASP U 139 -62.85 -11.43 -3.43
CA ASP U 139 -63.86 -11.56 -4.48
C ASP U 139 -65.23 -11.47 -3.85
N ILE U 140 -66.09 -10.63 -4.40
CA ILE U 140 -67.43 -10.42 -3.88
C ILE U 140 -68.41 -11.26 -4.68
N ALA U 141 -69.50 -11.67 -4.03
CA ALA U 141 -70.51 -12.52 -4.65
C ALA U 141 -71.88 -11.88 -4.49
N LEU U 142 -72.63 -11.84 -5.59
CA LEU U 142 -73.97 -11.29 -5.57
C LEU U 142 -74.92 -12.26 -4.91
N VAL U 143 -75.72 -11.76 -3.96
CA VAL U 143 -76.64 -12.58 -3.19
C VAL U 143 -78.01 -11.91 -3.19
N ALA U 144 -79.04 -12.66 -3.54
CA ALA U 144 -80.40 -12.15 -3.63
C ALA U 144 -81.33 -12.95 -2.75
N GLY U 145 -82.27 -12.26 -2.12
CA GLY U 145 -83.27 -12.91 -1.29
C GLY U 145 -84.44 -12.00 -1.00
N GLY U 146 -85.65 -12.52 -1.10
CA GLY U 146 -86.83 -11.70 -0.90
C GLY U 146 -87.11 -10.78 -2.07
N ASN U 147 -86.87 -9.49 -1.89
CA ASN U 147 -87.06 -8.50 -2.95
C ASN U 147 -85.87 -7.57 -3.09
N ARG U 148 -84.69 -7.98 -2.63
CA ARG U 148 -83.50 -7.15 -2.71
C ARG U 148 -82.28 -8.02 -2.96
N LYS U 149 -81.23 -7.39 -3.47
CA LYS U 149 -79.95 -8.03 -3.71
C LYS U 149 -78.86 -7.33 -2.91
N ARG U 150 -77.79 -8.07 -2.61
CA ARG U 150 -76.69 -7.55 -1.82
C ARG U 150 -75.37 -8.07 -2.35
N TRP U 151 -74.33 -7.26 -2.21
CA TRP U 151 -72.95 -7.67 -2.50
C TRP U 151 -72.27 -7.99 -1.18
N ILE U 152 -71.93 -9.26 -0.97
CA ILE U 152 -71.22 -9.67 0.23
C ILE U 152 -69.93 -10.40 -0.19
N ILE U 153 -68.98 -10.43 0.73
CA ILE U 153 -67.68 -11.03 0.44
C ILE U 153 -67.83 -12.54 0.37
N ALA U 154 -67.33 -13.13 -0.71
CA ALA U 154 -67.45 -14.56 -0.93
C ALA U 154 -66.36 -15.31 -0.18
N THR U 155 -66.73 -16.49 0.33
CA THR U 155 -65.79 -17.33 1.04
C THR U 155 -64.93 -18.09 0.03
N GLU U 156 -64.16 -19.07 0.51
CA GLU U 156 -63.14 -19.71 -0.34
C GLU U 156 -63.77 -20.42 -1.53
N ASN U 157 -64.88 -21.13 -1.32
CA ASN U 157 -65.48 -21.98 -2.36
C ASN U 157 -66.96 -21.68 -2.52
N MET U 158 -67.30 -20.41 -2.64
CA MET U 158 -68.66 -20.01 -2.99
C MET U 158 -68.78 -19.89 -4.51
N LYS U 159 -69.80 -20.52 -5.06
CA LYS U 159 -70.02 -20.56 -6.50
C LYS U 159 -71.46 -20.15 -6.81
N ALA U 160 -71.78 -20.11 -8.10
CA ALA U 160 -73.12 -19.75 -8.53
C ALA U 160 -74.12 -20.85 -8.19
N GLY U 161 -75.37 -20.44 -7.99
CA GLY U 161 -76.42 -21.39 -7.67
C GLY U 161 -76.22 -22.07 -6.34
N ASP U 162 -75.86 -21.31 -5.31
CA ASP U 162 -75.66 -21.83 -3.96
C ASP U 162 -76.55 -21.09 -2.99
N THR U 163 -76.91 -21.77 -1.91
CA THR U 163 -77.84 -21.24 -0.91
C THR U 163 -77.07 -20.92 0.37
N VAL U 164 -77.28 -19.72 0.91
CA VAL U 164 -76.59 -19.24 2.09
C VAL U 164 -77.63 -18.91 3.16
N LEU U 165 -77.39 -19.38 4.38
CA LEU U 165 -78.29 -19.16 5.50
C LEU U 165 -77.70 -18.11 6.44
N ASN U 166 -78.51 -17.12 6.80
CA ASN U 166 -78.14 -16.10 7.76
C ASN U 166 -79.05 -16.23 8.98
N SER U 167 -78.46 -16.33 10.16
CA SER U 167 -79.24 -16.55 11.37
C SER U 167 -78.53 -15.89 12.55
N ASP U 168 -79.32 -15.64 13.61
CA ASP U 168 -78.82 -15.04 14.83
C ASP U 168 -79.29 -15.76 16.08
N HIS U 169 -80.12 -16.80 15.94
CA HIS U 169 -80.67 -17.52 17.09
C HIS U 169 -79.56 -18.30 17.79
N ILE U 170 -79.20 -17.85 19.00
CA ILE U 170 -78.14 -18.49 19.77
C ILE U 170 -78.73 -19.74 20.45
N GLY U 171 -78.47 -20.90 19.85
CA GLY U 171 -78.94 -22.16 20.40
C GLY U 171 -77.99 -22.72 21.42
N ARG U 172 -78.54 -23.53 22.34
CA ARG U 172 -77.75 -23.99 23.47
C ARG U 172 -76.71 -25.04 23.06
N MET U 173 -77.14 -26.13 22.42
CA MET U 173 -76.20 -27.20 22.07
C MET U 173 -75.20 -26.70 21.02
N ALA U 174 -75.67 -26.42 19.82
CA ALA U 174 -74.75 -26.18 18.71
C ALA U 174 -75.46 -25.81 17.42
N VAL U 175 -74.69 -25.48 16.37
CA VAL U 175 -75.18 -25.35 15.01
C VAL U 175 -74.07 -25.82 14.07
N ALA U 176 -74.44 -26.65 13.09
CA ALA U 176 -73.45 -27.14 12.13
C ALA U 176 -72.85 -25.97 11.36
N ALA U 177 -71.53 -25.95 11.23
CA ALA U 177 -70.84 -24.87 10.56
C ALA U 177 -70.73 -25.18 9.07
N ARG U 178 -71.34 -24.33 8.24
CA ARG U 178 -71.22 -24.46 6.80
C ARG U 178 -70.24 -23.43 6.27
N GLU U 179 -69.89 -23.57 4.99
CA GLU U 179 -68.87 -22.72 4.37
C GLU U 179 -69.35 -21.30 4.10
N GLY U 180 -70.67 -21.06 4.11
CA GLY U 180 -71.16 -19.73 3.80
C GLY U 180 -72.09 -19.14 4.84
N ASP U 181 -72.61 -19.99 5.72
CA ASP U 181 -73.58 -19.55 6.71
C ASP U 181 -72.95 -18.56 7.69
N ALA U 182 -73.75 -17.62 8.16
CA ALA U 182 -73.34 -16.63 9.16
C ALA U 182 -74.15 -16.86 10.42
N HIS U 183 -73.46 -17.14 11.52
CA HIS U 183 -74.09 -17.41 12.80
C HIS U 183 -73.41 -16.58 13.88
N PRO U 184 -74.13 -16.28 14.97
CA PRO U 184 -73.49 -15.58 16.09
C PRO U 184 -72.41 -16.46 16.72
N LEU U 185 -71.41 -15.79 17.30
CA LEU U 185 -70.27 -16.51 17.88
C LEU U 185 -70.67 -17.38 19.06
N GLY U 186 -71.86 -17.19 19.63
CA GLY U 186 -72.29 -18.00 20.74
C GLY U 186 -72.74 -19.40 20.36
N ALA U 187 -73.08 -19.61 19.10
CA ALA U 187 -73.57 -20.90 18.65
C ALA U 187 -72.54 -21.70 17.85
N LEU U 188 -71.43 -21.08 17.48
CA LEU U 188 -70.46 -21.81 16.67
C LEU U 188 -69.64 -22.77 17.52
N PRO U 189 -69.13 -23.85 16.92
CA PRO U 189 -68.23 -24.75 17.65
C PRO U 189 -66.92 -24.05 18.01
N VAL U 190 -66.21 -24.65 18.96
CA VAL U 190 -64.98 -24.04 19.46
C VAL U 190 -63.96 -23.92 18.35
N GLY U 191 -63.71 -25.00 17.62
CA GLY U 191 -62.73 -24.99 16.56
C GLY U 191 -63.29 -24.63 15.21
N THR U 192 -63.65 -23.36 15.02
CA THR U 192 -64.26 -22.89 13.79
C THR U 192 -63.45 -21.73 13.22
N LEU U 193 -63.26 -21.76 11.89
CA LEU U 193 -62.60 -20.66 11.19
C LEU U 193 -63.64 -19.63 10.77
N ILE U 194 -63.38 -18.36 11.08
CA ILE U 194 -64.36 -17.30 10.87
C ILE U 194 -63.70 -16.12 10.15
N ASN U 195 -64.54 -15.29 9.55
CA ASN U 195 -64.11 -14.05 8.93
C ASN U 195 -65.26 -13.06 9.00
N ASN U 196 -64.96 -11.79 8.69
CA ASN U 196 -65.92 -10.69 8.79
C ASN U 196 -66.45 -10.59 10.23
N VAL U 197 -65.54 -10.32 11.15
CA VAL U 197 -65.86 -10.29 12.56
C VAL U 197 -66.55 -8.98 12.91
N GLU U 198 -67.67 -9.09 13.63
CA GLU U 198 -68.41 -7.92 14.08
C GLU U 198 -67.96 -7.55 15.49
N SER U 199 -67.34 -6.37 15.64
CA SER U 199 -66.75 -6.00 16.92
C SER U 199 -67.81 -5.80 18.00
N GLU U 200 -68.94 -5.18 17.66
CA GLU U 200 -70.00 -4.93 18.61
C GLU U 200 -71.33 -5.29 17.97
N PRO U 201 -72.33 -5.71 18.76
CA PRO U 201 -73.62 -6.13 18.20
C PRO U 201 -74.27 -5.02 17.40
N GLY U 202 -74.50 -5.28 16.12
CA GLY U 202 -75.14 -4.33 15.23
C GLY U 202 -74.20 -3.34 14.57
N ARG U 203 -72.92 -3.35 14.94
CA ARG U 203 -71.99 -2.39 14.35
C ARG U 203 -71.64 -2.75 12.91
N GLY U 204 -71.45 -4.03 12.64
CA GLY U 204 -71.08 -4.51 11.32
C GLY U 204 -69.67 -5.07 11.30
N ALA U 205 -69.40 -5.80 10.23
CA ALA U 205 -68.10 -6.45 10.07
C ALA U 205 -67.02 -5.42 9.78
N GLN U 206 -65.91 -5.50 10.51
CA GLN U 206 -64.80 -4.59 10.31
C GLN U 206 -63.49 -5.35 10.12
N TYR U 207 -63.36 -6.49 10.79
CA TYR U 207 -62.11 -7.22 10.86
C TYR U 207 -62.16 -8.47 9.98
N ILE U 208 -60.96 -8.88 9.53
CA ILE U 208 -60.78 -10.09 8.74
C ILE U 208 -61.62 -10.04 7.46
N ARG U 209 -61.17 -9.23 6.51
CA ARG U 209 -61.82 -9.17 5.20
C ARG U 209 -60.87 -9.28 4.02
N ALA U 210 -59.56 -9.34 4.26
CA ALA U 210 -58.62 -9.47 3.16
C ALA U 210 -58.68 -10.86 2.56
N ALA U 211 -58.03 -11.02 1.41
CA ALA U 211 -58.06 -12.28 0.69
C ALA U 211 -57.29 -13.35 1.46
N GLY U 212 -57.95 -14.47 1.73
CA GLY U 212 -57.31 -15.61 2.36
C GLY U 212 -57.11 -15.49 3.86
N THR U 213 -57.62 -14.44 4.49
CA THR U 213 -57.44 -14.24 5.92
C THR U 213 -58.60 -14.88 6.68
N CYS U 214 -58.27 -15.71 7.66
CA CYS U 214 -59.29 -16.40 8.46
C CYS U 214 -58.85 -16.43 9.91
N GLY U 215 -59.78 -16.07 10.80
CA GLY U 215 -59.56 -16.16 12.23
C GLY U 215 -60.21 -17.41 12.79
N VAL U 216 -59.71 -17.85 13.93
CA VAL U 216 -60.15 -19.09 14.57
C VAL U 216 -60.70 -18.75 15.95
N LEU U 217 -61.91 -19.22 16.24
CA LEU U 217 -62.49 -19.06 17.56
C LEU U 217 -61.71 -19.88 18.57
N LEU U 218 -61.51 -19.33 19.76
CA LEU U 218 -60.70 -19.97 20.79
C LEU U 218 -61.53 -20.60 21.90
N ARG U 219 -62.37 -19.81 22.57
CA ARG U 219 -63.17 -20.34 23.67
C ARG U 219 -64.30 -19.37 23.99
N LYS U 220 -65.32 -19.88 24.67
CA LYS U 220 -66.47 -19.09 25.08
C LYS U 220 -66.62 -19.23 26.59
N VAL U 221 -66.40 -18.13 27.31
CA VAL U 221 -66.42 -18.13 28.77
C VAL U 221 -67.39 -17.06 29.24
N ASN U 222 -68.18 -17.41 30.26
CA ASN U 222 -69.16 -16.52 30.91
C ASN U 222 -69.94 -15.71 29.88
N GLY U 223 -70.41 -16.39 28.84
CA GLY U 223 -71.15 -15.70 27.78
C GLY U 223 -70.34 -14.68 27.03
N THR U 224 -69.10 -15.01 26.68
CA THR U 224 -68.24 -14.10 25.92
C THR U 224 -67.26 -14.93 25.11
N ALA U 225 -67.09 -14.57 23.85
CA ALA U 225 -66.25 -15.32 22.92
C ALA U 225 -64.91 -14.63 22.73
N ILE U 226 -63.87 -15.45 22.57
CA ILE U 226 -62.52 -14.96 22.31
C ILE U 226 -62.04 -15.55 20.99
N ILE U 227 -61.58 -14.68 20.10
CA ILE U 227 -61.16 -15.11 18.76
C ILE U 227 -59.69 -14.73 18.57
N GLN U 228 -59.08 -15.35 17.56
CA GLN U 228 -57.70 -15.07 17.19
C GLN U 228 -57.69 -14.36 15.83
N LEU U 229 -57.18 -13.14 15.81
CA LEU U 229 -57.09 -12.38 14.59
C LEU U 229 -55.95 -12.90 13.71
N PRO U 230 -55.96 -12.57 12.41
CA PRO U 230 -54.86 -13.02 11.55
C PRO U 230 -53.49 -12.54 12.01
N SER U 231 -53.42 -11.43 12.73
CA SER U 231 -52.16 -10.95 13.30
C SER U 231 -51.75 -11.72 14.55
N LYS U 232 -52.39 -12.86 14.82
CA LYS U 232 -52.09 -13.69 15.98
C LYS U 232 -52.26 -12.91 17.29
N ARG U 233 -53.26 -12.03 17.33
CA ARG U 233 -53.61 -11.28 18.52
C ARG U 233 -55.01 -11.66 18.96
N GLN U 234 -55.14 -12.09 20.21
CA GLN U 234 -56.44 -12.51 20.73
C GLN U 234 -57.34 -11.30 20.92
N MET U 235 -58.62 -11.48 20.61
CA MET U 235 -59.62 -10.42 20.70
C MET U 235 -60.84 -10.96 21.43
N GLN U 236 -61.37 -10.17 22.37
CA GLN U 236 -62.53 -10.56 23.15
C GLN U 236 -63.74 -9.78 22.67
N VAL U 237 -64.87 -10.49 22.49
CA VAL U 237 -66.07 -9.90 21.92
C VAL U 237 -67.28 -10.66 22.44
N LEU U 238 -68.41 -9.95 22.57
CA LEU U 238 -69.64 -10.58 23.01
C LEU U 238 -70.06 -11.67 22.03
N GLU U 239 -70.64 -12.74 22.56
CA GLU U 239 -70.96 -13.92 21.75
C GLU U 239 -72.15 -13.69 20.84
N THR U 240 -72.88 -12.60 20.99
CA THR U 240 -74.05 -12.33 20.17
C THR U 240 -73.70 -11.64 18.85
N CYS U 241 -72.43 -11.34 18.61
CA CYS U 241 -72.03 -10.71 17.36
C CYS U 241 -72.05 -11.72 16.21
N ILE U 242 -72.43 -11.26 15.03
CA ILE U 242 -72.56 -12.12 13.86
C ILE U 242 -71.19 -12.30 13.22
N ALA U 243 -70.91 -13.52 12.78
CA ALA U 243 -69.67 -13.82 12.07
C ALA U 243 -69.96 -14.84 10.97
N THR U 244 -69.07 -14.88 9.99
CA THR U 244 -69.20 -15.76 8.83
C THR U 244 -68.15 -16.86 8.91
N VAL U 245 -68.58 -18.09 8.67
CA VAL U 245 -67.71 -19.26 8.80
C VAL U 245 -67.02 -19.52 7.46
N GLY U 246 -65.71 -19.69 7.49
CA GLY U 246 -64.95 -20.04 6.31
C GLY U 246 -63.75 -19.12 6.14
N ARG U 247 -63.09 -19.29 5.00
CA ARG U 247 -61.94 -18.47 4.62
C ARG U 247 -62.29 -17.61 3.42
N VAL U 248 -61.75 -16.39 3.40
CA VAL U 248 -62.08 -15.45 2.33
C VAL U 248 -61.52 -15.95 1.00
N SER U 249 -62.22 -15.60 -0.09
CA SER U 249 -61.89 -16.11 -1.41
C SER U 249 -60.54 -15.56 -1.89
N ASN U 250 -60.12 -16.03 -3.07
CA ASN U 250 -58.85 -15.66 -3.68
C ASN U 250 -57.69 -15.95 -2.73
N VAL U 251 -57.50 -17.24 -2.45
CA VAL U 251 -56.51 -17.67 -1.46
C VAL U 251 -55.09 -17.33 -1.95
N ASP U 252 -54.84 -17.46 -3.25
CA ASP U 252 -53.51 -17.28 -3.80
C ASP U 252 -53.20 -15.84 -4.17
N HIS U 253 -53.87 -14.87 -3.54
CA HIS U 253 -53.55 -13.47 -3.78
C HIS U 253 -52.15 -13.14 -3.29
N ASN U 254 -51.69 -13.81 -2.23
CA ASN U 254 -50.34 -13.58 -1.73
C ASN U 254 -49.28 -14.13 -2.68
N LYS U 255 -49.60 -15.19 -3.41
CA LYS U 255 -48.66 -15.82 -4.32
C LYS U 255 -48.60 -15.14 -5.68
N ARG U 256 -49.42 -14.13 -5.92
CA ARG U 256 -49.36 -13.41 -7.19
C ARG U 256 -48.04 -12.67 -7.32
N VAL U 257 -47.46 -12.72 -8.52
CA VAL U 257 -46.19 -12.09 -8.82
C VAL U 257 -46.41 -11.00 -9.85
N ILE U 258 -45.88 -9.81 -9.57
CA ILE U 258 -45.98 -8.67 -10.47
C ILE U 258 -44.79 -8.70 -11.40
N GLY U 259 -45.04 -8.80 -12.71
CA GLY U 259 -43.98 -9.05 -13.67
C GLY U 259 -43.14 -7.86 -14.06
N LYS U 260 -43.65 -6.64 -13.86
CA LYS U 260 -42.95 -5.46 -14.34
C LYS U 260 -43.35 -4.26 -13.50
N ALA U 261 -42.57 -3.19 -13.62
CA ALA U 261 -42.86 -1.96 -12.89
C ALA U 261 -44.18 -1.34 -13.31
N GLY U 262 -44.55 -1.52 -14.57
CA GLY U 262 -45.78 -0.90 -15.06
C GLY U 262 -47.03 -1.42 -14.37
N ARG U 263 -47.04 -2.69 -13.98
CA ARG U 263 -48.21 -3.24 -13.32
C ARG U 263 -48.48 -2.56 -11.99
N ASN U 264 -47.43 -2.10 -11.30
CA ASN U 264 -47.64 -1.30 -10.10
C ASN U 264 -48.35 0.00 -10.42
N ARG U 265 -47.97 0.64 -11.53
CA ARG U 265 -48.64 1.87 -11.95
C ARG U 265 -50.10 1.62 -12.30
N TRP U 266 -50.39 0.47 -12.91
CA TRP U 266 -51.78 0.13 -13.22
C TRP U 266 -52.60 -0.01 -11.95
N LEU U 267 -52.03 -0.64 -10.92
CA LEU U 267 -52.74 -0.76 -9.65
C LEU U 267 -52.98 0.60 -9.02
N GLY U 268 -52.05 1.53 -9.17
CA GLY U 268 -52.23 2.87 -8.64
C GLY U 268 -51.20 3.27 -7.60
N LYS U 269 -50.00 2.74 -7.69
CA LYS U 269 -48.92 3.07 -6.75
C LYS U 269 -47.83 3.83 -7.50
N ARG U 270 -47.49 5.00 -7.01
CA ARG U 270 -46.41 5.77 -7.61
C ARG U 270 -45.06 5.34 -7.02
N PRO U 271 -43.97 5.48 -7.77
CA PRO U 271 -42.68 5.01 -7.29
C PRO U 271 -42.19 5.80 -6.08
N ASN U 272 -41.36 5.14 -5.27
CA ASN U 272 -40.83 5.75 -4.06
C ASN U 272 -39.83 6.86 -4.40
N SER U 273 -39.62 7.74 -3.43
CA SER U 273 -38.68 8.83 -3.62
C SER U 273 -37.25 8.32 -3.64
N GLY U 274 -36.39 9.05 -4.35
CA GLY U 274 -35.00 8.67 -4.53
C GLY U 274 -34.05 9.16 -3.47
N LEU U 275 -34.53 9.82 -2.43
CA LEU U 275 -33.65 10.31 -1.38
C LEU U 275 -33.10 9.14 -0.58
N TRP U 276 -31.78 9.14 -0.37
CA TRP U 276 -31.12 8.06 0.37
C TRP U 276 -31.05 8.44 1.84
N GLN U 277 -31.82 7.74 2.67
CA GLN U 277 -31.90 8.01 4.10
C GLN U 277 -31.15 6.93 4.85
N ARG U 278 -30.20 7.35 5.68
CA ARG U 278 -29.48 6.41 6.52
C ARG U 278 -30.41 5.81 7.56
N LYS U 279 -30.27 4.50 7.79
CA LYS U 279 -31.13 3.82 8.75
C LYS U 279 -30.85 4.30 10.17
N GLY U 280 -31.91 4.48 10.94
CA GLY U 280 -31.82 4.91 12.32
C GLY U 280 -31.86 3.74 13.27
N GLY U 281 -32.20 4.05 14.53
CA GLY U 281 -32.31 3.01 15.54
C GLY U 281 -33.56 2.17 15.47
N TRP U 282 -34.57 2.62 14.70
CA TRP U 282 -35.80 1.85 14.60
C TRP U 282 -35.60 0.54 13.85
N ALA U 283 -34.63 0.49 12.94
CA ALA U 283 -34.41 -0.69 12.12
C ALA U 283 -33.76 -1.81 12.95
N GLY U 284 -33.72 -2.99 12.36
CA GLY U 284 -33.20 -4.16 13.03
C GLY U 284 -34.32 -5.09 13.49
N ARG U 285 -34.03 -6.38 13.49
CA ARG U 285 -35.02 -7.39 13.85
C ARG U 285 -35.40 -7.22 15.31
N LYS U 286 -36.66 -6.86 15.56
CA LYS U 286 -37.15 -6.60 16.90
C LYS U 286 -38.01 -7.76 17.38
N ILE U 287 -37.66 -8.32 18.53
CA ILE U 287 -38.43 -9.39 19.17
C ILE U 287 -39.19 -8.78 20.34
N ARG U 288 -40.52 -8.82 20.25
CA ARG U 288 -41.37 -8.18 21.24
C ARG U 288 -42.46 -9.14 21.69
N PRO U 289 -42.76 -9.19 22.98
CA PRO U 289 -43.85 -10.06 23.45
C PRO U 289 -45.19 -9.63 22.90
N LEU U 290 -46.08 -10.60 22.75
CA LEU U 290 -47.40 -10.34 22.18
C LEU U 290 -48.18 -9.39 23.08
N PRO U 291 -48.86 -8.39 22.51
CA PRO U 291 -49.63 -7.47 23.35
C PRO U 291 -50.80 -8.18 24.01
N PRO U 292 -51.29 -7.67 25.13
CA PRO U 292 -52.40 -8.33 25.82
C PRO U 292 -53.69 -8.31 25.00
N MET U 293 -54.62 -9.16 25.40
CA MET U 293 -55.86 -9.32 24.67
C MET U 293 -56.66 -8.03 24.64
N LYS U 294 -57.16 -7.68 23.47
CA LYS U 294 -58.00 -6.50 23.29
C LYS U 294 -59.46 -6.90 23.48
N SER U 295 -60.12 -6.29 24.45
CA SER U 295 -61.48 -6.64 24.82
C SER U 295 -62.42 -5.47 24.57
N TYR U 296 -63.53 -5.73 23.89
CA TYR U 296 -64.56 -4.73 23.65
C TYR U 296 -65.77 -4.90 24.57
N VAL U 297 -65.66 -5.75 25.59
CA VAL U 297 -66.73 -5.98 26.55
C VAL U 297 -66.60 -4.95 27.66
N LYS U 298 -67.66 -4.18 27.88
CA LYS U 298 -67.67 -3.14 28.91
C LYS U 298 -68.12 -3.75 30.22
N LEU U 299 -67.18 -3.94 31.15
CA LEU U 299 -67.49 -4.52 32.45
C LEU U 299 -68.20 -3.49 33.31
N PRO U 300 -69.41 -3.78 33.82
CA PRO U 300 -70.16 -2.84 34.65
C PRO U 300 -69.55 -2.68 36.04
N HIS V 93 -10.57 74.31 -70.82
CA HIS V 93 -11.18 73.65 -71.97
C HIS V 93 -11.33 72.16 -71.72
N GLY V 94 -12.56 71.73 -71.40
CA GLY V 94 -12.83 70.33 -71.18
C GLY V 94 -13.01 69.57 -72.48
N LYS V 95 -11.92 69.35 -73.20
CA LYS V 95 -11.98 68.66 -74.48
C LYS V 95 -12.41 67.20 -74.29
N SER V 96 -13.34 66.75 -75.13
CA SER V 96 -13.86 65.41 -75.01
C SER V 96 -12.86 64.39 -75.50
N VAL V 97 -12.98 63.16 -74.98
CA VAL V 97 -12.10 62.07 -75.39
C VAL V 97 -12.46 61.65 -76.81
N THR V 98 -11.44 61.19 -77.55
CA THR V 98 -11.64 60.77 -78.92
C THR V 98 -10.75 59.57 -79.23
N TRP V 99 -11.13 58.84 -80.28
CA TRP V 99 -10.36 57.72 -80.77
C TRP V 99 -10.30 57.80 -82.28
N TRP V 100 -9.51 56.91 -82.88
CA TRP V 100 -9.23 57.02 -84.32
C TRP V 100 -10.48 56.81 -85.15
N ASP V 101 -11.42 55.99 -84.69
CA ASP V 101 -12.59 55.61 -85.45
C ASP V 101 -13.79 56.51 -85.18
N GLU V 102 -13.63 57.53 -84.34
CA GLU V 102 -14.77 58.34 -83.94
C GLU V 102 -15.31 59.15 -85.11
N HIS V 103 -14.43 59.86 -85.83
CA HIS V 103 -14.85 60.79 -86.87
C HIS V 103 -14.70 60.23 -88.28
N LEU V 104 -14.33 58.96 -88.43
CA LEU V 104 -14.15 58.38 -89.76
C LEU V 104 -15.48 57.94 -90.34
N SER V 105 -15.70 58.26 -91.62
CA SER V 105 -16.92 57.86 -92.30
C SER V 105 -16.83 56.40 -92.76
N GLU V 106 -17.98 55.82 -93.07
CA GLU V 106 -18.03 54.42 -93.48
C GLU V 106 -17.26 54.18 -94.78
N GLU V 107 -17.15 55.19 -95.64
CA GLU V 107 -16.45 55.05 -96.91
C GLU V 107 -14.95 55.25 -96.78
N ASN V 108 -14.46 55.67 -95.61
CA ASN V 108 -13.04 55.89 -95.39
C ASN V 108 -12.40 54.96 -94.38
N VAL V 109 -13.18 54.26 -93.55
CA VAL V 109 -12.59 53.31 -92.61
C VAL V 109 -11.80 52.22 -93.31
N PRO V 110 -12.33 51.54 -94.34
CA PRO V 110 -11.47 50.60 -95.09
C PRO V 110 -10.28 51.27 -95.74
N PHE V 111 -10.41 52.52 -96.17
CA PHE V 111 -9.29 53.20 -96.82
C PHE V 111 -8.14 53.43 -95.85
N VAL V 112 -8.45 53.86 -94.62
CA VAL V 112 -7.40 54.12 -93.65
C VAL V 112 -6.67 52.84 -93.28
N LYS V 113 -7.41 51.74 -93.12
CA LYS V 113 -6.77 50.46 -92.81
C LYS V 113 -5.85 50.03 -93.94
N GLN V 114 -6.28 50.21 -95.19
CA GLN V 114 -5.41 49.91 -96.32
C GLN V 114 -4.18 50.80 -96.33
N LEU V 115 -4.35 52.08 -96.00
CA LEU V 115 -3.24 53.02 -96.06
C LEU V 115 -2.13 52.64 -95.09
N VAL V 116 -2.49 52.32 -93.86
CA VAL V 116 -1.48 51.97 -92.87
C VAL V 116 -0.88 50.59 -93.17
N SER V 117 -1.71 49.67 -93.66
CA SER V 117 -1.21 48.31 -93.94
C SER V 117 -0.16 48.31 -95.04
N ASP V 118 -0.37 49.10 -96.09
CA ASP V 118 0.60 49.15 -97.17
C ASP V 118 1.92 49.77 -96.72
N GLU V 119 1.86 50.75 -95.82
CA GLU V 119 3.08 51.37 -95.31
C GLU V 119 3.94 50.37 -94.53
N ASN V 120 3.29 49.49 -93.75
CA ASN V 120 4.04 48.52 -92.95
C ASN V 120 4.84 47.58 -93.84
N LYS V 121 4.20 47.06 -94.90
CA LYS V 121 4.89 46.12 -95.78
C LYS V 121 6.04 46.80 -96.52
N ALA V 122 5.84 48.04 -96.95
CA ALA V 122 6.92 48.77 -97.63
C ALA V 122 8.08 49.02 -96.69
N GLN V 123 7.79 49.41 -95.44
CA GLN V 123 8.86 49.69 -94.49
C GLN V 123 9.61 48.42 -94.08
N LEU V 124 8.88 47.33 -93.84
CA LEU V 124 9.52 46.09 -93.43
C LEU V 124 10.39 45.52 -94.55
N ALA V 125 9.91 45.56 -95.78
CA ALA V 125 10.65 45.00 -96.91
C ALA V 125 11.84 45.86 -97.32
N SER V 126 11.90 47.11 -96.89
CA SER V 126 13.02 47.98 -97.22
C SER V 126 14.20 47.81 -96.27
N LYS V 127 14.03 47.04 -95.20
CA LYS V 127 15.11 46.76 -94.25
C LYS V 127 15.75 45.40 -94.46
N LEU V 128 15.37 44.70 -95.53
CA LEU V 128 15.85 43.33 -95.77
C LEU V 128 17.23 43.30 -96.42
N CYS V 129 17.98 44.40 -96.40
CA CYS V 129 19.34 44.45 -96.95
C CYS V 129 20.26 45.08 -95.92
N PRO V 130 20.53 44.39 -94.81
CA PRO V 130 21.41 44.96 -93.78
C PRO V 130 22.82 45.24 -94.27
N LEU V 131 23.36 44.42 -95.16
CA LEU V 131 24.72 44.57 -95.65
C LEU V 131 24.80 45.42 -96.92
N LYS V 132 23.67 45.93 -97.41
CA LYS V 132 23.65 46.77 -98.60
C LYS V 132 23.26 48.21 -98.29
N ASP V 133 23.05 48.55 -97.02
CA ASP V 133 22.65 49.89 -96.61
C ASP V 133 23.69 50.52 -95.69
N GLU V 134 24.96 50.31 -96.01
CA GLU V 134 26.10 50.88 -95.28
C GLU V 134 26.05 50.48 -93.81
N PRO V 135 26.27 49.21 -93.47
CA PRO V 135 26.25 48.79 -92.07
C PRO V 135 27.53 49.20 -91.34
N TRP V 136 27.46 49.11 -90.02
CA TRP V 136 28.62 49.39 -89.20
C TRP V 136 29.69 48.30 -89.40
N PRO V 137 30.96 48.63 -89.18
CA PRO V 137 32.01 47.64 -89.39
C PRO V 137 31.87 46.45 -88.46
N ILE V 138 32.29 45.28 -88.95
CA ILE V 138 32.19 44.02 -88.24
C ILE V 138 33.57 43.62 -87.75
N HIS V 139 33.67 43.28 -86.47
CA HIS V 139 34.94 42.90 -85.89
C HIS V 139 35.00 41.40 -85.64
N PRO V 140 36.21 40.81 -85.69
CA PRO V 140 36.33 39.37 -85.43
C PRO V 140 36.04 39.04 -83.99
N TRP V 141 35.64 37.78 -83.75
CA TRP V 141 35.29 37.34 -82.42
C TRP V 141 36.50 37.42 -81.49
N GLU V 142 36.25 37.79 -80.25
CA GLU V 142 37.27 37.88 -79.20
C GLU V 142 36.77 37.20 -77.95
N PRO V 143 37.68 36.70 -77.10
CA PRO V 143 37.24 36.09 -75.85
C PRO V 143 36.50 37.07 -74.96
N GLY V 144 35.48 36.57 -74.26
CA GLY V 144 34.71 37.41 -73.37
C GLY V 144 33.70 38.31 -74.04
N SER V 145 33.37 38.06 -75.30
CA SER V 145 32.41 38.89 -76.02
C SER V 145 31.00 38.35 -75.84
N SER V 146 30.03 39.26 -75.89
CA SER V 146 28.61 38.92 -75.75
C SER V 146 27.87 39.33 -77.01
N ARG V 147 26.91 38.49 -77.42
CA ARG V 147 26.14 38.71 -78.63
C ARG V 147 24.79 39.33 -78.28
N VAL V 148 23.96 39.52 -79.31
CA VAL V 148 22.66 40.17 -79.17
C VAL V 148 21.58 39.09 -79.19
N GLY V 149 20.65 39.17 -78.25
CA GLY V 149 19.54 38.24 -78.19
C GLY V 149 18.40 38.66 -79.09
N LEU V 150 17.29 37.94 -78.97
CA LEU V 150 16.11 38.17 -79.78
C LEU V 150 14.89 38.32 -78.89
N ILE V 151 13.77 38.70 -79.50
CA ILE V 151 12.46 38.72 -78.86
C ILE V 151 11.55 37.82 -79.68
N ALA V 152 11.05 36.75 -79.06
CA ALA V 152 10.29 35.74 -79.77
C ALA V 152 8.94 35.53 -79.09
N LEU V 153 8.09 34.76 -79.76
CA LEU V 153 6.74 34.47 -79.29
C LEU V 153 6.62 32.98 -79.00
N LYS V 154 6.05 32.65 -77.84
CA LYS V 154 5.95 31.26 -77.41
C LYS V 154 4.72 30.62 -78.02
N LEU V 155 4.92 29.62 -78.87
CA LEU V 155 3.80 28.95 -79.53
C LEU V 155 3.20 27.86 -78.65
N GLY V 156 4.01 26.85 -78.31
CA GLY V 156 3.52 25.73 -77.54
C GLY V 156 4.60 24.73 -77.23
N MET V 157 4.23 23.45 -77.05
CA MET V 157 5.19 22.41 -76.70
C MET V 157 5.02 21.21 -77.62
N MET V 158 6.14 20.54 -77.90
CA MET V 158 6.17 19.32 -78.68
C MET V 158 7.09 18.32 -78.00
N PRO V 159 6.82 17.03 -78.14
CA PRO V 159 7.76 16.02 -77.66
C PRO V 159 8.85 15.76 -78.68
N LEU V 160 10.04 15.45 -78.18
CA LEU V 160 11.20 15.19 -79.01
C LEU V 160 12.00 14.04 -78.43
N TRP V 161 12.51 13.17 -79.29
CA TRP V 161 13.24 11.98 -78.87
C TRP V 161 14.68 12.05 -79.39
N THR V 162 15.60 11.58 -78.58
CA THR V 162 17.02 11.55 -78.93
C THR V 162 17.42 10.15 -79.40
N LYS V 163 18.65 10.06 -79.92
CA LYS V 163 19.13 8.80 -80.47
C LYS V 163 19.36 7.72 -79.43
N ASP V 164 19.39 8.07 -78.15
CA ASP V 164 19.53 7.09 -77.09
C ASP V 164 18.19 6.58 -76.57
N GLY V 165 17.08 7.02 -77.15
CA GLY V 165 15.77 6.57 -76.76
C GLY V 165 15.07 7.41 -75.72
N GLN V 166 15.77 8.38 -75.12
CA GLN V 166 15.14 9.23 -74.12
C GLN V 166 14.17 10.21 -74.78
N LYS V 167 13.22 10.69 -73.98
CA LYS V 167 12.19 11.61 -74.44
C LYS V 167 12.42 12.98 -73.82
N HIS V 168 12.32 14.02 -74.64
CA HIS V 168 12.45 15.40 -74.19
C HIS V 168 11.29 16.21 -74.71
N VAL V 169 10.97 17.29 -73.99
CA VAL V 169 9.90 18.21 -74.35
C VAL V 169 10.53 19.53 -74.75
N VAL V 170 10.17 20.04 -75.92
CA VAL V 170 10.71 21.28 -76.45
C VAL V 170 9.59 22.29 -76.57
N THR V 171 9.94 23.57 -76.42
CA THR V 171 8.98 24.66 -76.53
C THR V 171 9.24 25.44 -77.81
N LEU V 172 8.21 25.62 -78.61
CA LEU V 172 8.34 26.29 -79.90
C LEU V 172 8.31 27.80 -79.69
N LEU V 173 9.44 28.45 -79.94
CA LEU V 173 9.55 29.91 -79.86
C LEU V 173 9.74 30.46 -81.26
N GLN V 174 8.82 31.33 -81.67
CA GLN V 174 8.82 31.89 -83.02
C GLN V 174 9.20 33.36 -82.96
N VAL V 175 10.12 33.76 -83.84
CA VAL V 175 10.52 35.16 -83.98
C VAL V 175 9.70 35.75 -85.13
N GLN V 176 8.77 36.63 -84.80
CA GLN V 176 7.87 37.21 -85.80
C GLN V 176 8.47 38.45 -86.44
N ASP V 177 8.76 39.48 -85.65
CA ASP V 177 9.35 40.71 -86.14
C ASP V 177 10.37 41.18 -85.11
N CYS V 178 11.65 41.10 -85.45
CA CYS V 178 12.72 41.50 -84.56
C CYS V 178 13.62 42.49 -85.27
N HIS V 179 13.79 43.67 -84.69
CA HIS V 179 14.65 44.69 -85.25
C HIS V 179 15.32 45.45 -84.11
N VAL V 180 16.62 45.72 -84.25
CA VAL V 180 17.32 46.55 -83.29
C VAL V 180 16.86 47.99 -83.45
N LEU V 181 16.50 48.63 -82.33
CA LEU V 181 15.87 49.93 -82.36
C LEU V 181 16.86 51.08 -82.15
N LYS V 182 17.60 51.07 -81.04
CA LYS V 182 18.54 52.13 -80.76
C LYS V 182 19.77 51.57 -80.06
N TYR V 183 20.88 52.29 -80.20
CA TYR V 183 22.16 51.91 -79.63
C TYR V 183 22.60 52.95 -78.62
N THR V 184 22.99 52.49 -77.43
CA THR V 184 23.44 53.36 -76.36
C THR V 184 24.94 53.20 -76.15
N PRO V 185 25.70 54.29 -76.10
CA PRO V 185 27.15 54.17 -75.90
C PRO V 185 27.49 53.54 -74.56
N LYS V 186 28.74 53.06 -74.47
CA LYS V 186 29.17 52.31 -73.30
C LYS V 186 29.13 53.15 -72.04
N GLU V 187 29.57 54.41 -72.13
CA GLU V 187 29.66 55.27 -70.96
C GLU V 187 28.34 55.92 -70.57
N ASN V 188 27.29 55.76 -71.37
CA ASN V 188 26.01 56.38 -71.05
C ASN V 188 24.97 55.39 -70.52
N HIS V 189 25.27 54.10 -70.54
CA HIS V 189 24.31 53.11 -70.06
C HIS V 189 24.78 52.44 -68.78
N ASN V 190 26.00 51.90 -68.77
CA ASN V 190 26.47 51.16 -67.61
C ASN V 190 27.91 51.53 -67.26
N GLY V 191 28.70 51.92 -68.25
CA GLY V 191 30.11 52.15 -68.07
C GLY V 191 31.00 50.95 -68.30
N ARG V 192 30.42 49.77 -68.56
CA ARG V 192 31.20 48.59 -68.87
C ARG V 192 30.84 47.96 -70.20
N MET V 193 29.55 47.84 -70.51
CA MET V 193 29.09 47.26 -71.75
C MET V 193 28.02 48.14 -72.37
N ALA V 194 28.01 48.18 -73.71
CA ALA V 194 27.01 48.94 -74.42
C ALA V 194 25.65 48.24 -74.34
N ALA V 195 24.59 49.00 -74.64
CA ALA V 195 23.23 48.50 -74.60
C ALA V 195 22.61 48.59 -75.98
N LEU V 196 22.02 47.49 -76.43
CA LEU V 196 21.30 47.43 -77.70
C LEU V 196 19.85 47.14 -77.44
N THR V 197 18.96 47.92 -78.07
CA THR V 197 17.53 47.84 -77.85
C THR V 197 16.88 47.01 -78.94
N VAL V 198 16.03 46.07 -78.54
CA VAL V 198 15.35 45.16 -79.46
C VAL V 198 13.84 45.24 -79.21
N GLY V 199 13.08 45.36 -80.30
CA GLY V 199 11.63 45.45 -80.21
C GLY V 199 10.94 44.10 -80.38
N GLY V 200 9.64 44.13 -80.19
CA GLY V 200 8.78 42.94 -80.27
C GLY V 200 8.04 42.86 -81.58
N LYS V 201 6.90 42.17 -81.55
CA LYS V 201 6.11 41.97 -82.76
C LYS V 201 5.35 43.24 -83.12
N THR V 202 4.91 43.29 -84.38
CA THR V 202 4.25 44.48 -84.90
C THR V 202 2.87 44.66 -84.25
N VAL V 203 2.54 45.91 -83.93
CA VAL V 203 1.25 46.28 -83.37
C VAL V 203 0.70 47.48 -84.14
N SER V 204 -0.55 47.81 -83.84
CA SER V 204 -1.25 48.87 -84.55
C SER V 204 -0.77 50.24 -84.10
N HIS V 205 -0.73 51.18 -85.05
CA HIS V 205 -0.33 52.55 -84.74
C HIS V 205 -1.38 53.25 -83.88
N PHE V 206 -2.64 52.88 -84.02
CA PHE V 206 -3.74 53.65 -83.47
C PHE V 206 -3.86 53.54 -81.96
N HIS V 207 -3.10 52.66 -81.31
CA HIS V 207 -3.19 52.47 -79.86
C HIS V 207 -1.84 52.64 -79.17
N LYS V 208 -1.02 53.56 -79.67
CA LYS V 208 0.25 53.88 -79.04
C LYS V 208 0.33 55.37 -78.72
N SER V 209 1.27 55.71 -77.85
CA SER V 209 1.44 57.10 -77.44
C SER V 209 2.05 57.93 -78.57
N ALA V 210 1.93 59.26 -78.44
CA ALA V 210 2.46 60.15 -79.46
C ALA V 210 3.97 60.04 -79.58
N SER V 211 4.67 59.97 -78.44
CA SER V 211 6.13 59.87 -78.47
C SER V 211 6.59 58.55 -79.07
N ILE V 212 5.89 57.46 -78.74
CA ILE V 212 6.28 56.15 -79.27
C ILE V 212 6.11 56.11 -80.78
N LEU V 213 4.99 56.62 -81.29
CA LEU V 213 4.78 56.66 -82.74
C LEU V 213 5.80 57.57 -83.41
N GLU V 214 6.11 58.71 -82.79
CA GLU V 214 7.07 59.63 -83.38
C GLU V 214 8.46 59.01 -83.43
N PHE V 215 8.83 58.25 -82.41
CA PHE V 215 10.14 57.62 -82.38
C PHE V 215 10.31 56.61 -83.52
N TYR V 216 9.27 55.82 -83.80
CA TYR V 216 9.36 54.84 -84.87
C TYR V 216 9.28 55.49 -86.24
N GLN V 217 8.62 56.64 -86.34
CA GLN V 217 8.53 57.33 -87.62
C GLN V 217 9.92 57.74 -88.13
N GLU V 218 10.78 58.22 -87.22
CA GLU V 218 12.13 58.60 -87.62
C GLU V 218 12.92 57.38 -88.10
N LEU V 219 12.76 56.24 -87.42
CA LEU V 219 13.45 55.03 -87.85
C LEU V 219 12.83 54.46 -89.11
N GLY V 220 11.52 54.51 -89.23
CA GLY V 220 10.83 53.98 -90.40
C GLY V 220 10.36 52.55 -90.23
N LEU V 221 9.88 52.22 -89.04
CA LEU V 221 9.40 50.87 -88.74
C LEU V 221 8.05 50.95 -88.04
N PRO V 222 7.22 49.92 -88.19
CA PRO V 222 5.94 49.88 -87.47
C PRO V 222 6.16 49.69 -85.98
N PRO V 223 5.20 50.12 -85.15
CA PRO V 223 5.39 50.03 -83.71
C PRO V 223 5.52 48.58 -83.24
N LYS V 224 6.28 48.40 -82.17
CA LYS V 224 6.52 47.09 -81.58
C LYS V 224 5.74 46.95 -80.27
N GLN V 225 5.51 45.71 -79.87
CA GLN V 225 4.74 45.45 -78.65
C GLN V 225 5.61 45.60 -77.40
N LYS V 226 6.67 44.80 -77.30
CA LYS V 226 7.55 44.82 -76.14
C LYS V 226 8.95 45.22 -76.56
N VAL V 227 9.62 45.99 -75.70
CA VAL V 227 10.97 46.49 -75.95
C VAL V 227 11.85 46.09 -74.77
N LYS V 228 12.98 45.46 -75.05
CA LYS V 228 13.90 44.98 -74.02
C LYS V 228 15.30 45.52 -74.30
N ILE V 229 16.10 45.59 -73.24
CA ILE V 229 17.45 46.12 -73.30
C ILE V 229 18.43 44.97 -73.17
N PHE V 230 19.37 44.89 -74.11
CA PHE V 230 20.38 43.84 -74.12
C PHE V 230 21.77 44.44 -73.86
N ASN V 231 22.54 43.78 -73.01
CA ASN V 231 23.90 44.20 -72.71
C ASN V 231 24.85 43.56 -73.72
N VAL V 232 25.48 44.38 -74.55
CA VAL V 232 26.33 43.91 -75.64
C VAL V 232 27.67 44.63 -75.56
N THR V 233 28.75 43.87 -75.74
CA THR V 233 30.07 44.46 -75.76
C THR V 233 30.27 45.32 -77.00
N GLU V 234 31.30 46.17 -76.95
CA GLU V 234 31.53 47.13 -78.03
C GLU V 234 31.92 46.47 -79.35
N ASN V 235 32.43 45.25 -79.32
CA ASN V 235 32.87 44.56 -80.52
C ASN V 235 31.74 43.84 -81.24
N ALA V 236 30.53 43.88 -80.71
CA ALA V 236 29.38 43.20 -81.30
C ALA V 236 28.21 44.16 -81.47
N VAL V 237 28.51 45.41 -81.80
CA VAL V 237 27.46 46.42 -81.99
C VAL V 237 26.82 46.24 -83.35
N ILE V 238 25.50 46.46 -83.41
CA ILE V 238 24.73 46.31 -84.64
C ILE V 238 24.05 47.64 -84.95
N LYS V 239 24.10 48.04 -86.21
CA LYS V 239 23.45 49.28 -86.61
C LYS V 239 21.94 49.17 -86.41
N PRO V 240 21.29 50.15 -85.79
CA PRO V 240 19.85 50.05 -85.55
C PRO V 240 19.07 49.94 -86.85
N GLY V 241 17.97 49.19 -86.79
CA GLY V 241 17.18 48.89 -87.97
C GLY V 241 17.58 47.64 -88.71
N THR V 242 18.57 46.89 -88.22
CA THR V 242 19.00 45.65 -88.85
C THR V 242 18.09 44.51 -88.42
N PRO V 243 17.44 43.80 -89.34
CA PRO V 243 16.55 42.72 -88.93
C PRO V 243 17.33 41.54 -88.37
N LEU V 244 16.64 40.76 -87.55
CA LEU V 244 17.21 39.57 -86.93
C LEU V 244 16.27 38.39 -87.13
N TYR V 245 16.86 37.21 -87.28
CA TYR V 245 16.11 36.00 -87.59
C TYR V 245 16.45 34.90 -86.58
N ALA V 246 15.67 33.83 -86.62
CA ALA V 246 15.89 32.71 -85.71
C ALA V 246 17.19 31.98 -85.99
N ALA V 247 17.80 32.20 -87.15
CA ALA V 247 19.09 31.60 -87.46
C ALA V 247 20.22 32.20 -86.61
N HIS V 248 19.94 33.27 -85.87
CA HIS V 248 20.94 33.85 -84.98
C HIS V 248 21.43 32.84 -83.96
N PHE V 249 20.61 31.84 -83.63
CA PHE V 249 21.00 30.76 -82.72
C PHE V 249 21.19 29.48 -83.50
N ARG V 250 22.35 28.84 -83.32
CA ARG V 250 22.63 27.56 -83.94
C ARG V 250 22.34 26.42 -82.98
N PRO V 251 21.81 25.29 -83.49
CA PRO V 251 21.49 24.17 -82.60
C PRO V 251 22.74 23.67 -81.88
N GLY V 252 22.55 23.23 -80.64
CA GLY V 252 23.65 22.83 -79.78
C GLY V 252 24.05 23.87 -78.76
N GLN V 253 23.51 25.08 -78.85
CA GLN V 253 23.82 26.16 -77.92
C GLN V 253 22.83 26.17 -76.77
N TYR V 254 23.28 26.68 -75.62
CA TYR V 254 22.44 26.84 -74.44
C TYR V 254 22.04 28.30 -74.32
N VAL V 255 20.75 28.55 -74.14
CA VAL V 255 20.20 29.90 -74.15
C VAL V 255 19.34 30.11 -72.91
N ASP V 256 19.15 31.39 -72.56
CA ASP V 256 18.31 31.78 -71.44
C ASP V 256 16.98 32.35 -71.95
N VAL V 257 15.99 32.32 -71.06
CA VAL V 257 14.64 32.78 -71.38
C VAL V 257 14.14 33.65 -70.25
N THR V 258 13.69 34.86 -70.56
CA THR V 258 13.18 35.80 -69.56
C THR V 258 11.83 36.33 -70.03
N ALA V 259 10.80 36.11 -69.22
CA ALA V 259 9.46 36.58 -69.57
C ALA V 259 8.62 36.62 -68.30
N LYS V 260 7.50 37.34 -68.38
CA LYS V 260 6.57 37.40 -67.27
C LYS V 260 5.83 36.10 -67.12
N THR V 261 5.82 35.55 -65.91
CA THR V 261 5.19 34.25 -65.68
C THR V 261 3.66 34.41 -65.67
N ILE V 262 2.97 33.29 -65.45
CA ILE V 262 1.52 33.28 -65.44
C ILE V 262 1.02 33.90 -64.14
N GLY V 263 0.25 34.97 -64.26
CA GLY V 263 -0.30 35.63 -63.09
C GLY V 263 -1.52 34.93 -62.54
N LYS V 264 -1.45 34.51 -61.28
CA LYS V 264 -2.54 33.78 -60.63
C LYS V 264 -3.36 34.67 -59.70
N GLY V 265 -3.15 35.98 -59.73
CA GLY V 265 -3.94 36.88 -58.92
C GLY V 265 -3.55 36.85 -57.45
N PHE V 266 -4.51 37.26 -56.62
CA PHE V 266 -4.32 37.30 -55.17
C PHE V 266 -4.56 35.91 -54.61
N GLN V 267 -3.48 35.16 -54.36
CA GLN V 267 -3.56 33.79 -53.90
C GLN V 267 -3.15 33.69 -52.44
N GLY V 268 -3.78 32.76 -51.73
CA GLY V 268 -3.54 32.57 -50.32
C GLY V 268 -2.14 32.08 -50.02
N VAL V 269 -1.84 31.99 -48.72
CA VAL V 269 -0.49 31.64 -48.31
C VAL V 269 -0.17 30.19 -48.65
N MET V 270 -1.17 29.31 -48.64
CA MET V 270 -0.91 27.91 -48.96
C MET V 270 -0.45 27.74 -50.41
N ARG V 271 -1.10 28.43 -51.34
CA ARG V 271 -0.69 28.34 -52.74
C ARG V 271 0.58 29.12 -53.01
N ARG V 272 0.72 30.29 -52.40
CA ARG V 272 1.84 31.18 -52.74
C ARG V 272 3.17 30.62 -52.24
N TRP V 273 3.22 30.22 -50.96
CA TRP V 273 4.47 29.78 -50.36
C TRP V 273 4.54 28.29 -50.07
N GLY V 274 3.41 27.59 -50.03
CA GLY V 274 3.42 26.17 -49.80
C GLY V 274 3.34 25.73 -48.36
N PHE V 275 2.82 26.59 -47.47
CA PHE V 275 2.67 26.19 -46.08
C PHE V 275 1.67 25.05 -45.96
N LYS V 276 1.98 24.11 -45.08
CA LYS V 276 1.04 23.05 -44.77
C LYS V 276 -0.17 23.63 -44.05
N GLY V 277 -1.34 23.03 -44.30
CA GLY V 277 -2.57 23.47 -43.68
C GLY V 277 -2.91 22.69 -42.43
N GLN V 278 -3.86 23.22 -41.68
CA GLN V 278 -4.36 22.55 -40.50
C GLN V 278 -5.22 21.36 -40.90
N PRO V 279 -5.41 20.40 -40.00
CA PRO V 279 -6.28 19.26 -40.31
C PRO V 279 -7.70 19.71 -40.62
N ALA V 280 -8.45 18.81 -41.26
CA ALA V 280 -9.74 19.17 -41.83
C ALA V 280 -10.93 18.74 -40.99
N THR V 281 -10.81 17.71 -40.16
CA THR V 281 -11.98 17.15 -39.47
C THR V 281 -11.84 17.00 -37.97
N HIS V 282 -10.62 16.99 -37.42
CA HIS V 282 -10.45 16.72 -35.99
C HIS V 282 -10.74 17.95 -35.13
N GLY V 283 -11.96 18.47 -35.28
CA GLY V 283 -12.46 19.53 -34.43
C GLY V 283 -12.06 20.93 -34.84
N GLN V 284 -11.24 21.08 -35.88
CA GLN V 284 -10.77 22.41 -36.27
C GLN V 284 -11.93 23.33 -36.62
N THR V 285 -11.87 24.55 -36.10
CA THR V 285 -12.95 25.51 -36.24
C THR V 285 -12.46 26.71 -37.05
N LYS V 286 -12.99 26.85 -38.26
CA LYS V 286 -12.72 28.01 -39.13
C LYS V 286 -11.22 28.21 -39.33
N THR V 287 -10.50 27.11 -39.50
CA THR V 287 -9.06 27.18 -39.75
C THR V 287 -8.67 25.94 -40.56
N HIS V 288 -8.49 26.13 -41.86
CA HIS V 288 -8.04 25.04 -42.73
C HIS V 288 -6.92 25.44 -43.68
N ARG V 289 -6.76 26.72 -44.02
CA ARG V 289 -5.72 27.14 -44.94
C ARG V 289 -5.00 28.40 -44.46
N ARG V 290 -5.23 28.84 -43.23
CA ARG V 290 -4.63 30.06 -42.71
C ARG V 290 -3.15 29.84 -42.36
N PRO V 291 -2.32 30.87 -42.47
CA PRO V 291 -0.89 30.69 -42.15
C PRO V 291 -0.63 30.28 -40.72
N GLY V 292 -1.44 30.74 -39.77
CA GLY V 292 -1.20 30.46 -38.37
C GLY V 292 -0.38 31.53 -37.70
N ALA V 293 0.45 31.15 -36.73
CA ALA V 293 1.30 32.11 -36.05
C ALA V 293 2.26 32.75 -37.05
N ILE V 294 2.40 34.07 -36.94
CA ILE V 294 3.22 34.83 -37.89
C ILE V 294 4.45 35.47 -37.25
N SER V 295 4.56 35.44 -35.93
CA SER V 295 5.71 36.03 -35.25
C SER V 295 5.77 35.45 -33.84
N THR V 296 6.64 36.03 -33.01
CA THR V 296 6.79 35.63 -31.62
C THR V 296 6.20 36.69 -30.70
N GLY V 297 5.97 36.29 -29.45
CA GLY V 297 5.36 37.22 -28.50
C GLY V 297 6.29 38.35 -28.10
N ASP V 298 7.58 38.06 -27.94
CA ASP V 298 8.50 39.05 -27.37
C ASP V 298 8.72 40.24 -28.31
N VAL V 299 8.97 39.97 -29.59
CA VAL V 299 9.35 41.03 -30.51
C VAL V 299 8.23 42.05 -30.67
N ALA V 300 6.98 41.63 -30.49
CA ALA V 300 5.83 42.52 -30.55
C ALA V 300 5.71 43.25 -31.89
N ARG V 301 6.19 42.62 -32.96
CA ARG V 301 6.10 43.19 -34.30
C ARG V 301 6.24 42.06 -35.31
N VAL V 302 6.03 42.41 -36.57
CA VAL V 302 6.12 41.46 -37.68
C VAL V 302 7.36 41.82 -38.49
N TRP V 303 8.24 40.83 -38.68
CA TRP V 303 9.48 41.07 -39.40
C TRP V 303 9.19 41.41 -40.86
N PRO V 304 10.03 42.24 -41.48
CA PRO V 304 9.80 42.61 -42.89
C PRO V 304 9.78 41.42 -43.84
N GLY V 305 10.52 40.37 -43.55
CA GLY V 305 10.58 39.23 -44.44
C GLY V 305 9.49 38.21 -44.26
N THR V 306 8.51 38.48 -43.40
CA THR V 306 7.47 37.50 -43.10
C THR V 306 6.65 37.20 -44.34
N LYS V 307 6.24 35.94 -44.49
CA LYS V 307 5.44 35.52 -45.63
C LYS V 307 3.97 35.73 -45.33
N MET V 308 3.29 36.44 -46.22
CA MET V 308 1.89 36.80 -46.07
C MET V 308 1.20 36.63 -47.41
N PRO V 309 -0.12 36.47 -47.43
CA PRO V 309 -0.83 36.39 -48.71
C PRO V 309 -0.66 37.66 -49.53
N GLY V 310 -0.62 37.49 -50.85
CA GLY V 310 -0.45 38.63 -51.73
C GLY V 310 -0.46 38.21 -53.18
N GLN V 311 -0.02 39.13 -54.04
CA GLN V 311 0.03 38.86 -55.47
C GLN V 311 1.01 37.74 -55.78
N LEU V 312 0.66 36.89 -56.73
CA LEU V 312 1.48 35.74 -57.10
C LEU V 312 1.44 35.54 -58.59
N GLY V 313 2.62 35.51 -59.23
CA GLY V 313 2.72 35.06 -60.60
C GLY V 313 3.14 36.08 -61.63
N ASN V 314 2.61 37.30 -61.55
CA ASN V 314 2.87 38.30 -62.59
C ASN V 314 4.14 39.07 -62.27
N ILE V 315 5.26 38.39 -62.42
CA ILE V 315 6.59 38.97 -62.21
C ILE V 315 7.54 38.39 -63.23
N ASP V 316 8.70 39.04 -63.39
CA ASP V 316 9.70 38.65 -64.37
C ASP V 316 10.58 37.55 -63.80
N ARG V 317 10.73 36.47 -64.55
CA ARG V 317 11.57 35.35 -64.14
C ARG V 317 12.45 34.93 -65.30
N THR V 318 13.57 34.28 -64.98
CA THR V 318 14.55 33.87 -65.97
C THR V 318 14.85 32.38 -65.82
N ALA V 319 14.93 31.68 -66.94
CA ALA V 319 15.31 30.28 -66.96
C ALA V 319 16.69 30.15 -67.59
N PHE V 320 17.56 29.38 -66.95
CA PHE V 320 18.95 29.23 -67.37
C PHE V 320 19.21 27.82 -67.86
N GLY V 321 20.22 27.68 -68.72
CA GLY V 321 20.68 26.38 -69.17
C GLY V 321 19.68 25.61 -70.01
N LEU V 322 19.01 26.29 -70.95
CA LEU V 322 18.10 25.63 -71.87
C LEU V 322 18.82 25.36 -73.19
N LYS V 323 18.90 24.10 -73.59
CA LYS V 323 19.63 23.71 -74.79
C LYS V 323 18.75 23.89 -76.02
N VAL V 324 19.37 24.29 -77.13
CA VAL V 324 18.68 24.47 -78.40
C VAL V 324 18.81 23.19 -79.21
N TRP V 325 17.68 22.58 -79.56
CA TRP V 325 17.69 21.32 -80.30
C TRP V 325 17.57 21.54 -81.80
N ARG V 326 16.49 22.18 -82.25
CA ARG V 326 16.20 22.34 -83.66
C ARG V 326 15.87 23.79 -83.97
N ILE V 327 16.35 24.26 -85.12
CA ILE V 327 16.08 25.60 -85.62
C ILE V 327 15.37 25.47 -86.96
N ASN V 328 14.25 26.15 -87.11
CA ASN V 328 13.51 26.20 -88.36
C ASN V 328 13.77 27.53 -89.06
N THR V 329 14.04 27.47 -90.36
CA THR V 329 14.51 28.65 -91.09
C THR V 329 13.36 29.48 -91.64
N LYS V 330 12.52 28.89 -92.49
CA LYS V 330 11.51 29.67 -93.20
C LYS V 330 10.46 30.23 -92.25
N HIS V 331 10.08 29.46 -91.22
CA HIS V 331 9.12 29.93 -90.24
C HIS V 331 9.76 30.65 -89.07
N ASN V 332 11.09 30.62 -88.96
CA ASN V 332 11.83 31.26 -87.88
C ASN V 332 11.32 30.78 -86.52
N ILE V 333 11.49 29.49 -86.27
CA ILE V 333 11.05 28.84 -85.03
C ILE V 333 12.27 28.27 -84.33
N ILE V 334 12.36 28.49 -83.02
CA ILE V 334 13.46 28.00 -82.19
C ILE V 334 12.91 26.99 -81.21
N TYR V 335 13.59 25.85 -81.08
CA TYR V 335 13.21 24.80 -80.15
C TYR V 335 14.14 24.87 -78.95
N VAL V 336 13.57 24.96 -77.75
CA VAL V 336 14.33 25.04 -76.52
C VAL V 336 13.91 23.91 -75.59
N ASN V 337 14.88 23.25 -74.99
CA ASN V 337 14.60 22.15 -74.08
C ASN V 337 13.92 22.66 -72.82
N GLY V 338 13.02 21.85 -72.28
CA GLY V 338 12.37 22.19 -71.03
C GLY V 338 11.23 23.17 -71.21
N SER V 339 10.78 23.70 -70.07
CA SER V 339 9.65 24.62 -70.00
C SER V 339 10.17 26.03 -69.75
N VAL V 340 9.67 26.98 -70.54
CA VAL V 340 10.05 28.39 -70.40
C VAL V 340 8.95 29.13 -69.67
N PRO V 341 9.28 30.13 -68.85
CA PRO V 341 8.23 30.89 -68.16
C PRO V 341 7.41 31.71 -69.14
N GLY V 342 6.15 31.92 -68.78
CA GLY V 342 5.26 32.71 -69.60
C GLY V 342 4.17 31.86 -70.24
N HIS V 343 3.00 32.45 -70.41
CA HIS V 343 1.87 31.75 -71.00
C HIS V 343 2.01 31.72 -72.53
N LYS V 344 1.08 31.03 -73.18
CA LYS V 344 1.12 30.91 -74.63
C LYS V 344 0.91 32.26 -75.30
N ASN V 345 1.52 32.41 -76.47
CA ASN V 345 1.39 33.63 -77.28
C ASN V 345 1.90 34.86 -76.53
N CYS V 346 2.86 34.68 -75.64
CA CYS V 346 3.52 35.78 -74.96
C CYS V 346 4.87 36.03 -75.61
N LEU V 347 5.46 37.17 -75.27
CA LEU V 347 6.76 37.55 -75.81
C LEU V 347 7.85 37.17 -74.83
N VAL V 348 8.90 36.52 -75.33
CA VAL V 348 9.95 35.92 -74.52
C VAL V 348 11.28 36.54 -74.94
N LYS V 349 12.07 36.96 -73.95
CA LYS V 349 13.40 37.49 -74.18
C LYS V 349 14.41 36.33 -74.19
N ILE V 350 15.11 36.16 -75.31
CA ILE V 350 16.06 35.06 -75.49
C ILE V 350 17.46 35.65 -75.59
N LYS V 351 18.41 35.01 -74.91
CA LYS V 351 19.80 35.43 -74.96
C LYS V 351 20.70 34.22 -74.75
N ASP V 352 21.99 34.40 -75.05
CA ASP V 352 22.96 33.35 -74.77
C ASP V 352 23.09 33.13 -73.27
N SER V 353 23.29 31.88 -72.88
CA SER V 353 23.35 31.53 -71.47
C SER V 353 24.59 32.15 -70.83
N LYS V 354 24.42 32.67 -69.62
CA LYS V 354 25.49 33.31 -68.87
C LYS V 354 26.10 32.41 -67.81
N LEU V 355 25.75 31.13 -67.80
CA LEU V 355 26.29 30.21 -66.81
C LEU V 355 27.79 30.04 -67.03
N PRO V 356 28.55 29.79 -65.95
CA PRO V 356 30.01 29.68 -66.10
C PRO V 356 30.46 28.59 -67.05
N ALA V 357 29.76 27.46 -67.08
CA ALA V 357 30.14 26.38 -67.98
C ALA V 357 30.01 26.78 -69.44
N TYR V 358 28.94 27.51 -69.77
CA TYR V 358 28.67 27.90 -71.14
C TYR V 358 29.26 29.28 -71.46
N LYS V 359 30.56 29.43 -71.23
CA LYS V 359 31.28 30.65 -71.54
C LYS V 359 32.11 30.45 -72.80
N ASP V 360 32.23 31.52 -73.58
CA ASP V 360 33.00 31.53 -74.83
C ASP V 360 32.50 30.50 -75.84
N PHE V 361 31.24 30.10 -75.74
CA PHE V 361 30.64 29.16 -76.69
C PHE V 361 29.97 29.90 -77.84
N CYS V 362 30.70 30.85 -78.41
CA CYS V 362 30.19 31.63 -79.52
C CYS V 362 31.20 31.80 -80.65
N LYS V 363 32.38 31.21 -80.54
CA LYS V 363 33.36 31.30 -81.62
C LYS V 363 32.83 30.61 -82.89
N ASN V 364 32.15 29.48 -82.73
CA ASN V 364 31.55 28.75 -83.84
C ASN V 364 30.12 29.18 -84.13
N LEU V 365 29.78 30.42 -83.82
CA LEU V 365 28.45 30.97 -84.02
C LEU V 365 28.54 32.25 -84.83
N PRO V 366 27.46 32.65 -85.50
CA PRO V 366 27.48 33.91 -86.25
C PRO V 366 27.80 35.08 -85.36
N PHE V 367 28.60 36.01 -85.88
CA PHE V 367 29.06 37.16 -85.11
C PHE V 367 29.08 38.40 -86.00
N PRO V 368 28.38 39.47 -85.63
CA PRO V 368 27.56 39.64 -84.41
C PRO V 368 26.17 39.02 -84.56
N THR V 369 25.76 38.70 -85.78
CA THR V 369 24.47 38.08 -86.01
C THR V 369 24.49 37.43 -87.38
N TYR V 370 23.44 36.64 -87.65
CA TYR V 370 23.32 35.96 -88.93
C TYR V 370 22.82 36.94 -90.00
N PHE V 371 23.62 37.15 -91.04
CA PHE V 371 23.20 37.97 -92.17
C PHE V 371 22.89 37.06 -93.34
N PRO V 372 21.62 36.89 -93.72
CA PRO V 372 21.31 36.02 -94.87
C PRO V 372 21.90 36.50 -96.18
N ASP V 373 22.06 37.81 -96.36
CA ASP V 373 22.52 38.33 -97.64
C ASP V 373 24.00 38.02 -97.88
N GLY V 374 24.82 38.12 -96.83
CA GLY V 374 26.25 37.95 -97.01
C GLY V 374 26.65 36.55 -97.42
N ASP V 375 25.98 35.53 -96.86
CA ASP V 375 26.34 34.16 -97.16
C ASP V 375 26.07 33.82 -98.62
N GLU V 376 25.01 34.36 -99.19
CA GLU V 376 24.60 34.10 -100.57
C GLU V 376 24.31 32.62 -100.81
N GLU V 377 23.96 31.88 -99.76
CA GLU V 377 23.63 30.47 -99.87
C GLU V 377 22.38 30.18 -99.06
N ALA V 378 21.66 29.15 -99.48
CA ALA V 378 20.40 28.77 -98.84
C ALA V 378 20.68 27.78 -97.71
N LEU V 379 20.28 28.15 -96.50
CA LEU V 379 20.42 27.26 -95.36
C LEU V 379 19.44 26.10 -95.47
N PRO V 380 19.70 24.99 -94.78
CA PRO V 380 18.73 23.90 -94.76
C PRO V 380 17.42 24.35 -94.14
N GLU V 381 16.34 23.67 -94.55
CA GLU V 381 15.01 24.01 -94.04
C GLU V 381 14.96 23.88 -92.52
N ASP V 382 15.53 22.82 -91.98
CA ASP V 382 15.59 22.61 -90.54
C ASP V 382 17.02 22.23 -90.15
N LEU V 383 17.50 22.83 -89.06
CA LEU V 383 18.81 22.50 -88.51
C LEU V 383 18.61 21.61 -87.30
N TYR V 384 19.21 20.43 -87.32
CA TYR V 384 19.04 19.43 -86.27
C TYR V 384 20.30 19.30 -85.44
N ASP V 385 20.12 19.06 -84.15
CA ASP V 385 21.23 18.66 -83.30
C ASP V 385 21.63 17.23 -83.62
N GLU V 386 22.91 16.92 -83.38
CA GLU V 386 23.45 15.62 -83.78
C GLU V 386 22.82 14.46 -83.01
N ASN V 387 22.18 14.73 -81.87
CA ASN V 387 21.56 13.68 -81.07
C ASN V 387 20.06 13.56 -81.29
N VAL V 388 19.49 14.29 -82.23
CA VAL V 388 18.05 14.33 -82.43
C VAL V 388 17.65 13.33 -83.49
N CYS V 389 16.63 12.51 -83.21
CA CYS V 389 16.06 11.61 -84.20
C CYS V 389 15.18 12.41 -85.14
N GLN V 390 15.62 12.57 -86.38
CA GLN V 390 14.84 13.32 -87.35
C GLN V 390 13.57 12.55 -87.73
N PRO V 391 12.49 13.27 -88.07
CA PRO V 391 11.25 12.58 -88.46
C PRO V 391 11.40 11.68 -89.67
N GLY V 392 12.34 11.96 -90.56
CA GLY V 392 12.54 11.13 -91.73
C GLY V 392 13.75 10.23 -91.60
N ALA V 393 13.95 9.69 -90.40
CA ALA V 393 15.06 8.81 -90.09
C ALA V 393 14.56 7.40 -89.82
N PRO V 394 15.37 6.37 -90.08
CA PRO V 394 14.94 5.01 -89.82
C PRO V 394 14.70 4.77 -88.33
N SER V 395 13.85 3.80 -88.03
CA SER V 395 13.47 3.51 -86.65
C SER V 395 14.69 3.10 -85.83
N ILE V 396 14.64 3.40 -84.53
CA ILE V 396 15.77 3.13 -83.66
C ILE V 396 15.95 1.64 -83.48
N THR V 397 17.16 1.15 -83.72
CA THR V 397 17.53 -0.24 -83.48
C THR V 397 18.72 -0.26 -82.52
N PHE V 398 18.56 -0.97 -81.40
CA PHE V 398 19.60 -1.07 -80.39
C PHE V 398 20.55 -2.24 -80.62
N THR V 399 20.69 -2.69 -81.86
CA THR V 399 21.60 -3.79 -82.17
C THR V 399 23.06 -3.39 -81.92
N PRO W 45 -46.36 134.10 25.23
CA PRO W 45 -46.51 132.92 26.09
C PRO W 45 -45.61 131.76 25.67
N PRO W 46 -44.33 131.84 26.02
CA PRO W 46 -43.42 130.76 25.68
C PRO W 46 -43.77 129.46 26.39
N VAL W 47 -43.50 128.35 25.72
CA VAL W 47 -43.77 127.02 26.25
C VAL W 47 -42.44 126.41 26.66
N LEU W 48 -42.30 126.14 27.96
CA LEU W 48 -41.07 125.58 28.51
C LEU W 48 -41.36 124.22 29.13
N ARG W 49 -40.28 123.45 29.32
CA ARG W 49 -40.40 122.12 29.93
C ARG W 49 -39.07 121.80 30.60
N LYS W 50 -39.10 121.71 31.92
CA LYS W 50 -37.92 121.37 32.71
C LYS W 50 -37.93 119.88 33.04
N CYS W 51 -36.75 119.27 33.01
CA CYS W 51 -36.64 117.84 33.28
C CYS W 51 -37.10 117.53 34.70
N GLU W 52 -37.94 116.50 34.82
CA GLU W 52 -38.50 116.12 36.11
C GLU W 52 -37.63 115.09 36.84
N LEU W 53 -37.16 114.07 36.12
CA LEU W 53 -36.30 113.08 36.73
C LEU W 53 -34.95 113.69 37.10
N PRO W 54 -34.31 113.17 38.14
CA PRO W 54 -33.04 113.77 38.61
C PRO W 54 -31.92 113.67 37.58
N VAL W 55 -31.50 114.83 37.06
CA VAL W 55 -30.36 114.88 36.15
C VAL W 55 -29.08 114.62 36.92
N PRO W 56 -28.15 113.82 36.41
CA PRO W 56 -26.89 113.58 37.13
C PRO W 56 -26.12 114.87 37.35
N ALA W 57 -25.46 114.94 38.51
CA ALA W 57 -24.80 116.18 38.91
C ALA W 57 -23.66 116.56 37.97
N HIS W 58 -22.84 115.58 37.57
CA HIS W 58 -21.65 115.88 36.79
C HIS W 58 -21.97 116.29 35.36
N ARG W 59 -23.21 116.14 34.92
CA ARG W 59 -23.64 116.54 33.58
C ARG W 59 -24.74 117.58 33.68
N ARG W 60 -25.08 118.16 32.53
CA ARG W 60 -26.15 119.14 32.43
C ARG W 60 -27.08 118.77 31.29
N PRO W 61 -28.37 119.10 31.40
CA PRO W 61 -29.32 118.72 30.36
C PRO W 61 -29.05 119.44 29.05
N VAL W 62 -29.39 118.77 27.96
CA VAL W 62 -29.29 119.33 26.62
C VAL W 62 -30.64 119.96 26.26
N GLN W 63 -30.60 121.02 25.46
CA GLN W 63 -31.77 121.80 25.16
C GLN W 63 -32.04 121.80 23.66
N ALA W 64 -33.32 121.89 23.31
CA ALA W 64 -33.74 121.89 21.90
C ALA W 64 -34.95 122.80 21.75
N TRP W 65 -35.11 123.33 20.54
CA TRP W 65 -36.23 124.22 20.26
C TRP W 65 -37.55 123.45 20.26
N ILE W 66 -38.62 124.17 20.58
CA ILE W 66 -39.98 123.64 20.53
C ILE W 66 -40.71 124.33 19.40
N GLU W 67 -41.27 123.54 18.48
CA GLU W 67 -41.94 124.07 17.31
C GLU W 67 -43.43 123.73 17.36
N SER W 68 -44.19 124.35 16.45
CA SER W 68 -45.61 124.10 16.31
C SER W 68 -45.96 123.95 14.84
N LEU W 69 -46.95 123.12 14.56
CA LEU W 69 -47.39 122.85 13.19
C LEU W 69 -48.60 123.67 12.79
N ARG W 70 -49.06 124.59 13.64
CA ARG W 70 -50.21 125.42 13.31
C ARG W 70 -49.90 126.46 12.24
N GLY W 71 -48.64 126.65 11.89
CA GLY W 71 -48.27 127.60 10.86
C GLY W 71 -46.93 127.27 10.26
N TYR W 72 -46.69 127.81 9.07
CA TYR W 72 -45.42 127.57 8.39
C TYR W 72 -44.26 128.19 9.15
N GLU W 73 -44.43 129.42 9.64
CA GLU W 73 -43.38 130.16 10.32
C GLU W 73 -43.45 130.04 11.84
N GLN W 74 -44.40 129.27 12.37
CA GLN W 74 -44.56 129.12 13.81
C GLN W 74 -43.54 128.12 14.36
N GLU W 75 -42.27 128.50 14.24
CA GLU W 75 -41.15 127.71 14.75
C GLU W 75 -40.42 128.50 15.83
N ARG W 76 -39.74 127.77 16.71
CA ARG W 76 -39.03 128.35 17.85
C ARG W 76 -39.97 129.16 18.73
N VAL W 77 -41.00 128.48 19.24
CA VAL W 77 -41.99 129.08 20.11
C VAL W 77 -41.74 128.73 21.57
N GLY W 78 -40.56 128.20 21.89
CA GLY W 78 -40.25 127.83 23.25
C GLY W 78 -38.92 127.12 23.32
N LEU W 79 -38.63 126.60 24.51
CA LEU W 79 -37.38 125.88 24.77
C LEU W 79 -37.65 124.79 25.79
N THR W 80 -37.15 123.59 25.51
CA THR W 80 -37.33 122.44 26.39
C THR W 80 -35.97 121.80 26.69
N GLU W 81 -35.83 121.28 27.90
CA GLU W 81 -34.62 120.59 28.31
C GLU W 81 -34.79 119.08 28.16
N LEU W 82 -33.79 118.43 27.59
CA LEU W 82 -33.80 116.99 27.39
C LEU W 82 -32.78 116.34 28.31
N HIS W 83 -33.15 115.21 28.88
CA HIS W 83 -32.29 114.54 29.85
C HIS W 83 -31.01 114.07 29.16
N PRO W 84 -29.83 114.38 29.70
CA PRO W 84 -28.59 113.99 29.02
C PRO W 84 -28.40 112.49 28.91
N ASP W 85 -28.91 111.70 29.86
CA ASP W 85 -28.71 110.27 29.82
C ASP W 85 -29.53 109.57 28.72
N VAL W 86 -30.44 110.28 28.06
CA VAL W 86 -31.24 109.73 26.98
C VAL W 86 -30.85 110.35 25.63
N PHE W 87 -30.94 111.67 25.53
CA PHE W 87 -30.70 112.36 24.26
C PHE W 87 -29.26 112.82 24.09
N SER W 88 -28.40 112.54 25.07
CA SER W 88 -26.97 112.91 24.92
C SER W 88 -26.07 111.79 25.42
N THR W 89 -26.46 110.54 25.14
CA THR W 89 -25.67 109.40 25.56
C THR W 89 -24.53 109.15 24.57
N ALA W 90 -23.72 108.13 24.85
CA ALA W 90 -22.60 107.83 23.97
C ALA W 90 -23.09 107.37 22.61
N PRO W 91 -22.45 107.82 21.53
CA PRO W 91 -22.89 107.45 20.16
C PRO W 91 -22.43 106.05 19.75
N ARG W 92 -23.19 105.04 20.17
CA ARG W 92 -22.88 103.65 19.87
C ARG W 92 -23.51 103.29 18.53
N LEU W 93 -22.69 103.27 17.48
CA LEU W 93 -23.14 102.91 16.15
C LEU W 93 -23.08 101.41 15.90
N ASP W 94 -22.49 100.64 16.80
CA ASP W 94 -22.48 99.19 16.68
C ASP W 94 -23.57 98.51 17.50
N ILE W 95 -24.14 99.22 18.48
CA ILE W 95 -25.31 98.70 19.20
C ILE W 95 -26.59 98.93 18.41
N LEU W 96 -26.62 99.96 17.56
CA LEU W 96 -27.71 100.11 16.61
C LEU W 96 -27.72 98.99 15.59
N HIS W 97 -26.54 98.52 15.18
CA HIS W 97 -26.46 97.43 14.21
C HIS W 97 -27.09 96.16 14.76
N GLN W 98 -26.83 95.85 16.03
CA GLN W 98 -27.42 94.67 16.63
C GLN W 98 -28.94 94.77 16.71
N VAL W 99 -29.46 95.93 17.11
CA VAL W 99 -30.90 96.09 17.24
C VAL W 99 -31.57 96.13 15.88
N ALA W 100 -30.97 96.84 14.92
CA ALA W 100 -31.57 96.92 13.58
C ALA W 100 -31.64 95.55 12.92
N ILE W 101 -30.58 94.76 13.07
CA ILE W 101 -30.60 93.39 12.55
C ILE W 101 -31.59 92.54 13.33
N TRP W 102 -31.68 92.77 14.65
CA TRP W 102 -32.60 91.97 15.46
C TRP W 102 -34.05 92.15 15.02
N GLN W 103 -34.45 93.39 14.76
CA GLN W 103 -35.82 93.63 14.32
C GLN W 103 -36.11 93.05 12.94
N LYS W 104 -35.07 92.66 12.20
CA LYS W 104 -35.24 92.05 10.89
C LYS W 104 -35.19 90.54 10.92
N ASN W 105 -34.43 89.95 11.83
CA ASN W 105 -34.23 88.50 11.90
C ASN W 105 -34.71 87.91 13.22
N PHE W 106 -35.79 88.44 13.80
CA PHE W 106 -36.36 87.86 15.00
C PHE W 106 -37.76 87.29 14.80
N LYS W 107 -38.44 87.68 13.73
CA LYS W 107 -39.73 87.08 13.38
C LYS W 107 -39.71 86.41 12.02
N ARG W 108 -38.56 86.35 11.34
CA ARG W 108 -38.48 85.68 10.06
C ARG W 108 -38.68 84.18 10.20
N ILE W 109 -39.73 83.64 9.59
CA ILE W 109 -39.99 82.21 9.57
C ILE W 109 -40.07 81.80 8.11
N SER W 110 -39.01 81.16 7.61
CA SER W 110 -38.98 80.71 6.22
C SER W 110 -40.01 79.60 6.00
N TYR W 111 -40.40 79.43 4.73
CA TYR W 111 -41.38 78.41 4.37
C TYR W 111 -40.87 77.54 3.22
N ALA W 112 -39.57 77.29 3.18
CA ALA W 112 -38.96 76.51 2.12
C ALA W 112 -38.70 75.10 2.63
N LYS W 113 -39.26 74.10 1.96
CA LYS W 113 -39.11 72.70 2.35
C LYS W 113 -39.02 71.86 1.09
N THR W 114 -37.81 71.48 0.72
CA THR W 114 -37.60 70.57 -0.39
C THR W 114 -37.63 69.13 0.12
N LYS W 115 -38.03 68.22 -0.76
CA LYS W 115 -38.21 66.81 -0.40
C LYS W 115 -36.91 66.06 -0.59
N THR W 116 -36.42 65.42 0.48
CA THR W 116 -35.23 64.60 0.39
C THR W 116 -35.57 63.26 -0.25
N ARG W 117 -34.56 62.42 -0.44
CA ARG W 117 -34.77 61.15 -1.13
C ARG W 117 -35.74 60.24 -0.41
N ALA W 118 -36.00 60.47 0.88
CA ALA W 118 -36.96 59.67 1.61
C ALA W 118 -38.40 60.04 1.26
N GLU W 119 -38.68 61.31 1.00
CA GLU W 119 -40.04 61.78 0.80
C GLU W 119 -40.47 61.79 -0.66
N VAL W 120 -39.62 61.35 -1.59
CA VAL W 120 -40.02 61.28 -2.99
C VAL W 120 -41.07 60.18 -3.16
N ARG W 121 -41.80 60.27 -4.27
CA ARG W 121 -42.97 59.42 -4.46
C ARG W 121 -42.59 57.94 -4.51
N GLY W 122 -41.62 57.58 -5.35
CA GLY W 122 -41.31 56.18 -5.55
C GLY W 122 -39.84 55.81 -5.34
N GLY W 123 -39.31 55.04 -6.27
CA GLY W 123 -37.92 54.61 -6.19
C GLY W 123 -37.62 53.65 -5.04
N GLY W 124 -38.53 52.72 -4.77
CA GLY W 124 -38.33 51.75 -3.72
C GLY W 124 -37.68 50.45 -4.13
N ARG W 125 -37.22 50.33 -5.37
CA ARG W 125 -36.66 49.10 -5.89
C ARG W 125 -35.30 49.37 -6.54
N LYS W 126 -34.43 48.38 -6.49
CA LYS W 126 -33.13 48.51 -7.14
C LYS W 126 -33.33 48.52 -8.66
N PRO W 127 -32.79 49.53 -9.36
CA PRO W 127 -33.08 49.62 -10.80
C PRO W 127 -32.53 48.44 -11.60
N TRP W 128 -31.30 48.00 -11.32
CA TRP W 128 -30.73 46.87 -12.03
C TRP W 128 -29.72 46.16 -11.12
N VAL W 129 -29.43 44.91 -11.46
CA VAL W 129 -28.51 44.11 -10.65
C VAL W 129 -27.13 44.76 -10.63
N GLN W 130 -26.51 44.75 -9.46
CA GLN W 130 -25.28 45.50 -9.26
C GLN W 130 -24.14 45.00 -10.15
N LYS W 131 -24.00 43.68 -10.28
CA LYS W 131 -22.87 43.08 -10.97
C LYS W 131 -23.31 42.46 -12.29
N GLY W 132 -22.55 42.72 -13.35
CA GLY W 132 -22.75 42.08 -14.63
C GLY W 132 -23.44 42.94 -15.67
N SER W 133 -24.20 43.95 -15.24
CA SER W 133 -24.89 44.81 -16.20
C SER W 133 -23.90 45.62 -17.03
N GLY W 134 -22.85 46.13 -16.39
CA GLY W 134 -21.89 46.97 -17.06
C GLY W 134 -22.06 48.45 -16.85
N ARG W 135 -22.96 48.86 -15.96
CA ARG W 135 -23.21 50.27 -15.66
CA ARG W 135 -23.21 50.27 -15.66
C ARG W 135 -22.88 50.55 -14.21
N ALA W 136 -23.00 51.82 -13.83
CA ALA W 136 -22.74 52.21 -12.46
C ALA W 136 -23.81 51.65 -11.54
N ARG W 137 -23.40 51.24 -10.35
CA ARG W 137 -24.31 50.64 -9.38
C ARG W 137 -25.19 51.71 -8.75
N HIS W 138 -26.48 51.41 -8.63
CA HIS W 138 -27.42 52.31 -7.98
C HIS W 138 -28.37 51.53 -7.10
N GLY W 139 -28.98 52.22 -6.15
CA GLY W 139 -29.85 51.56 -5.19
C GLY W 139 -31.29 52.04 -5.24
N SER W 140 -31.49 53.23 -5.80
CA SER W 140 -32.84 53.77 -5.97
C SER W 140 -32.80 54.78 -7.11
N ILE W 141 -33.97 54.98 -7.73
CA ILE W 141 -34.08 55.90 -8.84
C ILE W 141 -34.49 57.27 -8.33
N ARG W 142 -34.40 57.47 -7.01
CA ARG W 142 -34.72 58.76 -6.41
C ARG W 142 -33.54 59.33 -5.62
N SER W 143 -32.35 58.77 -5.77
CA SER W 143 -31.18 59.30 -5.09
C SER W 143 -30.81 60.67 -5.69
N PRO W 144 -30.08 61.49 -4.94
CA PRO W 144 -29.77 62.84 -5.43
C PRO W 144 -28.98 62.85 -6.74
N ILE W 145 -28.25 61.77 -7.05
CA ILE W 145 -27.52 61.72 -8.31
C ILE W 145 -28.49 61.71 -9.49
N TRP W 146 -29.57 60.94 -9.38
CA TRP W 146 -30.50 60.77 -10.49
C TRP W 146 -31.22 62.08 -10.81
N ARG W 147 -31.82 62.12 -12.00
CA ARG W 147 -32.44 63.34 -12.49
C ARG W 147 -33.60 63.76 -11.59
N GLY W 148 -34.52 62.84 -11.31
CA GLY W 148 -35.70 63.16 -10.55
C GLY W 148 -35.56 63.03 -9.05
N GLY W 149 -34.35 62.81 -8.55
CA GLY W 149 -34.14 62.56 -7.14
C GLY W 149 -34.31 63.81 -6.30
N GLY W 150 -34.24 63.60 -4.99
CA GLY W 150 -34.40 64.67 -4.03
C GLY W 150 -33.15 65.51 -3.91
N VAL W 151 -33.09 66.27 -2.81
CA VAL W 151 -31.96 67.15 -2.52
C VAL W 151 -31.23 66.59 -1.30
N ALA W 152 -29.93 66.35 -1.45
CA ALA W 152 -29.15 65.83 -0.33
C ALA W 152 -29.11 66.82 0.82
N HIS W 153 -28.91 68.09 0.52
CA HIS W 153 -28.85 69.15 1.55
C HIS W 153 -29.64 70.35 1.05
N GLY W 154 -30.88 70.48 1.51
CA GLY W 154 -31.71 71.59 1.16
C GLY W 154 -32.45 72.14 2.36
N PRO W 155 -33.19 73.22 2.17
CA PRO W 155 -33.97 73.80 3.28
C PRO W 155 -35.03 72.81 3.74
N ARG W 156 -35.01 72.50 5.04
CA ARG W 156 -35.88 71.48 5.61
C ARG W 156 -36.93 72.14 6.50
N GLY W 157 -38.19 72.09 6.05
CA GLY W 157 -39.29 72.58 6.84
C GLY W 157 -39.25 74.07 7.09
N PRO W 158 -40.27 74.60 7.75
CA PRO W 158 -40.25 76.02 8.14
C PRO W 158 -39.21 76.25 9.22
N THR W 159 -38.25 77.14 8.93
CA THR W 159 -37.16 77.44 9.85
C THR W 159 -37.41 78.78 10.52
N SER W 160 -37.27 78.82 11.84
CA SER W 160 -37.53 80.02 12.63
C SER W 160 -36.22 80.58 13.14
N TYR W 161 -36.03 81.89 12.97
CA TYR W 161 -34.88 82.62 13.49
C TYR W 161 -35.38 83.52 14.62
N TYR W 162 -35.42 82.97 15.83
CA TYR W 162 -35.94 83.69 16.99
C TYR W 162 -34.86 83.76 18.05
N TYR W 163 -34.27 84.93 18.22
CA TYR W 163 -33.31 85.17 19.30
C TYR W 163 -33.61 86.53 19.91
N MET W 164 -33.59 86.58 21.24
CA MET W 164 -33.95 87.78 21.98
C MET W 164 -32.70 88.39 22.60
N LEU W 165 -32.38 89.61 22.20
CA LEU W 165 -31.32 90.35 22.85
C LEU W 165 -31.72 90.68 24.28
N PRO W 166 -30.75 90.81 25.19
CA PRO W 166 -31.08 91.22 26.56
C PRO W 166 -31.71 92.60 26.56
N MET W 167 -32.62 92.81 27.53
CA MET W 167 -33.45 94.00 27.52
C MET W 167 -32.62 95.28 27.61
N LYS W 168 -31.58 95.28 28.42
CA LYS W 168 -30.76 96.48 28.58
C LYS W 168 -30.01 96.84 27.32
N VAL W 169 -29.83 95.90 26.38
CA VAL W 169 -29.25 96.24 25.09
C VAL W 169 -30.30 96.91 24.20
N ARG W 170 -31.53 96.37 24.19
CA ARG W 170 -32.59 96.99 23.40
C ARG W 170 -32.89 98.40 23.89
N VAL W 171 -32.92 98.60 25.21
CA VAL W 171 -33.11 99.94 25.75
C VAL W 171 -31.96 100.85 25.34
N GLN W 172 -30.74 100.35 25.39
CA GLN W 172 -29.58 101.12 24.93
C GLN W 172 -29.69 101.46 23.46
N GLY W 173 -30.34 100.60 22.67
CA GLY W 173 -30.49 100.89 21.26
C GLY W 173 -31.39 102.09 20.99
N LEU W 174 -32.46 102.24 21.77
CA LEU W 174 -33.34 103.39 21.61
C LEU W 174 -32.63 104.68 22.02
N LYS W 175 -31.83 104.64 23.08
CA LYS W 175 -31.16 105.84 23.56
C LYS W 175 -30.19 106.39 22.52
N VAL W 176 -29.35 105.53 21.95
CA VAL W 176 -28.35 106.00 20.99
C VAL W 176 -29.02 106.50 19.72
N ALA W 177 -30.12 105.87 19.31
CA ALA W 177 -30.82 106.31 18.11
C ALA W 177 -31.38 107.72 18.28
N LEU W 178 -31.95 108.01 19.44
CA LEU W 178 -32.46 109.35 19.71
C LEU W 178 -31.32 110.37 19.75
N THR W 179 -30.19 110.00 20.36
CA THR W 179 -29.05 110.91 20.42
C THR W 179 -28.49 111.19 19.02
N VAL W 180 -28.42 110.16 18.18
CA VAL W 180 -27.93 110.36 16.81
C VAL W 180 -28.84 111.30 16.05
N LYS W 181 -30.16 111.13 16.19
CA LYS W 181 -31.10 112.02 15.52
C LYS W 181 -30.94 113.46 15.99
N LEU W 182 -30.77 113.66 17.30
CA LEU W 182 -30.64 115.01 17.83
C LEU W 182 -29.31 115.63 17.44
N ALA W 183 -28.23 114.85 17.47
CA ALA W 183 -26.90 115.38 17.17
C ALA W 183 -26.76 115.82 15.72
N GLN W 184 -27.56 115.27 14.81
CA GLN W 184 -27.49 115.61 13.39
C GLN W 184 -28.63 116.53 12.96
N ASP W 185 -29.32 117.17 13.91
CA ASP W 185 -30.40 118.10 13.62
C ASP W 185 -31.53 117.46 12.83
N ASP W 186 -31.75 116.17 13.05
CA ASP W 186 -32.87 115.45 12.44
C ASP W 186 -34.03 115.27 13.39
N LEU W 187 -33.96 115.86 14.59
CA LEU W 187 -35.00 115.75 15.60
C LEU W 187 -35.64 117.11 15.81
N HIS W 188 -36.96 117.17 15.70
CA HIS W 188 -37.71 118.40 15.93
C HIS W 188 -38.84 118.10 16.92
N ILE W 189 -39.04 119.01 17.88
CA ILE W 189 -40.07 118.86 18.90
C ILE W 189 -41.27 119.71 18.49
N VAL W 190 -42.44 119.09 18.47
CA VAL W 190 -43.68 119.74 18.09
C VAL W 190 -44.61 119.74 19.28
N ASP W 191 -45.20 120.89 19.58
CA ASP W 191 -46.05 121.06 20.76
C ASP W 191 -47.48 120.68 20.40
N SER W 192 -47.92 119.54 20.92
CA SER W 192 -49.32 119.09 20.94
C SER W 192 -49.82 118.63 19.57
N LEU W 193 -49.03 118.84 18.51
CA LEU W 193 -49.23 118.19 17.22
C LEU W 193 -50.64 118.41 16.67
N GLU W 194 -50.95 119.68 16.37
CA GLU W 194 -52.19 120.03 15.72
C GLU W 194 -51.91 120.61 14.34
N LEU W 195 -52.87 120.43 13.44
CA LEU W 195 -52.75 120.93 12.07
C LEU W 195 -53.95 121.80 11.73
N PRO W 196 -53.73 122.90 11.01
CA PRO W 196 -54.87 123.77 10.64
C PRO W 196 -55.90 123.09 9.78
N THR W 197 -55.51 122.17 8.91
CA THR W 197 -56.44 121.55 7.98
C THR W 197 -56.07 120.09 7.77
N ALA W 198 -57.01 119.34 7.22
CA ALA W 198 -56.82 117.93 6.92
C ALA W 198 -56.27 117.68 5.52
N ASP W 199 -55.93 118.73 4.80
CA ASP W 199 -55.38 118.57 3.45
C ASP W 199 -53.98 118.00 3.52
N PRO W 200 -53.70 116.86 2.88
CA PRO W 200 -52.34 116.30 2.93
C PRO W 200 -51.29 117.17 2.28
N GLN W 201 -51.67 118.06 1.36
CA GLN W 201 -50.69 118.93 0.72
C GLN W 201 -50.07 119.92 1.70
N TYR W 202 -50.77 120.23 2.79
CA TYR W 202 -50.23 121.16 3.78
C TYR W 202 -48.94 120.63 4.40
N LEU W 203 -48.91 119.33 4.73
CA LEU W 203 -47.70 118.75 5.32
C LEU W 203 -46.56 118.73 4.33
N ILE W 204 -46.84 118.47 3.06
CA ILE W 204 -45.78 118.39 2.05
C ILE W 204 -45.08 119.73 1.92
N GLU W 205 -45.86 120.82 1.83
CA GLU W 205 -45.26 122.14 1.70
C GLU W 205 -44.58 122.57 2.99
N LEU W 206 -45.14 122.19 4.14
CA LEU W 206 -44.54 122.54 5.42
C LEU W 206 -43.15 121.93 5.58
N ALA W 207 -43.00 120.65 5.23
CA ALA W 207 -41.70 119.99 5.32
C ALA W 207 -40.72 120.58 4.32
N ARG W 208 -41.21 120.92 3.11
CA ARG W 208 -40.34 121.52 2.11
C ARG W 208 -39.83 122.88 2.58
N TYR W 209 -40.69 123.68 3.20
CA TYR W 209 -40.28 125.01 3.66
C TYR W 209 -39.23 124.91 4.76
N ARG W 210 -39.40 123.99 5.70
CA ARG W 210 -38.49 123.84 6.82
C ARG W 210 -37.33 122.89 6.52
N ARG W 211 -37.30 122.30 5.34
CA ARG W 211 -36.26 121.34 4.94
C ARG W 211 -36.21 120.17 5.93
N TRP W 212 -37.34 119.49 6.06
CA TRP W 212 -37.47 118.32 6.91
C TRP W 212 -37.08 117.03 6.19
N GLY W 213 -36.30 117.12 5.12
CA GLY W 213 -35.89 115.94 4.40
C GLY W 213 -37.02 115.36 3.56
N ASP W 214 -36.85 114.09 3.20
CA ASP W 214 -37.80 113.40 2.34
C ASP W 214 -38.92 112.73 3.13
N SER W 215 -38.61 112.16 4.29
CA SER W 215 -39.59 111.46 5.10
C SER W 215 -39.56 111.98 6.53
N VAL W 216 -40.74 112.05 7.14
CA VAL W 216 -40.89 112.54 8.51
C VAL W 216 -41.73 111.53 9.29
N LEU W 217 -41.23 111.15 10.47
CA LEU W 217 -41.92 110.22 11.34
C LEU W 217 -42.62 111.00 12.45
N LEU W 218 -43.95 110.94 12.46
CA LEU W 218 -44.75 111.63 13.47
C LEU W 218 -45.19 110.64 14.54
N VAL W 219 -45.04 111.05 15.81
CA VAL W 219 -45.40 110.19 16.92
C VAL W 219 -46.45 110.89 17.78
N ASP W 220 -47.18 110.09 18.54
CA ASP W 220 -48.19 110.59 19.46
C ASP W 220 -48.22 109.68 20.68
N LEU W 221 -48.69 110.22 21.80
CA LEU W 221 -48.60 109.47 23.06
C LEU W 221 -49.52 108.26 23.05
N GLU W 222 -50.75 108.41 22.57
CA GLU W 222 -51.71 107.31 22.56
C GLU W 222 -52.47 107.31 21.25
N HIS W 223 -53.01 106.14 20.91
CA HIS W 223 -53.69 105.97 19.63
C HIS W 223 -55.00 106.73 19.59
N GLU W 224 -55.83 106.59 20.62
CA GLU W 224 -57.15 107.21 20.60
C GLU W 224 -57.10 108.72 20.76
N ASP W 225 -55.98 109.28 21.20
CA ASP W 225 -55.87 110.70 21.44
C ASP W 225 -55.34 111.47 20.24
N MET W 226 -55.09 110.81 19.12
CA MET W 226 -54.54 111.49 17.96
C MET W 226 -55.62 112.35 17.30
N PRO W 227 -55.36 113.62 17.03
CA PRO W 227 -56.40 114.50 16.47
C PRO W 227 -56.78 114.07 15.05
N GLN W 228 -58.02 114.40 14.68
CA GLN W 228 -58.54 114.00 13.39
C GLN W 228 -57.83 114.68 12.23
N ASN W 229 -57.41 115.93 12.41
CA ASN W 229 -56.74 116.66 11.32
C ASN W 229 -55.42 115.98 10.95
N VAL W 230 -54.64 115.56 11.94
CA VAL W 230 -53.36 114.92 11.66
C VAL W 230 -53.58 113.54 11.05
N VAL W 231 -54.53 112.78 11.60
CA VAL W 231 -54.77 111.42 11.12
C VAL W 231 -55.21 111.43 9.66
N ALA W 232 -56.15 112.32 9.32
CA ALA W 232 -56.64 112.38 7.95
C ALA W 232 -55.58 112.93 7.00
N ALA W 233 -54.71 113.81 7.48
CA ALA W 233 -53.69 114.39 6.61
C ALA W 233 -52.62 113.38 6.26
N THR W 234 -52.19 112.57 7.23
CA THR W 234 -51.10 111.62 7.02
C THR W 234 -51.57 110.26 6.51
N SER W 235 -52.89 110.03 6.44
CA SER W 235 -53.37 108.75 5.96
C SER W 235 -53.24 108.61 4.45
N GLY W 236 -53.13 109.72 3.72
CA GLY W 236 -52.94 109.70 2.29
C GLY W 236 -51.52 109.93 1.82
N LEU W 237 -50.54 109.82 2.71
CA LEU W 237 -49.15 110.05 2.36
C LEU W 237 -48.32 108.81 2.65
N LYS W 238 -47.28 108.60 1.86
CA LYS W 238 -46.40 107.45 2.03
C LYS W 238 -45.15 107.81 2.84
N THR W 239 -44.51 108.93 2.52
CA THR W 239 -43.29 109.32 3.23
C THR W 239 -43.57 109.83 4.63
N PHE W 240 -44.79 110.26 4.92
CA PHE W 240 -45.18 110.75 6.23
C PHE W 240 -46.03 109.69 6.92
N ASN W 241 -45.63 109.29 8.12
CA ASN W 241 -46.30 108.23 8.85
C ASN W 241 -46.55 108.65 10.29
N LEU W 242 -47.69 108.22 10.84
CA LEU W 242 -48.07 108.52 12.21
C LEU W 242 -48.11 107.23 13.01
N VAL W 243 -47.40 107.20 14.13
CA VAL W 243 -47.28 105.99 14.94
C VAL W 243 -47.41 106.37 16.41
N PRO W 244 -48.11 105.58 17.23
CA PRO W 244 -48.17 105.86 18.66
C PRO W 244 -46.80 105.72 19.31
N ALA W 245 -46.64 106.34 20.48
CA ALA W 245 -45.37 106.33 21.17
C ALA W 245 -44.93 104.92 21.53
N VAL W 246 -45.87 104.00 21.73
CA VAL W 246 -45.52 102.62 22.01
C VAL W 246 -44.97 101.90 20.79
N GLY W 247 -45.17 102.47 19.60
CA GLY W 247 -44.70 101.84 18.38
C GLY W 247 -43.40 102.42 17.86
N LEU W 248 -42.62 103.04 18.73
CA LEU W 248 -41.34 103.63 18.35
C LEU W 248 -40.23 102.61 18.52
N ASN W 249 -39.30 102.58 17.58
CA ASN W 249 -38.18 101.65 17.62
C ASN W 249 -37.09 102.14 16.68
N VAL W 250 -35.99 101.38 16.65
CA VAL W 250 -34.78 101.82 15.94
C VAL W 250 -35.00 101.78 14.44
N HIS W 251 -35.62 100.72 13.93
CA HIS W 251 -35.76 100.56 12.49
C HIS W 251 -36.60 101.68 11.89
N SER W 252 -37.65 102.11 12.59
CA SER W 252 -38.48 103.20 12.09
C SER W 252 -37.70 104.50 12.04
N MET W 253 -36.86 104.76 13.06
CA MET W 253 -36.09 106.00 13.08
C MET W 253 -35.12 106.08 11.91
N LEU W 254 -34.43 104.98 11.61
CA LEU W 254 -33.46 104.98 10.53
C LEU W 254 -34.12 104.95 9.15
N LYS W 255 -35.36 104.48 9.07
CA LYS W 255 -36.07 104.46 7.79
C LYS W 255 -36.43 105.88 7.35
N HIS W 256 -36.86 106.73 8.28
CA HIS W 256 -37.31 108.08 7.99
C HIS W 256 -36.20 109.08 8.32
N GLN W 257 -35.96 110.02 7.41
CA GLN W 257 -34.86 110.96 7.57
C GLN W 257 -35.12 112.02 8.63
N THR W 258 -36.33 112.13 9.16
CA THR W 258 -36.65 113.13 10.16
C THR W 258 -37.60 112.54 11.19
N LEU W 259 -37.31 112.79 12.47
CA LEU W 259 -38.13 112.32 13.58
C LEU W 259 -38.76 113.52 14.28
N VAL W 260 -40.06 113.41 14.57
CA VAL W 260 -40.79 114.46 15.26
C VAL W 260 -41.35 113.87 16.55
N LEU W 261 -41.01 114.47 17.68
CA LEU W 261 -41.45 114.02 18.99
C LEU W 261 -42.34 115.08 19.62
N THR W 262 -43.49 114.66 20.12
CA THR W 262 -44.41 115.55 20.82
C THR W 262 -43.95 115.72 22.26
N LEU W 263 -44.23 116.90 22.82
CA LEU W 263 -43.78 117.21 24.18
C LEU W 263 -44.29 116.21 25.22
N PRO W 264 -45.58 115.84 25.25
CA PRO W 264 -45.99 114.78 26.17
C PRO W 264 -45.30 113.45 25.93
N THR W 265 -44.95 113.15 24.67
CA THR W 265 -44.26 111.91 24.38
C THR W 265 -42.80 111.95 24.87
N VAL W 266 -42.18 113.12 24.85
CA VAL W 266 -40.79 113.23 25.31
C VAL W 266 -40.70 112.87 26.78
N ALA W 267 -41.64 113.38 27.60
CA ALA W 267 -41.67 112.99 29.01
C ALA W 267 -42.00 111.51 29.16
N PHE W 268 -42.81 110.96 28.26
CA PHE W 268 -43.11 109.53 28.30
C PHE W 268 -41.86 108.69 28.03
N LEU W 269 -41.04 109.10 27.05
CA LEU W 269 -39.85 108.31 26.71
C LEU W 269 -38.81 108.38 27.82
N GLU W 270 -38.55 109.57 28.35
CA GLU W 270 -37.53 109.70 29.40
C GLU W 270 -37.92 108.93 30.65
N GLU W 271 -39.22 108.89 30.98
CA GLU W 271 -39.65 108.13 32.15
C GLU W 271 -39.42 106.63 31.95
N LYS W 272 -39.72 106.12 30.75
CA LYS W 272 -39.59 104.69 30.50
C LYS W 272 -38.13 104.26 30.34
N LEU W 273 -37.33 105.04 29.62
CA LEU W 273 -35.97 104.62 29.30
C LEU W 273 -35.02 104.75 30.48
N LEU W 274 -35.22 105.75 31.33
CA LEU W 274 -34.33 105.95 32.47
C LEU W 274 -34.63 105.02 33.63
N TRP W 275 -35.75 104.29 33.58
CA TRP W 275 -36.08 103.38 34.67
C TRP W 275 -35.11 102.19 34.73
N HIS W 276 -34.53 101.82 33.60
CA HIS W 276 -33.66 100.64 33.56
C HIS W 276 -32.28 100.90 34.14
N ASN W 277 -31.88 102.16 34.29
CA ASN W 277 -30.56 102.46 34.82
C ASN W 277 -30.41 102.00 36.26
N SER W 278 -31.46 102.18 37.08
CA SER W 278 -31.37 101.85 38.49
C SER W 278 -32.44 100.84 38.90
N ARG W 279 -32.62 99.79 38.11
CA ARG W 279 -33.61 98.76 38.38
C ARG W 279 -32.93 97.48 38.84
N TYR W 280 -33.74 96.58 39.39
CA TYR W 280 -33.29 95.26 39.82
C TYR W 280 -33.61 94.23 38.74
N THR W 281 -32.93 93.09 38.82
CA THR W 281 -33.23 92.00 37.93
C THR W 281 -34.60 91.42 38.26
N PRO W 282 -35.38 91.02 37.26
CA PRO W 282 -36.76 90.58 37.53
C PRO W 282 -36.83 89.23 38.22
N LEU W 283 -37.28 89.23 39.49
CA LEU W 283 -37.55 87.97 40.16
C LEU W 283 -38.67 87.21 39.47
N TYR W 284 -39.72 87.93 39.09
CA TYR W 284 -40.81 87.42 38.26
C TYR W 284 -41.17 88.52 37.27
N PRO W 285 -41.82 88.17 36.16
CA PRO W 285 -42.03 89.18 35.10
C PRO W 285 -42.81 90.38 35.60
N PHE W 286 -42.47 91.54 35.06
CA PHE W 286 -43.00 92.81 35.56
C PHE W 286 -44.50 92.95 35.36
N ARG W 287 -45.11 92.13 34.50
CA ARG W 287 -46.56 92.17 34.38
C ARG W 287 -47.23 91.79 35.69
N LEU W 288 -46.56 90.99 36.51
CA LEU W 288 -47.05 90.67 37.84
C LEU W 288 -46.90 91.88 38.77
N PRO W 289 -47.71 91.96 39.83
CA PRO W 289 -47.63 93.12 40.73
C PRO W 289 -46.26 93.27 41.36
N TYR W 290 -45.83 94.53 41.49
CA TYR W 290 -44.58 94.88 42.14
C TYR W 290 -44.83 95.96 43.18
N CYS W 291 -43.87 96.13 44.08
CA CYS W 291 -44.02 97.08 45.18
C CYS W 291 -44.16 98.52 44.66
N ASP W 292 -43.32 98.91 43.71
CA ASP W 292 -43.33 100.26 43.18
C ASP W 292 -43.25 100.27 41.67
N PHE W 293 -43.89 99.29 41.03
CA PHE W 293 -43.94 99.22 39.56
C PHE W 293 -45.27 98.61 39.14
N PRO W 294 -46.32 99.42 39.03
CA PRO W 294 -47.66 98.95 38.64
C PRO W 294 -47.79 98.72 37.14
N THR X 53 -57.60 30.96 36.94
CA THR X 53 -57.19 32.35 36.83
C THR X 53 -55.73 32.53 37.23
N VAL X 54 -54.94 33.08 36.32
CA VAL X 54 -53.52 33.31 36.57
C VAL X 54 -53.31 34.76 37.01
N ILE X 55 -52.27 34.96 37.81
CA ILE X 55 -51.90 36.28 38.31
C ILE X 55 -50.44 36.52 37.93
N VAL X 56 -50.19 37.60 37.17
CA VAL X 56 -48.87 37.91 36.68
C VAL X 56 -48.56 39.38 36.96
N GLU X 57 -47.27 39.69 36.99
CA GLU X 57 -46.80 41.05 37.15
C GLU X 57 -45.67 41.33 36.18
N ARG X 58 -45.49 42.60 35.84
CA ARG X 58 -44.52 42.99 34.83
C ARG X 58 -43.10 42.92 35.39
N TRP X 59 -42.17 42.45 34.56
CA TRP X 59 -40.76 42.43 34.96
C TRP X 59 -40.19 43.84 35.01
N TRP X 60 -40.48 44.66 34.01
CA TRP X 60 -39.92 45.99 33.89
C TRP X 60 -40.88 47.04 34.44
N LYS X 61 -40.33 48.03 35.13
CA LYS X 61 -41.15 49.08 35.72
C LYS X 61 -41.77 49.95 34.64
N VAL X 62 -42.93 50.50 34.94
CA VAL X 62 -43.68 51.36 34.03
C VAL X 62 -43.56 52.79 34.54
N PRO X 63 -43.19 53.76 33.68
CA PRO X 63 -43.13 55.15 34.14
C PRO X 63 -44.50 55.66 34.55
N LEU X 64 -44.49 56.60 35.49
CA LEU X 64 -45.72 57.08 36.10
C LEU X 64 -46.44 58.07 35.19
N ALA X 65 -47.73 58.26 35.48
CA ALA X 65 -48.56 59.29 34.84
C ALA X 65 -49.63 59.69 35.86
N GLY X 66 -49.34 60.73 36.64
CA GLY X 66 -50.13 61.08 37.79
C GLY X 66 -51.31 62.00 37.57
N GLU X 67 -51.52 62.52 36.35
CA GLU X 67 -52.62 63.43 36.09
C GLU X 67 -53.82 62.72 35.48
N GLY X 68 -54.07 61.47 35.88
CA GLY X 68 -55.15 60.71 35.31
C GLY X 68 -54.98 60.41 33.83
N ARG X 69 -53.75 60.21 33.38
CA ARG X 69 -53.45 59.96 31.98
C ARG X 69 -52.94 58.53 31.80
N LYS X 70 -53.30 57.92 30.68
CA LYS X 70 -52.88 56.55 30.41
C LYS X 70 -51.37 56.52 30.20
N PRO X 71 -50.65 55.66 30.91
CA PRO X 71 -49.19 55.68 30.80
C PRO X 71 -48.71 55.04 29.50
N ARG X 72 -47.50 55.41 29.11
CA ARG X 72 -46.90 54.83 27.91
C ARG X 72 -46.50 53.38 28.17
N LEU X 73 -46.90 52.50 27.24
CA LEU X 73 -46.60 51.08 27.33
C LEU X 73 -45.63 50.72 26.22
N HIS X 74 -44.51 50.10 26.60
CA HIS X 74 -43.47 49.69 25.67
C HIS X 74 -43.49 48.17 25.52
N ARG X 75 -42.69 47.67 24.57
CA ARG X 75 -42.63 46.23 24.34
C ARG X 75 -42.08 45.50 25.56
N ARG X 76 -41.08 46.07 26.23
CA ARG X 76 -40.49 45.43 27.39
C ARG X 76 -41.43 45.40 28.59
N HIS X 77 -42.54 46.13 28.55
CA HIS X 77 -43.55 46.07 29.60
C HIS X 77 -44.53 44.92 29.41
N ARG X 78 -44.43 44.18 28.31
CA ARG X 78 -45.26 43.00 28.08
C ARG X 78 -44.69 41.75 28.72
N VAL X 79 -43.45 41.79 29.21
CA VAL X 79 -42.80 40.61 29.77
C VAL X 79 -43.38 40.37 31.16
N TYR X 80 -44.13 39.28 31.32
CA TYR X 80 -44.77 38.94 32.57
C TYR X 80 -44.05 37.76 33.23
N LYS X 81 -44.38 37.54 34.50
CA LYS X 81 -43.94 36.35 35.20
C LYS X 81 -45.07 35.87 36.09
N LEU X 82 -45.29 34.55 36.11
CA LEU X 82 -46.36 33.98 36.93
C LEU X 82 -45.93 33.97 38.38
N VAL X 83 -46.67 34.70 39.22
CA VAL X 83 -46.33 34.81 40.64
C VAL X 83 -47.18 33.86 41.46
N GLU X 84 -48.39 33.57 40.98
CA GLU X 84 -49.32 32.71 41.71
C GLU X 84 -50.45 32.32 40.78
N ASP X 85 -50.91 31.08 40.91
CA ASP X 85 -52.06 30.57 40.17
C ASP X 85 -53.17 30.22 41.14
N THR X 86 -54.37 30.72 40.86
CA THR X 86 -55.48 30.58 41.81
C THR X 86 -55.98 29.14 41.91
N LYS X 87 -55.73 28.30 40.92
CA LYS X 87 -56.24 26.93 40.95
C LYS X 87 -55.39 26.00 41.81
N HIS X 88 -54.17 26.40 42.16
CA HIS X 88 -53.29 25.56 42.96
C HIS X 88 -53.38 25.85 44.45
N ARG X 89 -54.15 26.86 44.86
CA ARG X 89 -54.28 27.16 46.28
C ARG X 89 -55.11 26.08 46.97
N PRO X 90 -54.92 25.90 48.29
CA PRO X 90 -55.84 25.05 49.05
C PRO X 90 -57.20 25.70 49.16
N LYS X 91 -58.17 25.17 48.44
CA LYS X 91 -59.48 25.81 48.34
C LYS X 91 -60.24 25.72 49.67
N ASP X 92 -61.10 26.70 49.89
CA ASP X 92 -61.84 26.82 51.14
C ASP X 92 -63.12 25.98 51.05
N ASN X 93 -63.99 26.14 52.03
CA ASN X 93 -65.28 25.47 52.06
C ASN X 93 -66.39 26.49 51.94
N LEU X 94 -67.58 26.01 51.57
CA LEU X 94 -68.75 26.85 51.38
C LEU X 94 -69.76 26.57 52.48
N GLU X 95 -70.20 27.62 53.17
CA GLU X 95 -71.21 27.50 54.21
C GLU X 95 -72.59 27.69 53.59
N LEU X 96 -73.49 26.76 53.86
CA LEU X 96 -74.85 26.78 53.32
C LEU X 96 -75.85 26.48 54.42
N VAL X 97 -77.06 27.00 54.25
CA VAL X 97 -78.16 26.76 55.17
C VAL X 97 -79.06 25.68 54.57
N LEU X 98 -79.29 24.62 55.34
CA LEU X 98 -80.06 23.48 54.84
C LEU X 98 -81.55 23.75 54.95
N THR X 99 -82.25 23.63 53.84
CA THR X 99 -83.70 23.73 53.80
C THR X 99 -84.38 22.38 53.93
N GLN X 100 -83.62 21.31 54.09
CA GLN X 100 -84.16 19.97 54.30
C GLN X 100 -83.04 19.11 54.88
N SER X 101 -83.39 18.23 55.81
CA SER X 101 -82.40 17.44 56.51
C SER X 101 -81.72 16.46 55.57
N VAL X 102 -80.40 16.37 55.66
CA VAL X 102 -79.62 15.48 54.83
C VAL X 102 -79.26 14.25 55.64
N GLU X 103 -78.95 13.15 54.93
CA GLU X 103 -78.69 11.88 55.61
C GLU X 103 -77.44 11.95 56.48
N GLU X 104 -76.38 12.61 56.00
CA GLU X 104 -75.14 12.70 56.76
C GLU X 104 -74.78 14.12 57.17
N LEU X 105 -75.43 15.14 56.62
CA LEU X 105 -75.18 16.52 57.00
C LEU X 105 -76.12 16.90 58.13
N GLY X 106 -76.25 18.20 58.39
CA GLY X 106 -77.14 18.69 59.44
C GLY X 106 -78.61 18.48 59.14
N VAL X 107 -79.46 19.22 59.85
CA VAL X 107 -80.90 19.05 59.75
C VAL X 107 -81.53 20.27 59.09
N ARG X 108 -82.85 20.24 58.94
CA ARG X 108 -83.60 21.39 58.46
C ARG X 108 -83.28 22.63 59.30
N GLY X 109 -82.76 23.66 58.63
CA GLY X 109 -82.42 24.90 59.30
C GLY X 109 -81.16 24.79 60.14
N ASP X 110 -80.02 24.54 59.49
CA ASP X 110 -78.76 24.40 60.20
C ASP X 110 -77.64 24.95 59.33
N LEU X 111 -76.53 25.30 59.98
CA LEU X 111 -75.36 25.85 59.30
C LEU X 111 -74.33 24.75 59.13
N VAL X 112 -73.93 24.50 57.89
CA VAL X 112 -72.93 23.48 57.57
C VAL X 112 -71.97 24.07 56.55
N SER X 113 -70.66 23.90 56.81
CA SER X 113 -69.63 24.35 55.88
C SER X 113 -69.19 23.15 55.04
N VAL X 114 -70.03 22.80 54.06
CA VAL X 114 -69.78 21.65 53.20
C VAL X 114 -68.73 22.01 52.17
N LYS X 115 -68.18 21.00 51.50
CA LYS X 115 -67.20 21.23 50.45
C LYS X 115 -67.83 22.01 49.30
N LYS X 116 -67.03 22.86 48.67
CA LYS X 116 -67.55 23.80 47.68
C LYS X 116 -68.14 23.08 46.48
N SER X 117 -67.49 22.00 46.03
CA SER X 117 -68.00 21.26 44.88
C SER X 117 -69.35 20.64 45.16
N VAL X 118 -69.55 20.12 46.38
CA VAL X 118 -70.79 19.45 46.72
C VAL X 118 -71.97 20.42 46.68
N GLY X 119 -71.79 21.62 47.23
CA GLY X 119 -72.90 22.56 47.31
C GLY X 119 -73.41 22.97 45.95
N ARG X 120 -72.52 23.18 44.99
CA ARG X 120 -72.90 23.66 43.67
C ARG X 120 -73.54 22.59 42.80
N ASN X 121 -73.40 21.32 43.15
CA ASN X 121 -73.81 20.22 42.27
C ASN X 121 -75.03 19.46 42.74
N ARG X 122 -75.17 19.21 44.05
CA ARG X 122 -76.26 18.36 44.51
C ARG X 122 -77.13 19.05 45.56
N LEU X 123 -76.56 19.98 46.32
CA LEU X 123 -77.33 20.63 47.38
C LEU X 123 -78.19 21.76 46.83
N LEU X 124 -77.56 22.78 46.25
CA LEU X 124 -78.31 23.93 45.75
C LEU X 124 -79.26 23.59 44.60
N PRO X 125 -78.83 22.89 43.53
CA PRO X 125 -79.77 22.62 42.44
C PRO X 125 -81.00 21.82 42.84
N GLN X 126 -80.86 20.90 43.79
CA GLN X 126 -81.97 20.05 44.21
C GLN X 126 -82.83 20.67 45.30
N GLY X 127 -82.46 21.85 45.80
CA GLY X 127 -83.25 22.52 46.80
C GLY X 127 -83.04 22.04 48.22
N LEU X 128 -82.09 21.13 48.46
CA LEU X 128 -81.84 20.65 49.81
C LEU X 128 -81.24 21.74 50.69
N ALA X 129 -80.62 22.75 50.09
CA ALA X 129 -80.00 23.83 50.85
C ALA X 129 -80.10 25.12 50.06
N VAL X 130 -79.88 26.23 50.75
CA VAL X 130 -79.90 27.56 50.16
C VAL X 130 -78.65 28.30 50.61
N TYR X 131 -78.33 29.37 49.87
CA TYR X 131 -77.16 30.17 50.18
C TYR X 131 -77.24 30.73 51.60
N ALA X 132 -76.12 30.70 52.30
CA ALA X 132 -76.04 31.23 53.67
C ALA X 132 -75.81 32.72 53.68
N SER X 133 -76.67 33.46 52.97
CA SER X 133 -76.59 34.91 52.97
C SER X 133 -76.97 35.46 54.35
N PRO X 134 -76.38 36.59 54.76
CA PRO X 134 -76.74 37.14 56.08
C PRO X 134 -78.22 37.40 56.24
N GLU X 135 -78.90 37.83 55.17
CA GLU X 135 -80.36 37.97 55.24
C GLU X 135 -81.05 36.62 55.31
N ASN X 136 -80.48 35.60 54.68
CA ASN X 136 -81.08 34.27 54.71
C ASN X 136 -80.93 33.62 56.08
N LYS X 137 -79.84 33.91 56.80
CA LYS X 137 -79.62 33.29 58.09
C LYS X 137 -80.70 33.68 59.10
N LYS X 138 -81.05 34.97 59.15
CA LYS X 138 -82.01 35.44 60.15
C LYS X 138 -83.40 34.89 59.93
N LEU X 139 -83.76 34.52 58.69
CA LEU X 139 -85.06 33.90 58.44
C LEU X 139 -85.17 32.57 59.17
N PHE X 140 -84.12 31.76 59.12
CA PHE X 140 -84.13 30.48 59.83
C PHE X 140 -83.98 30.70 61.33
N GLU X 141 -83.18 31.70 61.73
CA GLU X 141 -83.04 32.00 63.15
C GLU X 141 -84.38 32.42 63.76
N GLU X 142 -85.13 33.27 63.05
CA GLU X 142 -86.47 33.64 63.52
C GLU X 142 -87.40 32.44 63.47
N GLU X 143 -87.24 31.57 62.47
CA GLU X 143 -88.09 30.39 62.36
C GLU X 143 -87.89 29.44 63.53
N LYS X 144 -86.66 29.36 64.03
CA LYS X 144 -86.39 28.50 65.19
C LYS X 144 -87.11 29.01 66.43
N LEU X 145 -87.22 30.33 66.58
CA LEU X 145 -87.82 30.90 67.78
C LEU X 145 -89.28 30.48 67.92
N LEU X 146 -90.00 30.36 66.80
CA LEU X 146 -91.41 29.97 66.86
C LEU X 146 -91.57 28.55 67.40
N ARG X 147 -90.75 27.61 66.91
CA ARG X 147 -90.90 26.22 67.33
C ARG X 147 -90.38 25.99 68.74
N GLN X 148 -89.22 26.56 69.07
CA GLN X 148 -88.62 26.30 70.38
C GLN X 148 -89.35 27.00 71.51
N GLU X 149 -90.14 28.03 71.21
CA GLU X 149 -90.96 28.66 72.25
C GLU X 149 -91.98 27.67 72.80
N GLY X 150 -92.64 26.91 71.92
CA GLY X 150 -93.57 25.89 72.31
C GLY X 150 -93.03 24.48 72.24
N LYS X 151 -91.72 24.31 72.06
CA LYS X 151 -91.08 23.00 71.95
C LYS X 151 -91.68 22.20 70.79
N LEU X 152 -91.54 22.74 69.59
CA LEU X 152 -92.09 22.14 68.39
C LEU X 152 -91.05 21.88 67.31
N GLU X 153 -89.76 22.01 67.63
CA GLU X 153 -88.71 21.78 66.64
C GLU X 153 -88.73 20.34 66.15
N LYS X 154 -88.44 19.40 67.06
CA LYS X 154 -88.46 17.96 66.76
C LYS X 154 -87.58 17.63 65.55
N LEU X 155 -86.45 18.31 65.44
CA LEU X 155 -85.55 18.13 64.31
C LEU X 155 -84.18 17.57 64.68
N GLN X 156 -83.83 17.56 65.96
CA GLN X 156 -82.56 17.03 66.45
C GLN X 156 -81.39 17.87 65.97
N THR X 157 -80.20 17.63 66.54
CA THR X 157 -79.00 18.33 66.12
C THR X 157 -78.42 17.69 64.86
N LYS X 158 -77.27 18.21 64.42
CA LYS X 158 -76.62 17.66 63.24
C LYS X 158 -76.25 16.20 63.44
N ALA X 159 -75.67 15.87 64.60
CA ALA X 159 -75.39 14.48 64.92
C ALA X 159 -76.64 13.73 65.34
N GLY X 160 -77.63 14.42 65.90
CA GLY X 160 -78.82 13.75 66.39
C GLY X 160 -79.59 13.03 65.29
N GLU X 161 -79.68 13.65 64.11
CA GLU X 161 -80.34 13.00 62.99
C GLU X 161 -79.61 11.72 62.58
N ALA X 162 -78.27 11.77 62.58
CA ALA X 162 -77.49 10.58 62.23
C ALA X 162 -77.68 9.47 63.26
N THR X 163 -77.93 9.82 64.52
CA THR X 163 -78.20 8.80 65.53
C THR X 163 -79.48 8.04 65.21
N VAL X 164 -80.52 8.75 64.76
CA VAL X 164 -81.76 8.10 64.39
C VAL X 164 -81.55 7.16 63.21
N LYS X 165 -80.80 7.62 62.21
CA LYS X 165 -80.58 6.80 61.01
C LYS X 165 -79.84 5.52 61.35
N PHE X 166 -78.78 5.62 62.15
CA PHE X 166 -78.01 4.43 62.53
C PHE X 166 -78.84 3.46 63.35
N LEU X 167 -79.63 3.98 64.29
CA LEU X 167 -80.43 3.12 65.15
C LEU X 167 -81.63 2.52 64.44
N ARG X 168 -82.02 3.08 63.29
CA ARG X 168 -83.12 2.49 62.51
C ARG X 168 -82.74 1.11 62.00
N ARG X 169 -81.49 0.93 61.58
CA ARG X 169 -81.00 -0.35 61.06
C ARG X 169 -79.76 -0.73 61.88
N CYS X 170 -79.97 -1.40 63.00
CA CYS X 170 -78.88 -1.84 63.86
C CYS X 170 -79.38 -3.01 64.70
N HIS X 171 -78.42 -3.83 65.15
CA HIS X 171 -78.71 -4.96 66.01
C HIS X 171 -77.65 -5.03 67.09
N LEU X 172 -78.08 -5.15 68.35
CA LEU X 172 -77.19 -5.16 69.49
C LEU X 172 -77.07 -6.58 70.05
N GLU X 173 -75.85 -7.03 70.27
CA GLU X 173 -75.57 -8.33 70.87
C GLU X 173 -75.24 -8.11 72.34
N VAL X 174 -76.16 -8.51 73.22
CA VAL X 174 -75.99 -8.32 74.66
C VAL X 174 -75.34 -9.60 75.19
N GLY X 175 -74.01 -9.59 75.24
CA GLY X 175 -73.27 -10.73 75.72
C GLY X 175 -73.27 -10.86 77.23
N MET X 176 -73.85 -11.94 77.75
CA MET X 176 -73.94 -12.20 79.17
C MET X 176 -73.27 -13.54 79.49
N LYS X 177 -72.70 -13.62 80.68
CA LYS X 177 -71.99 -14.82 81.13
C LYS X 177 -72.90 -15.59 82.08
N ASN X 178 -73.12 -16.87 81.79
CA ASN X 178 -74.04 -17.70 82.55
C ASN X 178 -73.41 -18.29 83.81
N ASN X 179 -72.10 -18.14 83.99
CA ASN X 179 -71.45 -18.68 85.18
C ASN X 179 -71.94 -17.99 86.45
N VAL X 180 -72.37 -16.74 86.33
CA VAL X 180 -72.91 -15.97 87.46
C VAL X 180 -74.26 -15.41 87.05
N LYS X 181 -75.19 -15.39 88.00
CA LYS X 181 -76.54 -14.90 87.72
C LYS X 181 -76.51 -13.44 87.27
N TRP X 182 -77.26 -13.14 86.22
CA TRP X 182 -77.29 -11.81 85.63
C TRP X 182 -78.73 -11.35 85.45
N GLU X 183 -78.98 -10.09 85.79
CA GLU X 183 -80.28 -9.45 85.60
C GLU X 183 -80.09 -8.19 84.77
N LEU X 184 -80.88 -8.05 83.72
CA LEU X 184 -80.71 -6.95 82.77
C LEU X 184 -81.49 -5.73 83.22
N ASN X 185 -80.81 -4.60 83.31
CA ASN X 185 -81.37 -3.31 83.67
C ASN X 185 -80.88 -2.28 82.66
N PRO X 186 -81.56 -1.13 82.57
CA PRO X 186 -81.17 -0.14 81.54
C PRO X 186 -79.72 0.30 81.64
N GLU X 187 -79.13 0.30 82.84
CA GLU X 187 -77.71 0.63 82.96
C GLU X 187 -76.84 -0.40 82.25
N ILE X 188 -77.20 -1.69 82.37
CA ILE X 188 -76.41 -2.74 81.73
C ILE X 188 -76.56 -2.69 80.21
N VAL X 189 -77.77 -2.46 79.73
CA VAL X 189 -78.02 -2.48 78.29
C VAL X 189 -77.24 -1.37 77.60
N ALA X 190 -77.17 -0.19 78.23
CA ALA X 190 -76.42 0.92 77.64
C ALA X 190 -74.93 0.60 77.50
N ARG X 191 -74.40 -0.28 78.35
CA ARG X 191 -73.01 -0.67 78.25
C ARG X 191 -72.73 -1.38 76.93
N HIS X 192 -73.60 -2.29 76.53
CA HIS X 192 -73.36 -3.08 75.32
C HIS X 192 -73.42 -2.20 74.07
N PHE X 193 -74.16 -1.10 74.10
CA PHE X 193 -74.17 -0.18 72.97
C PHE X 193 -72.80 0.42 72.74
N LEU X 194 -72.11 0.80 73.81
CA LEU X 194 -70.79 1.42 73.67
C LEU X 194 -69.76 0.44 73.13
N ARG X 195 -69.80 -0.81 73.59
CA ARG X 195 -68.78 -1.78 73.18
C ARG X 195 -69.11 -2.40 71.84
N ASN X 196 -70.34 -2.90 71.66
CA ASN X 196 -70.70 -3.58 70.43
C ASN X 196 -70.99 -2.59 69.30
N LEU X 197 -71.99 -1.75 69.47
CA LEU X 197 -72.42 -0.82 68.43
C LEU X 197 -71.72 0.54 68.49
N GLY X 198 -70.90 0.78 69.51
CA GLY X 198 -70.26 2.08 69.63
C GLY X 198 -71.24 3.22 69.85
N VAL X 199 -72.22 3.02 70.72
CA VAL X 199 -73.27 4.01 70.99
C VAL X 199 -73.24 4.35 72.47
N VAL X 200 -73.19 5.65 72.77
CA VAL X 200 -73.29 6.12 74.14
C VAL X 200 -74.76 6.41 74.44
N VAL X 201 -75.32 5.72 75.41
CA VAL X 201 -76.73 5.81 75.74
C VAL X 201 -76.88 6.29 77.18
N ALA X 202 -77.70 7.33 77.37
CA ALA X 202 -78.00 7.79 78.71
C ALA X 202 -78.80 6.73 79.46
N PRO X 203 -78.54 6.53 80.76
CA PRO X 203 -79.26 5.49 81.50
C PRO X 203 -80.77 5.67 81.50
N HIS X 204 -81.25 6.91 81.58
CA HIS X 204 -82.68 7.15 81.61
C HIS X 204 -83.33 7.02 80.23
N ALA X 205 -82.54 7.12 79.16
CA ALA X 205 -83.12 7.06 77.82
C ALA X 205 -83.70 5.70 77.51
N LEU X 206 -83.03 4.63 77.93
CA LEU X 206 -83.50 3.29 77.65
C LEU X 206 -84.79 2.99 78.40
N LYS X 207 -85.73 2.34 77.72
CA LYS X 207 -87.01 1.92 78.30
C LYS X 207 -87.17 0.42 78.02
N LEU X 208 -86.78 -0.41 78.99
CA LEU X 208 -86.87 -1.85 78.82
C LEU X 208 -88.33 -2.29 78.86
N PRO X 209 -88.62 -3.48 78.30
CA PRO X 209 -90.01 -3.99 78.36
C PRO X 209 -90.45 -4.38 79.76
N GLU X 210 -89.68 -4.01 80.78
CA GLU X 210 -89.98 -4.18 82.19
C GLU X 210 -90.01 -5.64 82.62
N GLU X 211 -89.77 -6.58 81.71
CA GLU X 211 -89.75 -7.99 82.06
C GLU X 211 -88.32 -8.41 82.42
N PRO X 212 -88.08 -8.92 83.63
CA PRO X 212 -86.73 -9.37 83.98
C PRO X 212 -86.27 -10.47 83.04
N ILE X 213 -84.99 -10.42 82.67
CA ILE X 213 -84.40 -11.36 81.73
C ILE X 213 -83.28 -12.10 82.45
N THR X 214 -83.38 -13.43 82.49
CA THR X 214 -82.35 -14.27 83.10
C THR X 214 -81.81 -15.32 82.15
N GLN X 215 -82.33 -15.41 80.92
CA GLN X 215 -81.88 -16.38 79.94
C GLN X 215 -81.68 -15.68 78.60
N ARG X 216 -80.87 -16.29 77.76
CA ARG X 216 -80.62 -15.74 76.43
C ARG X 216 -81.88 -15.81 75.57
N GLY X 217 -82.06 -14.78 74.74
CA GLY X 217 -83.23 -14.72 73.89
C GLY X 217 -83.23 -13.45 73.08
N GLU X 218 -84.38 -13.18 72.46
CA GLU X 218 -84.56 -12.01 71.61
C GLU X 218 -85.60 -11.09 72.24
N TYR X 219 -85.24 -9.82 72.41
CA TYR X 219 -86.11 -8.83 73.05
C TYR X 219 -86.03 -7.54 72.25
N TRP X 220 -86.62 -6.48 72.79
CA TRP X 220 -86.59 -5.18 72.14
C TRP X 220 -86.32 -4.09 73.17
N CYS X 221 -85.62 -3.05 72.74
CA CYS X 221 -85.29 -1.91 73.59
C CYS X 221 -85.77 -0.63 72.92
N GLU X 222 -86.33 0.27 73.72
CA GLU X 222 -86.80 1.57 73.23
C GLU X 222 -85.73 2.62 73.52
N VAL X 223 -85.29 3.31 72.47
CA VAL X 223 -84.24 4.32 72.57
C VAL X 223 -84.81 5.65 72.11
N THR X 224 -84.66 6.68 72.95
CA THR X 224 -85.16 8.02 72.66
C THR X 224 -84.00 9.00 72.70
N VAL X 225 -83.93 9.87 71.69
CA VAL X 225 -82.85 10.85 71.57
C VAL X 225 -83.45 12.24 71.75
N ASN X 226 -82.94 12.98 72.74
CA ASN X 226 -83.37 14.34 73.04
C ASN X 226 -84.85 14.44 73.39
N GLY X 227 -85.48 13.30 73.73
CA GLY X 227 -86.88 13.31 74.07
C GLY X 227 -87.82 13.64 72.93
N LEU X 228 -87.36 13.52 71.69
CA LEU X 228 -88.15 13.88 70.52
C LEU X 228 -88.46 12.67 69.64
N ASP X 229 -87.44 11.90 69.25
CA ASP X 229 -87.61 10.73 68.40
C ASP X 229 -87.38 9.48 69.21
N THR X 230 -88.32 8.54 69.12
CA THR X 230 -88.24 7.26 69.83
C THR X 230 -87.92 6.15 68.84
N VAL X 231 -86.87 5.39 69.12
CA VAL X 231 -86.41 4.32 68.25
C VAL X 231 -86.50 3.00 69.02
N ARG X 232 -87.12 2.00 68.41
CA ARG X 232 -87.24 0.65 68.98
C ARG X 232 -86.23 -0.23 68.28
N VAL X 233 -85.12 -0.53 68.96
CA VAL X 233 -84.04 -1.31 68.37
C VAL X 233 -84.17 -2.77 68.79
N PRO X 234 -83.86 -3.72 67.90
CA PRO X 234 -83.89 -5.13 68.30
C PRO X 234 -82.81 -5.43 69.34
N MET X 235 -83.14 -6.35 70.23
CA MET X 235 -82.21 -6.80 71.27
C MET X 235 -81.95 -8.29 71.11
N SER X 236 -80.68 -8.66 71.07
CA SER X 236 -80.27 -10.06 70.92
C SER X 236 -79.34 -10.40 72.07
N VAL X 237 -79.85 -11.15 73.05
CA VAL X 237 -79.06 -11.57 74.21
C VAL X 237 -78.47 -12.94 73.91
N VAL X 238 -77.16 -13.00 73.76
CA VAL X 238 -76.44 -14.24 73.48
C VAL X 238 -75.35 -14.41 74.54
N ASN X 239 -74.78 -15.61 74.60
CA ASN X 239 -73.70 -15.88 75.53
C ASN X 239 -72.49 -15.01 75.21
N PHE X 240 -71.91 -14.41 76.25
CA PHE X 240 -70.76 -13.54 76.07
C PHE X 240 -69.54 -14.34 75.61
N GLU X 241 -68.72 -13.70 74.78
CA GLU X 241 -67.44 -14.26 74.37
C GLU X 241 -66.39 -13.16 74.37
N ARG X 242 -65.14 -13.55 74.61
CA ARG X 242 -64.04 -12.61 74.52
C ARG X 242 -63.88 -12.16 73.06
N PRO X 243 -63.80 -10.85 72.80
CA PRO X 243 -63.60 -10.41 71.41
C PRO X 243 -62.34 -10.99 70.77
N LYS X 244 -61.28 -11.19 71.54
CA LYS X 244 -60.09 -11.85 71.00
C LYS X 244 -60.41 -13.28 70.59
N THR X 245 -61.19 -13.99 71.41
CA THR X 245 -61.63 -15.33 71.05
C THR X 245 -62.70 -15.29 69.97
N LYS X 246 -63.65 -14.36 70.09
CA LYS X 246 -64.76 -14.30 69.15
C LYS X 246 -64.28 -13.99 67.74
N ARG X 247 -63.37 -13.02 67.61
CA ARG X 247 -62.85 -12.69 66.28
C ARG X 247 -61.97 -13.79 65.73
N TYR X 248 -61.25 -14.51 66.59
CA TYR X 248 -60.46 -15.65 66.14
C TYR X 248 -61.35 -16.77 65.62
N LYS X 249 -62.45 -17.06 66.32
CA LYS X 249 -63.29 -18.20 65.96
C LYS X 249 -64.04 -17.97 64.66
N TYR X 250 -64.58 -16.76 64.47
CA TYR X 250 -65.46 -16.48 63.35
C TYR X 250 -64.81 -15.63 62.26
N TRP X 251 -64.22 -14.49 62.63
CA TRP X 251 -63.68 -13.58 61.63
C TRP X 251 -62.44 -14.15 60.96
N LEU X 252 -61.50 -14.67 61.76
CA LEU X 252 -60.28 -15.23 61.19
C LEU X 252 -60.57 -16.48 60.36
N ALA X 253 -61.44 -17.35 60.86
CA ALA X 253 -61.79 -18.55 60.11
C ALA X 253 -62.53 -18.21 58.83
N GLN X 254 -63.44 -17.25 58.89
CA GLN X 254 -64.23 -16.86 57.72
C GLN X 254 -64.06 -15.37 57.42
N GLY Y 24 20.37 45.42 1.78
CA GLY Y 24 21.75 45.68 2.13
C GLY Y 24 22.51 44.43 2.54
N SER Y 25 23.82 44.45 2.34
CA SER Y 25 24.68 43.31 2.64
C SER Y 25 25.36 43.50 4.00
N LYS Y 26 25.97 42.42 4.47
CA LYS Y 26 26.67 42.45 5.74
C LYS Y 26 27.95 43.29 5.63
N ALA Y 27 28.59 43.50 6.78
CA ALA Y 27 29.82 44.28 6.80
C ALA Y 27 30.95 43.55 6.07
N VAL Y 28 30.98 42.22 6.16
CA VAL Y 28 32.00 41.41 5.53
C VAL Y 28 31.31 40.50 4.51
N THR Y 29 31.75 40.58 3.26
CA THR Y 29 31.18 39.76 2.19
C THR Y 29 32.27 39.03 1.42
N ARG Y 30 31.89 38.36 0.34
CA ARG Y 30 32.81 37.56 -0.45
C ARG Y 30 33.08 38.14 -1.84
N HIS Y 31 32.53 39.30 -2.16
CA HIS Y 31 32.53 39.77 -3.54
C HIS Y 31 33.12 41.18 -3.68
N ARG Y 32 34.06 41.55 -2.82
CA ARG Y 32 34.71 42.86 -2.88
C ARG Y 32 33.66 43.98 -2.90
N ARG Y 33 32.98 44.10 -1.77
CA ARG Y 33 31.84 45.00 -1.61
C ARG Y 33 32.13 46.38 -2.20
N VAL Y 34 31.23 46.84 -3.06
CA VAL Y 34 31.43 48.10 -3.76
C VAL Y 34 31.32 49.25 -2.78
N MET Y 35 32.30 50.16 -2.82
CA MET Y 35 32.35 51.27 -1.89
C MET Y 35 31.35 52.35 -2.29
N HIS Y 36 30.99 53.18 -1.32
CA HIS Y 36 30.22 54.38 -1.60
C HIS Y 36 31.05 55.31 -2.49
N PHE Y 37 30.36 56.04 -3.37
CA PHE Y 37 31.07 56.83 -4.37
C PHE Y 37 31.96 57.89 -3.72
N GLU Y 38 31.50 58.48 -2.63
CA GLU Y 38 32.34 59.43 -1.91
C GLU Y 38 33.59 58.75 -1.37
N ARG Y 39 33.46 57.51 -0.89
CA ARG Y 39 34.62 56.78 -0.39
C ARG Y 39 35.59 56.43 -1.51
N GLN Y 40 35.07 56.16 -2.72
CA GLN Y 40 35.95 55.87 -3.85
C GLN Y 40 36.85 57.05 -4.16
N LYS Y 41 36.32 58.27 -4.11
CA LYS Y 41 37.14 59.46 -4.29
C LYS Y 41 38.18 59.57 -3.20
N LEU Y 42 37.83 59.19 -1.97
CA LEU Y 42 38.79 59.20 -0.87
C LEU Y 42 39.91 58.20 -1.13
N MET Y 43 39.58 57.01 -1.64
CA MET Y 43 40.59 56.02 -1.92
C MET Y 43 41.46 56.39 -3.12
N ALA Y 44 40.99 57.29 -3.98
CA ALA Y 44 41.75 57.69 -5.15
C ALA Y 44 42.59 58.95 -4.92
N VAL Y 45 42.24 59.76 -3.91
CA VAL Y 45 43.02 60.94 -3.59
C VAL Y 45 44.10 60.66 -2.55
N THR Y 46 44.01 59.53 -1.84
CA THR Y 46 44.98 59.16 -0.82
C THR Y 46 45.91 58.05 -1.32
N GLU Y 47 46.21 58.05 -2.61
CA GLU Y 47 47.09 57.03 -3.17
C GLU Y 47 48.53 57.29 -2.75
N TYR Y 48 49.40 56.35 -3.11
CA TYR Y 48 50.82 56.43 -2.81
C TYR Y 48 51.56 56.88 -4.06
N ILE Y 49 52.33 57.97 -3.94
CA ILE Y 49 53.13 58.50 -5.04
C ILE Y 49 54.60 58.27 -4.69
N PRO Y 50 55.28 57.33 -5.36
CA PRO Y 50 56.69 57.11 -5.05
C PRO Y 50 57.53 58.33 -5.43
N PRO Y 51 58.61 58.60 -4.72
CA PRO Y 51 59.44 59.76 -5.05
C PRO Y 51 60.04 59.64 -6.44
N LYS Y 52 60.13 60.79 -7.12
CA LYS Y 52 60.67 60.85 -8.46
C LYS Y 52 61.98 61.62 -8.46
N PRO Y 53 63.13 60.94 -8.58
CA PRO Y 53 64.40 61.66 -8.62
C PRO Y 53 64.51 62.57 -9.84
N THR Y 54 65.23 63.67 -9.67
CA THR Y 54 65.39 64.64 -10.76
C THR Y 54 66.08 64.01 -11.95
N ILE Y 55 67.16 63.26 -11.70
CA ILE Y 55 67.90 62.56 -12.74
C ILE Y 55 67.99 61.09 -12.35
N ASN Y 56 67.66 60.21 -13.27
CA ASN Y 56 67.68 58.79 -12.98
C ASN Y 56 69.10 58.34 -12.66
N PRO Y 57 69.32 57.53 -11.62
CA PRO Y 57 70.69 57.16 -11.25
C PRO Y 57 71.42 56.37 -12.32
N ARG Y 58 70.71 55.70 -13.22
CA ARG Y 58 71.38 54.98 -14.30
C ARG Y 58 72.14 55.93 -15.21
N CYS Y 59 71.54 57.08 -15.53
CA CYS Y 59 72.21 58.04 -16.41
C CYS Y 59 73.36 58.74 -15.70
N LEU Y 60 73.30 58.84 -14.38
CA LEU Y 60 74.37 59.46 -13.63
C LEU Y 60 75.63 58.58 -13.70
N PRO Y 61 76.82 59.19 -13.53
CA PRO Y 61 78.04 58.39 -13.55
C PRO Y 61 78.01 57.37 -12.42
N PRO Y 62 78.66 56.22 -12.63
CA PRO Y 62 78.55 55.15 -11.64
C PRO Y 62 79.19 55.55 -10.32
N PRO Y 63 78.74 54.98 -9.22
CA PRO Y 63 79.37 55.26 -7.91
C PRO Y 63 80.80 54.77 -7.91
N PRO Y 64 81.61 55.18 -6.92
CA PRO Y 64 82.98 54.68 -6.85
C PRO Y 64 83.02 53.16 -6.78
N THR Y 65 83.97 52.59 -7.51
CA THR Y 65 84.03 51.14 -7.66
C THR Y 65 84.46 50.48 -6.35
N PRO Y 66 83.68 49.54 -5.81
CA PRO Y 66 84.09 48.86 -4.58
C PRO Y 66 85.37 48.07 -4.79
N PRO Y 67 86.25 48.05 -3.80
CA PRO Y 67 87.52 47.30 -3.92
C PRO Y 67 87.26 45.81 -3.80
N GLN Y 68 87.47 45.09 -4.91
CA GLN Y 68 87.33 43.64 -4.89
C GLN Y 68 88.47 43.01 -4.10
N GLU Y 69 88.13 42.00 -3.30
CA GLU Y 69 89.09 41.33 -2.43
C GLU Y 69 89.44 39.97 -3.01
N GLU Y 70 90.73 39.70 -3.16
CA GLU Y 70 91.18 38.41 -3.68
C GLU Y 70 91.04 37.35 -2.59
N THR Y 71 90.41 36.23 -2.96
CA THR Y 71 90.20 35.15 -2.01
C THR Y 71 91.43 34.24 -1.95
N GLY Y 72 91.34 33.20 -1.13
CA GLY Y 72 92.45 32.26 -1.01
C GLY Y 72 92.70 31.47 -2.27
N LEU Y 73 91.63 31.06 -2.95
CA LEU Y 73 91.78 30.26 -4.17
C LEU Y 73 92.51 31.05 -5.25
N VAL Y 74 92.16 32.32 -5.42
CA VAL Y 74 92.85 33.14 -6.41
C VAL Y 74 94.32 33.31 -6.04
N ARG Y 75 94.59 33.58 -4.76
CA ARG Y 75 95.98 33.75 -4.32
C ARG Y 75 96.74 32.43 -4.38
N LEU Y 76 96.06 31.29 -4.21
CA LEU Y 76 96.72 30.01 -4.37
C LEU Y 76 97.22 29.81 -5.79
N LEU Y 77 96.40 30.19 -6.78
CA LEU Y 77 96.83 30.06 -8.17
C LEU Y 77 97.95 31.04 -8.51
N ARG Y 78 97.98 32.20 -7.84
CA ARG Y 78 99.01 33.18 -8.14
C ARG Y 78 100.40 32.65 -7.80
N ARG Y 79 100.55 31.99 -6.66
CA ARG Y 79 101.85 31.47 -6.27
C ARG Y 79 102.23 30.20 -7.02
N GLU Y 80 101.25 29.35 -7.35
CA GLU Y 80 101.54 28.15 -8.13
C GLU Y 80 102.04 28.51 -9.52
N ILE Y 81 101.43 29.51 -10.15
CA ILE Y 81 101.92 29.98 -11.44
C ILE Y 81 103.31 30.57 -11.29
N ALA Y 82 103.54 31.32 -10.21
CA ALA Y 82 104.88 31.85 -9.94
C ALA Y 82 105.86 30.72 -9.71
N ALA Y 83 105.44 29.67 -8.98
CA ALA Y 83 106.33 28.55 -8.72
C ALA Y 83 106.67 27.79 -10.00
N VAL Y 84 105.64 27.49 -10.81
CA VAL Y 84 105.86 26.72 -12.03
C VAL Y 84 106.64 27.51 -13.07
N PHE Y 85 106.65 28.84 -12.98
CA PHE Y 85 107.43 29.70 -13.87
C PHE Y 85 108.81 30.02 -13.32
N ARG Y 86 109.17 29.48 -12.16
CA ARG Y 86 110.44 29.80 -11.51
C ARG Y 86 111.41 28.63 -11.49
N ASP Y 87 111.00 27.48 -10.98
CA ASP Y 87 111.89 26.33 -10.85
C ASP Y 87 111.90 25.43 -12.07
N ASN Y 88 111.08 25.71 -13.08
CA ASN Y 88 111.01 24.89 -14.28
C ASN Y 88 111.73 25.59 -15.43
N ARG Y 89 112.62 24.86 -16.10
CA ARG Y 89 113.44 25.41 -17.16
C ARG Y 89 112.72 25.47 -18.50
N MET Y 90 111.85 24.49 -18.79
CA MET Y 90 111.11 24.45 -20.04
C MET Y 90 109.64 24.70 -19.77
N ILE Y 91 109.06 25.65 -20.50
CA ILE Y 91 107.65 25.97 -20.43
C ILE Y 91 107.11 25.97 -21.85
N ALA Y 92 106.34 24.94 -22.20
CA ALA Y 92 105.79 24.80 -23.54
C ALA Y 92 104.28 24.98 -23.48
N VAL Y 93 103.77 25.88 -24.32
CA VAL Y 93 102.34 26.14 -24.40
C VAL Y 93 101.76 25.30 -25.52
N CYS Y 94 100.46 25.02 -25.41
CA CYS Y 94 99.77 24.21 -26.41
C CYS Y 94 98.30 24.62 -26.44
N GLN Y 95 97.65 24.33 -27.55
CA GLN Y 95 96.21 24.57 -27.70
C GLN Y 95 95.48 23.32 -27.24
N HIS Y 96 94.79 23.42 -26.11
CA HIS Y 96 94.06 22.28 -25.58
C HIS Y 96 92.91 21.91 -26.50
N VAL Y 97 92.83 20.63 -26.85
CA VAL Y 97 91.84 20.13 -27.80
C VAL Y 97 91.00 19.06 -27.09
N ALA Y 98 89.68 19.14 -27.29
CA ALA Y 98 88.78 18.16 -26.70
C ALA Y 98 89.02 16.79 -27.33
N LEU Y 99 89.64 15.91 -26.57
CA LEU Y 99 89.95 14.55 -27.01
C LEU Y 99 89.17 13.55 -26.18
N SER Y 100 89.32 12.27 -26.51
CA SER Y 100 88.67 11.21 -25.76
C SER Y 100 89.25 11.12 -24.36
N ALA Y 101 88.41 10.74 -23.41
CA ALA Y 101 88.87 10.59 -22.02
C ALA Y 101 89.95 9.52 -21.92
N GLU Y 102 89.76 8.40 -22.61
CA GLU Y 102 90.80 7.38 -22.65
C GLU Y 102 92.06 7.90 -23.36
N ASP Y 103 91.87 8.62 -24.47
CA ASP Y 103 93.01 9.16 -25.19
C ASP Y 103 93.72 10.23 -24.37
N LYS Y 104 92.96 11.10 -23.68
CA LYS Y 104 93.58 12.12 -22.85
C LYS Y 104 94.37 11.50 -21.71
N LEU Y 105 93.82 10.45 -21.07
CA LEU Y 105 94.55 9.75 -20.03
C LEU Y 105 95.78 9.05 -20.59
N LEU Y 106 95.67 8.50 -21.80
CA LEU Y 106 96.82 7.87 -22.44
C LEU Y 106 97.93 8.86 -22.70
N LEU Y 107 97.57 10.09 -23.10
CA LEU Y 107 98.58 11.13 -23.32
C LEU Y 107 99.30 11.47 -22.02
N ARG Y 108 98.56 11.50 -20.92
CA ARG Y 108 99.19 11.74 -19.62
C ARG Y 108 100.19 10.65 -19.28
N HIS Y 109 99.82 9.39 -19.52
CA HIS Y 109 100.73 8.28 -19.22
C HIS Y 109 101.97 8.32 -20.10
N GLN Y 110 101.81 8.61 -21.39
CA GLN Y 110 102.95 8.66 -22.29
C GLN Y 110 103.91 9.79 -21.93
N LEU Y 111 103.37 10.96 -21.57
CA LEU Y 111 104.23 12.06 -21.15
C LEU Y 111 104.88 11.78 -19.80
N ARG Y 112 104.26 10.93 -18.98
CA ARG Y 112 104.86 10.56 -17.71
C ARG Y 112 106.14 9.74 -17.90
N LYS Y 113 106.23 9.00 -19.00
CA LYS Y 113 107.43 8.20 -19.28
C LYS Y 113 108.67 9.06 -19.44
N HIS Y 114 108.52 10.31 -19.88
CA HIS Y 114 109.64 11.21 -20.07
C HIS Y 114 109.65 12.34 -19.04
N LYS Y 115 108.98 12.14 -17.91
CA LYS Y 115 108.92 13.09 -16.80
C LYS Y 115 108.28 14.42 -17.20
N ILE Y 116 107.43 14.41 -18.22
CA ILE Y 116 106.77 15.63 -18.70
C ILE Y 116 105.38 15.71 -18.09
N LEU Y 117 105.08 16.85 -17.47
CA LEU Y 117 103.78 17.09 -16.85
C LEU Y 117 103.04 18.20 -17.57
N MET Y 118 101.71 18.17 -17.44
CA MET Y 118 100.85 19.15 -18.07
C MET Y 118 99.83 19.65 -17.06
N LYS Y 119 99.64 20.96 -17.02
CA LYS Y 119 98.70 21.60 -16.11
C LYS Y 119 97.87 22.62 -16.88
N ILE Y 120 96.68 22.91 -16.34
CA ILE Y 120 95.74 23.84 -16.95
C ILE Y 120 95.44 24.94 -15.96
N PHE Y 121 95.54 26.19 -16.42
CA PHE Y 121 95.25 27.36 -15.60
C PHE Y 121 94.26 28.27 -16.31
N PRO Y 122 93.22 28.72 -15.61
CA PRO Y 122 92.26 29.63 -16.24
C PRO Y 122 92.89 30.99 -16.55
N ASN Y 123 92.38 31.63 -17.61
CA ASN Y 123 92.90 32.92 -18.02
C ASN Y 123 92.53 34.04 -17.06
N GLN Y 124 91.60 33.81 -16.13
CA GLN Y 124 91.20 34.85 -15.19
C GLN Y 124 92.34 35.21 -14.24
N VAL Y 125 93.17 34.24 -13.86
CA VAL Y 125 94.28 34.46 -12.94
C VAL Y 125 95.63 34.31 -13.61
N LEU Y 126 95.67 34.02 -14.91
CA LEU Y 126 96.93 33.84 -15.62
C LEU Y 126 97.30 35.04 -16.48
N LYS Y 127 96.33 35.58 -17.23
CA LYS Y 127 96.60 36.77 -18.03
C LYS Y 127 97.05 37.96 -17.20
N PRO Y 128 96.38 38.33 -16.09
CA PRO Y 128 96.92 39.42 -15.26
C PRO Y 128 98.30 39.13 -14.69
N PHE Y 129 98.60 37.85 -14.37
CA PHE Y 129 99.89 37.53 -13.80
C PHE Y 129 101.01 37.64 -14.83
N LEU Y 130 100.79 37.12 -16.04
CA LEU Y 130 101.81 37.18 -17.07
C LEU Y 130 102.00 38.59 -17.60
N GLU Y 131 100.96 39.43 -17.50
CA GLU Y 131 101.08 40.81 -17.97
C GLU Y 131 102.09 41.57 -17.12
N GLU Y 132 102.09 41.35 -15.81
CA GLU Y 132 103.02 42.02 -14.91
C GLU Y 132 104.37 41.31 -14.84
N SER Y 133 104.49 40.11 -15.40
CA SER Y 133 105.72 39.34 -15.35
C SER Y 133 106.59 39.63 -16.57
N LYS Y 134 107.69 38.89 -16.67
CA LYS Y 134 108.65 39.04 -17.77
C LYS Y 134 108.27 38.24 -19.01
N TYR Y 135 107.19 37.45 -18.94
CA TYR Y 135 106.72 36.67 -20.09
C TYR Y 135 105.48 37.30 -20.72
N GLN Y 136 105.45 38.65 -20.78
CA GLN Y 136 104.29 39.33 -21.32
C GLN Y 136 104.10 39.07 -22.81
N ASN Y 137 105.14 38.62 -23.51
CA ASN Y 137 105.05 38.37 -24.94
C ASN Y 137 104.28 37.09 -25.27
N LEU Y 138 103.96 36.27 -24.29
CA LEU Y 138 103.15 35.07 -24.50
C LEU Y 138 101.66 35.34 -24.38
N LEU Y 139 101.27 36.58 -24.09
CA LEU Y 139 99.84 36.91 -24.00
C LEU Y 139 99.03 36.55 -25.24
N PRO Y 140 99.50 36.82 -26.48
CA PRO Y 140 98.70 36.40 -27.64
C PRO Y 140 98.44 34.91 -27.71
N LEU Y 141 99.30 34.10 -27.10
CA LEU Y 141 99.09 32.66 -27.08
C LEU Y 141 98.10 32.22 -26.02
N PHE Y 142 97.76 33.09 -25.07
CA PHE Y 142 96.83 32.76 -23.98
C PHE Y 142 95.51 33.51 -24.13
N VAL Y 143 95.04 33.66 -25.37
CA VAL Y 143 93.77 34.35 -25.62
C VAL Y 143 92.60 33.37 -25.56
N GLY Y 144 92.69 32.29 -26.31
CA GLY Y 144 91.66 31.26 -26.35
C GLY Y 144 91.99 30.09 -25.46
N HIS Y 145 91.51 28.92 -25.85
CA HIS Y 145 91.82 27.70 -25.14
C HIS Y 145 93.32 27.42 -25.21
N ASN Y 146 93.88 26.95 -24.10
CA ASN Y 146 95.33 26.75 -24.05
C ASN Y 146 95.65 25.59 -23.12
N LEU Y 147 96.84 25.02 -23.31
CA LEU Y 147 97.36 23.94 -22.49
C LEU Y 147 98.83 24.20 -22.25
N LEU Y 148 99.29 23.91 -21.03
CA LEU Y 148 100.65 24.20 -20.62
C LEU Y 148 101.40 22.91 -20.36
N LEU Y 149 102.60 22.79 -20.94
CA LEU Y 149 103.48 21.65 -20.75
C LEU Y 149 104.67 22.07 -19.89
N VAL Y 150 104.96 21.28 -18.86
CA VAL Y 150 106.02 21.59 -17.89
C VAL Y 150 106.97 20.41 -17.84
N SER Y 151 108.27 20.70 -17.87
CA SER Y 151 109.29 19.65 -17.84
C SER Y 151 110.55 20.17 -17.16
N GLU Y 152 111.30 19.25 -16.57
CA GLU Y 152 112.61 19.53 -15.99
C GLU Y 152 113.68 18.85 -16.83
N GLU Y 153 114.87 19.47 -16.89
CA GLU Y 153 115.95 19.02 -17.75
C GLU Y 153 115.40 18.91 -19.17
N PRO Y 154 115.16 20.05 -19.82
CA PRO Y 154 114.35 20.05 -21.05
C PRO Y 154 114.91 19.14 -22.14
N LYS Y 155 114.00 18.43 -22.80
CA LYS Y 155 114.35 17.57 -23.92
C LYS Y 155 113.10 17.41 -24.77
N VAL Y 156 113.07 18.08 -25.93
CA VAL Y 156 111.89 18.11 -26.77
C VAL Y 156 111.92 17.07 -27.88
N LYS Y 157 112.98 16.27 -27.96
CA LYS Y 157 113.02 15.22 -28.96
C LYS Y 157 111.93 14.19 -28.73
N GLU Y 158 111.69 13.81 -27.48
CA GLU Y 158 110.63 12.87 -27.15
C GLU Y 158 109.28 13.55 -26.99
N MET Y 159 109.23 14.88 -26.97
CA MET Y 159 107.97 15.59 -26.82
C MET Y 159 107.32 15.90 -28.16
N VAL Y 160 108.11 16.34 -29.14
CA VAL Y 160 107.56 16.60 -30.47
C VAL Y 160 107.11 15.31 -31.13
N ARG Y 161 107.82 14.21 -30.88
CA ARG Y 161 107.43 12.92 -31.46
C ARG Y 161 106.04 12.52 -31.02
N ILE Y 162 105.71 12.69 -29.74
CA ILE Y 162 104.35 12.42 -29.27
C ILE Y 162 103.37 13.39 -29.92
N LEU Y 163 103.75 14.67 -30.02
CA LEU Y 163 102.87 15.66 -30.62
C LEU Y 163 102.61 15.36 -32.09
N LYS Y 164 103.64 14.95 -32.83
CA LYS Y 164 103.46 14.63 -34.24
C LYS Y 164 102.69 13.34 -34.46
N GLY Y 165 102.55 12.50 -33.44
CA GLY Y 165 101.72 11.32 -33.58
C GLY Y 165 100.24 11.63 -33.67
N ILE Y 166 99.81 12.78 -33.17
CA ILE Y 166 98.44 13.24 -33.29
C ILE Y 166 98.43 14.49 -34.17
N PRO Y 167 97.86 14.43 -35.37
CA PRO Y 167 97.99 15.55 -36.30
C PRO Y 167 97.14 16.77 -35.98
N PHE Y 168 96.31 16.71 -34.94
CA PHE Y 168 95.42 17.81 -34.59
C PHE Y 168 95.68 18.30 -33.17
N LEU Y 169 96.95 18.39 -32.78
CA LEU Y 169 97.34 18.93 -31.49
C LEU Y 169 98.42 19.98 -31.74
N PRO Y 170 98.03 21.21 -32.04
CA PRO Y 170 99.01 22.23 -32.43
C PRO Y 170 99.98 22.57 -31.32
N LEU Y 171 101.20 22.93 -31.70
CA LEU Y 171 102.22 23.44 -30.79
C LEU Y 171 102.42 24.91 -31.13
N LEU Y 172 101.80 25.79 -30.34
CA LEU Y 172 101.84 27.22 -30.62
C LEU Y 172 103.26 27.75 -30.44
N GLY Y 173 103.82 27.60 -29.23
CA GLY Y 173 105.15 28.09 -28.95
C GLY Y 173 105.59 27.78 -27.53
N GLY Y 174 106.25 28.75 -26.90
CA GLY Y 174 106.70 28.56 -25.53
C GLY Y 174 108.03 29.24 -25.28
N CYS Y 175 108.48 29.20 -24.02
CA CYS Y 175 109.74 29.79 -23.62
C CYS Y 175 110.63 28.70 -23.03
N ILE Y 176 111.87 28.61 -23.52
CA ILE Y 176 112.84 27.65 -23.04
C ILE Y 176 114.03 28.43 -22.47
N ASP Y 177 114.22 28.34 -21.16
CA ASP Y 177 115.32 29.01 -20.47
C ASP Y 177 115.31 30.52 -20.77
N ASP Y 178 114.17 31.15 -20.51
CA ASP Y 178 113.98 32.59 -20.72
C ASP Y 178 114.26 32.98 -22.18
N THR Y 179 113.81 32.14 -23.11
CA THR Y 179 113.95 32.42 -24.53
C THR Y 179 112.67 31.95 -25.23
N ILE Y 180 111.96 32.86 -25.87
CA ILE Y 180 110.68 32.55 -26.50
C ILE Y 180 110.94 31.98 -27.89
N LEU Y 181 110.29 30.85 -28.18
CA LEU Y 181 110.46 30.15 -29.45
C LEU Y 181 109.09 29.93 -30.09
N SER Y 182 109.10 29.87 -31.41
CA SER Y 182 107.93 29.47 -32.18
C SER Y 182 107.99 27.96 -32.43
N ARG Y 183 107.04 27.44 -33.20
CA ARG Y 183 107.08 26.01 -33.52
C ARG Y 183 108.32 25.66 -34.32
N GLN Y 184 108.69 26.51 -35.29
CA GLN Y 184 109.90 26.27 -36.05
C GLN Y 184 111.13 26.32 -35.16
N GLY Y 185 111.16 27.24 -34.20
CA GLY Y 185 112.25 27.27 -33.25
C GLY Y 185 112.34 26.02 -32.42
N PHE Y 186 111.18 25.47 -32.01
CA PHE Y 186 111.16 24.21 -31.30
C PHE Y 186 111.70 23.07 -32.15
N ILE Y 187 111.33 23.05 -33.44
CA ILE Y 187 111.83 22.01 -34.34
C ILE Y 187 113.34 22.13 -34.48
N ASN Y 188 113.85 23.35 -34.67
CA ASN Y 188 115.28 23.55 -34.74
C ASN Y 188 115.96 23.20 -33.42
N TYR Y 189 115.32 23.54 -32.30
CA TYR Y 189 115.86 23.18 -31.00
C TYR Y 189 115.87 21.67 -30.80
N SER Y 190 114.90 20.96 -31.37
CA SER Y 190 114.86 19.51 -31.23
C SER Y 190 116.02 18.85 -31.96
N LYS Y 191 116.27 19.25 -33.21
CA LYS Y 191 117.38 18.69 -33.97
C LYS Y 191 118.73 19.14 -33.45
N LEU Y 192 118.77 20.15 -32.58
CA LEU Y 192 120.03 20.65 -32.06
C LEU Y 192 120.62 19.65 -31.07
N PRO Y 193 121.94 19.48 -31.05
CA PRO Y 193 122.56 18.58 -30.06
C PRO Y 193 122.45 19.11 -28.63
N SER Y 194 122.90 18.32 -27.67
CA SER Y 194 122.81 18.69 -26.26
C SER Y 194 123.97 19.61 -25.89
N LEU Y 195 124.00 20.02 -24.61
CA LEU Y 195 125.06 20.91 -24.14
C LEU Y 195 126.43 20.24 -24.25
N ALA Y 196 126.52 18.97 -23.87
CA ALA Y 196 127.81 18.27 -23.92
C ALA Y 196 128.33 18.17 -25.35
N LEU Y 197 127.45 17.87 -26.30
CA LEU Y 197 127.88 17.75 -27.70
C LEU Y 197 128.26 19.10 -28.28
N VAL Y 198 127.44 20.13 -28.05
CA VAL Y 198 127.70 21.44 -28.62
C VAL Y 198 128.97 22.06 -28.02
N GLN Y 199 129.09 21.99 -26.69
CA GLN Y 199 130.29 22.52 -26.04
C GLN Y 199 131.52 21.69 -26.41
N GLY Y 200 131.35 20.38 -26.59
CA GLY Y 200 132.46 19.54 -27.02
C GLY Y 200 132.96 19.92 -28.39
N GLU Y 201 132.05 20.30 -29.29
CA GLU Y 201 132.45 20.77 -30.61
C GLU Y 201 132.87 22.23 -30.59
N LEU Y 202 132.56 22.97 -29.53
CA LEU Y 202 132.95 24.38 -29.44
C LEU Y 202 134.47 24.51 -29.38
N VAL Y 203 135.14 23.70 -28.56
CA VAL Y 203 136.58 23.80 -28.45
C VAL Y 203 137.26 23.37 -29.74
N GLY Y 204 136.65 22.45 -30.49
CA GLY Y 204 137.22 22.04 -31.77
C GLY Y 204 137.26 23.18 -32.77
N GLY Y 205 136.16 23.94 -32.86
CA GLY Y 205 136.13 25.07 -33.78
C GLY Y 205 137.09 26.18 -33.38
N LEU Y 206 137.19 26.46 -32.08
CA LEU Y 206 138.12 27.49 -31.62
C LEU Y 206 139.57 27.07 -31.89
N THR Y 207 139.89 25.79 -31.68
CA THR Y 207 141.20 25.26 -31.98
C THR Y 207 141.35 24.83 -33.43
N PHE Y 208 140.30 24.96 -34.24
CA PHE Y 208 140.39 24.62 -35.65
C PHE Y 208 141.37 25.52 -36.40
N LEU Y 209 141.43 26.79 -36.01
CA LEU Y 209 142.33 27.73 -36.70
C LEU Y 209 143.79 27.31 -36.55
N THR Y 210 144.19 26.93 -35.32
CA THR Y 210 145.55 26.46 -35.12
C THR Y 210 145.75 25.09 -35.76
N ALA Y 211 144.76 24.21 -35.65
CA ALA Y 211 144.86 22.88 -36.26
C ALA Y 211 144.96 22.99 -37.77
N GLN Y 212 144.17 23.89 -38.38
CA GLN Y 212 144.24 24.09 -39.82
C GLN Y 212 145.61 24.63 -40.23
N THR Y 213 146.17 25.55 -39.43
CA THR Y 213 147.48 26.10 -39.73
C THR Y 213 148.56 25.02 -39.70
N TYR Y 214 148.53 24.15 -38.69
CA TYR Y 214 149.50 23.07 -38.61
C TYR Y 214 149.35 22.09 -39.76
N SER Y 215 148.11 21.76 -40.12
CA SER Y 215 147.88 20.83 -41.23
C SER Y 215 148.38 21.41 -42.55
N MET Y 216 148.12 22.70 -42.79
CA MET Y 216 148.56 23.32 -44.03
C MET Y 216 150.08 23.36 -44.12
N LEU Y 217 150.76 23.69 -43.01
CA LEU Y 217 152.22 23.73 -43.02
C LEU Y 217 152.81 22.35 -43.22
N GLN Y 218 152.21 21.32 -42.59
CA GLN Y 218 152.66 19.95 -42.77
C GLN Y 218 152.21 19.36 -44.11
N HIS Y 219 151.29 20.01 -44.81
CA HIS Y 219 150.83 19.51 -46.09
C HIS Y 219 151.87 19.65 -47.19
N GLN Y 220 152.78 20.62 -47.08
CA GLN Y 220 153.81 20.81 -48.10
C GLN Y 220 154.68 19.57 -48.27
N PRO Y 221 155.23 18.94 -47.21
CA PRO Y 221 155.91 17.66 -47.43
C PRO Y 221 154.97 16.57 -47.94
N ARG Y 222 153.69 16.62 -47.57
CA ARG Y 222 152.75 15.61 -48.02
C ARG Y 222 152.36 15.78 -49.48
N GLN Y 223 152.45 17.01 -50.01
CA GLN Y 223 152.18 17.21 -51.43
C GLN Y 223 153.18 16.46 -52.30
N LEU Y 224 154.46 16.52 -51.94
CA LEU Y 224 155.47 15.76 -52.69
C LEU Y 224 155.24 14.26 -52.57
N THR Y 225 154.88 13.79 -51.38
CA THR Y 225 154.60 12.36 -51.19
C THR Y 225 153.41 11.92 -52.04
N ALA Y 226 152.35 12.73 -52.10
CA ALA Y 226 151.19 12.39 -52.90
C ALA Y 226 151.55 12.31 -54.38
N LEU Y 227 152.35 13.26 -54.87
CA LEU Y 227 152.76 13.23 -56.27
C LEU Y 227 153.64 12.02 -56.56
N LEU Y 228 154.54 11.66 -55.63
CA LEU Y 228 155.37 10.49 -55.81
C LEU Y 228 154.54 9.21 -55.82
N ASP Y 229 153.56 9.11 -54.92
CA ASP Y 229 152.67 7.94 -54.92
C ASP Y 229 151.82 7.90 -56.17
N GLN Y 230 151.42 9.06 -56.69
CA GLN Y 230 150.65 9.10 -57.92
C GLN Y 230 151.45 8.55 -59.09
N TYR Y 231 152.75 8.86 -59.15
CA TYR Y 231 153.59 8.33 -60.22
C TYR Y 231 153.67 6.81 -60.14
N VAL Y 232 153.79 6.26 -58.92
CA VAL Y 232 153.80 4.81 -58.75
C VAL Y 232 152.48 4.21 -59.21
N LYS Y 233 151.37 4.92 -58.95
CA LYS Y 233 150.07 4.46 -59.43
C LYS Y 233 150.02 4.44 -60.96
N GLN Y 234 150.60 5.46 -61.60
CA GLN Y 234 150.65 5.49 -63.05
C GLN Y 234 151.47 4.33 -63.61
N GLN Y 235 152.61 4.05 -62.98
CA GLN Y 235 153.46 2.96 -63.42
C GLN Y 235 153.42 1.79 -62.44
N SER Z 17 81.46 -3.21 -30.44
CA SER Z 17 80.09 -2.73 -30.38
C SER Z 17 79.78 -2.17 -28.99
N GLY Z 18 80.66 -2.45 -28.04
CA GLY Z 18 80.48 -1.94 -26.70
C GLY Z 18 81.47 -2.59 -25.74
N MET Z 19 81.33 -2.22 -24.46
CA MET Z 19 82.14 -2.76 -23.39
C MET Z 19 81.24 -3.36 -22.32
N ILE Z 20 81.67 -4.48 -21.76
CA ILE Z 20 80.92 -5.20 -20.74
C ILE Z 20 81.77 -5.25 -19.46
N ARG Z 21 81.19 -4.79 -18.36
CA ARG Z 21 81.83 -4.82 -17.05
C ARG Z 21 81.23 -6.00 -16.28
N ALA Z 22 82.00 -7.08 -16.15
CA ALA Z 22 81.54 -8.29 -15.49
C ALA Z 22 82.57 -8.75 -14.47
N ILE Z 23 82.08 -9.24 -13.33
CA ILE Z 23 82.93 -9.82 -12.29
C ILE Z 23 82.69 -11.33 -12.29
N VAL Z 24 83.74 -12.08 -12.60
CA VAL Z 24 83.65 -13.53 -12.75
C VAL Z 24 84.70 -14.19 -11.87
N ARG Z 25 84.33 -15.30 -11.24
CA ARG Z 25 85.30 -16.08 -10.49
C ARG Z 25 86.36 -16.65 -11.42
N ALA Z 26 87.57 -16.81 -10.88
CA ALA Z 26 88.70 -17.26 -11.69
C ALA Z 26 88.47 -18.66 -12.26
N GLY Z 27 88.28 -18.75 -13.56
CA GLY Z 27 88.05 -20.03 -14.21
C GLY Z 27 86.78 -20.72 -13.78
N GLN Z 28 85.71 -19.96 -13.56
CA GLN Z 28 84.42 -20.53 -13.15
C GLN Z 28 83.29 -19.88 -13.95
N ALA Z 29 83.48 -19.73 -15.26
CA ALA Z 29 82.48 -19.11 -16.11
C ALA Z 29 81.32 -20.08 -16.32
N ARG Z 30 80.17 -19.80 -15.68
CA ARG Z 30 79.02 -20.69 -15.78
C ARG Z 30 78.16 -20.35 -16.99
N PRO Z 31 77.53 -21.35 -17.62
CA PRO Z 31 76.63 -21.12 -18.75
C PRO Z 31 75.26 -20.61 -18.34
N GLY Z 32 75.23 -19.60 -17.47
CA GLY Z 32 74.00 -19.05 -17.00
C GLY Z 32 74.16 -17.62 -16.49
N PRO Z 33 73.26 -17.19 -15.62
CA PRO Z 33 73.33 -15.82 -15.12
C PRO Z 33 74.49 -15.66 -14.15
N PRO Z 34 75.05 -14.45 -14.05
CA PRO Z 34 74.73 -13.24 -14.80
C PRO Z 34 75.49 -13.16 -16.12
N LEU Z 35 76.35 -14.14 -16.39
CA LEU Z 35 77.16 -14.11 -17.60
C LEU Z 35 76.33 -14.45 -18.84
N GLY Z 36 75.40 -15.38 -18.73
CA GLY Z 36 74.64 -15.85 -19.87
C GLY Z 36 73.80 -14.77 -20.54
N PRO Z 37 72.78 -14.27 -19.81
CA PRO Z 37 71.90 -13.26 -20.43
C PRO Z 37 72.61 -11.99 -20.85
N ILE Z 38 73.71 -11.63 -20.19
CA ILE Z 38 74.39 -10.38 -20.53
C ILE Z 38 75.35 -10.58 -21.70
N LEU Z 39 76.29 -11.51 -21.56
CA LEU Z 39 77.27 -11.74 -22.63
C LEU Z 39 76.62 -12.34 -23.87
N GLY Z 40 75.61 -13.20 -23.69
CA GLY Z 40 74.94 -13.80 -24.83
C GLY Z 40 74.01 -12.85 -25.56
N GLN Z 41 73.58 -11.78 -24.91
CA GLN Z 41 72.70 -10.82 -25.56
C GLN Z 41 73.39 -10.14 -26.73
N ARG Z 42 74.68 -9.81 -26.57
CA ARG Z 42 75.43 -9.20 -27.66
C ARG Z 42 75.71 -10.17 -28.80
N GLY Z 43 75.48 -11.45 -28.61
CA GLY Z 43 75.70 -12.44 -29.65
C GLY Z 43 76.95 -13.27 -29.50
N VAL Z 44 77.41 -13.51 -28.27
CA VAL Z 44 78.61 -14.30 -28.00
C VAL Z 44 78.21 -15.52 -27.18
N SER Z 45 78.61 -16.70 -27.65
CA SER Z 45 78.29 -17.93 -26.94
C SER Z 45 79.12 -18.05 -25.67
N ILE Z 46 78.58 -18.80 -24.71
CA ILE Z 46 79.26 -18.97 -23.43
C ILE Z 46 80.41 -19.96 -23.53
N ASN Z 47 80.30 -20.97 -24.41
CA ASN Z 47 81.36 -21.97 -24.54
C ASN Z 47 82.66 -21.33 -24.99
N GLN Z 48 82.59 -20.24 -25.75
CA GLN Z 48 83.80 -19.50 -26.09
C GLN Z 48 84.46 -18.92 -24.84
N PHE Z 49 83.65 -18.39 -23.93
CA PHE Z 49 84.18 -17.84 -22.68
C PHE Z 49 84.58 -18.94 -21.69
N CYS Z 50 84.03 -20.15 -21.84
CA CYS Z 50 84.43 -21.25 -20.98
C CYS Z 50 85.84 -21.73 -21.24
N LYS Z 51 86.41 -21.37 -22.39
CA LYS Z 51 87.78 -21.74 -22.73
C LYS Z 51 88.75 -20.58 -22.69
N GLU Z 52 88.34 -19.41 -23.17
CA GLU Z 52 89.21 -18.23 -23.13
C GLU Z 52 89.53 -17.82 -21.70
N PHE Z 53 88.49 -17.44 -20.94
CA PHE Z 53 88.71 -16.90 -19.61
C PHE Z 53 89.28 -17.94 -18.64
N ASN Z 54 88.78 -19.18 -18.72
CA ASN Z 54 89.26 -20.21 -17.79
C ASN Z 54 90.74 -20.50 -18.01
N GLU Z 55 91.18 -20.56 -19.27
CA GLU Z 55 92.59 -20.74 -19.58
C GLU Z 55 93.39 -19.46 -19.41
N LYS Z 56 92.71 -18.30 -19.38
CA LYS Z 56 93.43 -17.03 -19.24
C LYS Z 56 94.16 -16.95 -17.91
N THR Z 57 93.51 -17.38 -16.83
CA THR Z 57 94.12 -17.42 -15.50
C THR Z 57 93.94 -18.82 -14.92
N LYS Z 58 95.05 -19.46 -14.57
CA LYS Z 58 95.01 -20.79 -13.97
C LYS Z 58 95.74 -20.88 -12.63
N ASP Z 59 96.50 -19.84 -12.25
CA ASP Z 59 97.19 -19.81 -10.97
C ASP Z 59 96.45 -18.98 -9.92
N ILE Z 60 95.20 -18.63 -10.20
CA ILE Z 60 94.38 -17.82 -9.28
C ILE Z 60 93.25 -18.70 -8.77
N LYS Z 61 93.07 -18.72 -7.45
CA LYS Z 61 92.04 -19.54 -6.85
C LYS Z 61 90.65 -19.11 -7.30
N GLU Z 62 89.78 -20.09 -7.55
CA GLU Z 62 88.40 -19.78 -7.89
C GLU Z 62 87.63 -19.32 -6.66
N GLY Z 63 86.59 -18.51 -6.89
CA GLY Z 63 85.86 -17.89 -5.83
C GLY Z 63 86.30 -16.49 -5.48
N ILE Z 64 87.47 -16.06 -5.96
CA ILE Z 64 87.96 -14.70 -5.75
C ILE Z 64 87.38 -13.82 -6.86
N PRO Z 65 86.63 -12.77 -6.53
CA PRO Z 65 86.05 -11.93 -7.58
C PRO Z 65 87.13 -11.25 -8.41
N LEU Z 66 86.86 -11.11 -9.71
CA LEU Z 66 87.78 -10.49 -10.64
C LEU Z 66 87.02 -9.58 -11.60
N PRO Z 67 87.11 -8.25 -11.43
CA PRO Z 67 86.47 -7.34 -12.39
C PRO Z 67 87.17 -7.39 -13.74
N THR Z 68 86.45 -7.86 -14.75
CA THR Z 68 87.00 -8.08 -16.09
C THR Z 68 86.32 -7.16 -17.09
N LYS Z 69 87.09 -6.71 -18.07
CA LYS Z 69 86.60 -5.84 -19.13
C LYS Z 69 86.46 -6.67 -20.40
N ILE Z 70 85.27 -6.68 -20.97
CA ILE Z 70 84.96 -7.42 -22.19
C ILE Z 70 84.61 -6.42 -23.27
N PHE Z 71 85.35 -6.46 -24.38
CA PHE Z 71 85.13 -5.56 -25.51
C PHE Z 71 84.55 -6.38 -26.66
N VAL Z 72 83.24 -6.28 -26.85
CA VAL Z 72 82.57 -6.99 -27.94
C VAL Z 72 82.77 -6.21 -29.23
N LYS Z 73 83.23 -6.88 -30.27
CA LYS Z 73 83.51 -6.30 -31.57
C LYS Z 73 82.33 -6.50 -32.51
N PRO Z 74 82.23 -5.67 -33.56
CA PRO Z 74 81.06 -5.77 -34.46
C PRO Z 74 80.89 -7.13 -35.11
N ASP Z 75 81.98 -7.86 -35.35
CA ASP Z 75 81.90 -9.19 -35.92
C ASP Z 75 81.64 -10.28 -34.88
N ARG Z 76 81.06 -9.90 -33.74
CA ARG Z 76 80.68 -10.79 -32.64
C ARG Z 76 81.87 -11.44 -31.96
N THR Z 77 83.10 -11.05 -32.31
CA THR Z 77 84.27 -11.50 -31.59
C THR Z 77 84.46 -10.67 -30.33
N PHE Z 78 85.37 -11.11 -29.47
CA PHE Z 78 85.54 -10.45 -28.18
C PHE Z 78 87.00 -10.47 -27.77
N GLU Z 79 87.35 -9.54 -26.88
CA GLU Z 79 88.68 -9.44 -26.30
C GLU Z 79 88.52 -9.37 -24.79
N ILE Z 80 89.47 -9.97 -24.07
CA ILE Z 80 89.39 -10.08 -22.62
C ILE Z 80 90.70 -9.57 -22.01
N LYS Z 81 90.58 -8.69 -21.01
CA LYS Z 81 91.71 -8.23 -20.22
C LYS Z 81 91.32 -8.30 -18.74
N ILE Z 82 92.23 -8.82 -17.92
CA ILE Z 82 91.96 -9.13 -16.53
C ILE Z 82 92.69 -8.13 -15.64
N GLY Z 83 91.98 -7.58 -14.65
CA GLY Z 83 92.55 -6.66 -13.71
C GLY Z 83 92.61 -7.23 -12.29
N GLN Z 84 93.07 -6.38 -11.38
CA GLN Z 84 93.21 -6.79 -9.99
C GLN Z 84 91.82 -6.94 -9.35
N PRO Z 85 91.72 -7.77 -8.32
CA PRO Z 85 90.42 -7.98 -7.65
C PRO Z 85 89.93 -6.71 -6.97
N THR Z 86 88.67 -6.76 -6.55
CA THR Z 86 88.04 -5.61 -5.91
C THR Z 86 88.58 -5.41 -4.49
N VAL Z 87 88.45 -4.17 -4.00
CA VAL Z 87 88.93 -3.85 -2.66
C VAL Z 87 88.10 -4.56 -1.60
N SER Z 88 86.83 -4.83 -1.88
CA SER Z 88 85.95 -5.41 -0.88
C SER Z 88 86.45 -6.80 -0.45
N TYR Z 89 86.88 -7.62 -1.40
CA TYR Z 89 87.37 -8.94 -1.06
C TYR Z 89 88.68 -8.88 -0.27
N PHE Z 90 89.56 -7.94 -0.62
CA PHE Z 90 90.85 -7.85 0.05
C PHE Z 90 90.68 -7.51 1.54
N LEU Z 91 89.87 -6.51 1.84
CA LEU Z 91 89.72 -6.07 3.23
C LEU Z 91 88.92 -7.07 4.05
N LYS Z 92 87.90 -7.71 3.46
CA LYS Z 92 87.17 -8.74 4.18
C LYS Z 92 88.06 -9.92 4.50
N ALA Z 93 88.91 -10.33 3.55
CA ALA Z 93 89.87 -11.40 3.82
C ALA Z 93 90.91 -10.96 4.83
N ALA Z 94 91.37 -9.71 4.75
CA ALA Z 94 92.35 -9.20 5.71
C ALA Z 94 91.78 -9.15 7.12
N ALA Z 95 90.52 -8.74 7.25
CA ALA Z 95 89.85 -8.69 8.54
C ALA Z 95 89.26 -10.05 8.95
N GLY Z 96 89.23 -11.02 8.04
CA GLY Z 96 88.73 -12.33 8.38
C GLY Z 96 87.23 -12.41 8.55
N ILE Z 97 86.48 -11.49 7.96
CA ILE Z 97 85.03 -11.49 8.05
C ILE Z 97 84.44 -11.92 6.71
N GLU Z 98 83.34 -12.67 6.77
CA GLU Z 98 82.72 -13.22 5.57
C GLU Z 98 81.87 -12.22 4.81
N LYS Z 99 81.46 -11.12 5.45
CA LYS Z 99 80.60 -10.14 4.80
C LYS Z 99 80.83 -8.78 5.46
N GLY Z 100 80.41 -7.73 4.77
CA GLY Z 100 80.52 -6.39 5.29
C GLY Z 100 79.46 -6.07 6.32
N ALA Z 101 79.67 -4.96 7.02
CA ALA Z 101 78.73 -4.54 8.05
C ALA Z 101 77.42 -4.08 7.43
N ARG Z 102 76.30 -4.54 8.00
CA ARG Z 102 74.99 -4.16 7.49
C ARG Z 102 74.74 -2.67 7.69
N HIS Z 103 75.11 -2.14 8.86
CA HIS Z 103 74.94 -0.72 9.18
C HIS Z 103 76.33 -0.12 9.36
N THR Z 104 76.86 0.48 8.29
CA THR Z 104 78.17 1.09 8.36
C THR Z 104 78.15 2.30 9.28
N GLY Z 105 79.20 2.46 10.06
CA GLY Z 105 79.29 3.54 11.03
C GLY Z 105 78.74 3.21 12.39
N LYS Z 106 77.53 2.63 12.43
CA LYS Z 106 76.96 2.19 13.71
C LYS Z 106 77.79 1.06 14.31
N GLU Z 107 78.28 0.15 13.48
CA GLU Z 107 79.03 -1.00 13.94
C GLU Z 107 80.30 -1.14 13.11
N VAL Z 108 81.30 -1.80 13.70
CA VAL Z 108 82.57 -2.06 13.03
C VAL Z 108 82.60 -3.54 12.65
N ALA Z 109 82.82 -3.80 11.35
CA ALA Z 109 82.81 -5.17 10.86
C ALA Z 109 84.13 -5.89 11.17
N GLY Z 110 85.25 -5.29 10.80
CA GLY Z 110 86.54 -5.90 11.02
C GLY Z 110 87.59 -4.86 11.38
N LEU Z 111 88.66 -5.34 12.01
CA LEU Z 111 89.78 -4.51 12.42
C LEU Z 111 91.04 -4.98 11.71
N VAL Z 112 91.72 -4.06 11.04
CA VAL Z 112 92.97 -4.34 10.35
C VAL Z 112 93.98 -3.26 10.70
N THR Z 113 95.25 -3.61 10.53
CA THR Z 113 96.34 -2.68 10.79
C THR Z 113 96.69 -1.92 9.53
N LEU Z 114 97.68 -1.02 9.63
CA LEU Z 114 98.11 -0.24 8.48
C LEU Z 114 98.91 -1.08 7.49
N LYS Z 115 99.45 -2.22 7.92
CA LYS Z 115 100.19 -3.06 7.00
C LYS Z 115 99.29 -3.66 5.93
N HIS Z 116 98.08 -4.08 6.31
CA HIS Z 116 97.17 -4.69 5.35
C HIS Z 116 96.78 -3.70 4.25
N VAL Z 117 96.47 -2.46 4.64
CA VAL Z 117 96.12 -1.44 3.65
C VAL Z 117 97.34 -1.10 2.80
N TYR Z 118 98.51 -0.95 3.43
CA TYR Z 118 99.72 -0.61 2.69
C TYR Z 118 100.12 -1.73 1.75
N GLU Z 119 100.01 -2.98 2.19
CA GLU Z 119 100.39 -4.11 1.35
C GLU Z 119 99.45 -4.27 0.17
N ILE Z 120 98.15 -4.03 0.38
CA ILE Z 120 97.19 -4.10 -0.71
C ILE Z 120 97.48 -3.03 -1.76
N ALA Z 121 98.09 -1.91 -1.34
CA ALA Z 121 98.35 -0.82 -2.27
C ALA Z 121 99.26 -1.24 -3.41
N ARG Z 122 100.29 -2.03 -3.10
CA ARG Z 122 101.20 -2.50 -4.15
C ARG Z 122 100.49 -3.43 -5.13
N VAL Z 123 99.58 -4.28 -4.62
CA VAL Z 123 98.87 -5.20 -5.50
C VAL Z 123 97.98 -4.44 -6.47
N LYS Z 124 97.27 -3.43 -5.98
CA LYS Z 124 96.38 -2.63 -6.83
C LYS Z 124 97.11 -1.54 -7.59
N ALA Z 125 98.37 -1.24 -7.24
CA ALA Z 125 99.11 -0.21 -7.96
C ALA Z 125 99.38 -0.61 -9.41
N GLN Z 126 99.38 -1.90 -9.71
CA GLN Z 126 99.58 -2.38 -11.07
C GLN Z 126 98.27 -2.56 -11.83
N ASP Z 127 97.14 -2.23 -11.21
CA ASP Z 127 95.87 -2.31 -11.91
C ASP Z 127 95.80 -1.25 -13.00
N ASP Z 128 95.09 -1.59 -14.08
CA ASP Z 128 95.02 -0.69 -15.24
C ASP Z 128 94.38 0.64 -14.89
N ALA Z 129 93.55 0.68 -13.84
CA ALA Z 129 92.93 1.95 -13.43
C ALA Z 129 93.95 2.89 -12.79
N PHE Z 130 94.85 2.35 -11.95
CA PHE Z 130 95.80 3.18 -11.23
C PHE Z 130 97.16 3.25 -11.92
N ALA Z 131 97.64 2.13 -12.48
CA ALA Z 131 98.96 2.12 -13.10
C ALA Z 131 99.01 3.03 -14.33
N LEU Z 132 97.90 3.14 -15.06
CA LEU Z 132 97.88 4.01 -16.23
C LEU Z 132 98.11 5.46 -15.84
N GLN Z 133 97.48 5.93 -14.76
CA GLN Z 133 97.67 7.29 -14.30
C GLN Z 133 99.00 7.50 -13.59
N ASP Z 134 99.72 6.42 -13.27
CA ASP Z 134 100.99 6.49 -12.55
C ASP Z 134 100.83 7.26 -11.25
N VAL Z 135 99.79 6.91 -10.49
CA VAL Z 135 99.50 7.54 -9.22
C VAL Z 135 100.57 7.15 -8.21
N PRO Z 136 100.89 8.01 -7.26
CA PRO Z 136 101.87 7.64 -6.22
C PRO Z 136 101.30 6.60 -5.28
N LEU Z 137 102.18 6.04 -4.44
CA LEU Z 137 101.75 5.02 -3.49
C LEU Z 137 100.79 5.60 -2.46
N SER Z 138 100.94 6.87 -2.11
CA SER Z 138 100.01 7.50 -1.18
C SER Z 138 98.61 7.62 -1.76
N SER Z 139 98.49 7.67 -3.09
CA SER Z 139 97.18 7.79 -3.71
C SER Z 139 96.34 6.53 -3.51
N VAL Z 140 96.94 5.35 -3.68
CA VAL Z 140 96.18 4.11 -3.61
C VAL Z 140 95.73 3.82 -2.19
N VAL Z 141 96.61 4.04 -1.20
CA VAL Z 141 96.29 3.69 0.17
C VAL Z 141 95.10 4.51 0.69
N ARG Z 142 95.03 5.79 0.29
CA ARG Z 142 93.90 6.62 0.70
C ARG Z 142 92.59 6.09 0.14
N SER Z 143 92.60 5.61 -1.10
CA SER Z 143 91.39 5.03 -1.68
C SER Z 143 90.95 3.80 -0.93
N ILE Z 144 91.91 2.95 -0.53
CA ILE Z 144 91.57 1.75 0.25
C ILE Z 144 90.98 2.15 1.59
N ILE Z 145 91.55 3.18 2.24
CA ILE Z 145 90.99 3.68 3.48
C ILE Z 145 89.60 4.24 3.24
N GLY Z 146 89.41 4.98 2.16
CA GLY Z 146 88.09 5.50 1.83
C GLY Z 146 87.10 4.39 1.55
N SER Z 147 87.52 3.34 0.85
CA SER Z 147 86.65 2.18 0.65
C SER Z 147 86.34 1.50 1.96
N ALA Z 148 87.32 1.43 2.86
CA ALA Z 148 87.08 0.86 4.19
C ALA Z 148 86.10 1.69 5.01
N ARG Z 149 85.96 2.97 4.71
CA ARG Z 149 85.01 3.81 5.44
C ARG Z 149 83.58 3.32 5.25
N SER Z 150 83.21 2.97 4.02
CA SER Z 150 81.88 2.45 3.75
C SER Z 150 81.80 0.94 3.89
N LEU Z 151 82.93 0.25 3.93
CA LEU Z 151 82.93 -1.20 4.08
C LEU Z 151 82.66 -1.65 5.51
N GLY Z 152 82.79 -0.75 6.49
CA GLY Z 152 82.58 -1.08 7.88
C GLY Z 152 83.83 -1.52 8.61
N ILE Z 153 84.95 -1.67 7.93
CA ILE Z 153 86.21 -2.07 8.56
C ILE Z 153 87.00 -0.82 8.93
N ARG Z 154 87.37 -0.73 10.20
CA ARG Z 154 88.12 0.42 10.70
C ARG Z 154 89.62 0.14 10.62
N VAL Z 155 90.36 1.09 10.07
CA VAL Z 155 91.82 1.00 10.05
C VAL Z 155 92.36 1.31 11.43
N VAL Z 156 93.30 0.49 11.90
CA VAL Z 156 93.90 0.62 13.22
C VAL Z 156 95.38 0.93 13.06
N LYS Z 157 95.89 1.85 13.87
CA LYS Z 157 97.30 2.21 13.82
C LYS Z 157 98.19 0.98 14.00
N ASP Z 158 97.95 0.23 15.07
CA ASP Z 158 98.68 -1.00 15.34
C ASP Z 158 97.96 -1.75 16.45
N LEU Z 159 97.80 -3.07 16.27
CA LEU Z 159 97.18 -3.92 17.27
C LEU Z 159 97.95 -5.22 17.35
N SER Z 160 97.61 -6.02 18.36
CA SER Z 160 98.25 -7.31 18.59
C SER Z 160 97.22 -8.42 18.45
N SER Z 161 97.65 -9.66 18.75
CA SER Z 161 96.77 -10.81 18.62
C SER Z 161 95.61 -10.74 19.61
N GLU Z 162 95.89 -10.37 20.86
CA GLU Z 162 94.84 -10.32 21.87
C GLU Z 162 93.84 -9.22 21.60
N GLU Z 163 94.28 -8.06 21.12
CA GLU Z 163 93.35 -6.99 20.78
C GLU Z 163 92.45 -7.39 19.63
N LEU Z 164 93.01 -8.02 18.60
CA LEU Z 164 92.21 -8.53 17.50
C LEU Z 164 91.29 -9.65 17.95
N ALA Z 165 91.78 -10.54 18.84
CA ALA Z 165 90.96 -11.65 19.30
C ALA Z 165 89.74 -11.16 20.07
N ALA Z 166 89.91 -10.12 20.89
CA ALA Z 166 88.78 -9.58 21.64
C ALA Z 166 87.69 -9.06 20.71
N PHE Z 167 88.09 -8.42 19.61
CA PHE Z 167 87.11 -7.92 18.64
C PHE Z 167 86.36 -9.07 17.98
N GLN Z 168 87.06 -10.18 17.69
CA GLN Z 168 86.42 -11.32 17.05
C GLN Z 168 85.30 -11.88 17.92
N LYS Z 169 85.56 -12.02 19.23
CA LYS Z 169 84.54 -12.56 20.14
C LYS Z 169 83.36 -11.61 20.24
N GLU Z 170 83.62 -10.31 20.36
CA GLU Z 170 82.53 -9.33 20.43
C GLU Z 170 81.73 -9.32 19.13
N ARG Z 171 82.42 -9.39 17.99
CA ARG Z 171 81.71 -9.41 16.70
C ARG Z 171 80.89 -10.69 16.56
N ALA Z 172 81.42 -11.82 17.02
CA ALA Z 172 80.68 -13.08 16.93
C ALA Z 172 79.39 -13.03 17.75
N LEU Z 173 79.46 -12.46 18.96
CA LEU Z 173 78.26 -12.35 19.79
C LEU Z 173 77.21 -11.46 19.14
N PHE Z 174 77.64 -10.32 18.57
CA PHE Z 174 76.70 -9.44 17.90
C PHE Z 174 76.17 -10.07 16.62
N LEU Z 175 77.03 -10.77 15.87
CA LEU Z 175 76.58 -11.48 14.68
C LEU Z 175 75.58 -12.57 15.04
N ALA Z 176 75.87 -13.33 16.10
CA ALA Z 176 74.96 -14.40 16.52
C ALA Z 176 73.61 -13.84 16.93
N ALA Z 177 73.60 -12.69 17.62
CA ALA Z 177 72.35 -12.06 17.97
C ALA Z 177 71.56 -11.65 16.73
N GLN Z 178 72.25 -11.11 15.72
CA GLN Z 178 71.57 -10.73 14.48
C GLN Z 178 71.16 -11.96 13.66
N ARG Z 179 71.98 -13.02 13.68
CA ARG Z 179 71.65 -14.21 12.93
C ARG Z 179 70.35 -14.84 13.41
N GLU Z 180 70.17 -14.94 14.73
CA GLU Z 180 68.94 -15.49 15.27
C GLU Z 180 67.78 -14.50 15.17
N ALA Z 181 68.07 -13.20 15.22
CA ALA Z 181 67.02 -12.21 15.06
C ALA Z 181 66.43 -12.26 13.67
N ASP Z 182 67.26 -12.46 12.65
CA ASP Z 182 66.76 -12.54 11.28
C ASP Z 182 65.84 -13.74 11.09
N LEU Z 183 66.19 -14.88 11.70
CA LEU Z 183 65.32 -16.05 11.62
C LEU Z 183 63.97 -15.77 12.26
N ALA Z 184 63.96 -15.10 13.42
CA ALA Z 184 62.70 -14.72 14.04
C ALA Z 184 61.95 -13.70 13.20
N ALA Z 185 62.68 -12.75 12.59
CA ALA Z 185 62.04 -11.74 11.74
C ALA Z 185 61.36 -12.37 10.53
N GLN Z 186 62.02 -13.34 9.90
CA GLN Z 186 61.41 -14.02 8.76
C GLN Z 186 60.18 -14.80 9.16
N ALA Z 187 60.21 -15.43 10.34
CA ALA Z 187 59.06 -16.19 10.81
C ALA Z 187 57.86 -15.28 11.06
N GLU Z 188 58.10 -14.09 11.62
CA GLU Z 188 57.00 -13.17 11.89
C GLU Z 188 56.33 -12.72 10.60
N ALA Z 189 57.12 -12.42 9.57
CA ALA Z 189 56.55 -11.94 8.32
C ALA Z 189 55.67 -13.01 7.65
N ALA Z 190 56.14 -14.26 7.65
CA ALA Z 190 55.39 -15.33 7.00
C ALA Z 190 54.09 -15.63 7.74
N LYS Z 191 54.16 -15.76 9.07
CA LYS Z 191 52.97 -16.11 9.85
C LYS Z 191 51.93 -15.00 9.80
N LYS Z 192 52.36 -13.75 9.89
CA LYS Z 192 51.43 -12.62 9.85
C LYS Z 192 50.96 -12.35 8.42
N SER AA 22 27.41 101.39 -45.77
CA SER AA 22 26.68 102.24 -46.70
C SER AA 22 26.13 101.45 -47.89
N PHE AA 23 25.87 100.17 -47.68
CA PHE AA 23 25.24 99.35 -48.70
C PHE AA 23 23.73 99.56 -48.68
N SER AA 24 23.09 99.29 -49.69
CA SER AA 24 21.64 99.30 -49.71
C SER AA 24 21.11 98.11 -48.92
N LYS AA 25 19.85 98.20 -48.53
CA LYS AA 25 19.28 97.19 -47.63
C LYS AA 25 19.30 95.80 -48.25
N ALA AA 26 18.95 95.68 -49.54
CA ALA AA 26 18.90 94.36 -50.16
C ALA AA 26 20.29 93.74 -50.31
N PRO AA 27 21.27 94.39 -50.96
CA PRO AA 27 22.59 93.75 -51.08
C PRO AA 27 23.31 93.55 -49.77
N GLN AA 28 23.01 94.37 -48.74
CA GLN AA 28 23.67 94.18 -47.45
C GLN AA 28 23.27 92.86 -46.82
N GLN AA 29 21.98 92.52 -46.85
CA GLN AA 29 21.52 91.26 -46.29
C GLN AA 29 22.08 90.07 -47.08
N TRP AA 30 22.13 90.20 -48.41
CA TRP AA 30 22.63 89.11 -49.24
C TRP AA 30 24.10 88.81 -48.95
N ALA AA 31 24.91 89.86 -48.78
CA ALA AA 31 26.34 89.66 -48.51
C ALA AA 31 26.56 89.02 -47.14
N THR AA 32 25.77 89.40 -46.14
CA THR AA 32 25.94 88.88 -44.80
C THR AA 32 25.63 87.38 -44.74
N PHE AA 33 24.56 86.94 -45.42
CA PHE AA 33 24.13 85.56 -45.40
C PHE AA 33 24.58 84.79 -46.65
N ALA AA 34 25.75 85.11 -47.18
CA ALA AA 34 26.26 84.43 -48.37
C ALA AA 34 26.72 83.02 -48.04
N ARG AA 35 26.73 82.17 -49.05
CA ARG AA 35 27.28 80.82 -48.93
C ARG AA 35 28.71 80.80 -49.43
N VAL AA 36 29.59 80.15 -48.68
CA VAL AA 36 31.01 80.09 -48.97
C VAL AA 36 31.42 78.63 -49.13
N TRP AA 37 32.15 78.33 -50.20
CA TRP AA 37 32.65 76.98 -50.44
C TRP AA 37 34.07 76.86 -49.90
N TYR AA 38 34.36 75.75 -49.23
CA TYR AA 38 35.68 75.49 -48.69
C TYR AA 38 36.24 74.21 -49.29
N LEU AA 39 37.56 74.15 -49.40
CA LEU AA 39 38.27 72.97 -49.85
C LEU AA 39 39.11 72.42 -48.72
N LEU AA 40 39.07 71.11 -48.53
CA LEU AA 40 39.75 70.47 -47.41
C LEU AA 40 40.46 69.22 -47.93
N ASP AA 41 41.78 69.28 -48.00
CA ASP AA 41 42.57 68.13 -48.44
C ASP AA 41 42.55 67.03 -47.39
N GLY AA 42 42.68 65.78 -47.84
CA GLY AA 42 42.58 64.65 -46.96
C GLY AA 42 43.75 63.69 -47.04
N LYS AA 43 44.83 64.11 -47.69
CA LYS AA 43 46.02 63.27 -47.84
C LYS AA 43 46.63 62.96 -46.48
N MET AA 44 46.51 61.71 -46.05
CA MET AA 44 47.05 61.24 -44.76
C MET AA 44 46.57 62.12 -43.60
N GLN AA 45 45.25 62.20 -43.47
CA GLN AA 45 44.61 62.94 -42.39
C GLN AA 45 43.56 62.05 -41.74
N PRO AA 46 43.52 61.95 -40.42
CA PRO AA 46 42.52 61.11 -39.77
C PRO AA 46 41.12 61.62 -40.04
N PRO AA 47 40.15 60.73 -40.26
CA PRO AA 47 38.78 61.18 -40.51
C PRO AA 47 38.17 61.95 -39.35
N GLY AA 48 38.53 61.60 -38.11
CA GLY AA 48 37.98 62.31 -36.97
C GLY AA 48 38.38 63.77 -36.94
N LYS AA 49 39.67 64.05 -37.14
CA LYS AA 49 40.11 65.43 -37.21
C LYS AA 49 39.64 66.10 -38.49
N LEU AA 50 39.39 65.31 -39.54
CA LEU AA 50 38.82 65.87 -40.76
C LEU AA 50 37.35 66.23 -40.56
N ALA AA 51 36.63 65.43 -39.77
CA ALA AA 51 35.21 65.67 -39.52
C ALA AA 51 34.98 66.81 -38.53
N ALA AA 52 35.91 67.03 -37.59
CA ALA AA 52 35.70 68.04 -36.57
C ALA AA 52 35.60 69.43 -37.16
N MET AA 53 36.52 69.77 -38.07
CA MET AA 53 36.46 71.07 -38.72
C MET AA 53 35.39 71.12 -39.80
N ALA AA 54 35.11 69.98 -40.45
CA ALA AA 54 34.05 69.95 -41.45
C ALA AA 54 32.67 70.10 -40.82
N SER AA 55 32.47 69.55 -39.62
CA SER AA 55 31.19 69.69 -38.95
C SER AA 55 30.89 71.14 -38.59
N VAL AA 56 31.92 71.89 -38.17
CA VAL AA 56 31.72 73.28 -37.79
C VAL AA 56 31.26 74.10 -38.99
N LYS AA 57 31.91 73.92 -40.14
CA LYS AA 57 31.58 74.71 -41.32
C LYS AA 57 30.16 74.43 -41.81
N LEU AA 58 29.74 73.17 -41.79
CA LEU AA 58 28.41 72.82 -42.26
C LEU AA 58 27.33 73.48 -41.41
N GLN AA 59 27.51 73.47 -40.09
CA GLN AA 59 26.52 74.08 -39.21
C GLN AA 59 26.54 75.60 -39.31
N GLY AA 60 27.69 76.18 -39.62
CA GLY AA 60 27.84 77.62 -39.59
C GLY AA 60 28.34 78.16 -38.28
N LEU AA 61 28.91 77.32 -37.41
CA LEU AA 61 29.40 77.73 -36.11
C LEU AA 61 30.61 78.62 -36.18
N HIS AA 62 31.08 78.98 -37.38
CA HIS AA 62 32.18 79.92 -37.53
C HIS AA 62 31.70 81.33 -37.85
N LYS AA 63 30.42 81.51 -38.17
CA LYS AA 63 29.84 82.82 -38.44
C LYS AA 63 29.32 83.43 -37.15
N PRO AA 64 29.73 84.64 -36.79
CA PRO AA 64 29.16 85.30 -35.61
C PRO AA 64 27.69 85.64 -35.73
N VAL AA 65 27.10 85.40 -36.90
CA VAL AA 65 25.67 85.58 -37.10
C VAL AA 65 24.92 84.25 -36.98
N TYR AA 66 25.55 83.25 -36.35
CA TYR AA 66 24.98 81.92 -36.28
C TYR AA 66 23.69 81.90 -35.49
N HIS AA 67 22.74 81.07 -35.93
CA HIS AA 67 21.51 80.79 -35.21
C HIS AA 67 20.88 79.56 -35.84
N GLN AA 68 20.36 78.66 -35.00
CA GLN AA 68 19.85 77.39 -35.50
C GLN AA 68 18.65 77.59 -36.42
N LEU AA 69 17.78 78.53 -36.10
CA LEU AA 69 16.61 78.78 -36.93
C LEU AA 69 17.01 79.30 -38.31
N SER AA 70 18.03 80.15 -38.38
CA SER AA 70 18.49 80.65 -39.65
C SER AA 70 19.13 79.52 -40.46
N ASP AA 71 19.08 79.66 -41.79
CA ASP AA 71 19.56 78.65 -42.71
C ASP AA 71 21.03 78.86 -43.08
N CYS AA 72 21.80 79.49 -42.19
CA CYS AA 72 23.22 79.70 -42.46
C CYS AA 72 23.94 78.37 -42.59
N GLY AA 73 24.76 78.24 -43.64
CA GLY AA 73 25.46 77.00 -43.89
C GLY AA 73 26.41 77.12 -45.06
N ASP AA 74 27.55 76.46 -44.99
CA ASP AA 74 28.60 76.59 -45.99
C ASP AA 74 28.93 75.22 -46.58
N HIS AA 75 29.13 75.18 -47.89
CA HIS AA 75 29.54 73.96 -48.55
C HIS AA 75 30.99 73.62 -48.20
N VAL AA 76 31.28 72.33 -48.12
CA VAL AA 76 32.63 71.83 -47.87
C VAL AA 76 32.94 70.76 -48.89
N VAL AA 77 34.10 70.90 -49.56
CA VAL AA 77 34.56 69.94 -50.56
C VAL AA 77 35.81 69.27 -50.01
N ILE AA 78 35.74 67.94 -49.87
CA ILE AA 78 36.84 67.15 -49.33
C ILE AA 78 37.37 66.27 -50.44
N MET AA 79 38.65 66.41 -50.76
CA MET AA 79 39.29 65.61 -51.79
C MET AA 79 40.34 64.69 -51.17
N ASN AA 80 40.73 63.67 -51.95
CA ASN AA 80 41.68 62.65 -51.51
C ASN AA 80 41.21 61.99 -50.22
N THR AA 81 40.04 61.36 -50.29
CA THR AA 81 39.47 60.63 -49.17
C THR AA 81 39.84 59.16 -49.16
N ARG AA 82 40.52 58.68 -50.21
CA ARG AA 82 41.02 57.31 -50.22
C ARG AA 82 42.32 57.17 -49.44
N HIS AA 83 42.99 58.28 -49.14
CA HIS AA 83 44.30 58.26 -48.49
C HIS AA 83 44.23 58.67 -47.03
N ILE AA 84 43.07 58.55 -46.40
CA ILE AA 84 42.96 58.89 -44.97
C ILE AA 84 43.75 57.89 -44.14
N ALA AA 85 44.26 58.36 -43.00
CA ALA AA 85 45.16 57.58 -42.16
C ALA AA 85 44.51 57.39 -40.79
N PHE AA 86 43.95 56.22 -40.56
CA PHE AA 86 43.40 55.90 -39.24
C PHE AA 86 44.52 55.67 -38.24
N SER AA 87 44.43 56.33 -37.09
CA SER AA 87 45.46 56.22 -36.07
C SER AA 87 45.35 54.87 -35.35
N GLY AA 88 46.51 54.34 -34.97
CA GLY AA 88 46.53 53.07 -34.26
C GLY AA 88 46.05 51.93 -35.13
N ASN AA 89 45.55 50.88 -34.47
CA ASN AA 89 45.05 49.69 -35.15
C ASN AA 89 43.57 49.76 -35.49
N LYS AA 90 43.03 50.98 -35.64
CA LYS AA 90 41.61 51.13 -35.91
C LYS AA 90 41.20 50.62 -37.30
N TRP AA 91 42.16 50.36 -38.18
CA TRP AA 91 41.82 49.82 -39.49
C TRP AA 91 41.25 48.41 -39.39
N GLU AA 92 41.63 47.67 -38.35
CA GLU AA 92 41.16 46.30 -38.18
C GLU AA 92 40.25 46.10 -36.98
N GLN AA 93 40.17 47.08 -36.07
CA GLN AA 93 39.37 46.93 -34.86
C GLN AA 93 38.01 47.61 -34.96
N LYS AA 94 37.96 48.84 -35.46
CA LYS AA 94 36.69 49.54 -35.58
C LYS AA 94 35.82 48.88 -36.64
N VAL AA 95 34.55 48.66 -36.30
CA VAL AA 95 33.62 48.00 -37.21
C VAL AA 95 32.38 48.87 -37.37
N TYR AA 96 31.87 48.92 -38.59
CA TYR AA 96 30.65 49.64 -38.93
C TYR AA 96 29.56 48.61 -39.18
N SER AA 97 28.47 48.69 -38.42
CA SER AA 97 27.42 47.69 -38.46
C SER AA 97 26.10 48.33 -38.84
N SER AA 98 25.29 47.58 -39.58
CA SER AA 98 23.96 48.03 -39.96
C SER AA 98 23.07 46.81 -40.12
N HIS AA 99 21.76 47.03 -40.04
CA HIS AA 99 20.77 45.97 -40.16
C HIS AA 99 19.83 46.29 -41.30
N THR AA 100 19.66 45.33 -42.22
CA THR AA 100 18.78 45.53 -43.36
C THR AA 100 17.31 45.43 -43.00
N GLY AA 101 16.98 44.98 -41.80
CA GLY AA 101 15.60 44.86 -41.37
C GLY AA 101 15.08 43.44 -41.40
N TYR AA 102 15.39 42.71 -42.47
CA TYR AA 102 14.94 41.35 -42.59
C TYR AA 102 15.64 40.46 -41.56
N PRO AA 103 14.99 39.38 -41.11
CA PRO AA 103 15.64 38.51 -40.13
C PRO AA 103 16.93 37.92 -40.67
N GLY AA 104 17.93 37.83 -39.80
CA GLY AA 104 19.23 37.37 -40.23
C GLY AA 104 19.98 38.34 -41.10
N GLY AA 105 19.64 39.62 -41.05
CA GLY AA 105 20.29 40.61 -41.89
C GLY AA 105 21.15 41.58 -41.13
N PHE AA 106 21.87 41.10 -40.13
CA PHE AA 106 22.78 41.93 -39.34
C PHE AA 106 24.19 41.77 -39.90
N ARG AA 107 24.69 42.83 -40.51
CA ARG AA 107 25.99 42.82 -41.18
C ARG AA 107 26.95 43.74 -40.44
N GLN AA 108 28.10 43.20 -40.05
CA GLN AA 108 29.17 43.97 -39.45
C GLN AA 108 30.37 43.93 -40.39
N VAL AA 109 30.88 45.11 -40.73
CA VAL AA 109 31.96 45.25 -41.70
C VAL AA 109 33.13 45.94 -41.01
N THR AA 110 34.33 45.38 -41.16
CA THR AA 110 35.53 45.99 -40.61
C THR AA 110 35.81 47.31 -41.32
N ALA AA 111 36.56 48.19 -40.64
CA ALA AA 111 36.89 49.49 -41.21
C ALA AA 111 37.70 49.33 -42.50
N ALA AA 112 38.63 48.38 -42.52
CA ALA AA 112 39.42 48.16 -43.73
C ALA AA 112 38.54 47.68 -44.88
N GLN AA 113 37.61 46.76 -44.60
CA GLN AA 113 36.76 46.24 -45.65
C GLN AA 113 35.85 47.32 -46.22
N LEU AA 114 35.27 48.16 -45.35
CA LEU AA 114 34.36 49.21 -45.82
C LEU AA 114 35.09 50.22 -46.69
N HIS AA 115 36.30 50.60 -46.30
CA HIS AA 115 37.07 51.55 -47.10
C HIS AA 115 37.50 50.96 -48.43
N GLN AA 116 37.65 49.62 -48.49
CA GLN AA 116 38.03 48.99 -49.75
C GLN AA 116 36.88 48.97 -50.74
N LYS AA 117 35.64 48.94 -50.25
CA LYS AA 117 34.47 48.89 -51.12
C LYS AA 117 33.99 50.30 -51.47
N ASP AA 118 33.71 51.12 -50.47
CA ASP AA 118 33.24 52.49 -50.68
C ASP AA 118 34.30 53.46 -50.18
N PRO AA 119 35.06 54.10 -51.08
CA PRO AA 119 36.17 54.95 -50.62
C PRO AA 119 35.75 56.10 -49.73
N VAL AA 120 34.55 56.67 -49.92
CA VAL AA 120 34.14 57.85 -49.19
C VAL AA 120 33.22 57.51 -48.02
N ALA AA 121 33.01 56.22 -47.73
CA ALA AA 121 32.08 55.86 -46.66
C ALA AA 121 32.63 56.19 -45.29
N ILE AA 122 33.95 56.07 -45.09
CA ILE AA 122 34.53 56.30 -43.78
C ILE AA 122 34.37 57.76 -43.37
N VAL AA 123 34.69 58.69 -44.27
CA VAL AA 123 34.59 60.11 -43.94
C VAL AA 123 33.13 60.54 -43.82
N LYS AA 124 32.26 60.05 -44.70
CA LYS AA 124 30.87 60.47 -44.66
C LYS AA 124 30.18 60.04 -43.39
N LEU AA 125 30.44 58.80 -42.94
CA LEU AA 125 29.82 58.34 -41.70
C LEU AA 125 30.35 59.09 -40.48
N ALA AA 126 31.63 59.46 -40.48
CA ALA AA 126 32.18 60.22 -39.37
C ALA AA 126 31.50 61.57 -39.23
N ILE AA 127 31.30 62.27 -40.35
CA ILE AA 127 30.61 63.55 -40.30
C ILE AA 127 29.13 63.36 -40.00
N TYR AA 128 28.53 62.32 -40.58
CA TYR AA 128 27.10 62.09 -40.41
C TYR AA 128 26.72 61.83 -38.95
N GLY AA 129 27.68 61.43 -38.12
CA GLY AA 129 27.43 61.20 -36.72
C GLY AA 129 27.81 62.34 -35.80
N MET AA 130 28.49 63.35 -36.31
CA MET AA 130 28.93 64.47 -35.48
C MET AA 130 28.03 65.69 -35.59
N LEU AA 131 27.24 65.80 -36.66
CA LEU AA 131 26.30 66.89 -36.81
C LEU AA 131 25.16 66.76 -35.80
N PRO AA 132 24.46 67.85 -35.50
CA PRO AA 132 23.32 67.75 -34.59
C PRO AA 132 22.26 66.82 -35.13
N LYS AA 133 21.59 66.12 -34.22
CA LYS AA 133 20.68 65.02 -34.56
C LYS AA 133 19.27 65.50 -34.87
N ASN AA 134 19.10 66.77 -35.23
CA ASN AA 134 17.80 67.30 -35.60
C ASN AA 134 17.50 66.95 -37.06
N LEU AA 135 16.43 67.52 -37.61
CA LEU AA 135 16.05 67.28 -38.99
C LEU AA 135 16.87 68.10 -39.98
N HIS AA 136 17.65 69.06 -39.51
CA HIS AA 136 18.53 69.82 -40.39
C HIS AA 136 19.76 69.02 -40.82
N ARG AA 137 20.03 67.89 -40.17
CA ARG AA 137 21.20 67.10 -40.52
C ARG AA 137 21.10 66.58 -41.95
N ARG AA 138 19.91 66.13 -42.35
CA ARG AA 138 19.72 65.71 -43.74
C ARG AA 138 19.95 66.86 -44.70
N THR AA 139 19.45 68.05 -44.37
CA THR AA 139 19.61 69.20 -45.25
C THR AA 139 21.07 69.60 -45.39
N MET AA 140 21.80 69.65 -44.27
CA MET AA 140 23.18 70.12 -44.29
C MET AA 140 24.15 69.06 -44.80
N MET AA 141 23.75 67.79 -44.85
CA MET AA 141 24.60 66.77 -45.45
C MET AA 141 24.64 66.87 -46.96
N GLN AA 142 23.58 67.41 -47.57
CA GLN AA 142 23.57 67.59 -49.02
C GLN AA 142 24.60 68.59 -49.50
N ARG AA 143 25.06 69.48 -48.62
CA ARG AA 143 26.07 70.46 -48.98
C ARG AA 143 27.48 69.91 -48.91
N LEU AA 144 27.65 68.67 -48.44
CA LEU AA 144 28.97 68.06 -48.31
C LEU AA 144 29.29 67.27 -49.57
N HIS AA 145 30.43 67.58 -50.20
CA HIS AA 145 30.86 66.94 -51.42
C HIS AA 145 32.15 66.16 -51.15
N LEU AA 146 32.13 64.87 -51.46
CA LEU AA 146 33.27 63.99 -51.22
C LEU AA 146 33.76 63.41 -52.54
N PHE AA 147 35.07 63.32 -52.69
CA PHE AA 147 35.68 62.77 -53.89
C PHE AA 147 36.84 61.86 -53.49
N PRO AA 148 36.91 60.65 -54.02
CA PRO AA 148 38.01 59.74 -53.66
C PRO AA 148 39.39 60.29 -53.98
N ASP AA 149 39.54 61.00 -55.09
CA ASP AA 149 40.84 61.51 -55.50
C ASP AA 149 40.65 62.94 -56.00
N GLU AA 150 41.70 63.49 -56.62
CA GLU AA 150 41.67 64.87 -57.11
C GLU AA 150 41.08 64.93 -58.51
N ASP AA 151 39.86 64.41 -58.62
CA ASP AA 151 39.08 64.46 -59.87
C ASP AA 151 37.77 65.18 -59.55
N ILE AA 152 37.79 66.50 -59.66
CA ILE AA 152 36.65 67.35 -59.30
C ILE AA 152 36.12 67.98 -60.58
N PRO AA 153 34.82 67.99 -60.80
CA PRO AA 153 34.28 68.66 -62.00
C PRO AA 153 34.57 70.15 -61.96
N GLU AA 154 34.67 70.74 -63.16
CA GLU AA 154 35.02 72.15 -63.26
C GLU AA 154 33.98 73.04 -62.59
N ASP AA 155 32.72 72.59 -62.53
CA ASP AA 155 31.68 73.40 -61.90
C ASP AA 155 31.97 73.58 -60.41
N ILE AA 156 32.38 72.51 -59.73
CA ILE AA 156 32.66 72.59 -58.30
C ILE AA 156 33.92 73.42 -58.05
N LEU AA 157 34.92 73.29 -58.92
CA LEU AA 157 36.17 74.00 -58.71
C LEU AA 157 35.98 75.52 -58.76
N LYS AA 158 35.12 76.00 -59.65
CA LYS AA 158 34.91 77.44 -59.77
C LYS AA 158 34.17 78.05 -58.59
N ASN AA 159 33.57 77.23 -57.73
CA ASN AA 159 32.84 77.74 -56.58
C ASN AA 159 33.70 77.91 -55.34
N LEU AA 160 34.91 77.36 -55.32
CA LEU AA 160 35.72 77.37 -54.11
C LEU AA 160 36.21 78.79 -53.80
N VAL AA 161 36.52 79.01 -52.51
CA VAL AA 161 36.99 80.30 -52.04
C VAL AA 161 38.37 80.15 -51.41
N GLU AA 162 38.47 79.34 -50.36
CA GLU AA 162 39.74 79.14 -49.66
C GLU AA 162 39.86 77.69 -49.24
N GLU AA 163 41.10 77.28 -48.97
CA GLU AA 163 41.41 75.93 -48.53
C GLU AA 163 41.75 75.94 -47.05
N LEU AA 164 41.08 75.06 -46.29
CA LEU AA 164 41.35 74.97 -44.86
C LEU AA 164 42.68 74.24 -44.62
N PRO AA 165 43.44 74.64 -43.61
CA PRO AA 165 44.69 73.95 -43.32
C PRO AA 165 44.47 72.53 -42.84
N GLN AA 166 45.45 71.68 -43.08
CA GLN AA 166 45.37 70.29 -42.65
C GLN AA 166 45.50 70.21 -41.12
N PRO AA 167 44.62 69.48 -40.44
CA PRO AA 167 44.69 69.42 -38.98
C PRO AA 167 45.89 68.66 -38.44
N ARG AA 168 46.46 67.73 -39.19
CA ARG AA 168 47.58 66.92 -38.74
C ARG AA 168 48.78 67.17 -39.63
N LYS AA 169 49.93 67.49 -39.02
CA LYS AA 169 51.16 67.67 -39.78
C LYS AA 169 51.68 66.32 -40.23
N VAL AA 170 51.78 66.14 -41.55
CA VAL AA 170 52.22 64.86 -42.12
C VAL AA 170 53.71 64.71 -41.90
N PRO AA 171 54.17 63.68 -41.19
CA PRO AA 171 55.61 63.46 -41.05
C PRO AA 171 56.22 63.01 -42.37
N ARG AA 172 57.48 63.38 -42.56
CA ARG AA 172 58.20 63.05 -43.77
C ARG AA 172 59.03 61.77 -43.56
N ARG AA 173 59.16 61.01 -44.63
CA ARG AA 173 59.89 59.74 -44.57
C ARG AA 173 61.40 60.00 -44.63
N LEU AA 174 62.18 58.94 -44.48
CA LEU AA 174 63.64 59.07 -44.45
C LEU AA 174 64.16 59.56 -45.80
N ASP AA 175 63.62 59.05 -46.90
CA ASP AA 175 64.09 59.45 -48.22
C ASP AA 175 63.73 60.88 -48.58
N GLU AA 176 62.81 61.50 -47.84
CA GLU AA 176 62.43 62.88 -48.09
C GLU AA 176 63.32 63.89 -47.40
N TYR AA 177 64.21 63.45 -46.51
CA TYR AA 177 65.14 64.36 -45.85
C TYR AA 177 66.27 64.72 -46.80
N THR AA 178 66.59 66.00 -46.88
CA THR AA 178 67.71 66.46 -47.71
C THR AA 178 69.04 66.08 -47.07
N GLN AA 179 70.07 66.02 -47.90
CA GLN AA 179 71.40 65.67 -47.40
C GLN AA 179 71.92 66.69 -46.40
N GLU AA 180 71.46 67.94 -46.51
CA GLU AA 180 71.85 68.94 -45.52
C GLU AA 180 71.31 68.59 -44.14
N GLU AA 181 70.06 68.13 -44.08
CA GLU AA 181 69.47 67.74 -42.80
C GLU AA 181 70.18 66.53 -42.20
N ILE AA 182 70.56 65.56 -43.04
CA ILE AA 182 71.22 64.35 -42.55
C ILE AA 182 72.56 64.70 -41.89
N GLU AA 183 73.33 65.58 -42.52
CA GLU AA 183 74.61 65.98 -41.96
C GLU AA 183 74.43 66.86 -40.72
N ALA AA 184 73.33 67.63 -40.66
CA ALA AA 184 73.12 68.52 -39.53
C ALA AA 184 72.83 67.74 -38.25
N PHE AA 185 72.07 66.66 -38.36
CA PHE AA 185 71.73 65.87 -37.17
C PHE AA 185 72.96 65.10 -36.69
N PRO AA 186 73.32 65.21 -35.41
CA PRO AA 186 74.55 64.57 -34.95
C PRO AA 186 74.44 63.05 -34.92
N ARG AA 187 75.58 62.40 -35.06
CA ARG AA 187 75.66 60.95 -34.90
C ARG AA 187 75.77 60.61 -33.42
N VAL AA 188 74.75 59.94 -32.88
CA VAL AA 188 74.65 59.76 -31.44
C VAL AA 188 75.77 58.87 -30.92
N TRP AA 189 76.07 57.79 -31.64
CA TRP AA 189 77.01 56.79 -31.16
C TRP AA 189 77.99 56.41 -32.26
N SER AA 190 79.08 55.76 -31.86
CA SER AA 190 80.12 55.31 -32.78
C SER AA 190 80.15 53.78 -32.80
N PRO AA 191 79.60 53.14 -33.83
CA PRO AA 191 79.62 51.68 -33.86
C PRO AA 191 81.03 51.15 -34.04
N PRO AA 192 81.32 49.96 -33.52
CA PRO AA 192 82.66 49.38 -33.73
C PRO AA 192 82.88 49.02 -35.19
N GLU AA 193 84.14 49.04 -35.59
CA GLU AA 193 84.49 48.82 -36.99
C GLU AA 193 84.39 47.36 -37.40
N ASP AA 194 84.43 46.42 -36.46
CA ASP AA 194 84.46 45.01 -36.77
C ASP AA 194 83.08 44.35 -36.79
N TYR AA 195 82.01 45.11 -36.52
CA TYR AA 195 80.68 44.54 -36.51
C TYR AA 195 80.12 44.45 -37.93
N ARG AA 196 79.38 43.38 -38.20
CA ARG AA 196 78.77 43.15 -39.51
C ARG AA 196 77.29 43.48 -39.43
N LEU AA 197 76.86 44.45 -40.23
CA LEU AA 197 75.46 44.85 -40.26
C LEU AA 197 74.65 43.97 -41.21
N ALA BA 211 3.52 2.73 -57.25
CA ALA BA 211 3.88 3.43 -56.03
C ALA BA 211 3.49 2.62 -54.81
N ILE BA 212 4.49 2.18 -54.05
CA ILE BA 212 4.30 1.42 -52.82
C ILE BA 212 4.93 2.19 -51.69
N GLN BA 213 4.16 2.42 -50.63
CA GLN BA 213 4.62 3.17 -49.47
C GLN BA 213 4.41 2.36 -48.19
N LYS BA 214 4.59 3.00 -47.04
CA LYS BA 214 4.37 2.32 -45.78
C LYS BA 214 2.91 1.92 -45.63
N MET BA 215 2.69 0.73 -45.07
CA MET BA 215 1.36 0.20 -44.79
C MET BA 215 0.55 -0.01 -46.07
N THR BA 216 1.09 -0.83 -46.96
CA THR BA 216 0.40 -1.26 -48.18
C THR BA 216 0.39 -2.77 -48.25
N ARG BA 217 -0.76 -3.36 -48.51
CA ARG BA 217 -0.84 -4.81 -48.73
C ARG BA 217 -0.18 -5.15 -50.06
N VAL BA 218 0.68 -6.16 -50.06
CA VAL BA 218 1.43 -6.55 -51.25
C VAL BA 218 1.12 -8.01 -51.58
N ARG BA 219 1.64 -8.45 -52.72
CA ARG BA 219 1.47 -9.82 -53.20
C ARG BA 219 2.84 -10.40 -53.52
N VAL BA 220 3.10 -11.61 -53.04
CA VAL BA 220 4.39 -12.28 -53.22
C VAL BA 220 4.29 -13.16 -54.46
N VAL BA 221 5.26 -13.04 -55.36
CA VAL BA 221 5.18 -13.67 -56.67
C VAL BA 221 6.30 -14.68 -56.89
N ASP BA 222 6.85 -15.24 -55.82
CA ASP BA 222 7.82 -16.33 -55.95
C ASP BA 222 7.44 -17.45 -54.99
N ASN BA 223 7.83 -18.67 -55.35
CA ASN BA 223 7.50 -19.85 -54.57
C ASN BA 223 8.39 -19.90 -53.32
N SER BA 224 7.82 -19.52 -52.18
CA SER BA 224 8.54 -19.55 -50.91
C SER BA 224 7.59 -20.03 -49.82
N ALA BA 225 8.16 -20.69 -48.81
CA ALA BA 225 7.34 -21.20 -47.73
C ALA BA 225 6.70 -20.05 -46.94
N LEU BA 226 7.43 -18.95 -46.78
CA LEU BA 226 6.91 -17.81 -46.05
C LEU BA 226 5.83 -17.08 -46.84
N GLY BA 227 6.02 -16.92 -48.15
CA GLY BA 227 5.07 -16.18 -48.96
C GLY BA 227 3.88 -16.97 -49.45
N THR BA 228 3.82 -18.27 -49.18
CA THR BA 228 2.73 -19.12 -49.65
C THR BA 228 1.81 -19.59 -48.54
N THR BA 229 2.34 -19.79 -47.32
CA THR BA 229 1.52 -20.27 -46.23
C THR BA 229 0.47 -19.22 -45.85
N PRO BA 230 -0.80 -19.57 -45.78
CA PRO BA 230 -1.82 -18.58 -45.43
C PRO BA 230 -1.62 -18.04 -44.02
N TYR BA 231 -2.01 -16.78 -43.84
CA TYR BA 231 -1.89 -16.10 -42.55
C TYR BA 231 -3.12 -15.24 -42.35
N HIS BA 232 -3.42 -14.93 -41.08
CA HIS BA 232 -4.62 -14.16 -40.77
C HIS BA 232 -4.41 -12.66 -40.91
N ARG BA 233 -3.20 -12.21 -41.24
CA ARG BA 233 -2.93 -10.80 -41.51
C ARG BA 233 -2.17 -10.70 -42.81
N PRO BA 234 -2.59 -9.83 -43.74
CA PRO BA 234 -1.90 -9.76 -45.03
C PRO BA 234 -0.48 -9.25 -44.87
N PRO BA 235 0.43 -9.63 -45.76
CA PRO BA 235 1.80 -9.11 -45.68
C PRO BA 235 1.86 -7.62 -46.02
N ARG BA 236 2.14 -6.79 -45.03
CA ARG BA 236 2.15 -5.34 -45.20
C ARG BA 236 3.58 -4.84 -45.32
N CYS BA 237 3.70 -3.60 -45.79
CA CYS BA 237 4.98 -2.92 -45.88
C CYS BA 237 5.29 -2.22 -44.57
N ILE BA 238 6.56 -2.16 -44.22
CA ILE BA 238 7.03 -1.49 -43.02
C ILE BA 238 7.78 -0.22 -43.34
N HIS BA 239 8.74 -0.29 -44.26
CA HIS BA 239 9.62 0.83 -44.55
C HIS BA 239 10.20 0.65 -45.95
N VAL BA 240 10.36 1.76 -46.65
CA VAL BA 240 10.99 1.78 -47.97
C VAL BA 240 12.33 2.48 -47.85
N TYR BA 241 13.38 1.84 -48.37
CA TYR BA 241 14.74 2.31 -48.17
C TYR BA 241 15.09 3.52 -49.03
N ASN BA 242 14.23 3.90 -49.96
CA ASN BA 242 14.42 5.15 -50.68
C ASN BA 242 14.24 6.33 -49.72
N LYS BA 243 14.93 7.43 -50.03
CA LYS BA 243 14.80 8.62 -49.18
C LYS BA 243 13.37 9.15 -49.20
N THR BA 244 12.74 9.16 -50.37
CA THR BA 244 11.32 9.46 -50.44
C THR BA 244 10.53 8.31 -49.83
N GLY BA 245 9.37 8.63 -49.26
CA GLY BA 245 8.57 7.63 -48.58
C GLY BA 245 7.82 6.70 -49.49
N VAL BA 246 8.00 6.84 -50.81
CA VAL BA 246 7.31 6.03 -51.79
C VAL BA 246 8.34 5.34 -52.68
N GLY BA 247 8.11 4.04 -52.93
CA GLY BA 247 9.03 3.24 -53.73
C GLY BA 247 8.45 2.95 -55.09
N LYS BA 248 9.32 2.73 -56.06
CA LYS BA 248 8.95 2.44 -57.44
C LYS BA 248 9.47 1.05 -57.83
N VAL BA 249 9.33 0.73 -59.12
CA VAL BA 249 9.80 -0.57 -59.61
C VAL BA 249 11.31 -0.66 -59.49
N GLY BA 250 11.78 -1.77 -58.96
CA GLY BA 250 13.21 -1.95 -58.76
C GLY BA 250 13.78 -1.24 -57.55
N ASP BA 251 12.98 -1.03 -56.52
CA ASP BA 251 13.42 -0.37 -55.29
C ASP BA 251 13.15 -1.29 -54.10
N ARG BA 252 14.12 -1.35 -53.20
CA ARG BA 252 14.04 -2.27 -52.07
C ARG BA 252 12.95 -1.84 -51.09
N ILE BA 253 12.46 -2.80 -50.31
CA ILE BA 253 11.35 -2.58 -49.41
C ILE BA 253 11.42 -3.62 -48.29
N LEU BA 254 10.98 -3.23 -47.10
CA LEU BA 254 10.91 -4.12 -45.95
C LEU BA 254 9.46 -4.55 -45.74
N LEU BA 255 9.25 -5.84 -45.49
CA LEU BA 255 7.92 -6.41 -45.37
C LEU BA 255 7.74 -7.04 -44.00
N ALA BA 256 6.49 -7.15 -43.58
CA ALA BA 256 6.11 -7.80 -42.32
C ALA BA 256 5.20 -8.97 -42.66
N ILE BA 257 5.79 -10.17 -42.77
CA ILE BA 257 5.08 -11.37 -43.16
C ILE BA 257 5.10 -12.36 -42.00
N ARG BA 258 3.93 -12.76 -41.55
CA ARG BA 258 3.79 -13.79 -40.51
C ARG BA 258 4.57 -13.45 -39.25
N GLY BA 259 4.55 -12.18 -38.87
CA GLY BA 259 5.15 -11.75 -37.62
C GLY BA 259 6.64 -11.50 -37.65
N GLN BA 260 7.29 -11.61 -38.81
CA GLN BA 260 8.72 -11.37 -38.91
C GLN BA 260 9.00 -10.39 -40.05
N LYS BA 261 10.16 -9.77 -39.99
CA LYS BA 261 10.56 -8.73 -40.94
C LYS BA 261 11.49 -9.34 -42.00
N LYS BA 262 11.09 -9.24 -43.26
CA LYS BA 262 11.89 -9.72 -44.37
C LYS BA 262 11.97 -8.66 -45.47
N LYS BA 263 13.16 -8.46 -46.01
CA LYS BA 263 13.33 -7.51 -47.10
C LYS BA 263 12.72 -8.06 -48.38
N ALA BA 264 12.42 -7.16 -49.32
CA ALA BA 264 11.80 -7.55 -50.57
C ALA BA 264 12.15 -6.53 -51.65
N LEU BA 265 11.93 -6.92 -52.89
CA LEU BA 265 12.15 -6.07 -54.05
C LEU BA 265 10.83 -5.93 -54.81
N ILE BA 266 10.47 -4.69 -55.14
CA ILE BA 266 9.23 -4.42 -55.86
C ILE BA 266 9.46 -4.63 -57.35
N VAL BA 267 8.64 -5.48 -57.97
CA VAL BA 267 8.73 -5.72 -59.39
C VAL BA 267 7.60 -5.07 -60.18
N GLY BA 268 6.40 -4.96 -59.59
CA GLY BA 268 5.29 -4.34 -60.29
C GLY BA 268 4.30 -3.66 -59.37
N HIS BA 269 3.85 -2.48 -59.77
CA HIS BA 269 2.88 -1.70 -59.02
C HIS BA 269 1.66 -1.39 -59.90
N ARG BA 270 0.77 -0.55 -59.39
CA ARG BA 270 -0.44 -0.16 -60.12
C ARG BA 270 -0.45 1.28 -60.58
N MET BA 271 0.36 2.15 -59.97
CA MET BA 271 0.41 3.55 -60.40
C MET BA 271 1.11 3.65 -61.76
N PRO BA 272 0.53 4.33 -62.74
CA PRO BA 272 1.18 4.46 -64.04
C PRO BA 272 2.51 5.18 -63.92
N GLY BA 273 3.47 4.75 -64.74
CA GLY BA 273 4.78 5.34 -64.75
C GLY BA 273 5.09 5.98 -66.10
N PRO BA 274 6.36 5.98 -66.48
CA PRO BA 274 6.75 6.52 -67.78
C PRO BA 274 6.15 5.70 -68.92
N ARG BA 275 6.17 6.29 -70.11
CA ARG BA 275 5.60 5.63 -71.28
C ARG BA 275 6.38 4.38 -71.63
N MET BA 276 5.67 3.41 -72.22
CA MET BA 276 6.24 2.12 -72.60
C MET BA 276 6.82 1.38 -71.39
N THR BA 277 6.11 1.47 -70.26
CA THR BA 277 6.45 0.73 -69.06
C THR BA 277 5.22 -0.03 -68.61
N PRO BA 278 5.30 -1.34 -68.41
CA PRO BA 278 4.10 -2.13 -68.08
C PRO BA 278 3.52 -1.73 -66.73
N ARG BA 279 2.20 -1.83 -66.65
CA ARG BA 279 1.46 -1.57 -65.42
C ARG BA 279 0.67 -2.82 -65.06
N PHE BA 280 0.78 -3.26 -63.81
CA PHE BA 280 0.13 -4.47 -63.35
C PHE BA 280 -1.11 -4.14 -62.52
N ASP BA 281 -1.91 -5.17 -62.25
CA ASP BA 281 -3.14 -5.02 -61.49
C ASP BA 281 -2.97 -5.41 -60.02
N SER BA 282 -1.74 -5.66 -59.58
CA SER BA 282 -1.50 -6.02 -58.18
C SER BA 282 -0.06 -5.69 -57.84
N ASN BA 283 0.14 -5.17 -56.63
CA ASN BA 283 1.48 -4.83 -56.16
C ASN BA 283 2.26 -6.11 -55.94
N ASN BA 284 3.23 -6.38 -56.82
CA ASN BA 284 3.99 -7.63 -56.80
C ASN BA 284 5.38 -7.37 -56.24
N VAL BA 285 5.79 -8.20 -55.28
CA VAL BA 285 7.11 -8.10 -54.66
C VAL BA 285 7.74 -9.47 -54.64
N VAL BA 286 9.07 -9.48 -54.56
CA VAL BA 286 9.87 -10.70 -54.52
C VAL BA 286 10.66 -10.71 -53.23
N LEU BA 287 10.56 -11.80 -52.49
CA LEU BA 287 11.27 -11.89 -51.21
C LEU BA 287 12.78 -11.90 -51.44
N LEU BA 288 13.50 -11.30 -50.48
CA LEU BA 288 14.93 -11.10 -50.62
C LEU BA 288 15.58 -11.21 -49.26
N GLU BA 289 16.87 -11.54 -49.25
CA GLU BA 289 17.65 -11.64 -48.03
C GLU BA 289 18.63 -10.47 -47.97
N ASP BA 290 19.42 -10.45 -46.88
CA ASP BA 290 20.40 -9.39 -46.71
C ASP BA 290 21.55 -9.47 -47.71
N ASN BA 291 21.81 -10.66 -48.26
CA ASN BA 291 22.88 -10.82 -49.23
C ASN BA 291 22.46 -10.49 -50.66
N GLY BA 292 21.19 -10.19 -50.88
CA GLY BA 292 20.68 -9.93 -52.21
C GLY BA 292 20.23 -11.15 -52.97
N ASN BA 293 20.41 -12.35 -52.42
CA ASN BA 293 19.96 -13.57 -53.08
C ASN BA 293 18.50 -13.83 -52.73
N PRO BA 294 17.61 -13.94 -53.72
CA PRO BA 294 16.21 -14.21 -53.41
C PRO BA 294 16.03 -15.57 -52.77
N VAL BA 295 15.03 -15.65 -51.87
CA VAL BA 295 14.78 -16.90 -51.16
C VAL BA 295 13.96 -17.88 -52.00
N GLY BA 296 13.33 -17.41 -53.07
CA GLY BA 296 12.50 -18.25 -53.90
C GLY BA 296 13.29 -19.05 -54.91
N THR BA 297 12.57 -19.89 -55.65
CA THR BA 297 13.17 -20.74 -56.69
C THR BA 297 12.86 -20.23 -58.09
N ARG BA 298 11.59 -19.95 -58.39
CA ARG BA 298 11.20 -19.47 -59.70
C ARG BA 298 10.03 -18.50 -59.55
N ILE BA 299 9.93 -17.59 -60.51
CA ILE BA 299 8.88 -16.57 -60.53
C ILE BA 299 8.02 -16.80 -61.76
N LYS BA 300 6.72 -16.98 -61.56
CA LYS BA 300 5.79 -17.20 -62.65
C LYS BA 300 5.12 -15.92 -63.13
N THR BA 301 4.87 -14.97 -62.23
CA THR BA 301 4.29 -13.69 -62.63
C THR BA 301 5.27 -12.92 -63.50
N PRO BA 302 4.82 -12.34 -64.61
CA PRO BA 302 5.73 -11.61 -65.49
C PRO BA 302 6.38 -10.42 -64.79
N ILE BA 303 7.59 -10.11 -65.21
CA ILE BA 303 8.40 -9.05 -64.60
C ILE BA 303 8.77 -8.04 -65.68
N PRO BA 304 8.75 -6.74 -65.40
CA PRO BA 304 9.11 -5.75 -66.43
C PRO BA 304 10.52 -5.97 -66.93
N SER BA 305 10.72 -5.74 -68.23
CA SER BA 305 12.02 -5.90 -68.84
C SER BA 305 13.01 -4.82 -68.44
N SER BA 306 12.54 -3.73 -67.84
CA SER BA 306 13.43 -2.64 -67.45
C SER BA 306 14.37 -3.02 -66.32
N LEU BA 307 14.09 -4.11 -65.59
CA LEU BA 307 14.96 -4.51 -64.51
C LEU BA 307 16.31 -5.03 -64.99
N ARG BA 308 16.41 -5.45 -66.26
CA ARG BA 308 17.68 -5.92 -66.77
C ARG BA 308 18.72 -4.81 -66.91
N GLN BA 309 18.30 -3.54 -66.78
CA GLN BA 309 19.25 -2.44 -66.82
C GLN BA 309 20.23 -2.53 -65.66
N ARG BA 310 19.75 -2.90 -64.47
CA ARG BA 310 20.58 -3.07 -63.29
C ARG BA 310 20.93 -4.55 -63.19
N GLU BA 311 22.17 -4.89 -63.58
CA GLU BA 311 22.64 -6.26 -63.53
C GLU BA 311 23.61 -6.52 -62.39
N GLY BA 312 24.23 -5.48 -61.83
CA GLY BA 312 25.21 -5.68 -60.78
C GLY BA 312 24.61 -6.23 -59.50
N GLU BA 313 23.40 -5.76 -59.15
CA GLU BA 313 22.76 -6.15 -57.91
C GLU BA 313 21.51 -7.00 -58.11
N PHE BA 314 20.98 -7.09 -59.33
CA PHE BA 314 19.77 -7.87 -59.61
C PHE BA 314 20.08 -9.12 -60.43
N SER BA 315 21.34 -9.54 -60.48
CA SER BA 315 21.69 -10.71 -61.28
C SER BA 315 21.00 -11.97 -60.78
N LYS BA 316 20.97 -12.17 -59.46
CA LYS BA 316 20.34 -13.37 -58.92
C LYS BA 316 18.83 -13.32 -59.04
N VAL BA 317 18.23 -12.13 -58.86
CA VAL BA 317 16.79 -12.01 -58.96
C VAL BA 317 16.31 -12.30 -60.38
N LEU BA 318 17.02 -11.75 -61.38
CA LEU BA 318 16.61 -11.94 -62.77
C LEU BA 318 16.93 -13.34 -63.29
N ALA BA 319 17.82 -14.07 -62.63
CA ALA BA 319 18.19 -15.40 -63.12
C ALA BA 319 17.04 -16.39 -62.98
N ILE BA 320 16.18 -16.21 -61.97
CA ILE BA 320 15.06 -17.11 -61.75
C ILE BA 320 13.78 -16.65 -62.44
N ALA BA 321 13.77 -15.45 -63.02
CA ALA BA 321 12.57 -14.96 -63.68
C ALA BA 321 12.31 -15.74 -64.97
N GLN BA 322 11.02 -15.92 -65.27
CA GLN BA 322 10.59 -16.70 -66.42
C GLN BA 322 10.00 -15.84 -67.53
N ASN BA 323 9.02 -15.00 -67.21
CA ASN BA 323 8.33 -14.18 -68.20
C ASN BA 323 8.73 -12.72 -68.04
N PHE BA 324 9.06 -12.07 -69.14
CA PHE BA 324 9.41 -10.66 -69.16
C PHE BA 324 8.48 -9.90 -70.10
N VAL BA 325 8.02 -8.75 -69.65
CA VAL BA 325 7.12 -7.91 -70.44
C VAL BA 325 7.73 -6.53 -70.66
N GLY CA 9 -19.22 116.22 27.54
CA GLY CA 9 -18.85 114.84 27.83
C GLY CA 9 -18.53 114.03 26.57
N PRO CA 10 -19.57 113.59 25.88
CA PRO CA 10 -19.37 112.78 24.65
C PRO CA 10 -18.93 113.63 23.46
N ARG CA 11 -17.62 113.87 23.38
CA ARG CA 11 -17.07 114.72 22.33
C ARG CA 11 -17.26 114.13 20.94
N ALA CA 12 -17.58 112.84 20.84
CA ALA CA 12 -17.83 112.24 19.53
C ALA CA 12 -19.10 112.77 18.89
N LEU CA 13 -20.04 113.32 19.68
CA LEU CA 13 -21.25 113.88 19.11
C LEU CA 13 -20.96 115.09 18.23
N ASP CA 14 -19.90 115.84 18.54
CA ASP CA 14 -19.51 116.96 17.69
C ASP CA 14 -19.08 116.48 16.31
N LEU CA 15 -18.45 115.31 16.24
CA LEU CA 15 -18.05 114.76 14.94
C LEU CA 15 -19.26 114.38 14.10
N LEU CA 16 -20.37 113.99 14.73
CA LEU CA 16 -21.52 113.51 13.97
C LEU CA 16 -22.18 114.61 13.14
N ARG CA 17 -22.00 115.88 13.50
CA ARG CA 17 -22.58 116.96 12.70
C ARG CA 17 -21.95 117.02 11.32
N ALA CA 18 -20.63 116.88 11.23
CA ALA CA 18 -19.97 116.93 9.94
C ALA CA 18 -20.27 115.69 9.11
N LEU CA 19 -20.32 114.52 9.73
CA LEU CA 19 -20.55 113.28 9.02
C LEU CA 19 -21.98 113.21 8.51
N PRO CA 20 -22.23 112.46 7.44
CA PRO CA 20 -23.59 112.33 6.92
C PRO CA 20 -24.48 111.56 7.88
N ARG CA 21 -25.77 111.55 7.55
CA ARG CA 21 -26.76 110.95 8.43
C ARG CA 21 -26.58 109.44 8.50
N VAL CA 22 -26.89 108.87 9.66
CA VAL CA 22 -26.78 107.44 9.88
C VAL CA 22 -28.08 106.78 9.42
N SER CA 23 -27.97 105.87 8.46
CA SER CA 23 -29.12 105.16 7.93
C SER CA 23 -28.77 103.69 7.81
N LEU CA 24 -29.69 102.90 7.25
CA LEU CA 24 -29.45 101.47 7.11
C LEU CA 24 -28.43 101.17 6.02
N ALA CA 25 -28.13 102.13 5.15
CA ALA CA 25 -27.17 101.88 4.08
C ALA CA 25 -25.74 101.80 4.59
N ASN CA 26 -25.46 102.43 5.73
CA ASN CA 26 -24.10 102.47 6.29
C ASN CA 26 -24.15 102.01 7.75
N LEU CA 27 -24.07 100.70 7.96
CA LEU CA 27 -23.95 100.11 9.29
C LEU CA 27 -22.93 98.99 9.23
N LYS CA 28 -22.04 98.94 10.23
CA LYS CA 28 -21.00 97.94 10.28
C LYS CA 28 -20.99 97.28 11.66
N PRO CA 29 -20.91 95.96 11.73
CA PRO CA 29 -20.78 95.30 13.04
C PRO CA 29 -19.41 95.58 13.63
N ASN CA 30 -19.33 95.41 14.95
CA ASN CA 30 -18.08 95.62 15.66
C ASN CA 30 -17.03 94.65 15.13
N PRO CA 31 -15.84 95.12 14.75
CA PRO CA 31 -14.84 94.23 14.16
C PRO CA 31 -14.43 93.12 15.12
N GLY CA 32 -14.36 91.90 14.61
CA GLY CA 32 -14.02 90.74 15.40
C GLY CA 32 -15.20 90.04 16.03
N SER CA 33 -16.41 90.61 15.94
CA SER CA 33 -17.57 90.00 16.56
C SER CA 33 -18.09 88.81 15.76
N ARG CA 34 -17.85 88.79 14.45
CA ARG CA 34 -18.37 87.75 13.57
C ARG CA 34 -17.21 87.15 12.78
N LYS CA 35 -16.66 86.05 13.26
CA LYS CA 35 -15.65 85.34 12.49
C LYS CA 35 -16.31 84.69 11.29
N PRO CA 36 -15.76 84.88 10.08
CA PRO CA 36 -16.40 84.30 8.89
C PRO CA 36 -16.38 82.78 8.93
N GLU CA 37 -17.41 82.19 8.33
CA GLU CA 37 -17.50 80.74 8.23
C GLU CA 37 -16.69 80.25 7.04
N ARG CA 38 -16.11 79.07 7.19
CA ARG CA 38 -15.29 78.46 6.16
C ARG CA 38 -16.08 77.33 5.50
N ARG CA 39 -16.22 77.40 4.18
CA ARG CA 39 -16.94 76.36 3.48
C ARG CA 39 -15.97 75.49 2.69
N PRO CA 40 -16.27 74.20 2.53
CA PRO CA 40 -15.37 73.29 1.80
C PRO CA 40 -15.46 73.47 0.29
N ARG CA 41 -14.95 74.61 -0.18
CA ARG CA 41 -14.86 74.91 -1.60
C ARG CA 41 -13.48 75.48 -1.90
N GLY CA 42 -12.91 75.07 -3.01
CA GLY CA 42 -11.62 75.58 -3.46
C GLY CA 42 -10.51 74.56 -3.29
N ARG CA 43 -9.30 75.03 -3.58
CA ARG CA 43 -8.13 74.16 -3.50
C ARG CA 43 -7.77 73.84 -2.06
N ARG CA 44 -7.77 74.85 -1.19
CA ARG CA 44 -7.39 74.68 0.21
C ARG CA 44 -8.32 73.70 0.91
N ARG CA 45 -9.60 74.07 1.06
CA ARG CA 45 -10.57 73.20 1.72
C ARG CA 45 -11.33 72.38 0.68
N GLY CA 46 -10.59 71.52 -0.01
CA GLY CA 46 -11.15 70.76 -1.10
C GLY CA 46 -10.53 69.39 -1.21
N ARG CA 47 -11.30 68.46 -1.79
CA ARG CA 47 -10.90 67.11 -2.14
C ARG CA 47 -10.73 66.24 -0.90
N LYS CA 48 -10.72 66.86 0.27
CA LYS CA 48 -10.83 66.15 1.55
C LYS CA 48 -11.78 66.81 2.52
N CYS CA 49 -12.01 68.12 2.44
CA CYS CA 49 -12.94 68.85 3.29
C CYS CA 49 -12.56 68.74 4.76
N GLY CA 50 -11.29 68.48 5.05
CA GLY CA 50 -10.83 68.44 6.43
C GLY CA 50 -11.28 67.23 7.22
N ARG CA 51 -11.51 66.10 6.55
CA ARG CA 51 -11.95 64.88 7.23
C ARG CA 51 -10.80 63.90 7.45
N GLY CA 52 -10.11 63.53 6.38
CA GLY CA 52 -9.01 62.59 6.47
C GLY CA 52 -8.95 61.72 5.22
N HIS CA 53 -8.23 60.62 5.34
CA HIS CA 53 -8.05 59.67 4.24
C HIS CA 53 -8.41 58.27 4.72
N LYS CA 54 -9.61 57.80 4.36
CA LYS CA 54 -10.07 56.45 4.65
C LYS CA 54 -10.18 56.19 6.15
N GLY CA 55 -10.73 55.04 6.52
CA GLY CA 55 -10.94 54.71 7.91
C GLY CA 55 -12.31 55.12 8.40
N GLU CA 56 -12.42 55.24 9.72
CA GLU CA 56 -13.64 55.73 10.33
C GLU CA 56 -13.64 57.25 10.48
N ARG CA 57 -12.55 57.92 10.09
CA ARG CA 57 -12.51 59.37 10.16
C ARG CA 57 -13.24 60.00 8.97
N GLN CA 58 -12.84 59.63 7.76
CA GLN CA 58 -13.45 60.20 6.56
C GLN CA 58 -14.89 59.72 6.36
N ARG CA 59 -15.22 58.52 6.83
CA ARG CA 59 -16.55 57.97 6.65
C ARG CA 59 -17.46 58.25 7.85
N GLY CA 60 -16.94 58.87 8.90
CA GLY CA 60 -17.77 59.30 10.02
C GLY CA 60 -18.48 58.20 10.76
N THR CA 61 -17.76 57.12 11.09
CA THR CA 61 -18.34 56.03 11.86
C THR CA 61 -17.42 55.62 13.00
N ARG CA 62 -16.70 56.58 13.57
CA ARG CA 62 -15.84 56.29 14.71
C ARG CA 62 -16.68 55.95 15.93
N PRO CA 63 -16.12 55.21 16.90
CA PRO CA 63 -16.94 54.71 18.01
C PRO CA 63 -17.47 55.80 18.91
N ARG CA 64 -18.20 55.39 19.95
CA ARG CA 64 -18.79 56.32 20.90
C ARG CA 64 -17.70 57.02 21.71
N LEU CA 65 -18.13 57.94 22.57
CA LEU CA 65 -17.20 58.68 23.41
C LEU CA 65 -16.80 57.84 24.62
N GLY CA 66 -15.50 57.75 24.87
CA GLY CA 66 -14.99 56.95 25.96
C GLY CA 66 -14.65 55.52 25.62
N PHE CA 67 -14.64 55.17 24.34
CA PHE CA 67 -14.35 53.81 23.89
C PHE CA 67 -12.92 53.79 23.34
N GLU CA 68 -12.08 52.93 23.91
CA GLU CA 68 -10.66 52.89 23.60
C GLU CA 68 -10.27 51.72 22.72
N GLY CA 69 -11.19 51.22 21.90
CA GLY CA 69 -10.86 50.18 20.94
C GLY CA 69 -10.72 48.80 21.55
N GLY CA 70 -11.80 48.27 22.11
CA GLY CA 70 -11.79 46.93 22.66
C GLY CA 70 -11.25 46.86 24.07
N GLN CA 71 -10.21 47.64 24.35
CA GLN CA 71 -9.67 47.71 25.70
C GLN CA 71 -10.72 48.24 26.66
N THR CA 72 -10.71 47.73 27.88
CA THR CA 72 -11.69 48.16 28.87
C THR CA 72 -11.57 49.66 29.10
N PRO CA 73 -12.65 50.42 29.00
CA PRO CA 73 -12.55 51.88 29.08
C PRO CA 73 -12.11 52.32 30.47
N PHE CA 74 -11.56 53.55 30.51
CA PHE CA 74 -11.08 54.09 31.77
C PHE CA 74 -12.19 54.26 32.79
N TYR CA 75 -13.39 54.63 32.34
CA TYR CA 75 -14.51 54.84 33.24
C TYR CA 75 -15.20 53.55 33.64
N LEU CA 76 -14.72 52.40 33.15
CA LEU CA 76 -15.27 51.11 33.53
C LEU CA 76 -14.32 50.26 34.36
N ARG CA 77 -13.05 50.65 34.48
CA ARG CA 77 -12.08 49.90 35.26
C ARG CA 77 -11.81 50.54 36.61
N ILE CA 78 -12.63 51.48 37.04
CA ILE CA 78 -12.51 52.12 38.35
C ILE CA 78 -13.65 51.62 39.24
N PRO CA 79 -13.37 51.06 40.41
CA PRO CA 79 -14.44 50.48 41.22
C PRO CA 79 -15.44 51.52 41.67
N LYS CA 80 -16.70 51.10 41.76
CA LYS CA 80 -17.77 51.99 42.19
C LYS CA 80 -17.61 52.34 43.67
N TYR CA 81 -17.74 53.63 43.98
CA TYR CA 81 -17.75 54.10 45.35
C TYR CA 81 -18.83 55.17 45.47
N GLY CA 82 -19.37 55.33 46.68
CA GLY CA 82 -20.46 56.25 46.85
C GLY CA 82 -20.00 57.67 47.12
N PHE CA 83 -19.88 58.46 46.06
CA PHE CA 83 -19.62 59.90 46.17
C PHE CA 83 -20.89 60.71 46.00
N ASN CA 84 -21.74 60.32 45.05
CA ASN CA 84 -23.02 60.96 44.82
C ASN CA 84 -24.18 60.11 45.30
N GLU CA 85 -23.93 59.20 46.24
CA GLU CA 85 -24.97 58.31 46.75
C GLU CA 85 -25.98 59.11 47.54
N GLY CA 86 -27.21 59.18 47.01
CA GLY CA 86 -28.26 59.92 47.69
C GLY CA 86 -28.06 61.41 47.69
N HIS CA 87 -27.33 61.95 46.72
CA HIS CA 87 -27.09 63.39 46.67
C HIS CA 87 -28.38 64.17 46.44
N SER CA 88 -29.36 63.57 45.76
CA SER CA 88 -30.62 64.24 45.50
C SER CA 88 -31.47 64.41 46.75
N PHE CA 89 -31.08 63.80 47.86
CA PHE CA 89 -31.82 63.92 49.11
C PHE CA 89 -31.04 64.63 50.20
N ARG CA 90 -29.78 64.99 49.96
CA ARG CA 90 -29.02 65.76 50.93
C ARG CA 90 -29.48 67.22 50.92
N HIS CA 91 -29.70 67.76 52.11
CA HIS CA 91 -30.15 69.14 52.25
C HIS CA 91 -29.01 70.10 51.93
N GLN CA 92 -29.35 71.20 51.25
CA GLN CA 92 -28.39 72.23 50.90
C GLN CA 92 -28.82 73.56 51.50
N TYR CA 93 -27.85 74.32 52.00
CA TYR CA 93 -28.10 75.62 52.63
C TYR CA 93 -27.23 76.67 51.97
N GLN CA 94 -27.85 77.71 51.44
CA GLN CA 94 -27.09 78.80 50.83
C GLN CA 94 -26.37 79.60 51.90
N PRO CA 95 -25.06 79.77 51.79
CA PRO CA 95 -24.33 80.50 52.84
C PRO CA 95 -24.50 82.00 52.73
N LEU CA 96 -24.61 82.65 53.88
CA LEU CA 96 -24.68 84.10 53.98
C LEU CA 96 -23.59 84.57 54.94
N SER CA 97 -22.76 85.49 54.48
CA SER CA 97 -21.66 86.01 55.29
C SER CA 97 -22.06 87.32 55.94
N LEU CA 98 -21.54 87.54 57.15
CA LEU CA 98 -21.81 88.79 57.86
C LEU CA 98 -21.22 89.99 57.14
N ASN CA 99 -20.17 89.79 56.33
CA ASN CA 99 -19.66 90.88 55.51
C ASN CA 99 -20.71 91.34 54.50
N ARG CA 100 -21.42 90.39 53.87
CA ARG CA 100 -22.49 90.77 52.95
C ARG CA 100 -23.70 91.30 53.70
N LEU CA 101 -23.98 90.74 54.88
CA LEU CA 101 -25.10 91.22 55.67
C LEU CA 101 -24.89 92.67 56.10
N GLN CA 102 -23.66 93.01 56.49
CA GLN CA 102 -23.33 94.41 56.76
C GLN CA 102 -23.40 95.23 55.48
N TYR CA 103 -22.99 94.66 54.36
CA TYR CA 103 -23.01 95.38 53.09
C TYR CA 103 -24.44 95.73 52.68
N LEU CA 104 -25.38 94.81 52.87
CA LEU CA 104 -26.77 95.09 52.51
C LEU CA 104 -27.36 96.22 53.34
N ILE CA 105 -27.07 96.23 54.64
CA ILE CA 105 -27.67 97.23 55.52
C ILE CA 105 -27.15 98.63 55.20
N ASP CA 106 -25.85 98.74 54.93
CA ASP CA 106 -25.26 100.05 54.68
C ASP CA 106 -25.81 100.69 53.41
N LEU CA 107 -26.17 99.89 52.42
CA LEU CA 107 -26.69 100.39 51.14
C LEU CA 107 -28.21 100.46 51.12
N GLY CA 108 -28.88 100.16 52.23
CA GLY CA 108 -30.32 100.23 52.27
C GLY CA 108 -31.05 99.08 51.64
N ARG CA 109 -30.34 98.00 51.30
CA ARG CA 109 -31.01 96.83 50.71
C ARG CA 109 -32.00 96.22 51.69
N VAL CA 110 -31.63 96.13 52.97
CA VAL CA 110 -32.51 95.70 54.04
C VAL CA 110 -32.40 96.70 55.18
N ASP CA 111 -33.40 96.70 56.05
CA ASP CA 111 -33.42 97.63 57.16
C ASP CA 111 -33.54 96.90 58.49
N PRO CA 112 -32.74 97.30 59.49
CA PRO CA 112 -32.84 96.66 60.81
C PRO CA 112 -34.06 97.08 61.61
N THR CA 113 -34.75 98.15 61.22
CA THR CA 113 -35.93 98.58 61.97
C THR CA 113 -37.04 97.53 61.91
N GLN CA 114 -37.25 96.93 60.75
CA GLN CA 114 -38.18 95.86 60.45
C GLN CA 114 -37.50 94.51 60.66
N PRO CA 115 -38.18 93.52 61.23
CA PRO CA 115 -37.55 92.20 61.40
C PRO CA 115 -37.15 91.60 60.06
N ILE CA 116 -36.01 90.93 60.05
CA ILE CA 116 -35.44 90.36 58.83
C ILE CA 116 -35.60 88.86 58.89
N ASP CA 117 -36.17 88.29 57.82
CA ASP CA 117 -36.33 86.85 57.68
C ASP CA 117 -35.86 86.49 56.28
N LEU CA 118 -36.18 85.27 55.84
CA LEU CA 118 -35.75 84.84 54.51
C LEU CA 118 -36.40 85.67 53.41
N THR CA 119 -37.67 86.01 53.58
CA THR CA 119 -38.38 86.75 52.54
C THR CA 119 -37.75 88.11 52.29
N GLN CA 120 -37.38 88.82 53.35
CA GLN CA 120 -36.78 90.14 53.19
C GLN CA 120 -35.42 90.06 52.50
N LEU CA 121 -34.65 89.00 52.77
CA LEU CA 121 -33.37 88.83 52.10
C LEU CA 121 -33.53 88.65 50.59
N VAL CA 122 -34.53 87.86 50.18
CA VAL CA 122 -34.75 87.63 48.76
C VAL CA 122 -35.14 88.92 48.06
N ASN CA 123 -36.06 89.69 48.67
CA ASN CA 123 -36.47 90.95 48.06
C ASN CA 123 -35.33 91.95 48.00
N GLY CA 124 -34.34 91.82 48.88
CA GLY CA 124 -33.16 92.65 48.87
C GLY CA 124 -32.06 92.16 47.96
N ARG CA 125 -32.30 91.10 47.19
CA ARG CA 125 -31.33 90.53 46.25
C ARG CA 125 -30.06 90.10 46.97
N GLY CA 126 -30.17 89.74 48.24
CA GLY CA 126 -29.00 89.31 48.99
C GLY CA 126 -28.60 87.88 48.65
N VAL CA 127 -29.57 86.96 48.76
CA VAL CA 127 -29.36 85.56 48.44
C VAL CA 127 -30.49 85.09 47.56
N THR CA 128 -30.20 84.08 46.74
CA THR CA 128 -31.19 83.47 45.85
C THR CA 128 -31.36 82.01 46.26
N ILE CA 129 -32.60 81.59 46.47
CA ILE CA 129 -32.93 80.26 46.94
C ILE CA 129 -33.69 79.53 45.84
N GLN CA 130 -33.24 78.32 45.50
CA GLN CA 130 -33.92 77.47 44.53
C GLN CA 130 -34.53 76.30 45.28
N PRO CA 131 -35.83 76.31 45.55
CA PRO CA 131 -36.44 75.18 46.29
C PRO CA 131 -36.30 73.85 45.58
N SER CA 132 -36.27 73.85 44.25
CA SER CA 132 -36.20 72.60 43.50
C SER CA 132 -34.88 71.89 43.74
N LYS CA 133 -33.78 72.63 43.81
CA LYS CA 133 -32.45 72.03 43.97
C LYS CA 133 -32.14 71.66 45.40
N ARG CA 134 -33.14 71.17 46.14
CA ARG CA 134 -32.97 70.69 47.51
C ARG CA 134 -32.27 71.72 48.40
N ASP CA 135 -32.74 72.96 48.32
CA ASP CA 135 -32.30 74.02 49.22
C ASP CA 135 -33.32 74.15 50.35
N TYR CA 136 -32.84 74.12 51.59
CA TYR CA 136 -33.71 74.22 52.75
C TYR CA 136 -33.60 75.56 53.47
N GLY CA 137 -32.95 76.55 52.87
CA GLY CA 137 -32.89 77.86 53.48
C GLY CA 137 -31.48 78.42 53.40
N VAL CA 138 -31.19 79.34 54.32
CA VAL CA 138 -29.94 80.08 54.35
C VAL CA 138 -29.25 79.80 55.68
N GLN CA 139 -27.96 79.47 55.62
CA GLN CA 139 -27.16 79.25 56.82
C GLN CA 139 -26.27 80.46 57.05
N LEU CA 140 -26.13 80.85 58.32
CA LEU CA 140 -25.32 82.00 58.70
C LEU CA 140 -23.89 81.54 58.95
N VAL CA 141 -22.93 82.20 58.30
CA VAL CA 141 -21.52 81.91 58.49
C VAL CA 141 -20.88 83.12 59.16
N GLU CA 142 -19.66 82.92 59.65
CA GLU CA 142 -18.98 83.89 60.50
C GLU CA 142 -17.78 84.52 59.79
N GLU CA 143 -17.90 84.76 58.49
CA GLU CA 143 -16.77 85.32 57.74
C GLU CA 143 -16.46 86.74 58.17
N GLY CA 144 -17.49 87.54 58.45
CA GLY CA 144 -17.28 88.92 58.83
C GLY CA 144 -17.74 89.26 60.24
N ALA CA 145 -17.46 88.36 61.18
CA ALA CA 145 -17.91 88.57 62.55
C ALA CA 145 -17.13 89.70 63.22
N ASP CA 146 -15.92 89.99 62.76
CA ASP CA 146 -15.11 91.01 63.43
C ASP CA 146 -15.64 92.42 63.17
N THR CA 147 -16.13 92.68 61.97
CA THR CA 147 -16.57 94.02 61.58
C THR CA 147 -18.08 94.15 61.52
N PHE CA 148 -18.81 93.29 62.22
CA PHE CA 148 -20.27 93.33 62.21
C PHE CA 148 -20.74 94.23 63.34
N LYS CA 149 -21.30 95.39 63.00
CA LYS CA 149 -21.71 96.38 63.98
C LYS CA 149 -23.21 96.66 63.94
N ALA CA 150 -23.99 95.85 63.24
CA ALA CA 150 -25.42 96.08 63.11
C ALA CA 150 -26.18 95.37 64.23
N LYS CA 151 -27.43 95.79 64.40
CA LYS CA 151 -28.34 95.21 65.40
C LYS CA 151 -29.63 94.82 64.70
N VAL CA 152 -29.81 93.52 64.46
CA VAL CA 152 -30.94 93.01 63.69
C VAL CA 152 -31.56 91.83 64.42
N ASN CA 153 -32.80 91.53 64.05
CA ASN CA 153 -33.51 90.32 64.46
C ASN CA 153 -33.64 89.46 63.21
N ILE CA 154 -32.64 88.63 62.96
CA ILE CA 154 -32.55 87.84 61.73
C ILE CA 154 -32.93 86.41 62.03
N GLU CA 155 -33.74 85.83 61.14
CA GLU CA 155 -34.19 84.44 61.26
C GLU CA 155 -33.67 83.67 60.06
N VAL CA 156 -32.91 82.61 60.32
CA VAL CA 156 -32.29 81.79 59.30
C VAL CA 156 -32.66 80.33 59.57
N GLN CA 157 -32.10 79.44 58.74
CA GLN CA 157 -32.35 78.01 58.88
C GLN CA 157 -31.18 77.26 59.47
N MET CA 158 -30.02 77.89 59.61
CA MET CA 158 -28.86 77.28 60.24
C MET CA 158 -27.90 78.39 60.65
N ALA CA 159 -27.29 78.22 61.82
CA ALA CA 159 -26.38 79.23 62.35
C ALA CA 159 -25.17 78.55 62.97
N SER CA 160 -24.07 79.28 63.03
CA SER CA 160 -22.83 78.80 63.63
C SER CA 160 -22.63 79.44 65.00
N GLU CA 161 -21.69 78.88 65.76
CA GLU CA 161 -21.42 79.39 67.10
C GLU CA 161 -20.89 80.82 67.06
N LEU CA 162 -19.98 81.10 66.14
CA LEU CA 162 -19.40 82.45 66.07
C LEU CA 162 -20.38 83.44 65.46
N ALA CA 163 -21.19 83.01 64.50
CA ALA CA 163 -22.16 83.91 63.88
C ALA CA 163 -23.19 84.37 64.90
N ILE CA 164 -23.67 83.45 65.75
CA ILE CA 164 -24.62 83.83 66.80
C ILE CA 164 -23.97 84.78 67.80
N ALA CA 165 -22.73 84.49 68.19
CA ALA CA 165 -22.04 85.32 69.17
C ALA CA 165 -21.83 86.74 68.64
N ALA CA 166 -21.49 86.87 67.36
CA ALA CA 166 -21.25 88.19 66.79
C ALA CA 166 -22.49 89.05 66.82
N ILE CA 167 -23.65 88.48 66.49
CA ILE CA 167 -24.88 89.26 66.46
C ILE CA 167 -25.30 89.64 67.88
N GLU CA 168 -25.25 88.68 68.81
CA GLU CA 168 -25.67 88.94 70.18
C GLU CA 168 -24.77 89.94 70.88
N LYS CA 169 -23.56 90.16 70.39
CA LYS CA 169 -22.68 91.17 70.99
C LYS CA 169 -23.27 92.56 70.86
N ASN CA 170 -23.83 92.88 69.69
CA ASN CA 170 -24.45 94.18 69.47
C ASN CA 170 -25.87 94.26 70.02
N GLY CA 171 -26.43 93.14 70.47
CA GLY CA 171 -27.78 93.11 70.99
C GLY CA 171 -28.84 92.63 70.02
N GLY CA 172 -28.52 91.68 69.16
CA GLY CA 172 -29.48 91.13 68.22
C GLY CA 172 -30.12 89.85 68.73
N VAL CA 173 -30.99 89.29 67.89
CA VAL CA 173 -31.67 88.04 68.18
C VAL CA 173 -31.53 87.13 66.97
N VAL CA 174 -31.10 85.90 67.21
CA VAL CA 174 -30.92 84.90 66.16
C VAL CA 174 -31.82 83.72 66.47
N THR CA 175 -32.60 83.29 65.48
CA THR CA 175 -33.50 82.16 65.63
C THR CA 175 -33.44 81.31 64.37
N THR CA 176 -33.36 80.00 64.56
CA THR CA 176 -33.29 79.05 63.46
C THR CA 176 -34.62 78.34 63.32
N ALA CA 177 -35.16 78.33 62.11
CA ALA CA 177 -36.45 77.70 61.83
C ALA CA 177 -36.33 76.82 60.59
N PHE CA 178 -37.11 75.75 60.57
CA PHE CA 178 -37.13 74.80 59.47
C PHE CA 178 -38.29 75.10 58.54
N TYR CA 179 -38.04 75.00 57.23
CA TYR CA 179 -39.06 75.23 56.22
C TYR CA 179 -39.10 74.04 55.28
N ASP CA 180 -40.29 73.45 55.14
CA ASP CA 180 -40.49 72.39 54.18
C ASP CA 180 -40.36 72.93 52.76
N PRO CA 181 -39.88 72.13 51.81
CA PRO CA 181 -39.80 72.61 50.42
C PRO CA 181 -41.11 73.13 49.86
N ARG CA 182 -42.23 72.50 50.22
CA ARG CA 182 -43.53 73.04 49.82
C ARG CA 182 -43.75 74.43 50.39
N SER CA 183 -43.40 74.62 51.67
CA SER CA 183 -43.54 75.92 52.29
C SER CA 183 -42.43 76.89 51.86
N LEU CA 184 -41.23 76.38 51.63
CA LEU CA 184 -40.12 77.25 51.27
C LEU CA 184 -40.34 77.90 49.91
N GLU CA 185 -40.93 77.17 48.97
CA GLU CA 185 -41.24 77.74 47.66
C GLU CA 185 -42.21 78.91 47.81
N ILE CA 186 -43.20 78.77 48.68
CA ILE CA 186 -44.12 79.87 48.95
C ILE CA 186 -43.40 81.04 49.61
N LEU CA 187 -42.53 80.74 50.58
CA LEU CA 187 -41.88 81.80 51.35
C LEU CA 187 -40.96 82.64 50.47
N CYS CA 188 -40.16 82.00 49.62
CA CYS CA 188 -39.21 82.74 48.80
C CYS CA 188 -39.90 83.56 47.72
N LYS CA 189 -41.03 83.08 47.20
CA LYS CA 189 -41.78 83.76 46.15
C LYS CA 189 -43.22 83.90 46.61
N PRO CA 190 -43.51 84.88 47.48
CA PRO CA 190 -44.88 85.00 48.00
C PRO CA 190 -45.87 85.53 46.97
N VAL CA 191 -45.47 86.53 46.18
CA VAL CA 191 -46.41 87.10 45.20
C VAL CA 191 -46.88 86.08 44.17
N PRO CA 192 -46.01 85.26 43.57
CA PRO CA 192 -46.53 84.22 42.66
C PRO CA 192 -47.49 83.24 43.35
N PHE CA 193 -47.26 82.93 44.63
CA PHE CA 193 -48.16 82.03 45.33
C PHE CA 193 -49.56 82.63 45.48
N PHE CA 194 -49.63 83.91 45.84
CA PHE CA 194 -50.93 84.55 46.03
C PHE CA 194 -51.74 84.62 44.73
N LEU CA 195 -51.07 84.49 43.59
CA LEU CA 195 -51.74 84.49 42.30
C LEU CA 195 -52.21 83.09 41.89
N ARG CA 196 -51.94 82.07 42.70
CA ARG CA 196 -52.43 80.73 42.42
C ARG CA 196 -53.81 80.48 43.00
N GLY CA 197 -54.34 81.40 43.81
CA GLY CA 197 -55.68 81.24 44.35
C GLY CA 197 -55.85 80.04 45.25
N GLN CA 198 -54.89 79.81 46.15
CA GLN CA 198 -54.95 78.68 47.05
C GLN CA 198 -54.77 79.15 48.49
N PRO CA 199 -55.39 78.45 49.44
CA PRO CA 199 -55.19 78.81 50.85
C PRO CA 199 -53.75 78.59 51.28
N ILE CA 200 -53.30 79.42 52.22
CA ILE CA 200 -51.95 79.28 52.77
C ILE CA 200 -51.91 78.02 53.62
N PRO CA 201 -50.99 77.10 53.34
CA PRO CA 201 -50.95 75.83 54.07
C PRO CA 201 -50.04 75.89 55.29
N LYS CA 202 -50.26 74.94 56.19
CA LYS CA 202 -49.47 74.87 57.41
C LYS CA 202 -48.03 74.48 57.10
N ARG CA 203 -47.10 75.05 57.87
CA ARG CA 203 -45.70 74.69 57.74
C ARG CA 203 -45.46 73.34 58.42
N MET CA 204 -44.82 72.43 57.70
CA MET CA 204 -44.64 71.08 58.19
C MET CA 204 -43.51 71.01 59.22
N LEU CA 205 -43.58 69.98 60.06
CA LEU CA 205 -42.58 69.78 61.10
C LEU CA 205 -41.28 69.25 60.50
N PRO CA 206 -40.14 69.51 61.15
CA PRO CA 206 -38.88 68.97 60.65
C PRO CA 206 -38.86 67.46 60.77
N PRO CA 207 -38.12 66.77 59.90
CA PRO CA 207 -38.01 65.31 60.00
C PRO CA 207 -37.25 64.91 61.25
N GLU CA 208 -37.27 63.60 61.52
CA GLU CA 208 -36.64 63.08 62.72
C GLU CA 208 -35.14 63.39 62.76
N ALA CA 209 -34.51 63.51 61.59
CA ALA CA 209 -33.08 63.76 61.55
C ALA CA 209 -32.74 65.15 62.08
N LEU CA 210 -33.58 66.14 61.79
CA LEU CA 210 -33.31 67.53 62.15
C LEU CA 210 -33.99 67.97 63.44
N VAL CA 211 -34.65 67.05 64.14
CA VAL CA 211 -35.30 67.40 65.41
C VAL CA 211 -34.29 67.89 66.44
N PRO CA 212 -33.17 67.19 66.71
CA PRO CA 212 -32.25 67.68 67.75
C PRO CA 212 -31.66 69.05 67.44
N TYR CA 213 -31.43 69.38 66.18
CA TYR CA 213 -30.80 70.66 65.86
C TYR CA 213 -31.69 71.84 66.23
N TYR CA 214 -33.00 71.72 65.97
CA TYR CA 214 -33.93 72.81 66.24
C TYR CA 214 -34.57 72.71 67.62
N THR CA 215 -34.26 71.67 68.39
CA THR CA 215 -34.79 71.53 69.74
C THR CA 215 -33.83 72.02 70.81
N ASP CA 216 -32.53 71.82 70.63
CA ASP CA 216 -31.56 72.31 71.59
C ASP CA 216 -31.50 73.83 71.57
N ALA CA 217 -31.23 74.42 72.73
CA ALA CA 217 -31.13 75.87 72.86
C ALA CA 217 -29.79 76.41 72.40
N LYS CA 218 -28.78 75.55 72.21
CA LYS CA 218 -27.49 76.03 71.76
C LYS CA 218 -27.55 76.60 70.35
N ASN CA 219 -28.43 76.07 69.51
CA ASN CA 219 -28.61 76.55 68.14
C ASN CA 219 -29.70 77.60 68.03
N ARG CA 220 -30.29 78.03 69.15
CA ARG CA 220 -31.38 78.99 69.15
C ARG CA 220 -32.55 78.49 68.31
N GLY CA 221 -32.93 77.23 68.51
CA GLY CA 221 -33.99 76.65 67.71
C GLY CA 221 -35.33 77.33 67.96
N TYR CA 222 -36.14 77.40 66.89
CA TYR CA 222 -37.47 77.99 67.02
C TYR CA 222 -38.38 77.13 67.89
N LEU CA 223 -38.16 75.83 67.92
CA LEU CA 223 -38.95 74.92 68.72
C LEU CA 223 -38.35 74.69 70.10
N ALA CA 224 -37.24 75.35 70.43
CA ALA CA 224 -36.57 75.15 71.69
C ALA CA 224 -37.37 75.76 72.84
N ASP CA 225 -37.11 75.25 74.04
CA ASP CA 225 -37.76 75.77 75.24
C ASP CA 225 -37.22 77.17 75.55
N PRO CA 226 -38.05 78.19 75.62
CA PRO CA 226 -37.53 79.56 75.81
C PRO CA 226 -36.86 79.77 77.16
N ALA CA 227 -37.14 78.93 78.15
CA ALA CA 227 -36.55 79.11 79.48
C ALA CA 227 -35.05 78.90 79.48
N ARG CA 228 -34.52 78.09 78.56
CA ARG CA 228 -33.09 77.80 78.52
C ARG CA 228 -32.31 78.75 77.63
N PHE CA 229 -32.97 79.66 76.93
CA PHE CA 229 -32.25 80.66 76.14
C PHE CA 229 -31.40 81.59 77.00
N PRO CA 230 -31.91 82.20 78.09
CA PRO CA 230 -31.07 83.16 78.82
C PRO CA 230 -29.78 82.57 79.37
N GLU CA 231 -29.81 81.32 79.83
CA GLU CA 231 -28.58 80.69 80.30
C GLU CA 231 -27.66 80.32 79.15
N ALA CA 232 -28.22 79.96 78.00
CA ALA CA 232 -27.40 79.66 76.85
C ALA CA 232 -26.76 80.92 76.27
N ARG CA 233 -27.49 82.03 76.28
CA ARG CA 233 -26.93 83.28 75.78
C ARG CA 233 -25.74 83.73 76.63
N LEU CA 234 -25.84 83.58 77.95
CA LEU CA 234 -24.75 84.00 78.83
C LEU CA 234 -23.53 83.12 78.66
N GLU CA 235 -23.71 81.86 78.26
CA GLU CA 235 -22.56 81.01 77.99
C GLU CA 235 -21.74 81.54 76.83
N LEU CA 236 -22.41 82.01 75.77
CA LEU CA 236 -21.69 82.63 74.66
C LEU CA 236 -20.99 83.90 75.10
N ALA CA 237 -21.64 84.69 75.95
CA ALA CA 237 -21.03 85.92 76.44
C ALA CA 237 -19.76 85.63 77.24
N ARG CA 238 -19.81 84.62 78.11
CA ARG CA 238 -18.63 84.25 78.89
C ARG CA 238 -17.53 83.68 78.00
N LYS CA 239 -17.91 82.87 77.01
CA LYS CA 239 -16.92 82.17 76.20
C LYS CA 239 -16.08 83.15 75.39
N TYR CA 240 -16.71 84.16 74.78
CA TYR CA 240 -16.01 85.13 73.95
C TYR CA 240 -15.71 86.43 74.67
N GLY CA 241 -16.06 86.54 75.95
CA GLY CA 241 -15.69 87.69 76.75
C GLY CA 241 -16.29 89.01 76.31
N TYR CA 242 -17.58 89.02 76.00
CA TYR CA 242 -18.29 90.26 75.66
C TYR CA 242 -19.48 90.39 76.59
N VAL CA 243 -19.73 91.62 77.05
CA VAL CA 243 -20.82 91.87 77.98
C VAL CA 243 -22.15 91.68 77.27
N LEU CA 244 -23.04 90.89 77.86
CA LEU CA 244 -24.32 90.59 77.25
C LEU CA 244 -25.28 91.75 77.49
N PRO CA 245 -25.76 92.43 76.46
CA PRO CA 245 -26.69 93.54 76.67
C PRO CA 245 -28.04 93.06 77.19
N ASP CA 246 -28.71 93.95 77.92
CA ASP CA 246 -30.07 93.68 78.39
C ASP CA 246 -31.04 94.15 77.31
N ILE CA 247 -31.49 93.22 76.48
CA ILE CA 247 -32.31 93.59 75.33
C ILE CA 247 -33.69 94.08 75.74
N THR CA 248 -34.13 93.77 76.96
CA THR CA 248 -35.45 94.19 77.41
C THR CA 248 -35.56 95.70 77.61
N LYS CA 249 -34.43 96.40 77.77
CA LYS CA 249 -34.44 97.82 78.07
C LYS CA 249 -34.36 98.69 76.81
N ASP CA 250 -34.31 98.10 75.63
CA ASP CA 250 -34.24 98.88 74.40
C ASP CA 250 -35.64 99.19 73.89
N GLU CA 251 -35.75 100.32 73.18
CA GLU CA 251 -37.04 100.79 72.68
C GLU CA 251 -37.58 99.92 71.55
N LEU CA 252 -36.75 99.06 70.96
CA LEU CA 252 -37.17 98.17 69.89
C LEU CA 252 -37.41 96.75 70.37
N PHE CA 253 -37.68 96.57 71.67
CA PHE CA 253 -37.86 95.23 72.21
C PHE CA 253 -39.08 94.55 71.60
N LYS CA 254 -40.13 95.33 71.29
CA LYS CA 254 -41.33 94.75 70.70
C LYS CA 254 -41.02 94.14 69.33
N MET CA 255 -40.21 94.83 68.53
CA MET CA 255 -39.85 94.30 67.22
C MET CA 255 -38.91 93.11 67.33
N LEU CA 256 -37.96 93.17 68.26
CA LEU CA 256 -36.97 92.11 68.39
C LEU CA 256 -37.53 90.83 68.99
N SER CA 257 -38.68 90.90 69.66
CA SER CA 257 -39.31 89.73 70.25
C SER CA 257 -40.33 89.07 69.33
N THR CA 258 -40.55 89.63 68.13
CA THR CA 258 -41.54 89.07 67.21
C THR CA 258 -41.06 87.72 66.69
N ARG CA 259 -41.94 86.73 66.72
CA ARG CA 259 -41.64 85.39 66.21
C ARG CA 259 -42.83 84.89 65.42
N LYS CA 260 -42.70 83.67 64.91
CA LYS CA 260 -43.75 83.02 64.13
C LYS CA 260 -44.18 81.74 64.82
N ASP CA 261 -45.47 81.40 64.68
CA ASP CA 261 -45.93 80.11 65.12
C ASP CA 261 -45.29 79.02 64.27
N PRO CA 262 -45.03 77.85 64.86
CA PRO CA 262 -44.45 76.75 64.06
C PRO CA 262 -45.30 76.35 62.86
N ARG CA 263 -46.61 76.54 62.93
CA ARG CA 263 -47.50 76.26 61.81
C ARG CA 263 -47.74 77.47 60.93
N GLN CA 264 -47.06 78.57 61.19
CA GLN CA 264 -47.29 79.84 60.49
C GLN CA 264 -46.13 80.12 59.54
N ILE CA 265 -46.45 80.71 58.39
CA ILE CA 265 -45.44 81.00 57.38
C ILE CA 265 -45.02 82.46 57.44
N PHE CA 266 -45.97 83.37 57.22
CA PHE CA 266 -45.68 84.80 57.17
C PHE CA 266 -45.99 85.48 58.50
N PHE CA 267 -45.58 86.74 58.60
CA PHE CA 267 -45.87 87.54 59.79
C PHE CA 267 -47.32 88.01 59.74
N GLY CA 268 -48.07 87.70 60.80
CA GLY CA 268 -49.43 88.19 60.94
C GLY CA 268 -50.48 87.44 60.15
N LEU CA 269 -50.08 86.52 59.29
CA LEU CA 269 -51.03 85.73 58.50
C LEU CA 269 -51.19 84.36 59.14
N ALA CA 270 -52.25 83.67 58.73
CA ALA CA 270 -52.61 82.39 59.32
C ALA CA 270 -52.93 81.38 58.22
N PRO CA 271 -52.72 80.09 58.51
CA PRO CA 271 -53.13 79.06 57.54
C PRO CA 271 -54.63 79.11 57.29
N GLY CA 272 -55.01 78.86 56.04
CA GLY CA 272 -56.39 78.93 55.63
C GLY CA 272 -56.84 80.26 55.10
N TRP CA 273 -56.02 81.31 55.23
CA TRP CA 273 -56.38 82.61 54.69
C TRP CA 273 -56.09 82.66 53.19
N VAL CA 274 -57.01 83.26 52.45
CA VAL CA 274 -56.87 83.45 51.01
C VAL CA 274 -56.70 84.95 50.75
N VAL CA 275 -55.62 85.31 50.08
CA VAL CA 275 -55.29 86.70 49.82
C VAL CA 275 -55.79 87.06 48.43
N ASN CA 276 -56.81 87.91 48.37
CA ASN CA 276 -57.35 88.39 47.09
C ASN CA 276 -56.66 89.71 46.77
N MET CA 277 -55.54 89.61 46.04
CA MET CA 277 -54.72 90.79 45.77
C MET CA 277 -55.45 91.81 44.90
N ALA CA 278 -56.37 91.36 44.03
CA ALA CA 278 -57.06 92.29 43.16
C ALA CA 278 -57.93 93.26 43.95
N ASP CA 279 -58.65 92.77 44.95
CA ASP CA 279 -59.51 93.60 45.77
C ASP CA 279 -58.84 94.10 47.04
N LYS CA 280 -57.59 93.70 47.29
CA LYS CA 280 -56.86 94.08 48.51
C LYS CA 280 -57.64 93.72 49.76
N LYS CA 281 -58.14 92.49 49.79
CA LYS CA 281 -58.92 91.98 50.91
C LYS CA 281 -58.42 90.58 51.27
N ILE CA 282 -58.64 90.20 52.53
CA ILE CA 282 -58.18 88.92 53.05
C ILE CA 282 -59.40 88.10 53.43
N LEU CA 283 -59.45 86.86 52.94
CA LEU CA 283 -60.54 85.95 53.22
C LEU CA 283 -60.16 85.00 54.36
N LYS CA 284 -61.16 84.62 55.16
CA LYS CA 284 -60.94 83.73 56.28
C LYS CA 284 -62.00 82.65 56.29
N PRO CA 285 -61.66 81.43 56.70
CA PRO CA 285 -62.65 80.36 56.79
C PRO CA 285 -63.54 80.53 58.02
N THR CA 286 -64.65 79.78 58.02
CA THR CA 286 -65.61 79.86 59.11
C THR CA 286 -65.96 78.49 59.69
N ASP CA 287 -65.90 77.44 58.86
CA ASP CA 287 -66.29 76.11 59.31
C ASP CA 287 -65.35 75.60 60.39
N GLU CA 288 -65.92 74.85 61.35
CA GLU CA 288 -65.12 74.35 62.47
C GLU CA 288 -64.03 73.39 62.00
N ASN CA 289 -64.36 72.51 61.05
CA ASN CA 289 -63.36 71.57 60.55
C ASN CA 289 -62.23 72.29 59.83
N LEU CA 290 -62.56 73.30 59.02
CA LEU CA 290 -61.52 74.05 58.32
C LEU CA 290 -60.61 74.77 59.29
N LEU CA 291 -61.18 75.42 60.30
CA LEU CA 291 -60.36 76.11 61.29
C LEU CA 291 -59.50 75.13 62.08
N LYS CA 292 -60.08 74.00 62.48
CA LYS CA 292 -59.32 73.01 63.25
C LYS CA 292 -58.19 72.41 62.43
N TYR CA 293 -58.45 72.11 61.15
CA TYR CA 293 -57.43 71.50 60.31
C TYR CA 293 -56.25 72.45 60.09
N TYR CA 294 -56.53 73.73 59.83
CA TYR CA 294 -55.46 74.68 59.57
C TYR CA 294 -54.79 75.19 60.84
N SER CA 295 -55.31 74.84 62.02
CA SER CA 295 -54.72 75.28 63.28
C SER CA 295 -54.17 74.12 64.11
N SER CA 296 -54.18 72.91 63.58
CA SER CA 296 -53.64 71.76 64.30
C SER CA 296 -52.29 71.33 63.74
N PHE DA 30 86.03 29.87 -15.00
CA PHE DA 30 86.40 30.07 -13.60
C PHE DA 30 85.39 30.99 -12.91
N LYS DA 31 84.88 30.54 -11.76
CA LYS DA 31 83.91 31.31 -10.99
C LYS DA 31 84.36 31.46 -9.55
N THR DA 32 83.48 31.99 -8.70
CA THR DA 32 83.80 32.23 -7.29
C THR DA 32 83.11 31.18 -6.43
N LEU DA 33 83.88 30.54 -5.56
CA LEU DA 33 83.36 29.51 -4.67
C LEU DA 33 82.78 30.18 -3.43
N LEU DA 34 81.51 30.53 -3.50
CA LEU DA 34 80.84 31.15 -2.36
C LEU DA 34 80.65 30.13 -1.24
N PRO DA 35 80.77 30.55 0.01
CA PRO DA 35 80.52 29.64 1.12
C PRO DA 35 79.06 29.21 1.18
N VAL DA 36 78.85 28.00 1.71
CA VAL DA 36 77.51 27.44 1.81
C VAL DA 36 77.02 27.61 3.25
N PRO DA 37 75.74 27.87 3.47
CA PRO DA 37 75.23 27.93 4.84
C PRO DA 37 75.39 26.60 5.55
N THR DA 38 75.69 26.66 6.84
CA THR DA 38 75.87 25.49 7.68
C THR DA 38 74.77 25.45 8.72
N PHE DA 39 74.06 24.33 8.80
CA PHE DA 39 72.94 24.15 9.71
C PHE DA 39 73.28 22.99 10.65
N GLU DA 40 73.88 23.33 11.79
CA GLU DA 40 74.23 22.33 12.79
C GLU DA 40 73.60 22.60 14.16
N ASP DA 41 73.03 23.78 14.38
CA ASP DA 41 72.40 24.10 15.65
C ASP DA 41 70.89 23.82 15.66
N VAL DA 42 70.35 23.27 14.59
CA VAL DA 42 68.93 22.97 14.49
C VAL DA 42 68.70 21.54 14.93
N ALA DA 43 67.79 21.34 15.89
CA ALA DA 43 67.46 20.02 16.41
C ALA DA 43 66.07 19.63 15.93
N ILE DA 44 65.95 18.42 15.40
CA ILE DA 44 64.69 17.93 14.85
C ILE DA 44 63.91 17.28 16.00
N PRO DA 45 62.73 17.78 16.35
CA PRO DA 45 61.94 17.16 17.41
C PRO DA 45 61.31 15.86 16.93
N GLU DA 46 60.90 15.05 17.90
CA GLU DA 46 60.25 13.79 17.61
C GLU DA 46 58.90 14.03 16.94
N LYS DA 47 58.50 13.07 16.09
CA LYS DA 47 57.29 13.16 15.28
C LYS DA 47 57.29 14.46 14.48
N PRO DA 48 58.24 14.63 13.54
CA PRO DA 48 58.30 15.89 12.80
C PRO DA 48 57.12 16.14 11.89
N LYS DA 49 56.35 15.12 11.54
CA LYS DA 49 55.22 15.31 10.66
C LYS DA 49 54.06 15.99 11.39
N LEU DA 50 53.14 16.55 10.60
CA LEU DA 50 52.04 17.31 11.17
C LEU DA 50 51.10 16.43 11.98
N ARG DA 51 50.56 17.01 13.04
CA ARG DA 51 49.63 16.28 13.90
C ARG DA 51 48.25 16.24 13.27
N PHE DA 52 47.57 15.10 13.41
CA PHE DA 52 46.22 14.96 12.93
C PHE DA 52 45.28 15.86 13.72
N VAL DA 53 44.28 16.42 13.02
CA VAL DA 53 43.30 17.31 13.63
C VAL DA 53 41.92 16.68 13.48
N GLU DA 54 41.16 16.65 14.57
CA GLU DA 54 39.86 16.03 14.57
C GLU DA 54 38.86 16.87 13.79
N ARG DA 55 37.90 16.18 13.16
CA ARG DA 55 36.85 16.86 12.40
C ARG DA 55 35.97 17.71 13.30
N VAL DA 56 35.63 17.20 14.49
CA VAL DA 56 34.75 17.87 15.43
C VAL DA 56 35.44 17.91 16.78
N PRO DA 57 35.34 19.01 17.52
CA PRO DA 57 35.91 19.03 18.88
C PRO DA 57 35.25 17.98 19.76
N LEU DA 58 36.04 17.51 20.74
CA LEU DA 58 35.62 16.36 21.55
C LEU DA 58 34.30 16.63 22.26
N VAL DA 59 34.15 17.82 22.83
CA VAL DA 59 32.90 18.22 23.46
C VAL DA 59 32.14 19.11 22.49
N PRO DA 60 31.04 18.66 21.90
CA PRO DA 60 30.31 19.50 20.95
C PRO DA 60 29.62 20.66 21.65
N LYS DA 61 29.45 21.75 20.92
CA LYS DA 61 28.75 22.93 21.42
C LYS DA 61 27.27 22.77 21.10
N VAL DA 62 26.46 22.47 22.12
CA VAL DA 62 25.02 22.30 21.92
C VAL DA 62 24.29 23.61 21.76
N ARG DA 63 24.94 24.74 22.06
CA ARG DA 63 24.33 26.05 21.92
C ARG DA 63 24.87 26.74 20.68
N ARG DA 64 23.97 27.17 19.80
CA ARG DA 64 24.33 27.83 18.56
C ARG DA 64 24.47 29.33 18.82
N GLU DA 65 25.63 29.89 18.51
CA GLU DA 65 25.90 31.29 18.74
C GLU DA 65 25.89 32.06 17.42
N ARG DA 66 25.85 33.38 17.54
CA ARG DA 66 25.81 34.25 16.38
C ARG DA 66 27.08 34.15 15.56
N LYS DA 67 26.94 34.28 14.24
CA LYS DA 67 28.06 34.20 13.31
C LYS DA 67 28.79 35.54 13.32
N ASN DA 68 29.71 35.70 14.27
CA ASN DA 68 30.53 36.91 14.30
C ASN DA 68 31.37 37.01 13.04
N LEU DA 69 31.36 38.18 12.42
CA LEU DA 69 32.21 38.47 11.29
C LEU DA 69 33.36 39.40 11.64
N SER DA 70 33.39 39.90 12.88
CA SER DA 70 34.52 40.70 13.33
C SER DA 70 35.77 39.85 13.57
N ASP DA 71 35.62 38.53 13.61
CA ASP DA 71 36.77 37.64 13.78
C ASP DA 71 37.58 37.48 12.50
N ILE DA 72 37.08 37.99 11.37
CA ILE DA 72 37.82 38.01 10.12
C ILE DA 72 38.26 39.42 9.75
N ARG DA 73 37.41 40.41 10.01
CA ARG DA 73 37.70 41.78 9.62
C ARG DA 73 38.88 42.33 10.43
N GLY DA 74 39.75 43.06 9.75
CA GLY DA 74 40.85 43.73 10.40
C GLY DA 74 42.10 42.88 10.51
N PRO DA 75 43.19 43.48 10.98
CA PRO DA 75 44.44 42.75 11.11
C PRO DA 75 44.40 41.75 12.24
N SER DA 76 45.31 40.78 12.17
CA SER DA 76 45.42 39.75 13.20
C SER DA 76 46.31 40.22 14.35
N THR DA 77 45.96 39.79 15.56
CA THR DA 77 46.73 40.09 16.75
C THR DA 77 47.37 38.88 17.38
N GLU DA 78 47.00 37.66 16.96
CA GLU DA 78 47.53 36.44 17.53
C GLU DA 78 48.37 35.71 16.49
N ALA DA 79 49.53 35.21 16.93
CA ALA DA 79 50.42 34.41 16.09
C ALA DA 79 50.85 35.18 14.85
N THR DA 80 51.59 36.27 15.09
CA THR DA 80 52.15 37.08 14.01
C THR DA 80 53.67 37.01 13.95
N GLU DA 81 54.30 36.18 14.79
CA GLU DA 81 55.76 36.10 14.84
C GLU DA 81 56.18 34.63 14.91
N PHE DA 82 57.39 34.37 14.43
CA PHE DA 82 57.92 33.01 14.47
C PHE DA 82 58.28 32.61 15.89
N THR DA 83 58.05 31.34 16.21
CA THR DA 83 58.36 30.81 17.52
C THR DA 83 59.53 29.83 17.49
N GLU DA 84 59.48 28.84 16.59
CA GLU DA 84 60.56 27.86 16.51
C GLU DA 84 61.14 27.76 15.10
N GLY DA 85 60.27 27.60 14.10
CA GLY DA 85 60.72 27.38 12.74
C GLY DA 85 61.25 28.65 12.09
N ARG DA 86 61.62 28.51 10.82
CA ARG DA 86 62.14 29.61 10.03
C ARG DA 86 61.33 29.88 8.77
N PHE DA 87 60.35 29.04 8.44
CA PHE DA 87 59.49 29.25 7.30
C PHE DA 87 58.03 29.08 7.72
N ALA DA 88 57.15 29.82 7.06
CA ALA DA 88 55.73 29.76 7.39
C ALA DA 88 54.93 30.26 6.21
N ILE DA 89 53.63 30.00 6.25
CA ILE DA 89 52.68 30.47 5.25
C ILE DA 89 51.96 31.68 5.83
N LEU DA 90 52.17 32.84 5.21
CA LEU DA 90 51.57 34.09 5.69
C LEU DA 90 50.22 34.31 5.02
N ALA DA 91 49.20 34.59 5.82
CA ALA DA 91 47.85 34.81 5.31
C ALA DA 91 47.67 36.28 5.00
N LEU DA 92 47.64 36.61 3.70
CA LEU DA 92 47.43 38.00 3.30
C LEU DA 92 45.98 38.44 3.51
N GLY DA 93 45.02 37.56 3.24
CA GLY DA 93 43.62 37.85 3.42
C GLY DA 93 43.03 37.10 4.61
N GLY DA 94 41.72 37.26 4.76
CA GLY DA 94 40.99 36.56 5.80
C GLY DA 94 40.08 35.50 5.24
N GLY DA 95 39.70 34.53 6.07
CA GLY DA 95 38.81 33.48 5.61
C GLY DA 95 38.58 32.46 6.69
N TYR DA 96 37.82 31.43 6.33
CA TYR DA 96 37.47 30.34 7.23
C TYR DA 96 38.14 29.06 6.76
N LEU DA 97 38.76 28.34 7.70
CA LEU DA 97 39.36 27.03 7.44
C LEU DA 97 38.55 25.97 8.17
N HIS DA 98 38.13 24.95 7.44
CA HIS DA 98 37.41 23.83 8.04
C HIS DA 98 38.26 22.56 7.86
N TRP DA 99 37.68 21.41 8.24
CA TRP DA 99 38.45 20.18 8.28
C TRP DA 99 38.99 19.80 6.92
N GLY DA 100 38.31 20.17 5.84
CA GLY DA 100 38.81 19.84 4.51
C GLY DA 100 40.13 20.49 4.20
N HIS DA 101 40.29 21.77 4.56
CA HIS DA 101 41.55 22.46 4.29
C HIS DA 101 42.68 21.92 5.14
N PHE DA 102 42.38 21.47 6.36
CA PHE DA 102 43.42 20.88 7.21
C PHE DA 102 43.99 19.61 6.59
N GLU DA 103 43.12 18.77 6.00
CA GLU DA 103 43.59 17.55 5.36
C GLU DA 103 44.49 17.87 4.17
N MET DA 104 44.12 18.88 3.38
CA MET DA 104 44.95 19.25 2.24
C MET DA 104 46.32 19.74 2.70
N MET DA 105 46.36 20.53 3.76
CA MET DA 105 47.65 21.02 4.25
C MET DA 105 48.49 19.90 4.85
N ARG DA 106 47.87 19.00 5.61
CA ARG DA 106 48.63 17.95 6.29
C ARG DA 106 49.17 16.94 5.30
N LEU DA 107 48.33 16.45 4.39
CA LEU DA 107 48.76 15.39 3.46
C LEU DA 107 49.84 15.89 2.52
N THR DA 108 49.69 17.11 2.01
CA THR DA 108 50.65 17.62 1.03
C THR DA 108 52.05 17.78 1.63
N ILE DA 109 52.12 18.33 2.85
CA ILE DA 109 53.42 18.57 3.47
C ILE DA 109 54.08 17.25 3.86
N ASN DA 110 53.31 16.31 4.40
CA ASN DA 110 53.89 15.07 4.90
C ASN DA 110 54.54 14.26 3.78
N ARG DA 111 53.89 14.20 2.62
CA ARG DA 111 54.40 13.40 1.51
C ARG DA 111 55.40 14.14 0.65
N SER DA 112 55.72 15.39 0.98
CA SER DA 112 56.64 16.19 0.17
C SER DA 112 57.90 16.63 0.90
N MET DA 113 57.98 16.43 2.21
CA MET DA 113 59.15 16.85 2.98
C MET DA 113 59.92 15.63 3.48
N ASP DA 114 61.14 15.89 3.93
CA ASP DA 114 61.98 14.86 4.50
C ASP DA 114 61.81 14.85 6.01
N PRO DA 115 61.32 13.76 6.60
CA PRO DA 115 61.14 13.75 8.07
C PRO DA 115 62.44 13.92 8.84
N LYS DA 116 63.58 13.59 8.23
CA LYS DA 116 64.85 13.71 8.95
C LYS DA 116 65.31 15.18 9.05
N ASN DA 117 64.98 16.00 8.06
CA ASN DA 117 65.47 17.37 8.00
C ASN DA 117 64.39 18.43 8.17
N MET DA 118 63.12 18.07 8.12
CA MET DA 118 62.03 19.02 8.21
C MET DA 118 61.12 18.68 9.38
N PHE DA 119 60.68 19.70 10.10
CA PHE DA 119 59.64 19.57 11.12
C PHE DA 119 58.66 20.71 10.97
N ALA DA 120 57.37 20.39 11.12
CA ALA DA 120 56.30 21.35 10.94
C ALA DA 120 55.48 21.47 12.22
N LEU DA 121 54.86 22.64 12.40
CA LEU DA 121 54.08 22.93 13.58
C LEU DA 121 52.82 23.69 13.20
N TRP DA 122 51.68 23.28 13.75
CA TRP DA 122 50.43 23.99 13.52
C TRP DA 122 50.46 25.36 14.21
N ARG DA 123 49.92 26.36 13.52
CA ARG DA 123 49.77 27.70 14.09
C ARG DA 123 48.32 28.11 14.26
N VAL DA 124 47.38 27.22 13.97
CA VAL DA 124 45.96 27.51 14.13
C VAL DA 124 45.31 26.41 14.96
N PRO DA 125 44.27 26.71 15.73
CA PRO DA 125 43.62 25.66 16.53
C PRO DA 125 42.71 24.80 15.67
N ALA DA 126 42.21 23.74 16.28
CA ALA DA 126 41.25 22.86 15.62
C ALA DA 126 39.93 23.60 15.39
N PRO DA 127 39.16 23.19 14.38
CA PRO DA 127 37.87 23.86 14.13
C PRO DA 127 36.96 23.80 15.33
N PHE DA 128 36.48 24.97 15.76
CA PHE DA 128 35.67 25.06 16.97
C PHE DA 128 34.39 25.87 16.76
N LYS DA 129 34.40 26.80 15.82
CA LYS DA 129 33.23 27.64 15.60
C LYS DA 129 32.21 26.91 14.75
N PRO DA 130 31.01 26.65 15.26
CA PRO DA 130 29.99 25.96 14.45
C PRO DA 130 29.45 26.86 13.36
N ILE DA 131 29.01 26.22 12.27
CA ILE DA 131 28.36 26.89 11.15
C ILE DA 131 27.02 26.22 10.92
N THR DA 132 25.96 27.03 10.83
CA THR DA 132 24.60 26.53 10.75
C THR DA 132 24.10 26.54 9.31
N ARG DA 133 23.41 25.47 8.91
CA ARG DA 133 22.83 25.35 7.58
C ARG DA 133 21.41 24.82 7.74
N LYS DA 134 20.42 25.66 7.44
CA LYS DA 134 19.03 25.21 7.49
C LYS DA 134 18.76 24.21 6.36
N GLY DA 135 17.67 23.46 6.53
CA GLY DA 135 17.28 22.45 5.56
C GLY DA 135 17.08 22.97 4.16
N MET DA 136 17.23 22.09 3.17
CA MET DA 136 17.12 22.49 1.78
C MET DA 136 15.67 22.84 1.43
N GLY DA 137 15.48 24.00 0.81
CA GLY DA 137 14.18 24.38 0.32
C GLY DA 137 13.08 24.52 1.35
N GLN DA 138 13.18 25.55 2.20
CA GLN DA 138 12.12 25.82 3.17
C GLN DA 138 11.98 27.32 3.36
N ARG DA 139 10.79 27.73 3.77
CA ARG DA 139 10.48 29.15 3.95
C ARG DA 139 11.33 29.75 5.07
N MET DA 140 11.64 31.03 4.93
CA MET DA 140 12.37 31.74 5.97
C MET DA 140 11.56 31.79 7.26
N GLY DA 141 12.27 31.71 8.38
CA GLY DA 141 11.64 31.72 9.70
C GLY DA 141 11.86 30.41 10.43
N GLY DA 142 11.23 30.32 11.59
CA GLY DA 142 11.34 29.13 12.41
C GLY DA 142 12.47 29.16 13.42
N GLY DA 143 13.64 29.63 12.99
CA GLY DA 143 14.79 29.73 13.89
C GLY DA 143 16.06 29.25 13.24
N LYS DA 144 17.17 29.32 13.97
CA LYS DA 144 18.42 28.79 13.46
C LYS DA 144 18.31 27.28 13.26
N GLY DA 145 18.93 26.79 12.19
CA GLY DA 145 18.88 25.38 11.86
C GLY DA 145 19.81 24.57 12.74
N ALA DA 146 20.29 23.46 12.19
CA ALA DA 146 21.18 22.55 12.90
C ALA DA 146 22.64 22.83 12.52
N ILE DA 147 23.54 22.42 13.41
CA ILE DA 147 24.97 22.62 13.19
C ILE DA 147 25.44 21.69 12.09
N ASP DA 148 26.11 22.24 11.08
CA ASP DA 148 26.58 21.46 9.93
C ASP DA 148 28.03 21.03 10.11
N HIS DA 149 28.94 21.98 10.26
CA HIS DA 149 30.37 21.67 10.39
C HIS DA 149 31.00 22.71 11.30
N TYR DA 150 32.32 22.69 11.37
CA TYR DA 150 33.08 23.61 12.20
C TYR DA 150 34.19 24.25 11.39
N VAL DA 151 34.50 25.51 11.69
CA VAL DA 151 35.48 26.29 10.95
C VAL DA 151 36.44 26.95 11.93
N THR DA 152 37.57 27.40 11.41
CA THR DA 152 38.58 28.12 12.18
C THR DA 152 38.79 29.50 11.59
N PRO DA 153 38.37 30.57 12.25
CA PRO DA 153 38.58 31.91 11.69
C PRO DA 153 40.05 32.26 11.62
N VAL DA 154 40.44 32.89 10.50
CA VAL DA 154 41.81 33.32 10.27
C VAL DA 154 41.77 34.76 9.77
N LYS DA 155 42.54 35.64 10.41
CA LYS DA 155 42.62 37.03 10.01
C LYS DA 155 43.77 37.22 9.03
N ALA DA 156 44.13 38.47 8.75
CA ALA DA 156 45.21 38.79 7.83
C ALA DA 156 46.51 38.97 8.59
N GLY DA 157 47.59 38.42 8.05
CA GLY DA 157 48.88 38.48 8.69
C GLY DA 157 49.16 37.39 9.70
N ARG DA 158 48.30 36.38 9.81
CA ARG DA 158 48.48 35.30 10.75
C ARG DA 158 49.11 34.09 10.07
N LEU DA 159 50.18 33.57 10.65
CA LEU DA 159 50.82 32.39 10.11
C LEU DA 159 49.92 31.17 10.26
N ILE DA 160 49.95 30.28 9.27
CA ILE DA 160 49.08 29.12 9.26
C ILE DA 160 49.87 27.87 9.65
N VAL DA 161 50.90 27.54 8.86
CA VAL DA 161 51.75 26.40 9.10
C VAL DA 161 53.20 26.87 9.16
N GLU DA 162 53.87 26.57 10.26
CA GLU DA 162 55.26 26.98 10.47
C GLU DA 162 56.17 25.77 10.35
N MET DA 163 57.18 25.87 9.50
CA MET DA 163 58.13 24.79 9.26
C MET DA 163 59.54 25.27 9.51
N GLY DA 164 60.36 24.40 10.09
CA GLY DA 164 61.76 24.67 10.29
C GLY DA 164 62.60 23.45 9.99
N GLY DA 165 63.91 23.64 9.98
CA GLY DA 165 64.81 22.53 9.73
C GLY DA 165 66.20 23.01 9.40
N ARG DA 166 66.98 22.10 8.80
CA ARG DA 166 68.36 22.37 8.44
C ARG DA 166 68.54 22.59 6.94
N CYS DA 167 67.47 22.98 6.24
CA CYS DA 167 67.51 23.16 4.80
C CYS DA 167 67.22 24.60 4.44
N GLU DA 168 67.63 24.98 3.23
CA GLU DA 168 67.46 26.33 2.75
C GLU DA 168 66.00 26.60 2.37
N PHE DA 169 65.68 27.88 2.20
CA PHE DA 169 64.31 28.29 1.93
C PHE DA 169 63.86 27.98 0.50
N LYS DA 170 64.79 27.88 -0.45
CA LYS DA 170 64.40 27.70 -1.84
C LYS DA 170 63.63 26.41 -2.06
N GLU DA 171 64.09 25.31 -1.46
CA GLU DA 171 63.39 24.05 -1.64
C GLU DA 171 62.11 23.97 -0.82
N VAL DA 172 62.08 24.62 0.34
CA VAL DA 172 60.86 24.65 1.14
C VAL DA 172 59.79 25.48 0.44
N GLN DA 173 60.19 26.56 -0.22
CA GLN DA 173 59.24 27.42 -0.93
C GLN DA 173 58.54 26.67 -2.06
N GLY DA 174 59.18 25.66 -2.62
CA GLY DA 174 58.62 24.99 -3.79
C GLY DA 174 57.29 24.31 -3.50
N PHE DA 175 57.22 23.57 -2.40
CA PHE DA 175 56.01 22.83 -2.07
C PHE DA 175 55.12 23.56 -1.07
N LEU DA 176 55.47 24.77 -0.67
CA LEU DA 176 54.60 25.57 0.18
C LEU DA 176 53.67 26.47 -0.61
N ASP DA 177 54.12 26.98 -1.76
CA ASP DA 177 53.24 27.78 -2.61
C ASP DA 177 52.07 26.96 -3.13
N LEU DA 178 52.27 25.66 -3.35
CA LEU DA 178 51.16 24.80 -3.75
C LEU DA 178 50.10 24.73 -2.66
N VAL DA 179 50.53 24.64 -1.40
CA VAL DA 179 49.58 24.61 -0.29
C VAL DA 179 48.92 25.97 -0.12
N ALA DA 180 49.71 27.04 -0.24
CA ALA DA 180 49.17 28.39 -0.07
C ALA DA 180 48.19 28.75 -1.17
N HIS DA 181 48.42 28.24 -2.39
CA HIS DA 181 47.53 28.55 -3.50
C HIS DA 181 46.13 27.98 -3.28
N LYS DA 182 46.03 26.83 -2.64
CA LYS DA 182 44.74 26.16 -2.45
C LYS DA 182 43.99 26.63 -1.22
N LEU DA 183 44.56 27.54 -0.44
CA LEU DA 183 43.84 28.11 0.69
C LEU DA 183 42.78 29.08 0.20
N PRO DA 184 41.72 29.30 0.99
CA PRO DA 184 40.67 30.24 0.57
C PRO DA 184 41.20 31.65 0.39
N PHE DA 185 41.78 32.19 1.45
CA PHE DA 185 42.38 33.51 1.39
C PHE DA 185 43.72 33.45 0.65
N PRO DA 186 44.08 34.51 -0.08
CA PRO DA 186 45.40 34.55 -0.71
C PRO DA 186 46.51 34.49 0.33
N ALA DA 187 47.58 33.78 -0.02
CA ALA DA 187 48.67 33.55 0.92
C ALA DA 187 49.96 33.37 0.16
N LYS DA 188 51.08 33.51 0.88
CA LYS DA 188 52.41 33.35 0.31
C LYS DA 188 53.27 32.51 1.25
N ALA DA 189 54.32 31.93 0.70
CA ALA DA 189 55.31 31.22 1.47
C ALA DA 189 56.42 32.20 1.85
N VAL DA 190 56.65 32.38 3.14
CA VAL DA 190 57.56 33.40 3.63
C VAL DA 190 58.49 32.79 4.67
N SER DA 191 59.64 33.44 4.86
CA SER DA 191 60.66 33.03 5.82
C SER DA 191 60.96 34.19 6.76
N ARG DA 192 61.96 33.99 7.63
CA ARG DA 192 62.33 35.03 8.58
C ARG DA 192 62.87 36.27 7.88
N GLU DA 193 63.75 36.08 6.89
CA GLU DA 193 64.34 37.23 6.21
C GLU DA 193 63.32 37.91 5.30
N THR DA 194 62.52 37.13 4.55
CA THR DA 194 61.56 37.72 3.63
C THR DA 194 60.47 38.49 4.35
N LEU DA 195 59.98 37.95 5.47
CA LEU DA 195 58.91 38.62 6.20
C LEU DA 195 59.36 39.97 6.74
N GLU DA 196 60.59 40.04 7.25
CA GLU DA 196 61.10 41.32 7.75
C GLU DA 196 61.31 42.31 6.62
N LYS DA 197 61.73 41.83 5.45
CA LYS DA 197 61.97 42.72 4.32
C LYS DA 197 60.68 43.38 3.85
N MET DA 198 59.59 42.62 3.77
CA MET DA 198 58.32 43.20 3.37
C MET DA 198 57.67 44.05 4.45
N ARG DA 199 58.08 43.87 5.71
CA ARG DA 199 57.64 44.77 6.77
C ARG DA 199 58.54 46.00 6.88
N LYS DA 200 59.83 45.86 6.56
CA LYS DA 200 60.72 46.99 6.52
C LYS DA 200 60.53 47.84 5.26
N ASP DA 201 59.85 47.30 4.24
CA ASP DA 201 59.51 48.07 3.06
C ASP DA 201 58.14 48.72 3.15
N GLN DA 202 57.24 48.18 3.98
CA GLN DA 202 55.96 48.80 4.23
C GLN DA 202 56.08 50.06 5.08
N GLU DA 203 57.21 50.24 5.76
CA GLU DA 203 57.47 51.44 6.53
C GLU DA 203 58.23 52.49 5.73
N GLU DA 204 59.19 52.06 4.91
CA GLU DA 204 59.89 52.99 4.05
C GLU DA 204 58.96 53.60 3.02
N ARG DA 205 58.07 52.80 2.43
CA ARG DA 205 57.07 53.32 1.51
C ARG DA 205 56.07 54.25 2.20
N GLU DA 206 55.91 54.12 3.51
CA GLU DA 206 55.04 55.00 4.27
C GLU DA 206 55.75 56.25 4.77
N ARG DA 207 57.08 56.22 4.84
CA ARG DA 207 57.83 57.39 5.30
C ARG DA 207 58.17 58.34 4.15
N ASN DA 208 58.46 57.81 2.95
CA ASN DA 208 58.89 58.63 1.82
C ASN DA 208 57.75 59.02 0.91
N ASN DA 209 56.50 58.73 1.29
CA ASN DA 209 55.34 59.07 0.48
C ASN DA 209 55.29 60.57 0.21
N GLN DA 210 55.14 60.94 -1.06
CA GLN DA 210 55.14 62.33 -1.50
C GLN DA 210 53.74 62.91 -1.59
N ASN DA 211 52.72 62.16 -1.20
CA ASN DA 211 51.35 62.66 -1.26
C ASN DA 211 51.00 63.31 0.06
N PRO DA 212 50.70 64.60 0.09
CA PRO DA 212 50.43 65.26 1.38
C PRO DA 212 49.26 64.66 2.13
N TRP DA 213 48.24 64.16 1.43
CA TRP DA 213 47.04 63.64 2.07
C TRP DA 213 47.11 62.12 2.13
N THR DA 214 46.83 61.57 3.31
CA THR DA 214 46.80 60.13 3.53
C THR DA 214 45.51 59.76 4.25
N PHE DA 215 45.12 58.50 4.12
CA PHE DA 215 43.87 58.03 4.72
C PHE DA 215 43.88 58.21 6.22
N GLU DA 216 45.04 58.03 6.87
CA GLU DA 216 45.13 58.21 8.30
C GLU DA 216 44.87 59.66 8.70
N ARG DA 217 45.39 60.62 7.93
CA ARG DA 217 45.22 62.02 8.27
C ARG DA 217 43.78 62.48 8.07
N ILE DA 218 43.15 62.07 6.97
CA ILE DA 218 41.81 62.55 6.65
C ILE DA 218 40.78 61.97 7.61
N ALA DA 219 40.87 60.66 7.89
CA ALA DA 219 39.85 60.01 8.69
C ALA DA 219 39.88 60.48 10.14
N THR DA 220 41.06 60.53 10.75
CA THR DA 220 41.15 60.89 12.16
C THR DA 220 40.69 62.31 12.42
N ALA DA 221 41.07 63.25 11.55
CA ALA DA 221 40.74 64.65 11.76
C ALA DA 221 39.33 65.00 11.34
N ASN DA 222 38.59 64.06 10.74
CA ASN DA 222 37.24 64.28 10.25
C ASN DA 222 37.21 65.45 9.26
N MET DA 223 37.98 65.31 8.19
CA MET DA 223 38.04 66.31 7.15
C MET DA 223 36.97 66.03 6.10
N LEU DA 224 36.38 67.09 5.56
CA LEU DA 224 35.31 67.02 4.56
C LEU DA 224 34.07 66.31 5.09
N GLY DA 225 33.95 66.15 6.39
CA GLY DA 225 32.85 65.38 6.95
C GLY DA 225 32.84 63.95 6.49
N ILE DA 226 34.02 63.35 6.32
CA ILE DA 226 34.13 62.01 5.76
C ILE DA 226 33.71 60.92 6.73
N ARG DA 227 33.53 61.25 8.01
CA ARG DA 227 33.13 60.25 8.99
C ARG DA 227 31.73 59.73 8.73
N LYS DA 228 30.90 60.46 7.99
CA LYS DA 228 29.57 59.97 7.67
C LYS DA 228 29.63 58.77 6.73
N VAL DA 229 30.66 58.70 5.90
CA VAL DA 229 30.81 57.59 4.95
C VAL DA 229 31.64 56.45 5.54
N LEU DA 230 32.71 56.79 6.25
CA LEU DA 230 33.58 55.77 6.82
C LEU DA 230 32.92 55.11 8.02
N SER DA 231 33.39 53.90 8.31
CA SER DA 231 33.05 53.04 9.45
C SER DA 231 33.93 53.38 10.64
N PRO DA 232 33.43 53.18 11.87
CA PRO DA 232 34.28 53.44 13.04
C PRO DA 232 35.53 52.59 13.09
N TYR DA 233 35.52 51.41 12.47
CA TYR DA 233 36.71 50.58 12.42
C TYR DA 233 37.76 51.10 11.46
N ASP DA 234 37.38 51.99 10.53
CA ASP DA 234 38.34 52.55 9.59
C ASP DA 234 39.36 53.45 10.26
N LEU DA 235 39.11 53.89 11.49
CA LEU DA 235 40.11 54.67 12.21
C LEU DA 235 41.35 53.82 12.51
N THR DA 236 41.15 52.56 12.88
CA THR DA 236 42.27 51.68 13.19
C THR DA 236 42.83 51.03 11.93
N HIS DA 237 41.97 50.64 11.00
CA HIS DA 237 42.42 49.96 9.79
C HIS DA 237 43.26 50.85 8.90
N LYS DA 238 43.14 52.17 9.03
CA LYS DA 238 43.89 53.14 8.24
C LYS DA 238 43.64 52.97 6.74
N GLY DA 239 42.50 52.40 6.37
CA GLY DA 239 42.15 52.23 4.97
C GLY DA 239 42.78 51.05 4.28
N ARG DA 240 43.61 50.27 4.98
CA ARG DA 240 44.25 49.11 4.38
C ARG DA 240 43.36 47.88 4.38
N TYR DA 241 42.24 47.91 5.10
CA TYR DA 241 41.36 46.76 5.22
C TYR DA 241 39.95 47.16 4.83
N TRP DA 242 39.34 46.40 3.93
CA TRP DA 242 37.96 46.62 3.50
C TRP DA 242 37.25 45.28 3.51
N GLY DA 243 36.32 45.11 4.45
CA GLY DA 243 35.72 43.79 4.63
C GLY DA 243 36.76 42.82 5.13
N LYS DA 244 36.85 41.66 4.47
CA LYS DA 244 37.88 40.69 4.77
C LYS DA 244 39.09 40.82 3.86
N PHE DA 245 39.08 41.76 2.92
CA PHE DA 245 40.13 41.90 1.93
C PHE DA 245 41.20 42.86 2.45
N TYR DA 246 42.46 42.47 2.30
CA TYR DA 246 43.60 43.26 2.73
C TYR DA 246 44.44 43.60 1.50
N THR DA 247 44.60 44.89 1.22
CA THR DA 247 45.44 45.34 0.12
C THR DA 247 46.74 45.90 0.67
N PRO DA 248 47.87 45.22 0.50
CA PRO DA 248 49.13 45.71 1.10
C PRO DA 248 49.73 46.92 0.41
N GLU DA 249 49.25 47.29 -0.77
CA GLU DA 249 49.83 48.40 -1.52
C GLU DA 249 49.27 49.75 -1.12
N ARG DA 250 48.21 49.79 -0.32
CA ARG DA 250 47.61 51.04 0.10
C ARG DA 250 48.37 51.60 1.30
N VAL DA 251 48.78 52.86 1.21
CA VAL DA 251 49.53 53.51 2.28
C VAL DA 251 48.63 54.44 3.08
N ILE EA 9 -8.72 32.05 -60.00
CA ILE EA 9 -8.13 31.80 -61.31
C ILE EA 9 -9.20 31.35 -62.29
N SER EA 10 -9.63 32.27 -63.15
CA SER EA 10 -10.66 32.00 -64.15
C SER EA 10 -10.11 32.12 -65.56
N HIS EA 11 -8.91 31.57 -65.80
CA HIS EA 11 -8.30 31.67 -67.11
C HIS EA 11 -9.00 30.74 -68.09
N GLY EA 12 -9.37 31.28 -69.24
CA GLY EA 12 -9.97 30.50 -70.31
C GLY EA 12 -11.45 30.20 -70.15
N ARG EA 13 -12.09 30.69 -69.09
CA ARG EA 13 -13.51 30.43 -68.88
C ARG EA 13 -14.31 31.45 -69.67
N VAL EA 14 -15.07 30.96 -70.68
CA VAL EA 14 -15.86 31.85 -71.52
C VAL EA 14 -17.30 31.98 -71.06
N PHE EA 15 -17.73 31.16 -70.11
CA PHE EA 15 -19.10 31.21 -69.61
C PHE EA 15 -19.17 32.04 -68.33
N ARG EA 16 -20.39 32.38 -67.94
CA ARG EA 16 -20.64 33.22 -66.78
C ARG EA 16 -21.55 32.50 -65.80
N ARG EA 17 -21.32 32.75 -64.51
CA ARG EA 17 -22.13 32.17 -63.46
C ARG EA 17 -23.37 33.04 -63.24
N LEU EA 18 -24.54 32.48 -63.57
CA LEU EA 18 -25.80 33.20 -63.43
C LEU EA 18 -26.80 32.33 -62.68
N GLY EA 19 -27.72 32.98 -61.97
CA GLY EA 19 -28.77 32.26 -61.30
C GLY EA 19 -28.24 31.44 -60.14
N LEU EA 20 -28.87 30.28 -59.92
CA LEU EA 20 -28.58 29.42 -58.78
C LEU EA 20 -27.58 28.30 -59.12
N GLY EA 21 -27.03 28.30 -60.34
CA GLY EA 21 -26.06 27.29 -60.70
C GLY EA 21 -26.02 27.02 -62.19
N PRO EA 22 -25.27 26.00 -62.59
CA PRO EA 22 -25.20 25.66 -64.02
C PRO EA 22 -26.54 25.27 -64.61
N GLU EA 23 -27.42 24.63 -63.84
CA GLU EA 23 -28.72 24.27 -64.38
C GLU EA 23 -29.63 25.50 -64.49
N SER EA 24 -29.60 26.37 -63.48
CA SER EA 24 -30.41 27.57 -63.54
C SER EA 24 -29.89 28.55 -64.60
N ARG EA 25 -28.61 28.44 -64.96
CA ARG EA 25 -28.07 29.29 -66.01
C ARG EA 25 -28.74 29.02 -67.34
N ILE EA 26 -28.96 27.74 -67.67
CA ILE EA 26 -29.60 27.40 -68.94
C ILE EA 26 -31.06 27.84 -68.92
N HIS EA 27 -31.77 27.61 -67.80
CA HIS EA 27 -33.18 27.96 -67.74
C HIS EA 27 -33.40 29.46 -67.86
N LEU EA 28 -32.53 30.26 -67.24
CA LEU EA 28 -32.65 31.71 -67.38
C LEU EA 28 -32.48 32.13 -68.83
N LEU EA 29 -31.51 31.53 -69.52
CA LEU EA 29 -31.35 31.80 -70.94
C LEU EA 29 -32.42 31.13 -71.79
N GLN EA 30 -33.02 30.06 -71.28
CA GLN EA 30 -34.13 29.43 -72.01
C GLN EA 30 -35.34 30.36 -72.09
N ASN EA 31 -35.66 31.04 -70.98
CA ASN EA 31 -36.79 31.97 -71.00
C ASN EA 31 -36.48 33.20 -71.83
N LEU EA 32 -35.26 33.73 -71.74
CA LEU EA 32 -34.90 34.89 -72.55
C LEU EA 32 -34.93 34.55 -74.04
N LEU EA 33 -34.42 33.37 -74.41
CA LEU EA 33 -34.40 32.98 -75.81
C LEU EA 33 -35.82 32.80 -76.33
N THR EA 34 -36.72 32.24 -75.52
CA THR EA 34 -38.12 32.12 -75.92
C THR EA 34 -38.75 33.48 -76.16
N GLY EA 35 -38.48 34.44 -75.26
CA GLY EA 35 -38.98 35.79 -75.46
C GLY EA 35 -38.40 36.45 -76.69
N LEU EA 36 -37.14 36.16 -77.00
CA LEU EA 36 -36.51 36.76 -78.17
C LEU EA 36 -37.11 36.23 -79.47
N VAL EA 37 -37.46 34.95 -79.51
CA VAL EA 37 -38.02 34.38 -80.73
C VAL EA 37 -39.43 34.91 -80.98
N ARG EA 38 -40.25 34.98 -79.93
CA ARG EA 38 -41.63 35.39 -80.11
C ARG EA 38 -41.75 36.88 -80.43
N HIS EA 39 -40.99 37.72 -79.73
CA HIS EA 39 -41.14 39.16 -79.84
C HIS EA 39 -40.13 39.83 -80.76
N GLU EA 40 -39.02 39.16 -81.05
CA GLU EA 40 -37.95 39.60 -81.96
C GLU EA 40 -37.18 40.82 -81.44
N ARG EA 41 -37.53 41.36 -80.28
CA ARG EA 41 -36.75 42.44 -79.68
C ARG EA 41 -37.07 42.49 -78.19
N ILE EA 42 -36.11 42.15 -77.34
CA ILE EA 42 -36.27 42.19 -75.90
C ILE EA 42 -35.08 42.92 -75.29
N GLU EA 43 -35.28 43.40 -74.07
CA GLU EA 43 -34.25 44.11 -73.33
C GLU EA 43 -34.07 43.45 -71.96
N ALA EA 44 -32.82 43.26 -71.56
CA ALA EA 44 -32.51 42.64 -70.28
C ALA EA 44 -31.17 43.17 -69.80
N SER EA 45 -30.65 42.59 -68.73
CA SER EA 45 -29.35 42.99 -68.21
C SER EA 45 -28.26 42.71 -69.23
N TRP EA 46 -27.26 43.60 -69.28
CA TRP EA 46 -26.24 43.53 -70.32
C TRP EA 46 -25.46 42.23 -70.23
N ALA EA 47 -25.14 41.78 -69.01
CA ALA EA 47 -24.42 40.52 -68.87
C ALA EA 47 -25.26 39.34 -69.37
N ARG EA 48 -26.55 39.33 -69.04
CA ARG EA 48 -27.40 38.23 -69.49
C ARG EA 48 -27.67 38.30 -71.00
N VAL EA 49 -27.76 39.52 -71.56
CA VAL EA 49 -27.97 39.66 -72.99
C VAL EA 49 -26.75 39.20 -73.76
N ASP EA 50 -25.55 39.48 -73.24
CA ASP EA 50 -24.33 39.05 -73.92
C ASP EA 50 -24.26 37.53 -74.03
N GLU EA 51 -24.64 36.83 -72.97
CA GLU EA 51 -24.70 35.37 -73.03
C GLU EA 51 -25.76 34.91 -74.03
N LEU EA 52 -26.91 35.58 -74.05
CA LEU EA 52 -28.00 35.16 -74.93
C LEU EA 52 -27.63 35.32 -76.40
N ARG EA 53 -26.71 36.23 -76.72
CA ARG EA 53 -26.32 36.43 -78.12
C ARG EA 53 -25.71 35.17 -78.72
N GLY EA 54 -24.87 34.48 -77.95
CA GLY EA 54 -24.23 33.27 -78.47
C GLY EA 54 -25.22 32.19 -78.84
N TYR EA 55 -26.25 32.00 -78.01
CA TYR EA 55 -27.23 30.95 -78.28
C TYR EA 55 -28.14 31.34 -79.44
N ALA EA 56 -28.51 32.61 -79.53
CA ALA EA 56 -29.38 33.06 -80.61
C ALA EA 56 -28.70 32.92 -81.97
N GLU EA 57 -27.39 33.14 -82.03
CA GLU EA 57 -26.68 32.95 -83.29
C GLU EA 57 -26.72 31.51 -83.75
N LYS EA 58 -26.50 30.56 -82.85
CA LYS EA 58 -26.46 29.16 -83.21
C LYS EA 58 -27.84 28.53 -83.35
N LEU EA 59 -28.86 29.10 -82.72
CA LEU EA 59 -30.21 28.57 -82.86
C LEU EA 59 -30.70 28.71 -84.30
N ILE EA 60 -30.36 29.82 -84.96
CA ILE EA 60 -30.71 29.99 -86.37
C ILE EA 60 -29.97 28.96 -87.22
N ASP EA 61 -28.75 28.61 -86.85
CA ASP EA 61 -28.01 27.60 -87.59
C ASP EA 61 -28.73 26.25 -87.55
N TYR EA 62 -29.29 25.89 -86.39
CA TYR EA 62 -30.12 24.69 -86.32
C TYR EA 62 -31.39 24.84 -87.13
N GLY EA 63 -31.92 26.05 -87.22
CA GLY EA 63 -33.11 26.27 -88.04
C GLY EA 63 -32.86 26.06 -89.52
N LYS EA 64 -31.67 26.46 -89.99
CA LYS EA 64 -31.33 26.28 -91.40
C LYS EA 64 -31.21 24.82 -91.79
N LEU EA 65 -31.01 23.93 -90.83
CA LEU EA 65 -30.84 22.51 -91.15
C LEU EA 65 -32.10 21.94 -91.79
N GLY EA 66 -33.27 22.31 -91.30
CA GLY EA 66 -34.53 21.91 -91.91
C GLY EA 66 -35.52 21.41 -90.88
N ASP EA 67 -36.78 21.32 -91.33
CA ASP EA 67 -37.84 20.82 -90.47
C ASP EA 67 -37.80 19.31 -90.31
N THR EA 68 -37.08 18.61 -91.18
CA THR EA 68 -37.05 17.15 -91.15
C THR EA 68 -35.92 16.60 -90.30
N ASN EA 69 -34.84 17.37 -90.10
CA ASN EA 69 -33.73 16.90 -89.29
C ASN EA 69 -34.17 16.67 -87.85
N GLU EA 70 -33.87 15.49 -87.33
CA GLU EA 70 -34.35 15.13 -85.99
C GLU EA 70 -33.61 15.91 -84.91
N ARG EA 71 -32.30 16.08 -85.06
CA ARG EA 71 -31.53 16.79 -84.05
C ARG EA 71 -32.00 18.24 -83.92
N ALA EA 72 -32.27 18.90 -85.05
CA ALA EA 72 -32.74 20.28 -84.99
C ALA EA 72 -34.08 20.38 -84.28
N MET EA 73 -34.99 19.45 -84.55
CA MET EA 73 -36.28 19.46 -83.88
C MET EA 73 -36.14 19.26 -82.38
N ARG EA 74 -35.29 18.31 -81.97
CA ARG EA 74 -35.08 18.08 -80.55
C ARG EA 74 -34.40 19.27 -79.89
N MET EA 75 -33.42 19.88 -80.58
CA MET EA 75 -32.74 21.04 -80.02
C MET EA 75 -33.70 22.22 -79.90
N ALA EA 76 -34.56 22.43 -80.89
CA ALA EA 76 -35.55 23.51 -80.80
C ALA EA 76 -36.66 23.18 -79.82
N ASP EA 77 -36.91 21.90 -79.55
CA ASP EA 77 -37.93 21.52 -78.58
C ASP EA 77 -37.56 22.00 -77.18
N PHE EA 78 -36.29 21.84 -76.80
CA PHE EA 78 -35.88 22.20 -75.45
C PHE EA 78 -35.83 23.72 -75.26
N TRP EA 79 -35.28 24.45 -76.22
CA TRP EA 79 -35.07 25.88 -76.04
C TRP EA 79 -36.36 26.68 -76.19
N LEU EA 80 -37.22 26.30 -77.13
CA LEU EA 80 -38.50 26.98 -77.31
C LEU EA 80 -39.52 26.37 -76.35
N THR EA 81 -39.60 26.94 -75.15
CA THR EA 81 -40.47 26.40 -74.12
C THR EA 81 -41.95 26.55 -74.45
N GLU EA 82 -42.31 27.52 -75.30
CA GLU EA 82 -43.68 27.67 -75.77
C GLU EA 82 -43.80 26.96 -77.11
N LYS EA 83 -44.74 26.03 -77.20
CA LYS EA 83 -44.77 25.08 -78.32
C LYS EA 83 -45.32 25.67 -79.60
N ASP EA 84 -45.84 26.90 -79.58
CA ASP EA 84 -46.33 27.54 -80.78
C ASP EA 84 -45.26 28.35 -81.50
N LEU EA 85 -44.01 28.28 -81.04
CA LEU EA 85 -42.92 29.00 -81.67
C LEU EA 85 -42.06 28.11 -82.56
N ILE EA 86 -42.12 26.79 -82.41
CA ILE EA 86 -41.34 25.90 -83.26
C ILE EA 86 -41.70 26.04 -84.73
N PRO EA 87 -42.98 26.05 -85.13
CA PRO EA 87 -43.28 26.32 -86.55
C PRO EA 87 -42.79 27.67 -87.01
N LYS EA 88 -42.81 28.69 -86.13
CA LYS EA 88 -42.33 30.01 -86.50
C LYS EA 88 -40.84 29.98 -86.83
N LEU EA 89 -40.05 29.25 -86.05
CA LEU EA 89 -38.61 29.23 -86.26
C LEU EA 89 -38.25 28.60 -87.60
N PHE EA 90 -38.91 27.49 -87.95
CA PHE EA 90 -38.56 26.77 -89.17
C PHE EA 90 -39.24 27.35 -90.42
N GLN EA 91 -40.19 28.26 -90.26
CA GLN EA 91 -40.93 28.79 -91.40
C GLN EA 91 -40.87 30.30 -91.54
N VAL EA 92 -40.33 31.03 -90.56
CA VAL EA 92 -40.22 32.48 -90.66
C VAL EA 92 -38.78 32.91 -90.47
N LEU EA 93 -38.20 32.58 -89.31
CA LEU EA 93 -36.84 33.01 -89.01
C LEU EA 93 -35.83 32.34 -89.94
N ALA EA 94 -35.91 31.01 -90.07
CA ALA EA 94 -34.95 30.30 -90.92
C ALA EA 94 -35.05 30.69 -92.38
N PRO EA 95 -36.23 30.74 -93.01
CA PRO EA 95 -36.27 31.18 -94.42
C PRO EA 95 -35.78 32.61 -94.62
N ARG EA 96 -35.99 33.49 -93.64
CA ARG EA 96 -35.55 34.88 -93.79
C ARG EA 96 -34.04 34.97 -93.85
N PHE EA 97 -33.34 34.19 -93.01
CA PHE EA 97 -31.89 34.20 -92.97
C PHE EA 97 -31.36 33.10 -93.89
N GLN EA 98 -30.97 33.48 -95.10
CA GLN EA 98 -30.34 32.54 -96.01
C GLN EA 98 -29.05 33.12 -96.57
N GLY EA 99 -28.96 34.45 -96.65
CA GLY EA 99 -27.80 35.11 -97.20
C GLY EA 99 -26.64 35.20 -96.22
N GLN EA 100 -26.83 35.94 -95.14
CA GLN EA 100 -25.75 36.15 -94.17
C GLN EA 100 -25.46 34.86 -93.42
N ASN EA 101 -24.25 34.79 -92.86
CA ASN EA 101 -23.79 33.61 -92.15
C ASN EA 101 -23.78 33.80 -90.64
N GLY EA 102 -23.41 34.99 -90.15
CA GLY EA 102 -23.34 35.23 -88.72
C GLY EA 102 -23.96 36.53 -88.27
N GLY EA 103 -24.43 37.34 -89.20
CA GLY EA 103 -25.05 38.60 -88.84
C GLY EA 103 -26.54 38.46 -88.60
N TYR EA 104 -26.90 37.71 -87.56
CA TYR EA 104 -28.32 37.44 -87.29
C TYR EA 104 -28.93 38.44 -86.32
N THR EA 105 -28.15 38.93 -85.35
CA THR EA 105 -28.71 39.74 -84.28
C THR EA 105 -27.81 40.93 -83.98
N ARG EA 106 -28.40 41.95 -83.37
CA ARG EA 106 -27.70 43.16 -82.96
C ARG EA 106 -27.81 43.34 -81.46
N MET EA 107 -26.75 43.88 -80.85
CA MET EA 107 -26.75 44.19 -79.43
C MET EA 107 -26.29 45.62 -79.22
N LEU EA 108 -27.09 46.41 -78.50
CA LEU EA 108 -26.78 47.79 -78.20
C LEU EA 108 -27.05 48.05 -76.72
N GLN EA 109 -26.32 49.01 -76.15
CA GLN EA 109 -26.39 49.29 -74.72
C GLN EA 109 -27.45 50.34 -74.47
N ILE EA 110 -28.60 49.91 -73.96
CA ILE EA 110 -29.68 50.79 -73.51
C ILE EA 110 -29.20 51.49 -72.25
N PRO EA 111 -29.58 52.76 -72.01
CA PRO EA 111 -29.18 53.42 -70.77
C PRO EA 111 -29.69 52.68 -69.54
N ASN EA 112 -29.12 53.02 -68.39
CA ASN EA 112 -29.39 52.30 -67.16
C ASN EA 112 -30.87 52.38 -66.79
N ARG EA 113 -31.39 51.28 -66.24
CA ARG EA 113 -32.79 51.23 -65.88
C ARG EA 113 -33.10 52.23 -64.78
N ASN EA 114 -34.23 52.92 -64.92
CA ASN EA 114 -34.64 53.95 -63.96
C ASN EA 114 -35.29 53.29 -62.75
N GLU EA 115 -34.48 52.54 -62.01
CA GLU EA 115 -34.91 51.88 -60.79
C GLU EA 115 -33.77 51.94 -59.78
N GLN EA 116 -33.98 51.30 -58.63
CA GLN EA 116 -32.97 51.32 -57.57
C GLN EA 116 -31.71 50.58 -58.00
N ASP EA 117 -31.86 49.43 -58.65
CA ASP EA 117 -30.70 48.58 -58.94
C ASP EA 117 -29.72 49.25 -59.90
N ARG EA 118 -30.20 50.13 -60.78
CA ARG EA 118 -29.36 50.84 -61.74
C ARG EA 118 -28.50 49.86 -62.53
N ALA EA 119 -29.13 48.80 -63.03
CA ALA EA 119 -28.43 47.78 -63.79
C ALA EA 119 -28.05 48.30 -65.16
N LYS EA 120 -27.06 47.65 -65.78
CA LYS EA 120 -26.64 47.99 -67.13
C LYS EA 120 -27.47 47.19 -68.11
N MET EA 121 -28.32 47.89 -68.88
CA MET EA 121 -29.27 47.26 -69.79
C MET EA 121 -28.67 47.08 -71.17
N ALA EA 122 -29.32 46.21 -71.95
CA ALA EA 122 -28.95 45.98 -73.34
C ALA EA 122 -30.21 45.58 -74.11
N VAL EA 123 -30.18 45.82 -75.42
CA VAL EA 123 -31.29 45.48 -76.30
C VAL EA 123 -30.78 44.50 -77.36
N ILE EA 124 -31.50 43.39 -77.51
CA ILE EA 124 -31.13 42.35 -78.46
C ILE EA 124 -32.31 42.12 -79.40
N GLU EA 125 -32.02 42.00 -80.69
CA GLU EA 125 -33.07 41.89 -81.69
C GLU EA 125 -32.54 41.13 -82.90
N TYR EA 126 -33.47 40.63 -83.71
CA TYR EA 126 -33.14 39.92 -84.94
C TYR EA 126 -33.18 40.87 -86.13
N LYS EA 127 -32.39 40.55 -87.15
CA LYS EA 127 -32.35 41.36 -88.36
C LYS EA 127 -33.69 41.32 -89.07
N GLY EA 128 -34.08 42.47 -89.63
CA GLY EA 128 -35.29 42.52 -90.43
C GLY EA 128 -36.58 42.35 -89.66
N ASN EA 129 -36.58 42.67 -88.37
CA ASN EA 129 -37.80 42.53 -87.58
C ASN EA 129 -38.83 43.57 -87.99
N CYS EA 130 -40.09 43.26 -87.73
CA CYS EA 130 -41.21 44.11 -88.12
C CYS EA 130 -41.53 45.15 -87.05
N LEU EA 131 -40.52 45.88 -86.62
CA LEU EA 131 -40.62 46.88 -85.57
C LEU EA 131 -39.90 48.14 -86.00
N PRO EA 132 -40.23 49.28 -85.41
CA PRO EA 132 -39.51 50.52 -85.72
C PRO EA 132 -38.03 50.37 -85.42
N PRO EA 133 -37.17 50.92 -86.27
CA PRO EA 133 -35.73 50.75 -86.08
C PRO EA 133 -35.22 51.45 -84.83
N LEU EA 134 -34.20 50.86 -84.23
CA LEU EA 134 -33.54 51.48 -83.10
C LEU EA 134 -32.70 52.67 -83.58
N PRO EA 135 -32.48 53.68 -82.73
CA PRO EA 135 -31.64 54.80 -83.12
C PRO EA 135 -30.17 54.42 -83.18
N LEU EA 136 -29.78 53.75 -84.26
CA LEU EA 136 -28.41 53.27 -84.39
C LEU EA 136 -27.44 54.43 -84.45
N PRO EA 137 -26.23 54.26 -83.92
CA PRO EA 137 -25.22 55.32 -84.01
C PRO EA 137 -24.74 55.50 -85.45
N ARG EA 138 -25.12 56.61 -86.07
CA ARG EA 138 -24.76 56.88 -87.45
C ARG EA 138 -23.38 57.53 -87.52
N ARG EA 139 -22.56 57.07 -88.44
CA ARG EA 139 -21.22 57.61 -88.62
C ARG EA 139 -21.29 58.98 -89.27
N ASP EA 140 -20.16 59.69 -89.24
CA ASP EA 140 -20.09 61.00 -89.86
C ASP EA 140 -20.25 60.87 -91.37
N SER EA 141 -20.93 61.84 -91.98
CA SER EA 141 -21.10 61.84 -93.42
C SER EA 141 -19.77 62.15 -94.11
N ASN EA 142 -19.65 61.69 -95.35
CA ASN EA 142 -18.42 61.87 -96.11
C ASN EA 142 -18.13 63.33 -96.43
N LEU EA 143 -19.11 64.22 -96.25
CA LEU EA 143 -18.92 65.64 -96.52
C LEU EA 143 -18.23 66.38 -95.39
N THR EA 144 -17.94 65.70 -94.28
CA THR EA 144 -17.27 66.34 -93.16
C THR EA 144 -15.87 66.79 -93.54
N LEU EA 145 -15.34 67.75 -92.78
CA LEU EA 145 -14.04 68.33 -93.10
C LEU EA 145 -12.93 67.28 -93.07
N LEU EA 146 -12.92 66.43 -92.05
CA LEU EA 146 -11.89 65.39 -91.97
C LEU EA 146 -12.04 64.38 -93.10
N ASN EA 147 -13.27 63.97 -93.41
CA ASN EA 147 -13.49 62.99 -94.46
C ASN EA 147 -13.11 63.55 -95.83
N GLN EA 148 -13.39 64.85 -96.06
CA GLN EA 148 -13.03 65.45 -97.33
C GLN EA 148 -11.52 65.46 -97.54
N LEU EA 149 -10.76 65.76 -96.49
CA LEU EA 149 -9.31 65.74 -96.60
C LEU EA 149 -8.79 64.35 -96.94
N LEU EA 150 -9.36 63.32 -96.29
CA LEU EA 150 -8.92 61.96 -96.55
C LEU EA 150 -9.34 61.49 -97.95
N GLN EA 151 -10.52 61.90 -98.41
CA GLN EA 151 -10.95 61.53 -99.76
C GLN EA 151 -10.02 62.09 -100.81
N GLY EA 152 -9.37 63.21 -100.53
CA GLY EA 152 -8.37 63.73 -101.45
C GLY EA 152 -7.20 62.78 -101.63
N LEU EA 153 -6.78 62.12 -100.55
CA LEU EA 153 -5.72 61.12 -100.67
C LEU EA 153 -6.14 59.96 -101.54
N ARG EA 154 -7.38 59.48 -101.38
CA ARG EA 154 -7.83 58.33 -102.15
C ARG EA 154 -7.92 58.64 -103.63
N GLN EA 155 -8.42 59.83 -103.98
CA GLN EA 155 -8.51 60.20 -105.39
C GLN EA 155 -7.13 60.33 -106.02
N ASP EA 156 -6.18 60.92 -105.30
CA ASP EA 156 -4.82 61.04 -105.83
C ASP EA 156 -4.13 59.68 -105.91
N GLN EA 157 -4.34 58.82 -104.90
CA GLN EA 157 -3.74 57.50 -104.91
C GLN EA 157 -4.26 56.66 -106.08
N GLU EA 158 -5.58 56.68 -106.29
CA GLU EA 158 -6.17 55.91 -107.39
C GLU EA 158 -5.82 56.49 -108.75
N ALA EA 159 -5.49 57.78 -108.82
CA ALA EA 159 -5.13 58.38 -110.10
C ALA EA 159 -3.79 57.88 -110.60
N SER EA 160 -2.83 57.67 -109.70
CA SER EA 160 -1.49 57.25 -110.08
C SER EA 160 -1.35 55.73 -110.08
N SER EA 161 -1.76 55.07 -109.00
CA SER EA 161 -1.65 53.62 -108.90
C SER EA 161 -2.72 52.92 -109.73
N PRO FA 46 16.05 106.14 72.17
CA PRO FA 46 15.65 105.57 73.46
C PRO FA 46 16.83 105.06 74.27
N VAL FA 47 16.67 103.90 74.92
CA VAL FA 47 17.76 103.32 75.70
C VAL FA 47 18.78 102.71 74.74
N GLU FA 48 20.01 103.19 74.81
CA GLU FA 48 21.07 102.67 73.95
C GLU FA 48 21.43 101.23 74.27
N ASN FA 49 21.16 100.78 75.49
CA ASN FA 49 21.49 99.42 75.90
C ASN FA 49 20.48 98.38 75.42
N GLU FA 50 19.30 98.82 74.96
CA GLU FA 50 18.22 97.91 74.58
C GLU FA 50 18.29 97.45 73.13
N ALA FA 51 19.28 97.89 72.36
CA ALA FA 51 19.36 97.51 70.96
C ALA FA 51 19.72 96.04 70.83
N VAL FA 52 18.82 95.27 70.23
CA VAL FA 52 19.00 93.83 70.05
C VAL FA 52 18.77 93.50 68.58
N ALA FA 53 19.70 92.76 67.99
CA ALA FA 53 19.55 92.37 66.59
C ALA FA 53 18.42 91.35 66.46
N PRO FA 54 17.63 91.41 65.38
CA PRO FA 54 16.54 90.43 65.21
C PRO FA 54 17.02 89.00 65.15
N GLU FA 55 18.19 88.74 64.57
CA GLU FA 55 18.74 87.40 64.44
C GLU FA 55 20.03 87.31 65.25
N PHE FA 56 20.13 86.27 66.08
CA PHE FA 56 21.30 86.05 66.91
C PHE FA 56 22.13 84.92 66.34
N THR FA 57 23.42 85.19 66.13
CA THR FA 57 24.34 84.22 65.56
C THR FA 57 25.22 83.64 66.67
N ASN FA 58 25.15 82.32 66.85
CA ASN FA 58 25.93 81.62 67.85
C ASN FA 58 27.05 80.86 67.14
N ARG FA 59 28.30 81.16 67.49
CA ARG FA 59 29.45 80.56 66.85
C ARG FA 59 30.00 79.36 67.59
N ASN FA 60 29.38 78.96 68.69
CA ASN FA 60 29.86 77.81 69.45
C ASN FA 60 29.57 76.53 68.69
N PRO FA 61 30.59 75.75 68.33
CA PRO FA 61 30.34 74.52 67.56
C PRO FA 61 29.50 73.49 68.31
N ARG FA 62 29.61 73.45 69.63
CA ARG FA 62 28.93 72.45 70.44
C ARG FA 62 27.52 72.87 70.84
N ASN FA 63 27.08 74.08 70.45
CA ASN FA 63 25.76 74.55 70.85
C ASN FA 63 24.66 73.66 70.29
N LEU FA 64 24.75 73.30 69.01
CA LEU FA 64 23.75 72.43 68.41
C LEU FA 64 23.86 71.01 68.92
N GLU FA 65 25.10 70.54 69.16
CA GLU FA 65 25.29 69.19 69.67
C GLU FA 65 24.72 69.03 71.07
N LEU FA 66 24.91 70.03 71.94
CA LEU FA 66 24.40 69.95 73.30
C LEU FA 66 22.88 70.12 73.34
N LEU FA 67 22.27 70.73 72.33
CA LEU FA 67 20.83 70.88 72.27
C LEU FA 67 20.14 69.72 71.58
N ALA FA 68 20.90 68.73 71.10
CA ALA FA 68 20.36 67.56 70.39
C ALA FA 68 19.55 68.00 69.17
N VAL FA 69 20.03 69.01 68.46
CA VAL FA 69 19.38 69.48 67.24
C VAL FA 69 20.29 69.40 66.03
N ALA FA 70 21.58 69.12 66.21
CA ALA FA 70 22.50 69.02 65.09
C ALA FA 70 22.21 67.78 64.27
N ARG FA 71 22.70 67.79 63.03
CA ARG FA 71 22.48 66.68 62.11
C ARG FA 71 23.45 65.54 62.40
N LYS FA 72 22.91 64.34 62.57
CA LYS FA 72 23.72 63.14 62.60
C LYS FA 72 23.87 62.60 61.18
N GLU FA 73 25.09 62.17 60.85
CA GLU FA 73 25.39 61.67 59.51
C GLU FA 73 24.74 60.30 59.34
N ARG FA 74 23.42 60.32 59.16
CA ARG FA 74 22.67 59.10 58.91
C ARG FA 74 23.06 58.53 57.54
N GLY FA 75 22.95 57.21 57.41
CA GLY FA 75 23.24 56.58 56.15
C GLY FA 75 24.18 55.40 56.24
N TRP FA 76 25.04 55.25 55.22
CA TRP FA 76 25.93 54.11 55.11
C TRP FA 76 25.13 52.82 55.15
N GLY FA 77 25.28 52.05 56.22
CA GLY FA 77 24.56 50.78 56.36
C GLY FA 77 25.25 49.61 55.69
N THR FA 78 25.85 49.85 54.52
CA THR FA 78 26.62 48.81 53.84
C THR FA 78 28.03 48.67 54.40
N VAL FA 79 28.48 49.60 55.22
CA VAL FA 79 29.80 49.53 55.84
C VAL FA 79 29.64 49.51 57.35
N TRP FA 80 30.76 49.43 58.07
CA TRP FA 80 30.75 49.33 59.52
C TRP FA 80 32.04 49.95 60.04
N PRO FA 81 32.00 50.68 61.16
CA PRO FA 81 30.85 50.99 62.01
C PRO FA 81 29.98 52.11 61.44
N SER FA 82 28.72 52.19 61.87
CA SER FA 82 27.86 53.28 61.44
C SER FA 82 28.38 54.61 61.97
N ARG FA 83 28.37 55.63 61.11
CA ARG FA 83 28.89 56.95 61.46
C ARG FA 83 27.78 57.92 61.85
N GLU FA 84 26.75 57.43 62.52
CA GLU FA 84 25.62 58.24 62.99
C GLU FA 84 25.84 58.52 64.47
N PHE FA 85 26.64 59.54 64.76
CA PHE FA 85 26.98 59.88 66.13
C PHE FA 85 27.53 61.30 66.18
N TRP FA 86 27.62 61.83 67.40
CA TRP FA 86 28.39 63.05 67.67
C TRP FA 86 29.76 62.76 68.23
N HIS FA 87 29.87 61.76 69.12
CA HIS FA 87 31.15 61.35 69.68
C HIS FA 87 31.21 59.82 69.69
N ARG FA 88 32.34 59.27 69.25
CA ARG FA 88 32.54 57.83 69.17
C ARG FA 88 33.71 57.43 70.04
N LEU FA 89 33.53 56.37 70.82
CA LEU FA 89 34.59 55.82 71.65
C LEU FA 89 35.36 54.78 70.84
N ARG FA 90 36.64 55.02 70.64
CA ARG FA 90 37.51 54.15 69.85
C ARG FA 90 38.52 53.51 70.79
N VAL FA 91 38.43 52.19 70.96
CA VAL FA 91 39.32 51.44 71.84
C VAL FA 91 40.22 50.57 70.97
N ILE FA 92 41.53 50.76 71.09
CA ILE FA 92 42.52 50.00 70.33
C ILE FA 92 43.37 49.23 71.32
N ARG FA 93 43.48 47.91 71.11
CA ARG FA 93 44.25 47.02 71.98
C ARG FA 93 45.45 46.50 71.19
N THR FA 94 46.55 47.23 71.24
CA THR FA 94 47.81 46.74 70.70
C THR FA 94 48.40 45.69 71.63
N GLN FA 95 49.39 44.96 71.11
CA GLN FA 95 50.00 43.88 71.90
C GLN FA 95 50.81 44.41 73.07
N HIS FA 96 51.11 45.71 73.11
CA HIS FA 96 51.87 46.31 74.20
C HIS FA 96 51.07 47.31 75.03
N HIS FA 97 50.26 48.16 74.39
CA HIS FA 97 49.57 49.23 75.09
C HIS FA 97 48.08 49.22 74.77
N ILE FA 98 47.31 49.79 75.69
CA ILE FA 98 45.87 49.96 75.53
C ILE FA 98 45.59 51.44 75.32
N GLU FA 99 44.90 51.76 74.23
CA GLU FA 99 44.61 53.14 73.88
C GLU FA 99 43.12 53.30 73.66
N ALA FA 100 42.53 54.31 74.30
CA ALA FA 100 41.10 54.61 74.17
C ALA FA 100 40.96 56.04 73.67
N LEU FA 101 40.11 56.24 72.67
CA LEU FA 101 39.94 57.53 72.04
C LEU FA 101 38.48 57.92 71.99
N VAL FA 102 38.22 59.23 72.06
CA VAL FA 102 36.90 59.81 71.84
C VAL FA 102 37.03 60.73 70.64
N GLU FA 103 36.29 60.44 69.58
CA GLU FA 103 36.44 61.13 68.30
C GLU FA 103 35.15 61.81 67.89
N HIS FA 104 35.29 62.98 67.29
CA HIS FA 104 34.17 63.65 66.62
C HIS FA 104 33.99 63.07 65.22
N ARG FA 105 32.83 63.34 64.62
CA ARG FA 105 32.56 62.83 63.29
C ARG FA 105 33.44 63.46 62.22
N ASN FA 106 34.18 64.53 62.55
CA ASN FA 106 35.11 65.13 61.61
C ASN FA 106 36.44 64.39 61.54
N GLY FA 107 36.63 63.37 62.38
CA GLY FA 107 37.86 62.61 62.42
C GLY FA 107 38.85 63.03 63.49
N GLN FA 108 38.63 64.19 64.11
CA GLN FA 108 39.51 64.66 65.17
C GLN FA 108 39.24 63.89 66.46
N VAL FA 109 40.28 63.81 67.30
CA VAL FA 109 40.19 63.16 68.60
C VAL FA 109 40.15 64.24 69.68
N VAL FA 110 39.17 64.16 70.57
CA VAL FA 110 38.97 65.20 71.57
C VAL FA 110 39.75 64.88 72.83
N VAL FA 111 39.41 63.78 73.50
CA VAL FA 111 40.07 63.38 74.75
C VAL FA 111 40.56 61.95 74.59
N SER FA 112 41.82 61.71 74.99
CA SER FA 112 42.43 60.40 74.88
C SER FA 112 43.11 60.04 76.19
N ALA FA 113 42.99 58.78 76.58
CA ALA FA 113 43.64 58.24 77.77
C ALA FA 113 44.20 56.88 77.42
N SER FA 114 45.53 56.77 77.40
CA SER FA 114 46.20 55.54 76.99
C SER FA 114 47.34 55.23 77.94
N THR FA 115 47.70 53.95 78.00
CA THR FA 115 48.81 53.51 78.84
C THR FA 115 50.15 54.02 78.34
N ARG FA 116 50.24 54.50 77.10
CA ARG FA 116 51.48 55.05 76.59
C ARG FA 116 51.90 56.32 77.32
N GLU FA 117 50.97 56.99 77.99
CA GLU FA 117 51.30 58.17 78.76
C GLU FA 117 52.16 57.79 79.96
N TRP FA 118 53.13 58.65 80.28
CA TRP FA 118 53.98 58.40 81.44
C TRP FA 118 53.20 58.53 82.74
N ALA FA 119 52.13 59.34 82.74
CA ALA FA 119 51.35 59.53 83.95
C ALA FA 119 50.70 58.24 84.41
N ILE FA 120 50.18 57.44 83.46
CA ILE FA 120 49.50 56.21 83.80
C ILE FA 120 50.46 55.01 83.82
N LYS FA 121 51.57 55.08 83.09
CA LYS FA 121 52.47 53.94 82.99
C LYS FA 121 53.11 53.60 84.34
N LYS FA 122 53.53 54.62 85.09
CA LYS FA 122 54.25 54.40 86.34
C LYS FA 122 53.34 53.92 87.47
N HIS FA 123 52.02 53.92 87.28
CA HIS FA 123 51.10 53.44 88.30
C HIS FA 123 50.51 52.07 87.98
N LEU FA 124 50.72 51.56 86.77
CA LEU FA 124 50.25 50.24 86.38
C LEU FA 124 51.40 49.25 86.35
N TYR FA 125 51.11 48.01 86.75
CA TYR FA 125 52.12 46.96 86.68
C TYR FA 125 52.46 46.63 85.23
N SER FA 126 51.44 46.31 84.43
CA SER FA 126 51.61 46.02 83.02
C SER FA 126 50.52 46.71 82.22
N THR FA 127 50.86 47.08 80.98
CA THR FA 127 49.98 47.85 80.13
C THR FA 127 49.10 46.97 79.24
N ARG FA 128 49.13 45.66 79.43
CA ARG FA 128 48.36 44.73 78.60
C ARG FA 128 47.63 43.72 79.48
N ASN FA 129 46.94 44.22 80.50
CA ASN FA 129 46.15 43.39 81.40
C ASN FA 129 44.69 43.85 81.38
N VAL FA 130 43.84 43.05 82.02
CA VAL FA 130 42.46 43.46 82.24
C VAL FA 130 42.41 44.65 83.19
N VAL FA 131 43.31 44.68 84.17
CA VAL FA 131 43.39 45.82 85.09
C VAL FA 131 43.80 47.07 84.35
N ALA FA 132 44.66 46.94 83.35
CA ALA FA 132 45.10 48.10 82.58
C ALA FA 132 43.92 48.75 81.85
N CYS FA 133 43.01 47.93 81.30
CA CYS FA 133 41.83 48.48 80.65
C CYS FA 133 40.95 49.22 81.64
N GLU FA 134 40.83 48.70 82.86
CA GLU FA 134 40.05 49.39 83.89
C GLU FA 134 40.65 50.76 84.20
N SER FA 135 41.98 50.83 84.32
CA SER FA 135 42.63 52.11 84.56
C SER FA 135 42.42 53.06 83.41
N VAL FA 136 42.49 52.56 82.17
CA VAL FA 136 42.23 53.40 81.01
C VAL FA 136 40.78 53.90 81.04
N GLY FA 137 39.84 53.01 81.36
CA GLY FA 137 38.45 53.42 81.41
C GLY FA 137 38.18 54.47 82.48
N ARG FA 138 38.74 54.28 83.67
CA ARG FA 138 38.50 55.23 84.75
C ARG FA 138 39.14 56.59 84.46
N VAL FA 139 40.38 56.58 83.94
CA VAL FA 139 41.05 57.84 83.64
C VAL FA 139 40.31 58.60 82.55
N LEU FA 140 39.90 57.91 81.48
CA LEU FA 140 39.16 58.58 80.42
C LEU FA 140 37.80 59.06 80.91
N ALA FA 141 37.17 58.32 81.81
CA ALA FA 141 35.88 58.74 82.35
C ALA FA 141 35.99 60.05 83.09
N GLU FA 142 37.06 60.23 83.88
CA GLU FA 142 37.25 61.48 84.59
C GLU FA 142 37.51 62.63 83.62
N ARG FA 143 38.33 62.38 82.58
CA ARG FA 143 38.65 63.45 81.64
C ARG FA 143 37.44 63.88 80.82
N CYS FA 144 36.57 62.93 80.46
CA CYS FA 144 35.38 63.28 79.71
C CYS FA 144 34.47 64.21 80.51
N LEU FA 145 34.31 63.95 81.80
CA LEU FA 145 33.55 64.87 82.65
C LEU FA 145 34.22 66.23 82.72
N GLU FA 146 35.55 66.27 82.80
CA GLU FA 146 36.27 67.53 82.78
C GLU FA 146 36.08 68.26 81.45
N ALA FA 147 35.95 67.52 80.36
CA ALA FA 147 35.78 68.11 79.04
C ALA FA 147 34.32 68.38 78.68
N GLY FA 148 33.39 68.01 79.55
CA GLY FA 148 31.98 68.27 79.30
C GLY FA 148 31.29 67.28 78.39
N ILE FA 149 31.99 66.23 77.95
CA ILE FA 149 31.39 65.21 77.08
C ILE FA 149 30.74 64.18 77.98
N ASN FA 150 29.41 64.15 77.97
CA ASN FA 150 28.65 63.23 78.81
C ASN FA 150 28.01 62.08 78.03
N PHE FA 151 27.95 62.18 76.71
CA PHE FA 151 27.32 61.17 75.88
C PHE FA 151 28.25 60.77 74.75
N MET FA 152 28.30 59.47 74.46
CA MET FA 152 29.12 58.95 73.37
C MET FA 152 28.51 57.64 72.90
N VAL FA 153 28.92 57.23 71.69
CA VAL FA 153 28.45 56.00 71.08
C VAL FA 153 29.62 55.04 70.96
N TYR FA 154 29.44 53.81 71.44
CA TYR FA 154 30.46 52.77 71.36
C TYR FA 154 29.88 51.59 70.60
N HIS FA 155 30.51 51.23 69.48
CA HIS FA 155 30.08 50.12 68.64
C HIS FA 155 31.16 49.04 68.68
N PRO FA 156 31.09 48.10 69.61
CA PRO FA 156 32.14 47.08 69.72
C PRO FA 156 31.97 45.97 68.70
N THR FA 157 33.10 45.33 68.40
CA THR FA 157 33.06 44.12 67.60
C THR FA 157 32.31 43.02 68.36
N PRO FA 158 31.60 42.13 67.67
CA PRO FA 158 30.80 41.13 68.38
C PRO FA 158 31.61 40.26 69.34
N TRP FA 159 32.83 39.88 68.97
CA TRP FA 159 33.65 39.08 69.87
C TRP FA 159 34.25 39.93 71.00
N GLU FA 160 34.53 41.20 70.73
CA GLU FA 160 35.02 42.09 71.79
C GLU FA 160 33.94 42.41 72.80
N ALA FA 161 32.66 42.34 72.42
CA ALA FA 161 31.59 42.62 73.36
C ALA FA 161 31.53 41.60 74.48
N ALA FA 162 31.93 40.35 74.20
CA ALA FA 162 31.97 39.31 75.20
C ALA FA 162 33.35 39.18 75.87
N SER FA 163 34.33 39.96 75.43
CA SER FA 163 35.65 39.91 76.03
C SER FA 163 35.61 40.45 77.46
N ASP FA 164 36.43 39.84 78.32
CA ASP FA 164 36.40 40.20 79.73
C ASP FA 164 36.84 41.63 79.97
N SER FA 165 37.89 42.07 79.29
CA SER FA 165 38.41 43.42 79.51
C SER FA 165 37.41 44.48 79.08
N ILE FA 166 36.81 44.31 77.90
CA ILE FA 166 35.88 45.30 77.37
C ILE FA 166 34.60 45.33 78.21
N LYS FA 167 34.14 44.17 78.66
CA LYS FA 167 32.93 44.12 79.48
C LYS FA 167 33.09 44.92 80.75
N ARG FA 168 34.24 44.79 81.42
CA ARG FA 168 34.49 45.55 82.64
C ARG FA 168 34.99 46.96 82.35
N LEU FA 169 35.49 47.22 81.13
CA LEU FA 169 35.86 48.59 80.77
C LEU FA 169 34.63 49.48 80.72
N GLN FA 170 33.54 49.01 80.13
CA GLN FA 170 32.31 49.79 80.08
C GLN FA 170 31.70 49.94 81.46
N HIS FA 171 31.93 48.99 82.36
CA HIS FA 171 31.44 49.12 83.73
C HIS FA 171 32.09 50.32 84.43
N ALA FA 172 33.38 50.54 84.18
CA ALA FA 172 34.04 51.73 84.72
C ALA FA 172 33.45 53.01 84.13
N MET FA 173 33.14 52.99 82.83
CA MET FA 173 32.56 54.17 82.21
C MET FA 173 31.18 54.49 82.79
N THR FA 174 30.35 53.46 82.98
CA THR FA 174 29.01 53.69 83.51
C THR FA 174 29.07 54.28 84.92
N GLU FA 175 29.93 53.73 85.77
CA GLU FA 175 30.10 54.27 87.11
C GLU FA 175 30.97 55.52 87.12
N GLY FA 176 31.70 55.79 86.04
CA GLY FA 176 32.53 56.97 85.95
C GLY FA 176 31.79 58.24 85.60
N GLY FA 177 30.49 58.16 85.32
CA GLY FA 177 29.68 59.30 84.98
C GLY FA 177 29.38 59.44 83.51
N VAL FA 178 30.19 58.86 82.64
CA VAL FA 178 29.97 58.92 81.19
C VAL FA 178 28.91 57.89 80.82
N VAL FA 179 27.89 58.32 80.08
CA VAL FA 179 26.78 57.46 79.69
C VAL FA 179 26.81 57.27 78.18
N LEU FA 180 26.74 56.02 77.75
CA LEU FA 180 26.67 55.71 76.33
C LEU FA 180 25.26 56.02 75.83
N ARG FA 181 24.98 55.63 74.57
CA ARG FA 181 23.66 55.78 73.98
C ARG FA 181 23.23 57.25 73.95
N GLU FA 182 23.94 58.01 73.09
CA GLU FA 182 23.68 59.43 72.88
C GLU FA 182 22.19 59.70 72.69
N PRO FA 183 21.70 60.84 73.15
CA PRO FA 183 20.26 61.13 73.05
C PRO FA 183 19.81 61.25 71.60
N ARG FA 184 18.57 60.85 71.35
CA ARG FA 184 18.02 60.89 70.00
C ARG FA 184 17.88 62.33 69.52
N ARG FA 185 18.17 62.55 68.25
CA ARG FA 185 18.08 63.89 67.69
C ARG FA 185 16.63 64.37 67.68
N ILE FA 186 16.44 65.64 68.03
CA ILE FA 186 15.11 66.24 68.02
C ILE FA 186 14.77 66.65 66.60
N TYR FA 187 13.63 66.16 66.10
CA TYR FA 187 13.23 66.34 64.70
C TYR FA 187 14.31 65.82 63.76
N GLU FA 188 14.57 64.52 63.85
CA GLU FA 188 15.64 63.88 63.11
C GLU FA 188 15.36 63.82 61.62
N ALA GA 64 4.25 -31.49 -110.66
CA ALA GA 64 3.87 -30.66 -109.53
C ALA GA 64 2.66 -29.79 -109.89
N PHE GA 65 1.56 -30.04 -109.19
CA PHE GA 65 0.30 -29.31 -109.41
C PHE GA 65 0.18 -28.18 -108.40
N GLN GA 66 -0.12 -26.98 -108.90
CA GLN GA 66 -0.35 -25.83 -108.04
C GLN GA 66 -1.84 -25.52 -108.02
N PRO GA 67 -2.50 -25.54 -106.87
CA PRO GA 67 -3.94 -25.25 -106.81
C PRO GA 67 -4.23 -23.84 -107.30
N PRO GA 68 -5.35 -23.63 -107.99
CA PRO GA 68 -5.65 -22.30 -108.49
C PRO GA 68 -5.88 -21.33 -107.36
N PRO GA 69 -5.50 -20.06 -107.54
CA PRO GA 69 -5.73 -19.07 -106.48
C PRO GA 69 -7.23 -18.81 -106.27
N LYS GA 70 -7.55 -18.36 -105.07
CA LYS GA 70 -8.93 -18.08 -104.72
C LYS GA 70 -9.43 -16.87 -105.48
N PRO GA 71 -10.47 -17.00 -106.31
CA PRO GA 71 -10.98 -15.84 -107.05
C PRO GA 71 -12.09 -15.11 -106.31
N VAL GA 72 -12.52 -13.98 -106.87
CA VAL GA 72 -13.64 -13.20 -106.34
C VAL GA 72 -14.76 -13.24 -107.36
N ILE GA 73 -15.93 -13.69 -106.92
CA ILE GA 73 -17.10 -13.79 -107.80
C ILE GA 73 -18.18 -12.79 -107.41
N VAL GA 74 -17.86 -11.83 -106.56
CA VAL GA 74 -18.83 -10.82 -106.14
C VAL GA 74 -19.04 -9.83 -107.27
N ASP GA 75 -20.29 -9.57 -107.61
CA ASP GA 75 -20.62 -8.67 -108.70
C ASP GA 75 -21.09 -7.34 -108.13
N LYS GA 76 -20.64 -6.25 -108.75
CA LYS GA 76 -20.99 -4.90 -108.33
C LYS GA 76 -22.41 -4.50 -108.71
N ARG GA 77 -23.12 -5.32 -109.50
CA ARG GA 77 -24.50 -5.01 -109.88
C ARG GA 77 -25.40 -4.99 -108.66
N ARG GA 78 -25.37 -6.03 -107.86
CA ARG GA 78 -26.22 -6.13 -106.69
C ARG GA 78 -25.71 -5.26 -105.56
N PRO GA 79 -24.50 -5.48 -105.09
CA PRO GA 79 -24.03 -4.71 -103.94
C PRO GA 79 -23.24 -3.47 -104.33
N GLN GA 80 -23.11 -2.57 -103.35
CA GLN GA 80 -22.41 -1.32 -103.54
C GLN GA 80 -21.32 -1.17 -102.48
N ARG GA 81 -20.28 -0.41 -102.84
CA ARG GA 81 -19.11 -0.20 -101.98
C ARG GA 81 -18.91 1.31 -101.83
N PRO GA 82 -19.68 1.95 -100.95
CA PRO GA 82 -19.45 3.36 -100.65
C PRO GA 82 -18.09 3.57 -99.98
N GLU GA 83 -17.49 4.73 -100.26
CA GLU GA 83 -16.19 5.08 -99.70
C GLU GA 83 -16.35 6.13 -98.62
N THR GA 84 -15.69 5.92 -97.49
CA THR GA 84 -15.70 6.86 -96.38
C THR GA 84 -14.28 7.15 -95.95
N ARG GA 85 -14.05 8.39 -95.52
CA ARG GA 85 -12.73 8.82 -95.11
C ARG GA 85 -12.53 8.53 -93.63
N PHE GA 86 -11.32 8.08 -93.28
CA PHE GA 86 -10.92 7.87 -91.89
C PHE GA 86 -9.78 8.83 -91.57
N LEU GA 87 -9.95 9.59 -90.50
CA LEU GA 87 -8.95 10.55 -90.04
C LEU GA 87 -8.53 10.18 -88.62
N SER GA 88 -7.23 10.07 -88.40
CA SER GA 88 -6.73 9.67 -87.09
C SER GA 88 -7.12 10.72 -86.04
N PRO GA 89 -7.51 10.30 -84.84
CA PRO GA 89 -7.94 11.26 -83.81
C PRO GA 89 -6.87 12.29 -83.45
N GLU GA 90 -5.59 11.92 -83.49
CA GLU GA 90 -4.54 12.86 -83.11
C GLU GA 90 -4.38 14.00 -84.10
N PHE GA 91 -4.91 13.87 -85.32
CA PHE GA 91 -4.86 14.98 -86.27
C PHE GA 91 -5.85 16.07 -85.94
N ILE GA 92 -6.84 15.79 -85.10
CA ILE GA 92 -7.83 16.81 -84.71
C ILE GA 92 -7.18 17.73 -83.67
N PRO GA 93 -7.02 19.02 -83.98
CA PRO GA 93 -6.40 19.93 -83.02
C PRO GA 93 -7.28 20.14 -81.81
N PRO GA 94 -6.71 20.25 -80.61
CA PRO GA 94 -7.51 20.52 -79.42
C PRO GA 94 -8.12 21.91 -79.45
N ARG GA 95 -9.26 22.05 -78.79
CA ARG GA 95 -9.92 23.35 -78.68
C ARG GA 95 -9.19 24.22 -77.66
N GLY GA 96 -8.96 25.47 -78.01
CA GLY GA 96 -8.26 26.39 -77.13
C GLY GA 96 -7.77 27.61 -77.89
N ARG GA 97 -6.69 28.21 -77.37
CA ARG GA 97 -6.09 29.41 -77.97
C ARG GA 97 -4.60 29.13 -78.21
N THR GA 98 -4.31 28.50 -79.34
CA THR GA 98 -2.94 28.26 -79.78
C THR GA 98 -2.82 28.67 -81.24
N ASN GA 99 -1.69 29.27 -81.58
CA ASN GA 99 -1.47 29.68 -82.96
C ASN GA 99 -1.55 28.46 -83.87
N PRO GA 100 -2.38 28.50 -84.92
CA PRO GA 100 -2.48 27.34 -85.83
C PRO GA 100 -1.17 26.98 -86.49
N LEU GA 101 -0.20 27.90 -86.50
CA LEU GA 101 1.11 27.58 -87.08
C LEU GA 101 1.79 26.44 -86.32
N LYS GA 102 1.54 26.32 -85.01
CA LYS GA 102 2.10 25.21 -84.26
C LYS GA 102 1.55 23.88 -84.76
N PHE GA 103 0.24 23.82 -85.02
CA PHE GA 103 -0.37 22.58 -85.47
C PHE GA 103 0.15 22.14 -86.83
N GLN GA 104 0.45 23.10 -87.72
CA GLN GA 104 1.04 22.76 -89.01
C GLN GA 104 2.42 22.14 -88.82
N ILE GA 105 3.22 22.68 -87.90
CA ILE GA 105 4.56 22.17 -87.68
C ILE GA 105 4.51 20.72 -87.20
N GLU GA 106 3.63 20.44 -86.23
CA GLU GA 106 3.47 19.06 -85.77
C GLU GA 106 2.92 18.18 -86.89
N ARG GA 107 1.97 18.70 -87.67
CA ARG GA 107 1.35 17.89 -88.72
C ARG GA 107 2.36 17.47 -89.77
N LYS GA 108 3.28 18.37 -90.14
CA LYS GA 108 4.30 18.01 -91.12
C LYS GA 108 5.20 16.90 -90.61
N ASP GA 109 5.60 16.97 -89.33
CA ASP GA 109 6.45 15.93 -88.76
C ASP GA 109 5.71 14.61 -88.65
N MET GA 110 4.42 14.65 -88.34
CA MET GA 110 3.64 13.41 -88.23
C MET GA 110 3.56 12.69 -89.58
N LEU GA 111 3.37 13.43 -90.67
CA LEU GA 111 3.27 12.80 -91.97
C LEU GA 111 4.61 12.22 -92.43
N GLU GA 112 5.72 12.88 -92.09
CA GLU GA 112 7.02 12.34 -92.43
C GLU GA 112 7.29 11.03 -91.72
N ARG GA 113 6.88 10.92 -90.45
CA ARG GA 113 7.04 9.68 -89.71
C ARG GA 113 6.20 8.57 -90.29
N ARG GA 114 4.98 8.89 -90.71
CA ARG GA 114 4.08 7.87 -91.26
C ARG GA 114 4.58 7.31 -92.58
N LYS GA 115 5.46 8.03 -93.29
CA LYS GA 115 6.04 7.48 -94.51
C LYS GA 115 6.91 6.27 -94.21
N ILE GA 116 7.66 6.30 -93.12
CA ILE GA 116 8.55 5.19 -92.76
C ILE GA 116 7.80 4.13 -91.97
N LEU GA 117 7.06 4.53 -90.94
CA LEU GA 117 6.29 3.60 -90.11
C LEU GA 117 4.84 3.64 -90.54
N HIS GA 118 4.31 2.49 -90.95
CA HIS GA 118 2.94 2.39 -91.44
C HIS GA 118 2.00 2.16 -90.26
N ILE GA 119 1.27 3.20 -89.88
CA ILE GA 119 0.31 3.14 -88.79
C ILE GA 119 -1.06 2.86 -89.40
N PRO GA 120 -1.67 1.71 -89.13
CA PRO GA 120 -2.93 1.35 -89.78
C PRO GA 120 -4.13 1.97 -89.07
N GLU GA 121 -5.31 1.75 -89.64
CA GLU GA 121 -6.55 2.22 -89.06
C GLU GA 121 -7.01 1.25 -87.97
N PHE GA 122 -7.15 1.74 -86.75
CA PHE GA 122 -7.60 0.92 -85.64
C PHE GA 122 -8.45 1.75 -84.69
N TYR GA 123 -9.46 1.12 -84.11
CA TYR GA 123 -10.38 1.77 -83.19
C TYR GA 123 -10.20 1.20 -81.79
N VAL GA 124 -11.00 1.72 -80.86
CA VAL GA 124 -11.00 1.21 -79.50
C VAL GA 124 -11.66 -0.16 -79.47
N GLY GA 125 -10.98 -1.13 -78.87
CA GLY GA 125 -11.44 -2.50 -78.84
C GLY GA 125 -10.76 -3.41 -79.85
N SER GA 126 -10.13 -2.84 -80.88
CA SER GA 126 -9.38 -3.63 -81.82
C SER GA 126 -8.11 -4.19 -81.17
N ILE GA 127 -7.66 -5.33 -81.65
CA ILE GA 127 -6.51 -6.03 -81.10
C ILE GA 127 -5.31 -5.75 -81.98
N LEU GA 128 -4.21 -5.32 -81.36
CA LEU GA 128 -3.00 -4.93 -82.08
C LEU GA 128 -1.78 -5.63 -81.47
N ARG GA 129 -0.80 -5.89 -82.33
CA ARG GA 129 0.50 -6.39 -81.90
C ARG GA 129 1.54 -5.33 -82.25
N VAL GA 130 2.30 -4.90 -81.25
CA VAL GA 130 3.27 -3.82 -81.41
C VAL GA 130 4.66 -4.38 -81.14
N THR GA 131 5.59 -4.12 -82.06
CA THR GA 131 6.97 -4.56 -81.95
C THR GA 131 7.85 -3.37 -81.63
N THR GA 132 8.38 -3.34 -80.41
CA THR GA 132 9.28 -2.28 -79.97
C THR GA 132 10.72 -2.77 -80.04
N ALA GA 133 11.65 -1.89 -79.64
CA ALA GA 133 13.07 -2.20 -79.67
C ALA GA 133 13.65 -1.97 -78.28
N ASP GA 134 13.76 -3.04 -77.50
CA ASP GA 134 14.39 -2.89 -76.18
C ASP GA 134 15.79 -3.48 -76.18
N PRO GA 135 16.76 -2.75 -75.63
CA PRO GA 135 18.16 -3.20 -75.73
C PRO GA 135 18.52 -4.35 -74.82
N TYR GA 136 17.75 -4.59 -73.77
CA TYR GA 136 18.14 -5.54 -72.73
C TYR GA 136 17.64 -6.95 -72.97
N ALA GA 137 16.88 -7.19 -74.04
CA ALA GA 137 16.41 -8.53 -74.35
C ALA GA 137 17.43 -9.26 -75.21
N SER GA 138 17.30 -10.59 -75.27
CA SER GA 138 18.17 -11.39 -76.11
C SER GA 138 18.00 -11.02 -77.58
N ALA GA 139 16.75 -10.86 -78.01
CA ALA GA 139 16.44 -10.31 -79.32
C ALA GA 139 16.01 -8.85 -79.14
N LYS GA 140 16.58 -7.96 -79.95
CA LYS GA 140 16.35 -6.53 -79.77
C LYS GA 140 14.88 -6.15 -79.92
N THR GA 141 14.10 -6.94 -80.64
CA THR GA 141 12.67 -6.66 -80.75
C THR GA 141 11.93 -7.21 -79.54
N SER GA 142 10.75 -6.66 -79.30
CA SER GA 142 9.88 -7.12 -78.21
C SER GA 142 8.44 -7.07 -78.70
N GLN GA 143 7.69 -8.13 -78.42
CA GLN GA 143 6.31 -8.27 -78.89
C GLN GA 143 5.34 -8.06 -77.74
N PHE GA 144 4.14 -7.60 -78.08
CA PHE GA 144 3.07 -7.45 -77.10
C PHE GA 144 1.75 -7.35 -77.86
N LEU GA 145 0.80 -8.22 -77.51
CA LEU GA 145 -0.51 -8.24 -78.13
C LEU GA 145 -1.58 -7.99 -77.05
N GLY GA 146 -2.53 -7.14 -77.37
CA GLY GA 146 -3.60 -6.85 -76.44
C GLY GA 146 -4.64 -5.95 -77.08
N ILE GA 147 -5.74 -5.77 -76.36
CA ILE GA 147 -6.83 -4.94 -76.85
C ILE GA 147 -6.53 -3.48 -76.54
N CYS GA 148 -6.87 -2.60 -77.49
CA CYS GA 148 -6.63 -1.17 -77.33
C CYS GA 148 -7.71 -0.59 -76.42
N ILE GA 149 -7.32 -0.25 -75.19
CA ILE GA 149 -8.28 0.25 -74.21
C ILE GA 149 -8.79 1.63 -74.61
N GLN GA 150 -7.89 2.53 -74.97
CA GLN GA 150 -8.27 3.91 -75.25
C GLN GA 150 -7.25 4.56 -76.17
N ARG GA 151 -7.68 5.63 -76.82
CA ARG GA 151 -6.81 6.48 -77.61
C ARG GA 151 -6.98 7.92 -77.12
N SER GA 152 -5.86 8.60 -76.88
CA SER GA 152 -5.89 9.96 -76.37
C SER GA 152 -4.67 10.71 -76.87
N GLY GA 153 -4.62 11.99 -76.54
CA GLY GA 153 -3.55 12.85 -76.97
C GLY GA 153 -3.78 13.43 -78.36
N SER GA 154 -3.00 14.44 -78.69
CA SER GA 154 -3.09 15.11 -79.98
C SER GA 154 -1.70 15.36 -80.52
N GLY GA 155 -1.60 15.42 -81.85
CA GLY GA 155 -0.34 15.76 -82.49
C GLY GA 155 0.71 14.69 -82.35
N LEU GA 156 1.97 15.12 -82.17
CA LEU GA 156 3.10 14.20 -82.16
C LEU GA 156 3.14 13.31 -80.93
N GLY GA 157 2.31 13.57 -79.92
CA GLY GA 157 2.37 12.79 -78.69
C GLY GA 157 1.18 11.88 -78.47
N ALA GA 158 0.61 11.36 -79.55
CA ALA GA 158 -0.54 10.46 -79.43
C ALA GA 158 -0.14 9.18 -78.72
N THR GA 159 -1.04 8.65 -77.89
CA THR GA 159 -0.79 7.45 -77.13
C THR GA 159 -2.01 6.53 -77.18
N PHE GA 160 -1.76 5.24 -76.98
CA PHE GA 160 -2.81 4.25 -76.84
C PHE GA 160 -2.37 3.22 -75.81
N ILE GA 161 -3.34 2.56 -75.18
CA ILE GA 161 -3.08 1.63 -74.09
C ILE GA 161 -3.56 0.25 -74.51
N LEU GA 162 -2.70 -0.75 -74.37
CA LEU GA 162 -3.01 -2.12 -74.72
C LEU GA 162 -3.19 -2.96 -73.46
N ARG GA 163 -4.27 -3.74 -73.41
CA ARG GA 163 -4.63 -4.54 -72.25
C ARG GA 163 -4.55 -6.02 -72.61
N ASN GA 164 -3.88 -6.79 -71.75
CA ASN GA 164 -3.77 -8.23 -71.94
C ASN GA 164 -3.47 -8.86 -70.59
N THR GA 165 -3.92 -10.10 -70.42
CA THR GA 165 -3.71 -10.86 -69.19
C THR GA 165 -2.91 -12.12 -69.52
N ILE GA 166 -1.78 -12.29 -68.85
CA ILE GA 166 -0.92 -13.46 -69.02
C ILE GA 166 -0.59 -14.02 -67.65
N GLU GA 167 -0.71 -15.34 -67.50
CA GLU GA 167 -0.51 -16.03 -66.22
C GLU GA 167 -1.40 -15.46 -65.12
N GLY GA 168 -2.61 -15.04 -65.48
CA GLY GA 168 -3.51 -14.47 -64.50
C GLY GA 168 -3.18 -13.08 -64.04
N GLN GA 169 -2.22 -12.41 -64.68
CA GLN GA 169 -1.80 -11.07 -64.29
C GLN GA 169 -2.16 -10.10 -65.41
N GLY GA 170 -2.89 -9.04 -65.04
CA GLY GA 170 -3.26 -8.03 -66.02
C GLY GA 170 -2.13 -7.05 -66.24
N VAL GA 171 -1.79 -6.82 -67.51
CA VAL GA 171 -0.69 -5.93 -67.90
C VAL GA 171 -1.23 -4.88 -68.85
N GLU GA 172 -0.95 -3.62 -68.56
CA GLU GA 172 -1.33 -2.50 -69.42
C GLU GA 172 -0.09 -1.70 -69.77
N ILE GA 173 0.10 -1.39 -71.04
CA ILE GA 173 1.22 -0.59 -71.51
C ILE GA 173 0.68 0.56 -72.34
N CYS GA 174 1.16 1.77 -72.07
CA CYS GA 174 0.74 2.97 -72.79
C CYS GA 174 1.81 3.32 -73.81
N PHE GA 175 1.65 2.80 -75.02
CA PHE GA 175 2.61 3.04 -76.09
C PHE GA 175 2.40 4.44 -76.68
N GLU GA 176 3.44 4.91 -77.37
CA GLU GA 176 3.40 6.18 -78.11
C GLU GA 176 3.41 5.87 -79.60
N LEU GA 177 2.47 6.46 -80.33
CA LEU GA 177 2.34 6.17 -81.76
C LEU GA 177 3.58 6.60 -82.53
N TYR GA 178 4.13 7.76 -82.20
CA TYR GA 178 5.23 8.34 -82.96
C TYR GA 178 6.58 8.16 -82.28
N ASN GA 179 6.67 7.26 -81.31
CA ASN GA 179 7.95 6.98 -80.67
C ASN GA 179 8.85 6.25 -81.66
N PRO GA 180 10.07 6.72 -81.90
CA PRO GA 180 10.93 6.09 -82.92
C PRO GA 180 11.44 4.71 -82.52
N ARG GA 181 11.11 4.21 -81.34
CA ARG GA 181 11.53 2.87 -80.93
C ARG GA 181 10.54 1.79 -81.34
N ILE GA 182 9.46 2.15 -82.02
CA ILE GA 182 8.48 1.18 -82.51
C ILE GA 182 8.90 0.73 -83.91
N GLN GA 183 9.01 -0.59 -84.10
CA GLN GA 183 9.39 -1.12 -85.40
C GLN GA 183 8.20 -1.16 -86.35
N GLU GA 184 7.13 -1.85 -85.96
CA GLU GA 184 5.94 -1.93 -86.79
C GLU GA 184 4.71 -2.09 -85.90
N ILE GA 185 3.57 -1.70 -86.44
CA ILE GA 185 2.28 -1.85 -85.76
C ILE GA 185 1.36 -2.64 -86.68
N GLN GA 186 0.80 -3.72 -86.15
CA GLN GA 186 -0.05 -4.62 -86.92
C GLN GA 186 -1.38 -4.83 -86.20
N VAL GA 187 -2.46 -4.79 -86.97
CA VAL GA 187 -3.81 -5.00 -86.44
C VAL GA 187 -4.25 -6.41 -86.81
N VAL GA 188 -4.41 -7.27 -85.80
CA VAL GA 188 -4.85 -8.64 -86.05
C VAL GA 188 -6.36 -8.78 -86.05
N LYS GA 189 -7.09 -7.79 -85.53
CA LYS GA 189 -8.55 -7.86 -85.50
C LYS GA 189 -9.08 -6.43 -85.42
N LEU GA 190 -9.64 -5.93 -86.52
CA LEU GA 190 -10.16 -4.58 -86.57
C LEU GA 190 -11.62 -4.60 -86.12
N GLU GA 191 -11.89 -4.00 -84.97
CA GLU GA 191 -13.23 -4.02 -84.39
C GLU GA 191 -13.55 -2.67 -83.78
N LYS GA 192 -14.84 -2.40 -83.66
CA LYS GA 192 -15.36 -1.25 -82.94
C LYS GA 192 -16.39 -1.74 -81.92
N ARG GA 193 -16.32 -1.21 -80.71
CA ARG GA 193 -17.19 -1.66 -79.64
C ARG GA 193 -18.17 -0.56 -79.24
N LEU GA 194 -19.10 -0.93 -78.37
CA LEU GA 194 -20.18 -0.03 -77.98
C LEU GA 194 -19.70 1.19 -77.22
N ASP GA 195 -18.48 1.20 -76.73
CA ASP GA 195 -17.96 2.30 -75.93
C ASP GA 195 -16.73 2.90 -76.60
N ASN GA 196 -16.37 4.10 -76.15
CA ASN GA 196 -15.24 4.84 -76.70
C ASN GA 196 -13.99 4.74 -75.86
N SER GA 197 -14.09 4.22 -74.63
CA SER GA 197 -12.94 4.05 -73.75
C SER GA 197 -13.18 2.82 -72.90
N LEU GA 198 -12.42 1.76 -73.15
CA LEU GA 198 -12.60 0.48 -72.47
C LEU GA 198 -11.72 0.40 -71.22
N LEU GA 199 -11.94 1.35 -70.31
CA LEU GA 199 -11.26 1.35 -69.02
C LEU GA 199 -12.00 0.53 -67.97
N TYR GA 200 -13.17 -0.01 -68.30
CA TYR GA 200 -13.93 -0.81 -67.35
C TYR GA 200 -13.60 -2.29 -67.44
N LEU GA 201 -12.58 -2.66 -68.22
CA LEU GA 201 -12.12 -4.04 -68.24
C LEU GA 201 -11.24 -4.39 -67.05
N ARG GA 202 -10.79 -3.39 -66.29
CA ARG GA 202 -10.06 -3.69 -65.06
C ARG GA 202 -10.96 -4.42 -64.07
N ASP GA 203 -12.20 -3.99 -63.94
CA ASP GA 203 -13.16 -4.59 -63.02
C ASP GA 203 -14.00 -5.68 -63.66
N ALA GA 204 -13.76 -5.99 -64.93
CA ALA GA 204 -14.49 -7.06 -65.60
C ALA GA 204 -13.86 -8.41 -65.29
N LEU GA 205 -14.54 -9.48 -65.69
CA LEU GA 205 -14.04 -10.82 -65.46
C LEU GA 205 -12.77 -11.06 -66.29
N PRO GA 206 -11.86 -11.92 -65.80
CA PRO GA 206 -10.58 -12.09 -66.49
C PRO GA 206 -10.70 -12.59 -67.92
N GLU GA 207 -11.71 -13.40 -68.24
CA GLU GA 207 -11.80 -13.96 -69.58
C GLU GA 207 -12.06 -12.90 -70.65
N TYR GA 208 -12.56 -11.73 -70.25
CA TYR GA 208 -12.74 -10.63 -71.19
C TYR GA 208 -11.46 -9.84 -71.45
N SER GA 209 -10.38 -10.15 -70.71
CA SER GA 209 -9.10 -9.50 -70.93
C SER GA 209 -8.02 -10.44 -71.44
N THR GA 210 -8.25 -11.75 -71.41
CA THR GA 210 -7.26 -12.71 -71.88
C THR GA 210 -7.37 -12.86 -73.40
N PHE GA 211 -6.24 -12.74 -74.09
CA PHE GA 211 -6.18 -12.91 -75.52
C PHE GA 211 -4.97 -13.77 -75.88
N ASP GA 212 -5.15 -14.66 -76.85
CA ASP GA 212 -4.07 -15.53 -77.28
C ASP GA 212 -2.93 -14.71 -77.86
N VAL GA 213 -1.71 -14.98 -77.40
CA VAL GA 213 -0.56 -14.19 -77.83
C VAL GA 213 -0.26 -14.43 -79.31
N ASN GA 214 -0.33 -15.68 -79.75
CA ASN GA 214 0.05 -16.06 -81.11
C ASN GA 214 -1.15 -16.26 -82.02
N MET GA 215 -2.22 -15.47 -81.84
CA MET GA 215 -3.38 -15.61 -82.71
C MET GA 215 -3.05 -15.11 -84.12
N LYS GA 216 -3.65 -15.75 -85.11
CA LYS GA 216 -3.40 -15.38 -86.49
C LYS GA 216 -4.13 -14.10 -86.86
N PRO GA 217 -3.55 -13.27 -87.73
CA PRO GA 217 -4.24 -12.06 -88.18
C PRO GA 217 -5.49 -12.40 -88.98
N ILE GA 218 -6.48 -11.52 -88.90
CA ILE GA 218 -7.74 -11.67 -89.61
C ILE GA 218 -7.90 -10.49 -90.56
N THR GA 219 -8.16 -10.77 -91.82
CA THR GA 219 -8.31 -9.75 -92.85
C THR GA 219 -9.77 -9.65 -93.25
N GLN GA 220 -10.28 -8.41 -93.30
CA GLN GA 220 -11.67 -8.16 -93.65
C GLN GA 220 -11.75 -7.29 -94.90
N GLU GA 221 -12.86 -7.42 -95.62
CA GLU GA 221 -13.09 -6.63 -96.81
C GLU GA 221 -13.47 -5.20 -96.43
N PHE GA 222 -13.18 -4.26 -97.35
CA PHE GA 222 -13.53 -2.87 -97.11
C PHE GA 222 -15.04 -2.67 -97.00
N ASN GA 223 -15.82 -3.55 -97.62
CA ASN GA 223 -17.28 -3.45 -97.64
C ASN GA 223 -17.93 -3.84 -96.31
N GLN GA 224 -17.18 -4.01 -95.23
CA GLN GA 224 -17.76 -4.34 -93.94
C GLN GA 224 -17.98 -3.13 -93.04
N GLU GA 225 -17.31 -2.00 -93.33
CA GLU GA 225 -17.49 -0.76 -92.58
C GLU GA 225 -17.22 -0.93 -91.09
N VAL GA 226 -16.15 -1.66 -90.75
CA VAL GA 226 -15.69 -1.83 -89.38
C VAL GA 226 -16.84 -2.32 -88.50
N PRO GA 227 -17.25 -3.58 -88.64
CA PRO GA 227 -18.46 -4.05 -87.94
C PRO GA 227 -18.34 -3.89 -86.43
N VAL GA 228 -19.45 -3.49 -85.82
CA VAL GA 228 -19.50 -3.20 -84.38
C VAL GA 228 -19.77 -4.51 -83.64
N ASN GA 229 -18.99 -4.75 -82.58
CA ASN GA 229 -19.10 -5.95 -81.77
C ASN GA 229 -19.92 -5.63 -80.53
N GLN GA 230 -21.20 -6.01 -80.55
CA GLN GA 230 -22.09 -5.80 -79.40
C GLN GA 230 -21.87 -6.94 -78.42
N LEU GA 231 -21.07 -6.68 -77.39
CA LEU GA 231 -20.69 -7.71 -76.41
C LEU GA 231 -20.88 -7.13 -75.01
N LYS GA 232 -21.94 -7.54 -74.33
CA LYS GA 232 -22.10 -7.19 -72.93
C LYS GA 232 -21.08 -7.93 -72.08
N VAL GA 233 -20.64 -7.29 -71.00
CA VAL GA 233 -19.53 -7.78 -70.18
C VAL GA 233 -20.03 -7.97 -68.75
N LYS GA 234 -19.67 -9.10 -68.16
CA LYS GA 234 -19.94 -9.30 -66.74
C LYS GA 234 -19.01 -8.43 -65.91
N MET GA 235 -19.32 -8.31 -64.62
CA MET GA 235 -18.54 -7.46 -63.74
C MET GA 235 -18.25 -8.19 -62.43
N LYS GA 236 -17.11 -7.84 -61.83
CA LYS GA 236 -16.79 -8.31 -60.49
C LYS GA 236 -17.67 -7.59 -59.47
N PRO GA 237 -17.83 -8.17 -58.27
CA PRO GA 237 -18.61 -7.48 -57.24
C PRO GA 237 -17.95 -6.17 -56.83
N LYS GA 238 -18.80 -5.23 -56.40
CA LYS GA 238 -18.33 -3.92 -55.98
C LYS GA 238 -17.44 -4.04 -54.74
N PRO GA 239 -16.54 -3.06 -54.52
CA PRO GA 239 -16.31 -1.81 -55.26
C PRO GA 239 -15.54 -2.00 -56.56
N TRP GA 240 -15.64 -1.03 -57.46
CA TRP GA 240 -14.93 -1.01 -58.73
C TRP GA 240 -13.87 0.09 -58.71
N SER GA 241 -13.11 0.17 -59.80
CA SER GA 241 -12.11 1.22 -59.91
C SER GA 241 -12.76 2.59 -59.99
N LYS GA 242 -13.85 2.71 -60.74
CA LYS GA 242 -14.61 3.95 -60.87
C LYS GA 242 -16.09 3.64 -60.81
N ARG GA 243 -16.88 4.67 -60.50
CA ARG GA 243 -18.34 4.53 -60.39
C ARG GA 243 -18.92 4.52 -61.79
N TRP GA 244 -18.99 3.32 -62.38
CA TRP GA 244 -19.49 3.21 -63.75
C TRP GA 244 -20.99 3.43 -63.86
N GLU GA 245 -21.72 3.44 -62.74
CA GLU GA 245 -23.16 3.67 -62.80
C GLU GA 245 -23.49 5.13 -63.13
N ARG GA 246 -22.58 6.05 -62.88
CA ARG GA 246 -22.87 7.46 -63.06
C ARG GA 246 -23.09 7.78 -64.54
N PRO GA 247 -24.04 8.64 -64.87
CA PRO GA 247 -24.30 8.97 -66.28
C PRO GA 247 -23.13 9.68 -66.97
N LYS GA 248 -22.20 10.25 -66.21
CA LYS GA 248 -21.10 10.99 -66.84
C LYS GA 248 -20.20 10.10 -67.68
N PHE GA 249 -20.25 8.78 -67.48
CA PHE GA 249 -19.42 7.88 -68.26
C PHE GA 249 -20.13 7.35 -69.50
N ASN GA 250 -21.46 7.24 -69.46
CA ASN GA 250 -22.25 6.74 -70.58
C ASN GA 250 -21.75 5.38 -71.04
N ILE GA 251 -21.83 4.41 -70.13
CA ILE GA 251 -21.39 3.04 -70.39
C ILE GA 251 -22.62 2.18 -70.59
N LYS GA 252 -22.70 1.54 -71.76
CA LYS GA 252 -23.80 0.65 -72.10
C LYS GA 252 -23.35 -0.75 -72.47
N GLY GA 253 -22.05 -1.04 -72.38
CA GLY GA 253 -21.54 -2.35 -72.70
C GLY GA 253 -21.37 -3.23 -71.48
N ILE GA 254 -22.07 -2.90 -70.40
CA ILE GA 254 -21.93 -3.59 -69.13
C ILE GA 254 -23.30 -4.11 -68.71
N ARG GA 255 -23.34 -5.37 -68.25
CA ARG GA 255 -24.58 -5.95 -67.75
C ARG GA 255 -24.91 -5.37 -66.37
N PHE GA 256 -25.66 -4.27 -66.35
CA PHE GA 256 -26.00 -3.63 -65.08
C PHE GA 256 -27.09 -4.39 -64.34
N ASP GA 257 -27.98 -5.09 -65.05
CA ASP GA 257 -29.07 -5.79 -64.39
C ASP GA 257 -28.56 -6.91 -63.49
N LEU GA 258 -27.52 -7.63 -63.93
CA LEU GA 258 -27.02 -8.75 -63.16
C LEU GA 258 -26.31 -8.31 -61.89
N CYS GA 259 -25.58 -7.20 -61.94
CA CYS GA 259 -24.73 -6.79 -60.83
C CYS GA 259 -25.34 -5.69 -59.97
N LEU GA 260 -26.34 -4.97 -60.46
CA LEU GA 260 -26.94 -3.87 -59.73
C LEU GA 260 -28.44 -4.06 -59.62
N THR GA 261 -29.00 -3.56 -58.53
CA THR GA 261 -30.44 -3.64 -58.28
C THR GA 261 -31.10 -2.35 -58.74
N GLU GA 262 -32.44 -2.31 -58.64
CA GLU GA 262 -33.17 -1.12 -59.04
C GLU GA 262 -32.86 0.06 -58.15
N GLU GA 263 -32.68 -0.19 -56.84
CA GLU GA 263 -32.46 0.92 -55.91
C GLU GA 263 -31.17 1.67 -56.23
N GLN GA 264 -30.10 0.95 -56.55
CA GLN GA 264 -28.83 1.61 -56.86
C GLN GA 264 -28.88 2.34 -58.19
N MET GA 265 -29.69 1.87 -59.13
CA MET GA 265 -29.82 2.55 -60.41
C MET GA 265 -30.45 3.93 -60.25
N ARG GA 266 -31.48 4.04 -59.42
CA ARG GA 266 -32.16 5.32 -59.25
C ARG GA 266 -31.28 6.33 -58.52
N GLU GA 267 -30.49 5.87 -57.55
CA GLU GA 267 -29.59 6.78 -56.85
C GLU GA 267 -28.52 7.33 -57.78
N ALA GA 268 -28.03 6.52 -58.71
CA ALA GA 268 -27.02 6.98 -59.64
C ALA GA 268 -27.56 8.01 -60.62
N GLN GA 269 -28.88 8.09 -60.79
CA GLN GA 269 -29.47 9.08 -61.69
C GLN GA 269 -29.57 10.45 -61.06
N LYS GA 270 -29.30 10.59 -59.77
CA LYS GA 270 -29.34 11.90 -59.13
C LYS GA 270 -28.22 12.81 -59.64
N TRP GA 271 -27.19 12.24 -60.25
CA TRP GA 271 -26.10 13.00 -60.84
C TRP GA 271 -26.31 13.29 -62.32
N SER GA 272 -27.44 12.88 -62.89
CA SER GA 272 -27.69 13.12 -64.29
C SER GA 272 -27.86 14.61 -64.56
N GLN GA 273 -27.31 15.06 -65.69
CA GLN GA 273 -27.38 16.47 -66.11
C GLN GA 273 -27.97 16.54 -67.51
N PRO GA 274 -29.30 16.54 -67.63
CA PRO GA 274 -29.91 16.52 -68.97
C PRO GA 274 -29.60 17.74 -69.81
N TRP GA 275 -29.27 18.88 -69.21
CA TRP GA 275 -29.04 20.10 -69.98
C TRP GA 275 -27.71 20.10 -70.72
N LEU GA 276 -26.80 19.16 -70.41
CA LEU GA 276 -25.50 19.14 -71.06
C LEU GA 276 -25.63 18.85 -72.55
N GLU GA 277 -26.53 17.93 -72.92
CA GLU GA 277 -26.71 17.57 -74.32
C GLU GA 277 -27.42 18.63 -75.13
N PHE GA 278 -28.03 19.62 -74.48
CA PHE GA 278 -28.77 20.66 -75.18
C PHE GA 278 -28.09 22.02 -75.14
N ASP GA 279 -26.95 22.14 -74.46
CA ASP GA 279 -26.19 23.39 -74.44
C ASP GA 279 -25.38 23.46 -75.73
N MET GA 280 -25.80 24.33 -76.64
CA MET GA 280 -25.26 24.34 -77.99
C MET GA 280 -23.95 25.11 -78.12
N MET GA 281 -23.45 25.71 -77.05
CA MET GA 281 -22.18 26.42 -77.09
C MET GA 281 -21.00 25.53 -76.71
N ARG GA 282 -21.24 24.38 -76.08
CA ARG GA 282 -20.17 23.50 -75.64
C ARG GA 282 -19.67 22.57 -76.74
N GLU GA 283 -20.34 22.53 -77.89
CA GLU GA 283 -19.98 21.59 -78.94
C GLU GA 283 -18.86 22.15 -79.80
N TYR GA 284 -17.93 21.28 -80.17
CA TYR GA 284 -16.79 21.67 -80.99
C TYR GA 284 -17.11 21.36 -82.45
N ASP GA 285 -17.15 22.41 -83.27
CA ASP GA 285 -17.42 22.28 -84.70
C ASP GA 285 -16.09 22.33 -85.44
N THR GA 286 -15.54 21.16 -85.77
CA THR GA 286 -14.25 21.05 -86.43
C THR GA 286 -14.36 20.57 -87.87
N SER GA 287 -15.55 20.68 -88.47
CA SER GA 287 -15.72 20.23 -89.85
C SER GA 287 -14.85 21.04 -90.81
N LYS GA 288 -14.77 22.34 -90.61
CA LYS GA 288 -13.95 23.18 -91.48
C LYS GA 288 -12.47 22.86 -91.34
N ILE GA 289 -12.03 22.53 -90.12
CA ILE GA 289 -10.62 22.27 -89.88
C ILE GA 289 -10.19 20.97 -90.56
N GLU GA 290 -11.03 19.94 -90.50
CA GLU GA 290 -10.65 18.64 -91.06
C GLU GA 290 -10.46 18.72 -92.57
N ALA GA 291 -11.29 19.52 -93.25
CA ALA GA 291 -11.13 19.67 -94.69
C ALA GA 291 -9.80 20.30 -95.05
N ALA GA 292 -9.35 21.27 -94.24
CA ALA GA 292 -8.06 21.90 -94.50
C ALA GA 292 -6.90 20.91 -94.36
N ILE GA 293 -6.93 20.07 -93.33
CA ILE GA 293 -5.82 19.16 -93.09
C ILE GA 293 -5.87 17.95 -94.01
N TRP GA 294 -7.03 17.61 -94.55
CA TRP GA 294 -7.11 16.52 -95.51
C TRP GA 294 -6.33 16.85 -96.78
N ASP GA 295 -6.39 18.11 -97.23
CA ASP GA 295 -5.63 18.51 -98.40
C ASP GA 295 -4.14 18.37 -98.16
N GLU GA 296 -3.66 18.73 -96.96
CA GLU GA 296 -2.25 18.61 -96.64
C GLU GA 296 -1.81 17.15 -96.64
N ILE GA 297 -2.64 16.25 -96.12
CA ILE GA 297 -2.32 14.84 -96.13
C ILE GA 297 -2.26 14.31 -97.57
N GLU GA 298 -3.25 14.69 -98.39
CA GLU GA 298 -3.24 14.26 -99.78
C GLU GA 298 -2.05 14.82 -100.52
N ALA GA 299 -1.71 16.09 -100.26
CA ALA GA 299 -0.55 16.69 -100.92
C ALA GA 299 0.75 16.00 -100.53
N SER GA 300 0.85 15.54 -99.27
CA SER GA 300 2.06 14.85 -98.83
C SER GA 300 2.28 13.56 -99.61
N LYS GA 301 1.20 12.79 -99.82
CA LYS GA 301 1.33 11.54 -100.58
C LYS GA 301 1.76 11.82 -102.02
N ASN GA 302 1.16 12.83 -102.65
CA ASN GA 302 1.52 13.16 -104.03
C ASN GA 302 2.95 13.65 -104.14
N SER GA 303 3.39 14.48 -103.21
CA SER GA 303 4.74 15.02 -103.23
C SER GA 303 5.77 13.94 -102.91
N LEU HA 10 -34.34 79.23 -1.07
CA LEU HA 10 -33.62 80.12 -1.97
C LEU HA 10 -32.63 79.33 -2.82
N ARG HA 11 -33.03 79.01 -4.05
CA ARG HA 11 -32.22 78.21 -4.96
C ARG HA 11 -31.29 79.13 -5.72
N SER HA 12 -29.99 78.99 -5.48
CA SER HA 12 -28.97 79.84 -6.10
C SER HA 12 -28.33 79.08 -7.25
N ARG HA 13 -28.34 79.68 -8.43
CA ARG HA 13 -27.76 79.09 -9.62
C ARG HA 13 -26.74 80.04 -10.23
N VAL HA 14 -25.71 79.46 -10.83
CA VAL HA 14 -24.67 80.26 -11.49
C VAL HA 14 -25.18 80.68 -12.86
N THR HA 15 -25.23 81.98 -13.09
CA THR HA 15 -25.71 82.52 -14.36
C THR HA 15 -24.61 82.99 -15.29
N ASP HA 16 -23.46 83.40 -14.74
CA ASP HA 16 -22.35 83.90 -15.53
C ASP HA 16 -21.40 82.79 -15.98
N ARG HA 17 -21.91 81.56 -16.11
CA ARG HA 17 -21.06 80.45 -16.51
C ARG HA 17 -20.48 80.64 -17.91
N TYR HA 18 -21.12 81.45 -18.75
CA TYR HA 18 -20.56 81.74 -20.07
C TYR HA 18 -19.20 82.41 -19.97
N TRP HA 19 -19.07 83.39 -19.08
CA TRP HA 19 -17.78 84.04 -18.88
C TRP HA 19 -16.79 83.18 -18.12
N ARG HA 20 -17.26 82.19 -17.36
CA ARG HA 20 -16.36 81.29 -16.65
C ARG HA 20 -15.50 80.50 -17.63
N VAL HA 21 -16.11 79.98 -18.70
CA VAL HA 21 -15.37 79.20 -19.68
C VAL HA 21 -14.69 80.07 -20.74
N GLN HA 22 -15.15 81.31 -20.92
CA GLN HA 22 -14.51 82.18 -21.91
C GLN HA 22 -13.15 82.66 -21.42
N GLU HA 23 -12.97 82.83 -20.11
CA GLU HA 23 -11.66 83.20 -19.58
C GLU HA 23 -10.63 82.10 -19.78
N VAL HA 24 -11.06 80.87 -20.02
CA VAL HA 24 -10.13 79.77 -20.26
C VAL HA 24 -9.90 79.54 -21.74
N LEU HA 25 -10.97 79.58 -22.54
CA LEU HA 25 -10.84 79.31 -23.97
C LEU HA 25 -10.11 80.42 -24.72
N LYS HA 26 -10.10 81.64 -24.20
CA LYS HA 26 -9.44 82.72 -24.91
C LYS HA 26 -7.93 82.53 -24.97
N HIS HA 27 -7.37 81.70 -24.08
CA HIS HA 27 -5.96 81.34 -24.14
C HIS HA 27 -5.71 80.07 -24.94
N ALA HA 28 -6.76 79.42 -25.43
CA ALA HA 28 -6.65 78.16 -26.16
C ALA HA 28 -7.25 78.25 -27.55
N ARG HA 29 -7.26 79.46 -28.14
CA ARG HA 29 -7.82 79.64 -29.46
C ARG HA 29 -6.93 79.10 -30.58
N HIS HA 30 -5.63 78.96 -30.33
CA HIS HA 30 -4.68 78.58 -31.36
C HIS HA 30 -4.21 77.13 -31.24
N PHE HA 31 -4.88 76.33 -30.42
CA PHE HA 31 -4.49 74.93 -30.26
C PHE HA 31 -4.99 74.10 -31.45
N ARG HA 32 -4.50 72.87 -31.52
CA ARG HA 32 -4.84 71.94 -32.59
C ARG HA 32 -5.69 70.81 -32.04
N GLY HA 33 -6.77 70.50 -32.74
CA GLY HA 33 -7.63 69.39 -32.36
C GLY HA 33 -8.86 69.80 -31.60
N ARG HA 34 -9.29 68.99 -30.64
CA ARG HA 34 -10.48 69.27 -29.84
C ARG HA 34 -10.16 70.07 -28.59
N LYS HA 35 -8.91 70.47 -28.40
CA LYS HA 35 -8.55 71.24 -27.21
C LYS HA 35 -8.99 72.70 -27.31
N ASN HA 36 -9.28 73.19 -28.50
CA ASN HA 36 -9.71 74.58 -28.67
C ASN HA 36 -11.22 74.76 -28.55
N ARG HA 37 -11.99 73.67 -28.49
CA ARG HA 37 -13.43 73.76 -28.38
C ARG HA 37 -13.94 73.21 -27.06
N CYS HA 38 -13.61 71.96 -26.72
CA CYS HA 38 -14.10 71.37 -25.49
C CYS HA 38 -13.40 71.99 -24.28
N TYR HA 39 -14.19 72.24 -23.22
CA TYR HA 39 -13.63 72.89 -22.03
C TYR HA 39 -12.76 71.94 -21.23
N ARG HA 40 -13.19 70.68 -21.07
CA ARG HA 40 -12.45 69.74 -20.24
C ARG HA 40 -11.05 69.50 -20.80
N LEU HA 41 -10.94 69.34 -22.11
CA LEU HA 41 -9.64 69.16 -22.73
C LEU HA 41 -8.83 70.44 -22.79
N ALA HA 42 -9.49 71.59 -22.75
CA ALA HA 42 -8.76 72.86 -22.83
C ALA HA 42 -8.05 73.19 -21.53
N VAL HA 43 -8.68 72.94 -20.39
CA VAL HA 43 -8.11 73.32 -19.11
C VAL HA 43 -6.79 72.60 -18.87
N ARG HA 44 -6.75 71.30 -19.16
CA ARG HA 44 -5.50 70.56 -19.01
C ARG HA 44 -4.44 71.07 -19.96
N ALA HA 45 -4.83 71.51 -21.16
CA ALA HA 45 -3.87 72.07 -22.10
C ALA HA 45 -3.44 73.47 -21.68
N VAL HA 46 -4.39 74.30 -21.22
CA VAL HA 46 -4.06 75.65 -20.80
C VAL HA 46 -3.18 75.63 -19.56
N THR HA 47 -3.50 74.78 -18.59
CA THR HA 47 -2.69 74.70 -17.38
C THR HA 47 -1.26 74.28 -17.70
N ARG HA 48 -1.09 73.30 -18.59
CA ARG HA 48 0.24 72.90 -19.00
C ARG HA 48 0.91 73.98 -19.84
N ALA HA 49 0.11 74.81 -20.54
CA ALA HA 49 0.69 75.90 -21.31
C ALA HA 49 1.38 76.93 -20.42
N PHE HA 50 0.74 77.28 -19.30
CA PHE HA 50 1.34 78.25 -18.39
C PHE HA 50 2.56 77.69 -17.68
N VAL HA 51 2.53 76.40 -17.34
CA VAL HA 51 3.67 75.79 -16.65
C VAL HA 51 4.91 75.83 -17.53
N LYS HA 52 4.75 75.48 -18.82
CA LYS HA 52 5.88 75.55 -19.74
C LYS HA 52 6.34 76.99 -19.97
N CYS HA 53 5.43 77.96 -19.79
CA CYS HA 53 5.80 79.36 -19.99
C CYS HA 53 6.83 79.81 -18.97
N THR HA 54 6.64 79.45 -17.70
CA THR HA 54 7.55 79.91 -16.66
C THR HA 54 8.89 79.19 -16.75
N ARG HA 55 8.88 77.87 -16.97
CA ARG HA 55 10.13 77.13 -17.07
C ARG HA 55 10.97 77.58 -18.25
N ALA HA 56 10.31 77.85 -19.39
CA ALA HA 56 11.05 78.37 -20.54
C ALA HA 56 11.60 79.76 -20.27
N ARG HA 57 10.87 80.56 -19.49
CA ARG HA 57 11.36 81.90 -19.14
C ARG HA 57 12.65 81.81 -18.34
N ARG HA 58 12.74 80.83 -17.43
CA ARG HA 58 14.00 80.57 -16.73
C ARG HA 58 15.08 80.13 -17.71
N LEU HA 59 14.72 79.29 -18.68
CA LEU HA 59 15.67 78.81 -19.67
C LEU HA 59 15.97 79.85 -20.75
N LYS HA 60 15.14 80.88 -20.88
CA LYS HA 60 15.39 81.91 -21.89
C LYS HA 60 16.70 82.62 -21.63
N LYS HA 61 17.00 82.91 -20.36
CA LYS HA 61 18.27 83.54 -20.02
C LYS HA 61 19.44 82.62 -20.29
N ARG HA 62 19.30 81.33 -19.99
CA ARG HA 62 20.39 80.39 -20.25
C ARG HA 62 20.64 80.22 -21.75
N SER HA 63 19.57 80.08 -22.53
CA SER HA 63 19.75 79.84 -23.97
C SER HA 63 20.43 81.02 -24.65
N LEU HA 64 20.01 82.24 -24.32
CA LEU HA 64 20.63 83.41 -24.93
C LEU HA 64 22.08 83.55 -24.52
N ARG HA 65 22.40 83.21 -23.27
CA ARG HA 65 23.80 83.22 -22.85
C ARG HA 65 24.62 82.20 -23.63
N THR HA 66 24.05 81.03 -23.86
CA THR HA 66 24.75 80.01 -24.66
C THR HA 66 24.92 80.49 -26.09
N LEU HA 67 23.91 81.16 -26.65
CA LEU HA 67 24.01 81.66 -28.03
C LEU HA 67 25.12 82.69 -28.15
N TRP HA 68 25.26 83.58 -27.18
CA TRP HA 68 26.28 84.61 -27.25
C TRP HA 68 27.69 84.00 -27.25
N ILE HA 69 27.91 82.96 -26.44
CA ILE HA 69 29.23 82.35 -26.35
C ILE HA 69 29.62 81.73 -27.69
N ASN HA 70 28.65 81.12 -28.38
CA ASN HA 70 28.94 80.55 -29.71
C ASN HA 70 29.34 81.65 -30.68
N ARG HA 71 28.67 82.80 -30.64
CA ARG HA 71 29.03 83.90 -31.51
C ARG HA 71 30.40 84.46 -31.16
N ILE HA 72 30.70 84.58 -29.87
CA ILE HA 72 32.01 85.06 -29.45
C ILE HA 72 33.09 84.08 -29.87
N THR HA 73 32.85 82.78 -29.69
CA THR HA 73 33.82 81.78 -30.12
C THR HA 73 34.00 81.81 -31.64
N ALA HA 74 32.91 81.97 -32.38
CA ALA HA 74 33.00 82.03 -33.84
C ALA HA 74 33.83 83.22 -34.30
N ALA HA 75 33.62 84.39 -33.70
CA ALA HA 75 34.37 85.57 -34.08
C ALA HA 75 35.78 85.56 -33.54
N SER HA 76 36.06 84.79 -32.48
CA SER HA 76 37.41 84.72 -31.95
C SER HA 76 38.26 83.73 -32.73
N GLN HA 77 37.67 82.60 -33.15
CA GLN HA 77 38.39 81.64 -33.97
C GLN HA 77 38.79 82.23 -35.32
N GLU HA 78 38.05 83.24 -35.78
CA GLU HA 78 38.38 83.87 -37.05
C GLU HA 78 39.71 84.61 -36.99
N HIS HA 79 40.10 85.05 -35.80
CA HIS HA 79 41.38 85.73 -35.60
C HIS HA 79 42.46 84.79 -35.09
N GLY HA 80 42.18 83.50 -34.97
CA GLY HA 80 43.17 82.55 -34.51
C GLY HA 80 43.34 82.49 -33.00
N LEU HA 81 42.30 82.86 -32.24
CA LEU HA 81 42.36 82.83 -30.78
C LEU HA 81 41.14 82.11 -30.25
N LYS HA 82 41.36 81.14 -29.37
CA LYS HA 82 40.25 80.37 -28.81
C LYS HA 82 39.47 81.22 -27.80
N TYR HA 83 38.23 80.79 -27.57
CA TYR HA 83 37.38 81.50 -26.60
C TYR HA 83 37.94 81.50 -25.19
N PRO HA 84 38.43 80.39 -24.62
CA PRO HA 84 38.98 80.47 -23.25
C PRO HA 84 40.14 81.44 -23.12
N ALA HA 85 40.98 81.54 -24.14
CA ALA HA 85 42.10 82.49 -24.10
C ALA HA 85 41.63 83.93 -24.32
N PHE HA 86 40.53 84.12 -25.05
CA PHE HA 86 40.07 85.47 -25.34
C PHE HA 86 39.41 86.12 -24.14
N ILE HA 87 38.85 85.34 -23.22
CA ILE HA 87 38.10 85.90 -22.10
C ILE HA 87 39.00 86.17 -20.90
N ILE HA 88 39.80 85.19 -20.49
CA ILE HA 88 40.63 85.38 -19.30
C ILE HA 88 41.70 86.45 -19.55
N ASN HA 89 42.26 86.49 -20.76
CA ASN HA 89 43.27 87.47 -21.08
C ASN HA 89 42.70 88.86 -21.31
N LEU HA 90 41.38 88.97 -21.45
CA LEU HA 90 40.74 90.28 -21.53
C LEU HA 90 40.39 90.82 -20.16
N ILE HA 91 40.02 89.94 -19.22
CA ILE HA 91 39.73 90.36 -17.86
C ILE HA 91 40.98 90.87 -17.17
N LYS HA 92 42.14 90.26 -17.48
CA LYS HA 92 43.39 90.72 -16.90
C LYS HA 92 43.73 92.14 -17.32
N CYS HA 93 43.09 92.65 -18.37
CA CYS HA 93 43.23 94.04 -18.78
C CYS HA 93 42.19 94.95 -18.12
N GLN HA 94 41.44 94.43 -17.15
CA GLN HA 94 40.42 95.19 -16.43
C GLN HA 94 39.38 95.78 -17.39
N VAL HA 95 38.98 94.98 -18.38
CA VAL HA 95 37.92 95.36 -19.30
C VAL HA 95 36.70 94.53 -18.95
N GLU HA 96 35.72 95.15 -18.30
CA GLU HA 96 34.54 94.44 -17.80
C GLU HA 96 33.41 94.61 -18.81
N LEU HA 97 33.47 93.81 -19.87
CA LEU HA 97 32.43 93.76 -20.88
C LEU HA 97 31.75 92.40 -20.79
N ASN HA 98 30.43 92.40 -20.60
CA ASN HA 98 29.72 91.14 -20.52
C ASN HA 98 29.63 90.49 -21.91
N ARG HA 99 29.21 89.22 -21.92
CA ARG HA 99 29.14 88.48 -23.17
C ARG HA 99 28.05 88.99 -24.10
N LYS HA 100 27.07 89.73 -23.58
CA LYS HA 100 26.02 90.28 -24.43
C LYS HA 100 26.58 91.31 -25.39
N VAL HA 101 27.33 92.29 -24.87
CA VAL HA 101 27.83 93.35 -25.72
C VAL HA 101 28.98 92.87 -26.60
N LEU HA 102 29.74 91.87 -26.14
CA LEU HA 102 30.81 91.32 -26.97
C LEU HA 102 30.26 90.66 -28.22
N ALA HA 103 29.12 89.98 -28.10
CA ALA HA 103 28.48 89.40 -29.28
C ALA HA 103 28.06 90.48 -30.26
N ASP HA 104 27.50 91.57 -29.75
CA ASP HA 104 27.09 92.67 -30.63
C ASP HA 104 28.29 93.32 -31.31
N LEU HA 105 29.38 93.52 -30.56
CA LEU HA 105 30.60 94.04 -31.18
C LEU HA 105 31.16 93.07 -32.21
N ALA HA 106 30.95 91.76 -32.02
CA ALA HA 106 31.44 90.79 -32.98
C ALA HA 106 30.72 90.93 -34.33
N ILE HA 107 29.42 91.21 -34.30
CA ILE HA 107 28.63 91.26 -35.52
C ILE HA 107 28.68 92.63 -36.17
N TYR HA 108 28.39 93.68 -35.42
CA TYR HA 108 28.25 95.02 -35.96
C TYR HA 108 29.51 95.86 -35.87
N GLU HA 109 30.58 95.36 -35.25
CA GLU HA 109 31.84 96.10 -35.12
C GLU HA 109 33.01 95.19 -35.44
N PRO HA 110 33.16 94.80 -36.70
CA PRO HA 110 34.28 93.90 -37.04
C PRO HA 110 35.65 94.48 -36.73
N LYS HA 111 35.84 95.79 -36.90
CA LYS HA 111 37.14 96.39 -36.62
C LYS HA 111 37.42 96.42 -35.12
N THR HA 112 36.44 96.87 -34.33
CA THR HA 112 36.65 97.00 -32.90
C THR HA 112 36.90 95.63 -32.26
N PHE HA 113 36.16 94.61 -32.68
CA PHE HA 113 36.35 93.27 -32.13
C PHE HA 113 37.74 92.74 -32.44
N LYS HA 114 38.33 93.16 -33.56
CA LYS HA 114 39.71 92.77 -33.85
C LYS HA 114 40.68 93.39 -32.85
N SER HA 115 40.45 94.65 -32.48
CA SER HA 115 41.33 95.28 -31.49
C SER HA 115 41.24 94.58 -30.14
N LEU HA 116 40.02 94.23 -29.71
CA LEU HA 116 39.87 93.47 -28.47
C LEU HA 116 40.54 92.12 -28.58
N ALA HA 117 40.39 91.46 -29.73
CA ALA HA 117 41.12 90.21 -29.96
C ALA HA 117 42.62 90.47 -30.00
N ALA HA 118 43.04 91.58 -30.62
CA ALA HA 118 44.45 91.93 -30.60
C ALA HA 118 44.92 92.24 -29.19
N LEU HA 119 44.09 92.91 -28.39
CA LEU HA 119 44.45 93.19 -27.01
C LEU HA 119 44.60 91.91 -26.20
N ALA HA 120 43.70 90.95 -26.39
CA ALA HA 120 43.77 89.70 -25.64
C ALA HA 120 45.01 88.91 -26.01
N LYS HA 121 45.35 88.85 -27.30
CA LYS HA 121 46.53 88.11 -27.74
C LYS HA 121 47.80 88.74 -27.20
N ARG HA 122 47.89 90.08 -27.22
CA ARG HA 122 49.07 90.74 -26.67
C ARG HA 122 49.20 90.49 -25.17
N ARG HA 123 48.09 90.55 -24.44
CA ARG HA 123 48.14 90.27 -23.00
C ARG HA 123 48.56 88.83 -22.74
N ARG HA 124 48.06 87.89 -23.55
CA ARG HA 124 48.40 86.49 -23.34
C ARG HA 124 49.88 86.24 -23.56
N GLU HA 125 50.46 86.82 -24.61
CA GLU HA 125 51.88 86.66 -24.88
C GLU HA 125 52.75 87.26 -23.79
N GLU HA 126 52.25 88.26 -23.07
CA GLU HA 126 53.01 88.81 -21.95
C GLU HA 126 52.98 87.87 -20.75
N GLY HA 127 51.86 87.18 -20.52
CA GLY HA 127 51.78 86.25 -19.41
C GLY HA 127 52.76 85.11 -19.54
N PHE HA 128 52.92 84.58 -20.74
CA PHE HA 128 53.86 83.48 -20.96
C PHE HA 128 55.30 83.95 -20.79
N ALA HA 129 55.58 85.20 -21.14
CA ALA HA 129 56.93 85.72 -21.01
C ALA HA 129 57.38 85.75 -19.55
N ALA HA 130 56.48 86.15 -18.64
CA ALA HA 130 56.83 86.18 -17.23
C ALA HA 130 57.10 84.78 -16.69
N ALA HA 131 56.26 83.81 -17.07
CA ALA HA 131 56.46 82.44 -16.62
C ALA HA 131 57.76 81.87 -17.19
N LEU HA 132 58.05 82.16 -18.44
CA LEU HA 132 59.29 81.68 -19.06
C LEU HA 132 60.52 82.27 -18.36
N GLY HA 133 60.43 83.51 -17.89
CA GLY HA 133 61.53 84.14 -17.19
C GLY HA 133 61.65 83.65 -15.76
N ASP HA 134 62.42 84.41 -14.97
CA ASP HA 134 62.67 84.06 -13.58
C ASP HA 134 61.51 84.43 -12.66
N GLY HA 135 60.49 85.11 -13.18
CA GLY HA 135 59.39 85.60 -12.38
C GLY HA 135 59.64 86.94 -11.73
N LYS HA 136 60.83 87.51 -11.88
CA LYS HA 136 61.16 88.82 -11.34
C LYS HA 136 61.03 89.92 -12.38
N GLU HA 137 60.56 89.58 -13.58
CA GLU HA 137 60.38 90.57 -14.62
C GLU HA 137 59.31 91.59 -14.21
N PRO HA 138 59.51 92.88 -14.43
CA PRO HA 138 58.45 93.86 -14.18
C PRO HA 138 57.22 93.54 -15.02
N ASP HA 139 56.04 93.83 -14.46
CA ASP HA 139 54.80 93.54 -15.15
C ASP HA 139 54.79 94.21 -16.53
N GLY HA 140 54.16 93.55 -17.49
CA GLY HA 140 54.16 94.04 -18.85
C GLY HA 140 53.44 95.37 -18.98
N ILE HA 141 53.74 96.06 -20.08
CA ILE HA 141 53.18 97.40 -20.30
C ILE HA 141 51.66 97.36 -20.33
N PHE HA 142 51.07 96.23 -20.74
CA PHE HA 142 49.63 96.05 -20.70
C PHE HA 142 49.15 95.26 -19.49
N SER HA 143 50.05 94.65 -18.74
CA SER HA 143 49.67 93.81 -17.61
C SER HA 143 49.65 94.57 -16.28
N ARG HA 144 49.99 95.85 -16.27
CA ARG HA 144 50.03 96.60 -15.04
C ARG HA 144 48.62 96.81 -14.49
N VAL HA 145 48.44 96.54 -13.21
CA VAL HA 145 47.14 96.62 -12.56
C VAL HA 145 46.96 98.02 -11.98
N VAL HA 146 45.85 98.66 -12.34
CA VAL HA 146 45.52 100.00 -11.85
C VAL HA 146 44.35 99.88 -10.89
N GLN HA 147 44.57 100.32 -9.65
CA GLN HA 147 43.55 100.22 -8.61
C GLN HA 147 43.01 101.61 -8.31
N HIS HA 148 41.68 101.73 -8.34
CA HIS HA 148 41.01 103.00 -8.06
C HIS HA 148 40.67 103.08 -6.58
N ARG HA 149 41.20 104.09 -5.90
CA ARG HA 149 40.94 104.28 -4.48
C ARG HA 149 41.27 105.71 -4.06
N VAL IA 55 73.96 69.85 -32.60
CA VAL IA 55 72.76 70.20 -31.85
C VAL IA 55 71.60 69.29 -32.24
N PRO IA 56 71.02 68.61 -31.26
CA PRO IA 56 69.87 67.73 -31.54
C PRO IA 56 68.68 68.53 -32.06
N LYS IA 57 67.93 67.91 -32.97
CA LYS IA 57 66.79 68.52 -33.61
C LYS IA 57 65.58 67.60 -33.58
N THR IA 58 65.30 67.04 -32.41
CA THR IA 58 64.18 66.12 -32.26
C THR IA 58 62.86 66.87 -32.35
N SER IA 59 61.79 66.11 -32.62
CA SER IA 59 60.47 66.71 -32.78
C SER IA 59 60.00 67.39 -31.50
N LEU IA 60 60.24 66.76 -30.36
CA LEU IA 60 59.84 67.32 -29.07
C LEU IA 60 60.95 68.16 -28.43
N GLY IA 61 62.07 68.37 -29.12
CA GLY IA 61 63.13 69.17 -28.55
C GLY IA 61 62.73 70.62 -28.33
N SER IA 62 61.96 71.18 -29.27
CA SER IA 62 61.48 72.54 -29.15
C SER IA 62 59.97 72.56 -28.97
N PRO IA 63 59.43 73.53 -28.25
CA PRO IA 63 57.97 73.62 -28.07
C PRO IA 63 57.26 73.80 -29.39
N PRO IA 64 56.11 73.16 -29.57
CA PRO IA 64 55.38 73.29 -30.85
C PRO IA 64 54.93 74.72 -31.15
N TRP IA 65 54.58 75.51 -30.14
CA TRP IA 65 54.06 76.83 -30.38
C TRP IA 65 55.16 77.76 -30.90
N PRO IA 66 54.83 78.68 -31.80
CA PRO IA 66 55.84 79.62 -32.32
C PRO IA 66 56.41 80.49 -31.20
N ASP IA 67 57.70 80.79 -31.32
CA ASP IA 67 58.34 81.66 -30.34
C ASP IA 67 57.88 83.10 -30.51
N ILE IA 68 57.90 83.85 -29.42
CA ILE IA 68 57.43 85.23 -29.39
C ILE IA 68 58.54 86.12 -28.85
N VAL IA 69 58.75 87.26 -29.51
CA VAL IA 69 59.73 88.26 -29.09
C VAL IA 69 58.98 89.58 -28.96
N LEU IA 70 58.68 89.98 -27.72
CA LEU IA 70 57.92 91.19 -27.48
C LEU IA 70 58.79 92.44 -27.64
N PRO IA 71 58.20 93.56 -28.02
CA PRO IA 71 58.99 94.79 -28.21
C PRO IA 71 59.55 95.30 -26.89
N ASP IA 72 60.67 96.01 -27.01
CA ASP IA 72 61.32 96.58 -25.84
C ASP IA 72 60.40 97.61 -25.18
N PRO IA 73 60.24 97.58 -23.86
CA PRO IA 73 59.35 98.55 -23.21
C PRO IA 73 59.75 100.00 -23.43
N VAL IA 74 61.05 100.29 -23.55
CA VAL IA 74 61.48 101.66 -23.79
C VAL IA 74 60.95 102.17 -25.12
N GLU IA 75 61.04 101.35 -26.16
CA GLU IA 75 60.48 101.73 -27.45
C GLU IA 75 58.95 101.63 -27.44
N GLU IA 76 58.40 100.70 -26.67
CA GLU IA 76 56.95 100.54 -26.61
C GLU IA 76 56.27 101.79 -26.05
N THR IA 77 56.82 102.36 -24.99
CA THR IA 77 56.25 103.58 -24.42
C THR IA 77 56.35 104.74 -25.39
N ARG IA 78 57.49 104.86 -26.09
CA ARG IA 78 57.65 105.93 -27.07
C ARG IA 78 56.65 105.77 -28.22
N HIS IA 79 56.42 104.54 -28.67
CA HIS IA 79 55.43 104.30 -29.71
C HIS IA 79 54.03 104.64 -29.24
N HIS IA 80 53.71 104.32 -27.98
CA HIS IA 80 52.37 104.60 -27.46
C HIS IA 80 52.09 106.09 -27.41
N ALA IA 81 53.10 106.91 -27.13
CA ALA IA 81 52.89 108.36 -27.10
C ALA IA 81 52.49 108.88 -28.47
N GLU IA 82 53.12 108.36 -29.53
CA GLU IA 82 52.77 108.80 -30.89
C GLU IA 82 51.34 108.42 -31.25
N VAL IA 83 50.93 107.19 -30.90
CA VAL IA 83 49.58 106.75 -31.24
C VAL IA 83 48.54 107.57 -30.48
N VAL IA 84 48.78 107.82 -29.20
CA VAL IA 84 47.84 108.64 -28.42
C VAL IA 84 47.78 110.06 -29.00
N GLY IA 85 48.95 110.62 -29.32
CA GLY IA 85 48.97 111.95 -29.92
C GLY IA 85 48.28 112.00 -31.27
N GLN IA 86 48.46 110.95 -32.08
CA GLN IA 86 47.80 110.90 -33.38
C GLN IA 86 46.29 110.80 -33.22
N VAL IA 87 45.82 109.98 -32.28
CA VAL IA 87 44.38 109.89 -32.02
C VAL IA 87 43.88 111.19 -31.41
N ASN IA 88 44.66 111.78 -30.52
CA ASN IA 88 44.26 113.05 -29.91
C ASN IA 88 44.15 114.15 -30.96
N GLU IA 89 45.07 114.16 -31.93
CA GLU IA 89 44.96 115.11 -33.04
C GLU IA 89 43.69 114.86 -33.85
N LEU IA 90 43.37 113.59 -34.10
CA LEU IA 90 42.20 113.27 -34.90
C LEU IA 90 40.91 113.67 -34.17
N ILE IA 91 40.84 113.42 -32.86
CA ILE IA 91 39.62 113.74 -32.13
C ILE IA 91 39.48 115.25 -31.91
N ALA IA 92 40.60 115.98 -31.85
CA ALA IA 92 40.53 117.42 -31.63
C ALA IA 92 40.07 118.17 -32.86
N ALA IA 93 40.38 117.67 -34.06
CA ALA IA 93 40.00 118.33 -35.29
C ALA IA 93 38.58 118.01 -35.74
N GLY IA 94 37.86 117.18 -35.00
CA GLY IA 94 36.50 116.83 -35.38
C GLY IA 94 36.42 116.03 -36.66
N ARG IA 95 37.32 115.08 -36.87
CA ARG IA 95 37.34 114.25 -38.06
C ARG IA 95 36.75 112.87 -37.82
N TYR IA 96 35.91 112.73 -36.79
CA TYR IA 96 35.27 111.47 -36.48
C TYR IA 96 33.81 111.49 -36.95
N GLY IA 97 33.31 110.32 -37.34
CA GLY IA 97 31.95 110.22 -37.82
C GLY IA 97 30.95 109.93 -36.72
N ARG IA 98 30.24 108.81 -36.82
CA ARG IA 98 29.27 108.43 -35.82
C ARG IA 98 29.98 107.75 -34.65
N LEU IA 99 29.40 107.90 -33.45
CA LEU IA 99 29.97 107.35 -32.24
C LEU IA 99 29.03 106.34 -31.62
N PHE IA 100 29.60 105.26 -31.09
CA PHE IA 100 28.86 104.27 -30.32
C PHE IA 100 29.53 104.09 -28.96
N ALA IA 101 28.72 103.80 -27.95
CA ALA IA 101 29.21 103.70 -26.59
C ALA IA 101 28.58 102.50 -25.90
N VAL IA 102 29.35 101.86 -25.02
CA VAL IA 102 28.86 100.77 -24.19
C VAL IA 102 28.70 101.32 -22.78
N VAL IA 103 27.45 101.60 -22.39
CA VAL IA 103 27.15 102.26 -21.13
C VAL IA 103 26.56 101.24 -20.16
N HIS IA 104 27.01 101.31 -18.91
CA HIS IA 104 26.46 100.48 -17.84
C HIS IA 104 25.35 101.26 -17.15
N PHE IA 105 24.14 100.71 -17.15
CA PHE IA 105 22.99 101.40 -16.58
C PHE IA 105 21.99 100.38 -16.09
N ALA IA 106 21.48 100.59 -14.86
CA ALA IA 106 20.44 99.75 -14.27
C ALA IA 106 20.86 98.29 -14.19
N GLY IA 107 22.14 98.03 -13.96
CA GLY IA 107 22.63 96.68 -13.83
C GLY IA 107 22.87 95.94 -15.13
N HIS IA 108 22.69 96.59 -16.27
CA HIS IA 108 22.89 95.96 -17.57
C HIS IA 108 23.82 96.83 -18.41
N GLN IA 109 24.47 96.19 -19.38
CA GLN IA 109 25.38 96.87 -20.29
C GLN IA 109 24.72 96.96 -21.66
N TRP IA 110 24.57 98.18 -22.17
CA TRP IA 110 23.92 98.42 -23.44
C TRP IA 110 24.92 98.96 -24.45
N LYS IA 111 24.82 98.46 -25.69
CA LYS IA 111 25.58 99.00 -26.80
C LYS IA 111 24.72 100.09 -27.44
N VAL IA 112 25.07 101.35 -27.18
CA VAL IA 112 24.21 102.48 -27.48
C VAL IA 112 24.94 103.44 -28.41
N THR IA 113 24.27 103.85 -29.48
CA THR IA 113 24.71 104.91 -30.37
C THR IA 113 23.68 106.04 -30.35
N ALA IA 114 23.94 107.09 -31.13
CA ALA IA 114 23.05 108.23 -31.16
C ALA IA 114 21.70 107.85 -31.74
N GLU IA 115 20.64 108.49 -31.20
CA GLU IA 115 19.27 108.34 -31.69
C GLU IA 115 18.79 106.90 -31.59
N ASP IA 116 18.88 106.33 -30.39
CA ASP IA 116 18.43 104.97 -30.12
C ASP IA 116 17.42 104.97 -28.98
N LEU IA 117 16.85 103.80 -28.71
CA LEU IA 117 15.91 103.59 -27.63
C LEU IA 117 16.35 102.40 -26.79
N ILE IA 118 16.18 102.49 -25.48
CA ILE IA 118 16.47 101.39 -24.58
C ILE IA 118 15.32 101.26 -23.59
N LEU IA 119 14.92 100.03 -23.31
CA LEU IA 119 13.83 99.75 -22.38
C LEU IA 119 14.42 99.34 -21.03
N ILE IA 120 14.17 100.14 -20.01
CA ILE IA 120 14.66 99.88 -18.66
C ILE IA 120 13.56 99.18 -17.89
N GLU IA 121 13.89 98.04 -17.29
CA GLU IA 121 12.88 97.21 -16.64
C GLU IA 121 12.54 97.67 -15.22
N ASN IA 122 13.23 98.67 -14.69
CA ASN IA 122 12.96 99.18 -13.36
C ASN IA 122 12.51 100.63 -13.42
N GLU IA 123 11.62 100.99 -12.49
CA GLU IA 123 11.10 102.34 -12.43
C GLU IA 123 12.19 103.34 -12.06
N LEU IA 124 12.18 104.49 -12.73
CA LEU IA 124 13.12 105.57 -12.45
C LEU IA 124 12.37 106.78 -11.91
N ASP IA 125 13.02 107.49 -10.98
CA ASP IA 125 12.42 108.68 -10.37
C ASP IA 125 12.79 109.93 -11.18
N VAL IA 126 12.47 109.87 -12.47
CA VAL IA 126 12.72 110.96 -13.40
C VAL IA 126 11.41 111.31 -14.08
N ALA IA 127 11.07 112.60 -14.11
CA ALA IA 127 9.86 113.03 -14.80
C ALA IA 127 10.05 112.93 -16.30
N CYS IA 128 8.93 112.80 -17.01
CA CYS IA 128 9.00 112.66 -18.46
C CYS IA 128 9.55 113.93 -19.09
N GLY IA 129 10.38 113.75 -20.13
CA GLY IA 129 10.95 114.86 -20.84
C GLY IA 129 12.24 115.40 -20.25
N GLU IA 130 12.64 114.94 -19.07
CA GLU IA 130 13.88 115.40 -18.47
C GLU IA 130 15.07 114.79 -19.20
N ARG IA 131 16.17 115.54 -19.23
CA ARG IA 131 17.40 115.11 -19.87
C ARG IA 131 18.39 114.67 -18.79
N ILE IA 132 18.88 113.44 -18.89
CA ILE IA 132 19.76 112.86 -17.90
C ILE IA 132 21.10 112.54 -18.54
N ARG IA 133 22.13 112.41 -17.71
CA ARG IA 133 23.48 112.15 -18.14
C ARG IA 133 23.95 110.81 -17.59
N LEU IA 134 24.64 110.04 -18.42
CA LEU IA 134 25.19 108.74 -18.05
C LEU IA 134 26.71 108.82 -18.11
N GLU IA 135 27.37 108.34 -17.04
CA GLU IA 135 28.81 108.45 -16.93
C GLU IA 135 29.54 107.12 -16.88
N LYS IA 136 28.84 106.00 -16.74
CA LYS IA 136 29.48 104.68 -16.75
C LYS IA 136 29.61 104.20 -18.20
N VAL IA 137 30.53 104.84 -18.92
CA VAL IA 137 30.79 104.53 -20.32
C VAL IA 137 31.97 103.59 -20.36
N LEU IA 138 31.69 102.29 -20.48
CA LEU IA 138 32.76 101.30 -20.51
C LEU IA 138 33.60 101.43 -21.78
N LEU IA 139 32.95 101.71 -22.91
CA LEU IA 139 33.61 101.71 -24.21
C LEU IA 139 33.08 102.87 -25.04
N VAL IA 140 33.97 103.42 -25.88
CA VAL IA 140 33.57 104.40 -26.89
C VAL IA 140 34.50 104.24 -28.08
N GLY IA 141 33.95 104.44 -29.26
CA GLY IA 141 34.74 104.27 -30.48
C GLY IA 141 34.01 104.82 -31.68
N ALA IA 142 34.73 104.90 -32.78
CA ALA IA 142 34.19 105.38 -34.05
C ALA IA 142 34.77 104.50 -35.15
N ASP IA 143 34.77 105.02 -36.38
CA ASP IA 143 35.27 104.24 -37.51
C ASP IA 143 36.77 104.03 -37.42
N ASN IA 144 37.53 105.04 -37.01
CA ASN IA 144 38.99 104.98 -37.06
C ASN IA 144 39.67 104.87 -35.72
N PHE IA 145 38.92 104.91 -34.61
CA PHE IA 145 39.53 104.81 -33.29
C PHE IA 145 38.53 104.23 -32.31
N THR IA 146 39.04 103.72 -31.19
CA THR IA 146 38.21 103.16 -30.14
C THR IA 146 38.94 103.31 -28.82
N LEU IA 147 38.22 103.72 -27.78
CA LEU IA 147 38.80 103.97 -26.47
C LEU IA 147 38.26 102.97 -25.46
N LEU IA 148 39.17 102.33 -24.74
CA LEU IA 148 38.83 101.34 -23.72
C LEU IA 148 38.97 101.95 -22.33
N GLY IA 149 38.14 101.47 -21.40
CA GLY IA 149 38.23 101.91 -20.02
C GLY IA 149 38.82 100.86 -19.11
N LYS IA 150 39.31 101.27 -17.94
CA LYS IA 150 39.92 100.36 -16.97
C LYS IA 150 39.33 100.60 -15.59
N PRO IA 151 38.10 100.16 -15.33
CA PRO IA 151 37.12 99.60 -16.27
C PRO IA 151 36.15 100.65 -16.75
N LEU IA 152 36.36 101.91 -16.37
CA LEU IA 152 35.46 103.01 -16.70
C LEU IA 152 36.23 104.15 -17.34
N LEU IA 153 35.54 104.90 -18.19
CA LEU IA 153 36.09 106.11 -18.77
C LEU IA 153 35.74 107.31 -17.90
N GLY IA 154 36.67 108.25 -17.80
CA GLY IA 154 36.44 109.42 -16.97
C GLY IA 154 35.31 110.28 -17.50
N LYS IA 155 34.64 110.97 -16.58
CA LYS IA 155 33.52 111.83 -16.97
C LYS IA 155 33.97 113.01 -17.82
N GLU IA 156 35.24 113.38 -17.77
CA GLU IA 156 35.75 114.50 -18.54
C GLU IA 156 36.12 114.13 -19.97
N LEU IA 157 36.05 112.86 -20.34
CA LEU IA 157 36.44 112.40 -21.67
C LEU IA 157 35.25 112.18 -22.60
N VAL IA 158 34.20 111.52 -22.11
CA VAL IA 158 33.01 111.22 -22.91
C VAL IA 158 31.78 111.60 -22.12
N ARG IA 159 30.86 112.31 -22.77
CA ARG IA 159 29.59 112.72 -22.17
C ARG IA 159 28.45 112.10 -22.95
N VAL IA 160 27.54 111.43 -22.24
CA VAL IA 160 26.38 110.79 -22.84
C VAL IA 160 25.13 111.34 -22.18
N GLU IA 161 24.18 111.80 -22.98
CA GLU IA 161 22.94 112.37 -22.49
C GLU IA 161 21.76 111.60 -23.08
N ALA IA 162 20.75 111.36 -22.25
CA ALA IA 162 19.55 110.64 -22.66
C ALA IA 162 18.31 111.37 -22.16
N THR IA 163 17.20 111.17 -22.86
CA THR IA 163 15.94 111.80 -22.54
C THR IA 163 14.88 110.74 -22.26
N VAL IA 164 14.19 110.88 -21.13
CA VAL IA 164 13.12 109.94 -20.79
C VAL IA 164 11.90 110.25 -21.64
N ILE IA 165 11.28 109.21 -22.19
CA ILE IA 165 10.10 109.33 -23.03
C ILE IA 165 8.86 108.76 -22.34
N GLU IA 166 8.87 107.47 -22.05
CA GLU IA 166 7.69 106.75 -21.60
C GLU IA 166 7.95 106.07 -20.28
N LYS IA 167 7.04 106.24 -19.33
CA LYS IA 167 7.07 105.55 -18.05
C LYS IA 167 5.81 104.68 -17.99
N THR IA 168 5.92 103.44 -18.46
CA THR IA 168 4.75 102.59 -18.61
C THR IA 168 4.89 101.30 -17.82
N GLU IA 169 3.92 100.40 -17.98
CA GLU IA 169 3.91 99.11 -17.32
C GLU IA 169 3.97 98.00 -18.36
N SER IA 170 4.67 96.92 -18.01
CA SER IA 170 4.85 95.83 -18.94
C SER IA 170 3.56 95.06 -19.14
N TRP IA 171 3.53 94.25 -20.20
CA TRP IA 171 2.38 93.42 -20.48
C TRP IA 171 2.24 92.35 -19.41
N PRO IA 172 1.01 91.86 -19.17
CA PRO IA 172 0.81 90.86 -18.11
C PRO IA 172 1.59 89.58 -18.35
N LYS IA 173 2.54 89.29 -17.47
CA LYS IA 173 3.32 88.06 -17.52
C LYS IA 173 2.78 87.07 -16.51
N ILE IA 174 2.69 85.80 -16.92
CA ILE IA 174 2.05 84.76 -16.13
C ILE IA 174 3.12 83.87 -15.51
N ASN IA 175 3.02 83.66 -14.20
CA ASN IA 175 3.91 82.76 -13.48
C ASN IA 175 3.04 81.74 -12.75
N MET IA 176 3.16 80.48 -13.12
CA MET IA 176 2.35 79.41 -12.56
C MET IA 176 3.22 78.23 -12.20
N LYS IA 177 2.95 77.63 -11.03
CA LYS IA 177 3.66 76.45 -10.55
C LYS IA 177 2.64 75.33 -10.34
N PHE IA 178 2.99 74.13 -10.79
CA PHE IA 178 2.08 72.99 -10.74
C PHE IA 178 2.86 71.74 -10.35
N GLN IA 179 2.25 70.92 -9.50
CA GLN IA 179 2.83 69.64 -9.10
C GLN IA 179 1.82 68.53 -9.35
N LYS IA 180 2.31 67.40 -9.84
CA LYS IA 180 1.43 66.32 -10.25
C LYS IA 180 0.74 65.69 -9.04
N ARG IA 181 -0.54 65.37 -9.22
CA ARG IA 181 -1.37 64.61 -8.27
C ARG IA 181 -1.18 65.02 -6.81
N LYS IA 182 -0.94 66.30 -6.57
CA LYS IA 182 -0.89 66.83 -5.21
C LYS IA 182 -1.85 68.00 -5.01
N ASN IA 183 -2.59 68.39 -6.03
CA ASN IA 183 -3.56 69.48 -5.95
C ASN IA 183 -2.88 70.77 -5.46
N TYR IA 184 -1.92 71.23 -6.25
CA TYR IA 184 -1.19 72.46 -5.93
C TYR IA 184 -1.03 73.28 -7.21
N GLN IA 185 -1.79 74.37 -7.30
CA GLN IA 185 -1.67 75.32 -8.40
C GLN IA 185 -1.56 76.72 -7.83
N ARG IA 186 -0.61 77.50 -8.33
CA ARG IA 186 -0.41 78.88 -7.91
C ARG IA 186 -0.30 79.74 -9.16
N LYS IA 187 -1.26 80.62 -9.38
CA LYS IA 187 -1.27 81.50 -10.55
C LYS IA 187 -1.18 82.94 -10.06
N ARG IA 188 -0.18 83.66 -10.55
CA ARG IA 188 0.00 85.07 -10.24
C ARG IA 188 0.44 85.82 -11.50
N ILE IA 189 -0.01 87.05 -11.61
CA ILE IA 189 0.28 87.91 -12.76
C ILE IA 189 1.21 89.02 -12.31
N THR IA 190 2.31 89.21 -13.03
CA THR IA 190 3.30 90.21 -12.72
C THR IA 190 3.23 91.35 -13.72
N VAL IA 191 3.16 92.58 -13.22
CA VAL IA 191 3.15 93.79 -14.05
C VAL IA 191 4.35 94.61 -13.62
N ASN IA 192 5.42 94.55 -14.40
CA ASN IA 192 6.67 95.23 -14.07
C ASN IA 192 6.67 96.63 -14.66
N PRO IA 193 6.82 97.68 -13.85
CA PRO IA 193 6.95 99.03 -14.42
C PRO IA 193 8.19 99.13 -15.30
N GLN IA 194 8.07 99.88 -16.39
CA GLN IA 194 9.13 100.01 -17.38
C GLN IA 194 9.35 101.47 -17.72
N THR IA 195 10.56 101.77 -18.21
CA THR IA 195 10.93 103.11 -18.61
C THR IA 195 11.65 103.04 -19.95
N VAL IA 196 11.30 103.93 -20.87
CA VAL IA 196 11.89 104.01 -22.19
C VAL IA 196 12.74 105.27 -22.27
N LEU IA 197 14.00 105.11 -22.67
CA LEU IA 197 14.95 106.21 -22.76
C LEU IA 197 15.35 106.44 -24.21
N ARG IA 198 15.57 107.70 -24.56
CA ARG IA 198 16.08 108.08 -25.87
C ARG IA 198 17.45 108.73 -25.69
N ILE IA 199 18.46 108.15 -26.32
CA ILE IA 199 19.82 108.69 -26.27
C ILE IA 199 19.97 109.70 -27.40
N ASN IA 200 20.30 110.94 -27.05
CA ASN IA 200 20.31 112.03 -28.01
C ASN IA 200 21.68 112.23 -28.65
N SER IA 201 22.71 112.48 -27.84
CA SER IA 201 24.03 112.81 -28.36
C SER IA 201 25.10 112.16 -27.51
N ILE IA 202 26.20 111.80 -28.17
CA ILE IA 202 27.40 111.29 -27.51
C ILE IA 202 28.57 112.14 -27.97
N GLU IA 203 29.29 112.73 -27.01
CA GLU IA 203 30.37 113.66 -27.31
C GLU IA 203 31.67 113.14 -26.70
N ILE IA 204 32.77 113.35 -27.42
CA ILE IA 204 34.10 112.97 -26.95
C ILE IA 204 34.92 114.24 -26.79
N ALA IA 205 35.42 114.48 -25.59
CA ALA IA 205 36.29 115.62 -25.35
C ALA IA 205 37.67 115.37 -25.94
N PRO IA 206 38.37 116.42 -26.37
CA PRO IA 206 39.69 116.22 -26.97
C PRO IA 206 40.82 116.19 -25.95
N CYS IA 207 40.48 116.02 -24.67
CA CYS IA 207 41.48 115.95 -23.61
C CYS IA 207 41.86 114.48 -23.41
N LEU IA 208 43.12 114.15 -23.71
CA LEU IA 208 43.60 112.78 -23.63
C LEU IA 208 45.10 112.81 -23.43
N CYS IA 209 45.56 112.28 -22.30
CA CYS IA 209 46.99 112.26 -21.98
C CYS IA 209 47.74 111.32 -22.91
N ALA JA 59 34.88 84.81 -16.60
CA ALA JA 59 35.12 84.25 -15.28
C ALA JA 59 36.39 84.82 -14.66
N GLY JA 60 37.37 83.96 -14.43
CA GLY JA 60 38.64 84.39 -13.87
C GLY JA 60 38.53 85.01 -12.49
N SER JA 61 37.71 84.42 -11.63
CA SER JA 61 37.55 84.96 -10.28
C SER JA 61 38.82 84.79 -9.45
N GLN JA 62 39.60 83.74 -9.72
CA GLN JA 62 40.82 83.52 -8.95
C GLN JA 62 41.83 84.63 -9.19
N TRP JA 63 41.94 85.12 -10.43
CA TRP JA 63 42.83 86.23 -10.70
C TRP JA 63 42.39 87.50 -9.97
N ARG JA 64 41.09 87.78 -9.96
CA ARG JA 64 40.59 88.98 -9.29
C ARG JA 64 40.83 88.91 -7.78
N LEU JA 65 40.66 87.73 -7.19
CA LEU JA 65 40.95 87.58 -5.77
C LEU JA 65 42.42 87.81 -5.47
N GLN JA 66 43.30 87.38 -6.37
CA GLN JA 66 44.73 87.59 -6.16
C GLN JA 66 45.09 89.07 -6.15
N GLN JA 67 44.47 89.86 -7.02
CA GLN JA 67 44.77 91.27 -7.13
C GLN JA 67 44.10 92.13 -6.06
N GLY JA 68 43.22 91.54 -5.25
CA GLY JA 68 42.55 92.26 -4.20
C GLY JA 68 41.13 92.68 -4.50
N PHE JA 69 40.71 92.59 -5.77
CA PHE JA 69 39.34 92.93 -6.12
C PHE JA 69 38.38 91.82 -5.66
N ALA JA 70 37.09 92.08 -5.83
CA ALA JA 70 36.09 91.08 -5.50
C ALA JA 70 36.08 89.97 -6.54
N ALA JA 71 35.62 88.79 -6.11
CA ALA JA 71 35.50 87.67 -7.04
C ALA JA 71 34.50 87.98 -8.14
N ASN JA 72 33.39 88.58 -7.77
CA ASN JA 72 32.34 89.01 -8.71
C ASN JA 72 32.54 90.49 -9.03
N PRO JA 73 32.56 90.87 -10.32
CA PRO JA 73 32.73 92.29 -10.66
C PRO JA 73 31.65 93.21 -10.10
N SER JA 74 30.58 92.67 -9.54
CA SER JA 74 29.55 93.48 -8.90
C SER JA 74 29.82 93.73 -7.42
N GLY JA 75 30.96 93.28 -6.90
CA GLY JA 75 31.26 93.43 -5.49
C GLY JA 75 32.12 94.63 -5.14
N TYR JA 76 31.50 95.64 -4.53
CA TYR JA 76 32.17 96.84 -4.02
C TYR JA 76 33.13 97.47 -5.01
N GLY JA 77 32.95 97.22 -6.31
CA GLY JA 77 33.81 97.82 -7.31
C GLY JA 77 33.37 99.22 -7.65
N PRO JA 78 34.26 99.95 -8.33
CA PRO JA 78 33.89 101.28 -8.82
C PRO JA 78 32.78 101.25 -9.85
N LEU JA 79 32.54 100.09 -10.48
CA LEU JA 79 31.47 99.97 -11.45
C LEU JA 79 30.09 99.96 -10.79
N THR JA 80 30.01 99.71 -9.49
CA THR JA 80 28.74 99.59 -8.78
C THR JA 80 28.47 100.73 -7.82
N GLU JA 81 29.46 101.16 -7.05
CA GLU JA 81 29.24 102.20 -6.04
C GLU JA 81 28.85 103.53 -6.66
N LEU JA 82 29.50 103.90 -7.75
CA LEU JA 82 29.27 105.20 -8.35
C LEU JA 82 27.84 105.31 -8.88
N PRO JA 83 27.26 106.50 -8.85
CA PRO JA 83 25.91 106.67 -9.44
C PRO JA 83 25.94 106.43 -10.94
N ASP JA 84 24.89 105.79 -11.44
CA ASP JA 84 24.82 105.46 -12.86
C ASP JA 84 24.26 106.58 -13.72
N TRP JA 85 23.45 107.47 -13.15
CA TRP JA 85 22.85 108.56 -13.92
C TRP JA 85 22.82 109.83 -13.08
N SER JA 86 22.80 110.97 -13.77
CA SER JA 86 22.66 112.26 -13.13
C SER JA 86 21.98 113.22 -14.10
N TYR JA 87 21.42 114.29 -13.55
CA TYR JA 87 20.74 115.27 -14.37
C TYR JA 87 21.72 115.98 -15.30
N ALA JA 88 21.19 116.46 -16.43
CA ALA JA 88 22.04 117.10 -17.43
C ALA JA 88 22.67 118.39 -16.90
N ASP JA 89 21.89 119.19 -16.16
CA ASP JA 89 22.41 120.45 -15.65
C ASP JA 89 23.56 120.24 -14.68
N GLY JA 90 23.52 119.16 -13.91
CA GLY JA 90 24.63 118.83 -13.03
C GLY JA 90 24.25 118.51 -11.61
N ARG JA 91 23.02 118.82 -11.20
CA ARG JA 91 22.61 118.52 -9.83
C ARG JA 91 22.53 117.02 -9.61
N PRO JA 92 22.95 116.54 -8.44
CA PRO JA 92 23.03 115.09 -8.22
C PRO JA 92 21.68 114.41 -8.29
N ALA JA 93 21.69 113.16 -8.73
CA ALA JA 93 20.50 112.34 -8.78
C ALA JA 93 20.21 111.73 -7.41
N PRO JA 94 18.96 111.36 -7.15
CA PRO JA 94 18.65 110.70 -5.89
C PRO JA 94 19.40 109.38 -5.77
N PRO JA 95 19.82 109.01 -4.57
CA PRO JA 95 20.63 107.80 -4.42
C PRO JA 95 19.84 106.54 -4.73
N MET JA 96 20.57 105.51 -5.16
CA MET JA 96 19.96 104.23 -5.47
C MET JA 96 19.41 103.57 -4.20
N LYS JA 97 18.34 102.81 -4.38
CA LYS JA 97 17.82 102.02 -3.26
C LYS JA 97 18.82 100.95 -2.84
N GLY JA 98 19.47 100.32 -3.81
CA GLY JA 98 20.45 99.29 -3.48
C GLY JA 98 21.68 99.83 -2.77
N GLN JA 99 22.18 100.98 -3.21
CA GLN JA 99 23.39 101.53 -2.61
C GLN JA 99 23.17 101.91 -1.16
N LEU JA 100 22.01 102.50 -0.85
CA LEU JA 100 21.70 102.84 0.53
C LEU JA 100 21.63 101.60 1.41
N ARG JA 101 21.00 100.54 0.91
CA ARG JA 101 20.92 99.30 1.66
C ARG JA 101 22.30 98.69 1.86
N ARG JA 102 23.15 98.75 0.84
CA ARG JA 102 24.49 98.18 0.96
C ARG JA 102 25.35 98.96 1.94
N LYS JA 103 25.14 100.26 2.05
CA LYS JA 103 25.87 101.08 3.02
C LYS JA 103 25.32 100.96 4.42
N ALA JA 104 24.17 100.31 4.60
CA ALA JA 104 23.62 100.10 5.93
C ALA JA 104 24.15 98.84 6.58
N GLN JA 105 24.35 97.77 5.81
CA GLN JA 105 24.91 96.55 6.37
C GLN JA 105 26.41 96.67 6.61
N ARG JA 106 27.10 97.48 5.81
CA ARG JA 106 28.51 97.75 6.07
C ARG JA 106 28.68 98.51 7.38
N GLU JA 107 27.84 99.51 7.62
CA GLU JA 107 27.91 100.25 8.88
C GLU JA 107 27.58 99.36 10.07
N LYS JA 108 26.57 98.50 9.92
CA LYS JA 108 26.24 97.55 10.98
C LYS JA 108 27.39 96.58 11.22
N PHE JA 109 28.05 96.12 10.15
CA PHE JA 109 29.18 95.22 10.30
C PHE JA 109 30.34 95.90 11.02
N ALA JA 110 30.59 97.17 10.71
CA ALA JA 110 31.69 97.89 11.35
C ALA JA 110 31.48 98.03 12.84
N ARG JA 111 30.24 98.34 13.26
CA ARG JA 111 29.95 98.47 14.68
C ARG JA 111 30.17 97.16 15.42
N ARG JA 112 29.86 96.04 14.75
CA ARG JA 112 30.09 94.73 15.38
C ARG JA 112 31.58 94.48 15.59
N VAL JA 113 32.42 94.90 14.64
CA VAL JA 113 33.86 94.73 14.81
C VAL JA 113 34.35 95.53 16.00
N VAL JA 114 33.89 96.78 16.13
CA VAL JA 114 34.29 97.61 17.27
C VAL JA 114 33.79 97.01 18.57
N LEU JA 115 32.53 96.54 18.59
CA LEU JA 115 31.98 95.96 19.79
C LEU JA 115 32.73 94.70 20.21
N LEU JA 116 33.04 93.83 19.25
CA LEU JA 116 33.74 92.60 19.57
C LEU JA 116 35.17 92.87 20.02
N SER JA 117 35.83 93.85 19.40
CA SER JA 117 37.20 94.15 19.79
C SER JA 117 37.28 94.73 21.20
N GLN JA 118 36.28 95.51 21.59
CA GLN JA 118 36.30 96.12 22.93
C GLN JA 118 36.01 95.10 24.01
N GLU JA 119 35.05 94.19 23.77
CA GLU JA 119 34.71 93.20 24.78
C GLU JA 119 35.87 92.27 25.07
N MET JA 120 36.58 91.82 24.03
CA MET JA 120 37.76 90.99 24.25
C MET JA 120 38.84 91.75 25.01
N ASP JA 121 39.07 93.01 24.64
CA ASP JA 121 40.05 93.82 25.35
C ASP JA 121 39.60 94.10 26.79
N ALA JA 122 38.31 94.40 26.99
CA ALA JA 122 37.81 94.63 28.34
C ALA JA 122 37.87 93.36 29.18
N GLY JA 123 37.57 92.22 28.58
CA GLY JA 123 37.66 90.97 29.32
C GLY JA 123 39.09 90.64 29.73
N LEU JA 124 40.05 90.96 28.87
CA LEU JA 124 41.46 90.75 29.21
C LEU JA 124 41.88 91.61 30.39
N GLN JA 125 41.41 92.85 30.44
CA GLN JA 125 41.76 93.73 31.55
C GLN JA 125 41.22 93.19 32.88
N ALA JA 126 40.02 92.62 32.85
CA ALA JA 126 39.43 92.10 34.08
C ALA JA 126 40.25 90.97 34.66
N TRP JA 127 40.76 90.08 33.81
CA TRP JA 127 41.60 88.98 34.29
C TRP JA 127 42.90 89.50 34.91
N GLN JA 128 43.49 90.52 34.30
CA GLN JA 128 44.72 91.09 34.86
C GLN JA 128 44.47 91.71 36.23
N LEU JA 129 43.32 92.37 36.40
CA LEU JA 129 42.99 92.94 37.70
C LEU JA 129 42.81 91.85 38.76
N ARG JA 130 42.17 90.74 38.38
CA ARG JA 130 41.98 89.65 39.34
C ARG JA 130 43.31 89.03 39.76
N GLN JA 131 44.24 88.88 38.81
CA GLN JA 131 45.54 88.32 39.15
C GLN JA 131 46.29 89.21 40.14
N GLN JA 132 46.28 90.53 39.90
CA GLN JA 132 46.88 91.44 40.86
C GLN JA 132 46.13 91.43 42.19
N GLU JA 133 44.79 91.37 42.13
CA GLU JA 133 44.00 91.35 43.36
C GLU JA 133 44.32 90.11 44.19
N LYS JA 134 44.46 88.96 43.53
CA LYS JA 134 44.79 87.73 44.27
C LYS JA 134 46.15 87.83 44.94
N LEU JA 135 47.14 88.39 44.22
CA LEU JA 135 48.47 88.54 44.80
C LEU JA 135 48.47 89.57 45.93
N GLN JA 136 47.77 90.70 45.74
CA GLN JA 136 47.71 91.70 46.79
C GLN JA 136 46.98 91.19 48.01
N GLU JA 137 45.98 90.33 47.82
CA GLU JA 137 45.31 89.73 48.97
C GLU JA 137 46.22 88.76 49.72
N GLU JA 138 47.09 88.04 48.99
CA GLU JA 138 47.98 87.09 49.65
C GLU JA 138 48.97 87.81 50.58
N GLU JA 139 49.57 88.90 50.11
CA GLU JA 139 50.49 89.65 50.96
C GLU JA 139 49.78 90.32 52.12
N GLY JA 140 48.48 90.57 52.00
CA GLY JA 140 47.74 91.14 53.11
C GLY JA 140 47.66 90.21 54.30
N LYS JA 141 47.45 88.91 54.05
CA LYS JA 141 47.39 87.94 55.13
C LYS JA 141 48.74 87.84 55.84
N GLN JA 142 49.84 87.89 55.09
CA GLN JA 142 51.16 87.84 55.69
C GLN JA 142 51.40 89.06 56.58
N LYS JA 143 50.95 90.23 56.14
CA LYS JA 143 51.15 91.47 56.89
C LYS JA 143 49.99 91.79 57.81
N ASN JA 144 49.18 90.79 58.19
CA ASN JA 144 48.08 91.00 59.11
C ASN JA 144 48.09 90.07 60.31
N ALA JA 145 48.82 88.95 60.26
CA ALA JA 145 48.86 88.01 61.36
C ALA JA 145 49.75 88.55 62.48
N LEU JA 146 49.98 87.73 63.50
CA LEU JA 146 50.76 88.13 64.67
C LEU JA 146 52.17 87.57 64.57
N LYS JA 147 53.09 88.22 65.28
CA LYS JA 147 54.48 87.79 65.31
C LYS JA 147 54.59 86.46 66.04
N SER JA 148 55.01 85.41 65.33
CA SER JA 148 55.03 84.07 65.91
C SER JA 148 56.11 84.02 66.99
N LYS JA 149 55.69 83.90 68.25
CA LYS JA 149 56.65 83.73 69.33
C LYS JA 149 57.12 82.29 69.41
N GLY JA 150 56.18 81.36 69.60
CA GLY JA 150 56.43 79.93 69.52
C GLY JA 150 57.68 79.43 70.22
N ALA JA 151 58.48 78.64 69.50
CA ALA JA 151 59.79 78.22 69.96
C ALA JA 151 60.86 79.28 69.71
N LEU JA 152 60.54 80.33 68.95
CA LEU JA 152 61.51 81.38 68.67
C LEU JA 152 61.85 82.19 69.93
N LEU JA 153 61.03 82.12 70.97
CA LEU JA 153 61.35 82.81 72.21
C LEU JA 153 62.62 82.25 72.83
N GLN JA 154 62.77 80.94 72.83
CA GLN JA 154 63.99 80.31 73.34
C GLN JA 154 65.09 80.22 72.29
N ASN JA 155 64.79 80.57 71.04
CA ASN JA 155 65.79 80.54 69.97
C ASN JA 155 66.36 81.93 69.72
N ALA KA 3 78.96 20.58 -31.82
CA ALA KA 3 77.79 19.72 -31.79
C ALA KA 3 77.04 19.76 -33.12
N ALA KA 4 77.06 20.92 -33.77
CA ALA KA 4 76.37 21.07 -35.04
C ALA KA 4 76.99 20.19 -36.12
N LEU KA 5 78.33 20.13 -36.16
CA LEU KA 5 79.00 19.36 -37.21
C LEU KA 5 78.74 17.87 -37.06
N ALA KA 6 78.64 17.38 -35.82
CA ALA KA 6 78.41 15.96 -35.60
C ALA KA 6 77.07 15.50 -36.18
N ARG KA 7 76.03 16.33 -36.03
CA ARG KA 7 74.71 15.93 -36.49
C ARG KA 7 74.57 15.97 -38.00
N LEU KA 8 75.45 16.69 -38.70
CA LEU KA 8 75.32 16.89 -40.14
C LEU KA 8 76.11 15.88 -40.97
N GLY KA 9 76.82 14.95 -40.35
CA GLY KA 9 77.56 13.95 -41.08
C GLY KA 9 78.83 14.47 -41.74
N LEU KA 10 79.94 14.49 -41.00
CA LEU KA 10 81.22 14.90 -41.55
C LEU KA 10 81.86 13.83 -42.45
N ARG KA 11 81.19 12.70 -42.68
CA ARG KA 11 81.80 11.61 -43.44
C ARG KA 11 82.10 12.00 -44.87
N ALA KA 12 81.44 13.02 -45.40
CA ALA KA 12 81.64 13.44 -46.78
C ALA KA 12 82.81 14.40 -46.94
N VAL KA 13 83.59 14.64 -45.90
CA VAL KA 13 84.73 15.55 -45.92
C VAL KA 13 85.99 14.72 -46.10
N LYS KA 14 86.83 15.09 -47.08
CA LYS KA 14 88.06 14.35 -47.32
C LYS KA 14 89.18 14.79 -46.38
N GLN KA 15 89.57 16.06 -46.47
CA GLN KA 15 90.71 16.57 -45.71
C GLN KA 15 90.46 18.02 -45.31
N VAL KA 16 90.89 18.37 -44.10
CA VAL KA 16 90.79 19.73 -43.58
C VAL KA 16 92.18 20.12 -43.05
N ARG KA 17 92.64 21.30 -43.43
CA ARG KA 17 93.90 21.84 -42.94
C ARG KA 17 93.66 23.24 -42.39
N VAL KA 18 94.42 23.61 -41.36
CA VAL KA 18 94.32 24.91 -40.72
C VAL KA 18 95.71 25.51 -40.66
N GLN KA 19 95.88 26.69 -41.28
CA GLN KA 19 97.14 27.41 -41.27
C GLN KA 19 96.93 28.76 -40.60
N PHE KA 20 97.63 29.00 -39.50
CA PHE KA 20 97.47 30.24 -38.76
C PHE KA 20 98.76 30.57 -38.03
N CYS KA 21 98.88 31.85 -37.66
CA CYS KA 21 100.00 32.32 -36.86
C CYS KA 21 99.50 32.61 -35.45
N PRO KA 22 99.84 31.80 -34.46
CA PRO KA 22 99.28 32.00 -33.11
C PRO KA 22 99.69 33.32 -32.47
N PHE KA 23 100.79 33.93 -32.91
CA PHE KA 23 101.27 35.15 -32.31
C PHE KA 23 100.60 36.41 -32.85
N GLU KA 24 99.70 36.28 -33.83
CA GLU KA 24 98.99 37.42 -34.36
C GLU KA 24 97.73 37.72 -33.54
N LYS KA 25 97.12 38.87 -33.83
CA LYS KA 25 95.97 39.34 -33.08
C LYS KA 25 94.63 38.91 -33.68
N ASN KA 26 94.59 38.68 -35.00
CA ASN KA 26 93.35 38.36 -35.70
C ASN KA 26 93.27 36.87 -36.02
N VAL KA 27 93.77 36.02 -35.13
CA VAL KA 27 93.74 34.57 -35.30
C VAL KA 27 92.90 33.88 -34.26
N GLU KA 28 92.23 34.63 -33.37
CA GLU KA 28 91.39 34.01 -32.36
C GLU KA 28 90.24 33.25 -32.99
N SER KA 29 89.65 33.80 -34.05
CA SER KA 29 88.56 33.10 -34.74
C SER KA 29 89.04 31.80 -35.36
N THR KA 30 90.25 31.79 -35.91
CA THR KA 30 90.81 30.56 -36.49
C THR KA 30 91.00 29.49 -35.41
N ARG KA 31 91.45 29.90 -34.22
CA ARG KA 31 91.63 28.95 -33.13
C ARG KA 31 90.31 28.29 -32.74
N THR KA 32 89.25 29.08 -32.65
CA THR KA 32 87.95 28.52 -32.28
C THR KA 32 87.43 27.56 -33.32
N PHE KA 33 87.63 27.88 -34.61
CA PHE KA 33 87.22 26.96 -35.66
C PHE KA 33 87.99 25.65 -35.59
N LEU KA 34 89.29 25.72 -35.30
CA LEU KA 34 90.10 24.52 -35.24
C LEU KA 34 89.65 23.59 -34.12
N GLN KA 35 89.35 24.16 -32.94
CA GLN KA 35 88.95 23.33 -31.82
C GLN KA 35 87.58 22.71 -32.03
N ALA KA 36 86.67 23.41 -32.72
CA ALA KA 36 85.35 22.86 -32.99
C ALA KA 36 85.42 21.69 -33.96
N VAL KA 37 86.21 21.83 -35.04
CA VAL KA 37 86.30 20.77 -36.04
C VAL KA 37 87.16 19.61 -35.58
N SER KA 38 88.01 19.82 -34.57
CA SER KA 38 88.88 18.77 -34.05
C SER KA 38 88.32 18.13 -32.79
N SER KA 39 87.06 18.38 -32.46
CA SER KA 39 86.46 17.79 -31.28
C SER KA 39 86.28 16.29 -31.46
N GLU KA 40 86.10 15.59 -30.34
CA GLU KA 40 86.00 14.13 -30.37
C GLU KA 40 84.77 13.69 -31.16
N LYS KA 41 83.65 14.41 -31.01
CA LYS KA 41 82.42 14.02 -31.71
C LYS KA 41 82.59 14.12 -33.22
N VAL KA 42 83.23 15.19 -33.70
CA VAL KA 42 83.44 15.35 -35.14
C VAL KA 42 84.42 14.30 -35.66
N ARG KA 43 85.42 13.96 -34.85
CA ARG KA 43 86.40 12.95 -35.27
C ARG KA 43 85.74 11.61 -35.50
N CYS KA 44 84.82 11.21 -34.61
CA CYS KA 44 84.21 9.88 -34.69
C CYS KA 44 83.12 9.81 -35.75
N THR KA 45 83.42 10.26 -36.96
CA THR KA 45 82.52 10.14 -38.10
C THR KA 45 83.15 9.53 -39.34
N ASN KA 46 84.47 9.63 -39.50
CA ASN KA 46 85.17 8.94 -40.59
C ASN KA 46 86.64 8.80 -40.17
N LEU KA 47 87.15 7.58 -40.23
CA LEU KA 47 88.49 7.26 -39.73
C LEU KA 47 89.54 7.34 -40.83
N ASN KA 48 89.36 8.19 -41.83
CA ASN KA 48 90.38 8.41 -42.85
C ASN KA 48 90.73 9.87 -43.05
N CYS KA 49 89.86 10.79 -42.65
CA CYS KA 49 90.13 12.22 -42.80
C CYS KA 49 91.26 12.63 -41.88
N SER KA 50 92.20 13.41 -42.41
CA SER KA 50 93.36 13.87 -41.68
C SER KA 50 93.22 15.37 -41.44
N VAL KA 51 93.24 15.78 -40.18
CA VAL KA 51 93.18 17.19 -39.80
C VAL KA 51 94.60 17.68 -39.56
N ILE KA 52 95.02 18.68 -40.33
CA ILE KA 52 96.37 19.21 -40.27
C ILE KA 52 96.32 20.61 -39.68
N ALA KA 53 97.11 20.84 -38.63
CA ALA KA 53 97.19 22.13 -37.96
C ALA KA 53 98.58 22.71 -38.24
N ASP KA 54 98.70 23.41 -39.37
CA ASP KA 54 99.96 24.06 -39.73
C ASP KA 54 100.14 25.31 -38.87
N VAL KA 55 101.33 25.46 -38.30
CA VAL KA 55 101.64 26.58 -37.41
C VAL KA 55 102.83 27.34 -37.98
N ARG KA 56 102.66 28.64 -38.17
CA ARG KA 56 103.71 29.53 -38.64
C ARG KA 56 103.76 30.75 -37.72
N HIS KA 57 104.72 31.64 -37.99
CA HIS KA 57 104.86 32.85 -37.20
C HIS KA 57 104.65 34.12 -38.01
N ASP KA 58 105.34 34.26 -39.14
CA ASP KA 58 105.24 35.45 -39.97
C ASP KA 58 104.41 35.21 -41.24
N GLY KA 59 103.60 34.15 -41.27
CA GLY KA 59 102.73 33.94 -42.41
C GLY KA 59 101.71 35.04 -42.60
N SER KA 60 101.14 35.52 -41.50
CA SER KA 60 100.20 36.65 -41.50
C SER KA 60 98.96 36.38 -42.36
N GLU KA 61 98.63 35.10 -42.56
CA GLU KA 61 97.45 34.72 -43.34
C GLU KA 61 96.78 33.52 -42.68
N PRO KA 62 95.93 33.76 -41.68
CA PRO KA 62 95.16 32.65 -41.08
C PRO KA 62 94.14 32.14 -42.08
N CYS KA 63 94.29 30.88 -42.49
CA CYS KA 63 93.48 30.32 -43.55
C CYS KA 63 93.04 28.91 -43.18
N VAL KA 64 91.91 28.50 -43.75
CA VAL KA 64 91.37 27.16 -43.58
C VAL KA 64 91.02 26.63 -44.97
N ASP KA 65 91.46 25.40 -45.26
CA ASP KA 65 91.21 24.79 -46.57
C ASP KA 65 90.53 23.45 -46.35
N VAL KA 66 89.45 23.21 -47.09
CA VAL KA 66 88.67 22.00 -46.98
C VAL KA 66 88.44 21.43 -48.37
N LEU KA 67 88.48 20.10 -48.47
CA LEU KA 67 88.20 19.40 -49.72
C LEU KA 67 87.07 18.41 -49.47
N PHE KA 68 86.01 18.53 -50.25
CA PHE KA 68 84.83 17.69 -50.09
C PHE KA 68 84.96 16.41 -50.92
N GLY KA 69 84.01 15.49 -50.71
CA GLY KA 69 84.03 14.25 -51.46
C GLY KA 69 83.74 14.45 -52.93
N ASP KA 70 82.87 15.40 -53.26
CA ASP KA 70 82.54 15.68 -54.66
C ASP KA 70 83.77 16.17 -55.43
N GLY KA 71 84.66 16.88 -54.76
CA GLY KA 71 85.84 17.41 -55.39
C GLY KA 71 85.96 18.93 -55.41
N HIS KA 72 85.24 19.63 -54.55
CA HIS KA 72 85.31 21.08 -54.50
C HIS KA 72 86.30 21.52 -53.43
N ARG KA 73 86.96 22.65 -53.68
CA ARG KA 73 88.01 23.16 -52.80
C ARG KA 73 87.47 24.39 -52.08
N LEU KA 74 87.08 24.21 -50.81
CA LEU KA 74 86.60 25.30 -49.99
C LEU KA 74 87.76 25.86 -49.19
N ILE KA 75 88.18 27.09 -49.51
CA ILE KA 75 89.25 27.78 -48.81
C ILE KA 75 88.73 29.13 -48.36
N MET KA 76 88.75 29.37 -47.05
CA MET KA 76 88.31 30.64 -46.48
C MET KA 76 89.40 31.20 -45.60
N ARG KA 77 89.90 32.38 -45.93
CA ARG KA 77 90.94 33.04 -45.16
C ARG KA 77 90.28 33.80 -44.01
N GLY KA 78 90.20 33.16 -42.85
CA GLY KA 78 89.51 33.76 -41.72
C GLY KA 78 90.41 34.65 -40.89
N ALA KA 79 90.35 35.95 -41.14
CA ALA KA 79 91.06 36.97 -40.37
C ALA KA 79 90.12 38.00 -39.80
N HIS KA 80 89.06 38.36 -40.53
CA HIS KA 80 88.02 39.23 -40.02
C HIS KA 80 86.72 38.50 -39.73
N LEU KA 81 86.52 37.31 -40.29
CA LEU KA 81 85.33 36.53 -40.03
C LEU KA 81 85.32 36.05 -38.58
N THR KA 82 84.11 35.88 -38.05
CA THR KA 82 83.96 35.32 -36.71
C THR KA 82 83.88 33.80 -36.77
N ALA KA 83 83.98 33.17 -35.59
CA ALA KA 83 83.94 31.73 -35.53
C ALA KA 83 82.60 31.18 -36.02
N GLN KA 84 81.50 31.85 -35.66
CA GLN KA 84 80.18 31.39 -36.06
C GLN KA 84 80.02 31.44 -37.58
N GLU KA 85 80.53 32.49 -38.22
CA GLU KA 85 80.41 32.59 -39.67
C GLU KA 85 81.17 31.47 -40.37
N MET KA 86 82.38 31.15 -39.88
CA MET KA 86 83.17 30.09 -40.50
C MET KA 86 82.50 28.74 -40.37
N LEU KA 87 81.97 28.43 -39.19
CA LEU KA 87 81.26 27.16 -39.01
C LEU KA 87 79.98 27.11 -39.83
N THR KA 88 79.24 28.22 -39.90
CA THR KA 88 77.99 28.22 -40.66
C THR KA 88 78.25 28.00 -42.15
N ALA KA 89 79.28 28.65 -42.70
CA ALA KA 89 79.61 28.44 -44.10
C ALA KA 89 80.07 27.01 -44.37
N PHE KA 90 80.91 26.47 -43.47
CA PHE KA 90 81.36 25.09 -43.62
C PHE KA 90 80.19 24.12 -43.54
N ALA KA 91 79.26 24.35 -42.61
CA ALA KA 91 78.11 23.47 -42.46
C ALA KA 91 77.18 23.56 -43.67
N SER KA 92 77.04 24.75 -44.24
CA SER KA 92 76.11 24.93 -45.35
C SER KA 92 76.56 24.14 -46.58
N HIS KA 93 77.86 24.12 -46.86
CA HIS KA 93 78.35 23.46 -48.06
C HIS KA 93 78.19 21.94 -47.96
N ILE KA 94 78.19 21.38 -46.75
CA ILE KA 94 78.10 19.93 -46.58
C ILE KA 94 76.77 19.41 -47.11
N GLN KA 95 75.67 20.09 -46.77
CA GLN KA 95 74.36 19.64 -47.23
C GLN KA 95 74.22 19.76 -48.74
N ALA KA 96 74.72 20.85 -49.31
CA ALA KA 96 74.63 21.03 -50.76
C ALA KA 96 75.47 19.99 -51.49
N ARG KA 97 76.70 19.77 -51.04
CA ARG KA 97 77.61 18.82 -51.68
C ARG KA 97 77.51 17.44 -51.01
N GLY KA 98 76.30 16.91 -50.99
CA GLY KA 98 76.05 15.62 -50.38
C GLY KA 98 74.63 15.14 -50.53
N ALA LA 55 75.80 -20.09 -4.66
CA ALA LA 55 76.82 -21.09 -4.92
C ALA LA 55 78.21 -20.47 -5.01
N LEU LA 56 78.26 -19.22 -5.47
CA LEU LA 56 79.51 -18.49 -5.60
C LEU LA 56 79.78 -17.73 -4.31
N LYS LA 57 80.82 -18.14 -3.58
CA LYS LA 57 81.17 -17.53 -2.31
C LYS LA 57 82.67 -17.30 -2.26
N ASP LA 58 83.08 -16.39 -1.39
CA ASP LA 58 84.49 -16.09 -1.22
C ASP LA 58 85.20 -17.30 -0.59
N PRO LA 59 86.48 -17.50 -0.93
CA PRO LA 59 87.23 -18.59 -0.30
C PRO LA 59 87.36 -18.39 1.21
N GLU LA 60 87.48 -19.50 1.93
CA GLU LA 60 87.57 -19.44 3.38
C GLU LA 60 88.79 -18.63 3.82
N VAL LA 61 88.61 -17.81 4.85
CA VAL LA 61 89.64 -16.91 5.32
C VAL LA 61 90.22 -17.44 6.63
N CYS LA 62 91.42 -16.98 6.94
CA CYS LA 62 92.09 -17.38 8.17
C CYS LA 62 91.42 -16.74 9.37
N THR LA 63 91.39 -17.48 10.49
CA THR LA 63 90.81 -17.00 11.73
C THR LA 63 91.80 -16.95 12.88
N ASP LA 64 93.06 -17.29 12.64
CA ASP LA 64 94.06 -17.27 13.71
C ASP LA 64 94.52 -15.83 13.94
N PRO LA 65 94.31 -15.27 15.14
CA PRO LA 65 94.75 -13.88 15.38
C PRO LA 65 96.24 -13.67 15.21
N PHE LA 66 97.06 -14.67 15.55
CA PHE LA 66 98.51 -14.51 15.47
C PHE LA 66 98.97 -14.34 14.04
N ARG LA 67 98.42 -15.13 13.11
CA ARG LA 67 98.82 -15.02 11.71
C ARG LA 67 98.24 -13.77 11.06
N LEU LA 68 97.00 -13.41 11.42
CA LEU LA 68 96.38 -12.22 10.83
C LEU LA 68 97.09 -10.95 11.25
N THR LA 69 97.55 -10.88 12.50
CA THR LA 69 98.30 -9.71 12.95
C THR LA 69 99.72 -9.65 12.40
N THR LA 70 100.24 -10.78 11.88
CA THR LA 70 101.59 -10.82 11.35
C THR LA 70 101.64 -11.04 9.85
N HIS LA 71 100.58 -11.57 9.24
CA HIS LA 71 100.55 -11.81 7.80
C HIS LA 71 99.19 -11.42 7.25
N ALA LA 72 99.21 -10.73 6.11
CA ALA LA 72 97.98 -10.33 5.42
C ALA LA 72 97.63 -11.43 4.42
N MET LA 73 96.63 -12.25 4.77
CA MET LA 73 96.30 -13.41 3.95
C MET LA 73 95.70 -12.98 2.61
N GLY LA 74 94.87 -11.94 2.60
CA GLY LA 74 94.17 -11.56 1.38
C GLY LA 74 95.06 -10.99 0.30
N VAL LA 75 96.27 -10.55 0.65
CA VAL LA 75 97.17 -9.96 -0.33
C VAL LA 75 97.59 -11.00 -1.36
N ASN LA 76 97.95 -12.19 -0.91
CA ASN LA 76 98.45 -13.25 -1.80
C ASN LA 76 97.26 -13.94 -2.46
N ILE LA 77 97.04 -13.66 -3.75
CA ILE LA 77 95.95 -14.27 -4.49
C ILE LA 77 96.41 -15.39 -5.41
N TYR LA 78 97.70 -15.55 -5.62
CA TYR LA 78 98.21 -16.63 -6.47
C TYR LA 78 98.20 -17.94 -5.70
N LYS LA 79 97.89 -19.02 -6.41
CA LYS LA 79 97.96 -20.35 -5.80
C LYS LA 79 99.39 -20.68 -5.41
N GLU LA 80 100.35 -20.34 -6.26
CA GLU LA 80 101.76 -20.64 -6.01
C GLU LA 80 102.43 -19.65 -5.09
N GLY LA 81 101.77 -18.53 -4.76
CA GLY LA 81 102.35 -17.53 -3.90
C GLY LA 81 102.31 -17.92 -2.43
N GLN LA 82 102.91 -17.08 -1.61
CA GLN LA 82 102.98 -17.29 -0.17
C GLN LA 82 102.66 -15.99 0.56
N ASP LA 83 102.35 -16.14 1.85
CA ASP LA 83 102.08 -14.97 2.68
C ASP LA 83 103.31 -14.08 2.78
N VAL LA 84 103.12 -12.78 2.63
CA VAL LA 84 104.21 -11.83 2.74
C VAL LA 84 104.42 -11.50 4.22
N VAL LA 85 105.64 -11.71 4.70
CA VAL LA 85 105.94 -11.51 6.11
C VAL LA 85 105.96 -10.02 6.43
N LEU LA 86 105.44 -9.67 7.60
CA LEU LA 86 105.43 -8.28 8.04
C LEU LA 86 106.85 -7.81 8.34
N LYS LA 87 107.26 -6.72 7.71
CA LYS LA 87 108.54 -6.11 8.02
C LYS LA 87 108.41 -5.22 9.25
N PRO LA 88 109.53 -4.92 9.92
CA PRO LA 88 109.46 -4.02 11.08
C PRO LA 88 108.91 -2.66 10.70
N ASP LA 89 108.15 -2.07 11.62
CA ASP LA 89 107.52 -0.78 11.37
C ASP LA 89 108.53 0.33 11.12
N SER LA 90 109.77 0.16 11.61
CA SER LA 90 110.80 1.16 11.34
C SER LA 90 111.14 1.22 9.86
N GLU LA 91 111.18 0.06 9.19
CA GLU LA 91 111.44 0.04 7.76
C GLU LA 91 110.29 0.64 6.96
N TYR LA 92 109.09 0.65 7.51
CA TYR LA 92 107.95 1.22 6.80
C TYR LA 92 108.14 2.72 6.61
N PRO LA 93 107.69 3.29 5.49
CA PRO LA 93 107.79 4.73 5.31
C PRO LA 93 106.96 5.48 6.34
N GLU LA 94 107.43 6.67 6.70
CA GLU LA 94 106.78 7.44 7.76
C GLU LA 94 105.47 8.06 7.32
N TRP LA 95 105.22 8.18 6.01
CA TRP LA 95 104.02 8.85 5.56
C TRP LA 95 102.77 8.00 5.75
N LEU LA 96 102.90 6.69 5.92
CA LEU LA 96 101.74 5.85 6.14
C LEU LA 96 101.23 5.91 7.58
N PHE LA 97 101.99 6.51 8.49
CA PHE LA 97 101.57 6.72 9.87
C PHE LA 97 101.14 8.17 10.12
N GLU LA 98 100.84 8.91 9.05
CA GLU LA 98 100.46 10.31 9.15
C GLU LA 98 99.06 10.61 8.64
N MET LA 99 98.45 9.69 7.90
CA MET LA 99 97.14 9.93 7.32
C MET LA 99 96.07 9.99 8.40
N ASN LA 100 94.94 10.61 8.06
CA ASN LA 100 93.82 10.78 8.99
C ASN LA 100 93.12 9.45 9.16
N VAL LA 101 93.48 8.72 10.21
CA VAL LA 101 92.86 7.42 10.48
C VAL LA 101 91.38 7.60 10.85
N GLY LA 102 91.08 8.60 11.68
CA GLY LA 102 89.75 8.78 12.19
C GLY LA 102 88.81 9.44 11.20
N PRO LA 103 87.88 10.25 11.71
CA PRO LA 103 86.88 10.89 10.85
C PRO LA 103 87.53 11.90 9.92
N PRO LA 104 86.89 12.19 8.79
CA PRO LA 104 87.48 13.15 7.84
C PRO LA 104 87.48 14.57 8.40
N LYS LA 105 88.39 15.38 7.86
CA LYS LA 105 88.52 16.76 8.31
C LYS LA 105 87.26 17.54 8.01
N LYS LA 106 86.86 18.38 8.96
CA LYS LA 106 85.69 19.24 8.79
C LYS LA 106 86.08 20.48 7.99
N LEU LA 107 85.14 21.41 7.85
CA LEU LA 107 85.41 22.61 7.07
C LEU LA 107 86.34 23.57 7.80
N GLU LA 108 86.27 23.62 9.13
CA GLU LA 108 87.05 24.57 9.90
C GLU LA 108 88.47 24.09 10.19
N GLU LA 109 88.69 22.78 10.26
CA GLU LA 109 90.03 22.25 10.51
C GLU LA 109 90.99 22.54 9.37
N LEU LA 110 90.48 22.85 8.18
CA LEU LA 110 91.33 23.15 7.04
C LEU LA 110 91.75 24.62 7.08
N ASP LA 111 92.52 25.04 6.08
CA ASP LA 111 93.03 26.41 6.04
C ASP LA 111 92.67 27.06 4.72
N PRO LA 112 92.23 28.32 4.74
CA PRO LA 112 91.88 29.01 3.48
C PRO LA 112 93.04 29.07 2.49
N GLU LA 113 94.27 29.18 2.97
CA GLU LA 113 95.44 29.16 2.08
C GLU LA 113 95.94 27.75 1.87
N THR LA 114 95.03 26.87 1.45
CA THR LA 114 95.33 25.47 1.17
C THR LA 114 94.26 24.94 0.23
N ARG LA 115 94.67 24.11 -0.73
CA ARG LA 115 93.71 23.55 -1.67
C ARG LA 115 92.71 22.62 -0.99
N GLU LA 116 93.04 22.10 0.19
CA GLU LA 116 92.12 21.18 0.87
C GLU LA 116 90.81 21.88 1.22
N TYR LA 117 90.88 23.13 1.68
CA TYR LA 117 89.67 23.86 2.00
C TYR LA 117 88.79 24.07 0.77
N TRP LA 118 89.40 24.46 -0.35
CA TRP LA 118 88.63 24.62 -1.57
C TRP LA 118 88.19 23.28 -2.14
N ARG LA 119 88.97 22.22 -1.90
CA ARG LA 119 88.55 20.89 -2.32
C ARG LA 119 87.27 20.47 -1.60
N LEU LA 120 87.17 20.75 -0.30
CA LEU LA 120 85.97 20.41 0.44
C LEU LA 120 84.84 21.38 0.15
N LEU LA 121 85.15 22.67 -0.01
CA LEU LA 121 84.12 23.65 -0.31
C LEU LA 121 83.49 23.40 -1.68
N ARG LA 122 84.29 22.93 -2.64
CA ARG LA 122 83.73 22.54 -3.93
C ARG LA 122 82.74 21.38 -3.77
N LYS LA 123 83.08 20.41 -2.90
CA LYS LA 123 82.19 19.29 -2.66
C LYS LA 123 80.89 19.75 -2.01
N HIS LA 124 80.97 20.71 -1.09
CA HIS LA 124 79.77 21.21 -0.43
C HIS LA 124 78.87 21.97 -1.39
N ASN LA 125 79.45 22.69 -2.35
CA ASN LA 125 78.63 23.41 -3.32
C ASN LA 125 77.77 22.46 -4.13
N ILE LA 126 78.32 21.30 -4.51
CA ILE LA 126 77.53 20.32 -5.24
C ILE LA 126 76.39 19.79 -4.38
N TRP LA 127 76.66 19.56 -3.09
CA TRP LA 127 75.61 19.12 -2.18
C TRP LA 127 74.50 20.15 -2.07
N ARG LA 128 74.86 21.43 -1.96
CA ARG LA 128 73.85 22.48 -1.88
C ARG LA 128 73.05 22.57 -3.16
N HIS LA 129 73.71 22.45 -4.31
CA HIS LA 129 73.01 22.52 -5.59
C HIS LA 129 72.10 21.32 -5.79
N ASN LA 130 72.53 20.14 -5.34
CA ASN LA 130 71.70 18.94 -5.50
C ASN LA 130 70.42 19.05 -4.68
N ARG LA 131 70.50 19.56 -3.46
CA ARG LA 131 69.31 19.68 -2.62
C ARG LA 131 68.29 20.65 -3.22
N LEU LA 132 68.77 21.77 -3.76
CA LEU LA 132 67.87 22.75 -4.34
C LEU LA 132 67.24 22.27 -5.64
N SER LA 133 67.77 21.21 -6.24
CA SER LA 133 67.24 20.66 -7.48
C SER LA 133 66.20 19.58 -7.27
N LYS LA 134 65.79 19.32 -6.02
CA LYS LA 134 64.81 18.28 -5.76
C LYS LA 134 63.43 18.61 -6.36
N ASN LA 135 63.18 19.86 -6.73
CA ASN LA 135 61.90 20.28 -7.27
C ASN LA 135 61.90 20.34 -8.79
N ARG LA 136 62.68 19.49 -9.45
CA ARG LA 136 62.69 19.46 -10.91
C ARG LA 136 61.42 18.82 -11.43
N LYS LA 137 60.77 19.50 -12.38
CA LYS LA 137 59.60 18.96 -13.06
C LYS LA 137 59.96 18.25 -14.37
N PHE LA 138 61.22 18.28 -14.77
CA PHE LA 138 61.64 17.71 -16.04
C PHE LA 138 62.20 16.30 -15.85
N ASP MA 35 67.78 17.65 72.35
CA ASP MA 35 66.46 18.24 72.11
C ASP MA 35 65.38 17.17 72.00
N CYS MA 36 65.63 16.02 72.63
CA CYS MA 36 64.69 14.91 72.60
C CYS MA 36 63.59 15.05 73.64
N ASN MA 37 63.61 16.11 74.45
CA ASN MA 37 62.59 16.38 75.46
C ASN MA 37 61.84 17.67 75.15
N ARG MA 38 61.57 17.92 73.87
CA ARG MA 38 60.93 19.14 73.43
C ARG MA 38 59.47 18.95 73.05
N ALA MA 39 59.01 17.70 72.97
CA ALA MA 39 57.63 17.40 72.62
C ALA MA 39 56.96 16.41 73.54
N LEU MA 40 57.70 15.62 74.31
CA LEU MA 40 57.08 14.63 75.18
C LEU MA 40 56.27 15.28 76.29
N LEU MA 41 56.61 16.50 76.66
CA LEU MA 41 55.87 17.25 77.69
C LEU MA 41 54.57 17.76 77.08
N THR MA 42 53.48 17.02 77.30
CA THR MA 42 52.20 17.34 76.67
C THR MA 42 51.08 16.79 77.54
N ARG MA 43 49.86 16.79 76.99
CA ARG MA 43 48.68 16.32 77.69
C ARG MA 43 47.69 15.79 76.66
N LEU MA 44 46.81 14.90 77.11
CA LEU MA 44 45.76 14.36 76.25
C LEU MA 44 44.71 15.44 76.05
N HIS MA 45 44.80 16.16 74.93
CA HIS MA 45 43.93 17.30 74.67
C HIS MA 45 42.54 16.79 74.29
N ARG MA 46 41.72 16.58 75.30
CA ARG MA 46 40.36 16.09 75.11
C ARG MA 46 39.53 16.57 76.30
N GLN MA 47 38.22 16.36 76.22
CA GLN MA 47 37.32 16.80 77.28
C GLN MA 47 36.59 15.66 77.98
N THR MA 48 36.43 14.51 77.33
CA THR MA 48 35.77 13.34 77.90
C THR MA 48 36.68 12.13 77.64
N TYR MA 49 37.65 11.92 78.52
CA TYR MA 49 38.64 10.86 78.35
C TYR MA 49 38.82 10.10 79.67
N ALA MA 50 39.03 8.80 79.55
CA ALA MA 50 39.30 7.95 80.71
C ALA MA 50 40.73 8.18 81.21
N ARG MA 51 40.94 7.82 82.48
CA ARG MA 51 42.25 8.02 83.10
C ARG MA 51 43.29 7.12 82.47
N LEU MA 52 44.51 7.64 82.35
CA LEU MA 52 45.64 6.89 81.81
C LEU MA 52 46.76 6.85 82.83
N TYR MA 53 47.51 5.75 82.82
CA TYR MA 53 48.57 5.53 83.79
C TYR MA 53 49.89 5.30 83.06
N PRO MA 54 51.00 5.79 83.61
CA PRO MA 54 52.31 5.57 82.98
C PRO MA 54 52.72 4.11 83.09
N VAL MA 55 52.90 3.46 81.95
CA VAL MA 55 53.23 2.04 81.88
C VAL MA 55 54.50 1.90 81.05
N LEU MA 56 55.53 1.31 81.64
CA LEU MA 56 56.82 1.14 80.95
C LEU MA 56 56.75 -0.14 80.13
N LEU MA 57 56.56 0.00 78.83
CA LEU MA 57 56.48 -1.14 77.92
C LEU MA 57 57.86 -1.47 77.39
N VAL MA 58 58.27 -2.73 77.53
CA VAL MA 58 59.54 -3.20 77.00
C VAL MA 58 59.31 -3.83 75.64
N LYS MA 59 60.21 -3.58 74.71
CA LYS MA 59 60.11 -4.11 73.35
C LYS MA 59 60.51 -5.58 73.34
N GLN MA 60 60.66 -6.14 72.14
CA GLN MA 60 61.13 -7.51 72.02
C GLN MA 60 62.52 -7.67 72.64
N ASP MA 61 63.39 -6.70 72.40
CA ASP MA 61 64.69 -6.66 73.06
C ASP MA 61 64.52 -5.99 74.43
N GLY MA 62 65.64 -5.66 75.07
CA GLY MA 62 65.59 -5.03 76.37
C GLY MA 62 65.21 -3.57 76.38
N SER MA 63 65.02 -2.97 75.21
CA SER MA 63 64.66 -1.55 75.14
C SER MA 63 63.24 -1.32 75.64
N THR MA 64 63.05 -0.20 76.33
CA THR MA 64 61.75 0.16 76.88
C THR MA 64 61.39 1.57 76.43
N ILE MA 65 60.09 1.83 76.31
CA ILE MA 65 59.57 3.16 75.99
C ILE MA 65 58.42 3.48 76.94
N HIS MA 66 58.37 4.72 77.40
CA HIS MA 66 57.32 5.14 78.33
C HIS MA 66 56.02 5.37 77.57
N ILE MA 67 54.96 4.69 78.00
CA ILE MA 67 53.67 4.72 77.30
C ILE MA 67 52.55 4.82 78.33
N ARG MA 68 51.55 5.64 78.04
CA ARG MA 68 50.35 5.72 78.86
C ARG MA 68 49.38 4.63 78.43
N TYR MA 69 48.83 3.90 79.40
CA TYR MA 69 47.96 2.77 79.13
C TYR MA 69 46.78 2.79 80.11
N ARG MA 70 45.69 2.15 79.69
CA ARG MA 70 44.46 2.14 80.49
C ARG MA 70 44.69 1.52 81.87
N GLU MA 71 45.40 0.38 81.92
CA GLU MA 71 45.52 -0.29 83.20
C GLU MA 71 46.70 0.27 83.99
N PRO MA 72 46.58 0.36 85.32
CA PRO MA 72 47.68 0.88 86.15
C PRO MA 72 48.85 -0.10 86.29
N ARG MA 73 48.90 -1.12 85.44
CA ARG MA 73 50.01 -2.07 85.47
C ARG MA 73 51.33 -1.33 85.30
N ARG MA 74 52.37 -1.85 85.96
CA ARG MA 74 53.65 -1.14 85.96
C ARG MA 74 54.42 -1.36 84.66
N MET MA 75 54.56 -2.60 84.23
CA MET MA 75 55.31 -2.92 83.02
C MET MA 75 54.58 -3.98 82.22
N LEU MA 76 54.84 -3.99 80.91
CA LEU MA 76 54.28 -4.99 80.01
C LEU MA 76 55.35 -5.41 79.01
N THR MA 77 55.31 -6.67 78.59
CA THR MA 77 56.26 -7.21 77.64
C THR MA 77 55.55 -7.66 76.37
N MET MA 78 56.25 -7.54 75.24
CA MET MA 78 55.70 -7.91 73.94
C MET MA 78 56.09 -9.35 73.61
N PRO MA 79 55.14 -10.26 73.46
CA PRO MA 79 55.48 -11.66 73.17
C PRO MA 79 56.03 -11.84 71.77
N VAL MA 80 56.75 -12.94 71.58
CA VAL MA 80 57.33 -13.28 70.28
C VAL MA 80 56.28 -13.92 69.41
N ASP MA 81 56.16 -13.46 68.17
CA ASP MA 81 55.23 -14.03 67.20
C ASP MA 81 55.89 -15.29 66.63
N LEU MA 82 55.53 -16.44 67.21
CA LEU MA 82 56.13 -17.70 66.79
C LEU MA 82 55.71 -18.09 65.37
N ASP MA 83 54.55 -17.59 64.92
CA ASP MA 83 54.05 -17.95 63.60
C ASP MA 83 55.00 -17.47 62.50
N SER MA 84 55.56 -16.28 62.67
CA SER MA 84 56.40 -15.70 61.61
C SER MA 84 57.67 -16.50 61.38
N LEU MA 85 58.11 -17.30 62.34
CA LEU MA 85 59.35 -18.06 62.20
C LEU MA 85 59.19 -19.15 61.15
N SER MA 86 60.28 -19.41 60.43
CA SER MA 86 60.30 -20.45 59.42
C SER MA 86 60.28 -21.83 60.09
N PRO MA 87 59.91 -22.88 59.35
CA PRO MA 87 59.89 -24.23 59.95
C PRO MA 87 61.22 -24.64 60.58
N GLU MA 88 62.35 -24.30 59.96
CA GLU MA 88 63.63 -24.56 60.62
C GLU MA 88 63.85 -23.63 61.80
N GLU MA 89 63.33 -22.42 61.74
CA GLU MA 89 63.39 -21.51 62.87
C GLU MA 89 62.37 -21.89 63.94
N ARG MA 90 61.20 -22.37 63.53
CA ARG MA 90 60.21 -22.85 64.49
C ARG MA 90 60.73 -24.05 65.26
N ARG MA 91 61.33 -25.02 64.56
CA ARG MA 91 61.89 -26.17 65.24
C ARG MA 91 63.02 -25.78 66.18
N ALA MA 92 63.76 -24.72 65.85
CA ALA MA 92 64.75 -24.19 66.78
C ALA MA 92 64.09 -23.69 68.07
N ARG MA 93 62.96 -22.99 67.93
CA ARG MA 93 62.22 -22.52 69.09
C ARG MA 93 61.43 -23.62 69.77
N PHE MA 94 61.02 -24.65 69.04
CA PHE MA 94 60.26 -25.75 69.64
C PHE MA 94 61.11 -26.52 70.64
N ARG MA 95 62.38 -26.77 70.31
CA ARG MA 95 63.22 -27.56 71.19
C ARG MA 95 63.68 -26.77 72.41
N LYS MA 96 63.77 -25.44 72.30
CA LYS MA 96 64.25 -24.64 73.42
C LYS MA 96 63.31 -24.72 74.61
N ARG MA 97 62.01 -24.49 74.39
CA ARG MA 97 61.05 -24.50 75.49
C ARG MA 97 60.89 -25.92 76.05
N GLU MA 98 60.86 -26.93 75.19
CA GLU MA 98 60.70 -28.30 75.67
C GLU MA 98 61.90 -28.73 76.51
N ALA MA 99 63.11 -28.37 76.08
CA ALA MA 99 64.29 -28.67 76.89
C ALA MA 99 64.33 -27.84 78.16
N LYS MA 100 63.87 -26.59 78.08
CA LYS MA 100 63.88 -25.73 79.26
C LYS MA 100 62.95 -26.26 80.35
N PHE MA 101 61.77 -26.75 79.95
CA PHE MA 101 60.81 -27.25 80.94
C PHE MA 101 61.31 -28.51 81.63
N LYS MA 102 62.02 -29.37 80.91
CA LYS MA 102 62.53 -30.62 81.46
C LYS MA 102 63.82 -30.37 82.25
N GLU MA 103 64.34 -31.45 82.85
CA GLU MA 103 65.58 -31.37 83.61
C GLU MA 103 66.70 -32.18 82.98
N LYS MA 104 67.83 -32.26 83.66
CA LYS MA 104 68.99 -32.98 83.17
C LYS MA 104 69.57 -33.89 84.25
N LYS MA 105 70.00 -35.07 83.82
CA LYS MA 105 70.63 -36.03 84.72
C LYS MA 105 71.53 -36.95 83.90
N GLU MA 106 72.42 -37.65 84.60
CA GLU MA 106 73.38 -38.53 83.95
C GLU MA 106 73.89 -39.55 84.96
N GLU MA 107 73.66 -40.82 84.69
CA GLU MA 107 74.17 -41.90 85.52
C GLU MA 107 74.23 -43.19 84.72
N PRO MA 108 75.12 -43.28 83.72
CA PRO MA 108 75.17 -44.49 82.89
C PRO MA 108 75.92 -45.63 83.56
N GLU MA 109 76.85 -45.30 84.46
CA GLU MA 109 77.67 -46.31 85.14
C GLU MA 109 76.88 -46.83 86.35
N LEU MA 110 75.94 -47.72 86.07
CA LEU MA 110 75.19 -48.38 87.13
C LEU MA 110 76.07 -49.43 87.81
N SER MA 111 75.94 -49.53 89.13
CA SER MA 111 76.72 -50.50 89.92
C SER MA 111 76.11 -51.88 89.72
N ASP MA 112 76.54 -52.56 88.66
CA ASP MA 112 76.05 -53.89 88.34
C ASP MA 112 77.23 -54.85 88.24
N ASP MA 113 77.11 -55.99 88.90
CA ASP MA 113 78.17 -56.98 88.96
C ASP MA 113 77.66 -58.34 88.49
N PHE MA 114 78.30 -58.89 87.47
CA PHE MA 114 77.98 -60.21 86.95
C PHE MA 114 79.09 -60.73 86.06
N ASP MA 115 79.55 -61.96 86.30
CA ASP MA 115 80.63 -62.56 85.55
C ASP MA 115 80.09 -63.77 84.78
N VAL MA 116 80.30 -63.78 83.47
CA VAL MA 116 79.87 -64.92 82.66
C VAL MA 116 80.72 -66.14 82.95
N GLU MA 117 82.03 -65.94 83.13
CA GLU MA 117 82.96 -67.03 83.33
C GLU MA 117 82.78 -67.75 84.67
N GLN MA 118 81.98 -67.20 85.58
CA GLN MA 118 81.78 -67.84 86.88
C GLN MA 118 81.12 -69.20 86.73
N TYR MA 119 80.17 -69.32 85.81
CA TYR MA 119 79.43 -70.55 85.59
C TYR MA 119 79.96 -71.36 84.42
N LYS MA 120 81.26 -71.25 84.14
CA LYS MA 120 81.86 -72.00 83.03
C LYS MA 120 81.88 -73.50 83.30
N ARG MA 121 81.77 -73.91 84.56
CA ARG MA 121 81.85 -75.34 84.88
C ARG MA 121 80.57 -76.06 84.49
N PHE MA 122 79.42 -75.60 85.00
CA PHE MA 122 78.15 -76.19 84.57
C PHE MA 122 77.91 -75.98 83.09
N TRP MA 123 78.54 -74.95 82.50
CA TRP MA 123 78.40 -74.67 81.08
C TRP MA 123 78.95 -75.81 80.22
N THR MA 124 80.01 -76.47 80.68
CA THR MA 124 80.58 -77.56 79.90
C THR MA 124 79.75 -78.84 80.02
N LYS MA 125 79.63 -79.37 81.23
CA LYS MA 125 79.03 -80.68 81.44
C LYS MA 125 78.29 -80.71 82.77
N LYS MA 126 77.35 -81.64 82.89
CA LYS MA 126 76.61 -81.83 84.12
C LYS MA 126 77.53 -82.37 85.23
N ARG NA 9 22.58 44.88 -24.81
CA ARG NA 9 23.20 43.56 -24.82
C ARG NA 9 23.68 43.18 -23.42
N ASN NA 10 24.39 44.09 -22.77
CA ASN NA 10 24.83 43.92 -21.39
C ASN NA 10 24.03 44.85 -20.49
N ARG NA 11 23.33 44.27 -19.52
CA ARG NA 11 22.45 45.03 -18.64
C ARG NA 11 22.97 45.00 -17.22
N ILE NA 12 22.67 46.05 -16.47
CA ILE NA 12 22.97 46.11 -15.05
C ILE NA 12 21.75 45.57 -14.31
N PRO NA 13 21.88 44.46 -13.56
CA PRO NA 13 20.70 43.86 -12.94
C PRO NA 13 20.04 44.79 -11.94
N GLY NA 14 18.71 44.75 -11.92
CA GLY NA 14 17.94 45.58 -11.01
C GLY NA 14 18.14 47.05 -11.28
N ARG NA 15 18.15 47.83 -10.20
CA ARG NA 15 18.48 49.24 -10.30
C ARG NA 15 19.99 49.41 -10.37
N GLN NA 16 20.42 50.44 -11.10
CA GLN NA 16 21.82 50.60 -11.46
C GLN NA 16 22.65 51.34 -10.43
N TRP NA 17 22.06 51.75 -9.30
CA TRP NA 17 22.82 52.46 -8.28
C TRP NA 17 22.66 51.87 -6.88
N ILE NA 18 21.82 50.84 -6.70
CA ILE NA 18 21.63 50.22 -5.40
C ILE NA 18 21.75 48.72 -5.56
N GLY NA 19 22.04 48.06 -4.44
CA GLY NA 19 22.11 46.61 -4.41
C GLY NA 19 23.54 46.09 -4.39
N LYS NA 20 23.66 44.77 -4.46
CA LYS NA 20 24.96 44.12 -4.46
C LYS NA 20 25.75 44.48 -5.72
N HIS NA 21 25.10 44.48 -6.87
CA HIS NA 21 25.74 44.78 -8.15
C HIS NA 21 25.34 46.18 -8.58
N ARG NA 22 26.32 47.04 -8.80
CA ARG NA 22 26.08 48.43 -9.15
C ARG NA 22 26.75 48.75 -10.48
N ARG NA 23 26.67 50.01 -10.86
CA ARG NA 23 27.35 50.51 -12.05
C ARG NA 23 28.83 50.73 -11.74
N PRO NA 24 29.72 50.44 -12.70
CA PRO NA 24 31.16 50.53 -12.42
C PRO NA 24 31.73 51.93 -12.54
N ARG NA 25 30.87 52.95 -12.51
CA ARG NA 25 31.23 54.37 -12.68
C ARG NA 25 32.50 54.73 -11.92
N PRO NA 26 33.57 55.10 -12.63
CA PRO NA 26 34.85 55.38 -11.99
C PRO NA 26 34.99 56.84 -11.59
N VAL NA 27 36.02 57.10 -10.79
CA VAL NA 27 36.35 58.46 -10.36
C VAL NA 27 37.19 59.14 -11.45
N SER NA 28 36.82 60.36 -11.79
CA SER NA 28 37.44 61.10 -12.88
C SER NA 28 38.57 61.98 -12.36
N ALA NA 29 39.37 62.50 -13.29
CA ALA NA 29 40.45 63.41 -12.92
C ALA NA 29 39.90 64.72 -12.37
N GLN NA 30 38.74 65.17 -12.86
CA GLN NA 30 38.14 66.39 -12.32
C GLN NA 30 37.69 66.18 -10.89
N ALA NA 31 37.19 64.99 -10.55
CA ALA NA 31 36.73 64.73 -9.19
C ALA NA 31 37.89 64.74 -8.21
N LYS NA 32 39.05 64.24 -8.62
CA LYS NA 32 40.22 64.25 -7.74
C LYS NA 32 40.64 65.66 -7.38
N GLN NA 33 40.60 66.58 -8.36
CA GLN NA 33 41.00 67.95 -8.11
C GLN NA 33 40.02 68.64 -7.15
N ASN NA 34 38.73 68.34 -7.28
CA ASN NA 34 37.75 68.95 -6.38
C ASN NA 34 38.00 68.56 -4.94
N MET NA 35 38.35 67.29 -4.70
CA MET NA 35 38.66 66.86 -3.33
C MET NA 35 39.88 67.60 -2.79
N ILE NA 36 40.91 67.75 -3.62
CA ILE NA 36 42.14 68.41 -3.15
C ILE NA 36 41.87 69.87 -2.81
N ARG NA 37 41.08 70.56 -3.64
CA ARG NA 37 40.81 71.97 -3.39
C ARG NA 37 40.09 72.16 -2.06
N ARG NA 38 39.14 71.29 -1.74
CA ARG NA 38 38.46 71.37 -0.45
C ARG NA 38 39.40 70.99 0.69
N LEU NA 39 40.30 70.02 0.46
CA LEU NA 39 41.24 69.63 1.50
C LEU NA 39 42.22 70.77 1.83
N GLU NA 40 42.69 71.48 0.80
CA GLU NA 40 43.60 72.59 1.05
C GLU NA 40 42.92 73.68 1.88
N THR NA 41 41.66 73.98 1.56
CA THR NA 41 40.92 74.97 2.34
C THR NA 41 40.75 74.54 3.79
N GLU NA 42 40.37 73.28 4.00
CA GLU NA 42 40.15 72.80 5.35
C GLU NA 42 41.46 72.67 6.13
N ALA NA 43 42.58 72.44 5.42
CA ALA NA 43 43.88 72.47 6.08
C ALA NA 43 44.17 73.84 6.66
N GLU NA 44 43.78 74.90 5.94
CA GLU NA 44 43.92 76.25 6.46
C GLU NA 44 42.90 76.54 7.56
N ASN NA 45 41.72 75.92 7.49
CA ASN NA 45 40.70 76.17 8.52
C ASN NA 45 41.17 75.74 9.89
N GLN NA 46 41.85 74.59 9.99
CA GLN NA 46 42.28 74.08 11.28
C GLN NA 46 43.58 74.69 11.77
N TYR NA 47 44.20 75.56 10.99
CA TYR NA 47 45.36 76.29 11.46
C TYR NA 47 44.99 77.57 12.18
N TRP NA 48 44.03 78.33 11.65
CA TRP NA 48 43.61 79.56 12.30
C TRP NA 48 42.86 79.31 13.60
N LEU NA 49 42.33 78.10 13.79
CA LEU NA 49 41.69 77.73 15.04
C LEU NA 49 42.67 77.18 16.06
N SER NA 50 43.95 77.05 15.71
CA SER NA 50 44.89 76.37 16.58
C SER NA 50 45.28 77.22 17.79
N ARG NA 51 45.50 78.52 17.58
CA ARG NA 51 46.04 79.40 18.62
C ARG NA 51 45.04 80.48 18.98
N PRO NA 52 44.26 80.31 20.04
CA PRO NA 52 43.31 81.36 20.43
C PRO NA 52 44.03 82.57 21.01
N PHE NA 53 43.37 83.72 20.91
CA PHE NA 53 43.93 84.95 21.49
C PHE NA 53 43.84 84.91 23.01
N LEU NA 54 42.71 84.46 23.54
CA LEU NA 54 42.51 84.35 24.98
C LEU NA 54 42.43 82.88 25.38
N THR NA 55 42.86 82.59 26.60
CA THR NA 55 42.79 81.23 27.12
C THR NA 55 41.39 80.98 27.68
N ALA NA 56 41.18 79.76 28.18
CA ALA NA 56 39.87 79.38 28.72
C ALA NA 56 39.54 80.15 29.98
N GLU NA 57 40.54 80.41 30.83
CA GLU NA 57 40.29 81.10 32.09
C GLU NA 57 40.04 82.59 31.88
N GLN NA 58 40.73 83.22 30.93
CA GLN NA 58 40.61 84.67 30.74
C GLN NA 58 39.28 85.08 30.14
N GLU NA 59 38.52 84.16 29.57
CA GLU NA 59 37.23 84.46 28.97
C GLU NA 59 36.06 84.13 29.90
N ARG NA 60 36.32 83.84 31.16
CA ARG NA 60 35.27 83.46 32.10
C ARG NA 60 34.40 84.68 32.38
N GLY NA 61 33.21 84.70 31.79
CA GLY NA 61 32.26 85.78 32.00
C GLY NA 61 32.73 87.13 31.52
N HIS NA 62 33.46 87.18 30.40
CA HIS NA 62 33.95 88.46 29.90
C HIS NA 62 32.82 89.32 29.35
N ALA NA 63 31.82 88.70 28.73
CA ALA NA 63 30.67 89.42 28.18
C ALA NA 63 29.40 88.74 28.71
N ALA NA 64 28.96 89.13 29.89
CA ALA NA 64 27.75 88.61 30.49
C ALA NA 64 26.66 89.66 30.68
N VAL NA 65 27.03 90.93 30.83
CA VAL NA 65 26.03 91.99 30.91
C VAL NA 65 25.27 92.09 29.59
N ARG NA 66 25.99 92.02 28.47
CA ARG NA 66 25.33 92.07 27.17
C ARG NA 66 24.41 90.89 26.96
N ARG NA 67 24.84 89.69 27.38
CA ARG NA 67 23.98 88.52 27.28
C ARG NA 67 22.75 88.66 28.16
N ALA NA 68 22.94 89.17 29.38
CA ALA NA 68 21.80 89.39 30.27
C ALA NA 68 20.86 90.45 29.71
N ALA NA 69 21.42 91.53 29.17
CA ALA NA 69 20.58 92.58 28.59
C ALA NA 69 19.80 92.07 27.38
N ALA NA 70 20.45 91.23 26.56
CA ALA NA 70 19.78 90.68 25.38
C ALA NA 70 18.58 89.82 25.77
N PHE NA 71 18.73 89.01 26.81
CA PHE NA 71 17.61 88.19 27.27
C PHE NA 71 16.51 89.03 27.90
N GLN NA 72 16.89 90.08 28.62
CA GLN NA 72 15.89 90.96 29.21
C GLN NA 72 15.09 91.69 28.13
N ALA NA 73 15.75 92.11 27.06
CA ALA NA 73 15.04 92.74 25.95
C ALA NA 73 14.08 91.77 25.30
N LEU NA 74 14.47 90.50 25.19
CA LEU NA 74 13.57 89.50 24.62
C LEU NA 74 12.33 89.33 25.49
N LYS NA 75 12.49 89.31 26.80
CA LYS NA 75 11.34 89.23 27.69
C LYS NA 75 10.46 90.46 27.58
N ALA NA 76 11.08 91.64 27.49
CA ALA NA 76 10.31 92.89 27.43
C ALA NA 76 9.47 92.94 26.16
N ALA NA 77 10.06 92.60 25.01
CA ALA NA 77 9.31 92.63 23.76
C ALA NA 77 8.21 91.60 23.74
N GLN NA 78 8.46 90.40 24.27
CA GLN NA 78 7.46 89.35 24.25
C GLN NA 78 6.35 89.58 25.27
N ALA NA 79 6.58 90.40 26.29
CA ALA NA 79 5.57 90.69 27.29
C ALA NA 79 4.66 91.85 26.90
N ALA NA 80 4.97 92.56 25.82
CA ALA NA 80 4.14 93.67 25.37
C ALA NA 80 2.99 93.23 24.48
N ARG NA 81 2.87 91.93 24.20
CA ARG NA 81 1.81 91.41 23.34
C ARG NA 81 0.45 91.68 23.95
N PHE NA 82 -0.33 92.55 23.31
CA PHE NA 82 -1.62 92.98 23.84
C PHE NA 82 -2.41 93.57 22.68
N PRO NA 83 -3.74 93.48 22.73
CA PRO NA 83 -4.54 94.07 21.64
C PRO NA 83 -4.31 95.57 21.53
N ALA NA 84 -4.33 96.07 20.30
CA ALA NA 84 -4.07 97.47 20.04
C ALA NA 84 -5.26 98.33 20.46
N HIS NA 85 -5.01 99.64 20.57
CA HIS NA 85 -6.03 100.57 20.98
C HIS NA 85 -7.14 100.67 19.93
N ARG NA 86 -8.35 100.95 20.39
CA ARG NA 86 -9.50 101.16 19.52
C ARG NA 86 -9.99 102.59 19.68
N ARG NA 87 -10.11 103.30 18.56
CA ARG NA 87 -10.39 104.73 18.57
C ARG NA 87 -11.72 105.02 17.91
N LEU NA 88 -12.23 106.23 18.17
CA LEU NA 88 -13.52 106.63 17.61
C LEU NA 88 -13.44 106.88 16.11
N GLU NA 89 -12.26 107.27 15.61
CA GLU NA 89 -12.13 107.56 14.19
C GLU NA 89 -12.40 106.31 13.35
N GLU NA 90 -11.96 105.14 13.82
CA GLU NA 90 -12.20 103.91 13.09
C GLU NA 90 -13.68 103.60 12.97
N GLN NA 91 -14.42 103.73 14.07
CA GLN NA 91 -15.84 103.44 14.04
C GLN NA 91 -16.62 104.53 13.30
N LEU NA 92 -16.32 105.80 13.58
CA LEU NA 92 -17.03 106.90 12.94
C LEU NA 92 -16.61 107.11 11.49
N GLY NA 93 -15.49 106.53 11.08
CA GLY NA 93 -15.07 106.64 9.69
C GLY NA 93 -15.86 105.78 8.74
N HIS NA 94 -16.68 104.86 9.26
CA HIS NA 94 -17.52 104.04 8.39
C HIS NA 94 -18.68 104.82 7.81
N LEU NA 95 -19.11 105.90 8.49
CA LEU NA 95 -20.21 106.71 7.97
C LEU NA 95 -19.84 107.43 6.69
N LEU NA 96 -18.55 107.56 6.38
CA LEU NA 96 -18.12 108.22 5.15
C LEU NA 96 -18.40 107.39 3.91
N VAL NA 97 -18.97 106.19 4.05
CA VAL NA 97 -19.31 105.38 2.89
C VAL NA 97 -20.35 106.07 2.02
N THR NA 98 -21.37 106.66 2.65
CA THR NA 98 -22.47 107.28 1.94
C THR NA 98 -22.29 108.78 1.76
N ARG NA 99 -21.04 109.26 1.74
CA ARG NA 99 -20.77 110.66 1.45
C ARG NA 99 -21.27 111.03 0.05
N LYS NA 100 -21.98 112.14 -0.05
CA LYS NA 100 -22.60 112.56 -1.30
C LYS NA 100 -22.25 114.00 -1.61
N TRP NA 101 -22.61 114.44 -2.82
CA TRP NA 101 -22.40 115.80 -3.29
C TRP NA 101 -23.60 116.70 -3.03
N SER NA 102 -24.37 116.41 -1.99
CA SER NA 102 -25.56 117.19 -1.64
C SER NA 102 -26.54 117.29 -2.82
N GLU OA 38 -50.88 86.75 66.98
CA GLU OA 38 -51.99 86.34 67.82
C GLU OA 38 -52.43 84.91 67.50
N PHE OA 39 -51.96 84.40 66.36
CA PHE OA 39 -52.34 83.05 65.95
C PHE OA 39 -51.67 82.02 66.85
N GLN OA 40 -52.44 81.03 67.28
CA GLN OA 40 -51.96 79.97 68.16
C GLN OA 40 -52.31 78.62 67.58
N SER OA 41 -51.36 77.68 67.65
CA SER OA 41 -51.56 76.31 67.19
C SER OA 41 -51.18 75.36 68.31
N ILE OA 42 -51.44 74.07 68.08
CA ILE OA 42 -51.17 73.08 69.11
C ILE OA 42 -49.67 72.89 69.33
N TYR OA 43 -48.83 73.38 68.41
CA TYR OA 43 -47.39 73.27 68.54
C TYR OA 43 -46.73 74.58 68.94
N SER OA 44 -47.51 75.55 69.44
CA SER OA 44 -46.93 76.81 69.87
C SER OA 44 -46.11 76.61 71.14
N LEU OA 45 -45.18 77.53 71.37
CA LEU OA 45 -44.30 77.44 72.54
C LEU OA 45 -45.09 77.50 73.84
N ASP OA 46 -46.17 78.27 73.87
CA ASP OA 46 -46.99 78.35 75.08
C ASP OA 46 -47.63 77.01 75.40
N LYS OA 47 -48.13 76.31 74.38
CA LYS OA 47 -48.79 75.03 74.58
C LYS OA 47 -47.83 73.85 74.64
N LEU OA 48 -46.57 74.03 74.24
CA LEU OA 48 -45.59 72.97 74.34
C LEU OA 48 -44.81 73.00 75.65
N TYR OA 49 -44.56 74.20 76.19
CA TYR OA 49 -43.85 74.38 77.45
C TYR OA 49 -44.69 75.26 78.35
N PRO OA 50 -45.68 74.67 79.03
CA PRO OA 50 -46.61 75.49 79.83
C PRO OA 50 -45.96 76.24 80.97
N GLU OA 51 -44.79 75.79 81.44
CA GLU OA 51 -44.17 76.43 82.59
C GLU OA 51 -43.80 77.89 82.30
N SER OA 52 -43.26 78.15 81.12
CA SER OA 52 -42.90 79.50 80.71
C SER OA 52 -43.80 79.91 79.55
N ARG OA 53 -44.53 81.01 79.72
CA ARG OA 53 -45.47 81.49 78.72
C ARG OA 53 -45.23 82.92 78.28
N GLY OA 54 -44.72 83.78 79.16
CA GLY OA 54 -44.46 85.16 78.77
C GLY OA 54 -43.34 85.28 77.76
N SER OA 55 -43.49 86.23 76.85
CA SER OA 55 -42.48 86.45 75.82
C SER OA 55 -41.23 87.12 76.35
N ASP OA 56 -41.30 87.70 77.55
CA ASP OA 56 -40.13 88.32 78.18
C ASP OA 56 -39.29 87.32 78.95
N THR OA 57 -39.77 86.08 79.11
CA THR OA 57 -39.00 85.07 79.85
C THR OA 57 -37.69 84.73 79.15
N ALA OA 58 -37.72 84.63 77.82
CA ALA OA 58 -36.55 84.21 77.06
C ALA OA 58 -35.43 85.24 77.05
N TRP OA 59 -35.68 86.45 77.53
CA TRP OA 59 -34.68 87.52 77.47
C TRP OA 59 -34.29 88.02 78.86
N ARG OA 60 -34.55 87.25 79.90
CA ARG OA 60 -34.15 87.63 81.24
C ARG OA 60 -32.64 87.45 81.42
N LEU OA 61 -32.12 88.00 82.52
CA LEU OA 61 -30.71 87.91 82.87
C LEU OA 61 -30.59 87.31 84.26
N PRO OA 62 -30.47 85.99 84.39
CA PRO OA 62 -30.36 85.34 85.71
C PRO OA 62 -28.95 85.46 86.30
N ASP OA 63 -28.66 86.64 86.85
CA ASP OA 63 -27.36 86.88 87.46
C ASP OA 63 -27.16 86.09 88.74
N ASP OA 64 -28.25 85.69 89.41
CA ASP OA 64 -28.12 84.95 90.66
C ASP OA 64 -27.68 83.52 90.42
N ALA OA 65 -27.99 82.96 89.25
CA ALA OA 65 -27.64 81.56 88.98
C ALA OA 65 -26.12 81.36 88.96
N LYS OA 66 -25.39 82.29 88.36
CA LYS OA 66 -23.92 82.21 88.26
C LYS OA 66 -23.36 83.52 88.81
N GLN OA 67 -23.06 83.54 90.10
CA GLN OA 67 -22.52 84.72 90.77
C GLN OA 67 -21.00 84.70 90.88
N ALA OA 68 -20.33 83.69 90.32
CA ALA OA 68 -18.89 83.62 90.40
C ALA OA 68 -18.23 84.81 89.69
N ASN OA 69 -18.73 85.16 88.51
CA ASN OA 69 -18.24 86.29 87.72
C ASN OA 69 -16.74 86.18 87.49
N ASP OA 70 -16.35 85.06 86.88
CA ASP OA 70 -14.95 84.81 86.59
C ASP OA 70 -14.46 85.70 85.45
N ILE OA 71 -13.18 86.00 85.47
CA ILE OA 71 -12.51 86.79 84.42
C ILE OA 71 -13.26 88.09 84.19
N PRO OA 72 -13.18 89.06 85.10
CA PRO OA 72 -13.82 90.35 84.86
C PRO OA 72 -13.09 91.14 83.78
N VAL OA 73 -13.39 90.82 82.52
CA VAL OA 73 -12.62 91.32 81.37
C VAL OA 73 -12.54 92.82 81.32
N ASP OA 74 -13.38 93.54 82.07
CA ASP OA 74 -13.31 94.99 82.11
C ASP OA 74 -11.98 95.49 82.65
N ARG OA 75 -11.30 94.69 83.48
CA ARG OA 75 -10.00 95.06 84.03
C ARG OA 75 -8.84 94.38 83.31
N LEU OA 76 -9.10 93.70 82.20
CA LEU OA 76 -8.06 93.06 81.40
C LEU OA 76 -7.78 93.93 80.17
N THR OA 77 -6.50 94.21 79.93
CA THR OA 77 -6.09 94.99 78.77
C THR OA 77 -5.97 94.06 77.57
N ILE OA 78 -6.83 94.28 76.57
CA ILE OA 78 -6.87 93.45 75.37
C ILE OA 78 -6.32 94.28 74.22
N SER OA 79 -5.30 93.75 73.56
CA SER OA 79 -4.65 94.42 72.43
C SER OA 79 -4.73 93.54 71.20
N TYR OA 80 -5.06 94.15 70.07
CA TYR OA 80 -5.18 93.44 68.80
C TYR OA 80 -4.11 93.94 67.84
N CYS OA 81 -3.35 93.00 67.26
CA CYS OA 81 -2.32 93.30 66.28
C CYS OA 81 -2.48 92.33 65.12
N ARG OA 82 -2.84 92.85 63.95
CA ARG OA 82 -3.12 92.02 62.78
C ARG OA 82 -1.88 91.97 61.89
N SER OA 83 -1.50 90.76 61.49
CA SER OA 83 -0.37 90.54 60.59
C SER OA 83 -0.92 90.01 59.26
N SER OA 84 -0.87 90.84 58.23
CA SER OA 84 -1.39 90.49 56.91
C SER OA 84 -0.22 90.23 55.97
N GLY OA 85 -0.27 89.10 55.25
CA GLY OA 85 0.77 88.74 54.32
C GLY OA 85 0.33 87.71 53.29
N LYS OA 93 0.19 84.45 55.32
CA LYS OA 93 -0.69 83.97 56.39
C LYS OA 93 -1.27 85.13 57.18
N VAL OA 94 -2.58 85.29 57.12
CA VAL OA 94 -3.29 86.37 57.78
C VAL OA 94 -3.81 85.86 59.13
N ASN OA 95 -3.36 86.48 60.21
CA ASN OA 95 -3.82 86.12 61.55
C ASN OA 95 -3.91 87.38 62.39
N SER OA 96 -4.76 87.32 63.42
CA SER OA 96 -4.98 88.44 64.32
C SER OA 96 -4.46 88.04 65.70
N LYS OA 97 -3.36 88.67 66.13
CA LYS OA 97 -2.77 88.39 67.42
C LYS OA 97 -3.58 89.09 68.51
N ALA OA 98 -4.14 88.30 69.43
CA ALA OA 98 -4.87 88.82 70.58
C ALA OA 98 -4.09 88.48 71.84
N GLU OA 99 -3.71 89.51 72.59
CA GLU OA 99 -2.92 89.36 73.80
C GLU OA 99 -3.67 89.92 75.00
N VAL OA 100 -3.55 89.25 76.13
CA VAL OA 100 -4.19 89.67 77.38
C VAL OA 100 -3.09 90.04 78.37
N ARG OA 101 -3.11 91.28 78.83
CA ARG OA 101 -2.12 91.78 79.77
C ARG OA 101 -2.82 92.36 80.98
N PHE OA 102 -2.40 91.95 82.17
CA PHE OA 102 -2.96 92.48 83.41
C PHE OA 102 -1.92 92.36 84.52
N HIS OA 103 -2.14 93.15 85.57
CA HIS OA 103 -1.22 93.16 86.71
C HIS OA 103 -1.55 91.98 87.62
N LEU OA 104 -0.56 91.11 87.83
CA LEU OA 104 -0.79 89.92 88.64
C LEU OA 104 -0.96 90.25 90.11
N ALA OA 105 -0.17 91.19 90.62
CA ALA OA 105 -0.20 91.51 92.04
C ALA OA 105 -1.54 92.09 92.47
N SER OA 106 -2.11 92.97 91.64
CA SER OA 106 -3.34 93.66 91.99
C SER OA 106 -4.60 92.94 91.51
N ALA OA 107 -4.45 91.78 90.89
CA ALA OA 107 -5.60 90.99 90.44
C ALA OA 107 -6.29 90.39 91.65
N ASP OA 108 -7.39 91.02 92.08
CA ASP OA 108 -8.07 90.63 93.31
C ASP OA 108 -9.17 89.61 93.11
N TRP OA 109 -9.38 89.12 91.89
CA TRP OA 109 -10.38 88.10 91.64
C TRP OA 109 -9.84 86.69 91.84
N ILE OA 110 -8.60 86.56 92.31
CA ILE OA 110 -7.99 85.26 92.60
C ILE OA 110 -7.47 85.29 94.03
N ALA OA 111 -7.37 84.11 94.62
CA ALA OA 111 -6.95 84.00 96.00
C ALA OA 111 -5.46 84.28 96.15
N GLU OA 112 -5.06 84.62 97.38
CA GLU OA 112 -3.65 84.88 97.65
C GLU OA 112 -2.76 83.67 97.38
N PRO OA 113 -3.08 82.45 97.86
CA PRO OA 113 -2.23 81.30 97.48
C PRO OA 113 -2.20 81.04 95.99
N VAL OA 114 -3.32 81.27 95.30
CA VAL OA 114 -3.36 81.07 93.85
C VAL OA 114 -2.51 82.12 93.14
N ARG OA 115 -2.55 83.36 93.62
CA ARG OA 115 -1.81 84.44 92.97
C ARG OA 115 -0.31 84.17 93.00
N LEU OA 116 0.21 83.69 94.13
CA LEU OA 116 1.64 83.43 94.23
C LEU OA 116 2.07 82.19 93.46
N LYS OA 117 1.20 81.17 93.39
CA LYS OA 117 1.55 79.97 92.63
C LYS OA 117 1.65 80.24 91.15
N LEU OA 118 0.85 81.19 90.63
CA LEU OA 118 0.96 81.56 89.22
C LEU OA 118 2.34 82.15 88.93
N ALA OA 119 2.85 82.98 89.83
CA ALA OA 119 4.17 83.57 89.62
C ALA OA 119 5.28 82.53 89.66
N VAL OA 120 5.12 81.50 90.49
CA VAL OA 120 6.15 80.46 90.59
C VAL OA 120 6.20 79.62 89.31
N LYS OA 121 5.02 79.22 88.82
CA LYS OA 121 4.98 78.33 87.66
C LYS OA 121 5.16 79.10 86.36
N HIS OA 122 4.48 80.23 86.21
CA HIS OA 122 4.48 81.00 84.97
C HIS OA 122 5.41 82.21 85.02
N LYS OA 123 6.54 82.09 85.73
CA LYS OA 123 7.48 83.19 85.82
C LYS OA 123 8.14 83.50 84.48
N ASN OA 124 8.04 82.61 83.50
CA ASN OA 124 8.59 82.88 82.18
C ASN OA 124 7.76 83.89 81.41
N ARG OA 125 6.46 83.96 81.69
CA ARG OA 125 5.56 84.88 80.99
C ARG OA 125 5.39 86.21 81.71
N ILE OA 126 6.00 86.38 82.88
CA ILE OA 126 5.83 87.60 83.66
C ILE OA 126 6.75 88.68 83.13
N ASN OA 127 6.19 89.83 82.78
CA ASN OA 127 6.98 90.95 82.30
C ASN OA 127 7.76 91.57 83.45
N ARG OA 128 8.64 92.52 83.12
CA ARG OA 128 9.46 93.17 84.14
C ARG OA 128 8.58 93.93 85.13
N SER OA 129 7.55 94.62 84.64
CA SER OA 129 6.67 95.40 85.48
C SER OA 129 5.56 94.56 86.13
N GLY OA 130 5.71 93.24 86.17
CA GLY OA 130 4.72 92.38 86.79
C GLY OA 130 3.48 92.14 85.96
N GLU OA 131 3.50 92.48 84.67
CA GLU OA 131 2.34 92.31 83.81
C GLU OA 131 2.39 90.92 83.19
N LEU OA 132 1.45 90.06 83.59
CA LEU OA 132 1.35 88.74 82.98
C LEU OA 132 0.84 88.88 81.54
N ILE OA 133 1.53 88.23 80.61
CA ILE OA 133 1.23 88.36 79.19
C ILE OA 133 0.86 86.99 78.65
N LEU OA 134 -0.29 86.91 77.98
CA LEU OA 134 -0.76 85.68 77.33
C LEU OA 134 -1.10 86.02 75.89
N THR OA 135 -0.63 85.20 74.95
CA THR OA 135 -0.77 85.46 73.53
C THR OA 135 -1.32 84.23 72.83
N SER OA 136 -2.18 84.46 71.82
CA SER OA 136 -2.74 83.40 71.01
C SER OA 136 -2.63 83.78 69.54
N GLU OA 137 -2.47 82.75 68.70
CA GLU OA 137 -2.33 82.97 67.26
C GLU OA 137 -3.09 81.92 66.44
N CYS OA 138 -3.98 81.15 67.05
CA CYS OA 138 -4.62 80.02 66.39
C CYS OA 138 -5.50 80.42 65.22
N SER OA 139 -6.60 81.11 65.49
CA SER OA 139 -7.61 81.38 64.48
C SER OA 139 -7.43 82.78 63.88
N ARG OA 140 -8.02 82.97 62.70
CA ARG OA 140 -7.95 84.25 62.02
C ARG OA 140 -8.88 85.28 62.63
N TYR OA 141 -10.03 84.85 63.12
CA TYR OA 141 -10.99 85.77 63.72
C TYR OA 141 -10.56 86.10 65.14
N GLN OA 142 -10.50 87.40 65.45
CA GLN OA 142 -10.03 87.83 66.76
C GLN OA 142 -10.99 87.46 67.88
N PHE OA 143 -12.25 87.16 67.56
CA PHE OA 143 -13.15 86.66 68.59
C PHE OA 143 -12.69 85.30 69.11
N ARG OA 144 -12.25 84.41 68.21
CA ARG OA 144 -11.78 83.11 68.64
C ARG OA 144 -10.44 83.20 69.36
N ASN OA 145 -9.58 84.12 68.92
CA ASN OA 145 -8.30 84.30 69.60
C ASN OA 145 -8.49 84.75 71.04
N LEU OA 146 -9.39 85.70 71.27
CA LEU OA 146 -9.67 86.15 72.63
C LEU OA 146 -10.30 85.05 73.46
N ALA OA 147 -11.19 84.25 72.85
CA ALA OA 147 -11.81 83.15 73.57
C ALA OA 147 -10.77 82.12 73.99
N ASP OA 148 -9.79 81.87 73.14
CA ASP OA 148 -8.73 80.92 73.48
C ASP OA 148 -7.90 81.42 74.67
N CYS OA 149 -7.60 82.72 74.69
CA CYS OA 149 -6.83 83.28 75.81
C CYS OA 149 -7.60 83.14 77.12
N LEU OA 150 -8.89 83.44 77.11
CA LEU OA 150 -9.69 83.33 78.33
C LEU OA 150 -9.78 81.88 78.79
N GLN OA 151 -9.98 80.94 77.86
CA GLN OA 151 -10.00 79.53 78.23
C GLN OA 151 -8.65 79.07 78.74
N LYS OA 152 -7.57 79.55 78.12
CA LYS OA 152 -6.23 79.24 78.62
C LYS OA 152 -6.01 79.83 80.00
N LEU OA 153 -6.50 81.05 80.23
CA LEU OA 153 -6.37 81.67 81.55
C LEU OA 153 -7.15 80.90 82.60
N ARG OA 154 -8.32 80.36 82.25
CA ARG OA 154 -9.08 79.56 83.20
C ARG OA 154 -8.31 78.32 83.60
N ASP OA 155 -7.66 77.65 82.65
CA ASP OA 155 -6.92 76.44 82.95
C ASP OA 155 -5.71 76.74 83.84
N MET OA 156 -5.04 77.87 83.61
CA MET OA 156 -3.92 78.25 84.46
C MET OA 156 -4.38 78.45 85.90
N ILE OA 157 -5.49 79.15 86.10
CA ILE OA 157 -5.99 79.40 87.44
C ILE OA 157 -6.53 78.12 88.07
N ALA OA 158 -7.25 77.31 87.29
CA ALA OA 158 -7.91 76.13 87.84
C ALA OA 158 -6.89 75.14 88.39
N GLU OA 159 -5.80 74.90 87.66
CA GLU OA 159 -4.80 73.94 88.13
C GLU OA 159 -3.97 74.53 89.27
N ALA OA 160 -3.74 75.85 89.27
CA ALA OA 160 -3.00 76.47 90.35
C ALA OA 160 -3.85 76.63 91.61
N SER OA 161 -5.17 76.75 91.45
CA SER OA 161 -6.05 76.96 92.60
C SER OA 161 -6.04 75.76 93.52
N GLN OA 162 -6.08 74.56 92.96
CA GLN OA 162 -6.13 73.35 93.78
C GLN OA 162 -4.78 73.12 94.45
N PRO OA 163 -4.72 73.09 95.79
CA PRO OA 163 -3.44 72.78 96.45
C PRO OA 163 -2.92 71.39 96.14
N ALA OA 164 -3.81 70.41 95.92
CA ALA OA 164 -3.40 69.04 95.66
C ALA OA 164 -3.00 68.80 94.21
N LYS OA 165 -3.18 69.79 93.33
CA LYS OA 165 -2.84 69.63 91.92
C LYS OA 165 -1.34 69.84 91.75
N GLU OA 166 -0.61 68.74 91.59
CA GLU OA 166 0.83 68.79 91.39
C GLU OA 166 1.26 67.64 90.47
N PRO OA 167 0.78 67.61 89.23
CA PRO OA 167 1.12 66.51 88.33
C PRO OA 167 2.59 66.52 87.96
N SER OA 168 3.11 65.32 87.68
CA SER OA 168 4.49 65.12 87.25
C SER OA 168 4.49 64.29 85.98
N ARG OA 169 5.58 64.39 85.22
CA ARG OA 169 5.71 63.68 83.97
C ARG OA 169 7.18 63.41 83.67
N GLU OA 170 7.42 62.41 82.83
CA GLU OA 170 8.76 62.05 82.39
C GLU OA 170 8.86 62.26 80.89
N ASP OA 171 9.90 62.95 80.45
CA ASP OA 171 10.08 63.31 79.05
C ASP OA 171 11.47 62.89 78.59
N ALA OA 172 11.65 62.87 77.27
CA ALA OA 172 12.95 62.53 76.70
C ALA OA 172 14.01 63.55 77.09
N GLU OA 173 13.66 64.84 77.04
CA GLU OA 173 14.58 65.89 77.46
C GLU OA 173 14.83 65.88 78.96
N LEU OA 174 13.87 65.37 79.75
CA LEU OA 174 14.06 65.27 81.19
C LEU OA 174 15.16 64.28 81.53
N ARG OA 175 15.25 63.18 80.80
CA ARG OA 175 16.27 62.17 81.07
C ARG OA 175 17.67 62.74 80.94
N ARG OA 176 17.93 63.47 79.85
CA ARG OA 176 19.25 64.06 79.67
C ARG OA 176 19.46 65.26 80.60
N SER OA 177 18.38 65.96 80.95
CA SER OA 177 18.51 67.06 81.92
C SER OA 177 18.93 66.53 83.28
N ARG OA 178 18.36 65.40 83.71
CA ARG OA 178 18.76 64.81 84.98
C ARG OA 178 20.20 64.31 84.92
N ILE OA 179 20.62 63.73 83.79
CA ILE OA 179 21.97 63.21 83.67
C ILE OA 179 22.99 64.34 83.69
N GLU OA 180 22.74 65.40 82.91
CA GLU OA 180 23.66 66.53 82.89
C GLU OA 180 23.68 67.25 84.24
N ASN OA 181 22.58 67.19 84.97
CA ASN OA 181 22.57 67.72 86.34
C ASN OA 181 23.32 66.79 87.29
N MET OA 182 23.15 65.48 87.12
CA MET OA 182 23.87 64.53 87.95
C MET OA 182 25.37 64.60 87.70
N ASN OA 183 25.77 64.75 86.44
CA ASN OA 183 27.19 64.78 86.10
C ASN OA 183 27.88 66.00 86.70
N ARG OA 184 27.23 67.16 86.68
CA ARG OA 184 27.85 68.36 87.23
C ARG OA 184 27.96 68.30 88.74
N GLU OA 185 27.20 67.42 89.40
CA GLU OA 185 27.33 67.23 90.83
C GLU OA 185 28.55 66.39 91.21
N ARG OA 186 29.09 65.61 90.27
CA ARG OA 186 30.29 64.84 90.55
C ARG OA 186 31.47 65.75 90.86
N LEU OA 187 31.63 66.81 90.07
CA LEU OA 187 32.73 67.75 90.29
C LEU OA 187 32.49 68.66 91.50
N ARG OA 188 31.23 68.85 91.89
CA ARG OA 188 30.88 69.74 92.99
C ARG OA 188 31.16 69.10 94.36
N LYS OA 189 31.39 67.79 94.42
CA LYS OA 189 31.49 67.10 95.69
C LYS OA 189 32.70 67.52 96.52
N LYS OA 190 33.72 68.11 95.90
CA LYS OA 190 34.88 68.54 96.68
C LYS OA 190 34.51 69.70 97.57
N ARG OA 191 35.05 69.69 98.80
CA ARG OA 191 34.70 70.68 99.82
C ARG OA 191 35.98 71.19 100.46
N ILE OA 192 36.52 72.28 99.90
CA ILE OA 192 37.71 72.93 100.41
C ILE OA 192 37.37 74.40 100.65
N SER OA 193 38.19 75.06 101.47
CA SER OA 193 38.00 76.47 101.75
C SER OA 193 38.01 77.28 100.48
N SER OA 194 37.02 78.15 100.32
CA SER OA 194 36.83 78.92 99.10
C SER OA 194 37.31 80.37 99.31
N ALA OA 195 37.09 81.20 98.30
CA ALA OA 195 37.47 82.61 98.36
C ALA OA 195 36.62 83.37 99.37
N TYR PA 25 -48.82 106.95 6.19
CA TYR PA 25 -49.74 105.93 6.67
C TYR PA 25 -49.98 106.06 8.17
N ARG PA 26 -51.02 105.38 8.65
CA ARG PA 26 -51.36 105.36 10.07
C ARG PA 26 -51.11 103.95 10.61
N ALA PA 27 -50.44 103.88 11.76
CA ALA PA 27 -50.09 102.59 12.34
C ALA PA 27 -51.34 101.86 12.83
N ARG PA 28 -51.24 100.53 12.84
CA ARG PA 28 -52.31 99.72 13.37
C ARG PA 28 -52.48 99.95 14.87
N PRO PA 29 -53.67 99.71 15.42
CA PRO PA 29 -53.85 99.85 16.87
C PRO PA 29 -52.90 98.94 17.63
N PRO PA 30 -52.30 99.44 18.71
CA PRO PA 30 -51.33 98.63 19.42
C PRO PA 30 -51.98 97.41 20.03
N PRO PA 31 -51.26 96.28 20.12
CA PRO PA 31 -51.81 95.09 20.78
C PRO PA 31 -51.80 95.26 22.28
N ARG PA 32 -52.96 95.08 22.90
CA ARG PA 32 -53.11 95.20 24.34
C ARG PA 32 -53.71 93.93 24.91
N ARG PA 33 -53.23 93.51 26.08
CA ARG PA 33 -53.75 92.35 26.78
C ARG PA 33 -54.91 92.80 27.65
N SER PA 34 -56.11 92.31 27.33
CA SER PA 34 -57.31 92.73 28.05
C SER PA 34 -57.26 92.25 29.49
N GLN PA 35 -57.80 93.06 30.39
CA GLN PA 35 -57.85 92.74 31.82
C GLN PA 35 -59.14 92.05 32.22
N GLU PA 36 -60.07 91.85 31.29
CA GLU PA 36 -61.32 91.18 31.62
C GLU PA 36 -61.10 89.68 31.80
N PRO PA 37 -61.86 89.06 32.70
CA PRO PA 37 -61.75 87.60 32.87
C PRO PA 37 -62.22 86.87 31.63
N ARG PA 38 -61.65 85.69 31.41
CA ARG PA 38 -61.96 84.85 30.27
C ARG PA 38 -62.50 83.51 30.74
N TRP PA 39 -63.45 82.96 29.99
CA TRP PA 39 -64.06 81.67 30.32
C TRP PA 39 -64.34 80.90 29.04
N PRO PA 40 -63.53 79.89 28.72
CA PRO PA 40 -63.81 79.07 27.54
C PRO PA 40 -65.06 78.22 27.72
N ASP PA 41 -65.67 77.88 26.60
CA ASP PA 41 -66.90 77.09 26.64
C ASP PA 41 -66.60 75.65 26.99
N PRO PA 42 -67.12 75.12 28.10
CA PRO PA 42 -66.84 73.71 28.44
C PRO PA 42 -67.38 72.72 27.42
N ASP PA 43 -68.49 73.05 26.76
CA ASP PA 43 -69.09 72.12 25.80
C ASP PA 43 -68.39 72.08 24.47
N ASP PA 44 -67.48 73.01 24.20
CA ASP PA 44 -66.73 73.00 22.95
C ASP PA 44 -65.71 71.87 22.98
N PRO PA 45 -65.77 70.92 22.05
CA PRO PA 45 -64.79 69.81 22.07
C PRO PA 45 -63.36 70.24 21.79
N LEU PA 46 -63.14 71.40 21.19
CA LEU PA 46 -61.82 71.85 20.80
C LEU PA 46 -61.11 72.66 21.88
N THR PA 47 -61.74 72.89 23.03
CA THR PA 47 -61.12 73.68 24.08
C THR PA 47 -59.95 72.90 24.69
N PRO PA 48 -58.89 73.61 25.09
CA PRO PA 48 -57.76 72.92 25.74
C PRO PA 48 -58.20 72.29 27.06
N ARG PA 49 -57.56 71.18 27.40
CA ARG PA 49 -57.91 70.47 28.63
C ARG PA 49 -57.57 71.29 29.86
N TRP PA 50 -56.45 72.01 29.84
CA TRP PA 50 -56.00 72.76 31.01
C TRP PA 50 -56.87 73.98 31.28
N GLN PA 51 -57.75 74.36 30.36
CA GLN PA 51 -58.62 75.51 30.55
C GLN PA 51 -59.96 75.14 31.17
N LEU PA 52 -60.17 73.87 31.53
CA LEU PA 52 -61.36 73.44 32.23
C LEU PA 52 -61.05 72.84 33.59
N SER PA 53 -59.80 72.78 33.99
CA SER PA 53 -59.44 72.22 35.28
C SER PA 53 -59.87 73.16 36.41
N PRO PA 54 -60.11 72.62 37.61
CA PRO PA 54 -60.44 73.49 38.74
C PRO PA 54 -59.35 74.49 39.08
N ARG PA 55 -58.09 74.18 38.76
CA ARG PA 55 -57.01 75.13 39.03
C ARG PA 55 -57.17 76.42 38.24
N TYR PA 56 -57.73 76.34 37.02
CA TYR PA 56 -57.91 77.54 36.22
C TYR PA 56 -58.94 78.47 36.85
N ALA PA 57 -60.01 77.92 37.42
CA ALA PA 57 -61.01 78.76 38.07
C ALA PA 57 -60.42 79.48 39.27
N ALA PA 58 -59.59 78.78 40.06
CA ALA PA 58 -58.96 79.42 41.21
C ALA PA 58 -58.01 80.52 40.78
N LYS PA 59 -57.29 80.31 39.67
CA LYS PA 59 -56.36 81.34 39.20
C LYS PA 59 -57.11 82.59 38.76
N GLN PA 60 -58.28 82.43 38.15
CA GLN PA 60 -59.08 83.59 37.75
C GLN PA 60 -59.50 84.42 38.97
N PHE PA 61 -59.84 83.74 40.07
CA PHE PA 61 -60.16 84.46 41.29
C PHE PA 61 -58.96 85.25 41.81
N ALA PA 62 -57.77 84.64 41.77
CA ALA PA 62 -56.58 85.35 42.19
C ALA PA 62 -56.20 86.47 41.24
N ARG PA 63 -56.61 86.39 39.97
CA ARG PA 63 -56.33 87.46 39.03
C ARG PA 63 -57.32 88.62 39.21
N HIS PA 64 -58.62 88.32 39.21
CA HIS PA 64 -59.65 89.34 39.31
C HIS PA 64 -60.49 89.18 40.58
N GLY PA 65 -61.04 88.00 40.81
CA GLY PA 65 -61.85 87.76 41.99
C GLY PA 65 -63.23 88.38 41.92
N ALA PA 66 -63.30 89.71 42.00
CA ALA PA 66 -64.59 90.38 41.93
C ALA PA 66 -65.24 90.18 40.58
N ALA PA 67 -64.47 90.30 39.50
CA ALA PA 67 -64.99 90.10 38.15
C ALA PA 67 -64.92 88.65 37.70
N SER PA 68 -64.30 87.77 38.48
CA SER PA 68 -64.20 86.36 38.07
C SER PA 68 -65.55 85.67 38.10
N GLY PA 69 -66.44 86.07 39.00
CA GLY PA 69 -67.75 85.45 39.10
C GLY PA 69 -67.71 84.01 39.57
N VAL PA 70 -66.87 83.69 40.54
CA VAL PA 70 -66.79 82.36 41.12
C VAL PA 70 -66.90 82.48 42.63
N ALA PA 71 -67.64 81.55 43.25
CA ALA PA 71 -67.81 81.56 44.68
C ALA PA 71 -66.48 81.31 45.38
N ALA PA 72 -66.21 82.11 46.42
CA ALA PA 72 -64.97 81.96 47.15
C ALA PA 72 -64.91 80.68 47.96
N GLY PA 73 -66.05 80.01 48.17
CA GLY PA 73 -66.07 78.78 48.94
C GLY PA 73 -65.43 77.61 48.23
N SER PA 74 -65.29 77.68 46.91
CA SER PA 74 -64.68 76.58 46.17
C SER PA 74 -63.17 76.51 46.36
N LEU PA 75 -62.55 77.57 46.89
CA LEU PA 75 -61.10 77.58 47.06
C LEU PA 75 -60.63 76.66 48.18
N TRP PA 76 -61.50 76.36 49.14
CA TRP PA 76 -61.07 75.49 50.21
C TRP PA 76 -61.46 74.05 49.92
N PRO PA 77 -60.71 73.08 50.43
CA PRO PA 77 -61.05 71.67 50.18
C PRO PA 77 -62.41 71.31 50.75
N SER PA 78 -63.13 70.46 50.03
CA SER PA 78 -64.45 70.02 50.46
C SER PA 78 -64.32 69.02 51.61
N GLN PA 79 -65.48 68.64 52.16
CA GLN PA 79 -65.50 67.70 53.28
C GLN PA 79 -64.91 66.35 52.88
N GLU PA 80 -65.24 65.88 51.67
CA GLU PA 80 -64.60 64.68 51.16
C GLU PA 80 -63.10 64.88 50.98
N GLN PA 81 -62.71 66.04 50.46
CA GLN PA 81 -61.29 66.33 50.27
C GLN PA 81 -60.58 66.52 51.60
N LEU PA 82 -61.26 67.16 52.57
CA LEU PA 82 -60.62 67.43 53.85
C LEU PA 82 -60.29 66.15 54.60
N ARG PA 83 -61.20 65.17 54.55
CA ARG PA 83 -60.93 63.88 55.18
C ARG PA 83 -59.73 63.20 54.53
N GLU PA 84 -59.64 63.29 53.19
CA GLU PA 84 -58.48 62.72 52.50
C GLU PA 84 -57.19 63.43 52.92
N LEU PA 85 -57.22 64.76 53.01
CA LEU PA 85 -56.04 65.50 53.43
C LEU PA 85 -55.68 65.19 54.88
N GLU PA 86 -56.70 65.05 55.74
CA GLU PA 86 -56.46 64.77 57.15
C GLU PA 86 -55.77 63.41 57.33
N ALA PA 87 -56.23 62.39 56.60
CA ALA PA 87 -55.67 61.06 56.76
C ALA PA 87 -54.26 60.96 56.20
N GLU PA 88 -54.03 61.54 55.02
CA GLU PA 88 -52.72 61.43 54.38
C GLU PA 88 -51.63 62.08 55.22
N GLU PA 89 -51.89 63.29 55.73
CA GLU PA 89 -50.87 63.98 56.52
C GLU PA 89 -50.64 63.30 57.85
N ARG PA 90 -51.69 62.76 58.47
CA ARG PA 90 -51.54 62.08 59.75
C ARG PA 90 -50.70 60.81 59.63
N GLU PA 91 -50.95 60.02 58.58
CA GLU PA 91 -50.27 58.73 58.46
C GLU PA 91 -48.81 58.88 58.06
N TRP PA 92 -48.51 59.85 57.19
CA TRP PA 92 -47.16 59.99 56.67
C TRP PA 92 -46.30 60.93 57.49
N TYR PA 93 -46.86 62.04 57.96
CA TYR PA 93 -46.13 62.98 58.81
C TYR PA 93 -46.44 62.66 60.27
N PRO PA 94 -45.47 62.17 61.05
CA PRO PA 94 -45.74 61.87 62.47
C PRO PA 94 -45.86 63.12 63.32
N SER PA 95 -46.12 62.94 64.61
CA SER PA 95 -46.25 64.04 65.53
C SER PA 95 -44.89 64.37 66.16
N LEU PA 96 -44.80 65.57 66.75
CA LEU PA 96 -43.57 65.98 67.40
C LEU PA 96 -43.26 65.08 68.59
N ALA PA 97 -44.28 64.68 69.35
CA ALA PA 97 -44.05 63.76 70.47
C ALA PA 97 -43.52 62.42 69.99
N ALA PA 98 -44.10 61.89 68.90
CA ALA PA 98 -43.63 60.62 68.36
C ALA PA 98 -42.19 60.72 67.87
N MET PA 99 -41.84 61.82 67.21
CA MET PA 99 -40.48 62.00 66.75
C MET PA 99 -39.50 62.09 67.92
N GLN PA 100 -39.87 62.84 68.96
CA GLN PA 100 -38.96 62.99 70.10
C GLN PA 100 -38.77 61.67 70.84
N GLU PA 101 -39.84 60.89 71.02
CA GLU PA 101 -39.71 59.64 71.76
C GLU PA 101 -39.00 58.57 70.93
N SER PA 102 -39.18 58.59 69.61
CA SER PA 102 -38.50 57.62 68.77
C SER PA 102 -36.99 57.80 68.81
N LEU PA 103 -36.53 59.06 68.81
CA LEU PA 103 -35.09 59.32 68.89
C LEU PA 103 -34.51 58.90 70.22
N ARG PA 104 -35.28 59.03 71.31
CA ARG PA 104 -34.80 58.60 72.62
C ARG PA 104 -34.55 57.10 72.64
N VAL PA 105 -35.42 56.31 72.00
CA VAL PA 105 -35.24 54.86 71.97
C VAL PA 105 -33.95 54.50 71.24
N GLN PA 106 -33.70 55.13 70.09
CA GLN PA 106 -32.49 54.86 69.35
C GLN PA 106 -31.24 55.30 70.12
N GLN PA 107 -31.31 56.47 70.76
CA GLN PA 107 -30.18 56.94 71.56
C GLN PA 107 -29.90 56.00 72.72
N LEU PA 108 -30.95 55.52 73.39
CA LEU PA 108 -30.76 54.55 74.46
C LEU PA 108 -30.21 53.23 73.92
N ALA PA 109 -30.73 52.79 72.77
CA ALA PA 109 -30.30 51.50 72.21
C ALA PA 109 -28.84 51.53 71.81
N GLU PA 110 -28.40 52.59 71.15
CA GLU PA 110 -27.00 52.66 70.71
C GLU PA 110 -26.06 52.80 71.90
N GLU PA 111 -26.45 53.58 72.91
CA GLU PA 111 -25.59 53.75 74.08
C GLU PA 111 -25.42 52.44 74.83
N GLN PA 112 -26.49 51.66 74.96
CA GLN PA 112 -26.39 50.38 75.64
C GLN PA 112 -25.49 49.41 74.87
N LYS PA 113 -25.58 49.42 73.54
CA LYS PA 113 -24.70 48.57 72.73
C LYS PA 113 -23.24 48.95 72.92
N ARG PA 114 -22.94 50.25 72.96
CA ARG PA 114 -21.56 50.67 73.18
C ARG PA 114 -21.06 50.23 74.53
N GLN PA 115 -21.90 50.35 75.57
CA GLN PA 115 -21.50 49.91 76.90
C GLN PA 115 -21.30 48.40 76.94
N ALA PA 116 -22.14 47.65 76.23
CA ALA PA 116 -21.98 46.19 76.20
C ALA PA 116 -20.66 45.79 75.57
N ARG PA 117 -20.28 46.46 74.48
CA ARG PA 117 -19.01 46.15 73.84
C ARG PA 117 -17.83 46.48 74.74
N GLU PA 118 -17.89 47.62 75.43
CA GLU PA 118 -16.77 48.03 76.28
C GLU PA 118 -16.54 47.03 77.41
N GLN PA 119 -17.62 46.53 78.01
CA GLN PA 119 -17.47 45.53 79.06
C GLN PA 119 -16.87 44.24 78.52
N LEU PA 120 -17.25 43.84 77.30
CA LEU PA 120 -16.69 42.64 76.70
C LEU PA 120 -15.20 42.81 76.42
N ILE PA 121 -14.79 44.00 75.98
CA ILE PA 121 -13.39 44.22 75.65
C ILE PA 121 -12.52 44.11 76.90
N GLU PA 122 -12.92 44.77 77.98
CA GLU PA 122 -12.10 44.75 79.19
C GLU PA 122 -12.08 43.38 79.84
N GLU PA 123 -13.17 42.61 79.72
CA GLU PA 123 -13.20 41.28 80.30
C GLU PA 123 -12.20 40.36 79.62
N CYS PA 124 -12.12 40.42 78.28
CA CYS PA 124 -11.17 39.58 77.57
C CYS PA 124 -9.73 39.98 77.86
N MET PA 125 -9.47 41.29 77.97
CA MET PA 125 -8.12 41.74 78.27
C MET PA 125 -7.67 41.29 79.65
N ALA PA 126 -8.61 41.05 80.57
CA ALA PA 126 -8.25 40.57 81.90
C ALA PA 126 -7.63 39.19 81.83
N LYS PA 127 -8.16 38.31 80.97
CA LYS PA 127 -7.63 36.97 80.84
C LYS PA 127 -6.33 36.93 80.04
N MET PA 128 -6.00 38.00 79.31
CA MET PA 128 -4.84 37.98 78.42
C MET PA 128 -3.53 37.66 79.14
N PRO PA 129 -3.20 38.27 80.29
CA PRO PA 129 -1.95 37.86 80.96
C PRO PA 129 -1.91 36.39 81.32
N GLN PA 130 -3.05 35.80 81.67
CA GLN PA 130 -3.09 34.37 81.93
C GLN PA 130 -3.25 33.56 80.65
N MET PA 131 -4.03 34.07 79.69
CA MET PA 131 -4.25 33.33 78.44
C MET PA 131 -2.95 33.21 77.64
N ILE PA 132 -2.16 34.27 77.58
CA ILE PA 132 -0.91 34.22 76.83
C ILE PA 132 0.07 33.23 77.47
N GLU PA 133 0.20 33.29 78.79
CA GLU PA 133 1.16 32.42 79.48
C GLU PA 133 0.76 30.96 79.35
N ASN PA 134 -0.53 30.65 79.46
CA ASN PA 134 -0.98 29.27 79.34
C ASN PA 134 -0.69 28.71 77.96
N TRP PA 135 -0.92 29.51 76.91
CA TRP PA 135 -0.64 29.05 75.56
C TRP PA 135 0.85 28.99 75.29
N ARG PA 136 1.59 30.04 75.69
CA ARG PA 136 3.02 30.09 75.41
C ARG PA 136 3.78 28.99 76.14
N GLN PA 137 3.46 28.78 77.42
CA GLN PA 137 4.15 27.74 78.18
C GLN PA 137 3.78 26.35 77.68
N GLN PA 138 2.54 26.15 77.23
CA GLN PA 138 2.16 24.87 76.62
C GLN PA 138 2.93 24.63 75.33
N GLN PA 139 3.14 25.70 74.54
CA GLN PA 139 3.92 25.56 73.31
C GLN PA 139 5.36 25.18 73.62
N GLN PA 140 5.94 25.77 74.67
CA GLN PA 140 7.29 25.39 75.09
C GLN PA 140 7.32 23.93 75.54
N GLU PA 141 6.31 23.50 76.29
CA GLU PA 141 6.21 22.09 76.67
C GLU PA 141 6.04 21.21 75.43
N ARG PA 142 5.32 21.71 74.43
CA ARG PA 142 5.17 20.97 73.18
C ARG PA 142 6.53 20.77 72.50
N ARG PA 143 7.37 21.80 72.49
CA ARG PA 143 8.67 21.70 71.84
C ARG PA 143 9.63 20.85 72.66
N GLU PA 144 9.62 21.00 73.97
CA GLU PA 144 10.49 20.18 74.82
C GLU PA 144 10.13 18.70 74.73
N LYS PA 145 8.83 18.38 74.73
CA LYS PA 145 8.41 17.00 74.58
C LYS PA 145 8.80 16.45 73.22
N GLU PA 146 8.63 17.25 72.17
CA GLU PA 146 9.03 16.79 70.83
C GLU PA 146 10.54 16.63 70.74
N GLN PA 147 11.30 17.51 71.40
CA GLN PA 147 12.75 17.37 71.41
C GLN PA 147 13.18 16.07 72.09
N ALA PA 148 12.54 15.73 73.21
CA ALA PA 148 12.84 14.47 73.87
C ALA PA 148 12.47 13.28 73.00
N ASP PA 149 11.42 13.42 72.18
CA ASP PA 149 11.05 12.35 71.26
C ASP PA 149 12.16 12.09 70.25
N LYS PA 150 12.78 13.17 69.75
CA LYS PA 150 13.87 13.02 68.79
C LYS PA 150 15.07 12.32 69.43
N ASP PA 151 15.38 12.67 70.69
CA ASP PA 151 16.49 12.03 71.38
C ASP PA 151 16.22 10.54 71.59
N ARG PA 152 14.96 10.20 71.94
CA ARG PA 152 14.62 8.79 72.14
C ARG PA 152 14.79 7.99 70.86
N ARG PA 153 14.41 8.56 69.72
CA ARG PA 153 14.60 7.88 68.45
C ARG PA 153 16.09 7.69 68.14
N ALA PA 154 16.90 8.71 68.44
CA ALA PA 154 18.33 8.63 68.13
C ALA PA 154 19.01 7.52 68.93
N ARG PA 155 18.65 7.39 70.22
CA ARG PA 155 19.25 6.35 71.04
C ARG PA 155 18.87 4.96 70.54
N LEU PA 156 17.62 4.80 70.07
CA LEU PA 156 17.20 3.51 69.52
C LEU PA 156 18.01 3.16 68.27
N GLN PA 157 18.28 4.16 67.43
CA GLN PA 157 19.09 3.91 66.23
C GLN PA 157 20.50 3.48 66.60
N ALA PA 158 21.03 4.01 67.71
CA ALA PA 158 22.36 3.60 68.16
C ALA PA 158 22.36 2.14 68.59
N GLU PA 159 21.24 1.65 69.13
CA GLU PA 159 21.13 0.26 69.55
C GLU PA 159 21.16 -0.68 68.35
N PHE QA 35 82.69 49.08 -40.57
CA PHE QA 35 81.76 47.98 -40.84
C PHE QA 35 82.44 46.89 -41.66
N ARG QA 36 82.06 45.64 -41.40
CA ARG QA 36 82.64 44.48 -42.05
C ARG QA 36 81.59 43.80 -42.93
N GLU QA 37 82.01 43.32 -44.10
CA GLU QA 37 81.13 42.63 -45.01
C GLU QA 37 81.79 41.34 -45.47
N VAL QA 38 80.96 40.33 -45.74
CA VAL QA 38 81.41 38.99 -46.12
C VAL QA 38 81.22 38.82 -47.62
N VAL QA 39 82.26 38.37 -48.30
CA VAL QA 39 82.25 38.17 -49.75
C VAL QA 39 82.50 36.70 -50.01
N GLU QA 40 81.58 36.06 -50.75
CA GLU QA 40 81.70 34.68 -51.15
C GLU QA 40 81.76 34.61 -52.66
N ILE QA 41 82.80 33.96 -53.19
CA ILE QA 41 83.06 33.91 -54.63
C ILE QA 41 83.25 32.45 -55.03
N LEU QA 42 82.63 32.08 -56.15
CA LEU QA 42 82.77 30.74 -56.72
C LEU QA 42 83.59 30.85 -58.00
N ASP QA 43 84.77 30.22 -58.01
CA ASP QA 43 85.71 30.29 -59.14
C ASP QA 43 86.19 28.87 -59.46
N GLY QA 44 85.49 28.19 -60.36
CA GLY QA 44 85.90 26.89 -60.83
C GLY QA 44 85.95 25.83 -59.74
N LYS QA 45 84.79 25.50 -59.16
CA LYS QA 45 84.67 24.50 -58.10
C LYS QA 45 85.49 24.85 -56.87
N THR QA 46 85.92 26.11 -56.74
CA THR QA 46 86.66 26.57 -55.58
C THR QA 46 85.93 27.77 -54.98
N THR QA 47 85.62 27.68 -53.69
CA THR QA 47 84.89 28.72 -52.99
C THR QA 47 85.84 29.49 -52.08
N ILE QA 48 85.81 30.81 -52.20
CA ILE QA 48 86.64 31.69 -51.39
C ILE QA 48 85.73 32.63 -50.61
N ILE QA 49 85.91 32.65 -49.29
CA ILE QA 49 85.12 33.49 -48.40
C ILE QA 49 86.08 34.37 -47.61
N GLU QA 50 85.87 35.68 -47.68
CA GLU QA 50 86.75 36.63 -47.03
C GLU QA 50 85.94 37.81 -46.52
N GLY QA 51 86.44 38.46 -45.48
CA GLY QA 51 85.81 39.62 -44.88
C GLY QA 51 86.64 40.87 -45.12
N ARG QA 52 85.95 41.94 -45.53
CA ARG QA 52 86.58 43.22 -45.82
C ARG QA 52 86.02 44.28 -44.89
N ILE QA 53 86.89 45.20 -44.46
CA ILE QA 53 86.52 46.25 -43.50
C ILE QA 53 86.21 47.51 -44.28
N THR QA 54 85.04 48.08 -44.03
CA THR QA 54 84.61 49.34 -44.63
C THR QA 54 84.68 50.44 -43.58
N GLU QA 55 85.13 51.62 -44.01
CA GLU QA 55 85.25 52.75 -43.09
C GLU QA 55 83.90 53.09 -42.47
N THR QA 56 83.92 53.34 -41.16
CA THR QA 56 82.69 53.56 -40.40
C THR QA 56 82.62 55.00 -39.89
N PRO QA 57 81.48 55.68 -40.06
CA PRO QA 57 81.34 57.01 -39.47
C PRO QA 57 81.41 56.94 -37.95
N GLN QA 58 82.00 57.97 -37.36
CA GLN QA 58 82.25 58.01 -35.93
C GLN QA 58 81.28 58.97 -35.25
N GLU QA 59 81.27 58.92 -33.92
CA GLU QA 59 80.42 59.78 -33.13
C GLU QA 59 80.84 61.24 -33.29
N SER QA 60 79.86 62.14 -33.16
CA SER QA 60 80.16 63.56 -33.25
C SER QA 60 81.08 63.98 -32.11
N PRO QA 61 81.93 64.97 -32.33
CA PRO QA 61 83.00 65.26 -31.35
C PRO QA 61 82.50 65.74 -30.00
N ASN QA 62 81.62 66.75 -29.97
CA ASN QA 62 81.25 67.39 -28.72
C ASN QA 62 79.79 67.10 -28.35
N PRO QA 63 79.53 66.22 -27.38
CA PRO QA 63 78.17 66.05 -26.89
C PRO QA 63 77.86 67.05 -25.80
N PRO QA 64 76.60 67.50 -25.69
CA PRO QA 64 76.27 68.47 -24.64
C PRO QA 64 76.46 67.95 -23.23
N ASN QA 65 76.38 66.63 -23.02
CA ASN QA 65 76.48 66.03 -21.69
C ASN QA 65 77.56 64.95 -21.73
N PRO QA 66 78.83 65.34 -21.62
CA PRO QA 66 79.91 64.35 -21.74
C PRO QA 66 79.92 63.27 -20.67
N THR QA 67 79.30 63.52 -19.52
CA THR QA 67 79.36 62.58 -18.40
C THR QA 67 78.27 61.52 -18.45
N GLY QA 68 77.45 61.51 -19.49
CA GLY QA 68 76.39 60.51 -19.58
C GLY QA 68 76.94 59.12 -19.83
N GLN QA 69 76.09 58.14 -19.53
CA GLN QA 69 76.46 56.73 -19.70
C GLN QA 69 75.96 56.17 -21.03
N CYS QA 70 74.65 56.15 -21.23
CA CYS QA 70 74.06 55.62 -22.45
C CYS QA 70 73.96 56.71 -23.50
N PRO QA 71 74.04 56.34 -24.80
CA PRO QA 71 74.07 57.37 -25.85
C PRO QA 71 72.85 58.28 -25.87
N ILE QA 72 71.67 57.78 -25.50
CA ILE QA 72 70.47 58.61 -25.56
C ILE QA 72 70.57 59.77 -24.58
N CYS QA 73 70.94 59.48 -23.32
CA CYS QA 73 71.02 60.53 -22.32
C CYS QA 73 72.31 61.32 -22.41
N ARG QA 74 73.26 60.90 -23.25
CA ARG QA 74 74.49 61.65 -23.43
C ARG QA 74 74.27 62.91 -24.27
N TRP QA 75 73.27 62.89 -25.16
CA TRP QA 75 72.96 64.02 -26.01
C TRP QA 75 71.70 64.76 -25.58
N ASN QA 76 71.28 64.57 -24.34
CA ASN QA 76 70.06 65.21 -23.80
C ASN QA 76 68.84 64.87 -24.63
N LEU QA 77 68.80 63.64 -25.16
CA LEU QA 77 67.66 63.14 -25.92
C LEU QA 77 66.70 62.35 -25.05
N LYS QA 78 66.91 62.34 -23.74
CA LYS QA 78 66.05 61.58 -22.85
C LYS QA 78 64.65 62.19 -22.82
N HIS QA 79 63.63 61.35 -23.04
CA HIS QA 79 62.23 61.77 -23.02
C HIS QA 79 61.95 62.91 -24.00
N LYS QA 80 62.62 62.87 -25.17
CA LYS QA 80 62.43 63.92 -26.16
C LYS QA 80 62.34 63.40 -27.58
N TYR QA 81 62.18 62.09 -27.79
CA TYR QA 81 62.03 61.52 -29.12
C TYR QA 81 60.72 60.76 -29.22
N ASN QA 82 60.22 60.65 -30.45
CA ASN QA 82 58.99 59.94 -30.74
C ASN QA 82 59.21 59.10 -31.99
N TYR QA 83 58.14 58.46 -32.49
CA TYR QA 83 58.25 57.64 -33.68
C TYR QA 83 58.56 58.47 -34.92
N GLU QA 84 58.26 59.77 -34.89
CA GLU QA 84 58.52 60.62 -36.05
C GLU QA 84 60.00 60.86 -36.28
N ASP QA 85 60.81 60.75 -35.22
CA ASP QA 85 62.23 61.10 -35.29
C ASP QA 85 62.97 60.00 -36.05
N VAL QA 86 62.89 60.08 -37.38
CA VAL QA 86 63.55 59.09 -38.23
C VAL QA 86 65.07 59.24 -38.15
N LEU QA 87 65.56 60.48 -38.05
CA LEU QA 87 67.00 60.71 -37.99
C LEU QA 87 67.65 60.05 -36.78
N LEU QA 88 66.88 59.79 -35.72
CA LEU QA 88 67.42 59.09 -34.56
C LEU QA 88 67.25 57.58 -34.67
N LEU QA 89 66.09 57.11 -35.13
CA LEU QA 89 65.82 55.69 -35.23
C LEU QA 89 66.58 55.03 -36.38
N SER QA 90 67.17 55.80 -37.29
CA SER QA 90 67.90 55.25 -38.41
C SER QA 90 69.36 54.96 -38.07
N GLN QA 91 69.79 55.23 -36.85
CA GLN QA 91 71.15 54.95 -36.41
C GLN QA 91 71.24 53.75 -35.49
N PHE QA 92 70.13 53.08 -35.21
CA PHE QA 92 70.10 51.90 -34.36
C PHE QA 92 69.39 50.73 -35.03
N ILE QA 93 69.42 50.68 -36.37
CA ILE QA 93 68.75 49.62 -37.13
C ILE QA 93 69.70 49.09 -38.19
N ARG QA 94 69.49 47.84 -38.57
CA ARG QA 94 70.27 47.18 -39.60
C ARG QA 94 69.82 47.67 -40.99
N PRO QA 95 70.64 47.46 -42.02
CA PRO QA 95 70.23 47.86 -43.37
C PRO QA 95 69.00 47.13 -43.88
N HIS QA 96 68.63 45.98 -43.31
CA HIS QA 96 67.48 45.21 -43.78
C HIS QA 96 66.31 45.25 -42.81
N GLY QA 97 66.21 46.32 -42.01
CA GLY QA 97 65.08 46.54 -41.15
C GLY QA 97 65.22 46.02 -39.74
N GLY QA 98 66.19 45.15 -39.48
CA GLY QA 98 66.40 44.66 -38.15
C GLY QA 98 67.04 45.70 -37.25
N MET QA 99 67.06 45.41 -35.95
CA MET QA 99 67.60 46.31 -34.95
C MET QA 99 68.87 45.73 -34.34
N LEU QA 100 69.85 46.59 -34.09
CA LEU QA 100 71.12 46.13 -33.55
C LEU QA 100 70.96 45.71 -32.09
N PRO QA 101 71.78 44.76 -31.63
CA PRO QA 101 71.68 44.33 -30.23
C PRO QA 101 72.11 45.42 -29.26
N ARG QA 102 71.59 45.30 -28.03
CA ARG QA 102 71.87 46.31 -27.02
C ARG QA 102 73.34 46.34 -26.63
N ARG QA 103 74.03 45.19 -26.74
CA ARG QA 103 75.44 45.14 -26.36
C ARG QA 103 76.29 46.04 -27.25
N ILE QA 104 76.04 46.03 -28.55
CA ILE QA 104 76.85 46.83 -29.48
C ILE QA 104 76.56 48.31 -29.29
N THR QA 105 75.29 48.68 -29.20
CA THR QA 105 74.93 50.09 -29.12
C THR QA 105 75.32 50.69 -27.77
N GLY QA 106 75.03 49.98 -26.68
CA GLY QA 106 75.32 50.46 -25.36
C GLY QA 106 74.17 51.16 -24.67
N LEU QA 107 72.98 51.16 -25.27
CA LEU QA 107 71.83 51.81 -24.67
C LEU QA 107 71.44 51.10 -23.38
N CYS QA 108 70.84 51.86 -22.47
CA CYS QA 108 70.29 51.26 -21.26
C CYS QA 108 69.05 50.45 -21.61
N GLN QA 109 68.71 49.52 -20.71
CA GLN QA 109 67.59 48.62 -20.97
C GLN QA 109 66.28 49.39 -21.09
N GLU QA 110 66.09 50.42 -20.25
CA GLU QA 110 64.85 51.19 -20.30
C GLU QA 110 64.69 51.89 -21.65
N GLU QA 111 65.77 52.49 -22.16
CA GLU QA 111 65.68 53.19 -23.44
C GLU QA 111 65.68 52.24 -24.62
N HIS QA 112 66.34 51.09 -24.50
CA HIS QA 112 66.42 50.17 -25.62
C HIS QA 112 65.03 49.64 -25.99
N LEU QA 113 64.20 49.33 -25.00
CA LEU QA 113 62.84 48.89 -25.28
C LEU QA 113 62.03 50.00 -25.94
N LYS QA 114 62.22 51.25 -25.49
CA LYS QA 114 61.51 52.37 -26.10
C LYS QA 114 61.95 52.59 -27.54
N ILE QA 115 63.25 52.48 -27.81
CA ILE QA 115 63.75 52.60 -29.19
C ILE QA 115 63.22 51.44 -30.03
N GLU QA 116 63.21 50.23 -29.47
CA GLU QA 116 62.68 49.08 -30.19
C GLU QA 116 61.21 49.27 -30.53
N GLU QA 117 60.43 49.80 -29.59
CA GLU QA 117 59.01 50.04 -29.86
C GLU QA 117 58.82 51.08 -30.95
N CYS QA 118 59.62 52.16 -30.92
CA CYS QA 118 59.48 53.22 -31.92
C CYS QA 118 59.81 52.71 -33.32
N VAL QA 119 60.83 51.86 -33.44
CA VAL QA 119 61.19 51.33 -34.75
C VAL QA 119 60.06 50.48 -35.31
N LYS QA 120 59.43 49.65 -34.48
CA LYS QA 120 58.28 48.88 -34.92
C LYS QA 120 57.15 49.79 -35.38
N MET QA 121 56.88 50.86 -34.61
CA MET QA 121 55.85 51.80 -35.00
C MET QA 121 56.25 52.58 -36.25
N ALA QA 122 57.54 52.90 -36.40
CA ALA QA 122 58.00 53.63 -37.58
C ALA QA 122 57.80 52.82 -38.85
N HIS QA 123 58.14 51.52 -38.81
CA HIS QA 123 57.98 50.69 -40.00
C HIS QA 123 56.52 50.57 -40.42
N ARG QA 124 55.63 50.35 -39.45
CA ARG QA 124 54.22 50.23 -39.77
C ARG QA 124 53.63 51.55 -40.26
N ALA QA 125 54.19 52.68 -39.82
CA ALA QA 125 53.68 53.98 -40.21
C ALA QA 125 53.97 54.32 -41.66
N GLY QA 126 54.81 53.56 -42.34
CA GLY QA 126 55.19 53.84 -43.71
C GLY QA 126 56.53 54.52 -43.88
N LEU QA 127 57.12 55.00 -42.78
CA LEU QA 127 58.44 55.61 -42.85
C LEU QA 127 59.49 54.52 -43.08
N LEU QA 128 60.73 54.97 -43.29
CA LEU QA 128 61.86 54.09 -43.55
C LEU QA 128 61.57 53.17 -44.73
N PRO QA 129 61.48 53.70 -45.96
CA PRO QA 129 61.19 52.83 -47.10
C PRO QA 129 62.40 52.12 -47.67
N ASN QA 130 63.62 52.57 -47.37
CA ASN QA 130 64.83 51.98 -47.91
C ASN QA 130 65.39 50.86 -47.04
N HIS QA 131 64.75 50.55 -45.92
CA HIS QA 131 65.23 49.52 -45.01
C HIS QA 131 64.48 48.21 -45.15
N ARG QA 132 63.75 48.03 -46.25
CA ARG QA 132 63.09 46.76 -46.51
C ARG QA 132 63.97 45.85 -47.35
N PRO QA 133 63.87 44.53 -47.17
CA PRO QA 133 64.64 43.61 -47.99
C PRO QA 133 64.20 43.68 -49.45
N LYS QA 134 65.15 43.41 -50.35
CA LYS QA 134 64.90 43.45 -51.78
C LYS QA 134 64.53 42.07 -52.30
N LEU QA 135 63.38 41.98 -52.94
CA LEU QA 135 62.89 40.73 -53.52
C LEU QA 135 62.30 41.03 -54.89
N PRO QA 136 63.08 40.85 -55.95
CA PRO QA 136 62.60 41.24 -57.29
C PRO QA 136 61.35 40.50 -57.73
N GLU QA 137 61.18 39.24 -57.33
CA GLU QA 137 60.04 38.47 -57.82
C GLU QA 137 58.73 38.88 -57.16
N GLY QA 138 58.78 39.38 -55.93
CA GLY QA 138 57.57 39.68 -55.18
C GLY QA 138 57.00 41.06 -55.41
N PHE QA 139 57.81 41.98 -55.96
CA PHE QA 139 57.35 43.34 -56.17
C PHE QA 139 56.37 43.45 -57.34
N VAL QA 140 56.53 42.62 -58.37
CA VAL QA 140 55.65 42.68 -59.53
C VAL QA 140 54.21 42.36 -59.17
N PRO QA 141 53.89 41.26 -58.44
CA PRO QA 141 52.49 40.98 -58.13
C PRO QA 141 51.94 41.92 -57.06
N LYS QA 142 51.53 43.11 -57.48
CA LYS QA 142 51.00 44.09 -56.54
C LYS QA 142 49.74 43.58 -55.87
N SER QA 143 49.42 44.18 -54.73
CA SER QA 143 48.26 43.78 -53.93
C SER QA 143 47.34 44.97 -53.71
N LYS QA 144 46.46 44.85 -52.72
CA LYS QA 144 45.60 45.96 -52.35
C LYS QA 144 46.45 47.15 -51.93
N PRO QA 145 46.05 48.38 -52.28
CA PRO QA 145 46.88 49.54 -51.92
C PRO QA 145 47.06 49.65 -50.41
N ARG QA 146 48.25 50.10 -50.01
CA ARG QA 146 48.57 50.21 -48.60
C ARG QA 146 47.68 51.25 -47.93
N LEU QA 147 47.17 50.89 -46.76
CA LEU QA 147 46.33 51.79 -45.97
C LEU QA 147 47.22 52.57 -45.01
N ASN QA 148 47.21 53.90 -45.14
CA ASN QA 148 48.05 54.73 -44.30
C ASN QA 148 47.67 54.58 -42.83
N ARG QA 149 48.68 54.49 -41.98
CA ARG QA 149 48.48 54.30 -40.55
C ARG QA 149 49.64 54.90 -39.79
N TYR QA 150 49.42 55.16 -38.51
CA TYR QA 150 50.49 55.64 -37.64
C TYR QA 150 50.13 55.31 -36.20
N LEU QA 151 51.15 55.27 -35.34
CA LEU QA 151 50.98 54.98 -33.92
C LEU QA 151 50.27 53.65 -33.69
N THR QA 152 50.67 52.64 -34.46
CA THR QA 152 50.08 51.31 -34.35
C THR QA 152 50.85 50.53 -33.30
N ARG QA 153 50.18 50.24 -32.17
CA ARG QA 153 50.84 49.50 -31.10
C ARG QA 153 51.05 48.04 -31.49
N TRP QA 154 50.01 47.39 -31.99
CA TRP QA 154 50.10 45.97 -32.33
C TRP QA 154 50.49 45.82 -33.80
N SER QA 155 50.40 44.59 -34.31
CA SER QA 155 50.66 44.27 -35.70
C SER QA 155 49.36 44.12 -36.46
N PRO QA 156 49.36 44.45 -37.75
CA PRO QA 156 48.10 44.43 -38.51
C PRO QA 156 47.43 43.06 -38.57
N ARG QA 157 48.20 41.97 -38.48
CA ARG QA 157 47.67 40.64 -38.67
C ARG QA 157 47.31 39.92 -37.37
N SER QA 158 47.37 40.62 -36.23
CA SER QA 158 47.14 39.98 -34.94
C SER QA 158 46.09 40.69 -34.10
N VAL QA 159 45.21 41.47 -34.72
CA VAL QA 159 44.12 42.15 -34.01
C VAL QA 159 42.81 41.69 -34.62
N LYS QA 160 41.85 41.36 -33.75
CA LYS QA 160 40.54 40.91 -34.18
C LYS QA 160 39.51 42.02 -34.06
N PRO QA 161 38.52 42.06 -34.95
CA PRO QA 161 37.51 43.13 -34.90
C PRO QA 161 36.78 43.13 -33.56
N ILE QA 162 36.45 44.34 -33.10
CA ILE QA 162 35.68 44.49 -31.85
C ILE QA 162 34.20 44.48 -32.26
N TYR QA 163 33.65 43.27 -32.35
CA TYR QA 163 32.25 43.14 -32.76
C TYR QA 163 31.30 43.66 -31.67
N ASN QA 164 31.60 43.36 -30.41
CA ASN QA 164 30.78 43.81 -29.29
C ASN QA 164 31.59 44.85 -28.52
N LYS QA 165 31.39 46.13 -28.86
CA LYS QA 165 32.08 47.22 -28.18
C LYS QA 165 31.65 47.31 -26.73
N GLY QA 166 30.39 47.61 -26.49
CA GLY QA 166 29.86 47.74 -25.15
C GLY QA 166 29.54 49.19 -24.80
N HIS QA 167 28.79 49.33 -23.72
CA HIS QA 167 28.33 50.64 -23.29
C HIS QA 167 29.48 51.37 -22.58
N ARG QA 168 29.16 52.50 -21.96
CA ARG QA 168 30.21 53.33 -21.36
C ARG QA 168 30.76 52.75 -20.07
N TRP QA 169 29.98 51.94 -19.35
CA TRP QA 169 30.48 51.39 -18.10
C TRP QA 169 31.41 50.19 -18.30
N ASN QA 170 31.50 49.65 -19.52
CA ASN QA 170 32.44 48.57 -19.83
C ASN QA 170 32.77 48.67 -21.33
N LYS QA 171 33.73 49.53 -21.64
CA LYS QA 171 34.01 49.92 -23.02
C LYS QA 171 35.35 49.35 -23.46
N VAL QA 172 35.35 48.67 -24.61
CA VAL QA 172 36.57 48.09 -25.16
C VAL QA 172 37.26 49.19 -25.97
N ARG QA 173 38.38 49.68 -25.45
CA ARG QA 173 39.07 50.83 -26.03
C ARG QA 173 40.20 50.35 -26.93
N MET QA 174 40.26 50.92 -28.13
CA MET QA 174 41.30 50.57 -29.10
C MET QA 174 42.61 51.24 -28.72
N PRO QA 175 43.69 50.49 -28.51
CA PRO QA 175 44.95 51.11 -28.10
C PRO QA 175 45.59 51.91 -29.23
N VAL QA 176 46.20 53.03 -28.85
CA VAL QA 176 46.95 53.88 -29.79
C VAL QA 176 48.26 54.27 -29.11
N GLY QA 177 49.36 54.08 -29.82
CA GLY QA 177 50.66 54.35 -29.23
C GLY QA 177 51.04 53.25 -28.24
N SER QA 178 52.12 53.52 -27.52
CA SER QA 178 52.61 52.53 -26.58
C SER QA 178 52.79 53.14 -25.19
N PRO QA 179 52.54 52.36 -24.15
CA PRO QA 179 52.78 52.86 -22.78
C PRO QA 179 54.23 53.20 -22.50
N LEU QA 180 55.17 52.64 -23.26
CA LEU QA 180 56.57 52.95 -23.03
C LEU QA 180 56.92 54.39 -23.37
N LEU QA 181 56.04 55.10 -24.07
CA LEU QA 181 56.28 56.49 -24.44
C LEU QA 181 55.41 57.46 -23.65
N LYS QA 182 54.88 57.04 -22.51
CA LYS QA 182 54.06 57.92 -21.68
C LYS QA 182 54.90 58.86 -20.82
N ASP QA 183 56.22 58.67 -20.78
CA ASP QA 183 57.11 59.51 -20.00
C ASP QA 183 57.68 60.68 -20.80
N ASN QA 184 57.30 60.81 -22.07
CA ASN QA 184 57.81 61.90 -22.89
C ASN QA 184 57.29 63.24 -22.38
N VAL QA 185 58.06 64.29 -22.64
CA VAL QA 185 57.70 65.63 -22.18
C VAL QA 185 56.42 66.07 -22.88
N SER QA 186 55.51 66.67 -22.12
CA SER QA 186 54.26 67.20 -22.64
C SER QA 186 54.26 68.71 -22.47
N TYR QA 187 54.44 69.44 -23.57
CA TYR QA 187 54.43 70.89 -23.51
C TYR QA 187 53.03 71.41 -23.18
N SER QA 188 51.99 70.76 -23.71
CA SER QA 188 50.63 71.16 -23.39
C SER QA 188 50.30 70.92 -21.93
N GLY QA 189 50.91 69.90 -21.32
CA GLY QA 189 50.67 69.55 -19.95
C GLY QA 189 49.61 68.51 -19.73
N ARG QA 190 48.73 68.28 -20.71
CA ARG QA 190 47.71 67.24 -20.59
C ARG QA 190 48.33 65.87 -20.84
N PRO QA 191 47.95 64.86 -20.06
CA PRO QA 191 48.48 63.52 -20.29
C PRO QA 191 48.06 62.98 -21.65
N LEU QA 192 48.95 62.21 -22.25
CA LEU QA 192 48.66 61.59 -23.54
C LEU QA 192 47.58 60.53 -23.37
N LEU QA 193 46.65 60.50 -24.33
CA LEU QA 193 45.53 59.55 -24.29
C LEU QA 193 45.95 58.28 -25.03
N LEU QA 194 46.44 57.29 -24.29
CA LEU QA 194 46.95 56.08 -24.90
C LEU QA 194 45.85 55.15 -25.38
N TYR QA 195 44.71 55.11 -24.68
CA TYR QA 195 43.63 54.19 -25.01
C TYR QA 195 42.43 55.00 -25.47
N HIS QA 196 42.12 54.92 -26.76
CA HIS QA 196 40.98 55.63 -27.32
C HIS QA 196 40.52 54.96 -28.61
N PRO RA 40 -39.02 11.24 -93.35
CA PRO RA 40 -39.03 12.43 -94.21
C PRO RA 40 -40.23 13.32 -93.94
N VAL RA 41 -40.90 13.11 -92.81
CA VAL RA 41 -42.06 13.88 -92.41
C VAL RA 41 -41.77 14.55 -91.08
N ALA RA 42 -41.98 15.86 -91.02
CA ALA RA 42 -41.75 16.59 -89.79
C ALA RA 42 -42.75 16.18 -88.72
N ARG RA 43 -42.28 16.08 -87.48
CA ARG RA 43 -43.10 15.67 -86.34
C ARG RA 43 -43.10 16.83 -85.33
N TYR RA 44 -44.03 17.76 -85.53
CA TYR RA 44 -44.14 18.89 -84.63
C TYR RA 44 -44.67 18.45 -83.27
N PRO RA 45 -44.10 18.95 -82.17
CA PRO RA 45 -44.63 18.61 -80.85
C PRO RA 45 -46.00 19.24 -80.65
N PRO RA 46 -46.83 18.68 -79.77
CA PRO RA 46 -48.16 19.25 -79.54
C PRO RA 46 -48.07 20.65 -78.95
N ILE RA 47 -49.10 21.44 -79.21
CA ILE RA 47 -49.09 22.86 -78.86
C ILE RA 47 -49.96 23.08 -77.63
N VAL RA 48 -50.01 22.08 -76.75
CA VAL RA 48 -50.70 22.24 -75.48
C VAL RA 48 -49.84 23.07 -74.52
N ALA RA 49 -50.48 23.61 -73.50
CA ALA RA 49 -49.77 24.46 -72.54
C ALA RA 49 -48.87 23.62 -71.64
N SER RA 50 -48.02 24.31 -70.88
CA SER RA 50 -47.10 23.65 -69.97
C SER RA 50 -47.86 23.01 -68.81
N LEU RA 51 -47.20 22.07 -68.14
CA LEU RA 51 -47.81 21.33 -67.05
C LEU RA 51 -47.37 21.79 -65.67
N THR RA 52 -46.18 22.40 -65.56
CA THR RA 52 -45.65 22.83 -64.28
C THR RA 52 -45.57 24.35 -64.15
N ALA RA 53 -46.20 25.09 -65.06
CA ALA RA 53 -46.13 26.54 -65.02
C ALA RA 53 -47.21 27.11 -64.10
N LYS RA 54 -47.06 28.39 -63.76
CA LYS RA 54 -47.98 29.09 -62.87
C LYS RA 54 -49.16 29.71 -63.61
N SER RA 55 -49.12 29.71 -64.95
CA SER RA 55 -50.16 30.39 -65.72
C SER RA 55 -51.50 29.69 -65.58
N LYS RA 56 -52.56 30.41 -65.95
CA LYS RA 56 -53.91 29.85 -65.90
C LYS RA 56 -54.09 28.71 -66.89
N ALA RA 57 -53.47 28.81 -68.06
CA ALA RA 57 -53.55 27.72 -69.03
C ALA RA 57 -52.92 26.46 -68.47
N ALA RA 58 -51.80 26.60 -67.77
CA ALA RA 58 -51.18 25.45 -67.11
C ALA RA 58 -52.08 24.88 -66.03
N ARG RA 59 -52.75 25.75 -65.27
CA ARG RA 59 -53.67 25.26 -64.23
C ARG RA 59 -54.82 24.49 -64.86
N GLN RA 60 -55.32 24.94 -66.01
CA GLN RA 60 -56.38 24.21 -66.68
C GLN RA 60 -55.93 22.82 -67.08
N ARG RA 61 -54.69 22.69 -67.56
CA ARG RA 61 -54.17 21.38 -67.91
C ARG RA 61 -54.03 20.49 -66.68
N ARG RA 62 -53.63 21.07 -65.55
CA ARG RA 62 -53.59 20.30 -64.30
C ARG RA 62 -54.98 19.84 -63.92
N VAL RA 63 -55.98 20.70 -64.04
CA VAL RA 63 -57.36 20.29 -63.79
C VAL RA 63 -57.76 19.20 -64.76
N GLU RA 64 -57.43 19.38 -66.04
CA GLU RA 64 -57.74 18.37 -67.04
C GLU RA 64 -56.98 17.07 -66.79
N GLN RA 65 -55.89 17.11 -66.02
CA GLN RA 65 -55.15 15.89 -65.71
C GLN RA 65 -55.94 14.98 -64.79
N TRP RA 66 -56.49 15.54 -63.70
CA TRP RA 66 -57.29 14.73 -62.79
C TRP RA 66 -58.67 14.42 -63.36
N GLN RA 67 -59.14 15.21 -64.33
CA GLN RA 67 -60.36 14.83 -65.05
C GLN RA 67 -60.18 13.50 -65.76
N ALA RA 68 -59.02 13.29 -66.37
CA ALA RA 68 -58.75 12.03 -67.05
C ALA RA 68 -58.54 10.87 -66.08
N THR RA 69 -58.21 11.16 -64.82
CA THR RA 69 -58.06 10.10 -63.84
C THR RA 69 -59.40 9.44 -63.53
N VAL RA 70 -60.47 10.23 -63.47
CA VAL RA 70 -61.80 9.66 -63.23
C VAL RA 70 -62.22 8.76 -64.38
N HIS RA 71 -61.90 9.17 -65.61
CA HIS RA 71 -62.25 8.36 -66.78
C HIS RA 71 -61.56 7.01 -66.73
N ALA RA 72 -60.28 6.99 -66.35
CA ALA RA 72 -59.52 5.74 -66.32
C ALA RA 72 -59.97 4.81 -65.20
N ALA RA 73 -60.71 5.33 -64.22
CA ALA RA 73 -61.19 4.49 -63.13
C ALA RA 73 -62.26 3.52 -63.64
N LYS RA 74 -62.26 2.30 -63.09
CA LYS RA 74 -63.19 1.26 -63.51
C LYS RA 74 -64.40 1.18 -62.60
N SER RA 75 -64.18 0.96 -61.30
CA SER RA 75 -65.29 0.83 -60.37
C SER RA 75 -65.94 2.19 -60.12
N VAL RA 76 -67.27 2.19 -60.00
CA VAL RA 76 -67.99 3.42 -59.74
C VAL RA 76 -67.65 3.98 -58.36
N ASP RA 77 -67.32 3.09 -57.41
CA ASP RA 77 -66.92 3.56 -56.08
C ASP RA 77 -65.65 4.40 -56.14
N GLU RA 78 -64.67 3.96 -56.94
CA GLU RA 78 -63.43 4.71 -57.04
C GLU RA 78 -63.64 6.06 -57.72
N LYS RA 79 -64.57 6.14 -58.67
CA LYS RA 79 -64.89 7.43 -59.29
C LYS RA 79 -65.47 8.40 -58.27
N LEU RA 80 -66.38 7.91 -57.41
CA LEU RA 80 -66.95 8.77 -56.38
C LEU RA 80 -65.91 9.18 -55.34
N ARG RA 81 -64.94 8.32 -55.06
CA ARG RA 81 -63.88 8.67 -54.11
C ARG RA 81 -63.04 9.82 -54.62
N ILE RA 82 -62.68 9.81 -55.90
CA ILE RA 82 -61.83 10.87 -56.44
C ILE RA 82 -62.57 12.20 -56.48
N LEU RA 83 -63.86 12.17 -56.82
CA LEU RA 83 -64.62 13.41 -56.93
C LEU RA 83 -64.86 14.07 -55.59
N THR RA 84 -65.00 13.28 -54.52
CA THR RA 84 -65.42 13.79 -53.22
C THR RA 84 -64.33 13.73 -52.17
N LYS RA 85 -63.07 13.57 -52.58
CA LYS RA 85 -61.99 13.50 -51.60
C LYS RA 85 -61.47 14.88 -51.19
N MET RA 86 -61.83 15.93 -51.91
CA MET RA 86 -61.49 17.29 -51.52
C MET RA 86 -62.57 17.86 -50.60
N GLN RA 87 -62.13 18.58 -49.57
CA GLN RA 87 -63.06 19.13 -48.60
C GLN RA 87 -62.99 20.66 -48.56
N PHE RA 88 -63.22 21.30 -49.70
CA PHE RA 88 -63.27 22.76 -49.71
C PHE RA 88 -64.61 23.26 -49.19
N MET RA 89 -64.70 24.58 -49.03
CA MET RA 89 -65.92 25.21 -48.52
C MET RA 89 -67.08 25.01 -49.49
N LYS RA 90 -68.28 24.95 -48.94
CA LYS RA 90 -69.47 24.70 -49.75
C LYS RA 90 -70.70 25.23 -49.02
N TYR RA 91 -71.73 25.54 -49.79
CA TYR RA 91 -73.00 25.95 -49.21
C TYR RA 91 -73.81 24.72 -48.80
N VAL RA 92 -74.62 24.90 -47.76
CA VAL RA 92 -75.50 23.85 -47.26
C VAL RA 92 -76.93 24.22 -47.62
N VAL RA 93 -77.58 23.37 -48.41
CA VAL RA 93 -78.92 23.63 -48.92
C VAL RA 93 -79.89 22.73 -48.16
N TYR RA 94 -80.87 23.35 -47.51
CA TYR RA 94 -81.89 22.61 -46.78
C TYR RA 94 -83.15 22.53 -47.61
N PRO RA 95 -83.64 21.34 -47.94
CA PRO RA 95 -84.88 21.25 -48.74
C PRO RA 95 -86.07 21.94 -48.09
N GLN RA 96 -86.19 21.86 -46.77
CA GLN RA 96 -87.26 22.52 -46.02
C GLN RA 96 -86.69 23.80 -45.44
N THR RA 97 -86.99 24.93 -46.10
CA THR RA 97 -86.37 26.20 -45.77
C THR RA 97 -87.45 27.26 -45.55
N PHE RA 98 -87.07 28.29 -44.80
CA PHE RA 98 -87.95 29.40 -44.46
C PHE RA 98 -87.73 30.64 -45.32
N ALA RA 99 -86.94 30.52 -46.38
CA ALA RA 99 -86.65 31.67 -47.22
C ALA RA 99 -87.92 32.17 -47.91
N LEU RA 100 -88.00 33.49 -48.09
CA LEU RA 100 -89.18 34.08 -48.71
C LEU RA 100 -89.33 33.64 -50.16
N ASN RA 101 -88.24 33.59 -50.90
CA ASN RA 101 -88.23 33.09 -52.27
C ASN RA 101 -87.14 32.02 -52.36
N ALA RA 102 -87.51 30.77 -52.06
CA ALA RA 102 -86.55 29.69 -52.08
C ALA RA 102 -86.58 28.92 -53.39
N ASP RA 103 -87.77 28.72 -53.97
CA ASP RA 103 -87.86 27.97 -55.23
C ASP RA 103 -87.11 28.68 -56.35
N ASN RA 104 -87.22 30.01 -56.40
CA ASN RA 104 -86.52 30.76 -57.45
C ASN RA 104 -85.01 30.60 -57.32
N TRP RA 105 -84.49 30.68 -56.09
CA TRP RA 105 -83.05 30.54 -55.91
C TRP RA 105 -82.60 29.10 -56.15
N TYR RA 106 -83.41 28.13 -55.74
CA TYR RA 106 -83.04 26.73 -55.93
C TYR RA 106 -83.03 26.34 -57.40
N GLN RA 107 -83.91 26.94 -58.21
CA GLN RA 107 -83.88 26.68 -59.64
C GLN RA 107 -82.58 27.16 -60.26
N SER RA 108 -82.07 28.31 -59.83
CA SER RA 108 -80.81 28.82 -60.34
C SER RA 108 -79.66 27.89 -59.99
N PHE RA 109 -79.63 27.37 -58.77
CA PHE RA 109 -78.60 26.43 -58.35
C PHE RA 109 -78.70 25.11 -59.10
N THR RA 110 -79.87 24.78 -59.64
CA THR RA 110 -80.13 23.47 -60.21
C THR RA 110 -80.34 23.49 -61.72
N LYS RA 111 -80.55 24.67 -62.32
CA LYS RA 111 -80.90 24.78 -63.73
C LYS RA 111 -82.18 23.99 -64.03
N THR RA 112 -83.19 24.21 -63.19
CA THR RA 112 -84.46 23.51 -63.26
C THR RA 112 -85.56 24.51 -63.62
N VAL RA 113 -86.35 24.18 -64.63
CA VAL RA 113 -87.49 25.00 -65.05
C VAL RA 113 -88.76 24.33 -64.54
N PHE RA 114 -89.52 25.06 -63.72
CA PHE RA 114 -90.71 24.52 -63.09
C PHE RA 114 -91.90 24.70 -64.03
N LEU RA 115 -92.58 23.60 -64.33
CA LEU RA 115 -93.77 23.61 -65.18
C LEU RA 115 -94.99 23.33 -64.32
N SER RA 116 -95.95 24.24 -64.36
CA SER RA 116 -97.19 24.05 -63.61
C SER RA 116 -98.01 22.92 -64.19
N GLY RA 117 -98.72 22.21 -63.33
CA GLY RA 117 -99.55 21.09 -63.73
C GLY RA 117 -98.78 19.79 -63.78
N LEU RA 118 -99.53 18.71 -63.93
CA LEU RA 118 -98.96 17.38 -63.97
C LEU RA 118 -98.16 17.19 -65.26
N PRO RA 119 -97.20 16.26 -65.26
CA PRO RA 119 -96.43 15.98 -66.47
C PRO RA 119 -97.32 15.45 -67.58
N PRO RA 120 -96.91 15.59 -68.84
CA PRO RA 120 -97.75 15.11 -69.94
C PRO RA 120 -98.02 13.62 -69.82
N THR RA 121 -99.25 13.23 -70.16
CA THR RA 121 -99.65 11.84 -70.03
C THR RA 121 -98.85 10.97 -70.99
N PRO RA 122 -98.61 9.70 -70.62
CA PRO RA 122 -97.85 8.80 -71.51
C PRO RA 122 -98.52 8.56 -72.84
N ALA RA 123 -99.80 8.91 -72.99
CA ALA RA 123 -100.55 8.69 -74.23
C ALA RA 123 -100.56 7.22 -74.62
N LYS RA 124 -100.62 6.34 -73.61
CA LYS RA 124 -100.68 4.90 -73.82
C LYS RA 124 -101.92 4.38 -73.12
N LEU RA 125 -102.79 3.69 -73.86
CA LEU RA 125 -104.02 3.15 -73.33
C LEU RA 125 -103.97 1.62 -73.25
N GLU RA 126 -102.82 1.10 -72.81
CA GLU RA 126 -102.70 -0.33 -72.57
C GLU RA 126 -103.64 -0.75 -71.45
N PRO RA 127 -104.05 -2.03 -71.41
CA PRO RA 127 -105.08 -2.46 -70.45
C PRO RA 127 -104.82 -1.96 -69.04
N GLU RA 128 -105.65 -0.99 -68.61
CA GLU RA 128 -105.54 -0.33 -67.31
C GLU RA 128 -106.12 -1.23 -66.22
N PRO RA 129 -105.49 -1.29 -65.05
CA PRO RA 129 -106.03 -2.12 -63.97
C PRO RA 129 -107.33 -1.56 -63.43
N THR RA 130 -108.15 -2.45 -62.88
CA THR RA 130 -109.42 -2.09 -62.27
C THR RA 130 -109.23 -2.14 -60.75
N LEU RA 131 -109.38 -0.99 -60.11
CA LEU RA 131 -109.12 -0.84 -58.69
C LEU RA 131 -110.41 -0.43 -57.97
N ASP RA 132 -110.73 -1.11 -56.88
CA ASP RA 132 -111.90 -0.79 -56.08
C ASP RA 132 -111.55 0.34 -55.13
N ILE RA 133 -112.18 1.51 -55.33
CA ILE RA 133 -111.86 2.67 -54.52
C ILE RA 133 -112.33 2.49 -53.08
N THR RA 134 -113.42 1.76 -52.88
CA THR RA 134 -113.97 1.58 -51.53
C THR RA 134 -112.96 0.88 -50.62
N ALA RA 135 -112.29 -0.16 -51.13
CA ALA RA 135 -111.27 -0.82 -50.33
C ALA RA 135 -110.11 0.12 -50.03
N LEU RA 136 -109.67 0.89 -51.02
CA LEU RA 136 -108.61 1.86 -50.79
C LEU RA 136 -109.07 2.97 -49.85
N ARG RA 137 -110.31 3.44 -50.03
CA ARG RA 137 -110.83 4.50 -49.17
C ARG RA 137 -110.88 4.05 -47.71
N GLU RA 138 -111.37 2.82 -47.48
CA GLU RA 138 -111.43 2.31 -46.11
C GLU RA 138 -110.04 2.15 -45.52
N ALA RA 139 -109.08 1.67 -46.31
CA ALA RA 139 -107.73 1.49 -45.80
C ALA RA 139 -107.10 2.82 -45.43
N VAL RA 140 -107.27 3.84 -46.27
CA VAL RA 140 -106.71 5.15 -45.96
C VAL RA 140 -107.43 5.77 -44.76
N CYS RA 141 -108.76 5.62 -44.69
CA CYS RA 141 -109.49 6.17 -43.56
C CYS RA 141 -109.08 5.54 -42.25
N ASP RA 142 -108.75 4.25 -42.27
CA ASP RA 142 -108.30 3.57 -41.06
C ASP RA 142 -107.01 4.19 -40.53
N CYS RA 143 -106.09 4.55 -41.44
CA CYS RA 143 -104.86 5.21 -41.01
C CYS RA 143 -105.16 6.56 -40.36
N LEU RA 144 -106.09 7.32 -40.93
CA LEU RA 144 -106.46 8.60 -40.34
C LEU RA 144 -107.10 8.42 -38.98
N LEU RA 145 -108.06 7.50 -38.86
CA LEU RA 145 -108.79 7.35 -37.61
C LEU RA 145 -107.91 6.79 -36.50
N GLN RA 146 -106.94 5.94 -36.84
CA GLN RA 146 -106.08 5.36 -35.81
C GLN RA 146 -105.21 6.42 -35.15
N GLU RA 147 -104.39 7.11 -35.96
CA GLU RA 147 -103.46 8.09 -35.42
C GLU RA 147 -104.13 9.33 -34.86
N HIS RA 148 -105.43 9.53 -35.11
CA HIS RA 148 -106.13 10.71 -34.63
C HIS RA 148 -107.06 10.43 -33.45
N PHE RA 149 -107.88 9.38 -33.54
CA PHE RA 149 -108.90 9.14 -32.53
C PHE RA 149 -108.79 7.80 -31.83
N PHE RA 150 -108.44 6.73 -32.56
CA PHE RA 150 -108.46 5.40 -31.98
C PHE RA 150 -107.23 5.13 -31.12
N LEU RA 151 -106.04 5.22 -31.71
CA LEU RA 151 -104.81 4.95 -30.98
C LEU RA 151 -104.59 6.04 -29.93
N ARG RA 152 -104.70 5.67 -28.66
CA ARG RA 152 -104.50 6.59 -27.56
C ARG RA 152 -103.03 6.62 -27.17
N ARG RA 153 -102.52 7.81 -26.88
CA ARG RA 153 -101.11 7.99 -26.54
C ARG RA 153 -100.97 8.40 -25.07
N LYS RA 154 -99.73 8.55 -24.63
CA LYS RA 154 -99.45 9.04 -23.29
C LYS RA 154 -99.92 10.48 -23.16
N LYS RA 155 -100.26 10.87 -21.92
CA LYS RA 155 -100.81 12.20 -21.66
C LYS RA 155 -99.86 13.28 -22.18
N ARG RA 156 -100.41 14.25 -22.89
CA ARG RA 156 -99.65 15.35 -23.47
C ARG RA 156 -99.93 16.59 -22.64
N ALA RA 157 -98.93 17.00 -21.84
CA ALA RA 157 -99.10 18.16 -20.97
C ALA RA 157 -99.37 19.46 -21.74
N PRO RA 158 -98.65 19.80 -22.81
CA PRO RA 158 -98.98 21.05 -23.53
C PRO RA 158 -100.37 21.05 -24.14
N VAL RA 159 -100.87 19.88 -24.56
CA VAL RA 159 -102.18 19.72 -25.21
C VAL RA 159 -102.21 20.51 -26.52
N ILE RA 160 -101.05 21.04 -26.93
CA ILE RA 160 -100.97 21.74 -28.21
C ILE RA 160 -101.17 20.80 -29.38
N GLN RA 161 -100.93 19.50 -29.19
CA GLN RA 161 -101.14 18.47 -30.20
C GLN RA 161 -100.32 18.77 -31.46
N ASP RA 162 -99.00 18.71 -31.28
CA ASP RA 162 -98.08 18.93 -32.39
C ASP RA 162 -98.38 17.97 -33.53
N ARG RA 163 -98.46 18.50 -34.74
CA ARG RA 163 -98.77 17.69 -35.90
C ARG RA 163 -97.58 16.84 -36.35
N GLU RA 164 -96.36 17.20 -35.94
CA GLU RA 164 -95.21 16.38 -36.29
C GLU RA 164 -95.29 15.01 -35.63
N ALA RA 165 -95.74 14.95 -34.38
CA ALA RA 165 -95.86 13.68 -33.67
C ALA RA 165 -97.10 12.90 -34.07
N ILE RA 166 -98.05 13.50 -34.77
CA ILE RA 166 -99.26 12.82 -35.20
C ILE RA 166 -99.19 12.40 -36.66
N ALA RA 167 -98.71 13.28 -37.53
CA ALA RA 167 -98.65 12.96 -38.95
C ALA RA 167 -97.54 11.99 -39.30
N SER RA 168 -96.46 11.96 -38.53
CA SER RA 168 -95.36 11.06 -38.83
C SER RA 168 -95.76 9.59 -38.78
N PRO RA 169 -96.41 9.08 -37.73
CA PRO RA 169 -96.88 7.69 -37.79
C PRO RA 169 -97.94 7.46 -38.84
N PHE RA 170 -98.73 8.49 -39.19
CA PHE RA 170 -99.75 8.32 -40.22
C PHE RA 170 -99.13 8.02 -41.58
N LEU RA 171 -98.04 8.72 -41.92
CA LEU RA 171 -97.38 8.47 -43.20
C LEU RA 171 -96.79 7.06 -43.26
N ASP RA 172 -96.28 6.56 -42.14
CA ASP RA 172 -95.72 5.22 -42.11
C ASP RA 172 -96.78 4.17 -42.44
N GLN RA 173 -97.99 4.32 -41.89
CA GLN RA 173 -99.05 3.37 -42.17
C GLN RA 173 -99.64 3.57 -43.57
N LEU RA 174 -99.78 4.82 -44.00
CA LEU RA 174 -100.39 5.07 -45.30
C LEU RA 174 -99.55 4.49 -46.43
N VAL RA 175 -98.24 4.67 -46.36
CA VAL RA 175 -97.37 4.09 -47.39
C VAL RA 175 -97.43 2.56 -47.32
N ALA RA 176 -97.37 1.99 -46.12
CA ALA RA 176 -97.42 0.54 -45.97
C ALA RA 176 -98.77 -0.02 -46.42
N SER RA 177 -99.86 0.67 -46.08
CA SER RA 177 -101.18 0.17 -46.44
C SER RA 177 -101.38 0.17 -47.95
N LEU RA 178 -100.96 1.24 -48.63
CA LEU RA 178 -101.14 1.31 -50.07
C LEU RA 178 -100.18 0.42 -50.83
N THR RA 179 -98.94 0.29 -50.35
CA THR RA 179 -97.98 -0.57 -51.04
C THR RA 179 -98.44 -2.02 -51.02
N GLY RA 180 -98.94 -2.50 -49.87
CA GLY RA 180 -99.45 -3.84 -49.81
C GLY RA 180 -100.70 -4.04 -50.65
N LEU RA 181 -101.64 -3.09 -50.58
CA LEU RA 181 -102.90 -3.21 -51.32
C LEU RA 181 -102.66 -3.18 -52.82
N LEU RA 182 -101.78 -2.29 -53.29
CA LEU RA 182 -101.51 -2.15 -54.72
C LEU RA 182 -100.47 -3.14 -55.22
N SER RA 183 -99.90 -3.97 -54.34
CA SER RA 183 -98.93 -4.96 -54.80
C SER RA 183 -99.57 -5.99 -55.71
N VAL RA 184 -100.86 -6.30 -55.51
CA VAL RA 184 -101.54 -7.26 -56.37
C VAL RA 184 -101.67 -6.72 -57.79
N HIS RA 185 -101.87 -5.42 -57.94
CA HIS RA 185 -101.98 -4.81 -59.26
C HIS RA 185 -100.62 -4.44 -59.84
N ASN RA 186 -99.67 -4.08 -58.99
CA ASN RA 186 -98.32 -3.72 -59.43
C ASN RA 186 -97.33 -4.71 -58.81
N PRO RA 187 -96.85 -5.70 -59.57
CA PRO RA 187 -95.89 -6.66 -59.00
C PRO RA 187 -94.55 -6.04 -58.67
N VAL RA 188 -94.23 -4.86 -59.20
CA VAL RA 188 -92.93 -4.26 -58.94
C VAL RA 188 -92.80 -3.85 -57.48
N LEU RA 189 -93.89 -3.34 -56.88
CA LEU RA 189 -93.83 -2.92 -55.49
C LEU RA 189 -93.54 -4.08 -54.55
N ALA RA 190 -93.84 -5.31 -54.98
CA ALA RA 190 -93.54 -6.47 -54.14
C ALA RA 190 -92.04 -6.63 -53.94
N ALA RA 191 -91.26 -6.41 -54.99
CA ALA RA 191 -89.81 -6.55 -54.92
C ALA RA 191 -89.09 -5.29 -54.49
N ALA RA 192 -89.82 -4.19 -54.27
CA ALA RA 192 -89.19 -2.94 -53.87
C ALA RA 192 -88.87 -2.96 -52.38
N ALA RA 193 -87.97 -2.05 -51.99
CA ALA RA 193 -87.55 -1.91 -50.60
C ALA RA 193 -88.06 -0.59 -50.04
N LEU RA 194 -88.56 -0.64 -48.82
CA LEU RA 194 -89.11 0.54 -48.14
C LEU RA 194 -88.10 1.07 -47.14
N ASP RA 195 -87.74 2.35 -47.28
CA ASP RA 195 -86.82 3.02 -46.39
C ASP RA 195 -87.56 4.08 -45.60
N CYS RA 196 -87.41 4.05 -44.27
CA CYS RA 196 -88.07 4.99 -43.38
C CYS RA 196 -87.02 5.89 -42.75
N LYS RA 197 -87.03 7.18 -43.12
CA LYS RA 197 -86.10 8.18 -42.60
C LYS RA 197 -84.65 7.73 -42.82
N ARG RA 198 -84.29 7.60 -44.09
CA ARG RA 198 -82.93 7.23 -44.48
C ARG RA 198 -82.27 8.41 -45.20
N PRO RA 199 -81.10 8.84 -44.76
CA PRO RA 199 -80.53 10.07 -45.30
C PRO RA 199 -80.18 9.96 -46.78
N VAL RA 200 -80.30 11.09 -47.47
CA VAL RA 200 -79.95 11.23 -48.88
C VAL RA 200 -79.00 12.41 -49.02
N HIS RA 201 -77.88 12.20 -49.69
CA HIS RA 201 -76.86 13.23 -49.83
C HIS RA 201 -76.52 13.41 -51.31
N PHE RA 202 -76.15 14.63 -51.67
CA PHE RA 202 -75.69 14.93 -53.02
C PHE RA 202 -74.77 16.13 -52.97
N PHE RA 203 -73.87 16.21 -53.95
CA PHE RA 203 -72.84 17.24 -53.98
C PHE RA 203 -72.53 17.57 -55.43
N TRP RA 204 -72.51 18.86 -55.76
CA TRP RA 204 -72.25 19.28 -57.13
C TRP RA 204 -71.70 20.70 -57.14
N LEU RA 205 -71.14 21.08 -58.27
CA LEU RA 205 -70.61 22.41 -58.50
C LEU RA 205 -71.51 23.16 -59.47
N ARG RA 206 -71.61 24.48 -59.27
CA ARG RA 206 -72.46 25.30 -60.12
C ARG RA 206 -71.85 26.69 -60.23
N GLY RA 207 -71.51 27.08 -61.45
CA GLY RA 207 -70.99 28.42 -61.69
C GLY RA 207 -69.58 28.61 -61.16
N GLU RA 208 -69.19 29.88 -61.11
CA GLU RA 208 -67.88 30.28 -60.63
C GLU RA 208 -68.01 31.52 -59.75
N GLU RA 209 -66.94 31.83 -59.03
CA GLU RA 209 -66.93 32.95 -58.11
C GLU RA 209 -65.50 33.44 -57.95
N ILE RA 210 -65.34 34.75 -57.79
CA ILE RA 210 -64.06 35.36 -57.46
C ILE RA 210 -64.07 35.69 -55.97
N ILE RA 211 -63.09 35.19 -55.24
CA ILE RA 211 -63.05 35.30 -53.79
C ILE RA 211 -62.87 36.77 -53.40
N PRO RA 212 -63.79 37.35 -52.63
CA PRO RA 212 -63.65 38.78 -52.29
C PRO RA 212 -62.59 39.05 -51.24
N ARG RA 213 -62.53 38.25 -50.19
CA ARG RA 213 -61.69 38.54 -49.04
C ARG RA 213 -60.80 37.34 -48.72
N GLY RA 214 -59.67 37.63 -48.08
CA GLY RA 214 -58.68 36.64 -47.73
C GLY RA 214 -57.42 36.79 -48.55
N HIS RA 215 -56.46 35.91 -48.27
CA HIS RA 215 -55.21 35.92 -49.03
C HIS RA 215 -55.40 35.35 -50.43
N ARG RA 216 -56.49 34.63 -50.69
CA ARG RA 216 -56.82 34.17 -52.03
C ARG RA 216 -57.74 35.16 -52.74
N LYS RA 217 -57.33 36.43 -52.77
CA LYS RA 217 -58.16 37.49 -53.33
C LYS RA 217 -57.93 37.60 -54.83
N GLY RA 218 -59.03 37.62 -55.59
CA GLY RA 218 -58.96 37.75 -57.02
C GLY RA 218 -58.85 36.45 -57.79
N ARG RA 219 -58.66 35.33 -57.11
CA ARG RA 219 -58.54 34.04 -57.79
C ARG RA 219 -59.92 33.42 -57.97
N VAL RA 220 -60.07 32.67 -59.07
CA VAL RA 220 -61.35 32.08 -59.43
C VAL RA 220 -61.54 30.77 -58.67
N ASP RA 221 -62.65 30.65 -57.97
CA ASP RA 221 -62.99 29.44 -57.24
C ASP RA 221 -64.45 29.10 -57.50
N ALA RA 222 -64.71 27.83 -57.82
CA ALA RA 222 -66.06 27.40 -58.14
C ALA RA 222 -66.92 27.35 -56.88
N LEU RA 223 -68.23 27.44 -57.09
CA LEU RA 223 -69.20 27.36 -56.01
C LEU RA 223 -69.64 25.92 -55.83
N ARG RA 224 -69.60 25.42 -54.60
CA ARG RA 224 -69.96 24.06 -54.28
C ARG RA 224 -71.20 24.04 -53.38
N TYR RA 225 -72.06 23.06 -53.61
CA TYR RA 225 -73.32 22.95 -52.89
C TYR RA 225 -73.46 21.55 -52.31
N GLN RA 226 -74.23 21.45 -51.23
CA GLN RA 226 -74.48 20.18 -50.55
C GLN RA 226 -75.93 20.12 -50.11
N ILE RA 227 -76.56 18.96 -50.28
CA ILE RA 227 -77.93 18.73 -49.87
C ILE RA 227 -77.94 17.53 -48.92
N ASN RA 228 -78.39 17.76 -47.69
CA ASN RA 228 -78.53 16.71 -46.69
C ASN RA 228 -80.01 16.56 -46.38
N ASP RA 229 -80.66 15.63 -47.07
CA ASP RA 229 -82.11 15.43 -46.96
C ASP RA 229 -82.39 14.10 -46.26
N LYS RA 230 -83.50 14.08 -45.52
CA LYS RA 230 -83.95 12.90 -44.79
C LYS RA 230 -85.40 12.63 -45.14
N PRO RA 231 -85.66 12.00 -46.30
CA PRO RA 231 -87.04 11.73 -46.70
C PRO RA 231 -87.75 10.82 -45.71
N HIS RA 232 -89.04 11.08 -45.50
CA HIS RA 232 -89.81 10.29 -44.55
C HIS RA 232 -89.96 8.85 -45.01
N ASN RA 233 -90.21 8.64 -46.30
CA ASN RA 233 -90.36 7.31 -46.87
C ASN RA 233 -89.72 7.28 -48.25
N GLN RA 234 -89.25 6.09 -48.63
CA GLN RA 234 -88.64 5.89 -49.93
C GLN RA 234 -89.03 4.52 -50.48
N ILE RA 235 -89.12 4.44 -51.80
CA ILE RA 235 -89.37 3.19 -52.50
C ILE RA 235 -88.32 3.07 -53.59
N ARG RA 236 -87.52 2.00 -53.54
CA ARG RA 236 -86.42 1.80 -54.46
C ARG RA 236 -86.65 0.53 -55.29
N ILE RA 237 -86.39 0.63 -56.59
CA ILE RA 237 -86.68 -0.42 -57.55
C ILE RA 237 -85.40 -0.77 -58.29
N SER RA 238 -85.21 -2.06 -58.57
CA SER RA 238 -84.04 -2.50 -59.33
C SER RA 238 -84.04 -2.00 -60.77
N ARG RA 239 -85.19 -1.62 -61.30
CA ARG RA 239 -85.32 -1.17 -62.68
C ARG RA 239 -85.77 0.29 -62.71
N GLN RA 240 -85.18 1.06 -63.62
CA GLN RA 240 -85.47 2.49 -63.70
C GLN RA 240 -86.87 2.74 -64.26
N LEU RA 241 -87.52 3.78 -63.74
CA LEU RA 241 -88.82 4.16 -64.25
C LEU RA 241 -88.69 4.78 -65.64
N PRO RA 242 -89.74 4.69 -66.46
CA PRO RA 242 -89.67 5.28 -67.80
C PRO RA 242 -89.62 6.80 -67.75
N GLU RA 243 -89.04 7.37 -68.81
CA GLU RA 243 -88.95 8.82 -68.92
C GLU RA 243 -90.31 9.42 -69.26
N PHE RA 244 -90.50 10.68 -68.87
CA PHE RA 244 -91.73 11.40 -69.18
C PHE RA 244 -91.63 12.16 -70.49
N VAL RA 245 -90.51 12.82 -70.73
CA VAL RA 245 -90.27 13.56 -71.97
C VAL RA 245 -88.91 13.14 -72.53
N PRO RA 246 -88.69 13.31 -73.83
CA PRO RA 246 -87.40 12.96 -74.40
C PRO RA 246 -86.26 13.78 -73.80
N LEU RA 247 -85.05 13.26 -73.95
CA LEU RA 247 -83.88 13.88 -73.32
C LEU RA 247 -83.68 15.31 -73.82
N ASP RA 248 -83.79 15.52 -75.12
CA ASP RA 248 -83.64 16.86 -75.70
C ASP RA 248 -85.03 17.47 -75.85
N TYR RA 249 -85.58 17.90 -74.72
CA TYR RA 249 -86.88 18.54 -74.66
C TYR RA 249 -86.69 20.05 -74.56
N SER RA 250 -87.15 20.77 -75.59
CA SER RA 250 -87.00 22.22 -75.65
C SER RA 250 -88.25 22.87 -75.07
N ILE RA 251 -88.07 23.65 -74.00
CA ILE RA 251 -89.17 24.34 -73.33
C ILE RA 251 -88.97 25.83 -73.53
N PRO RA 252 -90.02 26.59 -73.89
CA PRO RA 252 -89.83 28.03 -74.12
C PRO RA 252 -89.32 28.80 -72.92
N ILE RA 253 -89.74 28.44 -71.71
CA ILE RA 253 -89.34 29.21 -70.53
C ILE RA 253 -87.87 28.93 -70.21
N GLU RA 254 -87.26 29.87 -69.50
CA GLU RA 254 -85.84 29.80 -69.16
C GLU RA 254 -85.66 29.71 -67.65
N VAL RA 255 -84.51 29.21 -67.25
CA VAL RA 255 -84.17 29.13 -65.83
C VAL RA 255 -83.97 30.55 -65.29
N PRO RA 256 -84.65 30.93 -64.20
CA PRO RA 256 -84.44 32.26 -63.64
C PRO RA 256 -83.01 32.45 -63.16
N VAL RA 257 -82.50 33.67 -63.33
CA VAL RA 257 -81.13 34.00 -62.96
C VAL RA 257 -81.18 35.09 -61.90
N MET RA 258 -80.59 34.81 -60.75
CA MET RA 258 -80.55 35.78 -59.66
C MET RA 258 -79.46 36.81 -59.90
N SER RA 259 -79.58 37.94 -59.22
CA SER RA 259 -78.62 39.04 -59.31
C SER RA 259 -77.99 39.34 -57.96
N CYS RA 260 -77.92 38.34 -57.09
CA CYS RA 260 -77.37 38.51 -55.75
C CYS RA 260 -76.58 37.27 -55.37
N LYS RA 261 -75.69 37.43 -54.39
CA LYS RA 261 -74.96 36.29 -53.87
C LYS RA 261 -75.91 35.33 -53.16
N PRO RA 262 -75.58 34.04 -53.14
CA PRO RA 262 -76.43 33.09 -52.41
C PRO RA 262 -76.52 33.36 -50.91
N ASP RA 263 -75.60 34.15 -50.36
CA ASP RA 263 -75.62 34.47 -48.94
C ASP RA 263 -76.85 35.28 -48.55
N LYS RA 264 -77.54 35.89 -49.52
CA LYS RA 264 -78.72 36.69 -49.23
C LYS RA 264 -80.00 35.85 -49.18
N LEU RA 265 -79.91 34.55 -49.43
CA LEU RA 265 -81.10 33.70 -49.41
C LEU RA 265 -81.79 33.66 -48.04
N PRO RA 266 -81.09 33.50 -46.90
CA PRO RA 266 -79.65 33.33 -46.67
C PRO RA 266 -79.14 31.90 -46.81
N LEU RA 267 -77.87 31.74 -47.16
CA LEU RA 267 -77.17 30.47 -47.15
C LEU RA 267 -75.82 30.66 -46.49
N PHE RA 268 -75.42 29.69 -45.67
CA PHE RA 268 -74.18 29.79 -44.90
C PHE RA 268 -73.22 28.68 -45.33
N LYS RA 269 -71.98 29.08 -45.60
CA LYS RA 269 -70.97 28.11 -45.99
C LYS RA 269 -70.54 27.25 -44.81
N ARG RA 270 -70.18 26.01 -45.10
CA ARG RA 270 -69.70 25.08 -44.09
C ARG RA 270 -68.80 24.06 -44.77
N GLN RA 271 -67.95 23.42 -43.97
CA GLN RA 271 -67.00 22.44 -44.49
C GLN RA 271 -67.09 21.15 -43.69
N TYR RA 272 -67.46 20.07 -44.37
CA TYR RA 272 -67.46 18.73 -43.79
C TYR RA 272 -67.34 17.73 -44.93
N GLU RA 273 -67.61 16.46 -44.65
CA GLU RA 273 -67.42 15.42 -45.65
C GLU RA 273 -68.39 15.61 -46.82
N ASN RA 274 -67.88 15.40 -48.03
CA ASN RA 274 -68.70 15.45 -49.23
C ASN RA 274 -69.18 14.03 -49.52
N THR RA 275 -70.49 13.81 -49.43
CA THR RA 275 -71.07 12.49 -49.56
C THR RA 275 -72.11 12.46 -50.68
N ILE RA 276 -72.07 11.39 -51.47
CA ILE RA 276 -73.07 11.13 -52.49
C ILE RA 276 -73.76 9.83 -52.09
N PHE RA 277 -75.04 9.92 -51.73
CA PHE RA 277 -75.76 8.79 -51.16
C PHE RA 277 -77.13 8.67 -51.81
N ILE RA 278 -77.59 7.43 -51.93
CA ILE RA 278 -78.88 7.11 -52.54
C ILE RA 278 -79.86 6.52 -51.55
N GLY RA 279 -79.49 6.40 -50.29
CA GLY RA 279 -80.22 5.62 -49.31
C GLY RA 279 -79.59 4.29 -48.99
N SER RA 280 -78.64 3.85 -49.82
CA SER RA 280 -77.89 2.62 -49.59
C SER RA 280 -76.53 2.78 -50.28
N LYS RA 281 -75.58 1.93 -49.87
CA LYS RA 281 -74.28 1.97 -50.51
C LYS RA 281 -74.37 1.48 -51.95
N THR RA 282 -73.25 1.58 -52.66
CA THR RA 282 -73.24 1.21 -54.07
C THR RA 282 -73.47 -0.29 -54.26
N ALA RA 283 -73.05 -1.10 -53.30
CA ALA RA 283 -73.20 -2.55 -53.43
C ALA RA 283 -74.65 -2.99 -53.44
N ASP RA 284 -75.57 -2.14 -53.02
CA ASP RA 284 -76.99 -2.50 -53.03
C ASP RA 284 -77.47 -2.65 -54.45
N PRO RA 285 -78.11 -3.77 -54.81
CA PRO RA 285 -78.57 -3.94 -56.19
C PRO RA 285 -79.70 -3.01 -56.59
N LEU RA 286 -80.40 -2.41 -55.63
CA LEU RA 286 -81.53 -1.51 -55.93
C LEU RA 286 -80.97 -0.10 -56.09
N CYS RA 287 -80.56 0.23 -57.32
CA CYS RA 287 -79.90 1.49 -57.61
C CYS RA 287 -80.83 2.57 -58.15
N TYR RA 288 -82.14 2.32 -58.21
CA TYR RA 288 -83.09 3.28 -58.74
C TYR RA 288 -84.20 3.53 -57.72
N GLY RA 289 -84.94 4.60 -57.94
CA GLY RA 289 -85.99 4.99 -57.02
C GLY RA 289 -87.34 5.15 -57.69
N HIS RA 290 -88.41 5.09 -56.88
CA HIS RA 290 -89.77 5.13 -57.40
C HIS RA 290 -90.52 6.38 -56.95
N THR RA 291 -90.63 6.60 -55.64
CA THR RA 291 -91.38 7.74 -55.11
C THR RA 291 -90.70 8.23 -53.84
N GLN RA 292 -91.11 9.41 -53.40
CA GLN RA 292 -90.66 9.97 -52.13
C GLN RA 292 -91.85 10.53 -51.37
N PHE RA 293 -91.77 10.46 -50.04
CA PHE RA 293 -92.78 11.04 -49.16
C PHE RA 293 -92.07 11.98 -48.19
N HIS RA 294 -92.52 13.22 -48.14
CA HIS RA 294 -91.95 14.23 -47.26
C HIS RA 294 -93.03 14.80 -46.36
N LEU RA 295 -92.67 15.04 -45.10
CA LEU RA 295 -93.56 15.66 -44.13
C LEU RA 295 -92.95 16.99 -43.69
N LEU RA 296 -93.69 18.07 -43.88
CA LEU RA 296 -93.20 19.37 -43.47
C LEU RA 296 -93.09 19.45 -41.95
N PRO RA 297 -92.09 20.12 -41.42
CA PRO RA 297 -91.91 20.20 -39.97
C PRO RA 297 -92.94 21.14 -39.34
N ASP RA 298 -92.80 21.34 -38.03
CA ASP RA 298 -93.72 22.20 -37.30
C ASP RA 298 -93.56 23.66 -37.71
N LYS RA 299 -92.34 24.09 -38.00
CA LYS RA 299 -92.09 25.50 -38.29
C LYS RA 299 -92.69 25.96 -39.60
N LEU RA 300 -93.07 25.04 -40.48
CA LEU RA 300 -93.58 25.38 -41.80
C LEU RA 300 -95.06 25.07 -41.97
N LYS RA 301 -95.82 25.12 -40.87
CA LYS RA 301 -97.26 24.89 -40.96
C LYS RA 301 -97.96 26.05 -41.66
N ARG RA 302 -99.17 25.78 -42.15
CA ARG RA 302 -99.96 26.84 -42.76
C ARG RA 302 -100.34 27.91 -41.75
N GLU RA 303 -100.67 27.50 -40.51
CA GLU RA 303 -101.05 28.47 -39.50
C GLU RA 303 -99.90 29.39 -39.13
N LYS RA 304 -98.68 28.85 -39.06
CA LYS RA 304 -97.52 29.68 -38.74
C LYS RA 304 -97.28 30.74 -39.81
N LEU RA 305 -97.44 30.38 -41.08
CA LEU RA 305 -97.21 31.33 -42.16
C LEU RA 305 -98.23 32.46 -42.14
N LEU RA 306 -99.49 32.15 -41.82
CA LEU RA 306 -100.52 33.19 -41.76
C LEU RA 306 -100.21 34.21 -40.67
N LYS RA 307 -99.73 33.75 -39.51
CA LYS RA 307 -99.39 34.68 -38.44
C LYS RA 307 -98.22 35.57 -38.84
N GLN RA 308 -97.24 35.02 -39.55
CA GLN RA 308 -96.09 35.80 -40.01
C GLN RA 308 -96.41 36.66 -41.22
N ASN RA 309 -97.69 36.79 -41.60
CA ASN RA 309 -98.12 37.57 -42.76
C ASN RA 309 -97.43 37.07 -44.03
N CYS RA 310 -97.69 35.80 -44.35
CA CYS RA 310 -97.10 35.15 -45.52
C CYS RA 310 -98.20 34.36 -46.22
N ALA RA 311 -98.71 34.90 -47.32
CA ALA RA 311 -99.80 34.25 -48.05
C ALA RA 311 -99.24 33.36 -49.18
N ASP RA 312 -98.47 33.96 -50.09
CA ASP RA 312 -97.91 33.22 -51.21
C ASP RA 312 -96.83 32.24 -50.78
N GLN RA 313 -96.35 32.32 -49.54
CA GLN RA 313 -95.30 31.42 -49.07
C GLN RA 313 -95.80 30.00 -48.89
N ILE RA 314 -97.11 29.78 -48.88
CA ILE RA 314 -97.65 28.43 -48.68
C ILE RA 314 -97.21 27.51 -49.81
N GLU RA 315 -97.33 27.98 -51.06
CA GLU RA 315 -96.93 27.17 -52.19
C GLU RA 315 -95.42 27.13 -52.37
N VAL RA 316 -94.71 28.17 -51.92
CA VAL RA 316 -93.26 28.21 -52.09
C VAL RA 316 -92.59 27.09 -51.32
N VAL RA 317 -93.07 26.80 -50.11
CA VAL RA 317 -92.47 25.76 -49.29
C VAL RA 317 -92.61 24.40 -49.98
N PHE RA 318 -93.79 24.12 -50.56
CA PHE RA 318 -93.98 22.86 -51.27
C PHE RA 318 -93.04 22.77 -52.48
N ARG RA 319 -92.95 23.84 -53.26
CA ARG RA 319 -92.10 23.81 -54.44
C ARG RA 319 -90.62 23.70 -54.07
N ALA RA 320 -90.19 24.44 -53.05
CA ALA RA 320 -88.79 24.41 -52.66
C ALA RA 320 -88.39 23.03 -52.13
N ASN RA 321 -89.28 22.39 -51.38
CA ASN RA 321 -88.98 21.07 -50.85
C ASN RA 321 -88.82 20.04 -51.96
N ALA RA 322 -89.73 20.06 -52.94
CA ALA RA 322 -89.70 19.05 -53.99
C ALA RA 322 -88.49 19.21 -54.90
N ILE RA 323 -88.17 20.44 -55.29
CA ILE RA 323 -87.08 20.67 -56.25
C ILE RA 323 -85.75 20.22 -55.66
N ALA RA 324 -85.49 20.61 -54.40
CA ALA RA 324 -84.22 20.26 -53.79
C ALA RA 324 -84.13 18.77 -53.48
N SER RA 325 -85.20 18.19 -52.97
CA SER RA 325 -85.16 16.78 -52.57
C SER RA 325 -85.05 15.86 -53.77
N LEU RA 326 -85.89 16.08 -54.79
CA LEU RA 326 -85.91 15.17 -55.93
C LEU RA 326 -84.63 15.26 -56.74
N PHE RA 327 -84.06 16.46 -56.86
CA PHE RA 327 -82.82 16.61 -57.60
C PHE RA 327 -81.68 15.83 -56.96
N ALA RA 328 -81.60 15.87 -55.62
CA ALA RA 328 -80.57 15.11 -54.93
C ALA RA 328 -80.74 13.62 -55.16
N TRP RA 329 -81.99 13.14 -55.15
CA TRP RA 329 -82.24 11.72 -55.40
C TRP RA 329 -81.89 11.35 -56.83
N THR RA 330 -82.39 12.12 -57.80
CA THR RA 330 -82.12 11.81 -59.20
C THR RA 330 -80.64 11.99 -59.53
N GLY RA 331 -80.01 13.02 -58.98
CA GLY RA 331 -78.59 13.21 -59.23
C GLY RA 331 -77.74 12.09 -58.66
N ALA RA 332 -78.10 11.61 -57.46
CA ALA RA 332 -77.36 10.52 -56.85
C ALA RA 332 -77.49 9.23 -57.67
N GLN RA 333 -78.66 9.00 -58.25
CA GLN RA 333 -78.85 7.82 -59.09
C GLN RA 333 -77.91 7.84 -60.29
N ALA RA 334 -77.76 9.02 -60.92
CA ALA RA 334 -76.90 9.13 -62.08
C ALA RA 334 -75.44 8.87 -61.72
N MET RA 335 -74.97 9.42 -60.61
CA MET RA 335 -73.56 9.26 -60.24
C MET RA 335 -73.25 7.86 -59.73
N TYR RA 336 -74.26 7.12 -59.27
CA TYR RA 336 -74.03 5.72 -58.93
C TYR RA 336 -73.86 4.85 -60.17
N GLN RA 337 -74.34 5.30 -61.32
CA GLN RA 337 -74.17 4.59 -62.57
C GLN RA 337 -72.91 5.00 -63.33
N GLY RA 338 -72.11 5.90 -62.76
CA GLY RA 338 -70.88 6.35 -63.37
C GLY RA 338 -70.99 7.68 -64.09
N PHE RA 339 -72.19 8.14 -64.39
CA PHE RA 339 -72.36 9.44 -65.06
C PHE RA 339 -71.96 10.56 -64.12
N TRP RA 340 -71.22 11.52 -64.66
CA TRP RA 340 -70.74 12.65 -63.87
C TRP RA 340 -70.64 13.87 -64.80
N SER RA 341 -69.90 14.89 -64.35
CA SER RA 341 -69.91 16.17 -65.05
C SER RA 341 -69.37 16.04 -66.47
N GLU RA 342 -68.27 15.29 -66.65
CA GLU RA 342 -67.67 15.16 -67.97
C GLU RA 342 -68.32 14.08 -68.83
N ALA RA 343 -69.16 13.22 -68.25
CA ALA RA 343 -69.84 12.19 -69.01
C ALA RA 343 -71.30 12.51 -69.29
N ASP RA 344 -71.83 13.55 -68.66
CA ASP RA 344 -73.22 14.00 -68.85
C ASP RA 344 -74.16 12.84 -68.51
N VAL RA 345 -75.34 12.81 -69.11
CA VAL RA 345 -76.35 11.79 -68.85
C VAL RA 345 -76.91 11.30 -70.18
N THR RA 346 -76.93 9.99 -70.38
CA THR RA 346 -77.43 9.40 -71.61
C THR RA 346 -78.94 9.18 -71.57
N ARG RA 347 -79.45 8.60 -70.48
CA ARG RA 347 -80.86 8.32 -70.33
C ARG RA 347 -81.44 9.14 -69.19
N PRO RA 348 -82.53 9.86 -69.41
CA PRO RA 348 -83.08 10.70 -68.33
C PRO RA 348 -83.49 9.88 -67.12
N PHE RA 349 -83.24 10.44 -65.94
CA PHE RA 349 -83.61 9.81 -64.68
C PHE RA 349 -84.86 10.49 -64.13
N VAL RA 350 -85.86 9.69 -63.77
CA VAL RA 350 -87.15 10.18 -63.35
C VAL RA 350 -87.45 9.66 -61.96
N SER RA 351 -87.86 10.55 -61.06
CA SER RA 351 -88.31 10.17 -59.73
C SER RA 351 -89.54 11.00 -59.37
N GLN RA 352 -90.36 10.47 -58.49
CA GLN RA 352 -91.62 11.08 -58.12
C GLN RA 352 -91.61 11.46 -56.65
N GLY RA 353 -92.34 12.50 -56.31
CA GLY RA 353 -92.41 12.98 -54.94
C GLY RA 353 -93.83 13.34 -54.54
N VAL RA 354 -94.11 13.16 -53.25
CA VAL RA 354 -95.41 13.51 -52.67
C VAL RA 354 -95.12 14.30 -51.40
N ILE RA 355 -95.19 15.63 -51.50
CA ILE RA 355 -94.96 16.50 -50.37
C ILE RA 355 -96.27 16.73 -49.64
N THR RA 356 -96.29 16.46 -48.34
CA THR RA 356 -97.51 16.59 -47.55
C THR RA 356 -97.16 17.12 -46.16
N ASP RA 357 -98.13 17.80 -45.55
CA ASP RA 357 -97.96 18.32 -44.20
C ASP RA 357 -98.82 17.61 -43.16
N GLY RA 358 -99.72 16.72 -43.59
CA GLY RA 358 -100.59 16.01 -42.67
C GLY RA 358 -102.03 16.04 -43.12
N LYS RA 359 -102.42 17.14 -43.77
CA LYS RA 359 -103.78 17.29 -44.27
C LYS RA 359 -103.79 17.70 -45.74
N TYR RA 360 -102.81 18.47 -46.17
CA TYR RA 360 -102.72 18.93 -47.55
C TYR RA 360 -101.60 18.20 -48.28
N PHE RA 361 -101.91 17.67 -49.46
CA PHE RA 361 -100.98 16.87 -50.23
C PHE RA 361 -100.65 17.56 -51.55
N SER RA 362 -99.39 17.48 -51.95
CA SER RA 362 -98.91 18.01 -53.21
C SER RA 362 -98.10 16.94 -53.92
N PHE RA 363 -98.20 16.93 -55.25
CA PHE RA 363 -97.57 15.92 -56.08
C PHE RA 363 -96.62 16.56 -57.08
N PHE RA 364 -95.45 15.96 -57.23
CA PHE RA 364 -94.41 16.50 -58.10
C PHE RA 364 -93.75 15.37 -58.88
N CYS RA 365 -93.25 15.71 -60.06
CA CYS RA 365 -92.49 14.79 -60.89
C CYS RA 365 -91.24 15.49 -61.38
N TYR RA 366 -90.09 14.84 -61.25
CA TYR RA 366 -88.81 15.44 -61.60
C TYR RA 366 -88.08 14.55 -62.59
N GLN RA 367 -87.56 15.16 -63.65
CA GLN RA 367 -86.75 14.47 -64.63
C GLN RA 367 -85.41 15.17 -64.75
N LEU RA 368 -84.33 14.40 -64.64
CA LEU RA 368 -82.98 14.95 -64.66
C LEU RA 368 -82.35 14.67 -66.02
N ASN RA 369 -82.10 15.74 -66.79
CA ASN RA 369 -81.43 15.63 -68.07
C ASN RA 369 -80.00 16.14 -68.06
N THR RA 370 -79.65 17.01 -67.13
CA THR RA 370 -78.35 17.66 -67.10
C THR RA 370 -77.58 17.24 -65.85
N LEU RA 371 -76.31 16.93 -66.01
CA LEU RA 371 -75.41 16.73 -64.88
C LEU RA 371 -74.14 17.55 -64.96
N ALA RA 372 -73.82 18.13 -66.12
CA ALA RA 372 -72.64 18.99 -66.29
C ALA RA 372 -73.01 20.42 -65.91
N LEU RA 373 -73.16 20.64 -64.61
CA LEU RA 373 -73.48 21.96 -64.09
C LEU RA 373 -72.24 22.80 -63.79
N THR RA 374 -71.05 22.26 -64.03
CA THR RA 374 -69.83 23.02 -63.82
C THR RA 374 -69.74 24.17 -64.82
N ALA RA 375 -69.11 25.27 -64.40
CA ALA RA 375 -69.05 26.46 -65.23
C ALA RA 375 -68.29 26.19 -66.53
N GLN RA 376 -67.18 25.45 -66.45
CA GLN RA 376 -66.40 25.14 -67.64
C GLN RA 376 -67.01 24.04 -68.49
N ALA RA 377 -68.06 23.37 -68.00
CA ALA RA 377 -68.73 22.34 -68.76
C ALA RA 377 -70.16 22.70 -69.17
N ASP RA 378 -70.69 23.81 -68.67
CA ASP RA 378 -72.04 24.25 -69.00
C ASP RA 378 -72.03 25.39 -70.02
N GLN RA 379 -70.92 25.61 -70.71
CA GLN RA 379 -70.84 26.67 -71.70
C GLN RA 379 -71.84 26.45 -72.83
N ASN RA 380 -71.96 25.20 -73.31
CA ASN RA 380 -72.87 24.86 -74.39
C ASN RA 380 -73.62 23.60 -73.99
N ASN RA 381 -74.75 23.78 -73.32
CA ASN RA 381 -75.62 22.66 -72.93
C ASN RA 381 -77.06 23.12 -73.00
N PRO RA 382 -77.70 23.01 -74.17
CA PRO RA 382 -79.08 23.47 -74.31
C PRO RA 382 -80.08 22.70 -73.48
N ARG RA 383 -79.74 21.49 -73.03
CA ARG RA 383 -80.67 20.70 -72.25
C ARG RA 383 -80.90 21.32 -70.89
N LYS RA 384 -82.10 21.09 -70.35
CA LYS RA 384 -82.50 21.65 -69.06
C LYS RA 384 -83.26 20.60 -68.27
N ASN RA 385 -83.27 20.78 -66.95
CA ASN RA 385 -84.01 19.90 -66.06
C ASN RA 385 -85.43 20.44 -65.85
N ILE RA 386 -86.40 19.54 -65.90
CA ILE RA 386 -87.81 19.92 -65.82
C ILE RA 386 -88.41 19.29 -64.56
N CYS RA 387 -89.23 20.06 -63.85
CA CYS RA 387 -89.89 19.60 -62.64
C CYS RA 387 -91.35 20.03 -62.68
N TRP RA 388 -92.23 19.09 -63.03
CA TRP RA 388 -93.66 19.35 -63.01
C TRP RA 388 -94.18 19.36 -61.59
N GLY RA 389 -95.15 20.23 -61.31
CA GLY RA 389 -95.69 20.37 -59.97
C GLY RA 389 -97.20 20.50 -59.99
N THR RA 390 -97.79 20.34 -58.80
CA THR RA 390 -99.23 20.39 -58.63
C THR RA 390 -99.56 21.32 -57.47
N GLN RA 391 -100.69 22.02 -57.59
CA GLN RA 391 -101.16 22.88 -56.52
C GLN RA 391 -101.55 22.05 -55.30
N SER RA 392 -101.32 22.61 -54.12
CA SER RA 392 -101.62 21.91 -52.89
C SER RA 392 -103.13 21.71 -52.73
N LYS RA 393 -103.52 20.50 -52.32
CA LYS RA 393 -104.91 20.14 -52.16
C LYS RA 393 -105.12 19.41 -50.84
N PRO RA 394 -106.23 19.67 -50.15
CA PRO RA 394 -106.51 18.93 -48.92
C PRO RA 394 -106.94 17.50 -49.21
N LEU RA 395 -106.72 16.63 -48.22
CA LEU RA 395 -107.13 15.23 -48.31
C LEU RA 395 -108.42 14.96 -47.52
N TYR RA 396 -108.45 15.31 -46.25
CA TYR RA 396 -109.63 15.14 -45.40
C TYR RA 396 -110.09 16.51 -44.92
N GLU RA 397 -111.09 16.51 -44.04
CA GLU RA 397 -111.66 17.75 -43.55
C GLU RA 397 -112.34 17.50 -42.21
N THR RA 398 -111.95 18.28 -41.20
CA THR RA 398 -112.53 18.27 -39.85
C THR RA 398 -112.91 16.86 -39.37
N ILE RA 399 -111.90 15.99 -39.36
CA ILE RA 399 -112.09 14.64 -38.81
C ILE RA 399 -112.39 14.74 -37.32
N GLU RA 400 -113.46 14.08 -36.89
CA GLU RA 400 -113.86 14.15 -35.49
C GLU RA 400 -114.74 12.94 -35.16
N ASP RA 401 -114.41 12.26 -34.06
CA ASP RA 401 -115.19 11.14 -33.53
C ASP RA 401 -115.36 10.04 -34.58
N ASN RA 402 -114.23 9.43 -34.93
CA ASN RA 402 -114.15 8.29 -35.85
C ASN RA 402 -115.00 8.51 -37.11
N ASN RA 403 -115.16 9.75 -37.53
CA ASN RA 403 -115.95 10.10 -38.71
C ASN RA 403 -115.19 11.14 -39.51
N VAL RA 404 -114.80 10.79 -40.73
CA VAL RA 404 -114.11 11.71 -41.62
C VAL RA 404 -115.18 12.47 -42.40
N LYS RA 405 -115.34 13.76 -42.09
CA LYS RA 405 -116.40 14.55 -42.70
C LYS RA 405 -116.16 14.75 -44.19
N GLY RA 406 -115.08 15.43 -44.54
CA GLY RA 406 -114.74 15.67 -45.93
C GLY RA 406 -113.64 14.73 -46.40
N PHE RA 407 -113.72 14.34 -47.67
CA PHE RA 407 -112.72 13.48 -48.26
C PHE RA 407 -112.65 13.76 -49.76
N ASN RA 408 -111.44 13.84 -50.28
CA ASN RA 408 -111.19 14.10 -51.69
C ASN RA 408 -110.63 12.85 -52.34
N ASP RA 409 -111.39 12.26 -53.26
CA ASP RA 409 -110.93 11.06 -53.96
C ASP RA 409 -109.89 11.39 -55.01
N ASP RA 410 -109.93 12.58 -55.59
CA ASP RA 410 -108.97 12.94 -56.63
C ASP RA 410 -107.54 12.95 -56.08
N VAL RA 411 -107.37 13.42 -54.83
CA VAL RA 411 -106.08 13.32 -54.18
C VAL RA 411 -105.68 11.86 -54.00
N LEU RA 412 -106.64 11.02 -53.56
CA LEU RA 412 -106.37 9.59 -53.44
C LEU RA 412 -106.10 8.97 -54.81
N LEU RA 413 -106.89 9.35 -55.82
CA LEU RA 413 -106.68 8.82 -57.17
C LEU RA 413 -105.32 9.22 -57.70
N GLN RA 414 -104.90 10.46 -57.46
CA GLN RA 414 -103.58 10.90 -57.91
C GLN RA 414 -102.48 10.11 -57.23
N LEU RA 415 -102.63 9.85 -55.93
CA LEU RA 415 -101.63 9.08 -55.21
C LEU RA 415 -101.54 7.65 -55.74
N VAL RA 416 -102.68 7.08 -56.11
CA VAL RA 416 -102.68 5.73 -56.70
C VAL RA 416 -101.93 5.74 -58.03
N GLN RA 417 -102.13 6.78 -58.84
CA GLN RA 417 -101.44 6.86 -60.13
C GLN RA 417 -99.93 6.86 -59.96
N PHE RA 418 -99.43 7.55 -58.93
CA PHE RA 418 -97.99 7.54 -58.68
C PHE RA 418 -97.49 6.14 -58.34
N LEU RA 419 -98.22 5.42 -57.51
CA LEU RA 419 -97.82 4.07 -57.11
C LEU RA 419 -98.06 3.03 -58.18
N LEU RA 420 -98.78 3.37 -59.25
CA LEU RA 420 -99.02 2.46 -60.36
C LEU RA 420 -98.02 2.63 -61.49
N ASN RA 421 -97.05 3.52 -61.35
CA ASN RA 421 -96.01 3.66 -62.36
C ASN RA 421 -95.15 2.41 -62.40
N ARG RA 422 -94.88 1.91 -63.60
CA ARG RA 422 -94.18 0.65 -63.77
C ARG RA 422 -93.03 0.81 -64.77
N PRO RA 423 -91.91 0.15 -64.53
CA PRO RA 423 -90.84 0.12 -65.53
C PRO RA 423 -91.28 -0.64 -66.77
N LYS RA 424 -90.76 -0.22 -67.92
CA LYS RA 424 -91.04 -0.93 -69.16
C LYS RA 424 -90.37 -2.30 -69.15
N GLU RA 425 -91.09 -3.30 -69.63
CA GLU RA 425 -90.60 -4.68 -69.67
C GLU RA 425 -90.19 -5.05 -71.09
N ASP RA 426 -89.22 -5.96 -71.18
CA ASP RA 426 -88.71 -6.41 -72.47
C ASP RA 426 -88.81 -7.92 -72.59
N ALA SA 40 -34.58 10.79 65.41
CA ALA SA 40 -36.02 10.51 65.41
C ALA SA 40 -36.56 10.47 63.98
N SER SA 41 -37.12 9.33 63.60
CA SER SA 41 -37.66 9.17 62.27
C SER SA 41 -38.90 10.05 62.08
N ASP SA 42 -39.08 10.53 60.84
CA ASP SA 42 -40.24 11.36 60.54
C ASP SA 42 -41.52 10.55 60.46
N GLU SA 43 -41.43 9.23 60.24
CA GLU SA 43 -42.63 8.40 60.17
C GLU SA 43 -43.35 8.35 61.50
N LYS SA 44 -42.61 8.17 62.61
CA LYS SA 44 -43.23 8.16 63.92
C LYS SA 44 -43.62 9.57 64.37
N LYS SA 45 -42.92 10.59 63.88
CA LYS SA 45 -43.29 11.96 64.18
C LYS SA 45 -44.68 12.28 63.63
N ASP SA 46 -44.99 11.78 62.43
CA ASP SA 46 -46.34 11.90 61.89
C ASP SA 46 -47.35 11.20 62.79
N ASP SA 47 -46.99 10.02 63.30
CA ASP SA 47 -47.89 9.30 64.20
C ASP SA 47 -48.17 10.10 65.46
N ILE SA 48 -47.13 10.71 66.04
CA ILE SA 48 -47.32 11.56 67.22
C ILE SA 48 -48.17 12.77 66.87
N GLU SA 49 -48.00 13.31 65.66
CA GLU SA 49 -48.86 14.40 65.22
C GLU SA 49 -50.30 13.94 65.05
N LYS SA 50 -50.49 12.73 64.52
CA LYS SA 50 -51.85 12.23 64.27
C LYS SA 50 -52.61 12.03 65.58
N ILE SA 51 -51.97 11.40 66.57
CA ILE SA 51 -52.66 11.13 67.83
C ILE SA 51 -52.98 12.42 68.56
N LYS SA 52 -52.09 13.42 68.46
CA LYS SA 52 -52.37 14.71 69.08
C LYS SA 52 -53.53 15.43 68.40
N SER SA 53 -53.77 15.14 67.12
CA SER SA 53 -54.80 15.81 66.36
C SER SA 53 -56.18 15.19 66.54
N TYR SA 54 -56.29 14.09 67.29
CA TYR SA 54 -57.59 13.46 67.51
C TYR SA 54 -58.48 14.34 68.36
N PRO SA 55 -59.68 14.69 67.91
CA PRO SA 55 -60.53 15.58 68.70
C PRO SA 55 -60.98 14.95 70.01
N PHE SA 56 -61.22 15.81 71.00
CA PHE SA 56 -61.70 15.38 72.31
C PHE SA 56 -62.53 16.49 72.92
N MET SA 57 -63.60 16.12 73.61
CA MET SA 57 -64.51 17.07 74.22
C MET SA 57 -64.81 16.67 75.65
N GLU SA 58 -65.14 17.66 76.48
CA GLU SA 58 -65.37 17.45 77.90
C GLU SA 58 -66.87 17.37 78.18
N GLY SA 59 -67.27 16.36 78.94
CA GLY SA 59 -68.65 16.22 79.38
C GLY SA 59 -69.51 15.49 78.37
N GLU SA 60 -70.68 15.07 78.85
CA GLU SA 60 -71.66 14.39 78.00
C GLU SA 60 -72.37 15.40 77.10
N PRO SA 61 -72.44 15.14 75.80
CA PRO SA 61 -73.14 16.07 74.90
C PRO SA 61 -74.63 16.21 75.21
N GLU SA 62 -75.30 17.12 74.49
CA GLU SA 62 -76.71 17.36 74.75
C GLU SA 62 -77.56 16.15 74.45
N ASP SA 63 -77.24 15.43 73.37
CA ASP SA 63 -78.03 14.26 72.99
C ASP SA 63 -77.91 13.16 74.05
N ASP SA 64 -79.06 12.65 74.48
CA ASP SA 64 -79.07 11.56 75.45
C ASP SA 64 -78.44 10.29 74.88
N VAL SA 65 -78.75 9.97 73.62
CA VAL SA 65 -78.19 8.81 72.92
C VAL SA 65 -77.48 9.32 71.68
N TYR SA 66 -76.22 8.94 71.53
CA TYR SA 66 -75.43 9.37 70.38
C TYR SA 66 -74.39 8.32 70.06
N LEU SA 67 -73.88 8.38 68.83
CA LEU SA 67 -72.87 7.43 68.37
C LEU SA 67 -71.48 7.88 68.81
N LYS SA 68 -70.65 6.90 69.18
CA LYS SA 68 -69.26 7.20 69.52
C LYS SA 68 -68.50 7.71 68.31
N ARG SA 69 -68.92 7.33 67.09
CA ARG SA 69 -68.29 7.87 65.89
C ARG SA 69 -68.54 9.36 65.74
N LEU SA 70 -69.75 9.81 66.06
CA LEU SA 70 -70.11 11.22 65.87
C LEU SA 70 -69.41 12.13 66.88
N TYR SA 71 -69.37 11.73 68.15
CA TYR SA 71 -68.80 12.59 69.16
C TYR SA 71 -67.48 12.03 69.68
N PRO SA 72 -66.51 12.89 70.02
CA PRO SA 72 -65.22 12.40 70.50
C PRO SA 72 -65.30 11.79 71.90
N ARG SA 73 -64.15 11.42 72.45
CA ARG SA 73 -64.10 10.85 73.79
C ARG SA 73 -64.58 11.86 74.82
N GLN SA 74 -65.22 11.36 75.88
CA GLN SA 74 -65.81 12.22 76.90
C GLN SA 74 -65.30 11.90 78.30
N ILE SA 75 -65.02 10.63 78.56
CA ILE SA 75 -64.66 10.18 79.90
C ILE SA 75 -63.19 10.50 80.15
N TYR SA 76 -62.94 11.36 81.15
CA TYR SA 76 -61.59 11.82 81.46
C TYR SA 76 -61.17 11.57 82.89
N GLU SA 77 -62.09 11.71 83.85
CA GLU SA 77 -61.72 11.65 85.26
C GLU SA 77 -61.20 10.26 85.63
N VAL SA 78 -60.09 10.23 86.37
CA VAL SA 78 -59.53 8.97 86.85
C VAL SA 78 -60.48 8.30 87.84
N GLU SA 79 -61.03 9.09 88.77
CA GLU SA 79 -61.93 8.52 89.77
C GLU SA 79 -63.17 7.92 89.11
N LYS SA 80 -63.74 8.63 88.13
CA LYS SA 80 -64.87 8.08 87.39
C LYS SA 80 -64.48 6.84 86.60
N ALA SA 81 -63.28 6.87 85.99
CA ALA SA 81 -62.85 5.74 85.18
C ALA SA 81 -62.67 4.48 86.02
N ILE SA 82 -62.08 4.61 87.22
CA ILE SA 82 -61.92 3.46 88.09
C ILE SA 82 -63.27 2.94 88.55
N HIS SA 83 -64.17 3.85 88.94
CA HIS SA 83 -65.52 3.45 89.33
C HIS SA 83 -66.26 2.83 88.16
N LEU SA 84 -66.07 3.37 86.95
CA LEU SA 84 -66.74 2.82 85.77
C LEU SA 84 -66.27 1.40 85.48
N LEU SA 85 -64.97 1.14 85.65
CA LEU SA 85 -64.47 -0.22 85.45
C LEU SA 85 -65.08 -1.19 86.47
N LYS SA 86 -65.18 -0.76 87.73
CA LYS SA 86 -65.92 -1.55 88.71
C LYS SA 86 -67.39 -1.65 88.33
N LYS SA 87 -67.96 -0.56 87.84
CA LYS SA 87 -69.34 -0.59 87.34
C LYS SA 87 -69.47 -1.54 86.17
N PHE SA 88 -68.53 -1.48 85.22
CA PHE SA 88 -68.57 -2.37 84.07
C PHE SA 88 -68.45 -3.83 84.48
N GLN SA 89 -67.76 -4.09 85.60
CA GLN SA 89 -67.73 -5.45 86.14
C GLN SA 89 -69.12 -5.89 86.55
N VAL SA 90 -69.92 -4.99 87.12
CA VAL SA 90 -71.31 -5.32 87.44
C VAL SA 90 -72.13 -5.43 86.16
N LEU SA 91 -71.94 -4.49 85.22
CA LEU SA 91 -72.69 -4.53 83.97
C LEU SA 91 -72.34 -5.77 83.16
N ASP SA 92 -71.06 -6.10 83.07
CA ASP SA 92 -70.59 -7.32 82.43
C ASP SA 92 -70.10 -8.24 83.56
N PHE SA 93 -71.02 -9.04 84.09
CA PHE SA 93 -70.78 -9.84 85.29
C PHE SA 93 -69.58 -10.78 85.15
N THR SA 94 -68.54 -10.53 85.93
CA THR SA 94 -67.33 -11.34 85.90
C THR SA 94 -66.76 -11.40 87.32
N ASN SA 95 -65.54 -11.89 87.45
CA ASN SA 95 -64.88 -11.94 88.75
C ASN SA 95 -64.60 -10.52 89.24
N PRO SA 96 -64.79 -10.24 90.53
CA PRO SA 96 -64.48 -8.90 91.05
C PRO SA 96 -63.02 -8.51 90.90
N ASN SA 97 -62.11 -9.47 90.96
CA ASN SA 97 -60.68 -9.20 90.82
C ASN SA 97 -60.32 -9.20 89.34
N GLN SA 98 -59.77 -8.08 88.87
CA GLN SA 98 -59.33 -7.96 87.48
C GLN SA 98 -58.05 -7.14 87.42
N GLY SA 99 -57.09 -7.61 86.63
CA GLY SA 99 -55.85 -6.88 86.43
C GLY SA 99 -56.01 -5.77 85.41
N VAL SA 100 -55.80 -4.53 85.84
CA VAL SA 100 -55.98 -3.36 84.98
C VAL SA 100 -54.67 -3.13 84.24
N TYR SA 101 -54.63 -3.54 82.98
CA TYR SA 101 -53.45 -3.36 82.13
C TYR SA 101 -53.59 -2.01 81.43
N LEU SA 102 -53.09 -0.97 82.07
CA LEU SA 102 -53.19 0.38 81.53
C LEU SA 102 -52.34 0.53 80.27
N ASP SA 103 -52.88 1.24 79.29
CA ASP SA 103 -52.16 1.57 78.06
C ASP SA 103 -51.88 3.07 78.06
N LEU SA 104 -50.60 3.42 77.96
CA LEU SA 104 -50.15 4.81 77.96
C LEU SA 104 -49.51 5.12 76.62
N THR SA 105 -50.03 6.14 75.94
CA THR SA 105 -49.45 6.60 74.67
C THR SA 105 -48.33 7.60 74.98
N LEU SA 106 -47.24 7.06 75.52
CA LEU SA 106 -46.13 7.88 75.98
C LEU SA 106 -45.30 8.38 74.80
N ASP SA 107 -44.95 9.66 74.85
CA ASP SA 107 -44.10 10.28 73.83
C ASP SA 107 -42.65 10.06 74.24
N MET SA 108 -42.14 8.87 73.92
CA MET SA 108 -40.76 8.50 74.20
C MET SA 108 -39.83 8.86 73.06
N THR SA 109 -40.18 9.89 72.29
CA THR SA 109 -39.39 10.32 71.14
C THR SA 109 -39.43 11.84 71.09
N LEU SA 110 -38.78 12.40 70.07
CA LEU SA 110 -38.79 13.83 69.80
C LEU SA 110 -38.22 14.63 70.97
N GLY SA 111 -37.17 14.11 71.59
CA GLY SA 111 -36.41 14.89 72.55
C GLY SA 111 -35.42 15.78 71.83
N LYS SA 112 -34.66 15.17 70.92
CA LYS SA 112 -33.81 15.89 69.98
C LYS SA 112 -34.10 15.34 68.58
N LYS SA 113 -33.29 15.73 67.59
CA LYS SA 113 -33.45 15.16 66.26
C LYS SA 113 -33.10 13.67 66.24
N LYS SA 114 -32.33 13.20 67.23
CA LYS SA 114 -32.01 11.79 67.37
C LYS SA 114 -32.85 11.19 68.48
N LYS SA 115 -33.55 10.10 68.17
CA LYS SA 115 -34.46 9.49 69.13
C LYS SA 115 -33.69 8.82 70.26
N VAL SA 116 -34.32 8.78 71.44
CA VAL SA 116 -33.75 8.09 72.57
C VAL SA 116 -34.14 6.61 72.52
N GLU SA 117 -33.31 5.78 73.17
CA GLU SA 117 -33.58 4.35 73.10
C GLU SA 117 -34.50 3.92 74.24
N PRO SA 118 -35.33 2.89 74.00
CA PRO SA 118 -36.17 2.36 75.08
C PRO SA 118 -35.33 1.69 76.16
N PHE SA 119 -35.85 1.70 77.38
CA PHE SA 119 -35.21 1.06 78.52
C PHE SA 119 -36.28 0.38 79.36
N ALA SA 120 -35.92 -0.01 80.58
CA ALA SA 120 -36.84 -0.66 81.49
C ALA SA 120 -36.50 -0.22 82.91
N SER SA 121 -37.21 0.80 83.40
CA SER SA 121 -37.02 1.29 84.75
C SER SA 121 -37.98 0.56 85.69
N VAL SA 122 -37.44 0.02 86.78
CA VAL SA 122 -38.19 -0.79 87.73
C VAL SA 122 -38.35 0.01 89.02
N LEU SA 123 -39.61 0.30 89.38
CA LEU SA 123 -39.92 0.97 90.64
C LEU SA 123 -41.13 0.30 91.27
N SER SA 124 -41.02 -0.03 92.55
CA SER SA 124 -42.12 -0.67 93.26
C SER SA 124 -43.25 0.33 93.51
N LEU SA 125 -44.48 -0.09 93.22
CA LEU SA 125 -45.63 0.78 93.43
C LEU SA 125 -45.96 0.87 94.92
N PRO SA 126 -46.51 2.00 95.37
CA PRO SA 126 -46.90 2.11 96.78
C PRO SA 126 -47.94 1.10 97.22
N TYR SA 127 -48.77 0.61 96.29
CA TYR SA 127 -49.80 -0.39 96.59
C TYR SA 127 -49.67 -1.53 95.58
N PRO SA 128 -48.69 -2.41 95.75
CA PRO SA 128 -48.51 -3.51 94.80
C PRO SA 128 -49.70 -4.46 94.80
N PHE SA 129 -50.02 -4.99 93.63
CA PHE SA 129 -51.11 -5.94 93.49
C PHE SA 129 -50.66 -7.34 93.91
N THR SA 130 -51.64 -8.18 94.23
CA THR SA 130 -51.37 -9.55 94.64
C THR SA 130 -51.13 -10.45 93.43
N GLY SA 219 -40.88 -4.51 93.12
CA GLY SA 219 -40.37 -3.99 91.87
C GLY SA 219 -40.91 -4.70 90.64
N HIS SA 220 -41.66 -3.97 89.83
CA HIS SA 220 -42.26 -4.51 88.62
C HIS SA 220 -41.65 -3.82 87.40
N GLU SA 221 -41.21 -4.61 86.44
CA GLU SA 221 -40.56 -4.07 85.25
C GLU SA 221 -41.58 -3.37 84.35
N ILE SA 222 -41.14 -2.25 83.76
CA ILE SA 222 -41.95 -1.50 82.82
C ILE SA 222 -41.58 -2.00 81.42
N LYS SA 223 -42.45 -2.83 80.84
CA LYS SA 223 -42.18 -3.39 79.54
C LYS SA 223 -42.30 -2.32 78.44
N VAL SA 224 -41.78 -2.65 77.26
CA VAL SA 224 -41.77 -1.73 76.13
C VAL SA 224 -42.39 -2.44 74.94
N ASP SA 225 -42.90 -1.64 74.00
CA ASP SA 225 -43.56 -2.17 72.82
C ASP SA 225 -42.57 -2.88 71.92
N GLU SA 226 -42.99 -4.03 71.39
CA GLU SA 226 -42.17 -4.74 70.40
C GLU SA 226 -42.03 -3.92 69.12
N GLU SA 227 -43.13 -3.29 68.67
CA GLU SA 227 -43.11 -2.47 67.48
C GLU SA 227 -42.59 -1.06 67.73
N ARG SA 228 -42.35 -0.69 69.00
CA ARG SA 228 -41.89 0.65 69.36
C ARG SA 228 -42.86 1.72 68.86
N GLU SA 229 -44.16 1.46 69.03
CA GLU SA 229 -45.20 2.36 68.57
C GLU SA 229 -45.64 3.36 69.64
N ASN SA 230 -44.75 3.69 70.57
CA ASN SA 230 -44.96 4.72 71.59
C ASN SA 230 -46.13 4.40 72.52
N PHE SA 231 -46.44 3.13 72.72
CA PHE SA 231 -47.45 2.73 73.69
C PHE SA 231 -46.88 1.61 74.57
N LEU SA 232 -47.17 1.70 75.87
CA LEU SA 232 -46.70 0.73 76.86
C LEU SA 232 -47.89 0.11 77.57
N GLU SA 233 -47.82 -1.19 77.80
CA GLU SA 233 -48.88 -1.94 78.49
C GLU SA 233 -48.30 -2.48 79.79
N THR SA 234 -48.59 -1.81 80.90
CA THR SA 234 -48.11 -2.21 82.21
C THR SA 234 -49.29 -2.32 83.17
N LYS SA 235 -49.35 -3.42 83.91
CA LYS SA 235 -50.40 -3.61 84.89
C LYS SA 235 -50.25 -2.62 86.04
N ILE SA 236 -51.38 -2.14 86.54
CA ILE SA 236 -51.37 -1.15 87.62
C ILE SA 236 -51.72 -1.83 88.94
N ALA SA 237 -52.92 -2.38 89.03
CA ALA SA 237 -53.39 -3.01 90.27
C ALA SA 237 -54.64 -3.82 89.94
N THR SA 238 -55.19 -4.47 90.97
CA THR SA 238 -56.41 -5.25 90.81
C THR SA 238 -57.62 -4.33 90.78
N LEU SA 239 -58.72 -4.86 90.23
CA LEU SA 239 -59.95 -4.09 90.13
C LEU SA 239 -60.54 -3.79 91.50
N ASN SA 240 -60.52 -4.77 92.41
CA ASN SA 240 -61.11 -4.59 93.73
C ASN SA 240 -60.40 -3.56 94.58
N MET SA 241 -59.18 -3.16 94.21
CA MET SA 241 -58.47 -2.14 94.97
C MET SA 241 -59.22 -0.81 94.88
N SER SA 242 -59.15 -0.02 95.95
CA SER SA 242 -59.87 1.24 96.00
C SER SA 242 -59.34 2.21 94.96
N SER SA 243 -60.20 3.14 94.54
CA SER SA 243 -59.83 4.08 93.50
C SER SA 243 -58.67 4.98 93.94
N ASP SA 244 -58.66 5.38 95.20
CA ASP SA 244 -57.59 6.24 95.71
C ASP SA 244 -56.24 5.54 95.62
N GLN SA 245 -56.19 4.26 95.99
CA GLN SA 245 -54.95 3.50 95.88
C GLN SA 245 -54.55 3.30 94.43
N ILE SA 246 -55.51 3.00 93.56
CA ILE SA 246 -55.21 2.81 92.14
C ILE SA 246 -54.75 4.12 91.52
N ALA SA 247 -55.41 5.23 91.86
CA ALA SA 247 -54.98 6.53 91.37
C ALA SA 247 -53.59 6.87 91.90
N ALA SA 248 -53.30 6.51 93.16
CA ALA SA 248 -51.96 6.70 93.69
C ALA SA 248 -50.94 5.88 92.92
N ASN SA 249 -51.29 4.64 92.57
CA ASN SA 249 -50.42 3.84 91.73
C ASN SA 249 -50.24 4.47 90.35
N LEU SA 250 -51.32 5.04 89.80
CA LEU SA 250 -51.23 5.69 88.50
C LEU SA 250 -50.26 6.85 88.52
N GLN SA 251 -50.30 7.67 89.57
CA GLN SA 251 -49.37 8.79 89.67
C GLN SA 251 -47.93 8.33 89.75
N ALA SA 252 -47.68 7.23 90.48
CA ALA SA 252 -46.34 6.68 90.56
C ALA SA 252 -45.84 6.21 89.20
N VAL SA 253 -46.72 5.61 88.40
CA VAL SA 253 -46.33 5.12 87.08
C VAL SA 253 -45.96 6.30 86.17
N ILE SA 254 -46.71 7.39 86.26
CA ILE SA 254 -46.43 8.56 85.43
C ILE SA 254 -45.03 9.10 85.72
N ASN SA 255 -44.68 9.20 87.00
CA ASN SA 255 -43.33 9.66 87.35
C ASN SA 255 -42.27 8.63 86.98
N GLU SA 256 -42.61 7.34 87.07
CA GLU SA 256 -41.63 6.29 86.78
C GLU SA 256 -41.26 6.28 85.31
N VAL SA 257 -42.25 6.37 84.42
CA VAL SA 257 -41.96 6.32 82.99
C VAL SA 257 -41.20 7.56 82.54
N CYS SA 258 -41.53 8.72 83.11
CA CYS SA 258 -40.84 9.96 82.77
C CYS SA 258 -39.42 10.02 83.30
N ARG SA 259 -39.03 9.08 84.16
CA ARG SA 259 -37.68 9.07 84.70
C ARG SA 259 -36.65 8.78 83.62
N GLN SA 260 -37.03 8.05 82.57
CA GLN SA 260 -36.10 7.75 81.49
C GLN SA 260 -35.67 9.03 80.77
N ARG SA 261 -36.61 9.92 80.48
CA ARG SA 261 -36.32 11.20 79.84
C ARG SA 261 -37.00 12.31 80.64
N PRO SA 262 -36.40 12.73 81.74
CA PRO SA 262 -36.99 13.79 82.57
C PRO SA 262 -36.83 15.20 82.01
N LEU SA 263 -36.27 15.35 80.81
CA LEU SA 263 -36.07 16.67 80.24
C LEU SA 263 -37.40 17.31 79.88
N ASN SA 264 -37.46 18.64 80.02
CA ASN SA 264 -38.65 19.42 79.72
C ASN SA 264 -38.69 19.92 78.29
N LEU SA 265 -37.72 19.52 77.46
CA LEU SA 265 -37.70 19.98 76.07
C LEU SA 265 -38.93 19.51 75.31
N GLY SA 266 -39.33 18.25 75.51
CA GLY SA 266 -40.50 17.72 74.84
C GLY SA 266 -41.40 16.95 75.78
N PRO SA 267 -42.69 16.94 75.49
CA PRO SA 267 -43.63 16.16 76.31
C PRO SA 267 -43.33 14.68 76.24
N PHE SA 268 -43.65 13.98 77.33
CA PHE SA 268 -43.42 12.53 77.40
C PHE SA 268 -44.70 11.71 77.37
N VAL SA 269 -45.85 12.31 77.70
CA VAL SA 269 -47.13 11.61 77.70
C VAL SA 269 -48.08 12.33 76.76
N VAL SA 270 -48.71 11.57 75.87
CA VAL SA 270 -49.68 12.11 74.91
C VAL SA 270 -51.11 11.75 75.30
N ARG SA 271 -51.41 10.45 75.37
CA ARG SA 271 -52.73 9.98 75.73
C ARG SA 271 -52.62 8.82 76.70
N ALA SA 272 -53.67 8.63 77.50
CA ALA SA 272 -53.77 7.54 78.45
C ALA SA 272 -55.08 6.80 78.26
N PHE SA 273 -55.02 5.47 78.29
CA PHE SA 273 -56.20 4.63 78.09
C PHE SA 273 -56.20 3.55 79.16
N LEU SA 274 -57.11 3.67 80.13
CA LEU SA 274 -57.20 2.74 81.25
C LEU SA 274 -58.29 1.71 80.93
N ARG SA 275 -57.89 0.47 80.73
CA ARG SA 275 -58.81 -0.61 80.41
C ARG SA 275 -58.64 -1.76 81.40
N SER SA 276 -59.75 -2.45 81.69
CA SER SA 276 -59.73 -3.62 82.54
C SER SA 276 -59.59 -4.86 81.69
N SER SA 277 -59.70 -6.04 82.31
CA SER SA 277 -59.61 -7.29 81.57
C SER SA 277 -60.78 -7.48 80.62
N THR SA 278 -61.97 -7.02 81.02
CA THR SA 278 -63.18 -7.16 80.23
C THR SA 278 -63.80 -5.79 79.92
N SER SA 279 -62.97 -4.79 79.67
CA SER SA 279 -63.46 -3.46 79.39
C SER SA 279 -62.47 -2.73 78.49
N GLU SA 280 -62.97 -1.70 77.80
CA GLU SA 280 -62.18 -0.89 76.91
C GLU SA 280 -61.53 0.27 77.67
N GLY SA 281 -60.52 0.87 77.04
CA GLY SA 281 -59.82 1.98 77.66
C GLY SA 281 -60.61 3.26 77.64
N LEU SA 282 -60.21 4.17 78.52
CA LEU SA 282 -60.83 5.49 78.63
C LEU SA 282 -59.75 6.55 78.56
N LEU SA 283 -60.04 7.64 77.84
CA LEU SA 283 -59.06 8.70 77.66
C LEU SA 283 -58.86 9.49 78.95
N ILE SA 284 -57.87 9.09 79.75
CA ILE SA 284 -57.64 9.74 81.03
C ILE SA 284 -57.08 11.14 80.79
N LYS SA 285 -57.63 12.12 81.50
CA LYS SA 285 -57.12 13.49 81.48
C LYS SA 285 -55.84 13.52 82.31
N ILE SA 286 -54.76 13.02 81.69
CA ILE SA 286 -53.49 12.84 82.39
C ILE SA 286 -52.66 14.11 82.44
N GLU SA 287 -53.07 15.17 81.73
CA GLU SA 287 -52.29 16.41 81.72
C GLU SA 287 -52.10 17.01 83.11
N PRO SA 288 -53.14 17.14 83.95
CA PRO SA 288 -52.89 17.67 85.30
C PRO SA 288 -51.95 16.81 86.13
N LEU SA 289 -51.94 15.50 85.91
CA LEU SA 289 -51.13 14.58 86.70
C LEU SA 289 -49.69 14.46 86.21
N LEU SA 290 -49.35 15.12 85.10
CA LEU SA 290 -47.97 15.05 84.61
C LEU SA 290 -46.96 15.60 85.61
N PRO SA 291 -47.15 16.78 86.22
CA PRO SA 291 -46.15 17.18 87.22
C PRO SA 291 -46.36 16.50 88.57
N PHE TA 63 46.79 20.40 -29.98
CA PHE TA 63 46.99 21.44 -28.98
C PHE TA 63 46.16 21.19 -27.73
N LYS TA 64 46.33 22.06 -26.74
CA LYS TA 64 45.56 21.99 -25.49
C LYS TA 64 45.40 23.41 -24.98
N THR TA 65 44.19 23.94 -25.08
CA THR TA 65 43.89 25.28 -24.60
C THR TA 65 43.96 25.31 -23.08
N LYS TA 66 44.91 26.05 -22.53
CA LYS TA 66 45.12 26.13 -21.09
C LYS TA 66 45.28 27.58 -20.68
N GLY TA 67 45.22 27.81 -19.36
CA GLY TA 67 45.33 29.14 -18.82
C GLY TA 67 46.77 29.59 -18.61
N VAL TA 68 47.53 28.80 -17.85
CA VAL TA 68 48.92 29.11 -17.55
C VAL TA 68 49.81 28.10 -18.27
N LEU TA 69 50.88 28.59 -18.89
CA LEU TA 69 51.77 27.75 -19.68
C LEU TA 69 52.96 27.29 -18.83
N LYS TA 70 53.21 25.98 -18.85
CA LYS TA 70 54.35 25.41 -18.16
C LYS TA 70 55.05 24.42 -19.10
N LYS TA 71 56.36 24.30 -18.92
CA LYS TA 71 57.18 23.42 -19.76
C LYS TA 71 57.20 22.02 -19.14
N ARG TA 72 56.61 21.06 -19.84
CA ARG TA 72 56.60 19.68 -19.34
C ARG TA 72 57.94 19.00 -19.54
N CYS TA 73 58.70 19.39 -20.56
CA CYS TA 73 60.04 18.86 -20.78
C CYS TA 73 60.96 20.01 -21.16
N ARG TA 74 62.27 19.76 -21.07
CA ARG TA 74 63.25 20.82 -21.26
C ARG TA 74 63.35 21.28 -22.72
N ASP TA 75 62.75 20.55 -23.66
CA ASP TA 75 62.81 20.93 -25.06
C ASP TA 75 61.69 21.87 -25.48
N CYS TA 76 60.71 22.13 -24.61
CA CYS TA 76 59.65 23.07 -24.94
C CYS TA 76 60.19 24.49 -24.94
N TYR TA 77 59.85 25.24 -25.98
CA TYR TA 77 60.30 26.63 -26.13
C TYR TA 77 59.10 27.54 -26.31
N LEU TA 78 59.08 28.64 -25.56
CA LEU TA 78 58.01 29.62 -25.68
C LEU TA 78 58.16 30.45 -26.95
N VAL TA 79 57.02 30.84 -27.52
CA VAL TA 79 57.01 31.69 -28.70
C VAL TA 79 55.65 32.38 -28.77
N LYS TA 80 55.66 33.67 -29.08
CA LYS TA 80 54.44 34.48 -29.13
C LYS TA 80 54.03 34.65 -30.59
N ARG TA 81 52.89 34.08 -30.96
CA ARG TA 81 52.37 34.15 -32.32
C ARG TA 81 50.89 34.51 -32.28
N ARG TA 82 50.48 35.38 -33.20
CA ARG TA 82 49.09 35.82 -33.32
C ARG TA 82 48.56 36.42 -32.02
N GLY TA 83 49.43 37.10 -31.28
CA GLY TA 83 49.01 37.76 -30.05
C GLY TA 83 48.85 36.85 -28.84
N ARG TA 84 49.24 35.59 -28.93
CA ARG TA 84 49.14 34.65 -27.83
C ARG TA 84 50.44 33.86 -27.70
N TRP TA 85 50.70 33.38 -26.50
CA TRP TA 85 51.88 32.56 -26.24
C TRP TA 85 51.56 31.10 -26.47
N PHE TA 86 52.42 30.42 -27.22
CA PHE TA 86 52.26 29.01 -27.57
C PHE TA 86 53.44 28.22 -27.04
N ILE TA 87 53.15 27.06 -26.45
CA ILE TA 87 54.19 26.11 -26.08
C ILE TA 87 54.34 25.12 -27.22
N TYR TA 88 55.43 25.23 -27.97
CA TYR TA 88 55.72 24.33 -29.08
C TYR TA 88 56.82 23.36 -28.66
N CYS TA 89 56.58 22.07 -28.88
CA CYS TA 89 57.53 21.02 -28.54
C CYS TA 89 57.80 20.18 -29.77
N LYS TA 90 59.07 19.80 -29.95
CA LYS TA 90 59.51 19.04 -31.11
C LYS TA 90 59.54 17.54 -30.84
N THR TA 91 60.11 17.13 -29.71
CA THR TA 91 60.20 15.70 -29.40
C THR TA 91 58.83 15.10 -29.08
N ASN TA 92 58.07 15.77 -28.22
CA ASN TA 92 56.75 15.28 -27.79
C ASN TA 92 55.67 16.23 -28.29
N PRO TA 93 54.93 15.88 -29.34
CA PRO TA 93 53.85 16.76 -29.80
C PRO TA 93 52.74 16.95 -28.77
N LYS TA 94 52.62 16.06 -27.80
CA LYS TA 94 51.56 16.18 -26.79
C LYS TA 94 51.78 17.35 -25.85
N HIS TA 95 52.96 17.97 -25.86
CA HIS TA 95 53.24 19.12 -25.01
C HIS TA 95 52.73 20.43 -25.60
N LYS TA 96 52.15 20.41 -26.79
CA LYS TA 96 51.67 21.63 -27.41
C LYS TA 96 50.54 22.23 -26.59
N GLN TA 97 50.71 23.48 -26.17
CA GLN TA 97 49.74 24.17 -25.33
C GLN TA 97 49.46 25.55 -25.93
N ARG TA 98 48.26 26.06 -25.65
CA ARG TA 98 47.80 27.32 -26.22
C ARG TA 98 47.13 28.15 -25.14
N GLN TA 99 47.63 29.37 -24.95
CA GLN TA 99 47.01 30.28 -23.98
C GLN TA 99 45.68 30.78 -24.50
N MET TA 100 44.70 30.85 -23.62
CA MET TA 100 43.39 31.38 -23.98
C MET TA 100 43.23 32.82 -23.51
N ALA UA 30 -75.24 -0.26 12.56
CA ALA UA 30 -74.98 -0.53 11.16
C ALA UA 30 -74.04 0.51 10.57
N TYR UA 31 -73.83 0.43 9.25
CA TYR UA 31 -72.98 1.37 8.52
C TYR UA 31 -73.87 2.13 7.54
N GLU UA 32 -74.38 3.27 7.97
CA GLU UA 32 -75.18 4.11 7.10
C GLU UA 32 -74.31 4.69 5.98
N TRP UA 33 -74.90 4.79 4.79
CA TRP UA 33 -74.16 5.16 3.59
C TRP UA 33 -74.00 6.67 3.42
N GLY UA 34 -74.52 7.48 4.34
CA GLY UA 34 -74.29 8.90 4.27
C GLY UA 34 -72.89 9.28 4.75
N VAL UA 35 -72.45 10.46 4.32
CA VAL UA 35 -71.18 11.02 4.74
C VAL UA 35 -71.45 12.41 5.29
N ARG UA 36 -70.84 12.73 6.44
CA ARG UA 36 -71.13 13.98 7.12
C ARG UA 36 -70.82 15.19 6.23
N SER UA 37 -69.68 15.15 5.53
CA SER UA 37 -69.30 16.29 4.69
C SER UA 37 -70.24 16.46 3.51
N THR UA 38 -70.64 15.35 2.87
CA THR UA 38 -71.47 15.44 1.68
C THR UA 38 -72.91 15.82 2.01
N ARG UA 39 -73.42 15.40 3.16
CA ARG UA 39 -74.79 15.71 3.53
C ARG UA 39 -74.94 17.21 3.78
N LYS UA 40 -76.16 17.69 3.61
CA LYS UA 40 -76.43 19.11 3.81
C LYS UA 40 -76.19 19.49 5.27
N PRO UA 41 -75.45 20.55 5.55
CA PRO UA 41 -75.15 20.91 6.93
C PRO UA 41 -76.42 21.34 7.67
N GLU UA 42 -76.42 21.08 8.98
CA GLU UA 42 -77.53 21.49 9.81
C GLU UA 42 -77.53 23.01 9.97
N PRO UA 43 -78.70 23.60 10.23
CA PRO UA 43 -78.76 25.05 10.38
C PRO UA 43 -77.91 25.50 11.54
N PRO UA 44 -77.31 26.69 11.46
CA PRO UA 44 -76.46 27.16 12.53
C PRO UA 44 -77.26 27.36 13.80
N PRO UA 45 -76.63 27.22 14.97
CA PRO UA 45 -77.35 27.42 16.23
C PRO UA 45 -77.91 28.83 16.35
N LEU UA 46 -79.10 28.94 16.93
CA LEU UA 46 -79.73 30.23 17.11
C LEU UA 46 -78.95 31.08 18.11
N ASP UA 47 -79.07 32.40 17.96
CA ASP UA 47 -78.38 33.31 18.86
C ASP UA 47 -78.99 33.25 20.25
N ARG UA 48 -78.18 33.64 21.25
CA ARG UA 48 -78.59 33.55 22.64
C ARG UA 48 -79.79 34.45 22.96
N VAL UA 49 -80.04 35.47 22.15
CA VAL UA 49 -81.13 36.40 22.43
C VAL UA 49 -82.48 35.69 22.38
N TYR UA 50 -82.64 34.75 21.45
CA TYR UA 50 -83.90 34.03 21.32
C TYR UA 50 -84.18 33.14 22.54
N GLU UA 51 -83.16 32.80 23.32
CA GLU UA 51 -83.36 31.94 24.48
C GLU UA 51 -83.87 32.67 25.70
N ILE UA 52 -83.85 34.01 25.70
CA ILE UA 52 -84.28 34.80 26.85
C ILE UA 52 -85.79 35.01 26.73
N PRO UA 53 -86.60 34.51 27.68
CA PRO UA 53 -88.05 34.70 27.58
C PRO UA 53 -88.43 36.16 27.70
N GLY UA 54 -89.50 36.54 26.98
CA GLY UA 54 -90.03 37.89 27.06
C GLY UA 54 -89.05 38.96 26.65
N LEU UA 55 -88.30 38.72 25.57
CA LEU UA 55 -87.32 39.67 25.08
C LEU UA 55 -87.35 39.66 23.56
N GLU UA 56 -87.72 40.78 22.95
CA GLU UA 56 -87.77 40.88 21.50
C GLU UA 56 -86.36 41.02 20.94
N PRO UA 57 -85.90 40.09 20.10
CA PRO UA 57 -84.56 40.21 19.53
C PRO UA 57 -84.48 41.34 18.52
N ILE UA 58 -83.28 41.86 18.35
CA ILE UA 58 -82.98 42.88 17.35
C ILE UA 58 -82.31 42.20 16.17
N THR UA 59 -82.96 42.23 15.01
CA THR UA 59 -82.48 41.56 13.82
C THR UA 59 -82.17 42.58 12.73
N TYR UA 60 -81.53 42.09 11.67
CA TYR UA 60 -81.22 42.91 10.51
C TYR UA 60 -82.25 42.78 9.40
N ALA UA 61 -83.38 42.12 9.67
CA ALA UA 61 -84.43 41.98 8.66
C ALA UA 61 -85.03 43.31 8.27
N GLY UA 62 -84.92 44.34 9.12
CA GLY UA 62 -85.43 45.65 8.76
C GLY UA 62 -84.68 46.26 7.59
N LYS UA 63 -83.36 46.05 7.55
CA LYS UA 63 -82.52 46.57 6.47
C LYS UA 63 -82.35 45.58 5.33
N MET UA 64 -83.04 44.44 5.40
CA MET UA 64 -83.05 43.39 4.38
C MET UA 64 -81.67 43.09 3.79
N HIS UA 65 -80.65 43.11 4.63
CA HIS UA 65 -79.32 42.68 4.23
C HIS UA 65 -78.53 42.33 5.48
N PHE UA 66 -77.53 41.45 5.30
CA PHE UA 66 -76.75 40.98 6.43
C PHE UA 66 -75.92 42.10 7.04
N MET UA 67 -75.84 42.10 8.37
CA MET UA 67 -75.02 43.05 9.11
C MET UA 67 -74.42 42.32 10.31
N PRO UA 68 -73.11 42.41 10.51
CA PRO UA 68 -72.51 41.77 11.68
C PRO UA 68 -72.96 42.44 12.97
N GLY UA 69 -73.04 41.63 14.03
CA GLY UA 69 -73.43 42.12 15.34
C GLY UA 69 -74.92 42.10 15.61
N LEU UA 70 -75.74 41.76 14.63
CA LEU UA 70 -77.18 41.69 14.80
C LEU UA 70 -77.66 40.25 14.70
N ALA UA 71 -78.71 39.94 15.45
CA ALA UA 71 -79.22 38.57 15.50
C ALA UA 71 -79.80 38.17 14.16
N ARG UA 72 -79.66 36.88 13.83
CA ARG UA 72 -80.19 36.35 12.59
C ARG UA 72 -81.70 36.16 12.69
N PRO UA 73 -82.49 36.73 11.79
CA PRO UA 73 -83.94 36.59 11.87
C PRO UA 73 -84.38 35.16 11.57
N VAL UA 74 -85.54 34.81 12.11
CA VAL UA 74 -86.21 33.54 11.81
C VAL UA 74 -87.49 33.87 11.06
N PHE UA 75 -87.60 33.38 9.83
CA PHE UA 75 -88.74 33.70 9.00
C PHE UA 75 -89.69 32.52 8.91
N PRO UA 76 -91.00 32.76 8.80
CA PRO UA 76 -91.95 31.68 8.57
C PRO UA 76 -91.72 31.05 7.21
N PRO UA 77 -92.13 29.81 7.01
CA PRO UA 77 -92.00 29.19 5.69
C PRO UA 77 -92.71 30.01 4.63
N TRP UA 78 -92.10 30.10 3.45
CA TRP UA 78 -92.64 30.95 2.39
C TRP UA 78 -93.97 30.41 1.91
N ASP UA 79 -94.96 31.31 1.81
CA ASP UA 79 -96.32 30.95 1.41
C ASP UA 79 -96.75 31.83 0.25
N PRO UA 80 -96.53 31.40 -0.99
CA PRO UA 80 -96.99 32.16 -2.15
C PRO UA 80 -98.51 32.17 -2.22
N GLY UA 81 -99.09 33.37 -2.31
CA GLY UA 81 -100.55 33.47 -2.35
C GLY UA 81 -101.15 32.73 -3.53
N TRP UA 82 -100.56 32.90 -4.71
CA TRP UA 82 -101.01 32.24 -5.93
C TRP UA 82 -100.02 31.15 -6.32
N THR UA 83 -100.53 29.95 -6.56
CA THR UA 83 -99.67 28.83 -6.93
C THR UA 83 -99.15 28.99 -8.34
N HIS UA 84 -97.88 28.64 -8.54
CA HIS UA 84 -97.27 28.67 -9.84
C HIS UA 84 -96.90 27.24 -10.27
N PRO UA 85 -97.22 26.86 -11.51
CA PRO UA 85 -97.03 25.44 -11.88
C PRO UA 85 -95.58 24.97 -11.80
N LYS UA 86 -94.66 25.66 -12.47
CA LYS UA 86 -93.29 25.17 -12.55
C LYS UA 86 -92.54 25.35 -11.24
N PHE UA 87 -92.68 26.50 -10.60
CA PHE UA 87 -91.84 26.87 -9.47
C PHE UA 87 -92.38 26.41 -8.12
N ARG UA 88 -93.50 25.72 -8.08
CA ARG UA 88 -94.00 25.21 -6.81
C ARG UA 88 -93.30 23.90 -6.46
N ARG UA 89 -93.38 23.55 -5.17
CA ARG UA 89 -92.82 22.29 -4.71
C ARG UA 89 -93.67 21.12 -5.21
N LEU UA 90 -93.02 19.98 -5.39
CA LEU UA 90 -93.71 18.80 -5.91
C LEU UA 90 -94.74 18.32 -4.89
N PRO UA 91 -95.98 18.05 -5.32
CA PRO UA 91 -96.99 17.56 -4.37
C PRO UA 91 -96.61 16.21 -3.82
N PRO UA 92 -97.04 15.88 -2.61
CA PRO UA 92 -96.75 14.54 -2.05
C PRO UA 92 -97.43 13.46 -2.88
N LEU UA 93 -96.84 12.26 -2.84
CA LEU UA 93 -97.36 11.15 -3.63
C LEU UA 93 -98.77 10.77 -3.18
N HIS UA 94 -99.02 10.76 -1.88
CA HIS UA 94 -100.34 10.41 -1.38
C HIS UA 94 -101.39 11.47 -1.69
N GLU UA 95 -100.98 12.66 -2.13
CA GLU UA 95 -101.94 13.68 -2.53
C GLU UA 95 -102.64 13.34 -3.84
N HIS UA 96 -102.04 12.48 -4.67
CA HIS UA 96 -102.65 12.11 -5.92
C HIS UA 96 -103.95 11.35 -5.67
N PRO UA 97 -105.01 11.62 -6.45
CA PRO UA 97 -106.29 10.94 -6.20
C PRO UA 97 -106.23 9.44 -6.36
N LEU UA 98 -105.37 8.93 -7.23
CA LEU UA 98 -105.28 7.49 -7.49
C LEU UA 98 -104.41 6.76 -6.47
N TYR UA 99 -103.82 7.47 -5.51
CA TYR UA 99 -102.98 6.83 -4.51
C TYR UA 99 -103.79 5.83 -3.68
N LYS UA 100 -103.23 4.64 -3.50
CA LYS UA 100 -103.90 3.57 -2.77
C LYS UA 100 -102.92 2.94 -1.79
N ASP UA 101 -103.46 2.46 -0.66
CA ASP UA 101 -102.62 1.83 0.36
C ASP UA 101 -102.02 0.52 -0.13
N GLN UA 102 -102.80 -0.27 -0.88
CA GLN UA 102 -102.31 -1.54 -1.39
C GLN UA 102 -101.18 -1.31 -2.38
N ALA UA 103 -100.11 -2.09 -2.24
CA ALA UA 103 -98.93 -1.96 -3.08
C ALA UA 103 -99.11 -2.84 -4.31
N CYS UA 104 -99.23 -2.20 -5.47
CA CYS UA 104 -99.35 -2.90 -6.75
C CYS UA 104 -98.00 -2.88 -7.46
N TYR UA 105 -97.68 -3.99 -8.14
CA TYR UA 105 -96.40 -4.15 -8.81
C TYR UA 105 -96.59 -4.00 -10.32
N VAL UA 106 -95.77 -3.16 -10.93
CA VAL UA 106 -95.91 -2.78 -12.33
C VAL UA 106 -94.68 -3.26 -13.10
N PHE UA 107 -94.91 -3.87 -14.26
CA PHE UA 107 -93.84 -4.38 -15.12
C PHE UA 107 -93.85 -3.59 -16.42
N HIS UA 108 -92.90 -2.66 -16.56
CA HIS UA 108 -92.75 -1.90 -17.79
C HIS UA 108 -91.72 -2.57 -18.69
N GLN UA 109 -91.30 -1.86 -19.74
CA GLN UA 109 -90.37 -2.45 -20.72
C GLN UA 109 -89.03 -2.78 -20.08
N ARG UA 110 -88.50 -1.89 -19.24
CA ARG UA 110 -87.13 -1.97 -18.77
C ARG UA 110 -87.00 -2.66 -17.42
N CYS UA 111 -87.88 -3.61 -17.12
CA CYS UA 111 -87.80 -4.39 -15.91
C CYS UA 111 -87.10 -5.71 -16.20
N ARG UA 112 -86.11 -6.06 -15.37
CA ARG UA 112 -85.34 -7.28 -15.53
C ARG UA 112 -85.79 -8.30 -14.50
N LEU UA 113 -86.00 -9.53 -14.94
CA LEU UA 113 -86.36 -10.64 -14.06
C LEU UA 113 -85.19 -11.60 -13.96
N LEU UA 114 -84.86 -12.01 -12.74
CA LEU UA 114 -83.69 -12.87 -12.53
C LEU UA 114 -83.90 -14.23 -13.17
N GLU UA 115 -84.90 -14.97 -12.71
CA GLU UA 115 -85.27 -16.25 -13.32
C GLU UA 115 -86.31 -15.96 -14.40
N GLY UA 116 -85.81 -15.49 -15.54
CA GLY UA 116 -86.69 -14.93 -16.56
C GLY UA 116 -87.74 -15.91 -17.05
N VAL UA 117 -87.32 -17.12 -17.38
CA VAL UA 117 -88.29 -18.12 -17.83
C VAL UA 117 -89.15 -18.59 -16.65
N LYS UA 118 -88.54 -18.78 -15.49
CA LYS UA 118 -89.28 -19.33 -14.35
C LYS UA 118 -90.22 -18.31 -13.73
N GLN UA 119 -89.76 -17.06 -13.53
CA GLN UA 119 -90.62 -16.05 -12.93
C GLN UA 119 -91.80 -15.72 -13.83
N ALA UA 120 -91.55 -15.57 -15.13
CA ALA UA 120 -92.64 -15.27 -16.07
C ALA UA 120 -93.65 -16.40 -16.10
N LEU UA 121 -93.17 -17.65 -16.04
CA LEU UA 121 -94.07 -18.80 -15.99
C LEU UA 121 -94.90 -18.78 -14.72
N TRP UA 122 -94.29 -18.44 -13.58
CA TRP UA 122 -95.02 -18.46 -12.32
C TRP UA 122 -96.06 -17.35 -12.26
N LEU UA 123 -95.68 -16.12 -12.64
CA LEU UA 123 -96.59 -15.00 -12.56
C LEU UA 123 -97.74 -15.12 -13.55
N THR UA 124 -97.57 -15.88 -14.63
CA THR UA 124 -98.59 -16.01 -15.66
C THR UA 124 -99.38 -17.31 -15.55
N LYS UA 125 -98.90 -18.28 -14.77
CA LYS UA 125 -99.52 -19.60 -14.65
C LYS UA 125 -99.62 -20.26 -16.02
N THR UA 126 -98.45 -20.50 -16.61
CA THR UA 126 -98.32 -21.12 -17.93
C THR UA 126 -97.47 -22.37 -17.82
N GLN UA 127 -97.41 -23.11 -18.93
CA GLN UA 127 -96.55 -24.28 -19.04
C GLN UA 127 -95.67 -24.10 -20.28
N LEU UA 128 -94.36 -24.19 -20.08
CA LEU UA 128 -93.42 -23.99 -21.17
C LEU UA 128 -93.31 -25.26 -22.01
N ILE UA 129 -93.51 -25.12 -23.32
CA ILE UA 129 -93.41 -26.22 -24.26
C ILE UA 129 -92.35 -25.87 -25.29
N GLU UA 130 -91.30 -26.67 -25.35
CA GLU UA 130 -90.21 -26.42 -26.28
C GLU UA 130 -90.66 -26.65 -27.71
N GLY UA 131 -90.25 -25.76 -28.61
CA GLY UA 131 -90.58 -25.89 -30.01
C GLY UA 131 -91.85 -25.15 -30.40
N LEU UA 132 -91.89 -24.66 -31.64
CA LEU UA 132 -93.08 -23.99 -32.13
C LEU UA 132 -94.21 -24.99 -32.33
N PRO UA 133 -95.46 -24.53 -32.29
CA PRO UA 133 -96.60 -25.43 -32.48
C PRO UA 133 -96.57 -26.08 -33.85
N GLU UA 134 -97.34 -27.17 -33.98
CA GLU UA 134 -97.37 -27.92 -35.24
C GLU UA 134 -97.96 -27.09 -36.37
N LYS UA 135 -98.96 -26.24 -36.07
CA LYS UA 135 -99.54 -25.41 -37.11
C LYS UA 135 -98.52 -24.42 -37.67
N VAL UA 136 -97.73 -23.81 -36.80
CA VAL UA 136 -96.73 -22.84 -37.25
C VAL UA 136 -95.62 -23.54 -38.03
N LEU UA 137 -95.10 -24.64 -37.47
CA LEU UA 137 -93.95 -25.29 -38.08
C LEU UA 137 -94.31 -25.92 -39.43
N ARG UA 138 -95.48 -26.54 -39.53
CA ARG UA 138 -95.91 -27.12 -40.79
C ARG UA 138 -96.29 -26.07 -41.83
N LEU UA 139 -96.45 -24.82 -41.41
CA LEU UA 139 -96.78 -23.74 -42.32
C LEU UA 139 -95.55 -23.17 -43.03
N ALA UA 140 -94.35 -23.52 -42.57
CA ALA UA 140 -93.12 -23.04 -43.17
C ALA UA 140 -92.36 -24.10 -43.96
N ASP UA 141 -92.57 -25.38 -43.66
CA ASP UA 141 -91.87 -26.44 -44.38
C ASP UA 141 -92.41 -26.64 -45.78
N ASP UA 142 -93.64 -26.20 -46.05
CA ASP UA 142 -94.22 -26.34 -47.37
C ASP UA 142 -93.53 -25.39 -48.34
N PRO UA 143 -92.96 -25.88 -49.45
CA PRO UA 143 -92.33 -24.98 -50.42
C PRO UA 143 -93.29 -24.00 -51.06
N ARG UA 144 -94.60 -24.27 -51.02
CA ARG UA 144 -95.60 -23.38 -51.61
C ARG UA 144 -95.83 -22.11 -50.77
N ASN UA 145 -95.03 -21.87 -49.74
CA ASN UA 145 -95.12 -20.67 -48.92
C ASN UA 145 -93.74 -20.03 -48.76
N HIS UA 146 -93.02 -19.89 -49.87
CA HIS UA 146 -91.71 -19.27 -49.88
C HIS UA 146 -91.69 -18.14 -50.90
N ILE UA 147 -91.05 -17.03 -50.53
CA ILE UA 147 -90.90 -15.93 -51.46
C ILE UA 147 -89.92 -16.29 -52.56
N GLU UA 148 -90.03 -15.61 -53.69
CA GLU UA 148 -89.10 -15.84 -54.80
C GLU UA 148 -87.70 -15.42 -54.39
N ASN UA 149 -86.72 -16.28 -54.64
CA ASN UA 149 -85.34 -16.07 -54.23
C ASN UA 149 -85.24 -15.76 -52.74
N GLN UA 150 -85.79 -16.66 -51.92
CA GLN UA 150 -85.79 -16.44 -50.48
C GLN UA 150 -84.38 -16.38 -49.93
N ASP UA 151 -83.50 -17.28 -50.37
CA ASP UA 151 -82.13 -17.28 -49.87
C ASP UA 151 -81.38 -16.02 -50.31
N GLU UA 152 -81.61 -15.58 -51.55
CA GLU UA 152 -80.86 -14.42 -52.07
C GLU UA 152 -81.35 -13.13 -51.42
N ARG UA 153 -82.66 -12.95 -51.32
CA ARG UA 153 -83.20 -11.70 -50.81
C ARG UA 153 -82.88 -11.51 -49.33
N VAL UA 154 -82.94 -12.59 -48.55
CA VAL UA 154 -82.57 -12.48 -47.14
C VAL UA 154 -81.09 -12.15 -47.00
N LEU UA 155 -80.25 -12.72 -47.87
CA LEU UA 155 -78.83 -12.40 -47.84
C LEU UA 155 -78.59 -10.92 -48.11
N ASN UA 156 -79.32 -10.34 -49.05
CA ASN UA 156 -79.21 -8.90 -49.29
C ASN UA 156 -79.77 -8.09 -48.12
N ALA UA 157 -80.82 -8.58 -47.47
CA ALA UA 157 -81.40 -7.87 -46.34
C ALA UA 157 -80.41 -7.77 -45.19
N ILE UA 158 -79.67 -8.84 -44.92
CA ILE UA 158 -78.66 -8.81 -43.86
C ILE UA 158 -77.55 -7.82 -44.23
N SER UA 159 -77.07 -7.88 -45.47
CA SER UA 159 -76.03 -6.96 -45.90
C SER UA 159 -76.53 -5.52 -45.90
N HIS UA 160 -77.76 -5.30 -46.35
CA HIS UA 160 -78.31 -3.96 -46.35
C HIS UA 160 -78.46 -3.42 -44.93
N ALA UA 161 -78.89 -4.26 -43.99
CA ALA UA 161 -79.10 -3.81 -42.63
C ALA UA 161 -77.79 -3.40 -41.97
N ARG UA 162 -76.74 -4.21 -42.13
CA ARG UA 162 -75.52 -4.02 -41.36
C ARG UA 162 -74.46 -3.19 -42.06
N LEU UA 163 -74.49 -3.10 -43.38
CA LEU UA 163 -73.41 -2.39 -44.06
C LEU UA 163 -73.90 -1.30 -45.00
N TRP UA 164 -75.02 -1.50 -45.67
CA TRP UA 164 -75.44 -0.61 -46.75
C TRP UA 164 -76.32 0.55 -46.28
N HIS UA 165 -77.09 0.35 -45.21
CA HIS UA 165 -78.09 1.35 -44.84
C HIS UA 165 -77.51 2.65 -44.30
N SER UA 166 -76.21 2.67 -43.97
CA SER UA 166 -75.61 3.85 -43.35
C SER UA 166 -74.36 4.25 -44.12
N THR UA 167 -74.06 5.56 -44.06
CA THR UA 167 -72.85 6.07 -44.70
C THR UA 167 -71.59 5.65 -43.95
N GLU UA 168 -71.68 5.47 -42.64
CA GLU UA 168 -70.51 5.08 -41.86
C GLU UA 168 -70.13 3.63 -42.17
N ASP UA 169 -68.84 3.32 -41.97
CA ASP UA 169 -68.35 1.97 -42.23
C ASP UA 169 -68.90 0.98 -41.20
N ILE UA 170 -69.03 1.40 -39.95
CA ILE UA 170 -69.49 0.52 -38.88
C ILE UA 170 -70.76 1.10 -38.27
N PRO UA 171 -71.94 0.76 -38.79
CA PRO UA 171 -73.18 1.26 -38.20
C PRO UA 171 -73.36 0.75 -36.77
N LYS UA 172 -73.91 1.60 -35.92
CA LYS UA 172 -74.17 1.23 -34.54
C LYS UA 172 -75.42 0.37 -34.45
N ARG UA 173 -75.59 -0.29 -33.30
CA ARG UA 173 -76.66 -1.26 -33.15
C ARG UA 173 -78.03 -0.61 -33.19
N GLU UA 174 -78.16 0.60 -32.62
CA GLU UA 174 -79.46 1.24 -32.60
C GLU UA 174 -79.92 1.65 -33.98
N THR UA 175 -79.04 1.61 -34.98
CA THR UA 175 -79.42 1.90 -36.36
C THR UA 175 -79.87 0.64 -37.10
N TYR UA 176 -79.13 -0.46 -36.97
CA TYR UA 176 -79.43 -1.66 -37.74
C TYR UA 176 -80.29 -2.66 -37.00
N CYS UA 177 -80.69 -2.39 -35.77
CA CYS UA 177 -81.58 -3.31 -35.07
C CYS UA 177 -83.01 -3.18 -35.58
N PRO UA 178 -83.59 -1.97 -35.69
CA PRO UA 178 -84.93 -1.87 -36.29
C PRO UA 178 -84.96 -2.01 -37.80
N VAL UA 179 -83.83 -1.78 -38.48
CA VAL UA 179 -83.81 -1.91 -39.93
C VAL UA 179 -83.94 -3.36 -40.35
N ILE UA 180 -83.19 -4.26 -39.69
CA ILE UA 180 -83.23 -5.67 -40.09
C ILE UA 180 -84.61 -6.26 -39.84
N VAL UA 181 -85.27 -5.84 -38.77
CA VAL UA 181 -86.61 -6.35 -38.48
C VAL UA 181 -87.61 -5.83 -39.50
N ASP UA 182 -87.54 -4.54 -39.83
CA ASP UA 182 -88.45 -3.99 -40.82
C ASP UA 182 -88.19 -4.57 -42.21
N SER UA 183 -86.92 -4.83 -42.53
CA SER UA 183 -86.60 -5.42 -43.83
C SER UA 183 -87.20 -6.81 -43.95
N LEU UA 184 -87.12 -7.61 -42.89
CA LEU UA 184 -87.73 -8.94 -42.93
C LEU UA 184 -89.25 -8.88 -42.97
N ILE UA 185 -89.84 -7.86 -42.34
CA ILE UA 185 -91.29 -7.69 -42.41
C ILE UA 185 -91.72 -7.42 -43.84
N GLN UA 186 -90.96 -6.59 -44.56
CA GLN UA 186 -91.31 -6.28 -45.94
C GLN UA 186 -91.21 -7.51 -46.83
N LEU UA 187 -90.25 -8.39 -46.55
CA LEU UA 187 -90.10 -9.61 -47.35
C LEU UA 187 -91.34 -10.50 -47.22
N CYS UA 188 -91.84 -10.69 -46.00
CA CYS UA 188 -93.06 -11.46 -45.80
C CYS UA 188 -94.32 -10.65 -46.09
N LYS UA 189 -94.21 -9.32 -46.22
CA LYS UA 189 -95.34 -8.52 -46.64
C LYS UA 189 -95.61 -8.67 -48.13
N SER UA 190 -94.58 -8.99 -48.92
CA SER UA 190 -94.73 -9.16 -50.35
C SER UA 190 -95.57 -10.37 -50.73
N GLN UA 191 -95.85 -11.26 -49.79
CA GLN UA 191 -96.68 -12.44 -50.05
C GLN UA 191 -98.17 -12.13 -50.10
N ILE UA 192 -98.55 -10.85 -50.02
CA ILE UA 192 -99.97 -10.50 -50.05
C ILE UA 192 -100.58 -10.83 -51.40
N LEU UA 193 -99.79 -10.79 -52.48
CA LEU UA 193 -100.32 -11.11 -53.80
C LEU UA 193 -100.73 -12.58 -53.90
N LYS UA 194 -99.93 -13.49 -53.31
CA LYS UA 194 -100.29 -14.90 -53.34
C LYS UA 194 -101.41 -15.22 -52.37
N HIS UA 195 -101.41 -14.58 -51.19
CA HIS UA 195 -102.45 -14.75 -50.17
C HIS UA 195 -103.13 -13.40 -49.98
N PRO UA 196 -104.24 -13.14 -50.66
CA PRO UA 196 -104.93 -11.85 -50.54
C PRO UA 196 -105.75 -11.71 -49.27
N SER UA 197 -105.16 -12.06 -48.13
CA SER UA 197 -105.77 -11.84 -46.84
C SER UA 197 -104.83 -11.14 -45.86
N LEU UA 198 -103.59 -10.88 -46.26
CA LEU UA 198 -102.66 -10.15 -45.41
C LEU UA 198 -102.98 -8.66 -45.33
N ALA UA 199 -103.90 -8.17 -46.17
CA ALA UA 199 -104.30 -6.77 -46.13
C ALA UA 199 -105.14 -6.44 -44.90
N ARG UA 200 -105.56 -7.44 -44.13
CA ARG UA 200 -106.31 -7.23 -42.91
C ARG UA 200 -105.43 -6.83 -41.73
N ARG UA 201 -104.12 -6.74 -41.93
CA ARG UA 201 -103.19 -6.40 -40.87
C ARG UA 201 -102.75 -4.94 -40.98
N ILE UA 202 -102.49 -4.32 -39.83
CA ILE UA 202 -102.00 -2.96 -39.77
C ILE UA 202 -101.14 -2.84 -38.50
N CYS UA 203 -100.13 -1.98 -38.58
CA CYS UA 203 -99.16 -1.82 -37.50
C CYS UA 203 -99.52 -0.64 -36.62
N ALA UA 204 -99.11 -0.71 -35.35
CA ALA UA 204 -99.31 0.36 -34.40
C ALA UA 204 -98.00 0.65 -33.68
N GLN UA 205 -97.84 1.89 -33.23
CA GLN UA 205 -96.60 2.34 -32.62
C GLN UA 205 -96.89 2.98 -31.26
N ASN UA 206 -96.03 2.66 -30.29
CA ASN UA 206 -96.01 3.25 -28.95
C ASN UA 206 -97.41 3.47 -28.38
N ASN UA 207 -98.15 2.38 -28.26
CA ASN UA 207 -99.46 2.42 -27.64
C ASN UA 207 -99.36 2.16 -26.14
N THR UA 208 -100.35 2.68 -25.41
CA THR UA 208 -100.42 2.52 -23.97
C THR UA 208 -101.24 1.28 -23.64
N LEU UA 209 -100.63 0.31 -22.98
CA LEU UA 209 -101.27 -0.95 -22.64
C LEU UA 209 -101.25 -1.16 -21.13
N SER UA 210 -102.38 -1.61 -20.59
CA SER UA 210 -102.48 -1.86 -19.15
C SER UA 210 -103.36 -3.08 -18.93
N ALA UA 211 -102.93 -3.97 -18.04
CA ALA UA 211 -103.68 -5.16 -17.70
C ALA UA 211 -103.35 -5.55 -16.27
N THR UA 212 -104.35 -5.52 -15.39
CA THR UA 212 -104.15 -5.79 -13.98
C THR UA 212 -104.90 -7.07 -13.59
N TRP UA 213 -104.21 -7.95 -12.88
CA TRP UA 213 -104.81 -9.18 -12.39
C TRP UA 213 -104.23 -9.52 -11.02
N ASN UA 214 -105.02 -10.24 -10.22
CA ASN UA 214 -104.61 -10.66 -8.89
C ASN UA 214 -104.06 -12.07 -8.95
N ARG UA 215 -102.87 -12.27 -8.38
CA ARG UA 215 -102.14 -13.53 -8.49
C ARG UA 215 -101.67 -13.95 -7.10
N GLU UA 216 -102.45 -14.78 -6.43
CA GLU UA 216 -102.09 -15.35 -5.13
C GLU UA 216 -101.85 -14.24 -4.09
N SER UA 217 -102.91 -13.50 -3.80
CA SER UA 217 -102.99 -12.49 -2.74
C SER UA 217 -102.07 -11.30 -2.98
N ILE UA 218 -101.43 -11.20 -4.13
CA ILE UA 218 -100.65 -10.02 -4.49
C ILE UA 218 -101.13 -9.53 -5.84
N LEU UA 219 -101.00 -8.22 -6.05
CA LEU UA 219 -101.54 -7.56 -7.23
C LEU UA 219 -100.43 -7.25 -8.22
N LEU UA 220 -100.61 -7.68 -9.46
CA LEU UA 220 -99.64 -7.44 -10.52
C LEU UA 220 -100.31 -6.65 -11.65
N GLN UA 221 -99.49 -5.89 -12.38
CA GLN UA 221 -100.00 -5.09 -13.48
C GLN UA 221 -98.92 -4.97 -14.55
N VAL UA 222 -99.28 -5.24 -15.79
CA VAL UA 222 -98.39 -5.02 -16.93
C VAL UA 222 -98.78 -3.69 -17.57
N HIS UA 223 -97.92 -2.69 -17.41
CA HIS UA 223 -98.20 -1.34 -17.89
C HIS UA 223 -96.99 -0.83 -18.65
N GLY UA 224 -97.25 -0.07 -19.69
CA GLY UA 224 -96.18 0.52 -20.47
C GLY UA 224 -96.54 0.52 -21.95
N SER UA 225 -95.50 0.38 -22.78
CA SER UA 225 -95.69 0.38 -24.22
C SER UA 225 -94.94 -0.80 -24.84
N SER UA 226 -94.87 -0.84 -26.16
CA SER UA 226 -94.15 -1.87 -26.88
C SER UA 226 -93.47 -1.25 -28.08
N GLY UA 227 -92.51 -1.98 -28.64
CA GLY UA 227 -91.79 -1.50 -29.80
C GLY UA 227 -92.67 -1.40 -31.03
N ALA UA 228 -93.13 -2.54 -31.54
CA ALA UA 228 -94.00 -2.58 -32.69
C ALA UA 228 -95.10 -3.60 -32.44
N ARG UA 229 -96.31 -3.29 -32.88
CA ARG UA 229 -97.47 -4.16 -32.68
C ARG UA 229 -98.18 -4.35 -34.00
N LEU UA 230 -98.65 -5.57 -34.24
CA LEU UA 230 -99.39 -5.92 -35.44
C LEU UA 230 -100.76 -6.44 -35.05
N ASN UA 231 -101.80 -5.87 -35.65
CA ASN UA 231 -103.18 -6.23 -35.34
C ASN UA 231 -103.88 -6.73 -36.60
N ALA UA 232 -104.84 -7.64 -36.41
CA ALA UA 232 -105.60 -8.20 -37.50
C ALA UA 232 -107.09 -8.12 -37.18
N LYS UA 233 -107.91 -8.00 -38.23
CA LYS UA 233 -109.35 -7.89 -38.04
C LYS UA 233 -109.94 -9.15 -37.44
N ASP UA 234 -109.48 -10.32 -37.90
CA ASP UA 234 -110.06 -11.55 -37.41
C ASP UA 234 -109.20 -12.17 -36.32
N PRO UA 235 -109.80 -12.77 -35.29
CA PRO UA 235 -109.00 -13.35 -34.22
C PRO UA 235 -108.23 -14.57 -34.67
N LEU UA 236 -107.11 -14.82 -34.00
CA LEU UA 236 -106.26 -15.95 -34.32
C LEU UA 236 -106.89 -17.24 -33.79
N PRO UA 237 -107.00 -18.28 -34.60
CA PRO UA 237 -107.64 -19.52 -34.13
C PRO UA 237 -106.80 -20.20 -33.07
N PRO UA 238 -107.42 -20.99 -32.18
CA PRO UA 238 -106.64 -21.68 -31.16
C PRO UA 238 -105.68 -22.68 -31.77
N VAL UA 239 -104.54 -22.86 -31.11
CA VAL UA 239 -103.44 -23.67 -31.63
C VAL UA 239 -103.20 -24.94 -30.82
N ALA UA 240 -103.76 -25.05 -29.62
CA ALA UA 240 -103.51 -26.19 -28.75
C ALA UA 240 -104.71 -27.13 -28.78
N SER UA 241 -104.44 -28.43 -28.96
CA SER UA 241 -105.49 -29.43 -28.94
C SER UA 241 -106.00 -29.62 -27.51
N GLN UA 242 -107.23 -30.14 -27.42
CA GLN UA 242 -107.86 -30.35 -26.12
C GLN UA 242 -107.15 -31.40 -25.29
N GLU UA 243 -106.40 -32.31 -25.92
CA GLU UA 243 -105.62 -33.28 -25.16
C GLU UA 243 -104.54 -32.59 -24.33
N GLU UA 244 -103.87 -31.59 -24.91
CA GLU UA 244 -102.83 -30.88 -24.18
C GLU UA 244 -103.39 -30.00 -23.07
N VAL UA 245 -104.58 -29.43 -23.28
CA VAL UA 245 -105.18 -28.59 -22.25
C VAL UA 245 -105.47 -29.39 -21.00
N GLU UA 246 -106.03 -30.60 -21.16
CA GLU UA 246 -106.30 -31.44 -20.00
C GLU UA 246 -105.01 -31.87 -19.31
N ALA UA 247 -103.97 -32.18 -20.08
CA ALA UA 247 -102.69 -32.53 -19.51
C ALA UA 247 -102.05 -31.37 -18.75
N THR UA 248 -102.47 -30.13 -19.05
CA THR UA 248 -101.93 -28.97 -18.36
C THR UA 248 -102.44 -28.87 -16.92
N LYS UA 249 -103.58 -29.47 -16.63
CA LYS UA 249 -104.15 -29.37 -15.28
C LYS UA 249 -103.23 -30.01 -14.25
N ASN UA 250 -102.64 -31.17 -14.56
CA ASN UA 250 -101.80 -31.87 -13.63
C ASN UA 250 -100.39 -31.28 -13.52
N HIS UA 251 -100.01 -30.39 -14.41
CA HIS UA 251 -98.70 -29.77 -14.34
C HIS UA 251 -98.60 -28.85 -13.13
N VAL UA 252 -97.46 -28.89 -12.46
CA VAL UA 252 -97.21 -28.10 -11.25
C VAL UA 252 -96.15 -27.06 -11.58
N LEU UA 253 -96.45 -25.80 -11.25
CA LEU UA 253 -95.53 -24.70 -11.53
C LEU UA 253 -94.27 -24.85 -10.70
N GLU UA 254 -93.11 -24.61 -11.33
CA GLU UA 254 -91.86 -24.62 -10.61
C GLU UA 254 -91.77 -23.44 -9.66
N THR UA 255 -91.15 -23.67 -8.50
CA THR UA 255 -91.06 -22.66 -7.47
C THR UA 255 -89.62 -22.49 -7.02
N PHE UA 256 -89.30 -21.27 -6.57
CA PHE UA 256 -87.99 -20.94 -6.03
C PHE UA 256 -88.18 -20.28 -4.68
N TYR UA 257 -87.60 -20.88 -3.63
CA TYR UA 257 -87.86 -20.39 -2.28
C TYR UA 257 -87.13 -19.09 -1.97
N PRO UA 258 -85.80 -18.99 -2.13
CA PRO UA 258 -85.12 -17.77 -1.68
C PRO UA 258 -85.59 -16.50 -2.39
N ILE UA 259 -85.95 -16.59 -3.67
CA ILE UA 259 -86.34 -15.43 -4.46
C ILE UA 259 -87.85 -15.37 -4.52
N SER UA 260 -88.42 -14.25 -4.07
CA SER UA 260 -89.85 -14.07 -4.21
C SER UA 260 -90.20 -13.80 -5.67
N PRO UA 261 -91.40 -14.21 -6.11
CA PRO UA 261 -91.78 -13.99 -7.52
C PRO UA 261 -91.83 -12.52 -7.89
N THR UA 262 -92.02 -11.63 -6.92
CA THR UA 262 -92.18 -10.21 -7.22
C THR UA 262 -90.87 -9.54 -7.61
N MET UA 263 -89.73 -10.12 -7.23
CA MET UA 263 -88.44 -9.46 -7.45
C MET UA 263 -88.25 -9.15 -8.93
N GLY UA 264 -87.78 -7.93 -9.22
CA GLY UA 264 -87.60 -7.46 -10.56
C GLY UA 264 -88.67 -6.49 -11.04
N LEU UA 265 -89.80 -6.40 -10.34
CA LEU UA 265 -90.87 -5.50 -10.72
C LEU UA 265 -90.71 -4.16 -9.99
N GLN UA 266 -91.59 -3.21 -10.35
CA GLN UA 266 -91.61 -1.89 -9.76
C GLN UA 266 -92.81 -1.79 -8.82
N GLU UA 267 -92.54 -1.47 -7.57
CA GLU UA 267 -93.60 -1.33 -6.57
C GLU UA 267 -94.17 0.08 -6.65
N CYS UA 268 -95.43 0.19 -7.06
CA CYS UA 268 -96.11 1.47 -7.23
C CYS UA 268 -97.32 1.53 -6.31
N ASN UA 269 -97.42 2.61 -5.53
CA ASN UA 269 -98.58 2.84 -4.68
C ASN UA 269 -99.67 3.64 -5.38
N VAL UA 270 -99.42 4.15 -6.58
CA VAL UA 270 -100.40 4.89 -7.35
C VAL UA 270 -100.66 4.12 -8.64
N TYR UA 271 -101.92 3.77 -8.88
CA TYR UA 271 -102.31 2.96 -10.03
C TYR UA 271 -103.83 2.98 -10.14
N ASP UA 272 -104.32 2.48 -11.26
CA ASP UA 272 -105.75 2.36 -11.51
C ASP UA 272 -106.06 0.93 -11.91
N VAL UA 273 -107.08 0.34 -11.28
CA VAL UA 273 -107.47 -1.05 -11.57
C VAL UA 273 -108.47 -0.96 -12.73
N ASN UA 274 -107.92 -0.87 -13.94
CA ASN UA 274 -108.73 -0.81 -15.16
C ASN UA 274 -107.89 -1.34 -16.30
N ASP UA 275 -108.26 -2.49 -16.85
CA ASP UA 275 -107.51 -3.08 -17.95
C ASP UA 275 -107.78 -2.27 -19.21
N ASP UA 276 -106.82 -1.42 -19.56
CA ASP UA 276 -106.95 -0.52 -20.71
C ASP UA 276 -105.99 -0.98 -21.81
N THR UA 277 -106.55 -1.33 -22.96
CA THR UA 277 -105.75 -1.71 -24.12
C THR UA 277 -105.28 -0.45 -24.85
N GLY UA 278 -104.64 -0.66 -26.00
CA GLY UA 278 -104.08 0.45 -26.75
C GLY UA 278 -105.05 1.22 -27.63
N PHE UA 279 -106.28 0.75 -27.76
CA PHE UA 279 -107.25 1.38 -28.65
C PHE UA 279 -108.60 1.50 -27.96
N GLN UA 280 -109.40 2.44 -28.44
CA GLN UA 280 -110.73 2.65 -27.90
C GLN UA 280 -111.71 1.66 -28.52
N GLU UA 281 -112.99 1.79 -28.17
CA GLU UA 281 -114.00 0.88 -28.70
C GLU UA 281 -114.25 1.18 -30.18
N GLY UA 282 -114.72 0.15 -30.89
CA GLY UA 282 -115.00 0.30 -32.31
C GLY UA 282 -113.77 0.29 -33.20
N TYR UA 283 -112.63 -0.15 -32.69
CA TYR UA 283 -111.42 -0.20 -33.50
C TYR UA 283 -111.55 -1.31 -34.54
N PRO UA 284 -111.31 -1.04 -35.82
CA PRO UA 284 -111.51 -2.06 -36.86
C PRO UA 284 -110.50 -3.19 -36.82
N TYR UA 285 -109.48 -3.12 -35.96
CA TYR UA 285 -108.48 -4.19 -35.83
C TYR UA 285 -108.33 -4.54 -34.36
N PRO UA 286 -109.36 -5.14 -33.75
CA PRO UA 286 -109.34 -5.36 -32.31
C PRO UA 286 -108.56 -6.59 -31.87
N CYS UA 287 -108.00 -7.37 -32.79
CA CYS UA 287 -107.32 -8.59 -32.42
C CYS UA 287 -105.82 -8.48 -32.68
N PRO UA 288 -105.00 -8.24 -31.67
CA PRO UA 288 -103.55 -8.22 -31.88
C PRO UA 288 -103.03 -9.56 -32.38
N HIS UA 289 -101.99 -9.49 -33.21
CA HIS UA 289 -101.44 -10.67 -33.87
C HIS UA 289 -100.00 -10.93 -33.50
N THR UA 290 -99.14 -9.93 -33.57
CA THR UA 290 -97.71 -10.13 -33.33
C THR UA 290 -97.14 -8.92 -32.63
N LEU UA 291 -96.24 -9.17 -31.67
CA LEU UA 291 -95.52 -8.12 -30.97
C LEU UA 291 -94.04 -8.23 -31.32
N TYR UA 292 -93.41 -7.09 -31.61
CA TYR UA 292 -92.00 -7.04 -32.01
C TYR UA 292 -91.22 -6.28 -30.95
N PHE UA 293 -90.36 -6.98 -30.23
CA PHE UA 293 -89.49 -6.39 -29.22
C PHE UA 293 -88.06 -6.33 -29.74
N LEU UA 294 -87.47 -5.14 -29.67
CA LEU UA 294 -86.12 -4.90 -30.17
C LEU UA 294 -85.23 -4.44 -29.03
N GLU UA 295 -84.08 -5.08 -28.89
CA GLU UA 295 -83.08 -4.69 -27.89
C GLU UA 295 -81.95 -3.98 -28.65
N SER UA 296 -82.13 -2.67 -28.84
CA SER UA 296 -81.18 -1.84 -29.57
C SER UA 296 -80.44 -0.96 -28.58
N ALA UA 297 -79.17 -1.29 -28.33
CA ALA UA 297 -78.32 -0.48 -27.47
C ALA UA 297 -76.87 -0.87 -27.72
N ASN UA 298 -76.00 0.13 -27.85
CA ASN UA 298 -74.61 -0.13 -28.20
C ASN UA 298 -73.90 -0.91 -27.11
N LEU UA 299 -74.14 -0.58 -25.85
CA LEU UA 299 -73.39 -1.18 -24.76
C LEU UA 299 -73.99 -2.52 -24.36
N ARG UA 300 -73.11 -3.47 -24.03
CA ARG UA 300 -73.57 -4.81 -23.61
C ARG UA 300 -74.44 -4.78 -22.37
N PRO UA 301 -74.08 -4.11 -21.28
CA PRO UA 301 -74.97 -4.12 -20.09
C PRO UA 301 -76.30 -3.46 -20.32
N ARG UA 302 -76.42 -2.60 -21.34
CA ARG UA 302 -77.67 -1.90 -21.60
C ARG UA 302 -78.76 -2.87 -22.08
N ARG UA 303 -78.39 -3.84 -22.91
CA ARG UA 303 -79.37 -4.72 -23.53
C ARG UA 303 -79.78 -5.85 -22.59
N PHE UA 304 -80.98 -6.36 -22.82
CA PHE UA 304 -81.48 -7.49 -22.05
C PHE UA 304 -80.69 -8.75 -22.37
N GLN UA 305 -80.51 -9.59 -21.35
CA GLN UA 305 -79.98 -10.92 -21.58
C GLN UA 305 -81.04 -11.78 -22.29
N PRO UA 306 -80.61 -12.79 -23.05
CA PRO UA 306 -81.61 -13.64 -23.74
C PRO UA 306 -82.58 -14.30 -22.79
N ASP UA 307 -82.13 -14.72 -21.61
CA ASP UA 307 -83.06 -15.28 -20.63
C ASP UA 307 -84.07 -14.23 -20.16
N GLN UA 308 -83.60 -13.01 -19.90
CA GLN UA 308 -84.52 -11.96 -19.46
C GLN UA 308 -85.37 -11.44 -20.60
N LEU UA 309 -84.85 -11.46 -21.84
CA LEU UA 309 -85.63 -10.97 -22.97
C LEU UA 309 -86.86 -11.84 -23.20
N ARG UA 310 -86.72 -13.16 -23.06
CA ARG UA 310 -87.87 -14.03 -23.22
C ARG UA 310 -88.92 -13.79 -22.14
N ALA UA 311 -88.49 -13.38 -20.95
CA ALA UA 311 -89.45 -13.01 -19.91
C ALA UA 311 -90.25 -11.79 -20.32
N LYS UA 312 -89.60 -10.82 -20.95
CA LYS UA 312 -90.28 -9.60 -21.39
C LYS UA 312 -91.39 -9.94 -22.39
N MET UA 313 -91.16 -10.91 -23.26
CA MET UA 313 -92.17 -11.28 -24.24
C MET UA 313 -93.33 -12.03 -23.61
N ILE UA 314 -93.06 -12.85 -22.58
CA ILE UA 314 -94.10 -13.66 -21.97
C ILE UA 314 -95.18 -12.78 -21.35
N LEU UA 315 -94.77 -11.78 -20.58
CA LEU UA 315 -95.74 -10.95 -19.86
C LEU UA 315 -96.51 -10.04 -20.83
N PHE UA 316 -95.81 -9.39 -21.76
CA PHE UA 316 -96.50 -8.47 -22.66
C PHE UA 316 -97.44 -9.21 -23.60
N ALA UA 317 -97.04 -10.40 -24.07
CA ALA UA 317 -97.97 -11.21 -24.86
C ALA UA 317 -99.17 -11.62 -24.03
N PHE UA 318 -98.97 -11.91 -22.74
CA PHE UA 318 -100.10 -12.20 -21.87
C PHE UA 318 -100.93 -10.95 -21.59
N GLY UA 319 -100.28 -9.80 -21.45
CA GLY UA 319 -101.01 -8.57 -21.19
C GLY UA 319 -101.97 -8.22 -22.30
N SER UA 320 -101.52 -8.33 -23.56
CA SER UA 320 -102.41 -8.12 -24.69
C SER UA 320 -103.50 -9.19 -24.73
N ALA UA 321 -103.13 -10.45 -24.47
CA ALA UA 321 -104.10 -11.53 -24.47
C ALA UA 321 -105.14 -11.35 -23.37
N LEU UA 322 -104.69 -10.94 -22.18
CA LEU UA 322 -105.63 -10.77 -21.07
C LEU UA 322 -106.59 -9.62 -21.32
N ALA UA 323 -106.14 -8.58 -22.02
CA ALA UA 323 -107.01 -7.45 -22.32
C ALA UA 323 -108.19 -7.88 -23.20
N GLN UA 324 -107.91 -8.67 -24.24
CA GLN UA 324 -109.00 -9.17 -25.08
C GLN UA 324 -109.89 -10.15 -24.32
N ALA UA 325 -109.28 -11.01 -23.49
CA ALA UA 325 -110.05 -12.01 -22.78
C ALA UA 325 -111.05 -11.39 -21.81
N ARG UA 326 -110.78 -10.17 -21.34
CA ARG UA 326 -111.70 -9.48 -20.45
C ARG UA 326 -112.61 -8.51 -21.19
N LEU UA 327 -112.14 -7.91 -22.28
CA LEU UA 327 -112.99 -7.01 -23.06
C LEU UA 327 -114.08 -7.79 -23.79
N LEU UA 328 -113.75 -8.96 -24.33
CA LEU UA 328 -114.69 -9.73 -25.11
C LEU UA 328 -115.60 -10.62 -24.26
N TYR UA 329 -115.30 -10.80 -22.98
CA TYR UA 329 -116.09 -11.71 -22.17
C TYR UA 329 -116.60 -11.08 -20.86
N GLY UA 330 -115.81 -10.22 -20.24
CA GLY UA 330 -116.23 -9.56 -19.02
C GLY UA 330 -115.16 -9.63 -17.94
N ASN UA 331 -115.37 -8.80 -16.91
CA ASN UA 331 -114.41 -8.73 -15.80
C ASN UA 331 -114.45 -9.96 -14.91
N ASP UA 332 -115.49 -10.77 -15.00
CA ASP UA 332 -115.58 -11.97 -14.18
C ASP UA 332 -114.49 -12.96 -14.55
N SER UA 333 -113.98 -13.66 -13.54
CA SER UA 333 -112.89 -14.61 -13.72
C SER UA 333 -113.47 -16.01 -13.95
N LYS UA 334 -113.12 -16.61 -15.08
CA LYS UA 334 -113.62 -17.93 -15.44
C LYS UA 334 -112.70 -18.53 -16.49
N VAL UA 335 -112.84 -19.84 -16.69
CA VAL UA 335 -112.09 -20.51 -17.74
C VAL UA 335 -112.67 -20.14 -19.10
N LEU UA 336 -111.80 -19.91 -20.07
CA LEU UA 336 -112.22 -19.48 -21.40
C LEU UA 336 -112.51 -20.68 -22.28
N GLU UA 337 -113.72 -20.73 -22.83
CA GLU UA 337 -114.05 -21.79 -23.78
C GLU UA 337 -113.41 -21.53 -25.14
N GLN UA 338 -113.18 -20.27 -25.49
CA GLN UA 338 -112.52 -19.91 -26.73
C GLN UA 338 -111.18 -19.27 -26.43
N PRO UA 339 -110.07 -19.98 -26.63
CA PRO UA 339 -108.76 -19.42 -26.29
C PRO UA 339 -108.39 -18.24 -27.17
N VAL UA 340 -107.52 -17.39 -26.64
CA VAL UA 340 -106.96 -16.25 -27.35
C VAL UA 340 -105.48 -16.49 -27.55
N VAL UA 341 -105.01 -16.32 -28.78
CA VAL UA 341 -103.63 -16.60 -29.15
C VAL UA 341 -102.96 -15.29 -29.56
N VAL UA 342 -101.81 -15.01 -28.96
CA VAL UA 342 -101.01 -13.82 -29.26
C VAL UA 342 -99.57 -14.27 -29.51
N GLN UA 343 -98.99 -13.79 -30.61
CA GLN UA 343 -97.61 -14.11 -30.96
C GLN UA 343 -96.70 -12.92 -30.69
N SER UA 344 -95.40 -13.21 -30.55
CA SER UA 344 -94.42 -12.17 -30.32
C SER UA 344 -93.06 -12.66 -30.78
N VAL UA 345 -92.25 -11.75 -31.31
CA VAL UA 345 -90.90 -12.05 -31.79
C VAL UA 345 -89.93 -11.07 -31.17
N GLY UA 346 -88.86 -11.59 -30.57
CA GLY UA 346 -87.80 -10.77 -30.01
C GLY UA 346 -86.56 -10.82 -30.89
N THR UA 347 -85.88 -9.69 -31.02
CA THR UA 347 -84.74 -9.57 -31.91
C THR UA 347 -83.59 -8.85 -31.21
N ASP UA 348 -82.38 -9.34 -31.43
CA ASP UA 348 -81.16 -8.70 -30.96
C ASP UA 348 -80.37 -8.04 -32.08
N GLY UA 349 -80.69 -8.36 -33.34
CA GLY UA 349 -79.90 -7.97 -34.49
C GLY UA 349 -79.07 -9.09 -35.06
N ARG UA 350 -78.74 -10.09 -34.24
CA ARG UA 350 -78.06 -11.30 -34.69
C ARG UA 350 -78.70 -12.57 -34.15
N LEU UA 351 -79.42 -12.51 -33.04
CA LEU UA 351 -80.07 -13.66 -32.43
C LEU UA 351 -81.55 -13.35 -32.25
N PHE UA 352 -82.40 -14.33 -32.52
CA PHE UA 352 -83.84 -14.13 -32.53
C PHE UA 352 -84.52 -15.01 -31.48
N GLN UA 353 -85.65 -14.53 -30.98
CA GLN UA 353 -86.47 -15.26 -30.02
C GLN UA 353 -87.90 -15.29 -30.52
N PHE UA 354 -88.51 -16.47 -30.51
CA PHE UA 354 -89.87 -16.65 -31.01
C PHE UA 354 -90.76 -17.18 -29.89
N LEU UA 355 -91.97 -16.62 -29.78
CA LEU UA 355 -92.92 -17.00 -28.75
C LEU UA 355 -94.32 -17.01 -29.31
N VAL UA 356 -95.05 -18.10 -29.06
CA VAL UA 356 -96.48 -18.19 -29.34
C VAL UA 356 -97.17 -18.54 -28.03
N LEU UA 357 -98.10 -17.70 -27.61
CA LEU UA 357 -98.77 -17.85 -26.33
C LEU UA 357 -100.26 -17.99 -26.54
N GLN UA 358 -100.87 -18.93 -25.81
CA GLN UA 358 -102.30 -19.14 -25.82
C GLN UA 358 -102.84 -18.96 -24.41
N LEU UA 359 -103.91 -18.18 -24.28
CA LEU UA 359 -104.51 -17.89 -22.99
C LEU UA 359 -105.78 -18.71 -22.82
N ASN UA 360 -105.89 -19.41 -21.68
CA ASN UA 360 -107.04 -20.24 -21.39
C ASN UA 360 -107.70 -19.96 -20.05
N THR UA 361 -106.99 -19.35 -19.10
CA THR UA 361 -107.50 -19.16 -17.75
C THR UA 361 -107.49 -17.68 -17.40
N THR UA 362 -108.58 -17.22 -16.78
CA THR UA 362 -108.69 -15.87 -16.25
C THR UA 362 -108.59 -15.81 -14.73
N ASP UA 363 -109.19 -16.79 -14.03
CA ASP UA 363 -109.11 -16.86 -12.57
C ASP UA 363 -107.72 -17.35 -12.19
N LEU UA 364 -106.80 -16.40 -12.03
CA LEU UA 364 -105.41 -16.71 -11.74
C LEU UA 364 -105.10 -16.71 -10.25
N ALA UA 365 -106.11 -16.49 -9.39
CA ALA UA 365 -105.87 -16.49 -7.96
C ALA UA 365 -105.40 -17.85 -7.48
N SER UA 366 -106.02 -18.92 -7.95
CA SER UA 366 -105.66 -20.28 -7.55
C SER UA 366 -104.66 -20.87 -8.53
N ASP UA 367 -103.86 -21.82 -8.04
CA ASP UA 367 -102.87 -22.50 -8.84
C ASP UA 367 -103.27 -23.94 -9.17
N GLU UA 368 -104.50 -24.33 -8.86
CA GLU UA 368 -104.94 -25.70 -9.07
C GLU UA 368 -105.78 -25.90 -10.33
N GLY UA 369 -106.19 -24.82 -10.98
CA GLY UA 369 -107.01 -24.91 -12.16
C GLY UA 369 -106.19 -25.25 -13.41
N VAL UA 370 -106.73 -24.84 -14.55
CA VAL UA 370 -106.07 -25.09 -15.83
C VAL UA 370 -105.02 -24.01 -16.07
N LYS UA 371 -103.80 -24.42 -16.37
CA LYS UA 371 -102.73 -23.49 -16.68
C LYS UA 371 -102.76 -23.13 -18.17
N ASN UA 372 -102.03 -22.07 -18.51
CA ASN UA 372 -101.93 -21.65 -19.90
C ASN UA 372 -100.77 -22.37 -20.59
N LEU UA 373 -100.56 -22.06 -21.87
CA LEU UA 373 -99.51 -22.69 -22.65
C LEU UA 373 -98.72 -21.62 -23.38
N ALA UA 374 -97.45 -21.91 -23.63
CA ALA UA 374 -96.56 -20.97 -24.32
C ALA UA 374 -95.45 -21.75 -25.00
N TRP UA 375 -95.34 -21.61 -26.32
CA TRP UA 375 -94.30 -22.27 -27.10
C TRP UA 375 -93.18 -21.27 -27.35
N VAL UA 376 -91.97 -21.63 -26.95
CA VAL UA 376 -90.82 -20.74 -27.01
C VAL UA 376 -89.67 -21.44 -27.73
N ASP UA 377 -89.13 -20.79 -28.75
CA ASP UA 377 -87.89 -21.23 -29.40
C ASP UA 377 -86.78 -20.28 -28.97
N SER UA 378 -85.71 -20.84 -28.40
CA SER UA 378 -84.66 -20.05 -27.78
C SER UA 378 -83.43 -20.02 -28.66
N ASP UA 379 -82.90 -18.81 -28.87
CA ASP UA 379 -81.61 -18.60 -29.53
C ASP UA 379 -81.59 -19.18 -30.95
N GLN UA 380 -82.50 -18.66 -31.78
CA GLN UA 380 -82.51 -19.00 -33.20
C GLN UA 380 -81.52 -18.07 -33.90
N LEU UA 381 -80.31 -18.56 -34.13
CA LEU UA 381 -79.22 -17.73 -34.64
C LEU UA 381 -79.39 -17.57 -36.15
N LEU UA 382 -79.68 -16.34 -36.58
CA LEU UA 382 -79.90 -16.09 -38.00
C LEU UA 382 -78.59 -16.10 -38.78
N TYR UA 383 -77.51 -15.59 -38.19
CA TYR UA 383 -76.20 -15.65 -38.82
C TYR UA 383 -75.15 -15.62 -37.73
N GLN UA 384 -73.97 -16.17 -38.04
CA GLN UA 384 -72.92 -16.29 -37.04
C GLN UA 384 -72.21 -14.96 -36.80
N HIS UA 385 -71.59 -14.42 -37.83
CA HIS UA 385 -70.86 -13.16 -37.71
C HIS UA 385 -70.84 -12.46 -39.06
N PHE UA 386 -70.62 -11.15 -39.01
CA PHE UA 386 -70.55 -10.32 -40.21
C PHE UA 386 -69.24 -9.54 -40.20
N TRP UA 387 -68.64 -9.40 -41.38
CA TRP UA 387 -67.40 -8.65 -41.55
C TRP UA 387 -67.70 -7.42 -42.41
N CYS UA 388 -67.66 -6.25 -41.79
CA CYS UA 388 -67.91 -5.01 -42.53
C CYS UA 388 -66.75 -4.67 -43.46
N LEU UA 389 -65.53 -5.00 -43.06
CA LEU UA 389 -64.34 -4.72 -43.86
C LEU UA 389 -63.59 -6.01 -44.13
N PRO UA 390 -62.90 -6.11 -45.27
CA PRO UA 390 -62.18 -7.35 -45.61
C PRO UA 390 -60.97 -7.54 -44.70
N VAL UA 391 -60.95 -8.67 -43.99
CA VAL UA 391 -59.83 -8.98 -43.09
C VAL UA 391 -58.63 -9.40 -43.92
N ILE UA 392 -57.47 -8.81 -43.62
CA ILE UA 392 -56.23 -9.08 -44.35
C ILE UA 392 -55.23 -9.66 -43.36
N LYS UA 393 -54.71 -10.84 -43.68
CA LYS UA 393 -53.66 -11.48 -42.89
C LYS UA 393 -52.50 -11.81 -43.81
N LYS UA 394 -51.32 -11.29 -43.48
CA LYS UA 394 -50.11 -11.51 -44.27
C LYS UA 394 -50.31 -11.12 -45.74
N LYS UA 395 -50.88 -9.93 -45.93
CA LYS UA 395 -51.04 -9.29 -47.24
C LYS UA 395 -51.95 -10.05 -48.18
N VAL UA 396 -52.76 -10.98 -47.68
CA VAL UA 396 -53.74 -11.69 -48.50
C VAL UA 396 -55.10 -11.64 -47.82
N VAL UA 397 -56.14 -11.81 -48.62
CA VAL UA 397 -57.51 -11.76 -48.14
C VAL UA 397 -57.95 -13.19 -47.79
N VAL UA 398 -58.33 -13.40 -46.54
CA VAL UA 398 -58.79 -14.72 -46.09
C VAL UA 398 -60.31 -14.81 -46.08
N GLU UA 399 -60.99 -13.83 -45.52
CA GLU UA 399 -62.46 -13.80 -45.47
C GLU UA 399 -62.95 -12.51 -46.09
N PRO UA 400 -63.71 -12.56 -47.17
CA PRO UA 400 -64.15 -11.33 -47.85
C PRO UA 400 -65.31 -10.68 -47.10
N VAL UA 401 -65.81 -9.59 -47.67
CA VAL UA 401 -66.91 -8.86 -47.07
C VAL UA 401 -68.20 -9.66 -47.21
N GLY UA 402 -68.96 -9.75 -46.14
CA GLY UA 402 -70.22 -10.46 -46.15
C GLY UA 402 -70.41 -11.30 -44.91
N PRO UA 403 -71.64 -11.76 -44.68
CA PRO UA 403 -71.91 -12.56 -43.49
C PRO UA 403 -71.20 -13.91 -43.56
N ILE UA 404 -70.82 -14.40 -42.39
CA ILE UA 404 -70.17 -15.70 -42.25
C ILE UA 404 -71.15 -16.63 -41.58
N GLY UA 405 -71.57 -17.67 -42.30
CA GLY UA 405 -72.57 -18.59 -41.78
C GLY UA 405 -73.97 -18.04 -41.92
N PHE UA 406 -74.91 -18.88 -42.35
CA PHE UA 406 -76.28 -18.45 -42.53
C PHE UA 406 -77.21 -19.63 -42.28
N GLN UA 407 -78.25 -19.39 -41.47
CA GLN UA 407 -79.24 -20.43 -41.16
C GLN UA 407 -80.60 -19.97 -41.66
N PRO UA 408 -81.04 -20.42 -42.84
CA PRO UA 408 -82.31 -19.95 -43.39
C PRO UA 408 -83.53 -20.34 -42.57
N GLU UA 409 -83.42 -21.37 -41.71
CA GLU UA 409 -84.57 -21.82 -40.96
C GLU UA 409 -85.06 -20.76 -39.96
N THR UA 410 -84.15 -19.92 -39.46
CA THR UA 410 -84.56 -18.85 -38.55
C THR UA 410 -85.51 -17.88 -39.24
N PHE UA 411 -85.19 -17.48 -40.48
CA PHE UA 411 -86.12 -16.67 -41.25
C PHE UA 411 -87.35 -17.46 -41.65
N ARG UA 412 -87.20 -18.75 -41.93
CA ARG UA 412 -88.34 -19.57 -42.32
C ARG UA 412 -89.38 -19.64 -41.21
N LYS UA 413 -88.93 -19.79 -39.97
CA LYS UA 413 -89.85 -19.72 -38.84
C LYS UA 413 -90.43 -18.32 -38.71
N PHE UA 414 -89.61 -17.29 -38.96
CA PHE UA 414 -90.10 -15.91 -38.92
C PHE UA 414 -91.21 -15.71 -39.95
N LEU UA 415 -91.04 -16.28 -41.15
CA LEU UA 415 -92.09 -16.22 -42.15
C LEU UA 415 -93.32 -17.00 -41.71
N ALA UA 416 -93.13 -18.10 -40.97
CA ALA UA 416 -94.26 -18.92 -40.54
C ALA UA 416 -95.18 -18.14 -39.60
N LEU UA 417 -94.62 -17.39 -38.66
CA LEU UA 417 -95.44 -16.63 -37.71
C LEU UA 417 -96.25 -15.56 -38.42
N TYR UA 418 -95.66 -14.90 -39.42
CA TYR UA 418 -96.34 -13.81 -40.10
C TYR UA 418 -97.55 -14.31 -40.90
N LEU UA 419 -97.49 -15.53 -41.43
CA LEU UA 419 -98.56 -16.09 -42.23
C LEU UA 419 -99.49 -16.98 -41.44
N HIS UA 420 -99.37 -16.99 -40.11
CA HIS UA 420 -100.16 -17.90 -39.29
C HIS UA 420 -101.65 -17.58 -39.40
N GLY UA 421 -102.01 -16.30 -39.47
CA GLY UA 421 -103.42 -15.94 -39.58
C GLY UA 421 -104.06 -16.44 -40.86
N ALA UA 422 -103.34 -16.34 -41.97
CA ALA UA 422 -103.86 -16.79 -43.25
C ALA UA 422 -103.41 -18.21 -43.58
N ARG VA 27 37.41 54.88 25.42
CA ARG VA 27 38.64 55.66 25.43
C ARG VA 27 39.25 55.67 26.83
N ARG VA 28 40.14 54.70 27.08
CA ARG VA 28 40.78 54.59 28.38
C ARG VA 28 41.71 55.78 28.63
N ALA VA 29 41.77 56.20 29.88
CA ALA VA 29 42.66 57.29 30.30
C ALA VA 29 43.69 56.77 31.29
N ALA VA 30 44.78 57.52 31.41
CA ALA VA 30 45.89 57.16 32.29
C ALA VA 30 45.65 57.70 33.68
N PRO VA 31 45.76 56.87 34.72
CA PRO VA 31 45.54 57.36 36.09
C PRO VA 31 46.57 58.42 36.47
N LEU VA 32 46.13 59.38 37.29
CA LEU VA 32 47.00 60.46 37.76
C LEU VA 32 47.65 60.06 39.08
N GLY VA 33 48.55 59.10 39.00
CA GLY VA 33 49.26 58.63 40.16
C GLY VA 33 49.22 57.13 40.33
N PRO VA 34 49.73 56.64 41.46
CA PRO VA 34 49.78 55.19 41.67
C PRO VA 34 48.42 54.62 42.06
N MET VA 35 48.11 53.45 41.52
CA MET VA 35 46.90 52.74 41.89
C MET VA 35 47.04 52.18 43.30
N PRO VA 36 45.91 51.95 43.98
CA PRO VA 36 45.98 51.50 45.39
C PRO VA 36 46.62 50.13 45.58
N ASN VA 37 46.16 49.13 44.82
CA ASN VA 37 46.59 47.74 45.05
C ASN VA 37 47.55 47.24 43.98
N GLU VA 38 48.31 48.13 43.35
CA GLU VA 38 49.24 47.70 42.31
C GLU VA 38 50.60 47.29 42.85
N ASP VA 39 50.87 47.51 44.14
CA ASP VA 39 52.17 47.14 44.69
C ASP VA 39 52.32 45.62 44.78
N ILE VA 40 51.26 44.93 45.21
CA ILE VA 40 51.34 43.48 45.42
C ILE VA 40 51.32 42.77 44.07
N ASP VA 41 51.90 41.57 44.06
CA ASP VA 41 51.98 40.77 42.84
C ASP VA 41 50.73 39.91 42.71
N VAL VA 42 50.08 40.00 41.55
CA VAL VA 42 48.90 39.15 41.29
C VAL VA 42 49.29 37.69 41.25
N SER VA 43 50.41 37.37 40.60
CA SER VA 43 50.87 36.00 40.52
C SER VA 43 51.43 35.55 41.87
N ASP VA 44 51.44 34.23 42.08
CA ASP VA 44 51.96 33.60 43.29
C ASP VA 44 51.21 34.11 44.53
N LEU VA 45 49.90 33.83 44.56
CA LEU VA 45 49.06 34.29 45.65
C LEU VA 45 49.38 33.57 46.95
N GLU VA 46 49.73 32.28 46.87
CA GLU VA 46 49.96 31.51 48.09
C GLU VA 46 51.16 32.03 48.89
N ARG VA 47 52.16 32.56 48.20
CA ARG VA 47 53.34 33.07 48.90
C ARG VA 47 53.00 34.26 49.78
N LEU VA 48 52.16 35.16 49.30
CA LEU VA 48 51.77 36.33 50.08
C LEU VA 48 50.97 35.91 51.30
N LYS VA 49 51.36 36.42 52.47
CA LYS VA 49 50.61 36.12 53.68
C LYS VA 49 49.30 36.90 53.71
N LYS VA 50 48.25 36.24 54.20
CA LYS VA 50 46.92 36.83 54.22
C LYS VA 50 46.73 37.65 55.49
N TYR VA 51 45.52 38.20 55.65
CA TYR VA 51 45.17 38.92 56.86
C TYR VA 51 44.84 37.96 57.99
N ARG VA 52 43.99 36.99 57.71
CA ARG VA 52 43.53 35.94 58.63
C ARG VA 52 42.65 36.48 59.75
N SER VA 53 42.43 37.79 59.82
CA SER VA 53 41.65 38.38 60.89
C SER VA 53 40.85 39.56 60.35
N PHE VA 54 39.78 39.90 61.06
CA PHE VA 54 38.96 41.06 60.71
C PHE VA 54 39.42 42.34 61.41
N ASP VA 55 40.00 42.24 62.60
CA ASP VA 55 40.48 43.43 63.30
C ASP VA 55 41.75 43.99 62.68
N ARG VA 56 42.53 43.18 61.99
CA ARG VA 56 43.70 43.69 61.29
C ARG VA 56 43.29 44.55 60.10
N TYR VA 57 42.23 44.15 59.41
CA TYR VA 57 41.77 44.91 58.24
C TYR VA 57 41.29 46.30 58.63
N ARG VA 58 40.54 46.39 59.74
CA ARG VA 58 40.04 47.70 60.16
C ARG VA 58 41.17 48.65 60.49
N ARG VA 59 42.20 48.17 61.19
CA ARG VA 59 43.35 49.02 61.47
C ARG VA 59 44.05 49.43 60.18
N ARG VA 60 44.21 48.50 59.24
CA ARG VA 60 44.82 48.84 57.96
C ARG VA 60 43.94 49.78 57.15
N ALA VA 61 42.63 49.55 57.15
CA ALA VA 61 41.72 50.39 56.36
C ALA VA 61 41.71 51.83 56.87
N GLU VA 62 41.67 52.01 58.19
CA GLU VA 62 41.62 53.36 58.75
C GLU VA 62 42.91 54.12 58.48
N GLN VA 63 44.05 53.44 58.54
CA GLN VA 63 45.31 54.09 58.18
C GLN VA 63 45.33 54.49 56.71
N GLU VA 64 44.72 53.69 55.85
CA GLU VA 64 44.66 54.03 54.43
C GLU VA 64 43.68 55.15 54.16
N ALA VA 65 42.63 55.27 54.99
CA ALA VA 65 41.58 56.25 54.73
C ALA VA 65 42.01 57.68 55.02
N ARG VA 66 43.11 57.89 55.74
CA ARG VA 66 43.56 59.23 56.09
C ARG VA 66 44.64 59.75 55.16
N LYS VA 67 44.97 59.02 54.10
CA LYS VA 67 46.00 59.52 53.21
C LYS VA 67 45.39 60.45 52.15
N PRO VA 68 46.15 61.46 51.70
CA PRO VA 68 45.62 62.39 50.67
C PRO VA 68 45.65 61.81 49.27
N HIS VA 69 44.61 61.03 48.95
CA HIS VA 69 44.51 60.42 47.64
C HIS VA 69 44.23 61.47 46.57
N TRP VA 70 44.69 61.17 45.34
CA TRP VA 70 44.51 62.10 44.24
C TRP VA 70 43.07 62.14 43.72
N TRP VA 71 42.29 61.09 43.95
CA TRP VA 71 40.90 61.08 43.55
C TRP VA 71 40.06 61.80 44.61
N ARG VA 72 38.76 61.93 44.35
CA ARG VA 72 37.88 62.61 45.29
C ARG VA 72 37.64 61.71 46.50
N THR VA 73 37.74 62.31 47.70
CA THR VA 73 37.61 61.57 48.94
C THR VA 73 36.56 62.24 49.82
N TYR VA 74 36.14 61.52 50.86
CA TYR VA 74 35.15 62.06 51.80
C TYR VA 74 35.68 63.29 52.51
N ARG VA 75 36.96 63.29 52.85
CA ARG VA 75 37.53 64.43 53.59
C ARG VA 75 37.55 65.69 52.73
N GLU VA 76 37.54 65.55 51.41
CA GLU VA 76 37.66 66.73 50.54
C GLU VA 76 36.36 67.53 50.51
N HIS VA 77 35.21 66.85 50.46
CA HIS VA 77 33.92 67.52 50.33
C HIS VA 77 33.27 67.87 51.66
N PHE VA 78 33.62 67.17 52.74
CA PHE VA 78 32.90 67.32 54.00
C PHE VA 78 33.70 68.12 55.02
N GLY VA 79 34.29 69.21 54.56
CA GLY VA 79 34.77 70.26 55.42
C GLY VA 79 35.91 69.86 56.32
N GLU VA 80 37.05 69.50 55.73
CA GLU VA 80 38.22 69.15 56.51
C GLU VA 80 38.97 70.37 57.02
N GLU VA 81 38.34 71.54 56.96
CA GLU VA 81 38.90 72.80 57.47
C GLU VA 81 40.22 73.13 56.77
N SER VA 82 40.13 73.25 55.44
CA SER VA 82 41.24 73.65 54.57
C SER VA 82 42.40 72.66 54.60
N GLY VA 83 42.18 71.45 55.10
CA GLY VA 83 43.21 70.44 55.17
C GLY VA 83 44.38 70.88 56.05
N PRO VA 84 45.59 70.75 55.52
CA PRO VA 84 46.78 71.17 56.28
C PRO VA 84 46.82 72.68 56.46
N LYS VA 85 47.02 73.11 57.69
CA LYS VA 85 47.06 74.53 58.04
C LYS VA 85 48.36 74.83 58.76
N ASP VA 86 49.06 75.87 58.32
CA ASP VA 86 50.29 76.32 58.97
C ASP VA 86 49.92 77.14 60.19
N ARG VA 87 49.76 76.44 61.32
CA ARG VA 87 49.38 77.11 62.56
C ARG VA 87 50.50 78.00 63.07
N VAL VA 88 50.15 79.23 63.41
CA VAL VA 88 51.12 80.17 63.97
C VAL VA 88 51.15 79.99 65.48
N ASP VA 89 52.35 79.75 66.02
CA ASP VA 89 52.52 79.46 67.44
C ASP VA 89 52.95 80.73 68.16
N ILE VA 90 52.14 81.19 69.11
CA ILE VA 90 52.44 82.36 69.92
C ILE VA 90 52.25 81.94 71.38
N GLY VA 91 53.33 81.48 72.01
CA GLY VA 91 53.23 81.02 73.39
C GLY VA 91 54.60 80.80 73.97
N LEU VA 92 54.61 80.42 75.24
CA LEU VA 92 55.87 80.19 75.94
C LEU VA 92 56.57 78.97 75.34
N PRO VA 93 57.91 79.00 75.26
CA PRO VA 93 58.62 77.83 74.74
C PRO VA 93 58.47 76.65 75.67
N PRO VA 94 58.51 75.42 75.14
CA PRO VA 94 58.36 74.26 76.00
C PRO VA 94 59.52 74.14 76.96
N PRO VA 95 59.30 73.60 78.17
CA PRO VA 95 60.39 73.45 79.12
C PRO VA 95 61.48 72.54 78.58
N LYS VA 96 62.73 72.88 78.89
CA LYS VA 96 63.88 72.10 78.43
C LYS VA 96 64.03 70.87 79.30
N VAL VA 97 63.82 69.69 78.70
CA VAL VA 97 63.91 68.42 79.40
C VAL VA 97 64.90 67.54 78.66
N SER VA 98 65.83 66.93 79.41
CA SER VA 98 66.82 66.05 78.82
C SER VA 98 66.22 64.66 78.63
N ARG VA 99 66.10 64.23 77.36
CA ARG VA 99 65.54 62.92 77.08
C ARG VA 99 66.45 61.80 77.59
N THR VA 100 67.77 61.99 77.48
CA THR VA 100 68.70 60.94 77.89
C THR VA 100 68.56 60.61 79.36
N GLN VA 101 68.54 61.64 80.21
CA GLN VA 101 68.36 61.40 81.64
C GLN VA 101 66.95 60.90 81.94
N GLN VA 102 65.94 61.45 81.26
CA GLN VA 102 64.56 61.04 81.51
C GLN VA 102 64.34 59.58 81.12
N LEU VA 103 64.96 59.14 80.03
CA LEU VA 103 64.78 57.76 79.60
C LEU VA 103 65.30 56.77 80.65
N LEU VA 104 66.44 57.08 81.26
CA LEU VA 104 67.01 56.16 82.25
C LEU VA 104 66.21 56.15 83.54
N GLU VA 105 65.82 57.35 84.03
CA GLU VA 105 65.11 57.41 85.30
C GLU VA 105 63.71 56.81 85.19
N ARG VA 106 63.04 57.01 84.06
CA ARG VA 106 61.72 56.42 83.86
C ARG VA 106 61.80 54.90 83.86
N LYS VA 107 62.79 54.34 83.16
CA LYS VA 107 62.97 52.88 83.16
C LYS VA 107 63.33 52.38 84.55
N GLN VA 108 64.21 53.10 85.25
CA GLN VA 108 64.65 52.66 86.57
C GLN VA 108 63.48 52.62 87.56
N ALA VA 109 62.59 53.60 87.48
CA ALA VA 109 61.42 53.60 88.36
C ALA VA 109 60.50 52.43 88.06
N LEU VA 110 60.36 52.08 86.77
CA LEU VA 110 59.47 50.99 86.41
C LEU VA 110 59.98 49.64 86.90
N ARG VA 111 61.30 49.44 86.90
CA ARG VA 111 61.85 48.15 87.31
C ARG VA 111 61.58 47.88 88.79
N GLU VA 112 61.66 48.92 89.63
CA GLU VA 112 61.35 48.73 91.04
C GLU VA 112 59.89 48.32 91.23
N LEU VA 113 58.98 48.96 90.50
CA LEU VA 113 57.57 48.57 90.57
C LEU VA 113 57.35 47.20 89.94
N ARG VA 114 58.10 46.87 88.89
CA ARG VA 114 57.95 45.57 88.25
C ARG VA 114 58.35 44.44 89.18
N ALA VA 115 59.40 44.62 89.98
CA ALA VA 115 59.91 43.54 90.82
C ALA VA 115 59.03 43.26 92.04
N ASN VA 116 58.09 44.16 92.34
CA ASN VA 116 57.22 43.95 93.50
C ASN VA 116 56.32 42.75 93.29
N VAL VA 117 56.47 41.73 94.13
CA VAL VA 117 55.67 40.51 94.01
C VAL VA 117 54.22 40.79 94.34
N GLU VA 118 53.96 41.62 95.34
CA GLU VA 118 52.59 41.92 95.75
C GLU VA 118 51.79 42.58 94.63
N GLU VA 119 52.45 43.39 93.80
CA GLU VA 119 51.76 43.96 92.64
C GLU VA 119 51.36 42.87 91.65
N GLU VA 120 52.22 41.87 91.45
CA GLU VA 120 51.88 40.76 90.57
C GLU VA 120 50.72 39.95 91.11
N ARG VA 121 50.62 39.82 92.44
CA ARG VA 121 49.50 39.10 93.04
C ARG VA 121 48.18 39.80 92.74
N ALA VA 122 48.16 41.13 92.84
CA ALA VA 122 46.94 41.88 92.57
C ALA VA 122 46.63 41.93 91.07
N ALA VA 123 47.67 42.07 90.24
CA ALA VA 123 47.45 42.19 88.81
C ALA VA 123 46.86 40.91 88.22
N ARG VA 124 47.36 39.74 88.64
CA ARG VA 124 46.85 38.49 88.09
C ARG VA 124 45.41 38.24 88.52
N LEU VA 125 45.07 38.58 89.76
CA LEU VA 125 43.74 38.32 90.31
C LEU VA 125 42.73 39.38 89.91
N GLN VA 126 43.09 40.29 89.01
CA GLN VA 126 42.19 41.32 88.49
C GLN VA 126 41.57 42.15 89.62
N THR VA 127 42.39 42.48 90.62
CA THR VA 127 41.93 43.28 91.76
C THR VA 127 43.00 44.33 92.07
N ALA VA 128 42.88 45.49 91.43
CA ALA VA 128 43.81 46.59 91.65
C ALA VA 128 43.16 47.88 91.18
N ARG VA 129 43.57 48.98 91.79
CA ARG VA 129 43.11 50.31 91.45
C ARG VA 129 44.30 51.25 91.37
N ILE VA 130 44.06 52.46 90.89
CA ILE VA 130 45.15 53.43 90.72
C ILE VA 130 44.78 54.74 91.40
N PRO VA 131 45.77 55.52 91.86
CA PRO VA 131 45.46 56.82 92.48
C PRO VA 131 45.09 57.88 91.46
N LEU VA 132 43.81 57.92 91.08
CA LEU VA 132 43.36 58.83 90.04
C LEU VA 132 43.76 60.28 90.32
N GLU VA 133 43.76 60.67 91.60
CA GLU VA 133 44.18 62.02 91.94
C GLU VA 133 45.65 62.23 91.62
N ALA VA 134 46.49 61.22 91.87
CA ALA VA 134 47.90 61.32 91.52
C ALA VA 134 48.10 61.42 90.01
N VAL VA 135 47.32 60.64 89.24
CA VAL VA 135 47.40 60.71 87.79
C VAL VA 135 46.98 62.09 87.29
N ARG VA 136 45.94 62.66 87.91
CA ARG VA 136 45.47 63.99 87.52
C ARG VA 136 46.57 65.03 87.71
N ALA VA 137 47.28 64.97 88.83
CA ALA VA 137 48.36 65.92 89.09
C ALA VA 137 49.47 65.78 88.07
N GLU VA 138 49.86 64.55 87.73
CA GLU VA 138 50.95 64.34 86.79
C GLU VA 138 50.51 64.57 85.35
N TRP VA 139 49.25 64.29 85.03
CA TRP VA 139 48.76 64.54 83.68
C TRP VA 139 48.80 66.04 83.35
N GLU VA 140 48.49 66.88 84.34
CA GLU VA 140 48.53 68.32 84.12
C GLU VA 140 49.95 68.79 83.81
N ARG VA 141 50.94 68.23 84.49
CA ARG VA 141 52.32 68.67 84.31
C ARG VA 141 52.93 68.15 83.01
N THR VA 142 52.59 66.92 82.62
CA THR VA 142 53.29 66.26 81.52
C THR VA 142 52.64 66.51 80.16
N CYS VA 143 51.39 66.10 80.00
CA CYS VA 143 50.71 66.21 78.71
C CYS VA 143 49.42 67.02 78.80
N GLY VA 144 49.15 67.67 79.92
CA GLY VA 144 48.00 68.53 80.06
C GLY VA 144 47.96 69.67 79.06
N PRO VA 145 49.06 70.40 78.90
CA PRO VA 145 49.06 71.50 77.92
C PRO VA 145 48.71 71.06 76.50
N TYR VA 146 49.16 69.89 76.07
CA TYR VA 146 48.87 69.45 74.71
C TYR VA 146 47.42 68.97 74.57
N HIS VA 147 46.90 68.28 75.58
CA HIS VA 147 45.51 67.83 75.52
C HIS VA 147 44.55 69.01 75.55
N LYS VA 148 44.86 70.05 76.34
CA LYS VA 148 44.01 71.22 76.36
C LYS VA 148 44.09 72.02 75.06
N GLN VA 149 45.19 71.91 74.31
CA GLN VA 149 45.31 72.64 73.06
C GLN VA 149 44.29 72.16 72.04
N ARG VA 150 44.11 70.84 71.93
CA ARG VA 150 43.14 70.32 70.96
C ARG VA 150 41.71 70.52 71.44
N LEU VA 151 41.51 70.58 72.76
CA LEU VA 151 40.18 70.91 73.28
C LEU VA 151 39.77 72.32 72.86
N ALA VA 152 40.70 73.28 72.97
CA ALA VA 152 40.40 74.63 72.51
C ALA VA 152 40.17 74.67 71.01
N GLU VA 153 40.98 73.93 70.25
CA GLU VA 153 40.81 73.90 68.80
C GLU VA 153 39.48 73.26 68.42
N TYR VA 154 39.08 72.20 69.13
CA TYR VA 154 37.80 71.57 68.85
C TYR VA 154 36.64 72.52 69.10
N CYS VA 155 36.71 73.30 70.18
CA CYS VA 155 35.66 74.27 70.48
C CYS VA 155 35.87 75.60 69.77
N GLY VA 156 36.95 75.75 69.02
CA GLY VA 156 37.13 76.94 68.22
C GLY VA 156 37.51 78.18 69.00
N LEU VA 157 38.14 78.03 70.17
CA LEU VA 157 38.57 79.21 70.92
C LEU VA 157 39.59 80.01 70.15
N TYR VA 158 40.56 79.34 69.52
CA TYR VA 158 41.58 80.04 68.76
C TYR VA 158 41.00 80.74 67.54
N ARG VA 159 40.00 80.11 66.90
CA ARG VA 159 39.42 80.70 65.71
C ARG VA 159 38.74 82.04 66.00
N ASP VA 160 38.04 82.12 67.13
CA ASP VA 160 37.30 83.32 67.49
C ASP VA 160 38.11 84.33 68.29
N LEU VA 161 39.34 84.00 68.67
CA LEU VA 161 40.18 84.90 69.46
C LEU VA 161 41.42 85.34 68.71
N PHE VA 162 42.23 84.40 68.22
CA PHE VA 162 43.45 84.71 67.50
C PHE VA 162 43.38 84.27 66.05
N HIS VA 163 42.20 83.90 65.56
CA HIS VA 163 41.98 83.45 64.18
C HIS VA 163 42.85 82.21 63.95
N GLY VA 164 43.82 82.25 63.02
CA GLY VA 164 44.63 81.08 62.75
C GLY VA 164 45.68 80.77 63.80
N ALA VA 165 46.06 81.76 64.60
CA ALA VA 165 47.11 81.56 65.58
C ALA VA 165 46.62 80.67 66.73
N THR VA 166 47.56 79.96 67.34
CA THR VA 166 47.25 79.07 68.46
C THR VA 166 48.37 79.16 69.49
N PHE VA 167 48.03 78.84 70.73
CA PHE VA 167 49.00 78.82 71.82
C PHE VA 167 48.81 77.57 72.66
N VAL VA 168 49.89 77.13 73.29
CA VAL VA 168 49.89 75.94 74.14
C VAL VA 168 49.73 76.40 75.58
N PRO VA 169 48.73 75.91 76.32
CA PRO VA 169 48.57 76.31 77.72
C PRO VA 169 49.67 75.74 78.60
N ARG VA 170 50.85 76.37 78.58
CA ARG VA 170 52.02 75.80 79.26
C ARG VA 170 51.82 75.76 80.77
N VAL VA 171 51.40 76.87 81.36
CA VAL VA 171 51.23 76.91 82.82
C VAL VA 171 49.86 76.36 83.18
N PRO VA 172 49.76 75.53 84.21
CA PRO VA 172 48.43 75.11 84.68
C PRO VA 172 47.68 76.28 85.30
N LEU VA 173 46.36 76.22 85.18
CA LEU VA 173 45.49 77.26 85.72
C LEU VA 173 44.25 76.62 86.31
N HIS VA 174 43.82 77.13 87.47
CA HIS VA 174 42.67 76.59 88.17
C HIS VA 174 41.69 77.73 88.47
N VAL VA 175 40.43 77.55 88.08
CA VAL VA 175 39.37 78.49 88.36
C VAL VA 175 38.25 77.75 89.09
N ALA VA 176 37.83 78.29 90.23
CA ALA VA 176 36.79 77.65 91.03
C ALA VA 176 35.81 78.71 91.52
N TYR VA 177 34.56 78.32 91.66
CA TYR VA 177 33.49 79.21 92.11
C TYR VA 177 33.02 78.80 93.50
N ALA VA 178 32.84 79.78 94.37
CA ALA VA 178 32.30 79.56 95.71
C ALA VA 178 30.79 79.63 95.62
N VAL VA 179 30.13 78.50 95.87
CA VAL VA 179 28.68 78.43 95.72
C VAL VA 179 28.02 78.39 97.09
N GLY VA 180 28.36 77.40 97.90
CA GLY VA 180 27.83 77.24 99.22
C GLY VA 180 28.73 77.80 100.29
N GLU VA 181 28.52 77.33 101.52
CA GLU VA 181 29.41 77.71 102.62
C GLU VA 181 30.82 77.20 102.39
N ASP VA 182 30.96 75.96 101.92
CA ASP VA 182 32.25 75.37 101.65
C ASP VA 182 32.33 74.63 100.32
N ASP VA 183 31.22 74.36 99.66
CA ASP VA 183 31.25 73.67 98.37
C ASP VA 183 31.95 74.54 97.33
N LEU VA 184 32.69 73.88 96.44
CA LEU VA 184 33.53 74.56 95.46
C LEU VA 184 33.27 73.96 94.09
N MET VA 185 32.68 74.74 93.20
CA MET VA 185 32.45 74.28 91.84
C MET VA 185 33.68 74.55 90.98
N PRO VA 186 34.32 73.53 90.43
CA PRO VA 186 35.50 73.75 89.59
C PRO VA 186 35.12 74.15 88.18
N VAL VA 187 36.09 74.74 87.49
CA VAL VA 187 35.95 75.16 86.09
C VAL VA 187 37.12 74.55 85.33
N TYR VA 188 36.87 73.43 84.66
CA TYR VA 188 37.87 72.78 83.85
C TYR VA 188 37.71 73.21 82.39
N HIS VA 189 38.48 72.58 81.50
CA HIS VA 189 38.42 72.92 80.08
C HIS VA 189 37.18 72.30 79.45
N GLY VA 190 36.25 73.15 79.01
CA GLY VA 190 35.04 72.67 78.37
C GLY VA 190 33.97 72.16 79.30
N ASN VA 191 33.97 72.58 80.56
CA ASN VA 191 32.97 72.14 81.51
C ASN VA 191 31.67 72.92 81.31
N GLU VA 192 30.67 72.62 82.12
CA GLU VA 192 29.38 73.31 82.09
C GLU VA 192 29.07 73.85 83.48
N VAL VA 193 28.83 75.15 83.57
CA VAL VA 193 28.60 75.82 84.84
C VAL VA 193 27.31 76.63 84.75
N THR VA 194 26.41 76.42 85.71
CA THR VA 194 25.19 77.21 85.79
C THR VA 194 25.52 78.64 86.22
N PRO VA 195 24.81 79.65 85.70
CA PRO VA 195 25.09 81.02 86.11
C PRO VA 195 24.92 81.26 87.61
N THR VA 196 24.08 80.48 88.29
CA THR VA 196 23.92 80.63 89.73
C THR VA 196 25.24 80.39 90.45
N GLU VA 197 25.99 79.37 90.04
CA GLU VA 197 27.31 79.13 90.61
C GLU VA 197 28.28 80.24 90.24
N ALA VA 198 28.04 80.95 89.14
CA ALA VA 198 28.94 81.98 88.65
C ALA VA 198 28.50 83.38 89.02
N ALA VA 199 27.53 83.52 89.91
CA ALA VA 199 27.08 84.84 90.33
C ALA VA 199 28.20 85.61 91.03
N GLN VA 200 28.93 84.94 91.91
CA GLN VA 200 30.03 85.56 92.62
C GLN VA 200 31.31 85.45 91.82
N ALA VA 201 32.28 86.29 92.17
CA ALA VA 201 33.57 86.27 91.49
C ALA VA 201 34.32 84.98 91.84
N PRO VA 202 35.05 84.40 90.88
CA PRO VA 202 35.80 83.18 91.18
C PRO VA 202 37.19 83.49 91.72
N GLU VA 203 37.93 82.43 92.06
CA GLU VA 203 39.30 82.54 92.54
C GLU VA 203 40.22 81.73 91.66
N VAL VA 204 41.39 82.28 91.37
CA VAL VA 204 42.35 81.68 90.44
C VAL VA 204 43.61 81.34 91.22
N THR VA 205 44.06 80.08 91.08
CA THR VA 205 45.26 79.61 91.73
C THR VA 205 46.20 79.00 90.69
N TYR VA 206 47.43 79.49 90.65
CA TYR VA 206 48.44 78.97 89.72
C TYR VA 206 49.82 79.19 90.32
N GLU VA 207 50.74 78.29 89.99
CA GLU VA 207 52.09 78.35 90.53
C GLU VA 207 52.93 79.32 89.71
N ALA VA 208 53.48 80.34 90.38
CA ALA VA 208 54.33 81.32 89.72
C ALA VA 208 55.21 81.99 90.76
N ASP VA 209 56.45 82.27 90.40
CA ASP VA 209 57.37 82.95 91.29
C ASP VA 209 57.12 84.44 91.28
N GLU VA 210 57.58 85.11 92.34
CA GLU VA 210 57.39 86.55 92.48
C GLU VA 210 58.52 87.29 91.76
N GLY VA 211 58.53 87.12 90.44
CA GLY VA 211 59.51 87.79 89.59
C GLY VA 211 58.92 88.26 88.28
N SER VA 212 57.62 88.05 88.09
CA SER VA 212 56.96 88.41 86.85
C SER VA 212 55.54 88.86 87.17
N LEU VA 213 54.82 89.26 86.11
CA LEU VA 213 53.45 89.74 86.24
C LEU VA 213 52.54 88.93 85.32
N TRP VA 214 51.27 88.86 85.70
CA TRP VA 214 50.27 88.08 84.96
C TRP VA 214 49.02 88.92 84.75
N THR VA 215 48.27 88.57 83.70
CA THR VA 215 47.03 89.26 83.37
C THR VA 215 45.94 88.23 83.17
N LEU VA 216 44.79 88.46 83.81
CA LEU VA 216 43.65 87.56 83.72
C LEU VA 216 42.52 88.24 82.94
N LEU VA 217 41.92 87.49 82.02
CA LEU VA 217 40.84 88.01 81.18
C LEU VA 217 39.75 86.96 81.05
N LEU VA 218 38.53 87.34 81.39
CA LEU VA 218 37.36 86.49 81.20
C LEU VA 218 36.43 87.16 80.19
N THR VA 219 36.09 86.45 79.13
CA THR VA 219 35.30 87.01 78.04
C THR VA 219 34.18 86.06 77.65
N ASN VA 220 33.09 86.64 77.14
CA ASN VA 220 31.95 85.89 76.63
C ASN VA 220 32.05 85.87 75.11
N LEU VA 221 32.54 84.75 74.57
CA LEU VA 221 32.83 84.69 73.14
C LEU VA 221 31.57 84.86 72.30
N ASP VA 222 30.47 84.23 72.71
CA ASP VA 222 29.19 84.36 72.02
C ASP VA 222 28.16 84.91 72.99
N GLY VA 223 27.37 85.88 72.52
CA GLY VA 223 26.38 86.51 73.36
C GLY VA 223 26.21 87.98 73.08
N HIS VA 224 27.10 88.55 72.25
CA HIS VA 224 26.96 89.94 71.85
C HIS VA 224 25.69 90.10 71.01
N LEU VA 225 24.92 91.15 71.30
CA LEU VA 225 23.60 91.29 70.70
C LEU VA 225 23.68 91.91 69.31
N LEU VA 226 24.19 93.14 69.22
CA LEU VA 226 24.20 93.85 67.94
C LEU VA 226 25.21 93.25 66.98
N GLU VA 227 26.42 92.97 67.45
CA GLU VA 227 27.47 92.48 66.57
C GLU VA 227 27.68 90.98 66.77
N PRO VA 228 27.73 90.20 65.69
CA PRO VA 228 27.98 88.76 65.86
C PRO VA 228 29.45 88.39 65.96
N ASP VA 229 30.35 89.28 65.56
CA ASP VA 229 31.78 89.01 65.56
C ASP VA 229 32.50 89.61 66.77
N ALA VA 230 31.76 90.14 67.73
CA ALA VA 230 32.34 90.74 68.92
C ALA VA 230 32.01 89.91 70.15
N GLU VA 231 32.83 90.09 71.19
CA GLU VA 231 32.69 89.34 72.43
C GLU VA 231 32.71 90.29 73.61
N TYR VA 232 31.91 89.95 74.64
CA TYR VA 232 31.85 90.77 75.84
C TYR VA 232 33.02 90.46 76.76
N VAL VA 233 33.22 91.34 77.75
CA VAL VA 233 34.21 91.15 78.79
C VAL VA 233 33.50 91.14 80.13
N HIS VA 234 33.76 90.10 80.93
CA HIS VA 234 33.18 89.97 82.26
C HIS VA 234 34.16 90.23 83.38
N TRP VA 235 35.46 90.07 83.15
CA TRP VA 235 36.45 90.27 84.19
C TRP VA 235 37.79 90.58 83.55
N LEU VA 236 38.55 91.47 84.16
CA LEU VA 236 39.86 91.85 83.63
C LEU VA 236 40.71 92.38 84.77
N VAL VA 237 41.77 91.66 85.11
CA VAL VA 237 42.70 92.05 86.16
C VAL VA 237 44.07 92.27 85.51
N THR VA 238 44.70 93.39 85.81
CA THR VA 238 45.94 93.80 85.17
C THR VA 238 47.07 93.84 86.18
N ASN VA 239 48.24 93.34 85.77
CA ASN VA 239 49.46 93.37 86.57
C ASN VA 239 49.26 92.62 87.90
N ILE VA 240 49.07 91.31 87.78
CA ILE VA 240 48.91 90.45 88.94
C ILE VA 240 50.28 90.06 89.48
N PRO VA 241 50.61 90.43 90.72
CA PRO VA 241 51.91 90.04 91.28
C PRO VA 241 51.92 88.58 91.73
N GLY VA 242 52.50 87.71 90.90
CA GLY VA 242 52.63 86.31 91.27
C GLY VA 242 51.28 85.63 91.42
N ASN VA 243 51.15 84.84 92.49
CA ASN VA 243 49.96 84.02 92.66
C ASN VA 243 48.76 84.85 93.10
N ARG VA 244 48.97 85.85 93.94
CA ARG VA 244 47.88 86.61 94.54
C ARG VA 244 47.18 87.43 93.46
N VAL VA 245 46.02 86.95 93.01
CA VAL VA 245 45.25 87.66 91.99
C VAL VA 245 44.64 88.93 92.57
N THR VA 246 44.18 88.88 93.82
CA THR VA 246 43.45 90.01 94.39
C THR VA 246 44.32 91.25 94.49
N GLU VA 247 45.61 91.08 94.83
CA GLU VA 247 46.49 92.23 94.98
C GLU VA 247 46.77 92.93 93.67
N GLY VA 248 46.47 92.30 92.54
CA GLY VA 248 46.70 92.93 91.26
C GLY VA 248 45.75 94.07 90.97
N GLN VA 249 46.18 94.95 90.08
CA GLN VA 249 45.35 96.08 89.69
C GLN VA 249 44.11 95.59 88.95
N GLU VA 250 42.97 96.19 89.28
CA GLU VA 250 41.69 95.80 88.70
C GLU VA 250 41.29 96.80 87.63
N THR VA 251 40.86 96.29 86.47
CA THR VA 251 40.47 97.12 85.34
C THR VA 251 38.98 97.03 85.04
N CYS VA 252 38.44 95.83 84.89
CA CYS VA 252 37.01 95.64 84.62
C CYS VA 252 36.40 94.79 85.73
N PRO VA 253 35.38 95.27 86.42
CA PRO VA 253 34.79 94.50 87.53
C PRO VA 253 34.08 93.25 87.02
N TYR VA 254 33.97 92.27 87.92
CA TYR VA 254 33.32 91.02 87.57
C TYR VA 254 31.83 91.24 87.32
N LEU VA 255 31.29 90.51 86.34
CA LEU VA 255 29.88 90.58 85.99
C LEU VA 255 29.39 89.15 85.80
N PRO VA 256 28.27 88.78 86.43
CA PRO VA 256 27.76 87.42 86.26
C PRO VA 256 27.37 87.16 84.82
N PRO VA 257 27.51 85.92 84.36
CA PRO VA 257 27.10 85.60 82.98
C PRO VA 257 25.61 85.85 82.78
N PHE VA 258 25.26 86.35 81.59
CA PHE VA 258 23.88 86.64 81.23
C PHE VA 258 23.57 86.10 79.84
N PRO VA 259 23.51 84.78 79.68
CA PRO VA 259 23.11 84.22 78.39
C PRO VA 259 21.64 84.44 78.11
N ALA VA 260 21.30 84.51 76.84
CA ALA VA 260 19.90 84.66 76.45
C ALA VA 260 19.14 83.37 76.73
N ARG VA 261 17.84 83.52 76.98
CA ARG VA 261 17.02 82.35 77.32
C ARG VA 261 16.87 81.41 76.13
N GLY VA 262 16.78 81.96 74.92
CA GLY VA 262 16.62 81.14 73.73
C GLY VA 262 17.89 80.44 73.31
N SER VA 263 18.91 81.22 72.96
CA SER VA 263 20.20 80.66 72.54
C SER VA 263 21.01 80.32 73.78
N GLY VA 264 21.18 79.03 74.05
CA GLY VA 264 21.90 78.58 75.22
C GLY VA 264 23.32 78.14 74.93
N PHE VA 265 24.01 77.75 75.99
CA PHE VA 265 25.37 77.22 75.93
C PHE VA 265 26.33 78.22 75.30
N HIS VA 266 26.48 79.36 75.97
CA HIS VA 266 27.53 80.31 75.62
C HIS VA 266 28.84 79.90 76.26
N ARG VA 267 29.93 80.16 75.56
CA ARG VA 267 31.26 79.75 76.01
C ARG VA 267 32.00 80.95 76.61
N PHE VA 268 32.46 80.78 77.85
CA PHE VA 268 33.24 81.79 78.56
C PHE VA 268 34.65 81.26 78.76
N ALA VA 269 35.65 82.06 78.40
CA ALA VA 269 37.04 81.62 78.41
C ALA VA 269 37.86 82.47 79.36
N PHE VA 270 38.70 81.82 80.16
CA PHE VA 270 39.68 82.49 81.01
C PHE VA 270 41.02 82.49 80.29
N LEU VA 271 41.59 83.66 80.09
CA LEU VA 271 42.87 83.82 79.41
C LEU VA 271 43.90 84.37 80.39
N LEU VA 272 45.05 83.72 80.47
CA LEU VA 272 46.15 84.15 81.32
C LEU VA 272 47.31 84.60 80.43
N PHE VA 273 47.77 85.84 80.64
CA PHE VA 273 48.86 86.42 79.87
C PHE VA 273 50.04 86.69 80.78
N LYS VA 274 51.23 86.38 80.29
CA LYS VA 274 52.48 86.67 81.01
C LYS VA 274 53.15 87.86 80.34
N GLN VA 275 53.44 88.90 81.12
CA GLN VA 275 54.01 90.13 80.62
C GLN VA 275 55.37 90.37 81.25
N ASP VA 276 56.30 90.88 80.44
CA ASP VA 276 57.65 91.14 80.93
C ASP VA 276 57.70 92.39 81.80
N LYS VA 277 57.26 93.52 81.25
CA LYS VA 277 57.33 94.81 81.94
C LYS VA 277 55.94 95.27 82.36
N ARG VA 278 55.90 96.16 83.35
CA ARG VA 278 54.65 96.81 83.72
C ARG VA 278 54.11 97.63 82.56
N ILE VA 279 53.00 97.18 81.98
CA ILE VA 279 52.43 97.80 80.79
C ILE VA 279 51.30 98.73 81.21
N ASP VA 280 51.12 99.80 80.44
CA ASP VA 280 50.12 100.83 80.74
C ASP VA 280 48.78 100.39 80.18
N PHE VA 281 48.02 99.64 80.99
CA PHE VA 281 46.69 99.21 80.60
C PHE VA 281 45.63 100.20 81.05
N SER VA 282 45.80 101.46 80.62
CA SER VA 282 44.86 102.52 80.96
C SER VA 282 43.88 102.82 79.83
N GLY VA 283 44.23 102.51 78.59
CA GLY VA 283 43.31 102.74 77.48
C GLY VA 283 42.11 101.82 77.49
N ASP VA 284 42.20 100.69 78.18
CA ASP VA 284 41.10 99.73 78.27
C ASP VA 284 40.36 99.82 79.60
N THR VA 285 40.62 100.85 80.39
CA THR VA 285 39.98 100.99 81.69
C THR VA 285 38.48 101.22 81.53
N ARG VA 286 37.69 100.56 82.39
CA ARG VA 286 36.24 100.64 82.38
C ARG VA 286 35.73 101.27 83.67
N PRO VA 287 34.56 101.91 83.66
CA PRO VA 287 34.05 102.51 84.90
C PRO VA 287 33.74 101.45 85.94
N SER VA 288 33.81 101.87 87.22
CA SER VA 288 33.59 100.92 88.31
C SER VA 288 32.19 100.30 88.29
N PRO VA 289 31.08 101.08 88.22
CA PRO VA 289 29.75 100.48 88.11
C PRO VA 289 29.34 100.28 86.65
N CYS VA 290 30.20 99.65 85.86
CA CYS VA 290 30.00 99.51 84.43
C CYS VA 290 28.86 98.54 84.12
N TYR VA 291 27.74 99.07 83.62
CA TYR VA 291 26.61 98.23 83.21
C TYR VA 291 26.17 98.49 81.79
N GLN VA 292 26.83 99.38 81.05
CA GLN VA 292 26.49 99.65 79.66
C GLN VA 292 27.15 98.58 78.79
N LEU VA 293 26.33 97.74 78.16
CA LEU VA 293 26.87 96.67 77.32
C LEU VA 293 27.62 97.23 76.11
N ALA VA 294 27.28 98.45 75.69
CA ALA VA 294 28.02 99.09 74.61
C ALA VA 294 29.47 99.34 75.00
N GLN VA 295 29.75 99.49 76.29
CA GLN VA 295 31.10 99.67 76.80
C GLN VA 295 31.82 98.34 77.04
N ARG VA 296 31.10 97.23 76.97
CA ARG VA 296 31.71 95.91 77.15
C ARG VA 296 32.13 95.28 75.83
N THR VA 297 31.97 95.98 74.71
CA THR VA 297 32.40 95.45 73.42
C THR VA 297 33.92 95.27 73.43
N PHE VA 298 34.37 94.10 72.99
CA PHE VA 298 35.77 93.73 73.11
C PHE VA 298 36.17 92.89 71.91
N HIS VA 299 37.45 93.01 71.54
CA HIS VA 299 38.03 92.22 70.45
C HIS VA 299 39.40 91.74 70.93
N THR VA 300 39.50 90.45 71.24
CA THR VA 300 40.75 89.92 71.79
C THR VA 300 41.90 90.07 70.81
N PHE VA 301 41.66 89.78 69.53
CA PHE VA 301 42.71 89.94 68.53
C PHE VA 301 43.19 91.39 68.45
N ASP VA 302 42.25 92.33 68.46
CA ASP VA 302 42.62 93.75 68.48
C ASP VA 302 43.31 94.11 69.79
N PHE VA 303 42.80 93.60 70.90
CA PHE VA 303 43.42 93.86 72.21
C PHE VA 303 44.83 93.28 72.27
N TYR VA 304 45.00 92.06 71.77
CA TYR VA 304 46.33 91.44 71.79
C TYR VA 304 47.26 92.08 70.78
N LYS VA 305 46.73 92.72 69.73
CA LYS VA 305 47.58 93.38 68.75
C LYS VA 305 48.35 94.54 69.37
N LYS VA 306 47.69 95.34 70.21
CA LYS VA 306 48.34 96.51 70.79
C LYS VA 306 49.49 96.11 71.71
N HIS VA 307 49.28 95.10 72.54
CA HIS VA 307 50.24 94.70 73.56
C HIS VA 307 50.83 93.32 73.27
N GLN VA 308 51.10 93.04 71.99
CA GLN VA 308 51.68 91.76 71.63
C GLN VA 308 53.11 91.64 72.14
N ASP VA 309 53.86 92.74 72.11
CA ASP VA 309 55.27 92.69 72.52
C ASP VA 309 55.41 92.35 74.00
N ALA VA 310 54.53 92.89 74.84
CA ALA VA 310 54.65 92.70 76.29
C ALA VA 310 54.04 91.38 76.76
N MET VA 311 52.76 91.16 76.48
CA MET VA 311 52.07 90.00 76.99
C MET VA 311 52.36 88.76 76.13
N THR VA 312 52.04 87.60 76.70
CA THR VA 312 52.17 86.32 76.02
C THR VA 312 51.21 85.31 76.66
N PRO VA 313 50.30 84.71 75.90
CA PRO VA 313 49.36 83.75 76.50
C PRO VA 313 50.09 82.56 77.10
N ALA VA 314 49.63 82.14 78.28
CA ALA VA 314 50.29 81.05 78.99
C ALA VA 314 49.30 80.01 79.48
N GLY VA 315 48.06 80.42 79.79
CA GLY VA 315 47.07 79.52 80.33
C GLY VA 315 45.73 79.69 79.64
N LEU VA 316 44.84 78.74 79.90
CA LEU VA 316 43.51 78.75 79.30
C LEU VA 316 42.58 77.85 80.09
N ALA VA 317 41.33 78.30 80.26
CA ALA VA 317 40.30 77.51 80.91
C ALA VA 317 38.95 78.09 80.51
N PHE VA 318 38.08 77.26 79.92
CA PHE VA 318 36.80 77.72 79.41
C PHE VA 318 35.70 76.76 79.82
N PHE VA 319 34.49 77.30 79.96
CA PHE VA 319 33.34 76.51 80.38
C PHE VA 319 32.10 76.95 79.60
N GLN VA 320 31.14 76.04 79.51
CA GLN VA 320 29.86 76.32 78.88
C GLN VA 320 28.88 76.86 79.92
N CYS VA 321 27.88 77.61 79.44
CA CYS VA 321 26.93 78.27 80.33
C CYS VA 321 25.62 78.50 79.59
N ARG VA 322 24.53 78.00 80.17
CA ARG VA 322 23.19 78.14 79.61
C ARG VA 322 22.37 79.08 80.49
N TRP VA 323 21.09 79.23 80.14
CA TRP VA 323 20.22 80.15 80.85
C TRP VA 323 19.63 79.52 82.10
N ASP VA 324 19.41 80.35 83.11
CA ASP VA 324 18.76 79.92 84.35
C ASP VA 324 17.99 81.10 84.92
N ASP VA 325 17.36 80.89 86.09
CA ASP VA 325 16.55 81.93 86.71
C ASP VA 325 17.40 83.11 87.16
N SER VA 326 18.64 82.87 87.58
CA SER VA 326 19.50 83.95 88.07
C SER VA 326 19.87 84.93 86.97
N VAL VA 327 19.72 84.54 85.70
CA VAL VA 327 20.00 85.45 84.60
C VAL VA 327 18.96 86.57 84.55
N THR VA 328 17.72 86.28 84.94
CA THR VA 328 16.63 87.25 84.81
C THR VA 328 16.92 88.52 85.62
N ARG VA 329 17.37 88.36 86.87
CA ARG VA 329 17.62 89.53 87.69
C ARG VA 329 18.77 90.38 87.17
N VAL VA 330 19.68 89.78 86.41
CA VAL VA 330 20.79 90.53 85.84
C VAL VA 330 20.28 91.58 84.87
N PHE VA 331 19.34 91.21 84.01
CA PHE VA 331 18.80 92.17 83.04
C PHE VA 331 17.98 93.26 83.74
N HIS VA 332 17.24 92.90 84.79
CA HIS VA 332 16.33 93.87 85.42
C HIS VA 332 17.07 94.78 86.40
N GLN VA 333 17.62 94.20 87.47
CA GLN VA 333 18.21 95.01 88.53
C GLN VA 333 19.57 95.59 88.11
N LEU VA 334 20.40 94.78 87.46
CA LEU VA 334 21.77 95.19 87.17
C LEU VA 334 21.87 95.96 85.85
N LEU VA 335 21.46 95.34 84.75
CA LEU VA 335 21.58 95.96 83.43
C LEU VA 335 20.45 96.93 83.11
N ASP VA 336 19.36 96.91 83.88
CA ASP VA 336 18.19 97.74 83.63
C ASP VA 336 17.70 97.56 82.19
N MET VA 337 17.52 96.31 81.80
CA MET VA 337 17.15 95.96 80.44
C MET VA 337 16.04 94.92 80.45
N ARG VA 338 15.10 95.08 79.51
CA ARG VA 338 14.05 94.08 79.31
C ARG VA 338 14.67 92.79 78.79
N GLU VA 339 14.30 91.67 79.40
CA GLU VA 339 14.93 90.40 79.08
C GLU VA 339 14.54 89.93 77.68
N PRO VA 340 15.50 89.72 76.78
CA PRO VA 340 15.16 89.18 75.46
C PRO VA 340 15.14 87.65 75.47
N VAL VA 341 14.15 87.10 74.77
CA VAL VA 341 13.97 85.64 74.67
C VAL VA 341 13.98 85.26 73.20
N PHE VA 342 14.84 84.31 72.85
CA PHE VA 342 14.94 83.80 71.50
C PHE VA 342 14.25 82.44 71.39
N GLU VA 343 14.22 81.90 70.17
CA GLU VA 343 13.63 80.60 69.94
C GLU VA 343 14.25 79.99 68.68
N PHE VA 344 14.44 78.67 68.70
CA PHE VA 344 15.02 77.96 67.58
C PHE VA 344 13.96 77.78 66.50
N VAL VA 345 14.18 78.39 65.34
CA VAL VA 345 13.22 78.38 64.24
C VAL VA 345 13.82 77.61 63.07
N ARG VA 346 13.12 76.58 62.63
CA ARG VA 346 13.53 75.73 61.52
C ARG VA 346 13.01 76.30 60.20
N PRO VA 347 13.69 76.02 59.09
CA PRO VA 347 13.21 76.50 57.80
C PRO VA 347 11.87 75.89 57.45
N PRO VA 348 11.04 76.61 56.70
CA PRO VA 348 9.73 76.05 56.32
C PRO VA 348 9.90 74.88 55.38
N PRO VA 349 8.95 73.93 55.39
CA PRO VA 349 9.09 72.77 54.51
C PRO VA 349 8.99 73.15 53.04
N TYR VA 350 9.69 72.39 52.22
CA TYR VA 350 9.73 72.62 50.78
C TYR VA 350 8.64 71.83 50.08
N HIS VA 351 7.98 72.48 49.12
CA HIS VA 351 6.95 71.85 48.31
C HIS VA 351 7.19 72.16 46.83
N PRO VA 352 6.79 71.26 45.95
CA PRO VA 352 6.95 71.52 44.51
C PRO VA 352 5.96 72.55 44.02
N LYS VA 353 6.22 73.05 42.82
CA LYS VA 353 5.29 73.99 42.19
C LYS VA 353 3.95 73.31 41.93
N GLN VA 354 2.87 74.00 42.25
CA GLN VA 354 1.54 73.41 42.15
C GLN VA 354 1.11 73.32 40.69
N LYS VA 355 0.69 72.14 40.27
CA LYS VA 355 0.17 71.94 38.92
C LYS VA 355 -1.35 72.07 38.93
N ARG VA 356 -1.90 72.54 37.79
CA ARG VA 356 -3.34 72.75 37.71
C ARG VA 356 -4.10 71.44 37.86
N PHE VA 357 -3.64 70.38 37.21
CA PHE VA 357 -4.25 69.06 37.29
C PHE VA 357 -3.24 68.09 37.89
N PRO VA 358 -3.27 67.87 39.20
CA PRO VA 358 -2.38 66.87 39.80
C PRO VA 358 -2.73 65.48 39.30
N HIS VA 359 -1.70 64.68 39.04
CA HIS VA 359 -1.87 63.36 38.45
C HIS VA 359 -1.50 62.29 39.47
N ARG VA 360 -2.45 61.41 39.78
CA ARG VA 360 -2.25 60.29 40.70
C ARG VA 360 -1.70 60.78 42.04
N GLN VA 361 -2.26 61.87 42.53
CA GLN VA 361 -1.88 62.42 43.82
C GLN VA 361 -3.00 62.23 44.83
N PRO VA 362 -2.67 62.08 46.11
CA PRO VA 362 -3.72 61.91 47.13
C PRO VA 362 -4.59 63.15 47.25
N LEU VA 363 -5.73 62.98 47.91
CA LEU VA 363 -6.65 64.09 48.11
C LEU VA 363 -6.03 65.20 48.96
N ARG VA 364 -5.08 64.84 49.83
CA ARG VA 364 -4.40 65.82 50.67
C ARG VA 364 -3.42 66.69 49.89
N TYR VA 365 -3.34 66.53 48.57
CA TYR VA 365 -2.45 67.37 47.76
C TYR VA 365 -2.82 68.84 47.87
N LEU VA 366 -4.11 69.14 48.00
CA LEU VA 366 -4.53 70.54 48.10
C LEU VA 366 -4.20 71.12 49.47
N ASP VA 367 -4.17 70.29 50.52
CA ASP VA 367 -3.90 70.79 51.85
C ASP VA 367 -2.48 71.31 52.02
N ARG VA 368 -1.54 70.82 51.20
CA ARG VA 368 -0.17 71.27 51.31
C ARG VA 368 -0.02 72.74 50.98
N TYR VA 369 -0.78 73.22 49.99
CA TYR VA 369 -0.70 74.59 49.53
C TYR VA 369 -1.78 75.48 50.11
N ARG VA 370 -2.54 74.99 51.09
CA ARG VA 370 -3.53 75.81 51.77
C ARG VA 370 -2.84 76.88 52.61
N ASP VA 371 -3.39 78.09 52.58
CA ASP VA 371 -2.81 79.20 53.34
C ASP VA 371 -3.30 79.20 54.78
N SER VA 372 -4.59 78.93 54.99
CA SER VA 372 -5.15 78.86 56.33
C SER VA 372 -6.29 77.86 56.34
N HIS VA 373 -6.46 77.18 57.47
CA HIS VA 373 -7.50 76.17 57.60
C HIS VA 373 -8.88 76.76 57.83
N GLU VA 374 -8.97 78.06 58.15
CA GLU VA 374 -10.25 78.72 58.29
C GLU VA 374 -10.89 78.89 56.91
N PRO VA 375 -12.09 78.38 56.69
CA PRO VA 375 -12.73 78.56 55.37
C PRO VA 375 -12.96 80.03 55.07
N THR VA 376 -12.79 80.40 53.81
CA THR VA 376 -12.98 81.77 53.36
C THR VA 376 -14.06 81.81 52.29
N TYR VA 377 -15.05 82.65 52.49
CA TYR VA 377 -16.12 82.83 51.52
C TYR VA 377 -15.89 84.09 50.70
N GLY VA 378 -16.34 84.07 49.46
CA GLY VA 378 -16.13 85.19 48.56
C GLY VA 378 -17.30 86.15 48.53
N ILE VA 379 -18.04 86.16 47.43
CA ILE VA 379 -19.20 87.04 47.34
C ILE VA 379 -20.29 86.65 48.31
N TYR VA 380 -20.28 85.40 48.78
CA TYR VA 380 -21.29 84.93 49.72
C TYR VA 380 -21.01 85.47 51.12
N SER WA 30 5.17 107.42 -97.70
CA SER WA 30 4.98 107.98 -96.37
C SER WA 30 5.91 107.30 -95.36
N GLN WA 31 6.23 108.02 -94.28
CA GLN WA 31 7.11 107.53 -93.23
C GLN WA 31 6.24 107.05 -92.07
N LEU WA 32 5.87 105.78 -92.10
CA LEU WA 32 5.04 105.18 -91.08
C LEU WA 32 5.69 103.90 -90.59
N SER WA 33 6.00 103.85 -89.29
CA SER WA 33 6.55 102.65 -88.69
C SER WA 33 5.47 101.57 -88.63
N PRO WA 34 5.88 100.30 -88.51
CA PRO WA 34 4.88 99.22 -88.46
C PRO WA 34 3.89 99.37 -87.31
N THR WA 35 4.34 99.88 -86.16
CA THR WA 35 3.42 100.09 -85.04
C THR WA 35 2.38 101.16 -85.37
N GLU WA 36 2.81 102.25 -86.01
CA GLU WA 36 1.90 103.36 -86.27
C GLU WA 36 0.82 102.97 -87.28
N LEU WA 37 1.20 102.27 -88.35
CA LEU WA 37 0.22 101.93 -89.38
C LEU WA 37 -0.84 100.98 -88.85
N ILE WA 38 -0.46 100.05 -87.96
CA ILE WA 38 -1.45 99.19 -87.33
C ILE WA 38 -2.36 100.02 -86.43
N GLU WA 39 -1.80 100.96 -85.68
CA GLU WA 39 -2.60 101.81 -84.80
C GLU WA 39 -3.56 102.68 -85.60
N MET WA 40 -3.10 103.20 -86.75
CA MET WA 40 -3.97 104.03 -87.58
C MET WA 40 -5.17 103.23 -88.08
N GLN WA 41 -4.94 102.00 -88.53
CA GLN WA 41 -6.03 101.18 -89.04
C GLN WA 41 -7.02 100.83 -87.92
N ASN WA 42 -6.52 100.53 -86.73
CA ASN WA 42 -7.42 100.25 -85.60
C ASN WA 42 -8.25 101.46 -85.25
N ASP WA 43 -7.65 102.65 -85.27
CA ASP WA 43 -8.40 103.87 -84.99
C ASP WA 43 -9.48 104.10 -86.05
N LEU WA 44 -9.13 103.90 -87.31
CA LEU WA 44 -10.11 104.07 -88.40
C LEU WA 44 -11.22 103.04 -88.29
N PHE WA 45 -10.87 101.78 -87.98
CA PHE WA 45 -11.88 100.74 -87.88
C PHE WA 45 -12.84 101.00 -86.72
N ASN WA 46 -12.30 101.42 -85.57
CA ASN WA 46 -13.15 101.73 -84.42
C ASN WA 46 -14.03 102.94 -84.70
N LYS WA 47 -13.50 103.93 -85.41
CA LYS WA 47 -14.30 105.10 -85.76
C LYS WA 47 -15.47 104.72 -86.66
N GLU WA 48 -15.24 103.83 -87.62
CA GLU WA 48 -16.33 103.34 -88.45
C GLU WA 48 -17.33 102.52 -87.63
N LYS WA 49 -16.83 101.74 -86.66
CA LYS WA 49 -17.73 100.95 -85.83
C LYS WA 49 -18.64 101.84 -85.00
N ASN WA 50 -18.10 102.93 -84.45
CA ASN WA 50 -18.92 103.85 -83.68
C ASN WA 50 -19.97 104.52 -84.54
N ARG WA 51 -19.62 104.84 -85.79
CA ARG WA 51 -20.58 105.44 -86.71
C ARG WA 51 -21.76 104.50 -86.97
N GLN WA 52 -21.48 103.22 -87.17
CA GLN WA 52 -22.56 102.25 -87.38
C GLN WA 52 -23.46 102.15 -86.16
N LEU WA 53 -22.87 102.15 -84.97
CA LEU WA 53 -23.66 102.10 -83.74
C LEU WA 53 -24.51 103.35 -83.57
N SER WA 54 -23.95 104.51 -83.93
CA SER WA 54 -24.70 105.76 -83.80
C SER WA 54 -25.86 105.86 -84.78
N LEU WA 55 -25.84 105.08 -85.86
CA LEU WA 55 -26.94 105.09 -86.81
C LEU WA 55 -28.23 104.54 -86.22
N THR WA 56 -28.14 103.79 -85.12
CA THR WA 56 -29.33 103.27 -84.44
C THR WA 56 -29.45 104.00 -83.10
N PRO WA 57 -30.35 104.97 -82.98
CA PRO WA 57 -30.44 105.75 -81.74
C PRO WA 57 -31.15 105.02 -80.61
N ARG WA 58 -32.13 104.19 -80.96
CA ARG WA 58 -32.96 103.50 -79.97
C ARG WA 58 -32.87 102.00 -80.18
N THR WA 59 -32.94 101.26 -79.07
CA THR WA 59 -32.93 99.80 -79.13
C THR WA 59 -34.27 99.33 -79.67
N GLU WA 60 -34.22 98.60 -80.79
CA GLU WA 60 -35.42 98.11 -81.46
C GLU WA 60 -35.52 96.61 -81.27
N LYS WA 61 -36.71 96.14 -80.93
CA LYS WA 61 -36.94 94.72 -80.66
C LYS WA 61 -37.31 93.99 -81.94
N ILE WA 62 -36.59 92.90 -82.22
CA ILE WA 62 -36.84 92.06 -83.38
C ILE WA 62 -37.15 90.65 -82.90
N GLU WA 63 -38.20 90.06 -83.45
CA GLU WA 63 -38.62 88.71 -83.08
C GLU WA 63 -37.96 87.70 -84.01
N VAL WA 64 -37.15 86.82 -83.44
CA VAL WA 64 -36.43 85.79 -84.19
C VAL WA 64 -37.04 84.44 -83.82
N LYS WA 65 -37.51 83.70 -84.82
CA LYS WA 65 -38.09 82.39 -84.62
C LYS WA 65 -37.03 81.33 -84.92
N HIS WA 66 -36.86 80.38 -84.00
CA HIS WA 66 -35.87 79.32 -84.15
C HIS WA 66 -36.50 78.20 -84.97
N VAL WA 67 -35.95 77.93 -86.16
CA VAL WA 67 -36.44 76.88 -87.03
C VAL WA 67 -35.49 75.68 -87.04
N GLY WA 68 -34.63 75.56 -86.03
CA GLY WA 68 -33.73 74.43 -85.97
C GLY WA 68 -34.44 73.13 -85.69
N LYS WA 69 -33.75 72.04 -86.03
CA LYS WA 69 -34.34 70.71 -85.86
C LYS WA 69 -34.52 70.37 -84.37
N THR WA 70 -33.55 70.73 -83.53
CA THR WA 70 -33.57 70.28 -82.14
C THR WA 70 -34.68 70.95 -81.34
N ASP WA 71 -34.78 72.28 -81.43
CA ASP WA 71 -35.71 73.06 -80.60
C ASP WA 71 -36.57 73.95 -81.48
N PRO WA 72 -37.59 73.39 -82.12
CA PRO WA 72 -38.50 74.20 -82.92
C PRO WA 72 -39.44 75.02 -82.05
N GLY WA 73 -39.93 76.12 -82.62
CA GLY WA 73 -40.91 76.96 -81.98
C GLY WA 73 -40.36 77.99 -81.01
N THR WA 74 -39.06 78.00 -80.76
CA THR WA 74 -38.48 78.98 -79.85
C THR WA 74 -38.44 80.35 -80.52
N VAL WA 75 -38.91 81.37 -79.80
CA VAL WA 75 -38.97 82.73 -80.31
C VAL WA 75 -38.06 83.61 -79.46
N PHE WA 76 -37.11 84.28 -80.11
CA PHE WA 76 -36.20 85.20 -79.45
C PHE WA 76 -36.65 86.63 -79.67
N VAL WA 77 -36.40 87.48 -78.68
CA VAL WA 77 -36.70 88.90 -78.76
C VAL WA 77 -35.38 89.63 -78.56
N MET WA 78 -34.72 89.95 -79.65
CA MET WA 78 -33.37 90.52 -79.62
C MET WA 78 -33.40 92.01 -79.95
N ASN WA 79 -32.29 92.67 -79.64
CA ASN WA 79 -32.12 94.08 -79.95
C ASN WA 79 -31.47 94.25 -81.32
N LYS WA 80 -31.81 95.35 -81.99
CA LYS WA 80 -31.33 95.58 -83.35
C LYS WA 80 -29.90 96.07 -83.34
N ASN WA 81 -29.06 95.44 -84.17
CA ASN WA 81 -27.69 95.85 -84.48
C ASN WA 81 -26.74 95.74 -83.30
N ILE WA 82 -27.15 95.14 -82.18
CA ILE WA 82 -26.24 94.94 -81.06
C ILE WA 82 -26.35 93.51 -80.55
N SER WA 83 -27.35 92.77 -81.03
CA SER WA 83 -27.55 91.38 -80.63
C SER WA 83 -27.02 90.46 -81.72
N THR WA 84 -26.02 89.65 -81.37
CA THR WA 84 -25.41 88.69 -82.25
C THR WA 84 -26.02 87.31 -82.06
N PRO WA 85 -26.00 86.45 -83.08
CA PRO WA 85 -26.57 85.11 -82.91
C PRO WA 85 -25.87 84.28 -81.84
N TYR WA 86 -24.62 84.60 -81.50
CA TYR WA 86 -24.00 83.96 -80.35
C TYR WA 86 -24.74 84.28 -79.06
N SER WA 87 -25.14 85.54 -78.89
CA SER WA 87 -25.99 85.90 -77.75
C SER WA 87 -27.36 85.24 -77.86
N CYS WA 88 -27.84 85.00 -79.08
CA CYS WA 88 -29.08 84.25 -79.26
C CYS WA 88 -28.90 82.81 -78.81
N ALA WA 89 -27.74 82.21 -79.08
CA ALA WA 89 -27.50 80.83 -78.67
C ALA WA 89 -27.36 80.71 -77.16
N MET WA 90 -26.90 81.76 -76.49
CA MET WA 90 -26.71 81.70 -75.04
C MET WA 90 -28.02 81.50 -74.29
N HIS WA 91 -29.15 81.82 -74.91
CA HIS WA 91 -30.43 81.60 -74.25
C HIS WA 91 -30.76 80.12 -74.12
N LEU WA 92 -30.28 79.29 -75.05
CA LEU WA 92 -30.66 77.88 -75.05
C LEU WA 92 -29.82 77.08 -74.04
N SER WA 93 -28.51 76.99 -74.27
CA SER WA 93 -27.61 76.23 -73.42
C SER WA 93 -26.19 76.47 -73.88
N GLU WA 94 -25.24 76.03 -73.06
CA GLU WA 94 -23.84 76.13 -73.43
C GLU WA 94 -23.48 75.25 -74.62
N TRP WA 95 -24.26 74.21 -74.88
CA TRP WA 95 -23.96 73.33 -76.01
C TRP WA 95 -24.07 74.09 -77.34
N TYR WA 96 -25.10 74.93 -77.49
CA TYR WA 96 -25.21 75.74 -78.68
C TYR WA 96 -24.10 76.79 -78.76
N CYS WA 97 -23.57 77.20 -77.61
CA CYS WA 97 -22.50 78.20 -77.62
C CYS WA 97 -21.20 77.61 -78.16
N ARG WA 98 -20.94 76.32 -77.87
CA ARG WA 98 -19.67 75.72 -78.26
C ARG WA 98 -19.76 74.96 -79.59
N LYS WA 99 -20.85 74.22 -79.82
CA LYS WA 99 -20.96 73.43 -81.03
C LYS WA 99 -21.17 74.31 -82.27
N SER WA 100 -22.04 75.32 -82.15
CA SER WA 100 -22.39 76.14 -83.30
C SER WA 100 -21.19 76.93 -83.81
N ILE WA 101 -21.10 77.07 -85.12
CA ILE WA 101 -20.03 77.83 -85.76
C ILE WA 101 -20.61 78.89 -86.67
N LEU WA 102 -21.51 78.49 -87.57
CA LEU WA 102 -22.16 79.41 -88.48
C LEU WA 102 -23.67 79.39 -88.25
N ALA WA 103 -24.26 80.57 -88.16
CA ALA WA 103 -25.71 80.71 -88.06
C ALA WA 103 -26.29 80.98 -89.44
N LEU WA 104 -27.51 80.48 -89.66
CA LEU WA 104 -28.18 80.60 -90.94
C LEU WA 104 -29.37 81.54 -90.79
N VAL WA 105 -29.13 82.83 -91.02
CA VAL WA 105 -30.23 83.80 -91.05
C VAL WA 105 -31.01 83.59 -92.35
N ASP WA 106 -32.29 83.25 -92.21
CA ASP WA 106 -33.12 82.89 -93.35
C ASP WA 106 -32.44 81.79 -94.17
N GLY WA 107 -32.06 82.11 -95.40
CA GLY WA 107 -31.29 81.20 -96.23
C GLY WA 107 -29.86 81.64 -96.49
N GLN WA 108 -29.38 82.69 -95.82
CA GLN WA 108 -28.06 83.25 -96.06
C GLN WA 108 -27.13 82.90 -94.91
N PRO WA 109 -25.92 82.43 -95.19
CA PRO WA 109 -24.96 82.18 -94.10
C PRO WA 109 -24.62 83.47 -93.36
N TRP WA 110 -24.42 83.35 -92.06
CA TRP WA 110 -24.20 84.51 -91.21
C TRP WA 110 -23.17 84.15 -90.15
N ASP WA 111 -22.27 85.08 -89.85
CA ASP WA 111 -21.32 84.88 -88.78
C ASP WA 111 -22.04 84.87 -87.43
N MET WA 112 -21.37 84.30 -86.43
CA MET WA 112 -21.92 84.28 -85.09
C MET WA 112 -21.49 85.48 -84.25
N TYR WA 113 -20.82 86.46 -84.86
CA TYR WA 113 -20.48 87.69 -84.16
C TYR WA 113 -20.86 88.93 -84.96
N LYS WA 114 -21.62 88.78 -86.05
CA LYS WA 114 -22.15 89.92 -86.78
C LYS WA 114 -23.55 90.20 -86.31
N PRO WA 115 -23.84 91.40 -85.82
CA PRO WA 115 -25.17 91.66 -85.22
C PRO WA 115 -26.29 91.51 -86.23
N LEU WA 116 -27.43 91.06 -85.73
CA LEU WA 116 -28.62 90.92 -86.57
C LEU WA 116 -29.16 92.30 -86.96
N THR WA 117 -29.95 92.32 -88.03
CA THR WA 117 -30.51 93.55 -88.56
C THR WA 117 -32.03 93.58 -88.50
N LYS WA 118 -32.70 92.54 -89.00
CA LYS WA 118 -34.15 92.52 -89.09
C LYS WA 118 -34.68 91.20 -88.57
N SER WA 119 -35.98 91.18 -88.27
CA SER WA 119 -36.64 89.97 -87.82
C SER WA 119 -36.54 88.89 -88.90
N CYS WA 120 -36.16 87.69 -88.48
CA CYS WA 120 -35.87 86.60 -89.42
C CYS WA 120 -35.95 85.27 -88.69
N GLU WA 121 -35.54 84.20 -89.36
CA GLU WA 121 -35.47 82.87 -88.78
C GLU WA 121 -34.01 82.45 -88.71
N ILE WA 122 -33.64 81.77 -87.63
CA ILE WA 122 -32.24 81.44 -87.38
C ILE WA 122 -32.09 79.93 -87.29
N LYS WA 123 -30.93 79.45 -87.74
CA LYS WA 123 -30.57 78.04 -87.65
C LYS WA 123 -29.07 77.95 -87.48
N PHE WA 124 -28.62 77.04 -86.63
CA PHE WA 124 -27.21 76.88 -86.31
C PHE WA 124 -26.64 75.66 -87.03
N LEU WA 125 -25.49 75.83 -87.66
CA LEU WA 125 -24.82 74.77 -88.40
C LEU WA 125 -23.52 74.40 -87.70
N THR WA 126 -23.27 73.11 -87.54
CA THR WA 126 -22.06 72.60 -86.91
C THR WA 126 -21.32 71.70 -87.90
N PHE WA 127 -20.17 71.19 -87.46
CA PHE WA 127 -19.42 70.26 -88.28
C PHE WA 127 -20.13 68.92 -88.43
N LYS WA 128 -20.84 68.48 -87.38
CA LYS WA 128 -21.45 67.16 -87.38
C LYS WA 128 -22.62 67.05 -88.35
N ASP WA 129 -23.13 68.17 -88.84
CA ASP WA 129 -24.29 68.13 -89.73
C ASP WA 129 -23.94 67.43 -91.04
N ASP WA 130 -24.97 66.89 -91.69
CA ASP WA 130 -24.78 66.11 -92.90
C ASP WA 130 -24.27 66.96 -94.07
N ASP WA 131 -24.47 68.27 -94.03
CA ASP WA 131 -24.02 69.17 -95.08
C ASP WA 131 -23.19 70.29 -94.46
N PRO WA 132 -21.95 69.98 -94.05
CA PRO WA 132 -21.11 71.02 -93.46
C PRO WA 132 -20.33 71.81 -94.50
N GLY WA 133 -20.77 71.73 -95.76
CA GLY WA 133 -20.05 72.40 -96.82
C GLY WA 133 -19.89 73.90 -96.60
N GLU WA 134 -20.97 74.55 -96.15
CA GLU WA 134 -20.88 75.97 -95.82
C GLU WA 134 -19.91 76.22 -94.67
N VAL WA 135 -19.97 75.38 -93.63
CA VAL WA 135 -19.08 75.54 -92.49
C VAL WA 135 -17.64 75.22 -92.88
N ASN WA 136 -17.45 74.21 -93.72
CA ASN WA 136 -16.11 73.84 -94.15
C ASN WA 136 -15.45 74.97 -94.93
N LYS WA 137 -16.20 75.64 -95.80
CA LYS WA 137 -15.64 76.77 -96.54
C LYS WA 137 -15.23 77.89 -95.59
N ALA WA 138 -16.07 78.19 -94.60
CA ALA WA 138 -15.76 79.26 -93.66
C ALA WA 138 -14.51 78.96 -92.87
N TYR WA 139 -14.36 77.71 -92.41
CA TYR WA 139 -13.17 77.34 -91.64
C TYR WA 139 -11.92 77.45 -92.49
N TRP WA 140 -12.00 77.06 -93.76
CA TRP WA 140 -10.84 77.14 -94.64
C TRP WA 140 -10.43 78.59 -94.87
N ARG WA 141 -11.40 79.49 -95.01
CA ARG WA 141 -11.09 80.90 -95.17
C ARG WA 141 -10.44 81.48 -93.90
N SER WA 142 -10.97 81.13 -92.73
CA SER WA 142 -10.48 81.71 -91.49
C SER WA 142 -9.03 81.30 -91.23
N CYS WA 143 -8.70 80.03 -91.49
CA CYS WA 143 -7.32 79.57 -91.27
C CYS WA 143 -6.36 80.26 -92.22
N ALA WA 144 -6.80 80.62 -93.42
CA ALA WA 144 -5.96 81.37 -94.33
C ALA WA 144 -5.63 82.76 -93.77
N MET WA 145 -6.62 83.39 -93.13
CA MET WA 145 -6.40 84.72 -92.56
C MET WA 145 -5.37 84.69 -91.45
N MET WA 146 -5.39 83.62 -90.63
CA MET WA 146 -4.40 83.50 -89.57
C MET WA 146 -2.99 83.42 -90.12
N MET WA 147 -2.81 82.70 -91.23
CA MET WA 147 -1.48 82.59 -91.83
C MET WA 147 -1.00 83.94 -92.34
N GLY WA 148 -1.89 84.74 -92.93
CA GLY WA 148 -1.49 86.05 -93.40
C GLY WA 148 -1.00 86.95 -92.29
N CYS WA 149 -1.65 86.91 -91.13
CA CYS WA 149 -1.19 87.70 -90.00
C CYS WA 149 0.19 87.26 -89.53
N VAL WA 150 0.42 85.94 -89.48
CA VAL WA 150 1.72 85.43 -89.06
C VAL WA 150 2.79 85.83 -90.06
N ILE WA 151 2.51 85.68 -91.36
CA ILE WA 151 3.51 85.98 -92.38
C ILE WA 151 3.84 87.47 -92.38
N GLU WA 152 2.82 88.33 -92.25
CA GLU WA 152 3.06 89.77 -92.31
C GLU WA 152 3.96 90.24 -91.18
N ARG WA 153 3.75 89.74 -89.97
CA ARG WA 153 4.49 90.17 -88.79
C ARG WA 153 5.59 89.20 -88.41
N ALA WA 154 6.24 88.59 -89.40
CA ALA WA 154 7.38 87.72 -89.15
C ALA WA 154 8.67 88.25 -89.75
N PHE WA 155 8.62 88.81 -90.95
CA PHE WA 155 9.81 89.38 -91.58
C PHE WA 155 10.25 90.63 -90.85
N LYS WA 156 11.53 90.95 -90.96
CA LYS WA 156 12.06 92.16 -90.35
C LYS WA 156 11.53 93.40 -91.06
N ASP WA 157 11.57 94.52 -90.35
CA ASP WA 157 11.07 95.77 -90.91
C ASP WA 157 11.91 96.27 -92.08
N GLU WA 158 13.13 95.76 -92.24
CA GLU WA 158 13.95 96.14 -93.39
C GLU WA 158 13.43 95.56 -94.69
N TYR WA 159 12.54 94.58 -94.62
CA TYR WA 159 11.89 94.00 -95.80
C TYR WA 159 10.43 94.41 -95.84
N VAL WA 160 9.89 94.47 -97.05
CA VAL WA 160 8.50 94.88 -97.28
C VAL WA 160 7.67 93.64 -97.59
N VAL WA 161 6.53 93.52 -96.91
CA VAL WA 161 5.61 92.40 -97.08
C VAL WA 161 4.27 92.95 -97.55
N SER WA 162 3.77 92.41 -98.66
CA SER WA 162 2.52 92.86 -99.26
C SER WA 162 1.59 91.66 -99.40
N LEU WA 163 0.48 91.69 -98.65
CA LEU WA 163 -0.51 90.63 -98.73
C LEU WA 163 -1.43 90.87 -99.92
N VAL WA 164 -1.55 89.86 -100.77
CA VAL WA 164 -2.32 90.01 -102.00
C VAL WA 164 -3.78 89.64 -101.76
N ARG WA 165 -4.03 88.39 -101.40
CA ARG WA 165 -5.39 87.89 -101.24
C ARG WA 165 -5.32 86.49 -100.66
N ALA WA 166 -6.50 85.89 -100.49
CA ALA WA 166 -6.63 84.50 -100.05
C ALA WA 166 -7.49 83.76 -101.07
N PRO WA 167 -6.87 83.10 -102.05
CA PRO WA 167 -7.65 82.43 -103.10
C PRO WA 167 -8.56 81.35 -102.52
N GLU WA 168 -9.75 81.24 -103.10
CA GLU WA 168 -10.75 80.28 -102.63
C GLU WA 168 -10.47 78.92 -103.24
N VAL WA 169 -9.96 78.00 -102.43
CA VAL WA 169 -9.70 76.63 -102.87
C VAL WA 169 -10.63 75.69 -102.11
N PRO WA 170 -11.20 74.68 -102.76
CA PRO WA 170 -12.09 73.76 -102.06
C PRO WA 170 -11.34 72.93 -101.04
N VAL WA 171 -12.07 72.51 -100.00
CA VAL WA 171 -11.47 71.69 -98.94
C VAL WA 171 -10.99 70.36 -99.49
N ILE WA 172 -11.54 69.91 -100.62
CA ILE WA 172 -11.10 68.65 -101.22
C ILE WA 172 -9.65 68.72 -101.69
N ALA WA 173 -9.12 69.93 -101.86
CA ALA WA 173 -7.72 70.10 -102.23
C ALA WA 173 -6.83 69.80 -101.03
N GLY WA 174 -5.52 69.92 -101.23
CA GLY WA 174 -4.59 69.54 -100.17
C GLY WA 174 -4.68 70.43 -98.95
N ALA WA 175 -4.69 71.74 -99.15
CA ALA WA 175 -4.66 72.68 -98.03
C ALA WA 175 -5.02 74.08 -98.52
N PHE WA 176 -5.28 74.97 -97.57
CA PHE WA 176 -5.52 76.37 -97.89
C PHE WA 176 -4.21 77.08 -98.18
N CYS WA 177 -4.28 78.08 -99.06
CA CYS WA 177 -3.11 78.82 -99.51
C CYS WA 177 -3.35 80.31 -99.42
N TYR WA 178 -2.28 81.05 -99.16
CA TYR WA 178 -2.31 82.50 -99.08
C TYR WA 178 -1.17 83.08 -99.91
N ASP WA 179 -1.46 84.14 -100.67
CA ASP WA 179 -0.50 84.74 -101.58
C ASP WA 179 0.11 85.98 -100.95
N VAL WA 180 1.44 86.03 -100.91
CA VAL WA 180 2.18 87.12 -100.29
C VAL WA 180 3.28 87.57 -101.26
N VAL WA 181 3.40 88.87 -101.44
CA VAL WA 181 4.47 89.46 -102.25
C VAL WA 181 5.56 89.95 -101.31
N LEU WA 182 6.80 89.52 -101.55
CA LEU WA 182 7.94 89.88 -100.73
C LEU WA 182 8.79 90.93 -101.44
N ASP WA 183 9.90 91.29 -100.81
CA ASP WA 183 10.78 92.32 -101.34
C ASP WA 183 11.51 91.82 -102.58
N LYS WA 184 11.95 92.77 -103.41
CA LYS WA 184 12.70 92.43 -104.61
C LYS WA 184 14.03 91.78 -104.28
N ARG WA 185 14.70 92.24 -103.22
CA ARG WA 185 15.97 91.66 -102.81
C ARG WA 185 15.79 90.34 -102.07
N LEU WA 186 14.55 89.93 -101.79
CA LEU WA 186 14.26 88.65 -101.19
C LEU WA 186 13.74 87.64 -102.23
N ASP WA 187 14.04 87.86 -103.50
CA ASP WA 187 13.53 86.98 -104.55
C ASP WA 187 14.14 85.58 -104.44
N GLU WA 188 15.46 85.49 -104.27
CA GLU WA 188 16.15 84.21 -104.22
C GLU WA 188 16.30 83.76 -102.77
N TRP WA 189 15.17 83.39 -102.18
CA TRP WA 189 15.15 82.94 -100.79
C TRP WA 189 13.94 82.04 -100.58
N MET WA 190 14.18 80.74 -100.44
CA MET WA 190 13.15 79.79 -100.05
C MET WA 190 13.29 79.46 -98.58
N PRO WA 191 12.22 79.60 -97.79
CA PRO WA 191 12.34 79.32 -96.36
C PRO WA 191 12.78 77.89 -96.07
N THR WA 192 13.62 77.73 -95.05
CA THR WA 192 14.09 76.43 -94.66
C THR WA 192 13.04 75.73 -93.79
N LYS WA 193 13.36 74.49 -93.40
CA LYS WA 193 12.44 73.73 -92.55
C LYS WA 193 12.23 74.44 -91.21
N GLU WA 194 13.30 74.96 -90.61
CA GLU WA 194 13.18 75.68 -89.35
C GLU WA 194 12.33 76.95 -89.54
N ASN WA 195 12.55 77.68 -90.63
CA ASN WA 195 11.78 78.88 -90.89
C ASN WA 195 10.30 78.56 -91.07
N LEU WA 196 9.99 77.48 -91.78
CA LEU WA 196 8.60 77.06 -91.92
C LEU WA 196 8.00 76.69 -90.58
N HIS WA 197 8.76 76.00 -89.73
CA HIS WA 197 8.26 75.65 -88.42
C HIS WA 197 8.13 76.87 -87.53
N SER WA 198 8.90 77.92 -87.79
CA SER WA 198 8.79 79.15 -87.00
C SER WA 198 7.42 79.79 -87.19
N PHE WA 199 6.91 79.77 -88.42
CA PHE WA 199 5.57 80.30 -88.68
C PHE WA 199 4.51 79.51 -87.92
N THR WA 200 4.67 78.19 -87.85
CA THR WA 200 3.71 77.36 -87.14
C THR WA 200 3.69 77.69 -85.65
N LYS WA 201 4.87 77.89 -85.05
CA LYS WA 201 4.94 78.22 -83.63
C LYS WA 201 4.26 79.55 -83.34
N ASP WA 202 4.47 80.54 -84.22
CA ASP WA 202 3.79 81.83 -84.04
C ASP WA 202 2.28 81.68 -84.21
N ALA WA 203 1.85 80.86 -85.17
CA ALA WA 203 0.42 80.64 -85.36
C ALA WA 203 -0.20 79.97 -84.14
N ARG WA 204 0.49 78.98 -83.57
CA ARG WA 204 -0.02 78.34 -82.36
C ARG WA 204 -0.09 79.32 -81.20
N ALA WA 205 0.86 80.26 -81.11
CA ALA WA 205 0.77 81.29 -80.09
C ALA WA 205 -0.47 82.16 -80.30
N LEU WA 206 -0.80 82.46 -81.56
CA LEU WA 206 -2.03 83.16 -81.85
C LEU WA 206 -3.25 82.31 -81.47
N ILE WA 207 -3.16 81.00 -81.67
CA ILE WA 207 -4.24 80.10 -81.26
C ILE WA 207 -4.36 80.07 -79.74
N TYR WA 208 -3.23 80.17 -79.05
CA TYR WA 208 -3.24 80.09 -77.59
C TYR WA 208 -4.08 81.21 -76.98
N LYS WA 209 -3.91 82.43 -77.46
CA LYS WA 209 -4.74 83.54 -77.01
C LYS WA 209 -6.10 83.50 -77.72
N ASP WA 210 -7.15 83.79 -76.96
CA ASP WA 210 -8.51 83.73 -77.47
C ASP WA 210 -8.87 85.09 -78.07
N LEU WA 211 -8.95 85.15 -79.39
CA LEU WA 211 -9.26 86.39 -80.10
C LEU WA 211 -10.48 86.20 -80.99
N PRO WA 212 -11.61 86.83 -80.67
CA PRO WA 212 -12.79 86.68 -81.52
C PRO WA 212 -12.62 87.39 -82.87
N PHE WA 213 -13.41 86.94 -83.84
CA PHE WA 213 -13.44 87.53 -85.16
C PHE WA 213 -14.56 88.57 -85.23
N GLU WA 214 -14.23 89.76 -85.70
CA GLU WA 214 -15.18 90.87 -85.79
C GLU WA 214 -15.47 91.17 -87.26
N THR WA 215 -16.76 91.17 -87.61
CA THR WA 215 -17.20 91.40 -88.98
C THR WA 215 -17.88 92.76 -89.06
N LEU WA 216 -17.46 93.59 -90.01
CA LEU WA 216 -18.01 94.92 -90.19
C LEU WA 216 -18.19 95.22 -91.66
N GLU WA 217 -19.32 95.82 -92.01
CA GLU WA 217 -19.58 96.25 -93.38
C GLU WA 217 -19.10 97.70 -93.54
N VAL WA 218 -18.14 97.90 -94.45
CA VAL WA 218 -17.48 99.19 -94.62
C VAL WA 218 -17.59 99.60 -96.07
N GLU WA 219 -17.87 100.88 -96.30
CA GLU WA 219 -17.99 101.40 -97.65
C GLU WA 219 -16.65 101.31 -98.37
N ALA WA 220 -16.72 101.21 -99.71
CA ALA WA 220 -15.53 100.89 -100.50
C ALA WA 220 -14.44 101.94 -100.35
N LYS WA 221 -14.81 103.23 -100.38
CA LYS WA 221 -13.80 104.28 -100.29
C LYS WA 221 -13.11 104.27 -98.93
N VAL WA 222 -13.85 103.97 -97.87
CA VAL WA 222 -13.25 103.87 -96.54
C VAL WA 222 -12.28 102.69 -96.49
N ALA WA 223 -12.62 101.59 -97.16
CA ALA WA 223 -11.73 100.43 -97.19
C ALA WA 223 -10.43 100.76 -97.88
N LEU WA 224 -10.48 101.59 -98.93
CA LEU WA 224 -9.25 102.00 -99.61
C LEU WA 224 -8.34 102.78 -98.68
N GLU WA 225 -8.90 103.53 -97.73
CA GLU WA 225 -8.09 104.25 -96.76
C GLU WA 225 -7.34 103.27 -95.85
N ILE WA 226 -7.99 102.16 -95.49
CA ILE WA 226 -7.37 101.19 -94.59
C ILE WA 226 -6.12 100.59 -95.22
N PHE WA 227 -6.21 100.21 -96.49
CA PHE WA 227 -5.14 99.51 -97.19
C PHE WA 227 -4.40 100.42 -98.16
N GLN WA 228 -4.17 101.67 -97.77
CA GLN WA 228 -3.54 102.63 -98.68
C GLN WA 228 -2.13 102.19 -99.07
N HIS WA 229 -1.37 101.62 -98.13
CA HIS WA 229 -0.01 101.20 -98.43
C HIS WA 229 0.02 100.08 -99.45
N ASN WA 230 -0.89 99.10 -99.32
CA ASN WA 230 -0.87 97.91 -100.16
C ASN WA 230 -1.55 98.23 -101.48
N LYS WA 231 -0.79 98.24 -102.57
CA LYS WA 231 -1.36 98.44 -103.90
C LYS WA 231 -2.28 97.28 -104.28
N TYR WA 232 -1.88 96.04 -104.00
CA TYR WA 232 -2.67 94.89 -104.40
C TYR WA 232 -4.01 94.84 -103.68
N LYS WA 233 -4.03 95.22 -102.39
CA LYS WA 233 -5.28 95.21 -101.65
C LYS WA 233 -6.28 96.21 -102.24
N LEU WA 234 -5.80 97.38 -102.67
CA LEU WA 234 -6.70 98.35 -103.28
C LEU WA 234 -7.35 97.80 -104.54
N ASP WA 235 -6.57 97.08 -105.36
CA ASP WA 235 -7.14 96.43 -106.53
C ASP WA 235 -8.16 95.37 -106.14
N PHE WA 236 -7.89 94.62 -105.06
CA PHE WA 236 -8.82 93.60 -104.60
C PHE WA 236 -10.12 94.23 -104.12
N ILE WA 237 -10.04 95.35 -103.40
CA ILE WA 237 -11.25 96.02 -102.93
C ILE WA 237 -12.10 96.49 -104.10
N GLU WA 238 -11.47 97.11 -105.10
CA GLU WA 238 -12.21 97.62 -106.24
C GLU WA 238 -12.89 96.48 -107.00
N GLU WA 239 -12.19 95.36 -107.17
CA GLU WA 239 -12.79 94.21 -107.85
C GLU WA 239 -13.99 93.67 -107.08
N LYS WA 240 -13.88 93.58 -105.75
CA LYS WA 240 -15.00 93.11 -104.95
C LYS WA 240 -16.14 94.12 -104.94
N ALA WA 241 -15.81 95.42 -104.92
CA ALA WA 241 -16.85 96.44 -104.94
C ALA WA 241 -17.61 96.48 -106.25
N SER WA 242 -17.02 95.96 -107.34
CA SER WA 242 -17.72 95.95 -108.62
C SER WA 242 -18.85 94.93 -108.64
N GLN WA 243 -18.72 93.85 -107.87
CA GLN WA 243 -19.75 92.81 -107.85
C GLN WA 243 -21.00 93.24 -107.09
N ASN WA 244 -20.90 94.26 -106.24
CA ASN WA 244 -22.04 94.74 -105.48
C ASN WA 244 -22.41 96.14 -105.94
N PRO WA 245 -23.67 96.37 -106.33
CA PRO WA 245 -24.06 97.72 -106.77
C PRO WA 245 -23.90 98.79 -105.70
N GLU WA 246 -23.93 98.42 -104.43
CA GLU WA 246 -23.87 99.39 -103.34
C GLU WA 246 -22.44 99.77 -102.96
N ARG WA 247 -21.44 99.20 -103.63
CA ARG WA 247 -20.03 99.48 -103.33
C ARG WA 247 -19.70 99.19 -101.87
N ILE WA 248 -20.18 98.05 -101.39
CA ILE WA 248 -20.00 97.64 -100.00
C ILE WA 248 -19.09 96.43 -99.95
N VAL WA 249 -18.15 96.43 -99.01
CA VAL WA 249 -17.21 95.33 -98.81
C VAL WA 249 -17.25 94.90 -97.36
N LYS WA 250 -16.77 93.70 -97.11
CA LYS WA 250 -16.75 93.12 -95.77
C LYS WA 250 -15.32 93.09 -95.25
N LEU WA 251 -15.14 93.60 -94.02
CA LEU WA 251 -13.85 93.61 -93.36
C LEU WA 251 -13.92 92.77 -92.09
N HIS WA 252 -12.86 91.99 -91.85
CA HIS WA 252 -12.79 91.12 -90.68
C HIS WA 252 -11.52 91.46 -89.91
N ARG WA 253 -11.67 91.65 -88.60
CA ARG WA 253 -10.56 92.03 -87.73
C ARG WA 253 -10.57 91.16 -86.48
N PHE WA 254 -9.40 90.61 -86.14
CA PHE WA 254 -9.21 89.94 -84.87
C PHE WA 254 -7.87 90.40 -84.30
N GLY WA 255 -7.87 90.78 -83.02
CA GLY WA 255 -6.67 91.32 -82.41
C GLY WA 255 -6.33 92.68 -82.95
N ASP WA 256 -5.23 92.78 -83.71
CA ASP WA 256 -4.80 94.03 -84.31
C ASP WA 256 -4.63 93.93 -85.82
N PHE WA 257 -5.12 92.87 -86.45
CA PHE WA 257 -4.94 92.62 -87.87
C PHE WA 257 -6.27 92.81 -88.59
N ILE WA 258 -6.25 93.60 -89.67
CA ILE WA 258 -7.43 93.88 -90.47
C ILE WA 258 -7.18 93.40 -91.89
N ASP WA 259 -8.11 92.61 -92.43
CA ASP WA 259 -7.99 92.10 -93.79
C ASP WA 259 -9.38 92.00 -94.39
N VAL WA 260 -9.43 92.03 -95.72
CA VAL WA 260 -10.67 91.89 -96.47
C VAL WA 260 -10.79 90.46 -96.97
N SER WA 261 -11.92 89.84 -96.71
CA SER WA 261 -12.17 88.47 -97.14
C SER WA 261 -13.63 88.33 -97.54
N GLU WA 262 -13.91 87.31 -98.35
CA GLU WA 262 -15.25 87.05 -98.85
C GLU WA 262 -15.87 85.91 -98.07
N GLY WA 263 -17.14 86.08 -97.70
CA GLY WA 263 -17.86 85.08 -96.96
C GLY WA 263 -17.66 85.20 -95.46
N PRO WA 264 -18.43 84.43 -94.69
CA PRO WA 264 -18.34 84.51 -93.23
C PRO WA 264 -17.09 83.85 -92.69
N LEU WA 265 -16.90 83.91 -91.37
CA LEU WA 265 -15.76 83.30 -90.71
C LEU WA 265 -16.21 82.64 -89.42
N ILE WA 266 -15.37 81.77 -88.89
CA ILE WA 266 -15.65 81.07 -87.63
C ILE WA 266 -15.67 82.09 -86.50
N PRO WA 267 -16.47 81.87 -85.46
CA PRO WA 267 -16.61 82.91 -84.42
C PRO WA 267 -15.36 83.13 -83.59
N ARG WA 268 -14.61 82.07 -83.29
CA ARG WA 268 -13.53 82.16 -82.32
C ARG WA 268 -12.23 81.61 -82.92
N THR WA 269 -11.11 82.20 -82.49
CA THR WA 269 -9.81 81.71 -82.91
C THR WA 269 -9.51 80.34 -82.33
N SER WA 270 -9.90 80.12 -81.07
CA SER WA 270 -9.55 78.90 -80.36
C SER WA 270 -10.25 77.66 -80.88
N ILE WA 271 -11.04 77.77 -81.95
CA ILE WA 271 -11.67 76.60 -82.53
C ILE WA 271 -10.61 75.70 -83.18
N CYS WA 272 -9.59 76.29 -83.79
CA CYS WA 272 -8.52 75.51 -84.37
C CYS WA 272 -7.70 74.85 -83.28
N PHE WA 273 -7.36 73.58 -83.48
CA PHE WA 273 -6.52 72.83 -82.55
C PHE WA 273 -5.19 72.42 -83.16
N GLN WA 274 -5.21 71.76 -84.30
CA GLN WA 274 -4.00 71.38 -85.03
C GLN WA 274 -3.77 72.40 -86.13
N TYR WA 275 -2.61 73.05 -86.11
CA TYR WA 275 -2.27 74.03 -87.13
C TYR WA 275 -0.81 73.82 -87.54
N GLU WA 276 -0.55 73.92 -88.84
CA GLU WA 276 0.79 73.69 -89.36
C GLU WA 276 0.92 74.36 -90.71
N VAL WA 277 2.07 75.00 -90.94
CA VAL WA 277 2.40 75.58 -92.24
C VAL WA 277 3.17 74.52 -93.02
N SER WA 278 2.60 74.09 -94.16
CA SER WA 278 3.18 72.96 -94.89
C SER WA 278 4.46 73.35 -95.59
N ALA WA 279 4.38 74.26 -96.55
CA ALA WA 279 5.53 74.63 -97.38
C ALA WA 279 5.17 75.89 -98.16
N VAL WA 280 6.09 76.30 -99.03
CA VAL WA 280 5.92 77.48 -99.87
C VAL WA 280 6.09 77.07 -101.33
N HIS WA 281 5.65 77.96 -102.22
CA HIS WA 281 5.76 77.74 -103.65
C HIS WA 281 5.92 79.09 -104.34
N ASN WA 282 6.43 79.05 -105.57
CA ASN WA 282 6.70 80.24 -106.35
C ASN WA 282 5.79 80.28 -107.59
N LEU WA 283 5.10 81.40 -107.77
CA LEU WA 283 4.30 81.66 -108.96
C LEU WA 283 4.79 82.97 -109.57
N GLN WA 284 5.48 82.89 -110.70
CA GLN WA 284 6.10 84.04 -111.32
C GLN WA 284 5.19 84.57 -112.43
N THR WA 285 4.87 85.85 -112.37
CA THR WA 285 4.09 86.54 -113.39
C THR WA 285 4.97 87.61 -114.05
N GLN WA 286 4.57 88.02 -115.25
CA GLN WA 286 5.34 89.00 -116.00
C GLN WA 286 5.39 90.35 -115.30
N SER WA 287 4.50 90.59 -114.33
CA SER WA 287 4.47 91.85 -113.60
C SER WA 287 4.99 91.76 -112.18
N SER WA 288 4.81 90.63 -111.50
CA SER WA 288 5.24 90.49 -110.12
C SER WA 288 5.35 89.02 -109.77
N LEU WA 289 6.00 88.74 -108.64
CA LEU WA 289 6.17 87.40 -108.12
C LEU WA 289 5.38 87.26 -106.83
N VAL WA 290 4.55 86.22 -106.74
CA VAL WA 290 3.73 85.96 -105.58
C VAL WA 290 4.18 84.68 -104.91
N ARG WA 291 4.35 84.72 -103.60
CA ARG WA 291 4.72 83.55 -102.80
C ARG WA 291 3.44 82.91 -102.27
N ARG WA 292 3.30 81.61 -102.50
CA ARG WA 292 2.11 80.88 -102.09
C ARG WA 292 2.43 80.07 -100.84
N PHE WA 293 1.91 80.50 -99.70
CA PHE WA 293 2.11 79.80 -98.43
C PHE WA 293 0.94 78.86 -98.20
N GLN WA 294 1.23 77.56 -98.07
CA GLN WA 294 0.21 76.55 -97.87
C GLN WA 294 0.36 75.91 -96.50
N GLY WA 295 -0.76 75.68 -95.84
CA GLY WA 295 -0.76 75.02 -94.54
C GLY WA 295 -2.06 74.29 -94.32
N LEU WA 296 -2.00 73.27 -93.45
CA LEU WA 296 -3.14 72.41 -93.17
C LEU WA 296 -3.51 72.53 -91.70
N SER WA 297 -4.81 72.59 -91.42
CA SER WA 297 -5.30 72.74 -90.06
C SER WA 297 -6.58 71.92 -89.87
N LEU WA 298 -6.81 71.51 -88.63
CA LEU WA 298 -7.99 70.78 -88.23
C LEU WA 298 -8.55 71.38 -86.95
N PRO WA 299 -9.86 71.36 -86.76
CA PRO WA 299 -10.47 72.01 -85.60
C PRO WA 299 -10.42 71.10 -84.37
N VAL WA 300 -10.90 71.64 -83.25
CA VAL WA 300 -10.97 70.87 -82.02
C VAL WA 300 -11.93 69.70 -82.16
N HIS WA 301 -13.10 69.94 -82.77
CA HIS WA 301 -14.11 68.89 -82.85
C HIS WA 301 -13.63 67.73 -83.71
N LEU WA 302 -12.93 68.03 -84.81
CA LEU WA 302 -12.57 67.03 -85.82
C LEU WA 302 -11.07 66.75 -85.82
N ARG WA 303 -10.44 66.74 -84.65
CA ARG WA 303 -9.01 66.43 -84.59
C ARG WA 303 -8.79 64.96 -84.92
N ALA WA 304 -7.71 64.70 -85.64
CA ALA WA 304 -7.41 63.36 -86.16
C ALA WA 304 -6.23 62.75 -85.41
N HIS WA 305 -6.01 61.46 -85.68
CA HIS WA 305 -4.92 60.74 -85.05
C HIS WA 305 -3.57 61.20 -85.61
N PHE WA 306 -2.51 60.88 -84.87
CA PHE WA 306 -1.17 61.27 -85.30
C PHE WA 306 -0.80 60.60 -86.61
N THR WA 307 -1.14 59.33 -86.78
CA THR WA 307 -0.82 58.63 -88.02
C THR WA 307 -1.55 59.24 -89.21
N ILE WA 308 -2.84 59.56 -89.03
CA ILE WA 308 -3.60 60.15 -90.12
C ILE WA 308 -3.11 61.57 -90.41
N TRP WA 309 -2.75 62.31 -89.36
CA TRP WA 309 -2.32 63.70 -89.55
C TRP WA 309 -1.07 63.79 -90.41
N ASN WA 310 -0.09 62.91 -90.16
CA ASN WA 310 1.14 62.94 -90.94
C ASN WA 310 0.87 62.60 -92.41
N LYS WA 311 -0.05 61.68 -92.67
CA LYS WA 311 -0.40 61.36 -94.05
C LYS WA 311 -1.02 62.55 -94.75
N LEU WA 312 -1.90 63.29 -94.06
CA LEU WA 312 -2.51 64.47 -94.65
C LEU WA 312 -1.51 65.61 -94.81
N LEU WA 313 -0.53 65.69 -93.91
CA LEU WA 313 0.45 66.77 -93.99
C LEU WA 313 1.32 66.63 -95.24
N GLU WA 314 1.66 65.41 -95.63
CA GLU WA 314 2.49 65.20 -96.81
C GLU WA 314 1.78 65.67 -98.08
N ARG WA 315 0.47 65.42 -98.17
CA ARG WA 315 -0.26 65.87 -99.35
C ARG WA 315 -0.34 67.40 -99.43
N SER WA 316 -0.31 68.07 -98.28
CA SER WA 316 -0.33 69.53 -98.26
C SER WA 316 0.94 70.13 -98.84
N ARG WA 317 2.02 69.36 -98.92
CA ARG WA 317 3.26 69.87 -99.50
C ARG WA 317 3.11 70.16 -100.99
N LYS WA 318 2.23 69.41 -101.68
CA LYS WA 318 2.10 69.54 -103.12
C LYS WA 318 1.47 70.87 -103.50
N MET WA 319 1.73 71.29 -104.73
CA MET WA 319 1.23 72.57 -105.23
C MET WA 319 -0.28 72.54 -105.40
N VAL WA 320 -0.93 73.65 -105.07
CA VAL WA 320 -2.36 73.82 -105.22
C VAL WA 320 -2.59 74.93 -106.24
N THR WA 321 -3.32 74.60 -107.31
CA THR WA 321 -3.58 75.54 -108.41
C THR WA 321 -5.07 75.50 -108.73
N GLU WA 322 -5.82 76.41 -108.10
CA GLU WA 322 -7.26 76.56 -108.39
C GLU WA 322 -7.66 77.98 -108.04
N ASP WA 323 -7.87 78.80 -109.07
CA ASP WA 323 -8.30 80.18 -108.89
C ASP WA 323 -9.69 80.46 -109.46
N LYS WA 324 -9.96 80.02 -110.68
CA LYS WA 324 -11.28 80.20 -111.29
C LYS WA 324 -11.82 78.88 -111.81
N ASP XA 17 22.38 -13.70 28.73
CA ASP XA 17 23.76 -14.07 28.43
C ASP XA 17 24.61 -12.84 28.15
N GLN XA 18 24.57 -12.37 26.90
CA GLN XA 18 25.28 -11.14 26.55
C GLN XA 18 24.69 -9.93 27.26
N ALA XA 19 23.38 -9.95 27.51
CA ALA XA 19 22.77 -8.83 28.23
C ALA XA 19 23.21 -8.81 29.69
N ALA XA 20 23.39 -10.00 30.29
CA ALA XA 20 23.82 -10.06 31.69
C ALA XA 20 25.19 -9.44 31.87
N LYS XA 21 26.06 -9.57 30.87
CA LYS XA 21 27.36 -8.89 30.93
C LYS XA 21 27.18 -7.38 30.85
N ASP XA 22 26.18 -6.92 30.09
CA ASP XA 22 25.92 -5.48 30.00
C ASP XA 22 25.56 -4.92 31.36
N ARG XA 23 24.71 -5.63 32.12
CA ARG XA 23 24.35 -5.17 33.45
C ARG XA 23 25.56 -5.20 34.37
N LEU XA 24 26.40 -6.24 34.24
CA LEU XA 24 27.61 -6.32 35.05
C LEU XA 24 28.54 -5.15 34.78
N LYS XA 25 28.68 -4.76 33.51
CA LYS XA 25 29.43 -3.55 33.20
C LYS XA 25 28.75 -2.32 33.77
N LYS XA 26 27.42 -2.25 33.65
CA LYS XA 26 26.69 -1.08 34.15
C LYS XA 26 26.71 -1.00 35.66
N ARG XA 27 26.61 -2.16 36.34
CA ARG XA 27 26.70 -2.15 37.80
C ARG XA 27 28.05 -1.66 38.28
N ILE XA 28 29.10 -1.86 37.47
CA ILE XA 28 30.41 -1.30 37.79
C ILE XA 28 30.36 0.23 37.75
N ARG XA 29 29.74 0.77 36.70
CA ARG XA 29 29.69 2.22 36.55
C ARG XA 29 28.80 2.86 37.61
N ARG XA 30 27.69 2.19 37.97
CA ARG XA 30 26.79 2.76 38.97
C ARG XA 30 27.46 2.90 40.33
N LEU XA 31 28.25 1.89 40.73
CA LEU XA 31 28.97 1.99 41.98
C LEU XA 31 30.13 2.99 41.89
N GLU XA 32 30.73 3.14 40.71
CA GLU XA 32 31.83 4.07 40.54
C GLU XA 32 31.36 5.51 40.76
N LYS XA 33 30.16 5.85 40.29
CA LYS XA 33 29.62 7.20 40.42
C LYS XA 33 29.33 7.60 41.87
N ALA XA 34 29.53 6.71 42.83
CA ALA XA 34 29.30 7.00 44.24
C ALA XA 34 30.57 7.53 44.88
N SER XA 35 30.40 8.22 46.00
CA SER XA 35 31.52 8.82 46.69
C SER XA 35 32.39 7.76 47.37
N GLN XA 36 33.67 8.06 47.53
CA GLN XA 36 34.61 7.17 48.20
C GLN XA 36 34.58 7.51 49.69
N GLU XA 37 33.86 6.71 50.45
CA GLU XA 37 33.67 6.98 51.87
C GLU XA 37 34.98 6.82 52.63
N LEU XA 38 35.14 7.64 53.68
CA LEU XA 38 36.31 7.60 54.55
C LEU XA 38 35.91 7.06 55.92
N ILE XA 39 36.76 6.21 56.48
CA ILE XA 39 36.53 5.62 57.80
C ILE XA 39 36.55 6.71 58.86
N PRO XA 40 35.50 6.85 59.67
CA PRO XA 40 35.55 7.83 60.76
C PRO XA 40 36.62 7.46 61.78
N ILE XA 41 37.24 8.48 62.37
CA ILE XA 41 38.29 8.29 63.36
C ILE XA 41 37.62 8.08 64.72
N GLU XA 42 37.74 6.86 65.26
CA GLU XA 42 37.13 6.57 66.55
C GLU XA 42 37.87 7.25 67.69
N ASP XA 43 39.09 7.73 67.46
CA ASP XA 43 39.81 8.46 68.49
C ASP XA 43 39.10 9.76 68.85
N PHE XA 44 38.54 10.44 67.85
CA PHE XA 44 37.84 11.69 68.05
C PHE XA 44 36.37 11.49 68.38
N ILE XA 45 35.89 10.26 68.42
CA ILE XA 45 34.49 9.96 68.72
C ILE XA 45 34.49 9.10 69.98
N THR XA 46 34.14 9.70 71.10
CA THR XA 46 34.09 8.95 72.36
C THR XA 46 32.93 7.98 72.34
N PRO XA 47 33.15 6.69 72.61
CA PRO XA 47 32.05 5.73 72.66
C PRO XA 47 31.10 6.03 73.81
N VAL XA 48 30.01 5.27 73.85
CA VAL XA 48 28.97 5.45 74.87
C VAL XA 48 29.42 4.84 76.20
N LYS XA 49 30.63 4.28 76.24
CA LYS XA 49 31.14 3.72 77.49
C LYS XA 49 31.34 4.80 78.54
N PHE XA 50 31.80 5.97 78.13
CA PHE XA 50 32.03 7.09 79.02
C PHE XA 50 30.87 8.07 79.06
N LEU XA 51 29.74 7.72 78.44
CA LEU XA 51 28.60 8.63 78.32
C LEU XA 51 27.83 8.61 79.64
N ASN XA 52 28.28 9.43 80.58
CA ASN XA 52 27.61 9.62 81.87
C ASN XA 52 27.40 8.28 82.58
N LYS XA 53 28.52 7.64 82.90
CA LYS XA 53 28.52 6.36 83.61
C LYS XA 53 28.82 6.55 85.09
N GLU XA 54 28.34 7.64 85.69
CA GLU XA 54 28.57 8.00 87.08
C GLU XA 54 30.05 8.21 87.38
N ARG XA 55 30.91 8.24 86.37
CA ARG XA 55 32.35 8.34 86.56
C ARG XA 55 32.81 9.80 86.55
N GLN XA 56 32.21 10.62 87.42
CA GLN XA 56 32.55 12.03 87.53
C GLN XA 56 33.38 12.26 88.78
N ARG XA 57 34.48 12.99 88.63
CA ARG XA 57 35.33 13.31 89.77
C ARG XA 57 34.58 14.24 90.74
N PRO XA 58 34.92 14.19 92.03
CA PRO XA 58 34.32 15.12 92.98
C PRO XA 58 34.73 16.55 92.69
N PRO XA 59 33.98 17.55 93.19
CA PRO XA 59 34.37 18.95 92.98
C PRO XA 59 35.80 19.22 93.40
N VAL XA 60 36.62 19.59 92.42
CA VAL XA 60 38.06 19.75 92.66
C VAL XA 60 38.30 20.95 93.56
N GLU XA 61 39.11 20.76 94.59
CA GLU XA 61 39.51 21.83 95.49
C GLU XA 61 40.91 22.30 95.13
N LEU XA 62 41.04 23.58 94.84
CA LEU XA 62 42.34 24.16 94.47
C LEU XA 62 42.85 25.03 95.61
N PRO XA 63 43.92 24.63 96.30
CA PRO XA 63 44.46 25.47 97.37
C PRO XA 63 44.96 26.80 96.81
N PHE XA 64 44.79 27.86 97.61
CA PHE XA 64 45.26 29.17 97.20
C PHE XA 64 46.78 29.20 97.07
N GLU XA 65 47.49 28.52 97.97
CA GLU XA 65 48.94 28.47 97.90
C GLU XA 65 49.40 27.69 96.67
N GLU XA 66 48.64 26.66 96.28
CA GLU XA 66 48.99 25.90 95.09
C GLU XA 66 48.69 26.70 93.82
N SER XA 67 47.61 27.49 93.84
CA SER XA 67 47.24 28.26 92.65
C SER XA 67 48.29 29.31 92.31
N GLU XA 68 48.80 30.02 93.32
CA GLU XA 68 49.75 31.10 93.07
C GLU XA 68 51.06 30.57 92.48
N ARG XA 69 51.55 29.45 92.98
CA ARG XA 69 52.78 28.88 92.45
C ARG XA 69 52.56 28.25 91.07
N ARG XA 70 51.37 27.70 90.83
CA ARG XA 70 51.09 27.09 89.54
C ARG XA 70 51.08 28.14 88.43
N ALA XA 71 50.36 29.24 88.63
CA ALA XA 71 50.32 30.30 87.63
C ALA XA 71 51.68 30.95 87.45
N LEU XA 72 52.40 31.17 88.56
CA LEU XA 72 53.72 31.80 88.47
C LEU XA 72 54.71 30.91 87.71
N LEU XA 73 54.61 29.59 87.89
CA LEU XA 73 55.48 28.68 87.16
C LEU XA 73 55.21 28.73 85.67
N LEU XA 74 53.94 28.84 85.26
CA LEU XA 74 53.61 28.91 83.85
C LEU XA 74 54.23 30.13 83.18
N LYS XA 75 54.45 31.21 83.94
CA LYS XA 75 55.12 32.37 83.38
C LYS XA 75 56.56 32.05 82.98
N ARG XA 76 57.27 31.29 83.82
CA ARG XA 76 58.62 30.87 83.47
C ARG XA 76 58.62 29.89 82.30
N TRP XA 77 57.61 29.01 82.23
CA TRP XA 77 57.53 28.05 81.13
C TRP XA 77 57.35 28.77 79.80
N SER XA 78 56.55 29.84 79.77
CA SER XA 78 56.43 30.63 78.55
C SER XA 78 57.75 31.26 78.18
N LEU XA 79 58.48 31.80 79.16
CA LEU XA 79 59.80 32.36 78.89
C LEU XA 79 60.78 31.28 78.44
N TYR XA 80 60.75 30.12 79.11
CA TYR XA 80 61.68 29.04 78.75
C TYR XA 80 61.38 28.48 77.38
N LYS XA 81 60.10 28.43 76.99
CA LYS XA 81 59.74 27.97 75.66
C LYS XA 81 60.31 28.88 74.58
N GLN XA 82 60.28 30.20 74.83
CA GLN XA 82 60.86 31.14 73.87
C GLN XA 82 62.36 30.93 73.74
N ARG XA 83 63.03 30.55 74.83
CA ARG XA 83 64.47 30.28 74.76
C ARG XA 83 64.76 29.11 73.83
N GLU XA 84 63.95 28.05 73.91
CA GLU XA 84 64.15 26.91 73.02
C GLU XA 84 63.97 27.31 71.56
N HIS XA 85 62.97 28.14 71.28
CA HIS XA 85 62.74 28.59 69.91
C HIS XA 85 63.90 29.45 69.42
N GLU XA 86 64.44 30.30 70.28
CA GLU XA 86 65.54 31.18 69.87
C GLU XA 86 66.76 30.39 69.42
N MET XA 87 67.16 29.40 70.23
CA MET XA 87 68.32 28.59 69.87
C MET XA 87 68.02 27.70 68.67
N GLU XA 88 66.81 27.12 68.62
CA GLU XA 88 66.45 26.28 67.48
C GLU XA 88 66.39 27.08 66.19
N ARG XA 89 65.78 28.26 66.23
CA ARG XA 89 65.73 29.11 65.05
C ARG XA 89 67.12 29.60 64.66
N SER XA 90 67.96 29.90 65.65
CA SER XA 90 69.34 30.26 65.34
C SER XA 90 70.11 29.08 64.78
N ALA XA 91 69.87 27.88 65.30
CA ALA XA 91 70.58 26.70 64.83
C ALA XA 91 70.23 26.39 63.37
N ILE XA 92 68.94 26.41 63.04
CA ILE XA 92 68.55 26.15 61.66
C ILE XA 92 69.01 27.27 60.75
N ARG XA 93 69.11 28.50 61.27
CA ARG XA 93 69.63 29.60 60.48
C ARG XA 93 71.09 29.37 60.09
N SER XA 94 71.91 28.97 61.07
CA SER XA 94 73.32 28.69 60.78
C SER XA 94 73.46 27.49 59.85
N LEU XA 95 72.69 26.44 60.07
CA LEU XA 95 72.75 25.27 59.21
C LEU XA 95 72.34 25.62 57.78
N LEU XA 96 71.30 26.43 57.62
CA LEU XA 96 70.89 26.85 56.28
C LEU XA 96 71.97 27.68 55.61
N GLU XA 97 72.57 28.61 56.36
CA GLU XA 97 73.62 29.45 55.78
C GLU XA 97 74.86 28.64 55.43
N ALA XA 98 75.24 27.70 56.30
CA ALA XA 98 76.44 26.91 56.05
C ALA XA 98 76.33 26.09 54.78
N GLN XA 99 75.17 25.45 54.58
CA GLN XA 99 74.97 24.67 53.35
C GLN XA 99 74.86 25.58 52.14
N GLU XA 100 74.18 26.71 52.29
CA GLU XA 100 73.97 27.61 51.15
C GLU XA 100 75.29 28.22 50.69
N GLU XA 101 76.15 28.62 51.62
CA GLU XA 101 77.42 29.24 51.24
C GLU XA 101 78.37 28.21 50.60
N ALA XA 102 78.33 26.97 51.06
CA ALA XA 102 79.19 25.93 50.47
C ALA XA 102 78.70 25.55 49.08
N LEU XA 103 77.38 25.47 48.89
CA LEU XA 103 76.83 25.10 47.60
C LEU XA 103 77.15 26.14 46.54
N GLN XA 104 77.05 27.43 46.89
CA GLN XA 104 77.37 28.48 45.93
C GLN XA 104 78.87 28.56 45.68
N GLU XA 105 79.69 28.37 46.71
CA GLU XA 105 81.13 28.41 46.54
C GLU XA 105 81.61 27.30 45.61
N LEU XA 106 81.06 26.09 45.77
CA LEU XA 106 81.44 24.97 44.91
C LEU XA 106 81.02 25.20 43.46
N ARG XA 107 79.94 25.95 43.24
CA ARG XA 107 79.45 26.17 41.88
C ARG XA 107 80.49 26.87 41.01
N LEU XA 108 81.14 27.89 41.56
CA LEU XA 108 82.16 28.62 40.80
C LEU XA 108 83.35 27.72 40.50
N SER XA 109 83.79 26.92 41.49
CA SER XA 109 84.96 26.08 41.30
C SER XA 109 84.65 24.89 40.40
N SER XA 110 83.53 24.21 40.64
CA SER XA 110 83.15 23.01 39.89
C SER XA 110 81.71 23.14 39.44
N PRO XA 111 81.47 23.82 38.31
CA PRO XA 111 80.09 23.98 37.83
C PRO XA 111 79.39 22.66 37.52
N GLU XA 112 80.12 21.66 37.02
CA GLU XA 112 79.49 20.40 36.66
C GLU XA 112 78.92 19.68 37.87
N LEU XA 113 79.67 19.64 38.97
CA LEU XA 113 79.18 18.98 40.17
C LEU XA 113 78.07 19.77 40.86
N HIS XA 114 77.97 21.07 40.61
CA HIS XA 114 76.90 21.86 41.21
C HIS XA 114 75.54 21.41 40.71
N ALA XA 115 75.44 21.12 39.40
CA ALA XA 115 74.17 20.66 38.85
C ALA XA 115 73.75 19.33 39.45
N GLU XA 116 74.70 18.42 39.67
CA GLU XA 116 74.38 17.14 40.27
C GLU XA 116 73.96 17.31 41.74
N ALA XA 117 74.57 18.26 42.43
CA ALA XA 117 74.27 18.47 43.84
C ALA XA 117 72.93 19.17 44.08
N THR XA 118 72.36 19.80 43.06
CA THR XA 118 71.10 20.51 43.22
C THR XA 118 69.92 19.79 42.60
N LYS XA 119 70.15 18.95 41.60
CA LYS XA 119 69.06 18.22 40.98
C LYS XA 119 68.47 17.20 41.95
N ARG XA 120 67.16 16.98 41.82
CA ARG XA 120 66.45 16.04 42.67
C ARG XA 120 66.97 14.61 42.47
N ASP XA 121 67.64 14.08 43.49
CA ASP XA 121 68.19 12.73 43.44
C ASP XA 121 67.37 11.83 44.35
N PRO XA 122 66.68 10.81 43.81
CA PRO XA 122 65.89 9.93 44.68
C PRO XA 122 66.76 8.96 45.46
N SER XA 123 67.62 9.49 46.33
CA SER XA 123 68.47 8.68 47.20
C SER XA 123 68.22 8.95 48.67
N LEU XA 124 67.15 9.67 49.00
CA LEU XA 124 66.84 10.06 50.37
C LEU XA 124 65.53 9.46 50.86
N PHE XA 125 64.48 9.50 50.04
CA PHE XA 125 63.19 8.96 50.46
C PHE XA 125 63.07 7.49 50.06
N PRO XA 126 62.46 6.65 50.91
CA PRO XA 126 61.87 6.97 52.22
C PRO XA 126 62.92 7.17 53.30
N PHE XA 127 62.59 7.91 54.37
CA PHE XA 127 63.54 8.22 55.41
C PHE XA 127 63.04 7.75 56.77
N GLU XA 128 62.56 6.50 56.83
CA GLU XA 128 62.00 5.95 58.04
C GLU XA 128 63.01 5.90 59.18
N ARG XA 129 62.74 6.64 60.25
CA ARG XA 129 63.58 6.67 61.44
C ARG XA 129 62.71 6.54 62.67
N GLN XA 130 63.24 5.89 63.70
CA GLN XA 130 62.54 5.74 64.97
C GLN XA 130 63.19 6.61 66.04
N GLY XA 131 62.44 6.83 67.12
CA GLY XA 131 62.90 7.65 68.22
C GLY XA 131 63.65 6.85 69.25
N PRO XA 132 64.45 7.53 70.07
CA PRO XA 132 65.18 6.83 71.12
C PRO XA 132 64.25 6.26 72.18
N ASP XA 133 64.70 5.19 72.83
CA ASP XA 133 63.92 4.49 73.84
C ASP XA 133 64.43 4.85 75.24
N TYR XA 134 63.62 4.50 76.24
CA TYR XA 134 63.98 4.82 77.62
C TYR XA 134 65.27 4.12 78.03
N THR XA 135 65.41 2.84 77.69
CA THR XA 135 66.58 2.07 78.04
C THR XA 135 67.16 1.40 76.80
N PRO XA 136 68.48 1.20 76.76
CA PRO XA 136 69.07 0.50 75.63
C PRO XA 136 68.67 -0.97 75.63
N PRO XA 137 68.64 -1.61 74.47
CA PRO XA 137 68.31 -3.04 74.42
C PRO XA 137 69.40 -3.86 75.10
N ILE XA 138 68.99 -4.67 76.08
CA ILE XA 138 69.97 -5.45 76.83
C ILE XA 138 70.49 -6.60 75.98
N SER XA 139 71.62 -7.15 76.41
CA SER XA 139 72.25 -8.24 75.69
C SER XA 139 71.71 -9.59 76.17
N ASP XA 140 71.43 -10.47 75.21
CA ASP XA 140 70.97 -11.84 75.46
C ASP XA 140 69.68 -11.84 76.27
N TYR XA 141 68.64 -11.27 75.67
CA TYR XA 141 67.31 -11.24 76.26
C TYR XA 141 66.38 -12.15 75.47
N GLN XA 142 65.61 -12.96 76.18
CA GLN XA 142 64.71 -13.93 75.56
C GLN XA 142 63.27 -13.63 76.00
N PRO XA 143 62.54 -12.81 75.25
CA PRO XA 143 61.16 -12.53 75.62
C PRO XA 143 60.28 -13.77 75.43
N PRO XA 144 59.19 -13.89 76.19
CA PRO XA 144 58.32 -15.05 76.03
C PRO XA 144 57.59 -15.05 74.70
N GLU XA 145 56.86 -16.13 74.40
CA GLU XA 145 56.16 -16.27 73.14
C GLU XA 145 54.70 -15.84 73.28
N GLY XA 146 53.97 -15.90 72.17
CA GLY XA 146 52.58 -15.49 72.14
C GLY XA 146 52.14 -15.26 70.70
N ARG XA 147 50.98 -14.60 70.56
CA ARG XA 147 50.41 -14.30 69.26
C ARG XA 147 49.70 -12.96 69.31
N TYR XA 148 49.68 -12.26 68.17
CA TYR XA 148 49.10 -10.93 68.07
C TYR XA 148 47.82 -10.99 67.22
N GLN XA 149 46.67 -10.92 67.89
CA GLN XA 149 45.39 -10.84 67.20
C GLN XA 149 45.07 -9.38 66.87
N ASP XA 150 44.50 -9.16 65.69
CA ASP XA 150 44.16 -7.81 65.24
C ASP XA 150 42.66 -7.74 65.05
N ILE XA 151 41.96 -7.17 66.05
CA ILE XA 151 40.52 -7.01 65.93
C ILE XA 151 40.19 -5.98 64.86
N THR XA 152 40.64 -4.74 65.04
CA THR XA 152 40.59 -3.70 64.01
C THR XA 152 39.19 -3.64 63.37
N LYS XA 153 38.22 -3.24 64.21
CA LYS XA 153 36.80 -3.24 63.88
C LYS XA 153 36.54 -2.77 62.45
N VAL XA 154 35.99 -3.67 61.63
CA VAL XA 154 35.85 -3.43 60.19
C VAL XA 154 34.65 -2.52 59.93
N TYR XA 155 34.77 -1.72 58.87
CA TYR XA 155 33.69 -0.82 58.43
C TYR XA 155 33.50 -1.01 56.93
N THR XA 156 32.55 -1.87 56.56
CA THR XA 156 32.23 -2.13 55.16
C THR XA 156 30.81 -1.68 54.88
N GLN XA 157 30.65 -0.82 53.88
CA GLN XA 157 29.34 -0.29 53.51
C GLN XA 157 29.13 -0.47 52.01
N VAL XA 158 27.86 -0.60 51.62
CA VAL XA 158 27.48 -0.81 50.23
C VAL XA 158 26.48 0.26 49.83
N GLU XA 159 26.40 0.48 48.52
CA GLU XA 159 25.53 1.52 47.96
C GLU XA 159 24.68 0.96 46.83
N GLY YA 14 -49.39 40.62 -23.73
CA GLY YA 14 -50.53 40.03 -23.04
C GLY YA 14 -51.86 40.41 -23.66
N ALA YA 15 -52.86 40.61 -22.81
CA ALA YA 15 -54.19 40.99 -23.25
C ALA YA 15 -54.52 42.39 -22.75
N ASP YA 16 -55.49 43.02 -23.41
CA ASP YA 16 -55.89 44.39 -23.09
C ASP YA 16 -56.91 44.34 -21.96
N ARG YA 17 -56.53 44.87 -20.81
CA ARG YA 17 -57.39 44.92 -19.63
C ARG YA 17 -58.20 46.20 -19.54
N MET YA 18 -58.00 47.14 -20.46
CA MET YA 18 -58.66 48.44 -20.43
C MET YA 18 -59.60 48.62 -21.62
N SER YA 19 -60.23 47.53 -22.07
CA SER YA 19 -61.21 47.57 -23.15
C SER YA 19 -62.54 47.04 -22.61
N LYS YA 20 -63.57 47.10 -23.46
CA LYS YA 20 -64.91 46.69 -23.08
C LYS YA 20 -65.03 45.18 -23.21
N TRP YA 21 -65.49 44.52 -22.15
CA TRP YA 21 -65.65 43.07 -22.14
C TRP YA 21 -67.05 42.74 -22.66
N THR YA 22 -67.12 42.27 -23.90
CA THR YA 22 -68.38 41.96 -24.57
C THR YA 22 -68.38 40.50 -25.01
N SER YA 23 -69.47 40.10 -25.66
CA SER YA 23 -69.63 38.71 -26.07
C SER YA 23 -68.68 38.29 -27.17
N LYS YA 24 -68.15 39.24 -27.95
CA LYS YA 24 -67.31 38.89 -29.09
C LYS YA 24 -65.90 38.49 -28.70
N ARG YA 25 -65.48 38.74 -27.45
CA ARG YA 25 -64.12 38.44 -27.05
C ARG YA 25 -63.96 37.06 -26.44
N GLY YA 26 -64.98 36.57 -25.73
CA GLY YA 26 -64.87 35.31 -25.04
C GLY YA 26 -65.04 34.12 -25.96
N PRO YA 27 -64.98 32.93 -25.36
CA PRO YA 27 -65.16 31.69 -26.13
C PRO YA 27 -66.60 31.51 -26.60
N ARG YA 28 -66.89 30.35 -27.19
CA ARG YA 28 -68.26 30.07 -27.62
C ARG YA 28 -69.20 29.95 -26.43
N THR YA 29 -68.69 29.51 -25.28
CA THR YA 29 -69.54 29.38 -24.09
C THR YA 29 -70.04 30.74 -23.63
N PHE YA 30 -69.18 31.76 -23.68
CA PHE YA 30 -69.53 33.09 -23.19
C PHE YA 30 -70.36 33.81 -24.24
N CYS YA 31 -71.65 34.01 -23.96
CA CYS YA 31 -72.55 34.74 -24.84
C CYS YA 31 -73.36 35.70 -23.97
N LYS YA 32 -72.92 36.93 -23.88
CA LYS YA 32 -73.56 37.96 -23.07
C LYS YA 32 -74.36 38.89 -23.96
N GLY YA 33 -75.61 39.15 -23.58
CA GLY YA 33 -76.44 40.05 -24.34
C GLY YA 33 -75.91 41.47 -24.34
N ARG YA 34 -76.25 42.21 -25.38
CA ARG YA 34 -75.79 43.58 -25.55
C ARG YA 34 -76.71 44.59 -24.91
N GLY YA 35 -77.78 44.15 -24.24
CA GLY YA 35 -78.67 45.05 -23.54
C GLY YA 35 -80.14 44.86 -23.84
N ALA YA 36 -80.46 43.87 -24.66
CA ALA YA 36 -81.86 43.62 -25.00
C ALA YA 36 -82.62 43.05 -23.79
N LYS YA 37 -83.93 43.22 -23.82
CA LYS YA 37 -84.81 42.72 -22.76
C LYS YA 37 -85.36 41.36 -23.17
N GLY YA 38 -85.25 40.39 -22.27
CA GLY YA 38 -85.71 39.05 -22.57
C GLY YA 38 -87.20 39.01 -22.84
N THR YA 39 -87.60 38.15 -23.77
CA THR YA 39 -88.99 38.04 -24.20
C THR YA 39 -89.53 36.64 -24.05
N GLY YA 40 -88.90 35.78 -23.26
CA GLY YA 40 -89.39 34.43 -23.10
C GLY YA 40 -88.45 33.59 -22.26
N PHE YA 41 -88.57 32.28 -22.41
CA PHE YA 41 -87.77 31.32 -21.66
C PHE YA 41 -87.53 30.11 -22.54
N HIS YA 42 -87.07 29.01 -21.93
CA HIS YA 42 -86.79 27.77 -22.63
C HIS YA 42 -87.84 26.73 -22.27
N GLY YA 43 -88.40 26.08 -23.28
CA GLY YA 43 -89.45 25.11 -23.10
C GLY YA 43 -88.93 23.71 -22.82
N ARG YA 44 -89.79 22.72 -23.05
CA ARG YA 44 -89.44 21.33 -22.78
C ARG YA 44 -88.35 20.84 -23.73
N ASP YA 45 -88.52 21.07 -25.02
CA ASP YA 45 -87.61 20.54 -26.02
C ASP YA 45 -86.44 21.48 -26.32
N GLY YA 46 -86.31 22.59 -25.59
CA GLY YA 46 -85.29 23.58 -25.86
C GLY YA 46 -85.70 24.64 -26.85
N LYS YA 47 -86.85 24.49 -27.51
CA LYS YA 47 -87.35 25.54 -28.38
C LYS YA 47 -87.77 26.73 -27.54
N PHE YA 48 -87.38 27.93 -27.96
CA PHE YA 48 -87.61 29.12 -27.17
C PHE YA 48 -89.09 29.48 -27.19
N VAL YA 49 -89.73 29.40 -26.03
CA VAL YA 49 -91.15 29.74 -25.90
C VAL YA 49 -91.24 31.23 -25.60
N GLN YA 50 -91.75 31.98 -26.57
CA GLN YA 50 -91.82 33.43 -26.45
C GLN YA 50 -93.19 33.83 -25.90
N ILE YA 51 -93.21 34.43 -24.71
CA ILE YA 51 -94.45 34.85 -24.08
C ILE YA 51 -94.99 36.09 -24.80
N LYS YA 52 -96.26 36.04 -25.20
CA LYS YA 52 -96.86 37.16 -25.90
C LYS YA 52 -96.93 38.41 -25.01
N GLU YA 53 -97.23 38.22 -23.72
CA GLU YA 53 -97.41 39.35 -22.83
C GLU YA 53 -96.12 40.14 -22.66
N MET YA 54 -94.98 39.46 -22.53
CA MET YA 54 -93.73 40.15 -22.26
C MET YA 54 -93.26 40.99 -23.44
N ILE YA 55 -93.76 40.75 -24.64
CA ILE YA 55 -93.37 41.56 -25.80
C ILE YA 55 -93.95 42.95 -25.65
N PRO YA 56 -93.16 44.01 -25.78
CA PRO YA 56 -93.71 45.37 -25.64
C PRO YA 56 -94.62 45.73 -26.80
N GLU YA 57 -95.92 45.82 -26.54
CA GLU YA 57 -96.89 46.18 -27.56
C GLU YA 57 -96.91 47.70 -27.72
N LEU YA 58 -96.35 48.18 -28.83
CA LEU YA 58 -96.34 49.60 -29.10
C LEU YA 58 -97.75 50.09 -29.38
N VAL YA 59 -98.13 51.20 -28.77
CA VAL YA 59 -99.46 51.80 -28.93
C VAL YA 59 -99.30 53.10 -29.69
N VAL YA 60 -100.02 53.24 -30.79
CA VAL YA 60 -99.93 54.42 -31.63
C VAL YA 60 -101.32 55.03 -31.82
N PRO YA 61 -101.46 56.36 -31.83
CA PRO YA 61 -102.75 56.97 -32.14
C PRO YA 61 -102.94 57.14 -33.64
N GLU YA 62 -104.01 57.84 -34.03
CA GLU YA 62 -104.27 58.14 -35.44
C GLU YA 62 -103.88 59.58 -35.72
N LEU YA 63 -102.86 59.77 -36.55
CA LEU YA 63 -102.35 61.10 -36.90
C LEU YA 63 -102.96 61.65 -38.17
N ALA YA 64 -103.91 60.94 -38.80
CA ALA YA 64 -104.50 61.42 -40.04
C ALA YA 64 -105.30 62.70 -39.82
N GLY YA 65 -106.13 62.72 -38.78
CA GLY YA 65 -106.96 63.87 -38.49
C GLY YA 65 -106.35 64.79 -37.45
N PHE YA 66 -105.05 64.67 -37.23
CA PHE YA 66 -104.33 65.44 -36.22
C PHE YA 66 -103.50 66.50 -36.92
N LYS YA 67 -103.72 67.76 -36.54
CA LYS YA 67 -103.07 68.90 -37.19
C LYS YA 67 -102.04 69.49 -36.23
N LEU YA 68 -100.79 69.07 -36.38
CA LEU YA 68 -99.68 69.63 -35.62
C LEU YA 68 -98.39 69.25 -36.33
N LYS YA 69 -97.37 70.10 -36.18
CA LYS YA 69 -96.15 69.93 -36.94
C LYS YA 69 -94.95 69.93 -36.00
N PRO YA 70 -93.84 69.29 -36.41
CA PRO YA 70 -92.66 69.23 -35.54
C PRO YA 70 -91.96 70.57 -35.35
N TYR YA 71 -92.36 71.62 -36.05
CA TYR YA 71 -91.74 72.92 -35.92
C TYR YA 71 -92.82 73.97 -35.64
N VAL YA 72 -92.41 75.02 -34.92
CA VAL YA 72 -93.31 76.11 -34.55
C VAL YA 72 -92.87 77.36 -35.28
N ASN YA 73 -93.84 78.23 -35.57
CA ASN YA 73 -93.56 79.47 -36.27
C ASN YA 73 -92.62 80.35 -35.46
N TYR YA 74 -91.73 81.08 -36.15
CA TYR YA 74 -90.78 81.93 -35.48
C TYR YA 74 -91.45 83.11 -34.77
N ARG YA 75 -92.54 83.62 -35.33
CA ARG YA 75 -93.20 84.79 -34.76
C ARG YA 75 -94.02 84.47 -33.52
N ALA YA 76 -94.25 83.19 -33.22
CA ALA YA 76 -95.02 82.83 -32.03
C ALA YA 76 -94.24 83.19 -30.78
N PRO YA 77 -94.81 84.00 -29.88
CA PRO YA 77 -94.05 84.42 -28.70
C PRO YA 77 -93.83 83.28 -27.72
N GLU YA 78 -92.76 83.39 -26.95
CA GLU YA 78 -92.47 82.44 -25.90
C GLU YA 78 -93.28 82.78 -24.66
N GLY YA 79 -92.98 82.13 -23.54
CA GLY YA 79 -93.67 82.41 -22.30
C GLY YA 79 -92.72 82.32 -21.12
N THR YA 80 -93.16 82.88 -20.00
CA THR YA 80 -92.37 82.82 -18.78
C THR YA 80 -92.24 81.37 -18.33
N ASP YA 81 -91.00 80.90 -18.20
CA ASP YA 81 -90.74 79.50 -17.88
C ASP YA 81 -91.14 79.25 -16.43
N THR YA 82 -92.29 78.62 -16.24
CA THR YA 82 -92.81 78.29 -14.90
C THR YA 82 -92.95 76.78 -14.78
N PRO YA 83 -92.00 76.09 -14.16
CA PRO YA 83 -92.13 74.65 -13.98
C PRO YA 83 -93.36 74.32 -13.15
N LEU YA 84 -94.03 73.22 -13.51
CA LEU YA 84 -95.21 72.79 -12.79
C LEU YA 84 -94.85 72.40 -11.36
N THR YA 85 -95.63 72.86 -10.40
CA THR YA 85 -95.40 72.62 -9.00
C THR YA 85 -96.51 71.75 -8.43
N ALA YA 86 -96.16 70.87 -7.51
CA ALA YA 86 -97.16 70.02 -6.86
C ALA YA 86 -98.21 70.84 -6.14
N LYS YA 87 -97.84 72.03 -5.65
CA LYS YA 87 -98.81 72.90 -5.00
C LYS YA 87 -99.74 73.56 -6.02
N GLN YA 88 -99.19 74.00 -7.16
CA GLN YA 88 -100.01 74.64 -8.19
C GLN YA 88 -101.01 73.65 -8.78
N LEU YA 89 -100.62 72.40 -8.96
CA LEU YA 89 -101.54 71.40 -9.49
C LEU YA 89 -102.71 71.16 -8.54
N PHE YA 90 -102.43 71.11 -7.23
CA PHE YA 90 -103.51 70.92 -6.26
C PHE YA 90 -104.47 72.10 -6.27
N LEU YA 91 -103.94 73.33 -6.34
CA LEU YA 91 -104.79 74.51 -6.36
C LEU YA 91 -105.61 74.61 -7.63
N GLU YA 92 -105.22 73.90 -8.69
CA GLU YA 92 -105.93 73.97 -9.97
C GLU YA 92 -107.03 72.91 -10.10
N THR YA 93 -106.81 71.72 -9.54
CA THR YA 93 -107.71 70.60 -9.74
C THR YA 93 -108.57 70.30 -8.52
N ALA YA 94 -107.96 70.10 -7.35
CA ALA YA 94 -108.70 69.64 -6.18
C ALA YA 94 -109.21 70.78 -5.31
N ALA YA 95 -108.54 71.94 -5.33
CA ALA YA 95 -108.96 73.05 -4.48
C ALA YA 95 -110.37 73.53 -4.77
N PRO YA 96 -110.78 73.78 -6.02
CA PRO YA 96 -112.17 74.22 -6.25
C PRO YA 96 -113.22 73.25 -5.74
N ALA YA 97 -112.96 71.94 -5.85
CA ALA YA 97 -113.93 70.96 -5.36
C ALA YA 97 -114.00 70.96 -3.84
N ILE YA 98 -112.85 71.03 -3.17
CA ILE YA 98 -112.84 71.04 -1.72
C ILE YA 98 -113.45 72.33 -1.18
N GLU YA 99 -113.12 73.47 -1.79
CA GLU YA 99 -113.60 74.76 -1.30
C GLU YA 99 -115.12 74.85 -1.35
N LYS YA 100 -115.72 74.41 -2.47
CA LYS YA 100 -117.18 74.46 -2.58
C LYS YA 100 -117.85 73.52 -1.57
N ASP YA 101 -117.30 72.33 -1.38
CA ASP YA 101 -117.90 71.38 -0.45
C ASP YA 101 -117.82 71.88 0.99
N PHE YA 102 -116.70 72.50 1.36
CA PHE YA 102 -116.56 73.03 2.72
C PHE YA 102 -117.55 74.15 2.99
N LYS YA 103 -117.75 75.03 2.01
CA LYS YA 103 -118.71 76.12 2.17
C LYS YA 103 -120.14 75.60 2.27
N ALA YA 104 -120.43 74.48 1.62
CA ALA YA 104 -121.74 73.86 1.70
C ALA YA 104 -121.88 72.90 2.87
N GLY YA 105 -120.82 72.69 3.63
CA GLY YA 105 -120.88 71.81 4.78
C GLY YA 105 -120.84 70.33 4.48
N THR YA 106 -120.44 69.96 3.25
CA THR YA 106 -120.41 68.56 2.85
C THR YA 106 -118.99 67.97 2.89
N PHE YA 107 -118.02 68.71 3.41
CA PHE YA 107 -116.65 68.22 3.45
C PHE YA 107 -116.51 67.08 4.46
N ASP YA 108 -115.82 66.03 4.05
CA ASP YA 108 -115.57 64.87 4.91
C ASP YA 108 -114.07 64.64 5.04
N PRO YA 109 -113.45 65.00 6.16
CA PRO YA 109 -112.01 64.75 6.31
C PRO YA 109 -111.63 63.28 6.26
N GLU YA 110 -112.55 62.38 6.62
CA GLU YA 110 -112.22 60.96 6.68
C GLU YA 110 -111.97 60.39 5.28
N HIS YA 111 -112.86 60.67 4.34
CA HIS YA 111 -112.79 60.11 2.99
C HIS YA 111 -112.50 61.23 2.01
N LEU YA 112 -111.40 61.10 1.26
CA LEU YA 112 -111.02 62.06 0.23
C LEU YA 112 -110.92 61.40 -1.14
N GLU YA 113 -111.54 60.24 -1.32
CA GLU YA 113 -111.44 59.53 -2.60
C GLU YA 113 -112.15 60.28 -3.72
N LYS YA 114 -113.18 61.05 -3.39
CA LYS YA 114 -113.92 61.79 -4.41
C LYS YA 114 -113.10 62.92 -5.02
N TYR YA 115 -112.04 63.37 -4.34
CA TYR YA 115 -111.21 64.45 -4.84
C TYR YA 115 -110.02 63.94 -5.64
N GLY YA 116 -109.89 62.64 -5.84
CA GLY YA 116 -108.80 62.07 -6.59
C GLY YA 116 -107.69 61.45 -5.76
N PHE YA 117 -107.80 61.49 -4.43
CA PHE YA 117 -106.81 60.85 -3.58
C PHE YA 117 -107.05 59.35 -3.51
N GLU YA 118 -105.96 58.59 -3.53
CA GLU YA 118 -106.03 57.13 -3.49
C GLU YA 118 -105.18 56.64 -2.32
N PRO YA 119 -105.76 55.90 -1.37
CA PRO YA 119 -104.96 55.45 -0.21
C PRO YA 119 -103.84 54.50 -0.58
N THR YA 120 -104.14 53.41 -1.29
CA THR YA 120 -103.18 52.39 -1.65
C THR YA 120 -103.05 52.30 -3.15
N GLN YA 121 -101.80 52.18 -3.63
CA GLN YA 121 -101.53 52.19 -5.06
C GLN YA 121 -101.69 50.81 -5.71
N GLU YA 122 -101.61 49.73 -4.93
CA GLU YA 122 -101.63 48.40 -5.53
C GLU YA 122 -102.97 48.05 -6.16
N GLY YA 123 -104.04 48.75 -5.79
CA GLY YA 123 -105.34 48.45 -6.39
C GLY YA 123 -105.41 48.81 -7.86
N LYS YA 124 -104.84 49.95 -8.24
CA LYS YA 124 -104.95 50.44 -9.60
C LYS YA 124 -103.99 49.69 -10.53
N LEU YA 125 -104.21 49.87 -11.83
CA LEU YA 125 -103.41 49.15 -12.83
C LEU YA 125 -102.01 49.74 -12.96
N PHE YA 126 -101.87 51.06 -12.86
CA PHE YA 126 -100.59 51.73 -13.03
C PHE YA 126 -100.22 52.41 -11.71
N GLN YA 127 -99.31 51.77 -10.95
CA GLN YA 127 -98.84 52.36 -9.71
C GLN YA 127 -97.96 53.59 -10.00
N LEU YA 128 -97.67 54.34 -8.93
CA LEU YA 128 -96.83 55.52 -9.04
C LEU YA 128 -95.51 55.35 -8.31
N TYR YA 129 -95.54 55.03 -7.01
CA TYR YA 129 -94.29 54.81 -6.29
C TYR YA 129 -93.52 53.60 -6.80
N PRO YA 130 -94.14 52.42 -7.01
CA PRO YA 130 -93.40 51.34 -7.69
C PRO YA 130 -93.05 51.64 -9.13
N LYS YA 131 -93.73 52.60 -9.77
CA LYS YA 131 -93.50 52.96 -11.17
C LYS YA 131 -93.69 51.73 -12.07
N ASN YA 132 -94.93 51.27 -12.10
CA ASN YA 132 -95.26 50.06 -12.86
C ASN YA 132 -95.04 50.26 -14.36
N PHE YA 133 -95.63 51.32 -14.92
CA PHE YA 133 -95.53 51.50 -16.36
C PHE YA 133 -94.14 52.02 -16.74
N PRO YA 134 -93.54 51.48 -17.80
CA PRO YA 134 -92.22 51.95 -18.23
C PRO YA 134 -92.23 53.40 -18.68
N ARG YA 135 -93.08 53.72 -19.65
CA ARG YA 135 -93.21 55.08 -20.16
C ARG YA 135 -94.66 55.40 -20.50
N THR ZA 35 56.28 98.96 -36.14
CA THR ZA 35 55.47 97.95 -36.80
C THR ZA 35 55.34 96.70 -35.94
N TYR ZA 36 54.63 96.82 -34.82
CA TYR ZA 36 54.40 95.71 -33.90
C TYR ZA 36 52.91 95.51 -33.73
N SER ZA 37 52.44 94.28 -33.95
CA SER ZA 37 51.03 93.96 -33.83
C SER ZA 37 50.87 92.48 -33.55
N SER ZA 38 49.98 92.15 -32.63
CA SER ZA 38 49.74 90.75 -32.30
C SER ZA 38 49.07 90.01 -33.46
N LEU ZA 39 48.20 90.70 -34.20
CA LEU ZA 39 47.51 90.11 -35.33
C LEU ZA 39 47.99 90.73 -36.64
N PRO ZA 40 48.01 89.96 -37.73
CA PRO ZA 40 48.44 90.52 -39.01
C PRO ZA 40 47.48 91.58 -39.54
N ASP ZA 41 48.04 92.54 -40.26
CA ASP ZA 41 47.27 93.63 -40.85
C ASP ZA 41 47.10 93.40 -42.36
N ASP ZA 42 46.32 92.37 -42.69
CA ASP ZA 42 46.11 92.01 -44.08
C ASP ZA 42 44.66 91.81 -44.47
N TYR ZA 43 43.74 91.61 -43.52
CA TYR ZA 43 42.37 91.25 -43.87
C TYR ZA 43 41.35 92.32 -43.50
N ASN ZA 44 41.32 92.74 -42.24
CA ASN ZA 44 40.24 93.62 -41.79
C ASN ZA 44 40.70 95.04 -41.56
N CYS ZA 45 41.72 95.24 -40.73
CA CYS ZA 45 42.20 96.58 -40.41
C CYS ZA 45 43.61 96.49 -39.88
N LYS ZA 46 44.30 97.63 -39.87
CA LYS ZA 46 45.65 97.72 -39.32
C LYS ZA 46 45.57 98.21 -37.88
N VAL ZA 47 45.32 97.26 -36.97
CA VAL ZA 47 45.10 97.59 -35.57
C VAL ZA 47 46.42 98.04 -34.94
N GLU ZA 48 46.39 99.18 -34.26
CA GLU ZA 48 47.54 99.71 -33.54
C GLU ZA 48 47.11 100.04 -32.11
N LEU ZA 49 47.54 99.22 -31.15
CA LEU ZA 49 47.19 99.41 -29.76
C LEU ZA 49 48.14 100.40 -29.10
N ALA ZA 50 47.63 101.06 -28.06
CA ALA ZA 50 48.43 101.99 -27.27
C ALA ZA 50 47.79 102.14 -25.90
N LEU ZA 51 48.59 102.64 -24.95
CA LEU ZA 51 48.15 102.84 -23.58
C LEU ZA 51 48.40 104.29 -23.18
N THR ZA 52 47.39 104.93 -22.60
CA THR ZA 52 47.52 106.30 -22.14
C THR ZA 52 48.57 106.38 -21.04
N SER ZA 53 49.31 107.50 -21.02
CA SER ZA 53 50.32 107.70 -19.98
C SER ZA 53 49.71 107.68 -18.59
N ASP ZA 54 48.46 108.14 -18.45
CA ASP ZA 54 47.78 108.09 -17.16
C ASP ZA 54 47.57 106.65 -16.72
N GLY ZA 55 47.21 105.76 -17.65
CA GLY ZA 55 47.00 104.37 -17.37
C GLY ZA 55 45.55 103.94 -17.24
N ARG ZA 56 44.62 104.90 -17.18
CA ARG ZA 56 43.21 104.59 -17.01
C ARG ZA 56 42.47 104.36 -18.32
N THR ZA 57 43.11 104.58 -19.46
CA THR ZA 57 42.44 104.46 -20.75
C THR ZA 57 43.35 103.75 -21.73
N ILE ZA 58 42.76 102.86 -22.54
CA ILE ZA 58 43.46 102.17 -23.62
C ILE ZA 58 42.88 102.66 -24.94
N VAL ZA 59 43.74 103.18 -25.81
CA VAL ZA 59 43.33 103.71 -27.10
C VAL ZA 59 43.85 102.79 -28.20
N CYS ZA 60 43.17 102.81 -29.34
CA CYS ZA 60 43.59 102.01 -30.48
C CYS ZA 60 43.17 102.69 -31.77
N TYR ZA 61 44.13 102.92 -32.66
CA TYR ZA 61 43.90 103.54 -33.95
C TYR ZA 61 43.84 102.43 -35.00
N HIS ZA 62 42.65 102.20 -35.54
CA HIS ZA 62 42.38 101.06 -36.43
C HIS ZA 62 41.77 101.57 -37.74
N PRO ZA 63 42.60 102.06 -38.66
CA PRO ZA 63 42.08 102.48 -39.96
C PRO ZA 63 41.77 101.28 -40.84
N SER ZA 64 40.95 101.53 -41.86
CA SER ZA 64 40.59 100.48 -42.80
C SER ZA 64 41.77 100.16 -43.72
N VAL ZA 65 41.75 98.93 -44.24
CA VAL ZA 65 42.72 98.50 -45.25
C VAL ZA 65 41.94 98.15 -46.52
N ASP ZA 66 42.36 98.72 -47.64
CA ASP ZA 66 41.67 98.54 -48.91
C ASP ZA 66 42.37 97.49 -49.75
N ILE ZA 67 41.58 96.70 -50.47
CA ILE ZA 67 42.11 95.63 -51.32
C ILE ZA 67 42.95 96.25 -52.43
N PRO ZA 68 44.20 95.85 -52.59
CA PRO ZA 68 45.03 96.43 -53.66
C PRO ZA 68 44.55 96.00 -55.03
N TYR ZA 69 44.94 96.80 -56.03
CA TYR ZA 69 44.49 96.55 -57.40
C TYR ZA 69 45.05 95.25 -57.94
N GLU ZA 70 46.27 94.87 -57.53
CA GLU ZA 70 46.91 93.67 -58.05
C GLU ZA 70 46.21 92.39 -57.60
N HIS ZA 71 45.38 92.45 -56.56
CA HIS ZA 71 44.73 91.28 -56.02
C HIS ZA 71 43.35 91.02 -56.60
N THR ZA 72 42.95 91.77 -57.63
CA THR ZA 72 41.64 91.62 -58.24
C THR ZA 72 41.77 91.21 -59.70
N LYS ZA 73 40.82 90.39 -60.15
CA LYS ZA 73 40.75 89.92 -61.52
C LYS ZA 73 39.78 90.77 -62.34
N PRO ZA 74 39.98 90.86 -63.65
CA PRO ZA 74 39.09 91.69 -64.47
C PRO ZA 74 37.67 91.14 -64.49
N ILE ZA 75 36.72 92.05 -64.70
CA ILE ZA 75 35.30 91.68 -64.69
C ILE ZA 75 35.01 90.76 -65.87
N PRO ZA 76 34.42 89.59 -65.65
CA PRO ZA 76 34.01 88.71 -66.77
C PRO ZA 76 32.75 89.24 -67.45
N ARG ZA 77 32.91 90.34 -68.18
CA ARG ZA 77 31.74 91.00 -68.77
C ARG ZA 77 31.08 90.14 -69.85
N PRO ZA 78 31.78 89.73 -70.94
CA PRO ZA 78 31.11 89.05 -72.06
C PRO ZA 78 31.00 87.54 -71.88
N ASP ZA 79 30.55 87.10 -70.70
CA ASP ZA 79 30.44 85.66 -70.46
C ASP ZA 79 29.28 85.05 -71.24
N PRO ZA 80 28.01 85.50 -71.06
CA PRO ZA 80 26.94 85.10 -71.97
C PRO ZA 80 26.81 86.06 -73.15
N VAL ZA 81 27.92 86.28 -73.86
CA VAL ZA 81 27.93 87.30 -74.92
C VAL ZA 81 27.02 86.89 -76.06
N HIS ZA 82 27.08 85.63 -76.47
CA HIS ZA 82 26.26 85.11 -77.56
C HIS ZA 82 24.99 84.44 -77.06
N ASN ZA 83 25.00 83.91 -75.84
CA ASN ZA 83 23.82 83.25 -75.31
C ASN ZA 83 22.70 84.25 -75.06
N ILE ZA 84 23.02 85.42 -74.53
CA ILE ZA 84 21.99 86.42 -74.23
C ILE ZA 84 21.37 86.95 -75.51
N GLU ZA 85 22.18 87.31 -76.49
CA GLU ZA 85 21.73 87.90 -77.74
C GLU ZA 85 22.12 86.97 -78.89
N GLU ZA 86 21.19 86.10 -79.28
CA GLU ZA 86 21.38 85.19 -80.39
C GLU ZA 86 20.32 85.45 -81.45
N THR ZA 87 20.75 85.64 -82.69
CA THR ZA 87 19.85 85.88 -83.80
C THR ZA 87 19.60 84.56 -84.52
N HIS ZA 88 18.34 84.13 -84.56
CA HIS ZA 88 18.00 82.87 -85.21
C HIS ZA 88 18.28 82.93 -86.71
N ASP ZA 89 17.92 84.05 -87.35
CA ASP ZA 89 18.16 84.24 -88.77
C ASP ZA 89 18.12 85.73 -89.07
N LEU ZA 90 18.72 86.09 -90.20
CA LEU ZA 90 18.78 87.48 -90.65
C LEU ZA 90 17.63 87.84 -91.59
N VAL ZA 91 16.70 86.92 -91.81
CA VAL ZA 91 15.57 87.16 -92.68
C VAL ZA 91 14.26 87.29 -91.91
N LEU ZA 92 14.14 86.64 -90.76
CA LEU ZA 92 12.92 86.67 -89.95
C LEU ZA 92 13.23 87.27 -88.58
N LYS ZA 93 12.22 87.87 -87.98
CA LYS ZA 93 12.37 88.48 -86.67
C LYS ZA 93 12.66 87.41 -85.62
N THR ZA 94 13.44 87.80 -84.62
CA THR ZA 94 13.80 86.86 -83.54
C THR ZA 94 12.56 86.45 -82.76
N ARG ZA 95 12.58 85.21 -82.29
CA ARG ZA 95 11.43 84.61 -81.61
C ARG ZA 95 11.76 84.40 -80.14
N LEU ZA 96 10.91 84.92 -79.26
CA LEU ZA 96 11.06 84.71 -77.82
C LEU ZA 96 10.19 83.53 -77.40
N GLU ZA 97 10.57 82.36 -77.90
CA GLU ZA 97 9.87 81.10 -77.62
C GLU ZA 97 10.57 80.42 -76.46
N GLU ZA 98 10.02 80.60 -75.26
CA GLU ZA 98 10.56 79.97 -74.05
C GLU ZA 98 9.95 78.57 -73.95
N LYS ZA 99 10.67 77.57 -74.41
CA LYS ZA 99 10.17 76.21 -74.38
C LYS ZA 99 10.03 75.71 -72.95
N GLY ZA 100 8.94 75.02 -72.68
CA GLY ZA 100 8.67 74.50 -71.35
C GLY ZA 100 8.18 73.07 -71.41
N GLU ZA 101 8.55 72.30 -70.40
CA GLU ZA 101 8.13 70.91 -70.29
C GLU ZA 101 7.02 70.69 -69.28
N HIS ZA 102 6.99 71.48 -68.21
CA HIS ZA 102 6.01 71.36 -67.14
C HIS ZA 102 5.99 69.94 -66.58
N LEU ZA 103 7.12 69.56 -66.00
CA LEU ZA 103 7.26 68.22 -65.43
C LEU ZA 103 6.29 68.05 -64.26
N GLU ZA 104 5.95 66.79 -63.99
CA GLU ZA 104 5.05 66.46 -62.90
C GLU ZA 104 5.67 66.86 -61.55
N GLN ZA 105 4.87 66.76 -60.50
CA GLN ZA 105 5.34 67.13 -59.17
C GLN ZA 105 6.54 66.30 -58.76
N GLY ZA 106 6.65 65.07 -59.24
CA GLY ZA 106 7.77 64.22 -58.93
C GLY ZA 106 9.09 64.78 -59.43
N PRO ZA 107 9.29 64.81 -60.75
CA PRO ZA 107 10.56 65.31 -61.30
C PRO ZA 107 10.82 66.78 -61.00
N MET ZA 108 9.79 67.57 -60.69
CA MET ZA 108 10.00 68.99 -60.42
C MET ZA 108 10.75 69.20 -59.12
N ILE ZA 109 10.37 68.48 -58.06
CA ILE ZA 109 10.99 68.69 -56.75
C ILE ZA 109 12.46 68.27 -56.78
N GLU ZA 110 12.75 67.12 -57.38
CA GLU ZA 110 14.13 66.65 -57.43
C GLU ZA 110 15.01 67.53 -58.30
N GLN ZA 111 14.43 68.28 -59.24
CA GLN ZA 111 15.21 69.25 -59.99
C GLN ZA 111 15.54 70.48 -59.15
N LEU ZA 112 14.57 70.95 -58.35
CA LEU ZA 112 14.80 72.11 -57.51
C LEU ZA 112 15.75 71.78 -56.36
N SER ZA 113 15.59 70.61 -55.75
CA SER ZA 113 16.45 70.25 -54.62
C SER ZA 113 17.91 70.16 -55.05
N LYS ZA 114 18.17 69.61 -56.24
CA LYS ZA 114 19.53 69.57 -56.74
C LYS ZA 114 20.01 70.96 -57.14
N MET ZA 115 19.09 71.86 -57.48
CA MET ZA 115 19.48 73.20 -57.90
C MET ZA 115 19.93 74.06 -56.72
N PHE ZA 116 19.22 73.98 -55.60
CA PHE ZA 116 19.51 74.79 -54.43
C PHE ZA 116 20.27 74.02 -53.34
N PHE ZA 117 20.68 72.79 -53.62
CA PHE ZA 117 21.43 71.97 -52.66
C PHE ZA 117 20.67 71.81 -51.34
N THR ZA 118 19.40 71.44 -51.44
CA THR ZA 118 18.56 71.14 -50.28
C THR ZA 118 17.95 69.76 -50.44
N THR ZA 119 17.08 69.40 -49.50
CA THR ZA 119 16.36 68.15 -49.57
C THR ZA 119 15.09 68.34 -50.39
N LYS ZA 120 14.29 67.28 -50.50
CA LYS ZA 120 13.06 67.32 -51.28
C LYS ZA 120 11.81 67.39 -50.42
N HIS ZA 121 11.94 67.26 -49.10
CA HIS ZA 121 10.78 67.19 -48.22
C HIS ZA 121 10.12 68.53 -47.98
N ARG ZA 122 10.84 69.63 -48.18
CA ARG ZA 122 10.31 70.95 -47.87
C ARG ZA 122 9.66 71.65 -49.05
N TRP ZA 123 9.76 71.08 -50.26
CA TRP ZA 123 9.19 71.71 -51.43
C TRP ZA 123 7.73 71.36 -51.65
N TYR ZA 124 7.19 70.39 -50.91
CA TYR ZA 124 5.78 70.08 -51.02
C TYR ZA 124 4.95 71.13 -50.27
N PRO ZA 125 3.74 71.42 -50.74
CA PRO ZA 125 2.88 72.37 -50.03
C PRO ZA 125 2.38 71.83 -48.70
N ARG ZA 126 1.57 72.61 -47.99
CA ARG ZA 126 1.03 72.21 -46.70
C ARG ZA 126 -0.49 72.35 -46.73
N GLY ZA 127 -1.13 71.87 -45.67
CA GLY ZA 127 -2.57 71.87 -45.59
C GLY ZA 127 -3.14 73.25 -45.27
N GLN ZA 128 -4.47 73.31 -45.29
CA GLN ZA 128 -5.16 74.56 -45.01
C GLN ZA 128 -4.96 75.03 -43.57
N TYR ZA 129 -4.79 74.09 -42.64
CA TYR ZA 129 -4.65 74.45 -41.24
C TYR ZA 129 -3.40 75.29 -41.01
N HIS ZA 130 -2.26 74.87 -41.57
CA HIS ZA 130 -1.04 75.63 -41.39
C HIS ZA 130 -1.04 76.91 -42.20
N ARG ZA 131 -1.64 76.90 -43.40
CA ARG ZA 131 -1.67 78.08 -44.23
C ARG ZA 131 -2.48 79.20 -43.59
N ARG ZA 132 -3.61 78.86 -42.95
CA ARG ZA 132 -4.49 79.90 -42.41
C ARG ZA 132 -3.93 80.54 -41.15
N ARG ZA 133 -3.14 79.81 -40.36
CA ARG ZA 133 -2.69 80.33 -39.09
C ARG ZA 133 -1.44 81.20 -39.21
N ARG ZA 134 -0.89 81.37 -40.40
CA ARG ZA 134 0.22 82.30 -40.58
C ARG ZA 134 -0.26 83.73 -40.44
N LYS ZA 135 0.54 84.57 -39.80
CA LYS ZA 135 0.14 85.95 -39.57
C LYS ZA 135 0.19 86.76 -40.86
N PRO ZA 136 -0.92 87.37 -41.28
CA PRO ZA 136 -0.90 88.14 -42.54
C PRO ZA 136 0.05 89.32 -42.53
N ASN ZA 137 0.24 89.99 -41.39
CA ASN ZA 137 1.06 91.19 -41.30
C ASN ZA 137 2.07 91.00 -40.17
N PRO ZA 138 3.18 90.33 -40.44
CA PRO ZA 138 4.19 90.15 -39.41
C PRO ZA 138 4.81 91.47 -39.02
N PRO ZA 139 5.21 91.64 -37.76
CA PRO ZA 139 5.89 92.87 -37.35
C PRO ZA 139 7.19 93.06 -38.11
N LYS ZA 140 7.49 94.32 -38.43
CA LYS ZA 140 8.69 94.67 -39.19
C LYS ZA 140 9.48 95.71 -38.41
N ASP ZA 141 10.77 95.46 -38.24
CA ASP ZA 141 11.65 96.37 -37.54
C ASP ZA 141 12.44 97.20 -38.56
N ARG ZA 142 13.28 98.10 -38.04
CA ARG ZA 142 14.12 98.97 -38.87
C ARG ZA 142 13.28 99.82 -39.82
N THR AB 2 0.16 83.65 -22.84
CA THR AB 2 1.50 83.27 -23.26
C THR AB 2 1.99 84.14 -24.43
N ALA AB 3 3.23 83.97 -24.85
CA ALA AB 3 3.78 84.79 -25.93
C ALA AB 3 3.25 84.35 -27.29
N ARG AB 4 3.10 83.04 -27.48
CA ARG AB 4 2.58 82.52 -28.74
C ARG AB 4 1.10 82.82 -28.92
N GLY AB 5 0.39 83.17 -27.84
CA GLY AB 5 -1.03 83.45 -27.93
C GLY AB 5 -1.33 84.87 -28.34
N THR AB 6 -0.64 85.83 -27.74
CA THR AB 6 -0.87 87.24 -28.02
C THR AB 6 0.09 87.73 -29.11
N ALA AB 7 -0.24 88.89 -29.66
CA ALA AB 7 0.59 89.49 -30.70
C ALA AB 7 1.84 90.12 -30.09
N SER AB 8 2.70 90.65 -30.96
CA SER AB 8 3.95 91.27 -30.52
C SER AB 8 4.21 92.49 -31.38
N ARG AB 9 5.04 93.39 -30.83
CA ARG AB 9 5.45 94.60 -31.54
C ARG AB 9 6.86 94.95 -31.12
N PHE AB 10 7.53 95.71 -31.97
CA PHE AB 10 8.89 96.17 -31.68
C PHE AB 10 8.83 97.48 -30.90
N LEU AB 11 9.93 97.77 -30.20
CA LEU AB 11 10.03 98.99 -29.40
C LEU AB 11 10.04 100.19 -30.33
N THR AB 12 8.93 100.92 -30.39
CA THR AB 12 8.78 102.03 -31.31
C THR AB 12 8.25 103.25 -30.56
N SER AB 13 8.80 104.41 -30.89
CA SER AB 13 8.34 105.68 -30.35
C SER AB 13 7.56 106.41 -31.44
N VAL AB 14 6.37 106.91 -31.08
CA VAL AB 14 5.47 107.50 -32.06
C VAL AB 14 6.02 108.84 -32.52
N LEU AB 15 6.08 109.03 -33.84
CA LEU AB 15 6.49 110.29 -34.47
C LEU AB 15 7.89 110.71 -34.06
N HIS AB 16 8.76 109.74 -33.79
CA HIS AB 16 10.14 110.00 -33.37
C HIS AB 16 10.17 110.96 -32.18
N ASN AB 17 9.29 110.71 -31.22
CA ASN AB 17 9.17 111.57 -30.06
C ASN AB 17 10.45 111.53 -29.23
N GLY AB 18 10.77 112.66 -28.61
CA GLY AB 18 11.92 112.77 -27.75
C GLY AB 18 13.24 112.98 -28.47
N LEU AB 19 13.24 113.02 -29.79
CA LEU AB 19 14.48 113.24 -30.53
C LEU AB 19 14.80 114.73 -30.65
N GLY AB 20 13.89 115.49 -31.24
CA GLY AB 20 14.04 116.94 -31.31
C GLY AB 20 13.45 117.63 -30.09
N ARG AB 21 12.21 117.27 -29.76
CA ARG AB 21 11.55 117.81 -28.59
C ARG AB 21 10.58 116.75 -28.07
N TYR AB 22 10.22 116.88 -26.79
CA TYR AB 22 9.29 115.95 -26.16
C TYR AB 22 7.88 116.52 -26.18
N VAL AB 23 6.93 115.73 -26.66
CA VAL AB 23 5.53 116.11 -26.73
C VAL AB 23 4.72 115.10 -25.93
N GLN AB 24 3.94 115.59 -24.97
CA GLN AB 24 3.14 114.71 -24.13
C GLN AB 24 2.05 114.06 -24.98
N GLN AB 25 2.15 112.74 -25.16
CA GLN AB 25 1.26 112.04 -26.09
C GLN AB 25 -0.17 111.96 -25.60
N LEU AB 26 -0.42 112.15 -24.29
CA LEU AB 26 -1.79 112.16 -23.80
C LEU AB 26 -2.51 113.40 -24.32
N GLN AB 27 -3.76 113.21 -24.74
CA GLN AB 27 -4.54 114.26 -25.37
C GLN AB 27 -5.70 114.75 -24.52
N ARG AB 28 -6.53 113.85 -24.00
CA ARG AB 28 -7.70 114.26 -23.24
C ARG AB 28 -8.10 113.15 -22.27
N LEU AB 29 -8.91 113.54 -21.29
CA LEU AB 29 -9.52 112.61 -20.35
C LEU AB 29 -10.97 112.99 -20.14
N SER AB 30 -11.82 111.99 -19.90
CA SER AB 30 -13.24 112.20 -19.65
C SER AB 30 -13.66 111.37 -18.46
N PHE AB 31 -14.10 112.03 -17.39
CA PHE AB 31 -14.54 111.36 -16.18
C PHE AB 31 -16.06 111.20 -16.20
N SER AB 32 -16.52 109.99 -15.92
CA SER AB 32 -17.95 109.68 -15.88
C SER AB 32 -18.28 109.19 -14.48
N LEU AB 33 -18.56 110.12 -13.57
CA LEU AB 33 -18.83 109.83 -12.18
C LEU AB 33 -20.29 110.11 -11.84
N SER AB 34 -20.65 109.84 -10.59
CA SER AB 34 -22.00 110.05 -10.10
C SER AB 34 -21.97 110.88 -8.83
N ARG AB 35 -23.04 111.66 -8.63
CA ARG AB 35 -23.14 112.54 -7.47
C ARG AB 35 -23.81 111.87 -6.27
N ASP AB 36 -24.38 110.68 -6.45
CA ASP AB 36 -25.10 110.01 -5.37
C ASP AB 36 -24.64 108.59 -5.11
N ALA AB 37 -24.04 107.91 -6.09
CA ALA AB 37 -23.63 106.53 -5.89
C ALA AB 37 -22.46 106.46 -4.91
N PRO AB 38 -22.55 105.64 -3.88
CA PRO AB 38 -21.42 105.52 -2.93
C PRO AB 38 -20.15 104.98 -3.57
N SER AB 39 -20.26 104.28 -4.70
CA SER AB 39 -19.07 103.76 -5.38
C SER AB 39 -18.27 104.83 -6.08
N SER AB 40 -18.84 106.03 -6.27
CA SER AB 40 -18.16 107.12 -6.95
C SER AB 40 -17.49 108.08 -5.98
N ARG AB 41 -17.35 107.71 -4.70
CA ARG AB 41 -16.77 108.61 -3.72
C ARG AB 41 -15.33 108.96 -4.07
N GLY AB 42 -14.56 107.97 -4.52
CA GLY AB 42 -13.17 108.24 -4.88
C GLY AB 42 -13.05 109.22 -6.03
N ALA AB 43 -13.93 109.10 -7.03
CA ALA AB 43 -13.91 110.05 -8.14
C ALA AB 43 -14.27 111.45 -7.69
N ARG AB 44 -15.27 111.59 -6.83
CA ARG AB 44 -15.70 112.91 -6.39
C ARG AB 44 -14.61 113.61 -5.58
N GLU AB 45 -13.94 112.88 -4.69
CA GLU AB 45 -12.86 113.49 -3.92
C GLU AB 45 -11.71 113.91 -4.81
N PHE AB 46 -11.41 113.12 -5.85
CA PHE AB 46 -10.34 113.46 -6.77
C PHE AB 46 -10.65 114.74 -7.54
N VAL AB 47 -11.92 114.91 -7.95
CA VAL AB 47 -12.30 116.08 -8.73
C VAL AB 47 -12.17 117.35 -7.92
N GLU AB 48 -12.64 117.32 -6.66
CA GLU AB 48 -12.64 118.53 -5.84
C GLU AB 48 -11.21 119.00 -5.54
N ARG AB 49 -10.30 118.07 -5.29
CA ARG AB 49 -8.98 118.40 -4.77
C ARG AB 49 -7.90 118.40 -5.86
N GLU AB 50 -7.75 117.30 -6.59
CA GLU AB 50 -6.58 117.10 -7.43
C GLU AB 50 -6.78 117.52 -8.88
N VAL AB 51 -8.02 117.56 -9.38
CA VAL AB 51 -8.25 117.87 -10.79
C VAL AB 51 -7.76 119.26 -11.12
N THR AB 52 -8.06 120.24 -10.26
CA THR AB 52 -7.64 121.61 -10.52
C THR AB 52 -6.12 121.73 -10.57
N ASP AB 53 -5.43 121.06 -9.64
CA ASP AB 53 -3.97 121.11 -9.64
C ASP AB 53 -3.38 120.29 -10.80
N PHE AB 54 -4.03 119.19 -11.19
CA PHE AB 54 -3.51 118.36 -12.26
C PHE AB 54 -3.52 119.12 -13.59
N ALA AB 55 -4.57 119.91 -13.84
CA ALA AB 55 -4.67 120.63 -15.11
C ALA AB 55 -3.55 121.65 -15.26
N ARG AB 56 -3.16 122.29 -14.15
CA ARG AB 56 -2.09 123.29 -14.22
C ARG AB 56 -0.76 122.64 -14.58
N ARG AB 57 -0.46 121.47 -14.02
CA ARG AB 57 0.80 120.80 -14.32
C ARG AB 57 0.87 120.31 -15.75
N ASN AB 58 -0.26 119.88 -16.31
CA ASN AB 58 -0.34 119.36 -17.68
C ASN AB 58 -1.26 120.25 -18.50
N PRO AB 59 -0.74 121.29 -19.15
CA PRO AB 59 -1.59 122.15 -19.98
C PRO AB 59 -1.94 121.57 -21.33
N GLY AB 60 -1.30 120.47 -21.73
CA GLY AB 60 -1.55 119.87 -23.02
C GLY AB 60 -2.69 118.87 -23.06
N VAL AB 61 -3.38 118.66 -21.95
CA VAL AB 61 -4.49 117.73 -21.89
C VAL AB 61 -5.75 118.50 -21.56
N VAL AB 62 -6.89 118.01 -22.07
CA VAL AB 62 -8.19 118.62 -21.82
C VAL AB 62 -9.01 117.64 -20.99
N ILE AB 63 -9.47 118.10 -19.83
CA ILE AB 63 -10.16 117.25 -18.87
C ILE AB 63 -11.64 117.56 -18.93
N TYR AB 64 -12.45 116.53 -19.16
CA TYR AB 64 -13.90 116.66 -19.19
C TYR AB 64 -14.49 115.90 -18.01
N VAL AB 65 -15.36 116.57 -17.25
CA VAL AB 65 -16.06 115.95 -16.12
C VAL AB 65 -17.55 116.01 -16.44
N ASN AB 66 -18.19 114.84 -16.44
CA ASN AB 66 -19.60 114.71 -16.82
C ASN AB 66 -20.34 113.94 -15.74
N PRO AB 67 -20.66 114.58 -14.62
CA PRO AB 67 -21.41 113.88 -13.56
C PRO AB 67 -22.81 113.50 -14.02
N ARG AB 68 -23.05 112.21 -14.18
CA ARG AB 68 -24.33 111.69 -14.63
C ARG AB 68 -24.63 110.40 -13.87
N PRO AB 69 -25.89 110.01 -13.78
CA PRO AB 69 -26.23 108.76 -13.07
C PRO AB 69 -25.51 107.56 -13.67
N CYS AB 70 -24.65 106.94 -12.88
CA CYS AB 70 -23.91 105.77 -13.31
C CYS AB 70 -23.57 104.92 -12.09
N CYS AB 71 -23.28 103.66 -12.34
CA CYS AB 71 -22.92 102.71 -11.29
C CYS AB 71 -21.44 102.43 -11.20
N VAL AB 72 -20.74 102.45 -12.34
CA VAL AB 72 -19.31 102.18 -12.40
C VAL AB 72 -18.62 103.41 -12.98
N PRO AB 73 -17.94 104.20 -12.15
CA PRO AB 73 -17.20 105.35 -12.67
C PRO AB 73 -16.10 104.90 -13.63
N ARG AB 74 -15.91 105.67 -14.69
CA ARG AB 74 -14.94 105.35 -15.72
C ARG AB 74 -14.18 106.60 -16.12
N VAL AB 75 -12.94 106.40 -16.57
CA VAL AB 75 -12.12 107.48 -17.13
C VAL AB 75 -11.58 106.99 -18.48
N VAL AB 76 -11.75 107.81 -19.51
CA VAL AB 76 -11.34 107.47 -20.86
C VAL AB 76 -10.21 108.40 -21.27
N ALA AB 77 -9.09 107.82 -21.68
CA ALA AB 77 -7.91 108.56 -22.09
C ALA AB 77 -7.63 108.32 -23.56
N GLU AB 78 -7.51 109.40 -24.32
CA GLU AB 78 -7.21 109.33 -25.74
C GLU AB 78 -5.83 109.91 -26.00
N TYR AB 79 -5.10 109.31 -26.93
CA TYR AB 79 -3.74 109.71 -27.26
C TYR AB 79 -3.69 110.28 -28.68
N LEU AB 80 -2.53 110.86 -29.01
CA LEU AB 80 -2.38 111.51 -30.30
C LEU AB 80 -2.50 110.51 -31.45
N ASN AB 81 -1.89 109.33 -31.30
CA ASN AB 81 -1.88 108.36 -32.39
C ASN AB 81 -3.26 107.75 -32.65
N GLY AB 82 -4.24 108.01 -31.79
CA GLY AB 82 -5.59 107.53 -31.99
C GLY AB 82 -6.01 106.40 -31.08
N ALA AB 83 -5.16 105.96 -30.17
CA ALA AB 83 -5.51 104.88 -29.26
C ALA AB 83 -6.33 105.42 -28.10
N VAL AB 84 -7.46 104.78 -27.83
CA VAL AB 84 -8.34 105.14 -26.73
C VAL AB 84 -8.31 104.01 -25.71
N ARG AB 85 -7.99 104.34 -24.47
CA ARG AB 85 -7.84 103.37 -23.40
C ARG AB 85 -8.92 103.59 -22.35
N GLU AB 86 -9.77 102.59 -22.16
CA GLU AB 86 -10.81 102.64 -21.15
C GLU AB 86 -10.27 102.20 -19.80
N GLU AB 87 -10.69 102.90 -18.75
CA GLU AB 87 -10.26 102.56 -17.39
C GLU AB 87 -11.45 102.67 -16.45
N SER AB 88 -11.37 101.94 -15.35
CA SER AB 88 -12.40 101.95 -14.32
C SER AB 88 -11.81 102.45 -13.01
N ILE AB 89 -12.46 103.43 -12.39
CA ILE AB 89 -12.04 103.96 -11.10
C ILE AB 89 -13.09 103.60 -10.06
N HIS AB 90 -13.79 102.49 -10.28
CA HIS AB 90 -14.88 102.09 -9.41
C HIS AB 90 -14.35 101.71 -8.03
N CYS AB 91 -14.76 102.47 -7.01
CA CYS AB 91 -14.46 102.18 -5.61
C CYS AB 91 -12.94 102.12 -5.38
N LYS AB 92 -12.31 103.27 -5.56
CA LYS AB 92 -10.88 103.43 -5.32
C LYS AB 92 -10.64 104.63 -4.42
N SER AB 93 -9.52 104.59 -3.71
CA SER AB 93 -9.16 105.67 -2.80
C SER AB 93 -8.71 106.89 -3.59
N VAL AB 94 -8.57 108.01 -2.88
CA VAL AB 94 -8.18 109.27 -3.52
C VAL AB 94 -6.78 109.16 -4.11
N GLU AB 95 -5.84 108.64 -3.33
CA GLU AB 95 -4.46 108.54 -3.81
C GLU AB 95 -4.31 107.50 -4.92
N GLU AB 96 -5.18 106.49 -4.94
CA GLU AB 96 -5.15 105.52 -6.02
C GLU AB 96 -5.55 106.15 -7.35
N ILE AB 97 -6.52 107.07 -7.32
CA ILE AB 97 -6.91 107.76 -8.54
C ILE AB 97 -5.76 108.61 -9.05
N ALA AB 98 -5.06 109.31 -8.15
CA ALA AB 98 -3.95 110.16 -8.56
C ALA AB 98 -2.84 109.34 -9.21
N ALA AB 99 -2.54 108.17 -8.65
CA ALA AB 99 -1.52 107.31 -9.26
C ALA AB 99 -1.99 106.81 -10.61
N LEU AB 100 -3.25 106.41 -10.73
CA LEU AB 100 -3.76 105.89 -12.00
C LEU AB 100 -3.76 106.96 -13.08
N VAL AB 101 -4.20 108.18 -12.74
CA VAL AB 101 -4.21 109.26 -13.72
C VAL AB 101 -2.79 109.64 -14.13
N GLN AB 102 -1.88 109.70 -13.15
CA GLN AB 102 -0.50 110.05 -13.47
C GLN AB 102 0.14 109.01 -14.37
N LYS AB 103 -0.20 107.73 -14.18
CA LYS AB 103 0.34 106.68 -15.04
C LYS AB 103 -0.13 106.86 -16.48
N LEU AB 104 -1.40 107.25 -16.66
CA LEU AB 104 -1.92 107.49 -18.01
C LEU AB 104 -1.24 108.67 -18.69
N ALA AB 105 -0.73 109.63 -17.92
CA ALA AB 105 -0.07 110.79 -18.52
C ALA AB 105 1.30 110.46 -19.07
N ASP AB 106 1.96 109.44 -18.53
CA ASP AB 106 3.32 109.11 -18.93
C ASP AB 106 3.41 108.06 -20.03
N GLN AB 107 2.29 107.46 -20.42
CA GLN AB 107 2.32 106.42 -21.45
C GLN AB 107 2.31 107.04 -22.84
N SER AB 108 3.06 106.41 -23.76
CA SER AB 108 3.17 106.93 -25.11
C SER AB 108 1.92 106.69 -25.92
N GLY AB 109 1.06 105.77 -25.50
CA GLY AB 109 -0.18 105.49 -26.19
C GLY AB 109 -0.17 104.25 -27.05
N LEU AB 110 1.00 103.66 -27.30
CA LEU AB 110 1.06 102.45 -28.10
C LEU AB 110 0.43 101.27 -27.35
N ASP AB 111 0.07 100.26 -28.12
CA ASP AB 111 -0.60 99.09 -27.55
C ASP AB 111 0.32 98.38 -26.56
N VAL AB 112 -0.25 97.92 -25.45
CA VAL AB 112 0.51 97.27 -24.38
C VAL AB 112 0.49 95.77 -24.67
N ILE AB 113 1.47 95.33 -25.46
CA ILE AB 113 1.67 93.92 -25.77
C ILE AB 113 3.15 93.59 -25.55
N ARG AB 114 3.52 92.35 -25.88
CA ARG AB 114 4.91 91.94 -25.69
C ARG AB 114 5.82 92.71 -26.62
N ILE AB 115 6.94 93.18 -26.07
CA ILE AB 115 7.97 93.88 -26.84
C ILE AB 115 9.09 92.88 -27.10
N ARG AB 116 9.36 92.63 -28.38
CA ARG AB 116 10.30 91.57 -28.74
C ARG AB 116 11.71 91.89 -28.27
N LYS AB 117 12.15 93.13 -28.43
CA LYS AB 117 13.48 93.52 -28.02
C LYS AB 117 13.43 94.75 -27.12
N PRO AB 118 14.31 94.83 -26.13
CA PRO AB 118 14.28 95.97 -25.21
C PRO AB 118 15.03 97.18 -25.74
N PHE AB 119 15.34 97.17 -27.03
CA PHE AB 119 16.08 98.25 -27.64
C PHE AB 119 15.63 98.42 -29.08
N HIS AB 120 15.87 99.61 -29.63
CA HIS AB 120 15.58 99.90 -31.02
C HIS AB 120 16.65 100.83 -31.56
N THR AB 121 17.09 100.58 -32.79
CA THR AB 121 18.14 101.37 -33.38
C THR AB 121 17.95 101.42 -34.89
N ASP AB 122 18.37 102.53 -35.49
CA ASP AB 122 18.38 102.69 -36.93
C ASP AB 122 19.81 102.89 -37.39
N SER AB 123 20.20 102.17 -38.44
CA SER AB 123 21.58 102.13 -38.92
C SER AB 123 22.53 101.75 -37.80
N PRO AB 124 22.48 100.53 -37.29
CA PRO AB 124 23.41 100.12 -36.23
C PRO AB 124 24.76 99.67 -36.74
N SER AB 125 24.91 99.49 -38.06
CA SER AB 125 26.15 98.98 -38.64
C SER AB 125 27.14 100.13 -38.85
N ILE AB 126 27.65 100.63 -37.73
CA ILE AB 126 28.73 101.59 -37.76
C ILE AB 126 30.04 100.86 -38.07
N GLN AB 127 30.89 101.48 -38.88
CA GLN AB 127 32.19 100.94 -39.30
C GLN AB 127 32.06 99.59 -40.02
N GLY AB 128 30.86 99.24 -40.44
CA GLY AB 128 30.64 98.06 -41.24
C GLY AB 128 29.94 96.95 -40.46
N GLN AB 129 29.33 96.03 -41.22
CA GLN AB 129 28.65 94.88 -40.66
C GLN AB 129 29.36 93.62 -41.14
N TRP AB 130 29.33 92.58 -40.32
CA TRP AB 130 30.06 91.35 -40.61
C TRP AB 130 29.48 90.66 -41.84
N HIS AB 131 30.36 90.29 -42.76
CA HIS AB 131 30.05 89.41 -43.87
C HIS AB 131 31.20 88.42 -44.01
N PRO AB 132 30.93 87.22 -44.56
CA PRO AB 132 31.97 86.17 -44.56
C PRO AB 132 33.26 86.57 -45.25
N PHE AB 133 33.33 87.74 -45.88
CA PHE AB 133 34.56 88.21 -46.52
C PHE AB 133 35.24 89.33 -45.75
N THR AB 134 34.79 89.64 -44.54
CA THR AB 134 35.34 90.76 -43.80
C THR AB 134 36.63 90.41 -43.05
N ASN AB 135 37.02 89.14 -43.02
CA ASN AB 135 38.21 88.74 -42.28
C ASN AB 135 39.08 87.75 -43.05
N LYS AB 136 38.82 87.53 -44.34
CA LYS AB 136 39.59 86.58 -45.13
C LYS AB 136 40.61 87.32 -45.99
N PRO AB 137 41.89 87.01 -45.87
CA PRO AB 137 42.90 87.71 -46.67
C PRO AB 137 42.70 87.48 -48.17
N THR AB 138 43.10 88.46 -48.96
CA THR AB 138 43.00 88.38 -50.41
C THR AB 138 44.26 87.76 -51.01
N THR AB 139 44.07 86.80 -51.90
CA THR AB 139 45.17 86.14 -52.56
C THR AB 139 45.60 86.93 -53.80
N LEU AB 140 46.88 86.83 -54.12
CA LEU AB 140 47.43 87.55 -55.28
C LEU AB 140 46.71 87.15 -56.55
N GLY AB 141 46.07 88.12 -57.20
CA GLY AB 141 45.31 87.87 -58.40
C GLY AB 141 43.92 87.31 -58.19
N GLY AB 142 43.49 87.15 -56.94
CA GLY AB 142 42.17 86.61 -56.67
C GLY AB 142 42.00 85.18 -57.15
N LEU AB 143 43.05 84.38 -57.08
CA LEU AB 143 43.01 83.02 -57.59
C LEU AB 143 42.25 82.10 -56.64
N ARG AB 144 41.51 81.16 -57.22
CA ARG AB 144 40.86 80.12 -56.45
C ARG AB 144 41.90 79.15 -55.88
N PRO AB 145 41.54 78.36 -54.86
CA PRO AB 145 42.56 77.52 -54.20
C PRO AB 145 43.31 76.59 -55.14
N ARG AB 146 42.65 76.02 -56.14
CA ARG AB 146 43.29 75.12 -57.09
C ARG AB 146 43.05 75.59 -58.52
N GLU AB 147 43.26 76.88 -58.76
CA GLU AB 147 43.06 77.48 -60.07
C GLU AB 147 44.41 77.67 -60.75
N VAL AB 148 44.50 77.25 -62.02
CA VAL AB 148 45.71 77.36 -62.79
C VAL AB 148 45.78 78.75 -63.42
N GLN AB 149 46.96 79.37 -63.35
CA GLN AB 149 47.13 80.70 -63.91
C GLN AB 149 46.96 80.67 -65.42
N ASP AB 150 46.40 81.76 -65.96
CA ASP AB 150 46.20 81.86 -67.40
C ASP AB 150 47.51 81.77 -68.18
N PRO AB 151 48.58 82.50 -67.84
CA PRO AB 151 49.80 82.32 -68.64
C PRO AB 151 50.54 81.04 -68.28
N ALA BB 31 -35.85 79.71 -16.30
CA ALA BB 31 -35.51 81.13 -16.26
C ALA BB 31 -34.79 81.48 -14.96
N LYS BB 32 -33.48 81.65 -15.05
CA LYS BB 32 -32.69 82.02 -13.88
C LYS BB 32 -33.02 83.44 -13.45
N LYS BB 33 -33.25 83.63 -12.15
CA LYS BB 33 -33.50 84.97 -11.63
C LYS BB 33 -32.24 85.82 -11.71
N GLY BB 34 -32.42 87.11 -11.99
CA GLY BB 34 -31.30 88.02 -12.02
C GLY BB 34 -31.31 88.99 -13.18
N PHE BB 35 -30.46 90.02 -13.09
CA PHE BB 35 -30.34 91.03 -14.13
C PHE BB 35 -28.91 91.25 -14.61
N ARG BB 36 -27.90 90.98 -13.78
CA ARG BB 36 -26.52 91.20 -14.21
C ARG BB 36 -26.16 90.32 -15.40
N ALA BB 37 -26.58 89.06 -15.37
CA ALA BB 37 -26.28 88.17 -16.50
C ALA BB 37 -26.95 88.64 -17.77
N ALA BB 38 -28.20 89.09 -17.67
CA ALA BB 38 -28.92 89.55 -18.87
C ALA BB 38 -28.28 90.79 -19.46
N TYR BB 39 -27.88 91.74 -18.62
CA TYR BB 39 -27.32 92.99 -19.14
C TYR BB 39 -25.89 92.83 -19.62
N ARG BB 40 -25.09 92.03 -18.92
CA ARG BB 40 -23.70 91.85 -19.32
C ARG BB 40 -23.58 91.24 -20.71
N PHE BB 41 -24.55 90.41 -21.10
CA PHE BB 41 -24.52 89.83 -22.44
C PHE BB 41 -24.82 90.88 -23.51
N GLN BB 42 -25.64 91.89 -23.17
CA GLN BB 42 -25.89 92.98 -24.11
C GLN BB 42 -24.60 93.71 -24.46
N LYS BB 43 -23.64 93.73 -23.53
CA LYS BB 43 -22.31 94.23 -23.85
C LYS BB 43 -21.62 93.37 -24.89
N GLU BB 44 -21.87 92.06 -24.87
CA GLU BB 44 -21.26 91.16 -25.86
C GLU BB 44 -21.96 91.26 -27.21
N LEU BB 45 -23.28 91.44 -27.21
CA LEU BB 45 -24.01 91.53 -28.49
C LEU BB 45 -23.57 92.73 -29.29
N GLU BB 46 -23.28 93.85 -28.63
CA GLU BB 46 -22.77 95.02 -29.33
C GLU BB 46 -21.41 94.75 -29.95
N ARG BB 47 -20.56 94.01 -29.24
CA ARG BB 47 -19.24 93.69 -29.76
C ARG BB 47 -19.33 92.86 -31.03
N TRP BB 48 -20.23 91.87 -31.05
CA TRP BB 48 -20.38 91.03 -32.23
C TRP BB 48 -20.91 91.83 -33.41
N ARG BB 49 -21.85 92.74 -33.17
CA ARG BB 49 -22.41 93.53 -34.26
C ARG BB 49 -21.34 94.41 -34.90
N LEU BB 50 -20.49 95.02 -34.08
CA LEU BB 50 -19.42 95.87 -34.62
C LEU BB 50 -18.45 95.05 -35.46
N LEU BB 51 -18.09 93.86 -34.99
CA LEU BB 51 -17.17 93.01 -35.75
C LEU BB 51 -17.78 92.60 -37.08
N ARG BB 52 -19.07 92.25 -37.09
CA ARG BB 52 -19.72 91.82 -38.32
C ARG BB 52 -19.95 92.99 -39.28
N CYS BB 53 -20.42 94.12 -38.76
CA CYS BB 53 -20.70 95.32 -39.56
C CYS BB 53 -19.98 96.51 -38.95
N PRO BB 54 -18.71 96.70 -39.29
CA PRO BB 54 -17.95 97.82 -38.71
C PRO BB 54 -18.57 99.15 -39.09
N PRO BB 55 -18.59 100.11 -38.17
CA PRO BB 55 -19.20 101.41 -38.45
C PRO BB 55 -18.28 102.26 -39.30
N PRO BB 56 -18.83 103.13 -40.14
CA PRO BB 56 -17.97 104.04 -40.91
C PRO BB 56 -17.28 105.03 -39.99
N PRO BB 57 -16.06 105.44 -40.32
CA PRO BB 57 -15.38 106.43 -39.47
C PRO BB 57 -16.13 107.75 -39.46
N VAL BB 58 -16.12 108.40 -38.29
CA VAL BB 58 -16.78 109.69 -38.09
C VAL BB 58 -15.79 110.64 -37.44
N ARG BB 59 -16.06 111.93 -37.60
CA ARG BB 59 -15.19 112.95 -37.03
C ARG BB 59 -15.29 112.96 -35.51
N ARG BB 60 -14.22 113.45 -34.87
CA ARG BB 60 -14.19 113.55 -33.42
C ARG BB 60 -15.22 114.55 -32.90
N SER BB 61 -15.62 115.53 -33.73
CA SER BB 61 -16.55 116.56 -33.26
C SER BB 61 -17.90 115.97 -32.89
N GLU BB 62 -18.40 115.04 -33.70
CA GLU BB 62 -19.71 114.46 -33.44
C GLU BB 62 -19.75 113.57 -32.20
N LYS BB 63 -18.59 113.17 -31.68
CA LYS BB 63 -18.56 112.37 -30.46
C LYS BB 63 -18.93 113.23 -29.26
N PRO BB 64 -19.49 112.62 -28.21
CA PRO BB 64 -20.10 113.44 -27.13
C PRO BB 64 -19.15 114.41 -26.45
N ASN BB 65 -17.89 114.04 -26.24
CA ASN BB 65 -16.95 114.91 -25.54
C ASN BB 65 -16.19 115.74 -26.57
N TRP BB 66 -16.53 117.02 -26.67
CA TRP BB 66 -15.86 117.91 -27.60
C TRP BB 66 -16.10 119.36 -27.19
N ASP BB 67 -15.05 120.17 -27.30
CA ASP BB 67 -15.14 121.61 -27.04
C ASP BB 67 -14.04 122.27 -27.86
N TYR BB 68 -14.42 122.88 -28.99
CA TYR BB 68 -13.43 123.27 -30.00
C TYR BB 68 -12.44 124.29 -29.46
N HIS BB 69 -12.92 125.28 -28.71
CA HIS BB 69 -12.02 126.33 -28.24
C HIS BB 69 -10.99 125.80 -27.25
N ALA BB 70 -11.39 124.82 -26.42
CA ALA BB 70 -10.44 124.24 -25.47
C ALA BB 70 -9.32 123.51 -26.20
N GLU BB 71 -9.65 122.81 -27.29
CA GLU BB 71 -8.64 122.05 -28.02
C GLU BB 71 -7.59 122.96 -28.64
N ILE BB 72 -8.02 124.12 -29.18
CA ILE BB 72 -7.09 125.02 -29.84
C ILE BB 72 -6.06 125.54 -28.84
N GLN BB 73 -6.50 125.93 -27.65
CA GLN BB 73 -5.57 126.41 -26.63
C GLN BB 73 -4.60 125.31 -26.22
N ALA BB 74 -5.09 124.08 -26.06
CA ALA BB 74 -4.22 122.98 -25.70
C ALA BB 74 -3.25 122.64 -26.81
N PHE BB 75 -3.62 122.93 -28.06
CA PHE BB 75 -2.72 122.65 -29.19
C PHE BB 75 -1.46 123.49 -29.10
N GLY BB 76 -1.59 124.76 -28.74
CA GLY BB 76 -0.41 125.61 -28.61
C GLY BB 76 0.50 125.19 -27.47
N HIS BB 77 -0.08 124.83 -26.33
CA HIS BB 77 0.73 124.41 -25.19
C HIS BB 77 1.37 123.05 -25.41
N ARG BB 78 0.73 122.19 -26.19
CA ARG BB 78 1.27 120.85 -26.42
C ARG BB 78 2.60 120.91 -27.16
N LEU BB 79 2.71 121.79 -28.14
CA LEU BB 79 3.92 121.92 -28.94
C LEU BB 79 4.91 122.93 -28.36
N GLN BB 80 4.60 123.50 -27.19
CA GLN BB 80 5.46 124.50 -26.56
C GLN BB 80 5.72 125.68 -27.49
N GLU BB 81 4.67 126.15 -28.15
CA GLU BB 81 4.75 127.28 -29.06
C GLU BB 81 3.62 128.25 -28.76
N THR BB 82 3.85 129.52 -29.06
CA THR BB 82 2.88 130.59 -28.83
C THR BB 82 2.18 130.90 -30.15
N PHE BB 83 0.91 130.54 -30.24
CA PHE BB 83 0.09 130.81 -31.42
C PHE BB 83 -0.91 131.91 -31.12
N SER BB 84 -1.41 132.52 -32.18
CA SER BB 84 -2.52 133.46 -32.09
C SER BB 84 -3.82 132.74 -32.40
N LEU BB 85 -4.82 132.89 -31.53
CA LEU BB 85 -6.06 132.15 -31.68
C LEU BB 85 -6.76 132.49 -32.98
N ASP BB 86 -6.71 133.75 -33.39
CA ASP BB 86 -7.31 134.14 -34.66
C ASP BB 86 -6.62 133.47 -35.83
N LEU BB 87 -5.28 133.38 -35.78
CA LEU BB 87 -4.54 132.77 -36.88
C LEU BB 87 -4.83 131.28 -36.98
N LEU BB 88 -4.88 130.57 -35.85
CA LEU BB 88 -5.10 129.13 -35.89
C LEU BB 88 -6.48 128.79 -36.43
N LYS BB 89 -7.52 129.46 -35.91
CA LYS BB 89 -8.87 129.19 -36.40
C LYS BB 89 -9.00 129.53 -37.88
N THR BB 90 -8.22 130.50 -38.37
CA THR BB 90 -8.18 130.77 -39.80
C THR BB 90 -7.45 129.66 -40.54
N ALA BB 91 -6.45 129.04 -39.90
CA ALA BB 91 -5.69 127.99 -40.55
C ALA BB 91 -6.45 126.67 -40.62
N PHE BB 92 -7.35 126.42 -39.67
CA PHE BB 92 -8.05 125.14 -39.59
C PHE BB 92 -9.35 125.10 -40.40
N VAL BB 93 -9.70 126.17 -41.11
CA VAL BB 93 -10.88 126.21 -41.95
C VAL BB 93 -10.43 126.14 -43.41
N ASN BB 94 -11.00 125.19 -44.15
CA ASN BB 94 -10.64 124.96 -45.54
C ASN BB 94 -11.74 125.45 -46.47
N SER BB 95 -11.36 125.70 -47.72
CA SER BB 95 -12.33 126.14 -48.71
C SER BB 95 -13.40 125.07 -48.97
N CYS BB 96 -13.05 123.80 -48.81
CA CYS BB 96 -14.04 122.73 -48.97
C CYS BB 96 -15.14 122.86 -47.93
N TYR BB 97 -14.77 123.18 -46.69
CA TYR BB 97 -15.78 123.33 -45.64
C TYR BB 97 -16.71 124.49 -45.92
N ILE BB 98 -16.17 125.61 -46.42
CA ILE BB 98 -17.00 126.78 -46.70
C ILE BB 98 -18.01 126.46 -47.79
N LYS BB 99 -17.56 125.80 -48.87
CA LYS BB 99 -18.48 125.42 -49.93
C LYS BB 99 -19.52 124.42 -49.42
N SER BB 100 -19.10 123.50 -48.56
CA SER BB 100 -20.04 122.54 -47.99
C SER BB 100 -21.09 123.24 -47.14
N GLU BB 101 -20.67 124.24 -46.36
CA GLU BB 101 -21.63 124.98 -45.53
C GLU BB 101 -22.64 125.74 -46.39
N GLU BB 102 -22.17 126.38 -47.46
CA GLU BB 102 -23.07 127.18 -48.29
C GLU BB 102 -24.17 126.32 -48.89
N ALA BB 103 -23.85 125.08 -49.26
CA ALA BB 103 -24.88 124.17 -49.78
C ALA BB 103 -25.94 123.89 -48.73
N LYS BB 104 -25.52 123.74 -47.47
CA LYS BB 104 -26.48 123.55 -46.39
C LYS BB 104 -27.36 124.77 -46.20
N ARG BB 105 -26.77 125.96 -46.28
CA ARG BB 105 -27.55 127.19 -46.09
C ARG BB 105 -28.59 127.35 -47.20
N GLN BB 106 -28.20 127.08 -48.45
CA GLN BB 106 -29.15 127.17 -49.55
C GLN BB 106 -30.23 126.10 -49.44
N LYS BB 107 -29.87 124.92 -48.93
CA LYS BB 107 -30.86 123.86 -48.74
C LYS BB 107 -31.92 124.27 -47.73
N LEU BB 108 -31.50 124.90 -46.63
CA LEU BB 108 -32.44 125.34 -45.60
C LEU BB 108 -33.04 126.71 -45.90
N GLY BB 109 -32.46 127.45 -46.84
CA GLY BB 109 -32.98 128.77 -47.16
C GLY BB 109 -32.90 129.78 -46.03
N ILE BB 110 -31.77 129.79 -45.32
CA ILE BB 110 -31.56 130.72 -44.20
C ILE BB 110 -30.35 131.57 -44.53
N ASP BB 111 -30.49 132.88 -44.37
CA ASP BB 111 -29.44 133.83 -44.74
C ASP BB 111 -28.36 133.87 -43.67
N LYS BB 112 -27.12 133.54 -44.07
CA LYS BB 112 -25.96 133.68 -43.19
C LYS BB 112 -24.75 134.21 -43.95
N GLU BB 113 -24.97 134.94 -45.06
CA GLU BB 113 -23.87 135.38 -45.90
C GLU BB 113 -23.00 136.41 -45.19
N ALA BB 114 -23.56 137.14 -44.22
CA ALA BB 114 -22.78 138.18 -43.54
C ALA BB 114 -21.62 137.57 -42.76
N ALA BB 115 -21.84 136.42 -42.13
CA ALA BB 115 -20.81 135.77 -41.32
C ALA BB 115 -20.10 134.64 -42.06
N LEU BB 116 -20.86 133.79 -42.76
CA LEU BB 116 -20.26 132.62 -43.39
C LEU BB 116 -19.30 133.02 -44.52
N LEU BB 117 -19.74 133.93 -45.39
CA LEU BB 117 -18.88 134.35 -46.51
C LEU BB 117 -17.66 135.10 -46.02
N ASN BB 118 -17.77 135.81 -44.91
CA ASN BB 118 -16.65 136.56 -44.34
C ASN BB 118 -15.85 135.71 -43.36
N LEU BB 119 -15.43 134.53 -43.82
CA LEU BB 119 -14.56 133.63 -43.05
C LEU BB 119 -13.32 133.36 -43.88
N LYS BB 120 -12.20 133.96 -43.50
CA LYS BB 120 -10.96 133.77 -44.25
C LYS BB 120 -10.52 132.32 -44.18
N ASP BB 121 -10.21 131.75 -45.34
CA ASP BB 121 -9.74 130.36 -45.42
C ASP BB 121 -8.24 130.32 -45.18
N ASN BB 122 -7.64 129.15 -45.37
CA ASN BB 122 -6.21 128.95 -45.15
C ASN BB 122 -5.42 128.89 -46.45
N GLN BB 123 -6.03 129.32 -47.55
CA GLN BB 123 -5.33 129.31 -48.84
C GLN BB 123 -4.12 130.23 -48.81
N GLU BB 124 -4.27 131.43 -48.24
CA GLU BB 124 -3.16 132.36 -48.16
C GLU BB 124 -2.08 131.85 -47.20
N LEU BB 125 -2.49 131.34 -46.04
CA LEU BB 125 -1.53 130.88 -45.05
C LEU BB 125 -0.73 129.68 -45.56
N SER BB 126 -1.40 128.75 -46.25
CA SER BB 126 -0.71 127.56 -46.73
C SER BB 126 0.39 127.92 -47.72
N GLU BB 127 0.12 128.88 -48.61
CA GLU BB 127 1.13 129.29 -49.58
C GLU BB 127 2.34 129.89 -48.88
N GLN BB 128 2.11 130.65 -47.81
CA GLN BB 128 3.23 131.18 -47.03
C GLN BB 128 4.02 130.05 -46.38
N GLY BB 129 3.32 129.07 -45.82
CA GLY BB 129 4.02 127.96 -45.17
C GLY BB 129 4.81 127.10 -46.12
N ILE BB 130 4.22 126.76 -47.27
CA ILE BB 130 4.89 125.90 -48.23
C ILE BB 130 6.14 126.60 -48.79
N SER BB 131 6.01 127.88 -49.13
CA SER BB 131 7.15 128.63 -49.64
C SER BB 131 8.26 128.74 -48.60
N PHE BB 132 7.89 128.97 -47.34
CA PHE BB 132 8.90 129.08 -46.29
C PHE BB 132 9.52 127.73 -45.96
N SER BB 133 8.70 126.67 -45.92
CA SER BB 133 9.22 125.36 -45.55
C SER BB 133 10.24 124.85 -46.56
N GLN BB 134 9.97 125.02 -47.84
CA GLN BB 134 10.92 124.59 -48.86
C GLN BB 134 12.21 125.40 -48.78
N THR BB 135 12.10 126.71 -48.57
CA THR BB 135 13.29 127.54 -48.41
C THR BB 135 14.05 127.16 -47.14
N CYS BB 136 13.34 126.94 -46.03
CA CYS BB 136 14.00 126.62 -44.78
C CYS BB 136 14.71 125.27 -44.84
N LEU BB 137 14.04 124.25 -45.41
CA LEU BB 137 14.66 122.94 -45.52
C LEU BB 137 15.88 122.97 -46.44
N THR BB 138 15.78 123.70 -47.55
CA THR BB 138 16.92 123.81 -48.46
C THR BB 138 18.12 124.43 -47.76
N GLN BB 139 17.88 125.41 -46.88
CA GLN BB 139 18.97 126.02 -46.14
C GLN BB 139 19.67 125.00 -45.24
N PHE BB 140 18.89 124.13 -44.60
CA PHE BB 140 19.50 123.11 -43.73
C PHE BB 140 20.39 122.16 -44.51
N PHE BB 141 19.91 121.69 -45.66
CA PHE BB 141 20.66 120.66 -46.40
C PHE BB 141 21.89 121.23 -47.08
N GLU BB 142 21.78 122.43 -47.66
CA GLU BB 142 22.94 123.04 -48.30
C GLU BB 142 24.05 123.31 -47.30
N ASP BB 143 23.69 123.79 -46.11
CA ASP BB 143 24.71 124.05 -45.08
C ASP BB 143 25.29 122.76 -44.54
N ALA BB 144 24.47 121.72 -44.38
CA ALA BB 144 24.94 120.48 -43.78
C ALA BB 144 25.64 119.57 -44.80
N PHE BB 145 25.17 119.58 -46.05
CA PHE BB 145 25.68 118.69 -47.09
C PHE BB 145 26.12 119.54 -48.28
N PRO BB 146 27.32 120.12 -48.22
CA PRO BB 146 27.78 120.97 -49.33
C PRO BB 146 27.93 120.22 -50.65
N ASP BB 147 28.18 118.92 -50.62
CA ASP BB 147 28.44 118.15 -51.83
C ASP BB 147 27.17 117.70 -52.54
N LEU BB 148 26.01 117.87 -51.92
CA LEU BB 148 24.76 117.47 -52.57
C LEU BB 148 24.49 118.37 -53.77
N PRO BB 149 24.26 117.81 -54.95
CA PRO BB 149 23.96 118.65 -56.12
C PRO BB 149 22.58 119.26 -56.02
N THR BB 150 22.29 120.17 -56.96
CA THR BB 150 21.01 120.86 -56.96
C THR BB 150 19.85 119.88 -57.14
N GLU BB 151 20.04 118.88 -58.01
CA GLU BB 151 19.01 117.87 -58.20
C GLU BB 151 18.78 117.06 -56.94
N GLY BB 152 19.86 116.68 -56.25
CA GLY BB 152 19.73 115.84 -55.08
C GLY BB 152 19.01 116.55 -53.93
N VAL BB 153 19.37 117.79 -53.66
CA VAL BB 153 18.76 118.51 -52.54
C VAL BB 153 17.28 118.79 -52.84
N THR BB 154 16.93 119.02 -54.10
CA THR BB 154 15.53 119.25 -54.44
C THR BB 154 14.68 118.03 -54.13
N SER BB 155 15.20 116.83 -54.40
CA SER BB 155 14.46 115.62 -54.08
C SER BB 155 14.30 115.45 -52.56
N LEU BB 156 15.32 115.82 -51.79
CA LEU BB 156 15.25 115.66 -50.35
C LEU BB 156 14.15 116.53 -49.74
N VAL BB 157 14.11 117.81 -50.12
CA VAL BB 157 13.12 118.71 -49.55
C VAL BB 157 11.71 118.34 -50.02
N ASP BB 158 11.58 117.89 -51.27
CA ASP BB 158 10.27 117.46 -51.77
C ASP BB 158 9.76 116.23 -51.02
N PHE BB 159 10.64 115.29 -50.69
CA PHE BB 159 10.22 114.09 -49.99
C PHE BB 159 9.67 114.42 -48.61
N LEU BB 160 10.34 115.31 -47.87
CA LEU BB 160 9.87 115.67 -46.54
C LEU BB 160 8.56 116.45 -46.60
N THR BB 161 8.30 117.14 -47.72
CA THR BB 161 7.05 117.85 -47.92
C THR BB 161 6.10 117.11 -48.84
N SER BB 162 6.35 115.82 -49.08
CA SER BB 162 5.53 115.02 -49.98
C SER BB 162 4.21 114.69 -49.29
N GLU BB 163 3.41 113.84 -49.94
CA GLU BB 163 2.08 113.55 -49.43
C GLU BB 163 2.13 112.57 -48.24
N GLU BB 164 2.84 111.46 -48.41
CA GLU BB 164 2.82 110.41 -47.39
C GLU BB 164 3.50 110.87 -46.10
N VAL BB 165 4.61 111.61 -46.21
CA VAL BB 165 5.33 112.01 -45.01
C VAL BB 165 4.56 113.05 -44.21
N VAL BB 166 3.99 114.05 -44.90
CA VAL BB 166 3.30 115.12 -44.20
C VAL BB 166 2.00 114.63 -43.59
N CYS BB 167 1.25 113.82 -44.32
CA CYS BB 167 -0.03 113.32 -43.80
C CYS BB 167 0.18 112.47 -42.55
N HIS BB 168 1.23 111.65 -42.54
CA HIS BB 168 1.53 110.85 -41.36
C HIS BB 168 1.86 111.74 -40.16
N VAL BB 169 2.66 112.78 -40.37
CA VAL BB 169 3.01 113.69 -39.28
C VAL BB 169 1.79 114.47 -38.82
N ALA BB 170 0.99 114.96 -39.76
CA ALA BB 170 -0.19 115.75 -39.40
C ALA BB 170 -1.19 114.91 -38.61
N ARG BB 171 -1.41 113.66 -39.03
CA ARG BB 171 -2.39 112.82 -38.36
C ARG BB 171 -1.97 112.49 -36.93
N ASN BB 172 -0.68 112.24 -36.72
CA ASN BB 172 -0.19 111.90 -35.39
C ASN BB 172 -0.01 113.12 -34.50
N LEU BB 173 -0.17 114.33 -35.03
CA LEU BB 173 -0.01 115.55 -34.25
C LEU BB 173 -1.34 116.22 -33.94
N ALA BB 174 -2.46 115.51 -34.13
CA ALA BB 174 -3.80 116.02 -33.87
C ALA BB 174 -4.13 117.24 -34.74
N VAL BB 175 -3.42 117.39 -35.86
CA VAL BB 175 -3.77 118.46 -36.80
C VAL BB 175 -4.98 118.06 -37.62
N GLU BB 176 -5.13 116.78 -37.94
CA GLU BB 176 -6.29 116.31 -38.69
C GLU BB 176 -7.56 116.37 -37.86
N GLN BB 177 -7.45 116.19 -36.55
CA GLN BB 177 -8.63 116.19 -35.69
C GLN BB 177 -9.27 117.58 -35.62
N LEU BB 178 -8.47 118.63 -35.70
CA LEU BB 178 -8.96 120.01 -35.59
C LEU BB 178 -9.25 120.65 -36.93
N ALA BB 179 -9.10 119.92 -38.04
CA ALA BB 179 -9.28 120.49 -39.37
C ALA BB 179 -10.75 120.45 -39.75
N LEU BB 180 -11.27 121.59 -40.18
CA LEU BB 180 -12.66 121.69 -40.61
C LEU BB 180 -12.74 121.41 -42.10
N SER BB 181 -13.25 120.23 -42.45
CA SER BB 181 -13.41 119.83 -43.84
C SER BB 181 -14.47 118.76 -43.92
N ALA BB 182 -14.96 118.53 -45.13
CA ALA BB 182 -16.01 117.56 -45.38
C ALA BB 182 -15.41 116.20 -45.75
N GLU BB 183 -16.28 115.19 -45.74
CA GLU BB 183 -15.91 113.84 -46.18
C GLU BB 183 -14.74 113.29 -45.37
N PHE BB 184 -14.97 113.14 -44.07
CA PHE BB 184 -13.99 112.50 -43.20
C PHE BB 184 -13.82 111.04 -43.61
N PRO BB 185 -12.57 110.54 -43.64
CA PRO BB 185 -11.29 111.16 -43.26
C PRO BB 185 -10.83 112.22 -44.25
N VAL BB 186 -10.08 113.22 -43.78
CA VAL BB 186 -9.67 114.34 -44.63
C VAL BB 186 -8.79 113.80 -45.77
N PRO BB 187 -9.08 114.16 -47.02
CA PRO BB 187 -8.25 113.68 -48.13
C PRO BB 187 -6.82 114.14 -47.98
N PRO BB 188 -5.86 113.32 -48.40
CA PRO BB 188 -4.45 113.66 -48.23
C PRO BB 188 -4.06 114.99 -48.86
N PRO BB 189 -4.57 115.34 -50.06
CA PRO BB 189 -4.26 116.69 -50.57
C PRO BB 189 -4.81 117.80 -49.69
N VAL BB 190 -5.97 117.60 -49.08
CA VAL BB 190 -6.52 118.62 -48.19
C VAL BB 190 -5.73 118.66 -46.89
N LEU BB 191 -5.36 117.50 -46.36
CA LEU BB 191 -4.67 117.45 -45.07
C LEU BB 191 -3.31 118.12 -45.15
N ARG BB 192 -2.58 117.91 -46.25
CA ARG BB 192 -1.28 118.56 -46.41
C ARG BB 192 -1.43 120.07 -46.45
N GLN BB 193 -2.51 120.57 -47.05
CA GLN BB 193 -2.75 122.00 -47.07
C GLN BB 193 -2.96 122.55 -45.67
N THR BB 194 -3.69 121.81 -44.83
CA THR BB 194 -3.97 122.29 -43.48
C THR BB 194 -2.70 122.31 -42.62
N PHE BB 195 -1.84 121.29 -42.77
CA PHE BB 195 -0.63 121.24 -41.95
C PHE BB 195 0.28 122.43 -42.22
N PHE BB 196 0.50 122.75 -43.49
CA PHE BB 196 1.35 123.90 -43.82
C PHE BB 196 0.67 125.22 -43.48
N ALA BB 197 -0.66 125.22 -43.33
CA ALA BB 197 -1.34 126.43 -42.84
C ALA BB 197 -0.92 126.73 -41.40
N VAL BB 198 -0.73 125.68 -40.59
CA VAL BB 198 -0.26 125.87 -39.22
C VAL BB 198 1.13 126.48 -39.22
N ILE BB 199 1.98 126.07 -40.17
CA ILE BB 199 3.31 126.65 -40.29
C ILE BB 199 3.21 128.14 -40.59
N GLY BB 200 2.31 128.51 -41.50
CA GLY BB 200 2.10 129.91 -41.78
C GLY BB 200 1.59 130.68 -40.58
N ALA BB 201 0.69 130.06 -39.81
CA ALA BB 201 0.22 130.69 -38.58
C ALA BB 201 1.36 130.87 -37.57
N LEU BB 202 2.22 129.87 -37.46
CA LEU BB 202 3.37 129.98 -36.56
C LEU BB 202 4.37 131.01 -37.06
N LEU BB 203 4.50 131.15 -38.38
CA LEU BB 203 5.45 132.12 -38.94
C LEU BB 203 5.08 133.55 -38.56
N GLN BB 204 3.79 133.89 -38.60
CA GLN BB 204 3.36 135.23 -38.27
C GLN BB 204 3.26 135.48 -36.77
N SER BB 205 3.22 134.43 -35.97
CA SER BB 205 3.11 134.59 -34.51
C SER BB 205 4.49 134.73 -33.87
N SER BB 206 5.37 133.75 -34.08
CA SER BB 206 6.72 133.79 -33.56
C SER BB 206 7.69 134.18 -34.68
N GLY BB 207 8.96 134.28 -34.33
CA GLY BB 207 9.98 134.65 -35.27
C GLY BB 207 10.25 133.56 -36.29
N PRO BB 208 10.84 133.92 -37.42
CA PRO BB 208 11.20 132.91 -38.42
C PRO BB 208 12.15 131.84 -37.89
N GLU BB 209 13.06 132.19 -36.98
CA GLU BB 209 13.95 131.19 -36.40
C GLU BB 209 13.19 130.23 -35.50
N ARG BB 210 12.11 130.70 -34.85
CA ARG BB 210 11.30 129.82 -34.02
C ARG BB 210 10.57 128.79 -34.86
N THR BB 211 10.06 129.20 -36.03
CA THR BB 211 9.42 128.26 -36.93
C THR BB 211 10.42 127.27 -37.51
N ALA BB 212 11.68 127.69 -37.68
CA ALA BB 212 12.70 126.79 -38.19
C ALA BB 212 12.92 125.60 -37.25
N LEU BB 213 12.88 125.85 -35.94
CA LEU BB 213 13.01 124.75 -34.99
C LEU BB 213 11.83 123.79 -35.09
N PHE BB 214 10.63 124.33 -35.34
CA PHE BB 214 9.46 123.47 -35.48
C PHE BB 214 9.60 122.55 -36.70
N ILE BB 215 10.14 123.09 -37.80
CA ILE BB 215 10.37 122.26 -38.99
C ILE BB 215 11.41 121.18 -38.68
N ARG BB 216 12.47 121.55 -37.96
CA ARG BB 216 13.52 120.59 -37.65
C ARG BB 216 12.99 119.45 -36.79
N ASP BB 217 12.13 119.76 -35.82
CA ASP BB 217 11.69 118.75 -34.87
C ASP BB 217 10.67 117.77 -35.46
N PHE BB 218 9.87 118.21 -36.42
CA PHE BB 218 8.78 117.40 -36.93
C PHE BB 218 8.83 117.12 -38.42
N LEU BB 219 9.84 117.59 -39.13
CA LEU BB 219 9.97 117.25 -40.54
C LEU BB 219 11.35 116.69 -40.88
N ILE BB 220 12.41 117.23 -40.29
CA ILE BB 220 13.74 116.68 -40.55
C ILE BB 220 13.90 115.31 -39.90
N THR BB 221 13.24 115.09 -38.76
CA THR BB 221 13.35 113.82 -38.06
C THR BB 221 12.76 112.65 -38.84
N GLN BB 222 11.99 112.91 -39.89
CA GLN BB 222 11.38 111.84 -40.66
C GLN BB 222 12.37 111.09 -41.54
N MET BB 223 13.60 111.60 -41.69
CA MET BB 223 14.62 110.94 -42.48
C MET BB 223 15.59 110.11 -41.64
N THR BB 224 15.35 110.02 -40.34
CA THR BB 224 16.24 109.27 -39.46
C THR BB 224 16.17 107.79 -39.80
N GLY BB 225 17.31 107.20 -40.14
CA GLY BB 225 17.35 105.79 -40.49
C GLY BB 225 17.29 105.58 -41.98
N LYS BB 226 16.54 106.41 -42.69
CA LYS BB 226 16.43 106.29 -44.13
C LYS BB 226 17.75 106.67 -44.80
N GLU BB 227 17.97 106.13 -45.98
CA GLU BB 227 19.22 106.31 -46.71
C GLU BB 227 18.96 106.98 -48.04
N LEU BB 228 19.98 107.67 -48.55
CA LEU BB 228 19.90 108.28 -49.86
C LEU BB 228 19.63 107.20 -50.92
N PHE BB 229 19.11 107.65 -52.06
CA PHE BB 229 18.69 106.80 -53.17
C PHE BB 229 17.44 106.00 -52.84
N GLU BB 230 16.94 106.15 -51.60
CA GLU BB 230 15.58 105.71 -51.26
C GLU BB 230 14.58 106.86 -51.31
N MET BB 231 15.07 108.10 -51.24
CA MET BB 231 14.28 109.30 -51.44
C MET BB 231 14.59 110.03 -52.73
N TRP BB 232 15.81 109.86 -53.25
CA TRP BB 232 16.24 110.44 -54.53
C TRP BB 232 16.52 109.27 -55.47
N THR BB 233 15.50 108.84 -56.21
CA THR BB 233 15.63 107.66 -57.07
C THR BB 233 16.27 108.04 -58.40
N ILE BB 234 17.33 107.33 -58.76
CA ILE BB 234 17.98 107.49 -60.06
C ILE BB 234 18.13 106.11 -60.69
N THR BB 235 18.29 106.09 -62.01
CA THR BB 235 18.32 104.84 -62.77
C THR BB 235 19.67 104.51 -63.37
N ASN BB 236 20.61 105.45 -63.42
CA ASN BB 236 21.93 105.24 -64.01
C ASN BB 236 23.00 105.71 -63.03
N PRO BB 237 23.24 104.93 -61.97
CA PRO BB 237 24.30 105.33 -61.01
C PRO BB 237 25.67 105.44 -61.64
N MET BB 238 26.01 104.55 -62.57
CA MET BB 238 27.32 104.62 -63.22
C MET BB 238 27.46 105.88 -64.05
N GLY BB 239 26.41 106.25 -64.80
CA GLY BB 239 26.48 107.47 -65.59
C GLY BB 239 26.64 108.71 -64.74
N LEU BB 240 25.89 108.79 -63.63
CA LEU BB 240 25.99 109.96 -62.76
C LEU BB 240 27.33 110.01 -62.04
N LEU BB 241 27.91 108.85 -61.72
CA LEU BB 241 29.19 108.83 -61.02
C LEU BB 241 30.30 109.42 -61.89
N VAL BB 242 30.30 109.10 -63.19
CA VAL BB 242 31.33 109.63 -64.08
C VAL BB 242 31.23 111.15 -64.18
N GLU BB 243 30.00 111.66 -64.28
CA GLU BB 243 29.82 113.11 -64.38
C GLU BB 243 30.34 113.81 -63.13
N GLU BB 244 30.05 113.26 -61.95
CA GLU BB 244 30.54 113.87 -60.71
C GLU BB 244 32.05 113.85 -60.64
N LEU BB 245 32.68 112.76 -61.09
CA LEU BB 245 34.14 112.69 -61.07
C LEU BB 245 34.78 113.70 -62.01
N LYS BB 246 34.08 114.07 -63.10
CA LYS BB 246 34.61 115.11 -63.97
C LYS BB 246 34.66 116.46 -63.25
N LYS BB 247 33.64 116.77 -62.46
CA LYS BB 247 33.68 117.97 -61.64
C LYS BB 247 34.82 117.90 -60.62
N ARG BB 248 35.04 116.71 -60.05
CA ARG BB 248 36.12 116.52 -59.08
C ARG BB 248 37.48 116.30 -59.74
N LYS BB 249 37.55 116.35 -61.07
CA LYS BB 249 38.80 116.20 -61.82
C LYS BB 249 39.41 114.81 -61.59
N ILE BB 250 38.59 113.79 -61.78
CA ILE BB 250 39.01 112.39 -61.75
C ILE BB 250 38.64 111.77 -63.09
N SER BB 251 39.57 111.03 -63.68
CA SER BB 251 39.43 110.55 -65.05
C SER BB 251 38.19 109.67 -65.23
N ALA BB 252 38.21 108.46 -64.64
CA ALA BB 252 37.11 107.52 -64.81
C ALA BB 252 37.26 106.34 -63.87
N PRO BB 253 36.17 105.79 -63.33
CA PRO BB 253 36.28 104.59 -62.50
C PRO BB 253 36.47 103.34 -63.34
N GLU BB 254 37.19 102.38 -62.77
CA GLU BB 254 37.42 101.09 -63.40
C GLU BB 254 36.93 100.00 -62.46
N SER BB 255 36.14 99.08 -62.99
CA SER BB 255 35.51 98.04 -62.18
C SER BB 255 36.36 96.77 -62.21
N ARG BB 256 36.62 96.22 -61.03
CA ARG BB 256 37.36 94.97 -60.88
C ARG BB 256 36.62 94.06 -59.92
N LEU BB 257 36.69 92.76 -60.17
CA LEU BB 257 36.02 91.77 -59.32
C LEU BB 257 36.93 91.43 -58.14
N THR BB 258 36.54 91.87 -56.94
CA THR BB 258 37.40 91.69 -55.77
C THR BB 258 37.25 90.30 -55.19
N ARG BB 259 36.04 89.93 -54.75
CA ARG BB 259 35.80 88.65 -54.11
C ARG BB 259 34.57 87.99 -54.73
N GLN BB 260 34.59 86.67 -54.80
CA GLN BB 260 33.47 85.92 -55.33
C GLN BB 260 33.38 84.57 -54.64
N SER BB 261 32.16 84.03 -54.57
CA SER BB 261 31.92 82.76 -53.89
C SER BB 261 30.82 82.02 -54.65
N GLY BB 262 31.23 81.11 -55.53
CA GLY BB 262 30.27 80.32 -56.28
C GLY BB 262 29.80 81.03 -57.54
N SER BB 263 30.20 80.51 -58.70
CA SER BB 263 29.80 81.08 -59.98
C SER BB 263 28.80 80.23 -60.73
N THR BB 264 28.69 78.94 -60.41
CA THR BB 264 27.72 78.05 -61.02
C THR BB 264 26.50 77.82 -60.14
N THR BB 265 26.57 78.15 -58.86
CA THR BB 265 25.43 77.94 -57.96
C THR BB 265 24.29 78.88 -58.31
N ALA BB 266 23.08 78.51 -57.88
CA ALA BB 266 21.92 79.35 -58.11
C ALA BB 266 21.92 80.61 -57.26
N LEU BB 267 22.83 80.73 -56.30
CA LEU BB 267 22.93 81.89 -55.42
C LEU BB 267 24.38 82.38 -55.41
N PRO BB 268 24.86 82.94 -56.51
CA PRO BB 268 26.24 83.44 -56.54
C PRO BB 268 26.36 84.73 -55.74
N VAL BB 269 27.60 85.01 -55.32
CA VAL BB 269 27.92 86.22 -54.58
C VAL BB 269 29.15 86.85 -55.21
N TYR BB 270 29.05 88.12 -55.59
CA TYR BB 270 30.14 88.85 -56.21
C TYR BB 270 30.37 90.16 -55.47
N PHE BB 271 31.63 90.62 -55.50
CA PHE BB 271 32.03 91.90 -54.91
C PHE BB 271 32.77 92.69 -56.00
N VAL BB 272 32.10 93.68 -56.57
CA VAL BB 272 32.69 94.52 -57.62
C VAL BB 272 33.20 95.79 -56.98
N GLY BB 273 34.48 96.09 -57.18
CA GLY BB 273 35.11 97.28 -56.64
C GLY BB 273 35.49 98.23 -57.77
N LEU BB 274 35.39 99.52 -57.48
CA LEU BB 274 35.69 100.56 -58.47
C LEU BB 274 37.04 101.19 -58.13
N TYR BB 275 37.97 101.13 -59.08
CA TYR BB 275 39.32 101.66 -58.90
C TYR BB 275 39.54 102.81 -59.86
N CYS BB 276 39.93 103.96 -59.32
CA CYS BB 276 40.35 105.10 -60.13
C CYS BB 276 41.82 105.35 -59.85
N ASP BB 277 42.63 105.34 -60.91
CA ASP BB 277 44.09 105.44 -60.80
C ASP BB 277 44.64 104.39 -59.84
N ARG BB 278 44.08 103.17 -59.93
CA ARG BB 278 44.49 102.04 -59.10
C ARG BB 278 44.37 102.37 -57.61
N LYS BB 279 43.27 103.03 -57.24
CA LYS BB 279 42.96 103.30 -55.84
C LYS BB 279 41.48 103.00 -55.60
N LEU BB 280 41.22 102.20 -54.57
CA LEU BB 280 39.85 101.79 -54.29
C LEU BB 280 39.06 102.93 -53.67
N ILE BB 281 37.86 103.18 -54.18
CA ILE BB 281 36.99 104.19 -53.62
C ILE BB 281 35.64 103.64 -53.18
N ALA BB 282 35.17 102.53 -53.74
CA ALA BB 282 33.90 101.94 -53.34
C ALA BB 282 33.90 100.46 -53.69
N GLU BB 283 33.03 99.72 -53.02
CA GLU BB 283 32.91 98.29 -53.22
C GLU BB 283 31.50 97.87 -52.84
N GLY BB 284 30.87 97.05 -53.68
CA GLY BB 284 29.51 96.65 -53.44
C GLY BB 284 29.23 95.19 -53.78
N PRO BB 285 28.41 94.53 -52.97
CA PRO BB 285 28.02 93.16 -53.29
C PRO BB 285 26.79 93.10 -54.19
N GLY BB 286 26.33 91.90 -54.50
CA GLY BB 286 25.13 91.75 -55.30
C GLY BB 286 24.94 90.32 -55.73
N GLU BB 287 23.75 90.05 -56.28
CA GLU BB 287 23.44 88.72 -56.78
C GLU BB 287 24.30 88.38 -57.99
N THR BB 288 24.35 89.28 -58.98
CA THR BB 288 25.14 89.11 -60.18
C THR BB 288 26.13 90.26 -60.30
N VAL BB 289 27.03 90.14 -61.28
CA VAL BB 289 28.04 91.17 -61.48
C VAL BB 289 27.41 92.49 -61.88
N LEU BB 290 26.40 92.44 -62.75
CA LEU BB 290 25.74 93.67 -63.20
C LEU BB 290 25.06 94.39 -62.04
N VAL BB 291 24.38 93.63 -61.17
CA VAL BB 291 23.72 94.24 -60.03
C VAL BB 291 24.76 94.75 -59.02
N ALA BB 292 25.81 93.97 -58.79
CA ALA BB 292 26.84 94.39 -57.85
C ALA BB 292 27.56 95.63 -58.33
N GLU BB 293 27.83 95.72 -59.64
CA GLU BB 293 28.54 96.87 -60.17
C GLU BB 293 27.75 98.16 -59.97
N GLU BB 294 26.43 98.11 -60.17
CA GLU BB 294 25.61 99.29 -59.90
C GLU BB 294 25.64 99.65 -58.43
N GLU BB 295 25.61 98.64 -57.55
CA GLU BB 295 25.71 98.91 -56.11
C GLU BB 295 27.06 99.54 -55.76
N ALA BB 296 28.12 99.20 -56.49
CA ALA BB 296 29.41 99.83 -56.28
C ALA BB 296 29.33 101.32 -56.58
N ALA BB 297 28.63 101.70 -57.65
CA ALA BB 297 28.44 103.11 -57.95
C ALA BB 297 27.57 103.79 -56.89
N ARG BB 298 26.60 103.07 -56.33
CA ARG BB 298 25.77 103.63 -55.28
C ARG BB 298 26.59 104.01 -54.06
N VAL BB 299 27.53 103.14 -53.66
CA VAL BB 299 28.39 103.43 -52.52
C VAL BB 299 29.33 104.58 -52.85
N ALA BB 300 29.83 104.65 -54.08
CA ALA BB 300 30.73 105.73 -54.47
C ALA BB 300 30.02 107.08 -54.39
N LEU BB 301 28.78 107.14 -54.87
CA LEU BB 301 28.04 108.40 -54.83
C LEU BB 301 27.76 108.84 -53.39
N ARG BB 302 27.43 107.89 -52.52
CA ARG BB 302 27.14 108.23 -51.12
C ARG BB 302 28.37 108.82 -50.44
N LYS BB 303 29.56 108.28 -50.74
CA LYS BB 303 30.77 108.81 -50.15
C LYS BB 303 31.11 110.18 -50.74
N LEU BB 304 30.89 110.36 -52.04
CA LEU BB 304 31.19 111.65 -52.67
C LEU BB 304 30.27 112.75 -52.15
N PHE BB 305 28.98 112.43 -51.97
CA PHE BB 305 27.99 113.41 -51.56
C PHE BB 305 27.95 113.62 -50.05
N GLY BB 306 28.81 112.93 -49.30
CA GLY BB 306 28.83 113.06 -47.86
C GLY BB 306 27.52 112.64 -47.21
N PHE BB 307 26.97 111.52 -47.65
CA PHE BB 307 25.72 110.99 -47.14
C PHE BB 307 25.86 109.50 -46.83
N THR BB 308 26.96 109.14 -46.16
CA THR BB 308 27.20 107.76 -45.79
C THR BB 308 26.42 107.42 -44.52
N GLU BB 309 26.56 106.20 -44.04
CA GLU BB 309 25.91 105.79 -42.79
C GLU BB 309 26.78 106.06 -41.57
N ASN BB 310 28.04 106.44 -41.77
CA ASN BB 310 28.92 106.84 -40.68
C ASN BB 310 28.93 108.33 -40.45
N ARG BB 311 28.10 109.09 -41.18
CA ARG BB 311 28.13 110.53 -41.09
C ARG BB 311 27.75 111.00 -39.69
N ARG BB 312 28.16 112.22 -39.36
CA ARG BB 312 27.82 112.81 -38.08
C ARG BB 312 26.31 112.91 -37.94
N PRO BB 313 25.72 112.46 -36.82
CA PRO BB 313 24.27 112.55 -36.67
C PRO BB 313 23.81 113.99 -36.69
N TRP BB 314 22.59 114.19 -37.20
CA TRP BB 314 22.03 115.52 -37.30
C TRP BB 314 21.93 116.17 -35.92
N ASP BB 315 22.36 117.42 -35.82
CA ASP BB 315 22.37 118.12 -34.54
C ASP BB 315 20.97 118.56 -34.17
N TYR BB 316 20.57 118.28 -32.93
CA TYR BB 316 19.28 118.71 -32.42
C TYR BB 316 19.39 119.54 -31.14
N SER BB 317 20.61 119.91 -30.75
CA SER BB 317 20.79 120.71 -29.56
C SER BB 317 20.26 122.12 -29.76
N LYS BB 318 19.97 122.79 -28.65
CA LYS BB 318 19.45 124.14 -28.71
C LYS BB 318 20.50 125.07 -29.34
N PRO BB 319 20.13 125.87 -30.35
CA PRO BB 319 21.06 126.76 -31.04
C PRO BB 319 21.58 127.87 -30.15
N LYS CB 38 -21.63 29.64 -9.99
CA LYS CB 38 -23.05 29.48 -10.28
C LYS CB 38 -23.37 29.89 -11.71
N LYS CB 39 -24.65 29.81 -12.06
CA LYS CB 39 -25.12 30.14 -13.40
C LYS CB 39 -25.30 31.65 -13.52
N ARG CB 40 -24.17 32.35 -13.56
CA ARG CB 40 -24.19 33.80 -13.67
C ARG CB 40 -24.75 34.23 -15.02
N PHE CB 41 -25.76 35.09 -14.99
CA PHE CB 41 -26.36 35.61 -16.22
C PHE CB 41 -27.16 36.85 -15.88
N THR CB 42 -26.89 37.95 -16.57
CA THR CB 42 -27.62 39.19 -16.38
C THR CB 42 -28.56 39.41 -17.55
N PRO CB 43 -29.87 39.32 -17.35
CA PRO CB 43 -30.78 39.48 -18.48
C PRO CB 43 -30.74 40.90 -19.01
N PRO CB 44 -30.91 41.09 -20.31
CA PRO CB 44 -30.90 42.43 -20.88
C PRO CB 44 -32.21 43.18 -20.58
N THR CB 45 -32.13 44.50 -20.67
CA THR CB 45 -33.27 45.37 -20.47
C THR CB 45 -33.68 45.97 -21.81
N TYR CB 46 -34.91 46.50 -21.85
CA TYR CB 46 -35.48 47.07 -23.06
C TYR CB 46 -35.61 48.58 -22.90
N GLN CB 47 -35.28 49.30 -23.97
CA GLN CB 47 -35.50 50.74 -23.99
C GLN CB 47 -37.00 51.03 -23.98
N PRO CB 48 -37.46 52.03 -23.24
CA PRO CB 48 -38.88 52.38 -23.26
C PRO CB 48 -39.33 52.74 -24.67
N LYS CB 49 -40.55 52.30 -25.01
CA LYS CB 49 -41.03 52.43 -26.38
C LYS CB 49 -41.28 53.88 -26.78
N TYR CB 50 -41.63 54.75 -25.82
CA TYR CB 50 -41.96 56.13 -26.16
C TYR CB 50 -40.76 56.88 -26.73
N LYS CB 51 -39.54 56.45 -26.41
CA LYS CB 51 -38.36 57.12 -26.96
C LYS CB 51 -38.27 56.95 -28.47
N SER CB 52 -38.55 55.74 -28.97
CA SER CB 52 -38.49 55.49 -30.41
C SER CB 52 -39.69 56.06 -31.14
N GLU CB 53 -40.86 56.11 -30.49
CA GLU CB 53 -42.10 56.53 -31.15
C GLU CB 53 -42.17 58.05 -31.16
N LYS CB 54 -41.38 58.65 -32.05
CA LYS CB 54 -41.41 60.08 -32.31
C LYS CB 54 -41.52 60.30 -33.80
N GLU CB 55 -42.38 61.24 -34.20
CA GLU CB 55 -42.67 61.51 -35.60
C GLU CB 55 -42.59 63.01 -35.84
N PHE CB 56 -42.86 63.42 -37.08
CA PHE CB 56 -42.73 64.80 -37.53
C PHE CB 56 -44.09 65.48 -37.56
N VAL CB 57 -44.09 66.79 -37.39
CA VAL CB 57 -45.31 67.59 -37.38
C VAL CB 57 -45.13 68.80 -38.30
N GLU CB 58 -46.18 69.61 -38.39
CA GLU CB 58 -46.17 70.86 -39.13
C GLU CB 58 -46.08 70.62 -40.63
N HIS CB 59 -47.13 70.07 -41.22
CA HIS CB 59 -47.27 69.99 -42.67
C HIS CB 59 -48.30 71.03 -43.10
N ALA CB 60 -47.89 71.97 -43.93
CA ALA CB 60 -48.73 73.12 -44.27
C ALA CB 60 -49.49 72.88 -45.57
N ARG CB 61 -50.80 73.07 -45.52
CA ARG CB 61 -51.65 72.96 -46.69
C ARG CB 61 -52.82 73.92 -46.54
N LYS CB 62 -53.35 74.37 -47.68
CA LYS CB 62 -54.44 75.33 -47.73
C LYS CB 62 -55.67 74.65 -48.31
N ALA CB 63 -56.68 74.44 -47.46
CA ALA CB 63 -57.92 73.79 -47.86
C ALA CB 63 -59.09 74.71 -47.56
N GLY CB 64 -60.03 74.78 -48.48
CA GLY CB 64 -61.21 75.61 -48.30
C GLY CB 64 -62.47 74.85 -48.69
N LEU CB 65 -63.54 75.13 -47.96
CA LEU CB 65 -64.84 74.53 -48.21
C LEU CB 65 -65.92 75.60 -48.17
N VAL CB 66 -67.08 75.29 -48.76
CA VAL CB 66 -68.18 76.24 -48.80
C VAL CB 66 -68.74 76.46 -47.39
N ILE CB 67 -68.78 75.41 -46.58
CA ILE CB 67 -69.41 75.51 -45.27
C ILE CB 67 -68.74 76.54 -44.36
N PRO CB 68 -67.41 76.53 -44.16
CA PRO CB 68 -66.81 77.55 -43.29
C PRO CB 68 -67.01 78.98 -43.78
N HIS CB 69 -67.04 79.19 -45.11
CA HIS CB 69 -67.22 80.54 -45.63
C HIS CB 69 -68.62 81.07 -45.36
N GLU CB 70 -69.61 80.18 -45.25
CA GLU CB 70 -70.98 80.59 -44.98
C GLU CB 70 -71.30 80.70 -43.50
N ARG CB 71 -70.36 80.36 -42.62
CA ARG CB 71 -70.59 80.36 -41.18
C ARG CB 71 -69.92 81.54 -40.48
N LEU CB 72 -69.46 82.53 -41.25
CA LEU CB 72 -68.85 83.72 -40.65
C LEU CB 72 -69.90 84.48 -39.85
N GLU CB 73 -69.64 84.67 -38.55
CA GLU CB 73 -70.59 85.40 -37.72
C GLU CB 73 -70.73 86.84 -38.16
N ARG CB 74 -69.62 87.49 -38.50
CA ARG CB 74 -69.64 88.85 -39.02
C ARG CB 74 -69.28 88.84 -40.50
N PRO CB 75 -70.17 89.25 -41.38
CA PRO CB 75 -69.85 89.26 -42.82
C PRO CB 75 -68.70 90.20 -43.12
N ILE CB 76 -67.91 89.83 -44.14
CA ILE CB 76 -66.76 90.64 -44.52
C ILE CB 76 -67.23 92.00 -45.04
N HIS CB 77 -66.56 93.05 -44.59
CA HIS CB 77 -66.89 94.42 -44.99
C HIS CB 77 -65.90 94.86 -46.06
N LEU CB 78 -66.43 95.31 -47.20
CA LEU CB 78 -65.62 95.73 -48.33
C LEU CB 78 -65.64 97.25 -48.41
N ALA CB 79 -64.46 97.87 -48.47
CA ALA CB 79 -64.38 99.32 -48.56
C ALA CB 79 -64.74 99.82 -49.95
N CYS CB 80 -64.44 99.06 -51.00
CA CYS CB 80 -64.70 99.48 -52.35
C CYS CB 80 -65.12 98.27 -53.19
N THR CB 81 -65.80 98.56 -54.30
CA THR CB 81 -66.24 97.49 -55.19
C THR CB 81 -65.06 96.87 -55.92
N ALA CB 82 -65.27 95.63 -56.39
CA ALA CB 82 -64.19 94.89 -57.03
C ALA CB 82 -63.93 95.39 -58.45
N GLY CB 83 -64.94 95.30 -59.31
CA GLY CB 83 -64.79 95.64 -60.72
C GLY CB 83 -65.20 97.07 -61.03
N ILE CB 84 -65.09 97.41 -62.31
CA ILE CB 84 -65.51 98.71 -62.83
C ILE CB 84 -66.88 98.53 -63.48
N PHE CB 85 -67.82 99.41 -63.12
CA PHE CB 85 -69.20 99.27 -63.59
C PHE CB 85 -69.29 99.43 -65.09
N ASP CB 86 -68.63 100.46 -65.64
CA ASP CB 86 -68.62 100.68 -67.07
C ASP CB 86 -67.29 101.30 -67.48
N ALA CB 87 -66.69 100.75 -68.54
CA ALA CB 87 -65.43 101.26 -69.05
C ALA CB 87 -65.70 102.32 -70.11
N TYR CB 88 -65.22 103.54 -69.88
CA TYR CB 88 -65.39 104.60 -70.85
C TYR CB 88 -64.64 104.26 -72.13
N VAL CB 89 -65.24 104.59 -73.26
CA VAL CB 89 -64.64 104.30 -74.57
C VAL CB 89 -64.27 105.61 -75.24
N PRO CB 90 -63.02 106.06 -75.12
CA PRO CB 90 -62.64 107.32 -75.75
C PRO CB 90 -62.60 107.18 -77.26
N PRO CB 91 -62.87 108.26 -77.99
CA PRO CB 91 -62.74 108.20 -79.46
C PRO CB 91 -61.28 108.04 -79.86
N GLU CB 92 -61.08 107.41 -81.02
CA GLU CB 92 -59.73 107.10 -81.50
C GLU CB 92 -58.93 108.33 -81.87
N GLY CB 93 -59.56 109.49 -82.00
CA GLY CB 93 -58.87 110.71 -82.38
C GLY CB 93 -58.29 111.51 -81.24
N ASP CB 94 -58.36 111.01 -80.02
CA ASP CB 94 -57.85 111.76 -78.87
C ASP CB 94 -56.35 111.98 -78.94
N ALA CB 95 -55.61 111.15 -79.69
CA ALA CB 95 -54.19 111.35 -79.86
C ALA CB 95 -53.87 112.64 -80.61
N ARG CB 96 -54.77 113.09 -81.49
CA ARG CB 96 -54.58 114.31 -82.26
C ARG CB 96 -55.37 115.49 -81.73
N ILE CB 97 -56.54 115.24 -81.10
CA ILE CB 97 -57.30 116.33 -80.50
C ILE CB 97 -56.55 116.94 -79.32
N SER CB 98 -55.70 116.14 -78.65
CA SER CB 98 -54.95 116.62 -77.51
C SER CB 98 -54.02 117.78 -77.85
N SER CB 99 -53.64 117.93 -79.12
CA SER CB 99 -52.83 119.05 -79.56
C SER CB 99 -53.65 120.31 -79.82
N LEU CB 100 -54.98 120.22 -79.75
CA LEU CB 100 -55.87 121.35 -79.97
C LEU CB 100 -56.46 121.78 -78.64
N SER CB 101 -56.38 123.07 -78.34
CA SER CB 101 -56.82 123.58 -77.05
C SER CB 101 -58.33 123.81 -77.01
N LYS CB 102 -58.84 124.69 -77.89
CA LYS CB 102 -60.24 125.04 -77.85
C LYS CB 102 -61.14 123.85 -78.21
N GLU CB 103 -60.74 123.08 -79.22
CA GLU CB 103 -61.56 121.95 -79.64
C GLU CB 103 -61.67 120.89 -78.56
N GLY CB 104 -60.55 120.57 -77.90
CA GLY CB 104 -60.57 119.54 -76.87
C GLY CB 104 -61.40 119.93 -75.65
N LEU CB 105 -61.23 121.16 -75.17
CA LEU CB 105 -61.95 121.59 -73.99
C LEU CB 105 -63.45 121.71 -74.26
N ALA CB 106 -63.83 122.28 -75.40
CA ALA CB 106 -65.24 122.45 -75.72
C ALA CB 106 -65.94 121.12 -75.90
N GLN CB 107 -65.30 120.17 -76.60
CA GLN CB 107 -65.93 118.88 -76.83
C GLN CB 107 -66.11 118.10 -75.55
N ARG CB 108 -65.12 118.14 -74.66
CA ARG CB 108 -65.23 117.44 -73.38
C ARG CB 108 -66.29 118.08 -72.50
N ALA CB 109 -66.43 119.40 -72.56
CA ALA CB 109 -67.46 120.08 -71.77
C ALA CB 109 -68.86 119.65 -72.20
N GLU CB 110 -69.08 119.51 -73.51
CA GLU CB 110 -70.39 119.11 -74.00
C GLU CB 110 -70.75 117.70 -73.55
N ARG CB 111 -69.77 116.79 -73.55
CA ARG CB 111 -70.03 115.41 -73.14
C ARG CB 111 -70.50 115.34 -71.69
N LEU CB 112 -69.99 116.22 -70.84
CA LEU CB 112 -70.44 116.24 -69.44
C LEU CB 112 -71.88 116.72 -69.32
N LYS CB 113 -72.24 117.75 -70.09
CA LYS CB 113 -73.56 118.37 -69.95
C LYS CB 113 -74.64 117.71 -70.78
N LYS CB 114 -74.30 116.71 -71.59
CA LYS CB 114 -75.28 116.05 -72.44
C LYS CB 114 -75.61 114.63 -72.03
N ASN CB 115 -74.74 113.98 -71.27
CA ASN CB 115 -75.02 112.61 -70.82
C ASN CB 115 -76.09 112.63 -69.75
N VAL CB 116 -77.14 111.83 -69.94
CA VAL CB 116 -78.24 111.78 -68.97
C VAL CB 116 -77.84 110.97 -67.75
N ALA CB 117 -77.23 109.79 -67.96
CA ALA CB 117 -76.83 108.95 -66.84
C ALA CB 117 -75.77 109.63 -65.98
N SER CB 118 -74.82 110.31 -66.62
CA SER CB 118 -73.77 110.99 -65.86
C SER CB 118 -74.32 112.09 -64.98
N GLN CB 119 -75.27 112.88 -65.52
CA GLN CB 119 -75.85 113.97 -64.73
C GLN CB 119 -76.66 113.44 -63.55
N LEU CB 120 -77.36 112.32 -63.74
CA LEU CB 120 -78.07 111.71 -62.63
C LEU CB 120 -77.11 111.27 -61.53
N SER CB 121 -75.97 110.70 -61.92
CA SER CB 121 -74.98 110.28 -60.93
C SER CB 121 -74.41 111.49 -60.18
N ILE CB 122 -74.18 112.60 -60.90
CA ILE CB 122 -73.66 113.81 -60.25
C ILE CB 122 -74.66 114.32 -59.21
N ARG CB 123 -75.95 114.33 -59.57
CA ARG CB 123 -76.97 114.76 -58.61
C ARG CB 123 -77.06 113.81 -57.43
N LYS CB 124 -76.84 112.52 -57.66
CA LYS CB 124 -76.87 111.55 -56.57
C LYS CB 124 -75.79 111.85 -55.54
N ILE CB 125 -74.59 112.19 -56.01
CA ILE CB 125 -73.51 112.56 -55.10
C ILE CB 125 -73.87 113.82 -54.32
N ARG CB 126 -74.44 114.81 -55.01
CA ARG CB 126 -74.83 116.05 -54.34
C ARG CB 126 -75.88 115.80 -53.26
N GLU CB 127 -76.89 114.98 -53.58
CA GLU CB 127 -77.91 114.66 -52.59
C GLU CB 127 -77.33 113.90 -51.42
N SER CB 128 -76.46 112.92 -51.68
CA SER CB 128 -75.84 112.17 -50.59
C SER CB 128 -74.92 113.04 -49.76
N ASP CB 129 -74.14 113.91 -50.41
CA ASP CB 129 -73.19 114.75 -49.71
C ASP CB 129 -73.08 116.11 -50.38
N PRO CB 130 -73.41 117.20 -49.68
CA PRO CB 130 -73.29 118.53 -50.28
C PRO CB 130 -71.85 118.99 -50.40
N ASN CB 131 -71.66 120.23 -50.86
CA ASN CB 131 -70.34 120.85 -51.01
C ASN CB 131 -69.43 119.99 -51.89
N PHE CB 132 -69.99 119.44 -52.97
CA PHE CB 132 -69.24 118.68 -53.96
C PHE CB 132 -69.27 119.45 -55.27
N LYS CB 133 -68.10 119.75 -55.81
CA LYS CB 133 -67.97 120.56 -57.02
C LYS CB 133 -67.19 119.79 -58.08
N ILE CB 134 -67.75 119.72 -59.28
CA ILE CB 134 -67.06 119.06 -60.40
C ILE CB 134 -65.83 119.86 -60.81
N LYS CB 135 -65.93 121.19 -60.78
CA LYS CB 135 -64.83 122.03 -61.26
C LYS CB 135 -63.57 121.84 -60.42
N ASP CB 136 -63.72 121.74 -59.10
CA ASP CB 136 -62.56 121.58 -58.24
C ASP CB 136 -62.04 120.15 -58.18
N PHE CB 137 -62.80 119.18 -58.69
CA PHE CB 137 -62.39 117.78 -58.60
C PHE CB 137 -61.07 117.48 -59.30
N PRO CB 138 -60.83 117.90 -60.54
CA PRO CB 138 -59.57 117.53 -61.20
C PRO CB 138 -58.32 118.00 -60.47
N GLU CB 139 -58.37 119.17 -59.83
CA GLU CB 139 -57.21 119.62 -59.05
C GLU CB 139 -56.95 118.70 -57.87
N LYS CB 140 -58.01 118.26 -57.19
CA LYS CB 140 -57.85 117.26 -56.14
C LYS CB 140 -57.40 115.93 -56.71
N ALA CB 141 -57.96 115.53 -57.86
CA ALA CB 141 -57.56 114.28 -58.49
C ALA CB 141 -56.11 114.33 -58.95
N LYS CB 142 -55.67 115.47 -59.48
CA LYS CB 142 -54.28 115.59 -59.94
C LYS CB 142 -53.31 115.46 -58.79
N ASP CB 143 -53.61 116.08 -57.65
CA ASP CB 143 -52.72 116.01 -56.50
C ASP CB 143 -52.68 114.61 -55.91
N ILE CB 144 -53.82 113.92 -55.89
CA ILE CB 144 -53.85 112.54 -55.40
C ILE CB 144 -52.99 111.65 -56.29
N PHE CB 145 -53.07 111.85 -57.61
CA PHE CB 145 -52.27 111.05 -58.54
C PHE CB 145 -50.78 111.25 -58.29
N ILE CB 146 -50.35 112.49 -58.06
CA ILE CB 146 -48.94 112.76 -57.82
C ILE CB 146 -48.50 112.19 -56.48
N GLU CB 147 -49.31 112.39 -55.43
CA GLU CB 147 -48.94 111.90 -54.10
C GLU CB 147 -48.90 110.38 -54.06
N ALA CB 148 -49.83 109.71 -54.75
CA ALA CB 148 -49.88 108.25 -54.71
C ALA CB 148 -48.61 107.63 -55.29
N HIS CB 149 -48.13 108.18 -56.41
CA HIS CB 149 -46.92 107.63 -57.01
C HIS CB 149 -45.67 107.98 -56.21
N LEU CB 150 -45.64 109.17 -55.59
CA LEU CB 150 -44.51 109.52 -54.74
C LEU CB 150 -44.40 108.61 -53.53
N CYS CB 151 -45.52 108.05 -53.08
CA CYS CB 151 -45.48 107.06 -52.01
C CYS CB 151 -44.72 105.81 -52.44
N LEU CB 152 -44.92 105.38 -53.69
CA LEU CB 152 -44.18 104.24 -54.20
C LEU CB 152 -42.69 104.53 -54.28
N ASN CB 153 -42.33 105.77 -54.62
CA ASN CB 153 -40.92 106.16 -54.64
C ASN CB 153 -40.29 106.01 -53.26
N ASN CB 154 -41.01 106.44 -52.22
CA ASN CB 154 -40.55 106.30 -50.85
C ASN CB 154 -40.94 104.97 -50.22
N SER CB 155 -41.72 104.15 -50.92
CA SER CB 155 -42.15 102.83 -50.44
C SER CB 155 -42.88 102.92 -49.11
N ASP CB 156 -43.71 103.96 -48.96
CA ASP CB 156 -44.52 104.15 -47.76
C ASP CB 156 -45.91 103.60 -48.04
N HIS CB 157 -46.23 102.47 -47.42
CA HIS CB 157 -47.53 101.84 -47.63
C HIS CB 157 -48.63 102.43 -46.75
N ASP CB 158 -48.26 103.03 -45.62
CA ASP CB 158 -49.27 103.60 -44.73
C ASP CB 158 -50.03 104.74 -45.41
N ARG CB 159 -49.31 105.63 -46.10
CA ARG CB 159 -49.98 106.71 -46.80
C ARG CB 159 -50.69 106.22 -48.06
N LEU CB 160 -50.16 105.19 -48.71
CA LEU CB 160 -50.75 104.73 -49.96
C LEU CB 160 -52.13 104.13 -49.76
N HIS CB 161 -52.39 103.53 -48.59
CA HIS CB 161 -53.69 102.93 -48.34
C HIS CB 161 -54.80 103.96 -48.35
N THR CB 162 -54.50 105.18 -47.88
CA THR CB 162 -55.51 106.24 -47.90
C THR CB 162 -55.71 106.80 -49.31
N LEU CB 163 -54.67 106.81 -50.13
CA LEU CB 163 -54.77 107.40 -51.45
C LEU CB 163 -55.40 106.44 -52.47
N VAL CB 164 -54.81 105.26 -52.64
CA VAL CB 164 -55.36 104.27 -53.55
C VAL CB 164 -56.31 103.37 -52.78
N THR CB 165 -57.18 102.68 -53.52
CA THR CB 165 -58.19 101.83 -52.92
C THR CB 165 -57.65 100.41 -52.74
N GLU CB 166 -58.54 99.52 -52.28
CA GLU CB 166 -58.14 98.13 -52.06
C GLU CB 166 -57.89 97.40 -53.37
N ASN CB 167 -58.66 97.71 -54.41
CA ASN CB 167 -58.49 97.04 -55.69
C ASN CB 167 -57.32 97.58 -56.50
N CYS CB 168 -56.77 98.73 -56.11
CA CYS CB 168 -55.63 99.32 -56.81
C CYS CB 168 -54.30 99.07 -56.12
N PHE CB 169 -54.31 98.82 -54.81
CA PHE CB 169 -53.06 98.65 -54.08
C PHE CB 169 -52.21 97.48 -54.58
N PRO CB 170 -52.75 96.27 -54.78
CA PRO CB 170 -51.87 95.16 -55.21
C PRO CB 170 -51.19 95.39 -56.53
N ASP CB 171 -51.83 96.09 -57.47
CA ASP CB 171 -51.28 96.24 -58.81
C ASP CB 171 -49.99 97.06 -58.80
N MET CB 172 -49.92 98.10 -57.96
CA MET CB 172 -48.77 99.00 -57.94
C MET CB 172 -47.76 98.66 -56.86
N VAL CB 173 -47.93 97.53 -56.16
CA VAL CB 173 -47.05 97.14 -55.07
C VAL CB 173 -46.44 95.77 -55.28
N TRP CB 174 -47.22 94.82 -55.83
CA TRP CB 174 -46.80 93.43 -55.91
C TRP CB 174 -45.52 93.28 -56.72
N ASP CB 175 -45.45 93.93 -57.89
CA ASP CB 175 -44.32 93.71 -58.78
C ASP CB 175 -43.06 94.43 -58.31
N ILE CB 176 -43.19 95.56 -57.63
CA ILE CB 176 -42.05 96.37 -57.24
C ILE CB 176 -41.70 96.16 -55.77
N ARG CB 177 -42.09 95.03 -55.19
CA ARG CB 177 -41.86 94.81 -53.76
C ARG CB 177 -40.37 94.78 -53.43
N TYR CB 178 -39.58 94.09 -54.26
CA TYR CB 178 -38.14 93.97 -54.03
C TYR CB 178 -37.31 94.81 -54.98
N LYS CB 179 -37.93 95.69 -55.75
CA LYS CB 179 -37.22 96.53 -56.69
C LYS CB 179 -37.13 97.95 -56.13
N THR CB 180 -36.49 98.84 -56.89
CA THR CB 180 -36.34 100.24 -56.49
C THR CB 180 -36.76 101.11 -57.68
N VAL CB 181 -37.77 101.94 -57.47
CA VAL CB 181 -38.30 102.79 -58.53
C VAL CB 181 -38.11 104.24 -58.15
N ARG CB 182 -37.94 105.09 -59.16
CA ARG CB 182 -37.78 106.53 -58.97
C ARG CB 182 -38.70 107.23 -59.96
N TRP CB 183 -39.80 107.77 -59.45
CA TRP CB 183 -40.82 108.43 -60.27
C TRP CB 183 -40.89 109.90 -59.89
N SER CB 184 -41.01 110.76 -60.91
CA SER CB 184 -41.05 112.20 -60.70
C SER CB 184 -42.04 112.82 -61.65
N PHE CB 185 -42.53 114.00 -61.29
CA PHE CB 185 -43.43 114.79 -62.11
C PHE CB 185 -42.73 116.08 -62.52
N VAL CB 186 -42.81 116.43 -63.80
CA VAL CB 186 -42.13 117.59 -64.36
C VAL CB 186 -43.11 118.62 -64.88
N GLU CB 187 -44.03 118.21 -65.76
CA GLU CB 187 -44.94 119.13 -66.40
C GLU CB 187 -46.28 118.47 -66.63
N SER CB 188 -47.30 119.30 -66.87
CA SER CB 188 -48.64 118.85 -67.26
C SER CB 188 -49.05 119.65 -68.49
N LEU CB 189 -48.92 119.03 -69.67
CA LEU CB 189 -49.18 119.76 -70.91
C LEU CB 189 -50.63 120.21 -71.01
N GLU CB 190 -51.57 119.34 -70.64
CA GLU CB 190 -52.99 119.65 -70.73
C GLU CB 190 -53.63 119.50 -69.36
N PRO CB 191 -54.42 120.48 -68.92
CA PRO CB 191 -55.08 120.36 -67.62
C PRO CB 191 -56.06 119.20 -67.64
N PRO CB 192 -56.25 118.52 -66.51
CA PRO CB 192 -57.18 117.39 -66.47
C PRO CB 192 -58.62 117.83 -66.65
N GLN CB 193 -59.41 116.92 -67.23
CA GLN CB 193 -60.84 117.13 -67.43
C GLN CB 193 -61.60 115.91 -66.92
N VAL CB 194 -62.80 116.15 -66.40
CA VAL CB 194 -63.67 115.08 -65.95
C VAL CB 194 -64.38 114.46 -67.15
N VAL CB 195 -64.28 113.15 -67.29
CA VAL CB 195 -64.87 112.46 -68.44
C VAL CB 195 -66.32 112.09 -68.15
N GLN CB 196 -66.54 111.28 -67.12
CA GLN CB 196 -67.89 110.86 -66.79
C GLN CB 196 -67.95 110.47 -65.31
N VAL CB 197 -69.17 110.45 -64.78
CA VAL CB 197 -69.44 110.05 -63.40
C VAL CB 197 -70.54 109.01 -63.41
N ARG CB 198 -70.33 107.92 -62.68
CA ARG CB 198 -71.32 106.85 -62.56
C ARG CB 198 -71.51 106.48 -61.11
N CYS CB 199 -72.70 105.95 -60.80
CA CYS CB 199 -73.01 105.50 -59.45
C CYS CB 199 -73.80 104.21 -59.52
N SER CB 200 -73.68 103.40 -58.47
CA SER CB 200 -74.41 102.15 -58.35
C SER CB 200 -75.07 102.07 -56.98
N SER CB 201 -76.31 101.59 -56.95
CA SER CB 201 -77.08 101.45 -55.72
C SER CB 201 -77.25 99.96 -55.43
N LEU CB 202 -76.53 99.47 -54.42
CA LEU CB 202 -76.66 98.09 -53.97
C LEU CB 202 -77.72 98.04 -52.87
N MET CB 203 -78.89 97.49 -53.21
CA MET CB 203 -79.99 97.44 -52.26
C MET CB 203 -79.75 96.46 -51.12
N ASN CB 204 -78.71 95.64 -51.19
CA ASN CB 204 -78.41 94.72 -50.11
C ASN CB 204 -78.05 95.48 -48.83
N GLN CB 205 -77.28 96.55 -48.94
CA GLN CB 205 -76.90 97.36 -47.81
C GLN CB 205 -77.09 98.86 -48.03
N GLY CB 206 -77.56 99.27 -49.21
CA GLY CB 206 -77.74 100.68 -49.48
C GLY CB 206 -76.47 101.43 -49.79
N ASN CB 207 -75.39 100.72 -50.10
CA ASN CB 207 -74.12 101.38 -50.39
C ASN CB 207 -74.12 101.98 -51.78
N ILE CB 208 -73.64 103.21 -51.89
CA ILE CB 208 -73.54 103.93 -53.16
C ILE CB 208 -72.09 104.32 -53.36
N TYR CB 209 -71.53 103.92 -54.50
CA TYR CB 209 -70.15 104.23 -54.85
C TYR CB 209 -70.13 105.15 -56.06
N GLY CB 210 -69.39 106.25 -55.95
CA GLY CB 210 -69.31 107.20 -57.05
C GLY CB 210 -68.00 107.13 -57.79
N GLN CB 211 -68.03 106.59 -59.01
CA GLN CB 211 -66.82 106.49 -59.83
C GLN CB 211 -66.72 107.69 -60.74
N VAL CB 212 -65.56 108.35 -60.73
CA VAL CB 212 -65.28 109.50 -61.58
C VAL CB 212 -64.09 109.16 -62.46
N THR CB 213 -64.27 109.29 -63.77
CA THR CB 213 -63.21 109.02 -64.73
C THR CB 213 -62.60 110.34 -65.18
N VAL CB 214 -61.28 110.46 -65.03
CA VAL CB 214 -60.56 111.70 -65.33
C VAL CB 214 -59.48 111.37 -66.36
N ARG CB 215 -59.43 112.16 -67.42
CA ARG CB 215 -58.40 112.03 -68.45
C ARG CB 215 -57.33 113.07 -68.22
N MET CB 216 -56.09 112.61 -67.99
CA MET CB 216 -54.98 113.48 -67.65
C MET CB 216 -53.82 113.23 -68.62
N HIS CB 217 -53.31 114.31 -69.20
CA HIS CB 217 -52.12 114.27 -70.05
C HIS CB 217 -50.93 114.66 -69.18
N THR CB 218 -50.07 113.69 -68.88
CA THR CB 218 -49.03 113.84 -67.88
C THR CB 218 -47.65 113.64 -68.50
N ARG CB 219 -46.69 114.41 -68.04
CA ARG CB 219 -45.28 114.28 -68.43
C ARG CB 219 -44.53 113.73 -67.24
N GLN CB 220 -43.96 112.53 -67.38
CA GLN CB 220 -43.34 111.82 -66.28
C GLN CB 220 -41.95 111.36 -66.65
N THR CB 221 -41.17 111.04 -65.63
CA THR CB 221 -39.82 110.49 -65.78
C THR CB 221 -39.75 109.21 -64.94
N LEU CB 222 -39.87 108.06 -65.60
CA LEU CB 222 -39.91 106.77 -64.93
C LEU CB 222 -38.60 106.04 -65.13
N ALA CB 223 -38.03 105.54 -64.04
CA ALA CB 223 -36.83 104.72 -64.08
C ALA CB 223 -36.93 103.66 -62.99
N ILE CB 224 -36.85 102.39 -63.39
CA ILE CB 224 -36.95 101.27 -62.47
C ILE CB 224 -35.58 100.63 -62.34
N TYR CB 225 -35.12 100.47 -61.10
CA TYR CB 225 -33.81 99.91 -60.82
C TYR CB 225 -33.94 98.49 -60.30
N ASP CB 226 -33.03 97.63 -60.71
CA ASP CB 226 -32.97 96.25 -60.23
C ASP CB 226 -32.53 96.21 -58.77
N ARG CB 227 -32.89 95.13 -58.08
CA ARG CB 227 -32.53 94.97 -56.69
C ARG CB 227 -31.02 94.96 -56.48
N PHE CB 228 -30.25 94.61 -57.51
CA PHE CB 228 -28.80 94.68 -57.43
C PHE CB 228 -28.25 96.07 -57.70
N GLY CB 229 -29.11 97.03 -58.09
CA GLY CB 229 -28.69 98.39 -58.33
C GLY CB 229 -28.47 98.76 -59.77
N ARG CB 230 -28.74 97.87 -60.71
CA ARG CB 230 -28.55 98.14 -62.13
C ARG CB 230 -29.85 98.59 -62.77
N LEU CB 231 -29.73 99.41 -63.81
CA LEU CB 231 -30.90 99.95 -64.48
C LEU CB 231 -31.67 98.85 -65.21
N MET CB 232 -32.99 98.95 -65.19
CA MET CB 232 -33.83 97.91 -65.77
C MET CB 232 -34.71 98.40 -66.90
N TYR CB 233 -35.56 99.40 -66.66
CA TYR CB 233 -36.63 99.73 -67.60
C TYR CB 233 -36.42 101.04 -68.34
N GLY CB 234 -36.21 102.15 -67.62
CA GLY CB 234 -36.16 103.45 -68.26
C GLY CB 234 -35.03 104.31 -67.73
N GLN CB 235 -34.76 105.38 -68.46
CA GLN CB 235 -33.76 106.35 -68.03
C GLN CB 235 -34.37 107.30 -67.01
N GLU CB 236 -33.57 108.26 -66.57
CA GLU CB 236 -33.98 109.22 -65.54
C GLU CB 236 -34.28 110.61 -66.06
N ASP CB 237 -33.59 111.07 -67.11
CA ASP CB 237 -33.67 112.45 -67.55
C ASP CB 237 -34.57 112.63 -68.77
N VAL CB 238 -35.36 111.63 -69.12
CA VAL CB 238 -36.23 111.68 -70.29
C VAL CB 238 -37.66 111.96 -69.81
N PRO CB 239 -38.21 113.14 -70.07
CA PRO CB 239 -39.61 113.42 -69.69
C PRO CB 239 -40.61 112.92 -70.72
N ARG CB 240 -40.90 111.63 -70.67
CA ARG CB 240 -41.82 111.02 -71.61
C ARG CB 240 -43.24 111.50 -71.36
N ASP CB 241 -44.00 111.66 -72.44
CA ASP CB 241 -45.40 112.08 -72.36
C ASP CB 241 -46.30 110.86 -72.32
N VAL CB 242 -47.22 110.83 -71.35
CA VAL CB 242 -48.10 109.69 -71.15
C VAL CB 242 -49.52 110.19 -70.91
N LEU CB 243 -50.49 109.43 -71.42
CA LEU CB 243 -51.90 109.76 -71.26
C LEU CB 243 -52.60 108.59 -70.57
N GLU CB 244 -53.41 108.90 -69.56
CA GLU CB 244 -54.10 107.89 -68.78
C GLU CB 244 -55.53 108.34 -68.50
N TYR CB 245 -56.39 107.36 -68.24
CA TYR CB 245 -57.78 107.58 -67.86
C TYR CB 245 -57.97 107.00 -66.46
N VAL CB 246 -57.69 107.83 -65.45
CA VAL CB 246 -57.71 107.37 -64.06
C VAL CB 246 -59.14 107.40 -63.54
N VAL CB 247 -59.56 106.30 -62.91
CA VAL CB 247 -60.91 106.17 -62.35
C VAL CB 247 -60.79 106.22 -60.84
N PHE CB 248 -61.48 107.16 -60.22
CA PHE CB 248 -61.50 107.32 -58.78
C PHE CB 248 -62.77 106.72 -58.18
N GLU CB 249 -62.78 106.59 -56.86
CA GLU CB 249 -63.92 106.00 -56.17
C GLU CB 249 -64.01 106.58 -54.76
N LYS CB 250 -65.24 106.85 -54.32
CA LYS CB 250 -65.49 107.36 -52.98
C LYS CB 250 -66.72 106.67 -52.42
N HIS CB 251 -66.65 106.28 -51.15
CA HIS CB 251 -67.77 105.68 -50.44
C HIS CB 251 -68.64 106.80 -49.88
N LEU CB 252 -69.91 106.83 -50.29
CA LEU CB 252 -70.81 107.92 -49.91
C LEU CB 252 -71.52 107.67 -48.59
N VAL CB 253 -71.92 106.42 -48.32
CA VAL CB 253 -72.60 106.11 -47.07
C VAL CB 253 -71.66 106.30 -45.88
N ASP CB 254 -70.38 105.99 -46.07
CA ASP CB 254 -69.40 106.17 -45.01
C ASP CB 254 -69.27 107.65 -44.66
N PRO CB 255 -69.46 108.04 -43.40
CA PRO CB 255 -69.30 109.46 -43.04
C PRO CB 255 -67.92 110.00 -43.33
N TYR CB 256 -66.89 109.15 -43.29
CA TYR CB 256 -65.54 109.60 -43.63
C TYR CB 256 -65.40 109.75 -45.14
N GLY CB 257 -65.48 108.63 -45.87
CA GLY CB 257 -65.53 108.64 -47.32
C GLY CB 257 -64.42 109.41 -48.01
N SER CB 258 -63.19 108.94 -47.90
CA SER CB 258 -62.08 109.56 -48.59
C SER CB 258 -62.15 109.27 -50.09
N TRP CB 259 -61.71 110.24 -50.89
CA TRP CB 259 -61.59 110.03 -52.32
C TRP CB 259 -60.37 109.17 -52.60
N ARG CB 260 -60.59 107.98 -53.18
CA ARG CB 260 -59.52 107.02 -53.41
C ARG CB 260 -59.48 106.63 -54.88
N MET CB 261 -58.26 106.54 -55.41
CA MET CB 261 -58.08 106.09 -56.78
C MET CB 261 -58.44 104.61 -56.88
N HIS CB 262 -59.25 104.27 -57.89
CA HIS CB 262 -59.77 102.91 -58.03
C HIS CB 262 -59.01 102.11 -59.07
N GLY CB 263 -58.95 102.60 -60.30
CA GLY CB 263 -58.34 101.86 -61.38
C GLY CB 263 -57.66 102.78 -62.37
N LYS CB 264 -57.00 102.17 -63.34
CA LYS CB 264 -56.26 102.88 -64.38
C LYS CB 264 -56.61 102.27 -65.72
N ILE CB 265 -57.23 103.05 -66.60
CA ILE CB 265 -57.73 102.58 -67.88
C ILE CB 265 -56.79 103.08 -68.97
N ILE CB 266 -56.31 102.16 -69.80
CA ILE CB 266 -55.42 102.46 -70.91
C ILE CB 266 -56.21 102.28 -72.21
N PRO CB 267 -56.17 103.25 -73.13
CA PRO CB 267 -56.93 103.09 -74.36
C PRO CB 267 -56.38 101.94 -75.18
N PRO CB 268 -57.24 101.24 -75.92
CA PRO CB 268 -56.76 100.13 -76.75
C PRO CB 268 -55.76 100.54 -77.81
N TRP CB 269 -55.88 101.74 -78.36
CA TRP CB 269 -54.99 102.22 -79.42
C TRP CB 269 -53.78 102.95 -78.89
N ALA CB 270 -53.50 102.86 -77.59
CA ALA CB 270 -52.38 103.58 -77.01
C ALA CB 270 -51.07 103.09 -77.63
N PRO CB 271 -50.10 103.97 -77.83
CA PRO CB 271 -48.82 103.54 -78.38
C PRO CB 271 -48.15 102.55 -77.45
N PRO CB 272 -47.41 101.58 -78.00
CA PRO CB 272 -46.72 100.60 -77.15
C PRO CB 272 -45.71 101.28 -76.24
N LYS CB 273 -45.54 100.70 -75.05
CA LYS CB 273 -44.62 101.26 -74.08
C LYS CB 273 -43.17 101.12 -74.57
N GLN CB 274 -42.28 101.86 -73.91
CA GLN CB 274 -40.88 101.84 -74.30
C GLN CB 274 -40.29 100.45 -74.08
N PRO CB 275 -39.45 99.97 -74.98
CA PRO CB 275 -38.91 98.61 -74.84
C PRO CB 275 -38.02 98.48 -73.63
N ILE CB 276 -37.98 97.26 -73.10
CA ILE CB 276 -37.14 96.96 -71.95
C ILE CB 276 -35.70 96.71 -72.40
N LEU CB 277 -34.76 96.93 -71.48
CA LEU CB 277 -33.34 96.73 -71.80
C LEU CB 277 -32.96 95.26 -71.83
N LYS CB 278 -33.59 94.44 -70.98
CA LYS CB 278 -33.22 93.03 -70.89
C LYS CB 278 -33.79 92.25 -72.06
N THR CB 279 -33.02 91.27 -72.52
CA THR CB 279 -33.42 90.41 -73.63
C THR CB 279 -34.13 89.17 -73.09
N VAL CB 280 -35.29 88.84 -73.65
CA VAL CB 280 -36.09 87.72 -73.19
C VAL CB 280 -36.21 86.71 -74.32
N MET CB 281 -36.52 85.46 -73.94
CA MET CB 281 -36.73 84.37 -74.89
C MET CB 281 -38.02 83.66 -74.54
N ILE CB 282 -38.89 83.49 -75.53
CA ILE CB 282 -40.13 82.73 -75.33
C ILE CB 282 -39.82 81.25 -75.53
N PRO CB 283 -40.00 80.42 -74.51
CA PRO CB 283 -39.70 78.99 -74.66
C PRO CB 283 -40.66 78.32 -75.62
N GLY CB 284 -40.15 77.28 -76.28
CA GLY CB 284 -40.95 76.50 -77.21
C GLY CB 284 -41.85 75.54 -76.49
N PRO CB 285 -42.77 74.94 -77.26
CA PRO CB 285 -43.70 73.97 -76.67
C PRO CB 285 -42.96 72.74 -76.17
N GLN CB 286 -43.15 72.42 -74.89
CA GLN CB 286 -42.54 71.22 -74.32
C GLN CB 286 -43.20 69.98 -74.94
N LEU CB 287 -42.39 69.05 -75.42
CA LEU CB 287 -42.87 67.91 -76.19
C LEU CB 287 -42.57 66.63 -75.43
N LYS CB 288 -43.60 65.83 -75.18
CA LYS CB 288 -43.42 64.49 -74.69
C LYS CB 288 -42.97 63.58 -75.82
N PRO CB 289 -42.24 62.49 -75.50
CA PRO CB 289 -41.64 61.68 -76.57
C PRO CB 289 -42.63 61.10 -77.56
N TRP CB 290 -43.85 60.77 -77.13
CA TRP CB 290 -44.83 60.18 -78.03
C TRP CB 290 -45.71 61.21 -78.73
N GLU CB 291 -45.32 62.49 -78.71
CA GLU CB 291 -46.04 63.54 -79.39
C GLU CB 291 -45.09 64.25 -80.35
N GLU CB 292 -45.58 64.53 -81.56
CA GLU CB 292 -44.79 65.17 -82.60
C GLU CB 292 -45.15 66.65 -82.70
N PHE CB 293 -44.16 67.45 -83.11
CA PHE CB 293 -44.36 68.89 -83.22
C PHE CB 293 -45.15 69.24 -84.47
N GLU CB 294 -46.07 70.18 -84.32
CA GLU CB 294 -46.87 70.69 -85.43
C GLU CB 294 -46.69 72.20 -85.53
N GLU CB 295 -46.53 72.70 -86.75
CA GLU CB 295 -46.23 74.10 -86.96
C GLU CB 295 -47.47 74.84 -87.45
N PRO CB 296 -48.09 75.68 -86.63
CA PRO CB 296 -49.19 76.50 -87.13
C PRO CB 296 -48.69 77.54 -88.12
N GLN CB 297 -49.57 77.91 -89.06
CA GLN CB 297 -49.23 78.88 -90.09
C GLN CB 297 -50.15 80.09 -90.03
N SER DB 42 93.14 21.46 35.32
CA SER DB 42 92.50 21.31 36.62
C SER DB 42 92.59 22.61 37.42
N SER DB 43 92.63 22.48 38.74
CA SER DB 43 92.71 23.62 39.64
C SER DB 43 93.81 23.39 40.67
N PRO DB 44 94.42 24.47 41.17
CA PRO DB 44 95.43 24.29 42.23
C PRO DB 44 94.87 23.62 43.48
N TRP DB 45 93.62 23.90 43.83
CA TRP DB 45 93.00 23.30 45.00
C TRP DB 45 92.69 21.83 44.74
N ARG DB 46 92.84 21.03 45.80
CA ARG DB 46 92.58 19.59 45.73
C ARG DB 46 91.18 19.31 46.26
N LEU DB 47 90.35 18.67 45.43
CA LEU DB 47 88.99 18.36 45.81
C LEU DB 47 88.98 17.12 46.71
N LEU DB 48 88.39 17.26 47.90
CA LEU DB 48 88.32 16.18 48.87
C LEU DB 48 86.88 16.01 49.33
N GLY DB 49 86.47 14.76 49.52
CA GLY DB 49 85.14 14.47 50.03
C GLY DB 49 85.16 13.88 51.42
N ALA DB 50 84.74 14.66 52.41
CA ALA DB 50 84.74 14.24 53.80
C ALA DB 50 83.35 13.75 54.22
N LEU DB 51 83.34 12.75 55.10
CA LEU DB 51 82.11 12.16 55.59
C LEU DB 51 81.93 12.52 57.06
N CYS DB 52 80.79 13.14 57.37
CA CYS DB 52 80.44 13.50 58.75
C CYS DB 52 79.45 12.46 59.28
N LEU DB 53 79.98 11.30 59.67
CA LEU DB 53 79.15 10.23 60.19
C LEU DB 53 78.70 10.58 61.61
N GLN DB 54 77.41 10.48 61.86
CA GLN DB 54 76.82 10.85 63.14
C GLN DB 54 75.97 9.70 63.68
N ARG DB 55 76.10 9.43 64.97
CA ARG DB 55 75.31 8.40 65.63
C ARG DB 55 74.12 9.03 66.34
N PRO DB 56 72.89 8.66 66.00
CA PRO DB 56 71.75 9.21 66.74
C PRO DB 56 71.75 8.74 68.17
N PRO DB 57 71.23 9.54 69.10
CA PRO DB 57 71.18 9.10 70.51
C PRO DB 57 70.32 7.86 70.67
N LEU DB 58 70.71 7.02 71.63
CA LEU DB 58 70.00 5.77 71.88
C LEU DB 58 68.98 5.86 72.99
N VAL DB 59 69.20 6.73 73.99
CA VAL DB 59 68.28 6.87 75.11
C VAL DB 59 67.83 8.32 75.20
N THR DB 60 66.68 8.52 75.85
CA THR DB 60 66.13 9.85 76.02
C THR DB 60 67.00 10.65 76.98
N LYS DB 61 67.26 11.91 76.63
CA LYS DB 61 68.09 12.77 77.46
C LYS DB 61 67.37 13.09 78.77
N PRO DB 62 68.11 13.28 79.86
CA PRO DB 62 67.48 13.57 81.16
C PRO DB 62 66.70 14.89 81.11
N LEU DB 63 65.59 14.91 81.84
CA LEU DB 63 64.77 16.10 81.92
C LEU DB 63 65.45 17.17 82.76
N THR DB 64 65.32 18.42 82.34
CA THR DB 64 65.85 19.54 83.11
C THR DB 64 65.01 19.73 84.37
N PRO DB 65 65.56 20.37 85.40
CA PRO DB 65 64.79 20.57 86.63
C PRO DB 65 63.48 21.32 86.41
N LEU DB 66 63.45 22.29 85.50
CA LEU DB 66 62.21 22.99 85.20
C LEU DB 66 61.18 22.06 84.58
N GLN DB 67 61.63 21.18 83.66
CA GLN DB 67 60.70 20.28 83.00
C GLN DB 67 60.12 19.25 83.96
N GLU DB 68 60.89 18.86 84.98
CA GLU DB 68 60.37 17.90 85.97
C GLU DB 68 59.17 18.46 86.70
N GLU DB 69 59.24 19.73 87.10
CA GLU DB 69 58.13 20.34 87.83
C GLU DB 69 56.87 20.41 86.98
N MET DB 70 57.03 20.80 85.70
CA MET DB 70 55.86 20.91 84.83
C MET DB 70 55.31 19.55 84.44
N ALA DB 71 56.17 18.54 84.31
CA ALA DB 71 55.70 17.20 83.99
C ALA DB 71 54.77 16.69 85.09
N ASP DB 72 55.11 16.96 86.35
CA ASP DB 72 54.21 16.61 87.45
C ASP DB 72 52.90 17.37 87.34
N LEU DB 73 52.96 18.65 86.98
CA LEU DB 73 51.74 19.45 86.87
C LEU DB 73 50.84 18.93 85.75
N LEU DB 74 51.42 18.59 84.60
CA LEU DB 74 50.62 18.09 83.49
C LEU DB 74 49.94 16.78 83.85
N GLN DB 75 50.67 15.87 84.52
CA GLN DB 75 50.06 14.62 84.95
C GLN DB 75 48.99 14.87 86.01
N GLN DB 76 49.22 15.84 86.89
CA GLN DB 76 48.22 16.17 87.91
C GLN DB 76 46.93 16.67 87.26
N ILE DB 77 47.05 17.52 86.23
CA ILE DB 77 45.88 18.04 85.55
C ILE DB 77 45.11 16.93 84.84
N GLU DB 78 45.83 15.93 84.30
CA GLU DB 78 45.17 14.84 83.59
C GLU DB 78 44.19 14.10 84.51
N ILE DB 79 44.61 13.82 85.74
CA ILE DB 79 43.74 13.10 86.67
C ILE DB 79 42.55 13.95 87.08
N GLU DB 80 42.77 15.26 87.27
CA GLU DB 80 41.70 16.13 87.72
C GLU DB 80 40.58 16.23 86.68
N ARG DB 81 40.93 16.32 85.41
CA ARG DB 81 39.97 16.53 84.34
C ARG DB 81 39.48 15.24 83.68
N SER DB 82 39.89 14.09 84.20
CA SER DB 82 39.51 12.81 83.62
C SER DB 82 38.29 12.22 84.31
N LEU DB 83 37.83 11.10 83.76
CA LEU DB 83 36.76 10.31 84.35
C LEU DB 83 37.35 9.16 85.14
N TYR DB 84 36.48 8.32 85.69
CA TYR DB 84 36.94 7.15 86.44
C TYR DB 84 37.16 5.98 85.47
N SER DB 85 38.38 5.45 85.47
CA SER DB 85 38.69 4.29 84.64
C SER DB 85 38.07 3.03 85.23
N ASP DB 86 38.17 1.94 84.47
CA ASP DB 86 37.59 0.67 84.92
C ASP DB 86 38.25 0.20 86.21
N HIS DB 87 39.57 0.36 86.32
CA HIS DB 87 40.24 0.02 87.57
C HIS DB 87 39.75 0.90 88.71
N GLU DB 88 39.59 2.19 88.45
CA GLU DB 88 39.05 3.09 89.48
C GLU DB 88 37.62 2.74 89.83
N LEU DB 89 36.85 2.20 88.88
CA LEU DB 89 35.52 1.71 89.20
C LEU DB 89 35.59 0.55 90.19
N ARG DB 90 36.53 -0.37 89.99
CA ARG DB 90 36.69 -1.49 90.91
C ARG DB 90 37.14 -1.04 92.29
N ALA DB 91 37.78 0.12 92.39
CA ALA DB 91 38.10 0.67 93.71
C ALA DB 91 36.84 0.97 94.50
N LEU DB 92 35.82 1.55 93.85
CA LEU DB 92 34.54 1.75 94.50
C LEU DB 92 33.76 0.44 94.62
N ASP DB 93 34.02 -0.52 93.74
CA ASP DB 93 33.39 -1.83 93.86
C ASP DB 93 33.80 -2.52 95.15
N GLU DB 94 35.08 -2.41 95.52
CA GLU DB 94 35.51 -2.87 96.83
C GLU DB 94 34.80 -2.11 97.94
N ALA DB 95 34.67 -0.79 97.78
CA ALA DB 95 33.96 0.02 98.77
C ALA DB 95 32.49 -0.38 98.86
N GLN DB 96 31.87 -0.67 97.70
CA GLN DB 96 30.49 -1.12 97.71
C GLN DB 96 30.32 -2.43 98.48
N GLN DB 97 31.22 -3.39 98.24
CA GLN DB 97 31.12 -4.67 98.93
C GLN DB 97 31.51 -4.54 100.40
N LEU DB 98 32.57 -3.76 100.69
CA LEU DB 98 32.99 -3.59 102.08
C LEU DB 98 31.92 -2.89 102.91
N ALA DB 99 31.25 -1.90 102.32
CA ALA DB 99 30.17 -1.23 103.03
C ALA DB 99 29.05 -2.20 103.38
N LYS DB 100 28.73 -3.11 102.47
CA LYS DB 100 27.77 -4.17 102.78
C LYS DB 100 28.29 -5.06 103.90
N LYS DB 101 29.58 -5.38 103.87
CA LYS DB 101 30.17 -6.20 104.92
C LYS DB 101 30.20 -5.49 106.28
N LYS DB 102 29.96 -4.18 106.30
CA LYS DB 102 29.95 -3.41 107.55
C LYS DB 102 28.54 -3.16 108.07
N SER DB 103 27.65 -2.64 107.22
CA SER DB 103 26.30 -2.28 107.63
C SER DB 103 25.24 -3.12 106.94
N ASP DB 104 25.24 -3.18 105.61
CA ASP DB 104 24.20 -3.89 104.85
C ASP DB 104 24.62 -5.34 104.64
N LEU DB 105 24.52 -6.11 105.72
CA LEU DB 105 24.84 -7.55 105.69
C LEU DB 105 23.63 -8.35 105.20
N TYR DB 106 23.18 -8.00 104.00
CA TYR DB 106 22.05 -8.67 103.37
C TYR DB 106 22.34 -8.98 101.90
N GLU DB 107 23.60 -9.22 101.58
CA GLU DB 107 23.99 -9.48 100.20
C GLU DB 107 23.41 -10.81 99.73
N GLU DB 108 22.89 -10.81 98.50
CA GLU DB 108 22.23 -12.00 97.96
C GLU DB 108 23.25 -13.10 97.65
N GLU DB 109 24.34 -12.75 96.99
CA GLU DB 109 25.34 -13.72 96.54
C GLU DB 109 26.64 -13.49 97.29
N ASP DB 110 27.15 -14.54 97.93
CA ASP DB 110 28.42 -14.49 98.64
C ASP DB 110 29.58 -15.01 97.80
N GLU DB 111 29.34 -15.40 96.54
CA GLU DB 111 30.41 -15.85 95.67
C GLU DB 111 31.25 -14.67 95.20
N GLN DB 112 30.63 -13.74 94.47
CA GLN DB 112 31.26 -12.51 94.00
C GLN DB 112 32.50 -12.87 93.17
N ASN DB 113 33.50 -12.00 93.16
CA ASN DB 113 34.73 -12.22 92.40
C ASN DB 113 35.75 -12.93 93.28
N ILE DB 114 36.99 -13.03 92.80
CA ILE DB 114 38.08 -13.68 93.52
C ILE DB 114 39.19 -12.69 93.87
N LEU DB 115 39.59 -11.87 92.89
CA LEU DB 115 40.68 -10.92 93.07
C LEU DB 115 40.13 -9.53 93.39
N LEU DB 116 41.05 -8.64 93.77
CA LEU DB 116 40.71 -7.28 94.13
C LEU DB 116 41.58 -6.31 93.32
N ALA DB 117 41.09 -5.08 93.18
CA ALA DB 117 41.80 -4.07 92.40
C ALA DB 117 43.18 -3.79 92.98
N GLN DB 118 43.26 -3.64 94.30
CA GLN DB 118 44.56 -3.45 94.94
C GLN DB 118 45.44 -4.67 94.76
N ASP DB 119 44.86 -5.87 94.88
CA ASP DB 119 45.62 -7.09 94.68
C ASP DB 119 46.14 -7.21 93.25
N LEU DB 120 45.35 -6.76 92.28
CA LEU DB 120 45.81 -6.78 90.89
C LEU DB 120 47.03 -5.91 90.71
N GLU DB 121 47.04 -4.72 91.31
CA GLU DB 121 48.21 -3.85 91.24
C GLU DB 121 49.42 -4.50 91.90
N ASP DB 122 49.19 -5.21 93.01
CA ASP DB 122 50.28 -5.91 93.67
C ASP DB 122 50.89 -6.98 92.77
N MET DB 123 50.05 -7.67 91.99
CA MET DB 123 50.55 -8.70 91.09
C MET DB 123 51.49 -8.11 90.05
N TRP DB 124 51.12 -6.97 89.46
CA TRP DB 124 52.00 -6.34 88.48
C TRP DB 124 53.20 -5.66 89.15
N GLU DB 125 53.01 -5.12 90.36
CA GLU DB 125 54.12 -4.48 91.06
C GLU DB 125 55.22 -5.47 91.40
N GLN DB 126 54.85 -6.66 91.88
CA GLN DB 126 55.85 -7.67 92.23
C GLN DB 126 56.66 -8.09 91.01
N LYS DB 127 55.98 -8.30 89.88
CA LYS DB 127 56.69 -8.65 88.65
C LYS DB 127 57.62 -7.52 88.21
N PHE DB 128 57.14 -6.28 88.30
CA PHE DB 128 57.95 -5.13 87.86
C PHE DB 128 59.17 -4.94 88.76
N LEU DB 129 58.99 -5.02 90.08
CA LEU DB 129 60.12 -4.86 90.99
C LEU DB 129 61.13 -5.98 90.80
N HIS DB 130 60.65 -7.22 90.63
CA HIS DB 130 61.55 -8.34 90.39
C HIS DB 130 62.28 -8.18 89.06
N PHE DB 131 61.57 -7.75 88.02
CA PHE DB 131 62.18 -7.59 86.71
C PHE DB 131 63.16 -6.43 86.72
N LYS DB 132 64.25 -6.58 85.99
CA LYS DB 132 65.30 -5.58 85.90
C LYS DB 132 65.60 -5.24 84.45
N LEU DB 133 65.99 -3.99 84.22
CA LEU DB 133 66.29 -3.47 82.90
C LEU DB 133 67.78 -3.17 82.79
N GLY DB 134 68.17 -2.62 81.65
CA GLY DB 134 69.54 -2.23 81.43
C GLY DB 134 69.90 -0.93 82.12
N ALA DB 135 71.17 -0.56 82.01
CA ALA DB 135 71.70 0.65 82.62
C ALA DB 135 71.89 1.71 81.54
N ARG DB 136 71.37 2.91 81.80
CA ARG DB 136 71.52 4.01 80.85
C ARG DB 136 72.99 4.37 80.67
N LEU DB 137 73.74 4.41 81.76
CA LEU DB 137 75.17 4.69 81.72
C LEU DB 137 75.91 3.35 81.70
N THR DB 138 76.43 2.98 80.53
CA THR DB 138 77.11 1.71 80.38
C THR DB 138 78.55 1.80 80.91
N GLU DB 139 79.28 0.71 80.79
CA GLU DB 139 80.65 0.66 81.26
C GLU DB 139 81.57 1.56 80.44
N ALA DB 140 81.17 1.93 79.23
CA ALA DB 140 82.00 2.82 78.42
C ALA DB 140 82.15 4.18 79.08
N ASP DB 141 81.08 4.71 79.66
CA ASP DB 141 81.17 6.01 80.34
C ASP DB 141 82.10 5.93 81.56
N LYS DB 142 82.03 4.84 82.32
CA LYS DB 142 82.88 4.70 83.49
C LYS DB 142 84.34 4.61 83.11
N LYS DB 143 84.66 3.86 82.05
CA LYS DB 143 86.04 3.67 81.62
C LYS DB 143 86.50 4.72 80.61
N ASP DB 144 85.61 5.63 80.20
CA ASP DB 144 85.94 6.66 79.23
C ASP DB 144 86.49 6.07 77.94
N ASP DB 145 85.90 4.94 77.52
CA ASP DB 145 86.28 4.29 76.27
C ASP DB 145 85.67 5.08 75.13
N ARG DB 146 86.44 6.01 74.57
CA ARG DB 146 85.96 6.92 73.54
C ARG DB 146 85.90 6.29 72.16
N THR DB 147 85.97 4.96 72.06
CA THR DB 147 85.91 4.26 70.79
C THR DB 147 84.63 3.46 70.61
N SER DB 148 84.15 2.80 71.66
CA SER DB 148 82.96 1.97 71.55
C SER DB 148 81.73 2.84 71.32
N LEU DB 149 80.73 2.25 70.66
CA LEU DB 149 79.48 2.94 70.36
C LEU DB 149 78.50 2.96 71.52
N HIS DB 150 78.84 2.33 72.64
CA HIS DB 150 77.96 2.25 73.80
C HIS DB 150 78.26 3.32 74.84
N ARG DB 151 78.76 4.49 74.40
CA ARG DB 151 79.04 5.60 75.30
C ARG DB 151 78.13 6.78 74.94
N LYS DB 152 77.67 7.49 75.98
CA LYS DB 152 76.81 8.66 75.82
C LYS DB 152 75.59 8.34 74.96
N LEU DB 153 74.78 7.40 75.47
CA LEU DB 153 73.61 6.95 74.72
C LEU DB 153 72.58 8.05 74.52
N ASP DB 154 72.60 9.09 75.36
CA ASP DB 154 71.70 10.22 75.21
C ASP DB 154 72.30 11.35 74.39
N ARG DB 155 73.50 11.19 73.86
CA ARG DB 155 74.19 12.23 73.12
C ARG DB 155 74.42 11.77 71.68
N ASN DB 156 75.14 12.59 70.92
CA ASN DB 156 75.48 12.30 69.54
C ASN DB 156 76.98 12.17 69.40
N LEU DB 157 77.43 11.11 68.72
CA LEU DB 157 78.84 10.83 68.53
C LEU DB 157 79.19 11.00 67.06
N ILE DB 158 80.20 11.83 66.80
CA ILE DB 158 80.68 12.08 65.44
C ILE DB 158 82.01 11.36 65.26
N LEU DB 159 82.13 10.62 64.16
CA LEU DB 159 83.30 9.78 63.96
C LEU DB 159 84.53 10.63 63.66
N LEU DB 160 85.63 10.32 64.36
CA LEU DB 160 86.91 10.98 64.13
C LEU DB 160 87.99 9.92 63.94
N VAL DB 161 88.88 10.16 62.98
CA VAL DB 161 90.00 9.27 62.70
C VAL DB 161 91.29 10.09 62.68
N ARG DB 162 92.40 9.41 62.91
CA ARG DB 162 93.71 10.04 62.94
C ARG DB 162 94.46 9.70 61.66
N GLU DB 163 94.87 10.73 60.94
CA GLU DB 163 95.63 10.57 59.70
C GLU DB 163 96.97 11.28 59.83
N LYS DB 164 98.02 10.64 59.32
CA LYS DB 164 99.37 11.17 59.41
C LYS DB 164 99.73 11.84 58.09
N LEU DB 165 99.93 13.15 58.14
CA LEU DB 165 100.36 13.93 56.98
C LEU DB 165 101.53 14.81 57.37
N GLY DB 166 102.62 14.71 56.61
CA GLY DB 166 103.81 15.49 56.93
C GLY DB 166 104.42 15.12 58.26
N ASP DB 167 104.47 13.83 58.59
CA ASP DB 167 105.00 13.34 59.87
C ASP DB 167 104.30 14.00 61.05
N GLN DB 168 102.98 14.18 60.93
CA GLN DB 168 102.19 14.82 61.97
C GLN DB 168 100.80 14.19 61.98
N ASP DB 169 100.34 13.81 63.17
CA ASP DB 169 99.05 13.17 63.35
C ASP DB 169 98.00 14.22 63.72
N ILE DB 170 96.96 14.35 62.89
CA ILE DB 170 95.88 15.29 63.14
C ILE DB 170 94.57 14.51 63.08
N TRP DB 171 93.76 14.64 64.13
CA TRP DB 171 92.44 14.02 64.13
C TRP DB 171 91.52 14.79 63.20
N MET DB 172 90.87 14.07 62.29
CA MET DB 172 89.99 14.69 61.30
C MET DB 172 88.88 13.71 60.93
N LEU DB 173 87.85 14.25 60.29
CA LEU DB 173 86.77 13.40 59.78
C LEU DB 173 87.31 12.54 58.64
N PRO DB 174 86.74 11.35 58.43
CA PRO DB 174 87.14 10.53 57.29
C PRO DB 174 86.93 11.27 55.98
N GLN DB 175 87.88 11.11 55.06
CA GLN DB 175 87.83 11.84 53.81
C GLN DB 175 88.55 11.06 52.72
N SER DB 176 88.25 11.41 51.47
CA SER DB 176 88.87 10.78 50.32
C SER DB 176 88.95 11.82 49.20
N ASP DB 177 89.85 11.57 48.25
CA ASP DB 177 90.08 12.50 47.16
C ASP DB 177 89.07 12.27 46.04
N TRP DB 178 88.58 13.38 45.48
CA TRP DB 178 87.64 13.30 44.36
C TRP DB 178 88.34 12.76 43.12
N GLN DB 179 87.59 12.01 42.32
CA GLN DB 179 88.13 11.37 41.13
C GLN DB 179 87.25 11.68 39.92
N PRO DB 180 87.83 11.66 38.72
CA PRO DB 180 87.03 11.93 37.52
C PRO DB 180 85.93 10.89 37.35
N GLY DB 181 84.79 11.35 36.80
CA GLY DB 181 83.64 10.49 36.65
C GLY DB 181 83.04 10.03 37.95
N GLU DB 182 83.06 10.89 38.97
CA GLU DB 182 82.54 10.56 40.29
C GLU DB 182 82.03 11.84 40.94
N THR DB 183 80.77 11.80 41.37
CA THR DB 183 80.19 12.97 42.03
C THR DB 183 80.81 13.17 43.41
N LEU DB 184 80.71 14.41 43.90
CA LEU DB 184 81.28 14.72 45.21
C LEU DB 184 80.62 13.91 46.32
N ARG DB 185 79.31 13.67 46.19
CA ARG DB 185 78.62 12.84 47.18
C ARG DB 185 79.16 11.41 47.17
N GLN DB 186 79.43 10.86 45.99
CA GLN DB 186 79.98 9.51 45.91
C GLN DB 186 81.36 9.43 46.53
N THR DB 187 82.13 10.53 46.50
CA THR DB 187 83.44 10.53 47.11
C THR DB 187 83.34 10.28 48.61
N ALA DB 188 82.38 10.92 49.28
CA ALA DB 188 82.13 10.62 50.68
C ALA DB 188 81.59 9.21 50.84
N GLU DB 189 80.78 8.74 49.88
CA GLU DB 189 80.28 7.38 49.93
C GLU DB 189 81.41 6.37 49.84
N ARG DB 190 82.40 6.62 48.97
CA ARG DB 190 83.54 5.74 48.87
C ARG DB 190 84.37 5.73 50.14
N THR DB 191 84.41 6.86 50.86
CA THR DB 191 85.19 6.93 52.09
C THR DB 191 84.70 5.94 53.13
N LEU DB 192 83.39 5.70 53.20
CA LEU DB 192 82.86 4.74 54.15
C LEU DB 192 83.37 3.34 53.86
N ALA DB 193 83.47 2.97 52.58
CA ALA DB 193 83.94 1.64 52.20
C ALA DB 193 85.44 1.47 52.44
N THR DB 194 86.19 2.56 52.54
CA THR DB 194 87.63 2.49 52.75
C THR DB 194 88.01 2.33 54.23
N LEU DB 195 87.04 2.36 55.13
CA LEU DB 195 87.34 2.21 56.54
C LEU DB 195 87.83 0.80 56.86
N SER DB 196 88.70 0.71 57.87
CA SER DB 196 89.40 -0.53 58.19
C SER DB 196 88.43 -1.51 58.83
N GLU DB 197 88.03 -2.52 58.07
CA GLU DB 197 87.19 -3.62 58.56
C GLU DB 197 85.89 -3.10 59.16
N ASN DB 198 85.07 -2.47 58.30
CA ASN DB 198 83.80 -1.89 58.70
C ASN DB 198 82.65 -2.59 57.99
N ASN DB 199 81.57 -2.84 58.73
CA ASN DB 199 80.33 -3.34 58.16
C ASN DB 199 79.18 -2.37 58.36
N MET DB 200 79.48 -1.11 58.70
CA MET DB 200 78.45 -0.15 59.03
C MET DB 200 77.61 0.22 57.82
N GLU DB 201 76.31 0.35 58.03
CA GLU DB 201 75.37 0.84 57.02
C GLU DB 201 74.90 2.22 57.44
N ALA DB 202 75.08 3.20 56.56
CA ALA DB 202 74.75 4.59 56.88
C ALA DB 202 73.92 5.19 55.76
N LYS DB 203 72.84 5.87 56.12
CA LYS DB 203 72.03 6.58 55.16
C LYS DB 203 72.58 7.98 54.95
N PHE DB 204 72.83 8.34 53.69
CA PHE DB 204 73.31 9.67 53.36
C PHE DB 204 72.12 10.63 53.23
N LEU DB 205 72.41 11.88 52.89
CA LEU DB 205 71.39 12.93 52.82
C LEU DB 205 71.46 13.57 51.43
N GLY DB 206 70.71 13.00 50.49
CA GLY DB 206 70.63 13.55 49.15
C GLY DB 206 71.97 13.59 48.45
N ASN DB 207 72.23 14.71 47.76
CA ASN DB 207 73.50 14.92 47.08
C ASN DB 207 74.16 16.27 47.39
N ALA DB 208 73.41 17.25 47.87
CA ALA DB 208 73.98 18.55 48.17
C ALA DB 208 74.90 18.45 49.39
N PRO DB 209 75.96 19.27 49.43
CA PRO DB 209 76.89 19.22 50.57
C PRO DB 209 76.30 19.87 51.82
N CYS DB 210 77.11 19.94 52.89
CA CYS DB 210 76.68 20.55 54.14
C CYS DB 210 77.69 21.52 54.72
N GLY DB 211 78.86 21.66 54.11
CA GLY DB 211 79.86 22.60 54.62
C GLY DB 211 81.07 22.59 53.71
N HIS DB 212 82.03 23.45 54.06
CA HIS DB 212 83.25 23.57 53.31
C HIS DB 212 84.38 24.03 54.22
N TYR DB 213 85.61 23.76 53.80
CA TYR DB 213 86.78 24.18 54.55
C TYR DB 213 87.96 24.26 53.58
N LYS DB 214 88.54 25.45 53.46
CA LYS DB 214 89.69 25.70 52.59
C LYS DB 214 90.93 25.93 53.44
N PHE DB 215 92.00 25.22 53.11
CA PHE DB 215 93.29 25.43 53.75
C PHE DB 215 94.38 25.42 52.69
N LYS DB 216 95.48 26.11 52.98
CA LYS DB 216 96.61 26.19 52.09
C LYS DB 216 97.81 25.53 52.74
N PHE DB 217 98.59 24.82 51.92
CA PHE DB 217 99.77 24.13 52.42
C PHE DB 217 100.80 25.14 52.92
N PRO DB 218 101.65 24.75 53.87
CA PRO DB 218 102.71 25.64 54.32
C PRO DB 218 103.65 26.00 53.18
N GLN DB 219 104.27 27.17 53.30
CA GLN DB 219 105.11 27.71 52.23
C GLN DB 219 106.29 26.81 51.93
N ALA DB 220 106.68 25.92 52.85
CA ALA DB 220 107.76 24.98 52.58
C ALA DB 220 107.42 24.05 51.42
N MET DB 221 106.18 23.57 51.38
CA MET DB 221 105.73 22.65 50.33
C MET DB 221 104.66 23.28 49.43
N ARG DB 222 104.50 24.59 49.47
CA ARG DB 222 103.49 25.26 48.68
C ARG DB 222 103.99 25.51 47.26
N THR DB 223 103.19 25.09 46.27
CA THR DB 223 103.51 25.29 44.87
C THR DB 223 102.26 25.74 44.13
N GLU DB 224 102.47 26.32 42.95
CA GLU DB 224 101.34 26.76 42.13
C GLU DB 224 100.50 25.58 41.65
N THR DB 225 101.11 24.41 41.47
CA THR DB 225 100.37 23.23 41.06
C THR DB 225 99.34 22.82 42.12
N SER DB 226 99.73 22.84 43.39
CA SER DB 226 98.85 22.49 44.50
C SER DB 226 98.99 23.58 45.57
N LEU DB 227 98.19 24.65 45.43
CA LEU DB 227 98.20 25.71 46.43
C LEU DB 227 97.61 25.22 47.75
N GLY DB 228 96.51 24.49 47.68
CA GLY DB 228 95.84 23.98 48.86
C GLY DB 228 94.82 22.93 48.54
N ALA DB 229 93.77 22.83 49.36
CA ALA DB 229 92.71 21.85 49.13
C ALA DB 229 91.41 22.38 49.70
N LYS DB 230 90.30 21.89 49.15
CA LYS DB 230 88.96 22.26 49.61
C LYS DB 230 88.27 21.00 50.12
N VAL DB 231 87.89 21.01 51.39
CA VAL DB 231 87.25 19.87 52.04
C VAL DB 231 85.75 20.12 52.09
N PHE DB 232 84.97 19.15 51.61
CA PHE DB 232 83.51 19.23 51.60
C PHE DB 232 82.96 18.14 52.49
N PHE DB 233 82.04 18.52 53.37
CA PHE DB 233 81.50 17.62 54.38
C PHE DB 233 80.11 17.16 54.00
N PHE DB 234 79.84 15.87 54.18
CA PHE DB 234 78.54 15.28 53.92
C PHE DB 234 78.08 14.55 55.17
N LYS DB 235 76.85 14.81 55.59
CA LYS DB 235 76.30 14.21 56.80
C LYS DB 235 75.59 12.90 56.49
N ALA DB 236 75.79 11.92 57.37
CA ALA DB 236 75.14 10.63 57.24
C ALA DB 236 74.72 10.14 58.62
N LEU DB 237 73.69 9.31 58.64
CA LEU DB 237 73.17 8.73 59.88
C LEU DB 237 73.55 7.25 59.94
N LEU DB 238 74.20 6.87 61.02
CA LEU DB 238 74.66 5.50 61.21
C LEU DB 238 73.49 4.63 61.65
N LEU DB 239 73.09 3.69 60.77
CA LEU DB 239 71.96 2.81 61.09
C LEU DB 239 72.40 1.65 61.97
N THR DB 240 73.31 0.82 61.46
CA THR DB 240 73.79 -0.35 62.19
C THR DB 240 75.20 -0.67 61.75
N GLY DB 241 75.89 -1.46 62.56
CA GLY DB 241 77.25 -1.87 62.26
C GLY DB 241 78.27 -1.10 63.08
N ASP DB 242 79.46 -1.70 63.20
CA ASP DB 242 80.54 -1.11 63.97
C ASP DB 242 81.85 -1.70 63.50
N PHE DB 243 82.95 -1.06 63.90
CA PHE DB 243 84.27 -1.53 63.54
C PHE DB 243 84.59 -2.85 64.25
N SER DB 244 85.56 -3.57 63.71
CA SER DB 244 85.99 -4.84 64.26
C SER DB 244 86.88 -4.61 65.48
N GLN DB 245 87.43 -5.69 66.03
CA GLN DB 245 88.26 -5.65 67.22
C GLN DB 245 89.74 -5.58 66.89
N ALA DB 246 90.11 -5.48 65.62
CA ALA DB 246 91.53 -5.41 65.24
C ALA DB 246 92.17 -4.15 65.79
N GLY DB 247 91.68 -2.98 65.38
CA GLY DB 247 92.21 -1.72 65.86
C GLY DB 247 91.13 -0.74 66.28
N LYS DB 248 91.18 -0.29 67.53
CA LYS DB 248 90.15 0.58 68.09
C LYS DB 248 90.69 1.90 68.60
N LYS DB 249 91.65 1.89 69.52
CA LYS DB 249 92.14 3.13 70.11
C LYS DB 249 92.94 3.95 69.11
N GLY DB 250 93.84 3.30 68.37
CA GLY DB 250 94.71 3.98 67.44
C GLY DB 250 94.16 4.27 66.07
N HIS DB 251 92.89 3.94 65.82
CA HIS DB 251 92.28 4.15 64.51
C HIS DB 251 91.21 5.23 64.53
N HIS DB 252 90.19 5.10 65.38
CA HIS DB 252 89.07 6.02 65.36
C HIS DB 252 88.52 6.21 66.77
N VAL DB 253 87.90 7.37 66.99
CA VAL DB 253 87.26 7.70 68.25
C VAL DB 253 85.89 8.31 67.96
N TRP DB 254 85.02 8.27 68.97
CA TRP DB 254 83.69 8.87 68.89
C TRP DB 254 83.54 9.87 70.03
N VAL DB 255 83.26 11.12 69.69
CA VAL DB 255 83.11 12.19 70.67
C VAL DB 255 81.88 13.02 70.32
N SER DB 256 81.41 13.78 71.30
CA SER DB 256 80.31 14.72 71.10
C SER DB 256 80.85 16.10 70.74
N LYS DB 257 79.94 17.04 70.49
CA LYS DB 257 80.35 18.38 70.12
C LYS DB 257 81.00 19.12 71.27
N GLU DB 258 80.68 18.76 72.52
CA GLU DB 258 81.27 19.43 73.67
C GLU DB 258 82.78 19.22 73.73
N GLU DB 259 83.24 18.00 73.48
CA GLU DB 259 84.66 17.69 73.50
C GLU DB 259 85.26 17.57 72.10
N LEU DB 260 84.50 17.98 71.07
CA LEU DB 260 84.99 17.85 69.70
C LEU DB 260 86.19 18.75 69.43
N GLY DB 261 86.23 19.93 70.07
CA GLY DB 261 87.29 20.88 69.80
C GLY DB 261 88.64 20.44 70.34
N ASP DB 262 88.65 19.56 71.34
CA ASP DB 262 89.91 19.12 71.92
C ASP DB 262 90.76 18.35 70.91
N TYR DB 263 90.13 17.46 70.14
CA TYR DB 263 90.86 16.68 69.15
C TYR DB 263 91.15 17.45 67.87
N LEU DB 264 90.47 18.57 67.65
CA LEU DB 264 90.62 19.34 66.43
C LEU DB 264 91.51 20.56 66.68
N LYS DB 265 91.61 21.44 65.69
CA LYS DB 265 92.38 22.66 65.77
C LYS DB 265 91.48 23.84 65.40
N PRO DB 266 91.78 25.03 65.94
CA PRO DB 266 90.82 26.15 65.79
C PRO DB 266 90.44 26.48 64.36
N LYS DB 267 91.38 26.37 63.41
CA LYS DB 267 91.06 26.66 62.02
C LYS DB 267 90.09 25.63 61.45
N TYR DB 268 90.36 24.34 61.68
CA TYR DB 268 89.48 23.30 61.17
C TYR DB 268 88.21 23.16 62.01
N LEU DB 269 88.28 23.50 63.31
CA LEU DB 269 87.13 23.32 64.19
C LEU DB 269 85.97 24.21 63.80
N ALA DB 270 86.26 25.44 63.37
CA ALA DB 270 85.20 26.43 63.15
C ALA DB 270 84.21 25.96 62.07
N GLN DB 271 84.72 25.42 60.97
CA GLN DB 271 83.84 25.00 59.88
C GLN DB 271 83.02 23.77 60.26
N VAL DB 272 83.56 22.91 61.14
CA VAL DB 272 82.85 21.68 61.50
C VAL DB 272 81.62 22.01 62.34
N ARG DB 273 81.76 22.92 63.30
CA ARG DB 273 80.66 23.21 64.23
C ARG DB 273 79.49 23.90 63.55
N ARG DB 274 79.69 24.45 62.34
CA ARG DB 274 78.61 25.18 61.68
C ARG DB 274 77.46 24.25 61.31
N PHE DB 275 77.76 23.14 60.64
CA PHE DB 275 76.73 22.22 60.18
C PHE DB 275 76.37 21.15 61.21
N LEU DB 276 77.08 21.09 62.33
CA LEU DB 276 76.83 20.08 63.35
C LEU DB 276 75.72 20.61 64.27
N LEU DB 277 74.52 20.08 64.09
CA LEU DB 277 73.39 20.49 64.92
C LEU DB 277 73.57 19.95 66.33
N ASP DB 278 73.53 20.85 67.31
CA ASP DB 278 73.67 20.44 68.70
C ASP DB 278 72.45 19.61 69.11
N LEU DB 279 72.70 18.48 69.79
CA LEU DB 279 71.63 17.59 70.18
C LEU DB 279 72.06 16.70 71.34
N TYR EB 105 33.76 54.20 36.03
CA TYR EB 105 33.48 54.34 34.61
C TYR EB 105 34.74 54.06 33.80
N ARG EB 106 34.56 53.68 32.52
CA ARG EB 106 35.69 53.28 31.69
C ARG EB 106 36.63 54.45 31.43
N SER EB 107 36.09 55.58 30.97
CA SER EB 107 36.93 56.68 30.54
C SER EB 107 37.60 57.42 31.70
N LYS EB 108 37.06 57.29 32.91
CA LYS EB 108 37.62 58.01 34.04
C LYS EB 108 38.97 57.41 34.43
N PRO EB 109 39.91 58.24 34.89
CA PRO EB 109 41.20 57.71 35.34
C PRO EB 109 41.10 56.78 36.53
N THR EB 110 40.03 56.87 37.32
CA THR EB 110 39.84 56.02 38.48
C THR EB 110 39.16 54.69 38.14
N HIS EB 111 39.25 54.26 36.89
CA HIS EB 111 38.64 53.00 36.50
C HIS EB 111 39.37 51.83 37.15
N GLY EB 112 38.60 50.81 37.53
CA GLY EB 112 39.20 49.61 38.10
C GLY EB 112 39.76 49.78 39.50
N ILE EB 113 39.36 50.83 40.21
CA ILE EB 113 39.84 51.03 41.57
C ILE EB 113 39.23 50.00 42.53
N GLY EB 114 38.09 49.44 42.17
CA GLY EB 114 37.43 48.43 42.98
C GLY EB 114 37.75 47.00 42.63
N ARG EB 115 38.78 46.77 41.82
CA ARG EB 115 39.14 45.42 41.41
C ARG EB 115 39.62 44.61 42.61
N TYR EB 116 38.99 43.45 42.83
CA TYR EB 116 39.40 42.56 43.91
C TYR EB 116 39.45 41.10 43.53
N LYS EB 117 38.78 40.66 42.47
CA LYS EB 117 38.71 39.24 42.16
C LYS EB 117 40.06 38.66 41.79
N HIS EB 118 41.03 39.50 41.43
CA HIS EB 118 42.37 39.03 41.12
C HIS EB 118 43.26 38.97 42.36
N LEU EB 119 42.76 39.36 43.53
CA LEU EB 119 43.53 39.30 44.77
C LEU EB 119 43.32 37.97 45.48
N VAL EB 120 42.08 37.54 45.62
CA VAL EB 120 41.78 36.24 46.20
C VAL EB 120 41.80 35.20 45.10
N LYS EB 121 41.94 33.94 45.49
CA LYS EB 121 41.88 32.86 44.51
C LYS EB 121 40.45 32.69 44.01
N ALA EB 122 40.31 31.85 42.99
CA ALA EB 122 38.98 31.56 42.46
C ALA EB 122 38.10 30.88 43.49
N GLN EB 123 38.68 30.00 44.30
CA GLN EB 123 37.96 29.27 45.34
C GLN EB 123 36.74 28.56 44.74
N GLU EB 124 37.02 27.54 43.93
CA GLU EB 124 35.96 26.79 43.29
C GLU EB 124 35.11 26.10 44.35
N PRO EB 125 33.80 26.37 44.32
CA PRO EB 125 32.90 25.78 45.30
C PRO EB 125 32.81 24.28 45.09
N LYS EB 126 32.66 23.55 46.19
CA LYS EB 126 32.55 22.09 46.16
C LYS EB 126 31.16 21.72 45.69
N LYS EB 127 31.02 21.55 44.37
CA LYS EB 127 29.75 21.18 43.79
C LYS EB 127 29.33 19.79 44.25
N LYS EB 128 28.01 19.57 44.30
CA LYS EB 128 27.49 18.29 44.77
C LYS EB 128 27.93 17.15 43.85
N LYS EB 129 27.87 17.36 42.54
CA LYS EB 129 28.26 16.33 41.58
C LYS EB 129 29.75 16.34 41.27
N GLY EB 130 30.41 17.47 41.44
CA GLY EB 130 31.83 17.62 41.12
C GLY EB 130 32.72 17.52 42.35
N LYS EB 131 32.19 17.09 43.49
CA LYS EB 131 32.97 16.97 44.71
C LYS EB 131 34.00 15.85 44.56
N VAL EB 132 35.27 16.23 44.37
CA VAL EB 132 36.33 15.25 44.22
C VAL EB 132 37.65 15.91 44.59
N GLU EB 133 38.51 15.17 45.29
CA GLU EB 133 39.81 15.67 45.71
C GLU EB 133 40.78 15.55 44.54
N VAL EB 134 40.67 16.49 43.60
CA VAL EB 134 41.50 16.50 42.40
C VAL EB 134 42.86 17.06 42.79
N ARG EB 135 43.83 16.17 43.01
CA ARG EB 135 45.16 16.56 43.44
C ARG EB 135 46.14 16.41 42.29
N PRO EB 136 46.64 17.51 41.71
CA PRO EB 136 47.63 17.40 40.63
C PRO EB 136 49.01 17.06 41.15
N ILE EB 137 49.28 15.77 41.37
CA ILE EB 137 50.54 15.33 41.96
C ILE EB 137 51.70 15.80 41.10
N ASN EB 138 52.56 16.63 41.69
CA ASN EB 138 53.76 17.10 41.02
C ASN EB 138 54.91 16.13 41.30
N LEU EB 139 55.67 15.82 40.26
CA LEU EB 139 56.71 14.79 40.35
C LEU EB 139 57.94 15.23 39.57
N GLY EB 140 59.09 15.23 40.23
CA GLY EB 140 60.36 15.43 39.57
C GLY EB 140 60.60 16.81 38.98
N THR EB 141 60.70 17.82 39.83
CA THR EB 141 61.07 19.14 39.36
C THR EB 141 62.60 19.27 39.36
N ASP EB 142 63.09 20.41 38.89
CA ASP EB 142 64.53 20.65 38.85
C ASP EB 142 65.13 20.65 40.25
N TYR EB 143 64.45 21.29 41.20
CA TYR EB 143 64.96 21.36 42.57
C TYR EB 143 63.86 21.12 43.61
N GLU EB 144 62.65 20.80 43.20
CA GLU EB 144 61.52 20.65 44.10
C GLU EB 144 61.09 19.19 44.12
N TYR EB 145 61.09 18.60 45.31
CA TYR EB 145 60.58 17.24 45.46
C TYR EB 145 59.06 17.22 45.31
N GLY EB 146 58.52 16.03 45.12
CA GLY EB 146 57.10 15.85 44.98
C GLY EB 146 56.37 15.95 46.30
N VAL EB 147 55.07 15.66 46.25
CA VAL EB 147 54.25 15.68 47.46
C VAL EB 147 54.70 14.57 48.40
N LEU EB 148 54.94 14.92 49.65
CA LEU EB 148 55.47 14.00 50.65
C LEU EB 148 54.49 13.86 51.79
N ASN EB 149 54.46 12.66 52.39
CA ASN EB 149 53.64 12.37 53.56
C ASN EB 149 54.57 12.07 54.72
N ILE EB 150 54.43 12.81 55.81
CA ILE EB 150 55.25 12.62 57.01
C ILE EB 150 54.40 11.78 57.96
N HIS EB 151 54.58 10.47 57.90
CA HIS EB 151 53.82 9.54 58.73
C HIS EB 151 54.45 9.46 60.11
N LEU EB 152 53.72 9.88 61.13
CA LEU EB 152 54.14 9.80 62.52
C LEU EB 152 53.27 8.76 63.21
N ILE EB 153 53.90 7.66 63.65
CA ILE EB 153 53.20 6.54 64.25
C ILE EB 153 53.72 6.35 65.67
N ALA EB 154 52.80 6.29 66.63
CA ALA EB 154 53.16 6.08 68.02
C ALA EB 154 52.02 5.37 68.73
N TYR EB 155 52.36 4.69 69.83
CA TYR EB 155 51.36 3.92 70.58
C TYR EB 155 50.47 4.82 71.44
N ASP EB 156 50.99 5.95 71.91
CA ASP EB 156 50.23 6.85 72.77
C ASP EB 156 49.58 7.94 71.93
N MET EB 157 48.28 8.15 72.15
CA MET EB 157 47.55 9.15 71.37
C MET EB 157 48.10 10.55 71.65
N ALA EB 158 48.32 10.88 72.92
CA ALA EB 158 48.76 12.23 73.27
C ALA EB 158 50.15 12.53 72.70
N LEU EB 159 51.07 11.57 72.81
CA LEU EB 159 52.43 11.80 72.31
C LEU EB 159 52.46 11.91 70.80
N ALA EB 160 51.66 11.08 70.10
CA ALA EB 160 51.66 11.12 68.65
C ALA EB 160 51.12 12.45 68.13
N GLU EB 161 50.04 12.94 68.73
CA GLU EB 161 49.46 14.21 68.29
C GLU EB 161 50.34 15.39 68.66
N SER EB 162 51.01 15.33 69.81
CA SER EB 162 51.84 16.44 70.25
C SER EB 162 53.00 16.69 69.28
N TYR EB 163 53.64 15.62 68.82
CA TYR EB 163 54.71 15.79 67.84
C TYR EB 163 54.16 16.14 66.46
N ALA EB 164 52.94 15.70 66.16
CA ALA EB 164 52.31 16.07 64.89
C ALA EB 164 52.08 17.57 64.81
N GLN EB 165 51.66 18.18 65.92
CA GLN EB 165 51.47 19.63 65.93
C GLN EB 165 52.78 20.36 65.73
N TYR EB 166 53.87 19.85 66.31
CA TYR EB 166 55.17 20.51 66.16
C TYR EB 166 55.62 20.50 64.71
N VAL EB 167 55.42 19.40 64.00
CA VAL EB 167 55.81 19.32 62.59
C VAL EB 167 54.98 20.29 61.77
N HIS EB 168 53.67 20.33 62.01
CA HIS EB 168 52.80 21.23 61.26
C HIS EB 168 53.15 22.68 61.51
N ASN EB 169 53.42 23.05 62.77
CA ASN EB 169 53.78 24.42 63.08
C ASN EB 169 55.17 24.78 62.56
N LEU EB 170 56.09 23.82 62.54
CA LEU EB 170 57.43 24.10 62.03
C LEU EB 170 57.40 24.45 60.54
N CYS EB 171 56.56 23.75 59.77
CA CYS EB 171 56.49 24.02 58.34
C CYS EB 171 55.99 25.44 58.06
N ASN EB 172 55.02 25.91 58.85
CA ASN EB 172 54.50 27.25 58.66
C ASN EB 172 55.57 28.31 58.88
N HIS EB 173 56.41 28.12 59.91
CA HIS EB 173 57.49 29.07 60.16
C HIS EB 173 58.54 29.03 59.06
N LEU EB 174 58.73 27.87 58.42
CA LEU EB 174 59.73 27.71 57.38
C LEU EB 174 59.17 27.93 55.99
N ALA EB 175 57.95 28.49 55.88
CA ALA EB 175 57.31 28.78 54.60
C ALA EB 175 57.16 27.53 53.74
N ILE EB 176 56.84 26.41 54.38
CA ILE EB 176 56.59 25.16 53.69
C ILE EB 176 55.08 24.96 53.62
N LYS EB 177 54.55 24.85 52.40
CA LYS EB 177 53.11 24.71 52.23
C LYS EB 177 52.64 23.36 52.75
N VAL EB 178 51.58 23.38 53.55
CA VAL EB 178 51.01 22.16 54.12
C VAL EB 178 49.64 21.97 53.47
N GLU EB 179 49.51 20.90 52.67
CA GLU EB 179 48.26 20.66 51.97
C GLU EB 179 47.18 20.15 52.92
N GLU EB 180 47.52 19.23 53.81
CA GLU EB 180 46.54 18.69 54.74
C GLU EB 180 47.28 18.11 55.94
N SER EB 181 46.55 17.98 57.05
CA SER EB 181 47.06 17.43 58.30
C SER EB 181 46.12 16.34 58.82
N TYR EB 182 45.72 15.45 57.92
CA TYR EB 182 44.73 14.43 58.25
C TYR EB 182 45.33 13.39 59.21
N ALA EB 183 44.51 12.41 59.56
CA ALA EB 183 44.91 11.35 60.48
C ALA EB 183 44.54 10.00 59.91
N MET EB 184 45.52 9.10 59.85
CA MET EB 184 45.25 7.74 59.41
C MET EB 184 44.39 7.01 60.42
N PRO EB 185 43.47 6.14 59.98
CA PRO EB 185 42.66 5.38 60.93
C PRO EB 185 43.51 4.51 61.86
N THR EB 186 43.10 4.44 63.11
CA THR EB 186 43.86 3.70 64.12
C THR EB 186 43.67 2.20 63.93
N LYS EB 187 44.66 1.44 64.40
CA LYS EB 187 44.65 -0.02 64.33
C LYS EB 187 44.84 -0.58 65.73
N THR EB 188 44.01 -1.55 66.09
CA THR EB 188 44.05 -2.17 67.41
C THR EB 188 44.48 -3.63 67.28
N MET EB 189 45.49 -4.01 68.05
CA MET EB 189 45.99 -5.38 68.06
C MET EB 189 45.81 -5.96 69.46
N GLU EB 190 45.33 -7.19 69.53
CA GLU EB 190 45.12 -7.88 70.80
C GLU EB 190 46.41 -8.62 71.16
N VAL EB 191 47.04 -8.20 72.24
CA VAL EB 191 48.30 -8.80 72.67
C VAL EB 191 47.99 -10.04 73.49
N LEU EB 192 48.39 -11.21 73.00
CA LEU EB 192 48.22 -12.47 73.70
C LEU EB 192 49.57 -13.04 74.04
N GLN EB 193 49.79 -13.35 75.31
CA GLN EB 193 51.02 -13.97 75.77
C GLN EB 193 50.78 -15.44 76.07
N LEU EB 194 51.84 -16.24 75.93
CA LEU EB 194 51.75 -17.67 76.20
C LEU EB 194 51.88 -17.94 77.69
N GLN EB 195 51.03 -18.83 78.19
CA GLN EB 195 51.04 -19.21 79.60
C GLN EB 195 52.14 -20.23 79.85
N GLU EB 196 52.92 -20.02 80.90
CA GLU EB 196 54.00 -20.94 81.22
C GLU EB 196 53.44 -22.27 81.71
N GLN EB 197 54.23 -23.33 81.50
CA GLN EB 197 53.83 -24.69 81.86
C GLN EB 197 52.50 -25.08 81.21
N GLY EB 198 52.35 -24.72 79.95
CA GLY EB 198 51.11 -24.95 79.24
C GLY EB 198 51.22 -24.50 77.81
N SER EB 199 50.10 -24.61 77.10
CA SER EB 199 50.06 -24.29 75.67
C SER EB 199 48.93 -23.32 75.34
N LYS EB 200 47.86 -23.37 76.13
CA LYS EB 200 46.72 -22.49 75.89
C LYS EB 200 47.09 -21.04 76.17
N MET EB 201 46.55 -20.13 75.36
CA MET EB 201 46.88 -18.72 75.46
C MET EB 201 45.96 -18.03 76.49
N PHE EB 202 46.23 -16.75 76.75
CA PHE EB 202 45.37 -15.95 77.61
C PHE EB 202 45.47 -14.50 77.19
N LEU EB 203 44.40 -13.74 77.45
CA LEU EB 203 44.36 -12.34 77.07
C LEU EB 203 45.30 -11.53 77.95
N ASP EB 204 46.38 -11.04 77.36
CA ASP EB 204 47.36 -10.26 78.10
C ASP EB 204 46.94 -8.80 78.23
N ALA EB 205 46.79 -8.13 77.10
CA ALA EB 205 46.46 -6.70 77.10
C ALA EB 205 45.93 -6.32 75.72
N VAL EB 206 45.44 -5.09 75.61
CA VAL EB 206 44.90 -4.54 74.37
C VAL EB 206 45.69 -3.28 74.06
N LEU EB 207 46.57 -3.35 73.05
CA LEU EB 207 47.37 -2.22 72.63
C LEU EB 207 46.90 -1.70 71.27
N THR EB 208 46.90 -0.39 71.11
CA THR EB 208 46.47 0.26 69.88
C THR EB 208 47.61 1.06 69.29
N THR EB 209 47.49 1.36 68.00
CA THR EB 209 48.46 2.18 67.28
C THR EB 209 47.75 3.40 66.72
N HIS EB 210 48.36 4.57 66.91
CA HIS EB 210 47.81 5.84 66.43
C HIS EB 210 48.78 6.45 65.45
N GLU EB 211 48.26 6.85 64.29
CA GLU EB 211 49.07 7.42 63.21
C GLU EB 211 48.57 8.82 62.88
N ARG EB 212 49.49 9.77 62.81
CA ARG EB 212 49.18 11.14 62.40
C ARG EB 212 50.08 11.49 61.22
N VAL EB 213 49.47 12.04 60.17
CA VAL EB 213 50.17 12.35 58.93
C VAL EB 213 50.07 13.83 58.65
N VAL EB 214 51.20 14.47 58.37
CA VAL EB 214 51.27 15.88 58.01
C VAL EB 214 51.75 15.93 56.57
N GLN EB 215 50.82 16.02 55.63
CA GLN EB 215 51.18 16.10 54.22
C GLN EB 215 51.80 17.46 53.92
N ILE EB 216 52.91 17.46 53.19
CA ILE EB 216 53.63 18.68 52.85
C ILE EB 216 53.76 18.80 51.35
N SER EB 217 54.00 20.03 50.89
CA SER EB 217 54.15 20.31 49.48
C SER EB 217 55.62 20.21 49.09
N GLY EB 218 55.95 20.66 47.88
CA GLY EB 218 57.33 20.58 47.42
C GLY EB 218 58.25 21.48 48.21
N LEU EB 219 59.50 21.04 48.33
CA LEU EB 219 60.54 21.79 49.02
C LEU EB 219 61.82 21.75 48.18
N SER EB 220 62.66 22.77 48.36
CA SER EB 220 63.91 22.85 47.62
C SER EB 220 64.83 21.70 48.01
N ALA EB 221 65.62 21.24 47.04
CA ALA EB 221 66.51 20.10 47.27
C ALA EB 221 67.53 20.40 48.36
N THR EB 222 68.00 21.64 48.43
CA THR EB 222 68.92 22.03 49.50
C THR EB 222 68.26 21.91 50.87
N PHE EB 223 67.01 22.32 50.97
CA PHE EB 223 66.29 22.32 52.24
C PHE EB 223 65.90 20.92 52.70
N ALA EB 224 66.00 19.92 51.83
CA ALA EB 224 65.62 18.56 52.21
C ALA EB 224 66.50 18.03 53.34
N GLU EB 225 67.81 18.26 53.24
CA GLU EB 225 68.72 17.82 54.31
C GLU EB 225 68.44 18.56 55.61
N ILE EB 226 68.21 19.88 55.54
CA ILE EB 226 68.05 20.67 56.74
C ILE EB 226 66.72 20.37 57.42
N PHE EB 227 65.63 20.30 56.63
CA PHE EB 227 64.32 20.08 57.21
C PHE EB 227 64.22 18.72 57.88
N LEU EB 228 64.73 17.68 57.23
CA LEU EB 228 64.69 16.34 57.83
C LEU EB 228 65.60 16.22 59.04
N GLU EB 229 66.69 17.01 59.07
CA GLU EB 229 67.60 16.96 60.21
C GLU EB 229 66.90 17.40 61.49
N ILE EB 230 66.07 18.44 61.41
CA ILE EB 230 65.34 18.90 62.58
C ILE EB 230 64.31 17.87 63.04
N ILE EB 231 63.68 17.18 62.09
CA ILE EB 231 62.58 16.28 62.43
C ILE EB 231 63.10 15.07 63.21
N HIS EB 232 64.03 14.33 62.61
CA HIS EB 232 64.50 13.09 63.24
C HIS EB 232 65.25 13.36 64.55
N SER EB 233 65.81 14.55 64.71
CA SER EB 233 66.54 14.87 65.94
C SER EB 233 65.59 15.09 67.10
N ASN EB 234 64.34 15.44 66.83
CA ASN EB 234 63.37 15.79 67.87
C ASN EB 234 62.35 14.70 68.12
N LEU EB 235 62.57 13.49 67.61
CA LEU EB 235 61.66 12.37 67.87
C LEU EB 235 61.65 12.10 69.38
N PRO EB 236 60.54 12.37 70.07
CA PRO EB 236 60.55 12.34 71.54
C PRO EB 236 60.93 10.98 72.14
N GLU EB 237 60.12 9.96 71.88
CA GLU EB 237 60.38 8.64 72.45
C GLU EB 237 59.52 7.61 71.71
N GLY EB 238 60.14 6.80 70.85
CA GLY EB 238 59.43 5.74 70.19
C GLY EB 238 58.52 6.15 69.04
N VAL EB 239 58.53 7.41 68.65
CA VAL EB 239 57.72 7.85 67.51
C VAL EB 239 58.41 7.39 66.23
N LYS EB 240 57.69 6.65 65.39
CA LYS EB 240 58.25 6.06 64.18
C LYS EB 240 58.02 7.02 63.03
N LEU EB 241 59.01 7.88 62.77
CA LEU EB 241 58.95 8.78 61.63
C LEU EB 241 59.04 7.98 60.33
N SER EB 242 58.24 8.39 59.34
CA SER EB 242 58.23 7.73 58.04
C SER EB 242 57.87 8.77 56.99
N VAL EB 243 58.86 9.20 56.21
CA VAL EB 243 58.68 10.18 55.17
C VAL EB 243 58.69 9.44 53.83
N ARG EB 244 57.50 9.15 53.31
CA ARG EB 244 57.35 8.41 52.06
C ARG EB 244 56.60 9.25 51.05
N GLU EB 245 56.71 8.85 49.78
CA GLU EB 245 56.06 9.57 48.70
C GLU EB 245 54.54 9.46 48.81
N HIS EB 246 53.85 10.48 48.29
CA HIS EB 246 52.39 10.52 48.36
C HIS EB 246 51.79 9.87 47.12
N THR EB 247 51.87 8.54 47.09
CA THR EB 247 51.19 7.76 46.07
C THR EB 247 49.74 7.51 46.47
N GLU EB 248 48.92 7.18 45.48
CA GLU EB 248 47.51 6.91 45.76
C GLU EB 248 47.34 5.68 46.65
N GLU EB 249 48.27 4.73 46.58
CA GLU EB 249 48.17 3.54 47.41
C GLU EB 249 48.31 3.90 48.89
N ASP EB 250 49.26 4.77 49.22
CA ASP EB 250 49.41 5.21 50.60
C ASP EB 250 48.20 6.02 51.08
N PHE EB 251 47.46 6.62 50.16
CA PHE EB 251 46.28 7.40 50.50
C PHE EB 251 45.00 6.56 50.50
N LYS EB 252 45.07 5.31 50.05
CA LYS EB 252 43.88 4.47 50.02
C LYS EB 252 43.46 3.98 51.40
N GLY EB 253 44.40 3.87 52.34
CA GLY EB 253 44.09 3.35 53.65
C GLY EB 253 43.11 4.21 54.43
N ARG EB 254 43.02 5.50 54.10
CA ARG EB 254 42.08 6.39 54.76
C ARG EB 254 40.63 6.04 54.47
N PHE EB 255 40.35 5.51 53.28
CA PHE EB 255 38.98 5.24 52.87
C PHE EB 255 38.50 3.92 53.47
N LYS EB 256 37.28 3.54 53.13
CA LYS EB 256 36.67 2.32 53.64
C LYS EB 256 36.94 1.16 52.70
N ALA EB 257 36.40 0.00 53.04
CA ALA EB 257 36.45 -1.18 52.18
C ALA EB 257 35.12 -1.34 51.45
N ARG EB 258 35.19 -1.85 50.23
CA ARG EB 258 34.02 -1.98 49.36
C ARG EB 258 33.90 -3.44 48.92
N PRO EB 259 33.27 -4.29 49.76
CA PRO EB 259 33.03 -5.68 49.34
C PRO EB 259 32.11 -5.78 48.14
N GLU EB 260 31.25 -4.79 47.89
CA GLU EB 260 30.37 -4.84 46.74
C GLU EB 260 31.17 -4.86 45.43
N LEU EB 261 32.23 -4.05 45.36
CA LEU EB 261 33.12 -4.12 44.21
C LEU EB 261 33.91 -5.42 44.19
N GLU EB 262 34.38 -5.87 45.35
CA GLU EB 262 35.16 -7.10 45.41
C GLU EB 262 34.34 -8.31 44.98
N GLU EB 263 33.03 -8.29 45.23
CA GLU EB 263 32.18 -9.34 44.68
C GLU EB 263 32.17 -9.30 43.16
N LEU EB 264 32.10 -8.09 42.59
CA LEU EB 264 32.15 -7.97 41.13
C LEU EB 264 33.56 -8.19 40.60
N LEU EB 265 34.56 -7.65 41.29
CA LEU EB 265 35.94 -7.77 40.81
C LEU EB 265 36.39 -9.23 40.77
N ALA EB 266 36.00 -10.02 41.77
CA ALA EB 266 36.36 -11.44 41.78
C ALA EB 266 35.74 -12.17 40.59
N LYS EB 267 34.48 -11.87 40.28
CA LYS EB 267 33.82 -12.53 39.15
C LYS EB 267 34.33 -11.99 37.82
N LEU EB 268 34.80 -10.73 37.79
CA LEU EB 268 35.40 -10.20 36.58
C LEU EB 268 36.66 -10.96 36.21
N ASN EB 269 37.48 -11.29 37.19
CA ASN EB 269 38.74 -12.00 36.96
C ASN EB 269 38.48 -13.45 36.56
N GLU FB 34 -71.98 72.11 48.81
CA GLU FB 34 -71.90 72.45 50.23
C GLU FB 34 -70.77 73.45 50.48
N TYR FB 35 -70.88 74.63 49.87
CA TYR FB 35 -69.86 75.65 50.01
C TYR FB 35 -69.83 76.18 51.44
N PRO FB 36 -68.67 76.22 52.09
CA PRO FB 36 -68.60 76.84 53.42
C PRO FB 36 -68.65 78.36 53.34
N SER FB 37 -68.76 79.01 54.48
CA SER FB 37 -68.85 80.47 54.55
C SER FB 37 -67.48 81.08 54.82
N PHE FB 38 -67.34 82.34 54.44
CA PHE FB 38 -66.08 83.06 54.57
C PHE FB 38 -66.35 84.46 55.09
N VAL FB 39 -65.33 85.06 55.69
CA VAL FB 39 -65.39 86.41 56.23
C VAL FB 39 -64.33 87.26 55.54
N GLU FB 40 -64.73 88.43 55.04
CA GLU FB 40 -63.85 89.33 54.33
C GLU FB 40 -63.37 90.44 55.26
N SER FB 41 -62.07 90.71 55.23
CA SER FB 41 -61.47 91.78 56.01
C SER FB 41 -60.50 92.56 55.15
N VAL FB 42 -60.25 93.80 55.55
CA VAL FB 42 -59.35 94.68 54.79
C VAL FB 42 -58.25 95.20 55.72
N ASP FB 43 -58.40 94.94 57.01
CA ASP FB 43 -57.43 95.41 58.01
C ASP FB 43 -56.24 94.48 58.17
N GLU FB 44 -56.23 93.34 57.48
CA GLU FB 44 -55.12 92.40 57.54
C GLU FB 44 -54.28 92.39 56.27
N TYR FB 45 -54.45 93.38 55.41
CA TYR FB 45 -53.73 93.43 54.14
C TYR FB 45 -52.43 94.22 54.23
N HIS FB 46 -52.13 94.82 55.38
CA HIS FB 46 -50.87 95.55 55.52
C HIS FB 46 -49.68 94.63 55.66
N PHE FB 47 -49.88 93.37 56.08
CA PHE FB 47 -48.78 92.42 56.08
C PHE FB 47 -48.38 92.04 54.66
N VAL FB 48 -49.36 91.86 53.77
CA VAL FB 48 -49.07 91.42 52.41
C VAL FB 48 -48.27 92.47 51.66
N GLU FB 49 -48.54 93.75 51.92
CA GLU FB 49 -47.80 94.83 51.24
C GLU FB 49 -46.31 94.80 51.56
N ARG FB 50 -45.92 94.16 52.66
CA ARG FB 50 -44.52 94.06 53.07
C ARG FB 50 -43.79 92.94 52.36
N LEU FB 51 -44.49 92.12 51.58
CA LEU FB 51 -43.90 90.98 50.87
C LEU FB 51 -43.63 91.28 49.41
N LEU FB 52 -43.77 92.53 48.98
CA LEU FB 52 -43.59 92.90 47.58
C LEU FB 52 -42.18 93.42 47.36
N PRO FB 53 -41.37 92.75 46.54
CA PRO FB 53 -40.02 93.26 46.29
C PRO FB 53 -40.06 94.56 45.52
N PRO FB 54 -39.10 95.46 45.77
CA PRO FB 54 -39.03 96.69 44.97
C PRO FB 54 -38.39 96.45 43.63
N ALA FB 55 -38.90 97.14 42.61
CA ALA FB 55 -38.37 97.04 41.27
C ALA FB 55 -37.29 98.07 40.98
N SER FB 56 -36.99 98.94 41.93
CA SER FB 56 -35.94 99.95 41.78
C SER FB 56 -34.98 99.88 42.95
N ILE FB 57 -33.74 100.27 42.71
CA ILE FB 57 -32.69 100.22 43.72
C ILE FB 57 -32.80 101.43 44.63
N PRO FB 58 -32.97 101.23 45.94
CA PRO FB 58 -33.05 102.38 46.85
C PRO FB 58 -31.73 103.11 46.97
N ARG FB 59 -31.81 104.42 47.17
CA ARG FB 59 -30.62 105.21 47.39
C ARG FB 59 -29.99 104.85 48.74
N PRO FB 60 -28.67 104.94 48.86
CA PRO FB 60 -28.01 104.60 50.11
C PRO FB 60 -28.42 105.56 51.22
N PRO FB 61 -28.80 105.04 52.38
CA PRO FB 61 -29.19 105.92 53.49
C PRO FB 61 -28.04 106.77 53.97
N LYS FB 62 -28.37 107.97 54.44
CA LYS FB 62 -27.36 108.88 54.97
C LYS FB 62 -26.83 108.36 56.30
N HIS FB 63 -25.50 108.34 56.44
CA HIS FB 63 -24.84 107.91 57.66
C HIS FB 63 -24.12 109.08 58.31
N GLU FB 64 -24.08 109.08 59.64
CA GLU FB 64 -23.44 110.16 60.36
C GLU FB 64 -21.93 110.11 60.26
N HIS FB 65 -21.36 108.91 60.06
CA HIS FB 65 -19.92 108.74 59.99
C HIS FB 65 -19.56 107.94 58.75
N TYR FB 66 -18.45 108.32 58.12
CA TYR FB 66 -17.94 107.65 56.93
C TYR FB 66 -16.46 107.36 57.12
N PRO FB 67 -15.96 106.25 56.55
CA PRO FB 67 -16.66 105.25 55.73
C PRO FB 67 -17.53 104.30 56.57
N THR FB 68 -18.49 103.65 55.91
CA THR FB 68 -19.39 102.73 56.59
C THR FB 68 -18.63 101.48 57.04
N PRO FB 69 -19.19 100.73 57.99
CA PRO FB 69 -18.49 99.51 58.45
C PRO FB 69 -18.18 98.52 57.35
N SER FB 70 -18.99 98.47 56.29
CA SER FB 70 -18.73 97.56 55.19
C SER FB 70 -17.72 98.11 54.19
N GLY FB 71 -17.16 99.29 54.44
CA GLY FB 71 -16.19 99.90 53.56
C GLY FB 71 -16.76 100.80 52.48
N TRP FB 72 -18.08 100.87 52.35
CA TRP FB 72 -18.69 101.71 51.33
C TRP FB 72 -18.53 103.18 51.69
N GLN FB 73 -18.09 103.98 50.72
CA GLN FB 73 -17.83 105.40 50.94
C GLN FB 73 -18.53 106.20 49.85
N PRO FB 74 -19.44 107.12 50.21
CA PRO FB 74 -20.21 107.81 49.18
C PRO FB 74 -19.33 108.76 48.37
N PRO FB 75 -19.71 109.07 47.14
CA PRO FB 75 -18.92 110.00 46.33
C PRO FB 75 -18.94 111.40 46.91
N ARG FB 76 -17.89 112.15 46.59
CA ARG FB 76 -17.80 113.54 47.03
C ARG FB 76 -18.91 114.37 46.40
N ASP FB 77 -19.43 115.32 47.19
CA ASP FB 77 -20.55 116.13 46.72
C ASP FB 77 -20.23 116.94 45.48
N PRO FB 78 -19.12 117.68 45.40
CA PRO FB 78 -18.79 118.36 44.15
C PRO FB 78 -18.10 117.43 43.17
N ALA FB 79 -18.39 117.64 41.89
CA ALA FB 79 -17.73 116.86 40.86
C ALA FB 79 -16.25 117.24 40.79
N PRO FB 80 -15.33 116.28 40.84
CA PRO FB 80 -13.91 116.62 40.81
C PRO FB 80 -13.54 117.35 39.53
N SER FB 81 -12.62 118.30 39.66
CA SER FB 81 -12.21 119.14 38.54
C SER FB 81 -11.17 118.40 37.71
N LEU FB 82 -11.64 117.38 37.01
CA LEU FB 82 -10.82 116.52 36.16
C LEU FB 82 -11.52 116.32 34.83
N PRO FB 83 -10.75 116.13 33.74
CA PRO FB 83 -11.38 115.93 32.43
C PRO FB 83 -12.26 114.69 32.37
N TYR FB 84 -11.69 113.53 32.70
CA TYR FB 84 -12.44 112.29 32.68
C TYR FB 84 -13.30 112.16 33.93
N PHE FB 85 -14.30 111.28 33.84
CA PHE FB 85 -15.19 111.01 34.96
C PHE FB 85 -15.58 109.54 34.93
N VAL FB 86 -15.74 108.95 36.12
CA VAL FB 86 -16.06 107.54 36.26
C VAL FB 86 -17.40 107.44 36.97
N ARG FB 87 -18.42 106.97 36.26
CA ARG FB 87 -19.74 106.80 36.85
C ARG FB 87 -19.75 105.63 37.84
N ARG FB 88 -20.56 105.77 38.88
CA ARG FB 88 -20.77 104.67 39.81
C ARG FB 88 -21.68 103.62 39.18
N SER FB 89 -21.62 102.42 39.73
CA SER FB 89 -22.51 101.34 39.30
C SER FB 89 -23.92 101.60 39.80
N ARG FB 90 -24.87 100.84 39.25
CA ARG FB 90 -26.24 100.92 39.74
C ARG FB 90 -26.36 100.44 41.17
N MET FB 91 -25.38 99.69 41.66
CA MET FB 91 -25.32 99.27 43.05
C MET FB 91 -24.45 100.19 43.90
N HIS FB 92 -23.98 101.30 43.32
CA HIS FB 92 -23.17 102.29 44.02
C HIS FB 92 -21.85 101.69 44.51
N ASN FB 93 -21.09 101.18 43.55
CA ASN FB 93 -19.74 100.67 43.80
C ASN FB 93 -18.83 101.12 42.67
N ILE FB 94 -17.53 101.15 42.96
CA ILE FB 94 -16.55 101.55 41.95
C ILE FB 94 -16.52 100.50 40.85
N PRO FB 95 -16.64 100.89 39.58
CA PRO FB 95 -16.66 99.90 38.48
C PRO FB 95 -15.26 99.44 38.07
N VAL FB 96 -14.64 98.64 38.93
CA VAL FB 96 -13.36 98.00 38.64
C VAL FB 96 -13.56 96.50 38.83
N TYR FB 97 -13.25 95.72 37.80
CA TYR FB 97 -13.53 94.29 37.80
C TYR FB 97 -12.33 93.53 37.28
N ARG FB 98 -12.22 92.27 37.70
CA ARG FB 98 -11.22 91.37 37.18
C ARG FB 98 -11.79 90.59 36.00
N ASP FB 99 -10.88 90.08 35.16
CA ASP FB 99 -11.28 89.29 34.01
C ASP FB 99 -10.13 88.37 33.64
N ILE FB 100 -10.41 87.09 33.48
CA ILE FB 100 -9.40 86.08 33.20
C ILE FB 100 -9.75 85.40 31.88
N THR FB 101 -8.74 85.23 31.03
CA THR FB 101 -8.89 84.58 29.74
C THR FB 101 -7.79 83.54 29.58
N HIS FB 102 -8.14 82.43 28.90
CA HIS FB 102 -7.22 81.33 28.65
C HIS FB 102 -6.77 80.65 29.93
N GLY FB 103 -7.30 81.08 31.08
CA GLY FB 103 -6.91 80.54 32.35
C GLY FB 103 -5.61 81.06 32.90
N ASN FB 104 -4.86 81.87 32.14
CA ASN FB 104 -3.60 82.41 32.62
C ASN FB 104 -3.42 83.89 32.32
N ARG FB 105 -4.35 84.54 31.64
CA ARG FB 105 -4.28 85.96 31.33
C ARG FB 105 -5.16 86.71 32.33
N GLN FB 106 -4.55 87.59 33.13
CA GLN FB 106 -5.24 88.32 34.17
C GLN FB 106 -5.30 89.79 33.78
N MET FB 107 -6.51 90.34 33.74
CA MET FB 107 -6.72 91.70 33.29
C MET FB 107 -7.63 92.44 34.26
N THR FB 108 -7.44 93.76 34.35
CA THR FB 108 -8.27 94.63 35.16
C THR FB 108 -9.01 95.58 34.24
N VAL FB 109 -10.31 95.70 34.44
CA VAL FB 109 -11.20 96.45 33.56
C VAL FB 109 -11.84 97.59 34.33
N ILE FB 110 -11.72 98.80 33.80
CA ILE FB 110 -12.37 99.98 34.35
C ILE FB 110 -13.46 100.40 33.37
N ARG FB 111 -14.71 100.38 33.83
CA ARG FB 111 -15.86 100.62 32.97
C ARG FB 111 -16.52 101.95 33.31
N LYS FB 112 -17.42 102.37 32.42
CA LYS FB 112 -18.26 103.55 32.60
C LYS FB 112 -17.40 104.81 32.83
N VAL FB 113 -16.60 105.13 31.82
CA VAL FB 113 -15.72 106.29 31.85
C VAL FB 113 -16.15 107.26 30.76
N GLU FB 114 -16.38 108.52 31.13
CA GLU FB 114 -16.78 109.56 30.20
C GLU FB 114 -15.72 110.65 30.17
N GLY FB 115 -15.53 111.25 29.01
CA GLY FB 115 -14.59 112.35 28.89
C GLY FB 115 -13.34 111.98 28.11
N ASP FB 116 -12.20 112.54 28.51
CA ASP FB 116 -10.92 112.26 27.85
C ASP FB 116 -10.31 111.02 28.50
N ILE FB 117 -10.49 109.86 27.86
CA ILE FB 117 -9.98 108.61 28.42
C ILE FB 117 -8.45 108.62 28.45
N TRP FB 118 -7.82 109.25 27.46
CA TRP FB 118 -6.35 109.28 27.42
C TRP FB 118 -5.77 109.95 28.66
N ALA FB 119 -6.49 110.89 29.25
CA ALA FB 119 -6.06 111.44 30.53
C ALA FB 119 -6.07 110.38 31.62
N LEU FB 120 -7.10 109.53 31.63
CA LEU FB 120 -7.16 108.46 32.62
C LEU FB 120 -6.03 107.46 32.43
N GLN FB 121 -5.70 107.14 31.17
CA GLN FB 121 -4.64 106.18 30.92
C GLN FB 121 -3.29 106.70 31.43
N LYS FB 122 -2.98 107.97 31.18
CA LYS FB 122 -1.73 108.53 31.65
C LYS FB 122 -1.68 108.57 33.17
N ASP FB 123 -2.79 108.91 33.82
CA ASP FB 123 -2.83 108.92 35.27
C ASP FB 123 -2.66 107.51 35.85
N VAL FB 124 -3.17 106.49 35.17
CA VAL FB 124 -2.97 105.12 35.64
C VAL FB 124 -1.52 104.70 35.44
N GLU FB 125 -0.92 105.08 34.31
CA GLU FB 125 0.43 104.61 33.99
C GLU FB 125 1.44 105.07 35.03
N ASP FB 126 1.41 106.35 35.40
CA ASP FB 126 2.37 106.84 36.38
C ASP FB 126 1.96 106.53 37.82
N PHE FB 127 0.71 106.12 38.05
CA PHE FB 127 0.32 105.67 39.38
C PHE FB 127 0.88 104.28 39.68
N LEU FB 128 0.84 103.39 38.71
CA LEU FB 128 1.34 102.03 38.88
C LEU FB 128 2.81 101.88 38.53
N SER FB 129 3.44 102.90 37.97
CA SER FB 129 4.86 102.80 37.62
C SER FB 129 5.75 102.55 38.83
N PRO FB 130 5.65 103.30 39.94
CA PRO FB 130 6.52 102.99 41.08
C PRO FB 130 6.29 101.60 41.68
N LEU FB 131 5.05 101.09 41.60
CA LEU FB 131 4.76 99.79 42.18
C LEU FB 131 5.41 98.66 41.38
N LEU FB 132 5.42 98.78 40.05
CA LEU FB 132 5.95 97.73 39.19
C LEU FB 132 7.35 98.03 38.67
N GLY FB 133 7.75 99.30 38.61
CA GLY FB 133 9.01 99.67 38.00
C GLY FB 133 8.95 99.85 36.49
N LYS FB 134 7.79 99.63 35.88
CA LYS FB 134 7.64 99.81 34.44
C LYS FB 134 6.21 100.23 34.16
N THR FB 135 6.01 100.84 33.00
CA THR FB 135 4.67 101.26 32.60
C THR FB 135 3.83 100.04 32.26
N PRO FB 136 2.70 99.82 32.92
CA PRO FB 136 1.88 98.66 32.60
C PRO FB 136 1.27 98.77 31.20
N VAL FB 137 1.05 97.60 30.60
CA VAL FB 137 0.46 97.55 29.27
C VAL FB 137 -1.04 97.78 29.39
N THR FB 138 -1.55 98.74 28.62
CA THR FB 138 -2.94 99.15 28.73
C THR FB 138 -3.59 99.21 27.36
N GLN FB 139 -4.91 99.05 27.34
CA GLN FB 139 -5.71 99.16 26.13
C GLN FB 139 -6.80 100.22 26.34
N VAL FB 140 -6.94 101.12 25.38
CA VAL FB 140 -7.92 102.20 25.44
C VAL FB 140 -9.01 101.90 24.43
N ASN FB 141 -10.25 101.87 24.89
CA ASN FB 141 -11.42 101.57 24.06
C ASN FB 141 -12.36 102.78 24.12
N GLU FB 142 -12.12 103.74 23.23
CA GLU FB 142 -12.92 104.96 23.24
C GLU FB 142 -14.36 104.72 22.82
N VAL FB 143 -14.58 103.76 21.90
CA VAL FB 143 -15.93 103.49 21.42
C VAL FB 143 -16.82 102.96 22.54
N THR FB 144 -16.23 102.41 23.59
CA THR FB 144 -16.96 101.91 24.75
C THR FB 144 -16.73 102.72 26.01
N GLY FB 145 -15.52 103.24 26.20
CA GLY FB 145 -15.20 103.96 27.41
C GLY FB 145 -14.70 103.03 28.49
N THR FB 146 -13.76 102.16 28.14
CA THR FB 146 -13.24 101.15 29.05
C THR FB 146 -11.73 101.10 28.93
N LEU FB 147 -11.04 101.13 30.08
CA LEU FB 147 -9.60 101.00 30.14
C LEU FB 147 -9.26 99.61 30.68
N ARG FB 148 -8.39 98.90 29.96
CA ARG FB 148 -8.00 97.54 30.31
C ARG FB 148 -6.53 97.50 30.68
N VAL FB 149 -6.22 96.99 31.87
CA VAL FB 149 -4.87 96.93 32.40
C VAL FB 149 -4.50 95.48 32.63
N LYS FB 150 -3.32 95.09 32.14
CA LYS FB 150 -2.84 93.71 32.26
C LYS FB 150 -2.33 93.48 33.68
N GLY FB 151 -3.01 92.60 34.41
CA GLY FB 151 -2.66 92.30 35.78
C GLY FB 151 -3.83 92.51 36.73
N TYR FB 152 -3.65 91.99 37.94
CA TYR FB 152 -4.67 92.08 38.99
C TYR FB 152 -4.32 93.28 39.88
N PHE FB 153 -4.92 94.43 39.56
CA PHE FB 153 -4.74 95.65 40.33
C PHE FB 153 -6.07 96.22 40.79
N ASP FB 154 -7.09 95.36 40.94
CA ASP FB 154 -8.43 95.85 41.25
C ASP FB 154 -8.48 96.54 42.61
N GLN FB 155 -7.87 95.94 43.63
CA GLN FB 155 -7.91 96.54 44.96
C GLN FB 155 -7.16 97.86 45.01
N GLN FB 156 -6.02 97.93 44.33
CA GLN FB 156 -5.24 99.16 44.33
C GLN FB 156 -5.95 100.28 43.57
N LEU FB 157 -6.61 99.94 42.45
CA LEU FB 157 -7.29 100.96 41.67
C LEU FB 157 -8.52 101.49 42.39
N LYS FB 158 -9.26 100.61 43.08
CA LYS FB 158 -10.47 101.05 43.78
C LYS FB 158 -10.13 102.07 44.87
N ALA FB 159 -9.06 101.84 45.61
CA ALA FB 159 -8.62 102.82 46.60
C ALA FB 159 -8.17 104.11 45.93
N TRP FB 160 -7.48 104.01 44.79
CA TRP FB 160 -6.99 105.20 44.10
C TRP FB 160 -8.14 106.05 43.58
N LEU FB 161 -9.17 105.42 43.00
CA LEU FB 161 -10.31 106.17 42.50
C LEU FB 161 -11.15 106.74 43.64
N LEU FB 162 -11.23 106.01 44.76
CA LEU FB 162 -12.03 106.49 45.89
C LEU FB 162 -11.44 107.76 46.48
N GLU FB 163 -10.11 107.85 46.55
CA GLU FB 163 -9.47 109.07 47.03
C GLU FB 163 -9.75 110.24 46.12
N LYS FB 164 -9.75 110.02 44.81
CA LYS FB 164 -10.03 111.08 43.85
C LYS FB 164 -11.49 111.46 43.79
N GLY FB 165 -12.37 110.70 44.44
CA GLY FB 165 -13.78 111.04 44.47
C GLY FB 165 -14.52 110.75 43.19
N PHE FB 166 -14.61 109.48 42.82
CA PHE FB 166 -15.40 109.06 41.66
C PHE FB 166 -16.43 108.01 42.06
N LEU GB 90 -54.07 129.75 3.76
CA LEU GB 90 -52.76 129.17 4.06
C LEU GB 90 -51.79 129.42 2.92
N VAL GB 91 -51.28 130.64 2.82
CA VAL GB 91 -50.33 130.98 1.78
C VAL GB 91 -48.98 130.36 2.09
N CYS GB 92 -48.41 129.66 1.12
CA CYS GB 92 -47.11 129.02 1.30
C CYS GB 92 -46.00 130.06 1.19
N PRO GB 93 -45.20 130.28 2.23
CA PRO GB 93 -44.11 131.25 2.13
C PRO GB 93 -43.03 130.73 1.19
N PRO GB 94 -42.24 131.63 0.59
CA PRO GB 94 -41.13 131.18 -0.24
C PRO GB 94 -40.09 130.44 0.59
N ILE GB 95 -39.41 129.49 -0.06
CA ILE GB 95 -38.43 128.67 0.65
C ILE GB 95 -37.28 129.53 1.11
N GLN GB 96 -36.90 129.39 2.38
CA GLN GB 96 -35.79 130.14 2.93
C GLN GB 96 -34.46 129.60 2.40
N SER GB 97 -33.41 130.37 2.60
CA SER GB 97 -32.06 130.01 2.20
C SER GB 97 -31.17 129.92 3.44
N ARG GB 98 -30.47 128.80 3.58
CA ARG GB 98 -29.59 128.61 4.72
C ARG GB 98 -28.22 129.23 4.47
N THR GB 99 -28.19 130.50 4.09
CA THR GB 99 -26.96 131.23 3.83
C THR GB 99 -26.92 132.45 4.73
N TYR GB 100 -25.87 132.56 5.55
CA TYR GB 100 -25.72 133.65 6.51
C TYR GB 100 -24.35 134.27 6.37
N ILE GB 101 -24.31 135.60 6.32
CA ILE GB 101 -23.07 136.37 6.24
C ILE GB 101 -23.05 137.34 7.42
N PRO GB 102 -22.01 137.33 8.25
CA PRO GB 102 -21.98 138.21 9.41
C PRO GB 102 -21.87 139.68 9.00
N PRO GB 103 -22.73 140.53 9.52
CA PRO GB 103 -22.70 141.95 9.16
C PRO GB 103 -21.63 142.71 9.95
N GLU GB 104 -21.40 143.95 9.54
CA GLU GB 104 -20.45 144.81 10.23
C GLU GB 104 -21.00 145.34 11.55
N ASP GB 105 -22.32 145.46 11.68
CA ASP GB 105 -22.95 145.97 12.89
C ASP GB 105 -23.39 144.85 13.83
N LEU GB 106 -22.69 143.71 13.80
CA LEU GB 106 -23.04 142.60 14.67
C LEU GB 106 -22.82 142.97 16.14
N GLN GB 107 -21.74 143.70 16.43
CA GLN GB 107 -21.49 144.12 17.81
C GLN GB 107 -22.60 145.03 18.32
N SER GB 108 -23.05 145.97 17.49
CA SER GB 108 -24.09 146.90 17.92
C SER GB 108 -25.43 146.20 18.08
N ARG GB 109 -25.77 145.31 17.15
CA ARG GB 109 -27.06 144.61 17.23
C ARG GB 109 -27.12 143.73 18.47
N LEU GB 110 -26.04 143.01 18.77
CA LEU GB 110 -26.06 142.10 19.91
C LEU GB 110 -26.17 142.86 21.23
N GLU GB 111 -25.41 143.94 21.39
CA GLU GB 111 -25.47 144.69 22.64
C GLU GB 111 -26.82 145.39 22.80
N SER GB 112 -27.40 145.86 21.69
CA SER GB 112 -28.72 146.48 21.76
C SER GB 112 -29.78 145.46 22.18
N HIS GB 113 -29.72 144.26 21.63
CA HIS GB 113 -30.68 143.22 22.01
C HIS GB 113 -30.51 142.80 23.46
N VAL GB 114 -29.27 142.73 23.95
CA VAL GB 114 -29.03 142.32 25.33
C VAL GB 114 -29.66 143.33 26.29
N LYS GB 115 -29.49 144.62 26.02
CA LYS GB 115 -29.98 145.64 26.94
C LYS GB 115 -31.49 145.59 27.08
N GLU GB 116 -32.20 145.33 25.98
CA GLU GB 116 -33.66 145.39 26.00
C GLU GB 116 -34.30 144.11 26.52
N VAL GB 117 -33.56 143.02 26.69
CA VAL GB 117 -34.11 141.78 27.23
C VAL GB 117 -33.37 141.29 28.46
N PHE GB 118 -32.18 141.82 28.77
CA PHE GB 118 -31.49 141.48 30.00
C PHE GB 118 -31.53 142.66 30.98
N GLY GB 119 -30.73 143.69 30.75
CA GLY GB 119 -30.60 144.76 31.74
C GLY GB 119 -30.16 144.26 33.10
N SER GB 120 -29.15 143.39 33.14
CA SER GB 120 -28.75 142.72 34.37
C SER GB 120 -27.35 143.10 34.83
N SER GB 121 -26.36 143.09 33.94
CA SER GB 121 -24.96 143.14 34.32
C SER GB 121 -24.29 144.36 33.70
N VAL GB 122 -22.96 144.41 33.84
CA VAL GB 122 -22.16 145.58 33.45
C VAL GB 122 -22.24 145.78 31.94
N PRO GB 123 -22.48 147.01 31.47
CA PRO GB 123 -22.53 147.24 30.02
C PRO GB 123 -21.25 146.90 29.29
N SER GB 124 -20.09 147.13 29.91
CA SER GB 124 -18.82 146.84 29.24
C SER GB 124 -18.59 145.34 29.11
N ASN GB 125 -18.81 144.60 30.20
CA ASN GB 125 -18.63 143.14 30.20
C ASN GB 125 -19.94 142.41 29.92
N TRP GB 126 -20.61 142.79 28.83
CA TRP GB 126 -21.87 142.16 28.45
C TRP GB 126 -21.66 140.80 27.81
N GLN GB 127 -20.43 140.43 27.47
CA GLN GB 127 -20.14 139.15 26.85
C GLN GB 127 -19.96 138.02 27.87
N ASP GB 128 -20.01 138.33 29.16
CA ASP GB 128 -19.89 137.33 30.20
C ASP GB 128 -21.22 137.04 30.89
N ILE GB 129 -22.33 137.54 30.35
CA ILE GB 129 -23.63 137.30 30.95
C ILE GB 129 -24.08 135.87 30.67
N SER GB 130 -24.60 135.21 31.70
CA SER GB 130 -25.00 133.81 31.59
C SER GB 130 -26.34 133.68 30.90
N LEU GB 131 -26.57 132.50 30.32
CA LEU GB 131 -27.80 132.16 29.63
C LEU GB 131 -28.47 130.93 30.23
N GLU GB 132 -28.26 130.71 31.54
CA GLU GB 132 -28.74 129.47 32.17
C GLU GB 132 -30.26 129.40 32.18
N ASP GB 133 -30.94 130.51 32.43
CA ASP GB 133 -32.39 130.50 32.54
C ASP GB 133 -33.03 130.09 31.23
N VAL GB 134 -34.00 129.17 31.30
CA VAL GB 134 -34.64 128.66 30.10
C VAL GB 134 -35.45 129.75 29.41
N HIS GB 135 -36.24 130.49 30.18
CA HIS GB 135 -37.04 131.55 29.60
C HIS GB 135 -36.17 132.68 29.08
N LEU GB 136 -35.13 133.05 29.82
CA LEU GB 136 -34.26 134.14 29.41
C LEU GB 136 -33.51 133.80 28.13
N LYS GB 137 -33.04 132.56 27.99
CA LYS GB 137 -32.36 132.15 26.76
C LYS GB 137 -33.30 132.21 25.58
N PHE GB 138 -34.54 131.76 25.74
CA PHE GB 138 -35.50 131.82 24.65
C PHE GB 138 -35.81 133.26 24.27
N SER GB 139 -35.91 134.15 25.26
CA SER GB 139 -36.16 135.55 24.98
C SER GB 139 -35.01 136.21 24.22
N PHE GB 140 -33.79 135.73 24.44
CA PHE GB 140 -32.63 136.33 23.80
C PHE GB 140 -32.33 135.74 22.43
N LEU GB 141 -32.49 134.43 22.27
CA LEU GB 141 -32.19 133.79 21.00
C LEU GB 141 -33.27 134.05 19.95
N ALA GB 142 -34.53 134.10 20.37
CA ALA GB 142 -35.62 134.34 19.42
C ALA GB 142 -35.49 135.71 18.75
N ARG GB 143 -35.08 136.72 19.52
CA ARG GB 143 -34.87 138.04 18.94
C ARG GB 143 -33.76 138.02 17.89
N LEU GB 144 -32.66 137.32 18.19
CA LEU GB 144 -31.58 137.19 17.23
C LEU GB 144 -32.03 136.42 15.99
N ALA GB 145 -32.86 135.39 16.19
CA ALA GB 145 -33.32 134.58 15.06
C ALA GB 145 -34.15 135.41 14.09
N ASN GB 146 -35.04 136.25 14.60
CA ASN GB 146 -35.90 137.07 13.76
C ASN GB 146 -35.23 138.34 13.27
N ASP GB 147 -34.02 138.65 13.75
CA ASP GB 147 -33.29 139.82 13.31
C ASP GB 147 -32.19 139.49 12.31
N LEU GB 148 -31.40 138.46 12.57
CA LEU GB 148 -30.32 138.05 11.67
C LEU GB 148 -30.72 136.96 10.71
N ARG GB 149 -31.94 136.40 10.84
CA ARG GB 149 -32.43 135.33 9.97
C ARG GB 149 -31.47 134.14 9.95
N HIS GB 150 -31.00 133.76 11.14
CA HIS GB 150 -30.12 132.61 11.29
C HIS GB 150 -30.30 132.06 12.69
N ALA GB 151 -30.92 130.89 12.80
CA ALA GB 151 -31.28 130.32 14.08
C ALA GB 151 -30.28 129.25 14.49
N VAL GB 152 -29.94 129.25 15.77
CA VAL GB 152 -29.04 128.22 16.32
C VAL GB 152 -29.74 126.86 16.24
N PRO GB 153 -29.11 125.82 15.72
CA PRO GB 153 -29.76 124.52 15.61
C PRO GB 153 -29.94 123.87 16.97
N ASN GB 154 -30.65 122.73 16.97
CA ASN GB 154 -30.93 122.03 18.21
C ASN GB 154 -29.67 121.50 18.86
N SER GB 155 -28.73 121.01 18.05
CA SER GB 155 -27.54 120.36 18.60
C SER GB 155 -26.67 121.34 19.39
N ARG GB 156 -26.54 122.58 18.90
CA ARG GB 156 -25.62 123.53 19.48
C ARG GB 156 -26.22 124.36 20.61
N LEU GB 157 -27.47 124.09 20.98
CA LEU GB 157 -28.10 124.87 22.05
C LEU GB 157 -27.42 124.64 23.40
N HIS GB 158 -27.01 123.40 23.69
CA HIS GB 158 -26.36 123.12 24.96
C HIS GB 158 -24.98 123.74 25.06
N GLN GB 159 -24.43 124.24 23.96
CA GLN GB 159 -23.15 124.93 23.97
C GLN GB 159 -23.29 126.43 24.17
N MET GB 160 -24.39 127.02 23.70
CA MET GB 160 -24.63 128.45 23.81
C MET GB 160 -25.13 128.76 25.21
N CYS GB 161 -24.18 128.87 26.14
CA CYS GB 161 -24.51 129.18 27.53
C CYS GB 161 -24.04 130.56 27.96
N ARG GB 162 -23.19 131.23 27.18
CA ARG GB 162 -22.73 132.57 27.47
C ARG GB 162 -22.94 133.47 26.26
N VAL GB 163 -22.88 134.78 26.50
CA VAL GB 163 -23.06 135.74 25.42
C VAL GB 163 -21.90 135.63 24.42
N ARG GB 164 -20.70 135.36 24.92
CA ARG GB 164 -19.57 135.17 24.00
C ARG GB 164 -19.78 133.96 23.09
N ASP GB 165 -20.46 132.92 23.59
CA ASP GB 165 -20.71 131.74 22.77
C ASP GB 165 -21.59 132.07 21.57
N VAL GB 166 -22.66 132.84 21.79
CA VAL GB 166 -23.54 133.18 20.68
C VAL GB 166 -22.90 134.25 19.80
N LEU GB 167 -22.02 135.09 20.35
CA LEU GB 167 -21.29 136.05 19.53
C LEU GB 167 -20.35 135.33 18.57
N ASP GB 168 -19.66 134.29 19.05
CA ASP GB 168 -18.80 133.51 18.17
C ASP GB 168 -19.61 132.72 17.15
N PHE GB 169 -20.81 132.28 17.52
CA PHE GB 169 -21.64 131.50 16.60
C PHE GB 169 -22.00 132.31 15.36
N TYR GB 170 -22.32 133.59 15.54
CA TYR GB 170 -22.71 134.43 14.42
C TYR GB 170 -21.51 135.04 13.68
N ASN GB 171 -20.29 134.75 14.10
CA ASN GB 171 -19.10 135.14 13.36
C ASN GB 171 -18.62 134.06 12.41
N VAL GB 172 -19.30 132.93 12.34
CA VAL GB 172 -18.92 131.80 11.49
C VAL GB 172 -19.91 131.75 10.33
N PRO GB 173 -19.49 132.05 9.10
CA PRO GB 173 -20.42 131.98 7.96
C PRO GB 173 -20.85 130.55 7.68
N VAL GB 174 -22.05 130.41 7.12
CA VAL GB 174 -22.60 129.13 6.71
C VAL GB 174 -22.98 129.23 5.24
N GLN GB 175 -22.51 128.27 4.45
CA GLN GB 175 -22.76 128.24 3.02
C GLN GB 175 -23.62 127.04 2.67
N ASP GB 176 -24.67 127.27 1.87
CA ASP GB 176 -25.58 126.19 1.48
C ASP GB 176 -25.15 125.50 0.19
N ARG GB 177 -24.25 126.11 -0.58
CA ARG GB 177 -23.78 125.49 -1.81
C ARG GB 177 -22.94 124.26 -1.50
N SER GB 178 -23.00 123.28 -2.40
CA SER GB 178 -22.25 122.05 -2.24
C SER GB 178 -20.81 122.25 -2.70
N LYS GB 179 -20.01 121.18 -2.64
CA LYS GB 179 -18.62 121.28 -3.07
C LYS GB 179 -18.51 121.55 -4.56
N PHE GB 180 -19.38 120.94 -5.37
CA PHE GB 180 -19.31 121.14 -6.81
C PHE GB 180 -19.57 122.60 -7.17
N ASP GB 181 -20.58 123.22 -6.55
CA ASP GB 181 -20.88 124.61 -6.83
C ASP GB 181 -19.72 125.52 -6.42
N GLU GB 182 -19.01 125.17 -5.35
CA GLU GB 182 -17.79 125.88 -5.00
C GLU GB 182 -16.72 125.68 -6.07
N LEU GB 183 -16.63 124.46 -6.62
CA LEU GB 183 -15.61 124.17 -7.62
C LEU GB 183 -15.94 124.79 -8.97
N ILE GB 184 -17.22 124.81 -9.34
CA ILE GB 184 -17.62 125.27 -10.67
C ILE GB 184 -17.31 126.75 -10.88
N ALA GB 185 -17.19 127.53 -9.80
CA ALA GB 185 -16.68 128.90 -9.88
C ALA GB 185 -15.50 128.99 -8.90
N SER GB 186 -14.33 128.54 -9.33
CA SER GB 186 -13.12 128.69 -8.54
C SER GB 186 -11.94 129.12 -9.40
N ASN GB 187 -12.22 129.91 -10.45
CA ASN GB 187 -11.21 130.33 -11.43
C ASN GB 187 -10.52 129.11 -12.02
N LEU GB 188 -11.32 128.27 -12.70
CA LEU GB 188 -10.80 127.05 -13.27
C LEU GB 188 -9.88 127.35 -14.46
N PRO GB 189 -8.91 126.49 -14.71
CA PRO GB 189 -8.02 126.69 -15.86
C PRO GB 189 -8.76 126.59 -17.17
N HIS GB 190 -8.15 127.14 -18.22
CA HIS GB 190 -8.79 127.20 -19.53
C HIS GB 190 -8.99 125.83 -20.15
N ASN GB 191 -8.28 124.80 -19.68
CA ASN GB 191 -8.38 123.47 -20.29
C ASN GB 191 -9.34 122.54 -19.57
N LEU GB 192 -9.83 122.91 -18.39
CA LEU GB 192 -10.77 122.09 -17.65
C LEU GB 192 -12.19 122.51 -18.01
N LYS GB 193 -13.00 121.56 -18.48
CA LYS GB 193 -14.40 121.80 -18.82
C LYS GB 193 -15.27 120.82 -18.04
N ILE GB 194 -16.33 121.32 -17.43
CA ILE GB 194 -17.25 120.52 -16.62
C ILE GB 194 -18.66 120.70 -17.16
N THR GB 195 -19.37 119.58 -17.34
CA THR GB 195 -20.74 119.58 -17.85
C THR GB 195 -21.63 118.86 -16.83
N TRP GB 196 -22.25 119.62 -15.93
CA TRP GB 196 -23.12 119.06 -14.92
C TRP GB 196 -24.48 118.77 -15.53
N GLY GB 197 -24.80 117.48 -15.70
CA GLY GB 197 -26.08 117.09 -16.26
C GLY GB 197 -26.83 116.10 -15.40
N TYR GB 198 -27.89 116.56 -14.76
CA TYR GB 198 -28.75 115.69 -13.96
C TYR GB 198 -30.20 116.08 -14.13
N PHE HB 32 -24.71 77.04 -21.05
CA PHE HB 32 -24.42 78.29 -20.39
C PHE HB 32 -25.05 79.46 -21.12
N HIS HB 33 -26.03 79.16 -21.98
CA HIS HB 33 -26.67 80.19 -22.76
C HIS HB 33 -27.49 81.11 -21.85
N VAL HB 34 -27.29 82.42 -22.01
CA VAL HB 34 -27.99 83.41 -21.22
C VAL HB 34 -29.06 84.06 -22.09
N ARG HB 35 -30.02 84.69 -21.42
CA ARG HB 35 -31.12 85.32 -22.14
C ARG HB 35 -30.62 86.50 -22.94
N VAL HB 36 -31.23 86.73 -24.11
CA VAL HB 36 -30.79 87.75 -25.04
C VAL HB 36 -31.65 89.01 -24.99
N THR HB 37 -32.67 89.04 -24.14
CA THR HB 37 -33.55 90.20 -24.00
C THR HB 37 -33.49 90.71 -22.58
N LEU HB 38 -33.44 92.02 -22.42
CA LEU HB 38 -33.44 92.62 -21.10
C LEU HB 38 -34.79 92.40 -20.44
N PRO HB 39 -34.83 91.85 -19.23
CA PRO HB 39 -36.12 91.60 -18.57
C PRO HB 39 -36.74 92.92 -18.13
N PRO HB 40 -38.06 92.95 -17.96
CA PRO HB 40 -38.70 94.17 -17.45
C PRO HB 40 -38.23 94.46 -16.04
N ARG HB 41 -37.61 95.63 -15.87
CA ARG HB 41 -37.05 96.00 -14.57
C ARG HB 41 -38.15 96.10 -13.52
N LYS HB 42 -37.90 95.51 -12.36
CA LYS HB 42 -38.89 95.49 -11.29
C LYS HB 42 -38.89 96.84 -10.59
N VAL HB 43 -40.00 97.56 -10.71
CA VAL HB 43 -40.14 98.85 -10.03
C VAL HB 43 -40.65 98.59 -8.63
N VAL HB 44 -39.73 98.43 -7.69
CA VAL HB 44 -40.07 98.20 -6.28
C VAL HB 44 -40.17 99.53 -5.57
N ASP HB 45 -41.29 99.76 -4.89
CA ASP HB 45 -41.49 100.98 -4.12
C ASP HB 45 -41.10 100.72 -2.68
N ARG HB 46 -40.11 101.47 -2.20
CA ARG HB 46 -39.62 101.29 -0.84
C ARG HB 46 -40.59 101.81 0.21
N TRP HB 47 -41.65 102.52 -0.18
CA TRP HB 47 -42.56 103.12 0.78
C TRP HB 47 -43.99 102.61 0.63
N ASN HB 48 -44.16 101.30 0.52
CA ASN HB 48 -45.50 100.72 0.53
C ASN HB 48 -45.96 100.58 1.98
N GLU HB 49 -47.13 99.99 2.19
CA GLU HB 49 -47.66 99.83 3.54
C GLU HB 49 -46.80 98.87 4.36
N LYS HB 50 -46.30 97.81 3.72
CA LYS HB 50 -45.54 96.79 4.45
C LYS HB 50 -44.20 97.34 4.93
N ARG HB 51 -43.44 97.99 4.05
CA ARG HB 51 -42.10 98.43 4.40
C ARG HB 51 -42.12 99.65 5.33
N ALA HB 52 -43.08 100.56 5.14
CA ALA HB 52 -43.14 101.74 5.99
C ALA HB 52 -43.49 101.36 7.42
N MET HB 53 -44.43 100.42 7.60
CA MET HB 53 -44.87 99.98 8.91
C MET HB 53 -44.14 98.72 9.38
N PHE HB 54 -43.04 98.38 8.74
CA PHE HB 54 -42.28 97.19 9.13
C PHE HB 54 -41.64 97.40 10.50
N GLY HB 55 -41.86 96.43 11.39
CA GLY HB 55 -41.25 96.48 12.71
C GLY HB 55 -41.65 97.69 13.53
N VAL HB 56 -42.94 97.98 13.61
CA VAL HB 56 -43.39 99.13 14.37
C VAL HB 56 -43.47 98.82 15.85
N TYR HB 57 -44.15 97.74 16.22
CA TYR HB 57 -44.41 97.41 17.62
C TYR HB 57 -43.39 96.43 18.18
N ASP HB 58 -42.14 96.49 17.73
CA ASP HB 58 -41.11 95.61 18.26
C ASP HB 58 -40.75 95.93 19.70
N ASN HB 59 -41.05 97.15 20.17
CA ASN HB 59 -40.75 97.57 21.54
C ASN HB 59 -42.03 97.73 22.36
N ILE HB 60 -43.00 96.86 22.13
CA ILE HB 60 -44.25 96.93 22.88
C ILE HB 60 -44.01 96.65 24.36
N GLY HB 61 -43.18 95.64 24.66
CA GLY HB 61 -42.91 95.30 26.05
C GLY HB 61 -42.15 96.39 26.79
N ILE HB 62 -41.15 96.98 26.12
CA ILE HB 62 -40.31 97.98 26.77
C ILE HB 62 -41.13 99.23 27.11
N LEU HB 63 -41.98 99.67 26.20
CA LEU HB 63 -42.73 100.92 26.36
C LEU HB 63 -44.21 100.68 26.61
N GLY HB 64 -44.56 99.54 27.19
CA GLY HB 64 -45.95 99.22 27.44
C GLY HB 64 -46.20 98.56 28.78
N ASN HB 65 -45.39 98.91 29.78
CA ASN HB 65 -45.50 98.36 31.13
C ASN HB 65 -45.35 96.84 31.16
N PHE HB 66 -44.66 96.29 30.17
CA PHE HB 66 -44.37 94.85 30.09
C PHE HB 66 -45.65 94.02 30.17
N GLU HB 67 -46.60 94.34 29.30
CA GLU HB 67 -47.86 93.61 29.23
C GLU HB 67 -47.87 92.54 28.16
N LYS HB 68 -47.11 92.72 27.08
CA LYS HB 68 -47.04 91.73 26.01
C LYS HB 68 -45.59 91.60 25.57
N HIS HB 69 -45.05 90.38 25.69
CA HIS HB 69 -43.71 90.12 25.19
C HIS HB 69 -43.70 90.23 23.66
N PRO HB 70 -42.58 90.68 23.07
CA PRO HB 70 -42.52 90.78 21.61
C PRO HB 70 -42.70 89.46 20.89
N LYS HB 71 -42.52 88.31 21.58
CA LYS HB 71 -42.74 87.02 20.96
C LYS HB 71 -44.21 86.74 20.70
N GLU HB 72 -45.12 87.54 21.26
CA GLU HB 72 -46.55 87.40 21.02
C GLU HB 72 -47.00 88.14 19.77
N LEU HB 73 -46.07 88.53 18.91
CA LEU HB 73 -46.38 89.16 17.63
C LEU HB 73 -45.99 88.30 16.44
N ILE HB 74 -45.39 87.14 16.66
CA ILE HB 74 -44.92 86.30 15.56
C ILE HB 74 -46.11 85.63 14.89
N LYS HB 75 -46.16 85.71 13.56
CA LYS HB 75 -47.18 85.06 12.77
C LYS HB 75 -46.56 83.90 12.00
N GLY HB 76 -47.15 82.72 12.13
CA GLY HB 76 -46.65 81.56 11.44
C GLY HB 76 -47.15 80.26 12.02
N PRO HB 77 -46.30 79.24 12.00
CA PRO HB 77 -46.70 77.93 12.53
C PRO HB 77 -47.02 77.98 14.01
N ILE HB 78 -47.89 77.09 14.45
CA ILE HB 78 -48.28 77.03 15.86
C ILE HB 78 -47.09 76.69 16.74
N TRP HB 79 -46.27 75.74 16.31
CA TRP HB 79 -45.18 75.23 17.12
C TRP HB 79 -43.90 76.05 16.99
N LEU HB 80 -43.88 77.10 16.17
CA LEU HB 80 -42.69 77.90 15.97
C LEU HB 80 -42.87 79.36 16.39
N ARG HB 81 -43.94 79.67 17.12
CA ARG HB 81 -44.12 81.03 17.62
C ARG HB 81 -43.24 81.23 18.84
N GLY HB 82 -42.20 82.04 18.69
CA GLY HB 82 -41.27 82.28 19.78
C GLY HB 82 -40.46 81.06 20.20
N TRP HB 83 -39.93 80.31 19.23
CA TRP HB 83 -39.12 79.15 19.54
C TRP HB 83 -38.07 78.97 18.45
N LYS HB 84 -36.95 78.36 18.82
CA LYS HB 84 -35.84 78.17 17.90
C LYS HB 84 -35.14 76.86 18.23
N GLY HB 85 -34.65 76.19 17.20
CA GLY HB 85 -33.91 74.95 17.41
C GLY HB 85 -33.35 74.44 16.10
N ASN HB 86 -32.58 73.37 16.21
CA ASN HB 86 -32.00 72.72 15.04
C ASN HB 86 -33.06 71.87 14.35
N GLU HB 87 -32.64 71.08 13.36
CA GLU HB 87 -33.60 70.30 12.58
C GLU HB 87 -34.24 69.20 13.41
N LEU HB 88 -33.48 68.55 14.29
CA LEU HB 88 -34.02 67.46 15.08
C LEU HB 88 -35.04 67.97 16.10
N GLN HB 89 -34.68 69.01 16.84
CA GLN HB 89 -35.59 69.54 17.86
C GLN HB 89 -36.84 70.15 17.25
N ARG HB 90 -36.77 70.60 16.00
CA ARG HB 90 -37.96 71.13 15.34
C ARG HB 90 -38.93 70.03 14.98
N CYS HB 91 -38.43 68.92 14.42
CA CYS HB 91 -39.31 67.82 14.04
C CYS HB 91 -39.93 67.16 15.25
N ILE HB 92 -39.17 67.02 16.34
CA ILE HB 92 -39.73 66.46 17.57
C ILE HB 92 -40.83 67.36 18.11
N ARG HB 93 -40.58 68.68 18.11
CA ARG HB 93 -41.57 69.62 18.62
C ARG HB 93 -42.85 69.60 17.79
N LYS HB 94 -42.72 69.47 16.46
CA LYS HB 94 -43.88 69.43 15.60
C LYS HB 94 -44.75 68.21 15.88
N LYS HB 95 -44.11 67.07 16.14
CA LYS HB 95 -44.86 65.86 16.43
C LYS HB 95 -45.60 65.95 17.75
N ARG HB 96 -45.04 66.65 18.73
CA ARG HB 96 -45.68 66.76 20.04
C ARG HB 96 -46.97 67.58 19.97
N MET HB 97 -46.93 68.73 19.30
CA MET HB 97 -48.06 69.65 19.35
C MET HB 97 -49.14 69.30 18.34
N VAL HB 98 -48.78 69.27 17.06
CA VAL HB 98 -49.75 69.06 15.98
C VAL HB 98 -49.65 67.66 15.40
N GLY HB 99 -49.04 66.72 16.13
CA GLY HB 99 -48.90 65.38 15.61
C GLY HB 99 -50.23 64.67 15.39
N ASN HB 100 -51.16 64.84 16.33
CA ASN HB 100 -52.45 64.19 16.22
C ASN HB 100 -53.36 64.80 15.16
N ARG HB 101 -52.98 65.94 14.59
CA ARG HB 101 -53.79 66.61 13.57
C ARG HB 101 -53.23 66.42 12.16
N MET HB 102 -52.11 65.73 12.00
CA MET HB 102 -51.50 65.57 10.69
C MET HB 102 -52.15 64.41 9.94
N PHE HB 103 -51.90 64.36 8.64
CA PHE HB 103 -52.42 63.30 7.79
C PHE HB 103 -51.61 62.03 7.97
N ILE HB 104 -52.13 60.93 7.42
CA ILE HB 104 -51.46 59.63 7.56
C ILE HB 104 -50.09 59.66 6.89
N ASP HB 105 -50.04 60.09 5.62
CA ASP HB 105 -48.77 60.08 4.90
C ASP HB 105 -47.78 61.06 5.51
N ASP HB 106 -48.25 62.24 5.94
CA ASP HB 106 -47.36 63.20 6.56
C ASP HB 106 -46.85 62.69 7.90
N LEU HB 107 -47.69 61.99 8.66
CA LEU HB 107 -47.25 61.46 9.95
C LEU HB 107 -46.17 60.40 9.79
N HIS HB 108 -46.29 59.52 8.79
CA HIS HB 108 -45.29 58.50 8.58
C HIS HB 108 -43.96 59.11 8.14
N ASN HB 109 -44.01 60.09 7.24
CA ASN HB 109 -42.78 60.73 6.78
C ASN HB 109 -42.05 61.43 7.91
N LEU HB 110 -42.80 62.01 8.86
CA LEU HB 110 -42.15 62.68 10.00
C LEU HB 110 -41.43 61.66 10.88
N ASN HB 111 -42.02 60.48 11.08
CA ASN HB 111 -41.37 59.48 11.91
C ASN HB 111 -40.04 59.02 11.32
N LYS HB 112 -40.00 58.81 10.01
CA LYS HB 112 -38.76 58.41 9.38
C LYS HB 112 -37.70 59.50 9.47
N ARG HB 113 -38.11 60.76 9.35
CA ARG HB 113 -37.16 61.87 9.48
C ARG HB 113 -36.60 61.95 10.88
N ILE HB 114 -37.43 61.69 11.90
CA ILE HB 114 -36.94 61.72 13.28
C ILE HB 114 -35.91 60.62 13.50
N SER HB 115 -36.20 59.40 13.02
CA SER HB 115 -35.30 58.29 13.24
C SER HB 115 -33.96 58.51 12.56
N TYR HB 116 -33.98 59.00 11.32
CA TYR HB 116 -32.73 59.23 10.60
C TYR HB 116 -31.88 60.31 11.28
N LEU HB 117 -32.50 61.41 11.69
CA LEU HB 117 -31.76 62.46 12.37
C LEU HB 117 -31.22 61.97 13.71
N TYR HB 118 -32.00 61.17 14.43
CA TYR HB 118 -31.54 60.64 15.70
C TYR HB 118 -30.30 59.77 15.52
N LYS HB 119 -30.30 58.92 14.49
CA LYS HB 119 -29.14 58.08 14.24
C LYS HB 119 -27.96 58.89 13.72
N HIS HB 120 -28.22 59.88 12.87
CA HIS HB 120 -27.13 60.64 12.28
C HIS HB 120 -26.44 61.54 13.30
N PHE HB 121 -27.22 62.22 14.15
CA PHE HB 121 -26.63 63.17 15.08
C PHE HB 121 -25.81 62.49 16.16
N ASN HB 122 -26.23 61.30 16.59
CA ASN HB 122 -25.58 60.64 17.72
C ASN HB 122 -24.51 59.64 17.29
N ARG HB 123 -24.75 58.90 16.20
CA ARG HB 123 -23.87 57.81 15.80
C ARG HB 123 -22.97 58.16 14.62
N HIS HB 124 -22.97 59.40 14.16
CA HIS HB 124 -22.13 59.82 13.05
C HIS HB 124 -21.54 61.19 13.33
N GLY HB 125 -20.49 61.52 12.58
CA GLY HB 125 -19.83 62.80 12.71
C GLY HB 125 -18.33 62.65 12.83
N LYS HB 126 -17.66 63.80 12.98
CA LYS HB 126 -16.21 63.84 13.11
C LYS HB 126 -15.77 64.13 14.54
N TYR HB 127 -16.26 65.21 15.13
CA TYR HB 127 -15.89 65.57 16.50
C TYR HB 127 -16.64 64.66 17.46
N ARG HB 128 -15.91 63.79 18.15
CA ARG HB 128 -16.51 62.84 19.08
C ARG HB 128 -15.45 62.16 19.94
N ARG JB 92 42.94 -109.81 19.29
CA ARG JB 92 44.01 -109.19 20.05
C ARG JB 92 44.14 -109.82 21.44
N ARG JB 93 44.87 -109.14 22.32
CA ARG JB 93 45.04 -109.63 23.69
C ARG JB 93 43.70 -109.63 24.42
N LYS JB 94 43.44 -110.70 25.15
CA LYS JB 94 42.21 -110.86 25.91
C LYS JB 94 42.45 -110.59 27.38
N ALA JB 95 41.38 -110.58 28.15
CA ALA JB 95 41.42 -110.32 29.59
C ALA JB 95 41.32 -111.64 30.33
N LEU JB 96 42.33 -111.93 31.15
CA LEU JB 96 42.31 -113.14 31.94
C LEU JB 96 41.28 -113.03 33.06
N PRO JB 97 40.71 -114.15 33.51
CA PRO JB 97 39.78 -114.09 34.62
C PRO JB 97 40.48 -113.63 35.89
N PRO JB 98 39.76 -112.94 36.77
CA PRO JB 98 40.39 -112.45 38.00
C PRO JB 98 40.78 -113.60 38.92
N ARG JB 99 41.79 -113.34 39.76
CA ARG JB 99 42.26 -114.34 40.70
C ARG JB 99 41.27 -114.62 41.82
N THR JB 100 40.20 -113.82 41.93
CA THR JB 100 39.18 -114.06 42.95
C THR JB 100 38.60 -115.46 42.82
N GLU JB 101 38.43 -115.94 41.59
CA GLU JB 101 37.90 -117.29 41.39
C GLU JB 101 38.85 -118.34 41.95
N LYS JB 102 40.16 -118.15 41.75
CA LYS JB 102 41.16 -119.08 42.26
C LYS JB 102 41.45 -118.90 43.74
N MET JB 103 40.91 -117.85 44.37
CA MET JB 103 41.18 -117.61 45.78
C MET JB 103 40.55 -118.71 46.64
N ALA JB 104 41.31 -119.18 47.62
CA ALA JB 104 40.83 -120.23 48.51
C ALA JB 104 39.83 -119.68 49.50
N VAL JB 105 39.02 -120.58 50.06
CA VAL JB 105 38.03 -120.18 51.06
C VAL JB 105 38.71 -119.81 52.37
N ASP JB 106 39.71 -120.59 52.79
CA ASP JB 106 40.34 -120.42 54.09
C ASP JB 106 41.78 -119.90 53.98
N GLN JB 107 42.14 -119.29 52.86
CA GLN JB 107 43.48 -118.74 52.70
C GLN JB 107 43.69 -117.55 53.64
N ASP JB 108 44.93 -117.34 54.03
CA ASP JB 108 45.29 -116.24 54.93
C ASP JB 108 45.32 -114.93 54.14
N TRP JB 109 44.48 -113.97 54.56
CA TRP JB 109 44.41 -112.69 53.86
C TRP JB 109 45.70 -111.88 53.90
N PRO JB 110 46.39 -111.72 55.04
CA PRO JB 110 47.54 -110.80 55.07
C PRO JB 110 48.65 -111.16 54.10
N SER JB 111 48.75 -112.43 53.70
CA SER JB 111 49.75 -112.79 52.69
C SER JB 111 49.46 -112.14 51.35
N VAL JB 112 48.18 -111.87 51.05
CA VAL JB 112 47.83 -111.20 49.81
C VAL JB 112 48.26 -109.74 49.83
N TYR JB 113 48.04 -109.06 50.96
CA TYR JB 113 48.38 -107.66 51.14
C TYR JB 113 49.37 -107.52 52.29
N PRO JB 114 50.67 -107.56 52.01
CA PRO JB 114 51.65 -107.38 53.08
C PRO JB 114 51.81 -105.92 53.51
N VAL JB 115 51.69 -105.00 52.55
CA VAL JB 115 51.88 -103.58 52.79
C VAL JB 115 50.63 -102.84 52.32
N ALA JB 116 50.63 -101.53 52.56
CA ALA JB 116 49.54 -100.68 52.11
C ALA JB 116 49.54 -100.59 50.59
N ALA JB 117 48.42 -100.96 49.98
CA ALA JB 117 48.28 -100.97 48.53
C ALA JB 117 46.89 -100.47 48.18
N PRO JB 118 46.73 -99.89 46.97
CA PRO JB 118 45.40 -99.45 46.55
C PRO JB 118 44.47 -100.63 46.32
N PHE JB 119 43.17 -100.33 46.40
CA PHE JB 119 42.14 -101.35 46.23
C PHE JB 119 42.16 -101.92 44.82
N LYS JB 120 42.58 -103.18 44.69
CA LYS JB 120 42.59 -103.85 43.39
C LYS JB 120 41.32 -104.67 43.25
N PRO JB 121 40.46 -104.37 42.27
CA PRO JB 121 39.21 -105.13 42.15
C PRO JB 121 39.42 -106.62 41.92
N SER JB 122 40.48 -107.00 41.20
CA SER JB 122 40.72 -108.41 40.95
C SER JB 122 41.26 -109.13 42.18
N ALA JB 123 41.96 -108.43 43.05
CA ALA JB 123 42.61 -109.05 44.20
C ALA JB 123 41.74 -109.06 45.45
N VAL JB 124 40.54 -108.49 45.41
CA VAL JB 124 39.68 -108.45 46.58
C VAL JB 124 38.47 -109.34 46.35
N PRO JB 125 38.36 -110.46 47.05
CA PRO JB 125 37.19 -111.35 46.85
C PRO JB 125 35.87 -110.74 47.28
N LEU JB 126 35.89 -109.71 48.12
CA LEU JB 126 34.66 -109.15 48.66
C LEU JB 126 33.91 -108.38 47.59
N PRO JB 127 32.65 -108.72 47.31
CA PRO JB 127 31.84 -107.91 46.39
C PRO JB 127 31.30 -106.68 47.11
N VAL JB 128 31.89 -105.52 46.81
CA VAL JB 128 31.57 -104.27 47.49
C VAL JB 128 31.07 -103.27 46.46
N ARG JB 129 29.94 -102.64 46.75
CA ARG JB 129 29.34 -101.63 45.89
C ARG JB 129 29.22 -100.33 46.65
N MET JB 130 29.62 -99.23 46.02
CA MET JB 130 29.51 -97.91 46.64
C MET JB 130 29.24 -96.88 45.56
N GLY JB 131 28.72 -95.73 45.99
CA GLY JB 131 28.32 -94.68 45.08
C GLY JB 131 26.82 -94.48 45.14
N TYR JB 132 26.36 -93.25 44.89
CA TYR JB 132 24.93 -92.98 44.96
C TYR JB 132 24.22 -93.71 43.83
N PRO JB 133 23.16 -94.47 44.12
CA PRO JB 133 22.50 -95.25 43.08
C PRO JB 133 21.62 -94.37 42.19
N VAL JB 134 21.22 -94.95 41.05
CA VAL JB 134 20.29 -94.30 40.14
C VAL JB 134 18.91 -94.29 40.79
N LYS JB 135 17.98 -93.52 40.22
CA LYS JB 135 16.64 -93.41 40.79
C LYS JB 135 16.00 -94.78 41.00
N ARG JB 136 16.17 -95.69 40.04
CA ARG JB 136 15.72 -97.08 40.17
C ARG JB 136 16.88 -97.96 39.74
N GLY JB 137 17.73 -98.32 40.69
CA GLY JB 137 18.89 -99.11 40.37
C GLY JB 137 19.67 -99.46 41.62
N VAL JB 138 20.91 -99.91 41.41
CA VAL JB 138 21.78 -100.32 42.51
C VAL JB 138 23.11 -99.61 42.35
N PRO JB 139 23.86 -99.44 43.44
CA PRO JB 139 25.19 -98.81 43.34
C PRO JB 139 26.12 -99.62 42.45
N MET JB 140 27.08 -98.92 41.86
CA MET JB 140 27.97 -99.52 40.87
C MET JB 140 28.83 -100.60 41.50
N ALA JB 141 29.34 -101.49 40.64
CA ALA JB 141 30.12 -102.63 41.09
C ALA JB 141 31.53 -102.19 41.47
N LYS JB 142 32.33 -103.17 41.93
CA LYS JB 142 33.67 -102.89 42.41
C LYS JB 142 34.71 -102.78 41.30
N GLU JB 143 34.37 -103.14 40.06
CA GLU JB 143 35.30 -103.05 38.95
C GLU JB 143 35.09 -101.74 38.21
N GLY JB 144 36.18 -101.01 37.99
CA GLY JB 144 36.12 -99.76 37.28
C GLY JB 144 35.48 -98.62 38.06
N ASN JB 145 35.45 -98.70 39.38
CA ASN JB 145 34.85 -97.68 40.22
C ASN JB 145 35.94 -96.89 40.92
N LEU JB 146 35.92 -95.56 40.71
CA LEU JB 146 36.93 -94.71 41.34
C LEU JB 146 36.64 -94.45 42.81
N GLU JB 147 35.38 -94.57 43.23
CA GLU JB 147 35.03 -94.27 44.61
C GLU JB 147 35.69 -95.25 45.57
N LEU JB 148 35.79 -96.52 45.19
CA LEU JB 148 36.50 -97.51 46.00
C LEU JB 148 38.01 -97.36 45.92
N LEU JB 149 38.52 -96.51 45.02
CA LEU JB 149 39.95 -96.31 44.87
C LEU JB 149 40.46 -95.10 45.66
N LYS JB 150 39.63 -94.07 45.84
CA LYS JB 150 40.05 -92.91 46.61
C LYS JB 150 40.22 -93.24 48.08
N ILE JB 151 39.38 -94.14 48.61
CA ILE JB 151 39.38 -94.42 50.05
C ILE JB 151 40.69 -95.06 50.45
N PRO JB 152 41.33 -94.62 51.55
CA PRO JB 152 42.49 -95.36 52.07
C PRO JB 152 42.06 -96.67 52.69
N ASN JB 153 42.35 -97.79 52.02
CA ASN JB 153 41.89 -99.08 52.49
C ASN JB 153 42.65 -99.51 53.74
N PHE JB 154 42.01 -100.39 54.51
CA PHE JB 154 42.59 -101.00 55.70
C PHE JB 154 42.66 -102.51 55.55
N LEU JB 155 42.75 -102.99 54.31
CA LEU JB 155 42.86 -104.42 54.08
C LEU JB 155 44.17 -104.99 54.59
N HIS JB 156 45.21 -104.17 54.70
CA HIS JB 156 46.50 -104.62 55.19
C HIS JB 156 46.61 -104.56 56.72
N LEU JB 157 45.56 -104.10 57.40
CA LEU JB 157 45.54 -104.02 58.85
C LEU JB 157 44.34 -104.77 59.42
N THR JB 158 44.08 -105.96 58.89
CA THR JB 158 42.99 -106.77 59.39
C THR JB 158 43.31 -107.23 60.82
N PRO JB 159 42.26 -107.40 61.65
CA PRO JB 159 42.51 -107.83 63.04
C PRO JB 159 43.28 -109.14 63.13
N VAL JB 160 43.10 -110.06 62.18
CA VAL JB 160 43.92 -111.26 62.15
C VAL JB 160 45.38 -110.91 61.94
N ALA JB 161 45.66 -109.99 61.01
CA ALA JB 161 47.03 -109.58 60.74
C ALA JB 161 47.60 -108.73 61.87
N ILE JB 162 46.76 -107.95 62.56
CA ILE JB 162 47.25 -107.09 63.62
C ILE JB 162 47.85 -107.92 64.75
N LYS JB 163 47.16 -108.98 65.16
CA LYS JB 163 47.67 -109.84 66.22
C LYS JB 163 48.95 -110.54 65.79
N ARG JB 164 49.01 -110.99 64.53
CA ARG JB 164 50.23 -111.62 64.03
C ARG JB 164 51.36 -110.59 63.91
N HIS JB 165 51.05 -109.38 63.45
CA HIS JB 165 52.09 -108.36 63.32
C HIS JB 165 52.62 -107.93 64.69
N CYS JB 166 51.72 -107.65 65.64
CA CYS JB 166 52.14 -107.14 66.93
C CYS JB 166 52.93 -108.18 67.72
N GLU JB 167 52.54 -109.46 67.61
CA GLU JB 167 53.20 -110.50 68.40
C GLU JB 167 54.67 -110.63 68.01
N ALA JB 168 54.98 -110.51 66.72
CA ALA JB 168 56.37 -110.56 66.29
C ALA JB 168 57.16 -109.37 66.82
N LEU JB 169 56.50 -108.23 67.02
CA LEU JB 169 57.18 -107.04 67.51
C LEU JB 169 57.38 -107.06 69.02
N LYS JB 170 56.79 -108.03 69.74
CA LYS JB 170 56.92 -108.05 71.19
C LYS JB 170 58.35 -108.32 71.65
N ASP JB 171 59.20 -108.84 70.75
CA ASP JB 171 60.59 -109.07 71.12
C ASP JB 171 61.31 -107.74 71.37
N PHE JB 172 61.00 -106.72 70.56
CA PHE JB 172 61.65 -105.41 70.66
C PHE JB 172 60.92 -104.55 71.70
N CYS JB 173 61.00 -104.98 72.95
CA CYS JB 173 60.35 -104.24 74.02
C CYS JB 173 61.03 -104.58 75.35
N THR JB 174 60.86 -103.69 76.32
CA THR JB 174 61.37 -103.89 77.67
C THR JB 174 60.30 -103.41 78.65
N GLU JB 175 60.12 -104.18 79.72
CA GLU JB 175 59.02 -103.93 80.64
C GLU JB 175 59.22 -102.66 81.46
N TRP JB 176 58.13 -101.96 81.70
CA TRP JB 176 58.14 -100.81 82.61
C TRP JB 176 58.31 -101.29 84.05
N PRO JB 177 59.16 -100.63 84.85
CA PRO JB 177 59.38 -101.11 86.23
C PRO JB 177 58.08 -101.14 87.02
N ALA JB 178 57.92 -102.20 87.82
CA ALA JB 178 56.68 -102.38 88.55
C ALA JB 178 56.58 -101.43 89.75
N ALA JB 179 57.72 -101.04 90.34
CA ALA JB 179 57.68 -100.16 91.50
C ALA JB 179 57.13 -98.78 91.16
N LEU JB 180 57.31 -98.34 89.92
CA LEU JB 180 56.78 -97.05 89.48
C LEU JB 180 55.35 -97.19 88.98
N ASP JB 181 54.48 -97.74 89.83
CA ASP JB 181 53.09 -97.94 89.44
C ASP JB 181 52.28 -96.67 89.63
N SER JB 182 52.21 -96.17 90.86
CA SER JB 182 51.48 -94.93 91.11
C SER JB 182 52.25 -93.74 90.55
N ASP JB 183 51.50 -92.76 90.03
CA ASP JB 183 52.14 -91.55 89.49
C ASP JB 183 52.83 -90.75 90.59
N GLU JB 184 52.37 -90.88 91.83
CA GLU JB 184 53.00 -90.17 92.94
C GLU JB 184 54.44 -90.64 93.15
N LYS JB 185 54.67 -91.95 93.04
CA LYS JB 185 56.03 -92.48 93.19
C LYS JB 185 56.93 -92.03 92.05
N CYS JB 186 56.37 -91.81 90.85
CA CYS JB 186 57.18 -91.33 89.73
C CYS JB 186 57.77 -89.95 90.03
N GLU JB 187 56.97 -89.07 90.63
CA GLU JB 187 57.48 -87.77 91.04
C GLU JB 187 58.53 -87.92 92.14
N LYS JB 188 58.30 -88.85 93.07
CA LYS JB 188 59.23 -89.05 94.18
C LYS JB 188 60.59 -89.50 93.69
N HIS JB 189 60.62 -90.44 92.74
CA HIS JB 189 61.88 -90.97 92.23
C HIS JB 189 62.42 -90.20 91.04
N PHE JB 190 61.58 -89.48 90.30
CA PHE JB 190 62.01 -88.70 89.14
C PHE JB 190 61.30 -87.35 89.20
N PRO JB 191 61.97 -86.30 89.66
CA PRO JB 191 61.32 -85.00 89.82
C PRO JB 191 61.35 -84.10 88.60
N ILE JB 192 61.96 -84.53 87.49
CA ILE JB 192 62.10 -83.70 86.29
C ILE JB 192 61.43 -84.42 85.12
N GLU JB 193 60.52 -83.73 84.45
CA GLU JB 193 59.90 -84.21 83.22
C GLU JB 193 60.16 -83.21 82.11
N ILE JB 194 60.46 -83.72 80.92
CA ILE JB 194 60.81 -82.90 79.77
C ILE JB 194 59.88 -83.24 78.62
N ASP JB 195 59.31 -82.21 77.99
CA ASP JB 195 58.38 -82.37 76.89
C ASP JB 195 59.07 -82.06 75.57
N THR JB 196 58.98 -82.99 74.62
CA THR JB 196 59.53 -82.81 73.28
C THR JB 196 58.49 -83.29 72.27
N ALA JB 197 58.59 -82.76 71.05
CA ALA JB 197 57.62 -83.04 70.01
C ALA JB 197 58.32 -83.40 68.71
N ASP JB 198 57.76 -84.37 67.98
CA ASP JB 198 58.19 -84.73 66.65
C ASP JB 198 57.00 -84.68 65.71
N TYR JB 199 57.22 -84.21 64.50
CA TYR JB 199 56.15 -84.01 63.53
C TYR JB 199 56.40 -84.82 62.28
N VAL JB 200 55.35 -85.48 61.79
CA VAL JB 200 55.38 -86.28 60.58
C VAL JB 200 54.32 -85.74 59.63
N SER JB 201 54.71 -85.49 58.38
CA SER JB 201 53.81 -84.97 57.37
C SER JB 201 54.17 -85.55 56.01
N ALA JB 202 53.19 -85.56 55.11
CA ALA JB 202 53.40 -86.09 53.78
C ALA JB 202 54.12 -85.07 52.92
N GLY JB 203 55.29 -85.44 52.40
CA GLY JB 203 56.08 -84.57 51.57
C GLY JB 203 57.50 -85.06 51.43
N PRO JB 204 58.29 -84.39 50.58
CA PRO JB 204 59.70 -84.74 50.43
C PRO JB 204 60.60 -84.23 51.54
N SER JB 205 60.07 -83.50 52.53
CA SER JB 205 60.89 -82.88 53.56
C SER JB 205 60.29 -83.16 54.94
N ILE JB 206 61.15 -83.21 55.95
CA ILE JB 206 60.73 -83.41 57.32
C ILE JB 206 61.02 -82.21 58.22
N ARG JB 207 61.72 -81.19 57.71
CA ARG JB 207 62.17 -80.08 58.55
C ARG JB 207 60.97 -79.24 58.96
N ASN JB 208 60.54 -79.39 60.21
CA ASN JB 208 59.50 -78.55 60.79
C ASN JB 208 60.12 -77.67 61.86
N PRO JB 209 60.07 -76.34 61.71
CA PRO JB 209 60.71 -75.47 62.71
C PRO JB 209 60.08 -75.55 64.10
N LYS JB 210 58.87 -76.08 64.22
CA LYS JB 210 58.19 -76.17 65.50
C LYS JB 210 58.62 -77.38 66.31
N ALA JB 211 59.52 -78.22 65.78
CA ALA JB 211 59.98 -79.40 66.48
C ALA JB 211 61.21 -79.15 67.32
N ARG JB 212 61.72 -77.92 67.37
CA ARG JB 212 62.89 -77.59 68.16
C ARG JB 212 62.56 -77.15 69.58
N VAL JB 213 61.28 -77.09 69.93
CA VAL JB 213 60.88 -76.62 71.26
C VAL JB 213 61.15 -77.71 72.29
N VAL JB 214 61.61 -77.29 73.47
CA VAL JB 214 61.83 -78.18 74.60
C VAL JB 214 61.22 -77.54 75.83
N THR JB 215 60.32 -78.27 76.49
CA THR JB 215 59.64 -77.80 77.69
C THR JB 215 60.12 -78.61 78.88
N LEU JB 216 60.67 -77.94 79.89
CA LEU JB 216 61.21 -78.58 81.08
C LEU JB 216 60.41 -78.12 82.28
N ARG JB 217 59.83 -79.08 83.01
CA ARG JB 217 59.01 -78.81 84.17
C ARG JB 217 59.58 -79.51 85.38
N VAL JB 218 59.80 -78.76 86.47
CA VAL JB 218 60.40 -79.28 87.69
C VAL JB 218 59.55 -78.86 88.87
N LYS JB 219 59.24 -79.81 89.76
CA LYS JB 219 58.52 -79.52 90.99
C LYS JB 219 59.52 -78.97 92.02
N LEU JB 220 59.27 -77.75 92.50
CA LEU JB 220 60.21 -77.11 93.40
C LEU JB 220 60.28 -77.78 94.77
N SER JB 221 59.22 -78.46 95.20
CA SER JB 221 59.21 -79.09 96.51
C SER JB 221 60.19 -80.24 96.62
N SER JB 222 60.72 -80.74 95.49
CA SER JB 222 61.66 -81.85 95.48
C SER JB 222 63.11 -81.39 95.45
N LEU JB 223 63.36 -80.08 95.54
CA LEU JB 223 64.71 -79.54 95.49
C LEU JB 223 65.18 -79.20 96.91
N ASN JB 224 66.38 -78.63 96.99
CA ASN JB 224 67.02 -78.31 98.27
C ASN JB 224 67.12 -76.79 98.48
N LEU JB 225 66.09 -76.05 98.08
CA LEU JB 225 66.09 -74.60 98.29
C LEU JB 225 65.82 -74.27 99.75
N ASP JB 226 66.50 -73.25 100.25
CA ASP JB 226 66.27 -72.75 101.60
C ASP JB 226 65.08 -71.78 101.60
N ASP JB 227 64.76 -71.24 102.77
CA ASP JB 227 63.70 -70.24 102.85
C ASP JB 227 64.08 -69.00 102.05
N HIS JB 228 65.32 -68.52 102.19
CA HIS JB 228 65.74 -67.34 101.45
C HIS JB 228 65.98 -67.65 99.98
N ALA JB 229 66.59 -68.80 99.70
CA ALA JB 229 66.92 -69.14 98.31
C ALA JB 229 65.66 -69.34 97.47
N LYS JB 230 64.65 -70.02 98.03
CA LYS JB 230 63.43 -70.26 97.28
C LYS JB 230 62.70 -68.96 96.94
N LYS JB 231 62.65 -68.03 97.90
CA LYS JB 231 62.00 -66.75 97.64
C LYS JB 231 62.73 -65.98 96.55
N LYS JB 232 64.06 -66.01 96.55
CA LYS JB 232 64.82 -65.33 95.51
C LYS JB 232 64.58 -65.97 94.15
N LEU JB 233 64.47 -67.30 94.09
CA LEU JB 233 64.27 -67.98 92.82
C LEU JB 233 62.93 -67.59 92.19
N ILE JB 234 61.87 -67.49 93.01
CA ILE JB 234 60.58 -67.07 92.48
C ILE JB 234 60.65 -65.65 91.96
N LYS JB 235 61.28 -64.74 92.71
CA LYS JB 235 61.43 -63.37 92.26
C LYS JB 235 62.35 -63.24 91.05
N LEU JB 236 63.21 -64.22 90.82
CA LEU JB 236 64.18 -64.14 89.73
C LEU JB 236 63.64 -64.74 88.44
N VAL JB 237 62.91 -65.85 88.51
CA VAL JB 237 62.43 -66.50 87.30
C VAL JB 237 61.23 -65.78 86.69
N GLY JB 238 60.51 -64.98 87.48
CA GLY JB 238 59.40 -64.22 86.94
C GLY JB 238 58.12 -65.01 86.93
N ASP JB 239 57.43 -65.01 85.79
CA ASP JB 239 56.13 -65.65 85.64
C ASP JB 239 56.23 -67.14 85.31
N ARG JB 240 57.42 -67.68 85.16
CA ARG JB 240 57.58 -69.09 84.81
C ARG JB 240 57.19 -70.03 85.94
N TYR JB 241 57.00 -69.51 87.15
CA TYR JB 241 56.65 -70.33 88.32
C TYR JB 241 55.18 -70.15 88.65
N CYS JB 242 54.49 -71.27 88.86
CA CYS JB 242 53.09 -71.25 89.27
C CYS JB 242 53.00 -71.33 90.79
N LYS JB 243 52.28 -70.38 91.38
CA LYS JB 243 52.15 -70.35 92.84
C LYS JB 243 51.19 -71.39 93.37
N SER JB 244 50.31 -71.94 92.53
CA SER JB 244 49.32 -72.91 92.98
C SER JB 244 49.85 -74.33 92.92
N THR JB 245 50.32 -74.76 91.75
CA THR JB 245 50.85 -76.11 91.58
C THR JB 245 52.32 -76.23 91.96
N ASP JB 246 52.99 -75.12 92.27
CA ASP JB 246 54.39 -75.12 92.67
C ASP JB 246 55.29 -75.80 91.64
N VAL JB 247 55.02 -75.53 90.36
CA VAL JB 247 55.78 -76.11 89.26
C VAL JB 247 56.51 -74.98 88.53
N LEU JB 248 57.71 -75.29 88.06
CA LEU JB 248 58.53 -74.34 87.32
C LEU JB 248 58.66 -74.84 85.88
N THR JB 249 58.30 -73.99 84.92
CA THR JB 249 58.31 -74.34 83.51
C THR JB 249 59.34 -73.48 82.79
N ILE JB 250 60.25 -74.12 82.06
CA ILE JB 250 61.27 -73.44 81.27
C ILE JB 250 61.10 -73.85 79.82
N LYS JB 251 60.98 -72.87 78.93
CA LYS JB 251 60.80 -73.10 77.51
C LYS JB 251 61.95 -72.47 76.75
N THR JB 252 62.58 -73.24 75.87
CA THR JB 252 63.71 -72.79 75.08
C THR JB 252 63.43 -72.99 73.61
N ASP JB 253 63.67 -71.94 72.81
CA ASP JB 253 63.39 -71.97 71.38
C ASP JB 253 64.54 -71.45 70.53
N ARG JB 254 65.54 -70.80 71.12
CA ARG JB 254 66.59 -70.17 70.33
C ARG JB 254 67.50 -71.19 69.66
N CYS JB 255 67.76 -72.31 70.32
CA CYS JB 255 68.64 -73.31 69.75
C CYS JB 255 67.96 -74.01 68.57
N PRO JB 256 68.66 -74.14 67.44
CA PRO JB 256 68.03 -74.75 66.25
C PRO JB 256 67.57 -76.19 66.47
N LEU JB 257 68.30 -76.97 67.26
CA LEU JB 257 68.03 -78.39 67.42
C LEU JB 257 67.46 -78.68 68.80
N LYS JB 258 66.77 -79.81 68.92
CA LYS JB 258 66.18 -80.20 70.20
C LYS JB 258 67.24 -80.57 71.22
N ARG JB 259 68.35 -81.17 70.78
CA ARG JB 259 69.40 -81.55 71.72
C ARG JB 259 70.11 -80.32 72.27
N GLN JB 260 70.33 -79.30 71.43
CA GLN JB 260 70.91 -78.06 71.91
C GLN JB 260 69.96 -77.35 72.87
N ASN JB 261 68.66 -77.34 72.54
CA ASN JB 261 67.67 -76.77 73.46
C ASN JB 261 67.63 -77.55 74.77
N TYR JB 262 67.70 -78.88 74.69
CA TYR JB 262 67.70 -79.70 75.90
C TYR JB 262 68.91 -79.39 76.78
N ASP JB 263 70.09 -79.26 76.16
CA ASP JB 263 71.27 -78.91 76.93
C ASP JB 263 71.18 -77.48 77.45
N TYR JB 264 70.54 -76.59 76.69
CA TYR JB 264 70.34 -75.22 77.16
C TYR JB 264 69.27 -75.15 78.25
N ALA JB 265 68.23 -75.98 78.14
CA ALA JB 265 67.16 -75.96 79.12
C ALA JB 265 67.68 -76.42 80.49
N VAL JB 266 68.48 -77.48 80.52
CA VAL JB 266 69.04 -77.95 81.78
C VAL JB 266 70.08 -76.96 82.29
N TYR JB 267 70.76 -76.24 81.39
CA TYR JB 267 71.72 -75.23 81.80
C TYR JB 267 71.05 -74.10 82.56
N LEU JB 268 69.85 -73.69 82.13
CA LEU JB 268 69.12 -72.65 82.84
C LEU JB 268 68.71 -73.13 84.23
N LEU JB 269 68.29 -74.40 84.34
CA LEU JB 269 67.84 -74.91 85.63
C LEU JB 269 68.96 -74.91 86.67
N THR JB 270 70.16 -75.33 86.26
CA THR JB 270 71.25 -75.42 87.21
C THR JB 270 71.85 -74.05 87.54
N VAL JB 271 71.89 -73.13 86.58
CA VAL JB 271 72.44 -71.82 86.87
C VAL JB 271 71.52 -71.02 87.77
N LEU JB 272 70.20 -71.27 87.70
CA LEU JB 272 69.26 -70.61 88.61
C LEU JB 272 69.37 -71.14 90.03
N TYR JB 273 69.69 -72.42 90.20
CA TYR JB 273 69.81 -72.98 91.54
C TYR JB 273 71.09 -72.49 92.23
N HIS JB 274 72.21 -72.46 91.49
CA HIS JB 274 73.46 -72.00 92.07
C HIS JB 274 73.46 -70.49 92.34
N GLU JB 275 72.56 -69.74 91.72
CA GLU JB 275 72.49 -68.30 91.94
C GLU JB 275 71.57 -67.92 93.08
N SER JB 276 70.54 -68.73 93.35
CA SER JB 276 69.62 -68.44 94.45
C SER JB 276 70.28 -68.58 95.82
N TRP JB 277 71.44 -69.23 95.90
CA TRP JB 277 72.15 -69.40 97.16
C TRP JB 277 73.22 -68.35 97.38
N LYS JB 278 73.44 -67.45 96.42
CA LYS JB 278 74.45 -66.39 96.55
C LYS JB 278 73.76 -65.16 97.12
N THR JB 279 73.87 -64.98 98.43
CA THR JB 279 73.32 -63.80 99.11
C THR JB 279 74.30 -62.65 98.91
N GLU JB 280 74.10 -61.90 97.82
CA GLU JB 280 75.01 -60.81 97.50
C GLU JB 280 74.79 -59.64 98.45
N GLU JB 281 75.76 -58.73 98.45
CA GLU JB 281 75.76 -57.64 99.43
C GLU JB 281 74.55 -56.73 99.28
N TRP JB 282 74.17 -56.43 98.03
CA TRP JB 282 73.06 -55.50 97.79
C TRP JB 282 71.71 -56.09 98.18
N GLU JB 283 71.63 -57.40 98.46
CA GLU JB 283 70.35 -58.01 98.80
C GLU JB 283 69.79 -57.50 100.11
N LYS JB 284 70.62 -56.93 100.99
CA LYS JB 284 70.12 -56.42 102.26
C LYS JB 284 69.33 -55.12 102.10
N LYS JB 285 69.35 -54.52 100.91
CA LYS JB 285 68.61 -53.28 100.66
C LYS JB 285 67.16 -53.59 100.28
N LYS JB 286 66.45 -54.35 101.11
CA LYS JB 286 65.08 -54.72 100.81
C LYS JB 286 64.11 -53.65 101.29
N THR JB 287 63.07 -53.41 100.49
CA THR JB 287 62.02 -52.46 100.81
C THR JB 287 60.84 -53.19 101.43
N GLU JB 288 60.20 -52.54 102.41
CA GLU JB 288 59.07 -53.16 103.10
C GLU JB 288 57.88 -53.39 102.18
N ALA JB 289 57.81 -52.68 101.05
CA ALA JB 289 56.74 -52.89 100.09
C ALA JB 289 57.02 -54.04 99.14
N ASP JB 290 58.27 -54.51 99.06
CA ASP JB 290 58.63 -55.61 98.19
C ASP JB 290 58.55 -56.97 98.87
N MET JB 291 58.25 -57.00 100.17
CA MET JB 291 58.19 -58.28 100.89
C MET JB 291 56.95 -59.05 100.49
N GLU JB 292 57.12 -60.34 100.19
CA GLU JB 292 55.99 -61.17 99.77
C GLU JB 292 55.06 -61.49 100.91
N GLU JB 293 55.50 -61.32 102.16
CA GLU JB 293 54.66 -61.58 103.32
C GLU JB 293 54.82 -60.44 104.32
N TYR JB 294 53.78 -60.23 105.12
CA TYR JB 294 53.79 -59.17 106.12
C TYR JB 294 54.57 -59.62 107.34
N ILE JB 295 55.47 -58.76 107.81
CA ILE JB 295 56.31 -59.04 108.98
C ILE JB 295 55.94 -58.04 110.07
N TRP JB 296 55.68 -58.56 111.28
CA TRP JB 296 55.27 -57.69 112.38
C TRP JB 296 56.43 -56.83 112.87
N GLU JB 297 57.64 -57.36 112.83
CA GLU JB 297 58.80 -56.63 113.34
C GLU JB 297 59.11 -55.43 112.45
N ASN JB 298 59.29 -54.27 113.07
CA ASN JB 298 59.61 -53.02 112.38
C ASN JB 298 58.55 -52.70 111.32
N SER JB 299 57.32 -52.54 111.78
CA SER JB 299 56.20 -52.25 110.91
C SER JB 299 55.46 -51.01 111.43
N THR JB 300 54.73 -50.36 110.51
CA THR JB 300 53.97 -49.17 110.89
C THR JB 300 52.88 -49.51 111.88
N SER JB 301 52.22 -50.66 111.71
CA SER JB 301 51.20 -51.07 112.66
C SER JB 301 51.78 -51.26 114.06
N GLU JB 302 53.03 -51.72 114.14
CA GLU JB 302 53.69 -51.83 115.44
C GLU JB 302 53.86 -50.46 116.09
N LYS JB 303 54.23 -49.45 115.30
CA LYS JB 303 54.40 -48.11 115.85
C LYS JB 303 53.10 -47.56 116.39
N ASN JB 304 51.98 -47.81 115.70
CA ASN JB 304 50.68 -47.36 116.19
C ASN JB 304 50.33 -48.04 117.50
N ILE JB 305 50.68 -49.31 117.65
CA ILE JB 305 50.40 -50.03 118.89
C ILE JB 305 51.16 -49.40 120.06
N LEU JB 306 52.43 -49.07 119.84
CA LEU JB 306 53.23 -48.47 120.92
C LEU JB 306 52.63 -47.14 121.36
N GLU JB 307 52.23 -46.31 120.41
CA GLU JB 307 51.58 -45.04 120.75
C GLU JB 307 50.24 -45.27 121.43
N THR JB 308 49.46 -46.25 120.94
CA THR JB 308 48.16 -46.52 121.52
C THR JB 308 48.27 -47.01 122.96
N LEU JB 309 49.26 -47.86 123.25
CA LEU JB 309 49.39 -48.41 124.59
C LEU JB 309 49.92 -47.40 125.59
N LEU JB 310 50.86 -46.53 125.17
CA LEU JB 310 51.41 -45.56 126.09
C LEU JB 310 50.38 -44.53 126.52
N GLN JB 311 49.48 -44.14 125.61
CA GLN JB 311 48.43 -43.20 125.96
C GLN JB 311 47.51 -43.76 127.02
N ILE JB 312 47.15 -45.05 126.90
CA ILE JB 312 46.31 -45.68 127.91
C ILE JB 312 47.03 -45.75 129.25
N LYS JB 313 48.31 -46.12 129.24
CA LYS JB 313 49.08 -46.17 130.47
C LYS JB 313 49.22 -44.79 131.09
N ALA JB 314 49.46 -43.77 130.27
CA ALA JB 314 49.54 -42.41 130.78
C ALA JB 314 48.20 -41.95 131.34
N ALA JB 315 47.10 -42.31 130.67
CA ALA JB 315 45.78 -41.95 131.16
C ALA JB 315 45.48 -42.62 132.49
N GLU JB 316 45.90 -43.87 132.65
CA GLU JB 316 45.71 -44.60 133.90
C GLU JB 316 46.75 -44.27 134.95
N LYS JB 317 47.69 -43.37 134.64
CA LYS JB 317 48.76 -42.96 135.56
C LYS JB 317 49.60 -44.17 136.01
N ASN JB 318 49.94 -45.03 135.06
CA ASN JB 318 50.84 -46.15 135.30
C ASN JB 318 52.23 -45.76 134.83
N LEU JB 319 53.18 -45.74 135.77
CA LEU JB 319 54.54 -45.27 135.50
C LEU JB 319 55.44 -46.33 134.90
N GLU JB 320 54.97 -47.57 134.77
CA GLU JB 320 55.79 -48.63 134.18
C GLU JB 320 55.77 -48.51 132.67
N LEU JB 321 56.94 -48.24 132.08
CA LEU JB 321 57.06 -48.07 130.64
C LEU JB 321 58.31 -48.79 130.17
N SER JB 322 58.12 -49.82 129.34
CA SER JB 322 59.24 -50.59 128.80
C SER JB 322 58.79 -51.24 127.50
N LYS JB 323 59.67 -51.23 126.50
CA LYS JB 323 59.34 -51.84 125.22
C LYS JB 323 59.11 -53.33 125.37
N GLU JB 324 59.94 -54.02 126.16
CA GLU JB 324 59.76 -55.44 126.39
C GLU JB 324 58.46 -55.71 127.15
N GLU JB 325 58.13 -54.85 128.11
CA GLU JB 325 56.91 -55.05 128.90
C GLU JB 325 55.67 -54.99 128.03
N LEU JB 326 55.57 -53.96 127.17
CA LEU JB 326 54.38 -53.81 126.34
C LEU JB 326 54.34 -54.86 125.22
N LEU JB 327 55.47 -55.10 124.57
CA LEU JB 327 55.51 -56.06 123.46
C LEU JB 327 55.46 -57.51 123.94
N GLY JB 328 55.77 -57.77 125.20
CA GLY JB 328 55.70 -59.11 125.74
C GLY JB 328 54.34 -59.51 126.27
N THR JB 329 53.34 -58.65 126.14
CA THR JB 329 52.01 -58.96 126.66
C THR JB 329 51.33 -60.03 125.81
N LYS JB 330 50.52 -60.86 126.46
CA LYS JB 330 49.78 -61.90 125.75
C LYS JB 330 48.80 -61.29 124.77
N GLU JB 331 48.15 -60.18 125.15
CA GLU JB 331 47.17 -59.55 124.28
C GLU JB 331 47.82 -59.06 122.98
N VAL JB 332 49.04 -58.50 123.08
CA VAL JB 332 49.74 -58.06 121.88
C VAL JB 332 50.10 -59.25 121.00
N GLU JB 333 50.43 -60.39 121.62
CA GLU JB 333 50.74 -61.59 120.85
C GLU JB 333 49.53 -62.04 120.04
N ASP JB 334 48.34 -61.99 120.62
CA ASP JB 334 47.13 -62.29 119.86
C ASP JB 334 46.92 -61.27 118.75
N TYR JB 335 47.24 -60.00 119.03
CA TYR JB 335 47.14 -58.97 118.00
C TYR JB 335 48.12 -59.24 116.87
N ARG JB 336 49.33 -59.69 117.19
CA ARG JB 336 50.31 -60.00 116.17
C ARG JB 336 49.84 -61.13 115.27
N LYS JB 337 49.26 -62.18 115.85
CA LYS JB 337 48.77 -63.29 115.05
C LYS JB 337 47.61 -62.86 114.15
N SER JB 338 46.73 -61.99 114.66
CA SER JB 338 45.57 -61.58 113.88
C SER JB 338 45.97 -60.73 112.67
N VAL JB 339 46.85 -59.75 112.88
CA VAL JB 339 47.21 -58.83 111.81
C VAL JB 339 47.99 -59.54 110.71
N VAL JB 340 48.95 -60.39 111.10
CA VAL JB 340 49.75 -61.11 110.11
C VAL JB 340 48.87 -62.03 109.29
N SER JB 341 47.95 -62.75 109.95
CA SER JB 341 47.04 -63.64 109.23
C SER JB 341 46.10 -62.85 108.34
N LEU JB 342 45.62 -61.69 108.82
CA LEU JB 342 44.66 -60.91 108.05
C LEU JB 342 45.28 -60.39 106.75
N LYS JB 343 46.53 -59.92 106.81
CA LYS JB 343 47.17 -59.38 105.62
C LYS JB 343 47.64 -60.48 104.68
N ASN JB 344 48.03 -61.64 105.20
CA ASN JB 344 48.54 -62.72 104.36
C ASN JB 344 47.40 -63.57 103.79
N GLU JB 345 46.57 -64.14 104.66
CA GLU JB 345 45.46 -64.96 104.19
C GLU JB 345 44.40 -64.13 103.49
N GLY JB 346 44.15 -62.92 103.98
CA GLY JB 346 43.14 -62.04 103.42
C GLY JB 346 41.95 -61.90 104.34
N ASP JB 347 41.01 -61.07 103.90
CA ASP JB 347 39.79 -60.85 104.67
C ASP JB 347 38.93 -62.10 104.69
N ASN JB 348 38.32 -62.37 105.84
CA ASN JB 348 37.43 -63.51 105.98
C ASN JB 348 36.49 -63.23 107.14
N GLU JB 349 35.37 -63.98 107.17
CA GLU JB 349 34.41 -63.80 108.24
C GLU JB 349 35.01 -64.11 109.60
N ASN JB 350 35.76 -65.21 109.70
CA ASN JB 350 36.42 -65.54 110.95
C ASN JB 350 37.63 -64.66 111.20
N THR JB 351 38.35 -64.29 110.13
CA THR JB 351 39.53 -63.45 110.29
C THR JB 351 39.17 -62.09 110.86
N LEU JB 352 38.11 -61.47 110.35
CA LEU JB 352 37.65 -60.20 110.92
C LEU JB 352 37.10 -60.40 112.32
N SER JB 353 36.44 -61.54 112.56
CA SER JB 353 35.96 -61.85 113.91
C SER JB 353 37.13 -61.99 114.88
N GLN JB 354 38.21 -62.62 114.45
CA GLN JB 354 39.40 -62.72 115.28
C GLN JB 354 39.99 -61.33 115.54
N TYR JB 355 39.98 -60.46 114.52
CA TYR JB 355 40.50 -59.11 114.70
C TYR JB 355 39.63 -58.31 115.67
N LYS JB 356 38.32 -58.54 115.67
CA LYS JB 356 37.44 -57.85 116.59
C LYS JB 356 37.78 -58.19 118.04
N GLU JB 357 38.00 -59.47 118.33
CA GLU JB 357 38.29 -59.89 119.70
C GLU JB 357 39.60 -59.30 120.19
N SER JB 358 40.62 -59.27 119.33
CA SER JB 358 41.91 -58.74 119.74
C SER JB 358 41.83 -57.26 120.10
N VAL JB 359 41.11 -56.47 119.30
CA VAL JB 359 41.03 -55.05 119.56
C VAL JB 359 40.21 -54.78 120.82
N LYS JB 360 39.13 -55.53 121.02
CA LYS JB 360 38.27 -55.29 122.18
C LYS JB 360 39.01 -55.55 123.49
N ARG JB 361 39.77 -56.65 123.56
CA ARG JB 361 40.51 -56.94 124.78
C ARG JB 361 41.71 -56.01 124.95
N LEU JB 362 42.31 -55.56 123.85
CA LEU JB 362 43.46 -54.66 123.96
C LEU JB 362 43.05 -53.26 124.40
N LEU JB 363 41.84 -52.84 124.06
CA LEU JB 363 41.33 -51.53 124.43
C LEU JB 363 40.39 -51.56 125.63
N ASN JB 364 40.29 -52.71 126.30
CA ASN JB 364 39.46 -52.88 127.50
C ASN JB 364 38.00 -52.55 127.22
N LEU JB 365 37.50 -52.91 126.04
CA LEU JB 365 36.12 -52.69 125.67
C LEU JB 365 35.40 -54.03 125.53
N ALA JB 366 34.25 -54.15 126.18
CA ALA JB 366 33.47 -55.38 126.11
C ALA JB 366 31.98 -55.07 126.01
N LYS KB 36 23.19 -68.93 35.86
CA LYS KB 36 23.26 -70.37 36.09
C LYS KB 36 24.69 -70.82 36.33
N ASN KB 37 24.88 -71.69 37.32
CA ASN KB 37 26.20 -72.20 37.63
C ASN KB 37 26.71 -73.10 36.51
N ARG KB 38 28.00 -73.00 36.21
CA ARG KB 38 28.60 -73.77 35.13
C ARG KB 38 29.92 -74.43 35.53
N ALA KB 39 30.29 -74.38 36.81
CA ALA KB 39 31.59 -74.89 37.22
C ALA KB 39 31.60 -76.42 37.21
N ALA KB 40 32.44 -77.00 36.35
CA ALA KB 40 32.67 -78.45 36.32
C ALA KB 40 31.35 -79.22 36.19
N ARG KB 41 30.57 -78.88 35.17
CA ARG KB 41 29.31 -79.54 34.90
C ARG KB 41 29.23 -79.94 33.43
N VAL KB 42 28.49 -81.01 33.18
CA VAL KB 42 28.17 -81.46 31.84
C VAL KB 42 26.68 -81.21 31.60
N ARG KB 43 26.37 -80.47 30.54
CA ARG KB 43 24.99 -80.08 30.28
C ARG KB 43 24.19 -81.23 29.70
N VAL KB 44 22.88 -81.20 29.96
CA VAL KB 44 21.99 -82.23 29.46
C VAL KB 44 21.78 -82.02 27.96
N SER KB 45 21.98 -83.10 27.19
CA SER KB 45 21.77 -83.07 25.74
C SER KB 45 21.13 -84.39 25.35
N LYS KB 46 19.79 -84.41 25.33
CA LYS KB 46 19.01 -85.62 25.04
C LYS KB 46 19.45 -86.72 26.02
N GLY KB 47 19.66 -87.94 25.55
CA GLY KB 47 20.10 -89.03 26.39
C GLY KB 47 21.12 -89.93 25.70
N ASP KB 48 21.94 -89.35 24.83
CA ASP KB 48 22.88 -90.10 24.02
C ASP KB 48 24.34 -89.89 24.38
N LYS KB 49 24.64 -89.03 25.35
CA LYS KB 49 26.03 -88.78 25.73
C LYS KB 49 26.33 -89.48 27.05
N PRO KB 50 27.25 -90.45 27.07
CA PRO KB 50 27.58 -91.12 28.33
C PRO KB 50 28.34 -90.19 29.27
N VAL KB 51 28.14 -90.41 30.57
CA VAL KB 51 28.82 -89.65 31.61
C VAL KB 51 29.33 -90.61 32.67
N THR KB 52 30.57 -90.40 33.11
CA THR KB 52 31.13 -91.21 34.17
C THR KB 52 30.66 -90.70 35.53
N TYR KB 53 31.00 -91.43 36.59
CA TYR KB 53 30.53 -91.07 37.92
C TYR KB 53 31.11 -89.72 38.36
N GLU KB 54 32.38 -89.46 38.05
CA GLU KB 54 33.01 -88.22 38.48
C GLU KB 54 32.36 -87.01 37.82
N GLU KB 55 32.07 -87.10 36.52
CA GLU KB 55 31.52 -85.96 35.80
C GLU KB 55 30.02 -85.78 35.99
N ALA KB 56 29.32 -86.78 36.53
CA ALA KB 56 27.87 -86.72 36.66
C ALA KB 56 27.41 -86.00 37.91
N HIS KB 57 28.33 -85.55 38.76
CA HIS KB 57 27.98 -84.89 40.02
C HIS KB 57 28.50 -83.46 40.01
N ALA KB 58 27.66 -82.54 40.47
CA ALA KB 58 28.01 -81.13 40.52
C ALA KB 58 29.08 -80.89 41.60
N PRO KB 59 29.82 -79.79 41.50
CA PRO KB 59 30.89 -79.54 42.49
C PRO KB 59 30.38 -79.41 43.92
N HIS KB 60 29.13 -79.02 44.13
CA HIS KB 60 28.62 -78.90 45.49
C HIS KB 60 28.38 -80.26 46.15
N TYR KB 61 28.50 -81.35 45.40
CA TYR KB 61 28.41 -82.70 45.96
C TYR KB 61 29.73 -83.20 46.51
N ILE KB 62 30.80 -82.40 46.41
CA ILE KB 62 32.09 -82.81 46.98
C ILE KB 62 31.94 -82.99 48.48
N ALA KB 63 32.54 -84.06 49.00
CA ALA KB 63 32.45 -84.49 50.39
C ALA KB 63 31.03 -84.90 50.78
N HIS KB 64 30.12 -85.01 49.81
CA HIS KB 64 28.78 -85.51 50.04
C HIS KB 64 28.50 -86.78 49.25
N ARG KB 65 28.91 -86.85 47.98
CA ARG KB 65 28.66 -88.01 47.16
C ARG KB 65 29.96 -88.57 46.58
N LYS KB 66 30.94 -87.71 46.36
CA LYS KB 66 32.24 -88.11 45.84
C LYS KB 66 33.35 -87.47 46.66
N GLY KB 67 34.45 -88.20 46.80
CA GLY KB 67 35.60 -87.74 47.55
C GLY KB 67 36.54 -86.89 46.71
N TRP KB 68 37.68 -86.55 47.32
CA TRP KB 68 38.69 -85.75 46.67
C TRP KB 68 39.62 -86.64 45.84
N LEU KB 69 39.94 -86.18 44.63
CA LEU KB 69 40.83 -86.95 43.76
C LEU KB 69 42.25 -87.04 44.30
N SER KB 70 42.66 -86.11 45.16
CA SER KB 70 43.98 -86.12 45.75
C SER KB 70 43.86 -85.90 47.25
N LEU KB 71 44.74 -86.56 48.01
CA LEU KB 71 44.75 -86.46 49.47
C LEU KB 71 46.18 -86.23 49.93
N HIS KB 72 46.39 -85.18 50.72
CA HIS KB 72 47.71 -84.90 51.27
C HIS KB 72 47.55 -84.01 52.49
N THR KB 73 48.64 -83.85 53.23
CA THR KB 73 48.65 -83.14 54.50
C THR KB 73 48.66 -81.62 54.33
N GLY KB 74 48.93 -81.12 53.13
CA GLY KB 74 49.15 -79.70 52.95
C GLY KB 74 47.97 -78.83 53.35
N ASN KB 75 46.75 -79.30 53.11
CA ASN KB 75 45.55 -78.52 53.35
C ASN KB 75 44.89 -78.83 54.70
N LEU KB 76 45.68 -79.23 55.69
CA LEU KB 76 45.17 -79.43 57.04
C LEU KB 76 45.08 -78.07 57.75
N ASP KB 77 44.84 -78.10 59.06
CA ASP KB 77 44.64 -76.85 59.80
C ASP KB 77 45.98 -76.17 60.08
N GLY KB 78 46.87 -76.85 60.81
CA GLY KB 78 48.12 -76.25 61.20
C GLY KB 78 49.34 -76.85 60.52
N GLU KB 79 49.23 -77.14 59.23
CA GLU KB 79 50.31 -77.72 58.47
C GLU KB 79 50.76 -76.76 57.37
N ASP KB 80 52.07 -76.68 57.16
CA ASP KB 80 52.64 -75.84 56.13
C ASP KB 80 52.88 -76.67 54.87
N HIS KB 81 53.59 -76.09 53.90
CA HIS KB 81 53.94 -76.75 52.65
C HIS KB 81 52.69 -77.22 51.89
N ALA KB 82 51.87 -76.25 51.53
CA ALA KB 82 50.65 -76.50 50.77
C ALA KB 82 50.73 -76.09 49.32
N ALA KB 83 51.49 -75.04 49.00
CA ALA KB 83 51.59 -74.59 47.61
C ALA KB 83 52.46 -75.53 46.78
N GLU KB 84 53.53 -76.06 47.37
CA GLU KB 84 54.40 -76.98 46.64
C GLU KB 84 53.66 -78.25 46.24
N ARG KB 85 52.79 -78.75 47.13
CA ARG KB 85 51.99 -79.92 46.80
C ARG KB 85 51.03 -79.64 45.66
N THR KB 86 50.44 -78.46 45.63
CA THR KB 86 49.44 -78.14 44.61
C THR KB 86 50.06 -78.10 43.22
N VAL KB 87 51.23 -77.45 43.08
CA VAL KB 87 51.84 -77.32 41.76
C VAL KB 87 52.32 -78.68 41.26
N GLU KB 88 52.84 -79.52 42.15
CA GLU KB 88 53.23 -80.87 41.75
C GLU KB 88 52.02 -81.69 41.34
N ASP KB 89 50.88 -81.49 42.01
CA ASP KB 89 49.66 -82.19 41.64
C ASP KB 89 49.23 -81.83 40.22
N VAL KB 90 49.28 -80.55 39.88
CA VAL KB 90 48.84 -80.12 38.55
C VAL KB 90 49.74 -80.69 37.47
N PHE KB 91 51.05 -80.76 37.73
CA PHE KB 91 51.98 -81.30 36.74
C PHE KB 91 51.66 -82.76 36.43
N LEU KB 92 51.32 -83.54 37.45
CA LEU KB 92 50.98 -84.94 37.21
C LEU KB 92 49.69 -85.07 36.41
N ARG KB 93 48.74 -84.13 36.60
CA ARG KB 93 47.53 -84.15 35.78
C ARG KB 93 47.86 -83.92 34.32
N LYS KB 94 48.88 -83.13 34.02
CA LYS KB 94 49.30 -82.85 32.66
C LYS KB 94 50.30 -83.86 32.12
N PHE KB 95 51.10 -84.48 32.99
CA PHE KB 95 52.10 -85.44 32.53
C PHE KB 95 51.47 -86.79 32.22
N MET KB 96 50.62 -87.29 33.12
CA MET KB 96 49.97 -88.57 32.90
C MET KB 96 49.04 -88.53 31.70
N LEU KB 97 48.37 -87.40 31.50
CA LEU KB 97 47.48 -87.27 30.34
C LEU KB 97 48.24 -87.32 29.03
N GLY KB 98 49.44 -86.76 28.99
CA GLY KB 98 50.23 -86.76 27.77
C GLY KB 98 51.07 -88.01 27.59
N THR KB 99 51.45 -88.64 28.70
CA THR KB 99 52.24 -89.87 28.61
C THR KB 99 51.40 -91.01 28.05
N PHE KB 100 50.11 -91.03 28.37
CA PHE KB 100 49.19 -92.06 27.89
C PHE KB 100 48.12 -91.43 27.01
N PRO KB 101 48.42 -91.13 25.75
CA PRO KB 101 47.46 -90.43 24.89
C PRO KB 101 46.28 -91.32 24.53
N GLY KB 102 45.07 -90.85 24.85
CA GLY KB 102 43.86 -91.52 24.42
C GLY KB 102 43.44 -92.68 25.30
N CYS KB 103 44.41 -93.40 25.85
CA CYS KB 103 44.12 -94.60 26.64
C CYS KB 103 43.76 -94.29 28.08
N LEU KB 104 43.87 -93.04 28.52
CA LEU KB 104 43.51 -92.68 29.89
C LEU KB 104 41.99 -92.62 30.01
N ALA KB 105 41.45 -93.27 31.04
CA ALA KB 105 40.00 -93.34 31.20
C ALA KB 105 39.44 -92.06 31.82
N ASP KB 106 39.91 -91.70 33.01
CA ASP KB 106 39.39 -90.54 33.72
C ASP KB 106 40.53 -89.95 34.56
N GLN KB 107 40.18 -89.12 35.53
CA GLN KB 107 41.17 -88.39 36.30
C GLN KB 107 42.01 -89.34 37.15
N LEU KB 108 43.24 -88.91 37.46
CA LEU KB 108 44.13 -89.68 38.30
C LEU KB 108 43.71 -89.57 39.76
N VAL KB 109 44.26 -90.46 40.58
CA VAL KB 109 44.09 -90.42 42.03
C VAL KB 109 45.48 -90.39 42.65
N LEU KB 110 45.76 -89.34 43.41
CA LEU KB 110 47.09 -89.13 43.98
C LEU KB 110 47.03 -89.28 45.49
N LYS KB 111 47.85 -90.20 46.02
CA LYS KB 111 47.97 -90.42 47.44
C LYS KB 111 49.42 -90.18 47.86
N ARG KB 112 49.61 -89.41 48.93
CA ARG KB 112 50.94 -89.09 49.43
C ARG KB 112 51.07 -89.63 50.85
N ARG KB 113 51.86 -90.68 51.00
CA ARG KB 113 52.15 -91.28 52.30
C ARG KB 113 53.64 -91.14 52.57
N ALA KB 114 53.98 -90.67 53.78
CA ALA KB 114 55.37 -90.40 54.15
C ALA KB 114 56.02 -89.51 53.10
N ASN KB 115 57.07 -89.99 52.46
CA ASN KB 115 57.71 -89.27 51.37
C ASN KB 115 57.48 -89.93 50.01
N GLN KB 116 56.72 -91.02 49.97
CA GLN KB 116 56.44 -91.72 48.73
C GLN KB 116 55.14 -91.23 48.13
N LEU KB 117 55.08 -91.21 46.81
CA LEU KB 117 53.93 -90.71 46.06
C LEU KB 117 53.31 -91.86 45.29
N GLU KB 118 52.01 -92.09 45.50
CA GLU KB 118 51.29 -93.16 44.85
C GLU KB 118 50.32 -92.57 43.82
N ILE KB 119 50.38 -93.08 42.60
CA ILE KB 119 49.52 -92.64 41.51
C ILE KB 119 48.69 -93.82 41.04
N CYS KB 120 47.36 -93.68 41.12
CA CYS KB 120 46.43 -94.71 40.66
C CYS KB 120 45.74 -94.21 39.40
N ALA KB 121 45.71 -95.05 38.38
CA ALA KB 121 45.18 -94.66 37.08
C ALA KB 121 44.27 -95.76 36.53
N LEU KB 122 43.31 -95.35 35.70
CA LEU KB 122 42.49 -96.26 34.92
C LEU KB 122 42.84 -96.07 33.46
N VAL KB 123 43.28 -97.14 32.79
CA VAL KB 123 43.78 -97.06 31.42
C VAL KB 123 43.00 -98.04 30.55
N LEU KB 124 42.60 -97.57 29.38
CA LEU KB 124 41.88 -98.42 28.43
C LEU KB 124 42.81 -99.45 27.80
N ARG KB 125 42.20 -100.47 27.19
CA ARG KB 125 42.94 -101.52 26.50
C ARG KB 125 43.27 -101.06 25.09
N GLN KB 126 44.25 -100.16 25.00
CA GLN KB 126 44.65 -99.58 23.71
C GLN KB 126 46.06 -100.01 23.31
N LEU KB 127 47.04 -99.79 24.19
CA LEU KB 127 48.42 -100.13 23.86
C LEU KB 127 48.71 -101.59 24.18
N PRO KB 128 49.69 -102.19 23.49
CA PRO KB 128 50.12 -103.54 23.85
C PRO KB 128 50.73 -103.56 25.23
N PRO KB 129 50.68 -104.69 25.94
CA PRO KB 129 51.25 -104.74 27.29
C PRO KB 129 52.74 -104.41 27.34
N HIS KB 130 53.46 -104.61 26.23
CA HIS KB 130 54.87 -104.23 26.20
C HIS KB 130 55.03 -102.72 26.38
N LYS KB 131 54.18 -101.94 25.73
CA LYS KB 131 54.29 -100.49 25.84
C LYS KB 131 53.88 -99.99 27.22
N PHE KB 132 52.91 -100.64 27.85
CA PHE KB 132 52.48 -100.20 29.18
C PHE KB 132 53.60 -100.32 30.20
N TYR KB 133 54.31 -101.46 30.20
CA TYR KB 133 55.42 -101.63 31.12
C TYR KB 133 56.57 -100.68 30.79
N PHE KB 134 56.78 -100.38 29.51
CA PHE KB 134 57.78 -99.39 29.13
C PHE KB 134 57.43 -98.03 29.72
N LEU KB 135 56.16 -97.62 29.60
CA LEU KB 135 55.75 -96.34 30.15
C LEU KB 135 55.74 -96.37 31.68
N VAL KB 136 55.39 -97.52 32.28
CA VAL KB 136 55.40 -97.62 33.74
C VAL KB 136 56.82 -97.43 34.27
N GLY KB 137 57.79 -98.12 33.65
CA GLY KB 137 59.17 -97.93 34.07
C GLY KB 137 59.69 -96.54 33.77
N TYR KB 138 59.31 -95.99 32.62
CA TYR KB 138 59.73 -94.63 32.28
C TYR KB 138 59.14 -93.60 33.24
N SER KB 139 57.87 -93.76 33.61
CA SER KB 139 57.24 -92.80 34.51
C SER KB 139 57.80 -92.90 35.92
N GLU KB 140 58.00 -94.12 36.42
CA GLU KB 140 58.47 -94.29 37.79
C GLU KB 140 59.86 -93.69 37.97
N THR KB 141 60.76 -93.93 37.02
CA THR KB 141 62.12 -93.42 37.16
C THR KB 141 62.19 -91.92 36.97
N LEU KB 142 61.51 -91.39 35.95
CA LEU KB 142 61.63 -89.97 35.63
C LEU KB 142 61.06 -89.10 36.74
N LEU KB 143 59.89 -89.47 37.27
CA LEU KB 143 59.29 -88.65 38.33
C LEU KB 143 60.08 -88.76 39.63
N SER KB 144 60.65 -89.94 39.90
CA SER KB 144 61.42 -90.12 41.13
C SER KB 144 62.65 -89.21 41.15
N HIS KB 145 63.32 -89.08 40.00
CA HIS KB 145 64.51 -88.24 39.92
C HIS KB 145 64.19 -86.77 39.71
N PHE KB 146 62.92 -86.43 39.48
CA PHE KB 146 62.53 -85.03 39.30
C PHE KB 146 62.01 -84.41 40.60
N TYR KB 147 61.16 -85.12 41.32
CA TYR KB 147 60.66 -84.67 42.61
C TYR KB 147 61.49 -85.16 43.78
N LYS KB 148 62.54 -85.94 43.51
CA LYS KB 148 63.46 -86.44 44.53
C LYS KB 148 62.73 -87.22 45.62
N CYS KB 149 61.71 -87.98 45.22
CA CYS KB 149 60.95 -88.79 46.14
C CYS KB 149 60.54 -90.08 45.43
N PRO KB 150 60.40 -91.19 46.16
CA PRO KB 150 59.94 -92.42 45.54
C PRO KB 150 58.52 -92.27 45.00
N VAL KB 151 58.27 -92.91 43.86
CA VAL KB 151 56.99 -92.81 43.17
C VAL KB 151 56.43 -94.21 42.95
N HIS KB 152 55.15 -94.39 43.25
CA HIS KB 152 54.45 -95.64 42.99
C HIS KB 152 53.36 -95.40 41.94
N LEU KB 153 53.34 -96.25 40.92
CA LEU KB 153 52.40 -96.13 39.81
C LEU KB 153 51.64 -97.44 39.67
N HIS KB 154 50.39 -97.46 40.10
CA HIS KB 154 49.54 -98.64 40.02
C HIS KB 154 48.46 -98.40 38.97
N LEU KB 155 48.25 -99.40 38.11
CA LEU KB 155 47.32 -99.27 36.99
C LEU KB 155 46.23 -100.33 37.09
N GLN KB 156 45.00 -99.91 36.79
CA GLN KB 156 43.86 -100.81 36.63
C GLN KB 156 43.32 -100.63 35.22
N THR KB 157 43.16 -101.73 34.50
CA THR KB 157 42.76 -101.70 33.10
C THR KB 157 41.28 -102.06 32.98
N VAL KB 158 40.56 -101.28 32.17
CA VAL KB 158 39.13 -101.50 31.93
C VAL KB 158 38.89 -101.60 30.44
N PRO KB 159 37.89 -102.36 29.99
CA PRO KB 159 37.66 -102.46 28.54
C PRO KB 159 37.28 -101.14 27.89
N SER KB 160 36.52 -100.29 28.59
CA SER KB 160 36.11 -99.00 28.07
C SER KB 160 35.75 -98.09 29.23
N LYS KB 161 35.40 -96.85 28.91
CA LYS KB 161 35.00 -95.90 29.94
C LYS KB 161 33.73 -96.38 30.63
N VAL KB 162 33.74 -96.35 31.96
CA VAL KB 162 32.59 -96.79 32.75
C VAL KB 162 31.52 -95.71 32.69
N VAL KB 163 30.28 -96.13 32.41
CA VAL KB 163 29.17 -95.20 32.23
C VAL KB 163 28.25 -95.32 33.43
N TYR KB 164 27.91 -94.18 34.04
CA TYR KB 164 27.06 -94.13 35.22
C TYR KB 164 25.63 -93.70 34.91
N LYS KB 165 25.44 -92.80 33.96
CA LYS KB 165 24.11 -92.33 33.61
C LYS KB 165 23.99 -92.17 32.10
N TYR KB 166 22.78 -91.88 31.64
CA TYR KB 166 22.44 -91.68 30.22
C TYR KB 166 22.76 -92.98 29.48
N ILE KB 167 23.30 -92.89 28.26
CA ILE KB 167 23.58 -94.05 27.40
C ILE KB 167 22.38 -95.00 27.33
N LYS LB 128 -9.35 -58.62 9.18
CA LYS LB 128 -10.78 -58.56 8.94
C LYS LB 128 -11.09 -57.59 7.80
N ASN LB 129 -12.35 -57.58 7.36
CA ASN LB 129 -12.77 -56.72 6.26
C ASN LB 129 -12.73 -55.24 6.60
N ILE LB 130 -12.57 -54.89 7.89
CA ILE LB 130 -12.49 -53.49 8.28
C ILE LB 130 -11.30 -52.80 7.64
N LEU LB 131 -10.26 -53.55 7.28
CA LEU LB 131 -9.11 -52.96 6.63
C LEU LB 131 -9.43 -52.40 5.24
N LYS LB 132 -10.57 -52.77 4.67
CA LYS LB 132 -11.02 -52.22 3.39
C LYS LB 132 -12.03 -51.11 3.54
N ILE LB 133 -12.90 -51.19 4.55
CA ILE LB 133 -13.86 -50.11 4.79
C ILE LB 133 -13.13 -48.85 5.23
N ARG LB 134 -12.11 -49.00 6.08
CA ARG LB 134 -11.34 -47.84 6.51
C ARG LB 134 -10.60 -47.19 5.35
N ARG LB 135 -10.06 -48.00 4.44
CA ARG LB 135 -9.38 -47.44 3.28
C ARG LB 135 -10.35 -46.65 2.40
N ARG LB 136 -11.55 -47.18 2.19
CA ARG LB 136 -12.57 -46.45 1.45
C ARG LB 136 -13.14 -45.29 2.27
N LYS LB 137 -13.09 -45.38 3.60
CA LYS LB 137 -13.55 -44.27 4.42
C LYS LB 137 -12.66 -43.05 4.25
N MET LB 138 -11.34 -43.25 4.25
CA MET LB 138 -10.42 -42.14 4.13
C MET LB 138 -10.50 -41.49 2.76
N ASN LB 139 -10.60 -42.30 1.70
CA ASN LB 139 -10.66 -41.74 0.36
C ASN LB 139 -11.92 -40.91 0.16
N HIS LB 140 -13.06 -41.40 0.64
CA HIS LB 140 -14.29 -40.62 0.54
C HIS LB 140 -14.22 -39.37 1.39
N HIS LB 141 -13.61 -39.47 2.59
CA HIS LB 141 -13.47 -38.31 3.46
C HIS LB 141 -12.55 -37.26 2.85
N LYS LB 142 -11.44 -37.68 2.23
CA LYS LB 142 -10.56 -36.74 1.57
C LYS LB 142 -11.20 -36.17 0.31
N TYR LB 143 -12.03 -36.96 -0.37
CA TYR LB 143 -12.73 -36.44 -1.54
C TYR LB 143 -13.74 -35.37 -1.15
N ARG LB 144 -14.43 -35.55 -0.02
CA ARG LB 144 -15.40 -34.56 0.42
C ARG LB 144 -14.76 -33.27 0.89
N LYS LB 145 -13.45 -33.28 1.16
CA LYS LB 145 -12.73 -32.04 1.46
C LYS LB 145 -12.15 -31.39 0.22
N LEU LB 146 -11.81 -32.18 -0.81
CA LEU LB 146 -11.36 -31.60 -2.06
C LEU LB 146 -12.49 -30.83 -2.75
N VAL LB 147 -13.72 -31.36 -2.70
CA VAL LB 147 -14.85 -30.65 -3.28
C VAL LB 147 -15.12 -29.35 -2.51
N LYS LB 148 -15.10 -29.41 -1.19
CA LYS LB 148 -15.40 -28.22 -0.39
C LYS LB 148 -14.36 -27.13 -0.61
N ARG LB 149 -13.08 -27.49 -0.69
CA ARG LB 149 -12.04 -26.50 -0.86
C ARG LB 149 -12.13 -25.82 -2.21
N THR LB 150 -12.46 -26.58 -3.26
CA THR LB 150 -12.50 -26.07 -4.62
C THR LB 150 -13.92 -26.13 -5.20
N ARG LB 151 -14.91 -25.77 -4.38
CA ARG LB 151 -16.29 -25.83 -4.83
C ARG LB 151 -16.55 -24.86 -5.97
N PHE LB 152 -16.04 -23.64 -5.88
CA PHE LB 152 -16.30 -22.64 -6.91
C PHE LB 152 -15.48 -22.85 -8.16
N LEU LB 153 -14.37 -23.59 -8.09
CA LEU LB 153 -13.67 -23.98 -9.30
C LEU LB 153 -14.50 -24.94 -10.14
N ARG LB 154 -15.17 -25.90 -9.49
CA ARG LB 154 -16.02 -26.82 -10.22
C ARG LB 154 -17.27 -26.13 -10.77
N ARG LB 155 -17.77 -25.11 -10.06
CA ARG LB 155 -18.92 -24.36 -10.55
C ARG LB 155 -18.60 -23.68 -11.89
N LYS LB 156 -17.41 -23.11 -12.00
CA LYS LB 156 -17.00 -22.48 -13.26
C LYS LB 156 -16.89 -23.51 -14.38
N VAL LB 157 -16.31 -24.67 -14.09
CA VAL LB 157 -16.10 -25.68 -15.11
C VAL LB 157 -17.43 -26.30 -15.54
N ARG LB 158 -18.31 -26.58 -14.57
CA ARG LB 158 -19.59 -27.18 -14.90
C ARG LB 158 -20.42 -26.28 -15.81
N GLU LB 159 -20.47 -24.98 -15.51
CA GLU LB 159 -21.14 -24.06 -16.41
C GLU LB 159 -20.42 -23.95 -17.75
N GLY LB 160 -19.09 -23.99 -17.74
CA GLY LB 160 -18.34 -23.94 -18.98
C GLY LB 160 -18.61 -25.15 -19.86
N ARG LB 161 -18.68 -26.34 -19.27
CA ARG LB 161 -19.00 -27.53 -20.04
C ARG LB 161 -20.45 -27.52 -20.52
N LEU LB 162 -21.36 -26.93 -19.74
CA LEU LB 162 -22.76 -26.87 -20.15
C LEU LB 162 -22.93 -25.98 -21.37
N ARG LB 163 -22.21 -24.85 -21.42
CA ARG LB 163 -22.28 -23.98 -22.60
C ARG LB 163 -21.79 -24.70 -23.84
N GLN LB 164 -20.67 -25.42 -23.73
CA GLN LB 164 -20.19 -26.21 -24.85
C GLN LB 164 -21.15 -27.34 -25.20
N LYS LB 165 -21.82 -27.91 -24.20
CA LYS LB 165 -22.82 -28.93 -24.46
C LYS LB 165 -24.00 -28.37 -25.23
N GLN LB 166 -24.44 -27.16 -24.88
CA GLN LB 166 -25.53 -26.52 -25.61
C GLN LB 166 -25.07 -26.09 -27.02
N VAL LB 167 -23.87 -25.51 -27.12
CA VAL LB 167 -23.38 -25.06 -28.41
C VAL LB 167 -23.20 -26.23 -29.37
N LYS LB 168 -22.61 -27.33 -28.89
CA LYS LB 168 -22.44 -28.50 -29.73
C LYS LB 168 -23.78 -29.08 -30.15
N PHE LB 169 -24.80 -28.99 -29.30
CA PHE LB 169 -26.14 -29.42 -29.67
C PHE LB 169 -26.72 -28.54 -30.76
N GLU LB 170 -26.45 -27.23 -30.70
CA GLU LB 170 -26.93 -26.32 -31.74
C GLU LB 170 -26.32 -26.67 -33.10
N ARG LB 171 -25.03 -26.98 -33.12
CA ARG LB 171 -24.37 -27.32 -34.37
C ARG LB 171 -24.95 -28.60 -34.97
N ASP LB 172 -25.32 -29.56 -34.13
CA ASP LB 172 -25.92 -30.80 -34.63
C ASP LB 172 -27.26 -30.51 -35.32
N LEU LB 173 -28.09 -29.66 -34.72
CA LEU LB 173 -29.35 -29.30 -35.37
C LEU LB 173 -29.11 -28.44 -36.61
N LYS LB 174 -28.10 -27.57 -36.55
CA LYS LB 174 -27.78 -26.75 -37.72
C LYS LB 174 -27.32 -27.60 -38.89
N ARG LB 175 -26.60 -28.69 -38.62
CA ARG LB 175 -26.18 -29.58 -39.69
C ARG LB 175 -27.36 -30.28 -40.35
N ILE LB 176 -28.42 -30.55 -39.60
CA ILE LB 176 -29.54 -31.32 -40.12
C ILE LB 176 -30.23 -30.57 -41.27
N TRP LB 177 -30.58 -29.30 -41.05
CA TRP LB 177 -31.31 -28.58 -42.09
C TRP LB 177 -30.40 -28.14 -43.24
N GLN LB 178 -29.11 -27.90 -42.97
CA GLN LB 178 -28.20 -27.54 -44.04
C GLN LB 178 -27.99 -28.69 -45.00
N LYS LB 179 -27.86 -29.92 -44.48
CA LYS LB 179 -27.69 -31.08 -45.34
C LYS LB 179 -28.98 -31.48 -46.03
N ALA LB 180 -30.14 -31.03 -45.53
CA ALA LB 180 -31.41 -31.33 -46.15
C ALA LB 180 -31.73 -30.44 -47.35
N GLY LB 181 -30.88 -29.44 -47.62
CA GLY LB 181 -31.06 -28.55 -48.75
C GLY LB 181 -31.62 -27.19 -48.40
N LEU LB 182 -32.17 -27.01 -47.21
CA LEU LB 182 -32.71 -25.72 -46.82
C LEU LB 182 -31.59 -24.73 -46.54
N LYS LB 183 -31.91 -23.45 -46.72
CA LYS LB 183 -30.98 -22.38 -46.41
C LYS LB 183 -31.15 -21.86 -44.98
N GLU LB 184 -32.40 -21.76 -44.52
CA GLU LB 184 -32.72 -21.28 -43.20
C GLU LB 184 -33.45 -22.36 -42.43
N ALA LB 185 -33.38 -22.28 -41.10
CA ALA LB 185 -34.14 -23.20 -40.27
C ALA LB 185 -35.64 -22.99 -40.49
N PRO LB 186 -36.44 -24.04 -40.29
CA PRO LB 186 -37.89 -23.90 -40.54
C PRO LB 186 -38.51 -22.81 -39.70
N ALA LB 187 -39.48 -22.12 -40.28
CA ALA LB 187 -40.10 -20.98 -39.62
C ALA LB 187 -40.82 -21.41 -38.34
N GLY LB 188 -40.73 -20.58 -37.32
CA GLY LB 188 -41.34 -20.89 -36.04
C GLY LB 188 -40.55 -21.83 -35.16
N TRP LB 189 -39.32 -22.18 -35.56
CA TRP LB 189 -38.50 -23.12 -34.82
C TRP LB 189 -37.33 -22.36 -34.17
N GLN LB 190 -37.38 -22.23 -32.85
CA GLN LB 190 -36.28 -21.69 -32.07
C GLN LB 190 -35.77 -22.79 -31.14
N THR LB 191 -34.49 -23.10 -31.23
CA THR LB 191 -33.93 -24.20 -30.46
C THR LB 191 -33.95 -23.87 -28.97
N PRO LB 192 -34.60 -24.67 -28.14
CA PRO LB 192 -34.62 -24.39 -26.70
C PRO LB 192 -33.28 -24.67 -26.05
N LYS LB 193 -33.07 -24.03 -24.89
CA LYS LB 193 -31.88 -24.27 -24.09
C LYS LB 193 -32.21 -25.36 -23.07
N ILE LB 194 -32.06 -26.61 -23.50
CA ILE LB 194 -32.39 -27.74 -22.62
C ILE LB 194 -31.44 -27.78 -21.43
N TYR LB 195 -30.16 -27.56 -21.66
CA TYR LB 195 -29.16 -27.60 -20.59
C TYR LB 195 -29.10 -26.25 -19.86
N LEU LB 196 -30.26 -25.83 -19.37
CA LEU LB 196 -30.40 -24.60 -18.61
C LEU LB 196 -31.19 -24.87 -17.34
N LYS LB 197 -30.80 -24.21 -16.25
CA LYS LB 197 -31.46 -24.44 -14.98
C LYS LB 197 -32.89 -23.92 -15.02
N ASN LB 198 -33.85 -24.78 -14.74
CA ASN LB 198 -35.26 -24.41 -14.70
C ASN LB 198 -35.93 -25.18 -13.57
N GLN LB 199 -37.24 -25.01 -13.42
CA GLN LB 199 -38.01 -25.70 -12.40
C GLN LB 199 -39.45 -25.91 -12.86
N PRO MB 2 -77.82 -57.55 14.93
CA PRO MB 2 -77.33 -56.18 14.97
C PRO MB 2 -76.05 -55.99 14.17
N ARG MB 3 -75.79 -54.77 13.72
CA ARG MB 3 -74.59 -54.47 12.94
C ARG MB 3 -73.67 -53.48 13.62
N TYR MB 4 -74.20 -52.39 14.17
CA TYR MB 4 -73.41 -51.40 14.88
C TYR MB 4 -73.90 -51.28 16.32
N GLU MB 5 -72.96 -50.96 17.21
CA GLU MB 5 -73.25 -50.80 18.63
C GLU MB 5 -72.73 -49.44 19.08
N LEU MB 6 -73.57 -48.68 19.78
CA LEU MB 6 -73.25 -47.33 20.21
C LEU MB 6 -72.96 -47.36 21.71
N ALA MB 7 -71.69 -47.25 22.07
CA ALA MB 7 -71.28 -47.15 23.47
C ALA MB 7 -71.54 -45.72 23.93
N LEU MB 8 -72.72 -45.50 24.50
CA LEU MB 8 -73.18 -44.16 24.87
C LEU MB 8 -73.03 -43.97 26.37
N ILE MB 9 -72.36 -42.89 26.77
CA ILE MB 9 -72.24 -42.51 28.16
C ILE MB 9 -72.84 -41.11 28.31
N LEU MB 10 -73.78 -40.97 29.25
CA LEU MB 10 -74.49 -39.72 29.46
C LEU MB 10 -74.13 -39.13 30.82
N LYS MB 11 -74.20 -37.81 30.90
CA LYS MB 11 -73.96 -37.13 32.16
C LYS MB 11 -75.08 -37.47 33.15
N ALA MB 12 -74.71 -37.63 34.42
CA ALA MB 12 -75.67 -38.02 35.43
C ALA MB 12 -76.68 -36.91 35.68
N MET MB 13 -77.96 -37.25 35.63
CA MET MB 13 -79.03 -36.29 35.84
C MET MB 13 -80.28 -37.05 36.26
N GLN MB 14 -81.39 -36.32 36.39
CA GLN MB 14 -82.63 -36.89 36.90
C GLN MB 14 -83.35 -37.68 35.80
N ARG MB 15 -84.47 -38.28 36.17
CA ARG MB 15 -85.24 -39.11 35.24
C ARG MB 15 -85.75 -38.35 34.03
N PRO MB 16 -86.37 -37.17 34.15
CA PRO MB 16 -86.96 -36.54 32.94
C PRO MB 16 -85.95 -36.21 31.86
N GLU MB 17 -84.88 -35.48 32.20
CA GLU MB 17 -83.92 -35.07 31.17
C GLU MB 17 -83.15 -36.26 30.62
N THR MB 18 -82.94 -37.30 31.43
CA THR MB 18 -82.29 -38.51 30.92
C THR MB 18 -83.14 -39.17 29.84
N ALA MB 19 -84.45 -39.25 30.07
CA ALA MB 19 -85.34 -39.78 29.04
C ALA MB 19 -85.37 -38.87 27.81
N ALA MB 20 -85.38 -37.56 28.03
CA ALA MB 20 -85.37 -36.62 26.91
C ALA MB 20 -84.09 -36.74 26.10
N ALA MB 21 -82.95 -36.90 26.78
CA ALA MB 21 -81.67 -37.02 26.06
C ALA MB 21 -81.65 -38.26 25.19
N LEU MB 22 -82.17 -39.39 25.70
CA LEU MB 22 -82.25 -40.59 24.88
C LEU MB 22 -83.27 -40.43 23.76
N LYS MB 23 -84.35 -39.67 24.00
CA LYS MB 23 -85.39 -39.52 23.00
C LYS MB 23 -84.85 -38.84 21.74
N ARG MB 24 -84.14 -37.73 21.92
CA ARG MB 24 -83.60 -37.01 20.77
C ARG MB 24 -82.37 -37.70 20.18
N THR MB 25 -81.60 -38.41 21.00
CA THR MB 25 -80.48 -39.17 20.48
C THR MB 25 -80.95 -40.29 19.57
N LEU MB 26 -82.00 -41.00 19.98
CA LEU MB 26 -82.59 -42.02 19.12
C LEU MB 26 -83.22 -41.40 17.88
N GLU MB 27 -83.79 -40.20 18.01
CA GLU MB 27 -84.34 -39.51 16.85
C GLU MB 27 -83.25 -39.18 15.84
N ALA MB 28 -82.07 -38.76 16.32
CA ALA MB 28 -80.98 -38.44 15.41
C ALA MB 28 -80.54 -39.66 14.63
N LEU MB 29 -80.50 -40.83 15.27
CA LEU MB 29 -80.12 -42.05 14.57
C LEU MB 29 -81.10 -42.39 13.45
N MET MB 30 -82.39 -42.23 13.71
CA MET MB 30 -83.40 -42.55 12.71
C MET MB 30 -83.35 -41.59 11.53
N ASP MB 31 -82.97 -40.34 11.76
CA ASP MB 31 -82.91 -39.38 10.66
C ASP MB 31 -81.79 -39.72 9.68
N ARG MB 32 -80.74 -40.40 10.14
CA ARG MB 32 -79.64 -40.78 9.26
C ARG MB 32 -79.89 -42.08 8.53
N GLY MB 33 -81.03 -42.73 8.76
CA GLY MB 33 -81.34 -43.98 8.10
C GLY MB 33 -80.89 -45.19 8.88
N ALA MB 34 -81.26 -45.27 10.15
CA ALA MB 34 -80.89 -46.38 11.01
C ALA MB 34 -82.12 -46.98 11.66
N VAL MB 35 -82.18 -48.31 11.72
CA VAL MB 35 -83.27 -49.03 12.35
C VAL MB 35 -82.72 -49.58 13.66
N VAL MB 36 -83.04 -48.92 14.77
CA VAL MB 36 -82.52 -49.31 16.07
C VAL MB 36 -83.23 -50.57 16.55
N ARG MB 37 -82.45 -51.55 17.04
CA ARG MB 37 -83.01 -52.81 17.49
C ARG MB 37 -83.60 -52.69 18.89
N ASN MB 38 -82.78 -52.30 19.86
CA ASN MB 38 -83.24 -52.21 21.24
C ASN MB 38 -82.34 -51.24 21.99
N LEU MB 39 -82.82 -50.83 23.17
CA LEU MB 39 -82.07 -49.94 24.06
C LEU MB 39 -81.76 -50.71 25.34
N GLU MB 40 -80.49 -50.72 25.73
CA GLU MB 40 -80.04 -51.40 26.93
C GLU MB 40 -79.46 -50.40 27.91
N ASN MB 41 -79.88 -50.48 29.16
CA ASN MB 41 -79.44 -49.59 30.22
C ASN MB 41 -78.47 -50.34 31.13
N LEU MB 42 -77.29 -49.76 31.34
CA LEU MB 42 -76.29 -50.33 32.22
C LEU MB 42 -76.25 -49.67 33.59
N GLY MB 43 -77.21 -48.79 33.87
CA GLY MB 43 -77.25 -48.10 35.15
C GLY MB 43 -76.24 -46.99 35.23
N GLU MB 44 -76.23 -46.31 36.38
CA GLU MB 44 -75.31 -45.23 36.64
C GLU MB 44 -74.16 -45.74 37.51
N ARG MB 45 -72.94 -45.37 37.12
CA ARG MB 45 -71.74 -45.82 37.82
C ARG MB 45 -70.77 -44.66 37.95
N MET MB 46 -69.88 -44.75 38.92
CA MET MB 46 -68.80 -43.78 39.03
C MET MB 46 -67.77 -44.03 37.94
N LEU MB 47 -67.38 -42.97 37.24
CA LEU MB 47 -66.48 -43.11 36.12
C LEU MB 47 -65.10 -43.58 36.60
N PRO MB 48 -64.40 -44.37 35.79
CA PRO MB 48 -63.05 -44.81 36.19
C PRO MB 48 -62.10 -43.66 36.42
N TYR MB 49 -62.21 -42.59 35.64
CA TYR MB 49 -61.38 -41.41 35.81
C TYR MB 49 -62.16 -40.19 35.35
N LYS MB 50 -61.74 -39.02 35.82
CA LYS MB 50 -62.42 -37.79 35.45
C LYS MB 50 -62.23 -37.53 33.95
N ILE MB 51 -63.33 -37.26 33.26
CA ILE MB 51 -63.32 -37.02 31.82
C ILE MB 51 -63.76 -35.60 31.56
N SER MB 52 -62.97 -34.86 30.80
CA SER MB 52 -63.27 -33.47 30.48
C SER MB 52 -64.03 -33.43 29.15
N ALA MB 53 -65.25 -32.89 29.19
CA ALA MB 53 -66.07 -32.77 27.98
C ALA MB 53 -66.96 -31.56 28.11
N HIS MB 54 -66.91 -30.68 27.10
CA HIS MB 54 -67.72 -29.46 27.05
C HIS MB 54 -67.47 -28.59 28.28
N ASN MB 55 -66.18 -28.39 28.59
CA ASN MB 55 -65.74 -27.50 29.68
C ASN MB 55 -66.36 -27.90 31.02
N GLN MB 56 -66.44 -29.20 31.27
CA GLN MB 56 -66.91 -29.71 32.55
C GLN MB 56 -66.06 -30.89 32.98
N ARG MB 57 -65.94 -31.07 34.28
CA ARG MB 57 -65.25 -32.21 34.88
C ARG MB 57 -66.28 -33.16 35.44
N HIS MB 58 -66.37 -34.36 34.87
CA HIS MB 58 -67.38 -35.35 35.23
C HIS MB 58 -66.73 -36.52 35.95
N SER MB 59 -67.32 -36.92 37.07
CA SER MB 59 -66.90 -38.10 37.80
C SER MB 59 -67.95 -39.20 37.85
N ARG MB 60 -69.23 -38.87 37.64
CA ARG MB 60 -70.31 -39.84 37.64
C ARG MB 60 -71.15 -39.68 36.38
N GLY MB 61 -71.52 -40.80 35.76
CA GLY MB 61 -72.34 -40.75 34.57
C GLY MB 61 -73.06 -42.06 34.36
N GLY MB 62 -74.07 -42.02 33.50
CA GLY MB 62 -74.86 -43.19 33.17
C GLY MB 62 -74.43 -43.80 31.84
N TYR MB 63 -74.46 -45.12 31.78
CA TYR MB 63 -74.04 -45.86 30.61
C TYR MB 63 -75.28 -46.40 29.89
N PHE MB 64 -75.32 -46.21 28.57
CA PHE MB 64 -76.40 -46.73 27.75
C PHE MB 64 -75.83 -47.34 26.48
N LEU MB 65 -76.51 -48.37 25.98
CA LEU MB 65 -76.05 -49.09 24.81
C LEU MB 65 -77.18 -49.14 23.78
N VAL MB 66 -76.86 -48.78 22.55
CA VAL MB 66 -77.81 -48.79 21.44
C VAL MB 66 -77.20 -49.58 20.29
N ASP MB 67 -77.97 -50.52 19.74
CA ASP MB 67 -77.55 -51.30 18.59
C ASP MB 67 -78.53 -51.09 17.45
N PHE MB 68 -78.01 -50.97 16.23
CA PHE MB 68 -78.82 -50.60 15.09
C PHE MB 68 -78.16 -51.06 13.80
N TYR MB 69 -78.94 -51.05 12.73
CA TYR MB 69 -78.46 -51.28 11.38
C TYR MB 69 -78.39 -49.94 10.66
N ALA MB 70 -77.21 -49.58 10.15
CA ALA MB 70 -77.02 -48.31 9.51
C ALA MB 70 -76.07 -48.45 8.32
N PRO MB 71 -76.21 -47.60 7.31
CA PRO MB 71 -75.25 -47.62 6.21
C PRO MB 71 -73.87 -47.17 6.66
N ALA MB 72 -72.86 -47.71 5.97
CA ALA MB 72 -71.47 -47.45 6.37
C ALA MB 72 -71.09 -45.98 6.21
N THR MB 73 -71.71 -45.27 5.28
CA THR MB 73 -71.34 -43.89 5.00
C THR MB 73 -71.91 -42.90 6.01
N THR MB 74 -72.85 -43.32 6.84
CA THR MB 74 -73.48 -42.43 7.82
C THR MB 74 -72.88 -42.54 9.21
N VAL MB 75 -71.82 -43.33 9.39
CA VAL MB 75 -71.21 -43.47 10.70
C VAL MB 75 -70.54 -42.17 11.11
N GLU MB 76 -69.90 -41.48 10.16
CA GLU MB 76 -69.24 -40.22 10.47
C GLU MB 76 -70.25 -39.16 10.90
N SER MB 77 -71.41 -39.10 10.25
CA SER MB 77 -72.42 -38.12 10.60
C SER MB 77 -72.94 -38.35 12.02
N MET MB 78 -73.17 -39.61 12.39
CA MET MB 78 -73.65 -39.90 13.74
C MET MB 78 -72.61 -39.52 14.80
N MET MB 79 -71.33 -39.83 14.54
CA MET MB 79 -70.29 -39.47 15.49
C MET MB 79 -70.14 -37.95 15.59
N GLU MB 80 -70.22 -37.25 14.46
CA GLU MB 80 -70.09 -35.79 14.49
C GLU MB 80 -71.26 -35.15 15.24
N HIS MB 81 -72.47 -35.67 15.04
CA HIS MB 81 -73.63 -35.12 15.73
C HIS MB 81 -73.51 -35.28 17.24
N LEU MB 82 -73.08 -36.46 17.70
CA LEU MB 82 -72.96 -36.67 19.14
C LEU MB 82 -71.82 -35.85 19.73
N SER MB 83 -70.83 -35.49 18.92
CA SER MB 83 -69.73 -34.66 19.41
C SER MB 83 -70.21 -33.27 19.77
N ARG MB 84 -71.14 -32.72 18.99
CA ARG MB 84 -71.67 -31.40 19.28
C ARG MB 84 -72.65 -31.42 20.46
N ASP MB 85 -73.31 -32.55 20.70
CA ASP MB 85 -74.22 -32.67 21.85
C ASP MB 85 -73.42 -32.60 23.15
N ILE MB 86 -73.98 -31.88 24.13
CA ILE MB 86 -73.27 -31.64 25.38
C ILE MB 86 -73.76 -32.53 26.51
N ASP MB 87 -74.91 -33.20 26.35
CA ASP MB 87 -75.39 -34.10 27.38
C ASP MB 87 -74.72 -35.47 27.33
N VAL MB 88 -73.97 -35.75 26.27
CA VAL MB 88 -73.22 -36.99 26.15
C VAL MB 88 -71.76 -36.66 26.43
N ILE MB 89 -71.14 -37.45 27.31
CA ILE MB 89 -69.78 -37.15 27.73
C ILE MB 89 -68.75 -37.82 26.82
N ARG MB 90 -68.99 -39.06 26.42
CA ARG MB 90 -68.07 -39.77 25.52
C ARG MB 90 -68.86 -40.78 24.69
N PRO MB 91 -69.16 -40.45 23.43
CA PRO MB 91 -69.77 -41.44 22.54
C PRO MB 91 -68.73 -42.18 21.72
N ASN MB 92 -68.98 -43.47 21.49
CA ASN MB 92 -68.10 -44.29 20.66
C ASN MB 92 -68.95 -45.33 19.93
N ILE MB 93 -68.56 -45.63 18.70
CA ILE MB 93 -69.28 -46.58 17.85
C ILE MB 93 -68.32 -47.70 17.46
N VAL MB 94 -68.72 -48.94 17.73
CA VAL MB 94 -67.97 -50.12 17.32
C VAL MB 94 -68.92 -51.08 16.64
N LYS MB 95 -68.37 -51.95 15.81
CA LYS MB 95 -69.18 -53.02 15.23
C LYS MB 95 -69.68 -53.95 16.32
N HIS MB 96 -70.89 -54.44 16.15
CA HIS MB 96 -71.49 -55.27 17.18
C HIS MB 96 -70.71 -56.58 17.31
N PRO MB 97 -70.35 -56.99 18.53
CA PRO MB 97 -69.55 -58.21 18.69
C PRO MB 97 -70.25 -59.46 18.20
N LEU MB 98 -71.58 -59.48 18.15
CA LEU MB 98 -72.30 -60.66 17.68
C LEU MB 98 -72.20 -60.85 16.18
N THR MB 99 -71.69 -59.86 15.43
CA THR MB 99 -71.52 -60.02 14.00
C THR MB 99 -70.51 -61.12 13.69
N GLN MB 100 -69.40 -61.15 14.43
CA GLN MB 100 -68.41 -62.20 14.25
C GLN MB 100 -68.80 -63.43 15.06
N GLU MB 101 -68.48 -64.60 14.52
CA GLU MB 101 -68.78 -65.87 15.17
C GLU MB 101 -67.56 -66.37 15.93
N VAL MB 102 -67.80 -67.00 17.08
CA VAL MB 102 -66.74 -67.57 17.88
C VAL MB 102 -66.12 -68.72 17.10
N LYS MB 103 -64.88 -68.54 16.64
CA LYS MB 103 -64.21 -69.55 15.84
C LYS MB 103 -64.01 -70.82 16.67
N GLU MB 104 -64.29 -71.97 16.06
CA GLU MB 104 -64.16 -73.24 16.75
C GLU MB 104 -62.69 -73.50 17.08
N CYS MB 105 -62.46 -74.05 18.28
CA CYS MB 105 -61.12 -74.36 18.74
C CYS MB 105 -61.05 -75.82 19.16
N GLU MB 106 -59.86 -76.40 19.04
CA GLU MB 106 -59.64 -77.80 19.37
C GLU MB 106 -58.82 -77.99 20.64
N GLY MB 107 -57.80 -77.17 20.86
CA GLY MB 107 -57.00 -77.29 22.06
C GLY MB 107 -55.68 -76.57 21.89
N ILE MB 108 -54.90 -76.59 22.97
CA ILE MB 108 -53.58 -75.99 23.00
C ILE MB 108 -52.60 -77.02 22.44
N VAL MB 109 -52.23 -76.87 21.17
CA VAL MB 109 -51.29 -77.79 20.53
C VAL MB 109 -49.90 -77.53 21.09
N PRO MB 110 -49.25 -78.53 21.70
CA PRO MB 110 -47.90 -78.33 22.22
C PRO MB 110 -46.88 -78.25 21.09
N VAL MB 111 -46.02 -77.26 21.16
CA VAL MB 111 -45.00 -77.04 20.14
C VAL MB 111 -43.74 -77.79 20.56
N PRO MB 112 -43.29 -78.80 19.80
CA PRO MB 112 -42.04 -79.47 20.14
C PRO MB 112 -40.85 -78.55 19.96
N LEU MB 113 -39.81 -78.79 20.76
CA LEU MB 113 -38.58 -78.02 20.62
C LEU MB 113 -37.94 -78.31 19.27
N GLU MB 114 -37.41 -77.26 18.64
CA GLU MB 114 -36.87 -77.36 17.29
C GLU MB 114 -35.43 -77.82 17.32
N GLU MB 115 -35.11 -78.80 16.47
CA GLU MB 115 -33.77 -79.36 16.36
C GLU MB 115 -33.18 -78.98 14.99
N LYS MB 116 -32.00 -79.54 14.72
CA LYS MB 116 -31.31 -79.35 13.45
C LYS MB 116 -31.05 -77.87 13.17
N LEU MB 117 -30.75 -77.11 14.22
CA LEU MB 117 -30.45 -75.69 14.08
C LEU MB 117 -28.97 -75.40 13.94
N TYR MB 118 -28.11 -76.42 14.03
CA TYR MB 118 -26.68 -76.22 13.91
C TYR MB 118 -26.05 -77.44 13.28
N SER MB 119 -24.83 -77.27 12.78
CA SER MB 119 -24.11 -78.37 12.17
C SER MB 119 -23.66 -79.37 13.23
N THR MB 120 -23.35 -80.59 12.77
CA THR MB 120 -22.97 -81.68 13.65
C THR MB 120 -21.47 -81.79 13.85
N LYS MB 121 -20.72 -80.72 13.55
CA LYS MB 121 -19.28 -80.74 13.75
C LYS MB 121 -18.96 -80.76 15.24
N LYS MB 122 -17.77 -81.27 15.56
CA LYS MB 122 -17.33 -81.36 16.95
C LYS MB 122 -17.02 -79.96 17.48
N ARG MB 123 -17.80 -79.51 18.45
CA ARG MB 123 -17.63 -78.18 19.02
C ARG MB 123 -16.38 -78.12 19.91
N SER NB 35 10.88 -68.03 61.62
CA SER NB 35 10.26 -68.61 62.79
C SER NB 35 10.72 -70.04 63.01
N ARG NB 36 11.52 -70.26 64.06
CA ARG NB 36 12.01 -71.59 64.37
C ARG NB 36 10.93 -72.52 64.92
N TYR NB 37 9.79 -71.97 65.34
CA TYR NB 37 8.69 -72.78 65.83
C TYR NB 37 7.80 -73.23 64.67
N GLY NB 38 7.48 -74.52 64.66
CA GLY NB 38 6.61 -75.06 63.63
C GLY NB 38 5.16 -74.73 63.89
N PRO NB 39 4.30 -75.12 62.95
CA PRO NB 39 2.86 -74.86 63.10
C PRO NB 39 2.23 -75.59 64.29
N GLU NB 40 2.82 -76.70 64.74
CA GLU NB 40 2.23 -77.45 65.85
C GLU NB 40 2.38 -76.73 67.18
N TYR NB 41 3.46 -75.97 67.35
CA TYR NB 41 3.69 -75.26 68.60
C TYR NB 41 2.61 -74.22 68.84
N LYS NB 42 2.23 -74.06 70.12
CA LYS NB 42 1.19 -73.13 70.51
C LYS NB 42 1.72 -72.19 71.59
N ASP NB 43 0.93 -71.17 71.90
CA ASP NB 43 1.30 -70.20 72.90
C ASP NB 43 1.06 -70.77 74.30
N PRO NB 44 2.07 -70.78 75.16
CA PRO NB 44 1.88 -71.36 76.50
C PRO NB 44 0.95 -70.52 77.36
N GLN NB 45 0.36 -71.18 78.35
CA GLN NB 45 -0.49 -70.52 79.35
C GLN NB 45 0.35 -70.25 80.59
N ILE NB 46 0.31 -69.00 81.05
CA ILE NB 46 1.17 -68.56 82.15
C ILE NB 46 0.42 -68.41 83.47
N ASP NB 47 -0.87 -68.10 83.43
CA ASP NB 47 -1.62 -67.85 84.66
C ASP NB 47 -1.65 -69.09 85.54
N LYS NB 48 -1.09 -68.97 86.74
CA LYS NB 48 -1.06 -70.09 87.67
C LYS NB 48 -2.46 -70.43 88.18
N GLU NB 49 -3.30 -69.42 88.38
CA GLU NB 49 -4.64 -69.64 88.91
C GLU NB 49 -5.49 -70.48 87.95
N TYR NB 50 -5.14 -70.50 86.67
CA TYR NB 50 -5.90 -71.32 85.72
C TYR NB 50 -5.76 -72.81 86.01
N TYR NB 51 -4.64 -73.22 86.60
CA TYR NB 51 -4.41 -74.62 86.92
C TYR NB 51 -4.79 -75.01 88.33
N ARG NB 52 -4.78 -74.05 89.26
CA ARG NB 52 -4.97 -74.36 90.67
C ARG NB 52 -6.43 -74.58 91.05
N LYS NB 53 -7.38 -74.12 90.24
CA LYS NB 53 -8.80 -74.30 90.50
C LYS NB 53 -9.52 -74.78 89.24
N PRO NB 54 -9.23 -76.01 88.80
CA PRO NB 54 -9.92 -76.54 87.61
C PRO NB 54 -11.19 -77.31 87.91
N LEU NB 55 -11.42 -77.71 89.17
CA LEU NB 55 -12.54 -78.59 89.51
C LEU NB 55 -13.88 -77.88 89.54
N ALA NB 56 -13.90 -76.55 89.49
CA ALA NB 56 -15.14 -75.79 89.54
C ALA NB 56 -15.81 -75.66 88.18
N GLU NB 57 -15.20 -76.18 87.13
CA GLU NB 57 -15.75 -76.08 85.78
C GLU NB 57 -15.47 -77.37 85.04
N GLN NB 58 -16.32 -77.67 84.06
CA GLN NB 58 -16.23 -78.92 83.30
C GLN NB 58 -15.71 -78.71 81.88
N THR NB 59 -16.25 -77.74 81.14
CA THR NB 59 -15.82 -77.51 79.78
C THR NB 59 -14.36 -77.10 79.72
N GLU NB 60 -13.93 -76.21 80.63
CA GLU NB 60 -12.54 -75.79 80.67
C GLU NB 60 -11.62 -76.96 81.02
N GLU NB 61 -12.12 -77.93 81.81
CA GLU NB 61 -11.32 -79.12 82.08
C GLU NB 61 -11.05 -79.90 80.81
N GLU NB 62 -12.06 -80.03 79.93
CA GLU NB 62 -11.86 -80.74 78.68
C GLU NB 62 -10.88 -80.00 77.78
N LYS NB 63 -10.76 -78.68 77.93
CA LYS NB 63 -9.88 -77.91 77.07
C LYS NB 63 -8.42 -78.23 77.32
N TYR NB 64 -7.99 -78.22 78.58
CA TYR NB 64 -6.58 -78.42 78.90
C TYR NB 64 -6.22 -79.88 79.07
N GLU NB 65 -7.18 -80.75 79.39
CA GLU NB 65 -6.86 -82.18 79.45
C GLU NB 65 -6.53 -82.73 78.06
N ARG NB 66 -7.14 -82.18 77.01
CA ARG NB 66 -6.80 -82.55 75.65
C ARG NB 66 -5.60 -81.78 75.11
N ASP NB 67 -5.16 -80.72 75.81
CA ASP NB 67 -4.00 -79.97 75.34
C ASP NB 67 -2.76 -80.83 75.32
N PHE NB 68 -2.56 -81.65 76.35
CA PHE NB 68 -1.45 -82.59 76.37
C PHE NB 68 -1.83 -83.98 75.89
N LYS NB 69 -3.13 -84.32 75.91
CA LYS NB 69 -3.57 -85.60 75.38
C LYS NB 69 -3.37 -85.68 73.88
N LYS NB 70 -3.53 -84.57 73.18
CA LYS NB 70 -3.19 -84.50 71.76
C LYS NB 70 -1.69 -84.45 71.52
N THR NB 71 -0.90 -84.36 72.59
CA THR NB 71 0.57 -84.33 72.50
C THR NB 71 1.05 -83.17 71.63
N GLN NB 72 0.40 -82.02 71.78
CA GLN NB 72 0.80 -80.83 71.04
C GLN NB 72 1.98 -80.16 71.74
N LEU NB 73 2.99 -79.80 70.96
CA LEU NB 73 4.18 -79.16 71.52
C LEU NB 73 3.87 -77.76 72.02
N ILE NB 74 4.66 -77.31 72.99
CA ILE NB 74 4.47 -76.02 73.65
C ILE NB 74 5.73 -75.21 73.47
N LYS NB 75 5.57 -73.94 73.09
CA LYS NB 75 6.71 -73.06 72.89
C LYS NB 75 7.39 -72.75 74.23
N ALA NB 76 8.63 -72.27 74.13
CA ALA NB 76 9.35 -71.84 75.32
C ALA NB 76 8.75 -70.57 75.89
N ALA NB 77 8.83 -70.42 77.20
CA ALA NB 77 8.25 -69.27 77.87
C ALA NB 77 8.98 -68.00 77.47
N PRO NB 78 8.28 -66.94 77.09
CA PRO NB 78 8.96 -65.68 76.72
C PRO NB 78 9.68 -65.07 77.91
N ALA NB 79 10.77 -64.36 77.62
CA ALA NB 79 11.54 -63.72 78.66
C ALA NB 79 10.75 -62.59 79.33
N THR NB 80 10.00 -61.81 78.55
CA THR NB 80 9.29 -60.67 79.09
C THR NB 80 8.16 -61.10 80.02
N LYS NB 81 7.35 -62.05 79.59
CA LYS NB 81 6.20 -62.47 80.38
C LYS NB 81 6.63 -63.43 81.48
N THR NB 82 6.07 -63.24 82.67
CA THR NB 82 6.36 -64.08 83.82
C THR NB 82 5.09 -64.19 84.66
N SER NB 83 5.02 -65.24 85.49
CA SER NB 83 3.87 -65.46 86.33
C SER NB 83 3.84 -64.58 87.57
N SER NB 84 4.70 -63.56 87.63
CA SER NB 84 4.70 -62.65 88.77
C SER NB 84 3.39 -61.88 88.83
N VAL NB 85 2.83 -61.77 90.04
CA VAL NB 85 1.54 -61.12 90.22
C VAL NB 85 1.63 -59.61 90.11
N PHE NB 86 2.84 -59.04 90.10
CA PHE NB 86 3.02 -57.60 90.06
C PHE NB 86 3.16 -57.06 88.65
N GLU NB 87 3.10 -57.90 87.63
CA GLU NB 87 3.18 -57.43 86.26
C GLU NB 87 1.79 -57.10 85.72
N ASP NB 88 1.76 -56.45 84.55
CA ASP NB 88 0.52 -56.14 83.88
C ASP NB 88 0.79 -56.10 82.39
N PRO NB 89 -0.06 -56.73 81.57
CA PRO NB 89 0.22 -56.78 80.13
C PRO NB 89 0.30 -55.42 79.46
N VAL NB 90 -0.51 -54.46 79.90
CA VAL NB 90 -0.48 -53.13 79.28
C VAL NB 90 0.83 -52.42 79.58
N ILE NB 91 1.45 -52.72 80.72
CA ILE NB 91 2.71 -52.07 81.07
C ILE NB 91 3.82 -52.57 80.16
N SER NB 92 3.85 -53.88 79.88
CA SER NB 92 4.92 -54.44 79.06
C SER NB 92 4.89 -53.87 77.64
N LYS NB 93 3.70 -53.77 77.05
CA LYS NB 93 3.60 -53.19 75.71
C LYS NB 93 4.03 -51.73 75.70
N PHE NB 94 3.63 -50.97 76.72
CA PHE NB 94 4.05 -49.57 76.80
C PHE NB 94 5.55 -49.46 77.04
N THR NB 95 6.11 -50.37 77.85
CA THR NB 95 7.55 -50.36 78.09
C THR NB 95 8.33 -50.68 76.82
N ASN NB 96 7.84 -51.62 76.01
CA ASN NB 96 8.53 -51.98 74.79
C ASN NB 96 8.59 -50.82 73.81
N MET NB 97 7.48 -50.08 73.67
CA MET NB 97 7.44 -48.97 72.73
C MET NB 97 8.43 -47.87 73.10
N MET NB 98 8.61 -47.59 74.39
CA MET NB 98 9.57 -46.57 74.80
C MET NB 98 11.00 -46.98 74.50
N MET NB 99 11.26 -48.28 74.36
CA MET NB 99 12.61 -48.75 74.13
C MET NB 99 13.11 -48.31 72.76
N LYS NB 100 14.32 -47.76 72.72
CA LYS NB 100 14.98 -47.37 71.49
C LYS NB 100 16.26 -48.19 71.34
N GLY NB 101 16.38 -48.89 70.21
CA GLY NB 101 17.50 -49.78 70.00
C GLY NB 101 17.29 -51.14 70.63
N GLY NB 102 18.03 -51.44 71.69
CA GLY NB 102 17.87 -52.70 72.39
C GLY NB 102 18.04 -52.56 73.88
N ASN NB 103 17.89 -51.34 74.40
CA ASN NB 103 18.09 -51.06 75.82
C ASN NB 103 16.78 -51.31 76.56
N LYS NB 104 16.55 -52.59 76.89
CA LYS NB 104 15.38 -52.94 77.70
C LYS NB 104 15.54 -52.46 79.13
N VAL NB 105 16.76 -52.48 79.66
CA VAL NB 105 16.99 -52.00 81.03
C VAL NB 105 16.65 -50.53 81.14
N LEU NB 106 17.09 -49.73 80.15
CA LEU NB 106 16.79 -48.30 80.18
C LEU NB 106 15.30 -48.04 80.05
N ALA NB 107 14.62 -48.79 79.18
CA ALA NB 107 13.17 -48.66 79.06
C ALA NB 107 12.47 -49.05 80.36
N ARG NB 108 12.92 -50.14 80.99
CA ARG NB 108 12.35 -50.53 82.27
C ARG NB 108 12.65 -49.50 83.34
N SER NB 109 13.86 -48.93 83.33
CA SER NB 109 14.21 -47.91 84.30
C SER NB 109 13.34 -46.68 84.15
N LEU NB 110 13.10 -46.24 82.91
CA LEU NB 110 12.25 -45.08 82.68
C LEU NB 110 10.82 -45.34 83.12
N MET NB 111 10.30 -46.53 82.84
CA MET NB 111 8.95 -46.87 83.25
C MET NB 111 8.83 -46.96 84.77
N THR NB 112 9.88 -47.44 85.44
CA THR NB 112 9.86 -47.51 86.90
C THR NB 112 9.79 -46.11 87.51
N GLN NB 113 10.61 -45.19 87.01
CA GLN NB 113 10.62 -43.83 87.55
C GLN NB 113 9.31 -43.11 87.25
N THR NB 114 8.74 -43.33 86.07
CA THR NB 114 7.49 -42.66 85.71
C THR NB 114 6.36 -43.02 86.67
N LEU NB 115 6.23 -44.31 87.00
CA LEU NB 115 5.25 -44.71 88.00
C LEU NB 115 5.58 -44.12 89.36
N GLU NB 116 6.86 -44.08 89.72
CA GLU NB 116 7.27 -43.42 90.96
C GLU NB 116 6.94 -41.94 90.93
N ALA NB 117 7.23 -41.27 89.81
CA ALA NB 117 6.99 -39.84 89.72
C ALA NB 117 5.50 -39.50 89.89
N VAL NB 118 4.63 -40.31 89.27
CA VAL NB 118 3.19 -40.11 89.44
C VAL NB 118 2.80 -40.35 90.90
N LYS NB 119 3.37 -41.38 91.52
CA LYS NB 119 3.01 -41.72 92.90
C LYS NB 119 3.40 -40.59 93.85
N ARG NB 120 4.58 -40.01 93.67
CA ARG NB 120 5.02 -38.93 94.55
C ARG NB 120 4.09 -37.72 94.44
N LYS NB 121 3.70 -37.36 93.21
CA LYS NB 121 2.82 -36.20 93.02
C LYS NB 121 1.45 -36.45 93.64
N GLN NB 122 0.91 -37.66 93.48
CA GLN NB 122 -0.39 -37.96 94.06
C GLN NB 122 -0.32 -37.98 95.59
N PHE NB 123 0.76 -38.51 96.15
CA PHE NB 123 0.92 -38.51 97.61
C PHE NB 123 1.03 -37.08 98.13
N ALA NB 124 1.77 -36.22 97.44
CA ALA NB 124 1.91 -34.83 97.88
C ALA NB 124 0.58 -34.10 97.85
N LYS NB 125 -0.22 -34.33 96.80
CA LYS NB 125 -1.51 -33.67 96.69
C LYS NB 125 -2.49 -34.19 97.73
N TYR NB 126 -2.37 -35.46 98.12
CA TYR NB 126 -3.26 -36.02 99.14
C TYR NB 126 -3.07 -35.32 100.48
N HIS NB 127 -1.82 -35.04 100.86
CA HIS NB 127 -1.56 -34.41 102.15
C HIS NB 127 -2.19 -33.03 102.23
N ALA NB 128 -2.08 -32.24 101.17
CA ALA NB 128 -2.64 -30.89 101.14
C ALA NB 128 -4.04 -30.93 100.54
N ALA NB 129 -4.98 -31.45 101.33
CA ALA NB 129 -6.37 -31.56 100.88
C ALA NB 129 -7.29 -31.47 102.10
N SER NB 130 -8.54 -31.13 101.83
CA SER NB 130 -9.56 -31.03 102.87
C SER NB 130 -10.13 -32.41 103.18
N ALA NB 131 -11.10 -32.45 104.10
CA ALA NB 131 -11.68 -33.72 104.51
C ALA NB 131 -12.39 -34.41 103.36
N GLU NB 132 -13.18 -33.66 102.58
CA GLU NB 132 -13.88 -34.25 101.45
C GLU NB 132 -12.94 -34.50 100.27
N GLU NB 133 -11.87 -33.71 100.15
CA GLU NB 133 -10.91 -33.88 99.06
C GLU NB 133 -9.95 -35.03 99.29
N GLN NB 134 -9.73 -35.44 100.54
CA GLN NB 134 -8.79 -36.51 100.81
C GLN NB 134 -9.23 -37.82 100.16
N ALA NB 135 -10.47 -38.23 100.38
CA ALA NB 135 -10.97 -39.44 99.73
C ALA NB 135 -11.58 -39.14 98.36
N THR NB 136 -10.81 -38.46 97.54
CA THR NB 136 -11.05 -38.32 96.11
C THR NB 136 -9.82 -38.70 95.30
N ILE NB 137 -8.63 -38.38 95.81
CA ILE NB 137 -7.40 -38.55 95.05
C ILE NB 137 -7.01 -40.02 95.03
N GLU NB 138 -6.62 -40.50 93.85
CA GLU NB 138 -6.18 -41.87 93.67
C GLU NB 138 -4.66 -41.93 93.79
N ARG NB 139 -4.17 -42.82 94.64
CA ARG NB 139 -2.74 -42.98 94.86
C ARG NB 139 -2.19 -44.23 94.20
N ASN NB 140 -2.95 -44.86 93.30
CA ASN NB 140 -2.49 -46.07 92.64
C ASN NB 140 -2.02 -45.73 91.24
N PRO NB 141 -0.71 -45.79 90.96
CA PRO NB 141 -0.25 -45.48 89.60
C PRO NB 141 -0.79 -46.43 88.54
N TYR NB 142 -0.98 -47.71 88.88
CA TYR NB 142 -1.51 -48.65 87.92
C TYR NB 142 -2.95 -48.32 87.55
N THR NB 143 -3.75 -47.91 88.54
CA THR NB 143 -5.12 -47.48 88.24
C THR NB 143 -5.14 -46.24 87.35
N ILE NB 144 -4.24 -45.29 87.63
CA ILE NB 144 -4.18 -44.07 86.83
C ILE NB 144 -3.73 -44.40 85.40
N PHE NB 145 -2.71 -45.25 85.27
CA PHE NB 145 -2.18 -45.57 83.94
C PHE NB 145 -3.22 -46.28 83.09
N HIS NB 146 -3.94 -47.24 83.67
CA HIS NB 146 -4.98 -47.94 82.91
C HIS NB 146 -6.10 -47.00 82.49
N GLN NB 147 -6.52 -46.10 83.40
CA GLN NB 147 -7.60 -45.18 83.08
C GLN NB 147 -7.17 -44.11 82.09
N ALA NB 148 -5.91 -43.67 82.16
CA ALA NB 148 -5.44 -42.63 81.27
C ALA NB 148 -5.49 -43.08 79.81
N LEU NB 149 -5.08 -44.32 79.54
CA LEU NB 149 -5.08 -44.81 78.16
C LEU NB 149 -6.49 -45.05 77.64
N LYS NB 150 -7.42 -45.44 78.52
CA LYS NB 150 -8.79 -45.66 78.08
C LYS NB 150 -9.52 -44.38 77.73
N ASN NB 151 -8.96 -43.22 78.05
CA ASN NB 151 -9.55 -41.94 77.67
C ASN NB 151 -8.88 -41.32 76.47
N CYS NB 152 -7.68 -41.77 76.10
CA CYS NB 152 -6.96 -41.26 74.95
C CYS NB 152 -7.19 -42.09 73.69
N GLU NB 153 -8.01 -43.12 73.76
CA GLU NB 153 -8.26 -43.96 72.60
C GLU NB 153 -9.33 -43.34 71.72
N PRO NB 154 -9.06 -43.08 70.45
CA PRO NB 154 -10.10 -42.57 69.56
C PRO NB 154 -11.19 -43.60 69.33
N VAL NB 155 -12.40 -43.10 69.06
CA VAL NB 155 -13.54 -43.98 68.86
C VAL NB 155 -13.70 -44.38 67.40
N ILE NB 156 -13.46 -43.45 66.47
CA ILE NB 156 -13.60 -43.73 65.05
C ILE NB 156 -12.43 -43.08 64.31
N GLY NB 157 -11.76 -43.86 63.46
CA GLY NB 157 -10.59 -43.42 62.75
C GLY NB 157 -10.89 -43.03 61.31
N LEU NB 158 -9.81 -42.79 60.56
CA LEU NB 158 -9.88 -42.39 59.17
C LEU NB 158 -8.93 -43.23 58.33
N VAL NB 159 -9.34 -43.54 57.11
CA VAL NB 159 -8.49 -44.25 56.16
C VAL NB 159 -8.71 -43.66 54.77
N PRO NB 160 -7.65 -43.30 54.06
CA PRO NB 160 -7.83 -42.78 52.70
C PRO NB 160 -8.31 -43.86 51.74
N ILE NB 161 -9.21 -43.47 50.84
CA ILE NB 161 -9.73 -44.35 49.81
C ILE NB 161 -9.60 -43.64 48.47
N LEU NB 162 -9.02 -44.32 47.49
CA LEU NB 162 -8.79 -43.75 46.17
C LEU NB 162 -9.97 -44.08 45.26
N LYS NB 163 -10.63 -43.05 44.74
CA LYS NB 163 -11.74 -43.23 43.82
C LYS NB 163 -11.88 -41.99 42.97
N GLY NB 164 -11.97 -42.18 41.65
CA GLY NB 164 -12.06 -41.06 40.73
C GLY NB 164 -10.78 -40.26 40.60
N GLY NB 165 -9.63 -40.87 40.88
CA GLY NB 165 -8.36 -40.17 40.81
C GLY NB 165 -8.07 -39.25 41.98
N HIS NB 166 -8.82 -39.36 43.07
CA HIS NB 166 -8.63 -38.51 44.23
C HIS NB 166 -8.82 -39.34 45.49
N PHE NB 167 -8.26 -38.84 46.60
CA PHE NB 167 -8.32 -39.52 47.88
C PHE NB 167 -9.31 -38.83 48.79
N TYR NB 168 -10.24 -39.60 49.36
CA TYR NB 168 -11.24 -39.10 50.29
C TYR NB 168 -11.06 -39.77 51.64
N GLN NB 169 -11.00 -38.98 52.70
CA GLN NB 169 -10.82 -39.50 54.05
C GLN NB 169 -12.16 -40.09 54.52
N VAL NB 170 -12.24 -41.40 54.56
CA VAL NB 170 -13.48 -42.12 54.87
C VAL NB 170 -13.37 -42.67 56.29
N PRO NB 171 -14.27 -42.30 57.21
CA PRO NB 171 -14.18 -42.82 58.57
C PRO NB 171 -14.50 -44.31 58.63
N VAL NB 172 -13.86 -45.00 59.58
CA VAL NB 172 -14.03 -46.43 59.73
C VAL NB 172 -14.07 -46.79 61.21
N PRO NB 173 -14.81 -47.85 61.55
CA PRO NB 173 -14.85 -48.31 62.94
C PRO NB 173 -13.61 -49.11 63.33
N LEU NB 174 -12.56 -48.40 63.75
CA LEU NB 174 -11.30 -49.06 64.09
C LEU NB 174 -11.49 -50.12 65.17
N ALA NB 175 -10.77 -51.23 65.02
CA ALA NB 175 -10.84 -52.33 65.97
C ALA NB 175 -10.20 -51.94 67.31
N ASP NB 176 -10.50 -52.73 68.34
CA ASP NB 176 -10.06 -52.42 69.69
C ASP NB 176 -8.53 -52.40 69.79
N ARG NB 177 -7.86 -53.37 69.15
CA ARG NB 177 -6.41 -53.43 69.22
C ARG NB 177 -5.78 -52.19 68.58
N ARG NB 178 -6.35 -51.72 67.47
CA ARG NB 178 -5.82 -50.53 66.84
C ARG NB 178 -6.00 -49.29 67.71
N ARG NB 179 -7.18 -49.16 68.34
CA ARG NB 179 -7.41 -48.02 69.22
C ARG NB 179 -6.49 -48.04 70.42
N ARG NB 180 -6.29 -49.22 71.02
CA ARG NB 180 -5.37 -49.33 72.15
C ARG NB 180 -3.94 -49.01 71.73
N PHE NB 181 -3.52 -49.50 70.57
CA PHE NB 181 -2.18 -49.19 70.08
C PHE NB 181 -2.02 -47.71 69.77
N LEU NB 182 -3.05 -47.10 69.17
CA LEU NB 182 -2.93 -45.71 68.75
C LEU NB 182 -2.82 -44.77 69.96
N ALA NB 183 -3.50 -45.09 71.06
CA ALA NB 183 -3.41 -44.26 72.25
C ALA NB 183 -2.00 -44.24 72.81
N MET NB 184 -1.33 -45.39 72.84
CA MET NB 184 0.03 -45.45 73.35
C MET NB 184 0.99 -44.65 72.47
N LYS NB 185 0.82 -44.74 71.15
CA LYS NB 185 1.72 -44.03 70.24
C LYS NB 185 1.61 -42.52 70.41
N TRP NB 186 0.39 -42.01 70.60
CA TRP NB 186 0.20 -40.58 70.80
C TRP NB 186 0.90 -40.11 72.08
N MET NB 187 0.82 -40.91 73.15
CA MET NB 187 1.49 -40.55 74.39
C MET NB 187 3.00 -40.44 74.18
N ILE NB 188 3.59 -41.41 73.49
CA ILE NB 188 5.03 -41.40 73.28
C ILE NB 188 5.44 -40.26 72.36
N ALA NB 189 4.67 -40.02 71.29
CA ALA NB 189 5.02 -38.98 70.34
C ALA NB 189 4.98 -37.59 70.98
N GLU NB 190 3.97 -37.35 71.83
CA GLU NB 190 3.82 -36.03 72.43
C GLU NB 190 4.97 -35.72 73.38
N CYS NB 191 5.32 -36.67 74.26
CA CYS NB 191 6.33 -36.43 75.27
C CYS NB 191 7.74 -36.44 74.72
N ARG NB 192 7.95 -36.93 73.50
CA ARG NB 192 9.28 -36.95 72.90
C ARG NB 192 9.60 -35.70 72.10
N GLU NB 193 8.58 -35.06 71.52
CA GLU NB 193 8.79 -33.98 70.57
C GLU NB 193 8.74 -32.60 71.22
N LYS NB 194 7.61 -32.23 71.80
CA LYS NB 194 7.38 -30.88 72.28
C LYS NB 194 7.77 -30.68 73.74
N LYS NB 195 8.61 -31.55 74.29
CA LYS NB 195 9.14 -31.34 75.62
C LYS NB 195 10.42 -30.53 75.57
N HIS NB 196 10.72 -29.84 76.66
CA HIS NB 196 11.94 -29.05 76.73
C HIS NB 196 13.15 -29.97 76.90
N ARG NB 197 14.32 -29.42 76.56
CA ARG NB 197 15.55 -30.21 76.66
C ARG NB 197 15.95 -30.47 78.10
N ARG NB 198 15.64 -29.54 79.01
CA ARG NB 198 16.05 -29.72 80.40
C ARG NB 198 15.18 -30.75 81.11
N VAL NB 199 13.87 -30.74 80.87
CA VAL NB 199 12.96 -31.61 81.60
C VAL NB 199 13.21 -33.06 81.20
N LEU NB 200 13.34 -33.93 82.20
CA LEU NB 200 13.63 -35.33 81.95
C LEU NB 200 12.40 -36.06 81.39
N MET NB 201 12.67 -37.21 80.77
CA MET NB 201 11.59 -38.03 80.22
C MET NB 201 10.63 -38.55 81.28
N PRO NB 202 11.08 -39.17 82.38
CA PRO NB 202 10.10 -39.72 83.34
C PRO NB 202 9.18 -38.67 83.94
N GLU NB 203 9.68 -37.47 84.21
CA GLU NB 203 8.84 -36.45 84.83
C GLU NB 203 7.88 -35.83 83.83
N LYS NB 204 8.31 -35.67 82.57
CA LYS NB 204 7.41 -35.11 81.57
C LYS NB 204 6.25 -36.05 81.28
N LEU NB 205 6.53 -37.35 81.17
CA LEU NB 205 5.46 -38.31 80.93
C LEU NB 205 4.52 -38.41 82.12
N SER NB 206 5.03 -38.21 83.33
CA SER NB 206 4.18 -38.24 84.51
C SER NB 206 3.14 -37.13 84.47
N GLN NB 207 3.54 -35.94 84.01
CA GLN NB 207 2.58 -34.83 83.92
C GLN NB 207 1.46 -35.14 82.95
N GLU NB 208 1.78 -35.72 81.81
CA GLU NB 208 0.75 -36.00 80.81
C GLU NB 208 -0.23 -37.07 81.29
N LEU NB 209 0.25 -38.04 82.07
CA LEU NB 209 -0.67 -39.05 82.61
C LEU NB 209 -1.72 -38.43 83.51
N LEU NB 210 -1.31 -37.48 84.37
CA LEU NB 210 -2.27 -36.75 85.17
C LEU NB 210 -3.17 -35.88 84.30
N GLU NB 211 -2.60 -35.24 83.28
CA GLU NB 211 -3.39 -34.40 82.39
C GLU NB 211 -4.45 -35.23 81.67
N ALA NB 212 -4.08 -36.42 81.19
CA ALA NB 212 -5.07 -37.28 80.53
C ALA NB 212 -6.06 -37.86 81.52
N PHE NB 213 -5.66 -38.02 82.78
CA PHE NB 213 -6.57 -38.56 83.78
C PHE NB 213 -7.72 -37.61 84.08
N HIS NB 214 -7.51 -36.31 83.83
CA HIS NB 214 -8.53 -35.30 84.06
C HIS NB 214 -9.22 -34.84 82.78
N ASN NB 215 -8.99 -35.54 81.67
CA ASN NB 215 -9.61 -35.22 80.38
C ASN NB 215 -9.28 -33.79 79.93
N GLN NB 216 -8.02 -33.38 80.15
CA GLN NB 216 -7.60 -32.05 79.75
C GLN NB 216 -6.23 -32.03 79.09
N GLY NB 217 -5.60 -33.18 78.86
CA GLY NB 217 -4.29 -33.21 78.26
C GLY NB 217 -4.32 -32.96 76.77
N PRO NB 218 -3.17 -32.56 76.20
CA PRO NB 218 -3.11 -32.36 74.75
C PRO NB 218 -3.43 -33.60 73.95
N VAL NB 219 -3.15 -34.79 74.49
CA VAL NB 219 -3.52 -36.02 73.79
C VAL NB 219 -5.03 -36.12 73.65
N ILE NB 220 -5.76 -35.74 74.69
CA ILE NB 220 -7.22 -35.69 74.60
C ILE NB 220 -7.65 -34.69 73.54
N LYS NB 221 -6.93 -33.56 73.44
CA LYS NB 221 -7.21 -32.59 72.39
C LYS NB 221 -6.96 -33.20 71.01
N ARG NB 222 -5.88 -33.96 70.86
CA ARG NB 222 -5.61 -34.61 69.58
C ARG NB 222 -6.68 -35.64 69.26
N LYS NB 223 -7.16 -36.38 70.26
CA LYS NB 223 -8.25 -37.32 70.05
C LYS NB 223 -9.51 -36.61 69.56
N HIS NB 224 -9.82 -35.46 70.16
CA HIS NB 224 -10.98 -34.69 69.73
C HIS NB 224 -10.79 -34.15 68.31
N ASP NB 225 -9.56 -33.77 67.95
CA ASP NB 225 -9.31 -33.26 66.61
C ASP NB 225 -9.58 -34.33 65.56
N MET NB 226 -9.19 -35.57 65.84
CA MET NB 226 -9.51 -36.66 64.92
C MET NB 226 -11.01 -36.89 64.83
N HIS NB 227 -11.73 -36.69 65.94
CA HIS NB 227 -13.19 -36.75 65.88
C HIS NB 227 -13.77 -35.60 65.07
N LYS NB 228 -13.14 -34.42 65.10
CA LYS NB 228 -13.61 -33.30 64.31
C LYS NB 228 -13.57 -33.60 62.83
N MET NB 229 -12.46 -34.18 62.35
CA MET NB 229 -12.34 -34.50 60.93
C MET NB 229 -13.29 -35.62 60.54
N ALA NB 230 -13.44 -36.62 61.41
CA ALA NB 230 -14.34 -37.74 61.11
C ALA NB 230 -15.78 -37.29 61.01
N GLU NB 231 -16.21 -36.40 61.91
CA GLU NB 231 -17.58 -35.92 61.86
C GLU NB 231 -17.83 -35.02 60.66
N ALA NB 232 -16.84 -34.22 60.26
CA ALA NB 232 -17.00 -33.35 59.11
C ALA NB 232 -17.22 -34.17 57.83
N ASN NB 233 -16.46 -35.23 57.65
CA ASN NB 233 -16.62 -36.13 56.51
C ASN NB 233 -17.54 -37.30 56.85
N ARG NB 234 -18.73 -36.99 57.38
CA ARG NB 234 -19.69 -38.04 57.73
C ARG NB 234 -20.49 -38.52 56.52
N ALA NB 235 -20.52 -37.75 55.44
CA ALA NB 235 -21.25 -38.14 54.23
C ALA NB 235 -20.41 -38.98 53.29
N LEU NB 236 -19.12 -39.14 53.56
CA LEU NB 236 -18.25 -39.94 52.72
C LEU NB 236 -18.11 -41.38 53.21
N ALA NB 237 -18.85 -41.76 54.25
CA ALA NB 237 -18.77 -43.13 54.76
C ALA NB 237 -19.34 -44.15 53.79
N HIS NB 238 -20.09 -43.70 52.78
CA HIS NB 238 -20.65 -44.62 51.80
C HIS NB 238 -19.59 -45.17 50.84
N TYR NB 239 -18.44 -44.51 50.74
CA TYR NB 239 -17.41 -44.96 49.81
C TYR NB 239 -16.86 -46.33 50.20
N ARG NB 240 -16.65 -46.57 51.49
CA ARG NB 240 -16.07 -47.83 51.93
C ARG NB 240 -17.03 -48.98 51.66
N TRP NB 241 -16.44 -50.16 51.41
CA TRP NB 241 -17.18 -51.33 50.97
C TRP NB 241 -17.03 -52.48 51.95
N TRP NB 242 -16.99 -52.17 53.25
CA TRP NB 242 -16.88 -53.21 54.26
C TRP NB 242 -17.49 -52.74 55.59
N LEU PB 49 46.62 -126.92 50.03
CA LEU PB 49 47.17 -126.09 51.09
C LEU PB 49 48.64 -125.77 50.82
N HIS PB 50 49.16 -124.74 51.51
CA HIS PB 50 50.54 -124.31 51.35
C HIS PB 50 51.43 -125.12 52.27
N VAL PB 51 51.60 -126.40 51.92
CA VAL PB 51 52.42 -127.30 52.71
C VAL PB 51 53.88 -126.87 52.69
N ASP PB 52 54.40 -126.53 51.50
CA ASP PB 52 55.78 -126.10 51.38
C ASP PB 52 55.89 -124.64 51.83
N VAL PB 53 56.62 -124.41 52.92
CA VAL PB 53 56.80 -123.07 53.46
C VAL PB 53 58.28 -122.81 53.70
N PRO PB 54 58.74 -121.56 53.62
CA PRO PB 54 60.14 -121.27 53.96
C PRO PB 54 60.42 -121.52 55.44
N LYS PB 55 61.27 -122.50 55.73
CA LYS PB 55 61.55 -122.87 57.11
C LYS PB 55 62.47 -121.82 57.75
N ASP PB 56 62.00 -121.18 58.82
CA ASP PB 56 62.78 -120.23 59.61
C ASP PB 56 63.30 -119.09 58.73
N MET PB 57 62.36 -118.27 58.27
CA MET PB 57 62.66 -117.08 57.48
C MET PB 57 62.73 -115.81 58.33
N THR PB 58 63.04 -115.93 59.62
CA THR PB 58 63.11 -114.80 60.54
C THR PB 58 64.56 -114.63 60.99
N LYS PB 59 65.08 -113.40 60.85
CA LYS PB 59 66.46 -113.14 61.23
C LYS PB 59 66.66 -111.71 61.75
N PRO PB 60 65.98 -111.30 62.83
CA PRO PB 60 66.27 -110.00 63.42
C PRO PB 60 67.25 -110.11 64.58
N GLU PB 61 67.99 -109.04 64.88
CA GLU PB 61 68.92 -109.04 66.00
C GLU PB 61 68.61 -107.86 66.90
N ILE PB 62 68.66 -108.09 68.22
CA ILE PB 62 68.35 -107.07 69.22
C ILE PB 62 69.53 -107.03 70.18
N THR PB 63 70.49 -106.14 69.94
CA THR PB 63 71.67 -106.04 70.78
C THR PB 63 71.34 -105.27 72.05
N ILE PB 64 71.41 -105.95 73.20
CA ILE PB 64 71.10 -105.32 74.48
C ILE PB 64 72.37 -104.63 74.98
N SER PB 65 72.40 -103.31 74.93
CA SER PB 65 73.57 -102.55 75.37
C SER PB 65 73.51 -102.34 76.88
N ASP PB 66 74.51 -101.63 77.42
CA ASP PB 66 74.55 -101.35 78.85
C ASP PB 66 73.97 -99.99 79.21
N GLU PB 67 73.59 -99.19 78.23
CA GLU PB 67 73.00 -97.88 78.53
C GLU PB 67 71.60 -98.07 79.12
N PRO PB 68 71.27 -97.41 80.23
CA PRO PB 68 69.91 -97.50 80.77
C PRO PB 68 68.89 -96.96 79.79
N ASP PB 69 67.71 -97.58 79.79
CA ASP PB 69 66.66 -97.17 78.87
C ASP PB 69 66.00 -95.88 79.36
N THR PB 70 65.47 -95.12 78.41
CA THR PB 70 64.80 -93.85 78.68
C THR PB 70 63.35 -94.11 79.06
N LEU PB 71 62.90 -93.49 80.15
CA LEU PB 71 61.54 -93.65 80.64
C LEU PB 71 60.72 -92.42 80.28
N TYR PB 72 59.54 -92.65 79.70
CA TYR PB 72 58.62 -91.59 79.34
C TYR PB 72 57.44 -91.62 80.31
N LYS PB 73 57.17 -90.47 80.95
CA LYS PB 73 56.07 -90.40 81.90
C LYS PB 73 54.73 -90.62 81.21
N ARG PB 74 54.52 -89.98 80.06
CA ARG PB 74 53.26 -90.07 79.34
C ARG PB 74 53.47 -89.61 77.91
N LEU PB 75 52.98 -90.40 76.95
CA LEU PB 75 53.13 -90.10 75.54
C LEU PB 75 51.77 -89.78 74.97
N SER PB 76 51.68 -88.68 74.22
CA SER PB 76 50.43 -88.23 73.62
C SER PB 76 50.56 -88.26 72.11
N VAL PB 77 49.56 -88.86 71.45
CA VAL PB 77 49.49 -88.91 70.00
C VAL PB 77 48.20 -88.23 69.57
N LEU PB 78 48.31 -87.25 68.67
CA LEU PB 78 47.17 -86.47 68.19
C LEU PB 78 47.13 -86.59 66.67
N VAL PB 79 46.17 -87.36 66.16
CA VAL PB 79 45.99 -87.54 64.72
C VAL PB 79 44.94 -86.56 64.23
N LYS PB 80 45.22 -85.91 63.11
CA LYS PB 80 44.32 -84.94 62.52
C LYS PB 80 44.04 -85.33 61.07
N GLY PB 81 42.77 -85.21 60.66
CA GLY PB 81 42.38 -85.59 59.32
C GLY PB 81 41.10 -84.90 58.92
N HIS PB 82 40.71 -85.15 57.67
CA HIS PB 82 39.51 -84.53 57.10
C HIS PB 82 38.26 -85.38 57.26
N ASP PB 83 38.38 -86.70 57.30
CA ASP PB 83 37.24 -87.60 57.35
C ASP PB 83 37.24 -88.38 58.65
N LYS PB 84 36.08 -88.40 59.31
CA LYS PB 84 35.97 -89.09 60.60
C LYS PB 84 36.11 -90.59 60.44
N ALA PB 85 35.63 -91.15 59.32
CA ALA PB 85 35.64 -92.59 59.15
C ALA PB 85 37.05 -93.16 59.18
N VAL PB 86 38.00 -92.48 58.53
CA VAL PB 86 39.38 -92.93 58.55
C VAL PB 86 39.95 -92.89 59.97
N LEU PB 87 39.66 -91.80 60.70
CA LEU PB 87 40.14 -91.69 62.07
C LEU PB 87 39.50 -92.72 62.98
N ASP PB 88 38.21 -93.03 62.76
CA ASP PB 88 37.56 -94.06 63.57
C ASP PB 88 38.21 -95.42 63.39
N SER PB 89 38.52 -95.79 62.14
CA SER PB 89 39.17 -97.06 61.89
C SER PB 89 40.62 -97.03 62.36
N TYR PB 90 41.31 -95.91 62.19
CA TYR PB 90 42.70 -95.81 62.62
C TYR PB 90 42.80 -95.91 64.15
N GLU PB 91 41.84 -95.34 64.87
CA GLU PB 91 41.81 -95.49 66.32
C GLU PB 91 41.65 -96.96 66.72
N TYR PB 92 40.78 -97.68 66.03
CA TYR PB 92 40.58 -99.10 66.34
C TYR PB 92 41.85 -99.90 66.10
N PHE PB 93 42.57 -99.60 65.02
CA PHE PB 93 43.84 -100.27 64.77
C PHE PB 93 44.87 -99.97 65.85
N ALA PB 94 44.96 -98.70 66.26
CA ALA PB 94 45.94 -98.32 67.28
C ALA PB 94 45.59 -98.93 68.63
N VAL PB 95 44.31 -98.92 69.00
CA VAL PB 95 43.90 -99.49 70.28
C VAL PB 95 44.16 -100.99 70.33
N LEU PB 96 43.85 -101.69 69.24
CA LEU PB 96 44.05 -103.13 69.22
C LEU PB 96 45.52 -103.50 69.36
N ALA PB 97 46.40 -102.78 68.66
CA ALA PB 97 47.83 -103.03 68.80
C ALA PB 97 48.33 -102.64 70.18
N ALA PB 98 47.83 -101.53 70.73
CA ALA PB 98 48.27 -101.10 72.05
C ALA PB 98 47.85 -102.08 73.14
N LYS PB 99 46.64 -102.63 73.04
CA LYS PB 99 46.18 -103.59 74.04
C LYS PB 99 47.05 -104.84 74.04
N GLU PB 100 47.43 -105.33 72.85
CA GLU PB 100 48.25 -106.53 72.77
C GLU PB 100 49.62 -106.30 73.39
N LEU PB 101 50.21 -105.12 73.18
CA LEU PB 101 51.48 -104.79 73.80
C LEU PB 101 51.36 -104.49 75.29
N GLY PB 102 50.13 -104.29 75.79
CA GLY PB 102 49.94 -103.98 77.19
C GLY PB 102 50.33 -102.57 77.55
N ILE PB 103 49.60 -101.59 77.00
CA ILE PB 103 49.92 -100.19 77.23
C ILE PB 103 48.85 -99.47 78.06
N SER PB 104 47.61 -99.95 78.06
CA SER PB 104 46.51 -99.35 78.82
C SER PB 104 46.31 -97.89 78.43
N ILE PB 105 45.97 -97.69 77.16
CA ILE PB 105 45.83 -96.35 76.61
C ILE PB 105 44.42 -95.85 76.82
N LYS PB 106 44.25 -94.53 76.72
CA LYS PB 106 42.95 -93.89 76.78
C LYS PB 106 42.79 -92.98 75.58
N VAL PB 107 41.60 -93.00 74.98
CA VAL PB 107 41.31 -92.29 73.74
C VAL PB 107 40.21 -91.27 74.00
N HIS PB 108 40.45 -90.03 73.58
CA HIS PB 108 39.45 -88.97 73.66
C HIS PB 108 39.47 -88.19 72.36
N GLU PB 109 38.34 -87.55 72.05
CA GLU PB 109 38.19 -86.80 70.81
C GLU PB 109 38.22 -85.31 71.09
N PRO PB 110 39.29 -84.60 70.70
CA PRO PB 110 39.30 -83.15 70.90
C PRO PB 110 38.26 -82.48 70.02
N PRO PB 111 37.73 -81.33 70.43
CA PRO PB 111 36.76 -80.62 69.58
C PRO PB 111 37.36 -80.21 68.26
N ARG PB 112 36.54 -80.27 67.22
CA ARG PB 112 36.96 -79.92 65.88
C ARG PB 112 36.92 -78.41 65.66
N LYS PB 113 37.62 -77.96 64.63
CA LYS PB 113 37.59 -76.57 64.21
C LYS PB 113 37.39 -76.50 62.70
N ILE PB 114 36.72 -75.43 62.26
CA ILE PB 114 36.34 -75.28 60.87
C ILE PB 114 36.91 -73.97 60.33
N GLU PB 115 37.58 -74.05 59.19
CA GLU PB 115 38.16 -72.88 58.52
C GLU PB 115 37.31 -72.55 57.30
N ARG PB 116 36.94 -71.28 57.17
CA ARG PB 116 36.12 -70.82 56.07
C ARG PB 116 36.74 -69.57 55.44
N PHE PB 117 36.58 -69.46 54.12
CA PHE PB 117 36.98 -68.26 53.41
C PHE PB 117 36.07 -68.07 52.20
N THR PB 118 35.98 -66.83 51.75
CA THR PB 118 35.02 -66.44 50.71
C THR PB 118 35.76 -65.87 49.51
N LEU PB 119 35.32 -66.28 48.32
CA LEU PB 119 35.89 -65.81 47.06
C LEU PB 119 34.79 -65.31 46.15
N LEU PB 120 35.17 -64.44 45.22
CA LEU PB 120 34.23 -63.92 44.24
C LEU PB 120 33.77 -65.05 43.31
N LYS PB 121 32.58 -64.88 42.75
CA LYS PB 121 31.97 -65.92 41.93
C LYS PB 121 32.38 -65.79 40.47
N SER PB 122 32.08 -64.65 39.86
CA SER PB 122 32.37 -64.45 38.45
C SER PB 122 33.79 -63.92 38.27
N VAL PB 123 34.23 -63.85 37.00
CA VAL PB 123 35.54 -63.34 36.67
C VAL PB 123 35.55 -61.85 36.44
N HIS PB 124 34.39 -61.20 36.49
CA HIS PB 124 34.30 -59.76 36.30
C HIS PB 124 33.03 -59.27 36.99
N ILE PB 125 33.14 -58.12 37.66
CA ILE PB 125 32.10 -57.50 38.48
C ILE PB 125 31.29 -58.55 39.24
N PHE PB 126 30.00 -58.27 39.45
CA PHE PB 126 29.08 -59.14 40.17
C PHE PB 126 29.64 -59.53 41.53
N LYS PB 127 29.82 -58.51 42.38
CA LYS PB 127 30.36 -58.73 43.71
C LYS PB 127 29.30 -59.10 44.74
N LYS PB 128 28.03 -59.02 44.38
CA LYS PB 128 26.96 -59.39 45.30
C LYS PB 128 26.73 -60.89 45.36
N HIS PB 129 27.41 -61.66 44.52
CA HIS PB 129 27.30 -63.12 44.51
C HIS PB 129 28.64 -63.71 44.91
N ARG PB 130 28.64 -64.55 45.94
CA ARG PB 130 29.86 -65.13 46.48
C ARG PB 130 29.75 -66.65 46.51
N VAL PB 131 30.89 -67.31 46.36
CA VAL PB 131 31.02 -68.75 46.53
C VAL PB 131 31.97 -68.99 47.70
N GLN PB 132 31.49 -69.72 48.70
CA GLN PB 132 32.26 -69.98 49.90
C GLN PB 132 32.83 -71.39 49.89
N TYR PB 133 33.90 -71.58 50.67
CA TYR PB 133 34.54 -72.88 50.78
C TYR PB 133 34.83 -73.16 52.25
N GLU PB 134 35.10 -74.43 52.54
CA GLU PB 134 35.24 -74.86 53.93
C GLU PB 134 36.27 -75.98 54.01
N MET PB 135 37.18 -75.88 54.97
CA MET PB 135 38.16 -76.91 55.24
C MET PB 135 37.95 -77.43 56.65
N ARG PB 136 37.63 -78.72 56.76
CA ARG PB 136 37.30 -79.36 58.03
C ARG PB 136 38.45 -80.26 58.45
N THR PB 137 38.99 -80.01 59.64
CA THR PB 137 40.06 -80.82 60.21
C THR PB 137 39.53 -81.50 61.47
N LEU PB 138 39.46 -82.83 61.45
CA LEU PB 138 38.95 -83.57 62.59
C LEU PB 138 40.11 -84.12 63.43
N TYR PB 139 39.94 -84.10 64.74
CA TYR PB 139 40.99 -84.45 65.66
C TYR PB 139 40.66 -85.72 66.42
N ARG PB 140 41.72 -86.41 66.86
CA ARG PB 140 41.59 -87.60 67.68
C ARG PB 140 42.91 -87.78 68.44
N CYS PB 141 42.81 -87.94 69.76
CA CYS PB 141 43.99 -88.00 70.62
C CYS PB 141 44.06 -89.35 71.32
N LEU PB 142 45.24 -89.95 71.32
CA LEU PB 142 45.48 -91.23 71.97
C LEU PB 142 46.64 -91.05 72.95
N GLU PB 143 46.36 -91.25 74.23
CA GLU PB 143 47.35 -91.05 75.28
C GLU PB 143 48.01 -92.37 75.67
N LEU PB 144 49.33 -92.33 75.81
CA LEU PB 144 50.11 -93.48 76.26
C LEU PB 144 50.76 -93.13 77.59
N GLU PB 145 50.58 -93.99 78.59
CA GLU PB 145 51.13 -93.77 79.92
C GLU PB 145 52.04 -94.94 80.30
N HIS PB 146 53.13 -94.61 81.00
CA HIS PB 146 54.09 -95.60 81.48
C HIS PB 146 54.64 -96.44 80.34
N LEU PB 147 55.31 -95.77 79.42
CA LEU PB 147 55.90 -96.40 78.23
C LEU PB 147 57.41 -96.24 78.28
N THR PB 148 58.12 -97.34 78.08
CA THR PB 148 59.58 -97.30 78.06
C THR PB 148 60.08 -96.81 76.71
N GLY PB 149 61.36 -96.40 76.69
CA GLY PB 149 61.94 -95.90 75.46
C GLY PB 149 62.03 -96.95 74.37
N SER PB 150 62.42 -98.17 74.73
CA SER PB 150 62.49 -99.25 73.75
C SER PB 150 61.11 -99.57 73.18
N THR PB 151 60.10 -99.63 74.05
CA THR PB 151 58.75 -99.90 73.57
C THR PB 151 58.18 -98.72 72.80
N ALA PB 152 58.58 -97.49 73.15
CA ALA PB 152 58.07 -96.32 72.45
C ALA PB 152 58.53 -96.30 71.00
N ASP PB 153 59.77 -96.70 70.74
CA ASP PB 153 60.31 -96.64 69.38
C ASP PB 153 59.53 -97.54 68.44
N VAL PB 154 59.28 -98.79 68.84
CA VAL PB 154 58.62 -99.74 67.96
C VAL PB 154 57.15 -99.37 67.78
N TYR PB 155 56.50 -98.90 68.83
CA TYR PB 155 55.09 -98.54 68.73
C TYR PB 155 54.90 -97.37 67.76
N LEU PB 156 55.77 -96.35 67.85
CA LEU PB 156 55.61 -95.18 66.99
C LEU PB 156 55.88 -95.52 65.53
N GLU PB 157 56.97 -96.24 65.25
CA GLU PB 157 57.30 -96.57 63.87
C GLU PB 157 56.26 -97.49 63.24
N TYR PB 158 55.73 -98.44 64.03
CA TYR PB 158 54.64 -99.27 63.52
C TYR PB 158 53.39 -98.44 63.27
N ILE PB 159 53.11 -97.47 64.14
CA ILE PB 159 51.98 -96.56 63.94
C ILE PB 159 52.23 -95.67 62.72
N GLN PB 160 53.44 -95.12 62.62
CA GLN PB 160 53.73 -94.14 61.56
C GLN PB 160 53.71 -94.78 60.18
N ARG PB 161 54.24 -96.00 60.06
CA ARG PB 161 54.30 -96.65 58.75
C ARG PB 161 52.91 -96.94 58.19
N ASN PB 162 51.95 -97.24 59.07
CA ASN PB 162 50.58 -97.53 58.64
C ASN PB 162 49.69 -96.30 58.66
N LEU PB 163 50.28 -95.11 58.67
CA LEU PB 163 49.49 -93.88 58.68
C LEU PB 163 48.80 -93.68 57.34
N PRO PB 164 47.49 -93.48 57.32
CA PRO PB 164 46.80 -93.21 56.05
C PRO PB 164 47.28 -91.91 55.42
N GLU PB 165 47.15 -91.84 54.10
CA GLU PB 165 47.70 -90.72 53.35
C GLU PB 165 46.96 -89.42 53.66
N GLY PB 166 45.72 -89.50 54.12
CA GLY PB 166 44.92 -88.33 54.37
C GLY PB 166 44.99 -87.74 55.76
N VAL PB 167 45.88 -88.26 56.63
CA VAL PB 167 45.98 -87.80 58.00
C VAL PB 167 47.44 -87.58 58.37
N ALA PB 168 47.64 -86.84 59.45
CA ALA PB 168 48.96 -86.63 60.04
C ALA PB 168 48.82 -86.59 61.55
N MET PB 169 49.95 -86.71 62.25
CA MET PB 169 49.91 -86.80 63.71
C MET PB 169 51.10 -86.07 64.31
N GLU PB 170 50.94 -85.70 65.58
CA GLU PB 170 51.98 -85.07 66.37
C GLU PB 170 52.14 -85.85 67.67
N VAL PB 171 53.38 -86.08 68.08
CA VAL PB 171 53.69 -86.86 69.27
C VAL PB 171 54.31 -85.94 70.32
N THR PB 172 53.75 -85.97 71.53
CA THR PB 172 54.25 -85.20 72.66
C THR PB 172 54.72 -86.19 73.71
N LYS PB 173 56.04 -86.33 73.84
CA LYS PB 173 56.64 -87.29 74.77
C LYS PB 173 57.11 -86.56 76.01
N THR PB 174 56.63 -87.02 77.18
CA THR PB 174 57.02 -86.43 78.46
C THR PB 174 58.08 -87.33 79.08
N LYS PB 175 59.33 -87.14 78.64
CA LYS PB 175 60.44 -87.90 79.19
C LYS PB 175 60.74 -87.45 80.62
N LEU PB 176 60.97 -88.42 81.51
CA LEU PB 176 61.31 -88.14 82.89
C LEU PB 176 62.73 -88.58 83.17
N GLU PB 177 63.40 -87.84 84.06
CA GLU PB 177 64.77 -88.16 84.46
C GLU PB 177 65.04 -87.51 85.81
N GLN PB 178 66.11 -87.96 86.46
CA GLN PB 178 66.46 -87.47 87.78
C GLN PB 178 67.05 -86.06 87.68
N LEU PB 179 67.51 -85.56 88.82
CA LEU PB 179 68.10 -84.23 88.88
C LEU PB 179 69.44 -84.22 88.15
N PRO PB 180 69.88 -83.05 87.68
CA PRO PB 180 71.20 -82.95 87.05
C PRO PB 180 72.30 -83.23 88.06
N GLU PB 181 73.49 -83.53 87.53
CA GLU PB 181 74.62 -83.86 88.40
C GLU PB 181 74.96 -82.69 89.32
N HIS PB 182 75.00 -81.48 88.78
CA HIS PB 182 75.33 -80.32 89.60
C HIS PB 182 74.30 -80.10 90.69
N ILE PB 183 73.01 -80.28 90.38
CA ILE PB 183 71.98 -80.11 91.39
C ILE PB 183 72.03 -81.24 92.41
N ARG PB 184 72.13 -82.49 91.94
CA ARG PB 184 72.14 -83.63 92.84
C ARG PB 184 73.39 -83.64 93.72
N LYS PB 185 74.55 -83.47 93.10
CA LYS PB 185 75.78 -83.37 93.87
C LYS PB 185 75.80 -82.04 94.64
N PRO PB 186 75.97 -82.05 95.96
CA PRO PB 186 75.88 -80.82 96.74
C PRO PB 186 76.98 -79.84 96.36
N ILE PB 187 76.59 -78.71 95.75
CA ILE PB 187 77.51 -77.64 95.38
C ILE PB 187 76.91 -76.35 95.92
N TRP PB 188 77.26 -76.00 97.15
CA TRP PB 188 76.70 -74.86 97.89
C TRP PB 188 75.22 -74.60 97.60
N ALA RB 31 -23.20 -68.53 -14.99
CA ALA RB 31 -23.27 -68.29 -16.43
C ALA RB 31 -23.94 -69.47 -17.13
N THR RB 32 -25.24 -69.32 -17.41
CA THR RB 32 -26.01 -70.38 -18.05
C THR RB 32 -25.73 -70.41 -19.55
N LEU RB 33 -26.41 -71.32 -20.25
CA LEU RB 33 -26.15 -71.51 -21.67
C LEU RB 33 -26.50 -70.27 -22.49
N ASN RB 34 -27.65 -69.65 -22.18
CA ASN RB 34 -28.07 -68.48 -22.95
C ASN RB 34 -27.10 -67.31 -22.76
N GLN RB 35 -26.64 -67.08 -21.54
CA GLN RB 35 -25.72 -65.97 -21.29
C GLN RB 35 -24.38 -66.21 -21.96
N MET RB 36 -23.88 -67.44 -21.95
CA MET RB 36 -22.62 -67.74 -22.62
C MET RB 36 -22.74 -67.55 -24.13
N HIS RB 37 -23.90 -67.92 -24.69
CA HIS RB 37 -24.11 -67.72 -26.13
C HIS RB 37 -24.12 -66.24 -26.49
N ARG RB 38 -24.77 -65.42 -25.66
CA ARG RB 38 -24.88 -64.00 -25.98
C ARG RB 38 -23.51 -63.31 -25.92
N LEU RB 39 -22.70 -63.61 -24.90
CA LEU RB 39 -21.42 -62.95 -24.75
C LEU RB 39 -20.34 -63.52 -25.65
N GLY RB 40 -20.53 -64.73 -26.17
CA GLY RB 40 -19.54 -65.34 -27.02
C GLY RB 40 -18.37 -65.89 -26.22
N PRO RB 41 -17.50 -66.66 -26.89
CA PRO RB 41 -16.32 -67.18 -26.20
C PRO RB 41 -15.39 -66.07 -25.79
N PRO RB 42 -14.71 -66.20 -24.65
CA PRO RB 42 -13.75 -65.17 -24.24
C PRO RB 42 -12.51 -65.20 -25.11
N LYS RB 43 -12.07 -64.01 -25.53
CA LYS RB 43 -10.89 -63.86 -26.39
C LYS RB 43 -9.84 -63.06 -25.66
N HIS RB 44 -8.60 -63.53 -25.70
CA HIS RB 44 -7.52 -62.86 -25.00
C HIS RB 44 -7.25 -61.49 -25.63
N PRO RB 45 -7.16 -60.43 -24.84
CA PRO RB 45 -6.89 -59.12 -25.41
C PRO RB 45 -5.48 -59.05 -25.95
N PRO RB 46 -5.23 -58.21 -26.96
CA PRO RB 46 -3.86 -58.04 -27.45
C PRO RB 46 -2.97 -57.40 -26.41
N GLY RB 47 -1.69 -57.77 -26.46
CA GLY RB 47 -0.74 -57.24 -25.49
C GLY RB 47 -0.51 -55.75 -25.66
N LYS RB 48 -0.23 -55.10 -24.53
CA LYS RB 48 0.07 -53.67 -24.54
C LYS RB 48 1.52 -53.45 -24.94
N MET RB 49 1.74 -52.45 -25.80
CA MET RB 49 3.08 -52.13 -26.24
C MET RB 49 3.95 -51.66 -25.08
N GLY RB 50 5.22 -52.03 -25.11
CA GLY RB 50 6.14 -51.71 -24.05
C GLY RB 50 6.77 -50.34 -24.23
N PRO RB 51 7.84 -50.07 -23.47
CA PRO RB 51 8.50 -48.76 -23.59
C PRO RB 51 9.12 -48.50 -24.95
N THR RB 52 9.40 -49.53 -25.73
CA THR RB 52 10.04 -49.38 -27.03
C THR RB 52 9.03 -49.38 -28.17
N ALA RB 53 7.73 -49.27 -27.85
CA ALA RB 53 6.68 -49.15 -28.87
C ALA RB 53 6.68 -50.33 -29.83
N GLY RB 54 6.96 -51.52 -29.31
CA GLY RB 54 6.93 -52.73 -30.11
C GLY RB 54 8.16 -52.99 -30.94
N ARG RB 55 9.15 -52.10 -30.91
CA ARG RB 55 10.37 -52.31 -31.68
C ARG RB 55 11.46 -52.91 -30.80
N PRO RB 56 12.21 -53.90 -31.32
CA PRO RB 56 13.20 -54.57 -30.45
C PRO RB 56 14.29 -53.64 -29.94
N GLN RB 57 14.83 -52.76 -30.78
CA GLN RB 57 15.90 -51.87 -30.39
C GLN RB 57 15.68 -50.50 -31.00
N LEU RB 58 16.15 -49.47 -30.30
CA LEU RB 58 15.99 -48.09 -30.74
C LEU RB 58 17.32 -47.35 -30.59
N LYS RB 59 17.49 -46.31 -31.40
CA LYS RB 59 18.68 -45.48 -31.37
C LYS RB 59 18.32 -44.10 -30.82
N GLY RB 60 19.12 -43.63 -29.85
CA GLY RB 60 18.85 -42.37 -29.20
C GLY RB 60 20.11 -41.52 -29.12
N VAL RB 61 19.91 -40.27 -28.71
CA VAL RB 61 20.99 -39.30 -28.54
C VAL RB 61 21.04 -38.90 -27.07
N VAL RB 62 22.22 -38.94 -26.48
CA VAL RB 62 22.38 -38.64 -25.06
C VAL RB 62 22.08 -37.17 -24.80
N LEU RB 63 21.23 -36.91 -23.81
CA LEU RB 63 20.88 -35.56 -23.42
C LEU RB 63 21.48 -35.15 -22.08
N ARG RB 64 21.52 -36.05 -21.11
CA ARG RB 64 22.09 -35.75 -19.81
C ARG RB 64 22.44 -37.06 -19.11
N THR RB 65 23.55 -37.06 -18.38
CA THR RB 65 24.00 -38.21 -17.61
C THR RB 65 23.91 -37.89 -16.12
N PHE RB 66 23.24 -38.75 -15.37
CA PHE RB 66 23.07 -38.57 -13.94
C PHE RB 66 23.09 -39.94 -13.26
N ILE RB 67 22.92 -39.93 -11.95
CA ILE RB 67 22.95 -41.14 -11.13
C ILE RB 67 21.62 -41.29 -10.42
N ARG RB 68 21.04 -42.49 -10.49
CA ARG RB 68 19.79 -42.80 -9.83
C ARG RB 68 20.02 -43.83 -8.74
N LYS RB 69 19.28 -43.70 -7.64
CA LYS RB 69 19.47 -44.58 -6.50
C LYS RB 69 18.28 -45.53 -6.35
N PRO RB 70 18.53 -46.78 -5.98
CA PRO RB 70 17.45 -47.78 -5.92
C PRO RB 70 16.62 -47.60 -4.67
N LYS RB 71 15.66 -48.50 -4.50
CA LYS RB 71 14.79 -48.54 -3.33
C LYS RB 71 15.31 -49.59 -2.34
N LYS RB 72 15.00 -49.37 -1.07
CA LYS RB 72 15.47 -50.28 -0.03
C LYS RB 72 14.83 -51.66 -0.22
N PRO RB 73 15.52 -52.72 0.21
CA PRO RB 73 16.79 -52.77 0.94
C PRO RB 73 18.04 -52.77 0.05
N ASN RB 74 17.92 -52.41 -1.23
CA ASN RB 74 19.06 -52.34 -2.12
C ASN RB 74 19.47 -50.88 -2.30
N SER RB 75 20.69 -50.55 -1.90
CA SER RB 75 21.20 -49.18 -1.98
C SER RB 75 22.50 -49.16 -2.76
N ALA RB 76 22.61 -48.26 -3.73
CA ALA RB 76 23.80 -48.10 -4.55
C ALA RB 76 23.65 -46.80 -5.33
N ASN RB 77 24.60 -46.55 -6.23
CA ASN RB 77 24.55 -45.41 -7.14
C ASN RB 77 24.56 -45.96 -8.56
N ARG RB 78 23.37 -46.09 -9.16
CA ARG RB 78 23.23 -46.66 -10.49
C ARG RB 78 23.49 -45.60 -11.54
N LYS RB 79 24.33 -45.94 -12.51
CA LYS RB 79 24.66 -45.02 -13.59
C LYS RB 79 23.57 -45.08 -14.65
N CYS RB 80 22.77 -44.03 -14.75
CA CYS RB 80 21.69 -43.92 -15.72
C CYS RB 80 21.97 -42.80 -16.71
N CYS RB 81 21.07 -42.65 -17.68
CA CYS RB 81 21.18 -41.58 -18.65
C CYS RB 81 19.78 -41.25 -19.17
N ARG RB 82 19.65 -40.05 -19.71
CA ARG RB 82 18.39 -39.57 -20.28
C ARG RB 82 18.61 -39.28 -21.75
N VAL RB 83 17.92 -40.02 -22.62
CA VAL RB 83 18.11 -39.92 -24.06
C VAL RB 83 16.75 -39.73 -24.73
N ARG RB 84 16.79 -39.20 -25.95
CA ARG RB 84 15.61 -39.04 -26.77
C ARG RB 84 15.66 -40.05 -27.90
N LEU RB 85 14.61 -40.88 -27.99
CA LEU RB 85 14.60 -41.98 -28.94
C LEU RB 85 14.31 -41.48 -30.35
N SER RB 86 14.37 -42.39 -31.33
CA SER RB 86 14.13 -42.02 -32.71
C SER RB 86 12.69 -41.61 -32.97
N THR RB 87 11.76 -42.00 -32.09
CA THR RB 87 10.35 -41.63 -32.25
C THR RB 87 10.06 -40.23 -31.71
N GLY RB 88 11.04 -39.56 -31.12
CA GLY RB 88 10.89 -38.22 -30.61
C GLY RB 88 10.64 -38.12 -29.13
N ARG RB 89 10.20 -39.21 -28.49
CA ARG RB 89 9.97 -39.19 -27.05
C ARG RB 89 11.28 -39.22 -26.29
N GLU RB 90 11.25 -38.69 -25.08
CA GLU RB 90 12.42 -38.64 -24.19
C GLU RB 90 12.16 -39.54 -23.00
N ALA RB 91 13.07 -40.49 -22.75
CA ALA RB 91 12.91 -41.46 -21.70
C ALA RB 91 14.24 -41.67 -20.98
N VAL RB 92 14.15 -42.24 -19.78
CA VAL RB 92 15.30 -42.51 -18.93
C VAL RB 92 15.81 -43.91 -19.24
N CYS RB 93 17.13 -44.05 -19.39
CA CYS RB 93 17.75 -45.32 -19.70
C CYS RB 93 18.85 -45.62 -18.68
N PHE RB 94 19.34 -46.86 -18.71
CA PHE RB 94 20.34 -47.33 -17.75
C PHE RB 94 21.52 -47.93 -18.50
N ILE RB 95 22.71 -47.74 -17.94
CA ILE RB 95 23.95 -48.25 -18.51
C ILE RB 95 24.38 -49.46 -17.68
N PRO RB 96 24.35 -50.67 -18.23
CA PRO RB 96 24.89 -51.83 -17.50
C PRO RB 96 26.42 -51.83 -17.55
N GLY RB 97 27.00 -52.67 -16.69
CA GLY RB 97 28.43 -52.78 -16.60
C GLY RB 97 29.03 -51.71 -15.70
N GLU RB 98 30.34 -51.84 -15.49
CA GLU RB 98 31.09 -50.92 -14.62
C GLU RB 98 31.92 -49.99 -15.48
N GLY RB 99 31.76 -48.68 -15.25
CA GLY RB 99 32.53 -47.70 -15.98
C GLY RB 99 31.97 -47.39 -17.35
N HIS RB 100 31.93 -46.11 -17.71
CA HIS RB 100 31.48 -45.70 -19.03
C HIS RB 100 32.07 -44.34 -19.36
N SER RB 101 32.12 -44.04 -20.65
CA SER RB 101 32.64 -42.77 -21.15
C SER RB 101 31.60 -42.00 -21.94
N LEU RB 102 30.32 -42.23 -21.64
CA LEU RB 102 29.26 -41.57 -22.36
C LEU RB 102 29.15 -40.10 -21.96
N GLN RB 103 29.07 -39.22 -22.95
CA GLN RB 103 28.90 -37.79 -22.73
C GLN RB 103 27.66 -37.31 -23.45
N GLU RB 104 27.34 -36.03 -23.27
CA GLU RB 104 26.15 -35.47 -23.89
C GLU RB 104 26.29 -35.45 -25.41
N HIS RB 105 25.16 -35.62 -26.09
CA HIS RB 105 25.10 -35.65 -27.55
C HIS RB 105 25.94 -36.79 -28.13
N HIS RB 106 25.79 -37.97 -27.55
CA HIS RB 106 26.37 -39.19 -28.08
C HIS RB 106 25.26 -40.12 -28.58
N VAL RB 107 25.62 -40.97 -29.53
CA VAL RB 107 24.67 -41.89 -30.15
C VAL RB 107 24.86 -43.26 -29.51
N VAL RB 108 23.78 -43.81 -28.96
CA VAL RB 108 23.79 -45.11 -28.32
C VAL RB 108 22.57 -45.90 -28.78
N LEU RB 109 22.58 -47.19 -28.44
CA LEU RB 109 21.49 -48.10 -28.78
C LEU RB 109 20.88 -48.63 -27.50
N VAL RB 110 19.55 -48.66 -27.43
CA VAL RB 110 18.82 -49.01 -26.22
C VAL RB 110 17.99 -50.27 -26.49
N GLN RB 111 17.94 -51.14 -25.48
CA GLN RB 111 17.15 -52.36 -25.54
C GLN RB 111 15.85 -52.16 -24.76
N GLY RB 112 15.06 -53.22 -24.63
CA GLY RB 112 13.81 -53.18 -23.92
C GLY RB 112 13.80 -53.82 -22.55
N GLY RB 113 14.97 -54.10 -21.97
CA GLY RB 113 15.02 -54.70 -20.65
C GLY RB 113 14.63 -53.71 -19.57
N ARG RB 114 14.40 -54.26 -18.37
CA ARG RB 114 13.98 -53.45 -17.23
C ARG RB 114 14.87 -53.77 -16.04
N THR RB 115 15.09 -52.76 -15.19
CA THR RB 115 15.86 -52.92 -13.98
C THR RB 115 14.91 -52.99 -12.79
N GLN RB 116 15.03 -54.05 -11.99
CA GLN RB 116 14.08 -54.28 -10.91
C GLN RB 116 14.26 -53.26 -9.78
N ASP RB 117 15.49 -52.86 -9.51
CA ASP RB 117 15.75 -52.01 -8.35
C ASP RB 117 15.26 -50.58 -8.56
N LEU RB 118 15.25 -50.11 -9.79
CA LEU RB 118 14.95 -48.71 -10.07
C LEU RB 118 13.55 -48.58 -10.65
N PRO RB 119 12.61 -47.96 -9.94
CA PRO RB 119 11.30 -47.70 -10.53
C PRO RB 119 11.40 -46.69 -11.67
N GLY RB 120 10.54 -46.86 -12.67
CA GLY RB 120 10.50 -45.97 -13.81
C GLY RB 120 11.43 -46.33 -14.96
N VAL RB 121 12.66 -46.73 -14.64
CA VAL RB 121 13.63 -47.07 -15.68
C VAL RB 121 13.20 -48.36 -16.36
N LYS RB 122 13.04 -48.31 -17.69
CA LYS RB 122 12.59 -49.49 -18.44
C LYS RB 122 13.40 -49.70 -19.71
N LEU RB 123 14.61 -49.14 -19.81
CA LEU RB 123 15.46 -49.34 -20.98
C LEU RB 123 16.91 -49.50 -20.51
N THR RB 124 17.68 -50.25 -21.30
CA THR RB 124 19.10 -50.48 -21.02
C THR RB 124 19.91 -50.27 -22.29
N VAL RB 125 21.05 -49.60 -22.16
CA VAL RB 125 21.94 -49.40 -23.28
C VAL RB 125 22.71 -50.68 -23.54
N VAL RB 126 22.70 -51.15 -24.79
CA VAL RB 126 23.48 -52.33 -25.17
C VAL RB 126 24.92 -51.91 -25.42
N ARG RB 127 25.84 -52.48 -24.67
CA ARG RB 127 27.25 -52.12 -24.80
C ARG RB 127 27.83 -52.66 -26.09
N GLY RB 128 28.75 -51.90 -26.67
CA GLY RB 128 29.49 -52.33 -27.84
C GLY RB 128 28.99 -51.82 -29.17
N LYS RB 129 28.05 -50.88 -29.18
CA LYS RB 129 27.50 -50.34 -30.42
C LYS RB 129 27.59 -48.82 -30.40
N TYR RB 130 27.90 -48.24 -31.56
CA TYR RB 130 27.94 -46.79 -31.77
C TYR RB 130 29.02 -46.21 -30.83
N ASP RB 131 28.69 -45.22 -30.01
CA ASP RB 131 29.70 -44.50 -29.24
C ASP RB 131 30.02 -45.12 -27.89
N CYS RB 132 29.32 -46.18 -27.50
CA CYS RB 132 29.58 -46.87 -26.24
C CYS RB 132 30.19 -48.23 -26.51
N GLY RB 133 31.38 -48.46 -25.95
CA GLY RB 133 32.08 -49.71 -26.13
C GLY RB 133 31.84 -50.68 -24.97
N HIS RB 134 32.53 -51.81 -25.06
CA HIS RB 134 32.40 -52.82 -24.01
C HIS RB 134 33.14 -52.39 -22.76
N VAL RB 135 32.84 -53.07 -21.65
CA VAL RB 135 33.51 -52.77 -20.39
C VAL RB 135 35.00 -53.05 -20.53
N GLN RB 136 35.81 -52.16 -19.97
CA GLN RB 136 37.27 -52.26 -20.09
C GLN RB 136 37.81 -53.08 -18.93
N LYS RB 137 38.57 -54.12 -19.26
CA LYS RB 137 39.20 -54.94 -18.23
C LYS RB 137 40.24 -54.11 -17.48
N LYS RB 138 40.36 -54.37 -16.18
CA LYS RB 138 41.31 -53.63 -15.35
C LYS RB 138 42.73 -53.85 -15.84
N LYS RB 139 43.47 -52.76 -16.00
CA LYS RB 139 44.85 -52.82 -16.48
C LYS RB 139 45.74 -51.85 -15.71
N TYR SB 28 59.78 -70.46 29.34
CA TYR SB 28 59.11 -69.17 29.34
C TYR SB 28 58.13 -69.05 30.50
N TYR SB 29 58.18 -67.93 31.20
CA TYR SB 29 57.13 -67.62 32.16
C TYR SB 29 55.87 -67.18 31.42
N VAL SB 30 54.74 -67.22 32.12
CA VAL SB 30 53.45 -66.98 31.49
C VAL SB 30 53.33 -65.57 30.94
N ASP SB 31 54.10 -64.61 31.48
CA ASP SB 31 54.01 -63.23 31.02
C ASP SB 31 55.33 -62.53 31.34
N TRP SB 32 55.56 -61.41 30.65
CA TRP SB 32 56.75 -60.62 30.92
C TRP SB 32 56.75 -60.07 32.34
N LYS SB 33 55.57 -59.80 32.89
CA LYS SB 33 55.50 -59.31 34.26
C LYS SB 33 56.04 -60.35 35.24
N MET SB 34 55.73 -61.62 35.01
CA MET SB 34 56.23 -62.67 35.88
C MET SB 34 57.75 -62.79 35.78
N LEU SB 35 58.31 -62.59 34.59
CA LEU SB 35 59.76 -62.67 34.42
C LEU SB 35 60.46 -61.58 35.21
N ARG SB 36 59.91 -60.36 35.22
CA ARG SB 36 60.52 -59.28 35.97
C ARG SB 36 60.51 -59.58 37.47
N ASP SB 37 59.45 -60.22 37.95
CA ASP SB 37 59.36 -60.52 39.38
C ASP SB 37 60.43 -61.53 39.79
N VAL SB 38 60.75 -62.48 38.92
CA VAL SB 38 61.80 -63.45 39.23
C VAL SB 38 63.15 -62.76 39.39
N LYS SB 39 63.48 -61.85 38.46
CA LYS SB 39 64.71 -61.09 38.59
C LYS SB 39 64.70 -60.24 39.85
N ARG SB 40 63.56 -59.64 40.16
CA ARG SB 40 63.46 -58.81 41.36
C ARG SB 40 63.68 -59.62 42.63
N ARG SB 41 63.09 -60.82 42.70
CA ARG SB 41 63.29 -61.68 43.86
C ARG SB 41 64.74 -62.16 43.94
N LYS SB 42 65.34 -62.50 42.81
CA LYS SB 42 66.73 -62.96 42.80
C LYS SB 42 67.67 -61.85 43.27
N MET SB 43 67.45 -60.62 42.81
CA MET SB 43 68.31 -59.51 43.20
C MET SB 43 68.18 -59.21 44.69
N ALA SB 44 66.96 -59.29 45.23
CA ALA SB 44 66.76 -59.02 46.64
C ALA SB 44 67.47 -60.05 47.52
N TYR SB 45 67.48 -61.31 47.08
CA TYR SB 45 68.12 -62.36 47.88
C TYR SB 45 69.62 -62.12 48.01
N GLU SB 46 70.27 -61.67 46.93
CA GLU SB 46 71.70 -61.45 46.97
C GLU SB 46 72.07 -60.34 47.95
N TYR SB 47 71.30 -59.27 47.98
CA TYR SB 47 71.58 -58.11 48.82
C TYR SB 47 70.75 -58.11 50.10
N ALA SB 48 70.12 -59.22 50.44
CA ALA SB 48 69.29 -59.27 51.64
C ALA SB 48 70.13 -59.11 52.90
N ASP SB 49 71.29 -59.77 52.95
CA ASP SB 49 72.13 -59.70 54.13
C ASP SB 49 72.84 -58.36 54.24
N GLU SB 50 73.34 -57.84 53.12
CA GLU SB 50 74.04 -56.56 53.14
C GLU SB 50 73.10 -55.43 53.56
N ARG SB 51 71.87 -55.44 53.05
CA ARG SB 51 70.90 -54.43 53.45
C ARG SB 51 70.58 -54.53 54.94
N LEU SB 52 70.47 -55.74 55.47
CA LEU SB 52 70.12 -55.92 56.87
C LEU SB 52 71.18 -55.31 57.78
N ARG SB 53 72.46 -55.53 57.47
CA ARG SB 53 73.53 -54.97 58.29
C ARG SB 53 73.53 -53.45 58.26
N ILE SB 54 73.35 -52.87 57.07
CA ILE SB 54 73.35 -51.42 56.95
C ILE SB 54 72.10 -50.82 57.60
N ASN SB 55 70.94 -51.43 57.35
CA ASN SB 55 69.69 -50.93 57.90
C ASN SB 55 69.67 -50.99 59.43
N SER SB 56 70.49 -51.87 60.03
CA SER SB 56 70.55 -51.93 61.48
C SER SB 56 71.12 -50.65 62.07
N LEU SB 57 72.12 -50.05 61.39
CA LEU SB 57 72.67 -48.79 61.86
C LEU SB 57 71.64 -47.68 61.83
N ARG SB 58 70.83 -47.63 60.77
CA ARG SB 58 69.85 -46.56 60.62
C ARG SB 58 68.76 -46.64 61.69
N LYS SB 59 68.30 -47.86 62.00
CA LYS SB 59 67.17 -48.06 62.90
C LYS SB 59 67.55 -47.99 64.36
N ASN SB 60 68.74 -47.53 64.70
CA ASN SB 60 69.18 -47.41 66.08
C ASN SB 60 69.58 -45.97 66.35
N THR SB 61 69.11 -45.42 67.48
CA THR SB 61 69.35 -44.03 67.84
C THR SB 61 70.56 -43.84 68.75
N ILE SB 62 71.22 -44.93 69.18
CA ILE SB 62 72.37 -44.77 70.06
C ILE SB 62 73.64 -44.44 69.28
N LEU SB 63 73.72 -44.83 68.01
CA LEU SB 63 74.85 -44.46 67.19
C LEU SB 63 74.80 -42.96 66.88
N PRO SB 64 75.95 -42.35 66.60
CA PRO SB 64 75.96 -40.92 66.28
C PRO SB 64 75.17 -40.63 65.01
N LYS SB 65 74.56 -39.44 64.99
CA LYS SB 65 73.75 -39.04 63.84
C LYS SB 65 74.62 -38.89 62.59
N ASP SB 66 75.90 -38.55 62.75
CA ASP SB 66 76.78 -38.40 61.61
C ASP SB 66 76.96 -39.73 60.87
N LEU SB 67 77.12 -40.82 61.61
CA LEU SB 67 77.26 -42.13 60.97
C LEU SB 67 75.97 -42.56 60.30
N GLN SB 68 74.83 -42.22 60.88
CA GLN SB 68 73.54 -42.60 60.30
C GLN SB 68 73.32 -41.93 58.95
N GLU SB 69 73.74 -40.67 58.82
CA GLU SB 69 73.58 -39.97 57.55
C GLU SB 69 74.40 -40.63 56.45
N VAL SB 70 75.60 -41.12 56.79
CA VAL SB 70 76.40 -41.85 55.81
C VAL SB 70 75.73 -43.17 55.46
N ALA SB 71 75.10 -43.81 56.44
CA ALA SB 71 74.43 -45.09 56.19
C ALA SB 71 73.27 -44.92 55.21
N ASP SB 72 72.53 -43.81 55.31
CA ASP SB 72 71.42 -43.57 54.40
C ASP SB 72 71.90 -43.45 52.96
N GLU SB 73 73.07 -42.83 52.76
CA GLU SB 73 73.61 -42.71 51.41
C GLU SB 73 73.98 -44.07 50.83
N GLU SB 74 74.55 -44.95 51.66
CA GLU SB 74 74.98 -46.26 51.17
C GLU SB 74 73.80 -47.17 50.88
N ILE SB 75 72.79 -47.17 51.75
CA ILE SB 75 71.65 -48.05 51.54
C ILE SB 75 70.85 -47.63 50.30
N ALA SB 76 70.78 -46.33 50.02
CA ALA SB 76 70.09 -45.86 48.83
C ALA SB 76 70.92 -46.03 47.56
N SER SB 77 72.23 -46.24 47.69
CA SER SB 77 73.08 -46.46 46.54
C SER SB 77 72.98 -47.88 45.99
N LEU SB 78 72.32 -48.78 46.72
CA LEU SB 78 72.11 -50.14 46.25
C LEU SB 78 71.14 -50.14 45.07
N PRO SB 79 71.18 -51.18 44.23
CA PRO SB 79 70.28 -51.23 43.07
C PRO SB 79 68.83 -51.20 43.49
N ARG SB 80 68.01 -50.59 42.63
CA ARG SB 80 66.60 -50.38 42.95
C ARG SB 80 65.86 -51.71 43.13
N ASP SB 81 66.15 -52.69 42.27
CA ASP SB 81 65.43 -53.96 42.30
C ASP SB 81 65.67 -54.73 43.59
N SER SB 82 66.70 -54.38 44.34
CA SER SB 82 67.02 -55.07 45.60
C SER SB 82 66.27 -54.41 46.77
N CYS SB 83 64.94 -54.45 46.69
CA CYS SB 83 64.08 -53.92 47.73
C CYS SB 83 62.99 -54.92 48.07
N PRO SB 84 62.83 -55.29 49.34
CA PRO SB 84 61.76 -56.22 49.70
C PRO SB 84 60.36 -55.71 49.39
N VAL SB 85 60.13 -54.40 49.48
CA VAL SB 85 58.80 -53.87 49.26
C VAL SB 85 58.37 -54.00 47.81
N ARG SB 86 59.32 -53.92 46.87
CA ARG SB 86 59.00 -54.00 45.45
C ARG SB 86 58.59 -55.41 45.02
N ILE SB 87 58.75 -56.41 45.89
CA ILE SB 87 58.32 -57.76 45.56
C ILE SB 87 56.81 -57.81 45.48
N ARG SB 88 56.29 -58.40 44.41
CA ARG SB 88 54.85 -58.50 44.16
C ARG SB 88 54.45 -59.96 44.16
N ASN SB 89 53.40 -60.28 44.91
CA ASN SB 89 52.89 -61.65 44.99
C ASN SB 89 51.82 -61.84 43.91
N ARG SB 90 52.12 -62.71 42.95
CA ARG SB 90 51.19 -63.04 41.87
C ARG SB 90 50.81 -64.51 41.98
N CYS SB 91 49.96 -64.95 41.05
CA CYS SB 91 49.60 -66.35 40.93
C CYS SB 91 50.67 -67.08 40.11
N VAL SB 92 51.06 -68.26 40.59
CA VAL SB 92 52.10 -69.03 39.91
C VAL SB 92 51.62 -69.63 38.59
N MET SB 93 50.32 -69.61 38.33
CA MET SB 93 49.75 -70.17 37.10
C MET SB 93 49.43 -69.10 36.06
N THR SB 94 48.61 -68.11 36.42
CA THR SB 94 48.17 -67.10 35.47
C THR SB 94 48.76 -65.71 35.73
N SER SB 95 49.50 -65.52 36.81
CA SER SB 95 50.16 -64.26 37.13
C SER SB 95 49.16 -63.10 37.20
N ARG SB 96 48.08 -63.33 37.94
CA ARG SB 96 47.13 -62.26 38.21
C ARG SB 96 47.65 -61.43 39.38
N PRO SB 97 47.88 -60.12 39.19
CA PRO SB 97 48.53 -59.33 40.25
C PRO SB 97 47.75 -59.26 41.55
N ARG SB 98 46.44 -59.43 41.52
CA ARG SB 98 45.61 -59.35 42.72
C ARG SB 98 44.65 -60.52 42.74
N GLY SB 99 43.90 -60.63 43.84
CA GLY SB 99 42.98 -61.74 44.02
C GLY SB 99 43.69 -63.07 44.16
N VAL SB 100 44.80 -63.12 44.88
CA VAL SB 100 45.61 -64.32 45.02
C VAL SB 100 45.63 -64.72 46.50
N LYS SB 101 45.29 -65.97 46.78
CA LYS SB 101 45.40 -66.49 48.14
C LYS SB 101 46.85 -66.78 48.47
N ARG SB 102 47.32 -66.30 49.62
CA ARG SB 102 48.72 -66.46 49.97
C ARG SB 102 49.07 -67.92 50.28
N ARG SB 103 48.13 -68.67 50.88
CA ARG SB 103 48.44 -70.02 51.30
C ARG SB 103 48.72 -70.93 50.10
N TRP SB 104 47.89 -70.83 49.05
CA TRP SB 104 48.06 -71.68 47.87
C TRP SB 104 48.80 -70.99 46.74
N ARG SB 105 49.07 -69.69 46.84
CA ARG SB 105 49.77 -68.93 45.80
C ARG SB 105 49.06 -69.07 44.46
N LEU SB 106 47.73 -69.05 44.50
CA LEU SB 106 46.92 -69.22 43.30
C LEU SB 106 45.88 -68.11 43.21
N SER SB 107 45.53 -67.73 41.99
CA SER SB 107 44.48 -66.75 41.77
C SER SB 107 43.14 -67.34 42.13
N ARG SB 108 42.16 -66.46 42.36
CA ARG SB 108 40.84 -66.92 42.77
C ARG SB 108 40.15 -67.71 41.66
N ILE SB 109 40.42 -67.38 40.40
CA ILE SB 109 39.82 -68.12 39.30
C ILE SB 109 40.42 -69.51 39.20
N VAL SB 110 41.75 -69.60 39.31
CA VAL SB 110 42.42 -70.90 39.22
C VAL SB 110 42.08 -71.77 40.43
N PHE SB 111 41.98 -71.15 41.60
CA PHE SB 111 41.68 -71.92 42.81
C PHE SB 111 40.32 -72.60 42.72
N ARG SB 112 39.31 -71.87 42.21
CA ARG SB 112 38.00 -72.49 42.02
C ARG SB 112 38.04 -73.60 40.98
N HIS SB 113 38.84 -73.41 39.93
CA HIS SB 113 38.92 -74.41 38.87
C HIS SB 113 39.45 -75.73 39.41
N LEU SB 114 40.46 -75.67 40.28
CA LEU SB 114 41.00 -76.90 40.88
C LEU SB 114 40.09 -77.44 41.97
N ALA SB 115 39.45 -76.56 42.74
CA ALA SB 115 38.64 -77.01 43.87
C ALA SB 115 37.31 -77.64 43.43
N ASP SB 116 36.70 -77.10 42.37
CA ASP SB 116 35.40 -77.63 41.95
C ASP SB 116 35.51 -79.01 41.34
N HIS SB 117 36.67 -79.36 40.80
CA HIS SB 117 36.90 -80.68 40.24
C HIS SB 117 37.32 -81.71 41.28
N GLY SB 118 37.45 -81.30 42.55
CA GLY SB 118 37.86 -82.22 43.59
C GLY SB 118 39.33 -82.53 43.61
N GLN SB 119 40.16 -81.71 42.98
CA GLN SB 119 41.59 -81.96 42.88
C GLN SB 119 42.38 -81.39 44.04
N LEU SB 120 41.73 -80.73 44.99
CA LEU SB 120 42.38 -80.20 46.18
C LEU SB 120 41.85 -80.93 47.40
N SER SB 121 42.76 -81.46 48.22
CA SER SB 121 42.37 -82.24 49.38
C SER SB 121 41.74 -81.34 50.44
N GLY SB 122 40.66 -81.83 51.05
CA GLY SB 122 40.06 -81.14 52.18
C GLY SB 122 39.32 -79.87 51.84
N VAL SB 123 39.10 -79.57 50.56
CA VAL SB 123 38.42 -78.35 50.14
C VAL SB 123 37.04 -78.74 49.64
N GLN SB 124 36.01 -78.14 50.24
CA GLN SB 124 34.63 -78.45 49.91
C GLN SB 124 33.80 -77.18 49.99
N ARG SB 125 32.64 -77.22 49.34
CA ARG SB 125 31.73 -76.08 49.37
C ARG SB 125 31.20 -75.87 50.79
N ALA SB 126 31.24 -74.62 51.25
CA ALA SB 126 30.83 -74.31 52.62
C ALA SB 126 29.31 -74.31 52.72
N MET SB 127 28.79 -75.04 53.71
CA MET SB 127 27.36 -75.12 53.95
C MET SB 127 27.12 -75.11 55.46
N TRP SB 128 26.46 -74.07 55.94
CA TRP SB 128 26.10 -73.98 57.35
C TRP SB 128 24.99 -72.97 57.57
N GLN TB 85 -68.96 -47.78 -16.73
CA GLN TB 85 -69.30 -47.59 -15.32
C GLN TB 85 -70.73 -48.05 -15.06
N ASP TB 86 -70.96 -48.68 -13.91
CA ASP TB 86 -72.27 -49.20 -13.57
C ASP TB 86 -72.70 -48.64 -12.22
N ASP TB 87 -74.02 -48.52 -12.05
CA ASP TB 87 -74.62 -47.97 -10.85
C ASP TB 87 -75.74 -48.89 -10.39
N PRO TB 88 -75.44 -49.84 -9.49
CA PRO TB 88 -76.49 -50.72 -8.97
C PRO TB 88 -77.55 -49.93 -8.23
N PRO TB 89 -78.83 -50.22 -8.45
CA PRO TB 89 -79.90 -49.53 -7.74
C PRO TB 89 -79.78 -49.75 -6.23
N PRO TB 90 -80.12 -48.73 -5.43
CA PRO TB 90 -79.99 -48.88 -3.96
C PRO TB 90 -80.94 -49.91 -3.39
N SER TB 91 -82.23 -49.82 -3.75
CA SER TB 91 -83.25 -50.70 -3.17
C SER TB 91 -83.30 -52.01 -3.94
N MET TB 92 -82.23 -52.80 -3.78
CA MET TB 92 -82.15 -54.14 -4.34
C MET TB 92 -81.64 -55.11 -3.29
N LEU TB 93 -82.25 -56.28 -3.23
CA LEU TB 93 -81.78 -57.33 -2.34
C LEU TB 93 -80.38 -57.77 -2.74
N LEU TB 94 -79.55 -58.08 -1.75
CA LEU TB 94 -78.18 -58.49 -2.02
C LEU TB 94 -78.16 -59.86 -2.69
N LEU TB 95 -76.95 -60.29 -3.07
CA LEU TB 95 -76.81 -61.48 -3.91
C LEU TB 95 -77.42 -62.72 -3.26
N ASP TB 96 -77.14 -62.93 -1.97
CA ASP TB 96 -77.58 -64.15 -1.31
C ASP TB 96 -79.10 -64.20 -1.14
N TYR TB 97 -79.70 -63.09 -0.70
CA TYR TB 97 -81.12 -63.07 -0.36
C TYR TB 97 -81.98 -62.66 -1.55
N GLN TB 98 -81.84 -63.38 -2.67
CA GLN TB 98 -82.64 -63.12 -3.86
C GLN TB 98 -83.42 -64.35 -4.31
N ASN TB 99 -82.75 -65.50 -4.46
CA ASN TB 99 -83.43 -66.69 -4.97
C ASN TB 99 -84.32 -67.35 -3.92
N VAL TB 100 -84.20 -66.99 -2.66
CA VAL TB 100 -85.08 -67.56 -1.64
C VAL TB 100 -86.51 -67.08 -1.88
N PRO TB 101 -87.51 -67.97 -1.80
CA PRO TB 101 -88.89 -67.56 -2.09
C PRO TB 101 -89.48 -66.74 -0.96
N GLY TB 102 -90.61 -66.11 -1.27
CA GLY TB 102 -91.38 -65.36 -0.29
C GLY TB 102 -90.70 -64.13 0.28
N ILE TB 103 -90.08 -63.32 -0.58
CA ILE TB 103 -89.47 -62.07 -0.13
C ILE TB 103 -90.43 -60.91 -0.28
N HIS TB 104 -91.13 -60.84 -1.42
CA HIS TB 104 -92.02 -59.71 -1.68
C HIS TB 104 -93.20 -59.67 -0.73
N LYS TB 105 -93.52 -60.77 -0.06
CA LYS TB 105 -94.60 -60.78 0.93
C LYS TB 105 -94.16 -60.24 2.28
N VAL TB 106 -92.87 -60.01 2.48
CA VAL TB 106 -92.36 -59.51 3.76
C VAL TB 106 -92.52 -58.00 3.81
N ASP TB 107 -92.63 -57.47 5.02
CA ASP TB 107 -92.81 -56.04 5.22
C ASP TB 107 -91.56 -55.27 4.82
N ASP TB 108 -91.70 -53.96 4.67
CA ASP TB 108 -90.61 -53.12 4.20
C ASP TB 108 -89.45 -53.08 5.17
N VAL TB 109 -89.67 -53.38 6.45
CA VAL TB 109 -88.59 -53.31 7.43
C VAL TB 109 -87.50 -54.33 7.11
N VAL TB 110 -87.89 -55.57 6.86
CA VAL TB 110 -86.90 -56.61 6.57
C VAL TB 110 -86.25 -56.37 5.21
N LYS TB 111 -87.05 -55.96 4.22
CA LYS TB 111 -86.48 -55.67 2.90
C LYS TB 111 -85.47 -54.54 2.98
N ARG TB 112 -85.72 -53.56 3.85
CA ARG TB 112 -84.74 -52.49 4.05
C ARG TB 112 -83.45 -53.03 4.65
N LEU TB 113 -83.56 -53.96 5.60
CA LEU TB 113 -82.39 -54.55 6.23
C LEU TB 113 -81.57 -55.42 5.28
N LEU TB 114 -82.15 -55.88 4.18
CA LEU TB 114 -81.46 -56.72 3.22
C LEU TB 114 -81.04 -56.00 1.96
N SER TB 115 -81.52 -54.78 1.75
CA SER TB 115 -81.15 -53.98 0.59
C SER TB 115 -79.71 -53.50 0.73
N LEU TB 116 -79.22 -52.83 -0.32
CA LEU TB 116 -77.86 -52.34 -0.34
C LEU TB 116 -77.65 -51.14 0.59
N GLU TB 117 -78.72 -50.57 1.14
CA GLU TB 117 -78.57 -49.48 2.09
C GLU TB 117 -77.77 -49.91 3.30
N MET TB 118 -78.11 -51.07 3.87
CA MET TB 118 -77.41 -51.62 5.02
C MET TB 118 -76.33 -52.63 4.62
N ALA TB 119 -75.76 -52.48 3.42
CA ALA TB 119 -74.70 -53.34 2.95
C ALA TB 119 -73.48 -52.49 2.61
N ASN TB 120 -72.29 -53.03 2.90
CA ASN TB 120 -71.06 -52.31 2.68
C ASN TB 120 -70.64 -52.41 1.21
N GLN TB 121 -69.45 -51.88 0.91
CA GLN TB 121 -68.93 -51.91 -0.44
C GLN TB 121 -68.70 -53.33 -0.94
N LYS TB 122 -68.43 -54.27 -0.03
CA LYS TB 122 -68.16 -55.64 -0.45
C LYS TB 122 -69.37 -56.26 -1.14
N GLU TB 123 -70.57 -56.04 -0.58
CA GLU TB 123 -71.78 -56.57 -1.21
C GLU TB 123 -72.07 -55.89 -2.53
N LYS TB 124 -71.69 -54.62 -2.67
CA LYS TB 124 -71.91 -53.91 -3.93
C LYS TB 124 -71.10 -54.53 -5.07
N LEU TB 125 -69.88 -54.97 -4.77
CA LEU TB 125 -69.05 -55.57 -5.81
C LEU TB 125 -69.67 -56.85 -6.34
N LYS TB 126 -70.31 -57.64 -5.46
CA LYS TB 126 -70.96 -58.87 -5.89
C LYS TB 126 -72.07 -58.59 -6.90
N ILE TB 127 -72.87 -57.56 -6.64
CA ILE TB 127 -73.95 -57.20 -7.55
C ILE TB 127 -73.39 -56.75 -8.90
N LYS TB 128 -72.35 -55.92 -8.87
CA LYS TB 128 -71.74 -55.47 -10.12
C LYS TB 128 -71.17 -56.63 -10.91
N LYS TB 129 -70.45 -57.53 -10.23
CA LYS TB 129 -69.85 -58.67 -10.92
C LYS TB 129 -70.91 -59.59 -11.50
N MET TB 130 -71.98 -59.82 -10.74
CA MET TB 130 -73.05 -60.71 -11.21
C MET TB 130 -73.73 -60.14 -12.46
N GLN TB 131 -74.04 -58.84 -12.44
CA GLN TB 131 -74.72 -58.24 -13.57
C GLN TB 131 -73.81 -58.09 -14.78
N LEU TB 132 -72.54 -57.76 -14.55
CA LEU TB 132 -71.62 -57.52 -15.67
C LEU TB 132 -71.42 -58.79 -16.48
N MET TB 133 -71.21 -59.93 -15.81
CA MET TB 133 -70.95 -61.17 -16.54
C MET TB 133 -72.20 -61.66 -17.27
N ASN TB 134 -73.38 -61.38 -16.74
CA ASN TB 134 -74.62 -61.80 -17.40
C ASN TB 134 -74.92 -61.01 -18.66
N LYS TB 135 -74.19 -59.92 -18.92
CA LYS TB 135 -74.41 -59.10 -20.11
C LYS TB 135 -73.40 -59.35 -21.22
N VAL TB 136 -72.19 -59.81 -20.89
CA VAL TB 136 -71.13 -59.98 -21.87
C VAL TB 136 -70.74 -61.45 -22.04
N LEU TB 137 -70.68 -62.22 -20.95
CA LEU TB 137 -70.27 -63.61 -21.06
C LEU TB 137 -71.38 -64.45 -21.66
N GLU TB 138 -70.96 -65.57 -22.28
CA GLU TB 138 -71.89 -66.51 -22.88
C GLU TB 138 -72.36 -67.57 -21.89
N ASN TB 139 -71.42 -68.15 -21.14
CA ASN TB 139 -71.73 -69.17 -20.14
C ASN TB 139 -71.31 -68.67 -18.77
N PRO TB 140 -72.23 -68.11 -17.98
CA PRO TB 140 -71.82 -67.53 -16.69
C PRO TB 140 -71.34 -68.58 -15.69
N GLU TB 141 -71.78 -69.83 -15.79
CA GLU TB 141 -71.39 -70.84 -14.82
C GLU TB 141 -69.93 -71.24 -14.92
N ASP TB 142 -69.26 -70.93 -16.03
CA ASP TB 142 -67.86 -71.27 -16.21
C ASP TB 142 -67.00 -70.15 -15.66
N THR TB 143 -66.16 -70.48 -14.68
CA THR TB 143 -65.28 -69.50 -14.05
C THR TB 143 -63.85 -69.58 -14.52
N SER TB 144 -63.36 -70.77 -14.88
CA SER TB 144 -61.97 -70.93 -15.29
C SER TB 144 -61.69 -70.40 -16.68
N SER TB 145 -62.72 -70.03 -17.44
CA SER TB 145 -62.52 -69.49 -18.77
C SER TB 145 -61.83 -68.12 -18.70
N LEU TB 146 -61.05 -67.82 -19.73
CA LEU TB 146 -60.29 -66.57 -19.74
C LEU TB 146 -61.22 -65.37 -19.75
N GLU TB 147 -62.31 -65.44 -20.51
CA GLU TB 147 -63.23 -64.30 -20.58
C GLU TB 147 -63.87 -64.02 -19.23
N ALA TB 148 -64.17 -65.07 -18.46
CA ALA TB 148 -64.75 -64.88 -17.14
C ALA TB 148 -63.78 -64.17 -16.20
N ARG TB 149 -62.50 -64.53 -16.25
CA ARG TB 149 -61.51 -63.92 -15.37
C ARG TB 149 -61.26 -62.46 -15.75
N ILE TB 150 -61.29 -62.14 -17.05
CA ILE TB 150 -61.09 -60.76 -17.48
C ILE TB 150 -62.20 -59.87 -16.95
N VAL TB 151 -63.44 -60.38 -16.93
CA VAL TB 151 -64.55 -59.63 -16.37
C VAL TB 151 -64.33 -59.39 -14.88
N ALA TB 152 -63.86 -60.42 -14.16
CA ALA TB 152 -63.62 -60.27 -12.73
C ALA TB 152 -62.56 -59.23 -12.44
N LEU TB 153 -61.48 -59.22 -13.22
CA LEU TB 153 -60.43 -58.23 -13.03
C LEU TB 153 -60.95 -56.82 -13.33
N THR TB 154 -61.82 -56.68 -14.34
CA THR TB 154 -62.34 -55.36 -14.69
C THR TB 154 -63.14 -54.76 -13.55
N VAL TB 155 -63.88 -55.59 -12.80
CA VAL TB 155 -64.62 -55.09 -11.65
C VAL TB 155 -63.66 -54.54 -10.59
N LYS TB 156 -62.58 -55.26 -10.32
CA LYS TB 156 -61.60 -54.78 -9.35
C LYS TB 156 -60.89 -53.53 -9.85
N ILE TB 157 -60.57 -53.48 -11.14
CA ILE TB 157 -59.85 -52.33 -11.69
C ILE TB 157 -60.70 -51.06 -11.55
N ARG TB 158 -61.99 -51.15 -11.86
CA ARG TB 158 -62.88 -50.02 -11.66
C ARG TB 158 -62.97 -49.64 -10.19
N ASN TB 159 -63.01 -50.64 -9.30
CA ASN TB 159 -63.08 -50.37 -7.87
C ASN TB 159 -61.84 -49.65 -7.39
N TYR TB 160 -60.65 -50.07 -7.85
CA TYR TB 160 -59.41 -49.43 -7.43
C TYR TB 160 -59.34 -47.99 -7.93
N GLU TB 161 -59.79 -47.73 -9.15
CA GLU TB 161 -59.76 -46.39 -9.70
C GLU TB 161 -60.65 -45.44 -8.88
N GLU TB 162 -61.83 -45.91 -8.48
CA GLU TB 162 -62.68 -45.10 -7.60
C GLU TB 162 -61.98 -44.83 -6.27
N HIS TB 163 -61.30 -45.84 -5.72
CA HIS TB 163 -60.54 -45.64 -4.49
C HIS TB 163 -59.39 -44.68 -4.71
N MET TB 164 -58.72 -44.77 -5.86
CA MET TB 164 -57.58 -43.90 -6.13
C MET TB 164 -57.99 -42.45 -6.25
N GLN TB 165 -59.15 -42.17 -6.84
CA GLN TB 165 -59.59 -40.79 -7.01
C GLN TB 165 -59.82 -40.10 -5.68
N LYS TB 166 -60.21 -40.86 -4.65
CA LYS TB 166 -60.39 -40.27 -3.32
C LYS TB 166 -59.05 -40.14 -2.60
N HIS TB 167 -58.36 -41.26 -2.41
CA HIS TB 167 -57.06 -41.28 -1.73
C HIS TB 167 -55.97 -41.21 -2.80
N ARG TB 168 -55.52 -39.99 -3.10
CA ARG TB 168 -54.55 -39.82 -4.17
C ARG TB 168 -53.15 -40.24 -3.77
N LYS TB 169 -52.77 -39.97 -2.52
CA LYS TB 169 -51.41 -40.25 -2.06
C LYS TB 169 -51.20 -41.70 -1.63
N ASP TB 170 -52.25 -42.52 -1.67
CA ASP TB 170 -52.09 -43.93 -1.34
C ASP TB 170 -51.22 -44.59 -2.39
N LYS TB 171 -50.19 -45.32 -1.93
CA LYS TB 171 -49.25 -45.95 -2.83
C LYS TB 171 -49.40 -47.46 -2.93
N ALA TB 172 -49.91 -48.11 -1.87
CA ALA TB 172 -50.14 -49.55 -1.94
C ALA TB 172 -51.21 -49.89 -2.95
N HIS TB 173 -52.30 -49.14 -2.98
CA HIS TB 173 -53.36 -49.39 -3.95
C HIS TB 173 -52.95 -48.99 -5.36
N LYS TB 174 -52.14 -47.93 -5.50
CA LYS TB 174 -51.68 -47.52 -6.82
C LYS TB 174 -50.85 -48.61 -7.48
N ARG TB 175 -50.02 -49.30 -6.68
CA ARG TB 175 -49.30 -50.45 -7.21
C ARG TB 175 -50.26 -51.56 -7.61
N PHE TB 176 -51.30 -51.79 -6.81
CA PHE TB 176 -52.29 -52.81 -7.14
C PHE TB 176 -53.01 -52.48 -8.43
N LEU TB 177 -53.37 -51.20 -8.62
CA LEU TB 177 -54.07 -50.80 -9.83
C LEU TB 177 -53.21 -51.03 -11.06
N LEU TB 178 -51.92 -50.67 -10.99
CA LEU TB 178 -51.03 -50.90 -12.13
C LEU TB 178 -50.86 -52.38 -12.42
N MET TB 179 -50.70 -53.21 -11.37
CA MET TB 179 -50.52 -54.63 -11.58
C MET TB 179 -51.78 -55.28 -12.13
N SER TB 180 -52.95 -54.83 -11.66
CA SER TB 180 -54.21 -55.38 -12.16
C SER TB 180 -54.37 -55.09 -13.65
N ILE TB 181 -54.01 -53.88 -14.08
CA ILE TB 181 -54.08 -53.54 -15.50
C ILE TB 181 -53.12 -54.40 -16.31
N ASP TB 182 -51.89 -54.59 -15.80
CA ASP TB 182 -50.91 -55.39 -16.52
C ASP TB 182 -51.37 -56.83 -16.68
N GLN TB 183 -51.95 -57.41 -15.62
CA GLN TB 183 -52.46 -58.77 -15.71
C GLN TB 183 -53.60 -58.89 -16.72
N ARG TB 184 -54.52 -57.93 -16.70
CA ARG TB 184 -55.58 -57.92 -17.69
C ARG TB 184 -55.01 -57.71 -19.10
N LYS TB 185 -54.00 -56.86 -19.22
CA LYS TB 185 -53.35 -56.66 -20.51
C LYS TB 185 -52.69 -57.95 -20.98
N LYS TB 186 -52.04 -58.68 -20.07
CA LYS TB 186 -51.43 -59.95 -20.43
C LYS TB 186 -52.49 -60.98 -20.82
N MET TB 187 -53.60 -61.03 -20.09
CA MET TB 187 -54.64 -62.00 -20.39
C MET TB 187 -55.37 -61.69 -21.69
N LEU TB 188 -55.57 -60.40 -22.00
CA LEU TB 188 -56.19 -60.05 -23.26
C LEU TB 188 -55.34 -60.48 -24.44
N LYS TB 189 -54.01 -60.34 -24.33
CA LYS TB 189 -53.12 -60.84 -25.37
C LYS TB 189 -53.24 -62.35 -25.53
N ASN TB 190 -53.34 -63.06 -24.40
CA ASN TB 190 -53.52 -64.51 -24.46
C ASN TB 190 -54.84 -64.88 -25.12
N LEU TB 191 -55.92 -64.16 -24.78
CA LEU TB 191 -57.21 -64.45 -25.39
C LEU TB 191 -57.21 -64.16 -26.88
N ARG TB 192 -56.53 -63.08 -27.29
CA ARG TB 192 -56.50 -62.71 -28.71
C ARG TB 192 -55.82 -63.79 -29.54
N GLU TB 193 -54.77 -64.40 -29.02
CA GLU TB 193 -54.01 -65.39 -29.78
C GLU TB 193 -54.67 -66.76 -29.81
N THR TB 194 -55.76 -66.96 -29.07
CA THR TB 194 -56.46 -68.23 -29.06
C THR TB 194 -57.86 -68.16 -29.67
N ASN TB 195 -58.70 -67.24 -29.19
CA ASN TB 195 -60.07 -67.09 -29.66
C ASN TB 195 -60.29 -65.63 -30.02
N TYR TB 196 -60.21 -65.32 -31.32
CA TYR TB 196 -60.32 -63.93 -31.75
C TYR TB 196 -61.75 -63.43 -31.65
N ALA TB 197 -62.73 -64.27 -31.95
CA ALA TB 197 -64.12 -63.85 -31.95
C ALA TB 197 -64.57 -63.41 -30.56
N VAL TB 198 -64.22 -64.17 -29.53
CA VAL TB 198 -64.58 -63.80 -28.17
C VAL TB 198 -63.81 -62.55 -27.74
N PHE TB 199 -62.54 -62.45 -28.16
CA PHE TB 199 -61.73 -61.30 -27.78
C PHE TB 199 -62.32 -60.00 -28.33
N GLU TB 200 -62.81 -60.04 -29.57
CA GLU TB 200 -63.42 -58.85 -30.15
C GLU TB 200 -64.65 -58.42 -29.39
N LYS TB 201 -65.49 -59.38 -28.99
CA LYS TB 201 -66.69 -59.05 -28.23
C LYS TB 201 -66.35 -58.54 -26.84
N ILE TB 202 -65.36 -59.14 -26.19
CA ILE TB 202 -64.93 -58.67 -24.88
C ILE TB 202 -64.38 -57.26 -24.96
N CYS TB 203 -63.57 -57.00 -26.00
CA CYS TB 203 -62.97 -55.67 -26.15
C CYS TB 203 -64.04 -54.61 -26.36
N LYS TB 204 -65.07 -54.92 -27.16
CA LYS TB 204 -66.08 -53.92 -27.48
C LYS TB 204 -67.01 -53.66 -26.28
N GLU TB 205 -67.41 -54.71 -25.57
CA GLU TB 205 -68.40 -54.55 -24.52
C GLU TB 205 -67.83 -53.80 -23.31
N LEU TB 206 -66.62 -54.15 -22.90
CA LEU TB 206 -66.02 -53.54 -21.71
C LEU TB 206 -65.39 -52.18 -21.97
N GLY TB 207 -65.26 -51.77 -23.23
CA GLY TB 207 -64.65 -50.51 -23.55
C GLY TB 207 -63.14 -50.50 -23.50
N ILE TB 208 -62.50 -51.65 -23.29
CA ILE TB 208 -61.05 -51.73 -23.23
C ILE TB 208 -60.47 -51.45 -24.61
N GLU TB 209 -59.37 -50.69 -24.64
CA GLU TB 209 -58.64 -50.42 -25.88
C GLU TB 209 -57.31 -51.16 -25.80
N TYR TB 210 -57.13 -52.12 -26.69
CA TYR TB 210 -55.91 -52.94 -26.71
C TYR TB 210 -54.89 -52.29 -27.63
N THR TB 211 -53.74 -51.93 -27.06
CA THR TB 211 -52.65 -51.32 -27.80
C THR TB 211 -51.47 -52.28 -27.83
N PHE TB 212 -50.92 -52.48 -29.02
CA PHE TB 212 -49.80 -53.39 -29.18
C PHE TB 212 -48.59 -52.87 -28.42
N PRO TB 213 -47.80 -53.75 -27.80
CA PRO TB 213 -46.63 -53.29 -27.04
C PRO TB 213 -45.60 -52.67 -27.96
N PRO TB 214 -45.27 -51.40 -27.75
CA PRO TB 214 -44.30 -50.73 -28.61
C PRO TB 214 -42.90 -51.28 -28.40
N PRO TB 215 -42.21 -51.65 -29.47
CA PRO TB 215 -40.84 -52.15 -29.32
C PRO TB 215 -39.88 -51.04 -28.93
N TYR TB 216 -38.76 -51.46 -28.35
CA TYR TB 216 -37.67 -50.55 -27.94
C TYR TB 216 -38.18 -49.50 -26.95
N HIS TB 217 -38.59 -50.00 -25.79
CA HIS TB 217 -38.99 -49.12 -24.70
C HIS TB 217 -37.82 -48.24 -24.28
N ARG TB 218 -37.91 -46.94 -24.56
CA ARG TB 218 -36.85 -46.00 -24.23
C ARG TB 218 -37.43 -44.84 -23.45
N LYS TB 219 -36.57 -44.17 -22.69
CA LYS TB 219 -36.97 -42.98 -21.95
C LYS TB 219 -36.76 -41.76 -22.82
N ALA TB 220 -37.85 -41.02 -23.07
CA ALA TB 220 -37.80 -39.87 -23.97
C ALA TB 220 -37.32 -38.66 -23.19
N HIS TB 221 -36.01 -38.41 -23.25
CA HIS TB 221 -35.42 -37.24 -22.61
C HIS TB 221 -35.63 -36.01 -23.50
N ARG TB 222 -35.23 -34.85 -22.96
CA ARG TB 222 -35.52 -33.60 -23.65
C ARG TB 222 -34.72 -33.48 -24.95
N ARG TB 223 -33.49 -34.00 -24.98
CA ARG TB 223 -32.69 -33.90 -26.20
C ARG TB 223 -33.31 -34.71 -27.34
N TRP TB 224 -33.83 -35.90 -27.05
CA TRP TB 224 -34.36 -36.74 -28.11
C TRP TB 224 -35.66 -36.18 -28.67
N VAL TB 225 -36.56 -35.71 -27.81
CA VAL TB 225 -37.82 -35.18 -28.30
C VAL TB 225 -37.61 -33.88 -29.07
N THR TB 226 -36.62 -33.07 -28.67
CA THR TB 226 -36.35 -31.83 -29.38
C THR TB 226 -35.81 -32.11 -30.78
N LYS TB 227 -34.84 -33.02 -30.90
CA LYS TB 227 -34.26 -33.32 -32.20
C LYS TB 227 -35.25 -34.05 -33.09
N LYS TB 228 -36.10 -34.90 -32.51
CA LYS TB 228 -37.12 -35.58 -33.30
C LYS TB 228 -38.12 -34.58 -33.88
N ALA TB 229 -38.49 -33.56 -33.09
CA ALA TB 229 -39.43 -32.55 -33.57
C ALA TB 229 -38.85 -31.79 -34.76
N LEU TB 230 -37.55 -31.45 -34.70
CA LEU TB 230 -36.93 -30.73 -35.80
C LEU TB 230 -36.91 -31.57 -37.08
N CYS TB 231 -36.60 -32.86 -36.96
CA CYS TB 231 -36.52 -33.71 -38.15
C CYS TB 231 -37.86 -33.81 -38.84
N THR TB 232 -38.95 -33.94 -38.07
CA THR TB 232 -40.27 -33.99 -38.67
C THR TB 232 -40.61 -32.66 -39.35
N GLN TB 233 -40.28 -31.54 -38.71
CA GLN TB 233 -40.54 -30.23 -39.31
C GLN TB 233 -39.69 -30.01 -40.55
N VAL TB 234 -38.42 -30.42 -40.51
CA VAL TB 234 -37.56 -30.29 -41.69
C VAL TB 234 -38.08 -31.17 -42.82
N PHE TB 235 -38.57 -32.36 -42.46
CA PHE TB 235 -39.11 -33.27 -43.48
C PHE TB 235 -40.30 -32.65 -44.19
N ARG TB 236 -41.19 -31.99 -43.44
CA ARG TB 236 -42.35 -31.35 -44.07
C ARG TB 236 -41.92 -30.19 -44.97
N GLU TB 237 -40.91 -29.42 -44.55
CA GLU TB 237 -40.46 -28.29 -45.35
C GLU TB 237 -39.88 -28.74 -46.69
N VAL TB 238 -39.16 -29.87 -46.69
CA VAL TB 238 -38.60 -30.38 -47.94
C VAL TB 238 -39.71 -30.73 -48.91
N GLN TB 239 -40.83 -31.28 -48.40
CA GLN TB 239 -41.97 -31.58 -49.25
C GLN TB 239 -42.53 -30.33 -49.90
N LYS TB 240 -42.65 -29.25 -49.12
CA LYS TB 240 -43.17 -28.00 -49.67
C LYS TB 240 -42.25 -27.44 -50.75
N LEU TB 241 -40.94 -27.52 -50.53
CA LEU TB 241 -40.00 -27.05 -51.54
C LEU TB 241 -40.13 -27.87 -52.83
N LYS TB 242 -40.25 -29.19 -52.70
CA LYS TB 242 -40.40 -30.03 -53.88
C LYS TB 242 -41.78 -29.88 -54.51
N LYS TB 243 -42.82 -29.73 -53.68
CA LYS TB 243 -44.17 -29.59 -54.21
C LYS TB 243 -44.32 -28.32 -55.02
N GLN TB 244 -43.78 -27.20 -54.53
CA GLN TB 244 -43.80 -25.97 -55.30
C GLN TB 244 -42.86 -26.06 -56.50
N LYS TB 245 -41.77 -26.82 -56.37
CA LYS TB 245 -40.90 -27.05 -57.52
C LYS TB 245 -41.61 -27.83 -58.61
N ARG TB 246 -42.43 -28.81 -58.21
CA ARG TB 246 -43.19 -29.57 -59.19
C ARG TB 246 -44.24 -28.72 -59.87
N ALA TB 247 -44.80 -27.73 -59.17
CA ALA TB 247 -45.86 -26.91 -59.73
C ALA TB 247 -45.31 -25.76 -60.56
N LEU TB 248 -44.52 -24.88 -59.94
CA LEU TB 248 -44.11 -23.65 -60.61
C LEU TB 248 -43.09 -23.93 -61.72
N ARG TB 249 -42.07 -24.75 -61.44
CA ARG TB 249 -41.02 -24.96 -62.41
C ARG TB 249 -41.54 -25.70 -63.64
N ALA TB 250 -42.41 -26.69 -63.44
CA ALA TB 250 -43.01 -27.39 -64.58
C ALA TB 250 -43.89 -26.46 -65.39
N ALA TB 251 -44.63 -25.57 -64.72
CA ALA TB 251 -45.48 -24.61 -65.43
C ALA TB 251 -44.63 -23.66 -66.27
N ALA TB 252 -43.47 -23.24 -65.74
CA ALA TB 252 -42.59 -22.37 -66.50
C ALA TB 252 -42.10 -23.07 -67.77
N VAL TB 253 -41.73 -24.35 -67.66
CA VAL TB 253 -41.37 -25.12 -68.85
C VAL TB 253 -42.58 -25.26 -69.77
N ALA TB 254 -43.75 -25.55 -69.19
CA ALA TB 254 -44.96 -25.65 -69.98
C ALA TB 254 -45.39 -24.31 -70.58
N ALA TB 255 -44.91 -23.20 -70.02
CA ALA TB 255 -45.23 -21.90 -70.57
C ALA TB 255 -44.70 -21.74 -71.98
N HIS TB 256 -43.47 -22.22 -72.23
CA HIS TB 256 -42.91 -22.19 -73.56
C HIS TB 256 -43.73 -23.03 -74.53
N LYS TB 257 -44.18 -24.21 -74.09
CA LYS TB 257 -44.96 -25.09 -74.94
C LYS TB 257 -46.32 -24.48 -75.27
N GLN TB 258 -47.01 -23.97 -74.25
CA GLN TB 258 -48.30 -23.33 -74.48
C GLN TB 258 -48.15 -22.05 -75.28
N GLY TB 259 -47.13 -21.25 -74.98
CA GLY TB 259 -46.88 -20.00 -75.68
C GLY TB 259 -47.83 -18.89 -75.27
N ARG UB 10 -9.41 -63.60 -60.46
CA ARG UB 10 -8.98 -62.51 -61.32
C ARG UB 10 -9.88 -62.38 -62.55
N ALA UB 11 -10.27 -61.16 -62.89
CA ALA UB 11 -11.14 -60.89 -64.02
C ALA UB 11 -10.29 -60.31 -65.14
N TYR UB 12 -10.16 -61.05 -66.25
CA TYR UB 12 -9.36 -60.64 -67.38
C TYR UB 12 -10.26 -60.11 -68.50
N ARG UB 13 -9.68 -59.28 -69.37
CA ARG UB 13 -10.43 -58.72 -70.49
C ARG UB 13 -10.84 -59.82 -71.47
N GLY UB 14 -9.89 -60.65 -71.86
CA GLY UB 14 -10.15 -61.72 -72.81
C GLY UB 14 -9.35 -62.98 -72.53
N GLY UB 15 -8.68 -63.50 -73.54
CA GLY UB 15 -7.86 -64.69 -73.41
C GLY UB 15 -8.58 -65.93 -73.91
N HIS UB 16 -7.79 -66.97 -74.19
CA HIS UB 16 -8.30 -68.22 -74.71
C HIS UB 16 -7.83 -69.38 -73.84
N LEU UB 17 -8.71 -70.36 -73.65
CA LEU UB 17 -8.34 -71.56 -72.89
C LEU UB 17 -7.20 -72.29 -73.57
N THR UB 18 -6.19 -72.67 -72.79
CA THR UB 18 -4.99 -73.29 -73.34
C THR UB 18 -4.51 -74.40 -72.41
N ILE UB 19 -4.04 -75.49 -73.01
CA ILE UB 19 -3.37 -76.56 -72.28
C ILE UB 19 -1.87 -76.36 -72.46
N ARG UB 20 -1.15 -76.24 -71.35
CA ARG UB 20 0.26 -75.91 -71.39
C ARG UB 20 0.98 -76.67 -70.27
N LEU UB 21 2.27 -76.41 -70.14
CA LEU UB 21 3.11 -77.03 -69.13
C LEU UB 21 3.44 -76.01 -68.05
N ALA UB 22 3.23 -76.38 -66.79
CA ALA UB 22 3.52 -75.53 -65.65
C ALA UB 22 4.81 -76.01 -64.98
N LEU UB 23 5.78 -75.12 -64.87
CA LEU UB 23 7.07 -75.49 -64.30
C LEU UB 23 6.94 -75.73 -62.80
N GLY UB 24 7.81 -76.60 -62.29
CA GLY UB 24 7.79 -76.91 -60.87
C GLY UB 24 9.11 -77.52 -60.45
N GLY UB 25 9.20 -77.83 -59.16
CA GLY UB 25 10.41 -78.39 -58.61
C GLY UB 25 11.44 -77.34 -58.27
N CYS UB 26 12.62 -77.82 -57.87
CA CYS UB 26 13.70 -76.94 -57.45
C CYS UB 26 14.67 -76.70 -58.61
N THR UB 27 15.74 -75.96 -58.33
CA THR UB 27 16.74 -75.67 -59.35
C THR UB 27 17.46 -76.95 -59.78
N ASN UB 28 17.79 -77.00 -61.08
CA ASN UB 28 18.44 -78.13 -61.74
C ASN UB 28 17.57 -79.38 -61.78
N ARG UB 29 16.36 -79.33 -61.23
CA ARG UB 29 15.42 -80.45 -61.25
C ARG UB 29 14.09 -79.90 -61.74
N PRO UB 30 13.91 -79.75 -63.05
CA PRO UB 30 12.63 -79.28 -63.57
C PRO UB 30 11.57 -80.35 -63.48
N PHE UB 31 10.32 -79.89 -63.48
CA PHE UB 31 9.16 -80.79 -63.44
C PHE UB 31 7.95 -80.03 -63.96
N TYR UB 32 7.40 -80.49 -65.08
CA TYR UB 32 6.29 -79.83 -65.74
C TYR UB 32 4.99 -80.57 -65.45
N ARG UB 33 3.94 -79.81 -65.20
CA ARG UB 33 2.60 -80.35 -64.99
C ARG UB 33 1.73 -79.97 -66.18
N ILE UB 34 1.10 -80.96 -66.79
CA ILE UB 34 0.20 -80.71 -67.90
C ILE UB 34 -1.11 -80.18 -67.33
N VAL UB 35 -1.36 -78.88 -67.52
CA VAL UB 35 -2.50 -78.21 -66.92
C VAL UB 35 -3.23 -77.41 -67.99
N ALA UB 36 -4.51 -77.12 -67.70
CA ALA UB 36 -5.36 -76.34 -68.59
C ALA UB 36 -5.84 -75.11 -67.84
N ALA UB 37 -5.38 -73.93 -68.28
CA ALA UB 37 -5.70 -72.68 -67.60
C ALA UB 37 -5.91 -71.58 -68.61
N HIS UB 38 -6.48 -70.46 -68.14
CA HIS UB 38 -6.69 -69.30 -68.99
C HIS UB 38 -5.35 -68.75 -69.46
N SER UB 39 -5.30 -68.28 -70.70
CA SER UB 39 -4.03 -67.84 -71.29
C SER UB 39 -3.46 -66.64 -70.55
N LYS UB 40 -4.31 -65.78 -70.00
CA LYS UB 40 -3.84 -64.55 -69.37
C LYS UB 40 -3.42 -64.74 -67.92
N CYS UB 41 -3.63 -65.92 -67.34
CA CYS UB 41 -3.18 -66.16 -65.98
C CYS UB 41 -1.70 -66.50 -65.95
N PRO UB 42 -1.02 -66.29 -64.82
CA PRO UB 42 0.41 -66.62 -64.75
C PRO UB 42 0.65 -68.11 -64.94
N ARG UB 43 1.92 -68.45 -65.16
CA ARG UB 43 2.28 -69.84 -65.46
C ARG UB 43 1.92 -70.77 -64.31
N ASP UB 44 2.19 -70.35 -63.07
CA ASP UB 44 1.85 -71.14 -61.90
C ASP UB 44 0.57 -70.66 -61.22
N GLY UB 45 -0.25 -69.90 -61.92
CA GLY UB 45 -1.47 -69.35 -61.36
C GLY UB 45 -2.60 -70.36 -61.33
N ARG UB 46 -3.80 -69.84 -61.07
CA ARG UB 46 -4.98 -70.69 -60.97
C ARG UB 46 -5.28 -71.36 -62.31
N PHE UB 47 -5.75 -72.60 -62.23
CA PHE UB 47 -6.03 -73.40 -63.40
C PHE UB 47 -7.37 -74.10 -63.24
N VAL UB 48 -7.92 -74.56 -64.36
CA VAL UB 48 -9.21 -75.24 -64.34
C VAL UB 48 -9.07 -76.67 -63.85
N GLU UB 49 -8.32 -77.49 -64.59
CA GLU UB 49 -8.09 -78.88 -64.22
C GLU UB 49 -6.67 -79.28 -64.60
N GLN UB 50 -6.04 -80.07 -63.75
CA GLN UB 50 -4.73 -80.61 -64.02
C GLN UB 50 -4.86 -81.95 -64.74
N LEU UB 51 -4.17 -82.08 -65.87
CA LEU UB 51 -4.34 -83.26 -66.72
C LEU UB 51 -3.35 -84.37 -66.37
N GLY UB 52 -2.06 -84.07 -66.43
CA GLY UB 52 -1.03 -85.08 -66.21
C GLY UB 52 0.26 -84.46 -65.70
N SER UB 53 1.37 -85.14 -65.98
CA SER UB 53 2.68 -84.69 -65.54
C SER UB 53 3.72 -85.10 -66.57
N TYR UB 54 4.89 -84.47 -66.50
CA TYR UB 54 5.97 -84.74 -67.44
C TYR UB 54 7.29 -84.64 -66.71
N ASP UB 55 7.96 -85.76 -66.52
CA ASP UB 55 9.26 -85.78 -65.86
C ASP UB 55 10.36 -85.61 -66.90
N PRO UB 56 11.12 -84.52 -66.87
CA PRO UB 56 12.14 -84.30 -67.91
C PRO UB 56 13.43 -85.07 -67.70
N LEU UB 57 13.65 -85.67 -66.53
CA LEU UB 57 14.91 -86.33 -66.25
C LEU UB 57 14.72 -87.84 -66.19
N PRO UB 58 15.59 -88.61 -66.85
CA PRO UB 58 15.44 -90.07 -66.82
C PRO UB 58 15.67 -90.62 -65.41
N ASN UB 59 14.96 -91.70 -65.10
CA ASN UB 59 15.11 -92.38 -63.82
C ASN UB 59 16.17 -93.47 -63.94
N SER UB 60 16.24 -94.34 -62.92
CA SER UB 60 17.22 -95.43 -62.95
C SER UB 60 16.97 -96.38 -64.12
N HIS UB 61 15.73 -96.49 -64.57
CA HIS UB 61 15.41 -97.33 -65.72
C HIS UB 61 15.61 -96.61 -67.06
N GLY UB 62 16.07 -95.36 -67.04
CA GLY UB 62 16.21 -94.61 -68.27
C GLY UB 62 14.91 -94.30 -68.96
N GLU UB 63 13.89 -93.91 -68.20
CA GLU UB 63 12.56 -93.63 -68.73
C GLU UB 63 12.12 -92.23 -68.31
N LYS UB 64 11.50 -91.52 -69.24
CA LYS UB 64 10.93 -90.20 -68.98
C LYS UB 64 9.41 -90.36 -68.90
N LEU UB 65 8.90 -90.37 -67.68
CA LEU UB 65 7.49 -90.68 -67.47
C LEU UB 65 6.61 -89.51 -67.89
N VAL UB 66 5.55 -89.82 -68.62
CA VAL UB 66 4.55 -88.84 -69.04
C VAL UB 66 3.17 -89.38 -68.71
N ALA UB 67 2.33 -88.53 -68.11
CA ALA UB 67 0.97 -88.91 -67.75
C ALA UB 67 -0.01 -88.08 -68.57
N LEU UB 68 -1.00 -88.77 -69.13
CA LEU UB 68 -2.01 -88.12 -69.97
C LEU UB 68 -3.40 -88.57 -69.54
N ASN UB 69 -4.31 -87.60 -69.43
CA ASN UB 69 -5.70 -87.85 -69.07
C ASN UB 69 -6.51 -87.82 -70.37
N PHE UB 70 -6.49 -88.94 -71.09
CA PHE UB 70 -6.91 -88.95 -72.49
C PHE UB 70 -8.37 -88.53 -72.65
N ASP UB 71 -9.27 -89.09 -71.83
CA ASP UB 71 -10.68 -88.74 -71.97
C ASP UB 71 -10.93 -87.29 -71.62
N ARG UB 72 -10.23 -86.76 -70.62
CA ARG UB 72 -10.37 -85.35 -70.29
C ARG UB 72 -9.61 -84.45 -71.27
N ILE UB 73 -8.50 -84.93 -71.82
CA ILE UB 73 -7.74 -84.12 -72.78
C ILE UB 73 -8.58 -83.82 -74.02
N ARG UB 74 -9.25 -84.85 -74.55
CA ARG UB 74 -10.08 -84.65 -75.73
C ARG UB 74 -11.36 -83.87 -75.40
N HIS UB 75 -11.73 -83.81 -74.12
CA HIS UB 75 -12.89 -83.00 -73.73
C HIS UB 75 -12.60 -81.51 -73.87
N TRP UB 76 -11.43 -81.07 -73.39
CA TRP UB 76 -11.06 -79.66 -73.49
C TRP UB 76 -10.76 -79.27 -74.93
N ILE UB 77 -10.11 -80.16 -75.68
CA ILE UB 77 -9.85 -79.88 -77.10
C ILE UB 77 -11.17 -79.78 -77.85
N GLY UB 78 -12.15 -80.59 -77.46
CA GLY UB 78 -13.45 -80.53 -78.10
C GLY UB 78 -14.16 -79.21 -77.92
N CYS UB 79 -13.96 -78.56 -76.77
CA CYS UB 79 -14.62 -77.30 -76.48
C CYS UB 79 -13.82 -76.09 -76.95
N GLY UB 80 -12.72 -76.30 -77.66
CA GLY UB 80 -11.97 -75.20 -78.24
C GLY UB 80 -10.80 -74.72 -77.41
N ALA UB 81 -9.93 -75.63 -76.99
CA ALA UB 81 -8.76 -75.29 -76.21
C ALA UB 81 -7.52 -75.33 -77.09
N HIS UB 82 -6.76 -74.24 -77.09
CA HIS UB 82 -5.53 -74.17 -77.85
C HIS UB 82 -4.41 -74.96 -77.18
N LEU UB 83 -3.45 -75.40 -77.98
CA LEU UB 83 -2.31 -76.16 -77.50
C LEU UB 83 -1.03 -75.43 -77.83
N SER UB 84 -0.08 -75.45 -76.89
CA SER UB 84 1.21 -74.80 -77.07
C SER UB 84 2.14 -75.70 -77.87
N LYS UB 85 3.34 -75.19 -78.14
CA LYS UB 85 4.32 -75.97 -78.91
C LYS UB 85 4.74 -77.25 -78.21
N PRO UB 86 5.16 -77.26 -76.93
CA PRO UB 86 5.69 -78.52 -76.37
C PRO UB 86 4.64 -79.58 -76.15
N VAL UB 87 3.40 -79.20 -75.81
CA VAL UB 87 2.38 -80.22 -75.56
C VAL UB 87 2.03 -80.96 -76.86
N GLU UB 88 2.04 -80.26 -78.00
CA GLU UB 88 1.78 -80.92 -79.27
C GLU UB 88 2.87 -81.92 -79.59
N LYS UB 89 4.14 -81.57 -79.35
CA LYS UB 89 5.22 -82.52 -79.53
C LYS UB 89 5.08 -83.69 -78.57
N LEU UB 90 4.71 -83.41 -77.32
CA LEU UB 90 4.51 -84.47 -76.34
C LEU UB 90 3.36 -85.39 -76.74
N LEU UB 91 2.25 -84.81 -77.20
CA LEU UB 91 1.13 -85.63 -77.68
C LEU UB 91 1.50 -86.35 -78.97
N GLY UB 92 2.31 -85.71 -79.82
CA GLY UB 92 2.73 -86.37 -81.04
C GLY UB 92 3.55 -87.62 -80.79
N LEU UB 93 4.41 -87.58 -79.77
CA LEU UB 93 5.21 -88.76 -79.43
C LEU UB 93 4.33 -89.90 -78.94
N SER UB 94 3.33 -89.59 -78.11
CA SER UB 94 2.47 -90.65 -77.58
C SER UB 94 1.66 -91.33 -78.67
N GLY UB 95 1.37 -90.61 -79.75
CA GLY UB 95 0.54 -91.14 -80.82
C GLY UB 95 -0.89 -90.67 -80.81
N PHE UB 96 -1.28 -89.85 -79.83
CA PHE UB 96 -2.62 -89.29 -79.85
C PHE UB 96 -2.80 -88.31 -81.00
N TYR UB 97 -1.73 -87.61 -81.38
CA TYR UB 97 -1.72 -86.67 -82.49
C TYR UB 97 -0.63 -87.06 -83.48
N PRO UB 98 -0.78 -86.69 -84.75
CA PRO UB 98 0.30 -86.94 -85.71
C PRO UB 98 1.55 -86.17 -85.34
N LEU UB 99 2.69 -86.68 -85.80
CA LEU UB 99 3.97 -86.05 -85.49
C LEU UB 99 4.00 -84.60 -85.96
N HIS UB 100 4.45 -83.71 -85.09
CA HIS UB 100 4.48 -82.30 -85.42
C HIS UB 100 5.45 -82.05 -86.57
N PRO UB 101 5.11 -81.16 -87.51
CA PRO UB 101 6.05 -80.88 -88.61
C PRO UB 101 7.40 -80.37 -88.14
N MET UB 102 7.43 -79.56 -87.08
CA MET UB 102 8.71 -79.08 -86.56
C MET UB 102 9.50 -80.19 -85.89
N MET UB 103 8.82 -81.22 -85.37
CA MET UB 103 9.55 -82.35 -84.80
C MET UB 103 10.35 -83.08 -85.88
N ILE UB 104 9.76 -83.24 -87.06
CA ILE UB 104 10.43 -83.96 -88.13
C ILE UB 104 11.58 -83.13 -88.70
N THR UB 105 11.35 -81.83 -88.89
CA THR UB 105 12.38 -80.98 -89.48
C THR UB 105 13.62 -80.92 -88.59
N ASN UB 106 13.43 -80.83 -87.28
CA ASN UB 106 14.57 -80.86 -86.35
C ASN UB 106 15.31 -82.18 -86.46
N ALA UB 107 14.58 -83.29 -86.64
CA ALA UB 107 15.23 -84.57 -86.86
C ALA UB 107 16.05 -84.57 -88.14
N GLU UB 108 15.49 -84.03 -89.23
CA GLU UB 108 16.22 -83.97 -90.49
C GLU UB 108 17.46 -83.08 -90.38
N ARG UB 109 17.33 -81.96 -89.66
CA ARG UB 109 18.49 -81.10 -89.46
C ARG UB 109 19.59 -81.82 -88.68
N LEU UB 110 19.20 -82.63 -87.69
CA LEU UB 110 20.18 -83.38 -86.92
C LEU UB 110 20.94 -84.36 -87.80
N ARG UB 111 20.24 -85.04 -88.71
CA ARG UB 111 20.89 -85.98 -89.60
C ARG UB 111 21.92 -85.29 -90.49
N ARG UB 112 21.54 -84.15 -91.08
CA ARG UB 112 22.46 -83.43 -91.96
C ARG UB 112 23.65 -82.88 -91.19
N LYS UB 113 23.41 -82.33 -90.00
CA LYS UB 113 24.53 -81.86 -89.17
C LYS UB 113 25.42 -83.01 -88.77
N ARG UB 114 24.83 -84.15 -88.39
CA ARG UB 114 25.62 -85.32 -88.03
C ARG UB 114 26.39 -85.84 -89.24
N ALA UB 115 25.76 -85.84 -90.42
CA ALA UB 115 26.46 -86.27 -91.62
C ALA UB 115 27.63 -85.36 -91.93
N ARG UB 116 27.45 -84.05 -91.78
CA ARG UB 116 28.55 -83.11 -91.97
C ARG UB 116 29.65 -83.35 -90.94
N GLU UB 117 29.28 -83.65 -89.70
CA GLU UB 117 30.28 -83.93 -88.67
C GLU UB 117 31.09 -85.18 -89.00
N VAL UB 118 30.42 -86.23 -89.50
CA VAL UB 118 31.13 -87.45 -89.87
C VAL UB 118 32.07 -87.18 -91.05
N LEU UB 119 31.58 -86.47 -92.07
CA LEU UB 119 32.42 -86.16 -93.22
C LEU UB 119 33.59 -85.26 -92.84
N LEU UB 120 33.34 -84.27 -91.98
CA LEU UB 120 34.40 -83.34 -91.59
C LEU UB 120 35.50 -84.07 -90.83
N ALA UB 121 35.13 -84.98 -89.94
CA ALA UB 121 36.13 -85.74 -89.19
C ALA UB 121 36.95 -86.64 -90.12
N SER UB 122 36.28 -87.29 -91.07
CA SER UB 122 36.98 -88.19 -91.99
C SER UB 122 37.93 -87.43 -92.91
N GLN UB 123 37.53 -86.24 -93.37
CA GLN UB 123 38.39 -85.46 -94.25
C GLN UB 123 39.69 -85.07 -93.55
N LYS UB 124 39.59 -84.65 -92.29
CA LYS UB 124 40.79 -84.32 -91.54
C LYS UB 124 41.65 -85.54 -91.27
N THR UB 125 41.02 -86.70 -91.08
CA THR UB 125 41.76 -87.93 -90.81
C THR UB 125 42.65 -88.31 -92.00
N ASP UB 126 42.12 -88.20 -93.22
CA ASP UB 126 42.88 -88.55 -94.41
C ASP UB 126 43.83 -87.42 -94.80
N SER VB 2 -39.63 -71.72 -69.90
CA SER VB 2 -39.96 -71.93 -68.50
C SER VB 2 -38.88 -71.36 -67.58
N ILE VB 3 -38.55 -70.08 -67.79
CA ILE VB 3 -37.53 -69.41 -66.98
C ILE VB 3 -38.21 -68.43 -66.04
N ALA VB 4 -38.48 -68.88 -64.82
CA ALA VB 4 -39.10 -68.07 -63.78
C ALA VB 4 -38.40 -68.29 -62.45
N ARG VB 5 -37.07 -68.38 -62.49
CA ARG VB 5 -36.27 -68.63 -61.30
C ARG VB 5 -36.10 -67.34 -60.49
N SER VB 6 -35.33 -67.41 -59.41
CA SER VB 6 -35.02 -66.25 -58.60
C SER VB 6 -33.57 -66.38 -58.11
N SER VB 7 -32.95 -65.23 -57.86
CA SER VB 7 -31.55 -65.19 -57.45
C SER VB 7 -31.35 -65.32 -55.95
N VAL VB 8 -32.42 -65.23 -55.17
CA VAL VB 8 -32.30 -65.32 -53.71
C VAL VB 8 -32.08 -66.77 -53.30
N HIS VB 9 -31.50 -66.96 -52.12
CA HIS VB 9 -31.21 -68.29 -51.61
C HIS VB 9 -32.42 -68.96 -50.97
N ALA VB 10 -33.47 -68.21 -50.68
CA ALA VB 10 -34.67 -68.74 -50.02
C ALA VB 10 -35.83 -68.68 -51.00
N LYS VB 11 -36.36 -69.86 -51.36
CA LYS VB 11 -37.51 -69.93 -52.25
C LYS VB 11 -38.83 -69.90 -51.49
N TRP VB 12 -38.96 -70.75 -50.47
CA TRP VB 12 -40.13 -70.78 -49.61
C TRP VB 12 -39.68 -70.61 -48.17
N VAL VB 13 -40.33 -69.70 -47.44
CA VAL VB 13 -40.03 -69.47 -46.03
C VAL VB 13 -41.34 -69.28 -45.27
N VAL VB 14 -41.28 -69.55 -43.97
CA VAL VB 14 -42.42 -69.37 -43.07
C VAL VB 14 -42.00 -68.44 -41.95
N GLY VB 15 -42.81 -67.41 -41.71
CA GLY VB 15 -42.50 -66.43 -40.69
C GLY VB 15 -43.76 -65.87 -40.06
N LYS VB 16 -43.55 -65.10 -38.99
CA LYS VB 16 -44.64 -64.49 -38.25
C LYS VB 16 -44.77 -63.02 -38.65
N VAL VB 17 -46.02 -62.58 -38.81
CA VAL VB 17 -46.28 -61.20 -39.22
C VAL VB 17 -45.95 -60.24 -38.09
N ILE VB 18 -45.19 -59.20 -38.40
CA ILE VB 18 -44.85 -58.18 -37.40
C ILE VB 18 -45.85 -57.04 -37.44
N GLY VB 19 -46.04 -56.42 -38.60
CA GLY VB 19 -46.93 -55.29 -38.71
C GLY VB 19 -47.39 -55.08 -40.13
N THR VB 20 -48.52 -54.40 -40.27
CA THR VB 20 -49.15 -54.11 -41.55
C THR VB 20 -49.39 -52.61 -41.70
N ALA VB 21 -48.37 -51.81 -41.36
CA ALA VB 21 -48.53 -50.37 -41.38
C ALA VB 21 -48.52 -49.83 -42.81
N MET VB 22 -47.65 -50.36 -43.66
CA MET VB 22 -47.53 -49.87 -45.03
C MET VB 22 -48.70 -50.38 -45.88
N GLN VB 23 -48.80 -49.86 -47.09
CA GLN VB 23 -49.92 -50.15 -47.98
C GLN VB 23 -49.66 -51.43 -48.76
N LYS VB 24 -50.55 -52.42 -48.59
CA LYS VB 24 -50.51 -53.68 -49.34
C LYS VB 24 -49.15 -54.35 -49.23
N THR VB 25 -48.57 -54.31 -48.03
CA THR VB 25 -47.29 -54.97 -47.77
C THR VB 25 -47.22 -55.29 -46.28
N ALA VB 26 -46.81 -56.51 -45.96
CA ALA VB 26 -46.71 -56.97 -44.57
C ALA VB 26 -45.26 -57.31 -44.26
N LYS VB 27 -44.76 -56.82 -43.14
CA LYS VB 27 -43.43 -57.14 -42.67
C LYS VB 27 -43.50 -58.37 -41.78
N VAL VB 28 -42.82 -59.44 -42.20
CA VAL VB 28 -42.85 -60.71 -41.47
C VAL VB 28 -41.46 -61.00 -40.92
N ARG VB 29 -41.42 -61.84 -39.89
CA ARG VB 29 -40.19 -62.20 -39.20
C ARG VB 29 -39.97 -63.70 -39.36
N VAL VB 30 -38.94 -64.08 -40.11
CA VAL VB 30 -38.60 -65.47 -40.34
C VAL VB 30 -37.65 -65.93 -39.24
N THR VB 31 -37.80 -67.18 -38.82
CA THR VB 31 -36.98 -67.77 -37.76
C THR VB 31 -36.30 -69.01 -38.29
N ARG VB 32 -34.98 -69.09 -38.08
CA ARG VB 32 -34.20 -70.25 -38.50
C ARG VB 32 -33.26 -70.64 -37.35
N LEU VB 33 -32.85 -71.91 -37.37
CA LEU VB 33 -31.96 -72.45 -36.36
C LEU VB 33 -30.52 -72.39 -36.86
N VAL VB 34 -29.63 -71.82 -36.06
CA VAL VB 34 -28.22 -71.68 -36.41
C VAL VB 34 -27.39 -72.33 -35.31
N LEU VB 35 -26.41 -73.14 -35.72
CA LEU VB 35 -25.56 -73.86 -34.77
C LEU VB 35 -24.46 -72.93 -34.27
N ASP VB 36 -24.36 -72.82 -32.95
CA ASP VB 36 -23.28 -72.05 -32.35
C ASP VB 36 -22.00 -72.87 -32.39
N PRO VB 37 -20.92 -72.38 -33.01
CA PRO VB 37 -19.71 -73.20 -33.14
C PRO VB 37 -19.10 -73.64 -31.81
N TYR VB 38 -19.20 -72.82 -30.77
CA TYR VB 38 -18.56 -73.15 -29.51
C TYR VB 38 -19.40 -74.11 -28.67
N LEU VB 39 -20.66 -73.78 -28.44
CA LEU VB 39 -21.52 -74.60 -27.59
C LEU VB 39 -22.18 -75.76 -28.34
N LEU VB 40 -22.09 -75.78 -29.67
CA LEU VB 40 -22.71 -76.83 -30.48
C LEU VB 40 -24.21 -76.93 -30.20
N LYS VB 41 -24.85 -75.78 -29.99
CA LYS VB 41 -26.27 -75.72 -29.71
C LYS VB 41 -26.94 -74.78 -30.72
N TYR VB 42 -28.20 -75.07 -31.03
CA TYR VB 42 -28.95 -74.31 -32.02
C TYR VB 42 -29.78 -73.23 -31.34
N PHE VB 43 -29.67 -72.00 -31.85
CA PHE VB 43 -30.45 -70.87 -31.36
C PHE VB 43 -31.16 -70.22 -32.53
N ASN VB 44 -32.31 -69.61 -32.22
CA ASN VB 44 -33.12 -68.97 -33.26
C ASN VB 44 -32.45 -67.68 -33.74
N LYS VB 45 -32.51 -67.45 -35.04
CA LYS VB 45 -32.02 -66.23 -35.66
C LYS VB 45 -33.17 -65.56 -36.39
N ARG VB 46 -33.44 -64.30 -36.05
CA ARG VB 46 -34.58 -63.58 -36.59
C ARG VB 46 -34.16 -62.66 -37.72
N LYS VB 47 -34.88 -62.74 -38.83
CA LYS VB 47 -34.68 -61.84 -39.96
C LYS VB 47 -36.03 -61.34 -40.45
N THR VB 48 -36.06 -60.09 -40.91
CA THR VB 48 -37.28 -59.44 -41.34
C THR VB 48 -37.40 -59.52 -42.86
N TYR VB 49 -38.59 -59.89 -43.34
CA TYR VB 49 -38.88 -59.98 -44.75
C TYR VB 49 -40.12 -59.17 -45.09
N PHE VB 50 -40.14 -58.64 -46.31
CA PHE VB 50 -41.28 -57.89 -46.83
C PHE VB 50 -42.05 -58.74 -47.81
N ALA VB 51 -43.36 -58.85 -47.61
CA ALA VB 51 -44.23 -59.63 -48.46
C ALA VB 51 -45.36 -58.75 -48.98
N HIS VB 52 -45.69 -58.90 -50.26
CA HIS VB 52 -46.74 -58.12 -50.89
C HIS VB 52 -48.07 -58.84 -50.76
N ASP VB 53 -49.02 -58.21 -50.09
CA ASP VB 53 -50.36 -58.74 -49.90
C ASP VB 53 -51.32 -57.91 -50.74
N ALA VB 54 -51.81 -58.50 -51.84
CA ALA VB 54 -52.72 -57.78 -52.73
C ALA VB 54 -54.10 -57.59 -52.11
N LEU VB 55 -54.55 -58.54 -51.31
CA LEU VB 55 -55.91 -58.52 -50.77
C LEU VB 55 -55.99 -57.89 -49.38
N GLN VB 56 -54.86 -57.47 -48.80
CA GLN VB 56 -54.83 -56.87 -47.47
C GLN VB 56 -55.44 -57.81 -46.42
N GLN VB 57 -54.93 -59.03 -46.40
CA GLN VB 57 -55.44 -60.09 -45.53
C GLN VB 57 -54.53 -60.38 -44.34
N CYS VB 58 -53.55 -59.53 -44.07
CA CYS VB 58 -52.56 -59.78 -43.03
C CYS VB 58 -52.97 -59.11 -41.73
N THR VB 59 -52.98 -59.88 -40.64
CA THR VB 59 -53.25 -59.37 -39.31
C THR VB 59 -52.04 -59.69 -38.42
N VAL VB 60 -51.71 -58.77 -37.52
CA VAL VB 60 -50.53 -58.94 -36.68
C VAL VB 60 -50.69 -60.17 -35.82
N GLY VB 61 -49.70 -61.06 -35.88
CA GLY VB 61 -49.72 -62.30 -35.13
C GLY VB 61 -49.95 -63.55 -35.96
N ASP VB 62 -50.08 -63.41 -37.28
CA ASP VB 62 -50.33 -64.56 -38.14
C ASP VB 62 -49.03 -65.27 -38.50
N ILE VB 63 -49.17 -66.51 -38.96
CA ILE VB 63 -48.07 -67.28 -39.52
C ILE VB 63 -48.33 -67.42 -41.01
N VAL VB 64 -47.41 -66.92 -41.82
CA VAL VB 64 -47.62 -66.77 -43.26
C VAL VB 64 -46.49 -67.46 -44.01
N LEU VB 65 -46.85 -68.27 -45.00
CA LEU VB 65 -45.89 -68.86 -45.92
C LEU VB 65 -45.58 -67.86 -47.03
N LEU VB 66 -44.30 -67.72 -47.34
CA LEU VB 66 -43.84 -66.77 -48.36
C LEU VB 66 -43.23 -67.52 -49.53
N LYS VB 67 -43.45 -67.00 -50.73
CA LYS VB 67 -42.93 -67.58 -51.96
C LYS VB 67 -42.02 -66.57 -52.64
N ALA VB 68 -40.89 -67.06 -53.16
CA ALA VB 68 -39.90 -66.18 -53.77
C ALA VB 68 -40.47 -65.47 -54.98
N LEU VB 69 -40.25 -64.16 -55.04
CA LEU VB 69 -40.74 -63.36 -56.16
C LEU VB 69 -39.78 -63.50 -57.33
N PRO VB 70 -40.25 -63.86 -58.52
CA PRO VB 70 -39.34 -64.03 -59.66
C PRO VB 70 -38.56 -62.78 -60.03
N VAL VB 71 -39.18 -61.61 -59.90
CA VAL VB 71 -38.54 -60.34 -60.20
C VAL VB 71 -38.78 -59.39 -59.03
N PRO VB 72 -37.73 -58.84 -58.41
CA PRO VB 72 -37.95 -57.90 -57.30
C PRO VB 72 -38.70 -56.66 -57.75
N ARG VB 73 -39.60 -56.18 -56.88
CA ARG VB 73 -40.34 -54.97 -57.15
C ARG VB 73 -39.66 -53.72 -56.61
N THR VB 74 -38.67 -53.88 -55.73
CA THR VB 74 -37.89 -52.79 -55.18
C THR VB 74 -36.65 -53.40 -54.54
N LYS VB 75 -35.89 -52.59 -53.80
CA LYS VB 75 -34.67 -53.07 -53.18
C LYS VB 75 -34.90 -53.92 -51.95
N HIS VB 76 -36.13 -53.97 -51.43
CA HIS VB 76 -36.43 -54.73 -50.22
C HIS VB 76 -37.50 -55.80 -50.42
N VAL VB 77 -38.57 -55.49 -51.16
CA VAL VB 77 -39.66 -56.43 -51.35
C VAL VB 77 -39.22 -57.43 -52.40
N LYS VB 78 -38.87 -58.65 -51.97
CA LYS VB 78 -38.46 -59.72 -52.87
C LYS VB 78 -39.26 -60.99 -52.67
N HIS VB 79 -40.34 -60.95 -51.89
CA HIS VB 79 -41.16 -62.12 -51.63
C HIS VB 79 -42.63 -61.75 -51.74
N GLU VB 80 -43.45 -62.75 -52.08
CA GLU VB 80 -44.88 -62.58 -52.24
C GLU VB 80 -45.62 -63.55 -51.34
N LEU VB 81 -46.70 -63.07 -50.73
CA LEU VB 81 -47.50 -63.93 -49.85
C LEU VB 81 -48.13 -65.05 -50.66
N ALA VB 82 -48.18 -66.24 -50.06
CA ALA VB 82 -48.79 -67.41 -50.68
C ALA VB 82 -50.10 -67.81 -50.00
N GLU VB 83 -50.08 -67.98 -48.68
CA GLU VB 83 -51.28 -68.37 -47.95
C GLU VB 83 -51.12 -67.99 -46.49
N ILE VB 84 -52.24 -67.97 -45.78
CA ILE VB 84 -52.26 -67.72 -44.34
C ILE VB 84 -52.35 -69.08 -43.66
N ILE VB 85 -51.21 -69.54 -43.12
CA ILE VB 85 -51.17 -70.86 -42.51
C ILE VB 85 -52.03 -70.90 -41.25
N PHE VB 86 -51.90 -69.89 -40.39
CA PHE VB 86 -52.64 -69.82 -39.14
C PHE VB 86 -53.14 -68.39 -38.94
N LYS VB 87 -54.45 -68.19 -39.11
CA LYS VB 87 -55.04 -66.90 -38.78
C LYS VB 87 -55.04 -66.69 -37.28
N VAL VB 88 -54.77 -65.46 -36.85
CA VAL VB 88 -54.67 -65.17 -35.42
C VAL VB 88 -56.03 -65.32 -34.76
N GLY VB 89 -56.08 -66.16 -33.72
CA GLY VB 89 -57.32 -66.41 -33.01
C GLY VB 89 -58.29 -67.31 -33.71
N GLN VB 90 -58.21 -67.43 -35.03
CA GLN VB 90 -59.07 -68.30 -35.83
C GLN VB 90 -58.18 -69.37 -36.45
N VAL VB 91 -57.95 -70.45 -35.71
CA VAL VB 91 -57.07 -71.53 -36.12
C VAL VB 91 -57.90 -72.78 -36.32
N ILE VB 92 -57.81 -73.37 -37.51
CA ILE VB 92 -58.50 -74.61 -37.85
C ILE VB 92 -57.46 -75.72 -37.93
N ASP VB 93 -57.72 -76.83 -37.26
CA ASP VB 93 -56.79 -77.95 -37.25
C ASP VB 93 -56.66 -78.52 -38.66
N PRO VB 94 -55.46 -78.59 -39.23
CA PRO VB 94 -55.31 -79.14 -40.58
C PRO VB 94 -55.70 -80.60 -40.69
N VAL VB 95 -55.70 -81.34 -39.58
CA VAL VB 95 -56.01 -82.77 -39.63
C VAL VB 95 -57.52 -82.98 -39.71
N THR VB 96 -58.25 -82.52 -38.70
CA THR VB 96 -59.69 -82.73 -38.64
C THR VB 96 -60.50 -81.64 -39.33
N GLY VB 97 -59.85 -80.54 -39.74
CA GLY VB 97 -60.57 -79.46 -40.38
C GLY VB 97 -61.64 -78.83 -39.50
N LYS VB 98 -61.35 -78.65 -38.22
CA LYS VB 98 -62.31 -78.11 -37.28
C LYS VB 98 -61.71 -76.92 -36.54
N PRO VB 99 -62.51 -75.89 -36.25
CA PRO VB 99 -61.99 -74.75 -35.49
C PRO VB 99 -61.52 -75.18 -34.10
N CYS VB 100 -60.45 -74.55 -33.65
CA CYS VB 100 -59.87 -74.86 -32.35
C CYS VB 100 -59.27 -73.60 -31.75
N ALA VB 101 -59.19 -73.59 -30.42
CA ALA VB 101 -58.61 -72.48 -29.66
C ALA VB 101 -57.60 -73.06 -28.70
N GLY VB 102 -56.35 -73.18 -29.16
CA GLY VB 102 -55.31 -73.76 -28.35
C GLY VB 102 -55.42 -75.27 -28.25
N THR VB 103 -55.78 -75.77 -27.06
CA THR VB 103 -55.92 -77.21 -26.85
C THR VB 103 -57.37 -77.68 -26.92
N THR VB 104 -58.32 -76.85 -26.51
CA THR VB 104 -59.73 -77.23 -26.50
C THR VB 104 -60.35 -76.97 -27.86
N TYR VB 105 -60.98 -78.01 -28.42
CA TYR VB 105 -61.67 -77.86 -29.70
C TYR VB 105 -62.89 -76.96 -29.53
N LEU VB 106 -63.01 -75.98 -30.42
CA LEU VB 106 -64.21 -75.14 -30.42
C LEU VB 106 -65.45 -75.95 -30.79
N GLU VB 107 -65.32 -76.84 -31.78
CA GLU VB 107 -66.41 -77.71 -32.20
C GLU VB 107 -65.95 -79.16 -32.15
N SER VB 108 -66.81 -80.02 -31.65
CA SER VB 108 -66.47 -81.43 -31.51
C SER VB 108 -66.40 -82.11 -32.87
N PRO VB 109 -65.28 -82.74 -33.22
CA PRO VB 109 -65.19 -83.42 -34.53
C PRO VB 109 -65.98 -84.71 -34.60
N ILE VB 110 -66.46 -85.24 -33.49
CA ILE VB 110 -67.22 -86.48 -33.47
C ILE VB 110 -68.73 -86.22 -33.43
N SER VB 111 -69.15 -85.02 -33.80
CA SER VB 111 -70.57 -84.65 -33.85
C SER VB 111 -70.88 -84.05 -35.21
N PRO VB 112 -71.02 -84.89 -36.24
CA PRO VB 112 -71.37 -84.35 -37.56
C PRO VB 112 -72.70 -83.61 -37.60
N GLU VB 113 -73.68 -84.05 -36.82
CA GLU VB 113 -74.99 -83.43 -36.80
C GLU VB 113 -75.37 -83.03 -35.39
N SER WB 49 37.84 -101.83 -32.12
CA SER WB 49 37.44 -102.95 -31.28
C SER WB 49 37.31 -104.23 -32.08
N PRO WB 50 37.77 -105.35 -31.52
CA PRO WB 50 37.70 -106.64 -32.22
C PRO WB 50 36.30 -107.26 -32.18
N TYR WB 51 35.31 -106.51 -32.65
CA TYR WB 51 33.94 -107.00 -32.70
C TYR WB 51 33.24 -106.63 -34.00
N LYS WB 52 33.95 -106.07 -34.98
CA LYS WB 52 33.33 -105.75 -36.25
C LYS WB 52 32.93 -107.00 -37.02
N ASP WB 53 33.60 -108.12 -36.77
CA ASP WB 53 33.24 -109.36 -37.46
C ASP WB 53 31.85 -109.84 -37.08
N GLU WB 54 31.49 -109.71 -35.81
CA GLU WB 54 30.16 -110.10 -35.33
C GLU WB 54 29.72 -109.13 -34.24
N PRO WB 55 28.99 -108.08 -34.60
CA PRO WB 55 28.51 -107.13 -33.58
C PRO WB 55 27.64 -107.77 -32.53
N TRP WB 56 26.86 -108.79 -32.88
CA TRP WB 56 25.98 -109.44 -31.91
C TRP WB 56 26.75 -110.26 -30.87
N LYS WB 57 28.05 -110.47 -31.06
CA LYS WB 57 28.83 -111.22 -30.08
C LYS WB 57 28.87 -110.49 -28.74
N TYR WB 58 28.94 -109.16 -28.77
CA TYR WB 58 28.99 -108.40 -27.53
C TYR WB 58 27.71 -108.58 -26.72
N LEU WB 59 26.56 -108.62 -27.39
CA LEU WB 59 25.29 -108.80 -26.69
C LEU WB 59 25.25 -110.13 -25.96
N ASP WB 60 25.73 -111.19 -26.59
CA ASP WB 60 25.77 -112.50 -25.95
C ASP WB 60 26.94 -112.67 -25.00
N SER WB 61 27.88 -111.73 -25.00
CA SER WB 61 29.03 -111.83 -24.11
C SER WB 61 28.62 -111.59 -22.66
N GLU WB 62 29.48 -112.05 -21.75
CA GLU WB 62 29.19 -111.90 -20.32
C GLU WB 62 29.32 -110.45 -19.88
N GLU WB 63 30.16 -109.66 -20.56
CA GLU WB 63 30.37 -108.28 -20.16
C GLU WB 63 29.08 -107.47 -20.26
N TYR WB 64 28.32 -107.65 -21.34
CA TYR WB 64 27.04 -106.96 -21.46
C TYR WB 64 26.08 -107.39 -20.36
N GLN WB 65 26.03 -108.69 -20.08
CA GLN WB 65 25.12 -109.19 -19.04
C GLN WB 65 25.51 -108.64 -17.67
N ASN WB 66 26.81 -108.57 -17.38
CA ASN WB 66 27.25 -108.11 -16.08
C ASN WB 66 26.90 -106.65 -15.84
N ARG WB 67 27.05 -105.80 -16.86
CA ARG WB 67 26.83 -104.38 -16.66
C ARG WB 67 25.35 -104.01 -16.77
N TYR WB 68 24.75 -104.24 -17.93
CA TYR WB 68 23.38 -103.76 -18.17
C TYR WB 68 22.35 -104.73 -17.60
N GLY WB 69 22.59 -106.03 -17.69
CA GLY WB 69 21.61 -106.97 -17.19
C GLY WB 69 20.41 -107.07 -18.13
N SER WB 70 19.25 -107.35 -17.52
CA SER WB 70 18.04 -107.54 -18.32
C SER WB 70 17.49 -106.21 -18.86
N ARG WB 71 17.67 -105.13 -18.12
CA ARG WB 71 17.10 -103.85 -18.52
C ARG WB 71 17.82 -103.31 -19.76
N PRO WB 72 17.14 -102.48 -20.56
CA PRO WB 72 17.77 -101.92 -21.76
C PRO WB 72 18.93 -100.99 -21.41
N VAL WB 73 19.66 -100.60 -22.45
CA VAL WB 73 20.84 -99.75 -22.27
C VAL WB 73 20.44 -98.38 -21.72
N TRP WB 74 19.36 -97.80 -22.25
CA TRP WB 74 18.96 -96.45 -21.91
C TRP WB 74 18.16 -96.35 -20.61
N ALA WB 75 18.13 -97.43 -19.82
CA ALA WB 75 17.32 -97.39 -18.59
C ALA WB 75 17.98 -96.55 -17.51
N ASP WB 76 19.31 -96.63 -17.40
CA ASP WB 76 20.04 -95.94 -16.34
C ASP WB 76 20.56 -94.57 -16.75
N TYR WB 77 20.27 -94.13 -17.97
CA TYR WB 77 20.77 -92.86 -18.49
C TYR WB 77 19.71 -91.77 -18.31
N ARG WB 78 20.12 -90.65 -17.72
CA ARG WB 78 19.25 -89.50 -17.54
C ARG WB 78 19.88 -88.27 -18.18
N ARG WB 79 19.05 -87.49 -18.86
CA ARG WB 79 19.52 -86.35 -19.64
C ARG WB 79 19.31 -85.07 -18.84
N ASN WB 80 20.38 -84.29 -18.67
CA ASN WB 80 20.32 -83.04 -17.93
C ASN WB 80 19.87 -81.92 -18.87
N HIS WB 81 18.81 -81.21 -18.47
CA HIS WB 81 18.24 -80.16 -19.30
C HIS WB 81 17.94 -78.95 -18.41
N LYS WB 82 17.32 -77.93 -19.00
CA LYS WB 82 17.21 -76.63 -18.37
C LYS WB 82 16.09 -76.55 -17.33
N GLY WB 83 15.13 -77.46 -17.34
CA GLY WB 83 14.04 -77.38 -16.38
C GLY WB 83 13.09 -78.56 -16.39
N GLY WB 84 11.80 -78.29 -16.25
CA GLY WB 84 10.81 -79.34 -16.24
C GLY WB 84 10.59 -79.99 -17.58
N ILE WB 85 10.49 -79.17 -18.63
CA ILE WB 85 10.23 -79.66 -19.98
C ILE WB 85 11.56 -79.82 -20.70
N PRO WB 86 11.97 -81.04 -21.06
CA PRO WB 86 13.21 -81.20 -21.80
C PRO WB 86 13.09 -80.63 -23.20
N PRO WB 87 14.18 -80.12 -23.77
CA PRO WB 87 14.12 -79.63 -25.16
C PRO WB 87 13.74 -80.75 -26.11
N GLN WB 88 12.96 -80.40 -27.14
CA GLN WB 88 12.44 -81.40 -28.07
C GLN WB 88 13.53 -82.02 -28.94
N ARG WB 89 14.72 -81.43 -28.99
CA ARG WB 89 15.81 -81.94 -29.80
C ARG WB 89 17.04 -82.14 -28.91
N THR WB 90 17.63 -83.32 -28.99
CA THR WB 90 18.79 -83.66 -28.17
C THR WB 90 20.07 -83.17 -28.85
N ARG WB 91 21.22 -83.60 -28.34
CA ARG WB 91 22.49 -83.20 -28.92
C ARG WB 91 22.63 -83.75 -30.34
N LYS WB 92 23.20 -82.94 -31.23
CA LYS WB 92 23.43 -83.39 -32.60
C LYS WB 92 24.47 -84.50 -32.64
N MET WB 93 25.55 -84.34 -31.89
CA MET WB 93 26.60 -85.35 -31.82
C MET WB 93 27.47 -85.07 -30.60
N CYS WB 94 27.87 -86.15 -29.92
CA CYS WB 94 28.66 -86.04 -28.70
C CYS WB 94 30.05 -86.67 -28.85
N ILE WB 95 30.47 -87.01 -30.07
CA ILE WB 95 31.75 -87.67 -30.30
C ILE WB 95 32.58 -86.81 -31.26
N ARG WB 96 32.36 -85.50 -31.21
CA ARG WB 96 33.01 -84.55 -32.12
C ARG WB 96 34.51 -84.74 -32.15
N GLY WB 97 35.03 -85.10 -33.32
CA GLY WB 97 36.45 -85.36 -33.47
C GLY WB 97 36.93 -86.49 -32.60
N ASN WB 98 37.79 -86.16 -31.63
CA ASN WB 98 38.31 -87.13 -30.68
C ASN WB 98 37.97 -86.76 -29.24
N LYS WB 99 36.98 -85.88 -29.05
CA LYS WB 99 36.62 -85.39 -27.73
C LYS WB 99 35.21 -85.83 -27.39
N VAL WB 100 35.04 -86.41 -26.21
CA VAL WB 100 33.73 -86.80 -25.70
C VAL WB 100 33.12 -85.59 -25.00
N ALA WB 101 31.91 -85.21 -25.42
CA ALA WB 101 31.28 -83.98 -24.95
C ALA WB 101 30.40 -84.30 -23.74
N GLY WB 102 30.95 -84.12 -22.54
CA GLY WB 102 30.18 -84.27 -21.33
C GLY WB 102 29.66 -85.67 -21.13
N ASN WB 103 28.48 -85.77 -20.51
CA ASN WB 103 27.81 -87.03 -20.28
C ASN WB 103 27.40 -87.64 -21.61
N PRO WB 104 27.99 -88.76 -22.00
CA PRO WB 104 27.68 -89.35 -23.32
C PRO WB 104 26.32 -90.01 -23.34
N CYS WB 105 25.80 -90.18 -24.55
CA CYS WB 105 24.56 -90.89 -24.77
C CYS WB 105 24.78 -92.38 -24.54
N PRO WB 106 23.70 -93.15 -24.33
CA PRO WB 106 23.88 -94.59 -24.06
C PRO WB 106 24.65 -95.32 -25.13
N ILE WB 107 24.55 -94.90 -26.39
CA ILE WB 107 25.26 -95.56 -27.48
C ILE WB 107 26.70 -95.09 -27.63
N CYS WB 108 26.98 -93.80 -27.39
CA CYS WB 108 28.30 -93.24 -27.60
C CYS WB 108 29.17 -93.30 -26.36
N ARG WB 109 28.70 -93.91 -25.28
CA ARG WB 109 29.50 -94.05 -24.06
C ARG WB 109 30.27 -95.36 -24.01
N ASP WB 110 29.84 -96.38 -24.74
CA ASP WB 110 30.57 -97.64 -24.87
C ASP WB 110 30.75 -97.92 -26.35
N GLN WB 111 31.97 -97.73 -26.85
CA GLN WB 111 32.23 -97.83 -28.29
C GLN WB 111 32.14 -99.25 -28.82
N LYS WB 112 32.07 -100.25 -27.95
CA LYS WB 112 31.96 -101.63 -28.43
C LYS WB 112 30.59 -101.92 -29.03
N LEU WB 113 29.59 -101.09 -28.76
CA LEU WB 113 28.29 -101.24 -29.39
C LEU WB 113 28.33 -100.74 -30.82
N HIS WB 114 27.84 -101.55 -31.75
CA HIS WB 114 27.81 -101.20 -33.16
C HIS WB 114 26.35 -101.19 -33.64
N VAL WB 115 25.98 -100.15 -34.38
CA VAL WB 115 24.64 -100.03 -34.93
C VAL WB 115 24.66 -100.62 -36.33
N ASP WB 116 24.24 -101.87 -36.44
CA ASP WB 116 24.17 -102.57 -37.72
C ASP WB 116 22.85 -103.31 -37.81
N PHE WB 117 22.53 -103.79 -39.01
CA PHE WB 117 21.31 -104.54 -39.22
C PHE WB 117 21.42 -106.00 -38.82
N ARG WB 118 22.64 -106.48 -38.55
CA ARG WB 118 22.81 -107.90 -38.20
C ARG WB 118 22.24 -108.19 -36.82
N ASN WB 119 22.58 -107.37 -35.82
CA ASN WB 119 22.15 -107.60 -34.45
C ASN WB 119 20.74 -107.04 -34.25
N VAL WB 120 19.86 -107.85 -33.66
CA VAL WB 120 18.48 -107.45 -33.46
C VAL WB 120 18.18 -107.15 -31.99
N LYS WB 121 18.89 -107.78 -31.06
CA LYS WB 121 18.65 -107.53 -29.64
C LYS WB 121 18.91 -106.07 -29.28
N LEU WB 122 20.00 -105.50 -29.79
CA LEU WB 122 20.28 -104.09 -29.54
C LEU WB 122 19.23 -103.19 -30.15
N LEU WB 123 18.81 -103.49 -31.39
CA LEU WB 123 17.81 -102.67 -32.05
C LEU WB 123 16.43 -102.88 -31.47
N GLU WB 124 16.16 -104.04 -30.86
CA GLU WB 124 14.86 -104.28 -30.25
C GLU WB 124 14.63 -103.37 -29.06
N GLN WB 125 15.70 -103.03 -28.32
CA GLN WB 125 15.57 -102.17 -27.15
C GLN WB 125 15.11 -100.76 -27.52
N PHE WB 126 15.29 -100.35 -28.78
CA PHE WB 126 14.85 -99.04 -29.24
C PHE WB 126 13.54 -99.08 -30.00
N VAL WB 127 12.84 -100.21 -29.98
CA VAL WB 127 11.55 -100.36 -30.64
C VAL WB 127 10.54 -100.86 -29.61
N CYS WB 128 9.38 -100.20 -29.55
CA CYS WB 128 8.34 -100.62 -28.62
C CYS WB 128 7.85 -102.01 -28.97
N ALA WB 129 7.73 -102.86 -27.94
CA ALA WB 129 7.32 -104.24 -28.17
C ALA WB 129 5.84 -104.32 -28.59
N HIS WB 130 4.98 -103.53 -27.95
CA HIS WB 130 3.55 -103.62 -28.19
C HIS WB 130 3.08 -102.67 -29.30
N THR WB 131 3.46 -101.40 -29.20
CA THR WB 131 3.03 -100.43 -30.22
C THR WB 131 3.75 -100.69 -31.55
N GLY WB 132 4.96 -101.21 -31.51
CA GLY WB 132 5.71 -101.45 -32.73
C GLY WB 132 6.13 -100.19 -33.45
N ILE WB 133 6.54 -99.16 -32.72
CA ILE WB 133 7.00 -97.90 -33.31
C ILE WB 133 8.38 -97.58 -32.77
N ILE WB 134 9.12 -96.79 -33.53
CA ILE WB 134 10.48 -96.42 -33.15
C ILE WB 134 10.43 -95.28 -32.15
N PHE WB 135 11.14 -95.44 -31.04
CA PHE WB 135 11.18 -94.41 -30.01
C PHE WB 135 11.88 -93.16 -30.52
N HIS WB 136 11.35 -92.00 -30.16
CA HIS WB 136 11.97 -90.74 -30.53
C HIS WB 136 13.19 -90.48 -29.64
N ALA WB 137 14.01 -89.52 -30.07
CA ALA WB 137 15.24 -89.21 -29.35
C ALA WB 137 15.01 -88.78 -27.91
N PRO WB 138 14.05 -87.89 -27.59
CA PRO WB 138 13.84 -87.54 -26.17
C PRO WB 138 13.45 -88.72 -25.29
N TYR WB 139 12.79 -89.74 -25.86
CA TYR WB 139 12.37 -90.87 -25.05
C TYR WB 139 13.56 -91.64 -24.51
N THR WB 140 14.59 -91.84 -25.32
CA THR WB 140 15.79 -92.56 -24.89
C THR WB 140 16.85 -91.60 -24.35
N GLY WB 141 17.28 -90.66 -25.19
CA GLY WB 141 18.30 -89.71 -24.78
C GLY WB 141 19.54 -89.76 -25.66
N VAL WB 142 19.48 -90.57 -26.72
CA VAL WB 142 20.63 -90.69 -27.62
C VAL WB 142 20.77 -89.44 -28.46
N CYS WB 143 21.98 -89.20 -28.95
CA CYS WB 143 22.23 -88.04 -29.79
C CYS WB 143 21.56 -88.21 -31.14
N MET WB 144 21.34 -87.07 -31.81
CA MET WB 144 20.59 -87.08 -33.07
C MET WB 144 21.32 -87.84 -34.16
N LYS WB 145 22.66 -87.79 -34.19
CA LYS WB 145 23.40 -88.51 -35.21
C LYS WB 145 23.21 -90.02 -35.07
N GLN WB 146 23.25 -90.53 -33.83
CA GLN WB 146 23.01 -91.95 -33.61
C GLN WB 146 21.53 -92.29 -33.78
N HIS WB 147 20.64 -91.34 -33.49
CA HIS WB 147 19.22 -91.58 -33.71
C HIS WB 147 18.91 -91.79 -35.18
N LYS WB 148 19.56 -91.00 -36.06
CA LYS WB 148 19.42 -91.23 -37.49
C LYS WB 148 19.98 -92.59 -37.89
N LYS WB 149 21.11 -92.99 -37.28
CA LYS WB 149 21.66 -94.30 -37.55
C LYS WB 149 20.71 -95.41 -37.13
N LEU WB 150 20.07 -95.25 -35.96
CA LEU WB 150 19.13 -96.25 -35.49
C LEU WB 150 17.95 -96.40 -36.45
N THR WB 151 17.40 -95.27 -36.90
CA THR WB 151 16.24 -95.34 -37.79
C THR WB 151 16.58 -96.03 -39.10
N GLN WB 152 17.73 -95.68 -39.69
CA GLN WB 152 18.14 -96.32 -40.93
C GLN WB 152 18.43 -97.81 -40.71
N ALA WB 153 19.10 -98.15 -39.60
CA ALA WB 153 19.40 -99.55 -39.33
C ALA WB 153 18.14 -100.36 -39.09
N ILE WB 154 17.20 -99.81 -38.32
CA ILE WB 154 15.94 -100.52 -38.05
C ILE WB 154 15.16 -100.70 -39.35
N GLN WB 155 15.09 -99.66 -40.18
CA GLN WB 155 14.39 -99.76 -41.46
C GLN WB 155 15.04 -100.79 -42.36
N LYS WB 156 16.38 -100.81 -42.39
CA LYS WB 156 17.09 -101.80 -43.19
C LYS WB 156 16.85 -103.21 -42.66
N ALA WB 157 16.83 -103.37 -41.33
CA ALA WB 157 16.61 -104.69 -40.75
C ALA WB 157 15.23 -105.23 -41.09
N ARG WB 158 14.21 -104.37 -41.05
CA ARG WB 158 12.87 -104.80 -41.42
C ARG WB 158 12.78 -105.16 -42.90
N ASP WB 159 13.61 -104.53 -43.74
CA ASP WB 159 13.62 -104.86 -45.15
C ASP WB 159 14.27 -106.21 -45.41
N HIS WB 160 15.16 -106.65 -44.52
CA HIS WB 160 15.81 -107.94 -44.64
C HIS WB 160 15.12 -109.04 -43.85
N GLY WB 161 14.01 -108.73 -43.17
CA GLY WB 161 13.28 -109.73 -42.42
C GLY WB 161 13.87 -110.08 -41.07
N LEU WB 162 14.92 -109.39 -40.63
CA LEU WB 162 15.53 -109.69 -39.35
C LEU WB 162 14.69 -109.23 -38.17
N LEU WB 163 13.75 -108.33 -38.40
CA LEU WB 163 12.89 -107.81 -37.34
C LEU WB 163 11.44 -107.92 -37.76
N ARG WB 164 10.57 -108.27 -36.81
CA ARG WB 164 9.16 -108.47 -37.08
C ARG WB 164 8.42 -107.14 -37.03
N TYR WB 165 7.47 -106.97 -37.94
CA TYR WB 165 6.61 -105.80 -37.96
C TYR WB 165 5.29 -106.16 -38.62
N HIS WB 166 4.28 -105.33 -38.37
CA HIS WB 166 2.92 -105.63 -38.79
C HIS WB 166 2.80 -105.65 -40.32
N ILE WB 167 2.09 -106.65 -40.83
CA ILE WB 167 1.83 -106.78 -42.26
C ILE WB 167 0.32 -106.89 -42.46
N PRO WB 168 -0.38 -105.80 -42.75
CA PRO WB 168 -1.82 -105.88 -42.96
C PRO WB 168 -2.16 -106.70 -44.20
N GLN WB 169 -3.31 -107.36 -44.14
CA GLN WB 169 -3.81 -108.13 -45.27
C GLN WB 169 -4.33 -107.19 -46.35
N VAL WB 170 -3.90 -107.42 -47.58
CA VAL WB 170 -4.20 -106.53 -48.70
C VAL WB 170 -5.02 -107.30 -49.74
N GLU WB 171 -6.12 -106.70 -50.17
CA GLU WB 171 -6.97 -107.29 -51.20
C GLU WB 171 -6.26 -107.25 -52.55
N PRO WB 172 -6.66 -108.11 -53.49
CA PRO WB 172 -6.05 -108.08 -54.83
C PRO WB 172 -6.29 -106.76 -55.53
N ARG WB 173 -5.34 -106.38 -56.39
CA ARG WB 173 -5.36 -105.06 -57.00
C ARG WB 173 -6.58 -104.89 -57.91
N ASP WB 174 -6.88 -105.90 -58.71
CA ASP WB 174 -7.96 -105.80 -59.70
C ASP WB 174 -9.13 -106.67 -59.29
N LEU WB 175 -10.32 -106.29 -59.76
CA LEU WB 175 -11.54 -107.02 -59.47
C LEU WB 175 -11.74 -108.21 -60.42
N ASP WB 176 -11.56 -107.97 -61.72
CA ASP WB 176 -11.68 -109.01 -62.73
C ASP WB 176 -10.36 -109.17 -63.45
N PHE WB 177 -9.86 -110.40 -63.52
CA PHE WB 177 -8.57 -110.70 -64.15
C PHE WB 177 -8.86 -111.20 -65.57
N SER WB 178 -8.91 -110.26 -66.52
CA SER WB 178 -9.20 -110.58 -67.90
C SER WB 178 -8.12 -109.98 -68.80
N THR WB 179 -7.51 -110.81 -69.63
CA THR WB 179 -6.52 -110.36 -70.60
C THR WB 179 -7.10 -110.24 -72.00
N THR WB 180 -8.43 -110.30 -72.14
CA THR WB 180 -9.06 -110.27 -73.46
C THR WB 180 -9.02 -108.89 -74.08
N HIS WB 181 -9.01 -107.83 -73.27
CA HIS WB 181 -9.11 -106.48 -73.79
C HIS WB 181 -7.88 -106.13 -74.64
N GLY WB 182 -8.09 -105.22 -75.60
CA GLY WB 182 -7.05 -104.87 -76.55
C GLY WB 182 -5.91 -104.05 -75.97
N ALA WB 183 -6.07 -103.52 -74.76
CA ALA WB 183 -4.98 -102.78 -74.14
C ALA WB 183 -3.79 -103.69 -73.83
N VAL WB 184 -4.06 -104.93 -73.42
CA VAL WB 184 -3.01 -105.87 -73.12
C VAL WB 184 -2.77 -106.88 -74.24
N SER WB 185 -3.78 -107.18 -75.04
CA SER WB 185 -3.64 -108.11 -76.15
C SER WB 185 -3.17 -107.39 -77.40
N SER WB 186 -2.48 -108.13 -78.26
CA SER WB 186 -1.91 -107.54 -79.47
C SER WB 186 -3.02 -107.18 -80.46
N THR WB 187 -2.94 -105.97 -81.01
CA THR WB 187 -3.87 -105.44 -82.00
C THR WB 187 -3.42 -105.82 -83.41
N PRO WB 188 -4.35 -105.94 -84.35
CA PRO WB 188 -3.97 -106.24 -85.74
C PRO WB 188 -3.08 -105.15 -86.31
N PRO WB 189 -2.09 -105.54 -87.11
CA PRO WB 189 -1.18 -104.52 -87.68
C PRO WB 189 -1.90 -103.61 -88.64
N ALA WB 190 -1.44 -102.36 -88.70
CA ALA WB 190 -1.98 -101.40 -89.63
C ALA WB 190 -1.55 -101.76 -91.06
N PRO WB 191 -2.37 -101.42 -92.06
CA PRO WB 191 -1.96 -101.69 -93.45
C PRO WB 191 -0.66 -101.00 -93.83
N THR WB 192 -0.40 -99.81 -93.28
CA THR WB 192 0.86 -99.12 -93.52
C THR WB 192 1.99 -99.65 -92.65
N LEU WB 193 1.69 -100.42 -91.61
CA LEU WB 193 2.74 -100.95 -90.74
C LEU WB 193 3.41 -102.18 -91.36
N VAL WB 194 2.61 -103.10 -91.91
CA VAL WB 194 3.17 -104.32 -92.49
C VAL WB 194 3.97 -103.99 -93.74
N SER WB 195 3.51 -103.03 -94.53
CA SER WB 195 4.19 -102.66 -95.76
C SER WB 195 5.52 -101.96 -95.50
N GLY WB 196 5.71 -101.39 -94.31
CA GLY WB 196 6.90 -100.63 -94.01
C GLY WB 196 6.83 -99.16 -94.40
N ASP WB 197 5.74 -98.75 -95.06
CA ASP WB 197 5.58 -97.36 -95.45
C ASP WB 197 5.32 -96.49 -94.21
N PRO WB 198 5.79 -95.24 -94.21
CA PRO WB 198 5.50 -94.35 -93.08
C PRO WB 198 4.00 -94.16 -92.89
N TRP WB 199 3.62 -93.89 -91.63
CA TRP WB 199 2.21 -93.80 -91.28
C TRP WB 199 1.49 -92.72 -92.07
N TYR WB 200 2.19 -91.66 -92.43
CA TYR WB 200 1.62 -90.61 -93.26
C TYR WB 200 2.52 -90.33 -94.46
N PRO WB 201 1.93 -89.98 -95.60
CA PRO WB 201 2.75 -89.73 -96.80
C PRO WB 201 3.72 -88.57 -96.63
N TRP WB 202 3.37 -87.55 -95.86
CA TRP WB 202 4.20 -86.37 -95.70
C TRP WB 202 5.29 -86.53 -94.67
N TYR WB 203 5.34 -87.68 -93.97
CA TYR WB 203 6.44 -87.93 -93.05
C TYR WB 203 7.77 -88.03 -93.78
N SER WB 204 7.77 -88.61 -94.98
CA SER WB 204 8.99 -88.78 -95.74
C SER WB 204 9.36 -87.48 -96.45
N TRP WB 205 10.55 -87.47 -97.05
CA TRP WB 205 11.06 -86.30 -97.76
C TRP WB 205 10.78 -86.45 -99.25
N LYS WB 206 10.18 -85.41 -99.84
CA LYS WB 206 9.83 -85.39 -101.25
C LYS WB 206 10.48 -84.19 -101.92
N GLN WB 207 11.01 -84.40 -103.11
CA GLN WB 207 11.68 -83.32 -103.84
C GLN WB 207 10.64 -82.37 -104.42
N PRO WB 208 10.67 -81.09 -104.05
CA PRO WB 208 9.67 -80.16 -104.58
C PRO WB 208 9.88 -79.91 -106.07
N PRO WB 209 8.83 -79.53 -106.79
CA PRO WB 209 9.01 -79.18 -108.21
C PRO WB 209 9.91 -77.98 -108.38
N GLU WB 210 10.64 -77.95 -109.50
CA GLU WB 210 11.58 -76.88 -109.75
C GLU WB 210 10.88 -75.53 -109.92
N ARG WB 211 9.63 -75.54 -110.40
CA ARG WB 211 8.90 -74.29 -110.57
C ARG WB 211 8.66 -73.61 -109.23
N GLU WB 212 8.29 -74.38 -108.21
CA GLU WB 212 8.06 -73.80 -106.89
C GLU WB 212 9.34 -73.24 -106.30
N LEU WB 213 10.48 -73.91 -106.53
CA LEU WB 213 11.75 -73.41 -106.03
C LEU WB 213 12.09 -72.06 -106.65
N SER WB 214 11.83 -71.90 -107.96
CA SER WB 214 12.09 -70.62 -108.61
C SER WB 214 11.22 -69.52 -108.04
N ARG WB 215 9.95 -69.82 -107.75
CA ARG WB 215 9.06 -68.82 -107.18
C ARG WB 215 9.54 -68.36 -105.81
N LEU WB 216 10.00 -69.31 -104.98
CA LEU WB 216 10.48 -68.94 -103.64
C LEU WB 216 11.75 -68.11 -103.71
N ARG WB 217 12.64 -68.43 -104.64
CA ARG WB 217 13.87 -67.65 -104.78
C ARG WB 217 13.57 -66.21 -105.16
N ARG WB 218 12.61 -66.01 -106.08
CA ARG WB 218 12.23 -64.65 -106.45
C ARG WB 218 11.61 -63.91 -105.27
N LEU WB 219 10.75 -64.58 -104.51
CA LEU WB 219 10.08 -63.92 -103.39
C LEU WB 219 11.08 -63.57 -102.29
N TYR WB 220 12.02 -64.47 -101.99
CA TYR WB 220 12.99 -64.26 -100.91
C TYR WB 220 14.38 -63.96 -101.46
N GLN WB 221 14.45 -63.21 -102.55
CA GLN WB 221 15.73 -62.83 -103.13
C GLN WB 221 16.46 -61.86 -102.21
N GLY WB 222 17.79 -61.93 -102.23
CA GLY WB 222 18.62 -61.11 -101.37
C GLY WB 222 18.97 -61.75 -100.04
N ARG WB 223 17.96 -62.30 -99.35
CA ARG WB 223 18.16 -62.99 -98.09
C ARG WB 223 18.05 -64.51 -98.24
N LEU WB 224 18.42 -65.03 -99.41
CA LEU WB 224 18.31 -66.45 -99.66
C LEU WB 224 19.51 -67.19 -99.09
N ARG WB 225 19.27 -68.44 -98.67
CA ARG WB 225 20.31 -69.29 -98.10
C ARG WB 225 20.53 -70.51 -98.98
N GLU WB 226 21.68 -71.15 -98.79
CA GLU WB 226 22.03 -72.32 -99.58
C GLU WB 226 21.06 -73.46 -99.30
N GLU WB 227 20.61 -74.11 -100.36
CA GLU WB 227 19.67 -75.22 -100.25
C GLU WB 227 20.41 -76.53 -99.96
N SER WB 228 19.65 -77.55 -99.58
CA SER WB 228 20.19 -78.86 -99.30
C SER WB 228 19.30 -79.93 -99.92
N GLY WB 229 19.88 -81.10 -100.16
CA GLY WB 229 19.17 -82.19 -100.77
C GLY WB 229 18.45 -83.06 -99.75
N PRO WB 230 18.07 -84.27 -100.15
CA PRO WB 230 17.38 -85.16 -99.22
C PRO WB 230 18.28 -85.50 -98.05
N PRO WB 231 17.69 -85.65 -96.85
CA PRO WB 231 18.50 -85.99 -95.68
C PRO WB 231 19.00 -87.42 -95.78
N PRO WB 232 20.12 -87.74 -95.12
CA PRO WB 232 20.59 -89.12 -95.10
C PRO WB 232 19.59 -90.04 -94.43
N GLU WB 233 19.53 -91.28 -94.91
CA GLU WB 233 18.58 -92.25 -94.36
C GLU WB 233 19.01 -92.72 -92.98
N LEU WB 234 20.29 -93.01 -92.80
CA LEU WB 234 20.83 -93.46 -91.52
C LEU WB 234 22.03 -92.61 -91.13
N MET WB 235 22.10 -92.25 -89.86
CA MET WB 235 23.17 -91.40 -89.37
C MET WB 235 24.30 -92.25 -88.79
N PRO WB 236 25.52 -92.15 -89.31
CA PRO WB 236 26.63 -92.92 -88.74
C PRO WB 236 27.00 -92.42 -87.36
N GLU WB 237 27.90 -93.17 -86.71
CA GLU WB 237 28.38 -92.85 -85.37
C GLU WB 237 29.81 -92.34 -85.45
N VAL WB 238 30.09 -91.28 -84.70
CA VAL WB 238 31.42 -90.69 -84.67
C VAL WB 238 32.43 -91.66 -84.05
N SER XB 47 -50.55 -114.64 6.19
CA SER XB 47 -51.43 -115.57 6.89
C SER XB 47 -51.38 -115.35 8.39
N ASN XB 48 -50.36 -114.62 8.85
CA ASN XB 48 -50.20 -114.33 10.26
C ASN XB 48 -51.07 -113.15 10.66
N GLU XB 49 -52.00 -113.38 11.58
CA GLU XB 49 -52.90 -112.34 12.05
C GLU XB 49 -52.37 -111.59 13.27
N ASP XB 50 -51.17 -111.94 13.75
CA ASP XB 50 -50.60 -111.33 14.94
C ASP XB 50 -49.82 -110.06 14.63
N LEU XB 51 -49.59 -109.73 13.37
CA LEU XB 51 -48.86 -108.52 13.04
C LEU XB 51 -49.69 -107.28 13.36
N PRO XB 52 -49.05 -106.19 13.78
CA PRO XB 52 -49.79 -104.97 14.09
C PRO XB 52 -50.41 -104.35 12.85
N VAL XB 53 -51.52 -103.65 13.05
CA VAL XB 53 -52.26 -103.03 11.96
C VAL XB 53 -51.91 -101.54 11.90
N PRO XB 54 -51.93 -100.93 10.70
CA PRO XB 54 -51.65 -99.48 10.57
C PRO XB 54 -52.84 -98.61 11.00
N MET XB 55 -52.94 -98.37 12.29
CA MET XB 55 -54.02 -97.56 12.85
C MET XB 55 -53.44 -96.45 13.72
N GLU XB 56 -54.24 -95.40 13.90
CA GLU XB 56 -53.82 -94.27 14.72
C GLU XB 56 -53.76 -94.67 16.20
N ASN XB 57 -53.10 -93.83 16.98
CA ASN XB 57 -52.93 -94.11 18.40
C ASN XB 57 -54.27 -94.01 19.12
N PRO XB 58 -54.75 -95.08 19.77
CA PRO XB 58 -56.04 -95.00 20.46
C PRO XB 58 -55.98 -94.32 21.82
N TYR XB 59 -54.79 -94.10 22.36
CA TYR XB 59 -54.64 -93.53 23.70
C TYR XB 59 -54.32 -92.03 23.66
N LYS XB 60 -54.65 -91.36 22.57
CA LYS XB 60 -54.36 -89.92 22.44
C LYS XB 60 -55.28 -89.15 23.38
N GLU XB 61 -54.72 -88.69 24.50
CA GLU XB 61 -55.49 -87.88 25.43
C GLU XB 61 -55.86 -86.56 24.77
N PRO XB 62 -57.08 -86.06 25.01
CA PRO XB 62 -57.49 -84.80 24.38
C PRO XB 62 -56.56 -83.65 24.77
N LEU XB 63 -56.36 -82.74 23.83
CA LEU XB 63 -55.48 -81.61 24.05
C LEU XB 63 -56.04 -80.70 25.12
N LYS XB 64 -55.14 -80.11 25.90
CA LYS XB 64 -55.56 -79.26 27.02
C LYS XB 64 -56.29 -78.02 26.52
N LYS XB 65 -57.36 -77.66 27.24
CA LYS XB 65 -58.15 -76.48 26.93
C LYS XB 65 -57.71 -75.32 27.82
N CYS XB 66 -57.65 -74.12 27.23
CA CYS XB 66 -57.32 -72.95 28.01
C CYS XB 66 -58.51 -72.57 28.89
N ILE XB 67 -58.28 -71.59 29.78
CA ILE XB 67 -59.32 -71.17 30.72
C ILE XB 67 -60.52 -70.61 29.97
N LEU XB 68 -60.29 -69.80 28.95
CA LEU XB 68 -61.34 -69.12 28.21
C LEU XB 68 -61.67 -69.78 26.88
N CYS XB 69 -61.34 -71.06 26.72
CA CYS XB 69 -61.64 -71.75 25.47
C CYS XB 69 -63.15 -71.90 25.29
N GLU XB 70 -63.60 -71.72 24.05
CA GLU XB 70 -65.01 -71.82 23.67
C GLU XB 70 -65.89 -70.80 24.37
N LYS XB 71 -65.29 -69.79 25.00
CA LYS XB 71 -66.01 -68.72 25.67
C LYS XB 71 -65.78 -67.40 24.94
N HIS XB 72 -66.80 -66.55 24.97
CA HIS XB 72 -66.79 -65.28 24.23
C HIS XB 72 -66.33 -64.17 25.16
N VAL XB 73 -65.12 -63.66 24.92
CA VAL XB 73 -64.65 -62.49 25.66
C VAL XB 73 -65.38 -61.25 25.18
N ASP XB 74 -65.37 -60.22 26.02
CA ASP XB 74 -66.07 -58.98 25.70
C ASP XB 74 -65.37 -57.82 26.38
N TYR XB 75 -65.63 -56.62 25.88
CA TYR XB 75 -65.09 -55.40 26.47
C TYR XB 75 -66.05 -54.75 27.46
N LYS XB 76 -67.24 -55.33 27.65
CA LYS XB 76 -68.24 -54.74 28.54
C LYS XB 76 -68.24 -55.38 29.93
N ASN XB 77 -67.84 -56.64 30.04
CA ASN XB 77 -67.77 -57.31 31.34
C ASN XB 77 -66.39 -57.01 31.94
N VAL XB 78 -66.37 -56.06 32.88
CA VAL XB 78 -65.10 -55.64 33.48
C VAL XB 78 -64.51 -56.77 34.32
N GLN XB 79 -65.36 -57.56 34.98
CA GLN XB 79 -64.86 -58.60 35.89
C GLN XB 79 -63.97 -59.60 35.16
N LEU XB 80 -64.41 -60.05 33.97
CA LEU XB 80 -63.61 -61.01 33.22
C LEU XB 80 -62.26 -60.42 32.82
N LEU XB 81 -62.26 -59.16 32.39
CA LEU XB 81 -61.01 -58.54 31.97
C LEU XB 81 -60.14 -58.15 33.16
N SER XB 82 -60.75 -57.81 34.29
CA SER XB 82 -59.99 -57.29 35.43
C SER XB 82 -59.18 -58.38 36.13
N GLN XB 83 -59.54 -59.65 35.97
CA GLN XB 83 -58.82 -60.71 36.66
C GLN XB 83 -57.42 -60.91 36.12
N PHE XB 84 -57.13 -60.42 34.91
CA PHE XB 84 -55.82 -60.58 34.30
C PHE XB 84 -54.98 -59.31 34.37
N ILE XB 85 -55.25 -58.45 35.36
CA ILE XB 85 -54.54 -57.19 35.52
C ILE XB 85 -53.98 -57.14 36.93
N SER XB 86 -52.73 -56.72 37.06
CA SER XB 86 -52.08 -56.62 38.36
C SER XB 86 -52.79 -55.56 39.20
N PRO XB 87 -53.30 -55.91 40.38
CA PRO XB 87 -54.08 -54.93 41.15
C PRO XB 87 -53.29 -53.73 41.61
N PHE XB 88 -51.99 -53.89 41.89
CA PHE XB 88 -51.23 -52.77 42.43
C PHE XB 88 -50.79 -51.79 41.37
N THR XB 89 -50.45 -52.28 40.19
CA THR XB 89 -49.87 -51.45 39.14
C THR XB 89 -50.81 -51.19 37.97
N GLY XB 90 -51.60 -52.17 37.56
CA GLY XB 90 -52.45 -52.05 36.40
C GLY XB 90 -51.90 -52.67 35.14
N CYS XB 91 -50.76 -53.35 35.22
CA CYS XB 91 -50.17 -53.98 34.04
C CYS XB 91 -51.00 -55.19 33.61
N ILE XB 92 -50.72 -55.65 32.39
CA ILE XB 92 -51.38 -56.82 31.83
C ILE XB 92 -50.41 -57.99 31.86
N TYR XB 93 -50.84 -59.11 32.44
CA TYR XB 93 -49.99 -60.27 32.57
C TYR XB 93 -49.76 -60.95 31.21
N GLY XB 94 -48.61 -61.59 31.09
CA GLY XB 94 -48.26 -62.31 29.89
C GLY XB 94 -48.77 -63.73 29.89
N ARG XB 95 -48.36 -64.49 28.87
CA ARG XB 95 -48.79 -65.87 28.75
C ARG XB 95 -48.26 -66.73 29.89
N HIS XB 96 -47.01 -66.51 30.30
CA HIS XB 96 -46.41 -67.31 31.36
C HIS XB 96 -47.08 -67.11 32.70
N ILE XB 97 -47.87 -66.05 32.87
CA ILE XB 97 -48.62 -65.82 34.09
C ILE XB 97 -50.11 -66.10 33.89
N THR XB 98 -50.70 -65.55 32.83
CA THR XB 98 -52.12 -65.75 32.57
C THR XB 98 -52.42 -67.22 32.26
N GLY XB 99 -51.60 -67.84 31.44
CA GLY XB 99 -51.79 -69.23 31.07
C GLY XB 99 -52.74 -69.46 29.92
N LEU XB 100 -53.32 -68.40 29.35
CA LEU XB 100 -54.23 -68.56 28.23
C LEU XB 100 -53.47 -68.95 26.97
N CYS XB 101 -54.22 -69.43 25.98
CA CYS XB 101 -53.63 -69.89 24.73
C CYS XB 101 -53.26 -68.70 23.85
N GLY XB 102 -52.87 -68.98 22.61
CA GLY XB 102 -52.46 -67.94 21.69
C GLY XB 102 -53.58 -67.14 21.07
N LYS XB 103 -54.83 -67.62 21.17
CA LYS XB 103 -55.95 -66.93 20.55
C LYS XB 103 -56.66 -66.00 21.53
N LYS XB 104 -56.94 -66.46 22.74
CA LYS XB 104 -57.65 -65.67 23.74
C LYS XB 104 -56.75 -64.68 24.46
N GLN XB 105 -55.43 -64.82 24.34
CA GLN XB 105 -54.53 -63.83 24.94
C GLN XB 105 -54.58 -62.52 24.17
N LYS XB 106 -54.54 -62.59 22.84
CA LYS XB 106 -54.63 -61.38 22.03
C LYS XB 106 -56.01 -60.73 22.16
N GLU XB 107 -57.07 -61.54 22.18
CA GLU XB 107 -58.41 -60.99 22.28
C GLU XB 107 -58.62 -60.27 23.61
N ILE XB 108 -58.09 -60.82 24.70
CA ILE XB 108 -58.18 -60.16 25.99
C ILE XB 108 -57.43 -58.83 25.96
N THR XB 109 -56.24 -58.83 25.35
CA THR XB 109 -55.45 -57.59 25.27
C THR XB 109 -56.20 -56.51 24.50
N LYS XB 110 -56.79 -56.88 23.36
CA LYS XB 110 -57.55 -55.90 22.58
C LYS XB 110 -58.82 -55.49 23.31
N ALA XB 111 -59.50 -56.44 23.97
CA ALA XB 111 -60.72 -56.11 24.69
C ALA XB 111 -60.45 -55.17 25.86
N ILE XB 112 -59.34 -55.40 26.58
CA ILE XB 112 -59.01 -54.55 27.71
C ILE XB 112 -58.73 -53.12 27.25
N LYS XB 113 -57.91 -52.97 26.20
CA LYS XB 113 -57.55 -51.64 25.75
C LYS XB 113 -58.74 -50.88 25.20
N ARG XB 114 -59.71 -51.59 24.60
CA ARG XB 114 -60.94 -50.92 24.16
C ARG XB 114 -61.70 -50.33 25.34
N ALA XB 115 -61.74 -51.05 26.46
CA ALA XB 115 -62.41 -50.53 27.65
C ALA XB 115 -61.62 -49.41 28.31
N GLN XB 116 -60.30 -49.37 28.11
CA GLN XB 116 -59.50 -48.30 28.70
C GLN XB 116 -59.90 -46.94 28.15
N ILE XB 117 -60.11 -46.85 26.84
CA ILE XB 117 -60.40 -45.57 26.20
C ILE XB 117 -61.90 -45.27 26.20
N LEU XB 118 -62.74 -46.29 25.99
CA LEU XB 118 -64.18 -46.08 25.96
C LEU XB 118 -64.76 -45.71 27.32
N GLY XB 119 -64.00 -45.86 28.39
CA GLY XB 119 -64.45 -45.45 29.71
C GLY XB 119 -65.25 -46.52 30.42
N PHE XB 120 -64.66 -47.69 30.63
CA PHE XB 120 -65.32 -48.78 31.34
C PHE XB 120 -64.49 -49.38 32.47
N MET XB 121 -63.19 -49.10 32.53
CA MET XB 121 -62.36 -49.65 33.60
C MET XB 121 -61.18 -48.71 33.81
N PRO XB 122 -60.65 -48.62 35.03
CA PRO XB 122 -59.48 -47.78 35.28
C PRO XB 122 -58.25 -48.32 34.57
N VAL XB 123 -57.31 -47.42 34.30
CA VAL XB 123 -56.11 -47.73 33.54
C VAL XB 123 -54.93 -48.03 34.44
N THR XB 124 -54.70 -47.19 35.45
CA THR XB 124 -53.52 -47.30 36.29
C THR XB 124 -53.74 -48.16 37.53
N TYR XB 125 -54.92 -48.75 37.70
CA TYR XB 125 -55.14 -49.65 38.83
C TYR XB 125 -56.35 -50.53 38.53
N LYS XB 126 -56.41 -51.66 39.23
CA LYS XB 126 -57.57 -52.54 39.14
C LYS XB 126 -58.75 -51.94 39.90
N ASP XB 127 -59.93 -52.10 39.34
CA ASP XB 127 -61.14 -51.58 39.96
C ASP XB 127 -61.34 -52.25 41.32
N PRO XB 128 -61.41 -51.49 42.42
CA PRO XB 128 -61.51 -52.12 43.74
C PRO XB 128 -62.77 -52.95 43.95
N ALA XB 129 -63.84 -52.69 43.19
CA ALA XB 129 -65.07 -53.44 43.37
C ALA XB 129 -64.89 -54.91 43.00
N TYR XB 130 -63.95 -55.22 42.12
CA TYR XB 130 -63.69 -56.58 41.68
C TYR XB 130 -62.38 -57.12 42.25
N LEU XB 131 -61.98 -56.65 43.44
CA LEU XB 131 -60.74 -57.08 44.06
C LEU XB 131 -60.90 -58.42 44.77
N LYS XB 132 -62.12 -58.87 45.02
CA LYS XB 132 -62.37 -60.13 45.73
C LYS XB 132 -62.77 -61.26 44.79
N ASP XB 133 -62.61 -61.08 43.48
CA ASP XB 133 -62.91 -62.15 42.54
C ASP XB 133 -61.91 -63.28 42.68
N PRO XB 134 -62.30 -64.50 42.30
CA PRO XB 134 -61.37 -65.64 42.43
C PRO XB 134 -60.10 -65.43 41.62
N LYS XB 135 -58.98 -65.87 42.18
CA LYS XB 135 -57.69 -65.68 41.56
C LYS XB 135 -57.46 -66.74 40.49
N VAL XB 136 -57.10 -66.30 39.29
CA VAL XB 136 -56.82 -67.19 38.19
C VAL XB 136 -55.35 -67.13 37.75
N CYS XB 137 -54.65 -66.03 38.03
CA CYS XB 137 -53.24 -65.92 37.69
C CYS XB 137 -52.38 -66.77 38.61
N ASN XB 138 -51.13 -66.99 38.19
CA ASN XB 138 -50.19 -67.84 38.92
C ASN XB 138 -49.06 -67.03 39.55
N ILE XB 139 -49.24 -65.72 39.74
CA ILE XB 139 -48.21 -64.87 40.32
C ILE XB 139 -48.58 -64.56 41.77
N LYS XB 140 -47.60 -64.65 42.65
CA LYS XB 140 -47.78 -64.38 44.08
C LYS XB 140 -46.85 -63.24 44.49
N TYR XB 141 -47.41 -62.22 45.13
CA TYR XB 141 -46.62 -61.08 45.59
C TYR XB 141 -46.18 -61.22 47.04
N ARG XB 142 -47.05 -61.74 47.89
CA ARG XB 142 -46.74 -61.88 49.31
C ARG XB 142 -45.85 -63.09 49.54
N GLU XB 143 -44.73 -62.87 50.25
CA GLU XB 143 -43.81 -63.95 50.56
C GLU XB 143 -43.37 -63.87 52.02
N ASN YB 3 -56.02 -38.25 36.66
CA ASN YB 3 -57.47 -38.27 36.62
C ASN YB 3 -58.05 -39.39 37.49
N HIS YB 4 -57.23 -40.38 37.79
CA HIS YB 4 -57.68 -41.50 38.61
C HIS YB 4 -57.67 -41.14 40.09
N LEU YB 5 -58.32 -41.98 40.88
CA LEU YB 5 -58.35 -41.78 42.32
C LEU YB 5 -56.97 -42.01 42.92
N LYS YB 6 -56.70 -41.31 44.02
CA LYS YB 6 -55.40 -41.37 44.67
C LYS YB 6 -55.38 -42.48 45.73
N PHE YB 7 -54.16 -42.87 46.10
CA PHE YB 7 -53.92 -43.83 47.18
C PHE YB 7 -54.65 -45.15 46.95
N ILE YB 8 -54.64 -45.62 45.70
CA ILE YB 8 -55.12 -46.94 45.35
C ILE YB 8 -54.06 -47.76 44.65
N ALA YB 9 -53.39 -47.18 43.65
CA ALA YB 9 -52.41 -47.90 42.85
C ALA YB 9 -51.02 -47.82 43.47
N ARG YB 10 -50.31 -48.94 43.47
CA ARG YB 10 -48.96 -49.02 44.01
C ARG YB 10 -48.89 -48.52 45.44
N THR YB 11 -49.81 -49.02 46.26
CA THR YB 11 -49.91 -48.62 47.66
C THR YB 11 -49.98 -49.86 48.55
N VAL YB 12 -49.26 -49.81 49.66
CA VAL YB 12 -49.29 -50.86 50.68
C VAL YB 12 -49.51 -50.22 52.03
N MET YB 13 -49.98 -51.02 52.99
CA MET YB 13 -50.23 -50.58 54.35
C MET YB 13 -49.37 -51.38 55.32
N VAL YB 14 -48.77 -50.68 56.29
CA VAL YB 14 -47.92 -51.36 57.26
C VAL YB 14 -48.78 -52.10 58.28
N GLN YB 15 -48.19 -53.13 58.87
CA GLN YB 15 -48.84 -53.94 59.89
C GLN YB 15 -47.94 -54.04 61.11
N GLU YB 16 -48.55 -53.95 62.30
CA GLU YB 16 -47.87 -54.08 63.58
C GLU YB 16 -46.83 -52.99 63.83
N GLY YB 17 -46.76 -51.99 62.96
CA GLY YB 17 -45.93 -50.82 63.21
C GLY YB 17 -44.52 -50.86 62.65
N ASN YB 18 -44.22 -51.77 61.74
CA ASN YB 18 -42.92 -51.79 61.08
C ASN YB 18 -43.04 -51.24 59.67
N VAL YB 19 -41.97 -50.58 59.20
CA VAL YB 19 -41.99 -49.95 57.89
C VAL YB 19 -40.96 -50.55 56.94
N GLU YB 20 -39.88 -51.14 57.45
CA GLU YB 20 -38.89 -51.77 56.57
C GLU YB 20 -39.49 -52.97 55.85
N GLY YB 21 -40.30 -53.77 56.55
CA GLY YB 21 -40.91 -54.92 55.91
C GLY YB 21 -41.92 -54.54 54.85
N ALA YB 22 -42.73 -53.50 55.12
CA ALA YB 22 -43.71 -53.06 54.14
C ALA YB 22 -43.04 -52.53 52.87
N TYR YB 23 -41.94 -51.79 53.02
CA TYR YB 23 -41.25 -51.23 51.86
C TYR YB 23 -40.70 -52.32 50.96
N ARG YB 24 -40.13 -53.38 51.56
CA ARG YB 24 -39.60 -54.48 50.74
C ARG YB 24 -40.71 -55.19 49.99
N THR YB 25 -41.91 -55.28 50.58
CA THR YB 25 -43.05 -55.85 49.86
C THR YB 25 -43.40 -55.00 48.64
N LEU YB 26 -43.34 -53.68 48.79
CA LEU YB 26 -43.61 -52.79 47.66
C LEU YB 26 -42.57 -52.98 46.55
N ASN YB 27 -41.30 -53.13 46.92
CA ASN YB 27 -40.26 -53.30 45.92
C ASN YB 27 -40.44 -54.59 45.13
N ARG YB 28 -40.85 -55.66 45.80
CA ARG YB 28 -41.09 -56.91 45.08
C ARG YB 28 -42.22 -56.77 44.08
N ILE YB 29 -43.25 -55.99 44.42
CA ILE YB 29 -44.36 -55.78 43.49
C ILE YB 29 -43.88 -55.07 42.24
N LEU YB 30 -43.06 -54.03 42.40
CA LEU YB 30 -42.57 -53.29 41.26
C LEU YB 30 -41.57 -54.12 40.45
N THR YB 31 -40.69 -54.87 41.13
CA THR YB 31 -39.71 -55.68 40.43
C THR YB 31 -40.38 -56.79 39.62
N MET YB 32 -41.41 -57.41 40.19
CA MET YB 32 -42.14 -58.45 39.46
C MET YB 32 -42.82 -57.88 38.22
N ASP YB 33 -43.40 -56.69 38.35
CA ASP YB 33 -44.08 -56.06 37.23
C ASP YB 33 -43.13 -55.36 36.27
N GLY YB 34 -41.83 -55.32 36.59
CA GLY YB 34 -40.85 -54.76 35.70
C GLY YB 34 -40.74 -53.25 35.67
N LEU YB 35 -41.39 -52.56 36.61
CA LEU YB 35 -41.31 -51.09 36.63
C LEU YB 35 -39.93 -50.61 37.04
N ILE YB 36 -39.27 -51.32 37.96
CA ILE YB 36 -37.97 -50.87 38.46
C ILE YB 36 -36.95 -50.80 37.33
N GLU YB 37 -36.87 -51.85 36.52
CA GLU YB 37 -35.99 -51.81 35.37
C GLU YB 37 -36.46 -50.81 34.32
N ASP YB 38 -37.78 -50.62 34.20
CA ASP YB 38 -38.31 -49.68 33.22
C ASP YB 38 -37.89 -48.25 33.55
N ILE YB 39 -37.94 -47.87 34.83
CA ILE YB 39 -37.52 -46.53 35.23
C ILE YB 39 -36.03 -46.34 34.96
N LYS YB 40 -35.23 -47.39 35.16
CA LYS YB 40 -33.80 -47.29 34.90
C LYS YB 40 -33.53 -47.01 33.42
N ARG YB 41 -34.27 -47.67 32.54
CA ARG YB 41 -34.06 -47.50 31.10
C ARG YB 41 -34.67 -46.22 30.56
N ARG YB 42 -35.54 -45.55 31.31
CA ARG YB 42 -36.14 -44.30 30.88
C ARG YB 42 -35.40 -43.07 31.41
N ARG YB 43 -34.32 -43.25 32.18
CA ARG YB 43 -33.53 -42.11 32.60
C ARG YB 43 -32.82 -41.49 31.40
N TYR YB 44 -32.33 -42.31 30.48
CA TYR YB 44 -31.81 -41.88 29.20
C TYR YB 44 -32.65 -42.54 28.10
N TYR YB 45 -32.44 -42.08 26.87
CA TYR YB 45 -33.18 -42.60 25.72
C TYR YB 45 -32.30 -43.55 24.94
N GLU YB 46 -32.85 -44.72 24.62
CA GLU YB 46 -32.17 -45.71 23.79
C GLU YB 46 -32.79 -45.69 22.40
N LYS YB 47 -31.94 -45.69 21.38
CA LYS YB 47 -32.43 -45.69 20.01
C LYS YB 47 -33.12 -47.03 19.72
N PRO YB 48 -34.07 -47.04 18.80
CA PRO YB 48 -34.77 -48.30 18.47
C PRO YB 48 -33.84 -49.40 18.00
N CYS YB 49 -32.69 -49.05 17.43
CA CYS YB 49 -31.71 -50.08 17.07
C CYS YB 49 -31.22 -50.82 18.31
N ARG YB 50 -30.96 -50.09 19.40
CA ARG YB 50 -30.52 -50.72 20.63
C ARG YB 50 -31.63 -51.51 21.30
N ARG YB 51 -32.88 -51.03 21.19
CA ARG YB 51 -33.99 -51.71 21.86
C ARG YB 51 -34.18 -53.13 21.34
N ARG YB 52 -34.11 -53.31 20.02
CA ARG YB 52 -34.24 -54.65 19.46
C ARG YB 52 -33.03 -55.51 19.78
N GLN YB 53 -31.84 -54.92 19.79
CA GLN YB 53 -30.65 -55.67 20.18
C GLN YB 53 -30.70 -56.07 21.64
N ARG YB 54 -31.34 -55.28 22.49
CA ARG YB 54 -31.48 -55.65 23.89
C ARG YB 54 -32.49 -56.78 24.07
N GLU YB 55 -33.59 -56.76 23.31
CA GLU YB 55 -34.59 -57.81 23.42
C GLU YB 55 -34.16 -59.12 22.76
N SER YB 56 -33.19 -59.06 21.85
CA SER YB 56 -32.64 -60.29 21.27
C SER YB 56 -31.60 -60.94 22.17
N TYR YB 57 -31.10 -60.22 23.18
CA TYR YB 57 -30.22 -60.80 24.17
C TYR YB 57 -30.98 -61.23 25.42
N GLU YB 58 -32.00 -60.48 25.82
CA GLU YB 58 -32.84 -60.89 26.94
C GLU YB 58 -33.58 -62.19 26.63
N THR YB 59 -34.11 -62.31 25.41
CA THR YB 59 -34.84 -63.52 25.05
C THR YB 59 -33.91 -64.73 24.96
N CYS YB 60 -32.72 -64.55 24.40
CA CYS YB 60 -31.76 -65.65 24.31
C CYS YB 60 -31.33 -66.12 25.68
N ARG YB 61 -31.08 -65.19 26.60
CA ARG YB 61 -30.72 -65.58 27.97
C ARG YB 61 -31.87 -66.32 28.63
N ARG YB 62 -33.10 -65.86 28.42
CA ARG YB 62 -34.26 -66.50 29.02
C ARG YB 62 -34.47 -67.92 28.52
N ILE YB 63 -34.17 -68.17 27.24
CA ILE YB 63 -34.28 -69.53 26.72
C ILE YB 63 -33.20 -70.42 27.30
N TYR YB 64 -31.95 -69.94 27.30
CA TYR YB 64 -30.85 -70.76 27.79
C TYR YB 64 -30.98 -71.02 29.28
N ASN YB 65 -31.34 -70.00 30.07
CA ASN YB 65 -31.46 -70.18 31.51
C ASN YB 65 -32.60 -71.14 31.86
N MET YB 66 -33.75 -71.01 31.19
CA MET YB 66 -34.87 -71.87 31.48
C MET YB 66 -34.71 -73.28 30.90
N GLU YB 67 -33.78 -73.48 29.98
CA GLU YB 67 -33.49 -74.82 29.47
C GLU YB 67 -32.43 -75.53 30.31
N MET YB 68 -31.38 -74.81 30.71
CA MET YB 68 -30.41 -75.39 31.64
C MET YB 68 -31.05 -75.71 32.98
N ALA YB 69 -32.00 -74.89 33.42
CA ALA YB 69 -32.68 -75.14 34.69
C ALA YB 69 -33.45 -76.45 34.65
N ARG YB 70 -34.13 -76.73 33.54
CA ARG YB 70 -34.89 -77.97 33.45
C ARG YB 70 -33.98 -79.19 33.50
N LYS YB 71 -32.82 -79.13 32.83
CA LYS YB 71 -31.89 -80.25 32.87
C LYS YB 71 -31.35 -80.46 34.28
N ILE YB 72 -31.13 -79.37 35.02
CA ILE YB 72 -30.68 -79.49 36.40
C ILE YB 72 -31.72 -80.22 37.24
N ASN YB 73 -32.98 -79.82 37.12
CA ASN YB 73 -34.04 -80.50 37.86
C ASN YB 73 -34.23 -81.93 37.35
N PHE YB 74 -34.11 -82.13 36.04
CA PHE YB 74 -34.28 -83.47 35.47
C PHE YB 74 -33.21 -84.42 35.98
N LEU YB 75 -31.97 -83.95 36.08
CA LEU YB 75 -30.85 -84.77 36.55
C LEU YB 75 -30.60 -84.61 38.05
N MET YB 76 -31.49 -83.91 38.77
CA MET YB 76 -31.29 -83.68 40.19
C MET YB 76 -31.38 -84.99 40.98
N ARG YB 77 -32.25 -85.92 40.56
CA ARG YB 77 -32.38 -87.18 41.28
C ARG YB 77 -31.13 -88.04 41.19
N LYS YB 78 -30.29 -87.82 40.19
CA LYS YB 78 -29.06 -88.61 40.04
C LYS YB 78 -27.91 -87.99 40.85
N ASN YB 79 -28.14 -87.77 42.15
CA ASN YB 79 -27.12 -87.24 43.03
C ASN YB 79 -26.98 -88.06 44.30
N ARG YB 80 -27.69 -89.17 44.42
CA ARG YB 80 -27.56 -90.03 45.58
C ARG YB 80 -26.20 -90.73 45.57
N ALA YB 81 -25.84 -91.28 46.72
CA ALA YB 81 -24.58 -92.01 46.84
C ALA YB 81 -24.56 -93.18 45.86
N ASP YB 82 -23.45 -93.34 45.17
CA ASP YB 82 -23.34 -94.39 44.16
C ASP YB 82 -23.38 -95.76 44.83
N PRO YB 83 -24.31 -96.64 44.47
CA PRO YB 83 -24.36 -97.96 45.10
C PRO YB 83 -23.29 -98.91 44.60
N TRP YB 84 -22.56 -98.56 43.56
CA TRP YB 84 -21.55 -99.43 42.96
C TRP YB 84 -20.17 -98.82 43.07
N GLN YB 85 -19.85 -98.25 44.23
CA GLN YB 85 -18.53 -97.65 44.43
C GLN YB 85 -17.48 -98.75 44.49
N GLY YB 86 -16.40 -98.57 43.74
CA GLY YB 86 -15.35 -99.58 43.68
C GLY YB 86 -15.83 -100.91 43.11
N CYS YB 87 -16.73 -100.86 42.13
CA CYS YB 87 -17.28 -102.07 41.54
C CYS YB 87 -16.32 -102.66 40.51
N ARG ZB 88 -14.68 -129.85 -69.29
CA ARG ZB 88 -14.96 -129.22 -68.01
C ARG ZB 88 -13.89 -129.56 -66.98
N LYS ZB 89 -12.74 -128.91 -67.09
CA LYS ZB 89 -11.69 -129.12 -66.11
C LYS ZB 89 -12.01 -128.37 -64.82
N PRO ZB 90 -11.63 -128.94 -63.67
CA PRO ZB 90 -11.90 -128.27 -62.40
C PRO ZB 90 -11.15 -126.94 -62.30
N THR ZB 91 -11.78 -125.98 -61.63
CA THR ZB 91 -11.20 -124.67 -61.42
C THR ZB 91 -11.32 -124.30 -59.94
N PHE ZB 92 -10.48 -123.33 -59.53
CA PHE ZB 92 -10.40 -122.96 -58.12
C PHE ZB 92 -11.67 -122.26 -57.63
N MET ZB 93 -12.47 -121.69 -58.53
CA MET ZB 93 -13.66 -120.95 -58.14
C MET ZB 93 -14.92 -121.81 -58.09
N ASP ZB 94 -14.82 -123.11 -58.37
CA ASP ZB 94 -15.98 -123.98 -58.30
C ASP ZB 94 -16.50 -124.08 -56.88
N GLU ZB 95 -17.82 -124.25 -56.76
CA GLU ZB 95 -18.41 -124.38 -55.43
C GLU ZB 95 -17.98 -125.66 -54.74
N GLU ZB 96 -17.77 -126.73 -55.51
CA GLU ZB 96 -17.39 -128.01 -54.91
C GLU ZB 96 -16.03 -127.92 -54.24
N VAL ZB 97 -15.03 -127.36 -54.93
CA VAL ZB 97 -13.70 -127.24 -54.35
C VAL ZB 97 -13.70 -126.21 -53.23
N GLN ZB 98 -14.47 -125.13 -53.38
CA GLN ZB 98 -14.52 -124.10 -52.33
C GLN ZB 98 -15.10 -124.66 -51.04
N ASN ZB 99 -16.19 -125.42 -51.13
CA ASN ZB 99 -16.80 -125.98 -49.92
C ASN ZB 99 -15.86 -126.97 -49.24
N ILE ZB 100 -15.11 -127.76 -50.03
CA ILE ZB 100 -14.16 -128.69 -49.45
C ILE ZB 100 -13.05 -127.93 -48.73
N LEU ZB 101 -12.52 -126.87 -49.34
CA LEU ZB 101 -11.43 -126.13 -48.75
C LEU ZB 101 -11.88 -125.25 -47.58
N ILE ZB 102 -13.15 -124.83 -47.56
CA ILE ZB 102 -13.64 -124.00 -46.46
C ILE ZB 102 -13.58 -124.78 -45.14
N LYS ZB 103 -14.05 -126.01 -45.15
CA LYS ZB 103 -13.99 -126.84 -43.95
C LYS ZB 103 -12.64 -127.55 -43.80
N MET ZB 104 -11.80 -127.51 -44.84
CA MET ZB 104 -10.47 -128.11 -44.73
C MET ZB 104 -9.55 -127.27 -43.85
N THR ZB 105 -9.59 -125.94 -44.02
CA THR ZB 105 -8.73 -125.05 -43.24
C THR ZB 105 -9.22 -124.87 -41.82
N GLY ZB 106 -10.50 -125.13 -41.54
CA GLY ZB 106 -11.02 -124.97 -40.21
C GLY ZB 106 -11.26 -123.52 -39.85
N LEU ZB 107 -11.55 -123.29 -38.56
CA LEU ZB 107 -11.85 -121.96 -38.06
C LEU ZB 107 -11.38 -121.88 -36.61
N ASP ZB 108 -10.27 -121.18 -36.38
CA ASP ZB 108 -9.74 -120.93 -35.04
C ASP ZB 108 -9.81 -119.43 -34.80
N LEU ZB 109 -10.73 -119.01 -33.94
CA LEU ZB 109 -10.94 -117.58 -33.71
C LEU ZB 109 -9.71 -116.93 -33.08
N GLN ZB 110 -9.05 -117.63 -32.17
CA GLN ZB 110 -7.89 -117.06 -31.48
C GLN ZB 110 -6.76 -116.77 -32.45
N LYS ZB 111 -6.50 -117.68 -33.39
CA LYS ZB 111 -5.38 -117.49 -34.31
C LYS ZB 111 -5.71 -116.46 -35.39
N ILE ZB 112 -6.94 -116.46 -35.90
CA ILE ZB 112 -7.28 -115.53 -36.98
C ILE ZB 112 -7.34 -114.09 -36.47
N PHE ZB 113 -7.79 -113.90 -35.23
CA PHE ZB 113 -7.84 -112.57 -34.61
C PHE ZB 113 -6.70 -112.49 -33.61
N LYS ZB 114 -5.53 -112.09 -34.10
CA LYS ZB 114 -4.34 -111.98 -33.27
C LYS ZB 114 -4.00 -110.51 -33.05
N PRO ZB 115 -3.72 -110.08 -31.82
CA PRO ZB 115 -3.37 -108.68 -31.59
C PRO ZB 115 -2.09 -108.29 -32.33
N ALA ZB 116 -2.24 -107.38 -33.29
CA ALA ZB 116 -1.12 -106.96 -34.13
C ALA ZB 116 -0.33 -105.84 -33.47
N LEU ZB 117 0.88 -105.62 -33.98
CA LEU ZB 117 1.77 -104.58 -33.48
C LEU ZB 117 1.40 -103.25 -34.15
N GLN ZB 118 0.33 -102.64 -33.64
CA GLN ZB 118 -0.11 -101.35 -34.16
C GLN ZB 118 -0.33 -100.37 -33.02
N GLU ZB 119 -0.97 -99.24 -33.32
CA GLU ZB 119 -1.27 -98.23 -32.31
C GLU ZB 119 -2.39 -98.75 -31.41
N LEU ZB 120 -2.02 -99.25 -30.24
CA LEU ZB 120 -2.99 -99.81 -29.32
C LEU ZB 120 -3.85 -98.72 -28.69
N LYS ZB 121 -5.14 -98.99 -28.55
CA LYS ZB 121 -6.09 -98.10 -27.91
C LYS ZB 121 -6.79 -98.81 -26.76
N PRO ZB 122 -7.28 -98.07 -25.77
CA PRO ZB 122 -7.96 -98.70 -24.62
C PRO ZB 122 -9.19 -99.47 -25.07
N PRO ZB 123 -9.47 -100.61 -24.46
CA PRO ZB 123 -10.62 -101.43 -24.87
C PRO ZB 123 -11.93 -100.84 -24.37
N THR ZB 124 -13.01 -101.34 -24.97
CA THR ZB 124 -14.37 -100.95 -24.61
C THR ZB 124 -15.09 -102.14 -23.99
N TYR ZB 125 -15.74 -101.90 -22.87
CA TYR ZB 125 -16.43 -102.95 -22.12
C TYR ZB 125 -17.94 -102.72 -22.14
N LYS ZB 126 -18.68 -103.82 -22.20
CA LYS ZB 126 -20.14 -103.75 -22.18
C LYS ZB 126 -20.68 -105.05 -21.58
N LEU ZB 127 -21.92 -104.97 -21.10
CA LEU ZB 127 -22.56 -106.09 -20.43
C LEU ZB 127 -23.45 -106.84 -21.41
N MET ZB 128 -23.30 -108.15 -21.47
CA MET ZB 128 -24.09 -109.01 -22.34
C MET ZB 128 -24.60 -110.21 -21.57
N THR ZB 129 -25.76 -110.72 -21.99
CA THR ZB 129 -26.32 -111.93 -21.42
C THR ZB 129 -25.77 -113.15 -22.16
N GLN ZB 130 -26.24 -114.33 -21.77
CA GLN ZB 130 -25.81 -115.55 -22.45
C GLN ZB 130 -26.28 -115.55 -23.90
N ALA ZB 131 -27.51 -115.12 -24.15
CA ALA ZB 131 -28.04 -115.10 -25.52
C ALA ZB 131 -27.27 -114.10 -26.37
N GLN ZB 132 -26.94 -112.93 -25.82
CA GLN ZB 132 -26.22 -111.92 -26.59
C GLN ZB 132 -24.78 -112.34 -26.88
N LEU ZB 133 -24.19 -113.15 -26.00
CA LEU ZB 133 -22.82 -113.60 -26.24
C LEU ZB 133 -22.73 -114.46 -27.49
N GLU ZB 134 -23.70 -115.35 -27.70
CA GLU ZB 134 -23.71 -116.17 -28.91
C GLU ZB 134 -23.91 -115.31 -30.15
N GLU ZB 135 -24.76 -114.28 -30.05
CA GLU ZB 135 -24.93 -113.35 -31.17
C GLU ZB 135 -23.62 -112.63 -31.47
N ALA ZB 136 -22.89 -112.23 -30.43
CA ALA ZB 136 -21.58 -111.61 -30.64
C ALA ZB 136 -20.61 -112.61 -31.25
N THR ZB 137 -20.66 -113.87 -30.81
CA THR ZB 137 -19.74 -114.88 -31.33
C THR ZB 137 -19.99 -115.15 -32.81
N LYS ZB 138 -21.26 -115.28 -33.21
CA LYS ZB 138 -21.56 -115.59 -34.60
C LYS ZB 138 -21.23 -114.43 -35.53
N GLN ZB 139 -21.30 -113.19 -35.03
CA GLN ZB 139 -20.87 -112.05 -35.84
C GLN ZB 139 -19.38 -112.12 -36.13
N ALA ZB 140 -18.58 -112.55 -35.15
CA ALA ZB 140 -17.15 -112.73 -35.39
C ALA ZB 140 -16.90 -113.84 -36.39
N VAL ZB 141 -17.73 -114.89 -36.36
CA VAL ZB 141 -17.58 -115.97 -37.33
C VAL ZB 141 -17.83 -115.46 -38.74
N GLU ZB 142 -18.88 -114.65 -38.91
CA GLU ZB 142 -19.15 -114.07 -40.23
C GLU ZB 142 -18.02 -113.16 -40.67
N ALA ZB 143 -17.48 -112.36 -39.75
CA ALA ZB 143 -16.31 -111.54 -40.07
C ALA ZB 143 -15.09 -112.41 -40.39
N ALA ZB 144 -14.94 -113.53 -39.69
CA ALA ZB 144 -13.83 -114.43 -39.97
C ALA ZB 144 -13.93 -115.01 -41.37
N LYS ZB 145 -15.14 -115.38 -41.81
CA LYS ZB 145 -15.31 -115.94 -43.15
C LYS ZB 145 -14.92 -114.93 -44.21
N VAL ZB 146 -15.33 -113.67 -44.04
CA VAL ZB 146 -14.95 -112.63 -44.99
C VAL ZB 146 -13.44 -112.39 -44.96
N ARG ZB 147 -12.84 -112.47 -43.77
CA ARG ZB 147 -11.40 -112.31 -43.65
C ARG ZB 147 -10.64 -113.53 -44.19
N LEU ZB 148 -11.33 -114.64 -44.44
CA LEU ZB 148 -10.70 -115.85 -44.96
C LEU ZB 148 -10.93 -116.05 -46.45
N LYS ZB 149 -11.23 -114.97 -47.18
CA LYS ZB 149 -11.37 -115.07 -48.62
C LYS ZB 149 -10.03 -115.41 -49.27
N MET ZB 150 -9.92 -116.60 -49.84
CA MET ZB 150 -8.66 -117.03 -50.41
C MET ZB 150 -8.31 -116.19 -51.64
N PRO ZB 151 -7.04 -115.78 -51.77
CA PRO ZB 151 -6.66 -114.99 -52.94
C PRO ZB 151 -6.79 -115.82 -54.21
N PRO ZB 152 -7.14 -115.19 -55.33
CA PRO ZB 152 -7.25 -115.95 -56.59
C PRO ZB 152 -5.90 -116.48 -57.03
N VAL ZB 153 -5.93 -117.66 -57.65
CA VAL ZB 153 -4.75 -118.31 -58.19
C VAL ZB 153 -4.97 -118.54 -59.68
N LEU ZB 154 -4.01 -118.11 -60.50
CA LEU ZB 154 -4.10 -118.22 -61.95
C LEU ZB 154 -2.77 -118.73 -62.49
N GLU ZB 155 -2.74 -118.93 -63.81
CA GLU ZB 155 -1.53 -119.38 -64.48
C GLU ZB 155 -0.66 -118.19 -64.89
N GLU ZB 156 0.50 -118.49 -65.46
CA GLU ZB 156 1.43 -117.45 -65.87
C GLU ZB 156 0.85 -116.63 -67.02
N ARG ZB 157 0.95 -115.31 -66.91
CA ARG ZB 157 0.42 -114.41 -67.92
C ARG ZB 157 1.33 -114.39 -69.15
N ALA ZB 158 0.72 -114.26 -70.32
CA ALA ZB 158 1.48 -114.22 -71.56
C ALA ZB 158 2.19 -112.88 -71.70
N PRO ZB 159 3.43 -112.88 -72.18
CA PRO ZB 159 4.12 -111.61 -72.41
C PRO ZB 159 3.45 -110.80 -73.51
N ILE ZB 160 3.59 -109.48 -73.42
CA ILE ZB 160 3.01 -108.55 -74.37
C ILE ZB 160 4.11 -108.08 -75.31
N ASN ZB 161 3.95 -108.36 -76.60
CA ASN ZB 161 4.90 -107.93 -77.63
C ASN ZB 161 4.09 -107.40 -78.81
N ASP ZB 162 3.78 -106.11 -78.76
CA ASP ZB 162 2.98 -105.46 -79.79
C ASP ZB 162 3.62 -104.13 -80.15
N VAL ZB 163 3.68 -103.84 -81.45
CA VAL ZB 163 4.22 -102.59 -81.97
C VAL ZB 163 3.11 -101.88 -82.71
N LEU ZB 164 2.70 -100.72 -82.20
CA LEU ZB 164 1.63 -99.97 -82.81
C LEU ZB 164 2.09 -99.24 -84.08
N ALA ZB 165 3.33 -98.74 -84.08
CA ALA ZB 165 3.86 -98.03 -85.23
C ALA ZB 165 5.38 -97.99 -85.13
N GLU ZB 166 6.02 -97.77 -86.27
CA GLU ZB 166 7.47 -97.61 -86.35
C GLU ZB 166 7.78 -96.32 -87.10
N ASP ZB 167 8.69 -95.53 -86.54
CA ASP ZB 167 9.12 -94.27 -87.15
C ASP ZB 167 10.64 -94.22 -87.18
N LYS ZB 168 11.22 -94.44 -88.35
CA LYS ZB 168 12.68 -94.44 -88.49
C LYS ZB 168 13.27 -93.04 -88.58
N ILE ZB 169 12.44 -92.01 -88.69
CA ILE ZB 169 12.96 -90.64 -88.74
C ILE ZB 169 13.47 -90.17 -87.38
N LEU ZB 170 13.03 -90.79 -86.29
CA LEU ZB 170 13.43 -90.42 -84.94
C LEU ZB 170 14.41 -91.43 -84.35
N GLU ZB 171 15.30 -91.97 -85.19
CA GLU ZB 171 16.21 -93.01 -84.72
C GLU ZB 171 17.17 -92.49 -83.67
N GLY ZB 172 17.72 -91.29 -83.87
CA GLY ZB 172 18.70 -90.76 -82.94
C GLY ZB 172 18.35 -89.38 -82.41
N THR ZB 173 17.06 -89.06 -82.35
CA THR ZB 173 16.64 -87.76 -81.85
C THR ZB 173 16.78 -87.66 -80.34
N GLU ZB 174 16.39 -88.72 -79.62
CA GLU ZB 174 16.46 -88.73 -78.16
C GLU ZB 174 17.15 -90.00 -77.69
N THR ZB 175 17.72 -89.93 -76.49
CA THR ZB 175 18.46 -91.04 -75.91
C THR ZB 175 17.60 -91.90 -74.99
N ALA ZB 176 16.69 -91.30 -74.24
CA ALA ZB 176 15.83 -92.03 -73.33
C ALA ZB 176 14.56 -92.50 -74.06
N LYS ZB 177 13.69 -93.19 -73.32
CA LYS ZB 177 12.42 -93.67 -73.85
C LYS ZB 177 11.28 -93.11 -73.02
N TYR ZB 178 10.24 -92.65 -73.72
CA TYR ZB 178 9.08 -92.04 -73.09
C TYR ZB 178 8.02 -93.10 -72.80
N VAL ZB 179 7.39 -93.00 -71.62
CA VAL ZB 179 6.33 -93.91 -71.22
C VAL ZB 179 5.08 -93.08 -70.98
N PHE ZB 180 3.99 -93.43 -71.67
CA PHE ZB 180 2.73 -92.71 -71.58
C PHE ZB 180 1.68 -93.62 -70.95
N THR ZB 181 1.03 -93.11 -69.90
CA THR ZB 181 0.01 -93.85 -69.17
C THR ZB 181 -1.30 -93.08 -69.21
N ASP ZB 182 -2.37 -93.75 -69.60
CA ASP ZB 182 -3.70 -93.15 -69.58
C ASP ZB 182 -4.27 -93.25 -68.17
N ILE ZB 183 -4.48 -92.09 -67.54
CA ILE ZB 183 -4.95 -92.03 -66.16
C ILE ZB 183 -6.39 -91.52 -66.14
N SER ZB 184 -7.27 -92.28 -65.49
CA SER ZB 184 -8.67 -91.91 -65.34
C SER ZB 184 -9.30 -92.79 -64.27
N TYR ZB 185 -10.06 -92.17 -63.37
CA TYR ZB 185 -10.63 -92.91 -62.24
C TYR ZB 185 -11.72 -93.89 -62.67
N SER ZB 186 -12.30 -93.70 -63.85
CA SER ZB 186 -13.38 -94.55 -64.30
C SER ZB 186 -12.91 -95.80 -65.03
N ILE ZB 187 -11.75 -95.77 -65.67
CA ILE ZB 187 -11.26 -96.89 -66.45
C ILE ZB 187 -10.57 -97.90 -65.53
N PRO ZB 188 -10.97 -99.17 -65.55
CA PRO ZB 188 -10.28 -100.17 -64.73
C PRO ZB 188 -8.84 -100.35 -65.18
N HIS ZB 189 -7.99 -100.73 -64.23
CA HIS ZB 189 -6.56 -100.80 -64.49
C HIS ZB 189 -6.20 -101.85 -65.54
N ARG ZB 190 -7.07 -102.83 -65.77
CA ARG ZB 190 -6.80 -103.84 -66.77
C ARG ZB 190 -7.02 -103.35 -68.19
N GLU ZB 191 -7.69 -102.22 -68.37
CA GLU ZB 191 -7.98 -101.67 -69.69
C GLU ZB 191 -7.19 -100.42 -70.01
N ARG ZB 192 -6.29 -99.99 -69.13
CA ARG ZB 192 -5.50 -98.79 -69.40
C ARG ZB 192 -4.47 -99.05 -70.48
N PHE ZB 193 -4.15 -98.00 -71.23
CA PHE ZB 193 -3.14 -98.06 -72.29
C PHE ZB 193 -1.82 -97.53 -71.75
N ILE ZB 194 -0.80 -98.39 -71.75
CA ILE ZB 194 0.56 -98.01 -71.37
C ILE ZB 194 1.44 -98.26 -72.58
N VAL ZB 195 1.92 -97.19 -73.20
CA VAL ZB 195 2.67 -97.26 -74.45
C VAL ZB 195 4.02 -96.59 -74.24
N VAL ZB 196 5.07 -97.22 -74.76
CA VAL ZB 196 6.45 -96.75 -74.58
C VAL ZB 196 7.03 -96.40 -75.94
N ARG ZB 197 7.64 -95.22 -76.04
CA ARG ZB 197 8.34 -94.78 -77.25
C ARG ZB 197 9.81 -95.06 -77.08
N GLU ZB 198 10.28 -96.16 -77.67
CA GLU ZB 198 11.70 -96.49 -77.61
C GLU ZB 198 12.51 -95.49 -78.42
N PRO ZB 199 13.79 -95.30 -78.08
CA PRO ZB 199 14.61 -94.33 -78.83
C PRO ZB 199 14.78 -94.69 -80.29
N SER ZB 200 14.60 -95.96 -80.67
CA SER ZB 200 14.67 -96.35 -82.07
C SER ZB 200 13.51 -95.81 -82.90
N GLY ZB 201 12.47 -95.29 -82.25
CA GLY ZB 201 11.33 -94.75 -82.96
C GLY ZB 201 10.13 -95.66 -83.08
N THR ZB 202 10.07 -96.73 -82.29
CA THR ZB 202 8.98 -97.69 -82.36
C THR ZB 202 7.97 -97.42 -81.25
N LEU ZB 203 6.71 -97.24 -81.63
CA LEU ZB 203 5.61 -97.07 -80.68
C LEU ZB 203 5.10 -98.45 -80.31
N ARG ZB 204 5.46 -98.92 -79.11
CA ARG ZB 204 5.14 -100.26 -78.66
C ARG ZB 204 4.50 -100.22 -77.28
N LYS ZB 205 3.68 -101.23 -77.00
CA LYS ZB 205 3.04 -101.33 -75.70
C LYS ZB 205 4.06 -101.70 -74.63
N ALA ZB 206 3.76 -101.32 -73.39
CA ALA ZB 206 4.65 -101.61 -72.27
C ALA ZB 206 4.50 -103.05 -71.81
N SER ZB 207 5.62 -103.66 -71.44
CA SER ZB 207 5.61 -105.03 -70.93
C SER ZB 207 4.97 -105.06 -69.55
N TRP ZB 208 4.67 -106.28 -69.09
CA TRP ZB 208 4.01 -106.45 -67.80
C TRP ZB 208 4.87 -105.95 -66.66
N GLU ZB 209 6.20 -106.14 -66.76
CA GLU ZB 209 7.09 -105.71 -65.68
C GLU ZB 209 7.04 -104.20 -65.49
N GLU ZB 210 7.01 -103.44 -66.58
CA GLU ZB 210 6.97 -101.98 -66.45
C GLU ZB 210 5.54 -101.46 -66.34
N ARG ZB 211 4.55 -102.19 -66.87
CA ARG ZB 211 3.17 -101.75 -66.78
C ARG ZB 211 2.70 -101.69 -65.34
N ASP ZB 212 3.04 -102.71 -64.54
CA ASP ZB 212 2.65 -102.71 -63.14
C ASP ZB 212 3.34 -101.60 -62.35
N ARG ZB 213 4.61 -101.32 -62.68
CA ARG ZB 213 5.32 -100.24 -61.99
C ARG ZB 213 4.68 -98.89 -62.28
N MET ZB 214 4.29 -98.64 -63.53
CA MET ZB 214 3.69 -97.36 -63.88
C MET ZB 214 2.34 -97.17 -63.21
N ILE ZB 215 1.55 -98.24 -63.09
CA ILE ZB 215 0.26 -98.14 -62.44
C ILE ZB 215 0.43 -97.75 -60.97
N GLN ZB 216 1.41 -98.34 -60.30
CA GLN ZB 216 1.63 -98.03 -58.89
C GLN ZB 216 2.06 -96.58 -58.70
N VAL ZB 217 2.88 -96.04 -59.61
CA VAL ZB 217 3.39 -94.69 -59.45
C VAL ZB 217 2.26 -93.68 -59.46
N TYR ZB 218 1.34 -93.80 -60.41
CA TYR ZB 218 0.25 -92.85 -60.53
C TYR ZB 218 -1.00 -93.26 -59.77
N PHE ZB 219 -1.08 -94.51 -59.30
CA PHE ZB 219 -2.18 -94.98 -58.46
C PHE ZB 219 -1.60 -95.72 -57.25
N PRO ZB 220 -0.98 -94.99 -56.33
CA PRO ZB 220 -0.33 -95.65 -55.19
C PRO ZB 220 -1.35 -96.24 -54.23
N ARG ZB 221 -0.91 -97.28 -53.52
CA ARG ZB 221 -1.73 -97.92 -52.49
C ARG ZB 221 -0.81 -98.56 -51.47
N GLU ZB 222 -1.39 -98.90 -50.32
CA GLU ZB 222 -0.59 -99.38 -49.20
C GLU ZB 222 0.05 -100.73 -49.52
N GLY ZB 223 1.30 -100.90 -49.11
CA GLY ZB 223 1.97 -102.17 -49.18
C GLY ZB 223 2.72 -102.48 -50.46
N ARG ZB 224 2.62 -101.61 -51.47
CA ARG ZB 224 3.25 -101.87 -52.77
C ARG ZB 224 4.47 -100.96 -52.93
N ARG ZB 225 5.63 -101.57 -53.15
CA ARG ZB 225 6.86 -100.83 -53.42
C ARG ZB 225 7.03 -100.65 -54.92
N ILE ZB 226 7.48 -99.46 -55.32
CA ILE ZB 226 7.69 -99.18 -56.73
C ILE ZB 226 8.77 -100.08 -57.31
N LEU ZB 227 9.89 -100.19 -56.61
CA LEU ZB 227 10.96 -101.10 -57.01
C LEU ZB 227 10.79 -102.44 -56.29
N THR ZB 228 11.44 -103.47 -56.83
CA THR ZB 228 11.36 -104.79 -56.24
C THR ZB 228 12.08 -104.79 -54.89
N PRO ZB 229 11.40 -105.14 -53.80
CA PRO ZB 229 12.06 -105.12 -52.50
C PRO ZB 229 13.14 -106.19 -52.40
N VAL ZB 230 14.15 -105.89 -51.59
CA VAL ZB 230 15.23 -106.85 -51.33
C VAL ZB 230 14.77 -108.05 -50.53
N ILE ZB 231 13.63 -107.94 -49.85
CA ILE ZB 231 13.14 -109.01 -49.00
C ILE ZB 231 12.81 -110.27 -49.79
N PHE ZB 232 12.50 -110.13 -51.08
CA PHE ZB 232 12.09 -111.26 -51.91
C PHE ZB 232 13.27 -111.99 -52.56
N LYS ZB 233 14.50 -111.60 -52.23
CA LYS ZB 233 15.65 -112.34 -52.71
C LYS ZB 233 15.71 -113.72 -52.05
N GLU ZB 234 16.43 -114.63 -52.70
CA GLU ZB 234 16.52 -116.00 -52.19
C GLU ZB 234 17.20 -116.04 -50.83
N GLU ZB 235 18.27 -115.25 -50.65
CA GLU ZB 235 18.96 -115.22 -49.36
C GLU ZB 235 18.05 -114.71 -48.25
N ASN ZB 236 17.26 -113.68 -48.54
CA ASN ZB 236 16.40 -113.10 -47.51
C ASN ZB 236 15.22 -114.00 -47.17
N LEU ZB 237 14.71 -114.74 -48.15
CA LEU ZB 237 13.58 -115.64 -47.87
C LEU ZB 237 13.98 -116.75 -46.90
N GLN ZB 238 15.20 -117.28 -47.05
CA GLN ZB 238 15.66 -118.33 -46.14
C GLN ZB 238 15.73 -117.82 -44.71
N THR ZB 239 16.12 -116.56 -44.52
CA THR ZB 239 16.15 -115.99 -43.18
C THR ZB 239 14.74 -115.95 -42.57
N MET ZB 240 13.75 -115.52 -43.34
CA MET ZB 240 12.37 -115.54 -42.86
C MET ZB 240 11.88 -116.96 -42.66
N TYR ZB 241 12.25 -117.87 -43.57
CA TYR ZB 241 11.83 -119.25 -43.44
C TYR ZB 241 12.44 -119.91 -42.21
N SER ZB 242 13.69 -119.57 -41.90
CA SER ZB 242 14.31 -120.07 -40.67
C SER ZB 242 13.60 -119.54 -39.43
N GLN ZB 243 12.93 -118.38 -39.55
CA GLN ZB 243 12.15 -117.81 -38.47
C GLN ZB 243 10.67 -118.13 -38.59
N ASP ZB 244 10.32 -119.18 -39.33
CA ASP ZB 244 8.93 -119.59 -39.60
C ASP ZB 244 8.03 -118.39 -39.88
N GLN ZB 245 8.48 -117.55 -40.81
CA GLN ZB 245 7.72 -116.39 -41.25
C GLN ZB 245 6.97 -116.67 -42.56
N HIS ZB 246 6.52 -117.91 -42.76
CA HIS ZB 246 5.91 -118.29 -44.03
C HIS ZB 246 4.60 -117.53 -44.26
N VAL ZB 247 3.81 -117.33 -43.22
CA VAL ZB 247 2.54 -116.63 -43.38
C VAL ZB 247 2.78 -115.18 -43.80
N ASP ZB 248 3.82 -114.54 -43.25
CA ASP ZB 248 4.10 -113.15 -43.61
C ASP ZB 248 4.62 -113.05 -45.04
N VAL ZB 249 5.41 -114.04 -45.48
CA VAL ZB 249 5.94 -114.01 -46.84
C VAL ZB 249 4.82 -114.06 -47.86
N LEU ZB 250 3.85 -114.96 -47.65
CA LEU ZB 250 2.73 -115.06 -48.58
C LEU ZB 250 1.89 -113.79 -48.59
N ASN ZB 251 1.66 -113.20 -47.41
CA ASN ZB 251 0.88 -111.97 -47.36
C ASN ZB 251 1.63 -110.80 -48.00
N LEU ZB 252 2.96 -110.80 -47.91
CA LEU ZB 252 3.74 -109.77 -48.60
C LEU ZB 252 3.68 -109.97 -50.11
N CYS ZB 253 3.74 -111.22 -50.57
CA CYS ZB 253 3.80 -111.48 -52.00
C CYS ZB 253 2.51 -111.05 -52.70
N VAL ZB 254 1.36 -111.33 -52.10
CA VAL ZB 254 0.09 -110.96 -52.73
C VAL ZB 254 -0.06 -109.44 -52.78
N ALA ZB 255 0.43 -108.74 -51.74
CA ALA ZB 255 0.33 -107.29 -51.72
C ALA ZB 255 1.26 -106.65 -52.74
N GLN ZB 256 2.46 -107.19 -52.90
CA GLN ZB 256 3.46 -106.57 -53.77
C GLN ZB 256 3.22 -106.91 -55.24
N PHE ZB 257 3.18 -108.20 -55.56
CA PHE ZB 257 3.09 -108.66 -56.94
C PHE ZB 257 1.65 -109.00 -57.32
N GLU ZB 258 1.40 -108.99 -58.63
CA GLU ZB 258 0.12 -109.35 -59.22
C GLU ZB 258 -0.06 -110.87 -59.17
N PRO ZB 259 -1.26 -111.35 -58.85
CA PRO ZB 259 -1.44 -112.81 -58.69
C PRO ZB 259 -1.11 -113.62 -59.93
N ASP ZB 260 -1.30 -113.08 -61.12
CA ASP ZB 260 -1.01 -113.81 -62.35
C ASP ZB 260 0.40 -113.53 -62.87
N SER ZB 261 1.20 -112.77 -62.13
CA SER ZB 261 2.56 -112.44 -62.54
C SER ZB 261 3.49 -113.63 -62.33
N ALA ZB 262 4.67 -113.55 -62.93
CA ALA ZB 262 5.64 -114.64 -62.83
C ALA ZB 262 6.30 -114.67 -61.45
N GLU ZB 263 6.61 -113.50 -60.90
CA GLU ZB 263 7.27 -113.45 -59.59
C GLU ZB 263 6.36 -113.99 -58.49
N TYR ZB 264 5.06 -113.72 -58.60
CA TYR ZB 264 4.11 -114.25 -57.62
C TYR ZB 264 4.09 -115.77 -57.62
N ILE ZB 265 4.16 -116.37 -58.81
CA ILE ZB 265 4.06 -117.82 -58.92
C ILE ZB 265 5.30 -118.49 -58.31
N LYS ZB 266 6.48 -117.98 -58.64
CA LYS ZB 266 7.71 -118.62 -58.16
C LYS ZB 266 7.88 -118.46 -56.66
N ILE ZB 267 7.46 -117.33 -56.09
CA ILE ZB 267 7.58 -117.13 -54.65
C ILE ZB 267 6.60 -118.03 -53.91
N HIS ZB 268 5.35 -118.11 -54.39
CA HIS ZB 268 4.37 -118.99 -53.76
C HIS ZB 268 4.81 -120.45 -53.86
N HIS ZB 269 5.30 -120.86 -55.04
CA HIS ZB 269 5.76 -122.24 -55.20
C HIS ZB 269 6.96 -122.53 -54.31
N HIS ZB 270 7.90 -121.59 -54.21
CA HIS ZB 270 9.06 -121.77 -53.35
C HIS ZB 270 8.64 -121.87 -51.89
N THR ZB 271 7.70 -121.04 -51.46
CA THR ZB 271 7.19 -121.13 -50.10
C THR ZB 271 6.47 -122.45 -49.85
N TYR ZB 272 5.66 -122.90 -50.80
CA TYR ZB 272 4.97 -124.18 -50.65
C TYR ZB 272 5.95 -125.34 -50.62
N GLU ZB 273 7.01 -125.26 -51.42
CA GLU ZB 273 8.01 -126.31 -51.42
C GLU ZB 273 8.75 -126.38 -50.08
N ASP ZB 274 9.04 -125.23 -49.49
CA ASP ZB 274 9.83 -125.22 -48.26
C ASP ZB 274 9.02 -125.76 -47.07
N ILE ZB 275 7.75 -125.36 -46.96
CA ILE ZB 275 6.93 -125.84 -45.85
C ILE ZB 275 6.71 -127.34 -45.97
N ASP ZB 276 6.65 -127.87 -47.20
CA ASP ZB 276 6.53 -129.30 -47.38
C ASP ZB 276 7.77 -130.04 -46.88
N LYS ZB 277 8.96 -129.48 -47.14
CA LYS ZB 277 10.19 -130.12 -46.69
C LYS ZB 277 10.29 -130.11 -45.17
N CYS ZB 278 9.91 -129.01 -44.53
CA CYS ZB 278 10.01 -128.88 -43.09
C CYS ZB 278 8.75 -129.35 -42.36
N GLY ZB 279 7.69 -129.66 -43.08
CA GLY ZB 279 6.46 -130.12 -42.43
C GLY ZB 279 5.82 -129.09 -41.53
N LYS ZB 280 5.76 -127.84 -41.97
CA LYS ZB 280 5.20 -126.74 -41.18
C LYS ZB 280 3.77 -126.42 -41.60
N TYR ZB 281 2.99 -127.44 -41.94
CA TYR ZB 281 1.62 -127.23 -42.38
C TYR ZB 281 0.74 -126.65 -41.27
N ASP ZB 282 1.15 -126.80 -40.01
CA ASP ZB 282 0.38 -126.26 -38.89
C ASP ZB 282 0.36 -124.74 -38.88
N LEU ZB 283 1.34 -124.10 -39.48
CA LEU ZB 283 1.39 -122.63 -39.48
C LEU ZB 283 0.23 -122.04 -40.27
N LEU ZB 284 -0.12 -122.64 -41.41
CA LEU ZB 284 -1.15 -122.11 -42.30
C LEU ZB 284 -2.48 -122.81 -42.11
N ARG ZB 285 -2.79 -123.27 -40.90
CA ARG ZB 285 -4.06 -123.95 -40.66
C ARG ZB 285 -5.23 -123.00 -40.84
N SER ZB 286 -5.30 -121.95 -40.05
CA SER ZB 286 -6.37 -120.97 -40.13
C SER ZB 286 -6.05 -119.81 -41.06
N THR ZB 287 -4.88 -119.82 -41.70
CA THR ZB 287 -4.53 -118.75 -42.63
C THR ZB 287 -5.35 -118.86 -43.91
N ARG ZB 288 -5.69 -117.70 -44.49
CA ARG ZB 288 -6.45 -117.67 -45.73
C ARG ZB 288 -5.66 -118.26 -46.89
N HIS ZB 289 -4.35 -118.40 -46.76
CA HIS ZB 289 -3.51 -118.92 -47.82
C HIS ZB 289 -3.43 -120.44 -47.85
N PHE ZB 290 -4.21 -121.12 -47.00
CA PHE ZB 290 -4.16 -122.59 -46.98
C PHE ZB 290 -4.73 -123.20 -48.24
N GLY ZB 291 -5.69 -122.53 -48.88
CA GLY ZB 291 -6.24 -123.05 -50.13
C GLY ZB 291 -5.22 -123.10 -51.23
N GLY ZB 292 -4.30 -122.14 -51.27
CA GLY ZB 292 -3.30 -122.10 -52.32
C GLY ZB 292 -2.35 -123.28 -52.27
N MET ZB 293 -1.85 -123.61 -51.06
CA MET ZB 293 -0.91 -124.72 -50.93
C MET ZB 293 -1.61 -126.06 -51.15
N ALA ZB 294 -2.86 -126.18 -50.72
CA ALA ZB 294 -3.61 -127.41 -50.97
C ALA ZB 294 -3.85 -127.63 -52.46
N TRP ZB 295 -4.19 -126.55 -53.17
CA TRP ZB 295 -4.38 -126.67 -54.62
C TRP ZB 295 -3.06 -126.97 -55.32
N TYR ZB 296 -1.96 -126.39 -54.85
CA TYR ZB 296 -0.66 -126.68 -55.44
C TYR ZB 296 -0.28 -128.15 -55.24
N PHE ZB 297 -0.54 -128.69 -54.06
CA PHE ZB 297 -0.20 -130.09 -53.78
C PHE ZB 297 -1.02 -131.04 -54.64
N VAL ZB 298 -2.32 -130.75 -54.80
CA VAL ZB 298 -3.18 -131.66 -55.55
C VAL ZB 298 -2.84 -131.65 -57.04
N ASN ZB 299 -2.15 -130.62 -57.52
CA ASN ZB 299 -1.72 -130.57 -58.91
C ASN ZB 299 -0.31 -131.10 -59.11
N LYS ZB 300 0.51 -131.13 -58.06
CA LYS ZB 300 1.84 -131.71 -58.13
C LYS ZB 300 1.88 -133.16 -57.66
N LYS ZB 301 0.73 -133.74 -57.31
CA LYS ZB 301 0.63 -135.13 -56.86
C LYS ZB 301 1.52 -135.38 -55.63
N LYS ZB 302 1.61 -134.39 -54.75
CA LYS ZB 302 2.39 -134.49 -53.52
C LYS ZB 302 1.45 -134.31 -52.35
N ILE ZB 303 0.83 -135.40 -51.91
CA ILE ZB 303 -0.11 -135.40 -50.79
C ILE ZB 303 0.39 -136.25 -49.63
N ASP ZB 304 1.51 -136.95 -49.80
CA ASP ZB 304 2.02 -137.82 -48.73
C ASP ZB 304 2.35 -137.02 -47.49
N GLY ZB 305 3.06 -135.90 -47.65
CA GLY ZB 305 3.42 -135.10 -46.49
C GLY ZB 305 2.22 -134.49 -45.79
N LEU ZB 306 1.27 -133.96 -46.55
CA LEU ZB 306 0.14 -133.27 -45.96
C LEU ZB 306 -0.79 -134.25 -45.23
N LEU ZB 307 -1.01 -135.44 -45.80
CA LEU ZB 307 -1.92 -136.39 -45.18
C LEU ZB 307 -1.37 -136.92 -43.86
N ILE ZB 308 -0.06 -137.10 -43.76
CA ILE ZB 308 0.53 -137.59 -42.52
C ILE ZB 308 0.29 -136.60 -41.38
N ASP ZB 309 0.48 -135.30 -41.65
CA ASP ZB 309 0.30 -134.29 -40.61
C ASP ZB 309 -1.13 -134.23 -40.12
N GLN ZB 310 -2.10 -134.32 -41.04
CA GLN ZB 310 -3.50 -134.20 -40.65
C GLN ZB 310 -3.92 -135.34 -39.73
N ILE ZB 311 -3.46 -136.56 -40.03
CA ILE ZB 311 -3.76 -137.70 -39.17
C ILE ZB 311 -3.14 -137.50 -37.79
N GLN ZB 312 -1.89 -137.03 -37.74
CA GLN ZB 312 -1.24 -136.77 -36.46
C GLN ZB 312 -1.93 -135.66 -35.68
N ARG ZB 313 -2.67 -134.78 -36.36
CA ARG ZB 313 -3.46 -133.77 -35.68
C ARG ZB 313 -4.85 -134.27 -35.30
N ASP ZB 314 -5.15 -135.55 -35.58
CA ASP ZB 314 -6.45 -136.15 -35.27
C ASP ZB 314 -7.59 -135.37 -35.93
N LEU ZB 315 -7.38 -134.99 -37.18
CA LEU ZB 315 -8.38 -134.31 -38.01
C LEU ZB 315 -8.66 -135.22 -39.20
N VAL ZB 316 -9.60 -136.14 -39.03
CA VAL ZB 316 -9.86 -137.18 -40.01
C VAL ZB 316 -10.99 -136.81 -40.96
N SER ZB 317 -12.06 -136.19 -40.42
CA SER ZB 317 -13.21 -135.88 -41.25
C SER ZB 317 -12.83 -134.97 -42.41
N ASP ZB 318 -11.86 -134.07 -42.20
CA ASP ZB 318 -11.36 -133.26 -43.29
C ASP ZB 318 -10.26 -133.95 -44.08
N ALA ZB 319 -9.57 -134.93 -43.48
CA ALA ZB 319 -8.51 -135.63 -44.19
C ALA ZB 319 -9.06 -136.40 -45.39
N THR ZB 320 -10.20 -137.07 -45.21
CA THR ZB 320 -10.80 -137.81 -46.32
C THR ZB 320 -11.33 -136.87 -47.39
N SER ZB 321 -11.66 -135.62 -47.03
CA SER ZB 321 -12.07 -134.65 -48.03
C SER ZB 321 -10.93 -134.32 -48.98
N LEU ZB 322 -9.70 -134.25 -48.46
CA LEU ZB 322 -8.54 -134.01 -49.31
C LEU ZB 322 -8.35 -135.16 -50.31
N VAL ZB 323 -8.55 -136.40 -49.86
CA VAL ZB 323 -8.54 -137.53 -50.78
C VAL ZB 323 -9.69 -137.43 -51.77
N HIS ZB 324 -10.87 -137.00 -51.30
CA HIS ZB 324 -12.00 -136.80 -52.21
C HIS ZB 324 -11.69 -135.71 -53.23
N LEU ZB 325 -10.97 -134.68 -52.82
CA LEU ZB 325 -10.56 -133.63 -53.76
C LEU ZB 325 -9.60 -134.19 -54.82
N TYR ZB 326 -8.72 -135.11 -54.41
CA TYR ZB 326 -7.76 -135.67 -55.35
C TYR ZB 326 -8.44 -136.39 -56.50
N HIS ZB 327 -9.50 -137.14 -56.20
CA HIS ZB 327 -10.21 -137.88 -57.25
C HIS ZB 327 -10.85 -136.94 -58.26
N ILE ZB 328 -11.40 -135.82 -57.79
CA ILE ZB 328 -12.04 -134.86 -58.69
C ILE ZB 328 -11.02 -134.25 -59.64
N LEU ZB 329 -9.86 -133.88 -59.11
CA LEU ZB 329 -8.83 -133.25 -59.94
C LEU ZB 329 -8.17 -134.25 -60.89
N HIS ZB 330 -8.03 -135.51 -60.48
CA HIS ZB 330 -7.40 -136.55 -61.30
C HIS ZB 330 -8.32 -137.75 -61.40
N PRO ZB 331 -9.36 -137.65 -62.23
CA PRO ZB 331 -10.29 -138.79 -62.36
C PRO ZB 331 -9.69 -139.98 -63.07
N ASP ZB 332 -8.93 -139.74 -64.14
CA ASP ZB 332 -8.33 -140.81 -64.93
C ASP ZB 332 -7.05 -141.29 -64.23
N GLY ZB 333 -7.26 -142.05 -63.15
CA GLY ZB 333 -6.16 -142.58 -62.38
C GLY ZB 333 -6.55 -143.88 -61.70
N GLN ZB 334 -5.53 -144.62 -61.27
CA GLN ZB 334 -5.79 -145.90 -60.62
C GLN ZB 334 -6.49 -145.72 -59.27
N SER ZB 335 -6.08 -144.70 -58.50
CA SER ZB 335 -6.71 -144.46 -57.21
C SER ZB 335 -8.19 -144.13 -57.36
N ALA ZB 336 -8.53 -143.26 -58.31
CA ALA ZB 336 -9.93 -142.91 -58.54
C ALA ZB 336 -10.72 -144.10 -59.06
N GLN ZB 337 -10.09 -144.97 -59.85
CA GLN ZB 337 -10.76 -146.17 -60.31
C GLN ZB 337 -11.08 -147.11 -59.16
N GLU ZB 338 -10.16 -147.22 -58.20
CA GLU ZB 338 -10.40 -148.07 -57.03
C GLU ZB 338 -11.59 -147.57 -56.23
N ALA ZB 339 -11.77 -146.25 -56.13
CA ALA ZB 339 -12.92 -145.71 -55.42
C ALA ZB 339 -14.23 -146.10 -56.08
N LYS ZB 340 -14.26 -146.13 -57.42
CA LYS ZB 340 -15.46 -146.60 -58.12
C LYS ZB 340 -15.61 -148.12 -57.98
N LYS ZB 341 -14.51 -148.85 -58.01
CA LYS ZB 341 -14.56 -150.30 -57.84
C LYS ZB 341 -15.01 -150.69 -56.43
N GLN ZB 342 -14.19 -150.35 -55.44
CA GLN ZB 342 -14.47 -150.79 -54.07
C GLN ZB 342 -15.70 -150.07 -53.51
N GLY ZB 343 -15.81 -148.77 -53.74
CA GLY ZB 343 -16.95 -148.00 -53.25
C GLY ZB 343 -17.03 -147.94 -51.74
N ALA ZB 344 -15.91 -147.67 -51.09
CA ALA ZB 344 -15.83 -147.65 -49.63
C ALA ZB 344 -16.16 -146.24 -49.12
N GLU ZB 345 -15.99 -146.03 -47.82
CA GLU ZB 345 -16.28 -144.75 -47.20
C GLU ZB 345 -15.41 -144.61 -45.95
N GLY ZB 346 -15.28 -143.38 -45.47
CA GLY ZB 346 -14.49 -143.12 -44.27
C GLY ZB 346 -13.00 -143.28 -44.51
N LEU ZB 347 -12.32 -143.85 -43.52
CA LEU ZB 347 -10.86 -143.97 -43.59
C LEU ZB 347 -10.40 -144.89 -44.71
N HIS ZB 348 -11.26 -145.80 -45.19
CA HIS ZB 348 -10.87 -146.70 -46.27
C HIS ZB 348 -10.58 -145.94 -47.55
N LEU ZB 349 -11.12 -144.73 -47.70
CA LEU ZB 349 -10.78 -143.89 -48.85
C LEU ZB 349 -9.30 -143.52 -48.83
N ILE ZB 350 -8.76 -143.23 -47.63
CA ILE ZB 350 -7.33 -142.97 -47.50
C ILE ZB 350 -6.54 -144.24 -47.78
N LYS ZB 351 -7.06 -145.39 -47.30
CA LYS ZB 351 -6.40 -146.66 -47.59
C LYS ZB 351 -6.34 -146.93 -49.08
N VAL ZB 352 -7.37 -146.51 -49.82
CA VAL ZB 352 -7.37 -146.67 -51.27
C VAL ZB 352 -6.18 -145.92 -51.89
N PHE ZB 353 -6.02 -144.65 -51.52
CA PHE ZB 353 -4.93 -143.86 -52.06
C PHE ZB 353 -3.58 -144.32 -51.52
N ALA ZB 354 -3.55 -144.82 -50.28
CA ALA ZB 354 -2.28 -145.21 -49.65
C ALA ZB 354 -1.61 -146.36 -50.39
N LYS ZB 355 -2.38 -147.30 -50.92
CA LYS ZB 355 -1.84 -148.49 -51.55
C LYS ZB 355 -1.89 -148.43 -53.07
N THR ZB 356 -2.34 -147.32 -53.65
CA THR ZB 356 -2.52 -147.24 -55.10
C THR ZB 356 -1.60 -146.21 -55.73
N GLU ZB 357 -1.66 -144.95 -55.30
CA GLU ZB 357 -0.84 -143.89 -55.88
C GLU ZB 357 0.12 -143.23 -54.90
N ALA ZB 358 -0.02 -143.51 -53.60
CA ALA ZB 358 0.89 -142.92 -52.62
C ALA ZB 358 2.31 -143.36 -52.88
N GLN ZB 359 3.22 -142.38 -53.00
CA GLN ZB 359 4.62 -142.69 -53.26
C GLN ZB 359 5.24 -143.47 -52.09
N LYS ZB 360 4.93 -143.06 -50.87
CA LYS ZB 360 5.40 -143.71 -49.65
C LYS ZB 360 4.17 -144.03 -48.81
N GLY ZB 361 3.50 -145.14 -49.13
CA GLY ZB 361 2.33 -145.56 -48.40
C GLY ZB 361 2.61 -146.26 -47.09
N ALA ZB 362 3.86 -146.63 -46.84
CA ALA ZB 362 4.20 -147.31 -45.58
C ALA ZB 362 3.93 -146.41 -44.39
N TYR ZB 363 4.37 -145.15 -44.46
CA TYR ZB 363 4.11 -144.22 -43.37
C TYR ZB 363 2.62 -143.91 -43.24
N ILE ZB 364 1.93 -143.74 -44.38
CA ILE ZB 364 0.50 -143.40 -44.34
C ILE ZB 364 -0.29 -144.53 -43.69
N GLU ZB 365 -0.03 -145.77 -44.10
CA GLU ZB 365 -0.78 -146.90 -43.55
C GLU ZB 365 -0.46 -147.10 -42.08
N LEU ZB 366 0.82 -146.98 -41.70
CA LEU ZB 366 1.19 -147.15 -40.30
C LEU ZB 366 0.59 -146.05 -39.42
N THR ZB 367 0.65 -144.81 -39.89
CA THR ZB 367 0.06 -143.70 -39.13
C THR ZB 367 -1.44 -143.87 -39.00
N LEU ZB 368 -2.11 -144.27 -40.08
CA LEU ZB 368 -3.54 -144.53 -40.00
C LEU ZB 368 -3.84 -145.69 -39.06
N GLN ZB 369 -2.99 -146.72 -39.09
CA GLN ZB 369 -3.11 -147.80 -38.12
C GLN ZB 369 -2.89 -147.29 -36.69
N ALA ZB 370 -1.91 -146.39 -36.51
CA ALA ZB 370 -1.68 -145.81 -35.20
C ALA ZB 370 -2.88 -144.99 -34.74
N TYR ZB 371 -3.52 -144.27 -35.67
CA TYR ZB 371 -4.72 -143.52 -35.32
C TYR ZB 371 -5.85 -144.44 -34.91
N GLN ZB 372 -6.04 -145.56 -35.64
CA GLN ZB 372 -7.15 -146.45 -35.35
C GLN ZB 372 -7.03 -147.05 -33.96
N GLU ZB 373 -5.86 -147.57 -33.61
CA GLU ZB 373 -5.70 -148.18 -32.29
C GLU ZB 373 -5.82 -147.15 -31.18
N ALA ZB 374 -5.31 -145.93 -31.41
CA ALA ZB 374 -5.43 -144.89 -30.40
C ALA ZB 374 -6.88 -144.46 -30.21
N PHE ZB 375 -7.62 -144.32 -31.32
CA PHE ZB 375 -9.01 -143.90 -31.22
C PHE ZB 375 -9.87 -144.94 -30.50
N ILE ZB 376 -9.62 -146.23 -30.77
CA ILE ZB 376 -10.35 -147.28 -30.08
C ILE ZB 376 -10.08 -147.24 -28.58
N THR ZB 377 -8.81 -147.03 -28.21
CA THR ZB 377 -8.46 -146.93 -26.79
C THR ZB 377 -9.13 -145.72 -26.14
N HIS ZB 378 -9.14 -144.57 -26.83
CA HIS ZB 378 -9.77 -143.38 -26.28
C HIS ZB 378 -11.27 -143.57 -26.13
N SER ZB 379 -11.91 -144.19 -27.12
CA SER ZB 379 -13.35 -144.42 -27.08
C SER ZB 379 -13.72 -145.44 -26.01
N ALA AC 2 3.45 -104.72 8.29
CA ALA AC 2 2.97 -105.21 9.58
C ALA AC 2 1.45 -105.39 9.55
N GLY AC 3 0.77 -104.46 8.90
CA GLY AC 3 -0.68 -104.54 8.79
C GLY AC 3 -1.24 -103.22 8.33
N SER AC 4 -2.58 -103.17 8.29
CA SER AC 4 -3.31 -101.97 7.93
C SER AC 4 -4.14 -101.52 9.13
N ARG AC 5 -4.07 -100.23 9.45
CA ARG AC 5 -4.79 -99.67 10.59
C ARG AC 5 -5.83 -98.64 10.16
N LEU AC 6 -6.29 -98.70 8.92
CA LEU AC 6 -7.31 -97.77 8.42
C LEU AC 6 -8.69 -98.35 8.68
N GLU AC 7 -9.50 -97.61 9.45
CA GLU AC 7 -10.82 -98.08 9.82
C GLU AC 7 -11.83 -97.95 8.68
N THR AC 8 -11.71 -96.92 7.85
CA THR AC 8 -12.73 -96.58 6.87
C THR AC 8 -12.51 -97.23 5.51
N VAL AC 9 -11.37 -97.90 5.29
CA VAL AC 9 -11.13 -98.52 3.99
C VAL AC 9 -12.11 -99.65 3.73
N GLY AC 10 -12.32 -100.50 4.73
CA GLY AC 10 -13.22 -101.61 4.56
C GLY AC 10 -13.30 -102.45 5.82
N SER AC 11 -13.92 -103.62 5.69
CA SER AC 11 -14.05 -104.52 6.81
C SER AC 11 -12.70 -105.15 7.16
N ILE AC 12 -12.64 -105.76 8.34
CA ILE AC 12 -11.43 -106.44 8.76
C ILE AC 12 -11.11 -107.60 7.82
N PHE AC 13 -12.14 -108.30 7.34
CA PHE AC 13 -11.92 -109.40 6.41
C PHE AC 13 -11.34 -108.90 5.10
N SER AC 14 -11.83 -107.76 4.59
CA SER AC 14 -11.38 -107.27 3.29
C SER AC 14 -9.90 -106.92 3.31
N ARG AC 15 -9.44 -106.23 4.36
CA ARG AC 15 -8.04 -105.83 4.42
C ARG AC 15 -7.12 -107.03 4.64
N THR AC 16 -7.53 -107.97 5.49
CA THR AC 16 -6.66 -109.10 5.82
C THR AC 16 -6.40 -109.97 4.60
N ARG AC 17 -7.45 -110.27 3.82
CA ARG AC 17 -7.25 -111.13 2.67
C ARG AC 17 -6.50 -110.42 1.55
N ASP AC 18 -6.66 -109.09 1.45
CA ASP AC 18 -5.92 -108.35 0.43
C ASP AC 18 -4.43 -108.30 0.76
N LEU AC 19 -4.08 -108.09 2.04
CA LEU AC 19 -2.67 -108.06 2.42
C LEU AC 19 -2.02 -109.42 2.22
N ILE AC 20 -2.74 -110.50 2.55
CA ILE AC 20 -2.21 -111.84 2.33
C ILE AC 20 -2.00 -112.09 0.84
N ARG AC 21 -2.98 -111.69 0.03
CA ARG AC 21 -2.82 -111.81 -1.43
C ARG AC 21 -1.70 -110.92 -1.95
N ALA AC 22 -1.50 -109.75 -1.32
CA ALA AC 22 -0.43 -108.86 -1.73
C ALA AC 22 0.94 -109.51 -1.50
N GLY AC 23 1.10 -110.21 -0.39
CA GLY AC 23 2.34 -110.86 -0.05
C GLY AC 23 3.11 -110.24 1.10
N VAL AC 24 2.50 -109.33 1.85
CA VAL AC 24 3.19 -108.71 2.98
C VAL AC 24 2.96 -109.48 4.27
N LEU AC 25 1.77 -110.03 4.46
CA LEU AC 25 1.43 -110.81 5.65
C LEU AC 25 1.57 -112.29 5.29
N LYS AC 26 2.68 -112.90 5.71
CA LYS AC 26 2.96 -114.29 5.36
C LYS AC 26 2.40 -115.29 6.36
N GLU AC 27 1.85 -114.82 7.49
CA GLU AC 27 1.28 -115.68 8.52
C GLU AC 27 -0.22 -115.42 8.55
N LYS AC 28 -1.00 -116.40 8.12
CA LYS AC 28 -2.45 -116.22 8.08
C LYS AC 28 -3.03 -116.22 9.49
N PRO AC 29 -3.84 -115.22 9.86
CA PRO AC 29 -4.44 -115.22 11.19
C PRO AC 29 -5.38 -116.40 11.38
N LEU AC 30 -5.48 -116.85 12.63
CA LEU AC 30 -6.29 -118.03 12.92
C LEU AC 30 -7.77 -117.76 12.71
N TRP AC 31 -8.24 -116.55 12.99
CA TRP AC 31 -9.65 -116.25 12.87
C TRP AC 31 -10.11 -116.15 11.42
N LEU AC 32 -9.18 -116.00 10.48
CA LEU AC 32 -9.56 -115.84 9.08
C LEU AC 32 -10.26 -117.08 8.54
N ASP AC 33 -9.75 -118.27 8.89
CA ASP AC 33 -10.37 -119.50 8.40
C ASP AC 33 -11.79 -119.64 8.91
N ILE AC 34 -12.04 -119.25 10.16
CA ILE AC 34 -13.39 -119.31 10.71
C ILE AC 34 -14.31 -118.36 9.95
N TYR AC 35 -13.80 -117.17 9.60
CA TYR AC 35 -14.64 -116.18 8.91
C TYR AC 35 -15.06 -116.68 7.54
N ASN AC 36 -14.15 -117.33 6.81
CA ASN AC 36 -14.50 -117.86 5.49
C ASN AC 36 -15.60 -118.92 5.61
N ALA AC 37 -15.48 -119.82 6.59
CA ALA AC 37 -16.51 -120.85 6.76
C ALA AC 37 -17.82 -120.26 7.25
N PHE AC 38 -17.75 -119.33 8.20
CA PHE AC 38 -18.94 -118.73 8.81
C PHE AC 38 -18.92 -117.22 8.63
N PRO AC 39 -19.54 -116.70 7.58
CA PRO AC 39 -19.59 -115.24 7.40
C PRO AC 39 -20.83 -114.66 8.08
N PRO AC 40 -20.76 -113.43 8.54
CA PRO AC 40 -21.91 -112.81 9.20
C PRO AC 40 -22.95 -112.36 8.19
N LEU AC 41 -24.11 -111.95 8.72
CA LEU AC 41 -25.19 -111.47 7.86
C LEU AC 41 -24.80 -110.22 7.10
N ARG AC 42 -24.13 -109.28 7.78
CA ARG AC 42 -23.70 -108.02 7.17
C ARG AC 42 -22.21 -107.86 7.35
N GLU AC 43 -21.51 -107.54 6.26
CA GLU AC 43 -20.08 -107.29 6.34
C GLU AC 43 -19.84 -105.96 7.05
N PRO AC 44 -18.94 -105.91 8.04
CA PRO AC 44 -18.73 -104.68 8.83
C PRO AC 44 -17.97 -103.59 8.08
N VAL AC 45 -18.70 -102.83 7.26
CA VAL AC 45 -18.14 -101.73 6.50
C VAL AC 45 -18.47 -100.43 7.21
N PHE AC 46 -17.46 -99.59 7.40
CA PHE AC 46 -17.66 -98.33 8.10
C PHE AC 46 -18.53 -97.39 7.28
N ARG AC 47 -19.52 -96.79 7.94
CA ARG AC 47 -20.42 -95.83 7.30
C ARG AC 47 -20.67 -94.67 8.25
N ARG AC 48 -20.71 -93.47 7.70
CA ARG AC 48 -20.88 -92.26 8.49
C ARG AC 48 -22.34 -92.09 8.88
N PRO AC 49 -22.65 -91.92 10.17
CA PRO AC 49 -24.05 -91.73 10.59
C PRO AC 49 -24.58 -90.35 10.23
N ARG AC 50 -24.98 -90.17 8.98
CA ARG AC 50 -25.53 -88.89 8.53
C ARG AC 50 -26.85 -88.61 9.21
N LEU AC 51 -27.11 -87.33 9.48
CA LEU AC 51 -28.37 -86.90 10.07
C LEU AC 51 -29.41 -86.70 8.98
N ARG AC 52 -30.63 -87.15 9.25
CA ARG AC 52 -31.69 -87.11 8.26
C ARG AC 52 -32.28 -85.70 8.17
N TYR AC 53 -32.30 -85.16 6.95
CA TYR AC 53 -32.85 -83.84 6.69
C TYR AC 53 -33.98 -83.95 5.66
N GLY AC 54 -34.90 -82.99 5.71
CA GLY AC 54 -35.94 -82.90 4.71
C GLY AC 54 -37.23 -83.61 5.09
N LYS AC 55 -37.91 -84.17 4.10
CA LYS AC 55 -39.18 -84.84 4.31
C LYS AC 55 -39.03 -86.32 4.64
N ALA AC 56 -37.81 -86.84 4.66
CA ALA AC 56 -37.60 -88.25 4.95
C ALA AC 56 -37.88 -88.54 6.42
N LYS AC 57 -38.60 -89.63 6.67
CA LYS AC 57 -38.95 -90.09 8.00
C LYS AC 57 -38.42 -91.49 8.22
N ALA AC 58 -38.67 -92.02 9.42
CA ALA AC 58 -38.24 -93.37 9.76
C ALA AC 58 -39.24 -94.39 9.23
N ALA AC 59 -38.73 -95.61 9.00
CA ALA AC 59 -39.54 -96.70 8.49
C ALA AC 59 -40.13 -97.57 9.60
N VAL AC 60 -39.90 -97.22 10.86
CA VAL AC 60 -40.40 -98.03 11.97
C VAL AC 60 -41.90 -97.84 12.10
N GLN AC 61 -42.62 -98.95 12.17
CA GLN AC 61 -44.07 -98.93 12.30
C GLN AC 61 -44.49 -99.03 13.76
N ASP AC 62 -45.59 -98.35 14.08
CA ASP AC 62 -46.11 -98.39 15.45
C ASP AC 62 -46.74 -99.76 15.73
N ILE AC 63 -46.61 -100.21 16.98
CA ILE AC 63 -47.15 -101.50 17.40
C ILE AC 63 -48.53 -101.24 17.99
N PHE AC 64 -49.57 -101.45 17.18
CA PHE AC 64 -50.94 -101.29 17.61
C PHE AC 64 -51.76 -102.50 17.18
N TYR AC 65 -52.74 -102.86 18.00
CA TYR AC 65 -53.60 -104.01 17.73
C TYR AC 65 -55.05 -103.61 17.97
N HIS AC 66 -55.96 -104.44 17.42
CA HIS AC 66 -57.38 -104.23 17.67
C HIS AC 66 -57.71 -104.36 19.15
N GLU AC 67 -56.92 -105.15 19.89
CA GLU AC 67 -57.10 -105.24 21.33
C GLU AC 67 -56.83 -103.90 22.00
N ASP AC 68 -55.83 -103.17 21.53
CA ASP AC 68 -55.48 -101.89 22.14
C ASP AC 68 -56.63 -100.91 22.08
N ARG AC 69 -57.40 -100.94 20.98
CA ARG AC 69 -58.58 -100.07 20.87
C ARG AC 69 -59.60 -100.40 21.94
N ILE AC 70 -59.80 -101.69 22.22
CA ILE AC 70 -60.70 -102.10 23.29
C ILE AC 70 -60.13 -101.70 24.64
N ARG AC 71 -58.83 -101.86 24.83
CA ARG AC 71 -58.21 -101.53 26.11
C ARG AC 71 -58.33 -100.04 26.43
N ALA AC 72 -58.31 -99.19 25.40
CA ALA AC 72 -58.43 -97.75 25.63
C ALA AC 72 -59.77 -97.40 26.26
N LYS AC 73 -60.85 -98.02 25.79
CA LYS AC 73 -62.17 -97.75 26.37
C LYS AC 73 -62.23 -98.18 27.83
N PHE AC 74 -61.66 -99.35 28.15
CA PHE AC 74 -61.67 -99.82 29.52
C PHE AC 74 -60.85 -98.91 30.43
N TYR AC 75 -59.68 -98.48 29.98
CA TYR AC 75 -58.85 -97.59 30.79
C TYR AC 75 -59.50 -96.21 30.93
N SER AC 76 -60.13 -95.73 29.87
CA SER AC 76 -60.79 -94.42 29.94
C SER AC 76 -61.95 -94.45 30.93
N ALA AC 77 -62.73 -95.52 30.94
CA ALA AC 77 -63.92 -95.58 31.78
C ALA AC 77 -63.58 -95.98 33.22
N TYR AC 78 -63.03 -97.18 33.40
CA TYR AC 78 -62.79 -97.73 34.74
C TYR AC 78 -61.39 -97.43 35.26
N GLY AC 79 -60.53 -96.80 34.47
CA GLY AC 79 -59.18 -96.57 34.95
C GLY AC 79 -58.40 -97.88 35.01
N SER AC 80 -57.39 -97.89 35.86
CA SER AC 80 -56.61 -99.10 36.09
C SER AC 80 -57.42 -100.05 36.95
N GLY AC 81 -57.34 -101.34 36.64
CA GLY AC 81 -58.08 -102.35 37.37
C GLY AC 81 -57.60 -102.48 38.80
N PRO AC 82 -58.48 -102.94 39.69
CA PRO AC 82 -58.06 -103.14 41.09
C PRO AC 82 -56.91 -104.12 41.25
N LYS AC 83 -56.84 -105.14 40.40
CA LYS AC 83 -55.72 -106.08 40.45
C LYS AC 83 -54.43 -105.38 40.03
N ALA AC 84 -53.34 -105.73 40.70
CA ALA AC 84 -52.03 -105.14 40.41
C ALA AC 84 -51.34 -105.94 39.31
N PHE AC 85 -50.82 -105.24 38.31
CA PHE AC 85 -50.12 -105.89 37.21
C PHE AC 85 -48.83 -106.53 37.71
N ASP AC 86 -48.53 -107.72 37.20
CA ASP AC 86 -47.31 -108.44 37.53
C ASP AC 86 -46.60 -108.81 36.24
N LEU AC 87 -45.42 -108.26 36.04
CA LEU AC 87 -44.64 -108.52 34.84
C LEU AC 87 -43.69 -109.70 34.97
N PHE AC 88 -43.53 -110.24 36.18
CA PHE AC 88 -42.65 -111.39 36.39
C PHE AC 88 -43.25 -112.68 35.87
N ASN AC 89 -44.58 -112.77 35.76
CA ASN AC 89 -45.23 -113.99 35.32
C ASN AC 89 -45.42 -113.95 33.82
N PRO AC 90 -44.79 -114.85 33.05
CA PRO AC 90 -45.01 -114.85 31.60
C PRO AC 90 -46.46 -115.07 31.20
N ASN AC 91 -47.21 -115.86 31.96
CA ASN AC 91 -48.61 -116.17 31.65
C ASN AC 91 -49.58 -115.37 32.49
N PHE AC 92 -49.22 -114.15 32.87
CA PHE AC 92 -50.12 -113.33 33.67
C PHE AC 92 -51.34 -112.91 32.86
N LYS AC 93 -52.50 -112.94 33.50
CA LYS AC 93 -53.76 -112.53 32.89
C LYS AC 93 -54.26 -111.29 33.60
N SER AC 94 -54.21 -110.15 32.93
CA SER AC 94 -54.64 -108.89 33.51
C SER AC 94 -56.15 -108.78 33.50
N THR AC 95 -56.67 -107.92 34.37
CA THR AC 95 -58.11 -107.67 34.41
C THR AC 95 -58.59 -107.06 33.09
N CYS AC 96 -57.83 -106.13 32.54
CA CYS AC 96 -58.15 -105.59 31.22
C CYS AC 96 -58.03 -106.67 30.14
N GLN AC 97 -57.03 -107.53 30.25
CA GLN AC 97 -56.88 -108.62 29.29
C GLN AC 97 -58.07 -109.56 29.33
N ARG AC 98 -58.57 -109.87 30.53
CA ARG AC 98 -59.77 -110.68 30.64
C ARG AC 98 -60.97 -109.97 30.04
N PHE AC 99 -61.07 -108.65 30.23
CA PHE AC 99 -62.16 -107.89 29.63
C PHE AC 99 -62.10 -107.96 28.10
N VAL AC 100 -60.90 -107.85 27.53
CA VAL AC 100 -60.76 -107.94 26.08
C VAL AC 100 -61.14 -109.34 25.58
N GLU AC 101 -60.68 -110.37 26.29
CA GLU AC 101 -60.95 -111.74 25.85
C GLU AC 101 -62.45 -112.04 25.86
N LYS AC 102 -63.17 -111.59 26.89
CA LYS AC 102 -64.61 -111.77 26.92
C LYS AC 102 -65.30 -110.83 25.93
N TYR AC 103 -64.69 -109.69 25.63
CA TYR AC 103 -65.23 -108.79 24.61
C TYR AC 103 -65.19 -109.44 23.24
N ILE AC 104 -64.09 -110.14 22.92
CA ILE AC 104 -63.96 -110.82 21.65
C ILE AC 104 -65.00 -111.94 21.54
N GLU AC 105 -65.17 -112.72 22.60
CA GLU AC 105 -66.16 -113.80 22.58
C GLU AC 105 -67.58 -113.25 22.45
N LEU AC 106 -67.87 -112.14 23.14
CA LEU AC 106 -69.21 -111.58 23.09
C LEU AC 106 -69.55 -111.08 21.70
N GLN AC 107 -68.60 -110.43 21.02
CA GLN AC 107 -68.87 -109.89 19.68
C GLN AC 107 -68.97 -110.98 18.63
N ARG AC 108 -68.52 -112.21 18.94
CA ARG AC 108 -68.72 -113.33 18.04
C ARG AC 108 -70.17 -113.79 17.98
N LEU AC 109 -71.03 -113.29 18.87
CA LEU AC 109 -72.44 -113.64 18.86
C LEU AC 109 -73.25 -112.81 17.87
N GLY AC 110 -72.63 -111.84 17.20
CA GLY AC 110 -73.30 -111.04 16.21
C GLY AC 110 -73.70 -109.65 16.65
N GLU AC 111 -73.18 -109.16 17.76
CA GLU AC 111 -73.50 -107.82 18.25
C GLU AC 111 -72.54 -106.81 17.64
N THR AC 112 -73.10 -105.73 17.08
CA THR AC 112 -72.31 -104.70 16.43
C THR AC 112 -72.22 -103.41 17.23
N ASP AC 113 -73.25 -103.08 18.01
CA ASP AC 113 -73.25 -101.85 18.79
C ASP AC 113 -72.18 -101.91 19.88
N GLU AC 114 -71.34 -100.88 19.94
CA GLU AC 114 -70.28 -100.85 20.94
C GLU AC 114 -70.85 -100.73 22.35
N GLU AC 115 -71.91 -99.94 22.51
CA GLU AC 115 -72.49 -99.74 23.84
C GLU AC 115 -73.02 -101.05 24.41
N LYS AC 116 -73.71 -101.85 23.58
CA LYS AC 116 -74.19 -103.15 24.05
C LYS AC 116 -73.02 -104.07 24.39
N LEU AC 117 -71.97 -104.07 23.57
CA LEU AC 117 -70.82 -104.91 23.84
C LEU AC 117 -70.11 -104.48 25.13
N PHE AC 118 -70.00 -103.17 25.35
CA PHE AC 118 -69.29 -102.69 26.54
C PHE AC 118 -70.11 -102.93 27.80
N VAL AC 119 -71.41 -102.64 27.76
CA VAL AC 119 -72.25 -102.80 28.95
C VAL AC 119 -72.37 -104.27 29.32
N GLU AC 120 -72.64 -105.13 28.35
CA GLU AC 120 -72.80 -106.56 28.63
C GLU AC 120 -71.51 -107.17 29.17
N ALA AC 121 -70.37 -106.75 28.62
CA ALA AC 121 -69.09 -107.28 29.10
C ALA AC 121 -68.86 -106.91 30.56
N GLY AC 122 -69.21 -105.69 30.94
CA GLY AC 122 -69.10 -105.30 32.34
C GLY AC 122 -70.00 -106.12 33.23
N LYS AC 123 -71.23 -106.39 32.78
CA LYS AC 123 -72.14 -107.24 33.54
C LYS AC 123 -71.61 -108.66 33.63
N ALA AC 124 -71.02 -109.16 32.54
CA ALA AC 124 -70.47 -110.52 32.55
C ALA AC 124 -69.31 -110.64 33.54
N LEU AC 125 -68.44 -109.62 33.60
CA LEU AC 125 -67.36 -109.63 34.57
C LEU AC 125 -67.90 -109.56 36.00
N LEU AC 126 -68.99 -108.80 36.20
CA LEU AC 126 -69.59 -108.74 37.52
C LEU AC 126 -70.07 -110.12 37.98
N ALA AC 127 -70.47 -110.97 37.04
CA ALA AC 127 -70.89 -112.33 37.38
C ALA AC 127 -69.71 -113.19 37.84
N GLU AC 128 -68.49 -112.83 37.47
CA GLU AC 128 -67.31 -113.59 37.88
C GLU AC 128 -66.75 -113.14 39.22
N GLY AC 129 -67.26 -112.05 39.80
CA GLY AC 129 -66.85 -111.59 41.11
C GLY AC 129 -65.85 -110.46 41.11
N VAL AC 130 -65.30 -110.08 39.95
CA VAL AC 130 -64.33 -108.99 39.92
C VAL AC 130 -65.03 -107.65 40.18
N THR AC 131 -64.24 -106.67 40.62
CA THR AC 131 -64.75 -105.34 40.93
C THR AC 131 -64.46 -104.41 39.77
N LEU AC 132 -65.46 -103.64 39.36
CA LEU AC 132 -65.38 -102.73 38.23
C LEU AC 132 -65.95 -101.37 38.59
N ARG AC 133 -65.52 -100.83 39.73
CA ARG AC 133 -65.97 -99.53 40.19
C ARG AC 133 -65.68 -98.47 39.13
N ARG AC 134 -66.75 -97.88 38.59
CA ARG AC 134 -66.62 -96.87 37.54
C ARG AC 134 -65.98 -95.60 38.09
N VAL AC 135 -65.07 -95.02 37.32
CA VAL AC 135 -64.39 -93.79 37.71
C VAL AC 135 -65.29 -92.61 37.35
N GLY AC 136 -65.57 -91.75 38.32
CA GLY AC 136 -66.40 -90.59 38.10
C GLY AC 136 -67.83 -90.92 37.74
N PRO BC 2 -19.25 -81.30 -22.08
CA PRO BC 2 -20.30 -80.42 -21.56
C PRO BC 2 -20.80 -80.85 -20.18
N MET BC 3 -20.89 -79.88 -19.26
CA MET BC 3 -21.43 -80.13 -17.94
C MET BC 3 -22.86 -79.66 -17.79
N LYS BC 4 -23.18 -78.45 -18.26
CA LYS BC 4 -24.51 -77.91 -18.13
C LYS BC 4 -25.46 -78.57 -19.13
N GLY BC 5 -26.74 -78.52 -18.80
CA GLY BC 5 -27.77 -79.12 -19.63
C GLY BC 5 -28.25 -80.45 -19.07
N ARG BC 6 -29.46 -80.83 -19.50
CA ARG BC 6 -30.06 -82.07 -19.01
C ARG BC 6 -29.37 -83.29 -19.62
N PHE BC 7 -29.10 -83.25 -20.92
CA PHE BC 7 -28.44 -84.34 -21.64
C PHE BC 7 -27.24 -83.77 -22.38
N PRO BC 8 -26.11 -83.62 -21.70
CA PRO BC 8 -24.92 -83.03 -22.35
C PRO BC 8 -24.39 -83.85 -23.52
N ILE BC 9 -24.73 -85.15 -23.60
CA ILE BC 9 -24.22 -85.97 -24.68
C ILE BC 9 -24.75 -85.52 -26.03
N ARG BC 10 -25.97 -85.00 -26.06
CA ARG BC 10 -26.60 -84.61 -27.31
C ARG BC 10 -26.01 -83.32 -27.90
N ARG BC 11 -25.05 -82.70 -27.22
CA ARG BC 11 -24.42 -81.48 -27.69
C ARG BC 11 -22.98 -81.69 -28.14
N THR BC 12 -22.61 -82.93 -28.49
CA THR BC 12 -21.30 -83.25 -29.01
C THR BC 12 -21.38 -83.52 -30.51
N LEU BC 13 -20.23 -83.47 -31.17
CA LEU BC 13 -20.20 -83.63 -32.62
C LEU BC 13 -20.68 -85.01 -33.06
N GLN BC 14 -20.37 -86.05 -32.28
CA GLN BC 14 -20.78 -87.40 -32.67
C GLN BC 14 -22.30 -87.54 -32.70
N TYR BC 15 -22.98 -86.99 -31.69
CA TYR BC 15 -24.44 -87.09 -31.67
C TYR BC 15 -25.06 -86.32 -32.82
N LEU BC 16 -24.52 -85.14 -33.15
CA LEU BC 16 -25.02 -84.38 -34.28
C LEU BC 16 -24.75 -85.09 -35.61
N GLY BC 17 -23.68 -85.89 -35.66
CA GLY BC 17 -23.30 -86.56 -36.90
C GLY BC 17 -23.85 -87.97 -37.08
N GLN BC 18 -24.36 -88.59 -36.03
CA GLN BC 18 -24.88 -89.95 -36.13
C GLN BC 18 -26.33 -90.00 -36.62
N GLY BC 19 -27.02 -88.87 -36.69
CA GLY BC 19 -28.36 -88.87 -37.21
C GLY BC 19 -28.36 -88.88 -38.73
N ASP BC 20 -28.93 -89.92 -39.32
CA ASP BC 20 -28.90 -90.11 -40.78
C ASP BC 20 -30.32 -89.92 -41.31
N VAL BC 21 -30.68 -88.66 -41.56
CA VAL BC 21 -31.93 -88.31 -42.23
C VAL BC 21 -31.63 -87.17 -43.20
N VAL BC 22 -31.53 -87.48 -44.49
CA VAL BC 22 -31.19 -86.51 -45.51
C VAL BC 22 -32.43 -86.26 -46.36
N PHE BC 23 -32.94 -85.03 -46.31
CA PHE BC 23 -34.10 -84.66 -47.11
C PHE BC 23 -33.72 -84.52 -48.57
N LYS BC 24 -34.71 -84.68 -49.44
CA LYS BC 24 -34.49 -84.49 -50.86
C LYS BC 24 -34.28 -83.01 -51.18
N ASP BC 25 -33.79 -82.75 -52.40
CA ASP BC 25 -33.51 -81.38 -52.82
C ASP BC 25 -34.78 -80.53 -52.94
N SER BC 26 -35.95 -81.14 -52.96
CA SER BC 26 -37.21 -80.41 -53.09
C SER BC 26 -37.78 -79.95 -51.75
N VAL BC 27 -37.23 -80.42 -50.63
CA VAL BC 27 -37.73 -80.07 -49.31
C VAL BC 27 -37.04 -78.78 -48.85
N LYS BC 28 -37.84 -77.78 -48.48
CA LYS BC 28 -37.32 -76.49 -48.05
C LYS BC 28 -37.70 -76.14 -46.63
N VAL BC 29 -38.97 -76.30 -46.26
CA VAL BC 29 -39.49 -75.87 -44.96
C VAL BC 29 -40.10 -77.07 -44.25
N MET BC 30 -39.74 -77.25 -42.98
CA MET BC 30 -40.37 -78.24 -42.11
C MET BC 30 -40.97 -77.51 -40.92
N THR BC 31 -42.27 -77.69 -40.71
CA THR BC 31 -42.98 -77.06 -39.61
C THR BC 31 -43.44 -78.14 -38.64
N VAL BC 32 -43.09 -77.98 -37.37
CA VAL BC 32 -43.43 -78.94 -36.32
C VAL BC 32 -44.28 -78.23 -35.28
N ASN BC 33 -45.45 -78.80 -34.98
CA ASN BC 33 -46.33 -78.31 -33.94
C ASN BC 33 -46.51 -79.40 -32.89
N TYR BC 34 -46.39 -79.03 -31.62
CA TYR BC 34 -46.51 -80.01 -30.55
C TYR BC 34 -47.04 -79.33 -29.30
N ASN BC 35 -47.54 -80.15 -28.38
CA ASN BC 35 -48.10 -79.68 -27.12
C ASN BC 35 -47.15 -79.99 -25.98
N THR BC 36 -47.15 -79.12 -24.98
CA THR BC 36 -46.31 -79.29 -23.80
C THR BC 36 -47.04 -80.00 -22.66
N HIS BC 37 -48.27 -80.43 -22.89
CA HIS BC 37 -49.04 -81.15 -21.87
C HIS BC 37 -49.74 -82.33 -22.52
N GLY BC 38 -50.01 -83.34 -21.70
CA GLY BC 38 -50.69 -84.54 -22.19
C GLY BC 38 -49.72 -85.64 -22.55
N GLU BC 39 -50.16 -86.88 -22.33
CA GLU BC 39 -49.32 -88.04 -22.61
C GLU BC 39 -49.24 -88.35 -24.10
N LEU BC 40 -50.17 -87.84 -24.90
CA LEU BC 40 -50.14 -88.12 -26.32
C LEU BC 40 -48.97 -87.42 -27.01
N GLY BC 41 -48.55 -86.27 -26.50
CA GLY BC 41 -47.46 -85.52 -27.07
C GLY BC 41 -46.07 -85.96 -26.67
N GLU BC 42 -45.95 -87.11 -26.00
CA GLU BC 42 -44.63 -87.59 -25.58
C GLU BC 42 -43.72 -87.85 -26.78
N GLY BC 43 -44.26 -88.46 -27.84
CA GLY BC 43 -43.47 -88.72 -29.02
C GLY BC 43 -43.02 -87.43 -29.70
N ALA BC 44 -43.90 -86.44 -29.76
CA ALA BC 44 -43.54 -85.18 -30.42
C ALA BC 44 -42.49 -84.42 -29.63
N ARG BC 45 -42.68 -84.30 -28.32
CA ARG BC 45 -41.74 -83.54 -27.50
C ARG BC 45 -40.35 -84.19 -27.50
N LYS BC 46 -40.30 -85.51 -27.37
CA LYS BC 46 -39.00 -86.19 -27.41
C LYS BC 46 -38.37 -86.10 -28.80
N PHE BC 47 -39.18 -86.07 -29.85
CA PHE BC 47 -38.65 -85.85 -31.20
C PHE BC 47 -37.99 -84.49 -31.32
N VAL BC 48 -38.61 -83.46 -30.74
CA VAL BC 48 -38.02 -82.12 -30.77
C VAL BC 48 -36.78 -82.06 -29.90
N PHE BC 49 -36.81 -82.72 -28.74
CA PHE BC 49 -35.73 -82.61 -27.78
C PHE BC 49 -34.49 -83.39 -28.21
N PHE BC 50 -34.65 -84.43 -29.03
CA PHE BC 50 -33.54 -85.31 -29.39
C PHE BC 50 -33.19 -85.24 -30.87
N ASN BC 51 -34.16 -85.46 -31.76
CA ASN BC 51 -33.84 -85.71 -33.16
C ASN BC 51 -33.72 -84.45 -34.00
N ILE BC 52 -34.38 -83.36 -33.63
CA ILE BC 52 -34.36 -82.16 -34.46
C ILE BC 52 -32.96 -81.61 -34.66
N PRO BC 53 -32.10 -81.49 -33.64
CA PRO BC 53 -30.72 -81.07 -33.93
C PRO BC 53 -30.00 -81.98 -34.92
N GLN BC 54 -30.25 -83.29 -34.86
CA GLN BC 54 -29.65 -84.19 -35.82
C GLN BC 54 -30.15 -83.93 -37.24
N ILE BC 55 -31.45 -83.67 -37.38
CA ILE BC 55 -32.02 -83.43 -38.71
C ILE BC 55 -31.46 -82.14 -39.29
N GLN BC 56 -31.38 -81.08 -38.49
CA GLN BC 56 -30.90 -79.80 -38.99
C GLN BC 56 -29.43 -79.86 -39.37
N TYR BC 57 -28.64 -80.66 -38.65
CA TYR BC 57 -27.20 -80.72 -38.93
C TYR BC 57 -26.93 -81.25 -40.33
N LYS BC 58 -27.68 -82.28 -40.74
CA LYS BC 58 -27.51 -82.84 -42.08
C LYS BC 58 -28.23 -82.04 -43.15
N ASN BC 59 -29.09 -81.10 -42.77
CA ASN BC 59 -29.83 -80.27 -43.72
C ASN BC 59 -29.67 -78.81 -43.33
N PRO BC 60 -28.50 -78.23 -43.54
CA PRO BC 60 -28.28 -76.83 -43.15
C PRO BC 60 -29.16 -75.84 -43.90
N TRP BC 61 -29.63 -76.20 -45.10
CA TRP BC 61 -30.39 -75.27 -45.93
C TRP BC 61 -31.91 -75.44 -45.76
N VAL BC 62 -32.35 -76.27 -44.82
CA VAL BC 62 -33.77 -76.51 -44.60
C VAL BC 62 -34.20 -75.75 -43.36
N GLN BC 63 -35.17 -74.86 -43.52
CA GLN BC 63 -35.66 -74.08 -42.39
C GLN BC 63 -36.49 -74.95 -41.47
N ILE BC 64 -36.23 -74.88 -40.16
CA ILE BC 64 -36.97 -75.61 -39.15
C ILE BC 64 -37.54 -74.59 -38.17
N THR BC 65 -38.85 -74.62 -37.98
CA THR BC 65 -39.54 -73.67 -37.12
C THR BC 65 -40.45 -74.42 -36.15
N MET BC 66 -40.48 -73.95 -34.90
CA MET BC 66 -41.25 -74.58 -33.85
C MET BC 66 -42.49 -73.75 -33.52
N PHE BC 67 -43.56 -74.45 -33.16
CA PHE BC 67 -44.79 -73.81 -32.70
C PHE BC 67 -45.38 -74.67 -31.58
N LYS BC 68 -45.60 -74.07 -30.42
CA LYS BC 68 -46.04 -74.81 -29.24
C LYS BC 68 -47.44 -74.37 -28.83
N ASN BC 69 -48.31 -75.34 -28.60
CA ASN BC 69 -49.67 -75.10 -28.07
C ASN BC 69 -50.47 -74.19 -28.99
N MET BC 70 -50.68 -74.65 -30.22
CA MET BC 70 -51.53 -73.96 -31.17
C MET BC 70 -52.55 -74.93 -31.76
N THR BC 71 -52.19 -76.20 -31.81
CA THR BC 71 -53.06 -77.25 -32.32
C THR BC 71 -53.12 -78.38 -31.30
N PRO BC 72 -54.31 -78.83 -30.90
CA PRO BC 72 -54.38 -79.90 -29.90
C PRO BC 72 -53.72 -81.20 -30.34
N SER BC 73 -53.68 -81.48 -31.64
CA SER BC 73 -53.06 -82.70 -32.15
C SER BC 73 -51.71 -82.36 -32.75
N PRO BC 74 -50.60 -82.86 -32.18
CA PRO BC 74 -49.29 -82.58 -32.77
C PRO BC 74 -49.19 -83.12 -34.19
N PHE BC 75 -48.46 -82.39 -35.02
CA PHE BC 75 -48.29 -82.78 -36.41
C PHE BC 75 -47.04 -82.13 -36.97
N LEU BC 76 -46.58 -82.66 -38.10
CA LEU BC 76 -45.47 -82.10 -38.84
C LEU BC 76 -45.93 -81.75 -40.24
N ARG BC 77 -45.49 -80.59 -40.73
CA ARG BC 77 -45.88 -80.11 -42.05
C ARG BC 77 -44.62 -79.82 -42.86
N PHE BC 78 -44.57 -80.33 -44.08
CA PHE BC 78 -43.43 -80.17 -44.97
C PHE BC 78 -43.86 -79.38 -46.20
N TYR BC 79 -43.05 -78.42 -46.60
CA TYR BC 79 -43.31 -77.60 -47.78
C TYR BC 79 -42.27 -77.90 -48.84
N LEU BC 80 -42.73 -78.29 -50.03
CA LEU BC 80 -41.84 -78.68 -51.11
C LEU BC 80 -41.53 -77.47 -51.99
N ASP BC 81 -40.65 -77.68 -52.97
CA ASP BC 81 -40.30 -76.61 -53.90
C ASP BC 81 -41.42 -76.30 -54.87
N SER BC 82 -42.19 -77.31 -55.28
CA SER BC 82 -43.28 -77.14 -56.21
C SER BC 82 -44.59 -76.73 -55.52
N GLY BC 83 -44.52 -76.29 -54.27
CA GLY BC 83 -45.70 -75.91 -53.53
C GLY BC 83 -46.46 -77.06 -52.90
N GLU BC 84 -46.00 -78.28 -53.07
CA GLU BC 84 -46.67 -79.44 -52.48
C GLU BC 84 -46.52 -79.39 -50.96
N GLN BC 85 -47.59 -79.77 -50.27
CA GLN BC 85 -47.62 -79.79 -48.81
C GLN BC 85 -47.77 -81.23 -48.34
N VAL BC 86 -46.86 -81.66 -47.47
CA VAL BC 86 -46.90 -82.98 -46.86
C VAL BC 86 -47.29 -82.81 -45.40
N LEU BC 87 -48.36 -83.48 -44.98
CA LEU BC 87 -48.83 -83.43 -43.60
C LEU BC 87 -48.56 -84.78 -42.96
N VAL BC 88 -47.85 -84.76 -41.83
CA VAL BC 88 -47.54 -85.97 -41.06
C VAL BC 88 -48.25 -85.83 -39.72
N ASP BC 89 -49.07 -86.82 -39.38
CA ASP BC 89 -49.83 -86.81 -38.15
C ASP BC 89 -49.16 -87.74 -37.14
N VAL BC 90 -48.82 -87.20 -35.97
CA VAL BC 90 -48.27 -87.97 -34.87
C VAL BC 90 -49.06 -87.66 -33.61
N GLU BC 91 -49.71 -88.68 -33.05
CA GLU BC 91 -50.50 -88.50 -31.84
C GLU BC 91 -50.14 -89.55 -30.80
N SER BC 92 -49.67 -90.71 -31.25
CA SER BC 92 -49.17 -91.74 -30.34
C SER BC 92 -47.83 -92.31 -30.75
N LYS BC 93 -47.29 -91.94 -31.91
CA LYS BC 93 -46.01 -92.48 -32.37
C LYS BC 93 -44.88 -92.02 -31.46
N SER BC 94 -43.94 -92.92 -31.21
CA SER BC 94 -42.83 -92.65 -30.31
C SER BC 94 -41.73 -91.87 -31.03
N ASN BC 95 -40.62 -91.66 -30.33
CA ASN BC 95 -39.51 -90.92 -30.89
C ASN BC 95 -38.92 -91.63 -32.11
N LYS BC 96 -38.73 -92.94 -32.01
CA LYS BC 96 -38.11 -93.68 -33.11
C LYS BC 96 -39.04 -93.81 -34.31
N GLU BC 97 -40.35 -93.95 -34.06
CA GLU BC 97 -41.30 -94.16 -35.15
C GLU BC 97 -41.33 -92.96 -36.09
N ILE BC 98 -41.28 -91.74 -35.55
CA ILE BC 98 -41.35 -90.54 -36.39
C ILE BC 98 -40.15 -90.47 -37.32
N VAL BC 99 -38.95 -90.75 -36.80
CA VAL BC 99 -37.74 -90.67 -37.61
C VAL BC 99 -37.80 -91.66 -38.77
N GLU BC 100 -38.23 -92.89 -38.48
CA GLU BC 100 -38.36 -93.89 -39.55
C GLU BC 100 -39.44 -93.50 -40.55
N HIS BC 101 -40.55 -92.94 -40.06
CA HIS BC 101 -41.62 -92.50 -40.96
C HIS BC 101 -41.15 -91.36 -41.86
N ILE BC 102 -40.43 -90.39 -41.29
CA ILE BC 102 -39.93 -89.27 -42.08
C ILE BC 102 -38.90 -89.73 -43.10
N ARG BC 103 -38.02 -90.64 -42.69
CA ARG BC 103 -36.95 -91.11 -43.56
C ARG BC 103 -37.48 -91.80 -44.82
N LYS BC 104 -38.70 -92.32 -44.78
CA LYS BC 104 -39.22 -93.04 -45.94
C LYS BC 104 -40.02 -92.14 -46.87
N ILE BC 105 -40.80 -91.20 -46.32
CA ILE BC 105 -41.64 -90.36 -47.16
C ILE BC 105 -40.79 -89.36 -47.96
N LEU BC 106 -39.78 -88.77 -47.32
CA LEU BC 106 -38.97 -87.73 -47.96
C LEU BC 106 -37.47 -87.95 -47.86
N GLY BC 107 -37.01 -88.94 -47.10
CA GLY BC 107 -35.60 -89.19 -47.00
C GLY BC 107 -35.04 -89.81 -48.26
N LYS BC 108 -33.72 -89.69 -48.42
CA LYS BC 108 -33.04 -90.22 -49.58
C LYS BC 108 -32.69 -91.69 -49.38
N ASN BC 109 -32.64 -92.42 -50.48
CA ASN BC 109 -32.34 -93.84 -50.44
C ASN BC 109 -30.88 -94.07 -50.09
N GLU BC 110 -30.61 -95.27 -49.55
CA GLU BC 110 -29.23 -95.62 -49.20
C GLU BC 110 -28.36 -95.71 -50.43
N GLU BC 111 -28.89 -96.24 -51.54
CA GLU BC 111 -28.12 -96.33 -52.77
C GLU BC 111 -27.79 -94.95 -53.32
N THR BC 112 -28.70 -93.98 -53.15
CA THR BC 112 -28.45 -92.64 -53.63
C THR BC 112 -27.33 -91.96 -52.84
N LEU BC 113 -27.32 -92.13 -51.52
CA LEU BC 113 -26.29 -91.51 -50.70
C LEU BC 113 -24.91 -92.09 -50.99
N GLU BC 114 -24.82 -93.42 -51.12
CA GLU BC 114 -23.52 -94.04 -51.34
C GLU BC 114 -22.96 -93.71 -52.72
N LYS BC 115 -23.83 -93.62 -53.74
CA LYS BC 115 -23.34 -93.26 -55.06
C LYS BC 115 -23.01 -91.77 -55.15
N GLU BC 116 -23.61 -90.94 -54.30
CA GLU BC 116 -23.30 -89.52 -54.30
C GLU BC 116 -21.87 -89.26 -53.85
N GLU BC 117 -21.45 -89.91 -52.76
CA GLU BC 117 -20.09 -89.73 -52.27
C GLU BC 117 -19.07 -90.45 -53.14
N GLN BC 118 -19.49 -91.53 -53.81
CA GLN BC 118 -18.59 -92.23 -54.72
C GLN BC 118 -18.16 -91.33 -55.87
N GLU BC 119 -19.11 -90.56 -56.42
CA GLU BC 119 -18.77 -89.60 -57.46
C GLU BC 119 -17.95 -88.43 -56.93
N LYS BC 120 -18.04 -88.16 -55.63
CA LYS BC 120 -17.24 -87.09 -55.03
C LYS BC 120 -15.77 -87.48 -54.88
N LYS BC 121 -15.49 -88.78 -54.74
CA LYS BC 121 -14.12 -89.22 -54.52
C LYS BC 121 -13.22 -88.91 -55.71
N GLN BC 122 -13.76 -89.04 -56.94
CA GLN BC 122 -12.95 -88.83 -58.13
C GLN BC 122 -12.47 -87.40 -58.28
N LEU BC 123 -13.04 -86.45 -57.54
CA LEU BC 123 -12.56 -85.07 -57.60
C LEU BC 123 -11.13 -84.96 -57.11
N SER BC 124 -10.79 -85.68 -56.03
CA SER BC 124 -9.42 -85.72 -55.53
C SER BC 124 -8.71 -86.90 -56.21
N HIS BC 125 -8.34 -86.68 -57.46
CA HIS BC 125 -7.72 -87.75 -58.25
C HIS BC 125 -6.32 -88.03 -57.72
N PRO BC 126 -5.99 -89.28 -57.41
CA PRO BC 126 -4.67 -89.57 -56.83
C PRO BC 126 -3.51 -89.27 -57.75
N ALA BC 127 -3.73 -89.16 -59.06
CA ALA BC 127 -2.64 -88.99 -60.02
C ALA BC 127 -2.18 -87.55 -60.16
N HIS BC 128 -2.80 -86.61 -59.45
CA HIS BC 128 -2.46 -85.20 -59.56
C HIS BC 128 -1.35 -84.85 -58.56
N PHE BC 129 -0.75 -83.68 -58.79
CA PHE BC 129 0.32 -83.16 -57.94
C PHE BC 129 -0.03 -81.74 -57.51
N GLY BC 130 0.46 -81.36 -56.33
CA GLY BC 130 0.23 -80.03 -55.82
C GLY BC 130 0.33 -79.95 -54.31
N PRO BC 131 -0.39 -79.00 -53.72
CA PRO BC 131 -0.37 -78.83 -52.27
C PRO BC 131 -0.92 -80.04 -51.54
N ARG BC 132 -0.44 -80.24 -50.31
CA ARG BC 132 -0.86 -81.37 -49.51
C ARG BC 132 -2.35 -81.36 -49.22
N LYS BC 133 -2.93 -80.16 -49.08
CA LYS BC 133 -4.35 -80.07 -48.73
C LYS BC 133 -5.24 -80.59 -49.85
N TYR BC 134 -4.77 -80.55 -51.09
CA TYR BC 134 -5.57 -80.97 -52.23
C TYR BC 134 -5.01 -82.19 -52.95
N CYS BC 135 -3.70 -82.41 -52.92
CA CYS BC 135 -3.09 -83.55 -53.58
C CYS BC 135 -2.19 -84.30 -52.61
N LEU BC 136 -1.95 -85.57 -52.91
CA LEU BC 136 -1.14 -86.42 -52.03
C LEU BC 136 0.33 -86.02 -52.10
N ARG BC 137 0.92 -86.08 -53.28
CA ARG BC 137 2.32 -85.71 -53.45
C ARG BC 137 2.42 -84.23 -53.85
N GLU BC 138 3.59 -83.65 -53.56
CA GLU BC 138 3.87 -82.27 -53.92
C GLU BC 138 4.87 -82.12 -55.05
N CYS BC 139 5.71 -83.12 -55.28
CA CYS BC 139 6.72 -83.07 -56.33
C CYS BC 139 7.02 -84.49 -56.78
N MET BC 140 7.59 -84.60 -57.98
CA MET BC 140 7.91 -85.92 -58.53
C MET BC 140 9.03 -86.60 -57.77
N CYS BC 141 9.87 -85.84 -57.07
CA CYS BC 141 10.97 -86.42 -56.32
C CYS BC 141 10.50 -87.28 -55.16
N GLU BC 142 9.24 -87.16 -54.75
CA GLU BC 142 8.67 -87.98 -53.70
C GLU BC 142 8.22 -89.35 -54.20
N VAL BC 143 8.67 -89.74 -55.40
CA VAL BC 143 8.35 -91.04 -55.99
C VAL BC 143 9.64 -91.83 -56.07
N GLU BC 144 9.65 -93.02 -55.50
CA GLU BC 144 10.85 -93.85 -55.49
C GLU BC 144 11.27 -94.20 -56.90
N GLY BC 145 12.56 -94.06 -57.19
CA GLY BC 145 13.07 -94.35 -58.51
C GLY BC 145 13.43 -93.09 -59.29
N GLN BC 146 12.62 -92.05 -59.12
CA GLN BC 146 12.88 -90.79 -59.82
C GLN BC 146 14.06 -90.07 -59.19
N VAL BC 147 14.53 -89.04 -59.90
CA VAL BC 147 15.66 -88.24 -59.40
C VAL BC 147 15.22 -87.49 -58.15
N PRO BC 148 15.95 -87.59 -57.03
CA PRO BC 148 15.51 -86.95 -55.79
C PRO BC 148 15.70 -85.45 -55.84
N CYS BC 149 15.06 -84.78 -54.89
CA CYS BC 149 15.18 -83.33 -54.78
C CYS BC 149 16.63 -82.96 -54.46
N PRO BC 150 17.18 -81.94 -55.12
CA PRO BC 150 18.58 -81.57 -54.84
C PRO BC 150 18.81 -81.09 -53.42
N GLY BC 151 17.77 -80.66 -52.70
CA GLY BC 151 17.95 -80.24 -51.33
C GLY BC 151 18.38 -81.38 -50.43
N LEU BC 152 17.77 -82.56 -50.60
CA LEU BC 152 18.12 -83.71 -49.77
C LEU BC 152 19.46 -84.30 -50.19
N VAL BC 153 19.53 -84.79 -51.42
CA VAL BC 153 20.73 -85.41 -51.97
C VAL BC 153 21.30 -84.47 -53.04
N PRO BC 154 22.51 -83.96 -52.86
CA PRO BC 154 23.09 -83.07 -53.89
C PRO BC 154 23.23 -83.80 -55.22
N LEU BC 155 22.98 -83.07 -56.30
CA LEU BC 155 23.04 -83.63 -57.64
C LEU BC 155 24.48 -83.76 -58.11
N PRO BC 156 24.74 -84.69 -59.03
CA PRO BC 156 26.10 -84.82 -59.57
C PRO BC 156 26.52 -83.58 -60.33
N LYS BC 157 27.84 -83.33 -60.34
CA LYS BC 157 28.36 -82.10 -60.95
C LYS BC 157 28.09 -82.04 -62.44
N GLU BC 158 28.06 -83.20 -63.12
CA GLU BC 158 27.83 -83.20 -64.55
C GLU BC 158 26.47 -82.64 -64.93
N MET BC 159 25.48 -82.73 -64.03
CA MET BC 159 24.14 -82.25 -64.32
C MET BC 159 23.90 -80.83 -63.84
N THR BC 160 24.74 -80.31 -62.94
CA THR BC 160 24.57 -78.95 -62.47
C THR BC 160 24.79 -77.95 -63.59
N GLY BC 161 23.91 -76.94 -63.66
CA GLY BC 161 24.01 -75.96 -64.72
C GLY BC 161 25.25 -75.10 -64.64
N LYS BC 162 25.82 -74.95 -63.44
CA LYS BC 162 27.06 -74.19 -63.30
C LYS BC 162 28.20 -74.87 -64.04
N TYR BC 163 28.28 -76.21 -63.96
CA TYR BC 163 29.30 -76.94 -64.70
C TYR BC 163 29.00 -76.96 -66.19
N LYS BC 164 27.73 -77.04 -66.58
CA LYS BC 164 27.37 -77.04 -67.99
C LYS BC 164 27.76 -75.73 -68.66
N ALA BC 165 27.54 -74.60 -67.98
CA ALA BC 165 27.87 -73.31 -68.55
C ALA BC 165 29.37 -73.09 -68.65
N ALA BC 166 30.14 -73.63 -67.69
CA ALA BC 166 31.58 -73.43 -67.69
C ALA BC 166 32.24 -74.06 -68.91
N LEU BC 167 31.82 -75.28 -69.25
CA LEU BC 167 32.42 -75.95 -70.40
C LEU BC 167 31.99 -75.32 -71.71
N LYS BC 168 30.76 -74.82 -71.80
CA LYS BC 168 30.32 -74.15 -73.02
C LYS BC 168 31.12 -72.88 -73.27
N ALA BC 169 31.38 -72.10 -72.22
CA ALA BC 169 32.18 -70.90 -72.36
C ALA BC 169 33.67 -71.19 -72.52
N THR BC 170 34.10 -72.41 -72.24
CA THR BC 170 35.50 -72.79 -72.38
C THR BC 170 35.71 -73.67 -73.60
N ARG CC 27 7.23 -56.38 -66.95
CA ARG CC 27 6.97 -56.04 -68.34
C ARG CC 27 6.43 -54.62 -68.46
N LYS CC 28 6.71 -53.97 -69.58
CA LYS CC 28 6.31 -52.57 -69.77
C LYS CC 28 4.80 -52.45 -69.87
N THR CC 29 4.33 -51.21 -69.83
CA THR CC 29 2.92 -50.89 -69.92
C THR CC 29 2.66 -50.11 -71.20
N ARG CC 30 1.39 -49.74 -71.40
CA ARG CC 30 0.99 -49.05 -72.62
C ARG CC 30 1.57 -47.64 -72.68
N HIS CC 31 1.55 -46.92 -71.55
CA HIS CC 31 1.85 -45.49 -71.54
C HIS CC 31 3.33 -45.18 -71.36
N ASP CC 32 4.17 -46.16 -71.03
CA ASP CC 32 5.56 -45.79 -70.82
C ASP CC 32 6.27 -45.58 -72.15
N PRO CC 33 7.23 -44.66 -72.20
CA PRO CC 33 7.97 -44.43 -73.45
C PRO CC 33 8.88 -45.60 -73.76
N PRO CC 34 9.18 -45.83 -75.02
CA PRO CC 34 10.11 -46.91 -75.39
C PRO CC 34 11.56 -46.50 -75.14
N ALA CC 35 12.45 -47.46 -75.36
CA ALA CC 35 13.87 -47.22 -75.17
C ALA CC 35 14.41 -46.33 -76.30
N LYS CC 36 15.63 -45.84 -76.10
CA LYS CC 36 16.28 -44.96 -77.07
C LYS CC 36 17.22 -45.70 -78.00
N SER CC 37 18.04 -46.62 -77.47
CA SER CC 37 19.00 -47.32 -78.30
C SER CC 37 18.31 -48.17 -79.36
N LYS CC 38 17.28 -48.92 -78.96
CA LYS CC 38 16.55 -49.79 -79.87
C LYS CC 38 15.32 -49.09 -80.41
N ALA CC 39 15.55 -47.95 -81.06
CA ALA CC 39 14.48 -47.16 -81.65
C ALA CC 39 14.60 -47.02 -83.16
N GLY CC 40 15.71 -47.46 -83.75
CA GLY CC 40 15.88 -47.36 -85.18
C GLY CC 40 15.54 -48.65 -85.91
N ARG CC 41 15.92 -49.78 -85.34
CA ARG CC 41 15.63 -51.07 -85.96
C ARG CC 41 14.15 -51.40 -85.85
N VAL CC 42 13.70 -52.28 -86.74
CA VAL CC 42 12.33 -52.80 -86.72
C VAL CC 42 12.31 -54.32 -86.64
N ALA CC 43 12.99 -54.98 -87.56
CA ALA CC 43 13.06 -56.44 -87.60
C ALA CC 43 14.16 -56.86 -88.57
N THR CC 44 14.60 -58.10 -88.43
CA THR CC 44 15.60 -58.69 -89.33
C THR CC 44 15.24 -60.15 -89.55
N PRO CC 45 14.43 -60.45 -90.57
CA PRO CC 45 14.02 -61.83 -90.80
C PRO CC 45 15.21 -62.68 -91.17
N PRO CC 46 15.22 -63.95 -90.77
CA PRO CC 46 16.34 -64.84 -91.08
C PRO CC 46 16.30 -65.28 -92.54
N ALA CC 47 17.34 -65.99 -92.94
CA ALA CC 47 17.42 -66.51 -94.30
C ALA CC 47 16.42 -67.66 -94.49
N VAL CC 48 16.02 -67.86 -95.74
CA VAL CC 48 15.01 -68.86 -96.09
C VAL CC 48 15.66 -69.89 -97.01
N ASP CC 49 15.61 -71.15 -96.61
CA ASP CC 49 16.05 -72.23 -97.47
C ASP CC 49 14.93 -72.58 -98.44
N PRO CC 50 15.15 -72.49 -99.76
CA PRO CC 50 14.04 -72.71 -100.70
C PRO CC 50 13.47 -74.12 -100.64
N THR CC 51 14.32 -75.14 -100.72
CA THR CC 51 13.84 -76.51 -100.69
C THR CC 51 13.20 -76.85 -99.34
N GLU CC 52 13.85 -76.43 -98.24
CA GLU CC 52 13.37 -76.80 -96.92
C GLU CC 52 12.06 -76.10 -96.57
N PHE CC 53 11.93 -74.83 -96.94
CA PHE CC 53 10.74 -74.06 -96.58
C PHE CC 53 9.49 -74.63 -97.23
N PHE CC 54 9.57 -74.99 -98.52
CA PHE CC 54 8.40 -75.51 -99.22
C PHE CC 54 7.93 -76.82 -98.61
N VAL CC 55 8.86 -77.71 -98.29
CA VAL CC 55 8.48 -78.98 -97.66
C VAL CC 55 7.85 -78.73 -96.30
N LEU CC 56 8.43 -77.82 -95.52
CA LEU CC 56 7.86 -77.49 -94.22
C LEU CC 56 6.47 -76.89 -94.35
N THR CC 57 6.27 -76.03 -95.36
CA THR CC 57 4.95 -75.45 -95.60
C THR CC 57 3.94 -76.54 -95.95
N GLU CC 58 4.35 -77.52 -96.77
CA GLU CC 58 3.45 -78.61 -97.12
C GLU CC 58 3.07 -79.44 -95.90
N ARG CC 59 4.03 -79.70 -95.02
CA ARG CC 59 3.73 -80.48 -93.83
C ARG CC 59 2.72 -79.77 -92.93
N TYR CC 60 2.89 -78.45 -92.76
CA TYR CC 60 1.98 -77.70 -91.91
C TYR CC 60 0.56 -77.72 -92.46
N ARG CC 61 0.41 -77.58 -93.78
CA ARG CC 61 -0.92 -77.55 -94.38
C ARG CC 61 -1.66 -78.86 -94.14
N GLN CC 62 -0.95 -79.99 -94.26
CA GLN CC 62 -1.59 -81.28 -94.00
C GLN CC 62 -1.75 -81.51 -92.49
N TYR CC 63 -0.80 -81.01 -91.69
CA TYR CC 63 -0.90 -81.18 -90.25
C TYR CC 63 -2.09 -80.43 -89.67
N ARG CC 64 -2.29 -79.18 -90.10
CA ARG CC 64 -3.42 -78.40 -89.60
C ARG CC 64 -4.74 -79.02 -90.00
N GLN CC 65 -4.84 -79.53 -91.23
CA GLN CC 65 -6.07 -80.15 -91.71
C GLN CC 65 -6.40 -81.39 -90.89
N THR CC 66 -5.40 -82.22 -90.59
CA THR CC 66 -5.65 -83.44 -89.83
C THR CC 66 -6.11 -83.12 -88.41
N VAL CC 67 -5.47 -82.14 -87.77
CA VAL CC 67 -5.84 -81.77 -86.41
C VAL CC 67 -7.24 -81.16 -86.39
N ARG CC 68 -7.59 -80.39 -87.41
CA ARG CC 68 -8.91 -79.77 -87.45
C ARG CC 68 -10.01 -80.81 -87.50
N ALA CC 69 -9.82 -81.87 -88.29
CA ALA CC 69 -10.81 -82.94 -88.33
C ALA CC 69 -10.92 -83.63 -86.98
N LEU CC 70 -9.80 -83.86 -86.31
CA LEU CC 70 -9.84 -84.41 -84.96
C LEU CC 70 -10.54 -83.46 -84.01
N ARG CC 71 -10.28 -82.17 -84.14
CA ARG CC 71 -10.92 -81.18 -83.28
C ARG CC 71 -12.43 -81.17 -83.47
N LEU CC 72 -12.89 -81.26 -84.72
CA LEU CC 72 -14.33 -81.34 -84.97
C LEU CC 72 -14.90 -82.67 -84.51
N GLU CC 73 -14.12 -83.75 -84.63
CA GLU CC 73 -14.58 -85.05 -84.13
C GLU CC 73 -14.79 -85.01 -82.62
N PHE CC 74 -13.87 -84.37 -81.90
CA PHE CC 74 -14.03 -84.22 -80.45
C PHE CC 74 -15.20 -83.29 -80.13
N MET CC 75 -15.43 -82.27 -80.96
CA MET CC 75 -16.56 -81.38 -80.74
C MET CC 75 -17.88 -82.12 -80.81
N SER CC 76 -18.03 -83.02 -81.79
CA SER CC 76 -19.26 -83.80 -81.89
C SER CC 76 -19.41 -84.76 -80.72
N GLU CC 77 -18.30 -85.27 -80.19
CA GLU CC 77 -18.36 -86.15 -79.02
C GLU CC 77 -18.92 -85.42 -77.81
N VAL CC 78 -18.51 -84.17 -77.61
CA VAL CC 78 -19.01 -83.39 -76.49
C VAL CC 78 -20.51 -83.16 -76.62
N ARG CC 79 -20.97 -82.87 -77.84
CA ARG CC 79 -22.40 -82.70 -78.06
C ARG CC 79 -23.17 -83.96 -77.75
N LYS CC 80 -22.64 -85.12 -78.15
CA LYS CC 80 -23.29 -86.39 -77.84
C LYS CC 80 -23.36 -86.63 -76.34
N LYS CC 81 -22.24 -86.39 -75.63
CA LYS CC 81 -22.22 -86.62 -74.19
C LYS CC 81 -23.17 -85.67 -73.47
N LEU CC 82 -23.18 -84.40 -73.86
CA LEU CC 82 -24.03 -83.42 -73.20
C LEU CC 82 -25.50 -83.71 -73.46
N HIS CC 83 -25.84 -84.11 -74.70
CA HIS CC 83 -27.23 -84.39 -75.03
C HIS CC 83 -27.75 -85.59 -74.25
N GLU CC 84 -26.94 -86.63 -74.09
CA GLU CC 84 -27.36 -87.79 -73.34
C GLU CC 84 -27.56 -87.47 -71.86
N ALA CC 85 -26.76 -86.55 -71.32
CA ALA CC 85 -26.93 -86.17 -69.92
C ALA CC 85 -28.18 -85.35 -69.69
N ARG CC 86 -28.66 -84.64 -70.71
CA ARG CC 86 -29.83 -83.78 -70.56
C ARG CC 86 -31.13 -84.53 -70.81
N ALA CC 87 -31.29 -85.11 -72.00
CA ALA CC 87 -32.52 -85.76 -72.40
C ALA CC 87 -32.26 -87.19 -72.87
N GLY CC 88 -31.31 -87.87 -72.21
CA GLY CC 88 -31.05 -89.25 -72.55
C GLY CC 88 -32.15 -90.18 -72.07
N VAL CC 89 -32.13 -91.39 -72.60
CA VAL CC 89 -33.16 -92.38 -72.25
C VAL CC 89 -33.12 -92.68 -70.77
N GLN CC 90 -31.93 -92.85 -70.21
CA GLN CC 90 -31.80 -93.10 -68.77
C GLN CC 90 -32.31 -91.92 -67.95
N ALA CC 91 -32.17 -90.69 -68.47
CA ALA CC 91 -32.67 -89.53 -67.75
C ALA CC 91 -34.18 -89.58 -67.57
N GLU CC 92 -34.91 -89.97 -68.62
CA GLU CC 92 -36.36 -90.12 -68.49
C GLU CC 92 -36.71 -91.23 -67.52
N ARG CC 93 -35.95 -92.32 -67.52
CA ARG CC 93 -36.19 -93.41 -66.58
C ARG CC 93 -36.02 -92.93 -65.14
N LYS CC 94 -34.95 -92.17 -64.88
CA LYS CC 94 -34.74 -91.63 -63.54
C LYS CC 94 -35.85 -90.66 -63.15
N ALA CC 95 -36.23 -89.78 -64.08
CA ALA CC 95 -37.26 -88.79 -63.78
C ALA CC 95 -38.60 -89.45 -63.47
N GLN CC 96 -38.97 -90.48 -64.23
CA GLN CC 96 -40.24 -91.17 -63.98
C GLN CC 96 -40.19 -91.97 -62.69
N GLU CC 97 -39.03 -92.54 -62.36
CA GLU CC 97 -38.95 -93.38 -61.17
C GLU CC 97 -39.17 -92.55 -59.90
N ASP CC 98 -38.49 -91.41 -59.79
CA ASP CC 98 -38.68 -90.58 -58.60
C ASP CC 98 -40.09 -90.02 -58.53
N ALA CC 99 -40.66 -89.63 -59.67
CA ALA CC 99 -42.03 -89.14 -59.69
C ALA CC 99 -43.01 -90.24 -59.28
N ALA CC 100 -42.81 -91.46 -59.78
CA ALA CC 100 -43.68 -92.57 -59.42
C ALA CC 100 -43.54 -92.91 -57.94
N GLU CC 101 -42.32 -92.89 -57.41
CA GLU CC 101 -42.11 -93.17 -56.00
C GLU CC 101 -42.75 -92.09 -55.13
N HIS CC 102 -42.66 -90.83 -55.55
CA HIS CC 102 -43.22 -89.74 -54.75
C HIS CC 102 -44.73 -89.86 -54.62
N ARG CC 103 -45.41 -90.24 -55.70
CA ARG CC 103 -46.87 -90.33 -55.67
C ARG CC 103 -47.35 -91.42 -54.71
N GLU CC 104 -46.75 -92.61 -54.80
CA GLU CC 104 -47.19 -93.72 -53.95
C GLU CC 104 -46.88 -93.44 -52.49
N LEU CC 105 -45.72 -92.83 -52.20
CA LEU CC 105 -45.42 -92.44 -50.83
C LEU CC 105 -46.40 -91.40 -50.32
N MET CC 106 -46.78 -90.45 -51.18
CA MET CC 106 -47.83 -89.50 -50.83
C MET CC 106 -49.15 -90.20 -50.61
N ALA CC 107 -49.48 -91.18 -51.47
CA ALA CC 107 -50.71 -91.94 -51.31
C ALA CC 107 -50.71 -92.72 -50.00
N TRP CC 108 -49.58 -93.34 -49.66
CA TRP CC 108 -49.48 -94.07 -48.40
C TRP CC 108 -49.64 -93.13 -47.20
N ASN CC 109 -49.03 -91.95 -47.27
CA ASN CC 109 -49.14 -91.00 -46.17
C ASN CC 109 -50.58 -90.54 -45.98
N GLN CC 110 -51.30 -90.32 -47.08
CA GLN CC 110 -52.69 -89.91 -46.99
C GLN CC 110 -53.54 -91.00 -46.33
N ALA CC 111 -53.31 -92.25 -46.70
CA ALA CC 111 -54.03 -93.35 -46.05
C ALA CC 111 -53.60 -93.50 -44.60
N GLU CC 112 -52.34 -93.22 -44.29
CA GLU CC 112 -51.86 -93.31 -42.92
C GLU CC 112 -52.57 -92.31 -42.03
N ASN CC 113 -52.76 -91.08 -42.52
CA ASN CC 113 -53.48 -90.07 -41.73
C ASN CC 113 -54.93 -90.49 -41.51
N GLN CC 114 -55.57 -91.04 -42.55
CA GLN CC 114 -56.95 -91.51 -42.39
C GLN CC 114 -57.04 -92.64 -41.39
N ARG CC 115 -56.06 -93.55 -41.38
CA ARG CC 115 -56.05 -94.63 -40.41
C ARG CC 115 -55.96 -94.09 -38.99
N LEU CC 116 -55.09 -93.11 -38.76
CA LEU CC 116 -54.99 -92.51 -37.43
C LEU CC 116 -56.24 -91.69 -37.10
N HIS CC 117 -56.86 -91.06 -38.11
CA HIS CC 117 -58.05 -90.27 -37.86
C HIS CC 117 -59.19 -91.13 -37.34
N GLU CC 118 -59.34 -92.34 -37.89
CA GLU CC 118 -60.37 -93.25 -37.40
C GLU CC 118 -60.12 -93.62 -35.94
N LEU CC 119 -58.86 -93.86 -35.58
CA LEU CC 119 -58.53 -94.14 -34.19
C LEU CC 119 -58.83 -92.95 -33.30
N ARG CC 120 -58.53 -91.74 -33.78
CA ARG CC 120 -58.80 -90.54 -32.99
C ARG CC 120 -60.29 -90.35 -32.76
N LEU CC 121 -61.10 -90.57 -33.80
CA LEU CC 121 -62.54 -90.43 -33.64
C LEU CC 121 -63.09 -91.47 -32.65
N ALA CC 122 -62.58 -92.70 -32.71
CA ALA CC 122 -63.00 -93.71 -31.75
C ALA CC 122 -62.58 -93.34 -30.34
N ARG CC 123 -61.35 -92.85 -30.17
CA ARG CC 123 -60.87 -92.51 -28.83
C ARG CC 123 -61.61 -91.32 -28.25
N LEU CC 124 -61.94 -90.33 -29.09
CA LEU CC 124 -62.66 -89.16 -28.61
C LEU CC 124 -64.05 -89.52 -28.11
N ARG CC 125 -64.70 -90.53 -28.71
CA ARG CC 125 -65.99 -90.96 -28.21
C ARG CC 125 -65.89 -91.50 -26.78
N GLN CC 126 -64.82 -92.26 -26.51
CA GLN CC 126 -64.61 -92.76 -25.15
C GLN CC 126 -64.41 -91.60 -24.17
N GLU CC 127 -63.61 -90.60 -24.56
CA GLU CC 127 -63.40 -89.44 -23.71
C GLU CC 127 -64.69 -88.65 -23.52
N ALA CC 128 -65.46 -88.48 -24.60
CA ALA CC 128 -66.72 -87.74 -24.50
C ALA CC 128 -67.72 -88.45 -23.60
N LEU CC 129 -67.79 -89.78 -23.70
CA LEU CC 129 -68.69 -90.55 -22.84
C LEU CC 129 -68.29 -90.41 -21.37
N GLU CC 130 -66.98 -90.45 -21.09
CA GLU CC 130 -66.51 -90.24 -19.72
C GLU CC 130 -66.80 -88.82 -19.26
N GLN CC 131 -66.66 -87.84 -20.16
CA GLN CC 131 -66.92 -86.45 -19.79
C GLN CC 131 -68.36 -86.24 -19.36
N GLU CC 132 -69.30 -86.88 -20.07
CA GLU CC 132 -70.70 -86.81 -19.66
C GLU CC 132 -70.91 -87.45 -18.30
N ARG CC 133 -70.22 -88.56 -18.04
CA ARG CC 133 -70.29 -89.20 -16.72
C ARG CC 133 -69.74 -88.27 -15.64
N ARG CC 134 -68.61 -87.61 -15.93
CA ARG CC 134 -68.05 -86.66 -14.97
C ARG CC 134 -68.99 -85.48 -14.77
N GLN CC 135 -69.63 -85.01 -15.85
CA GLN CC 135 -70.55 -83.89 -15.74
C GLN CC 135 -71.74 -84.24 -14.86
N ALA CC 136 -72.26 -85.45 -14.98
CA ALA CC 136 -73.39 -85.87 -14.14
C ALA CC 136 -73.00 -85.89 -12.67
N GLU CC 137 -71.81 -86.39 -12.35
CA GLU CC 137 -71.36 -86.41 -10.96
C GLU CC 137 -71.17 -85.01 -10.41
N GLU CC 138 -70.63 -84.11 -11.22
CA GLU CC 138 -70.48 -82.71 -10.79
C GLU CC 138 -71.83 -82.06 -10.56
N ALA CC 139 -72.81 -82.37 -11.42
CA ALA CC 139 -74.14 -81.78 -11.26
C ALA CC 139 -74.79 -82.21 -9.95
N VAL CC 140 -74.64 -83.47 -9.57
CA VAL CC 140 -75.22 -83.94 -8.31
C VAL CC 140 -74.56 -83.24 -7.13
N LEU CC 141 -73.23 -83.10 -7.16
CA LEU CC 141 -72.54 -82.42 -6.07
C LEU CC 141 -72.96 -80.96 -5.96
N GLN CC 142 -73.07 -80.28 -7.09
CA GLN CC 142 -73.49 -78.87 -7.08
C GLN CC 142 -74.93 -78.74 -6.61
N ALA CC 143 -75.82 -79.65 -7.05
CA ALA CC 143 -77.21 -79.58 -6.63
C ALA CC 143 -77.35 -79.81 -5.14
N ARG CC 144 -76.55 -80.73 -4.58
CA ARG CC 144 -76.59 -80.99 -3.14
C ARG CC 144 -76.17 -79.75 -2.35
N GLU CC 145 -75.11 -79.07 -2.81
CA GLU CC 145 -74.66 -77.86 -2.14
C GLU CC 145 -75.65 -76.71 -2.33
N ALA CC 146 -76.28 -76.63 -3.51
CA ALA CC 146 -77.25 -75.58 -3.75
C ALA CC 146 -78.45 -75.68 -2.81
N GLN CC 147 -78.94 -76.90 -2.59
CA GLN CC 147 -80.05 -77.09 -1.67
C GLN CC 147 -79.66 -76.72 -0.24
N ALA CC 148 -78.46 -77.14 0.19
CA ALA CC 148 -78.02 -76.84 1.55
C ALA CC 148 -77.83 -75.35 1.77
N TRP CC 149 -77.26 -74.65 0.78
CA TRP CC 149 -77.01 -73.23 0.93
C TRP CC 149 -78.30 -72.41 0.99
N ALA CC 150 -79.31 -72.82 0.21
CA ALA CC 150 -80.56 -72.07 0.18
C ALA CC 150 -81.33 -72.17 1.49
N GLN CC 151 -81.19 -73.30 2.20
CA GLN CC 151 -81.92 -73.46 3.46
C GLN CC 151 -81.47 -72.46 4.50
N LEU CC 152 -80.15 -72.24 4.60
CA LEU CC 152 -79.63 -71.30 5.59
C LEU CC 152 -80.07 -69.87 5.31
N LYS CC 153 -80.08 -69.46 4.04
CA LYS CC 153 -80.53 -68.12 3.70
C LYS CC 153 -82.01 -67.93 4.05
N GLU CC 154 -82.83 -68.96 3.79
CA GLU CC 154 -84.21 -68.92 4.24
C GLU CC 154 -84.30 -68.91 5.76
N GLN CC 155 -83.42 -69.65 6.43
CA GLN CC 155 -83.38 -69.61 7.89
C GLN CC 155 -82.97 -68.25 8.40
N GLU CC 156 -81.98 -67.62 7.76
CA GLU CC 156 -81.50 -66.32 8.21
C GLU CC 156 -82.57 -65.25 8.06
N VAL CC 157 -83.32 -65.27 6.96
CA VAL CC 157 -84.37 -64.26 6.77
C VAL CC 157 -85.57 -64.55 7.67
N LEU CC 158 -85.79 -65.81 8.03
CA LEU CC 158 -86.92 -66.14 8.89
C LEU CC 158 -86.75 -65.54 10.29
N GLN CC 159 -85.54 -65.62 10.86
CA GLN CC 159 -85.31 -65.05 12.18
C GLN CC 159 -85.37 -63.53 12.16
N LEU CC 160 -84.95 -62.91 11.05
CA LEU CC 160 -85.11 -61.47 10.95
C LEU CC 160 -86.58 -61.08 10.84
N GLN CC 161 -87.41 -61.96 10.28
CA GLN CC 161 -88.84 -61.70 10.24
C GLN CC 161 -89.42 -61.58 11.64
N GLU CC 162 -89.00 -62.48 12.55
CA GLU CC 162 -89.47 -62.39 13.93
C GLU CC 162 -88.81 -61.24 14.68
N GLU CC 163 -87.51 -61.02 14.44
CA GLU CC 163 -86.80 -59.95 15.14
C GLU CC 163 -87.29 -58.57 14.74
N ALA CC 164 -87.93 -58.44 13.58
CA ALA CC 164 -88.43 -57.14 13.15
C ALA CC 164 -89.59 -56.65 14.01
N LYS CC 165 -90.25 -57.54 14.75
CA LYS CC 165 -91.37 -57.14 15.59
C LYS CC 165 -90.93 -56.32 16.80
N THR CC 166 -89.76 -56.63 17.36
CA THR CC 166 -89.28 -55.98 18.57
C THR CC 166 -88.40 -54.77 18.29
N PHE CC 167 -88.21 -54.40 17.03
CA PHE CC 167 -87.41 -53.23 16.71
C PHE CC 167 -88.12 -51.96 17.17
N ILE CC 168 -87.31 -50.97 17.57
CA ILE CC 168 -87.84 -49.72 18.11
C ILE CC 168 -88.22 -48.81 16.94
N THR CC 169 -89.49 -48.43 16.89
CA THR CC 169 -90.00 -47.47 15.92
C THR CC 169 -90.39 -46.18 16.62
N ARG CC 170 -90.69 -45.15 15.82
CA ARG CC 170 -91.09 -43.87 16.39
C ARG CC 170 -92.42 -43.97 17.11
N GLU CC 171 -93.26 -44.96 16.78
CA GLU CC 171 -94.54 -45.12 17.46
C GLU CC 171 -94.35 -45.48 18.94
N ASN CC 172 -93.40 -46.37 19.22
CA ASN CC 172 -93.13 -46.83 20.57
C ASN CC 172 -91.78 -46.34 21.08
N LEU CC 173 -91.38 -45.14 20.66
CA LEU CC 173 -90.11 -44.58 21.11
C LEU CC 173 -90.12 -44.30 22.61
N GLU CC 174 -91.24 -43.75 23.12
CA GLU CC 174 -91.31 -43.42 24.53
C GLU CC 174 -91.37 -44.68 25.39
N ALA CC 175 -92.16 -45.67 24.98
CA ALA CC 175 -92.34 -46.87 25.79
C ALA CC 175 -91.02 -47.61 25.96
N ARG CC 176 -90.25 -47.77 24.88
CA ARG CC 176 -88.98 -48.49 24.97
C ARG CC 176 -87.99 -47.74 25.85
N VAL CC 177 -87.95 -46.41 25.75
CA VAL CC 177 -87.05 -45.63 26.61
C VAL CC 177 -87.43 -45.78 28.06
N GLU CC 178 -88.72 -45.69 28.37
CA GLU CC 178 -89.17 -45.83 29.75
C GLU CC 178 -88.91 -47.24 30.28
N GLU CC 179 -89.15 -48.26 29.45
CA GLU CC 179 -88.90 -49.63 29.88
C GLU CC 179 -87.42 -49.86 30.15
N ALA CC 180 -86.55 -49.32 29.29
CA ALA CC 180 -85.11 -49.53 29.46
C ALA CC 180 -84.61 -48.92 30.76
N LEU CC 181 -85.10 -47.73 31.11
CA LEU CC 181 -84.65 -47.04 32.31
C LEU CC 181 -85.06 -47.73 33.59
N ASP CC 182 -85.96 -48.72 33.54
CA ASP CC 182 -86.41 -49.42 34.73
C ASP CC 182 -85.91 -50.86 34.81
N SER CC 183 -85.17 -51.34 33.81
CA SER CC 183 -84.67 -52.71 33.78
C SER CC 183 -83.17 -52.70 33.50
N PRO CC 184 -82.35 -52.33 34.48
CA PRO CC 184 -80.90 -52.39 34.27
C PRO CC 184 -80.41 -53.83 34.15
N LYS CC 185 -79.32 -54.00 33.40
CA LYS CC 185 -78.71 -55.30 33.23
C LYS CC 185 -77.21 -55.12 33.01
N SER CC 186 -76.45 -56.17 33.32
CA SER CC 186 -74.99 -56.13 33.22
C SER CC 186 -74.50 -57.42 32.57
N TYR CC 187 -73.39 -57.31 31.85
CA TYR CC 187 -72.74 -58.46 31.23
C TYR CC 187 -71.64 -59.06 32.08
N ASN CC 188 -71.43 -58.55 33.29
CA ASN CC 188 -70.31 -58.98 34.10
C ASN CC 188 -70.47 -60.44 34.53
N TRP CC 189 -69.44 -61.24 34.31
CA TRP CC 189 -69.38 -62.60 34.83
C TRP CC 189 -67.92 -63.01 34.95
N ALA CC 190 -67.60 -63.72 36.03
CA ALA CC 190 -66.24 -64.14 36.32
C ALA CC 190 -66.00 -65.56 35.82
N ILE CC 191 -64.73 -65.96 35.84
CA ILE CC 191 -64.31 -67.27 35.38
C ILE CC 191 -63.39 -67.88 36.43
N THR CC 192 -63.51 -69.19 36.62
CA THR CC 192 -62.70 -69.91 37.60
C THR CC 192 -61.54 -70.63 36.91
N ARG CC 193 -60.69 -71.27 37.71
CA ARG CC 193 -59.55 -71.98 37.17
C ARG CC 193 -59.97 -73.15 36.29
N GLU CC 194 -61.00 -73.89 36.71
CA GLU CC 194 -61.44 -75.06 35.97
C GLU CC 194 -62.23 -74.72 34.71
N GLY CC 195 -62.57 -73.45 34.50
CA GLY CC 195 -63.32 -73.04 33.34
C GLY CC 195 -64.82 -72.89 33.53
N LEU CC 196 -65.29 -72.89 34.78
CA LEU CC 196 -66.71 -72.73 35.05
C LEU CC 196 -67.08 -71.26 35.17
N VAL CC 197 -68.24 -70.92 34.64
CA VAL CC 197 -68.71 -69.54 34.61
C VAL CC 197 -69.43 -69.23 35.91
N VAL CC 198 -69.05 -68.13 36.55
CA VAL CC 198 -69.65 -67.68 37.80
C VAL CC 198 -70.44 -66.41 37.50
N ARG CC 199 -71.74 -66.42 37.82
CA ARG CC 199 -72.61 -65.30 37.55
C ARG CC 199 -72.77 -64.46 38.81
N PRO CC 200 -72.35 -63.19 38.81
CA PRO CC 200 -72.54 -62.34 40.00
C PRO CC 200 -74.00 -62.01 40.29
N GLN CC 201 -74.94 -62.39 39.43
CA GLN CC 201 -76.35 -62.10 39.67
C GLN CC 201 -76.89 -62.83 40.89
N GLN CC 202 -76.17 -63.84 41.40
CA GLN CC 202 -76.60 -64.57 42.58
C GLN CC 202 -76.58 -63.73 43.85
N LYS CC 203 -75.93 -62.57 43.82
CA LYS CC 203 -75.88 -61.69 44.98
C LYS CC 203 -77.25 -61.10 45.28
N CYS DC 8 -7.45 -35.77 -143.10
CA CYS DC 8 -8.39 -36.26 -142.10
C CYS DC 8 -9.24 -35.13 -141.53
N LEU DC 9 -10.51 -35.11 -141.90
CA LEU DC 9 -11.43 -34.08 -141.45
C LEU DC 9 -12.73 -34.72 -140.98
N LEU DC 10 -13.41 -34.03 -140.07
CA LEU DC 10 -14.70 -34.44 -139.56
C LEU DC 10 -15.75 -33.49 -140.11
N SER DC 11 -16.85 -34.06 -140.62
CA SER DC 11 -17.94 -33.23 -141.13
C SER DC 11 -18.54 -32.39 -140.02
N ALA DC 12 -18.88 -31.15 -140.35
CA ALA DC 12 -19.48 -30.23 -139.39
C ALA DC 12 -20.95 -30.52 -139.12
N ALA DC 13 -21.45 -31.67 -139.58
CA ALA DC 13 -22.85 -32.01 -139.34
C ALA DC 13 -23.14 -32.25 -137.87
N TYR DC 14 -22.16 -32.75 -137.12
CA TYR DC 14 -22.33 -33.00 -135.69
C TYR DC 14 -22.06 -31.75 -134.85
N VAL DC 15 -22.71 -30.65 -135.23
CA VAL DC 15 -22.62 -29.38 -134.50
C VAL DC 15 -24.04 -28.87 -134.35
N ASP DC 16 -24.69 -29.23 -133.24
CA ASP DC 16 -26.08 -28.87 -132.98
C ASP DC 16 -26.11 -27.95 -131.76
N SER DC 17 -25.85 -26.66 -132.00
CA SER DC 17 -25.88 -25.68 -130.92
C SER DC 17 -27.28 -25.34 -130.48
N HIS DC 18 -28.30 -25.68 -131.27
CA HIS DC 18 -29.68 -25.43 -130.87
C HIS DC 18 -30.03 -26.22 -129.61
N LYS DC 19 -29.58 -27.47 -129.52
CA LYS DC 19 -29.80 -28.25 -128.31
C LYS DC 19 -29.07 -27.63 -127.12
N TRP DC 20 -27.86 -27.11 -127.35
CA TRP DC 20 -27.12 -26.45 -126.27
C TRP DC 20 -27.86 -25.21 -125.77
N GLU DC 21 -28.65 -24.57 -126.63
CA GLU DC 21 -29.46 -23.44 -126.18
C GLU DC 21 -30.49 -23.89 -125.16
N ALA DC 22 -31.09 -25.06 -125.35
CA ALA DC 22 -32.10 -25.57 -124.43
C ALA DC 22 -31.52 -26.08 -123.12
N ARG DC 23 -30.22 -26.39 -123.08
CA ARG DC 23 -29.62 -26.88 -121.85
C ARG DC 23 -29.63 -25.82 -120.76
N ASP DC 24 -29.34 -24.58 -121.12
CA ASP DC 24 -29.33 -23.48 -120.15
C ASP DC 24 -30.76 -23.07 -119.85
N LYS DC 25 -31.23 -23.39 -118.64
CA LYS DC 25 -32.59 -23.10 -118.24
C LYS DC 25 -32.70 -22.44 -116.87
N GLU DC 26 -31.65 -22.51 -116.04
CA GLU DC 26 -31.73 -21.97 -114.69
C GLU DC 26 -31.72 -20.45 -114.69
N ASP DC 27 -30.68 -19.86 -115.30
CA ASP DC 27 -30.56 -18.41 -115.43
C ASP DC 27 -30.58 -17.73 -114.06
N CYS DC 28 -29.58 -18.05 -113.25
CA CYS DC 28 -29.43 -17.48 -111.92
C CYS DC 28 -28.09 -16.76 -111.81
N HIS DC 29 -28.07 -15.70 -111.00
CA HIS DC 29 -26.85 -14.91 -110.84
C HIS DC 29 -25.78 -15.74 -110.11
N LEU DC 30 -24.54 -15.59 -110.57
CA LEU DC 30 -23.44 -16.40 -110.04
C LEU DC 30 -23.00 -15.96 -108.65
N ALA DC 31 -23.30 -14.73 -108.26
CA ALA DC 31 -22.92 -14.27 -106.91
C ALA DC 31 -23.62 -15.08 -105.84
N ASP DC 32 -24.92 -15.36 -106.03
CA ASP DC 32 -25.65 -16.16 -105.04
C ASP DC 32 -25.10 -17.58 -104.98
N LEU DC 33 -24.86 -18.19 -106.14
CA LEU DC 33 -24.35 -19.57 -106.15
C LEU DC 33 -22.96 -19.65 -105.55
N ALA DC 34 -22.07 -18.72 -105.92
CA ALA DC 34 -20.71 -18.75 -105.38
C ALA DC 34 -20.70 -18.52 -103.88
N SER DC 35 -21.51 -17.57 -103.39
CA SER DC 35 -21.56 -17.31 -101.96
C SER DC 35 -22.14 -18.50 -101.20
N LEU DC 36 -23.16 -19.15 -101.76
CA LEU DC 36 -23.80 -20.26 -101.07
C LEU DC 36 -22.84 -21.43 -100.88
N MET DC 37 -22.08 -21.76 -101.90
CA MET DC 37 -21.18 -22.91 -101.80
C MET DC 37 -19.95 -22.60 -100.96
N ASP DC 38 -19.46 -21.36 -101.00
CA ASP DC 38 -18.30 -21.00 -100.19
C ASP DC 38 -18.64 -21.06 -98.70
N LYS DC 39 -19.83 -20.57 -98.32
CA LYS DC 39 -20.26 -20.68 -96.94
C LYS DC 39 -20.46 -22.14 -96.54
N THR DC 40 -21.05 -22.94 -97.43
CA THR DC 40 -21.28 -24.34 -97.14
C THR DC 40 -19.97 -25.10 -96.97
N TYR DC 41 -18.99 -24.82 -97.83
CA TYR DC 41 -17.69 -25.48 -97.71
C TYR DC 41 -16.97 -25.07 -96.43
N GLU DC 42 -17.17 -23.84 -95.96
CA GLU DC 42 -16.58 -23.41 -94.70
C GLU DC 42 -17.11 -24.24 -93.54
N ARG DC 43 -18.41 -24.54 -93.54
CA ARG DC 43 -18.99 -25.44 -92.56
C ARG DC 43 -18.59 -26.89 -92.79
N LYS DC 44 -17.96 -27.20 -93.92
CA LYS DC 44 -17.62 -28.57 -94.31
C LYS DC 44 -18.90 -29.41 -94.41
N LEU DC 45 -19.78 -28.99 -95.31
CA LEU DC 45 -21.08 -29.61 -95.51
C LEU DC 45 -21.23 -30.00 -96.96
N PRO DC 46 -21.77 -31.19 -97.24
CA PRO DC 46 -21.86 -31.65 -98.63
C PRO DC 46 -22.81 -30.80 -99.46
N VAL DC 47 -22.54 -30.76 -100.77
CA VAL DC 47 -23.33 -30.00 -101.72
C VAL DC 47 -23.75 -30.92 -102.85
N SER DC 48 -24.78 -30.49 -103.58
CA SER DC 48 -25.31 -31.24 -104.70
C SER DC 48 -24.59 -30.87 -105.99
N SER DC 49 -24.70 -31.75 -106.99
CA SER DC 49 -24.18 -31.46 -108.31
C SER DC 49 -25.04 -30.46 -109.06
N LEU DC 50 -26.28 -30.23 -108.61
CA LEU DC 50 -27.13 -29.24 -109.23
C LEU DC 50 -26.57 -27.82 -109.06
N THR DC 51 -26.07 -27.52 -107.86
CA THR DC 51 -25.59 -26.17 -107.58
C THR DC 51 -24.41 -25.80 -108.47
N ILE DC 52 -23.43 -26.70 -108.60
CA ILE DC 52 -22.26 -26.41 -109.42
C ILE DC 52 -22.65 -26.37 -110.89
N SER DC 53 -23.60 -27.23 -111.31
CA SER DC 53 -24.05 -27.21 -112.69
C SER DC 53 -24.71 -25.88 -113.05
N ARG DC 54 -25.50 -25.33 -112.13
CA ARG DC 54 -26.09 -24.02 -112.36
C ARG DC 54 -25.01 -22.95 -112.52
N PHE DC 55 -23.95 -23.04 -111.72
CA PHE DC 55 -22.83 -22.12 -111.87
C PHE DC 55 -22.18 -22.28 -113.24
N VAL DC 56 -22.04 -23.51 -113.71
CA VAL DC 56 -21.48 -23.75 -115.04
C VAL DC 56 -22.41 -23.23 -116.12
N ASP DC 57 -23.71 -23.48 -115.98
CA ASP DC 57 -24.67 -23.09 -117.01
C ASP DC 57 -24.82 -21.57 -117.13
N ASN DC 58 -24.37 -20.80 -116.14
CA ASN DC 58 -24.46 -19.35 -116.16
C ASN DC 58 -23.12 -18.68 -116.45
N ILE DC 59 -22.24 -19.36 -117.18
CA ILE DC 59 -20.95 -18.78 -117.55
C ILE DC 59 -21.14 -17.87 -118.76
N ALA DC 60 -20.65 -16.64 -118.65
CA ALA DC 60 -20.77 -15.67 -119.74
C ALA DC 60 -19.47 -14.96 -120.07
N SER DC 61 -18.34 -15.31 -119.45
CA SER DC 61 -17.07 -14.67 -119.74
C SER DC 61 -15.94 -15.65 -119.44
N ARG DC 62 -14.77 -15.34 -120.00
CA ARG DC 62 -13.61 -16.18 -119.76
C ARG DC 62 -13.16 -16.11 -118.31
N GLU DC 63 -13.31 -14.95 -117.68
CA GLU DC 63 -13.03 -14.84 -116.25
C GLU DC 63 -13.96 -15.73 -115.44
N ASP DC 64 -15.21 -15.87 -115.89
CA ASP DC 64 -16.16 -16.73 -115.18
C ASP DC 64 -15.74 -18.19 -115.24
N ILE DC 65 -15.11 -18.61 -116.34
CA ILE DC 65 -14.63 -19.99 -116.44
C ILE DC 65 -13.57 -20.27 -115.38
N ASP DC 66 -12.67 -19.31 -115.15
CA ASP DC 66 -11.66 -19.48 -114.11
C ASP DC 66 -12.29 -19.67 -112.75
N HIS DC 67 -13.43 -19.01 -112.50
CA HIS DC 67 -14.18 -19.28 -111.28
C HIS DC 67 -14.72 -20.71 -111.26
N ALA DC 68 -15.18 -21.20 -112.41
CA ALA DC 68 -15.75 -22.54 -112.47
C ALA DC 68 -14.69 -23.61 -112.22
N GLU DC 69 -13.54 -23.50 -112.88
CA GLU DC 69 -12.50 -24.51 -112.71
C GLU DC 69 -11.95 -24.53 -111.30
N TYR DC 70 -11.93 -23.37 -110.63
CA TYR DC 70 -11.59 -23.35 -109.21
C TYR DC 70 -12.63 -24.10 -108.39
N TYR DC 71 -13.92 -23.90 -108.71
CA TYR DC 71 -14.97 -24.64 -108.03
C TYR DC 71 -15.00 -26.10 -108.47
N LEU DC 72 -14.63 -26.39 -109.72
CA LEU DC 72 -14.48 -27.77 -110.15
C LEU DC 72 -13.38 -28.47 -109.36
N TYR DC 73 -12.28 -27.77 -109.11
CA TYR DC 73 -11.22 -28.32 -108.29
C TYR DC 73 -11.70 -28.57 -106.86
N LYS DC 74 -12.47 -27.62 -106.31
CA LYS DC 74 -12.95 -27.76 -104.95
C LYS DC 74 -14.10 -28.78 -104.84
N PHE DC 75 -14.90 -28.92 -105.90
CA PHE DC 75 -15.96 -29.92 -105.87
C PHE DC 75 -15.39 -31.33 -105.98
N ARG DC 76 -14.23 -31.48 -106.64
CA ARG DC 76 -13.54 -32.77 -106.61
C ARG DC 76 -13.11 -33.13 -105.20
N HIS DC 77 -12.87 -32.12 -104.36
CA HIS DC 77 -12.56 -32.32 -102.95
C HIS DC 77 -13.81 -32.19 -102.06
N SER DC 78 -14.99 -32.11 -102.66
CA SER DC 78 -16.23 -32.11 -101.90
C SER DC 78 -16.64 -33.55 -101.55
N PRO DC 79 -17.45 -33.72 -100.51
CA PRO DC 79 -17.90 -35.08 -100.16
C PRO DC 79 -18.72 -35.77 -101.24
N ASN DC 80 -19.29 -35.01 -102.18
CA ASN DC 80 -20.10 -35.57 -103.26
C ASN DC 80 -19.39 -35.48 -104.60
N CYS DC 81 -18.08 -35.73 -104.60
CA CYS DC 81 -17.31 -35.65 -105.83
C CYS DC 81 -17.75 -36.71 -106.83
N TRP DC 82 -18.09 -37.91 -106.35
CA TRP DC 82 -18.51 -38.99 -107.23
C TRP DC 82 -19.84 -38.71 -107.92
N TYR DC 83 -20.63 -37.78 -107.38
CA TYR DC 83 -21.96 -37.48 -107.93
C TYR DC 83 -21.92 -36.49 -109.09
N LEU DC 84 -20.78 -36.32 -109.75
CA LEU DC 84 -20.71 -35.45 -110.91
C LEU DC 84 -21.57 -36.00 -112.04
N ARG DC 85 -22.57 -35.24 -112.45
CA ARG DC 85 -23.43 -35.66 -113.55
C ARG DC 85 -22.70 -35.58 -114.87
N ASP DC 86 -23.12 -36.43 -115.82
CA ASP DC 86 -22.48 -36.45 -117.13
C ASP DC 86 -22.68 -35.13 -117.87
N TRP DC 87 -23.90 -34.57 -117.79
CA TRP DC 87 -24.19 -33.34 -118.50
C TRP DC 87 -23.46 -32.14 -117.90
N THR DC 88 -23.23 -32.15 -116.58
CA THR DC 88 -22.52 -31.04 -115.95
C THR DC 88 -21.10 -30.90 -116.50
N ILE DC 89 -20.40 -32.03 -116.66
CA ILE DC 89 -19.10 -31.99 -117.31
C ILE DC 89 -19.24 -31.57 -118.77
N HIS DC 90 -20.27 -32.11 -119.45
CA HIS DC 90 -20.48 -31.78 -120.85
C HIS DC 90 -20.77 -30.30 -121.05
N THR DC 91 -21.58 -29.71 -120.15
CA THR DC 91 -21.90 -28.29 -120.28
C THR DC 91 -20.66 -27.44 -120.13
N TRP DC 92 -19.76 -27.80 -119.21
CA TRP DC 92 -18.52 -27.03 -119.05
C TRP DC 92 -17.66 -27.11 -120.30
N ILE DC 93 -17.68 -28.25 -120.99
CA ILE DC 93 -16.92 -28.37 -122.24
C ILE DC 93 -17.46 -27.40 -123.28
N ARG DC 94 -18.79 -27.34 -123.42
CA ARG DC 94 -19.39 -26.45 -124.41
C ARG DC 94 -19.10 -24.98 -124.10
N GLN DC 95 -19.15 -24.61 -122.81
CA GLN DC 95 -18.79 -23.25 -122.42
C GLN DC 95 -17.34 -22.96 -122.74
N CYS DC 96 -16.46 -23.93 -122.49
CA CYS DC 96 -15.04 -23.78 -122.84
C CYS DC 96 -14.86 -23.64 -124.34
N LEU DC 97 -15.64 -24.39 -125.13
CA LEU DC 97 -15.52 -24.34 -126.58
C LEU DC 97 -15.91 -22.99 -127.17
N LYS DC 98 -16.68 -22.19 -126.45
CA LYS DC 98 -17.12 -20.89 -126.98
C LYS DC 98 -16.02 -19.86 -126.95
N TYR DC 99 -15.34 -19.74 -125.81
CA TYR DC 99 -14.34 -18.69 -125.63
C TYR DC 99 -12.93 -19.20 -125.90
N GLY DC 100 -12.52 -20.30 -125.27
CA GLY DC 100 -11.16 -20.79 -125.49
C GLY DC 100 -11.03 -22.00 -126.38
N ALA DC 101 -11.54 -23.14 -125.90
CA ALA DC 101 -11.54 -24.41 -126.61
C ALA DC 101 -10.15 -25.00 -126.81
N GLN DC 102 -9.12 -24.39 -126.23
CA GLN DC 102 -7.77 -24.89 -126.48
C GLN DC 102 -6.96 -25.16 -125.22
N ASP DC 103 -7.12 -24.34 -124.17
CA ASP DC 103 -6.25 -24.39 -123.01
C ASP DC 103 -6.93 -24.90 -121.75
N LYS DC 104 -8.08 -24.33 -121.40
CA LYS DC 104 -8.76 -24.69 -120.16
C LYS DC 104 -9.21 -26.15 -120.18
N ALA DC 105 -9.75 -26.61 -121.31
CA ALA DC 105 -10.17 -28.01 -121.40
C ALA DC 105 -8.98 -28.95 -121.31
N LEU DC 106 -7.89 -28.61 -122.00
CA LEU DC 106 -6.70 -29.46 -121.99
C LEU DC 106 -6.03 -29.46 -120.63
N TYR DC 107 -5.98 -28.29 -119.96
CA TYR DC 107 -5.36 -28.21 -118.65
C TYR DC 107 -6.12 -29.06 -117.63
N THR DC 108 -7.45 -29.01 -117.66
CA THR DC 108 -8.24 -29.85 -116.77
C THR DC 108 -8.05 -31.33 -117.09
N LEU DC 109 -8.01 -31.67 -118.38
CA LEU DC 109 -7.80 -33.07 -118.77
C LEU DC 109 -6.39 -33.54 -118.44
N LYS DC 110 -5.39 -32.66 -118.51
CA LYS DC 110 -4.04 -33.05 -118.12
C LYS DC 110 -3.98 -33.34 -116.62
N ASN DC 111 -4.65 -32.53 -115.81
CA ASN DC 111 -4.77 -32.78 -114.37
C ASN DC 111 -6.04 -33.59 -114.10
N LYS DC 112 -5.98 -34.86 -114.50
CA LYS DC 112 -7.14 -35.74 -114.37
C LYS DC 112 -7.56 -35.94 -112.93
N VAL DC 113 -6.59 -36.16 -112.03
CA VAL DC 113 -6.92 -36.49 -110.66
C VAL DC 113 -7.47 -35.26 -109.93
N GLN DC 114 -6.88 -34.09 -110.15
CA GLN DC 114 -7.27 -32.91 -109.40
C GLN DC 114 -8.69 -32.46 -109.74
N TYR DC 115 -9.09 -32.57 -111.00
CA TYR DC 115 -10.41 -32.10 -111.43
C TYR DC 115 -11.40 -33.24 -111.64
N GLY DC 116 -10.99 -34.31 -112.31
CA GLY DC 116 -11.84 -35.48 -112.46
C GLY DC 116 -13.09 -35.26 -113.29
N ILE DC 117 -12.98 -34.53 -114.40
CA ILE DC 117 -14.12 -34.38 -115.30
C ILE DC 117 -14.43 -35.71 -115.99
N PHE DC 118 -13.39 -36.37 -116.53
CA PHE DC 118 -13.47 -37.67 -117.16
C PHE DC 118 -14.62 -37.76 -118.16
N PRO DC 119 -14.56 -37.04 -119.28
CA PRO DC 119 -15.68 -37.06 -120.25
C PRO DC 119 -15.56 -38.21 -121.25
N ASP DC 120 -15.85 -39.43 -120.78
CA ASP DC 120 -15.85 -40.60 -121.64
C ASP DC 120 -17.16 -40.65 -122.43
N ASN DC 121 -17.29 -39.70 -123.36
CA ASN DC 121 -18.47 -39.57 -124.19
C ASN DC 121 -18.01 -39.19 -125.59
N TYR DC 122 -18.96 -38.76 -126.43
CA TYR DC 122 -18.61 -38.24 -127.74
C TYR DC 122 -17.90 -36.89 -127.66
N THR DC 123 -17.86 -36.27 -126.48
CA THR DC 123 -17.19 -34.98 -126.32
C THR DC 123 -15.71 -35.04 -126.65
N PHE DC 124 -15.09 -36.23 -126.52
CA PHE DC 124 -13.70 -36.36 -126.96
C PHE DC 124 -13.57 -36.10 -128.45
N ASN DC 125 -14.48 -36.66 -129.25
CA ASN DC 125 -14.49 -36.37 -130.68
C ASN DC 125 -14.79 -34.91 -130.95
N LEU DC 126 -15.76 -34.34 -130.22
CA LEU DC 126 -16.09 -32.92 -130.40
C LEU DC 126 -14.91 -32.03 -130.04
N LEU DC 127 -14.23 -32.34 -128.94
CA LEU DC 127 -13.04 -31.58 -128.57
C LEU DC 127 -11.93 -31.77 -129.59
N MET DC 128 -11.75 -33.01 -130.08
CA MET DC 128 -10.76 -33.26 -131.12
C MET DC 128 -11.12 -32.55 -132.42
N ASP DC 129 -12.41 -32.53 -132.77
CA ASP DC 129 -12.83 -31.95 -134.04
C ASP DC 129 -12.48 -30.47 -134.12
N TYR DC 130 -12.73 -29.72 -133.04
CA TYR DC 130 -12.40 -28.30 -133.06
C TYR DC 130 -10.90 -28.07 -133.06
N PHE DC 131 -10.12 -29.01 -132.52
CA PHE DC 131 -8.67 -28.94 -132.67
C PHE DC 131 -8.27 -29.07 -134.14
N ILE DC 132 -8.92 -29.97 -134.86
CA ILE DC 132 -8.63 -30.16 -136.28
C ILE DC 132 -9.01 -28.91 -137.07
N LYS DC 133 -10.18 -28.33 -136.77
CA LYS DC 133 -10.66 -27.17 -137.52
C LYS DC 133 -9.78 -25.94 -137.32
N LYS DC 134 -9.03 -25.88 -136.21
CA LYS DC 134 -8.10 -24.80 -135.97
C LYS DC 134 -6.66 -25.20 -136.30
N GLU DC 135 -6.46 -26.38 -136.89
CA GLU DC 135 -5.14 -26.87 -137.27
C GLU DC 135 -4.21 -26.96 -136.05
N ASN DC 136 -4.63 -27.79 -135.10
CA ASN DC 136 -3.90 -28.00 -133.85
C ASN DC 136 -3.34 -29.42 -133.82
N TYR DC 137 -2.03 -29.53 -133.62
CA TYR DC 137 -1.36 -30.82 -133.64
C TYR DC 137 -0.70 -31.18 -132.32
N LYS DC 138 0.10 -30.28 -131.75
CA LYS DC 138 0.82 -30.61 -130.52
C LYS DC 138 -0.13 -30.90 -129.38
N ASP DC 139 -1.17 -30.08 -129.22
CA ASP DC 139 -2.17 -30.36 -128.19
C ASP DC 139 -3.06 -31.54 -128.56
N ALA DC 140 -3.20 -31.82 -129.86
CA ALA DC 140 -3.99 -32.96 -130.29
C ALA DC 140 -3.34 -34.27 -129.85
N LEU DC 141 -2.01 -34.35 -129.92
CA LEU DC 141 -1.32 -35.56 -129.47
C LEU DC 141 -1.50 -35.77 -127.97
N SER DC 142 -1.42 -34.69 -127.18
CA SER DC 142 -1.50 -34.83 -125.73
C SER DC 142 -2.87 -35.33 -125.28
N VAL DC 143 -3.94 -34.79 -125.86
CA VAL DC 143 -5.27 -35.20 -125.45
C VAL DC 143 -5.55 -36.64 -125.83
N VAL DC 144 -5.06 -37.09 -126.99
CA VAL DC 144 -5.23 -38.49 -127.38
C VAL DC 144 -4.51 -39.41 -126.41
N PHE DC 145 -3.31 -39.01 -125.97
CA PHE DC 145 -2.59 -39.81 -124.96
C PHE DC 145 -3.40 -39.90 -123.67
N GLU DC 146 -4.03 -38.80 -123.27
CA GLU DC 146 -4.85 -38.81 -122.06
C GLU DC 146 -6.16 -39.58 -122.25
N ILE DC 147 -6.64 -39.70 -123.48
CA ILE DC 147 -7.77 -40.58 -123.73
C ILE DC 147 -7.35 -42.04 -123.56
N MET DC 148 -6.13 -42.37 -123.96
CA MET DC 148 -5.61 -43.72 -123.75
C MET DC 148 -5.51 -44.04 -122.27
N MET DC 149 -5.13 -43.04 -121.46
CA MET DC 149 -5.09 -43.24 -120.01
C MET DC 149 -6.47 -43.58 -119.46
N GLN DC 150 -7.50 -42.89 -119.96
CA GLN DC 150 -8.88 -43.21 -119.59
C GLN DC 150 -9.47 -44.33 -120.43
N GLU DC 151 -8.73 -44.84 -121.42
CA GLU DC 151 -9.12 -45.94 -122.30
C GLU DC 151 -10.60 -45.83 -122.71
N ALA DC 152 -10.91 -44.72 -123.38
CA ALA DC 152 -12.26 -44.44 -123.85
C ALA DC 152 -12.42 -44.74 -125.33
N PHE DC 153 -11.63 -45.67 -125.86
CA PHE DC 153 -11.72 -46.06 -127.26
C PHE DC 153 -12.78 -47.16 -127.41
N GLU DC 154 -14.04 -46.75 -127.23
CA GLU DC 154 -15.18 -47.66 -127.29
C GLU DC 154 -16.21 -47.28 -128.33
N VAL DC 155 -16.35 -46.00 -128.65
CA VAL DC 155 -17.37 -45.52 -129.60
C VAL DC 155 -17.02 -46.00 -131.00
N PRO DC 156 -18.00 -46.16 -131.89
CA PRO DC 156 -17.70 -46.54 -133.28
C PRO DC 156 -16.82 -45.53 -134.00
N SER DC 157 -16.82 -44.27 -133.57
CA SER DC 157 -15.98 -43.24 -134.16
C SER DC 157 -14.54 -43.28 -133.67
N THR DC 158 -14.11 -44.40 -133.07
CA THR DC 158 -12.73 -44.54 -132.62
C THR DC 158 -11.75 -44.51 -133.78
N GLN DC 159 -12.22 -44.69 -135.01
CA GLN DC 159 -11.34 -44.58 -136.17
C GLN DC 159 -10.76 -43.17 -136.28
N LEU DC 160 -11.56 -42.16 -135.95
CA LEU DC 160 -11.10 -40.77 -136.05
C LEU DC 160 -9.89 -40.53 -135.17
N LEU DC 161 -9.93 -41.03 -133.93
CA LEU DC 161 -8.79 -40.86 -133.03
C LEU DC 161 -7.57 -41.62 -133.53
N SER DC 162 -7.79 -42.75 -134.21
CA SER DC 162 -6.67 -43.55 -134.69
C SER DC 162 -5.92 -42.85 -135.82
N LEU DC 163 -6.59 -41.98 -136.57
CA LEU DC 163 -5.97 -41.37 -137.74
C LEU DC 163 -4.84 -40.43 -137.33
N TYR DC 164 -5.11 -39.53 -136.39
CA TYR DC 164 -4.15 -38.47 -136.09
C TYR DC 164 -2.95 -38.97 -135.31
N VAL DC 165 -3.04 -40.13 -134.67
CA VAL DC 165 -1.84 -40.75 -134.12
C VAL DC 165 -0.94 -41.25 -135.22
N LEU DC 166 -1.53 -41.85 -136.26
CA LEU DC 166 -0.74 -42.27 -137.43
C LEU DC 166 -0.23 -41.08 -138.22
N TYR DC 167 -0.94 -39.94 -138.17
CA TYR DC 167 -0.50 -38.76 -138.89
C TYR DC 167 0.85 -38.26 -138.34
N HIS DC 168 1.00 -38.25 -137.02
CA HIS DC 168 2.27 -37.83 -136.43
C HIS DC 168 3.36 -38.87 -136.61
N CYS DC 169 2.99 -40.14 -136.84
CA CYS DC 169 3.98 -41.17 -137.11
C CYS DC 169 4.75 -40.86 -138.39
N LEU DC 170 4.04 -40.39 -139.42
CA LEU DC 170 4.71 -39.93 -140.63
C LEU DC 170 5.58 -38.70 -140.33
N ALA DC 171 5.08 -37.80 -139.49
CA ALA DC 171 5.75 -36.52 -139.27
C ALA DC 171 6.86 -36.58 -138.22
N GLU DC 172 7.05 -37.71 -137.54
CA GLU DC 172 8.07 -37.81 -136.51
C GLU DC 172 9.34 -38.42 -137.10
N LYS DC 173 10.43 -37.64 -137.06
CA LYS DC 173 11.77 -38.12 -137.37
C LYS DC 173 12.66 -37.63 -136.24
N THR DC 174 12.70 -38.40 -135.14
CA THR DC 174 13.41 -37.98 -133.95
C THR DC 174 13.75 -39.23 -133.13
N ASP DC 175 14.94 -39.22 -132.53
CA ASP DC 175 15.34 -40.31 -131.63
C ASP DC 175 14.49 -40.23 -130.38
N LEU DC 176 13.52 -41.14 -130.26
CA LEU DC 176 12.56 -41.10 -129.17
C LEU DC 176 13.23 -41.47 -127.86
N SER DC 177 12.57 -41.09 -126.76
CA SER DC 177 13.05 -41.34 -125.41
C SER DC 177 12.31 -42.54 -124.81
N TRP DC 178 12.58 -42.80 -123.53
CA TRP DC 178 11.93 -43.90 -122.85
C TRP DC 178 10.42 -43.71 -122.78
N GLU DC 179 9.98 -42.48 -122.46
CA GLU DC 179 8.55 -42.21 -122.36
C GLU DC 179 7.88 -42.14 -123.73
N GLU DC 180 8.56 -41.52 -124.70
CA GLU DC 180 7.94 -41.32 -126.01
C GLU DC 180 7.66 -42.64 -126.70
N GLU DC 181 8.60 -43.59 -126.63
CA GLU DC 181 8.37 -44.90 -127.24
C GLU DC 181 7.20 -45.62 -126.58
N ARG DC 182 7.11 -45.55 -125.25
CA ARG DC 182 6.00 -46.20 -124.55
C ARG DC 182 4.68 -45.55 -124.91
N ASN DC 183 4.65 -44.21 -124.96
CA ASN DC 183 3.41 -43.50 -125.25
C ASN DC 183 2.92 -43.81 -126.66
N PHE DC 184 3.83 -43.82 -127.64
CA PHE DC 184 3.42 -44.11 -129.01
C PHE DC 184 2.92 -45.54 -129.15
N GLY DC 185 3.58 -46.49 -128.49
CA GLY DC 185 3.13 -47.87 -128.53
C GLY DC 185 1.77 -48.05 -127.87
N ALA DC 186 1.56 -47.41 -126.72
CA ALA DC 186 0.28 -47.52 -126.02
C ALA DC 186 -0.83 -46.82 -126.78
N SER DC 187 -0.51 -45.68 -127.43
CA SER DC 187 -1.51 -44.93 -128.17
C SER DC 187 -1.87 -45.55 -129.51
N LEU DC 188 -1.30 -46.70 -129.84
CA LEU DC 188 -1.65 -47.44 -131.04
C LEU DC 188 -2.18 -48.84 -130.75
N LEU DC 189 -1.65 -49.49 -129.70
CA LEU DC 189 -2.06 -50.85 -129.39
C LEU DC 189 -3.53 -50.90 -128.98
N LEU DC 190 -3.86 -50.25 -127.86
CA LEU DC 190 -5.25 -50.24 -127.39
C LEU DC 190 -6.20 -49.52 -128.34
N PRO DC 191 -5.90 -48.32 -128.84
CA PRO DC 191 -6.83 -47.69 -129.81
C PRO DC 191 -7.06 -48.53 -131.05
N GLY DC 192 -6.06 -49.26 -131.51
CA GLY DC 192 -6.20 -50.08 -132.69
C GLY DC 192 -7.06 -51.29 -132.46
N LEU DC 193 -8.33 -51.20 -132.85
CA LEU DC 193 -9.27 -52.30 -132.68
C LEU DC 193 -10.08 -52.58 -133.94
N LYS DC 194 -9.85 -51.86 -135.03
CA LYS DC 194 -10.60 -52.07 -136.26
C LYS DC 194 -10.07 -53.32 -136.96
N GLN DC 195 -10.68 -54.46 -136.61
CA GLN DC 195 -10.39 -55.67 -137.37
C GLN DC 195 -10.97 -55.63 -138.77
N LYS DC 196 -11.91 -54.71 -139.02
CA LYS DC 196 -12.48 -54.56 -140.36
C LYS DC 196 -11.43 -54.11 -141.37
N ASN DC 197 -10.55 -53.19 -140.97
CA ASN DC 197 -9.59 -52.57 -141.86
C ASN DC 197 -8.18 -53.07 -141.57
N SER DC 198 -7.36 -53.11 -142.60
CA SER DC 198 -5.97 -53.54 -142.45
C SER DC 198 -5.11 -52.46 -141.79
N VAL DC 199 -5.54 -51.20 -141.84
CA VAL DC 199 -4.75 -50.13 -141.22
C VAL DC 199 -4.71 -50.30 -139.71
N GLY DC 200 -5.82 -50.74 -139.11
CA GLY DC 200 -5.81 -51.00 -137.68
C GLY DC 200 -4.89 -52.13 -137.29
N LEU DC 201 -4.83 -53.18 -138.11
CA LEU DC 201 -3.93 -54.29 -137.85
C LEU DC 201 -2.47 -53.85 -137.94
N SER DC 202 -2.14 -53.00 -138.92
CA SER DC 202 -0.78 -52.50 -139.04
C SER DC 202 -0.38 -51.67 -137.83
N SER DC 203 -1.31 -50.87 -137.31
CA SER DC 203 -1.02 -50.06 -136.12
C SER DC 203 -0.70 -50.94 -134.92
N GLN DC 204 -1.44 -52.03 -134.75
CA GLN DC 204 -1.17 -52.95 -133.65
C GLN DC 204 0.22 -53.56 -133.77
N LEU DC 205 0.61 -53.95 -134.98
CA LEU DC 205 1.96 -54.47 -135.19
C LEU DC 205 3.00 -53.38 -134.93
N TYR DC 206 2.72 -52.16 -135.36
CA TYR DC 206 3.65 -51.06 -135.11
C TYR DC 206 3.78 -50.78 -133.62
N GLY DC 207 2.67 -50.82 -132.88
CA GLY DC 207 2.73 -50.61 -131.44
C GLY DC 207 3.48 -51.71 -130.72
N TYR DC 208 3.32 -52.97 -131.17
CA TYR DC 208 4.01 -54.08 -130.53
C TYR DC 208 5.52 -53.93 -130.66
N ALA DC 209 5.99 -53.54 -131.84
CA ALA DC 209 7.43 -53.39 -132.05
C ALA DC 209 8.01 -52.30 -131.15
N LEU DC 210 7.29 -51.19 -131.00
CA LEU DC 210 7.76 -50.13 -130.10
C LEU DC 210 7.88 -50.64 -128.67
N LEU DC 211 6.89 -51.40 -128.20
CA LEU DC 211 6.97 -51.99 -126.86
C LEU DC 211 8.09 -53.02 -126.79
N GLY DC 212 8.33 -53.76 -127.87
CA GLY DC 212 9.42 -54.70 -127.89
C GLY DC 212 10.77 -54.03 -127.73
N LYS DC 213 10.95 -52.87 -128.35
CA LYS DC 213 12.16 -52.09 -128.13
C LYS DC 213 12.25 -51.62 -126.68
N VAL DC 214 11.12 -51.21 -126.10
CA VAL DC 214 11.11 -50.76 -124.71
C VAL DC 214 11.47 -51.91 -123.78
N GLU DC 215 10.88 -53.08 -124.02
CA GLU DC 215 11.09 -54.22 -123.12
C GLU DC 215 12.48 -54.81 -123.28
N LEU DC 216 12.96 -54.96 -124.52
CA LEU DC 216 14.22 -55.65 -124.76
C LEU DC 216 15.44 -54.80 -124.44
N GLN DC 217 15.29 -53.49 -124.28
CA GLN DC 217 16.45 -52.62 -124.13
C GLN DC 217 16.77 -52.31 -122.66
N GLN DC 218 15.80 -51.81 -121.91
CA GLN DC 218 16.02 -51.45 -120.50
C GLN DC 218 15.26 -52.33 -119.53
N GLY DC 219 13.94 -52.41 -119.65
CA GLY DC 219 13.17 -53.18 -118.68
C GLY DC 219 11.73 -53.30 -119.08
N LEU DC 220 10.99 -54.08 -118.28
CA LEU DC 220 9.59 -54.39 -118.52
C LEU DC 220 8.64 -53.74 -117.53
N ARG DC 221 9.10 -53.46 -116.31
CA ARG DC 221 8.20 -52.98 -115.27
C ARG DC 221 7.54 -51.66 -115.64
N ALA DC 222 8.30 -50.72 -116.17
CA ALA DC 222 7.78 -49.39 -116.47
C ALA DC 222 6.79 -49.38 -117.63
N VAL DC 223 6.69 -50.47 -118.40
CA VAL DC 223 5.73 -50.52 -119.49
C VAL DC 223 4.31 -50.44 -118.96
N TYR DC 224 4.02 -51.16 -117.89
CA TYR DC 224 2.69 -51.24 -117.31
C TYR DC 224 2.57 -50.51 -115.98
N CYS DC 225 3.53 -49.64 -115.65
CA CYS DC 225 3.49 -48.94 -114.37
C CYS DC 225 2.31 -47.99 -114.28
N ASN DC 226 2.16 -47.13 -115.30
CA ASN DC 226 1.14 -46.09 -115.27
C ASN DC 226 0.10 -46.21 -116.37
N MET DC 227 0.12 -47.29 -117.14
CA MET DC 227 -0.80 -47.44 -118.26
C MET DC 227 -1.48 -48.79 -118.22
N PRO DC 228 -2.72 -48.89 -118.73
CA PRO DC 228 -3.44 -50.17 -118.74
C PRO DC 228 -2.92 -51.13 -119.81
N LEU DC 229 -1.76 -51.71 -119.53
CA LEU DC 229 -1.11 -52.66 -120.43
C LEU DC 229 -0.93 -53.99 -119.71
N LEU DC 230 -0.41 -54.97 -120.43
CA LEU DC 230 -0.20 -56.31 -119.90
C LEU DC 230 1.24 -56.45 -119.42
N TRP DC 231 1.41 -56.98 -118.21
CA TRP DC 231 2.72 -57.14 -117.61
C TRP DC 231 3.43 -58.41 -118.06
N GLN DC 232 2.78 -59.25 -118.86
CA GLN DC 232 3.41 -60.48 -119.33
C GLN DC 232 4.56 -60.14 -120.28
N PRO DC 233 5.74 -60.72 -120.09
CA PRO DC 233 6.89 -60.37 -120.95
C PRO DC 233 6.78 -60.97 -122.35
N GLY DC 234 7.68 -60.58 -123.24
CA GLY DC 234 7.73 -61.12 -124.58
C GLY DC 234 6.77 -60.44 -125.54
N TYR DC 235 6.90 -59.12 -125.69
CA TYR DC 235 6.05 -58.40 -126.64
C TYR DC 235 6.46 -58.67 -128.08
N LEU DC 236 7.74 -58.99 -128.32
CA LEU DC 236 8.17 -59.34 -129.67
C LEU DC 236 7.47 -60.60 -130.16
N HIS DC 237 7.34 -61.61 -129.30
CA HIS DC 237 6.62 -62.82 -129.67
C HIS DC 237 5.12 -62.57 -129.77
N ARG DC 238 4.62 -61.50 -129.14
CA ARG DC 238 3.21 -61.13 -129.27
C ARG DC 238 2.92 -60.46 -130.61
N ALA DC 239 3.96 -59.99 -131.31
CA ALA DC 239 3.79 -59.41 -132.64
C ALA DC 239 3.91 -60.44 -133.75
N LEU DC 240 4.73 -61.47 -133.54
CA LEU DC 240 4.89 -62.51 -134.57
C LEU DC 240 3.60 -63.28 -134.79
N GLN DC 241 2.81 -63.48 -133.74
CA GLN DC 241 1.54 -64.19 -133.88
C GLN DC 241 0.58 -63.44 -134.79
N VAL DC 242 0.67 -62.11 -134.82
CA VAL DC 242 -0.16 -61.32 -135.72
C VAL DC 242 0.16 -61.66 -137.18
N MET DC 243 1.45 -61.74 -137.51
CA MET DC 243 1.84 -62.13 -138.86
C MET DC 243 1.52 -63.59 -139.15
N GLU DC 244 1.28 -64.40 -138.13
CA GLU DC 244 0.85 -65.78 -138.33
C GLU DC 244 -0.65 -65.91 -138.55
N LYS DC 245 -1.42 -64.84 -138.30
CA LYS DC 245 -2.85 -64.83 -138.59
C LYS DC 245 -3.13 -64.53 -140.06
N VAL DC 246 -2.12 -64.16 -140.83
CA VAL DC 246 -2.27 -63.82 -142.25
C VAL DC 246 -2.46 -65.10 -143.06
N ALA DC 247 -2.39 -66.26 -142.40
CA ALA DC 247 -2.67 -67.52 -143.07
C ALA DC 247 -4.07 -67.55 -143.63
N SER DC 248 -4.99 -66.80 -143.05
CA SER DC 248 -6.35 -66.67 -143.55
C SER DC 248 -6.75 -65.24 -143.85
N SER DC 249 -6.30 -64.28 -143.04
CA SER DC 249 -6.64 -62.88 -143.28
C SER DC 249 -5.83 -62.34 -144.46
N PRO DC 250 -6.48 -61.84 -145.51
CA PRO DC 250 -5.74 -61.34 -146.69
C PRO DC 250 -5.39 -59.86 -146.67
N GLU DC 251 -5.61 -59.14 -145.56
CA GLU DC 251 -5.40 -57.71 -145.52
C GLU DC 251 -4.38 -57.34 -144.45
N ASP DC 252 -3.44 -56.47 -144.80
CA ASP DC 252 -2.39 -56.02 -143.90
C ASP DC 252 -1.88 -54.65 -144.36
N GLY DC 253 -1.15 -53.99 -143.47
CA GLY DC 253 -0.43 -52.78 -143.82
C GLY DC 253 0.95 -53.15 -144.33
N GLN DC 254 1.77 -53.73 -143.44
CA GLN DC 254 3.03 -54.39 -143.75
C GLN DC 254 4.13 -53.42 -144.16
N LEU DC 255 3.84 -52.12 -144.24
CA LEU DC 255 4.86 -51.16 -144.63
C LEU DC 255 5.58 -50.57 -143.42
N CYS DC 256 4.84 -49.93 -142.51
CA CYS DC 256 5.44 -49.36 -141.31
C CYS DC 256 5.86 -50.45 -140.32
N GLY DC 257 5.15 -51.58 -140.31
CA GLY DC 257 5.51 -52.65 -139.39
C GLY DC 257 6.86 -53.26 -139.73
N GLU DC 258 7.09 -53.54 -141.02
CA GLU DC 258 8.37 -54.11 -141.43
C GLU DC 258 9.51 -53.13 -141.21
N ALA DC 259 9.30 -51.85 -141.53
CA ALA DC 259 10.36 -50.86 -141.35
C ALA DC 259 10.75 -50.72 -139.90
N LEU DC 260 9.77 -50.71 -138.99
CA LEU DC 260 10.07 -50.61 -137.57
C LEU DC 260 10.70 -51.90 -137.05
N ASP DC 261 10.26 -53.06 -137.55
CA ASP DC 261 10.87 -54.32 -137.14
C ASP DC 261 12.33 -54.39 -137.57
N VAL DC 262 12.64 -53.86 -138.75
CA VAL DC 262 14.04 -53.79 -139.18
C VAL DC 262 14.84 -52.89 -138.24
N LEU DC 263 14.26 -51.76 -137.83
CA LEU DC 263 14.95 -50.88 -136.88
C LEU DC 263 15.22 -51.60 -135.56
N ASP DC 264 14.24 -52.35 -135.06
CA ASP DC 264 14.46 -53.17 -133.86
C ASP DC 264 15.51 -54.24 -134.13
N ARG DC 265 15.45 -54.87 -135.30
CA ARG DC 265 16.44 -55.89 -135.65
C ARG DC 265 17.84 -55.31 -135.70
N VAL DC 266 17.99 -54.13 -136.29
CA VAL DC 266 19.31 -53.50 -136.38
C VAL DC 266 19.84 -53.16 -135.00
N LEU DC 267 18.98 -52.62 -134.13
CA LEU DC 267 19.42 -52.26 -132.79
C LEU DC 267 19.89 -53.47 -132.00
N LYS DC 268 19.15 -54.57 -132.08
CA LYS DC 268 19.53 -55.76 -131.34
C LYS DC 268 20.71 -56.49 -131.98
N ALA DC 269 20.86 -56.39 -133.30
CA ALA DC 269 21.98 -57.02 -133.98
C ALA DC 269 23.30 -56.32 -133.72
N VAL DC 270 23.28 -55.12 -133.16
CA VAL DC 270 24.49 -54.41 -132.81
C VAL DC 270 24.70 -54.32 -131.30
N THR DC 271 23.62 -54.29 -130.52
CA THR DC 271 23.75 -54.22 -129.06
C THR DC 271 24.47 -55.44 -128.51
N ALA DC 272 24.09 -56.64 -128.99
CA ALA DC 272 24.73 -57.86 -128.48
C ALA DC 272 26.22 -57.93 -128.80
N PRO DC 273 26.70 -57.71 -130.05
CA PRO DC 273 28.14 -57.80 -130.29
C PRO DC 273 28.90 -56.58 -129.80
N ALA DC 274 28.29 -55.40 -129.89
CA ALA DC 274 28.92 -54.15 -129.46
C ALA DC 274 28.27 -53.73 -128.15
N GLN DC 275 28.81 -54.24 -127.04
CA GLN DC 275 28.27 -53.89 -125.73
C GLN DC 275 28.66 -52.48 -125.32
N GLY DC 276 29.81 -51.99 -125.79
CA GLY DC 276 30.27 -50.66 -125.45
C GLY DC 276 29.70 -49.53 -126.29
N THR DC 277 28.90 -49.85 -127.29
CA THR DC 277 28.31 -48.85 -128.18
C THR DC 277 26.84 -48.61 -127.90
N SER DC 278 26.04 -49.66 -127.80
CA SER DC 278 24.61 -49.53 -127.58
C SER DC 278 24.18 -49.80 -126.15
N GLU DC 279 24.89 -50.66 -125.43
CA GLU DC 279 24.54 -51.00 -124.06
C GLU DC 279 25.25 -50.13 -123.04
N GLU DC 280 26.06 -49.18 -123.46
CA GLU DC 280 26.79 -48.29 -122.55
C GLU DC 280 26.02 -47.02 -122.23
N GLN DC 281 24.81 -46.86 -122.76
CA GLN DC 281 24.03 -45.67 -122.49
C GLN DC 281 23.70 -45.51 -121.00
N PRO DC 282 23.27 -46.54 -120.27
CA PRO DC 282 22.93 -46.35 -118.86
C PRO DC 282 24.16 -46.17 -117.98
N GLN DC 283 24.38 -44.95 -117.50
CA GLN DC 283 25.50 -44.65 -116.61
C GLN DC 283 25.10 -43.74 -115.47
N GLU DC 284 23.84 -43.79 -115.05
CA GLU DC 284 23.38 -42.90 -113.98
C GLU DC 284 23.84 -43.40 -112.61
N GLY DC 285 23.45 -44.62 -112.24
CA GLY DC 285 23.82 -45.17 -110.96
C GLY DC 285 24.11 -46.66 -111.02
N GLU DC 286 25.14 -47.11 -110.29
CA GLU DC 286 25.52 -48.51 -110.25
C GLU DC 286 25.20 -49.16 -108.92
N GLU DC 287 25.66 -48.59 -107.80
CA GLU DC 287 25.39 -49.18 -106.49
C GLU DC 287 23.91 -49.12 -106.16
N SER DC 288 23.25 -48.00 -106.47
CA SER DC 288 21.83 -47.87 -106.18
C SER DC 288 21.00 -48.84 -107.01
N GLN DC 289 21.34 -49.00 -108.30
CA GLN DC 289 20.60 -49.90 -109.17
C GLN DC 289 20.70 -51.34 -108.70
N ARG DC 290 21.91 -51.78 -108.31
CA ARG DC 290 22.08 -53.14 -107.82
C ARG DC 290 21.35 -53.35 -106.50
N SER DC 291 21.40 -52.37 -105.60
CA SER DC 291 20.75 -52.51 -104.31
C SER DC 291 19.23 -52.52 -104.45
N GLU DC 292 18.69 -51.76 -105.39
CA GLU DC 292 17.26 -51.67 -105.61
C GLU DC 292 16.79 -52.54 -106.78
N GLU DC 293 17.64 -53.44 -107.27
CA GLU DC 293 17.27 -54.30 -108.37
C GLU DC 293 16.13 -55.23 -107.98
N LEU DC 294 15.14 -55.33 -108.85
CA LEU DC 294 14.00 -56.22 -108.66
C LEU DC 294 13.87 -57.13 -109.88
N VAL DC 295 13.90 -58.43 -109.65
CA VAL DC 295 13.86 -59.42 -110.71
C VAL DC 295 12.44 -59.97 -110.75
N GLU DC 296 11.65 -59.49 -111.72
CA GLU DC 296 10.26 -59.94 -111.83
C GLU DC 296 10.18 -61.34 -112.45
N GLN DC 297 11.04 -61.64 -113.42
CA GLN DC 297 11.00 -62.92 -114.09
C GLN DC 297 11.54 -64.02 -113.18
N LEU DC 298 11.10 -65.25 -113.46
CA LEU DC 298 11.52 -66.42 -112.70
C LEU DC 298 12.75 -67.06 -113.34
N ASP DC 299 13.29 -68.08 -112.67
CA ASP DC 299 14.41 -68.81 -113.24
C ASP DC 299 13.97 -69.65 -114.43
N VAL DC 300 12.76 -70.22 -114.37
CA VAL DC 300 12.27 -71.06 -115.45
C VAL DC 300 12.00 -70.25 -116.71
N GLU DC 301 11.59 -69.00 -116.57
CA GLU DC 301 11.31 -68.17 -117.73
C GLU DC 301 12.56 -67.94 -118.55
N GLU DC 302 12.48 -68.18 -119.84
CA GLU DC 302 13.63 -67.97 -120.73
C GLU DC 302 13.92 -66.48 -120.87
N THR DC 303 15.21 -66.14 -120.83
CA THR DC 303 15.62 -64.75 -120.96
C THR DC 303 15.27 -64.21 -122.34
N GLU DC 304 14.74 -62.98 -122.37
CA GLU DC 304 14.41 -62.36 -123.64
C GLU DC 304 15.64 -62.14 -124.51
N GLN DC 305 16.81 -61.98 -123.87
CA GLN DC 305 18.05 -61.85 -124.63
C GLN DC 305 18.34 -63.12 -125.44
N SER DC 306 18.12 -64.28 -124.84
CA SER DC 306 18.33 -65.55 -125.54
C SER DC 306 17.28 -65.82 -126.60
N LYS DC 307 16.17 -65.08 -126.59
CA LYS DC 307 15.12 -65.25 -127.59
C LYS DC 307 15.36 -64.46 -128.86
N LEU DC 308 16.38 -63.60 -128.89
CA LEU DC 308 16.66 -62.83 -130.10
C LEU DC 308 16.98 -63.72 -131.31
N PRO DC 309 17.85 -64.73 -131.23
CA PRO DC 309 18.00 -65.64 -132.37
C PRO DC 309 16.71 -66.37 -132.72
N GLN DC 310 15.91 -66.72 -131.71
CA GLN DC 310 14.61 -67.34 -131.98
C GLN DC 310 13.69 -66.40 -132.74
N TYR DC 311 13.70 -65.11 -132.37
CA TYR DC 311 12.86 -64.14 -133.06
C TYR DC 311 13.29 -63.95 -134.51
N LEU DC 312 14.60 -63.91 -134.75
CA LEU DC 312 15.11 -63.69 -136.11
C LEU DC 312 14.73 -64.84 -137.04
N GLU DC 313 14.86 -66.08 -136.56
CA GLU DC 313 14.57 -67.23 -137.40
C GLU DC 313 13.10 -67.24 -137.84
N ARG DC 314 12.18 -66.95 -136.92
CA ARG DC 314 10.76 -66.96 -137.27
C ARG DC 314 10.40 -65.75 -138.12
N PHE DC 315 10.90 -64.56 -137.75
CA PHE DC 315 10.52 -63.34 -138.45
C PHE DC 315 10.98 -63.36 -139.90
N GLU DC 316 12.20 -63.87 -140.16
CA GLU DC 316 12.73 -63.86 -141.52
C GLU DC 316 11.87 -64.70 -142.45
N ALA DC 317 11.40 -65.87 -141.98
CA ALA DC 317 10.59 -66.72 -142.84
C ALA DC 317 9.18 -66.19 -143.01
N LEU DC 318 8.62 -65.56 -141.97
CA LEU DC 318 7.23 -65.11 -142.04
C LEU DC 318 7.02 -64.03 -143.09
N ARG DC 319 7.96 -63.08 -143.19
CA ARG DC 319 7.77 -61.96 -144.10
C ARG DC 319 7.71 -62.40 -145.55
N SER DC 320 8.54 -63.37 -145.93
CA SER DC 320 8.53 -63.86 -147.30
C SER DC 320 7.21 -64.58 -147.62
N LYS DC 321 6.69 -65.35 -146.67
CA LYS DC 321 5.46 -66.11 -146.90
C LYS DC 321 4.27 -65.19 -147.14
N LEU DC 322 4.18 -64.10 -146.38
CA LEU DC 322 3.02 -63.22 -146.47
C LEU DC 322 2.96 -62.51 -147.82
N GLN DC 323 4.11 -62.18 -148.39
CA GLN DC 323 4.13 -61.49 -149.69
C GLN DC 323 3.56 -62.38 -150.80
N ALA DC 324 3.65 -63.69 -150.65
CA ALA DC 324 3.19 -64.59 -151.71
C ALA DC 324 1.68 -64.53 -151.88
N LEU DC 325 0.93 -64.51 -150.77
CA LEU DC 325 -0.53 -64.54 -150.84
C LEU DC 325 -1.21 -63.33 -150.24
N GLY DC 326 -0.54 -62.58 -149.36
CA GLY DC 326 -1.19 -61.44 -148.74
C GLY DC 326 -1.56 -60.35 -149.72
N LYS DC 327 -0.66 -60.04 -150.65
CA LYS DC 327 -0.89 -59.04 -151.70
C LYS DC 327 -1.24 -57.68 -151.12
N VAL DC 328 -0.70 -57.36 -149.95
CA VAL DC 328 -1.00 -56.11 -149.24
C VAL DC 328 0.33 -55.51 -148.80
N GLU DC 329 0.90 -54.65 -149.65
CA GLU DC 329 2.14 -53.94 -149.31
C GLU DC 329 2.05 -52.55 -149.95
N SER DC 330 1.72 -51.56 -149.14
CA SER DC 330 1.59 -50.19 -149.64
C SER DC 330 1.70 -49.21 -148.48
N GLU DC 331 2.08 -47.98 -148.80
CA GLU DC 331 2.11 -46.90 -147.83
C GLU DC 331 0.82 -46.09 -147.81
N SER DC 332 -0.19 -46.49 -148.58
CA SER DC 332 -1.45 -45.75 -148.68
C SER DC 332 -2.28 -45.81 -147.42
N LEU DC 333 -1.83 -46.51 -146.38
CA LEU DC 333 -2.57 -46.55 -145.12
C LEU DC 333 -2.75 -45.15 -144.53
N LEU DC 334 -1.82 -44.23 -144.84
CA LEU DC 334 -2.01 -42.85 -144.45
C LEU DC 334 -3.23 -42.24 -145.14
N THR DC 335 -3.42 -42.56 -146.42
CA THR DC 335 -4.56 -42.04 -147.17
C THR DC 335 -5.78 -42.95 -147.10
N LEU DC 336 -5.58 -44.26 -147.02
CA LEU DC 336 -6.71 -45.17 -146.87
C LEU DC 336 -7.44 -44.92 -145.56
N SER DC 337 -6.70 -44.72 -144.47
CA SER DC 337 -7.33 -44.38 -143.21
C SER DC 337 -7.94 -42.97 -143.24
N THR DC 338 -7.34 -42.07 -144.02
CA THR DC 338 -7.88 -40.72 -144.14
C THR DC 338 -9.28 -40.74 -144.73
N GLN DC 339 -9.50 -41.56 -145.76
CA GLN DC 339 -10.81 -41.64 -146.38
C GLN DC 339 -11.85 -42.33 -145.50
N LEU DC 340 -11.42 -43.02 -144.44
CA LEU DC 340 -12.38 -43.63 -143.53
C LEU DC 340 -13.21 -42.56 -142.81
N ALA DC 341 -12.56 -41.49 -142.36
CA ALA DC 341 -13.28 -40.42 -141.69
C ALA DC 341 -14.05 -39.53 -142.67
N LYS DC 342 -13.56 -39.40 -143.89
CA LYS DC 342 -14.24 -38.55 -144.86
C LYS DC 342 -15.48 -39.21 -145.45
N ALA DC 343 -15.55 -40.54 -145.44
CA ALA DC 343 -16.67 -41.26 -146.04
C ALA DC 343 -17.45 -42.08 -145.03
N GLN DC 344 -16.79 -42.96 -144.28
CA GLN DC 344 -17.51 -43.84 -143.36
C GLN DC 344 -17.96 -43.10 -142.10
N LEU DC 345 -17.13 -42.19 -141.59
CA LEU DC 345 -17.48 -41.48 -140.36
C LEU DC 345 -18.78 -40.69 -140.46
N PRO DC 346 -19.09 -39.98 -141.56
CA PRO DC 346 -20.40 -39.32 -141.64
C PRO DC 346 -21.57 -40.27 -141.42
N THR DC 347 -21.47 -41.51 -141.90
CA THR DC 347 -22.47 -42.52 -141.55
C THR DC 347 -22.42 -42.81 -140.05
N CYS DC 348 -21.21 -42.99 -139.50
CA CYS DC 348 -21.07 -43.16 -138.06
C CYS DC 348 -21.43 -41.88 -137.31
N GLU DC 349 -21.19 -40.72 -137.94
CA GLU DC 349 -21.62 -39.46 -137.35
C GLU DC 349 -23.14 -39.42 -137.20
N ALA DC 350 -23.87 -39.89 -138.22
CA ALA DC 350 -25.31 -39.95 -138.12
C ALA DC 350 -25.77 -41.00 -137.11
N GLU DC 351 -24.94 -42.02 -136.87
CA GLU DC 351 -25.29 -43.03 -135.88
C GLU DC 351 -25.40 -42.42 -134.48
N ASP DC 352 -24.48 -41.53 -134.15
CA ASP DC 352 -24.47 -40.90 -132.83
C ASP DC 352 -25.38 -39.69 -132.73
N ILE DC 353 -25.95 -39.22 -133.85
CA ILE DC 353 -26.90 -38.12 -133.80
C ILE DC 353 -28.13 -38.52 -133.00
N ALA DC 354 -28.68 -39.70 -133.30
CA ALA DC 354 -29.81 -40.20 -132.52
C ALA DC 354 -29.40 -40.49 -131.08
N VAL DC 355 -28.21 -41.03 -130.88
CA VAL DC 355 -27.71 -41.30 -129.53
C VAL DC 355 -27.51 -39.98 -128.78
N TYR DC 356 -27.08 -38.94 -129.48
CA TYR DC 356 -26.91 -37.63 -128.86
C TYR DC 356 -28.24 -37.12 -128.31
N GLU DC 357 -29.32 -37.26 -129.08
CA GLU DC 357 -30.62 -36.84 -128.60
C GLU DC 357 -31.07 -37.64 -127.38
N GLN DC 358 -30.82 -38.96 -127.39
CA GLN DC 358 -31.21 -39.79 -126.26
C GLN DC 358 -30.50 -39.37 -124.98
N ARG DC 359 -29.18 -39.14 -125.06
CA ARG DC 359 -28.42 -38.72 -123.88
C ARG DC 359 -28.84 -37.33 -123.43
N LEU DC 360 -29.10 -36.42 -124.38
CA LEU DC 360 -29.60 -35.10 -124.02
C LEU DC 360 -30.97 -35.19 -123.37
N GLN DC 361 -31.84 -36.05 -123.89
CA GLN DC 361 -33.18 -36.19 -123.32
C GLN DC 361 -33.13 -36.78 -121.92
N GLN DC 362 -32.24 -37.75 -121.69
CA GLN DC 362 -32.08 -38.33 -120.36
C GLN DC 362 -31.61 -37.29 -119.36
N TRP DC 363 -30.67 -36.43 -119.78
CA TRP DC 363 -30.19 -35.36 -118.90
C TRP DC 363 -31.30 -34.38 -118.56
N HIS DC 364 -32.15 -34.04 -119.54
CA HIS DC 364 -33.27 -33.15 -119.26
C HIS DC 364 -34.22 -33.75 -118.24
N GLY DC 365 -34.49 -35.04 -118.35
CA GLY DC 365 -35.34 -35.70 -117.36
C GLY DC 365 -34.71 -35.71 -115.98
N GLU DC 366 -33.40 -35.92 -115.91
CA GLU DC 366 -32.71 -35.90 -114.62
C GLU DC 366 -32.73 -34.51 -114.01
N ARG DC 367 -32.55 -33.47 -114.84
CA ARG DC 367 -32.58 -32.10 -114.31
C ARG DC 367 -33.95 -31.78 -113.72
N VAL DC 368 -35.02 -32.17 -114.41
CA VAL DC 368 -36.37 -32.00 -113.85
C VAL DC 368 -36.52 -32.83 -112.59
N ARG DC 369 -36.01 -34.06 -112.61
CA ARG DC 369 -36.07 -34.91 -111.42
C ARG DC 369 -35.30 -34.30 -110.25
N LEU DC 370 -34.11 -33.77 -110.52
CA LEU DC 370 -33.32 -33.14 -109.45
C LEU DC 370 -34.00 -31.89 -108.92
N ILE DC 371 -34.55 -31.06 -109.82
CA ILE DC 371 -35.18 -29.81 -109.39
C ILE DC 371 -36.40 -30.09 -108.53
N GLN DC 372 -37.26 -31.02 -108.96
CA GLN DC 372 -38.44 -31.34 -108.17
C GLN DC 372 -38.08 -32.03 -106.87
N ARG DC 373 -36.92 -32.70 -106.83
CA ARG DC 373 -36.47 -33.33 -105.59
C ARG DC 373 -36.15 -32.28 -104.53
N GLU DC 374 -35.34 -31.27 -104.90
CA GLU DC 374 -34.99 -30.23 -103.95
C GLU DC 374 -36.20 -29.39 -103.56
N GLN DC 375 -37.05 -29.04 -104.54
CA GLN DC 375 -38.21 -28.21 -104.24
C GLN DC 375 -39.17 -28.90 -103.30
N GLU DC 376 -39.39 -30.20 -103.48
CA GLU DC 376 -40.28 -30.95 -102.60
C GLU DC 376 -39.77 -30.92 -101.16
N GLN DC 377 -38.46 -31.07 -100.97
CA GLN DC 377 -37.88 -31.03 -99.63
C GLN DC 377 -37.85 -29.61 -99.08
N ARG DC 378 -37.72 -28.61 -99.96
CA ARG DC 378 -37.73 -27.22 -99.50
C ARG DC 378 -39.08 -26.87 -98.88
N GLU DC 379 -40.18 -27.26 -99.51
CA GLU DC 379 -41.49 -27.06 -98.92
C GLU DC 379 -41.69 -27.95 -97.70
N ARG DC 380 -41.11 -29.15 -97.71
CA ARG DC 380 -41.19 -30.02 -96.54
C ARG DC 380 -40.51 -29.38 -95.33
N ALA DC 381 -39.33 -28.77 -95.55
CA ALA DC 381 -38.62 -28.13 -94.45
C ALA DC 381 -39.38 -26.92 -93.92
N ARG DC 382 -39.92 -26.10 -94.81
CA ARG DC 382 -40.65 -24.91 -94.38
C ARG DC 382 -41.94 -25.28 -93.67
N GLN DC 383 -42.65 -26.30 -94.17
CA GLN DC 383 -43.82 -26.79 -93.45
C GLN DC 383 -43.44 -27.33 -92.09
N ASP DC 384 -42.33 -28.06 -92.01
CA ASP DC 384 -41.82 -28.51 -90.71
C ASP DC 384 -41.42 -27.32 -89.85
N TYR DC 385 -40.75 -26.33 -90.44
CA TYR DC 385 -40.34 -25.15 -89.68
C TYR DC 385 -41.54 -24.34 -89.19
N GLU DC 386 -42.52 -24.13 -90.06
CA GLU DC 386 -43.70 -23.36 -89.66
C GLU DC 386 -44.48 -24.07 -88.56
N ALA DC 387 -44.63 -25.39 -88.68
CA ALA DC 387 -45.30 -26.15 -87.63
C ALA DC 387 -44.50 -26.13 -86.32
N ARG DC 388 -43.17 -26.17 -86.42
CA ARG DC 388 -42.34 -26.13 -85.23
C ARG DC 388 -42.48 -24.80 -84.49
N ARG DC 389 -42.52 -23.69 -85.23
CA ARG DC 389 -42.65 -22.38 -84.60
C ARG DC 389 -44.07 -22.12 -84.12
N ALA DC 390 -45.08 -22.62 -84.84
CA ALA DC 390 -46.46 -22.46 -84.39
C ALA DC 390 -46.70 -23.19 -83.07
N ALA DC 391 -46.15 -24.39 -82.93
CA ALA DC 391 -46.26 -25.19 -81.71
C ALA DC 391 -44.84 -25.56 -81.27
N LYS DC 392 -44.26 -24.74 -80.42
CA LYS DC 392 -42.88 -24.92 -79.96
C LYS DC 392 -42.88 -25.95 -78.83
N ALA DC 393 -42.64 -27.21 -79.18
CA ALA DC 393 -42.58 -28.31 -78.22
C ALA DC 393 -41.15 -28.82 -78.17
N SER DC 394 -40.51 -28.69 -77.00
CA SER DC 394 -39.15 -29.14 -76.80
C SER DC 394 -39.01 -29.71 -75.41
N ALA DC 395 -38.03 -30.60 -75.25
CA ALA DC 395 -37.76 -31.23 -73.97
C ALA DC 395 -36.71 -30.44 -73.18
N VAL EC 78 -43.55 -124.41 17.45
CA VAL EC 78 -42.81 -123.16 17.62
C VAL EC 78 -43.77 -121.99 17.52
N GLU EC 79 -43.72 -121.11 18.53
CA GLU EC 79 -44.60 -119.95 18.60
C GLU EC 79 -43.92 -118.75 17.96
N SER EC 80 -44.64 -118.09 17.05
CA SER EC 80 -44.08 -116.93 16.35
C SER EC 80 -43.87 -115.78 17.33
N PHE EC 81 -42.85 -114.97 17.04
CA PHE EC 81 -42.51 -113.86 17.93
C PHE EC 81 -43.64 -112.84 17.99
N ALA EC 82 -44.39 -112.68 16.91
CA ALA EC 82 -45.49 -111.71 16.91
C ALA EC 82 -46.56 -112.08 17.94
N SER EC 83 -46.87 -113.37 18.06
CA SER EC 83 -47.86 -113.80 19.04
C SER EC 83 -47.39 -113.56 20.46
N MET EC 84 -46.09 -113.63 20.71
CA MET EC 84 -45.57 -113.44 22.05
C MET EC 84 -45.82 -112.02 22.55
N LEU EC 85 -45.64 -111.03 21.68
CA LEU EC 85 -45.85 -109.64 22.10
C LEU EC 85 -47.32 -109.36 22.40
N ARG EC 86 -48.23 -109.98 21.66
CA ARG EC 86 -49.65 -109.72 21.87
C ARG EC 86 -50.10 -110.14 23.26
N HIS EC 87 -49.65 -111.29 23.73
CA HIS EC 87 -50.06 -111.82 25.02
C HIS EC 87 -49.11 -111.44 26.14
N SER EC 88 -48.06 -110.68 25.85
CA SER EC 88 -47.11 -110.29 26.88
C SER EC 88 -47.76 -109.32 27.86
N PRO EC 89 -47.40 -109.40 29.15
CA PRO EC 89 -47.98 -108.45 30.12
C PRO EC 89 -47.67 -107.00 29.81
N LEU EC 90 -46.50 -106.72 29.23
CA LEU EC 90 -46.13 -105.34 28.92
C LEU EC 90 -47.12 -104.72 27.93
N THR EC 91 -47.47 -105.45 26.88
CA THR EC 91 -48.41 -104.92 25.90
C THR EC 91 -49.79 -104.72 26.50
N GLN EC 92 -50.24 -105.67 27.34
CA GLN EC 92 -51.56 -105.55 27.96
C GLN EC 92 -51.65 -104.38 28.92
N MET EC 93 -50.53 -103.90 29.43
CA MET EC 93 -50.56 -102.75 30.34
C MET EC 93 -51.07 -101.50 29.64
N GLY EC 94 -50.66 -101.29 28.40
CA GLY EC 94 -51.01 -100.09 27.68
C GLY EC 94 -50.09 -98.94 28.03
N PRO EC 95 -50.64 -97.74 28.17
CA PRO EC 95 -49.83 -96.60 28.62
C PRO EC 95 -49.27 -96.86 30.01
N ALA EC 96 -48.04 -96.42 30.24
CA ALA EC 96 -47.37 -96.65 31.51
C ALA EC 96 -47.82 -95.70 32.62
N LYS EC 97 -48.56 -94.65 32.28
CA LYS EC 97 -48.95 -93.66 33.27
C LYS EC 97 -50.07 -94.19 34.16
N ASN EC 98 -49.89 -94.05 35.47
CA ASN EC 98 -50.90 -94.40 36.46
C ASN EC 98 -51.31 -95.87 36.35
N LYS EC 99 -50.33 -96.76 36.54
CA LYS EC 99 -50.56 -98.19 36.51
C LYS EC 99 -49.98 -98.80 37.77
N LEU EC 100 -50.78 -99.65 38.43
CA LEU EC 100 -50.35 -100.31 39.66
C LEU EC 100 -49.55 -101.56 39.30
N VAL EC 101 -48.24 -101.49 39.48
CA VAL EC 101 -47.34 -102.59 39.16
C VAL EC 101 -46.53 -102.93 40.41
N ILE EC 102 -46.47 -104.22 40.74
CA ILE EC 102 -45.71 -104.69 41.89
C ILE EC 102 -44.27 -104.94 41.47
N GLY EC 103 -43.34 -104.75 42.40
CA GLY EC 103 -41.94 -104.94 42.12
C GLY EC 103 -41.21 -105.54 43.31
N GLN EC 104 -39.99 -105.99 43.04
CA GLN EC 104 -39.15 -106.64 44.04
C GLN EC 104 -37.86 -105.85 44.20
N ILE EC 105 -37.45 -105.65 45.45
CA ILE EC 105 -36.25 -104.88 45.75
C ILE EC 105 -35.03 -105.78 45.59
N PHE EC 106 -34.02 -105.29 44.87
CA PHE EC 106 -32.80 -106.05 44.64
C PHE EC 106 -31.55 -105.40 45.20
N HIS EC 107 -31.63 -104.17 45.71
CA HIS EC 107 -30.49 -103.51 46.31
C HIS EC 107 -30.98 -102.50 47.34
N ILE EC 108 -30.22 -102.38 48.43
CA ILE EC 108 -30.61 -101.54 49.56
C ILE EC 108 -29.48 -100.57 49.87
N VAL EC 109 -29.82 -99.29 49.98
CA VAL EC 109 -28.92 -98.27 50.50
C VAL EC 109 -29.50 -97.75 51.81
N GLU EC 110 -28.83 -96.79 52.45
CA GLU EC 110 -29.29 -96.29 53.73
C GLU EC 110 -30.67 -95.65 53.63
N ASP EC 111 -30.94 -94.95 52.53
CA ASP EC 111 -32.23 -94.28 52.35
C ASP EC 111 -32.87 -94.55 50.99
N ASP EC 112 -32.18 -95.21 50.07
CA ASP EC 112 -32.68 -95.43 48.71
C ASP EC 112 -32.98 -96.91 48.51
N LEU EC 113 -34.11 -97.21 47.90
CA LEU EC 113 -34.54 -98.57 47.64
C LEU EC 113 -34.58 -98.77 46.12
N TYR EC 114 -33.65 -99.57 45.61
CA TYR EC 114 -33.61 -99.90 44.18
C TYR EC 114 -34.60 -101.02 43.92
N ILE EC 115 -35.67 -100.71 43.20
CA ILE EC 115 -36.79 -101.63 42.99
C ILE EC 115 -36.88 -101.99 41.52
N ASP EC 116 -36.97 -103.28 41.23
CA ASP EC 116 -37.19 -103.77 39.87
C ASP EC 116 -38.66 -104.16 39.75
N PHE EC 117 -39.39 -103.47 38.87
CA PHE EC 117 -40.81 -103.71 38.65
C PHE EC 117 -41.08 -104.50 37.39
N GLY EC 118 -40.06 -105.15 36.83
CA GLY EC 118 -40.20 -105.91 35.60
C GLY EC 118 -39.95 -105.11 34.33
N GLY EC 119 -39.75 -103.81 34.43
CA GLY EC 119 -39.49 -102.99 33.27
C GLY EC 119 -38.03 -103.08 32.83
N LYS EC 120 -37.70 -102.28 31.82
CA LYS EC 120 -36.35 -102.29 31.28
C LYS EC 120 -35.34 -101.80 32.31
N PHE EC 121 -35.68 -100.75 33.05
CA PHE EC 121 -34.80 -100.15 34.05
C PHE EC 121 -35.39 -100.33 35.44
N HIS EC 122 -34.66 -99.82 36.43
CA HIS EC 122 -35.04 -99.95 37.84
C HIS EC 122 -35.35 -98.59 38.43
N CYS EC 123 -36.50 -98.49 39.10
CA CYS EC 123 -36.90 -97.25 39.76
C CYS EC 123 -36.27 -97.16 41.14
N VAL EC 124 -36.14 -95.93 41.63
CA VAL EC 124 -35.54 -95.66 42.93
C VAL EC 124 -36.52 -94.89 43.78
N CYS EC 125 -36.74 -95.36 45.01
CA CYS EC 125 -37.64 -94.71 45.95
C CYS EC 125 -36.99 -94.66 47.32
N LYS EC 126 -37.50 -93.76 48.15
CA LYS EC 126 -36.99 -93.57 49.50
C LYS EC 126 -37.81 -94.37 50.51
N ARG EC 127 -37.15 -94.85 51.54
CA ARG EC 127 -37.80 -95.67 52.55
C ARG EC 127 -38.81 -94.83 53.33
N PRO EC 128 -40.07 -95.27 53.43
CA PRO EC 128 -41.05 -94.51 54.20
C PRO EC 128 -40.75 -94.55 55.69
N GLU EC 129 -41.30 -93.56 56.40
CA GLU EC 129 -41.06 -93.44 57.84
C GLU EC 129 -41.82 -94.49 58.65
N VAL EC 130 -42.81 -95.14 58.07
CA VAL EC 130 -43.63 -96.13 58.77
C VAL EC 130 -43.28 -97.51 58.25
N ASP EC 131 -43.00 -98.45 59.17
CA ASP EC 131 -42.64 -99.82 58.82
C ASP EC 131 -41.42 -99.87 57.89
N GLY EC 132 -40.47 -98.97 58.12
CA GLY EC 132 -39.28 -98.92 57.28
C GLY EC 132 -38.29 -100.03 57.57
N GLU EC 133 -38.40 -100.69 58.72
CA GLU EC 133 -37.44 -101.73 59.09
C GLU EC 133 -37.65 -103.03 58.34
N LYS EC 134 -38.82 -103.24 57.75
CA LYS EC 134 -39.13 -104.48 57.05
C LYS EC 134 -38.88 -104.40 55.55
N TYR EC 135 -38.34 -103.28 55.07
CA TYR EC 135 -37.97 -103.14 53.66
C TYR EC 135 -36.55 -103.65 53.49
N GLN EC 136 -36.44 -104.92 53.11
CA GLN EC 136 -35.16 -105.60 52.95
C GLN EC 136 -35.03 -106.14 51.53
N LYS EC 137 -33.90 -106.80 51.27
CA LYS EC 137 -33.65 -107.37 49.95
C LYS EC 137 -34.66 -108.47 49.66
N GLY EC 138 -35.18 -108.48 48.43
CA GLY EC 138 -36.14 -109.47 48.00
C GLY EC 138 -37.58 -109.18 48.40
N THR EC 139 -37.83 -108.11 49.14
CA THR EC 139 -39.18 -107.78 49.55
C THR EC 139 -39.97 -107.24 48.38
N ARG EC 140 -41.25 -107.61 48.30
CA ARG EC 140 -42.13 -107.14 47.25
C ARG EC 140 -42.92 -105.93 47.73
N VAL EC 141 -43.04 -104.91 46.87
CA VAL EC 141 -43.74 -103.68 47.17
C VAL EC 141 -44.66 -103.33 46.01
N ARG EC 142 -45.53 -102.35 46.24
CA ARG EC 142 -46.48 -101.88 45.24
C ARG EC 142 -46.06 -100.52 44.73
N LEU EC 143 -46.14 -100.33 43.41
CA LEU EC 143 -45.67 -99.12 42.76
C LEU EC 143 -46.74 -98.56 41.85
N ARG EC 144 -46.65 -97.26 41.57
CA ARG EC 144 -47.50 -96.57 40.61
C ARG EC 144 -46.59 -95.99 39.53
N LEU EC 145 -46.48 -96.70 38.41
CA LEU EC 145 -45.63 -96.24 37.32
C LEU EC 145 -46.17 -94.97 36.70
N LEU EC 146 -45.29 -94.00 36.44
CA LEU EC 146 -45.64 -92.78 35.75
C LEU EC 146 -44.99 -92.70 34.38
N ASP EC 147 -43.67 -92.87 34.32
CA ASP EC 147 -42.94 -92.96 33.05
C ASP EC 147 -42.12 -94.24 33.07
N LEU EC 148 -42.22 -95.02 31.99
CA LEU EC 148 -41.46 -96.27 31.93
C LEU EC 148 -39.95 -96.00 31.91
N GLU EC 149 -39.53 -94.96 31.20
CA GLU EC 149 -38.13 -94.56 31.16
C GLU EC 149 -38.06 -93.05 31.04
N LEU EC 150 -37.50 -92.39 32.05
CA LEU EC 150 -37.37 -90.95 32.02
C LEU EC 150 -36.39 -90.54 30.92
N THR EC 151 -36.84 -89.69 30.01
CA THR EC 151 -36.03 -89.30 28.86
C THR EC 151 -36.59 -87.98 28.32
N SER EC 152 -35.70 -87.02 28.11
CA SER EC 152 -36.10 -85.71 27.59
C SER EC 152 -35.12 -85.26 26.54
N ARG EC 153 -35.55 -84.28 25.74
CA ARG EC 153 -34.74 -83.70 24.69
C ARG EC 153 -34.41 -82.25 25.05
N PHE EC 154 -33.14 -81.88 24.89
CA PHE EC 154 -32.71 -80.51 25.11
C PHE EC 154 -32.14 -79.95 23.82
N LEU EC 155 -32.18 -78.62 23.70
CA LEU EC 155 -31.71 -77.97 22.48
C LEU EC 155 -30.23 -78.22 22.27
N GLY EC 156 -29.84 -78.42 21.02
CA GLY EC 156 -28.47 -78.72 20.68
C GLY EC 156 -28.06 -80.17 20.86
N ALA EC 157 -29.00 -81.05 21.21
CA ALA EC 157 -28.71 -82.47 21.40
C ALA EC 157 -29.30 -83.25 20.25
N THR EC 158 -28.44 -83.93 19.49
CA THR EC 158 -28.91 -84.78 18.40
C THR EC 158 -29.72 -85.96 18.94
N THR EC 159 -29.25 -86.57 20.03
CA THR EC 159 -29.92 -87.71 20.64
C THR EC 159 -30.29 -87.37 22.07
N ASP EC 160 -31.46 -87.84 22.49
CA ASP EC 160 -31.93 -87.56 23.84
C ASP EC 160 -31.00 -88.18 24.88
N THR EC 161 -30.86 -87.50 26.01
CA THR EC 161 -30.00 -87.95 27.09
C THR EC 161 -30.84 -88.74 28.09
N THR EC 162 -30.69 -90.06 28.07
CA THR EC 162 -31.43 -90.92 28.96
C THR EC 162 -30.91 -90.81 30.39
N ILE EC 163 -31.72 -91.27 31.33
CA ILE EC 163 -31.35 -91.29 32.74
C ILE EC 163 -31.07 -92.70 33.25
N LEU EC 164 -31.37 -93.73 32.46
CA LEU EC 164 -31.13 -95.13 32.82
C LEU EC 164 -31.87 -95.53 34.08
N GLU EC 165 -33.03 -94.90 34.34
CA GLU EC 165 -33.85 -95.20 35.50
C GLU EC 165 -35.32 -95.08 35.10
N ALA EC 166 -36.19 -95.31 36.08
CA ALA EC 166 -37.63 -95.20 35.88
C ALA EC 166 -38.23 -94.45 37.06
N ASP EC 167 -39.38 -93.84 36.83
CA ASP EC 167 -40.05 -93.02 37.83
C ASP EC 167 -41.25 -93.79 38.39
N ALA EC 168 -41.31 -93.89 39.71
CA ALA EC 168 -42.40 -94.58 40.39
C ALA EC 168 -42.49 -94.07 41.82
N VAL EC 169 -43.61 -94.38 42.47
CA VAL EC 169 -43.85 -93.98 43.85
C VAL EC 169 -44.25 -95.21 44.65
N LEU EC 170 -44.11 -95.10 45.97
CA LEU EC 170 -44.42 -96.19 46.88
C LEU EC 170 -45.83 -96.03 47.45
N LEU EC 171 -46.62 -97.09 47.35
CA LEU EC 171 -47.94 -97.13 47.94
C LEU EC 171 -48.01 -98.01 49.17
N GLY EC 172 -46.91 -98.65 49.56
CA GLY EC 172 -46.83 -99.55 50.68
C GLY EC 172 -46.16 -100.84 50.29
N LEU EC 173 -46.25 -101.82 51.17
CA LEU EC 173 -45.66 -103.14 50.95
C LEU EC 173 -46.71 -104.10 50.39
N GLN EC 174 -46.22 -105.14 49.73
CA GLN EC 174 -47.11 -106.14 49.14
C GLN EC 174 -47.87 -106.89 50.23
N GLU EC 175 -49.18 -107.03 50.04
CA GLU EC 175 -50.04 -107.69 51.04
C GLU EC 175 -50.07 -109.18 50.71
N SER EC 176 -49.18 -109.94 51.34
CA SER EC 176 -49.11 -111.37 51.11
C SER EC 176 -50.27 -112.08 51.81
N ARG FC 58 -0.16 -58.21 112.27
CA ARG FC 58 0.06 -58.51 113.68
C ARG FC 58 1.45 -58.07 114.13
N ALA FC 59 2.28 -57.69 113.17
CA ALA FC 59 3.64 -57.29 113.46
C ALA FC 59 3.68 -55.94 114.18
N ILE FC 60 4.72 -55.73 114.97
CA ILE FC 60 4.93 -54.50 115.72
C ILE FC 60 5.90 -53.63 114.93
N SER FC 61 5.45 -52.42 114.58
CA SER FC 61 6.24 -51.53 113.74
C SER FC 61 6.67 -50.27 114.47
N ARG FC 62 5.74 -49.50 115.03
CA ARG FC 62 6.05 -48.21 115.64
C ARG FC 62 5.60 -48.12 117.08
N THR FC 63 5.33 -49.24 117.75
CA THR FC 63 4.93 -49.20 119.15
C THR FC 63 6.07 -48.80 120.06
N SER FC 64 7.32 -48.98 119.64
CA SER FC 64 8.47 -48.65 120.47
C SER FC 64 8.55 -47.15 120.70
N GLU FC 65 8.83 -46.77 121.94
CA GLU FC 65 9.00 -45.36 122.28
C GLU FC 65 10.31 -44.83 121.73
N ASP FC 66 10.30 -43.58 121.28
CA ASP FC 66 11.44 -42.97 120.61
C ASP FC 66 12.40 -42.39 121.64
N ASP FC 67 13.49 -43.11 121.92
CA ASP FC 67 14.54 -42.58 122.77
C ASP FC 67 15.87 -43.25 122.43
N PRO FC 68 16.82 -42.51 121.87
CA PRO FC 68 18.12 -43.13 121.54
C PRO FC 68 18.89 -43.62 122.75
N ALA FC 69 18.63 -43.06 123.94
CA ALA FC 69 19.41 -43.41 125.11
C ALA FC 69 19.06 -44.80 125.64
N LYS FC 70 17.78 -45.16 125.62
CA LYS FC 70 17.32 -46.41 126.21
C LYS FC 70 17.01 -47.48 125.18
N HIS FC 71 17.53 -47.34 123.96
CA HIS FC 71 17.33 -48.37 122.94
C HIS FC 71 18.05 -49.65 123.36
N ARG FC 72 17.29 -50.71 123.57
CA ARG FC 72 17.80 -51.98 124.05
C ARG FC 72 17.75 -53.02 122.95
N GLU FC 73 18.27 -54.21 123.26
CA GLU FC 73 18.39 -55.26 122.25
C GLU FC 73 17.03 -55.81 121.82
N GLN FC 74 16.09 -55.93 122.76
CA GLN FC 74 14.80 -56.52 122.44
C GLN FC 74 13.95 -55.63 121.55
N HIS FC 75 14.35 -54.37 121.33
CA HIS FC 75 13.63 -53.46 120.45
C HIS FC 75 14.07 -53.59 119.00
N GLU FC 76 14.59 -54.75 118.61
CA GLU FC 76 15.08 -54.94 117.25
C GLU FC 76 13.93 -54.90 116.25
N GLY FC 77 14.18 -54.29 115.10
CA GLY FC 77 13.17 -54.18 114.07
C GLY FC 77 11.99 -53.31 114.44
N GLN FC 78 12.24 -52.17 115.09
CA GLN FC 78 11.19 -51.26 115.50
C GLN FC 78 11.50 -49.85 115.00
N HIS FC 79 10.47 -49.16 114.53
CA HIS FC 79 10.60 -47.82 114.00
C HIS FC 79 10.19 -46.80 115.06
N TYR FC 80 11.04 -45.80 115.28
CA TYR FC 80 10.77 -44.73 116.24
C TYR FC 80 10.67 -43.41 115.50
N ASN FC 81 9.66 -42.62 115.83
CA ASN FC 81 9.45 -41.34 115.17
C ASN FC 81 10.43 -40.30 115.66
N ILE FC 82 10.88 -39.44 114.75
CA ILE FC 82 11.74 -38.32 115.07
C ILE FC 82 11.15 -37.07 114.40
N SER FC 83 11.10 -35.97 115.14
CA SER FC 83 10.44 -34.77 114.67
C SER FC 83 11.15 -34.17 113.46
N LEU FC 84 10.36 -33.50 112.61
CA LEU FC 84 10.93 -32.85 111.43
C LEU FC 84 11.91 -31.75 111.82
N GLN FC 85 11.56 -30.97 112.84
CA GLN FC 85 12.48 -29.93 113.32
C GLN FC 85 13.76 -30.52 113.86
N GLU FC 86 13.70 -31.74 114.41
CA GLU FC 86 14.90 -32.39 114.90
C GLU FC 86 15.88 -32.66 113.77
N LEU FC 87 15.39 -33.13 112.62
CA LEU FC 87 16.26 -33.37 111.48
C LEU FC 87 16.95 -32.09 111.02
N LYS FC 88 16.26 -30.96 111.12
CA LYS FC 88 16.84 -29.69 110.69
C LYS FC 88 18.04 -29.31 111.54
N THR FC 89 17.96 -29.51 112.85
CA THR FC 89 19.04 -29.12 113.76
C THR FC 89 20.03 -30.24 114.04
N VAL FC 90 19.73 -31.47 113.61
CA VAL FC 90 20.66 -32.58 113.81
C VAL FC 90 21.34 -32.99 112.50
N PHE FC 91 20.65 -32.88 111.36
CA PHE FC 91 21.20 -33.26 110.06
C PHE FC 91 21.13 -32.09 109.10
N PRO FC 92 22.01 -31.10 109.27
CA PRO FC 92 22.10 -30.02 108.27
C PRO FC 92 22.94 -30.39 107.06
N HIS FC 93 23.73 -31.45 107.15
CA HIS FC 93 24.55 -31.91 106.04
C HIS FC 93 23.70 -32.75 105.08
N GLY FC 94 24.35 -33.40 104.12
CA GLY FC 94 23.62 -34.13 103.10
C GLY FC 94 23.06 -35.45 103.57
N LEU FC 95 21.75 -35.47 103.84
CA LEU FC 95 21.06 -36.71 104.12
C LEU FC 95 21.03 -37.57 102.85
N PRO FC 96 21.03 -38.88 102.98
CA PRO FC 96 20.97 -39.75 101.79
C PRO FC 96 19.77 -39.42 100.93
N PRO FC 97 19.96 -39.26 99.62
CA PRO FC 97 18.84 -38.82 98.77
C PRO FC 97 17.65 -39.77 98.79
N ARG FC 98 17.90 -41.08 98.85
CA ARG FC 98 16.79 -42.03 98.88
C ARG FC 98 15.98 -41.88 100.16
N PHE FC 99 16.66 -41.69 101.30
CA PHE FC 99 15.95 -41.48 102.56
C PHE FC 99 15.36 -40.08 102.64
N ALA FC 100 16.05 -39.08 102.08
CA ALA FC 100 15.52 -37.72 102.11
C ALA FC 100 14.24 -37.61 101.30
N MET FC 101 14.17 -38.33 100.17
CA MET FC 101 12.94 -38.32 99.39
C MET FC 101 11.82 -39.08 100.09
N GLN FC 102 12.15 -40.15 100.80
CA GLN FC 102 11.12 -40.95 101.47
C GLN FC 102 10.43 -40.17 102.58
N VAL FC 103 11.20 -39.43 103.39
CA VAL FC 103 10.62 -38.68 104.49
C VAL FC 103 9.75 -37.55 103.96
N LYS FC 104 10.17 -36.90 102.86
CA LYS FC 104 9.39 -35.80 102.30
C LYS FC 104 8.01 -36.28 101.85
N THR FC 105 7.94 -37.43 101.19
CA THR FC 105 6.66 -37.95 100.74
C THR FC 105 5.80 -38.41 101.91
N PHE FC 106 6.40 -39.17 102.83
CA PHE FC 106 5.65 -39.69 103.97
C PHE FC 106 5.31 -38.59 104.97
N ASN FC 107 6.07 -37.50 104.97
CA ASN FC 107 5.97 -36.41 105.95
C ASN FC 107 6.28 -36.88 107.36
N GLU FC 108 6.69 -38.13 107.53
CA GLU FC 108 7.06 -38.70 108.82
C GLU FC 108 8.43 -39.36 108.68
N ALA FC 109 9.33 -39.04 109.61
CA ALA FC 109 10.67 -39.60 109.63
C ALA FC 109 10.72 -40.76 110.62
N CYS FC 110 10.99 -41.96 110.14
CA CYS FC 110 11.08 -43.14 110.98
C CYS FC 110 12.34 -43.92 110.61
N LEU FC 111 12.98 -44.47 111.63
CA LEU FC 111 14.19 -45.26 111.46
C LEU FC 111 14.06 -46.55 112.27
N MET FC 112 14.47 -47.66 111.66
CA MET FC 112 14.36 -48.97 112.30
C MET FC 112 15.62 -49.27 113.10
N VAL FC 113 15.42 -49.94 114.24
CA VAL FC 113 16.52 -50.26 115.14
C VAL FC 113 17.26 -51.48 114.59
N ARG FC 114 18.46 -51.27 114.08
CA ARG FC 114 19.30 -52.34 113.54
C ARG FC 114 20.28 -52.84 114.59
N LYS FC 115 20.69 -54.09 114.44
CA LYS FC 115 21.69 -54.66 115.35
C LYS FC 115 23.00 -53.89 115.36
N PRO FC 116 23.60 -53.51 114.22
CA PRO FC 116 24.83 -52.71 114.29
C PRO FC 116 24.65 -51.39 114.99
N ALA FC 117 23.47 -50.78 114.89
CA ALA FC 117 23.21 -49.54 115.63
C ALA FC 117 23.25 -49.77 117.13
N LEU FC 118 22.63 -50.87 117.58
CA LEU FC 118 22.66 -51.20 119.01
C LEU FC 118 24.07 -51.56 119.47
N GLU FC 119 24.81 -52.30 118.64
CA GLU FC 119 26.16 -52.71 119.02
C GLU FC 119 27.06 -51.50 119.21
N LEU FC 120 26.98 -50.52 118.30
CA LEU FC 120 27.77 -49.30 118.46
C LEU FC 120 27.23 -48.42 119.58
N LEU FC 121 25.90 -48.46 119.81
CA LEU FC 121 25.32 -47.69 120.91
C LEU FC 121 25.83 -48.20 122.25
N HIS FC 122 25.95 -49.52 122.40
CA HIS FC 122 26.44 -50.09 123.66
C HIS FC 122 27.87 -49.65 123.93
N TYR FC 123 28.72 -49.63 122.89
CA TYR FC 123 30.10 -49.23 123.08
C TYR FC 123 30.21 -47.74 123.40
N LEU FC 124 29.32 -46.92 122.85
CA LEU FC 124 29.36 -45.48 123.13
C LEU FC 124 29.09 -45.19 124.59
N LYS FC 125 28.13 -45.90 125.20
CA LYS FC 125 27.81 -45.69 126.61
C LYS FC 125 28.96 -46.09 127.53
N ASN FC 126 29.87 -46.94 127.06
CA ASN FC 126 31.01 -47.39 127.85
C ASN FC 126 32.30 -46.67 127.48
N THR FC 127 32.22 -45.60 126.69
CA THR FC 127 33.41 -44.86 126.31
C THR FC 127 34.01 -44.13 127.50
N ASN FC 128 35.33 -44.23 127.64
CA ASN FC 128 36.07 -43.53 128.68
C ASN FC 128 36.84 -42.39 128.02
N PHE FC 129 36.44 -41.16 128.33
CA PHE FC 129 37.06 -39.99 127.68
C PHE FC 129 38.52 -39.81 128.08
N ALA FC 130 38.94 -40.39 129.20
CA ALA FC 130 40.36 -40.36 129.55
C ALA FC 130 41.20 -41.12 128.54
N HIS FC 131 40.69 -42.26 128.06
CA HIS FC 131 41.38 -43.01 127.03
C HIS FC 131 41.34 -42.26 125.70
N PRO FC 132 42.29 -42.55 124.79
CA PRO FC 132 42.29 -41.88 123.50
C PRO FC 132 41.11 -42.28 122.63
N ALA FC 133 41.02 -41.71 121.44
CA ALA FC 133 39.88 -41.96 120.56
C ALA FC 133 39.85 -43.42 120.11
N VAL FC 134 38.63 -43.93 119.93
CA VAL FC 134 38.41 -45.30 119.47
C VAL FC 134 37.79 -45.23 118.07
N ARG FC 135 38.37 -45.98 117.14
CA ARG FC 135 37.95 -45.94 115.75
C ARG FC 135 36.94 -47.05 115.49
N TYR FC 136 35.75 -46.67 115.04
CA TYR FC 136 34.70 -47.61 114.67
C TYR FC 136 34.45 -47.47 113.17
N VAL FC 137 34.40 -48.60 112.47
CA VAL FC 137 34.19 -48.62 111.03
C VAL FC 137 32.99 -49.51 110.72
N LEU FC 138 32.20 -49.10 109.73
CA LEU FC 138 31.06 -49.86 109.26
C LEU FC 138 31.32 -50.31 107.83
N TYR FC 139 31.21 -51.62 107.59
CA TYR FC 139 31.45 -52.19 106.27
C TYR FC 139 30.35 -53.17 105.92
N GLY FC 140 30.13 -53.35 104.63
CA GLY FC 140 29.12 -54.28 104.16
C GLY FC 140 28.88 -54.09 102.68
N GLU FC 141 27.98 -54.92 102.16
CA GLU FC 141 27.64 -54.85 100.75
C GLU FC 141 26.79 -53.61 100.47
N LYS FC 142 26.67 -53.28 99.19
CA LYS FC 142 25.98 -52.07 98.77
C LYS FC 142 24.49 -52.17 99.08
N GLY FC 143 23.93 -51.06 99.59
CA GLY FC 143 22.51 -51.02 99.88
C GLY FC 143 22.09 -51.64 101.19
N THR FC 144 22.97 -51.72 102.17
CA THR FC 144 22.65 -52.29 103.47
C THR FC 144 22.29 -51.25 104.51
N GLY FC 145 22.16 -49.97 104.12
CA GLY FC 145 21.82 -48.94 105.08
C GLY FC 145 22.95 -48.55 106.01
N LYS FC 146 24.20 -48.56 105.52
CA LYS FC 146 25.32 -48.15 106.35
C LYS FC 146 25.22 -46.68 106.73
N THR FC 147 24.80 -45.83 105.79
CA THR FC 147 24.70 -44.40 106.08
C THR FC 147 23.63 -44.14 107.15
N LEU FC 148 22.48 -44.81 107.05
CA LEU FC 148 21.44 -44.62 108.05
C LEU FC 148 21.88 -45.11 109.42
N SER FC 149 22.68 -46.17 109.48
CA SER FC 149 23.24 -46.60 110.75
C SER FC 149 24.16 -45.54 111.33
N LEU FC 150 24.94 -44.88 110.48
CA LEU FC 150 25.76 -43.75 110.94
C LEU FC 150 24.89 -42.60 111.42
N CYS FC 151 23.78 -42.33 110.70
CA CYS FC 151 22.88 -41.27 111.11
C CYS FC 151 22.22 -41.56 112.45
N HIS FC 152 21.90 -42.83 112.72
CA HIS FC 152 21.34 -43.19 114.02
C HIS FC 152 22.32 -42.89 115.14
N ILE FC 153 23.60 -43.18 114.93
CA ILE FC 153 24.63 -42.81 115.89
C ILE FC 153 24.73 -41.29 115.99
N LEU FC 154 24.62 -40.61 114.85
CA LEU FC 154 24.74 -39.15 114.84
C LEU FC 154 23.61 -38.51 115.67
N HIS FC 155 22.39 -39.02 115.53
CA HIS FC 155 21.27 -38.47 116.29
C HIS FC 155 21.42 -38.74 117.78
N PHE FC 156 21.94 -39.92 118.14
CA PHE FC 156 22.12 -40.26 119.54
C PHE FC 156 23.10 -39.32 120.22
N CYS FC 157 24.23 -39.02 119.56
CA CYS FC 157 25.21 -38.12 120.16
C CYS FC 157 24.70 -36.69 120.19
N ALA FC 158 23.94 -36.28 119.17
CA ALA FC 158 23.32 -34.95 119.20
C ALA FC 158 22.32 -34.83 120.34
N LYS FC 159 21.57 -35.90 120.60
CA LYS FC 159 20.64 -35.90 121.74
C LYS FC 159 21.39 -35.77 123.05
N GLN FC 160 22.62 -36.27 123.12
CA GLN FC 160 23.47 -36.13 124.30
C GLN FC 160 24.31 -34.86 124.27
N ASN FC 161 24.08 -33.98 123.29
CA ASN FC 161 24.75 -32.68 123.18
C ASN FC 161 26.26 -32.86 123.03
N TRP FC 162 26.64 -33.55 121.97
CA TRP FC 162 28.04 -33.75 121.61
C TRP FC 162 28.45 -32.81 120.49
N LEU FC 163 29.76 -32.67 120.30
CA LEU FC 163 30.28 -31.91 119.18
C LEU FC 163 30.27 -32.81 117.94
N ILE FC 164 29.67 -32.32 116.86
CA ILE FC 164 29.41 -33.13 115.67
C ILE FC 164 30.27 -32.63 114.52
N LEU FC 165 31.04 -33.55 113.93
CA LEU FC 165 31.77 -33.30 112.69
C LEU FC 165 31.35 -34.39 111.71
N HIS FC 166 30.26 -34.14 110.99
CA HIS FC 166 29.66 -35.14 110.10
C HIS FC 166 30.02 -34.81 108.65
N ILE FC 167 30.57 -35.81 107.96
CA ILE FC 167 30.90 -35.71 106.54
C ILE FC 167 29.89 -36.55 105.77
N PRO FC 168 29.07 -35.95 104.90
CA PRO FC 168 28.08 -36.76 104.16
C PRO FC 168 28.72 -37.79 103.25
N ASP FC 169 29.61 -37.35 102.36
CA ASP FC 169 30.33 -38.26 101.46
C ASP FC 169 31.68 -37.65 101.17
N ALA FC 170 32.74 -38.31 101.64
CA ALA FC 170 34.09 -37.81 101.41
C ALA FC 170 34.48 -37.85 99.93
N HIS FC 171 33.79 -38.65 99.12
CA HIS FC 171 34.11 -38.72 97.71
C HIS FC 171 33.77 -37.42 96.98
N ILE FC 172 32.84 -36.64 97.54
CA ILE FC 172 32.48 -35.36 96.93
C ILE FC 172 33.68 -34.42 96.92
N TRP FC 173 34.49 -34.46 97.98
CA TRP FC 173 35.68 -33.64 98.06
C TRP FC 173 36.83 -34.18 97.21
N VAL FC 174 36.65 -35.31 96.54
CA VAL FC 174 37.68 -35.94 95.76
C VAL FC 174 37.44 -35.81 94.26
N LYS FC 175 36.19 -35.97 93.83
CA LYS FC 175 35.85 -36.00 92.42
C LYS FC 175 34.90 -34.87 92.06
N ASN FC 176 34.97 -34.46 90.78
CA ASN FC 176 34.06 -33.48 90.20
C ASN FC 176 34.10 -32.15 90.97
N CYS FC 177 35.27 -31.51 90.95
CA CYS FC 177 35.45 -30.18 91.51
C CYS FC 177 35.64 -29.19 90.38
N ARG FC 178 34.74 -28.20 90.31
CA ARG FC 178 34.81 -27.22 89.23
C ARG FC 178 36.00 -26.28 89.39
N ASP FC 179 36.26 -25.84 90.62
CA ASP FC 179 37.34 -24.91 90.91
C ASP FC 179 38.48 -25.63 91.62
N LEU FC 180 39.71 -25.33 91.19
CA LEU FC 180 40.92 -25.91 91.79
C LEU FC 180 41.89 -24.75 92.01
N LEU FC 181 41.83 -24.16 93.21
CA LEU FC 181 42.64 -22.99 93.55
C LEU FC 181 43.87 -23.42 94.34
N GLN FC 182 45.03 -22.90 93.94
CA GLN FC 182 46.26 -23.20 94.65
C GLN FC 182 46.25 -22.56 96.04
N SER FC 183 46.83 -23.27 97.00
CA SER FC 183 46.83 -22.83 98.39
C SER FC 183 47.87 -21.74 98.61
N ASN FC 184 47.73 -21.04 99.74
CA ASN FC 184 48.64 -19.98 100.14
C ASN FC 184 49.54 -20.36 101.30
N TYR FC 185 49.03 -21.09 102.29
CA TYR FC 185 49.85 -21.54 103.40
C TYR FC 185 50.97 -22.46 102.92
N ASN FC 186 50.64 -23.38 102.01
CA ASN FC 186 51.62 -24.25 101.37
C ASN FC 186 51.47 -24.11 99.87
N LYS FC 187 52.57 -23.79 99.18
CA LYS FC 187 52.50 -23.56 97.74
C LYS FC 187 52.10 -24.82 96.99
N GLN FC 188 52.63 -25.98 97.40
CA GLN FC 188 52.35 -27.23 96.71
C GLN FC 188 51.10 -27.92 97.24
N ARG FC 189 49.99 -27.17 97.28
CA ARG FC 189 48.71 -27.71 97.69
C ARG FC 189 47.61 -26.94 96.97
N PHE FC 190 46.43 -27.55 96.90
CA PHE FC 190 45.29 -26.99 96.20
C PHE FC 190 44.11 -26.85 97.15
N ASP FC 191 43.14 -26.02 96.75
CA ASP FC 191 41.98 -25.72 97.56
C ASP FC 191 40.71 -26.04 96.78
N GLN FC 192 39.63 -26.30 97.53
CA GLN FC 192 38.31 -26.58 96.97
C GLN FC 192 37.32 -25.65 97.65
N PRO FC 193 37.29 -24.37 97.26
CA PRO FC 193 36.44 -23.41 97.98
C PRO FC 193 34.96 -23.74 97.94
N LEU FC 194 34.47 -24.30 96.83
CA LEU FC 194 33.04 -24.59 96.73
C LEU FC 194 32.62 -25.67 97.72
N GLU FC 195 33.40 -26.74 97.84
CA GLU FC 195 33.05 -27.81 98.77
C GLU FC 195 33.27 -27.38 100.21
N ALA FC 196 34.36 -26.64 100.48
CA ALA FC 196 34.63 -26.19 101.84
C ALA FC 196 33.56 -25.22 102.33
N SER FC 197 33.15 -24.28 101.47
CA SER FC 197 32.16 -23.28 101.90
C SER FC 197 30.82 -23.93 102.23
N THR FC 198 30.41 -24.92 101.44
CA THR FC 198 29.13 -25.57 101.70
C THR FC 198 29.13 -26.30 103.03
N TRP FC 199 30.24 -26.98 103.35
CA TRP FC 199 30.32 -27.70 104.63
C TRP FC 199 30.27 -26.74 105.81
N LEU FC 200 30.92 -25.59 105.69
CA LEU FC 200 30.94 -24.61 106.78
C LEU FC 200 29.53 -24.12 107.10
N LYS FC 201 28.73 -23.85 106.07
CA LYS FC 201 27.36 -23.41 106.29
C LYS FC 201 26.54 -24.49 107.01
N ASN FC 202 26.70 -25.75 106.61
CA ASN FC 202 26.00 -26.83 107.27
C ASN FC 202 26.48 -27.01 108.71
N PHE FC 203 27.80 -26.89 108.93
CA PHE FC 203 28.35 -27.04 110.27
C PHE FC 203 27.93 -25.89 111.18
N LYS FC 204 27.77 -24.69 110.63
CA LYS FC 204 27.36 -23.55 111.44
C LYS FC 204 25.96 -23.77 112.02
N THR FC 205 25.05 -24.33 111.22
CA THR FC 205 23.69 -24.57 111.68
C THR FC 205 23.56 -25.85 112.51
N ALA FC 206 24.58 -26.71 112.51
CA ALA FC 206 24.51 -27.93 113.31
C ALA FC 206 24.47 -27.62 114.80
N ASN FC 207 25.29 -26.67 115.24
CA ASN FC 207 25.35 -26.29 116.65
C ASN FC 207 25.72 -24.81 116.73
N GLU FC 208 25.22 -24.16 117.77
CA GLU FC 208 25.44 -22.73 117.94
C GLU FC 208 26.03 -22.42 119.32
N HIS FC 209 25.64 -23.19 120.34
CA HIS FC 209 26.15 -22.95 121.68
C HIS FC 209 27.65 -23.16 121.75
N PHE FC 210 28.17 -24.21 121.11
CA PHE FC 210 29.59 -24.47 121.14
C PHE FC 210 30.39 -23.46 120.32
N LEU FC 211 29.81 -22.96 119.23
CA LEU FC 211 30.53 -22.02 118.38
C LEU FC 211 30.87 -20.73 119.12
N SER FC 212 30.04 -20.34 120.09
CA SER FC 212 30.32 -19.18 120.93
C SER FC 212 31.09 -19.54 122.19
N GLN FC 213 30.85 -20.71 122.76
CA GLN FC 213 31.54 -21.12 123.97
C GLN FC 213 33.03 -21.36 123.72
N ILE FC 214 33.36 -21.90 122.54
CA ILE FC 214 34.75 -22.17 122.20
C ILE FC 214 35.48 -20.86 121.96
N LYS FC 215 36.63 -20.71 122.61
CA LYS FC 215 37.49 -19.55 122.46
C LYS FC 215 38.76 -19.97 121.73
N VAL FC 216 39.14 -19.21 120.71
CA VAL FC 216 40.35 -19.49 119.94
C VAL FC 216 41.52 -18.76 120.56
N GLN FC 217 42.60 -19.49 120.86
CA GLN FC 217 43.81 -18.92 121.43
C GLN FC 217 44.96 -19.22 120.47
N GLU FC 218 45.12 -18.36 119.48
CA GLU FC 218 46.21 -18.45 118.51
C GLU FC 218 46.31 -17.10 117.81
N LYS FC 219 47.18 -17.03 116.81
CA LYS FC 219 47.30 -15.85 115.97
C LYS FC 219 47.09 -16.31 114.52
N TYR FC 220 45.94 -15.96 113.96
CA TYR FC 220 45.56 -16.37 112.61
C TYR FC 220 45.46 -15.14 111.72
N VAL FC 221 46.11 -15.19 110.57
CA VAL FC 221 46.13 -14.09 109.61
C VAL FC 221 45.52 -14.60 108.31
N TRP FC 222 44.47 -13.92 107.84
CA TRP FC 222 43.85 -14.28 106.57
C TRP FC 222 44.55 -13.60 105.41
N ASN FC 223 44.57 -12.26 105.43
CA ASN FC 223 45.28 -11.46 104.43
C ASN FC 223 46.06 -10.38 105.15
N LYS FC 224 46.71 -9.50 104.37
CA LYS FC 224 47.45 -8.39 104.96
C LYS FC 224 46.53 -7.34 105.57
N ARG FC 225 45.22 -7.39 105.30
CA ARG FC 225 44.28 -6.41 105.82
C ARG FC 225 43.47 -6.90 107.01
N GLU FC 226 43.01 -8.14 107.00
CA GLU FC 226 42.17 -8.68 108.06
C GLU FC 226 42.83 -9.91 108.68
N SER FC 227 42.64 -10.05 110.00
CA SER FC 227 43.16 -11.20 110.72
C SER FC 227 42.36 -11.37 112.00
N THR FC 228 42.45 -12.57 112.59
CA THR FC 228 41.77 -12.89 113.82
C THR FC 228 42.80 -13.22 114.89
N GLU FC 229 42.71 -12.55 116.03
CA GLU FC 229 43.62 -12.74 117.14
C GLU FC 229 43.03 -13.74 118.13
N LYS FC 230 43.79 -14.00 119.20
CA LYS FC 230 43.35 -14.95 120.20
C LYS FC 230 42.21 -14.36 121.04
N GLY FC 231 41.40 -15.25 121.60
CA GLY FC 231 40.28 -14.86 122.44
C GLY FC 231 38.96 -14.72 121.72
N ARG FC 232 38.98 -14.60 120.39
CA ARG FC 232 37.74 -14.49 119.65
C ARG FC 232 37.02 -15.83 119.62
N PRO FC 233 35.69 -15.83 119.69
CA PRO FC 233 34.95 -17.10 119.60
C PRO FC 233 35.10 -17.73 118.23
N LEU FC 234 35.08 -19.07 118.21
CA LEU FC 234 35.23 -19.81 116.96
C LEU FC 234 34.05 -19.59 116.02
N GLY FC 235 32.90 -19.15 116.54
CA GLY FC 235 31.78 -18.85 115.68
C GLY FC 235 32.06 -17.73 114.70
N GLU FC 236 32.85 -16.73 115.13
CA GLU FC 236 33.24 -15.67 114.22
C GLU FC 236 34.21 -16.16 113.14
N VAL FC 237 35.03 -17.16 113.47
CA VAL FC 237 36.02 -17.65 112.52
C VAL FC 237 35.33 -18.36 111.35
N VAL FC 238 34.38 -19.24 111.67
CA VAL FC 238 33.69 -19.98 110.61
C VAL FC 238 32.84 -19.04 109.77
N GLU FC 239 32.22 -18.03 110.39
CA GLU FC 239 31.44 -17.07 109.64
C GLU FC 239 32.31 -16.26 108.69
N GLN FC 240 33.55 -15.94 109.10
CA GLN FC 240 34.46 -15.25 108.20
C GLN FC 240 34.80 -16.12 107.00
N GLY FC 241 34.99 -17.42 107.21
CA GLY FC 241 35.28 -18.31 106.10
C GLY FC 241 34.12 -18.44 105.14
N ILE FC 242 32.89 -18.42 105.64
CA ILE FC 242 31.73 -18.51 104.78
C ILE FC 242 31.66 -17.30 103.85
N MET FC 243 31.86 -16.10 104.40
CA MET FC 243 31.81 -14.89 103.59
C MET FC 243 32.99 -14.82 102.63
N ARG FC 244 34.17 -15.22 103.08
CA ARG FC 244 35.39 -15.18 102.27
C ARG FC 244 35.64 -16.58 101.74
N VAL FC 245 35.07 -16.87 100.56
CA VAL FC 245 35.17 -18.21 99.99
C VAL FC 245 36.60 -18.55 99.60
N ARG FC 246 37.43 -17.54 99.29
CA ARG FC 246 38.81 -17.80 98.94
C ARG FC 246 39.57 -18.45 100.09
N ASN FC 247 39.34 -17.98 101.32
CA ASN FC 247 40.00 -18.51 102.50
C ASN FC 247 39.12 -19.48 103.28
N ALA FC 248 38.01 -19.93 102.68
CA ALA FC 248 37.15 -20.90 103.35
C ALA FC 248 37.87 -22.22 103.59
N THR FC 249 38.68 -22.64 102.63
CA THR FC 249 39.42 -23.90 102.78
C THR FC 249 40.40 -23.81 103.95
N ASP FC 250 41.09 -22.68 104.09
CA ASP FC 250 41.97 -22.49 105.25
C ASP FC 250 41.17 -22.45 106.54
N ALA FC 251 39.93 -21.92 106.49
CA ALA FC 251 39.09 -21.91 107.68
C ALA FC 251 38.75 -23.32 108.13
N VAL FC 252 38.49 -24.23 107.18
CA VAL FC 252 38.18 -25.61 107.54
C VAL FC 252 39.35 -26.24 108.28
N GLY FC 253 40.57 -26.03 107.78
CA GLY FC 253 41.74 -26.55 108.47
C GLY FC 253 41.93 -25.93 109.84
N ILE FC 254 41.66 -24.62 109.95
CA ILE FC 254 41.78 -23.94 111.24
C ILE FC 254 40.76 -24.49 112.23
N VAL FC 255 39.51 -24.67 111.78
CA VAL FC 255 38.48 -25.20 112.67
C VAL FC 255 38.82 -26.61 113.11
N LEU FC 256 39.32 -27.43 112.18
CA LEU FC 256 39.64 -28.82 112.52
C LEU FC 256 40.76 -28.89 113.56
N LYS FC 257 41.83 -28.13 113.36
CA LYS FC 257 42.98 -28.22 114.27
C LYS FC 257 42.66 -27.62 115.63
N GLU FC 258 41.83 -26.57 115.66
CA GLU FC 258 41.49 -25.95 116.94
C GLU FC 258 40.70 -26.90 117.82
N LEU FC 259 39.73 -27.62 117.25
CA LEU FC 259 38.95 -28.57 118.02
C LEU FC 259 39.81 -29.72 118.52
N LYS FC 260 40.73 -30.21 117.69
CA LYS FC 260 41.58 -31.34 118.08
C LYS FC 260 42.47 -30.97 119.27
N ARG FC 261 43.08 -29.78 119.24
CA ARG FC 261 43.96 -29.38 120.33
C ARG FC 261 43.17 -29.20 121.63
N GLN FC 262 41.99 -28.60 121.56
CA GLN FC 262 41.17 -28.39 122.74
C GLN FC 262 40.33 -29.60 123.12
N SER FC 263 40.37 -30.68 122.33
CA SER FC 263 39.60 -31.87 122.64
C SER FC 263 40.08 -32.56 123.92
N SER FC 264 41.32 -32.31 124.33
CA SER FC 264 41.84 -32.91 125.54
C SER FC 264 41.13 -32.40 126.80
N LEU FC 265 40.48 -31.25 126.72
CA LEU FC 265 39.76 -30.71 127.86
C LEU FC 265 38.44 -31.45 128.05
N GLY FC 266 37.85 -31.26 129.24
CA GLY FC 266 36.58 -31.87 129.58
C GLY FC 266 35.36 -31.14 129.06
N ILE FC 267 35.55 -30.04 128.34
CA ILE FC 267 34.42 -29.29 127.81
C ILE FC 267 33.88 -29.86 126.50
N PHE FC 268 34.58 -30.81 125.90
CA PHE FC 268 34.21 -31.36 124.60
C PHE FC 268 33.77 -32.81 124.73
N HIS FC 269 32.78 -33.17 123.92
CA HIS FC 269 32.40 -34.57 123.69
C HIS FC 269 32.40 -34.74 122.17
N LEU FC 270 33.59 -34.95 121.60
CA LEU FC 270 33.78 -34.84 120.17
C LEU FC 270 33.39 -36.13 119.46
N LEU FC 271 32.52 -36.00 118.46
CA LEU FC 271 32.17 -37.09 117.57
C LEU FC 271 32.40 -36.65 116.13
N VAL FC 272 33.20 -37.41 115.40
CA VAL FC 272 33.51 -37.14 114.01
C VAL FC 272 32.97 -38.29 113.18
N ALA FC 273 32.09 -37.98 112.24
CA ALA FC 273 31.47 -38.97 111.37
C ALA FC 273 31.95 -38.71 109.93
N VAL FC 274 32.74 -39.64 109.40
CA VAL FC 274 33.24 -39.54 108.04
C VAL FC 274 32.73 -40.74 107.25
N ASP FC 275 32.02 -40.48 106.16
CA ASP FC 275 31.45 -41.52 105.31
C ASP FC 275 32.25 -41.55 104.01
N GLY FC 276 32.70 -42.74 103.62
CA GLY FC 276 33.55 -42.88 102.47
C GLY FC 276 35.00 -42.65 102.83
N VAL FC 277 35.46 -43.26 103.92
CA VAL FC 277 36.81 -43.06 104.40
C VAL FC 277 37.85 -43.58 103.41
N ASN FC 278 37.47 -44.53 102.56
CA ASN FC 278 38.40 -45.08 101.59
C ASN FC 278 38.87 -44.04 100.58
N ALA FC 279 38.17 -42.91 100.46
CA ALA FC 279 38.58 -41.84 99.56
C ALA FC 279 39.73 -41.01 100.12
N LEU FC 280 40.07 -41.17 101.40
CA LEU FC 280 41.16 -40.42 102.00
C LEU FC 280 42.53 -40.97 101.63
N TRP FC 281 42.59 -42.13 100.97
CA TRP FC 281 43.85 -42.72 100.54
C TRP FC 281 43.87 -43.12 99.07
N GLY FC 282 42.71 -43.28 98.42
CA GLY FC 282 42.68 -43.66 97.03
C GLY FC 282 43.11 -42.54 96.10
N ARG FC 283 43.32 -42.92 94.84
CA ARG FC 283 43.75 -41.96 93.85
C ARG FC 283 42.62 -40.99 93.51
N THR FC 284 42.99 -39.80 93.07
CA THR FC 284 42.05 -38.72 92.81
C THR FC 284 41.90 -38.50 91.32
N THR FC 285 40.65 -38.42 90.86
CA THR FC 285 40.38 -38.21 89.44
C THR FC 285 40.79 -36.80 88.99
N LEU FC 286 40.70 -35.82 89.89
CA LEU FC 286 41.00 -34.44 89.54
C LEU FC 286 42.41 -34.30 88.99
N LYS FC 287 42.54 -33.54 87.91
CA LYS FC 287 43.81 -33.27 87.27
C LYS FC 287 44.17 -31.80 87.41
N ARG FC 288 45.30 -31.42 86.83
CA ARG FC 288 45.83 -30.06 86.89
C ARG FC 288 45.90 -29.48 85.48
N GLU FC 289 46.51 -28.30 85.37
CA GLU FC 289 46.62 -27.62 84.08
C GLU FC 289 47.34 -28.48 83.05
N ASP FC 290 48.20 -29.40 83.50
CA ASP FC 290 48.88 -30.33 82.60
C ASP FC 290 48.07 -31.59 82.34
N LYS FC 291 46.84 -31.67 82.87
CA LYS FC 291 45.96 -32.84 82.72
C LYS FC 291 46.63 -34.10 83.25
N SER FC 292 47.32 -33.98 84.39
CA SER FC 292 47.94 -35.10 85.05
C SER FC 292 47.27 -35.33 86.40
N PRO FC 293 47.05 -36.58 86.79
CA PRO FC 293 46.38 -36.84 88.08
C PRO FC 293 47.21 -36.35 89.26
N ILE FC 294 46.50 -35.94 90.30
CA ILE FC 294 47.13 -35.41 91.50
C ILE FC 294 46.94 -36.42 92.64
N ALA FC 295 47.91 -36.46 93.54
CA ALA FC 295 47.83 -37.34 94.68
C ALA FC 295 46.74 -36.88 95.64
N PRO FC 296 46.14 -37.80 96.41
CA PRO FC 296 45.13 -37.40 97.39
C PRO FC 296 45.69 -36.50 98.49
N GLU FC 297 47.00 -36.51 98.71
CA GLU FC 297 47.60 -35.65 99.73
C GLU FC 297 47.76 -34.21 99.28
N GLU FC 298 47.66 -33.95 97.97
CA GLU FC 298 47.78 -32.59 97.47
C GLU FC 298 46.64 -31.71 97.95
N LEU FC 299 45.43 -32.27 98.00
CA LEU FC 299 44.26 -31.51 98.42
C LEU FC 299 44.38 -31.15 99.90
N ALA FC 300 44.10 -29.88 100.22
CA ALA FC 300 44.21 -29.42 101.59
C ALA FC 300 43.15 -30.06 102.48
N LEU FC 301 41.93 -30.21 101.96
CA LEU FC 301 40.84 -30.75 102.78
C LEU FC 301 41.13 -32.19 103.21
N ILE FC 302 41.62 -33.02 102.29
CA ILE FC 302 41.91 -34.40 102.64
C ILE FC 302 43.11 -34.47 103.58
N HIS FC 303 44.14 -33.67 103.32
CA HIS FC 303 45.35 -33.72 104.14
C HIS FC 303 45.05 -33.34 105.58
N ASN FC 304 44.25 -32.29 105.79
CA ASN FC 304 43.91 -31.88 107.14
C ASN FC 304 42.93 -32.84 107.79
N LEU FC 305 41.97 -33.37 107.02
CA LEU FC 305 41.08 -34.39 107.55
C LEU FC 305 41.83 -35.68 107.86
N ARG FC 306 42.97 -35.90 107.19
CA ARG FC 306 43.80 -37.07 107.50
C ARG FC 306 44.31 -37.02 108.94
N LYS FC 307 44.68 -35.82 109.41
CA LYS FC 307 45.13 -35.67 110.79
C LYS FC 307 44.00 -35.85 111.81
N MET FC 308 42.74 -35.89 111.35
CA MET FC 308 41.60 -36.03 112.24
C MET FC 308 41.20 -37.48 112.48
N VAL FC 309 41.85 -38.43 111.82
CA VAL FC 309 41.54 -39.84 112.01
C VAL FC 309 42.69 -40.61 112.66
N LYS FC 310 43.89 -40.04 112.71
CA LYS FC 310 44.99 -40.68 113.41
C LYS FC 310 44.79 -40.56 114.91
N ASN FC 311 44.89 -41.67 115.62
CA ASN FC 311 44.56 -41.71 117.04
C ASN FC 311 45.68 -41.11 117.89
N ASP FC 312 45.57 -39.81 118.16
CA ASP FC 312 46.52 -39.15 119.05
C ASP FC 312 45.88 -38.22 120.07
N TRP FC 313 44.66 -37.76 119.85
CA TRP FC 313 44.01 -36.85 120.79
C TRP FC 313 43.18 -37.64 121.80
N GLN FC 314 42.69 -36.93 122.81
CA GLN FC 314 41.93 -37.53 123.89
C GLN FC 314 40.54 -36.93 123.96
N GLY FC 315 39.67 -37.61 124.71
CA GLY FC 315 38.32 -37.11 124.94
C GLY FC 315 37.46 -37.02 123.70
N GLY FC 316 37.47 -38.06 122.86
CA GLY FC 316 36.65 -38.05 121.67
C GLY FC 316 36.51 -39.45 121.10
N ALA FC 317 35.58 -39.57 120.15
CA ALA FC 317 35.32 -40.83 119.47
C ALA FC 317 34.93 -40.53 118.03
N ILE FC 318 35.44 -41.34 117.11
CA ILE FC 318 35.20 -41.17 115.68
C ILE FC 318 34.56 -42.43 115.13
N VAL FC 319 33.52 -42.26 114.33
CA VAL FC 319 32.82 -43.36 113.69
C VAL FC 319 33.04 -43.24 112.18
N LEU FC 320 33.54 -44.30 111.57
CA LEU FC 320 33.87 -44.32 110.16
C LEU FC 320 32.98 -45.32 109.42
N THR FC 321 32.96 -45.20 108.10
CA THR FC 321 32.21 -46.11 107.25
C THR FC 321 32.83 -46.11 105.86
N VAL FC 322 33.24 -47.30 105.40
CA VAL FC 322 33.82 -47.46 104.07
C VAL FC 322 32.71 -47.87 103.12
N SER FC 323 32.54 -47.11 102.04
CA SER FC 323 31.45 -47.32 101.09
C SER FC 323 32.02 -47.65 99.71
N GLN FC 324 31.11 -47.89 98.77
CA GLN FC 324 31.46 -48.26 97.40
C GLN FC 324 30.77 -47.41 96.35
N THR FC 325 29.60 -46.81 96.64
CA THR FC 325 28.86 -46.08 95.62
C THR FC 325 29.67 -44.92 95.06
N GLY FC 326 30.32 -44.16 95.94
CA GLY FC 326 31.16 -43.05 95.52
C GLY FC 326 32.62 -43.39 95.32
N SER FC 327 33.00 -44.66 95.42
CA SER FC 327 34.40 -45.03 95.32
C SER FC 327 34.93 -44.81 93.92
N LEU FC 328 36.23 -44.55 93.83
CA LEU FC 328 36.92 -44.33 92.56
C LEU FC 328 37.93 -45.43 92.34
N PHE FC 329 37.97 -45.96 91.12
CA PHE FC 329 38.91 -47.01 90.74
C PHE FC 329 38.77 -48.25 91.63
N LYS FC 330 37.53 -48.56 91.99
CA LYS FC 330 37.25 -49.73 92.82
C LYS FC 330 36.15 -50.56 92.17
N PRO FC 331 36.29 -51.89 92.18
CA PRO FC 331 35.28 -52.74 91.56
C PRO FC 331 33.98 -52.74 92.36
N ARG FC 332 32.90 -53.07 91.64
CA ARG FC 332 31.57 -53.07 92.25
C ARG FC 332 31.45 -54.12 93.35
N ASN FC 333 32.01 -55.31 93.13
CA ASN FC 333 31.82 -56.41 94.08
C ASN FC 333 32.60 -56.19 95.37
N ALA FC 334 33.70 -55.43 95.32
CA ALA FC 334 34.55 -55.27 96.50
C ALA FC 334 33.85 -54.43 97.55
N TYR FC 335 33.74 -54.98 98.75
CA TYR FC 335 33.19 -54.24 99.89
C TYR FC 335 33.99 -54.40 101.18
N LEU FC 336 34.92 -55.34 101.25
CA LEU FC 336 35.69 -55.55 102.46
C LEU FC 336 36.65 -54.38 102.70
N PRO FC 337 36.90 -54.03 103.96
CA PRO FC 337 37.66 -52.80 104.25
C PRO FC 337 39.07 -52.78 103.67
N GLN FC 338 39.74 -53.93 103.59
CA GLN FC 338 41.15 -53.94 103.21
C GLN FC 338 41.34 -53.49 101.77
N GLU FC 339 40.58 -54.05 100.84
CA GLU FC 339 40.74 -53.68 99.44
C GLU FC 339 40.25 -52.27 99.16
N LEU FC 340 39.19 -51.84 99.86
CA LEU FC 340 38.71 -50.47 99.69
C LEU FC 340 39.73 -49.46 100.18
N LEU FC 341 40.31 -49.71 101.36
CA LEU FC 341 41.33 -48.81 101.89
C LEU FC 341 42.68 -49.01 101.20
N GLY FC 342 42.99 -50.23 100.78
CA GLY FC 342 44.27 -50.51 100.17
C GLY FC 342 45.37 -50.72 101.20
N LYS FC 343 46.59 -50.84 100.68
CA LYS FC 343 47.75 -51.04 101.55
C LYS FC 343 47.97 -49.84 102.45
N GLU FC 344 47.91 -48.63 101.87
CA GLU FC 344 48.18 -47.43 102.66
C GLU FC 344 47.01 -47.09 103.58
N GLY FC 345 45.78 -47.26 103.09
CA GLY FC 345 44.62 -46.91 103.90
C GLY FC 345 44.49 -47.79 105.14
N PHE FC 346 44.65 -49.09 104.97
CA PHE FC 346 44.56 -50.01 106.10
C PHE FC 346 45.75 -49.85 107.05
N ASP FC 347 46.90 -49.45 106.52
CA ASP FC 347 48.10 -49.31 107.35
C ASP FC 347 47.92 -48.22 108.40
N ALA FC 348 47.29 -47.11 108.02
CA ALA FC 348 47.14 -45.95 108.91
C ALA FC 348 45.78 -45.91 109.60
N LEU FC 349 45.20 -47.07 109.90
CA LEU FC 349 43.92 -47.13 110.59
C LEU FC 349 43.87 -48.13 111.73
N ASP FC 350 44.82 -49.06 111.82
CA ASP FC 350 44.80 -50.05 112.89
C ASP FC 350 45.13 -49.39 114.22
N PRO FC 351 44.49 -49.82 115.32
CA PRO FC 351 43.41 -50.81 115.40
C PRO FC 351 42.03 -50.18 115.19
N PHE FC 352 41.01 -51.00 114.97
CA PHE FC 352 39.64 -50.53 114.83
C PHE FC 352 38.70 -51.69 115.11
N ILE FC 353 37.40 -51.39 115.12
CA ILE FC 353 36.37 -52.39 115.34
C ILE FC 353 35.55 -52.51 114.06
N PRO FC 354 35.79 -53.56 113.26
CA PRO FC 354 35.03 -53.74 112.01
C PRO FC 354 33.62 -54.28 112.22
N ILE FC 355 32.70 -53.38 112.52
CA ILE FC 355 31.30 -53.76 112.70
C ILE FC 355 30.68 -54.06 111.34
N LEU FC 356 30.04 -55.22 111.23
CA LEU FC 356 29.48 -55.69 109.98
C LEU FC 356 28.00 -55.35 109.90
N VAL FC 357 27.57 -54.80 108.77
CA VAL FC 357 26.17 -54.50 108.52
C VAL FC 357 25.60 -55.60 107.63
N SER FC 358 24.55 -56.26 108.09
CA SER FC 358 23.94 -57.38 107.38
C SER FC 358 22.61 -56.96 106.77
N ASN FC 359 21.97 -57.89 106.08
CA ASN FC 359 20.69 -57.65 105.44
C ASN FC 359 19.57 -57.82 106.47
N TYR FC 360 18.33 -57.76 106.01
CA TYR FC 360 17.19 -57.92 106.91
C TYR FC 360 17.05 -59.38 107.35
N ASN FC 361 16.69 -59.55 108.61
CA ASN FC 361 16.25 -60.85 109.10
C ASN FC 361 14.77 -61.02 108.84
N PRO FC 362 14.24 -62.26 108.92
CA PRO FC 362 12.80 -62.45 108.68
C PRO FC 362 11.91 -61.60 109.57
N LYS FC 363 12.31 -61.37 110.82
CA LYS FC 363 11.54 -60.49 111.69
C LYS FC 363 11.57 -59.05 111.18
N GLU FC 364 12.74 -58.56 110.78
CA GLU FC 364 12.84 -57.18 110.30
C GLU FC 364 12.08 -57.00 108.99
N PHE FC 365 12.10 -58.01 108.12
CA PHE FC 365 11.45 -57.88 106.82
C PHE FC 365 9.95 -57.64 106.97
N GLU FC 366 9.30 -58.37 107.88
CA GLU FC 366 7.87 -58.19 108.11
C GLU FC 366 7.59 -56.79 108.66
N SER FC 367 8.41 -56.32 109.59
CA SER FC 367 8.19 -55.00 110.18
C SER FC 367 8.30 -53.90 109.13
N CYS FC 368 9.30 -53.99 108.25
CA CYS FC 368 9.46 -52.98 107.21
C CYS FC 368 8.29 -52.99 106.23
N ILE FC 369 7.83 -54.18 105.85
CA ILE FC 369 6.68 -54.28 104.95
C ILE FC 369 5.42 -53.75 105.62
N GLN FC 370 5.20 -54.12 106.88
CA GLN FC 370 4.04 -53.61 107.61
C GLN FC 370 4.12 -52.11 107.81
N TYR FC 371 5.33 -51.57 107.92
CA TYR FC 371 5.49 -50.12 108.07
C TYR FC 371 4.95 -49.38 106.84
N TYR FC 372 5.25 -49.88 105.64
CA TYR FC 372 4.74 -49.24 104.44
C TYR FC 372 3.23 -49.37 104.32
N LEU FC 373 2.68 -50.53 104.73
CA LEU FC 373 1.24 -50.72 104.69
C LEU FC 373 0.53 -49.75 105.64
N GLU FC 374 1.18 -49.37 106.73
CA GLU FC 374 0.60 -48.37 107.62
C GLU FC 374 0.55 -47.00 106.96
N ASN FC 375 1.53 -46.68 106.13
CA ASN FC 375 1.55 -45.43 105.38
C ASN FC 375 0.91 -45.54 104.00
N ASN FC 376 0.33 -46.71 103.68
CA ASN FC 376 -0.36 -46.93 102.40
C ASN FC 376 0.57 -46.67 101.22
N TRP FC 377 1.82 -47.13 101.32
CA TRP FC 377 2.77 -46.93 100.24
C TRP FC 377 2.61 -47.98 99.15
N LEU FC 378 2.52 -49.25 99.53
CA LEU FC 378 2.30 -50.32 98.57
C LEU FC 378 0.83 -50.31 98.14
N GLN FC 379 0.55 -49.75 96.97
CA GLN FC 379 -0.81 -49.56 96.50
C GLN FC 379 -1.29 -50.65 95.56
N HIS FC 380 -0.49 -51.69 95.32
CA HIS FC 380 -0.93 -52.78 94.46
C HIS FC 380 -2.04 -53.56 95.16
N GLU FC 381 -2.97 -54.07 94.35
CA GLU FC 381 -4.13 -54.79 94.89
C GLU FC 381 -3.70 -56.06 95.62
N LYS FC 382 -2.76 -56.80 95.04
CA LYS FC 382 -2.33 -58.07 95.60
C LYS FC 382 -1.09 -57.94 96.48
N ALA FC 383 -0.59 -56.73 96.70
CA ALA FC 383 0.60 -56.55 97.52
C ALA FC 383 0.35 -56.83 98.99
N HIS FC 384 -0.92 -56.83 99.43
CA HIS FC 384 -1.24 -57.08 100.82
C HIS FC 384 -1.23 -58.56 101.19
N THR FC 385 -1.21 -59.44 100.20
CA THR FC 385 -1.24 -60.87 100.45
C THR FC 385 0.16 -61.42 100.72
N GLU FC 386 0.20 -62.64 101.24
CA GLU FC 386 1.49 -63.27 101.54
C GLU FC 386 2.26 -63.62 100.27
N GLU FC 387 1.54 -63.89 99.17
CA GLU FC 387 2.21 -64.19 97.91
C GLU FC 387 3.07 -63.01 97.46
N GLY FC 388 2.55 -61.79 97.58
CA GLY FC 388 3.36 -60.62 97.26
C GLY FC 388 4.55 -60.46 98.19
N LYS FC 389 4.36 -60.80 99.47
CA LYS FC 389 5.46 -60.72 100.43
C LYS FC 389 6.57 -61.69 100.06
N LYS FC 390 6.22 -62.90 99.61
CA LYS FC 390 7.24 -63.85 99.17
C LYS FC 390 8.00 -63.32 97.97
N GLU FC 391 7.29 -62.70 97.02
CA GLU FC 391 7.95 -62.16 95.83
C GLU FC 391 8.90 -61.03 96.20
N LEU FC 392 8.49 -60.16 97.12
CA LEU FC 392 9.38 -59.09 97.56
C LEU FC 392 10.63 -59.64 98.25
N LEU FC 393 10.46 -60.71 99.04
CA LEU FC 393 11.61 -61.31 99.71
C LEU FC 393 12.59 -61.91 98.71
N PHE FC 394 12.08 -62.58 97.68
CA PHE FC 394 12.96 -63.22 96.71
C PHE FC 394 13.63 -62.20 95.79
N LEU FC 395 12.86 -61.23 95.30
CA LEU FC 395 13.42 -60.25 94.37
C LEU FC 395 14.45 -59.36 95.04
N SER FC 396 14.14 -58.88 96.24
CA SER FC 396 15.04 -57.98 96.96
C SER FC 396 16.11 -58.71 97.75
N ASN FC 397 16.00 -60.03 97.89
CA ASN FC 397 16.92 -60.82 98.72
C ASN FC 397 17.01 -60.24 100.13
N ARG FC 398 15.85 -59.89 100.67
CA ARG FC 398 15.69 -59.28 102.00
C ARG FC 398 16.80 -58.26 102.29
N ASN FC 399 17.01 -57.37 101.30
CA ASN FC 399 18.00 -56.31 101.42
C ASN FC 399 17.29 -54.96 101.49
N PRO FC 400 17.66 -54.09 102.44
CA PRO FC 400 16.96 -52.80 102.55
C PRO FC 400 17.05 -51.94 101.31
N GLY FC 401 18.21 -51.93 100.64
CA GLY FC 401 18.37 -51.07 99.48
C GLY FC 401 17.49 -51.47 98.31
N GLN FC 402 17.42 -52.76 98.00
CA GLN FC 402 16.60 -53.21 96.89
C GLN FC 402 15.12 -53.14 97.20
N LEU FC 403 14.75 -53.29 98.48
CA LEU FC 403 13.34 -53.23 98.86
C LEU FC 403 12.77 -51.85 98.62
N GLU FC 404 13.53 -50.80 98.94
CA GLU FC 404 13.06 -49.43 98.73
C GLU FC 404 12.81 -49.15 97.25
N ARG FC 405 13.71 -49.60 96.38
CA ARG FC 405 13.56 -49.35 94.95
C ARG FC 405 12.32 -50.06 94.40
N LEU FC 406 12.08 -51.30 94.82
CA LEU FC 406 10.92 -52.03 94.33
C LEU FC 406 9.62 -51.40 94.81
N CYS FC 407 9.54 -51.04 96.09
CA CYS FC 407 8.32 -50.46 96.64
C CYS FC 407 8.02 -49.09 96.08
N ALA FC 408 8.97 -48.46 95.40
CA ALA FC 408 8.76 -47.12 94.85
C ALA FC 408 7.87 -47.12 93.62
N TYR FC 409 7.56 -48.29 93.04
CA TYR FC 409 6.74 -48.32 91.83
C TYR FC 409 5.70 -49.42 91.84
N LEU FC 410 5.55 -50.17 92.93
CA LEU FC 410 4.51 -51.20 92.99
C LEU FC 410 3.49 -50.87 94.08
N ARG GC 233 80.67 -146.19 51.70
CA ARG GC 233 80.51 -146.09 53.15
C ARG GC 233 81.52 -145.12 53.76
N LYS GC 234 82.38 -144.56 52.91
CA LYS GC 234 83.43 -143.65 53.35
C LYS GC 234 83.06 -142.22 53.00
N ASN GC 235 83.16 -141.33 53.98
CA ASN GC 235 82.85 -139.93 53.75
C ASN GC 235 83.89 -139.29 52.84
N ILE GC 236 83.42 -138.45 51.91
CA ILE GC 236 84.31 -137.81 50.96
C ILE GC 236 85.23 -136.80 51.63
N PHE GC 237 84.88 -136.32 52.82
CA PHE GC 237 85.71 -135.37 53.54
C PHE GC 237 86.78 -136.04 54.39
N LYS GC 238 86.79 -137.36 54.47
CA LYS GC 238 87.80 -138.11 55.21
C LYS GC 238 88.68 -138.89 54.24
N GLY GC 239 89.98 -138.70 54.34
CA GLY GC 239 90.92 -139.38 53.48
C GLY GC 239 92.17 -138.55 53.29
N ARG GC 240 93.00 -138.99 52.34
CA ARG GC 240 94.24 -138.29 52.04
C ARG GC 240 93.95 -136.94 51.40
N ARG GC 241 94.69 -135.93 51.82
CA ARG GC 241 94.58 -134.58 51.28
C ARG GC 241 95.97 -134.10 50.87
N LEU GC 242 96.03 -132.88 50.35
CA LEU GC 242 97.30 -132.27 49.95
C LEU GC 242 97.90 -131.57 51.16
N ASN GC 243 99.08 -132.03 51.59
CA ASN GC 243 99.75 -131.51 52.78
C ASN GC 243 100.73 -130.40 52.44
N ILE GC 244 100.77 -129.94 51.19
CA ILE GC 244 101.72 -128.91 50.80
C ILE GC 244 101.46 -127.61 51.57
N PHE GC 245 100.19 -127.24 51.71
CA PHE GC 245 99.82 -126.03 52.43
C PHE GC 245 99.57 -126.37 53.89
N GLU GC 246 100.26 -125.67 54.79
CA GLU GC 246 100.07 -125.88 56.22
C GLU GC 246 98.73 -125.27 56.67
N PRO GC 247 98.09 -125.86 57.66
CA PRO GC 247 96.83 -125.30 58.16
C PRO GC 247 97.07 -123.99 58.89
N GLN GC 248 96.47 -122.92 58.40
CA GLN GC 248 96.67 -121.59 58.95
C GLN GC 248 95.72 -121.36 60.13
N ALA GC 249 96.29 -120.99 61.29
CA ALA GC 249 95.48 -120.81 62.47
C ALA GC 249 94.63 -119.55 62.39
N VAL GC 250 95.22 -118.43 61.96
CA VAL GC 250 94.53 -117.15 61.91
C VAL GC 250 94.80 -116.50 60.56
N THR GC 251 93.95 -115.53 60.22
CA THR GC 251 94.08 -114.76 59.00
C THR GC 251 94.99 -113.55 59.26
N GLU GC 252 95.01 -112.61 58.32
CA GLU GC 252 95.84 -111.42 58.47
C GLU GC 252 95.35 -110.56 59.62
N GLU GC 253 96.28 -110.11 60.46
CA GLU GC 253 95.91 -109.31 61.63
C GLU GC 253 95.38 -107.94 61.22
N ALA GC 254 96.05 -107.29 60.29
CA ALA GC 254 95.66 -105.95 59.84
C ALA GC 254 95.41 -105.94 58.34
N PRO GC 255 94.15 -106.10 57.90
CA PRO GC 255 93.86 -106.01 56.47
C PRO GC 255 94.12 -104.60 55.94
N GLU GC 256 94.57 -104.52 54.70
CA GLU GC 256 94.87 -103.24 54.06
C GLU GC 256 93.64 -102.72 53.32
N THR GC 257 92.62 -102.38 54.10
CA THR GC 257 91.41 -101.81 53.54
C THR GC 257 91.53 -100.31 53.28
N GLU GC 258 92.43 -99.65 54.00
CA GLU GC 258 92.63 -98.20 53.84
C GLU GC 258 93.81 -97.94 52.90
N ALA GC 259 93.62 -98.32 51.64
CA ALA GC 259 94.65 -98.18 50.62
C ALA GC 259 93.97 -98.05 49.26
N VAL GC 260 94.76 -98.18 48.20
CA VAL GC 260 94.25 -98.10 46.84
C VAL GC 260 93.45 -99.37 46.56
N PRO GC 261 92.16 -99.25 46.21
CA PRO GC 261 91.36 -100.46 45.95
C PRO GC 261 91.69 -101.05 44.59
N SER GC 262 92.06 -102.33 44.59
CA SER GC 262 92.33 -103.03 43.35
C SER GC 262 91.06 -103.14 42.52
N LEU GC 263 91.21 -103.00 41.20
CA LEU GC 263 90.04 -103.02 40.32
C LEU GC 263 89.34 -104.37 40.35
N TRP GC 264 90.11 -105.46 40.41
CA TRP GC 264 89.51 -106.79 40.38
C TRP GC 264 88.68 -107.07 41.62
N ASP GC 265 89.11 -106.58 42.78
CA ASP GC 265 88.32 -106.76 43.99
C ASP GC 265 86.99 -106.05 43.90
N ILE GC 266 86.98 -104.85 43.34
CA ILE GC 266 85.72 -104.13 43.12
C ILE GC 266 84.84 -104.89 42.13
N GLU GC 267 85.45 -105.42 41.07
CA GLU GC 267 84.69 -106.22 40.10
C GLU GC 267 84.12 -107.47 40.76
N PHE GC 268 84.87 -108.06 41.70
CA PHE GC 268 84.36 -109.22 42.43
C PHE GC 268 83.13 -108.85 43.26
N ALA GC 269 83.15 -107.66 43.87
CA ALA GC 269 82.00 -107.22 44.65
C ALA GC 269 80.78 -107.04 43.75
N LYS GC 270 80.97 -106.48 42.55
CA LYS GC 270 79.86 -106.32 41.62
C LYS GC 270 79.30 -107.68 41.19
N GLN GC 271 80.18 -108.63 40.88
CA GLN GC 271 79.73 -109.94 40.45
C GLN GC 271 79.01 -110.69 41.59
N LEU GC 272 79.56 -110.63 42.80
CA LEU GC 272 78.96 -111.34 43.92
C LEU GC 272 77.61 -110.73 44.29
N ALA GC 273 77.49 -109.40 44.24
CA ALA GC 273 76.24 -108.76 44.61
C ALA GC 273 75.17 -108.93 43.54
N ALA GC 274 75.56 -108.86 42.27
CA ALA GC 274 74.58 -108.95 41.18
C ALA GC 274 73.87 -110.30 41.18
N VAL GC 275 74.62 -111.38 41.39
CA VAL GC 275 74.01 -112.70 41.49
C VAL GC 275 73.12 -112.78 42.73
N THR GC 276 73.57 -112.20 43.84
CA THR GC 276 72.80 -112.25 45.08
C THR GC 276 71.48 -111.50 44.94
N GLU GC 277 71.52 -110.30 44.37
CA GLU GC 277 70.32 -109.48 44.30
C GLU GC 277 69.33 -110.05 43.30
N ARG GC 278 68.07 -110.02 43.66
CA ARG GC 278 66.96 -110.49 42.85
C ARG GC 278 65.89 -109.42 42.82
N PRO GC 279 65.02 -109.42 41.81
CA PRO GC 279 63.91 -108.47 41.81
C PRO GC 279 63.02 -108.66 43.03
N PHE GC 280 62.49 -107.54 43.52
CA PHE GC 280 61.73 -107.55 44.76
C PHE GC 280 60.55 -108.51 44.68
N GLN GC 281 60.39 -109.34 45.71
CA GLN GC 281 59.36 -110.36 45.73
C GLN GC 281 58.19 -110.01 46.65
N ASN GC 282 58.34 -109.00 47.50
CA ASN GC 282 57.28 -108.61 48.41
C ASN GC 282 57.40 -107.12 48.70
N GLY GC 283 56.30 -106.54 49.18
CA GLY GC 283 56.30 -105.12 49.51
C GLY GC 283 57.31 -104.77 50.59
N PHE GC 284 57.41 -105.62 51.62
CA PHE GC 284 58.36 -105.36 52.69
C PHE GC 284 59.79 -105.37 52.20
N GLU GC 285 60.12 -106.30 51.30
CA GLU GC 285 61.47 -106.35 50.74
C GLU GC 285 61.81 -105.08 49.98
N GLU GC 286 60.83 -104.47 49.33
CA GLU GC 286 61.07 -103.21 48.63
C GLU GC 286 61.30 -102.06 49.61
N MET GC 287 60.66 -102.12 50.79
CA MET GC 287 60.83 -101.05 51.77
C MET GC 287 62.24 -101.06 52.36
N ILE GC 288 62.76 -102.24 52.71
CA ILE GC 288 64.06 -102.30 53.38
C ILE GC 288 65.18 -101.89 52.43
N GLN GC 289 65.08 -102.28 51.16
CA GLN GC 289 66.10 -101.89 50.19
C GLN GC 289 66.11 -100.38 50.00
N TRP GC 290 64.93 -99.77 49.92
CA TRP GC 290 64.87 -98.31 49.82
C TRP GC 290 65.39 -97.65 51.08
N THR GC 291 65.07 -98.22 52.25
CA THR GC 291 65.49 -97.62 53.51
C THR GC 291 67.01 -97.58 53.63
N LYS GC 292 67.68 -98.68 53.26
CA LYS GC 292 69.14 -98.66 53.26
C LYS GC 292 69.69 -97.70 52.23
N GLU GC 293 69.06 -97.64 51.05
CA GLU GC 293 69.54 -96.76 49.99
C GLU GC 293 69.26 -95.29 50.29
N GLY GC 294 68.33 -95.00 51.19
CA GLY GC 294 68.00 -93.64 51.55
C GLY GC 294 66.76 -93.07 50.91
N LYS GC 295 66.05 -93.87 50.09
CA LYS GC 295 64.82 -93.38 49.47
C LYS GC 295 63.76 -93.06 50.52
N LEU GC 296 63.61 -93.93 51.51
CA LEU GC 296 62.59 -93.78 52.53
C LEU GC 296 63.18 -93.20 53.80
N TRP GC 297 62.32 -92.62 54.63
CA TRP GC 297 62.74 -92.07 55.91
C TRP GC 297 63.06 -93.20 56.89
N GLU GC 298 63.77 -92.83 57.95
CA GLU GC 298 64.14 -93.76 59.01
C GLU GC 298 63.13 -93.60 60.15
N PHE GC 299 62.12 -94.47 60.16
CA PHE GC 299 61.11 -94.40 61.22
C PHE GC 299 61.69 -94.94 62.53
N PRO GC 300 61.32 -94.35 63.68
CA PRO GC 300 60.39 -93.22 63.87
C PRO GC 300 60.97 -91.90 63.39
N ILE GC 301 60.11 -90.97 62.97
CA ILE GC 301 60.57 -89.77 62.28
C ILE GC 301 61.08 -88.76 63.28
N ASN GC 302 62.29 -88.27 63.06
CA ASN GC 302 62.86 -87.14 63.78
C ASN GC 302 63.11 -86.01 62.78
N ASN GC 303 62.57 -84.83 63.07
CA ASN GC 303 62.62 -83.73 62.12
C ASN GC 303 64.03 -83.18 61.90
N GLU GC 304 64.99 -83.54 62.76
CA GLU GC 304 66.36 -83.05 62.64
C GLU GC 304 67.31 -84.11 62.10
N ALA GC 305 66.78 -85.14 61.43
CA ALA GC 305 67.62 -86.18 60.88
C ALA GC 305 68.41 -85.64 59.68
N GLY GC 306 69.71 -85.92 59.66
CA GLY GC 306 70.57 -85.47 58.58
C GLY GC 306 71.05 -84.04 58.72
N PHE GC 307 70.70 -83.34 59.78
CA PHE GC 307 71.09 -81.94 60.01
C PHE GC 307 71.58 -81.81 61.45
N ASP GC 308 72.89 -81.95 61.63
CA ASP GC 308 73.50 -81.81 62.95
C ASP GC 308 74.03 -80.40 63.20
N ASP GC 309 73.91 -79.50 62.23
CA ASP GC 309 74.34 -78.10 62.37
C ASP GC 309 75.83 -78.02 62.73
N ASP GC 310 76.64 -78.69 61.92
CA ASP GC 310 78.11 -78.67 62.03
C ASP GC 310 78.61 -79.22 63.36
N GLY GC 311 77.76 -79.93 64.10
CA GLY GC 311 78.17 -80.52 65.36
C GLY GC 311 78.59 -79.49 66.39
N SER GC 312 77.80 -78.44 66.54
CA SER GC 312 78.11 -77.32 67.42
C SER GC 312 77.18 -77.34 68.62
N GLU GC 313 77.75 -77.21 69.82
CA GLU GC 313 76.96 -77.12 71.03
C GLU GC 313 76.27 -75.76 71.12
N PHE GC 314 75.39 -75.62 72.10
CA PHE GC 314 74.60 -74.40 72.24
C PHE GC 314 75.44 -73.17 72.55
N HIS GC 315 76.68 -73.35 73.01
CA HIS GC 315 77.49 -72.20 73.39
C HIS GC 315 77.88 -71.36 72.18
N GLU GC 316 78.12 -71.99 71.02
CA GLU GC 316 78.43 -71.23 69.82
C GLU GC 316 77.25 -70.45 69.28
N HIS GC 317 76.04 -70.70 69.80
CA HIS GC 317 74.85 -69.98 69.37
C HIS GC 317 74.30 -69.03 70.43
N ILE GC 318 74.83 -69.07 71.65
CA ILE GC 318 74.34 -68.25 72.75
C ILE GC 318 75.37 -67.21 73.18
N PHE GC 319 76.56 -67.66 73.58
CA PHE GC 319 77.58 -66.78 74.11
C PHE GC 319 78.50 -66.33 72.97
N LEU GC 320 78.45 -65.03 72.65
CA LEU GC 320 79.28 -64.44 71.62
C LEU GC 320 80.20 -63.36 72.16
N ASP GC 321 80.47 -63.37 73.47
CA ASP GC 321 81.30 -62.33 74.07
C ASP GC 321 82.75 -62.41 73.60
N LYS GC 322 83.23 -63.61 73.29
CA LYS GC 322 84.62 -63.76 72.87
C LYS GC 322 84.90 -63.06 71.54
N TYR GC 323 83.87 -62.74 70.78
CA TYR GC 323 84.03 -62.04 69.50
C TYR GC 323 83.99 -60.53 69.66
N LEU GC 324 83.82 -60.02 70.87
CA LEU GC 324 83.74 -58.59 71.14
C LEU GC 324 84.97 -58.07 71.89
N GLN GC 325 86.09 -58.79 71.83
CA GLN GC 325 87.28 -58.36 72.55
C GLN GC 325 87.85 -57.06 71.97
N ASP GC 326 87.86 -56.94 70.64
CA ASP GC 326 88.45 -55.78 69.97
C ASP GC 326 87.35 -54.76 69.67
N PHE GC 327 86.85 -54.14 70.75
CA PHE GC 327 85.81 -53.13 70.64
C PHE GC 327 85.97 -52.16 71.80
N PRO GC 328 85.58 -50.89 71.62
CA PRO GC 328 85.65 -49.93 72.74
C PRO GC 328 84.68 -50.33 73.84
N LYS GC 329 85.22 -50.57 75.04
CA LYS GC 329 84.44 -51.13 76.13
C LYS GC 329 83.46 -50.14 76.74
N GLN GC 330 83.68 -48.84 76.57
CA GLN GC 330 82.86 -47.84 77.25
C GLN GC 330 82.03 -46.97 76.32
N GLY GC 331 82.35 -46.92 75.02
CA GLY GC 331 81.64 -46.06 74.11
C GLY GC 331 80.31 -46.66 73.69
N PRO GC 332 79.61 -45.95 72.82
CA PRO GC 332 78.32 -46.45 72.31
C PRO GC 332 78.45 -47.72 71.49
N ILE GC 333 79.66 -48.06 71.02
CA ILE GC 333 79.83 -49.27 70.23
C ILE GC 333 79.49 -50.50 71.07
N ARG GC 334 79.91 -50.51 72.33
CA ARG GC 334 79.54 -51.62 73.21
C ARG GC 334 78.04 -51.72 73.37
N HIS GC 335 77.36 -50.58 73.52
CA HIS GC 335 75.91 -50.59 73.58
C HIS GC 335 75.30 -51.12 72.30
N PHE GC 336 75.85 -50.73 71.15
CA PHE GC 336 75.32 -51.21 69.88
C PHE GC 336 75.66 -52.67 69.64
N MET GC 337 76.90 -53.07 69.90
CA MET GC 337 77.33 -54.42 69.56
C MET GC 337 76.62 -55.47 70.42
N GLU GC 338 76.42 -55.19 71.71
CA GLU GC 338 75.74 -56.16 72.56
C GLU GC 338 74.29 -56.35 72.15
N LEU GC 339 73.65 -55.34 71.57
CA LEU GC 339 72.31 -55.54 71.00
C LEU GC 339 72.37 -56.51 69.83
N VAL GC 340 73.39 -56.39 68.98
CA VAL GC 340 73.53 -57.29 67.85
C VAL GC 340 73.75 -58.72 68.31
N THR GC 341 74.64 -58.90 69.30
CA THR GC 341 74.91 -60.25 69.82
C THR GC 341 73.68 -60.82 70.52
N CYS GC 342 72.93 -59.98 71.25
CA CYS GC 342 71.72 -60.45 71.89
C CYS GC 342 70.70 -60.91 70.86
N GLY GC 343 70.57 -60.18 69.75
CA GLY GC 343 69.68 -60.61 68.69
C GLY GC 343 70.16 -61.89 68.02
N LEU GC 344 71.47 -62.01 67.80
CA LEU GC 344 72.01 -63.22 67.19
C LEU GC 344 71.84 -64.43 68.11
N SER GC 345 71.84 -64.21 69.42
CA SER GC 345 71.62 -65.31 70.36
C SER GC 345 70.23 -65.91 70.18
N LYS GC 346 69.23 -65.07 69.93
CA LYS GC 346 67.86 -65.53 69.78
C LYS GC 346 67.55 -66.00 68.36
N ASN GC 347 68.49 -65.93 67.44
CA ASN GC 347 68.24 -66.32 66.07
C ASN GC 347 68.49 -67.82 65.88
N PRO GC 348 67.47 -68.62 65.57
CA PRO GC 348 67.68 -70.05 65.37
C PRO GC 348 68.04 -70.40 63.94
N TYR GC 349 67.71 -69.52 63.00
CA TYR GC 349 67.83 -69.83 61.58
C TYR GC 349 69.23 -69.61 61.03
N LEU GC 350 70.16 -69.06 61.81
CA LEU GC 350 71.49 -68.72 61.34
C LEU GC 350 72.52 -69.63 61.99
N SER GC 351 73.47 -70.12 61.19
CA SER GC 351 74.51 -71.00 61.68
C SER GC 351 75.58 -70.20 62.42
N VAL GC 352 76.44 -70.93 63.14
CA VAL GC 352 77.49 -70.29 63.93
C VAL GC 352 78.48 -69.57 63.02
N LYS GC 353 78.87 -70.19 61.91
CA LYS GC 353 79.82 -69.55 61.00
C LYS GC 353 79.22 -68.30 60.38
N GLN GC 354 77.92 -68.32 60.10
CA GLN GC 354 77.26 -67.13 59.54
C GLN GC 354 77.19 -66.00 60.57
N LYS GC 355 77.01 -66.35 61.85
CA LYS GC 355 76.94 -65.33 62.89
C LYS GC 355 78.26 -64.58 63.02
N VAL GC 356 79.38 -65.29 62.91
CA VAL GC 356 80.68 -64.65 62.98
C VAL GC 356 80.87 -63.68 61.82
N GLU GC 357 80.27 -63.98 60.67
CA GLU GC 357 80.39 -63.09 59.51
C GLU GC 357 79.80 -61.72 59.82
N HIS GC 358 78.65 -61.68 60.51
CA HIS GC 358 78.06 -60.39 60.88
C HIS GC 358 78.98 -59.62 61.82
N ILE GC 359 79.56 -60.31 62.81
CA ILE GC 359 80.48 -59.65 63.73
C ILE GC 359 81.72 -59.15 62.99
N GLU GC 360 82.24 -59.96 62.07
CA GLU GC 360 83.41 -59.56 61.31
C GLU GC 360 83.11 -58.37 60.42
N TRP GC 361 81.92 -58.33 59.82
CA TRP GC 361 81.57 -57.20 58.95
C TRP GC 361 81.52 -55.90 59.73
N PHE GC 362 81.02 -55.93 60.96
CA PHE GC 362 81.01 -54.72 61.78
C PHE GC 362 82.41 -54.25 62.09
N ARG GC 363 83.33 -55.18 62.35
CA ARG GC 363 84.73 -54.79 62.55
C ARG GC 363 85.29 -54.11 61.30
N ASN GC 364 84.99 -54.65 60.13
CA ASN GC 364 85.44 -54.03 58.89
C ASN GC 364 84.80 -52.66 58.70
N TYR GC 365 83.51 -52.54 58.97
CA TYR GC 365 82.81 -51.29 58.72
C TYR GC 365 83.33 -50.18 59.62
N PHE GC 366 83.53 -50.47 60.91
CA PHE GC 366 84.04 -49.45 61.82
C PHE GC 366 85.52 -49.16 61.57
N ASN GC 367 86.27 -50.14 61.08
CA ASN GC 367 87.69 -49.90 60.78
C ASN GC 367 87.85 -49.00 59.57
N GLU GC 368 87.03 -49.21 58.54
CA GLU GC 368 87.12 -48.37 57.34
C GLU GC 368 86.76 -46.92 57.65
N LYS GC 369 85.70 -46.70 58.43
CA LYS GC 369 85.24 -45.36 58.77
C LYS GC 369 85.74 -45.02 60.16
N ARG GC 370 86.89 -44.36 60.22
CA ARG GC 370 87.49 -43.91 61.48
C ARG GC 370 87.46 -42.40 61.66
N VAL GC 371 87.60 -41.64 60.57
CA VAL GC 371 87.60 -40.18 60.68
C VAL GC 371 86.23 -39.67 61.11
N ILE GC 372 85.15 -40.31 60.67
CA ILE GC 372 83.81 -39.85 61.01
C ILE GC 372 83.55 -39.98 62.50
N LEU GC 373 84.09 -41.03 63.12
CA LEU GC 373 83.91 -41.21 64.57
C LEU GC 373 84.68 -40.17 65.37
N LYS GC 374 85.78 -39.66 64.80
CA LYS GC 374 86.55 -38.63 65.51
C LYS GC 374 85.75 -37.35 65.68
N GLU GC 375 85.03 -36.94 64.63
CA GLU GC 375 84.21 -35.74 64.68
C GLU GC 375 82.81 -35.99 65.23
N SER GC 376 82.50 -37.25 65.58
CA SER GC 376 81.18 -37.55 66.13
C SER GC 376 80.96 -36.87 67.48
N GLY GC 377 82.03 -36.59 68.20
CA GLY GC 377 81.96 -35.98 69.52
C GLY GC 377 82.57 -36.83 70.61
N ILE GC 378 82.72 -38.14 70.40
CA ILE GC 378 83.33 -39.04 71.35
C ILE GC 378 84.41 -39.84 70.63
N GLN GC 379 85.58 -39.92 71.23
CA GLN GC 379 86.69 -40.68 70.64
C GLN GC 379 86.53 -42.16 70.96
N LEU GC 380 86.49 -42.99 69.93
CA LEU GC 380 86.30 -44.42 70.07
C LEU GC 380 87.48 -45.16 69.45
N ASN GC 381 87.99 -46.15 70.17
CA ASN GC 381 89.16 -46.89 69.73
C ASN GC 381 88.82 -47.84 68.60
N LEU HC 46 58.23 -49.53 91.99
CA LEU HC 46 59.56 -49.61 91.40
C LEU HC 46 60.62 -49.12 92.38
N SER HC 47 61.50 -50.04 92.79
CA SER HC 47 62.58 -49.73 93.72
C SER HC 47 63.89 -50.23 93.15
N GLU HC 48 64.99 -49.84 93.81
CA GLU HC 48 66.31 -50.28 93.38
C GLU HC 48 66.45 -51.79 93.49
N TYR HC 49 65.75 -52.42 94.43
CA TYR HC 49 65.75 -53.87 94.52
C TYR HC 49 65.14 -54.49 93.27
N ALA HC 50 64.04 -53.92 92.78
CA ALA HC 50 63.40 -54.44 91.57
C ALA HC 50 64.28 -54.28 90.34
N VAL HC 51 65.03 -53.17 90.27
CA VAL HC 51 65.91 -52.96 89.13
C VAL HC 51 67.00 -54.03 89.06
N ARG HC 52 67.60 -54.35 90.21
CA ARG HC 52 68.64 -55.37 90.25
C ARG HC 52 68.08 -56.74 89.85
N MET HC 53 66.90 -57.09 90.37
CA MET HC 53 66.32 -58.38 90.04
C MET HC 53 65.96 -58.47 88.56
N SER HC 54 65.42 -57.40 87.99
CA SER HC 54 65.07 -57.41 86.57
C SER HC 54 66.31 -57.56 85.69
N ARG HC 55 67.39 -56.85 86.03
CA ARG HC 55 68.61 -56.96 85.26
C ARG HC 55 69.28 -58.32 85.45
N LEU HC 56 69.28 -58.83 86.68
CA LEU HC 56 69.91 -60.12 86.94
C LEU HC 56 69.19 -61.23 86.19
N SER HC 57 67.87 -61.19 86.14
CA SER HC 57 67.12 -62.19 85.38
C SER HC 57 67.41 -62.08 83.89
N ALA HC 58 67.54 -60.85 83.38
CA ALA HC 58 67.82 -60.65 81.96
C ALA HC 58 69.18 -61.22 81.58
N ARG HC 59 70.18 -61.06 82.46
CA ARG HC 59 71.51 -61.58 82.16
C ARG HC 59 71.50 -63.09 82.04
N LEU HC 60 70.77 -63.78 82.93
CA LEU HC 60 70.78 -65.24 82.91
C LEU HC 60 70.05 -65.79 81.69
N PHE HC 61 68.86 -65.25 81.39
CA PHE HC 61 68.09 -65.75 80.26
C PHE HC 61 68.58 -65.21 78.92
N GLY HC 62 69.43 -64.20 78.92
CA GLY HC 62 70.07 -63.74 77.69
C GLY HC 62 69.48 -62.49 77.06
N GLU HC 63 68.57 -61.79 77.73
CA GLU HC 63 68.01 -60.57 77.19
C GLU HC 63 68.99 -59.42 77.40
N VAL HC 64 68.57 -58.21 77.03
CA VAL HC 64 69.41 -57.03 77.19
C VAL HC 64 69.35 -56.57 78.64
N ALA HC 65 70.52 -56.34 79.24
CA ALA HC 65 70.60 -55.94 80.64
C ALA HC 65 70.41 -54.44 80.81
N ARG HC 66 71.22 -53.65 80.11
CA ARG HC 66 71.13 -52.20 80.25
C ARG HC 66 69.80 -51.70 79.67
N PRO HC 67 69.29 -50.58 80.17
CA PRO HC 67 68.05 -50.03 79.63
C PRO HC 67 68.19 -49.68 78.16
N THR HC 68 67.12 -49.93 77.40
CA THR HC 68 67.13 -49.73 75.96
C THR HC 68 65.87 -48.97 75.54
N ASP HC 69 66.03 -48.09 74.56
CA ASP HC 69 64.90 -47.31 74.08
C ASP HC 69 63.92 -48.20 73.32
N SER HC 70 62.69 -47.69 73.17
CA SER HC 70 61.67 -48.43 72.43
C SER HC 70 62.07 -48.60 70.96
N LYS HC 71 62.61 -47.55 70.35
CA LYS HC 71 63.03 -47.65 68.97
C LYS HC 71 64.34 -48.42 68.82
N SER HC 72 65.19 -48.41 69.85
CA SER HC 72 66.46 -49.11 69.80
C SER HC 72 66.30 -50.62 69.91
N MET HC 73 65.13 -51.12 70.28
CA MET HC 73 64.89 -52.55 70.34
C MET HC 73 64.70 -53.18 68.97
N LYS HC 74 64.56 -52.37 67.92
CA LYS HC 74 64.33 -52.91 66.59
C LYS HC 74 65.55 -53.65 66.05
N VAL HC 75 66.76 -53.17 66.37
CA VAL HC 75 67.96 -53.82 65.88
C VAL HC 75 68.07 -55.24 66.43
N VAL HC 76 67.61 -55.47 67.66
CA VAL HC 76 67.54 -56.82 68.20
C VAL HC 76 66.57 -57.66 67.38
N LYS HC 77 65.41 -57.08 67.03
CA LYS HC 77 64.42 -57.82 66.25
C LYS HC 77 64.92 -58.11 64.84
N LEU HC 78 65.75 -57.24 64.28
CA LEU HC 78 66.23 -57.44 62.92
C LEU HC 78 67.05 -58.71 62.79
N PHE HC 79 67.91 -58.99 63.78
CA PHE HC 79 68.72 -60.19 63.76
C PHE HC 79 68.05 -61.38 64.41
N SER HC 80 67.11 -61.14 65.33
CA SER HC 80 66.41 -62.25 65.98
C SER HC 80 65.57 -63.04 64.98
N GLU HC 81 64.90 -62.35 64.07
CA GLU HC 81 64.04 -62.99 63.08
C GLU HC 81 64.75 -63.03 61.72
N GLN HC 82 64.33 -64.01 60.92
CA GLN HC 82 64.87 -64.15 59.57
C GLN HC 82 64.37 -63.01 58.70
N PRO HC 83 65.23 -62.39 57.89
CA PRO HC 83 64.77 -61.30 57.02
C PRO HC 83 63.75 -61.79 56.01
N LEU HC 84 62.87 -60.88 55.59
CA LEU HC 84 61.79 -61.23 54.68
C LEU HC 84 62.33 -61.72 53.33
N ALA HC 85 63.41 -61.10 52.85
CA ALA HC 85 63.94 -61.46 51.54
C ALA HC 85 64.64 -62.80 51.51
N LYS HC 86 64.88 -63.42 52.67
CA LYS HC 86 65.55 -64.72 52.73
C LYS HC 86 64.62 -65.86 53.12
N ARG HC 87 63.34 -65.58 53.38
CA ARG HC 87 62.41 -66.63 53.72
C ARG HC 87 62.15 -67.53 52.51
N LYS HC 88 61.96 -68.83 52.79
CA LYS HC 88 61.73 -69.78 51.70
C LYS HC 88 60.45 -69.47 50.95
N GLU HC 89 59.47 -68.87 51.61
CA GLU HC 89 58.22 -68.50 50.93
C GLU HC 89 58.44 -67.41 49.89
N THR HC 90 59.51 -66.63 50.02
CA THR HC 90 59.72 -65.49 49.14
C THR HC 90 60.56 -65.84 47.90
N TYR HC 91 61.78 -66.32 48.11
CA TYR HC 91 62.66 -66.58 46.97
C TYR HC 91 62.31 -67.86 46.23
N ASP HC 92 61.53 -68.75 46.85
CA ASP HC 92 61.05 -69.95 46.18
C ASP HC 92 59.56 -69.87 45.86
N TRP HC 93 59.01 -68.66 45.78
CA TRP HC 93 57.59 -68.50 45.51
C TRP HC 93 57.23 -69.02 44.12
N TYR HC 94 58.05 -68.72 43.12
CA TYR HC 94 57.73 -69.06 41.74
C TYR HC 94 58.34 -70.41 41.37
N PRO HC 95 57.55 -71.39 40.97
CA PRO HC 95 58.12 -72.61 40.38
C PRO HC 95 58.89 -72.27 39.12
N ASN HC 96 59.98 -73.01 38.89
CA ASN HC 96 60.86 -72.71 37.78
C ASN HC 96 60.23 -73.13 36.47
N HIS HC 97 59.46 -72.23 35.84
CA HIS HC 97 58.79 -72.54 34.59
C HIS HC 97 59.77 -72.83 33.45
N ASN HC 98 60.98 -72.27 33.52
CA ASN HC 98 61.96 -72.55 32.47
C ASN HC 98 62.30 -74.02 32.41
N THR HC 99 62.53 -74.65 33.57
CA THR HC 99 62.81 -76.08 33.59
C THR HC 99 61.58 -76.88 33.18
N TYR HC 100 60.40 -76.48 33.64
CA TYR HC 100 59.18 -77.20 33.29
C TYR HC 100 58.90 -77.12 31.79
N PHE HC 101 59.07 -75.93 31.19
CA PHE HC 101 58.77 -75.79 29.78
C PHE HC 101 59.83 -76.45 28.91
N ALA HC 102 61.10 -76.28 29.27
CA ALA HC 102 62.17 -76.87 28.46
C ALA HC 102 62.14 -78.39 28.50
N LEU HC 103 61.89 -78.96 29.68
CA LEU HC 103 61.88 -80.42 29.80
C LEU HC 103 60.80 -81.05 28.94
N MET HC 104 59.58 -80.51 29.00
CA MET HC 104 58.49 -81.05 28.21
C MET HC 104 58.67 -80.79 26.72
N GLY HC 105 59.32 -79.68 26.36
CA GLY HC 105 59.63 -79.44 24.95
C GLY HC 105 60.62 -80.45 24.40
N THR HC 106 61.66 -80.77 25.18
CA THR HC 106 62.61 -81.78 24.75
C THR HC 106 61.96 -83.17 24.69
N LEU HC 107 61.12 -83.50 25.67
CA LEU HC 107 60.43 -84.77 25.64
C LEU HC 107 59.44 -84.86 24.49
N ARG HC 108 58.90 -83.72 24.06
CA ARG HC 108 58.00 -83.72 22.91
C ARG HC 108 58.74 -84.14 21.63
N PHE HC 109 59.96 -83.63 21.44
CA PHE HC 109 60.73 -83.99 20.26
C PHE HC 109 61.28 -85.40 20.32
N LEU HC 110 61.32 -86.02 21.50
CA LEU HC 110 61.84 -87.36 21.66
C LEU HC 110 60.76 -88.43 21.61
N GLY HC 111 59.50 -88.04 21.42
CA GLY HC 111 58.42 -88.99 21.29
C GLY HC 111 57.94 -89.61 22.58
N LEU HC 112 58.45 -89.16 23.72
CA LEU HC 112 58.03 -89.70 25.02
C LEU HC 112 56.85 -88.94 25.62
N TYR HC 113 56.64 -87.69 25.23
CA TYR HC 113 55.51 -86.89 25.67
C TYR HC 113 54.85 -86.25 24.46
N ARG HC 114 53.53 -86.37 24.37
CA ARG HC 114 52.75 -85.80 23.28
C ARG HC 114 51.83 -84.73 23.85
N ASP HC 115 52.06 -83.48 23.44
CA ASP HC 115 51.27 -82.34 23.90
C ASP HC 115 50.26 -81.97 22.84
N GLU HC 116 48.97 -82.06 23.18
CA GLU HC 116 47.92 -81.70 22.24
C GLU HC 116 47.94 -80.21 21.94
N HIS HC 117 48.18 -79.38 22.95
CA HIS HC 117 48.09 -77.93 22.77
C HIS HC 117 49.14 -77.43 21.79
N GLN HC 118 50.37 -77.92 21.91
CA GLN HC 118 51.42 -77.49 20.99
C GLN HC 118 51.15 -77.97 19.57
N ASP HC 119 50.55 -79.16 19.43
CA ASP HC 119 50.17 -79.64 18.12
C ASP HC 119 49.10 -78.74 17.49
N PHE HC 120 48.21 -78.19 18.31
CA PHE HC 120 47.18 -77.30 17.79
C PHE HC 120 47.79 -76.04 17.19
N ARG HC 121 48.78 -75.45 17.86
CA ARG HC 121 49.42 -74.25 17.34
C ARG HC 121 50.13 -74.54 16.01
N ASP HC 122 50.85 -75.66 15.94
CA ASP HC 122 51.58 -76.00 14.72
C ASP HC 122 50.64 -76.24 13.55
N GLU HC 123 49.53 -76.93 13.79
CA GLU HC 123 48.59 -77.22 12.72
C GLU HC 123 47.98 -75.93 12.18
N GLN HC 124 47.60 -75.02 13.06
CA GLN HC 124 47.03 -73.75 12.61
C GLN HC 124 48.10 -72.87 11.96
N LEU HC 125 49.33 -72.93 12.45
CA LEU HC 125 50.40 -72.15 11.84
C LEU HC 125 50.70 -72.65 10.43
N ARG HC 126 50.57 -73.96 10.20
CA ARG HC 126 50.77 -74.50 8.86
C ARG HC 126 49.71 -73.96 7.90
N LEU HC 127 48.47 -73.85 8.35
CA LEU HC 127 47.40 -73.37 7.48
C LEU HC 127 47.59 -71.90 7.13
N LYS HC 128 48.12 -71.11 8.06
CA LYS HC 128 48.41 -69.70 7.76
C LYS HC 128 49.46 -69.58 6.66
N LYS HC 129 50.50 -70.41 6.70
CA LYS HC 129 51.50 -70.38 5.64
C LYS HC 129 50.89 -70.79 4.31
N LEU HC 130 50.03 -71.81 4.31
CA LEU HC 130 49.37 -72.23 3.08
C LEU HC 130 48.49 -71.12 2.52
N ARG HC 131 47.77 -70.41 3.39
CA ARG HC 131 46.92 -69.31 2.94
C ARG HC 131 47.71 -68.10 2.47
N GLY HC 132 49.02 -68.05 2.73
CA GLY HC 132 49.85 -66.97 2.29
C GLY HC 132 50.07 -65.86 3.29
N LYS HC 133 49.73 -66.07 4.55
CA LYS HC 133 49.86 -65.06 5.59
C LYS HC 133 50.77 -65.62 6.69
N GLY HC 134 52.06 -65.36 6.58
CA GLY HC 134 53.03 -65.83 7.54
C GLY HC 134 53.81 -64.71 8.20
N LYS HC 135 54.78 -65.06 9.04
CA LYS HC 135 55.58 -64.07 9.75
C LYS HC 135 56.78 -63.68 8.91
N PRO HC 136 56.94 -62.41 8.55
CA PRO HC 136 58.11 -62.01 7.75
C PRO HC 136 59.40 -62.10 8.54
N ARG HC 137 60.51 -62.15 7.80
CA ARG HC 137 61.83 -62.17 8.41
C ARG HC 137 62.17 -60.80 8.99
N LYS HC 138 63.38 -60.69 9.53
CA LYS HC 138 63.84 -59.42 10.08
C LYS HC 138 64.01 -58.38 8.98
N GLY HC 139 63.65 -57.14 9.29
CA GLY HC 139 63.77 -56.07 8.32
C GLY HC 139 62.89 -56.23 7.10
N GLU HC 140 61.65 -56.69 7.30
CA GLU HC 140 60.73 -56.86 6.18
C GLU HC 140 59.32 -56.37 6.51
N GLY HC 141 59.11 -55.73 7.66
CA GLY HC 141 57.79 -55.31 8.07
C GLY HC 141 57.18 -54.19 7.25
N LYS HC 142 57.77 -53.00 7.33
CA LYS HC 142 57.22 -51.82 6.66
C LYS HC 142 58.27 -51.03 5.90
N ARG HC 143 59.54 -51.39 5.98
CA ARG HC 143 60.58 -50.66 5.26
C ARG HC 143 60.47 -50.81 3.74
N ALA HC 144 59.69 -51.77 3.26
CA ALA HC 144 59.52 -51.97 1.82
C ALA HC 144 58.17 -51.43 1.36
N ASP IC 65 58.08 -40.10 -2.55
CA ASP IC 65 58.80 -38.86 -2.28
C ASP IC 65 58.68 -37.88 -3.45
N THR IC 66 59.46 -36.80 -3.39
CA THR IC 66 59.41 -35.80 -4.45
C THR IC 66 60.10 -36.29 -5.72
N LYS IC 67 61.08 -37.20 -5.58
CA LYS IC 67 61.76 -37.73 -6.76
C LYS IC 67 60.82 -38.53 -7.64
N MET IC 68 59.93 -39.32 -7.04
CA MET IC 68 58.98 -40.10 -7.81
C MET IC 68 58.02 -39.19 -8.57
N LEU IC 69 57.64 -38.07 -7.97
CA LEU IC 69 56.75 -37.13 -8.66
C LEU IC 69 57.39 -36.55 -9.91
N TRP IC 70 58.68 -36.23 -9.84
CA TRP IC 70 59.37 -35.70 -11.01
C TRP IC 70 59.56 -36.75 -12.09
N LYS IC 71 59.64 -38.03 -11.71
CA LYS IC 71 59.83 -39.09 -12.70
C LYS IC 71 58.63 -39.23 -13.61
N HIS IC 72 57.50 -38.63 -13.27
CA HIS IC 72 56.34 -38.62 -14.17
C HIS IC 72 56.68 -37.84 -15.43
N LYS IC 73 56.27 -38.39 -16.58
CA LYS IC 73 56.64 -37.78 -17.86
C LYS IC 73 55.95 -36.43 -18.07
N ALA IC 74 54.77 -36.24 -17.50
CA ALA IC 74 54.06 -34.98 -17.69
C ALA IC 74 54.80 -33.81 -17.07
N LEU IC 75 55.36 -34.00 -15.86
CA LEU IC 75 56.05 -32.91 -15.18
C LEU IC 75 57.34 -32.52 -15.91
N GLN IC 76 58.11 -33.50 -16.36
CA GLN IC 76 59.34 -33.19 -17.09
C GLN IC 76 59.05 -32.50 -18.41
N LYS IC 77 58.02 -32.97 -19.13
CA LYS IC 77 57.70 -32.40 -20.43
C LYS IC 77 57.25 -30.95 -20.33
N TYR IC 78 56.46 -30.63 -19.28
CA TYR IC 78 56.01 -29.26 -19.10
C TYR IC 78 57.17 -28.31 -18.84
N MET IC 79 58.14 -28.73 -18.02
CA MET IC 79 59.29 -27.89 -17.74
C MET IC 79 60.13 -27.68 -19.00
N GLU IC 80 60.13 -28.64 -19.92
CA GLU IC 80 60.78 -28.44 -21.21
C GLU IC 80 60.14 -27.30 -21.98
N ASN IC 81 58.81 -27.23 -21.96
CA ASN IC 81 58.12 -26.14 -22.64
C ASN IC 81 58.46 -24.79 -22.01
N LEU IC 82 58.55 -24.75 -20.68
CA LEU IC 82 58.94 -23.50 -20.01
C LEU IC 82 60.34 -23.07 -20.41
N SER IC 83 61.27 -24.03 -20.50
CA SER IC 83 62.63 -23.69 -20.92
C SER IC 83 62.64 -23.17 -22.35
N LYS IC 84 61.88 -23.82 -23.25
CA LYS IC 84 61.80 -23.34 -24.62
C LYS IC 84 61.11 -21.99 -24.70
N GLU IC 85 60.02 -21.81 -23.94
CA GLU IC 85 59.33 -20.53 -23.94
C GLU IC 85 60.20 -19.43 -23.35
N TYR IC 86 60.93 -19.73 -22.28
CA TYR IC 86 61.81 -18.74 -21.67
C TYR IC 86 62.91 -18.30 -22.64
N GLN IC 87 63.50 -19.26 -23.35
CA GLN IC 87 64.50 -18.91 -24.36
C GLN IC 87 63.86 -18.18 -25.53
N THR IC 88 62.62 -18.53 -25.87
CA THR IC 88 61.92 -17.86 -26.96
C THR IC 88 61.70 -16.39 -26.66
N LEU IC 89 61.40 -16.05 -25.41
CA LEU IC 89 61.19 -14.65 -25.04
C LEU IC 89 62.45 -13.83 -25.25
N GLU IC 90 63.61 -14.39 -24.90
CA GLU IC 90 64.87 -13.67 -25.08
C GLU IC 90 65.16 -13.41 -26.55
N GLN IC 91 64.90 -14.40 -27.41
CA GLN IC 91 65.17 -14.24 -28.84
C GLN IC 91 64.32 -13.14 -29.45
N CYS IC 92 63.05 -13.07 -29.10
CA CYS IC 92 62.17 -12.05 -29.66
C CYS IC 92 62.57 -10.65 -29.20
N LEU IC 93 62.91 -10.49 -27.92
CA LEU IC 93 63.26 -9.17 -27.41
C LEU IC 93 64.60 -8.69 -27.95
N GLN IC 94 65.61 -9.57 -27.94
CA GLN IC 94 66.94 -9.16 -28.36
C GLN IC 94 67.00 -8.88 -29.86
N HIS IC 95 66.33 -9.70 -30.67
CA HIS IC 95 66.45 -9.60 -32.11
C HIS IC 95 65.35 -8.73 -32.73
N ILE IC 96 64.10 -9.11 -32.53
CA ILE IC 96 62.98 -8.39 -33.15
C ILE IC 96 62.78 -7.06 -32.44
N PRO IC 97 62.67 -5.94 -33.16
CA PRO IC 97 62.33 -4.67 -32.51
C PRO IC 97 60.87 -4.65 -32.07
N VAL IC 98 60.59 -5.28 -30.93
CA VAL IC 98 59.22 -5.41 -30.45
C VAL IC 98 58.66 -4.05 -30.07
N ASN IC 99 57.36 -3.86 -30.30
CA ASN IC 99 56.69 -2.63 -29.94
C ASN IC 99 56.69 -2.44 -28.42
N GLU IC 100 56.58 -1.19 -27.99
CA GLU IC 100 56.70 -0.88 -26.57
C GLU IC 100 55.62 -1.56 -25.75
N GLU IC 101 54.38 -1.57 -26.24
CA GLU IC 101 53.30 -2.23 -25.52
C GLU IC 101 53.54 -3.73 -25.41
N ASN IC 102 53.99 -4.36 -26.50
CA ASN IC 102 54.24 -5.80 -26.49
C ASN IC 102 55.54 -6.15 -25.78
N ARG IC 103 56.55 -5.29 -25.86
CA ARG IC 103 57.84 -5.59 -25.25
C ARG IC 103 57.72 -5.70 -23.73
N ARG IC 104 56.98 -4.78 -23.11
CA ARG IC 104 56.82 -4.84 -21.66
C ARG IC 104 56.03 -6.05 -21.22
N SER IC 105 55.07 -6.50 -22.04
CA SER IC 105 54.35 -7.73 -21.74
C SER IC 105 55.29 -8.93 -21.75
N LEU IC 106 56.21 -8.98 -22.72
CA LEU IC 106 57.18 -10.07 -22.75
C LEU IC 106 58.19 -9.94 -21.62
N ASN IC 107 58.55 -8.71 -21.22
CA ASN IC 107 59.48 -8.52 -20.13
C ASN IC 107 58.94 -9.07 -18.82
N ARG IC 108 57.66 -8.81 -18.55
CA ARG IC 108 57.04 -9.33 -17.33
C ARG IC 108 56.98 -10.86 -17.36
N ARG IC 109 56.65 -11.44 -18.51
CA ARG IC 109 56.62 -12.89 -18.64
C ARG IC 109 58.02 -13.49 -18.50
N HIS IC 110 59.04 -12.78 -18.99
CA HIS IC 110 60.41 -13.27 -18.85
C HIS IC 110 60.82 -13.36 -17.39
N ALA IC 111 60.45 -12.36 -16.58
CA ALA IC 111 60.81 -12.39 -15.16
C ALA IC 111 60.09 -13.51 -14.43
N GLU IC 112 58.84 -13.77 -14.78
CA GLU IC 112 58.07 -14.81 -14.09
C GLU IC 112 58.67 -16.19 -14.32
N LEU IC 113 59.09 -16.47 -15.55
CA LEU IC 113 59.64 -17.79 -15.88
C LEU IC 113 61.11 -17.93 -15.52
N ALA IC 114 61.77 -16.85 -15.08
CA ALA IC 114 63.19 -16.93 -14.76
C ALA IC 114 63.49 -17.91 -13.63
N PRO IC 115 62.78 -17.90 -12.49
CA PRO IC 115 63.03 -18.95 -11.49
C PRO IC 115 62.69 -20.34 -11.98
N LEU IC 116 61.65 -20.49 -12.81
CA LEU IC 116 61.23 -21.81 -13.25
C LEU IC 116 62.23 -22.42 -14.22
N ALA IC 117 62.74 -21.63 -15.16
CA ALA IC 117 63.70 -22.14 -16.13
C ALA IC 117 65.00 -22.57 -15.46
N ALA IC 118 65.47 -21.79 -14.48
CA ALA IC 118 66.72 -22.11 -13.81
C ALA IC 118 66.62 -23.42 -13.04
N ILE IC 119 65.48 -23.67 -12.41
CA ILE IC 119 65.32 -24.90 -11.62
C ILE IC 119 65.42 -26.12 -12.52
N TYR IC 120 64.76 -26.10 -13.68
CA TYR IC 120 64.77 -27.26 -14.56
C TYR IC 120 66.17 -27.54 -15.11
N GLN IC 121 66.93 -26.48 -15.40
CA GLN IC 121 68.29 -26.67 -15.91
C GLN IC 121 69.18 -27.36 -14.89
N GLU IC 122 69.01 -27.01 -13.60
CA GLU IC 122 69.77 -27.69 -12.56
C GLU IC 122 69.36 -29.16 -12.43
N ILE IC 123 68.09 -29.47 -12.69
CA ILE IC 123 67.64 -30.85 -12.66
C ILE IC 123 68.34 -31.66 -13.74
N GLN IC 124 68.46 -31.11 -14.94
CA GLN IC 124 69.14 -31.81 -16.03
C GLN IC 124 70.59 -32.11 -15.68
N GLU IC 125 71.29 -31.13 -15.10
CA GLU IC 125 72.68 -31.34 -14.70
C GLU IC 125 72.78 -32.42 -13.63
N THR IC 126 71.86 -32.41 -12.66
CA THR IC 126 71.88 -33.43 -11.61
C THR IC 126 71.58 -34.81 -12.19
N GLU IC 127 70.66 -34.90 -13.14
CA GLU IC 127 70.33 -36.20 -13.74
C GLU IC 127 71.52 -36.77 -14.51
N GLN IC 128 72.26 -35.92 -15.21
CA GLN IC 128 73.43 -36.39 -15.94
C GLN IC 128 74.50 -36.95 -14.99
N ALA IC 129 74.61 -36.37 -13.81
CA ALA IC 129 75.54 -36.89 -12.82
C ALA IC 129 75.16 -38.29 -12.37
N ILE IC 130 73.87 -38.61 -12.37
CA ILE IC 130 73.42 -39.96 -12.03
C ILE IC 130 73.90 -40.95 -13.08
N GLU IC 131 73.91 -40.52 -14.35
CA GLU IC 131 74.41 -41.39 -15.42
C GLU IC 131 75.88 -41.74 -15.23
N GLU IC 132 76.66 -40.81 -14.67
CA GLU IC 132 78.06 -41.10 -14.39
C GLU IC 132 78.21 -42.20 -13.34
N LEU IC 133 77.26 -42.28 -12.40
CA LEU IC 133 77.32 -43.33 -11.39
C LEU IC 133 77.21 -44.71 -12.01
N GLU IC 134 76.30 -44.88 -12.97
CA GLU IC 134 76.14 -46.17 -13.64
C GLU IC 134 77.39 -46.55 -14.43
N SER IC 135 78.00 -45.59 -15.11
CA SER IC 135 79.20 -45.86 -15.90
C SER IC 135 80.35 -46.30 -15.01
N MET IC 136 80.53 -45.65 -13.85
CA MET IC 136 81.61 -46.01 -12.95
C MET IC 136 81.42 -47.42 -12.41
N CYS IC 137 80.18 -47.79 -12.06
CA CYS IC 137 79.91 -49.13 -11.54
C CYS IC 137 80.14 -50.22 -12.58
N LYS IC 138 80.05 -49.88 -13.87
CA LYS IC 138 80.30 -50.88 -14.91
C LYS IC 138 81.77 -51.26 -14.99
N SER IC 139 82.65 -50.26 -15.02
CA SER IC 139 84.09 -50.49 -15.06
C SER IC 139 84.59 -50.59 -13.62
N LEU IC 140 84.68 -51.82 -13.11
CA LEU IC 140 85.04 -52.06 -11.72
C LEU IC 140 86.41 -52.73 -11.66
N ASN IC 141 87.33 -52.13 -10.89
CA ASN IC 141 88.64 -52.68 -10.64
C ASN IC 141 88.78 -53.03 -9.16
N LYS IC 142 89.71 -53.92 -8.85
CA LYS IC 142 89.92 -54.32 -7.46
C LYS IC 142 90.37 -53.15 -6.62
N GLN IC 143 91.30 -52.32 -7.13
CA GLN IC 143 91.72 -51.14 -6.40
C GLN IC 143 90.65 -50.05 -6.48
N ASP IC 144 90.00 -49.90 -7.63
CA ASP IC 144 88.98 -48.88 -7.81
C ASP IC 144 87.68 -49.20 -7.07
N GLU IC 145 87.51 -50.44 -6.61
CA GLU IC 145 86.29 -50.80 -5.89
C GLU IC 145 86.16 -49.99 -4.60
N LYS IC 146 87.26 -49.83 -3.87
CA LYS IC 146 87.22 -49.06 -2.63
C LYS IC 146 86.90 -47.59 -2.91
N GLN IC 147 87.49 -47.02 -3.96
CA GLN IC 147 87.24 -45.62 -4.28
C GLN IC 147 85.80 -45.40 -4.71
N LEU IC 148 85.25 -46.29 -5.54
CA LEU IC 148 83.87 -46.12 -6.00
C LEU IC 148 82.88 -46.25 -4.86
N GLN IC 149 83.08 -47.22 -3.97
CA GLN IC 149 82.16 -47.40 -2.84
C GLN IC 149 82.22 -46.25 -1.86
N GLU IC 150 83.35 -45.53 -1.79
CA GLU IC 150 83.47 -44.37 -0.92
C GLU IC 150 83.07 -43.08 -1.61
N LEU IC 151 82.85 -43.10 -2.92
CA LEU IC 151 82.45 -41.91 -3.66
C LEU IC 151 81.08 -42.05 -4.32
N ALA IC 152 80.87 -43.11 -5.09
CA ALA IC 152 79.58 -43.27 -5.78
C ALA IC 152 78.43 -43.46 -4.78
N LEU IC 153 78.66 -44.24 -3.73
CA LEU IC 153 77.64 -44.43 -2.71
C LEU IC 153 77.36 -43.14 -1.93
N GLU IC 154 78.28 -42.18 -1.95
CA GLU IC 154 78.08 -40.88 -1.31
C GLU IC 154 77.54 -39.83 -2.26
N GLU IC 155 78.05 -39.80 -3.49
CA GLU IC 155 77.54 -38.83 -4.47
C GLU IC 155 76.08 -39.11 -4.80
N ARG IC 156 75.70 -40.38 -4.91
CA ARG IC 156 74.31 -40.71 -5.17
C ARG IC 156 73.40 -40.22 -4.05
N GLN IC 157 73.83 -40.39 -2.80
CA GLN IC 157 73.08 -39.83 -1.68
C GLN IC 157 73.09 -38.31 -1.73
N THR IC 158 74.23 -37.70 -2.08
CA THR IC 158 74.30 -36.26 -2.22
C THR IC 158 73.40 -35.77 -3.34
N ILE IC 159 73.35 -36.52 -4.45
CA ILE IC 159 72.45 -36.16 -5.55
C ILE IC 159 71.01 -36.17 -5.09
N ASP IC 160 70.62 -37.19 -4.31
CA ASP IC 160 69.25 -37.26 -3.80
C ASP IC 160 68.93 -36.13 -2.85
N GLN IC 161 69.95 -35.51 -2.22
CA GLN IC 161 69.70 -34.37 -1.35
C GLN IC 161 69.37 -33.11 -2.15
N LYS IC 162 70.03 -32.91 -3.29
CA LYS IC 162 69.81 -31.70 -4.08
C LYS IC 162 68.44 -31.73 -4.76
N ILE IC 163 68.04 -32.87 -5.31
CA ILE IC 163 66.81 -32.95 -6.08
C ILE IC 163 65.60 -32.67 -5.21
N ASN IC 164 65.70 -32.94 -3.90
CA ASN IC 164 64.59 -32.62 -2.99
C ASN IC 164 64.32 -31.13 -2.96
N MET IC 165 65.37 -30.31 -2.93
CA MET IC 165 65.18 -28.86 -2.92
C MET IC 165 64.53 -28.38 -4.21
N LEU IC 166 64.99 -28.92 -5.35
CA LEU IC 166 64.46 -28.47 -6.64
C LEU IC 166 63.00 -28.90 -6.83
N TYR IC 167 62.68 -30.13 -6.44
CA TYR IC 167 61.32 -30.63 -6.66
C TYR IC 167 60.33 -30.00 -5.70
N ASN IC 168 60.71 -29.83 -4.43
CA ASN IC 168 59.82 -29.19 -3.46
C ASN IC 168 59.55 -27.74 -3.84
N GLU IC 169 60.59 -27.01 -4.28
CA GLU IC 169 60.41 -25.61 -4.62
C GLU IC 169 59.48 -25.43 -5.80
N LEU IC 170 59.50 -26.36 -6.76
CA LEU IC 170 58.66 -26.23 -7.94
C LEU IC 170 57.17 -26.20 -7.58
N PHE IC 171 56.75 -27.10 -6.68
CA PHE IC 171 55.37 -27.09 -6.23
C PHE IC 171 55.10 -25.98 -5.23
N GLN IC 172 56.11 -25.58 -4.45
CA GLN IC 172 55.96 -24.46 -3.53
C GLN IC 172 55.98 -23.12 -4.23
N SER IC 173 56.43 -23.05 -5.48
CA SER IC 173 56.41 -21.83 -6.27
C SER IC 173 55.32 -21.80 -7.33
N LEU IC 174 54.87 -22.96 -7.82
CA LEU IC 174 53.79 -22.98 -8.78
C LEU IC 174 52.51 -22.43 -8.16
N VAL IC 175 52.15 -22.91 -6.97
CA VAL IC 175 51.02 -22.41 -6.19
C VAL IC 175 49.75 -22.39 -7.03
N PRO IC 176 49.12 -23.55 -7.27
CA PRO IC 176 47.87 -23.56 -8.04
C PRO IC 176 46.86 -22.57 -7.48
N LYS IC 177 46.04 -22.03 -8.38
CA LYS IC 177 45.19 -20.89 -8.04
C LYS IC 177 44.27 -21.21 -6.88
N GLU IC 178 44.20 -20.29 -5.92
CA GLU IC 178 43.41 -20.44 -4.71
C GLU IC 178 42.56 -19.21 -4.50
N LYS IC 179 41.33 -19.43 -4.02
CA LYS IC 179 40.38 -18.36 -3.75
C LYS IC 179 39.84 -18.52 -2.35
N TYR IC 180 39.37 -17.40 -1.79
CA TYR IC 180 38.80 -17.33 -0.45
C TYR IC 180 39.87 -17.60 0.59
N ASP IC 181 39.61 -18.56 1.50
CA ASP IC 181 40.57 -18.99 2.53
C ASP IC 181 40.74 -17.92 3.60
N LYS IC 182 40.15 -16.74 3.40
CA LYS IC 182 40.21 -15.65 4.36
C LYS IC 182 38.80 -15.11 4.63
N ASN IC 183 37.83 -16.01 4.66
CA ASN IC 183 36.44 -15.67 4.95
C ASN IC 183 35.90 -16.64 5.99
N ASP IC 184 35.06 -16.13 6.90
CA ASP IC 184 34.46 -16.99 7.92
C ASP IC 184 33.58 -18.04 7.26
N VAL IC 185 33.62 -19.26 7.80
CA VAL IC 185 32.90 -20.40 7.24
C VAL IC 185 31.91 -20.91 8.28
N ILE IC 186 30.66 -21.11 7.85
CA ILE IC 186 29.61 -21.62 8.72
C ILE IC 186 29.55 -23.13 8.52
N LEU IC 187 29.66 -23.87 9.62
CA LEU IC 187 29.61 -25.33 9.60
C LEU IC 187 28.25 -25.78 10.13
N GLU IC 188 27.49 -26.46 9.29
CA GLU IC 188 26.15 -26.94 9.63
C GLU IC 188 26.15 -28.46 9.65
N VAL IC 189 25.64 -29.04 10.73
CA VAL IC 189 25.51 -30.47 10.87
C VAL IC 189 24.05 -30.80 11.15
N THR IC 190 23.55 -31.87 10.53
CA THR IC 190 22.16 -32.26 10.68
C THR IC 190 22.05 -33.73 11.11
N ALA IC 191 20.83 -34.25 11.13
CA ALA IC 191 20.57 -35.64 11.46
C ALA IC 191 20.05 -36.34 10.22
N GLY IC 192 20.82 -37.30 9.72
CA GLY IC 192 20.40 -38.02 8.53
C GLY IC 192 19.13 -38.81 8.77
N ARG IC 193 18.36 -38.99 7.70
CA ARG IC 193 17.08 -39.70 7.75
C ARG IC 193 17.21 -40.97 6.92
N THR IC 194 17.80 -42.00 7.54
CA THR IC 194 17.96 -43.28 6.88
C THR IC 194 17.57 -44.47 7.76
N THR IC 195 17.53 -44.31 9.09
CA THR IC 195 17.24 -45.40 10.00
C THR IC 195 16.47 -44.82 11.19
N GLY IC 196 15.66 -45.67 11.80
CA GLY IC 196 14.90 -45.27 12.97
C GLY IC 196 15.75 -45.17 14.22
N GLY IC 197 15.12 -44.72 15.30
CA GLY IC 197 15.82 -44.57 16.56
C GLY IC 197 16.68 -43.31 16.58
N ASP IC 198 17.54 -43.25 17.59
CA ASP IC 198 18.45 -42.12 17.77
C ASP IC 198 19.89 -42.47 17.38
N ILE IC 199 20.09 -43.56 16.64
CA ILE IC 199 21.43 -43.97 16.27
C ILE IC 199 22.10 -42.91 15.39
N CYS IC 200 21.35 -42.35 14.44
CA CYS IC 200 21.88 -41.27 13.62
C CYS IC 200 21.95 -39.96 14.40
N GLN IC 201 20.93 -39.67 15.21
CA GLN IC 201 20.92 -38.42 15.96
C GLN IC 201 22.02 -38.37 17.01
N GLN IC 202 22.24 -39.48 17.70
CA GLN IC 202 23.31 -39.53 18.70
C GLN IC 202 24.67 -39.35 18.05
N PHE IC 203 24.88 -39.94 16.88
CA PHE IC 203 26.16 -39.81 16.19
C PHE IC 203 26.44 -38.37 15.77
N THR IC 204 25.39 -37.58 15.57
CA THR IC 204 25.58 -36.18 15.18
C THR IC 204 26.31 -35.41 16.27
N ARG IC 205 25.98 -35.66 17.53
CA ARG IC 205 26.63 -34.95 18.64
C ARG IC 205 28.12 -35.25 18.69
N GLU IC 206 28.49 -36.52 18.46
CA GLU IC 206 29.89 -36.91 18.63
C GLU IC 206 30.80 -36.19 17.65
N ILE IC 207 30.40 -36.10 16.38
CA ILE IC 207 31.26 -35.46 15.40
C ILE IC 207 31.20 -33.93 15.53
N PHE IC 208 30.08 -33.40 16.02
CA PHE IC 208 30.00 -31.96 16.24
C PHE IC 208 31.01 -31.50 17.28
N ASP IC 209 31.15 -32.26 18.37
CA ASP IC 209 32.18 -31.97 19.35
C ASP IC 209 33.57 -32.26 18.84
N MET IC 210 33.70 -33.15 17.84
CA MET IC 210 35.01 -33.42 17.26
C MET IC 210 35.55 -32.17 16.55
N TYR IC 211 34.70 -31.48 15.79
CA TYR IC 211 35.14 -30.26 15.13
C TYR IC 211 35.35 -29.12 16.14
N GLN IC 212 34.53 -29.08 17.18
CA GLN IC 212 34.70 -28.06 18.22
C GLN IC 212 36.04 -28.20 18.91
N ASN IC 213 36.44 -29.43 19.25
CA ASN IC 213 37.76 -29.64 19.83
C ASN IC 213 38.86 -29.46 18.80
N TYR IC 214 38.58 -29.78 17.53
CA TYR IC 214 39.58 -29.62 16.48
C TYR IC 214 39.92 -28.15 16.27
N SER IC 215 38.94 -27.26 16.41
CA SER IC 215 39.20 -25.83 16.24
C SER IC 215 40.21 -25.32 17.26
N CYS IC 216 40.09 -25.77 18.51
CA CYS IC 216 41.06 -25.38 19.53
C CYS IC 216 42.45 -25.92 19.20
N TYR IC 217 42.52 -27.09 18.57
CA TYR IC 217 43.81 -27.62 18.15
C TYR IC 217 44.45 -26.76 17.06
N LYS IC 218 43.63 -26.19 16.18
CA LYS IC 218 44.09 -25.31 15.12
C LYS IC 218 44.09 -23.84 15.53
N HIS IC 219 43.79 -23.55 16.80
CA HIS IC 219 43.79 -22.18 17.32
C HIS IC 219 42.82 -21.29 16.54
N TRP IC 220 41.66 -21.84 16.18
CA TRP IC 220 40.62 -21.08 15.51
C TRP IC 220 39.66 -20.50 16.53
N GLN IC 221 38.62 -19.84 16.03
CA GLN IC 221 37.58 -19.26 16.87
C GLN IC 221 36.24 -19.93 16.54
N PHE IC 222 35.56 -20.43 17.56
CA PHE IC 222 34.31 -21.14 17.40
C PHE IC 222 33.17 -20.26 17.94
N GLU IC 223 32.14 -20.07 17.12
CA GLU IC 223 30.99 -19.25 17.48
C GLU IC 223 29.72 -20.05 17.24
N LEU IC 224 29.03 -20.43 18.31
CA LEU IC 224 27.80 -21.20 18.20
C LEU IC 224 26.66 -20.30 17.73
N LEU IC 225 25.99 -20.72 16.65
CA LEU IC 225 24.87 -19.97 16.10
C LEU IC 225 23.52 -20.58 16.46
N ASN IC 226 23.33 -21.87 16.17
CA ASN IC 226 22.09 -22.57 16.46
C ASN IC 226 22.42 -23.93 17.05
N TYR IC 227 21.63 -24.33 18.06
CA TYR IC 227 21.86 -25.61 18.74
C TYR IC 227 20.51 -26.13 19.19
N THR IC 228 20.04 -27.19 18.54
CA THR IC 228 18.73 -27.79 18.85
C THR IC 228 18.92 -29.24 19.28
N PRO IC 229 18.94 -29.52 20.58
CA PRO IC 229 19.06 -30.91 21.02
C PRO IC 229 17.82 -31.72 20.69
N ALA IC 230 18.02 -33.03 20.55
CA ALA IC 230 16.92 -33.94 20.26
C ALA IC 230 16.32 -34.50 21.54
N ASP IC 231 15.24 -35.25 21.39
CA ASP IC 231 14.55 -35.81 22.55
C ASP IC 231 15.40 -36.88 23.23
N TYR IC 232 15.94 -37.82 22.47
CA TYR IC 232 16.71 -38.93 23.03
C TYR IC 232 18.20 -38.62 23.07
N GLY IC 233 18.56 -37.49 23.68
CA GLY IC 233 19.95 -37.13 23.88
C GLY IC 233 20.78 -37.02 22.62
N GLY IC 234 20.26 -36.29 21.62
CA GLY IC 234 20.98 -36.13 20.36
C GLY IC 234 20.85 -34.74 19.79
N LEU IC 235 21.39 -34.53 18.58
CA LEU IC 235 21.37 -33.23 17.92
C LEU IC 235 20.55 -33.35 16.64
N HIS IC 236 19.36 -32.76 16.64
CA HIS IC 236 18.56 -32.72 15.42
C HIS IC 236 19.27 -31.95 14.33
N HIS IC 237 19.81 -30.78 14.67
CA HIS IC 237 20.61 -30.00 13.73
C HIS IC 237 21.38 -28.96 14.53
N ALA IC 238 22.47 -28.47 13.93
CA ALA IC 238 23.28 -27.44 14.57
C ALA IC 238 24.01 -26.65 13.50
N ALA IC 239 24.45 -25.46 13.88
CA ALA IC 239 25.16 -24.57 12.98
C ALA IC 239 26.05 -23.64 13.79
N ALA IC 240 27.26 -23.41 13.30
CA ALA IC 240 28.22 -22.56 14.00
C ALA IC 240 29.15 -21.90 13.00
N ARG IC 241 29.77 -20.81 13.42
CA ARG IC 241 30.68 -20.05 12.59
C ARG IC 241 32.11 -20.24 13.11
N ILE IC 242 33.03 -20.55 12.19
CA ILE IC 242 34.44 -20.74 12.51
C ILE IC 242 35.25 -19.69 11.77
N SER IC 243 36.06 -18.94 12.51
CA SER IC 243 36.88 -17.87 11.95
C SER IC 243 38.35 -18.17 12.17
N GLY IC 244 39.16 -17.89 11.17
CA GLY IC 244 40.59 -18.18 11.26
C GLY IC 244 41.29 -17.86 9.97
N ASP IC 245 42.53 -18.33 9.87
CA ASP IC 245 43.36 -18.06 8.71
C ASP IC 245 43.25 -19.12 7.63
N GLY IC 246 43.03 -20.38 8.03
CA GLY IC 246 42.96 -21.47 7.06
C GLY IC 246 41.72 -22.33 7.24
N VAL IC 247 40.60 -21.70 7.57
CA VAL IC 247 39.38 -22.45 7.86
C VAL IC 247 38.89 -23.17 6.60
N TYR IC 248 38.61 -22.41 5.55
CA TYR IC 248 38.05 -23.03 4.34
C TYR IC 248 39.06 -23.92 3.63
N LYS IC 249 40.35 -23.67 3.80
CA LYS IC 249 41.36 -24.53 3.18
C LYS IC 249 41.30 -25.94 3.76
N HIS IC 250 41.34 -26.05 5.09
CA HIS IC 250 41.29 -27.36 5.73
C HIS IC 250 39.89 -27.95 5.71
N LEU IC 251 38.87 -27.15 5.99
CA LEU IC 251 37.50 -27.64 6.05
C LEU IC 251 36.78 -27.51 4.71
N LYS IC 252 37.38 -28.07 3.66
CA LYS IC 252 36.78 -28.06 2.34
C LYS IC 252 36.24 -29.41 1.90
N TYR IC 253 36.96 -30.49 2.21
CA TYR IC 253 36.56 -31.84 1.83
C TYR IC 253 35.85 -32.57 2.96
N GLU IC 254 35.52 -31.88 4.05
CA GLU IC 254 34.75 -32.46 5.14
C GLU IC 254 33.24 -32.38 4.90
N GLY IC 255 32.81 -31.71 3.83
CA GLY IC 255 31.40 -31.59 3.54
C GLY IC 255 30.85 -32.78 2.77
N GLY IC 256 29.80 -33.40 3.30
CA GLY IC 256 29.21 -34.56 2.67
C GLY IC 256 28.34 -35.35 3.61
N ILE IC 257 28.46 -36.68 3.57
CA ILE IC 257 27.70 -37.57 4.45
C ILE IC 257 28.69 -38.50 5.14
N HIS IC 258 28.57 -38.60 6.47
CA HIS IC 258 29.45 -39.42 7.28
C HIS IC 258 28.65 -40.61 7.82
N ARG IC 259 28.88 -41.78 7.25
CA ARG IC 259 28.16 -42.97 7.65
C ARG IC 259 28.79 -43.58 8.91
N VAL IC 260 27.93 -44.11 9.78
CA VAL IC 260 28.36 -44.71 11.04
C VAL IC 260 27.77 -46.11 11.14
N GLN IC 261 28.61 -47.08 11.49
CA GLN IC 261 28.18 -48.46 11.76
C GLN IC 261 28.71 -48.85 13.13
N ARG IC 262 27.80 -49.06 14.08
CA ARG IC 262 28.20 -49.35 15.46
C ARG IC 262 27.09 -50.11 16.16
N ILE IC 263 27.46 -50.76 17.26
CA ILE IC 263 26.51 -51.41 18.15
C ILE IC 263 26.03 -50.37 19.15
N PRO IC 264 24.72 -50.12 19.26
CA PRO IC 264 24.23 -49.07 20.17
C PRO IC 264 24.67 -49.34 21.60
N GLU IC 265 25.14 -48.28 22.27
CA GLU IC 265 25.58 -48.36 23.66
C GLU IC 265 24.82 -47.42 24.57
N VAL IC 266 24.69 -46.16 24.19
CA VAL IC 266 23.99 -45.15 24.99
C VAL IC 266 22.92 -44.51 24.12
N GLY IC 267 21.70 -44.45 24.63
CA GLY IC 267 20.59 -43.80 23.95
C GLY IC 267 19.40 -44.72 23.86
N LEU IC 268 18.42 -44.30 23.05
CA LEU IC 268 17.22 -45.10 22.85
C LEU IC 268 17.53 -46.41 22.15
N SER IC 269 18.46 -46.41 21.18
CA SER IC 269 18.79 -47.61 20.43
C SER IC 269 19.50 -48.66 21.28
N SER IC 270 19.92 -48.30 22.49
CA SER IC 270 20.62 -49.25 23.36
C SER IC 270 19.72 -50.38 23.85
N ARG IC 271 18.40 -50.27 23.66
CA ARG IC 271 17.50 -51.33 24.11
C ARG IC 271 17.75 -52.65 23.38
N MET IC 272 18.25 -52.59 22.15
CA MET IC 272 18.62 -53.78 21.39
C MET IC 272 20.04 -53.61 20.88
N GLN IC 273 20.93 -54.52 21.27
CA GLN IC 273 22.34 -54.44 20.89
C GLN IC 273 22.58 -55.22 19.61
N ARG IC 274 22.13 -54.63 18.50
CA ARG IC 274 22.39 -55.15 17.17
C ARG IC 274 22.98 -54.04 16.31
N ILE IC 275 23.95 -54.42 15.46
CA ILE IC 275 24.67 -53.42 14.67
C ILE IC 275 23.70 -52.72 13.72
N HIS IC 276 23.75 -51.39 13.71
CA HIS IC 276 22.89 -50.57 12.87
C HIS IC 276 23.74 -49.60 12.07
N THR IC 277 23.21 -49.19 10.92
CA THR IC 277 23.89 -48.26 10.03
C THR IC 277 23.15 -46.94 10.01
N GLY IC 278 23.87 -45.85 10.28
CA GLY IC 278 23.28 -44.52 10.27
C GLY IC 278 24.16 -43.56 9.49
N THR IC 279 23.57 -42.41 9.17
CA THR IC 279 24.24 -41.38 8.39
C THR IC 279 23.90 -40.00 8.94
N MET IC 280 24.77 -39.05 8.66
CA MET IC 280 24.52 -37.65 8.98
C MET IC 280 25.24 -36.79 7.95
N SER IC 281 24.71 -35.58 7.75
CA SER IC 281 25.21 -34.69 6.71
C SER IC 281 25.86 -33.46 7.34
N VAL IC 282 27.02 -33.08 6.80
CA VAL IC 282 27.76 -31.90 7.24
C VAL IC 282 27.80 -30.91 6.09
N ILE IC 283 27.40 -29.68 6.35
CA ILE IC 283 27.31 -28.64 5.34
C ILE IC 283 28.36 -27.58 5.64
N VAL IC 284 29.24 -27.31 4.67
CA VAL IC 284 30.26 -26.27 4.78
C VAL IC 284 29.95 -25.21 3.74
N LEU IC 285 29.71 -23.99 4.21
CA LEU IC 285 29.37 -22.87 3.33
C LEU IC 285 30.26 -21.68 3.64
N PRO IC 286 31.02 -21.16 2.68
CA PRO IC 286 31.86 -19.98 2.93
C PRO IC 286 31.02 -18.71 2.94
N GLN IC 287 30.97 -18.05 4.08
CA GLN IC 287 30.18 -16.84 4.20
C GLN IC 287 30.85 -15.70 3.42
N PRO IC 288 30.09 -14.93 2.65
CA PRO IC 288 30.70 -13.86 1.85
C PRO IC 288 31.15 -12.67 2.68
N ASP IC 289 31.65 -11.64 2.02
CA ASP IC 289 32.19 -10.46 2.69
C ASP IC 289 31.07 -9.48 3.01
N GLU IC 290 31.43 -8.30 3.51
CA GLU IC 290 30.44 -7.29 3.86
C GLU IC 290 29.95 -6.56 2.61
N VAL IC 291 28.92 -5.75 2.78
CA VAL IC 291 28.29 -5.01 1.69
C VAL IC 291 28.35 -3.52 2.02
N ASP IC 292 28.88 -2.73 1.08
CA ASP IC 292 28.97 -1.28 1.24
C ASP IC 292 28.66 -0.65 -0.11
N VAL IC 293 27.58 0.13 -0.17
CA VAL IC 293 27.15 0.75 -1.41
C VAL IC 293 28.01 1.97 -1.68
N LYS IC 294 28.61 2.03 -2.87
CA LYS IC 294 29.40 3.17 -3.30
C LYS IC 294 28.72 3.81 -4.50
N LEU IC 295 28.43 5.11 -4.39
CA LEU IC 295 27.75 5.83 -5.45
C LEU IC 295 28.42 7.18 -5.64
N ASP IC 296 28.30 7.71 -6.86
CA ASP IC 296 28.91 8.98 -7.23
C ASP IC 296 28.13 9.55 -8.42
N PRO IC 297 28.25 10.85 -8.68
CA PRO IC 297 27.51 11.44 -9.81
C PRO IC 297 27.90 10.86 -11.16
N LYS IC 298 29.08 10.26 -11.29
CA LYS IC 298 29.47 9.63 -12.53
C LYS IC 298 28.60 8.42 -12.87
N ASP IC 299 27.93 7.83 -11.88
CA ASP IC 299 27.14 6.63 -12.08
C ASP IC 299 25.64 6.89 -12.08
N LEU IC 300 25.22 8.15 -11.93
CA LEU IC 300 23.80 8.49 -11.86
C LEU IC 300 23.47 9.52 -12.92
N ARG IC 301 22.38 9.27 -13.67
CA ARG IC 301 21.85 10.21 -14.64
C ARG IC 301 20.47 10.64 -14.16
N ILE IC 302 20.28 11.95 -13.99
CA ILE IC 302 19.05 12.49 -13.41
C ILE IC 302 18.28 13.20 -14.51
N ASP IC 303 17.05 12.72 -14.76
CA ASP IC 303 16.15 13.35 -15.73
C ASP IC 303 15.02 14.03 -14.96
N THR IC 304 15.04 15.37 -14.95
CA THR IC 304 14.03 16.15 -14.23
C THR IC 304 12.79 16.36 -15.11
N PHE IC 305 12.13 15.25 -15.42
CA PHE IC 305 10.89 15.32 -16.19
C PHE IC 305 9.73 15.69 -15.27
N ARG IC 306 8.58 15.96 -15.88
CA ARG IC 306 7.41 16.40 -15.15
C ARG IC 306 6.65 15.20 -14.58
N ALA IC 307 5.50 15.46 -13.98
CA ALA IC 307 4.68 14.44 -13.34
C ALA IC 307 3.23 14.60 -13.75
N LYS IC 308 2.44 13.58 -13.46
CA LYS IC 308 1.01 13.58 -13.73
C LYS IC 308 0.24 13.51 -12.43
N GLY IC 309 -0.80 14.34 -12.31
CA GLY IC 309 -1.59 14.39 -11.11
C GLY IC 309 -2.71 15.42 -11.18
N ALA IC 310 -2.90 16.16 -10.11
CA ALA IC 310 -3.93 17.20 -10.07
C ALA IC 310 -3.44 18.30 -9.12
N GLY IC 311 -2.94 19.40 -9.70
CA GLY IC 311 -2.49 20.52 -8.91
C GLY IC 311 -2.80 21.85 -9.55
N GLY IC 312 -3.56 21.83 -10.64
CA GLY IC 312 -3.93 23.05 -11.30
C GLY IC 312 -2.75 23.69 -12.01
N GLN IC 313 -2.53 24.98 -11.73
CA GLN IC 313 -1.43 25.70 -12.37
C GLN IC 313 -0.07 25.16 -11.94
N HIS IC 314 0.02 24.62 -10.71
CA HIS IC 314 1.30 24.17 -10.19
C HIS IC 314 1.83 22.96 -10.97
N VAL IC 315 0.96 21.97 -11.22
CA VAL IC 315 1.40 20.77 -11.93
C VAL IC 315 1.83 21.11 -13.35
N ASN IC 316 1.07 21.96 -14.03
CA ASN IC 316 1.38 22.28 -15.42
C ASN IC 316 2.67 23.08 -15.56
N LYS IC 317 3.18 23.66 -14.48
CA LYS IC 317 4.33 24.56 -14.53
C LYS IC 317 5.39 24.15 -13.51
N THR IC 318 5.61 22.85 -13.35
CA THR IC 318 6.62 22.37 -12.41
C THR IC 318 7.15 21.01 -12.86
N ASP IC 319 8.46 20.85 -12.82
CA ASP IC 319 9.11 19.57 -13.09
C ASP IC 319 9.34 18.84 -11.76
N SER IC 320 8.24 18.41 -11.16
CA SER IC 320 8.26 17.78 -9.84
C SER IC 320 8.31 16.25 -9.96
N ALA IC 321 9.34 15.78 -10.64
CA ALA IC 321 9.57 14.35 -10.76
C ALA IC 321 11.04 14.12 -11.08
N VAL IC 322 11.58 13.02 -10.54
CA VAL IC 322 12.97 12.66 -10.71
C VAL IC 322 13.05 11.24 -11.23
N ARG IC 323 13.83 11.03 -12.28
CA ARG IC 323 14.08 9.71 -12.85
C ARG IC 323 15.57 9.40 -12.67
N LEU IC 324 15.89 8.58 -11.67
CA LEU IC 324 17.27 8.18 -11.43
C LEU IC 324 17.60 6.93 -12.23
N VAL IC 325 18.69 6.99 -12.98
CA VAL IC 325 19.16 5.86 -13.78
C VAL IC 325 20.56 5.51 -13.31
N HIS IC 326 20.75 4.25 -12.90
CA HIS IC 326 22.06 3.76 -12.47
C HIS IC 326 22.84 3.33 -13.69
N ILE IC 327 23.82 4.15 -14.10
CA ILE IC 327 24.53 3.90 -15.35
C ILE IC 327 25.26 2.56 -15.37
N PRO IC 328 26.03 2.18 -14.34
CA PRO IC 328 26.74 0.89 -14.42
C PRO IC 328 25.82 -0.32 -14.56
N THR IC 329 24.64 -0.28 -13.95
CA THR IC 329 23.74 -1.43 -13.95
C THR IC 329 22.56 -1.27 -14.90
N GLY IC 330 22.01 -0.06 -15.02
CA GLY IC 330 20.86 0.17 -15.86
C GLY IC 330 19.54 0.28 -15.13
N LEU IC 331 19.54 0.22 -13.81
CA LEU IC 331 18.30 0.33 -13.06
C LEU IC 331 17.73 1.73 -13.16
N VAL IC 332 16.40 1.82 -13.27
CA VAL IC 332 15.69 3.08 -13.39
C VAL IC 332 14.75 3.21 -12.20
N VAL IC 333 14.91 4.28 -11.44
CA VAL IC 333 14.06 4.58 -10.28
C VAL IC 333 13.40 5.93 -10.49
N GLU IC 334 12.08 5.97 -10.37
CA GLU IC 334 11.31 7.19 -10.55
C GLU IC 334 10.49 7.46 -9.30
N CYS IC 335 10.57 8.68 -8.78
CA CYS IC 335 9.81 9.10 -7.60
C CYS IC 335 9.12 10.42 -7.91
N GLN IC 336 7.79 10.41 -7.85
CA GLN IC 336 6.99 11.60 -8.11
C GLN IC 336 5.86 11.71 -7.09
N GLN IC 337 6.19 11.48 -5.81
CA GLN IC 337 5.14 11.40 -4.79
C GLN IC 337 4.74 12.78 -4.28
N GLU IC 338 5.70 13.55 -3.75
CA GLU IC 338 5.38 14.82 -3.12
C GLU IC 338 5.27 15.94 -4.16
N ARG IC 339 5.00 17.15 -3.67
CA ARG IC 339 4.82 18.30 -4.56
C ARG IC 339 6.15 18.90 -4.98
N SER IC 340 7.11 18.96 -4.07
CA SER IC 340 8.40 19.58 -4.34
C SER IC 340 9.37 18.57 -4.94
N GLN IC 341 10.22 19.04 -5.85
CA GLN IC 341 11.24 18.17 -6.43
C GLN IC 341 12.25 17.72 -5.40
N ILE IC 342 12.51 18.54 -4.39
CA ILE IC 342 13.50 18.19 -3.36
C ILE IC 342 13.04 16.95 -2.61
N LYS IC 343 11.76 16.89 -2.23
CA LYS IC 343 11.23 15.71 -1.57
C LYS IC 343 11.30 14.49 -2.49
N ASN IC 344 10.95 14.66 -3.76
CA ASN IC 344 11.02 13.55 -4.71
C ASN IC 344 12.46 13.10 -4.93
N LYS IC 345 13.39 14.04 -5.01
CA LYS IC 345 14.80 13.69 -5.19
C LYS IC 345 15.34 12.96 -3.97
N GLU IC 346 14.95 13.40 -2.77
CA GLU IC 346 15.44 12.77 -1.55
C GLU IC 346 14.99 11.31 -1.46
N ILE IC 347 13.72 11.05 -1.76
CA ILE IC 347 13.21 9.69 -1.69
C ILE IC 347 13.82 8.82 -2.78
N ALA IC 348 14.03 9.40 -3.97
CA ALA IC 348 14.56 8.61 -5.09
C ALA IC 348 15.95 8.08 -4.78
N PHE IC 349 16.81 8.90 -4.17
CA PHE IC 349 18.13 8.44 -3.78
C PHE IC 349 18.05 7.32 -2.75
N ARG IC 350 17.15 7.45 -1.78
CA ARG IC 350 17.00 6.43 -0.75
C ARG IC 350 16.53 5.11 -1.34
N VAL IC 351 15.57 5.16 -2.28
CA VAL IC 351 15.05 3.94 -2.89
C VAL IC 351 16.12 3.28 -3.74
N LEU IC 352 16.90 4.07 -4.48
CA LEU IC 352 17.92 3.51 -5.36
C LEU IC 352 18.98 2.74 -4.57
N ARG IC 353 19.40 3.29 -3.43
CA ARG IC 353 20.36 2.58 -2.60
C ARG IC 353 19.78 1.30 -2.03
N ALA IC 354 18.51 1.35 -1.59
CA ALA IC 354 17.88 0.17 -1.02
C ALA IC 354 17.73 -0.94 -2.04
N ARG IC 355 17.30 -0.61 -3.26
CA ARG IC 355 17.12 -1.63 -4.29
C ARG IC 355 18.44 -2.26 -4.69
N LEU IC 356 19.50 -1.45 -4.80
CA LEU IC 356 20.82 -2.00 -5.14
C LEU IC 356 21.32 -2.92 -4.03
N TYR IC 357 21.07 -2.56 -2.78
CA TYR IC 357 21.47 -3.42 -1.67
C TYR IC 357 20.73 -4.75 -1.69
N GLN IC 358 19.44 -4.72 -2.06
CA GLN IC 358 18.66 -5.95 -2.12
C GLN IC 358 19.20 -6.89 -3.19
N GLN IC 359 19.66 -6.34 -4.32
CA GLN IC 359 20.17 -7.17 -5.40
C GLN IC 359 21.41 -7.96 -4.96
N ILE IC 360 22.27 -7.33 -4.16
CA ILE IC 360 23.48 -8.00 -3.70
C ILE IC 360 23.12 -9.18 -2.79
N ILE IC 361 22.13 -9.00 -1.92
CA ILE IC 361 21.71 -10.08 -1.03
C ILE IC 361 21.20 -11.26 -1.82
N GLU IC 362 20.36 -11.00 -2.82
CA GLU IC 362 19.82 -12.08 -3.64
C GLU IC 362 20.92 -12.81 -4.39
N LYS IC 363 21.99 -12.11 -4.79
CA LYS IC 363 23.14 -12.78 -5.38
C LYS IC 363 23.79 -13.72 -4.39
N ASP IC 364 23.92 -13.31 -3.12
CA ASP IC 364 24.49 -14.17 -2.10
C ASP IC 364 23.61 -15.40 -1.87
N LYS IC 365 22.30 -15.22 -1.88
CA LYS IC 365 21.39 -16.33 -1.61
C LYS IC 365 21.52 -17.42 -2.68
N ARG IC 366 21.60 -17.02 -3.95
CA ARG IC 366 21.73 -18.01 -5.02
C ARG IC 366 23.04 -18.79 -4.91
N GLN IC 367 24.13 -18.10 -4.56
CA GLN IC 367 25.41 -18.78 -4.42
C GLN IC 367 25.38 -19.81 -3.29
N GLN IC 368 24.80 -19.44 -2.15
CA GLN IC 368 24.75 -20.36 -1.02
C GLN IC 368 23.78 -21.52 -1.28
N GLN IC 369 22.61 -21.21 -1.87
CA GLN IC 369 21.65 -22.27 -2.17
C GLN IC 369 22.21 -23.25 -3.19
N SER IC 370 22.92 -22.76 -4.21
CA SER IC 370 23.50 -23.64 -5.21
C SER IC 370 24.61 -24.51 -4.65
N ALA IC 371 25.17 -24.14 -3.49
CA ALA IC 371 26.20 -24.93 -2.83
C ALA IC 371 25.65 -25.81 -1.72
N ARG IC 372 24.71 -25.32 -0.92
CA ARG IC 372 24.16 -26.11 0.16
C ARG IC 372 23.18 -27.17 -0.33
N LYS IC 373 22.62 -27.01 -1.52
CA LYS IC 373 21.76 -28.03 -2.10
C LYS IC 373 22.53 -29.02 -2.96
N LEU IC 374 23.85 -28.90 -3.02
CA LEU IC 374 24.71 -29.87 -3.69
C LEU IC 374 25.33 -30.86 -2.71
N GLN IC 375 25.87 -30.36 -1.59
CA GLN IC 375 26.44 -31.24 -0.58
C GLN IC 375 25.37 -32.11 0.07
N VAL IC 376 24.19 -31.54 0.33
CA VAL IC 376 23.11 -32.31 0.96
C VAL IC 376 22.67 -33.45 0.05
N GLY IC 377 22.47 -33.15 -1.23
CA GLY IC 377 21.98 -34.15 -2.15
C GLY IC 377 20.60 -34.66 -1.74
N THR IC 378 20.41 -35.97 -1.82
CA THR IC 378 19.16 -36.60 -1.44
C THR IC 378 19.21 -37.26 -0.06
N ARG IC 379 20.32 -37.09 0.67
CA ARG IC 379 20.47 -37.61 2.03
C ARG IC 379 20.28 -39.13 2.05
N ALA IC 380 21.17 -39.82 1.34
CA ALA IC 380 21.10 -41.28 1.23
C ALA IC 380 22.48 -41.87 1.47
N GLN IC 381 22.50 -43.13 1.90
CA GLN IC 381 23.76 -43.82 2.16
C GLN IC 381 24.58 -43.98 0.89
N SER IC 382 23.95 -43.92 -0.28
CA SER IC 382 24.68 -44.07 -1.53
C SER IC 382 25.75 -43.00 -1.69
N GLU IC 383 25.51 -41.81 -1.16
CA GLU IC 383 26.49 -40.73 -1.17
C GLU IC 383 27.13 -40.63 0.21
N ARG IC 384 28.46 -40.71 0.25
CA ARG IC 384 29.17 -40.60 1.52
C ARG IC 384 30.64 -40.35 1.23
N ILE IC 385 31.31 -39.65 2.15
CA ILE IC 385 32.73 -39.35 2.01
C ILE IC 385 33.57 -40.02 3.09
N ARG IC 386 32.97 -40.52 4.16
CA ARG IC 386 33.71 -41.16 5.23
C ARG IC 386 32.79 -42.12 5.96
N THR IC 387 33.34 -43.29 6.33
CA THR IC 387 32.58 -44.31 7.04
C THR IC 387 33.24 -44.57 8.39
N TYR IC 388 32.44 -44.47 9.47
CA TYR IC 388 32.90 -44.75 10.81
C TYR IC 388 32.38 -46.13 11.23
N ASN IC 389 33.29 -47.10 11.33
CA ASN IC 389 32.92 -48.47 11.68
C ASN IC 389 33.50 -48.77 13.07
N PHE IC 390 32.70 -48.50 14.10
CA PHE IC 390 33.14 -48.77 15.47
C PHE IC 390 33.27 -50.26 15.73
N THR IC 391 32.57 -51.10 14.97
CA THR IC 391 32.62 -52.54 15.18
C THR IC 391 34.04 -53.08 14.93
N GLN IC 392 34.69 -52.60 13.88
CA GLN IC 392 36.04 -53.04 13.55
C GLN IC 392 37.09 -51.97 13.82
N ASP IC 393 36.72 -50.84 14.41
CA ASP IC 393 37.66 -49.78 14.79
C ASP IC 393 38.43 -49.28 13.57
N ARG IC 394 37.69 -48.77 12.58
CA ARG IC 394 38.29 -48.24 11.37
CA ARG IC 394 38.28 -48.26 11.35
C ARG IC 394 37.55 -46.99 10.94
N VAL IC 395 38.32 -46.01 10.46
CA VAL IC 395 37.79 -44.77 9.91
C VAL IC 395 38.39 -44.61 8.52
N SER IC 396 37.57 -44.78 7.49
CA SER IC 396 38.05 -44.82 6.12
C SER IC 396 37.43 -43.69 5.32
N ASP IC 397 38.25 -43.03 4.50
CA ASP IC 397 37.79 -42.01 3.56
C ASP IC 397 37.78 -42.62 2.17
N HIS IC 398 36.62 -42.54 1.50
CA HIS IC 398 36.47 -43.19 0.21
C HIS IC 398 37.31 -42.52 -0.88
N ARG IC 399 37.51 -41.21 -0.77
CA ARG IC 399 38.26 -40.49 -1.80
C ARG IC 399 39.70 -40.98 -1.91
N ILE IC 400 40.41 -41.02 -0.77
CA ILE IC 400 41.82 -41.39 -0.78
C ILE IC 400 42.06 -42.84 -0.39
N ALA IC 401 40.99 -43.58 -0.04
CA ALA IC 401 41.11 -44.98 0.37
C ALA IC 401 42.09 -45.15 1.53
N TYR IC 402 42.00 -44.23 2.49
CA TYR IC 402 42.90 -44.20 3.63
C TYR IC 402 42.12 -44.55 4.89
N GLU IC 403 42.60 -45.55 5.63
CA GLU IC 403 41.91 -46.08 6.79
C GLU IC 403 42.69 -45.75 8.06
N VAL IC 404 41.98 -45.29 9.08
CA VAL IC 404 42.57 -44.90 10.36
C VAL IC 404 41.91 -45.71 11.46
N ARG IC 405 42.72 -46.22 12.39
CA ARG IC 405 42.26 -46.99 13.52
C ARG IC 405 42.08 -46.08 14.73
N ASP IC 406 41.68 -46.68 15.86
CA ASP IC 406 41.54 -45.97 17.13
C ASP IC 406 40.56 -44.80 16.99
N ILE IC 407 39.30 -45.17 16.72
CA ILE IC 407 38.26 -44.16 16.53
C ILE IC 407 38.06 -43.35 17.80
N LYS IC 408 38.39 -43.91 18.96
CA LYS IC 408 38.22 -43.20 20.23
C LYS IC 408 39.01 -41.90 20.24
N GLU IC 409 40.28 -41.96 19.80
CA GLU IC 409 41.08 -40.76 19.68
C GLU IC 409 40.68 -39.92 18.46
N PHE IC 410 40.21 -40.57 17.39
CA PHE IC 410 39.87 -39.85 16.17
C PHE IC 410 38.73 -38.88 16.40
N LEU IC 411 37.74 -39.27 17.20
CA LEU IC 411 36.57 -38.43 17.46
C LEU IC 411 36.86 -37.32 18.47
N CYS IC 412 38.04 -37.29 19.07
CA CYS IC 412 38.41 -36.23 20.01
C CYS IC 412 39.19 -35.11 19.34
N GLY IC 413 39.22 -35.09 18.01
CA GLY IC 413 39.95 -34.05 17.31
C GLY IC 413 41.45 -34.23 17.45
N GLY IC 414 42.16 -33.10 17.48
CA GLY IC 414 43.61 -33.16 17.61
C GLY IC 414 44.27 -33.72 16.37
N LYS IC 415 45.36 -34.46 16.57
CA LYS IC 415 46.13 -35.00 15.46
C LYS IC 415 45.36 -36.07 14.69
N GLY IC 416 44.33 -36.65 15.28
CA GLY IC 416 43.57 -37.68 14.58
C GLY IC 416 42.92 -37.16 13.30
N LEU IC 417 42.28 -36.00 13.38
CA LEU IC 417 41.65 -35.41 12.20
C LEU IC 417 42.64 -34.61 11.37
N ASP IC 418 43.63 -34.00 12.02
CA ASP IC 418 44.61 -33.21 11.28
C ASP IC 418 45.40 -34.07 10.30
N GLN IC 419 45.80 -35.27 10.72
CA GLN IC 419 46.55 -36.16 9.84
C GLN IC 419 45.74 -36.55 8.62
N LEU IC 420 44.45 -36.82 8.80
CA LEU IC 420 43.60 -37.20 7.67
C LEU IC 420 43.46 -36.04 6.68
N ILE IC 421 43.34 -34.82 7.18
CA ILE IC 421 43.16 -33.67 6.29
C ILE IC 421 44.39 -33.44 5.43
N GLN IC 422 45.59 -33.70 5.98
CA GLN IC 422 46.82 -33.43 5.23
C GLN IC 422 46.87 -34.23 3.93
N ARG IC 423 46.50 -35.51 3.98
CA ARG IC 423 46.50 -36.31 2.77
C ARG IC 423 45.41 -35.87 1.80
N LEU IC 424 44.29 -35.37 2.31
CA LEU IC 424 43.23 -34.87 1.43
C LEU IC 424 43.72 -33.67 0.62
N LEU IC 425 44.45 -32.75 1.26
CA LEU IC 425 44.94 -31.58 0.55
C LEU IC 425 46.04 -31.95 -0.45
N GLN IC 426 46.92 -32.88 -0.08
CA GLN IC 426 47.96 -33.31 -1.00
C GLN IC 426 47.36 -33.99 -2.23
N SER IC 427 46.34 -34.84 -2.02
CA SER IC 427 45.66 -35.44 -3.16
C SER IC 427 44.95 -34.38 -4.00
N ALA IC 428 44.41 -33.35 -3.36
CA ALA IC 428 43.78 -32.26 -4.10
C ALA IC 428 44.81 -31.52 -4.95
N ASP IC 429 45.98 -31.23 -4.38
CA ASP IC 429 47.04 -30.58 -5.15
C ASP IC 429 47.53 -31.49 -6.28
N GLU IC 430 47.67 -32.80 -6.00
CA GLU IC 430 48.18 -33.71 -7.01
C GLU IC 430 47.25 -33.78 -8.22
N GLU IC 431 45.95 -33.87 -7.98
CA GLU IC 431 45.00 -33.96 -9.09
C GLU IC 431 45.00 -32.68 -9.92
N ALA IC 432 45.00 -31.52 -9.25
CA ALA IC 432 44.98 -30.25 -9.97
C ALA IC 432 46.26 -30.04 -10.78
N ILE IC 433 47.42 -30.35 -10.18
CA ILE IC 433 48.69 -30.14 -10.87
C ILE IC 433 48.83 -31.11 -12.04
N ALA IC 434 48.46 -32.38 -11.84
CA ALA IC 434 48.58 -33.36 -12.91
C ALA IC 434 47.71 -32.99 -14.11
N GLU IC 435 46.49 -32.52 -13.85
CA GLU IC 435 45.62 -32.09 -14.95
C GLU IC 435 46.18 -30.87 -15.65
N LEU IC 436 46.76 -29.94 -14.89
CA LEU IC 436 47.34 -28.74 -15.51
C LEU IC 436 48.47 -29.11 -16.46
N LEU IC 437 49.33 -30.06 -16.07
CA LEU IC 437 50.41 -30.49 -16.95
C LEU IC 437 49.86 -31.03 -18.27
N ASP IC 438 48.81 -31.85 -18.20
CA ASP IC 438 48.14 -32.28 -19.42
C ASP IC 438 47.48 -31.11 -20.12
N GLU IC 439 46.87 -30.19 -19.36
CA GLU IC 439 46.28 -29.00 -19.96
C GLU IC 439 47.33 -28.13 -20.63
N HIS IC 440 48.54 -28.11 -20.10
CA HIS IC 440 49.62 -27.40 -20.79
C HIS IC 440 49.91 -28.04 -22.14
N LEU IC 441 49.84 -29.37 -22.23
CA LEU IC 441 49.94 -30.04 -23.52
C LEU IC 441 48.76 -29.69 -24.42
N LYS IC 442 47.56 -29.62 -23.83
CA LYS IC 442 46.38 -29.25 -24.61
C LYS IC 442 46.51 -27.84 -25.17
N SER IC 443 47.03 -26.91 -24.37
CA SER IC 443 47.25 -25.56 -24.87
C SER IC 443 48.33 -25.53 -25.95
N ALA IC 444 49.32 -26.42 -25.87
CA ALA IC 444 50.36 -26.50 -26.87
C ALA IC 444 49.96 -27.33 -28.09
N LYS IC 445 48.83 -28.04 -28.02
CA LYS IC 445 48.37 -28.85 -29.15
C LYS IC 445 47.03 -28.36 -29.67
N ASN JC 55 1.83 -133.00 11.85
CA ASN JC 55 1.56 -131.80 11.06
C ASN JC 55 0.27 -131.95 10.26
N ASP JC 56 0.18 -133.02 9.47
CA ASP JC 56 -1.02 -133.27 8.69
C ASP JC 56 -2.22 -133.55 9.61
N LEU JC 57 -2.01 -134.35 10.65
CA LEU JC 57 -3.08 -134.57 11.63
C LEU JC 57 -3.37 -133.31 12.42
N ARG JC 58 -2.35 -132.46 12.63
CA ARG JC 58 -2.59 -131.17 13.27
C ARG JC 58 -3.48 -130.29 12.39
N ASP JC 59 -3.30 -130.35 11.08
CA ASP JC 59 -4.22 -129.68 10.17
C ASP JC 59 -5.60 -130.32 10.24
N ARG JC 60 -5.66 -131.64 10.40
CA ARG JC 60 -6.94 -132.35 10.42
C ARG JC 60 -7.79 -131.91 11.61
N ILE JC 61 -7.19 -131.82 12.80
CA ILE JC 61 -7.96 -131.46 13.99
C ILE JC 61 -8.43 -130.01 13.92
N LEU JC 62 -7.60 -129.11 13.39
CA LEU JC 62 -8.01 -127.72 13.24
C LEU JC 62 -9.14 -127.59 12.22
N SER JC 63 -9.07 -128.32 11.12
CA SER JC 63 -10.05 -128.25 10.06
C SER JC 63 -11.23 -129.19 10.26
N GLU JC 64 -11.20 -130.03 11.30
CA GLU JC 64 -12.31 -130.94 11.55
C GLU JC 64 -13.63 -130.22 11.83
N PRO JC 65 -13.70 -129.25 12.76
CA PRO JC 65 -15.00 -128.62 13.04
C PRO JC 65 -15.45 -127.64 11.98
N LEU JC 66 -14.63 -127.32 10.99
CA LEU JC 66 -15.02 -126.35 9.97
C LEU JC 66 -16.04 -126.91 8.99
N LYS JC 67 -16.24 -128.23 8.98
CA LYS JC 67 -17.15 -128.86 8.02
C LYS JC 67 -18.55 -129.09 8.59
N HIS JC 68 -18.81 -128.66 9.82
CA HIS JC 68 -20.11 -128.85 10.46
C HIS JC 68 -20.61 -127.52 10.99
N ALA JC 69 -21.82 -127.14 10.60
CA ALA JC 69 -22.39 -125.87 11.07
C ALA JC 69 -22.83 -125.97 12.53
N ASP JC 70 -23.37 -127.13 12.92
CA ASP JC 70 -23.84 -127.38 14.29
C ASP JC 70 -22.87 -128.26 15.06
N PHE JC 71 -21.57 -128.07 14.83
CA PHE JC 71 -20.56 -128.95 15.40
C PHE JC 71 -20.61 -128.97 16.92
N PHE JC 72 -20.87 -127.82 17.53
CA PHE JC 72 -20.92 -127.72 18.98
C PHE JC 72 -22.33 -127.90 19.55
N ASN JC 73 -23.33 -128.10 18.69
CA ASN JC 73 -24.71 -128.30 19.12
C ASN JC 73 -25.19 -127.17 20.02
N LEU JC 74 -24.93 -125.94 19.58
CA LEU JC 74 -25.32 -124.76 20.34
C LEU JC 74 -26.76 -124.35 20.13
N LYS JC 75 -27.49 -125.01 19.22
CA LYS JC 75 -28.86 -124.61 18.93
C LYS JC 75 -29.80 -124.88 20.10
N GLU JC 76 -29.45 -125.80 21.00
CA GLU JC 76 -30.30 -126.14 22.13
C GLU JC 76 -30.10 -125.23 23.33
N LEU JC 77 -29.08 -124.37 23.30
CA LEU JC 77 -28.79 -123.53 24.46
C LEU JC 77 -29.88 -122.48 24.68
N PHE JC 78 -30.39 -121.90 23.60
CA PHE JC 78 -31.32 -120.78 23.71
C PHE JC 78 -32.43 -120.97 22.68
N SER JC 79 -33.49 -120.18 22.85
CA SER JC 79 -34.61 -120.19 21.93
C SER JC 79 -35.33 -118.84 22.04
N VAL JC 80 -36.32 -118.64 21.16
CA VAL JC 80 -37.05 -117.39 21.13
C VAL JC 80 -37.80 -117.18 22.44
N ARG JC 81 -38.43 -118.23 22.96
CA ARG JC 81 -39.11 -118.13 24.25
C ARG JC 81 -38.11 -117.84 25.38
N SER JC 82 -36.93 -118.47 25.33
CA SER JC 82 -35.94 -118.23 26.36
C SER JC 82 -35.48 -116.78 26.36
N LEU JC 83 -35.27 -116.20 25.19
CA LEU JC 83 -34.85 -114.81 25.11
C LEU JC 83 -35.95 -113.86 25.56
N PHE JC 84 -37.21 -114.20 25.25
CA PHE JC 84 -38.32 -113.30 25.56
C PHE JC 84 -38.47 -113.10 27.06
N ASP JC 85 -38.33 -114.18 27.84
CA ASP JC 85 -38.46 -114.08 29.29
C ASP JC 85 -37.31 -113.31 29.94
N ALA JC 86 -36.25 -113.02 29.20
CA ALA JC 86 -35.10 -112.29 29.72
C ALA JC 86 -35.12 -110.81 29.38
N ARG JC 87 -36.25 -110.31 28.88
CA ARG JC 87 -36.40 -108.89 28.55
C ARG JC 87 -35.36 -108.44 27.51
N VAL JC 88 -35.11 -109.29 26.52
CA VAL JC 88 -34.17 -108.96 25.45
C VAL JC 88 -34.83 -108.19 24.31
N HIS JC 89 -36.14 -108.23 24.21
CA HIS JC 89 -36.86 -107.56 23.13
C HIS JC 89 -37.21 -106.10 23.46
N LEU JC 90 -36.78 -105.59 24.61
CA LEU JC 90 -37.05 -104.22 25.00
C LEU JC 90 -35.94 -103.29 24.55
N GLY JC 91 -36.26 -102.01 24.45
CA GLY JC 91 -35.30 -101.01 24.03
C GLY JC 91 -35.54 -99.65 24.65
N HIS JC 92 -34.73 -98.66 24.27
CA HIS JC 92 -34.85 -97.31 24.81
C HIS JC 92 -36.05 -96.62 24.15
N LYS JC 93 -36.22 -95.33 24.47
CA LYS JC 93 -37.32 -94.57 23.90
C LYS JC 93 -37.07 -94.30 22.41
N ALA JC 94 -38.13 -93.83 21.74
CA ALA JC 94 -38.02 -93.54 20.31
C ALA JC 94 -37.07 -92.39 20.01
N GLY JC 95 -36.90 -91.46 20.95
CA GLY JC 95 -36.01 -90.34 20.71
C GLY JC 95 -34.56 -90.74 20.59
N CYS JC 96 -34.15 -91.79 21.31
CA CYS JC 96 -32.76 -92.24 21.32
C CYS JC 96 -32.48 -93.30 20.26
N ARG JC 97 -33.45 -93.60 19.39
CA ARG JC 97 -33.26 -94.61 18.37
C ARG JC 97 -32.14 -94.21 17.41
N HIS JC 98 -31.05 -94.97 17.42
CA HIS JC 98 -29.96 -94.72 16.49
C HIS JC 98 -30.39 -95.07 15.07
N ARG JC 99 -29.82 -94.35 14.10
CA ARG JC 99 -30.25 -94.51 12.73
C ARG JC 99 -29.91 -95.90 12.18
N PHE JC 100 -28.75 -96.45 12.56
CA PHE JC 100 -28.34 -97.73 12.04
C PHE JC 100 -29.08 -98.91 12.67
N MET JC 101 -29.84 -98.67 13.73
CA MET JC 101 -30.61 -99.73 14.37
C MET JC 101 -32.03 -99.86 13.81
N GLU JC 102 -32.37 -99.07 12.80
CA GLU JC 102 -33.71 -99.15 12.22
C GLU JC 102 -34.03 -100.52 11.64
N PRO JC 103 -33.17 -101.16 10.82
CA PRO JC 103 -33.54 -102.48 10.29
C PRO JC 103 -33.73 -103.54 11.36
N TYR JC 104 -33.06 -103.43 12.50
CA TYR JC 104 -33.13 -104.44 13.54
C TYR JC 104 -34.29 -104.23 14.51
N LEU JC 105 -35.10 -103.20 14.31
CA LEU JC 105 -36.23 -102.92 15.20
C LEU JC 105 -37.51 -103.46 14.59
N PHE JC 106 -38.19 -104.34 15.33
CA PHE JC 106 -39.48 -104.84 14.88
C PHE JC 106 -40.51 -103.72 14.80
N GLY JC 107 -40.50 -102.83 15.78
CA GLY JC 107 -41.45 -101.73 15.80
C GLY JC 107 -41.30 -100.92 17.08
N SER JC 108 -42.15 -99.91 17.20
CA SER JC 108 -42.17 -99.03 18.35
C SER JC 108 -43.51 -99.15 19.05
N ARG JC 109 -43.48 -99.36 20.36
CA ARG JC 109 -44.68 -99.52 21.18
C ARG JC 109 -44.78 -98.34 22.12
N LEU JC 110 -45.68 -97.40 21.81
CA LEU JC 110 -45.91 -96.21 22.62
C LEU JC 110 -44.62 -95.45 22.90
N GLY JC 111 -43.82 -95.28 21.83
CA GLY JC 111 -42.56 -94.59 21.93
C GLY JC 111 -41.40 -95.42 22.41
N GLN JC 112 -41.62 -96.69 22.72
CA GLN JC 112 -40.56 -97.60 23.17
C GLN JC 112 -40.28 -98.60 22.05
N ASP JC 113 -39.03 -98.63 21.58
CA ASP JC 113 -38.68 -99.51 20.48
C ASP JC 113 -38.62 -100.96 20.95
N ILE JC 114 -39.03 -101.87 20.07
CA ILE JC 114 -39.04 -103.30 20.36
C ILE JC 114 -38.11 -103.98 19.37
N ILE JC 115 -37.10 -104.68 19.89
CA ILE JC 115 -36.10 -105.34 19.06
C ILE JC 115 -36.69 -106.64 18.52
N ASP JC 116 -36.48 -106.90 17.24
CA ASP JC 116 -36.97 -108.11 16.61
C ASP JC 116 -36.08 -109.29 17.02
N LEU JC 117 -36.61 -110.17 17.87
CA LEU JC 117 -35.82 -111.30 18.34
C LEU JC 117 -35.53 -112.32 17.24
N GLU JC 118 -36.34 -112.35 16.18
CA GLU JC 118 -36.07 -113.27 15.09
C GLU JC 118 -34.73 -112.97 14.44
N GLN JC 119 -34.40 -111.69 14.25
CA GLN JC 119 -33.07 -111.33 13.77
C GLN JC 119 -32.02 -111.51 14.85
N THR JC 120 -32.40 -111.33 16.12
CA THR JC 120 -31.47 -111.55 17.21
C THR JC 120 -31.04 -113.01 17.28
N ALA JC 121 -31.99 -113.93 17.12
CA ALA JC 121 -31.66 -115.35 17.17
C ALA JC 121 -30.70 -115.74 16.05
N ALA JC 122 -30.92 -115.21 14.85
CA ALA JC 122 -30.02 -115.50 13.74
C ALA JC 122 -28.62 -114.97 14.00
N HIS JC 123 -28.52 -113.74 14.52
CA HIS JC 123 -27.22 -113.16 14.82
C HIS JC 123 -26.55 -113.86 16.00
N LEU JC 124 -27.33 -114.15 17.05
CA LEU JC 124 -26.76 -114.81 18.23
C LEU JC 124 -26.28 -116.21 17.90
N GLN JC 125 -26.96 -116.90 16.98
CA GLN JC 125 -26.54 -118.24 16.59
C GLN JC 125 -25.14 -118.22 15.96
N LEU JC 126 -24.88 -117.24 15.09
CA LEU JC 126 -23.56 -117.11 14.51
C LEU JC 126 -22.55 -116.61 15.54
N ALA JC 127 -22.99 -115.74 16.45
CA ALA JC 127 -22.08 -115.18 17.45
C ALA JC 127 -21.54 -116.27 18.37
N LEU JC 128 -22.42 -117.13 18.89
CA LEU JC 128 -21.97 -118.23 19.73
C LEU JC 128 -21.14 -119.22 18.93
N ASN JC 129 -21.55 -119.49 17.68
CA ASN JC 129 -20.79 -120.40 16.83
C ASN JC 129 -19.39 -119.86 16.56
N PHE JC 130 -19.29 -118.56 16.27
CA PHE JC 130 -17.99 -117.95 16.03
C PHE JC 130 -17.16 -117.90 17.30
N THR JC 131 -17.80 -117.64 18.44
CA THR JC 131 -17.07 -117.56 19.70
C THR JC 131 -16.45 -118.91 20.07
N ALA JC 132 -17.20 -119.99 19.89
CA ALA JC 132 -16.69 -121.31 20.26
C ALA JC 132 -15.52 -121.72 19.38
N HIS JC 133 -15.61 -121.44 18.07
CA HIS JC 133 -14.56 -121.88 17.15
C HIS JC 133 -13.22 -121.22 17.47
N VAL JC 134 -13.23 -119.92 17.78
CA VAL JC 134 -11.97 -119.25 18.10
C VAL JC 134 -11.43 -119.75 19.45
N ALA JC 135 -12.31 -120.17 20.36
CA ALA JC 135 -11.85 -120.75 21.61
C ALA JC 135 -11.35 -122.18 21.41
N TYR JC 136 -11.92 -122.89 20.43
CA TYR JC 136 -11.45 -124.24 20.12
C TYR JC 136 -10.01 -124.22 19.63
N ARG JC 137 -9.64 -123.20 18.84
CA ARG JC 137 -8.30 -123.09 18.28
C ARG JC 137 -7.32 -122.41 19.23
N GLU JC 138 -7.61 -122.41 20.53
CA GLU JC 138 -6.75 -121.80 21.55
C GLU JC 138 -6.52 -120.32 21.27
N GLY JC 139 -7.61 -119.56 21.28
CA GLY JC 139 -7.59 -118.13 21.03
C GLY JC 139 -7.87 -117.35 22.29
N ILE JC 140 -7.28 -116.17 22.39
CA ILE JC 140 -7.48 -115.30 23.55
C ILE JC 140 -8.75 -114.49 23.36
N ILE JC 141 -9.63 -114.54 24.34
CA ILE JC 141 -10.91 -113.83 24.31
C ILE JC 141 -10.94 -112.86 25.48
N LEU JC 142 -11.26 -111.60 25.19
CA LEU JC 142 -11.31 -110.54 26.18
C LEU JC 142 -12.72 -110.02 26.31
N PHE JC 143 -13.21 -109.95 27.54
CA PHE JC 143 -14.54 -109.40 27.84
C PHE JC 143 -14.38 -107.93 28.22
N VAL JC 144 -15.00 -107.04 27.45
CA VAL JC 144 -14.91 -105.61 27.66
C VAL JC 144 -16.32 -105.07 27.89
N SER JC 145 -16.51 -104.36 29.00
CA SER JC 145 -17.80 -103.77 29.31
C SER JC 145 -17.58 -102.64 30.31
N ARG JC 146 -17.80 -101.40 29.88
CA ARG JC 146 -17.64 -100.23 30.74
C ARG JC 146 -19.02 -99.85 31.26
N HIS JC 147 -19.51 -100.63 32.22
CA HIS JC 147 -20.81 -100.40 32.85
C HIS JC 147 -20.68 -100.72 34.32
N ARG JC 148 -21.00 -99.75 35.19
CA ARG JC 148 -20.79 -99.91 36.63
C ARG JC 148 -22.03 -100.48 37.32
N GLN JC 149 -22.61 -101.52 36.74
CA GLN JC 149 -23.61 -102.33 37.42
C GLN JC 149 -23.36 -103.82 37.31
N PHE JC 150 -22.60 -104.27 36.30
CA PHE JC 150 -22.31 -105.68 36.11
C PHE JC 150 -20.81 -105.94 36.03
N ALA JC 151 -19.99 -105.00 36.49
CA ALA JC 151 -18.55 -105.15 36.36
C ALA JC 151 -18.05 -106.37 37.13
N HIS JC 152 -18.55 -106.56 38.35
CA HIS JC 152 -18.13 -107.72 39.12
C HIS JC 152 -18.66 -109.01 38.52
N LEU JC 153 -19.92 -109.01 38.07
CA LEU JC 153 -20.50 -110.21 37.50
C LEU JC 153 -19.77 -110.64 36.23
N ILE JC 154 -19.45 -109.67 35.36
CA ILE JC 154 -18.73 -109.98 34.13
C ILE JC 154 -17.31 -110.43 34.45
N GLU JC 155 -16.66 -109.77 35.42
CA GLU JC 155 -15.30 -110.14 35.77
C GLU JC 155 -15.23 -111.56 36.33
N THR JC 156 -16.21 -111.94 37.15
CA THR JC 156 -16.26 -113.33 37.63
C THR JC 156 -16.60 -114.29 36.51
N THR JC 157 -17.36 -113.84 35.52
CA THR JC 157 -17.74 -114.72 34.41
C THR JC 157 -16.52 -115.19 33.63
N ALA JC 158 -15.58 -114.28 33.36
CA ALA JC 158 -14.39 -114.67 32.61
C ALA JC 158 -13.50 -115.60 33.42
N ARG JC 159 -13.44 -115.42 34.74
CA ARG JC 159 -12.58 -116.27 35.57
C ARG JC 159 -13.04 -117.73 35.51
N ASP JC 160 -14.36 -117.95 35.54
CA ASP JC 160 -14.87 -119.32 35.44
C ASP JC 160 -14.57 -119.93 34.07
N CYS JC 161 -14.69 -119.13 33.01
CA CYS JC 161 -14.39 -119.61 31.67
C CYS JC 161 -12.90 -119.74 31.41
N GLY JC 162 -12.06 -119.19 32.29
CA GLY JC 162 -10.63 -119.19 32.08
C GLY JC 162 -10.12 -118.11 31.15
N GLU JC 163 -10.97 -117.21 30.70
CA GLU JC 163 -10.60 -116.14 29.79
C GLU JC 163 -10.38 -114.83 30.55
N TYR JC 164 -10.00 -113.80 29.80
CA TYR JC 164 -9.62 -112.52 30.36
C TYR JC 164 -10.75 -111.51 30.22
N ALA JC 165 -10.83 -110.59 31.19
CA ALA JC 165 -11.86 -109.58 31.22
C ALA JC 165 -11.24 -108.23 31.56
N HIS JC 166 -11.84 -107.17 31.02
CA HIS JC 166 -11.39 -105.80 31.24
C HIS JC 166 -12.63 -104.91 31.34
N THR JC 167 -13.16 -104.75 32.55
CA THR JC 167 -14.31 -103.90 32.80
C THR JC 167 -13.94 -102.61 33.52
N ARG JC 168 -12.65 -102.30 33.63
CA ARG JC 168 -12.18 -101.11 34.29
C ARG JC 168 -12.00 -99.99 33.27
N TYR JC 169 -11.36 -98.89 33.69
CA TYR JC 169 -11.08 -97.80 32.76
C TYR JC 169 -10.10 -98.26 31.69
N PHE JC 170 -10.38 -97.87 30.44
CA PHE JC 170 -9.59 -98.31 29.30
C PHE JC 170 -8.53 -97.26 28.99
N LYS JC 171 -7.26 -97.66 29.03
CA LYS JC 171 -6.18 -96.75 28.72
C LYS JC 171 -6.13 -96.47 27.21
N GLY JC 172 -5.61 -95.30 26.86
CA GLY JC 172 -5.67 -94.85 25.48
C GLY JC 172 -4.85 -95.73 24.54
N GLY JC 173 -3.63 -96.06 24.93
CA GLY JC 173 -2.74 -96.79 24.05
C GLY JC 173 -2.59 -98.26 24.39
N LEU JC 174 -3.70 -98.90 24.78
CA LEU JC 174 -3.63 -100.28 25.22
C LEU JC 174 -3.54 -101.25 24.04
N LEU JC 175 -4.58 -101.31 23.21
CA LEU JC 175 -4.58 -102.25 22.09
C LEU JC 175 -3.67 -101.79 20.96
N THR JC 176 -3.54 -100.48 20.74
CA THR JC 176 -2.72 -99.98 19.65
C THR JC 176 -1.23 -99.98 20.03
N ASN JC 177 -0.88 -99.26 21.09
CA ASN JC 177 0.50 -99.22 21.56
C ASN JC 177 0.74 -100.28 22.63
N ALA JC 178 0.48 -101.53 22.24
CA ALA JC 178 0.62 -102.65 23.17
C ALA JC 178 2.04 -102.83 23.71
N PRO JC 179 3.11 -102.77 22.90
CA PRO JC 179 4.44 -103.03 23.47
C PRO JC 179 4.82 -102.10 24.62
N LEU JC 180 4.45 -100.83 24.56
CA LEU JC 180 4.81 -99.92 25.63
C LEU JC 180 3.95 -100.13 26.87
N LEU JC 181 2.65 -100.37 26.68
CA LEU JC 181 1.73 -100.46 27.81
C LEU JC 181 1.93 -101.77 28.58
N LEU JC 182 2.04 -102.89 27.88
CA LEU JC 182 2.04 -104.21 28.52
C LEU JC 182 3.45 -104.78 28.68
N GLY JC 183 4.18 -104.95 27.58
CA GLY JC 183 5.50 -105.53 27.63
C GLY JC 183 6.15 -105.63 26.26
N PRO JC 184 7.41 -106.07 26.22
CA PRO JC 184 8.13 -106.13 24.94
C PRO JC 184 7.43 -106.98 23.89
N GLY JC 185 7.19 -108.25 24.20
CA GLY JC 185 6.46 -109.12 23.29
C GLY JC 185 5.15 -109.60 23.87
N VAL JC 186 4.04 -109.09 23.33
CA VAL JC 186 2.72 -109.40 23.84
C VAL JC 186 1.86 -109.93 22.70
N ARG JC 187 1.16 -111.03 22.94
CA ARG JC 187 0.26 -111.59 21.95
C ARG JC 187 -1.12 -110.95 22.11
N LEU JC 188 -1.57 -110.27 21.05
CA LEU JC 188 -2.83 -109.55 21.11
C LEU JC 188 -4.01 -110.52 21.16
N PRO JC 189 -5.10 -110.14 21.82
CA PRO JC 189 -6.28 -111.00 21.86
C PRO JC 189 -6.83 -111.26 20.46
N ASP JC 190 -7.32 -112.48 20.25
CA ASP JC 190 -7.85 -112.88 18.96
C ASP JC 190 -9.36 -112.64 18.83
N LEU JC 191 -10.02 -112.19 19.89
CA LEU JC 191 -11.44 -111.89 19.84
C LEU JC 191 -11.80 -111.04 21.06
N ILE JC 192 -12.70 -110.08 20.86
CA ILE JC 192 -13.14 -109.18 21.92
C ILE JC 192 -14.66 -109.24 22.00
N ILE JC 193 -15.18 -109.38 23.21
CA ILE JC 193 -16.62 -109.46 23.46
C ILE JC 193 -17.05 -108.18 24.17
N PHE JC 194 -18.03 -107.50 23.59
CA PHE JC 194 -18.58 -106.27 24.17
C PHE JC 194 -19.98 -106.55 24.71
N LEU JC 195 -20.10 -106.62 26.03
CA LEU JC 195 -21.42 -106.69 26.63
C LEU JC 195 -22.09 -105.32 26.71
N HIS JC 196 -21.31 -104.25 26.55
CA HIS JC 196 -21.85 -102.89 26.46
C HIS JC 196 -20.95 -102.09 25.55
N THR JC 197 -21.48 -101.66 24.41
CA THR JC 197 -20.69 -100.94 23.43
C THR JC 197 -20.56 -99.45 23.75
N LEU JC 198 -21.20 -98.98 24.81
CA LEU JC 198 -21.15 -97.58 25.21
C LEU JC 198 -20.47 -97.45 26.56
N ASN JC 199 -19.73 -96.36 26.72
CA ASN JC 199 -19.06 -96.05 27.97
C ASN JC 199 -20.05 -95.35 28.90
N ASN JC 200 -19.54 -94.76 29.99
CA ASN JC 200 -20.40 -94.07 30.93
C ASN JC 200 -20.78 -92.66 30.48
N VAL JC 201 -20.23 -92.18 29.37
CA VAL JC 201 -20.58 -90.89 28.83
C VAL JC 201 -21.34 -91.03 27.51
N PHE JC 202 -21.95 -92.20 27.27
CA PHE JC 202 -22.80 -92.44 26.11
C PHE JC 202 -22.07 -92.20 24.80
N GLU JC 203 -20.80 -92.59 24.75
CA GLU JC 203 -20.01 -92.53 23.53
C GLU JC 203 -19.54 -93.94 23.15
N PRO JC 204 -19.29 -94.19 21.87
CA PRO JC 204 -18.79 -95.52 21.47
C PRO JC 204 -17.46 -95.82 22.15
N HIS JC 205 -17.30 -97.09 22.55
CA HIS JC 205 -16.12 -97.50 23.28
C HIS JC 205 -14.88 -97.43 22.39
N VAL JC 206 -13.75 -97.07 23.00
CA VAL JC 206 -12.51 -96.95 22.25
C VAL JC 206 -12.08 -98.30 21.72
N ALA JC 207 -12.31 -99.36 22.49
CA ALA JC 207 -11.90 -100.70 22.05
C ALA JC 207 -12.60 -101.10 20.75
N VAL JC 208 -13.82 -100.60 20.53
CA VAL JC 208 -14.52 -100.91 19.29
C VAL JC 208 -13.76 -100.36 18.10
N ARG JC 209 -13.30 -99.11 18.20
CA ARG JC 209 -12.54 -98.51 17.11
C ARG JC 209 -11.15 -99.10 17.01
N ASP JC 210 -10.47 -99.29 18.14
CA ASP JC 210 -9.10 -99.79 18.13
C ASP JC 210 -9.02 -101.21 17.60
N ALA JC 211 -10.00 -102.05 17.95
CA ALA JC 211 -9.97 -103.44 17.49
C ALA JC 211 -10.04 -103.53 15.99
N ALA JC 212 -10.85 -102.67 15.36
CA ALA JC 212 -10.90 -102.65 13.90
C ALA JC 212 -9.56 -102.24 13.30
N LYS JC 213 -8.83 -101.34 13.97
CA LYS JC 213 -7.51 -100.95 13.49
C LYS JC 213 -6.54 -102.13 13.54
N MET JC 214 -6.60 -102.93 14.59
CA MET JC 214 -5.70 -104.06 14.78
C MET JC 214 -6.21 -105.34 14.14
N ASN JC 215 -7.34 -105.29 13.42
CA ASN JC 215 -7.91 -106.44 12.73
C ASN JC 215 -8.24 -107.56 13.72
N ILE JC 216 -9.02 -107.21 14.73
CA ILE JC 216 -9.47 -108.16 15.75
C ILE JC 216 -10.99 -108.25 15.69
N PRO JC 217 -11.54 -109.41 15.32
CA PRO JC 217 -13.01 -109.52 15.25
C PRO JC 217 -13.65 -109.29 16.61
N THR JC 218 -14.81 -108.64 16.59
CA THR JC 218 -15.52 -108.25 17.79
C THR JC 218 -16.94 -108.78 17.75
N VAL JC 219 -17.37 -109.44 18.83
CA VAL JC 219 -18.73 -109.92 18.99
C VAL JC 219 -19.34 -109.14 20.13
N GLY JC 220 -20.22 -108.20 19.82
CA GLY JC 220 -20.76 -107.30 20.82
C GLY JC 220 -22.27 -107.21 20.76
N ILE JC 221 -22.89 -107.10 21.93
CA ILE JC 221 -24.32 -106.89 22.04
C ILE JC 221 -24.60 -105.41 21.84
N VAL JC 222 -25.45 -105.09 20.85
CA VAL JC 222 -25.76 -103.71 20.51
C VAL JC 222 -27.19 -103.41 20.94
N ASP JC 223 -27.37 -102.32 21.67
CA ASP JC 223 -28.69 -101.89 22.11
C ASP JC 223 -29.33 -101.11 20.95
N THR JC 224 -30.46 -100.46 21.22
CA THR JC 224 -31.14 -99.70 20.18
C THR JC 224 -30.50 -98.34 19.92
N ASN JC 225 -29.52 -97.93 20.74
CA ASN JC 225 -28.84 -96.66 20.55
C ASN JC 225 -27.35 -96.85 20.31
N CYS JC 226 -26.93 -98.04 19.91
CA CYS JC 226 -25.52 -98.34 19.66
C CYS JC 226 -25.21 -98.22 18.17
N ASN JC 227 -23.93 -98.38 17.83
CA ASN JC 227 -23.47 -98.29 16.46
C ASN JC 227 -22.87 -99.63 16.04
N PRO JC 228 -23.63 -100.46 15.32
CA PRO JC 228 -23.11 -101.78 14.93
C PRO JC 228 -22.29 -101.75 13.65
N ALA JC 229 -21.89 -100.55 13.22
CA ALA JC 229 -21.20 -100.41 11.95
C ALA JC 229 -19.86 -101.14 11.94
N LEU JC 230 -19.06 -100.96 12.99
CA LEU JC 230 -17.72 -101.54 13.02
C LEU JC 230 -17.68 -102.93 13.66
N ILE JC 231 -18.78 -103.38 14.27
CA ILE JC 231 -18.80 -104.69 14.91
C ILE JC 231 -19.09 -105.74 13.85
N THR JC 232 -18.21 -106.75 13.75
CA THR JC 232 -18.35 -107.75 12.70
C THR JC 232 -19.47 -108.74 12.98
N TYR JC 233 -19.80 -108.97 14.24
CA TYR JC 233 -20.89 -109.88 14.62
C TYR JC 233 -21.81 -109.19 15.62
N PRO JC 234 -22.60 -108.23 15.18
CA PRO JC 234 -23.52 -107.55 16.11
C PRO JC 234 -24.67 -108.47 16.52
N VAL JC 235 -25.09 -108.31 17.76
CA VAL JC 235 -26.23 -109.07 18.29
C VAL JC 235 -27.23 -108.09 18.87
N PRO JC 236 -28.25 -107.68 18.10
CA PRO JC 236 -29.22 -106.69 18.60
C PRO JC 236 -30.02 -107.24 19.77
N GLY JC 237 -29.86 -106.63 20.93
CA GLY JC 237 -30.52 -107.08 22.13
C GLY JC 237 -30.51 -106.02 23.21
N ASN JC 238 -30.90 -106.43 24.41
CA ASN JC 238 -31.00 -105.55 25.55
C ASN JC 238 -29.80 -105.77 26.47
N ASP JC 239 -29.15 -104.68 26.88
CA ASP JC 239 -27.99 -104.75 27.75
C ASP JC 239 -28.16 -103.99 29.06
N ASP JC 240 -29.40 -103.66 29.43
CA ASP JC 240 -29.67 -102.87 30.64
C ASP JC 240 -30.36 -103.67 31.73
N SER JC 241 -31.37 -104.46 31.38
CA SER JC 241 -32.07 -105.25 32.39
C SER JC 241 -31.16 -106.35 32.92
N PRO JC 242 -31.11 -106.54 34.24
CA PRO JC 242 -30.23 -107.57 34.82
C PRO JC 242 -30.50 -108.96 34.28
N PRO JC 243 -31.75 -109.38 34.07
CA PRO JC 243 -31.96 -110.72 33.49
C PRO JC 243 -31.36 -110.88 32.11
N ALA JC 244 -31.37 -109.83 31.28
CA ALA JC 244 -30.78 -109.93 29.96
C ALA JC 244 -29.26 -110.07 30.03
N VAL JC 245 -28.62 -109.27 30.89
CA VAL JC 245 -27.17 -109.30 31.01
C VAL JC 245 -26.71 -110.66 31.53
N ARG JC 246 -27.41 -111.21 32.53
CA ARG JC 246 -27.02 -112.51 33.07
C ARG JC 246 -27.19 -113.61 32.04
N LEU JC 247 -28.24 -113.52 31.20
CA LEU JC 247 -28.47 -114.54 30.19
C LEU JC 247 -27.33 -114.60 29.18
N PHE JC 248 -26.85 -113.44 28.73
CA PHE JC 248 -25.76 -113.42 27.76
C PHE JC 248 -24.47 -113.98 28.37
N CYS JC 249 -24.20 -113.65 29.63
CA CYS JC 249 -22.99 -114.16 30.28
C CYS JC 249 -23.02 -115.68 30.38
N ARG JC 250 -24.15 -116.24 30.79
CA ARG JC 250 -24.24 -117.70 30.92
C ARG JC 250 -24.12 -118.39 29.57
N LEU JC 251 -24.72 -117.81 28.53
CA LEU JC 251 -24.64 -118.41 27.20
C LEU JC 251 -23.20 -118.45 26.70
N PHE JC 252 -22.44 -117.39 26.95
CA PHE JC 252 -21.03 -117.41 26.59
C PHE JC 252 -20.20 -118.28 27.54
N GLN JC 253 -20.69 -118.52 28.75
CA GLN JC 253 -19.99 -119.44 29.66
C GLN JC 253 -20.02 -120.87 29.12
N VAL JC 254 -21.20 -121.36 28.75
CA VAL JC 254 -21.30 -122.73 28.25
C VAL JC 254 -20.67 -122.84 26.86
N ALA JC 255 -20.76 -121.78 26.05
CA ALA JC 255 -20.14 -121.82 24.73
C ALA JC 255 -18.62 -121.96 24.83
N ILE JC 256 -18.01 -121.24 25.77
CA ILE JC 256 -16.56 -121.36 25.95
C ILE JC 256 -16.22 -122.71 26.56
N SER JC 257 -16.97 -123.14 27.58
CA SER JC 257 -16.65 -124.39 28.27
C SER JC 257 -16.75 -125.58 27.32
N ARG JC 258 -17.79 -125.62 26.49
CA ARG JC 258 -17.92 -126.70 25.52
C ARG JC 258 -16.76 -126.68 24.52
N ALA JC 259 -16.37 -125.49 24.07
CA ALA JC 259 -15.24 -125.37 23.16
C ALA JC 259 -13.95 -125.86 23.81
N LYS JC 260 -13.73 -125.50 25.08
CA LYS JC 260 -12.54 -125.97 25.78
C LYS JC 260 -12.59 -127.48 25.98
N GLU JC 261 -13.74 -128.02 26.36
CA GLU JC 261 -13.85 -129.45 26.62
C GLU JC 261 -13.73 -130.26 25.34
N LYS JC 262 -14.49 -129.87 24.30
CA LYS JC 262 -14.46 -130.63 23.05
C LYS JC 262 -13.11 -130.54 22.36
N ARG JC 263 -12.33 -129.48 22.61
CA ARG JC 263 -10.95 -129.45 22.15
C ARG JC 263 -10.13 -130.53 22.84
N ARG JC 264 -10.37 -130.75 24.13
CA ARG JC 264 -9.63 -131.77 24.87
C ARG JC 264 -10.05 -133.17 24.44
N GLN JC 265 -11.34 -133.38 24.18
CA GLN JC 265 -11.82 -134.71 23.81
C GLN JC 265 -11.21 -135.16 22.48
N VAL JC 266 -11.16 -134.26 21.49
CA VAL JC 266 -10.56 -134.60 20.21
C VAL JC 266 -9.06 -134.83 20.36
N GLU JC 267 -8.41 -134.06 21.24
CA GLU JC 267 -6.99 -134.27 21.50
C GLU JC 267 -6.74 -135.67 22.06
N ALA JC 268 -7.58 -136.11 22.99
CA ALA JC 268 -7.45 -137.46 23.53
C ALA JC 268 -7.63 -138.51 22.44
N LEU JC 269 -8.61 -138.30 21.55
CA LEU JC 269 -8.79 -139.21 20.42
C LEU JC 269 -7.58 -139.18 19.50
N TYR JC 270 -7.01 -137.99 19.28
CA TYR JC 270 -5.82 -137.88 18.44
C TYR JC 270 -4.64 -138.62 19.05
N ARG JC 271 -4.49 -138.55 20.38
CA ARG JC 271 -3.36 -139.19 21.04
C ARG JC 271 -3.42 -140.71 20.87
N LEU JC 272 -4.62 -141.29 20.97
CA LEU JC 272 -4.75 -142.73 20.81
C LEU JC 272 -4.77 -143.16 19.35
N GLN JC 273 -4.90 -142.22 18.40
CA GLN JC 273 -4.81 -142.58 16.99
C GLN JC 273 -3.43 -143.11 16.64
N GLY JC 274 -2.38 -142.48 17.16
CA GLY JC 274 -1.02 -142.90 16.88
C GLY JC 274 -0.15 -142.99 18.11
N THR KC 3 -40.46 -72.90 28.32
CA THR KC 3 -39.42 -72.34 27.46
C THR KC 3 -40.02 -71.61 26.27
N PRO KC 4 -39.52 -70.41 25.98
CA PRO KC 4 -39.97 -69.69 24.78
C PRO KC 4 -39.70 -70.51 23.53
N SER KC 5 -40.64 -70.45 22.59
CA SER KC 5 -40.55 -71.26 21.39
C SER KC 5 -39.37 -70.83 20.53
N LEU KC 6 -38.63 -71.81 20.03
CA LEU KC 6 -37.49 -71.57 19.15
C LEU KC 6 -37.82 -71.93 17.70
N ARG KC 7 -39.08 -71.77 17.32
CA ARG KC 7 -39.56 -72.15 16.00
C ARG KC 7 -39.63 -70.93 15.11
N GLY KC 8 -38.97 -70.98 13.96
CA GLY KC 8 -38.97 -69.86 13.04
C GLY KC 8 -38.36 -68.61 13.62
N ARG KC 9 -37.27 -68.73 14.37
CA ARG KC 9 -36.63 -67.61 15.01
C ARG KC 9 -35.27 -67.29 14.38
N LEU KC 10 -34.37 -68.25 14.32
CA LEU KC 10 -33.03 -68.01 13.83
C LEU KC 10 -33.03 -67.87 12.31
N ALA KC 11 -31.97 -67.26 11.80
CA ALA KC 11 -31.81 -67.05 10.37
C ALA KC 11 -31.33 -68.34 9.72
N ARG KC 12 -32.22 -69.00 9.00
CA ARG KC 12 -31.90 -70.26 8.32
C ARG KC 12 -32.41 -70.20 6.88
N LEU KC 13 -31.81 -71.04 6.04
CA LEU KC 13 -32.16 -71.04 4.61
C LEU KC 13 -33.63 -71.41 4.41
N GLY KC 14 -34.12 -72.41 5.13
CA GLY KC 14 -35.50 -72.83 4.99
C GLY KC 14 -36.44 -72.11 5.91
N ASN KC 15 -36.24 -70.81 6.10
CA ASN KC 15 -37.07 -70.00 6.99
C ASN KC 15 -37.63 -68.80 6.25
N PRO KC 16 -38.93 -68.75 5.97
CA PRO KC 16 -39.49 -67.57 5.29
C PRO KC 16 -39.56 -66.35 6.19
N ARG KC 17 -39.90 -66.53 7.46
CA ARG KC 17 -39.97 -65.41 8.40
C ARG KC 17 -38.59 -64.81 8.61
N ARG KC 18 -38.54 -63.48 8.70
CA ARG KC 18 -37.29 -62.80 8.95
C ARG KC 18 -36.78 -63.12 10.35
N PRO KC 19 -35.47 -63.02 10.58
CA PRO KC 19 -34.92 -63.41 11.88
C PRO KC 19 -35.51 -62.58 13.02
N ILE KC 20 -35.71 -63.24 14.16
CA ILE KC 20 -36.25 -62.60 15.35
C ILE KC 20 -35.17 -62.56 16.42
N LEU KC 21 -34.27 -63.53 16.39
CA LEU KC 21 -33.18 -63.64 17.35
C LEU KC 21 -31.85 -63.69 16.61
N LYS KC 22 -30.86 -62.96 17.12
CA LYS KC 22 -29.51 -62.93 16.56
C LYS KC 22 -28.52 -63.15 17.70
N PRO KC 23 -28.38 -64.40 18.16
CA PRO KC 23 -27.52 -64.66 19.31
C PRO KC 23 -26.05 -64.37 19.01
N ASN KC 24 -25.34 -63.92 20.04
CA ASN KC 24 -23.90 -63.72 19.90
C ASN KC 24 -23.17 -65.04 19.74
N LYS KC 25 -23.57 -66.05 20.50
CA LYS KC 25 -22.96 -67.37 20.48
C LYS KC 25 -24.04 -68.43 20.28
N PRO KC 26 -23.69 -69.58 19.70
CA PRO KC 26 -24.71 -70.60 19.42
C PRO KC 26 -25.37 -71.09 20.69
N LEU KC 27 -26.66 -71.42 20.57
CA LEU KC 27 -27.46 -71.90 21.70
C LEU KC 27 -27.25 -73.40 21.87
N ILE KC 28 -26.06 -73.75 22.34
CA ILE KC 28 -25.68 -75.14 22.62
C ILE KC 28 -25.40 -75.25 24.11
N LEU KC 29 -26.04 -76.21 24.76
CA LEU KC 29 -25.85 -76.39 26.20
C LEU KC 29 -24.43 -76.88 26.48
N ALA KC 30 -23.75 -76.21 27.40
CA ALA KC 30 -22.41 -76.59 27.80
C ALA KC 30 -22.47 -77.72 28.84
N ASN KC 31 -21.31 -78.27 29.15
CA ASN KC 31 -21.18 -79.32 30.15
C ASN KC 31 -20.85 -78.77 31.53
N HIS KC 32 -20.93 -77.45 31.71
CA HIS KC 32 -20.58 -76.84 32.99
C HIS KC 32 -21.42 -75.58 33.16
N VAL KC 33 -21.63 -75.21 34.43
CA VAL KC 33 -22.38 -74.01 34.76
C VAL KC 33 -21.40 -72.94 35.26
N GLY KC 34 -21.84 -71.69 35.19
CA GLY KC 34 -21.01 -70.60 35.64
C GLY KC 34 -20.86 -70.58 37.15
N GLU KC 35 -19.72 -70.05 37.61
CA GLU KC 35 -19.47 -69.95 39.04
C GLU KC 35 -20.36 -68.87 39.65
N ARG KC 36 -20.59 -68.98 40.95
CA ARG KC 36 -21.40 -68.00 41.66
C ARG KC 36 -20.66 -66.66 41.71
N ARG KC 37 -21.43 -65.58 41.64
CA ARG KC 37 -20.88 -64.23 41.65
C ARG KC 37 -20.88 -63.69 43.07
N ARG KC 38 -19.72 -63.22 43.51
CA ARG KC 38 -19.58 -62.68 44.86
C ARG KC 38 -20.41 -61.42 45.02
N GLU KC 39 -21.11 -61.33 46.16
CA GLU KC 39 -21.98 -60.19 46.41
C GLU KC 39 -21.17 -58.95 46.75
N LYS KC 40 -21.46 -57.85 46.06
CA LYS KC 40 -20.76 -56.60 46.32
C LYS KC 40 -21.11 -56.07 47.71
N GLY KC 41 -20.09 -55.59 48.42
CA GLY KC 41 -20.29 -55.10 49.77
C GLY KC 41 -20.86 -53.69 49.79
N GLU KC 42 -21.42 -53.33 50.95
CA GLU KC 42 -21.97 -52.01 51.18
C GLU KC 42 -21.52 -51.51 52.53
N ALA KC 43 -21.52 -50.19 52.69
CA ALA KC 43 -21.12 -49.58 53.96
C ALA KC 43 -22.01 -50.05 55.09
N THR KC 44 -21.42 -50.44 56.20
CA THR KC 44 -22.13 -50.95 57.35
C THR KC 44 -22.04 -49.96 58.51
N CYS KC 45 -22.97 -50.12 59.46
CA CYS KC 45 -23.05 -49.29 60.67
C CYS KC 45 -23.13 -47.81 60.28
N ILE KC 46 -24.14 -47.49 59.48
CA ILE KC 46 -24.43 -46.12 59.08
C ILE KC 46 -25.55 -45.52 59.93
N THR KC 47 -26.61 -46.29 60.18
CA THR KC 47 -27.69 -45.82 61.04
C THR KC 47 -27.25 -45.63 62.48
N GLU KC 48 -26.18 -46.30 62.89
CA GLU KC 48 -25.64 -46.13 64.24
C GLU KC 48 -24.54 -45.08 64.32
N MET KC 49 -23.85 -44.81 63.21
CA MET KC 49 -22.84 -43.76 63.21
C MET KC 49 -23.49 -42.38 63.19
N SER KC 50 -24.60 -42.23 62.47
CA SER KC 50 -25.25 -40.93 62.38
C SER KC 50 -25.76 -40.46 63.74
N VAL KC 51 -26.39 -41.35 64.51
CA VAL KC 51 -26.86 -40.96 65.82
C VAL KC 51 -25.70 -40.67 66.76
N MET KC 52 -24.57 -41.36 66.58
CA MET KC 52 -23.38 -41.07 67.38
C MET KC 52 -22.86 -39.67 67.08
N MET KC 53 -22.86 -39.27 65.81
CA MET KC 53 -22.38 -37.95 65.45
C MET KC 53 -23.27 -36.85 66.01
N ALA KC 54 -24.57 -37.13 66.16
CA ALA KC 54 -25.48 -36.13 66.71
C ALA KC 54 -25.11 -35.78 68.15
N CYS KC 55 -24.78 -36.78 68.96
CA CYS KC 55 -24.43 -36.53 70.35
C CYS KC 55 -23.10 -35.79 70.46
N TRP KC 56 -22.14 -36.13 69.59
CA TRP KC 56 -20.85 -35.45 69.61
C TRP KC 56 -20.99 -33.98 69.25
N LYS KC 57 -21.82 -33.66 68.26
CA LYS KC 57 -22.02 -32.26 67.88
C LYS KC 57 -22.84 -31.53 68.94
N GLN KC 58 -23.64 -32.24 69.71
CA GLN KC 58 -24.48 -31.63 70.74
C GLN KC 58 -23.79 -31.53 72.09
N ASN KC 59 -22.57 -32.08 72.24
CA ASN KC 59 -21.88 -32.07 73.53
C ASN KC 59 -20.40 -31.75 73.36
N GLU KC 60 -20.05 -30.93 72.37
CA GLU KC 60 -18.68 -30.49 72.14
C GLU KC 60 -17.71 -31.66 71.99
N PHE KC 61 -18.15 -32.70 71.27
CA PHE KC 61 -17.32 -33.86 70.95
C PHE KC 61 -16.74 -34.50 72.22
N ARG KC 62 -17.58 -34.66 73.24
CA ARG KC 62 -17.18 -35.31 74.47
C ARG KC 62 -18.11 -36.49 74.74
N ASP KC 63 -17.53 -37.66 75.02
CA ASP KC 63 -18.27 -38.88 75.26
C ASP KC 63 -18.73 -39.01 76.71
N GLU KC 64 -18.82 -37.90 77.43
CA GLU KC 64 -19.29 -37.94 78.81
C GLU KC 64 -20.76 -38.29 78.92
N ALA KC 65 -21.55 -37.97 77.90
CA ALA KC 65 -22.97 -38.31 77.89
C ALA KC 65 -23.39 -39.13 76.67
N CYS KC 66 -22.45 -39.49 75.80
CA CYS KC 66 -22.73 -40.26 74.60
C CYS KC 66 -22.39 -41.74 74.78
N ARG KC 67 -22.30 -42.22 76.01
CA ARG KC 67 -21.87 -43.59 76.26
C ARG KC 67 -22.82 -44.60 75.64
N LYS KC 68 -24.13 -44.30 75.67
CA LYS KC 68 -25.09 -45.22 75.05
C LYS KC 68 -24.87 -45.33 73.55
N GLU KC 69 -24.57 -44.21 72.89
CA GLU KC 69 -24.35 -44.24 71.45
C GLU KC 69 -22.99 -44.85 71.10
N ILE KC 70 -21.97 -44.60 71.94
CA ILE KC 70 -20.63 -45.13 71.66
C ILE KC 70 -20.64 -46.65 71.72
N GLN KC 71 -21.29 -47.22 72.74
CA GLN KC 71 -21.31 -48.67 72.88
C GLN KC 71 -22.02 -49.33 71.71
N ASP KC 72 -23.13 -48.76 71.27
CA ASP KC 72 -23.85 -49.33 70.13
C ASP KC 72 -23.01 -49.31 68.87
N PHE KC 73 -22.23 -48.24 68.66
CA PHE KC 73 -21.32 -48.19 67.53
C PHE KC 73 -20.27 -49.30 67.62
N PHE KC 74 -19.73 -49.53 68.82
CA PHE KC 74 -18.81 -50.65 69.01
C PHE KC 74 -19.52 -51.98 68.82
N ASP KC 75 -20.76 -52.09 69.31
CA ASP KC 75 -21.52 -53.33 69.13
C ASP KC 75 -21.79 -53.61 67.67
N CYS KC 76 -22.14 -52.58 66.90
CA CYS KC 76 -22.37 -52.77 65.47
C CYS KC 76 -21.09 -53.20 64.76
N ALA KC 77 -19.96 -52.59 65.13
CA ALA KC 77 -18.69 -52.95 64.50
C ALA KC 77 -18.34 -54.41 64.75
N SER KC 78 -18.53 -54.88 65.98
CA SER KC 78 -18.29 -56.29 66.27
C SER KC 78 -19.29 -57.18 65.55
N ARG KC 79 -20.57 -56.76 65.50
CA ARG KC 79 -21.57 -57.56 64.79
C ARG KC 79 -21.27 -57.63 63.30
N ALA KC 80 -20.88 -56.51 62.70
CA ALA KC 80 -20.52 -56.52 61.27
C ALA KC 80 -19.25 -57.33 61.05
N GLU KC 81 -18.28 -57.23 61.97
CA GLU KC 81 -17.04 -57.98 61.83
C GLU KC 81 -17.29 -59.48 61.88
N ALA KC 82 -18.15 -59.92 62.80
CA ALA KC 82 -18.44 -61.36 62.92
C ALA KC 82 -19.11 -61.89 61.66
N ALA KC 83 -20.09 -61.15 61.14
CA ALA KC 83 -20.79 -61.62 59.94
C ALA KC 83 -19.90 -61.60 58.71
N ARG KC 84 -19.01 -60.61 58.61
CA ARG KC 84 -18.15 -60.51 57.43
C ARG KC 84 -17.13 -61.63 57.38
N LYS KC 85 -16.58 -62.02 58.53
CA LYS KC 85 -15.53 -63.03 58.58
C LYS KC 85 -16.06 -64.45 58.69
N MET KC 86 -17.36 -64.66 58.43
CA MET KC 86 -17.93 -65.99 58.45
C MET KC 86 -18.82 -66.30 57.26
N ARG KC 87 -19.21 -65.31 56.47
CA ARG KC 87 -20.10 -65.57 55.33
C ARG KC 87 -19.39 -66.39 54.27
N SER KC 88 -18.10 -66.12 54.03
CA SER KC 88 -17.40 -66.76 52.92
C SER KC 88 -17.30 -68.27 53.08
N ILE KC 89 -16.96 -68.74 54.29
CA ILE KC 89 -16.71 -70.16 54.48
C ILE KC 89 -18.01 -70.97 54.39
N GLN KC 90 -19.08 -70.48 55.02
CA GLN KC 90 -20.32 -71.25 55.08
C GLN KC 90 -21.10 -71.21 53.79
N GLU KC 91 -21.02 -70.10 53.04
CA GLU KC 91 -21.83 -69.97 51.84
C GLU KC 91 -21.43 -70.98 50.76
N ASN KC 92 -20.16 -71.42 50.78
CA ASN KC 92 -19.71 -72.39 49.79
C ASN KC 92 -20.48 -73.70 49.88
N LEU KC 93 -20.71 -74.18 51.10
CA LEU KC 93 -21.36 -75.47 51.32
C LEU KC 93 -22.81 -75.35 51.80
N GLY KC 94 -23.28 -74.15 52.13
CA GLY KC 94 -24.67 -74.00 52.54
C GLY KC 94 -25.63 -74.29 51.40
N GLU KC 95 -25.33 -73.75 50.21
CA GLU KC 95 -25.89 -74.14 48.92
C GLU KC 95 -27.33 -73.70 48.73
N LEU KC 96 -27.96 -73.15 49.78
CA LEU KC 96 -29.32 -72.61 49.70
C LEU KC 96 -30.29 -73.59 49.04
N GLY KC 97 -30.02 -74.89 49.18
CA GLY KC 97 -30.81 -75.91 48.55
C GLY KC 97 -30.40 -76.27 47.13
N SER KC 98 -29.46 -75.53 46.54
CA SER KC 98 -28.98 -75.78 45.19
C SER KC 98 -27.51 -76.16 45.23
N LEU KC 99 -27.17 -77.25 44.55
CA LEU KC 99 -25.82 -77.82 44.65
C LEU KC 99 -24.76 -76.81 44.25
N PRO KC 100 -23.59 -76.85 44.87
CA PRO KC 100 -22.50 -75.94 44.50
C PRO KC 100 -22.05 -76.17 43.07
N PRO KC 101 -21.43 -75.18 42.43
CA PRO KC 101 -21.04 -75.34 41.03
C PRO KC 101 -20.12 -76.52 40.77
N LYS KC 102 -19.27 -76.88 41.73
CA LYS KC 102 -18.40 -78.04 41.54
C LYS KC 102 -19.19 -79.33 41.40
N LYS KC 103 -20.24 -79.49 42.22
CA LYS KC 103 -21.03 -80.72 42.14
C LYS KC 103 -21.87 -80.76 40.86
N LEU KC 104 -22.40 -79.60 40.43
CA LEU KC 104 -23.19 -79.57 39.22
C LEU KC 104 -22.35 -79.89 37.98
N ASN KC 105 -21.09 -79.44 37.97
CA ASN KC 105 -20.22 -79.73 36.83
C ASN KC 105 -19.97 -81.22 36.69
N LYS KC 106 -19.74 -81.91 37.81
CA LYS KC 106 -19.57 -83.36 37.77
C LYS KC 106 -20.85 -84.05 37.32
N LEU KC 107 -22.00 -83.57 37.80
CA LEU KC 107 -23.28 -84.18 37.41
C LEU KC 107 -23.53 -84.03 35.92
N LEU KC 108 -23.22 -82.87 35.36
CA LEU KC 108 -23.41 -82.67 33.93
C LEU KC 108 -22.45 -83.51 33.10
N HIS KC 109 -21.22 -83.71 33.59
CA HIS KC 109 -20.27 -84.54 32.87
C HIS KC 109 -20.75 -85.98 32.76
N ARG KC 110 -21.52 -86.46 33.75
CA ARG KC 110 -22.04 -87.82 33.68
C ARG KC 110 -23.11 -87.97 32.61
N PHE KC 111 -23.82 -86.88 32.27
CA PHE KC 111 -24.85 -86.89 31.25
C PHE KC 111 -24.60 -85.74 30.29
N PRO KC 112 -23.57 -85.85 29.46
CA PRO KC 112 -23.18 -84.74 28.59
C PRO KC 112 -24.19 -84.53 27.47
N ASN KC 113 -24.14 -83.33 26.90
CA ASN KC 113 -24.91 -83.00 25.71
C ASN KC 113 -24.15 -83.47 24.47
N LYS KC 114 -24.90 -83.83 23.44
CA LYS KC 114 -24.34 -84.41 22.22
C LYS KC 114 -24.69 -83.54 21.02
N PRO KC 115 -23.85 -82.56 20.68
CA PRO KC 115 -24.08 -81.77 19.46
C PRO KC 115 -23.72 -82.56 18.21
N HIS KC 116 -22.69 -83.40 18.30
CA HIS KC 116 -22.22 -84.16 17.16
C HIS KC 116 -23.08 -85.41 16.97
N VAL KC 117 -22.78 -86.15 15.90
CA VAL KC 117 -23.48 -87.38 15.51
C VAL KC 117 -24.99 -87.27 15.69
N SER LC 88 55.89 -71.83 30.80
CA SER LC 88 54.51 -71.63 30.37
C SER LC 88 53.83 -72.97 30.11
N PHE LC 89 54.37 -74.04 30.70
CA PHE LC 89 53.78 -75.36 30.53
C PHE LC 89 52.39 -75.43 31.13
N PHE LC 90 52.20 -74.80 32.31
CA PHE LC 90 50.90 -74.80 32.96
C PHE LC 90 49.85 -74.01 32.19
N THR LC 91 50.26 -73.18 31.23
CA THR LC 91 49.31 -72.35 30.49
C THR LC 91 48.60 -73.10 29.38
N LYS LC 92 49.05 -74.30 29.02
CA LYS LC 92 48.45 -75.07 27.95
C LYS LC 92 47.15 -75.73 28.43
N LEU LC 93 46.36 -76.19 27.46
CA LEU LC 93 45.06 -76.79 27.76
C LEU LC 93 44.87 -78.11 27.04
N THR LC 94 43.66 -78.67 27.11
CA THR LC 94 43.33 -79.94 26.51
C THR LC 94 42.87 -79.75 25.07
N ALA LC 95 43.00 -80.81 24.27
CA ALA LC 95 42.59 -80.76 22.87
C ALA LC 95 41.10 -80.51 22.74
N ASP LC 96 40.28 -81.17 23.56
CA ASP LC 96 38.83 -80.98 23.48
C ASP LC 96 38.45 -79.55 23.83
N GLU LC 97 39.14 -78.94 24.80
CA GLU LC 97 38.85 -77.56 25.16
C GLU LC 97 39.18 -76.62 24.01
N LEU LC 98 40.28 -76.86 23.30
CA LEU LC 98 40.67 -75.98 22.20
C LEU LC 98 39.67 -76.04 21.05
N TRP LC 99 39.27 -77.25 20.65
CA TRP LC 99 38.34 -77.38 19.55
C TRP LC 99 36.94 -76.92 19.92
N LYS LC 100 36.54 -77.09 21.18
CA LYS LC 100 35.22 -76.62 21.60
C LYS LC 100 35.12 -75.11 21.55
N GLY LC 101 36.25 -74.41 21.63
CA GLY LC 101 36.26 -72.97 21.55
C GLY LC 101 36.49 -72.43 20.15
N ALA LC 102 37.38 -73.09 19.40
CA ALA LC 102 37.67 -72.65 18.04
C ALA LC 102 36.46 -72.81 17.13
N LEU LC 103 35.74 -73.92 17.25
CA LEU LC 103 34.58 -74.15 16.39
C LEU LC 103 33.49 -73.14 16.66
N ALA LC 104 33.28 -72.78 17.92
CA ALA LC 104 32.24 -71.81 18.32
C ALA LC 104 30.86 -72.26 17.86
N GLU LC 105 30.59 -73.56 17.98
CA GLU LC 105 29.30 -74.13 17.60
C GLU LC 105 28.33 -74.22 18.78
N SER LC 106 28.51 -73.39 19.80
CA SER LC 106 27.62 -73.39 20.96
C SER LC 106 27.25 -72.00 21.45
N GLY LC 107 27.64 -70.94 20.74
CA GLY LC 107 27.36 -69.59 21.16
C GLY LC 107 25.95 -69.15 20.79
N ALA LC 108 25.71 -67.86 20.98
CA ALA LC 108 24.42 -67.26 20.66
C ALA LC 108 24.26 -66.96 19.18
N GLY LC 109 25.33 -67.07 18.39
CA GLY LC 109 25.22 -66.79 16.96
C GLY LC 109 24.36 -67.81 16.23
N ALA LC 110 24.52 -69.09 16.54
CA ALA LC 110 23.76 -70.14 15.89
C ALA LC 110 22.49 -70.50 16.66
N ARG LC 111 21.69 -69.50 16.97
CA ARG LC 111 20.44 -69.70 17.70
C ARG LC 111 19.21 -69.32 16.87
N LYS LC 112 19.18 -68.12 16.31
CA LYS LC 112 18.04 -67.62 15.55
C LYS LC 112 18.46 -67.18 14.15
N GLY LC 113 19.40 -67.90 13.55
CA GLY LC 113 19.86 -67.55 12.22
C GLY LC 113 20.79 -66.36 12.16
N ARG LC 114 21.32 -65.92 13.30
CA ARG LC 114 22.24 -64.78 13.29
C ARG LC 114 23.52 -65.09 12.53
N GLY LC 115 23.94 -66.36 12.51
CA GLY LC 115 25.13 -66.75 11.79
C GLY LC 115 24.84 -67.21 10.37
N LYS LC 116 25.17 -66.36 9.40
CA LYS LC 116 24.96 -66.66 7.99
C LYS LC 116 26.30 -66.89 7.29
N ARG LC 117 27.24 -67.51 8.00
CA ARG LC 117 28.55 -67.80 7.40
C ARG LC 117 28.41 -68.75 6.21
N THR LC 118 27.58 -69.78 6.34
CA THR LC 118 27.27 -70.78 5.32
C THR LC 118 28.47 -71.66 5.00
N LYS LC 119 29.62 -71.46 5.65
CA LYS LC 119 30.81 -72.28 5.45
C LYS LC 119 30.95 -73.20 6.65
N LYS LC 120 31.02 -74.51 6.38
CA LYS LC 120 31.08 -75.51 7.44
C LYS LC 120 32.51 -75.63 7.96
N LYS LC 121 32.74 -75.15 9.18
CA LYS LC 121 34.03 -75.31 9.81
C LYS LC 121 34.24 -76.78 10.20
N ARG LC 122 35.39 -77.32 9.86
CA ARG LC 122 35.67 -78.74 10.07
C ARG LC 122 36.67 -78.93 11.20
N ARG LC 123 36.40 -79.91 12.05
CA ARG LC 123 37.27 -80.27 13.16
C ARG LC 123 38.17 -81.43 12.73
N LYS LC 124 39.47 -81.29 12.94
CA LYS LC 124 40.46 -82.29 12.56
C LYS LC 124 41.05 -82.90 13.82
N ASP LC 125 40.92 -84.22 13.96
CA ASP LC 125 41.51 -84.93 15.09
C ASP LC 125 43.02 -85.03 14.86
N LEU LC 126 43.79 -84.36 15.72
CA LEU LC 126 45.24 -84.33 15.55
C LEU LC 126 45.93 -85.60 16.01
N ASN LC 127 45.20 -86.54 16.61
CA ASN LC 127 45.76 -87.81 17.02
C ASN LC 127 45.44 -88.93 16.04
N ARG LC 128 44.92 -88.60 14.86
CA ARG LC 128 44.62 -89.64 13.87
C ARG LC 128 45.87 -90.39 13.46
N GLY LC 129 46.96 -89.67 13.22
CA GLY LC 129 48.24 -90.30 12.98
C GLY LC 129 49.17 -90.19 14.17
N GLN LC 130 49.34 -91.28 14.91
CA GLN LC 130 50.20 -91.29 16.09
C GLN LC 130 51.11 -92.52 16.07
N ILE LC 131 52.38 -92.32 16.39
CA ILE LC 131 53.34 -93.41 16.59
C ILE LC 131 54.01 -93.13 17.93
N ILE LC 132 53.55 -93.81 18.98
CA ILE LC 132 54.05 -93.54 20.32
C ILE LC 132 55.53 -93.87 20.38
N GLY LC 133 56.36 -92.85 20.63
CA GLY LC 133 57.81 -92.97 20.64
C GLY LC 133 58.48 -92.18 19.53
N GLU LC 134 57.82 -92.06 18.39
CA GLU LC 134 58.39 -91.32 17.27
C GLU LC 134 58.50 -89.84 17.61
N GLY LC 135 59.62 -89.23 17.22
CA GLY LC 135 59.84 -87.82 17.45
C GLY LC 135 60.61 -87.19 16.29
N ARG LC 136 60.70 -85.85 16.34
CA ARG LC 136 61.42 -85.14 15.29
C ARG LC 136 62.90 -85.51 15.28
N HIS LC 137 63.51 -85.65 16.46
CA HIS LC 137 64.91 -86.05 16.53
C HIS LC 137 65.14 -87.48 16.05
N GLY LC 138 64.10 -88.31 16.02
CA GLY LC 138 64.23 -89.66 15.50
C GLY LC 138 64.99 -90.60 16.42
N PHE LC 139 64.43 -90.88 17.59
CA PHE LC 139 65.03 -91.79 18.55
C PHE LC 139 64.28 -93.12 18.53
N LEU LC 140 65.02 -94.21 18.37
CA LEU LC 140 64.44 -95.55 18.31
C LEU LC 140 64.46 -96.14 19.71
N TRP LC 141 63.31 -96.07 20.40
CA TRP LC 141 63.21 -96.59 21.75
C TRP LC 141 62.76 -98.04 21.71
N PRO LC 142 63.54 -98.98 22.25
CA PRO LC 142 63.14 -100.39 22.22
C PRO LC 142 61.89 -100.66 23.06
N GLY LC 143 60.81 -101.07 22.41
CA GLY LC 143 59.58 -101.38 23.10
C GLY LC 143 58.38 -100.67 22.53
N LEU LC 144 58.57 -99.45 22.04
CA LEU LC 144 57.49 -98.64 21.49
C LEU LC 144 57.36 -98.80 19.99
N ASN LC 145 58.40 -98.42 19.24
CA ASN LC 145 58.38 -98.50 17.79
C ASN LC 145 59.15 -99.71 17.27
N ILE LC 146 60.41 -99.86 17.66
CA ILE LC 146 61.22 -101.01 17.26
C ILE LC 146 60.93 -102.18 18.18
N PRO LC 147 61.02 -103.42 17.69
CA PRO LC 147 60.78 -104.57 18.56
C PRO LC 147 61.83 -104.67 19.66
N LEU LC 148 61.40 -105.19 20.81
CA LEU LC 148 62.29 -105.28 21.97
C LEU LC 148 63.44 -106.24 21.73
N MET LC 149 63.15 -107.41 21.15
CA MET LC 149 64.15 -108.44 20.92
C MET LC 149 64.39 -108.60 19.42
N ARG LC 150 65.66 -108.62 19.02
CA ARG LC 150 66.05 -108.79 17.63
C ARG LC 150 66.98 -109.99 17.53
N ASN LC 151 66.53 -111.03 16.83
CA ASN LC 151 67.30 -112.27 16.64
C ASN LC 151 67.73 -112.86 17.98
N GLY LC 152 66.84 -112.79 18.97
CA GLY LC 152 67.14 -113.28 20.29
C GLY LC 152 67.94 -112.34 21.16
N ALA LC 153 68.30 -111.17 20.64
CA ALA LC 153 69.08 -110.18 21.38
C ALA LC 153 68.23 -108.93 21.58
N VAL LC 154 68.17 -108.44 22.82
CA VAL LC 154 67.38 -107.26 23.13
C VAL LC 154 68.08 -106.02 22.60
N GLN LC 155 67.35 -105.22 21.82
CA GLN LC 155 67.92 -104.02 21.25
C GLN LC 155 68.14 -102.95 22.31
N THR LC 156 68.98 -101.99 21.97
CA THR LC 156 69.30 -100.86 22.85
C THR LC 156 68.78 -99.57 22.22
N ILE LC 157 68.95 -98.47 22.96
CA ILE LC 157 68.53 -97.17 22.46
C ILE LC 157 69.45 -96.74 21.32
N ALA LC 158 68.87 -96.29 20.23
CA ALA LC 158 69.64 -95.85 19.07
C ALA LC 158 68.89 -94.75 18.35
N GLN LC 159 69.64 -93.94 17.61
CA GLN LC 159 69.07 -92.83 16.86
C GLN LC 159 68.73 -93.28 15.44
N ARG LC 160 68.42 -92.34 14.55
CA ARG LC 160 68.07 -92.64 13.18
C ARG LC 160 68.90 -91.75 12.25
N SER LC 161 69.23 -92.30 11.08
CA SER LC 161 70.02 -91.56 10.10
C SER LC 161 69.22 -90.37 9.56
N LYS LC 162 69.94 -89.33 9.15
CA LYS LC 162 69.30 -88.12 8.66
C LYS LC 162 68.48 -88.39 7.40
N GLU LC 163 69.03 -89.17 6.47
CA GLU LC 163 68.29 -89.52 5.27
C GLU LC 163 67.08 -90.39 5.60
N ASP LC 164 67.25 -91.34 6.52
CA ASP LC 164 66.14 -92.21 6.91
C ASP LC 164 65.02 -91.42 7.58
N GLN LC 165 65.38 -90.49 8.46
CA GLN LC 165 64.35 -89.70 9.16
C GLN LC 165 63.57 -88.83 8.19
N GLU LC 166 64.26 -88.28 7.18
CA GLU LC 166 63.57 -87.45 6.19
C GLU LC 166 62.51 -88.23 5.44
N LYS LC 167 62.82 -89.48 5.06
CA LYS LC 167 61.85 -90.30 4.35
C LYS LC 167 60.63 -90.60 5.22
N VAL LC 168 60.86 -90.89 6.50
CA VAL LC 168 59.76 -91.18 7.41
C VAL LC 168 58.84 -89.97 7.56
N GLU LC 169 59.43 -88.78 7.72
CA GLU LC 169 58.63 -87.56 7.79
C GLU LC 169 57.88 -87.31 6.49
N ALA LC 170 58.53 -87.57 5.35
CA ALA LC 170 57.86 -87.42 4.08
C ALA LC 170 56.70 -88.39 3.94
N ASP LC 171 56.75 -89.54 4.61
CA ASP LC 171 55.63 -90.47 4.59
C ASP LC 171 54.43 -89.90 5.34
N MET LC 172 54.67 -89.20 6.46
CA MET LC 172 53.56 -88.67 7.24
C MET LC 172 52.82 -87.57 6.50
N VAL LC 173 53.54 -86.66 5.85
CA VAL LC 173 52.88 -85.53 5.18
C VAL LC 173 52.05 -86.01 4.01
N GLN LC 174 52.53 -87.03 3.28
CA GLN LC 174 51.74 -87.58 2.18
C GLN LC 174 50.47 -88.25 2.70
N GLN LC 175 50.56 -88.88 3.87
CA GLN LC 175 49.36 -89.49 4.46
C GLN LC 175 48.32 -88.43 4.80
N ARG LC 176 48.76 -87.29 5.34
CA ARG LC 176 47.82 -86.22 5.68
C ARG LC 176 47.22 -85.60 4.44
N GLU LC 177 48.03 -85.42 3.38
CA GLU LC 177 47.49 -84.89 2.12
C GLU LC 177 46.46 -85.83 1.52
N GLU LC 178 46.71 -87.15 1.62
CA GLU LC 178 45.73 -88.12 1.13
C GLU LC 178 44.43 -88.03 1.91
N TRP LC 179 44.52 -87.81 3.23
CA TRP LC 179 43.30 -87.69 4.05
C TRP LC 179 42.46 -86.49 3.61
N ASP LC 180 43.11 -85.37 3.28
CA ASP LC 180 42.38 -84.20 2.81
C ASP LC 180 41.65 -84.49 1.50
N ARG LC 181 42.31 -85.21 0.59
CA ARG LC 181 41.69 -85.54 -0.69
C ARG LC 181 40.48 -86.45 -0.53
N ARG LC 182 40.41 -87.22 0.56
CA ARG LC 182 39.29 -88.13 0.80
C ARG LC 182 38.18 -87.49 1.62
N ARG LC 183 38.30 -86.19 1.94
CA ARG LC 183 37.25 -85.48 2.66
C ARG LC 183 36.53 -84.46 1.81
N LYS LC 184 37.20 -83.84 0.84
CA LYS LC 184 36.55 -82.86 -0.03
C LYS LC 184 35.45 -83.52 -0.87
N MET LC 185 35.72 -84.70 -1.40
CA MET LC 185 34.75 -85.39 -2.25
C MET LC 185 33.51 -85.76 -1.46
N LYS LC 186 32.36 -85.61 -2.11
CA LYS LC 186 31.06 -85.95 -1.51
C LYS LC 186 30.34 -86.94 -2.40
N VAL LC 187 29.67 -87.91 -1.78
CA VAL LC 187 28.94 -88.91 -2.53
C VAL LC 187 27.75 -88.27 -3.23
N LYS LC 188 27.59 -88.56 -4.53
CA LYS LC 188 26.49 -88.02 -5.31
C LYS LC 188 25.23 -88.80 -4.98
N ARG LC 189 24.28 -88.16 -4.31
CA ARG LC 189 23.05 -88.81 -3.91
C ARG LC 189 22.17 -89.07 -5.14
N GLU LC 190 21.15 -89.89 -4.94
CA GLU LC 190 20.20 -90.18 -6.01
C GLU LC 190 19.49 -88.90 -6.44
N ARG LC 191 19.41 -88.69 -7.75
CA ARG LC 191 18.75 -87.51 -8.29
C ARG LC 191 17.24 -87.63 -8.10
N GLY LC 192 16.66 -86.72 -7.32
CA GLY LC 192 15.23 -86.70 -7.11
C GLY LC 192 14.51 -86.01 -8.24
N TRP LC 193 13.39 -85.35 -7.90
CA TRP LC 193 12.65 -84.60 -8.91
C TRP LC 193 13.45 -83.40 -9.42
N SER LC 194 14.34 -82.86 -8.59
CA SER LC 194 15.21 -81.76 -8.98
C SER LC 194 16.58 -82.00 -8.37
N GLY LC 195 17.48 -81.03 -8.54
CA GLY LC 195 18.83 -81.17 -8.05
C GLY LC 195 19.00 -80.90 -6.57
N ASN LC 196 18.06 -80.19 -5.95
CA ASN LC 196 18.17 -79.81 -4.55
C ASN LC 196 17.00 -80.27 -3.69
N THR LC 197 15.80 -80.39 -4.24
CA THR LC 197 14.67 -80.84 -3.45
C THR LC 197 14.79 -82.34 -3.14
N TRP LC 198 14.08 -82.76 -2.10
CA TRP LC 198 14.08 -84.15 -1.67
C TRP LC 198 12.97 -84.98 -2.31
N GLY LC 199 12.14 -84.36 -3.15
CA GLY LC 199 11.07 -85.09 -3.81
C GLY LC 199 11.58 -86.19 -4.72
N GLY LC 200 11.09 -87.41 -4.52
CA GLY LC 200 11.50 -88.53 -5.34
C GLY LC 200 12.77 -89.22 -4.91
N VAL LC 201 13.33 -88.86 -3.77
CA VAL LC 201 14.55 -89.49 -3.27
C VAL LC 201 14.17 -90.67 -2.38
N SER LC 202 14.75 -91.83 -2.67
CA SER LC 202 14.46 -93.04 -1.93
C SER LC 202 15.34 -93.12 -0.69
N LEU LC 203 14.77 -93.66 0.40
CA LEU LC 203 15.48 -93.80 1.67
C LEU LC 203 15.82 -95.24 2.00
N GLY LC 204 15.63 -96.16 1.06
CA GLY LC 204 15.93 -97.56 1.29
C GLY LC 204 14.79 -98.29 1.96
N PRO LC 205 14.99 -99.58 2.25
CA PRO LC 205 13.92 -100.36 2.87
C PRO LC 205 13.58 -99.83 4.25
N PRO LC 206 12.33 -99.98 4.69
CA PRO LC 206 11.96 -99.53 6.03
C PRO LC 206 12.60 -100.39 7.10
N ASP LC 207 12.64 -99.84 8.31
CA ASP LC 207 13.23 -100.55 9.44
C ASP LC 207 12.42 -101.80 9.77
N PRO LC 208 13.08 -102.87 10.23
CA PRO LC 208 12.36 -104.09 10.59
C PRO LC 208 11.44 -103.85 11.79
N GLY LC 209 10.34 -104.60 11.82
CA GLY LC 209 9.39 -104.47 12.88
C GLY LC 209 9.88 -105.09 14.17
N PRO LC 210 9.17 -104.80 15.26
CA PRO LC 210 9.58 -105.33 16.57
C PRO LC 210 9.50 -106.84 16.67
N ASN LC 211 8.75 -107.50 15.80
CA ASN LC 211 8.58 -108.95 15.85
C ASN LC 211 9.65 -109.68 15.05
N GLY LC 212 10.66 -108.98 14.54
CA GLY LC 212 11.69 -109.59 13.72
C GLY LC 212 11.37 -109.68 12.25
N GLU LC 213 10.20 -109.23 11.82
CA GLU LC 213 9.86 -109.23 10.40
C GLU LC 213 10.73 -108.24 9.65
N THR LC 214 11.22 -108.67 8.48
CA THR LC 214 12.12 -107.88 7.65
C THR LC 214 11.41 -107.53 6.35
N TYR LC 215 11.54 -106.28 5.93
CA TYR LC 215 10.91 -105.78 4.70
C TYR LC 215 12.01 -105.24 3.79
N ASP LC 216 12.57 -106.10 2.95
CA ASP LC 216 13.51 -105.68 1.93
C ASP LC 216 12.85 -105.42 0.58
N ASP LC 217 11.66 -105.98 0.35
CA ASP LC 217 10.95 -105.73 -0.90
C ASP LC 217 10.32 -104.34 -0.93
N PHE LC 218 9.88 -103.83 0.22
CA PHE LC 218 9.27 -102.50 0.27
C PHE LC 218 10.32 -101.43 -0.03
N ASP LC 219 9.90 -100.40 -0.74
CA ASP LC 219 10.74 -99.25 -1.03
C ASP LC 219 9.97 -97.98 -0.71
N THR LC 220 10.68 -96.97 -0.22
CA THR LC 220 10.06 -95.72 0.19
C THR LC 220 10.60 -94.56 -0.64
N ARG LC 221 9.76 -93.56 -0.85
CA ARG LC 221 10.12 -92.36 -1.59
C ARG LC 221 9.61 -91.13 -0.84
N ILE LC 222 10.36 -90.03 -0.96
CA ILE LC 222 10.00 -88.78 -0.30
C ILE LC 222 9.16 -87.95 -1.26
N LEU LC 223 8.01 -87.49 -0.78
CA LEU LC 223 7.10 -86.69 -1.61
C LEU LC 223 7.13 -85.21 -1.29
N GLU LC 224 7.37 -84.83 -0.04
CA GLU LC 224 7.33 -83.43 0.34
C GLU LC 224 8.08 -83.22 1.65
N VAL LC 225 9.03 -82.30 1.65
CA VAL LC 225 9.73 -81.87 2.85
C VAL LC 225 9.56 -80.37 2.98
N ARG LC 226 9.09 -79.93 4.15
CA ARG LC 226 8.75 -78.52 4.36
C ARG LC 226 9.04 -78.14 5.80
N ASN LC 227 9.81 -77.07 5.98
CA ASN LC 227 10.10 -76.57 7.32
C ASN LC 227 8.84 -75.94 7.92
N VAL LC 228 8.55 -76.28 9.17
CA VAL LC 228 7.37 -75.79 9.86
C VAL LC 228 7.83 -75.03 11.11
N PHE LC 229 7.35 -73.80 11.26
CA PHE LC 229 7.71 -72.96 12.39
C PHE LC 229 6.52 -72.78 13.32
N ASN LC 230 6.80 -72.75 14.61
CA ASN LC 230 5.79 -72.53 15.63
C ASN LC 230 6.29 -71.46 16.60
N MET LC 231 5.34 -70.73 17.19
CA MET LC 231 5.66 -69.64 18.11
C MET LC 231 5.63 -70.17 19.54
N THR LC 232 6.74 -70.03 20.24
CA THR LC 232 6.88 -70.52 21.61
C THR LC 232 7.11 -69.35 22.55
N ALA LC 233 6.73 -69.56 23.82
CA ALA LC 233 6.84 -68.49 24.81
C ALA LC 233 8.30 -68.10 25.06
N LYS LC 234 9.18 -69.09 25.16
CA LYS LC 234 10.58 -68.82 25.52
C LYS LC 234 11.46 -68.66 24.29
N GLU LC 235 11.56 -69.71 23.47
CA GLU LC 235 12.51 -69.69 22.35
C GLU LC 235 12.06 -68.73 21.25
N GLY LC 236 10.76 -68.67 20.98
CA GLY LC 236 10.25 -67.86 19.88
C GLY LC 236 9.84 -68.71 18.70
N ARG LC 237 10.65 -68.70 17.64
CA ARG LC 237 10.37 -69.50 16.45
C ARG LC 237 10.97 -70.89 16.67
N LYS LC 238 10.10 -71.90 16.82
CA LYS LC 238 10.52 -73.28 17.01
C LYS LC 238 10.43 -73.99 15.68
N ARG LC 239 11.55 -74.07 14.98
CA ARG LC 239 11.58 -74.70 13.67
C ARG LC 239 11.42 -76.21 13.79
N SER LC 240 10.51 -76.78 13.00
CA SER LC 240 10.29 -78.21 12.94
C SER LC 240 10.20 -78.65 11.50
N VAL LC 241 10.68 -79.85 11.21
CA VAL LC 241 10.70 -80.41 9.86
C VAL LC 241 9.69 -81.54 9.78
N ARG LC 242 8.77 -81.44 8.82
CA ARG LC 242 7.81 -82.51 8.56
C ARG LC 242 8.01 -83.03 7.15
N VAL LC 243 7.83 -84.35 6.98
CA VAL LC 243 7.99 -84.99 5.68
C VAL LC 243 6.80 -85.91 5.44
N LEU LC 244 6.53 -86.16 4.17
CA LEU LC 244 5.46 -87.05 3.74
C LEU LC 244 6.04 -88.05 2.76
N VAL LC 245 6.09 -89.32 3.15
CA VAL LC 245 6.70 -90.36 2.33
C VAL LC 245 5.66 -91.42 2.03
N ALA LC 246 5.93 -92.21 1.00
CA ALA LC 246 5.08 -93.32 0.60
C ALA LC 246 5.93 -94.56 0.44
N VAL LC 247 5.38 -95.71 0.84
CA VAL LC 247 6.06 -96.99 0.75
C VAL LC 247 5.28 -97.90 -0.19
N GLY LC 248 5.98 -98.85 -0.79
CA GLY LC 248 5.36 -99.80 -1.68
C GLY LC 248 6.26 -100.97 -2.02
N ASN LC 249 5.66 -102.11 -2.33
CA ASN LC 249 6.42 -103.31 -2.67
C ASN LC 249 6.48 -103.59 -4.17
N GLY LC 250 5.67 -102.90 -4.97
CA GLY LC 250 5.60 -103.16 -6.39
C GLY LC 250 4.67 -104.28 -6.80
N LYS LC 251 4.00 -104.92 -5.84
CA LYS LC 251 3.07 -106.00 -6.13
C LYS LC 251 1.62 -105.60 -5.94
N GLY LC 252 1.34 -104.32 -5.70
CA GLY LC 252 -0.02 -103.84 -5.51
C GLY LC 252 -0.32 -103.31 -4.13
N ALA LC 253 0.62 -103.33 -3.20
CA ALA LC 253 0.41 -102.83 -1.85
C ALA LC 253 1.26 -101.59 -1.62
N ALA LC 254 0.64 -100.51 -1.17
CA ALA LC 254 1.35 -99.26 -0.93
C ALA LC 254 0.62 -98.46 0.14
N GLY LC 255 1.35 -97.51 0.73
CA GLY LC 255 0.78 -96.66 1.76
C GLY LC 255 1.61 -95.41 1.94
N PHE LC 256 1.06 -94.48 2.71
CA PHE LC 256 1.68 -93.19 2.95
C PHE LC 256 1.49 -92.80 4.41
N ALA LC 257 2.36 -91.91 4.89
CA ALA LC 257 2.26 -91.38 6.24
C ALA LC 257 3.07 -90.11 6.32
N ILE LC 258 2.88 -89.37 7.42
CA ILE LC 258 3.57 -88.11 7.65
C ILE LC 258 4.36 -88.22 8.95
N GLY LC 259 5.60 -87.73 8.93
CA GLY LC 259 6.43 -87.75 10.11
C GLY LC 259 7.09 -86.42 10.39
N LYS LC 260 6.88 -85.89 11.58
CA LYS LC 260 7.37 -84.56 11.96
C LYS LC 260 8.24 -84.67 13.20
N ALA LC 261 9.40 -84.02 13.16
CA ALA LC 261 10.30 -83.99 14.30
C ALA LC 261 11.13 -82.72 14.22
N THR LC 262 11.97 -82.51 15.23
CA THR LC 262 12.84 -81.33 15.26
C THR LC 262 14.00 -81.44 14.28
N GLU LC 263 14.47 -82.65 14.02
CA GLU LC 263 15.60 -82.89 13.14
C GLU LC 263 15.15 -83.60 11.87
N ARG LC 264 15.75 -83.22 10.74
CA ARG LC 264 15.39 -83.83 9.47
C ARG LC 264 15.71 -85.32 9.45
N ALA LC 265 16.86 -85.70 10.02
CA ALA LC 265 17.23 -87.11 10.04
C ALA LC 265 16.22 -87.94 10.83
N ASP LC 266 15.78 -87.42 11.98
CA ASP LC 266 14.76 -88.12 12.76
C ASP LC 266 13.40 -88.08 12.07
N ALA LC 267 13.16 -87.07 11.24
CA ALA LC 267 11.89 -86.98 10.53
C ALA LC 267 11.73 -88.13 9.55
N PHE LC 268 12.80 -88.49 8.84
CA PHE LC 268 12.72 -89.60 7.88
C PHE LC 268 12.43 -90.91 8.58
N ARG LC 269 13.06 -91.15 9.73
CA ARG LC 269 12.88 -92.42 10.43
C ARG LC 269 11.44 -92.61 10.89
N LYS LC 270 10.83 -91.55 11.43
CA LYS LC 270 9.44 -91.66 11.87
C LYS LC 270 8.49 -91.89 10.71
N ALA LC 271 8.75 -91.23 9.58
CA ALA LC 271 7.85 -91.35 8.43
C ALA LC 271 7.87 -92.78 7.86
N LYS LC 272 9.05 -93.39 7.79
CA LYS LC 272 9.14 -94.74 7.23
C LYS LC 272 8.41 -95.75 8.10
N ASN LC 273 8.66 -95.72 9.41
CA ASN LC 273 8.05 -96.71 10.30
C ASN LC 273 6.53 -96.57 10.35
N ARG LC 274 6.02 -95.34 10.39
CA ARG LC 274 4.58 -95.15 10.42
C ARG LC 274 3.92 -95.41 9.08
N ALA LC 275 4.70 -95.55 8.01
CA ALA LC 275 4.10 -95.76 6.69
C ALA LC 275 3.58 -97.19 6.54
N VAL LC 276 4.34 -98.18 7.03
CA VAL LC 276 3.93 -99.57 6.86
C VAL LC 276 2.69 -99.90 7.69
N HIS LC 277 2.36 -99.08 8.69
CA HIS LC 277 1.14 -99.31 9.44
C HIS LC 277 -0.10 -99.00 8.63
N TYR LC 278 -0.02 -98.04 7.71
CA TYR LC 278 -1.12 -97.67 6.83
C TYR LC 278 -0.81 -98.17 5.43
N LEU LC 279 -1.43 -99.27 5.03
CA LEU LC 279 -1.20 -99.87 3.73
C LEU LC 279 -2.53 -100.12 3.04
N HIS LC 280 -2.57 -99.81 1.74
CA HIS LC 280 -3.71 -100.10 0.90
C HIS LC 280 -3.34 -101.17 -0.12
N TYR LC 281 -4.35 -101.84 -0.67
CA TYR LC 281 -4.18 -102.78 -1.77
C TYR LC 281 -4.98 -102.25 -2.96
N ILE LC 282 -4.28 -101.91 -4.03
CA ILE LC 282 -4.89 -101.32 -5.21
C ILE LC 282 -4.97 -102.39 -6.29
N GLU LC 283 -6.19 -102.74 -6.69
CA GLU LC 283 -6.36 -103.73 -7.73
C GLU LC 283 -5.85 -103.21 -9.07
N ARG LC 284 -5.17 -104.06 -9.81
CA ARG LC 284 -4.53 -103.70 -11.07
C ARG LC 284 -5.04 -104.62 -12.16
N TYR LC 285 -5.80 -104.08 -13.11
CA TYR LC 285 -6.25 -104.86 -14.25
C TYR LC 285 -5.05 -105.33 -15.06
N GLU LC 286 -4.82 -106.64 -15.09
CA GLU LC 286 -3.68 -107.24 -15.78
C GLU LC 286 -2.35 -106.68 -15.28
N ASP LC 287 -2.32 -106.14 -14.06
CA ASP LC 287 -1.11 -105.67 -13.39
C ASP LC 287 -0.41 -104.56 -14.17
N HIS LC 288 -1.17 -103.81 -14.98
CA HIS LC 288 -0.56 -102.68 -15.69
C HIS LC 288 -1.43 -101.45 -15.75
N THR LC 289 -2.67 -101.49 -15.30
CA THR LC 289 -3.58 -100.36 -15.44
C THR LC 289 -4.75 -100.56 -14.50
N ILE LC 290 -5.42 -99.46 -14.16
CA ILE LC 290 -6.62 -99.53 -13.35
C ILE LC 290 -7.76 -100.11 -14.18
N TYR LC 291 -8.78 -100.62 -13.48
CA TYR LC 291 -9.86 -101.30 -14.17
C TYR LC 291 -10.69 -100.34 -15.04
N HIS LC 292 -10.95 -99.14 -14.54
CA HIS LC 292 -11.77 -98.19 -15.28
C HIS LC 292 -11.35 -96.77 -14.91
N ASP LC 293 -11.79 -95.82 -15.72
CA ASP LC 293 -11.46 -94.42 -15.49
C ASP LC 293 -12.06 -93.93 -14.19
N ILE LC 294 -11.29 -93.12 -13.46
CA ILE LC 294 -11.69 -92.64 -12.14
C ILE LC 294 -11.67 -91.12 -12.14
N SER LC 295 -12.76 -90.53 -11.68
CA SER LC 295 -12.88 -89.07 -11.52
C SER LC 295 -13.36 -88.78 -10.11
N LEU LC 296 -12.55 -88.04 -9.36
CA LEU LC 296 -12.86 -87.75 -7.96
C LEU LC 296 -12.48 -86.32 -7.64
N LYS LC 297 -13.09 -85.79 -6.57
CA LYS LC 297 -12.82 -84.44 -6.07
C LYS LC 297 -12.61 -84.55 -4.56
N PHE LC 298 -11.36 -84.67 -4.14
CA PHE LC 298 -11.02 -84.72 -2.73
C PHE LC 298 -10.81 -83.30 -2.22
N LYS LC 299 -11.70 -82.86 -1.32
CA LYS LC 299 -11.69 -81.49 -0.83
C LYS LC 299 -11.67 -80.49 -1.98
N ARG LC 300 -10.53 -79.80 -2.16
CA ARG LC 300 -10.38 -78.83 -3.23
C ARG LC 300 -9.33 -79.26 -4.24
N THR LC 301 -9.25 -80.56 -4.52
CA THR LC 301 -8.32 -81.09 -5.52
C THR LC 301 -9.09 -81.95 -6.50
N HIS LC 302 -9.06 -81.58 -7.78
CA HIS LC 302 -9.71 -82.33 -8.84
C HIS LC 302 -8.65 -83.13 -9.58
N ILE LC 303 -8.73 -84.46 -9.49
CA ILE LC 303 -7.80 -85.36 -10.15
C ILE LC 303 -8.60 -86.37 -10.98
N LYS LC 304 -8.28 -86.47 -12.26
CA LYS LC 304 -8.95 -87.38 -13.18
C LYS LC 304 -7.93 -88.33 -13.78
N MET LC 305 -8.21 -89.63 -13.69
CA MET LC 305 -7.32 -90.67 -14.20
C MET LC 305 -8.05 -91.50 -15.25
N LYS LC 306 -7.33 -91.87 -16.31
CA LYS LC 306 -7.90 -92.59 -17.44
C LYS LC 306 -7.12 -93.87 -17.70
N LYS LC 307 -7.85 -94.90 -18.12
CA LYS LC 307 -7.24 -96.16 -18.49
C LYS LC 307 -6.49 -96.03 -19.81
N GLN LC 308 -5.37 -96.73 -19.93
CA GLN LC 308 -4.53 -96.66 -21.11
C GLN LC 308 -4.04 -98.05 -21.49
N PRO LC 309 -3.69 -98.27 -22.76
CA PRO LC 309 -3.12 -99.57 -23.16
C PRO LC 309 -1.70 -99.76 -22.65
N ARG LC 310 -1.06 -100.86 -23.05
CA ARG LC 310 0.27 -101.17 -22.53
C ARG LC 310 1.33 -100.24 -23.10
N GLY LC 311 1.18 -99.83 -24.36
CA GLY LC 311 2.25 -99.09 -25.01
C GLY LC 311 2.52 -97.73 -24.40
N TYR LC 312 1.46 -96.97 -24.12
CA TYR LC 312 1.58 -95.61 -23.61
C TYR LC 312 1.28 -95.64 -22.11
N GLY LC 313 2.28 -95.37 -21.29
CA GLY LC 313 2.14 -95.48 -19.85
C GLY LC 313 2.91 -94.42 -19.09
N LEU LC 314 2.45 -94.16 -17.86
CA LEU LC 314 3.09 -93.24 -16.92
C LEU LC 314 3.22 -91.85 -17.52
N HIS LC 315 2.07 -91.25 -17.84
CA HIS LC 315 1.96 -89.85 -18.24
C HIS LC 315 1.06 -89.18 -17.21
N CYS LC 316 1.65 -88.78 -16.09
CA CYS LC 316 0.88 -88.25 -14.97
C CYS LC 316 1.73 -87.23 -14.22
N HIS LC 317 1.15 -86.66 -13.17
CA HIS LC 317 1.87 -85.73 -12.32
C HIS LC 317 3.09 -86.40 -11.71
N ARG LC 318 4.17 -85.62 -11.55
CA ARG LC 318 5.43 -86.19 -11.10
C ARG LC 318 5.31 -86.83 -9.72
N ALA LC 319 4.37 -86.36 -8.90
CA ALA LC 319 4.11 -87.03 -7.63
C ALA LC 319 3.30 -88.30 -7.83
N ILE LC 320 2.37 -88.30 -8.80
CA ILE LC 320 1.58 -89.48 -9.09
C ILE LC 320 2.46 -90.58 -9.68
N MET LC 321 3.43 -90.22 -10.52
CA MET LC 321 4.33 -91.21 -11.10
C MET LC 321 5.13 -91.92 -10.00
N THR LC 322 5.55 -91.18 -8.98
CA THR LC 322 6.29 -91.80 -7.88
C THR LC 322 5.43 -92.81 -7.14
N ILE LC 323 4.16 -92.47 -6.90
CA ILE LC 323 3.27 -93.41 -6.22
C ILE LC 323 2.94 -94.59 -7.14
N CYS LC 324 2.74 -94.32 -8.43
CA CYS LC 324 2.36 -95.38 -9.36
C CYS LC 324 3.46 -96.43 -9.48
N ARG LC 325 4.72 -96.00 -9.53
CA ARG LC 325 5.81 -96.98 -9.61
C ARG LC 325 5.90 -97.82 -8.34
N LEU LC 326 5.52 -97.26 -7.19
CA LEU LC 326 5.51 -98.04 -5.96
C LEU LC 326 4.35 -99.03 -5.95
N ILE LC 327 3.17 -98.61 -6.39
CA ILE LC 327 2.02 -99.50 -6.40
C ILE LC 327 2.23 -100.63 -7.40
N GLY LC 328 2.73 -100.30 -8.59
CA GLY LC 328 2.93 -101.29 -9.63
C GLY LC 328 2.24 -100.95 -10.93
N ILE LC 329 1.44 -99.88 -10.93
CA ILE LC 329 0.76 -99.45 -12.15
C ILE LC 329 1.81 -98.91 -13.12
N LYS LC 330 1.75 -99.37 -14.37
CA LYS LC 330 2.73 -99.00 -15.37
C LYS LC 330 2.11 -98.29 -16.57
N ASP LC 331 0.80 -98.07 -16.57
CA ASP LC 331 0.12 -97.41 -17.68
C ASP LC 331 -1.01 -96.58 -17.10
N LEU LC 332 -0.87 -95.25 -17.14
CA LEU LC 332 -1.89 -94.38 -16.56
C LEU LC 332 -1.74 -92.98 -17.11
N TYR LC 333 -2.85 -92.26 -17.19
CA TYR LC 333 -2.87 -90.84 -17.51
C TYR LC 333 -3.69 -90.12 -16.45
N ALA LC 334 -3.11 -89.06 -15.88
CA ALA LC 334 -3.76 -88.34 -14.80
C ALA LC 334 -3.61 -86.84 -15.01
N LYS LC 335 -4.70 -86.11 -14.81
CA LYS LC 335 -4.71 -84.65 -14.90
C LYS LC 335 -5.19 -84.09 -13.57
N VAL LC 336 -4.44 -83.15 -13.02
CA VAL LC 336 -4.72 -82.56 -11.72
C VAL LC 336 -5.23 -81.14 -11.93
N SER LC 337 -6.38 -80.83 -11.35
CA SER LC 337 -6.99 -79.51 -11.45
C SER LC 337 -7.29 -78.98 -10.05
N GLY LC 338 -7.23 -77.65 -9.92
CA GLY LC 338 -7.45 -77.02 -8.64
C GLY LC 338 -6.19 -76.96 -7.80
N SER LC 339 -6.33 -77.13 -6.49
CA SER LC 339 -5.18 -77.11 -5.60
C SER LC 339 -4.26 -78.30 -5.89
N VAL LC 340 -2.96 -78.07 -5.77
CA VAL LC 340 -1.97 -79.09 -6.08
C VAL LC 340 -1.20 -79.44 -4.81
N ASN LC 341 -1.86 -79.31 -3.67
CA ASN LC 341 -1.22 -79.62 -2.40
C ASN LC 341 -0.85 -81.10 -2.34
N MET LC 342 0.38 -81.37 -1.89
CA MET LC 342 0.90 -82.73 -1.92
C MET LC 342 0.09 -83.67 -1.02
N LEU LC 343 -0.29 -83.19 0.17
CA LEU LC 343 -1.01 -84.06 1.10
C LEU LC 343 -2.39 -84.41 0.56
N ASN LC 344 -3.13 -83.43 0.04
CA ASN LC 344 -4.46 -83.72 -0.50
C ASN LC 344 -4.37 -84.61 -1.73
N LEU LC 345 -3.37 -84.39 -2.58
CA LEU LC 345 -3.22 -85.23 -3.77
C LEU LC 345 -2.94 -86.68 -3.40
N THR LC 346 -2.10 -86.90 -2.39
CA THR LC 346 -1.79 -88.26 -1.96
C THR LC 346 -3.02 -88.94 -1.37
N ARG LC 347 -3.73 -88.25 -0.47
CA ARG LC 347 -4.93 -88.83 0.11
C ARG LC 347 -6.01 -89.04 -0.95
N GLY LC 348 -6.17 -88.09 -1.86
CA GLY LC 348 -7.19 -88.23 -2.89
C GLY LC 348 -6.90 -89.38 -3.84
N LEU LC 349 -5.62 -89.59 -4.18
CA LEU LC 349 -5.26 -90.66 -5.10
C LEU LC 349 -5.54 -92.03 -4.48
N PHE LC 350 -5.11 -92.23 -3.23
CA PHE LC 350 -5.34 -93.52 -2.58
C PHE LC 350 -6.83 -93.77 -2.32
N LEU LC 351 -7.56 -92.72 -1.93
CA LEU LC 351 -8.99 -92.86 -1.71
C LEU LC 351 -9.71 -93.26 -2.99
N GLY LC 352 -9.33 -92.63 -4.11
CA GLY LC 352 -9.93 -93.00 -5.38
C GLY LC 352 -9.58 -94.41 -5.82
N LEU LC 353 -8.31 -94.79 -5.66
CA LEU LC 353 -7.88 -96.12 -6.09
C LEU LC 353 -8.43 -97.21 -5.19
N SER LC 354 -8.55 -96.95 -3.88
CA SER LC 354 -9.16 -97.93 -2.99
C SER LC 354 -10.64 -98.11 -3.25
N ARG LC 355 -11.28 -97.15 -3.91
CA ARG LC 355 -12.69 -97.21 -4.26
C ARG LC 355 -12.90 -97.85 -5.64
N GLN LC 356 -11.84 -98.32 -6.28
CA GLN LC 356 -11.94 -98.90 -7.60
C GLN LC 356 -12.79 -100.17 -7.59
N GLU LC 357 -13.56 -100.36 -8.65
CA GLU LC 357 -14.43 -101.52 -8.79
C GLU LC 357 -13.87 -102.43 -9.89
N THR LC 358 -13.69 -103.70 -9.56
CA THR LC 358 -13.13 -104.66 -10.50
C THR LC 358 -14.21 -105.25 -11.39
N HIS LC 359 -13.78 -105.97 -12.43
CA HIS LC 359 -14.72 -106.62 -13.34
C HIS LC 359 -15.52 -107.70 -12.61
N GLN LC 360 -14.87 -108.48 -11.75
CA GLN LC 360 -15.56 -109.55 -11.05
C GLN LC 360 -16.66 -109.02 -10.14
N GLN LC 361 -16.37 -107.94 -9.41
CA GLN LC 361 -17.39 -107.34 -8.55
C GLN LC 361 -18.55 -106.78 -9.37
N LEU LC 362 -18.25 -106.15 -10.50
CA LEU LC 362 -19.31 -105.63 -11.36
C LEU LC 362 -20.17 -106.76 -11.92
N ALA LC 363 -19.53 -107.87 -12.31
CA ALA LC 363 -20.28 -109.01 -12.83
C ALA LC 363 -21.19 -109.60 -11.76
N ASP LC 364 -20.69 -109.71 -10.52
CA ASP LC 364 -21.48 -110.30 -9.45
C ASP LC 364 -22.71 -109.46 -9.12
N LYS LC 365 -22.55 -108.13 -9.07
CA LYS LC 365 -23.67 -107.26 -8.72
C LYS LC 365 -24.66 -107.10 -9.86
N LYS LC 366 -24.29 -107.47 -11.09
CA LYS LC 366 -25.19 -107.43 -12.22
C LYS LC 366 -25.66 -108.81 -12.68
N SER LC 367 -24.96 -109.87 -12.28
CA SER LC 367 -25.28 -111.23 -12.69
C SER LC 367 -25.33 -111.36 -14.21
N LEU LC 368 -24.41 -110.67 -14.89
CA LEU LC 368 -24.31 -110.70 -16.34
C LEU LC 368 -22.85 -110.80 -16.74
N HIS LC 369 -22.61 -111.35 -17.93
CA HIS LC 369 -21.25 -111.46 -18.44
C HIS LC 369 -20.73 -110.10 -18.87
N VAL LC 370 -19.41 -109.92 -18.71
CA VAL LC 370 -18.72 -108.71 -19.14
C VAL LC 370 -17.76 -109.09 -20.25
N VAL LC 371 -17.89 -108.43 -21.40
CA VAL LC 371 -17.16 -108.77 -22.61
C VAL LC 371 -16.22 -107.62 -22.96
N GLU LC 372 -14.95 -107.95 -23.20
CA GLU LC 372 -13.94 -106.96 -23.56
C GLU LC 372 -13.75 -106.98 -25.08
N PHE LC 373 -13.94 -105.84 -25.71
CA PHE LC 373 -13.79 -105.70 -27.17
C PHE LC 373 -12.47 -105.01 -27.44
N ARG LC 374 -11.41 -105.80 -27.59
CA ARG LC 374 -10.11 -105.25 -27.95
C ARG LC 374 -10.15 -104.67 -29.36
N GLU LC 375 -9.59 -103.48 -29.52
CA GLU LC 375 -9.61 -102.82 -30.82
C GLU LC 375 -8.67 -103.49 -31.82
N GLU LC 376 -7.51 -103.97 -31.35
CA GLU LC 376 -6.56 -104.64 -32.22
C GLU LC 376 -6.93 -106.10 -32.48
N CYS LC 377 -7.84 -106.67 -31.71
CA CYS LC 377 -8.27 -108.05 -31.88
C CYS LC 377 -9.53 -108.16 -32.74
N GLY LC 378 -10.01 -107.05 -33.28
CA GLY LC 378 -11.20 -107.07 -34.10
C GLY LC 378 -12.47 -107.22 -33.30
N PRO LC 379 -13.52 -107.74 -33.93
CA PRO LC 379 -14.81 -107.89 -33.23
C PRO LC 379 -14.89 -109.14 -32.38
N LEU LC 380 -13.75 -109.72 -32.01
CA LEU LC 380 -13.73 -110.92 -31.20
C LEU LC 380 -14.24 -110.61 -29.79
N PRO LC 381 -15.31 -111.26 -29.33
CA PRO LC 381 -15.83 -111.00 -27.97
C PRO LC 381 -15.10 -111.79 -26.88
N ILE LC 382 -13.97 -111.24 -26.44
CA ILE LC 382 -13.21 -111.85 -25.35
C ILE LC 382 -13.98 -111.67 -24.04
N VAL LC 383 -14.12 -112.75 -23.28
CA VAL LC 383 -14.77 -112.73 -21.98
C VAL LC 383 -13.70 -112.71 -20.90
N VAL LC 384 -13.80 -111.77 -19.97
CA VAL LC 384 -12.80 -111.60 -18.93
C VAL LC 384 -13.31 -112.02 -17.56
N ALA LC 385 -14.61 -111.94 -17.29
CA ALA LC 385 -15.15 -112.34 -16.01
C ALA LC 385 -16.56 -112.88 -16.20
N SER LC 386 -16.93 -113.87 -15.39
CA SER LC 386 -18.23 -114.50 -15.44
C SER LC 386 -18.92 -114.41 -14.10
N PRO LC 387 -20.21 -114.08 -14.07
CA PRO LC 387 -20.91 -113.96 -12.78
C PRO LC 387 -21.17 -115.30 -12.12
N GLN LC 388 -20.43 -115.58 -11.05
CA GLN LC 388 -20.61 -116.84 -10.33
C GLN LC 388 -21.99 -116.90 -9.69
N GLY LC 389 -22.65 -118.03 -9.83
CA GLY LC 389 -24.00 -118.20 -9.31
C GLY LC 389 -25.06 -118.12 -10.39
N ALA LC 390 -26.21 -117.55 -10.06
CA ALA LC 390 -27.31 -117.44 -11.00
C ALA LC 390 -26.99 -116.40 -12.07
N LEU LC 391 -27.32 -116.72 -13.31
CA LEU LC 391 -27.11 -115.82 -14.44
C LEU LC 391 -28.46 -115.25 -14.87
N ARG LC 392 -28.57 -113.93 -14.89
CA ARG LC 392 -29.82 -113.29 -15.27
C ARG LC 392 -30.06 -113.42 -16.76
N LYS LC 393 -31.25 -113.88 -17.13
CA LYS LC 393 -31.64 -114.01 -18.53
C LYS LC 393 -32.25 -112.73 -19.09
N ASP LC 394 -32.51 -111.73 -18.25
CA ASP LC 394 -33.10 -110.48 -18.70
C ASP LC 394 -32.00 -109.54 -19.19
N PRO LC 395 -32.02 -109.12 -20.45
CA PRO LC 395 -31.00 -108.19 -20.93
C PRO LC 395 -31.16 -106.82 -20.32
N GLU LC 396 -30.06 -106.07 -20.30
CA GLU LC 396 -30.09 -104.71 -19.79
C GLU LC 396 -31.01 -103.84 -20.64
N PRO LC 397 -31.80 -102.96 -20.03
CA PRO LC 397 -32.63 -102.04 -20.83
C PRO LC 397 -31.76 -101.09 -21.64
N GLU LC 398 -31.97 -101.08 -22.95
CA GLU LC 398 -31.17 -100.28 -23.86
C GLU LC 398 -31.75 -98.88 -23.96
N ASP LC 399 -31.01 -97.89 -23.46
CA ASP LC 399 -31.42 -96.49 -23.53
C ASP LC 399 -30.88 -95.87 -24.81
N GLU LC 400 -31.77 -95.22 -25.57
CA GLU LC 400 -31.36 -94.61 -26.83
C GLU LC 400 -30.34 -93.50 -26.59
N VAL LC 401 -30.61 -92.63 -25.62
CA VAL LC 401 -29.70 -91.54 -25.29
C VAL LC 401 -29.29 -91.70 -23.83
N PRO LC 402 -28.07 -92.17 -23.55
CA PRO LC 402 -27.66 -92.34 -22.14
C PRO LC 402 -27.53 -91.00 -21.43
N ASP LC 403 -27.81 -91.03 -20.13
CA ASP LC 403 -27.74 -89.86 -19.27
C ASP LC 403 -26.48 -90.00 -18.40
N ILE LC 404 -25.37 -89.47 -18.90
CA ILE LC 404 -24.09 -89.54 -18.20
C ILE LC 404 -23.50 -88.13 -18.15
N THR LC 405 -22.70 -87.88 -17.12
CA THR LC 405 -22.04 -86.59 -16.94
C THR LC 405 -20.69 -86.61 -17.63
N LEU LC 406 -20.52 -85.74 -18.62
CA LEU LC 406 -19.29 -85.65 -19.39
C LEU LC 406 -18.48 -84.44 -18.94
N ASP LC 407 -17.16 -84.58 -18.98
CA ASP LC 407 -16.27 -83.47 -18.68
C ASP LC 407 -15.94 -82.74 -19.98
N TRP LC 408 -16.00 -81.40 -19.93
CA TRP LC 408 -15.77 -80.60 -21.13
C TRP LC 408 -14.37 -80.80 -21.69
N GLU LC 409 -13.38 -81.06 -20.83
CA GLU LC 409 -12.03 -81.31 -21.31
C GLU LC 409 -11.96 -82.57 -22.16
N ASP LC 410 -12.65 -83.63 -21.72
CA ASP LC 410 -12.62 -84.89 -22.46
C ASP LC 410 -13.22 -84.74 -23.85
N VAL LC 411 -14.36 -84.05 -23.95
CA VAL LC 411 -15.02 -83.87 -25.24
C VAL LC 411 -14.19 -82.95 -26.13
N LYS LC 412 -13.60 -81.90 -25.55
CA LYS LC 412 -12.78 -80.98 -26.34
C LYS LC 412 -11.59 -81.70 -26.96
N ALA LC 413 -10.92 -82.56 -26.19
CA ALA LC 413 -9.81 -83.32 -26.72
C ALA LC 413 -10.27 -84.34 -27.77
N ALA LC 414 -11.43 -84.96 -27.54
CA ALA LC 414 -11.93 -85.96 -28.49
C ALA LC 414 -12.24 -85.34 -29.84
N GLN LC 415 -12.85 -84.16 -29.86
CA GLN LC 415 -13.20 -83.49 -31.11
C GLN LC 415 -12.01 -82.84 -31.79
N GLY LC 416 -10.86 -82.77 -31.12
CA GLY LC 416 -9.68 -82.17 -31.72
C GLY LC 416 -9.68 -80.67 -31.65
N MET LC 417 -9.93 -80.12 -30.46
CA MET LC 417 -9.92 -78.68 -30.24
C MET LC 417 -8.86 -78.22 -29.26
N LYS LC 418 -8.14 -79.13 -28.61
CA LYS LC 418 -7.05 -78.76 -27.71
C LYS LC 418 -5.77 -78.65 -28.51
N ARG LC 419 -5.29 -77.42 -28.72
CA ARG LC 419 -4.13 -77.14 -29.55
C ARG LC 419 -3.04 -76.46 -28.75
N SER LC 420 -2.88 -76.84 -27.49
CA SER LC 420 -1.86 -76.24 -26.64
C SER LC 420 -0.47 -76.68 -27.09
N VAL LC 421 0.52 -75.88 -26.70
CA VAL LC 421 1.92 -76.16 -27.02
C VAL LC 421 2.59 -76.98 -25.93
N TRP LC 422 1.80 -77.55 -25.01
CA TRP LC 422 2.34 -78.38 -23.95
C TRP LC 422 1.70 -79.77 -23.88
N SER LC 423 0.60 -80.01 -24.58
CA SER LC 423 -0.06 -81.31 -24.50
C SER LC 423 0.71 -82.39 -25.25
N GLY LC 424 1.23 -82.07 -26.43
CA GLY LC 424 1.86 -83.07 -27.27
C GLY LC 424 3.37 -83.05 -27.27
N LEU LC 425 3.98 -82.40 -26.27
CA LEU LC 425 5.43 -82.31 -26.22
C LEU LC 425 6.05 -83.66 -25.95
N LYS LC 426 7.23 -83.88 -26.54
CA LYS LC 426 7.98 -85.11 -26.31
C LYS LC 426 8.79 -84.97 -25.03
N ARG LC 427 8.70 -85.98 -24.18
CA ARG LC 427 9.37 -85.98 -22.88
C ARG LC 427 10.31 -87.18 -22.77
N ALA LC 428 10.97 -87.29 -21.63
CA ALA LC 428 11.94 -88.34 -21.40
C ALA LC 428 11.21 -89.64 -21.06
N ALA LC 429 11.97 -90.67 -20.66
CA ALA LC 429 11.38 -91.95 -20.33
C ALA LC 429 10.59 -91.86 -19.03
N THR LC 430 9.77 -92.87 -18.80
CA THR LC 430 8.93 -92.92 -17.60
C THR LC 430 9.78 -93.10 -16.34
N GLU MC 55 67.43 -97.95 96.77
CA GLU MC 55 66.36 -97.68 95.82
C GLU MC 55 65.58 -98.95 95.48
N GLU MC 56 64.28 -98.80 95.28
CA GLU MC 56 63.42 -99.93 94.92
C GLU MC 56 63.10 -99.96 93.42
N VAL MC 57 63.73 -99.10 92.63
CA VAL MC 57 63.48 -99.01 91.20
C VAL MC 57 64.75 -99.34 90.45
N VAL MC 58 64.66 -100.24 89.48
CA VAL MC 58 65.79 -100.64 88.64
C VAL MC 58 65.46 -100.25 87.21
N ILE MC 59 66.29 -99.42 86.61
CA ILE MC 59 66.10 -99.00 85.22
C ILE MC 59 66.53 -100.13 84.30
N PRO MC 60 65.63 -100.66 83.48
CA PRO MC 60 66.03 -101.72 82.55
C PRO MC 60 66.94 -101.18 81.46
N LYS MC 61 67.78 -102.07 80.94
CA LYS MC 61 68.71 -101.70 79.88
C LYS MC 61 68.00 -101.63 78.54
N LYS MC 62 68.39 -100.66 77.72
CA LYS MC 62 67.75 -100.44 76.43
C LYS MC 62 68.17 -101.52 75.43
N LYS MC 63 67.34 -101.69 74.40
CA LYS MC 63 67.61 -102.59 73.30
C LYS MC 63 67.91 -101.76 72.04
N THR MC 64 69.03 -102.08 71.39
CA THR MC 64 69.46 -101.37 70.19
C THR MC 64 69.34 -102.28 68.98
N TRP MC 65 68.69 -101.78 67.93
CA TRP MC 65 68.49 -102.55 66.70
C TRP MC 65 68.69 -101.62 65.51
N ASP MC 66 68.99 -102.24 64.37
CA ASP MC 66 69.12 -101.47 63.14
C ASP MC 66 67.76 -100.96 62.68
N LYS MC 67 67.78 -99.88 61.91
CA LYS MC 67 66.55 -99.21 61.47
C LYS MC 67 65.78 -100.00 60.43
N VAL MC 68 66.35 -101.05 59.88
CA VAL MC 68 65.66 -101.89 58.89
C VAL MC 68 65.23 -103.23 59.46
N ALA MC 69 65.70 -103.61 60.65
CA ALA MC 69 65.33 -104.89 61.23
C ALA MC 69 63.88 -104.92 61.68
N ILE MC 70 63.27 -103.76 61.91
CA ILE MC 70 61.88 -103.73 62.36
C ILE MC 70 60.95 -104.23 61.26
N LEU MC 71 61.27 -103.89 60.00
CA LEU MC 71 60.45 -104.37 58.89
C LEU MC 71 60.63 -105.87 58.67
N GLN MC 72 61.85 -106.37 58.86
CA GLN MC 72 62.12 -107.78 58.64
C GLN MC 72 61.35 -108.65 59.64
N ALA MC 73 61.10 -108.14 60.83
CA ALA MC 73 60.28 -108.88 61.78
C ALA MC 73 58.86 -109.07 61.25
N LEU MC 74 58.29 -108.02 60.64
CA LEU MC 74 56.97 -108.14 60.04
C LEU MC 74 57.01 -108.96 58.76
N ALA MC 75 58.12 -108.90 58.01
CA ALA MC 75 58.22 -109.65 56.76
C ALA MC 75 58.22 -111.15 57.02
N SER MC 76 58.65 -111.58 58.21
CA SER MC 76 58.66 -113.00 58.52
C SER MC 76 57.24 -113.56 58.61
N THR MC 77 56.31 -112.78 59.17
CA THR MC 77 54.94 -113.27 59.35
C THR MC 77 54.26 -113.51 58.00
N VAL MC 78 54.50 -112.64 57.03
CA VAL MC 78 53.87 -112.74 55.72
C VAL MC 78 54.73 -113.59 54.81
N HIS MC 79 54.13 -114.62 54.22
CA HIS MC 79 54.82 -115.50 53.29
C HIS MC 79 54.33 -115.24 51.87
N ARG MC 80 54.82 -116.04 50.93
CA ARG MC 80 54.42 -115.93 49.54
C ARG MC 80 52.96 -116.33 49.38
N ASP MC 81 52.31 -115.74 48.38
CA ASP MC 81 50.92 -116.02 48.07
C ASP MC 81 50.83 -116.97 46.88
N SER MC 82 49.95 -117.96 47.00
CA SER MC 82 49.86 -118.99 45.96
C SER MC 82 49.29 -118.44 44.66
N THR MC 83 48.18 -117.71 44.75
CA THR MC 83 47.48 -117.24 43.55
C THR MC 83 47.99 -115.91 43.05
N ALA MC 84 48.95 -115.29 43.73
CA ALA MC 84 49.43 -113.97 43.34
C ALA MC 84 50.51 -114.05 42.28
N ALA MC 85 50.43 -113.15 41.30
CA ALA MC 85 51.48 -112.99 40.32
C ALA MC 85 52.71 -112.37 40.98
N PRO MC 86 53.88 -112.49 40.35
CA PRO MC 86 55.08 -111.89 40.94
C PRO MC 86 54.91 -110.39 41.18
N TYR MC 87 55.48 -109.92 42.29
CA TYR MC 87 55.29 -108.54 42.70
C TYR MC 87 55.88 -107.54 41.70
N VAL MC 88 56.87 -107.96 40.91
CA VAL MC 88 57.49 -107.06 39.96
C VAL MC 88 56.49 -106.60 38.89
N PHE MC 89 55.65 -107.52 38.42
CA PHE MC 89 54.67 -107.20 37.40
C PHE MC 89 53.39 -106.65 38.03
N GLN MC 90 52.63 -105.91 37.24
CA GLN MC 90 51.38 -105.33 37.72
C GLN MC 90 50.36 -106.43 38.05
N ASP MC 91 49.50 -106.12 39.02
CA ASP MC 91 48.45 -107.06 39.42
C ASP MC 91 47.25 -107.03 38.48
N ASP MC 92 47.22 -106.11 37.52
CA ASP MC 92 46.12 -106.03 36.59
C ASP MC 92 46.09 -107.25 35.67
N PRO MC 93 44.92 -107.88 35.49
CA PRO MC 93 44.88 -109.11 34.66
C PRO MC 93 45.37 -108.90 33.25
N TYR MC 94 45.09 -107.75 32.64
CA TYR MC 94 45.56 -107.50 31.28
C TYR MC 94 47.08 -107.42 31.21
N LEU MC 95 47.72 -107.04 32.31
CA LEU MC 95 49.17 -106.93 32.36
C LEU MC 95 49.84 -108.11 33.07
N ILE MC 96 49.07 -109.02 33.66
CA ILE MC 96 49.66 -110.20 34.28
C ILE MC 96 50.21 -111.11 33.19
N PRO MC 97 51.49 -111.51 33.26
CA PRO MC 97 52.03 -112.40 32.23
C PRO MC 97 51.31 -113.74 32.22
N THR MC 98 51.15 -114.30 31.02
CA THR MC 98 50.44 -115.55 30.83
C THR MC 98 51.35 -116.73 30.51
N SER MC 99 52.64 -116.48 30.26
CA SER MC 99 53.57 -117.56 29.92
C SER MC 99 54.97 -117.11 30.26
N SER MC 100 55.89 -118.09 30.29
CA SER MC 100 57.30 -117.79 30.55
C SER MC 100 57.91 -116.92 29.45
N VAL MC 101 57.39 -117.01 28.23
CA VAL MC 101 57.85 -116.14 27.16
C VAL MC 101 57.48 -114.70 27.45
N GLU MC 102 56.28 -114.48 28.00
CA GLU MC 102 55.85 -113.13 28.33
C GLU MC 102 56.68 -112.52 29.46
N SER MC 103 57.12 -113.36 30.41
CA SER MC 103 57.86 -112.84 31.56
C SER MC 103 59.16 -112.17 31.14
N HIS MC 104 59.90 -112.79 30.22
CA HIS MC 104 61.12 -112.17 29.72
C HIS MC 104 60.81 -110.89 28.95
N SER MC 105 59.77 -110.92 28.12
CA SER MC 105 59.44 -109.73 27.33
C SER MC 105 58.92 -108.60 28.21
N PHE MC 106 58.07 -108.92 29.19
CA PHE MC 106 57.50 -107.88 30.05
C PHE MC 106 58.57 -107.26 30.95
N LEU MC 107 59.34 -108.10 31.63
CA LEU MC 107 60.30 -107.59 32.61
C LEU MC 107 61.41 -106.78 31.93
N LEU MC 108 61.92 -107.25 30.79
CA LEU MC 108 62.96 -106.51 30.09
C LEU MC 108 62.44 -105.20 29.53
N ALA MC 109 61.15 -105.15 29.14
CA ALA MC 109 60.57 -103.89 28.69
C ALA MC 109 60.56 -102.86 29.81
N LYS MC 110 60.20 -103.27 31.03
CA LYS MC 110 60.27 -102.36 32.16
C LYS MC 110 61.71 -101.97 32.47
N LYS MC 111 62.64 -102.91 32.34
CA LYS MC 111 64.05 -102.61 32.59
C LYS MC 111 64.56 -101.58 31.58
N SER MC 112 64.15 -101.71 30.32
CA SER MC 112 64.54 -100.72 29.32
C SER MC 112 63.98 -99.35 29.64
N GLY MC 113 62.82 -99.30 30.31
CA GLY MC 113 62.27 -98.02 30.71
C GLY MC 113 63.16 -97.26 31.67
N GLU MC 114 63.72 -97.97 32.65
CA GLU MC 114 64.62 -97.32 33.60
C GLU MC 114 65.86 -96.79 32.90
N ASN MC 115 66.43 -97.58 31.98
CA ASN MC 115 67.57 -97.11 31.21
C ASN MC 115 67.19 -95.94 30.31
N ALA MC 116 66.01 -95.99 29.71
CA ALA MC 116 65.56 -94.90 28.85
C ALA MC 116 65.41 -93.61 29.63
N ALA MC 117 64.82 -93.68 30.83
CA ALA MC 117 64.66 -92.49 31.65
C ALA MC 117 66.01 -91.96 32.14
N LYS MC 118 66.88 -92.85 32.60
CA LYS MC 118 68.19 -92.42 33.09
C LYS MC 118 69.03 -91.82 31.97
N PHE MC 119 68.81 -92.24 30.73
CA PHE MC 119 69.48 -91.59 29.61
C PHE MC 119 69.09 -90.12 29.49
N ILE MC 120 67.80 -89.83 29.68
CA ILE MC 120 67.33 -88.45 29.61
C ILE MC 120 67.90 -87.64 30.77
N ILE MC 121 67.96 -88.24 31.96
CA ILE MC 121 68.45 -87.52 33.14
C ILE MC 121 69.90 -87.11 32.95
N ASN MC 122 70.73 -88.04 32.45
CA ASN MC 122 72.14 -87.75 32.24
C ASN MC 122 72.38 -86.87 31.02
N SER MC 123 71.50 -86.93 30.01
CA SER MC 123 71.69 -86.11 28.82
C SER MC 123 71.48 -84.63 29.14
N TYR MC 124 70.53 -84.33 30.02
CA TYR MC 124 70.18 -82.94 30.37
C TYR MC 124 70.24 -82.81 31.88
N PRO MC 125 71.44 -82.70 32.45
CA PRO MC 125 71.55 -82.57 33.92
C PRO MC 125 70.88 -81.33 34.48
N LYS MC 126 70.82 -80.24 33.71
CA LYS MC 126 70.30 -78.98 34.21
C LYS MC 126 68.81 -79.02 34.51
N TYR MC 127 68.10 -80.04 34.05
CA TYR MC 127 66.66 -80.14 34.28
C TYR MC 127 66.31 -80.92 35.54
N PHE MC 128 67.30 -81.36 36.32
CA PHE MC 128 67.06 -82.08 37.55
C PHE MC 128 67.92 -81.60 38.71
N GLN MC 129 68.56 -80.43 38.57
CA GLN MC 129 69.42 -79.92 39.63
C GLN MC 129 68.62 -79.41 40.83
N LYS MC 130 67.34 -79.12 40.66
CA LYS MC 130 66.52 -78.64 41.76
C LYS MC 130 66.35 -79.73 42.80
N ASP MC 131 66.50 -79.36 44.08
CA ASP MC 131 66.43 -80.31 45.18
C ASP MC 131 65.43 -79.80 46.20
N ILE MC 132 64.46 -80.64 46.56
CA ILE MC 132 63.52 -80.34 47.63
C ILE MC 132 63.47 -81.54 48.58
N ALA MC 133 64.49 -82.38 48.52
CA ALA MC 133 64.55 -83.59 49.33
C ALA MC 133 65.25 -83.30 50.65
N GLU MC 134 64.56 -83.53 51.76
CA GLU MC 134 65.13 -83.36 53.09
C GLU MC 134 64.73 -84.54 53.95
N PRO MC 135 65.69 -85.38 54.37
CA PRO MC 135 67.14 -85.28 54.17
C PRO MC 135 67.57 -85.55 52.73
N HIS MC 136 68.78 -85.13 52.37
CA HIS MC 136 69.24 -85.25 50.99
C HIS MC 136 69.39 -86.71 50.59
N ILE MC 137 69.01 -87.02 49.37
CA ILE MC 137 69.11 -88.35 48.81
C ILE MC 137 70.10 -88.31 47.65
N PRO MC 138 71.34 -88.76 47.86
CA PRO MC 138 72.33 -88.73 46.78
C PRO MC 138 72.09 -89.75 45.69
N CYS MC 139 71.17 -90.69 45.89
CA CYS MC 139 70.90 -91.72 44.91
C CYS MC 139 69.89 -91.29 43.85
N LEU MC 140 69.35 -90.07 43.95
CA LEU MC 140 68.42 -89.56 42.97
C LEU MC 140 68.96 -88.38 42.17
N MET MC 141 70.09 -87.80 42.59
CA MET MC 141 70.67 -86.69 41.84
C MET MC 141 71.24 -87.20 40.51
N PRO MC 142 71.22 -86.38 39.47
CA PRO MC 142 71.78 -86.80 38.18
C PRO MC 142 73.30 -86.99 38.28
N GLU MC 143 73.80 -87.94 37.51
CA GLU MC 143 75.22 -88.25 37.47
C GLU MC 143 75.87 -87.56 36.27
N TYR MC 144 77.20 -87.53 36.28
CA TYR MC 144 77.98 -86.92 35.21
C TYR MC 144 79.01 -87.90 34.72
N PHE MC 145 79.15 -87.99 33.39
CA PHE MC 145 80.15 -88.84 32.76
C PHE MC 145 81.24 -88.07 32.05
N GLU MC 146 80.94 -86.90 31.50
CA GLU MC 146 81.95 -86.06 30.90
C GLU MC 146 82.90 -85.54 31.98
N PRO MC 147 84.18 -85.38 31.65
CA PRO MC 147 85.15 -84.89 32.65
C PRO MC 147 84.79 -83.49 33.11
N GLN MC 148 84.56 -83.36 34.42
CA GLN MC 148 84.18 -82.06 34.99
C GLN MC 148 85.30 -81.03 34.87
N ILE MC 149 86.55 -81.48 34.71
CA ILE MC 149 87.69 -80.59 34.55
C ILE MC 149 88.24 -80.80 33.14
N GLU MC 150 88.24 -79.73 32.34
CA GLU MC 150 88.74 -79.78 30.98
C GLU MC 150 90.21 -79.40 30.86
N ASP MC 151 90.86 -79.06 31.97
CA ASP MC 151 92.28 -78.72 31.95
C ASP MC 151 93.12 -80.00 31.95
N VAL MC 152 94.35 -79.86 31.46
CA VAL MC 152 95.29 -80.98 31.37
C VAL MC 152 96.10 -80.99 32.65
N SER MC 153 95.77 -81.91 33.56
CA SER MC 153 96.47 -82.03 34.83
C SER MC 153 96.32 -83.46 35.33
N GLU MC 154 97.20 -83.83 36.27
CA GLU MC 154 97.16 -85.18 36.83
C GLU MC 154 95.86 -85.42 37.59
N ALA MC 155 95.39 -84.41 38.32
CA ALA MC 155 94.14 -84.56 39.07
C ALA MC 155 92.96 -84.80 38.15
N ALA MC 156 92.90 -84.08 37.03
CA ALA MC 156 91.83 -84.29 36.07
C ALA MC 156 91.97 -85.64 35.36
N LEU MC 157 93.19 -86.14 35.22
CA LEU MC 157 93.40 -87.45 34.61
C LEU MC 157 92.78 -88.56 35.46
N GLN MC 158 92.89 -88.44 36.79
CA GLN MC 158 92.32 -89.46 37.66
C GLN MC 158 90.80 -89.53 37.56
N GLU MC 159 90.15 -88.39 37.28
CA GLU MC 159 88.69 -88.39 37.13
C GLU MC 159 88.26 -89.24 35.95
N ARG MC 160 88.96 -89.13 34.82
CA ARG MC 160 88.60 -89.89 33.64
C ARG MC 160 88.79 -91.40 33.85
N ILE MC 161 89.82 -91.78 34.59
CA ILE MC 161 90.05 -93.19 34.87
C ILE MC 161 88.91 -93.77 35.71
N LYS MC 162 88.47 -93.02 36.72
CA LYS MC 162 87.42 -93.49 37.60
C LYS MC 162 86.03 -93.45 36.96
N LEU MC 163 85.86 -92.68 35.88
CA LEU MC 163 84.58 -92.58 35.19
C LEU MC 163 84.44 -93.57 34.05
N ARG MC 164 85.21 -94.66 34.07
CA ARG MC 164 85.13 -95.71 33.04
C ARG MC 164 85.33 -95.14 31.64
N LYS MC 165 86.30 -94.24 31.51
CA LYS MC 165 86.65 -93.65 30.22
C LYS MC 165 88.03 -94.15 29.82
N VAL MC 166 88.12 -94.76 28.64
CA VAL MC 166 89.35 -95.37 28.16
C VAL MC 166 90.04 -94.49 27.12
N LYS MC 167 89.29 -94.02 26.12
CA LYS MC 167 89.89 -93.18 25.09
C LYS MC 167 90.35 -91.84 25.66
N ALA MC 168 89.55 -91.26 26.55
CA ALA MC 168 89.95 -89.98 27.16
C ALA MC 168 91.19 -90.15 28.03
N SER MC 169 91.28 -91.26 28.76
CA SER MC 169 92.41 -91.47 29.66
C SER MC 169 93.71 -91.67 28.89
N VAL MC 170 93.70 -92.49 27.84
CA VAL MC 170 94.92 -92.79 27.11
C VAL MC 170 95.42 -91.57 26.35
N ASP MC 171 94.50 -90.79 25.77
CA ASP MC 171 94.90 -89.57 25.08
C ASP MC 171 95.45 -88.54 26.06
N MET MC 172 94.83 -88.40 27.23
CA MET MC 172 95.31 -87.44 28.22
C MET MC 172 96.63 -87.90 28.83
N PHE MC 173 96.80 -89.21 28.99
CA PHE MC 173 98.06 -89.73 29.53
C PHE MC 173 99.22 -89.42 28.59
N ASP MC 174 99.01 -89.56 27.29
CA ASP MC 174 100.04 -89.22 26.32
C ASP MC 174 100.40 -87.74 26.39
N GLN MC 175 99.39 -86.88 26.53
CA GLN MC 175 99.64 -85.45 26.65
C GLN MC 175 100.44 -85.14 27.93
N LEU MC 176 100.11 -85.84 29.02
CA LEU MC 176 100.86 -85.65 30.27
C LEU MC 176 102.32 -86.06 30.10
N LEU MC 177 102.56 -87.18 29.42
CA LEU MC 177 103.93 -87.63 29.19
C LEU MC 177 104.71 -86.65 28.33
N GLN MC 178 104.07 -86.11 27.29
CA GLN MC 178 104.73 -85.13 26.44
C GLN MC 178 104.97 -83.82 27.17
N ALA MC 179 104.15 -83.52 28.19
CA ALA MC 179 104.34 -82.31 28.97
C ALA MC 179 105.57 -82.37 29.87
N GLY MC 180 106.11 -83.57 30.12
CA GLY MC 180 107.25 -83.73 30.99
C GLY MC 180 106.93 -83.90 32.46
N THR MC 181 105.67 -83.74 32.85
CA THR MC 181 105.29 -83.91 34.24
C THR MC 181 105.32 -85.39 34.63
N THR MC 182 105.83 -85.66 35.83
CA THR MC 182 105.93 -87.04 36.30
C THR MC 182 104.56 -87.62 36.59
N VAL MC 183 104.47 -88.95 36.47
CA VAL MC 183 103.23 -89.69 36.72
C VAL MC 183 103.53 -90.75 37.77
N SER MC 184 102.64 -90.85 38.76
CA SER MC 184 102.79 -91.84 39.81
C SER MC 184 102.66 -93.25 39.25
N LEU MC 185 103.45 -94.17 39.82
CA LEU MC 185 103.41 -95.56 39.36
C LEU MC 185 102.06 -96.20 39.64
N GLU MC 186 101.45 -95.90 40.79
CA GLU MC 186 100.15 -96.46 41.12
C GLU MC 186 99.09 -95.99 40.13
N THR MC 187 99.14 -94.72 39.73
CA THR MC 187 98.23 -94.22 38.71
C THR MC 187 98.45 -94.94 37.38
N THR MC 188 99.72 -95.18 37.02
CA THR MC 188 100.01 -95.93 35.80
C THR MC 188 99.47 -97.35 35.89
N ASN MC 189 99.64 -98.00 37.05
CA ASN MC 189 99.07 -99.33 37.23
C ASN MC 189 97.54 -99.29 37.18
N SER MC 190 96.94 -98.25 37.75
CA SER MC 190 95.48 -98.10 37.67
C SER MC 190 95.03 -97.93 36.23
N LEU MC 191 95.79 -97.17 35.43
CA LEU MC 191 95.45 -97.00 34.02
C LEU MC 191 95.54 -98.32 33.27
N LEU MC 192 96.56 -99.12 33.58
CA LEU MC 192 96.71 -100.41 32.91
C LEU MC 192 95.55 -101.35 33.24
N ASP MC 193 95.10 -101.36 34.50
CA ASP MC 193 94.02 -102.27 34.89
C ASP MC 193 92.74 -101.97 34.11
N LEU MC 194 92.41 -100.69 33.95
CA LEU MC 194 91.21 -100.33 33.17
C LEU MC 194 91.35 -100.76 31.72
N LEU MC 195 92.54 -100.58 31.14
CA LEU MC 195 92.74 -100.95 29.73
C LEU MC 195 92.82 -102.46 29.56
N CYS MC 196 93.50 -103.15 30.48
CA CYS MC 196 93.66 -104.60 30.36
C CYS MC 196 92.33 -105.33 30.45
N TYR MC 197 91.46 -104.92 31.36
CA TYR MC 197 90.19 -105.62 31.55
C TYR MC 197 89.32 -105.55 30.31
N TYR MC 198 89.24 -104.39 29.67
CA TYR MC 198 88.43 -104.20 28.48
C TYR MC 198 89.21 -104.37 27.19
N GLY MC 199 90.50 -104.69 27.26
CA GLY MC 199 91.29 -104.83 26.05
C GLY MC 199 91.45 -103.53 25.27
N ASN MC 200 91.71 -102.43 25.97
CA ASN MC 200 91.86 -101.11 25.35
C ASN MC 200 90.59 -100.72 24.57
N GLN MC 201 89.43 -101.06 25.13
CA GLN MC 201 88.15 -100.78 24.49
C GLN MC 201 87.20 -100.17 25.52
N GLU MC 202 86.04 -99.70 25.03
CA GLU MC 202 85.05 -99.09 25.90
C GLU MC 202 84.18 -100.15 26.56
N PRO MC 203 83.67 -99.87 27.77
CA PRO MC 203 82.74 -100.80 28.40
C PRO MC 203 81.38 -100.80 27.72
N SER MC 204 80.43 -101.59 28.24
CA SER MC 204 79.10 -101.63 27.69
C SER MC 204 78.28 -100.46 28.22
N ALA MC 205 77.76 -99.64 27.32
CA ALA MC 205 77.00 -98.45 27.67
C ALA MC 205 75.61 -98.53 27.06
N ASN MC 206 74.71 -97.68 27.56
CA ASN MC 206 73.35 -97.66 27.05
C ASN MC 206 73.30 -97.23 25.59
N TYR MC 207 73.97 -96.12 25.27
CA TYR MC 207 74.03 -95.60 23.91
C TYR MC 207 75.10 -94.53 23.85
N ASN MC 208 75.79 -94.46 22.71
CA ASN MC 208 76.83 -93.46 22.49
C ASN MC 208 76.28 -92.26 21.73
N HIS MC 236 82.81 -115.38 20.37
CA HIS MC 236 83.29 -116.06 21.56
C HIS MC 236 84.59 -116.82 21.28
N LEU MC 237 84.58 -117.60 20.20
CA LEU MC 237 85.76 -118.37 19.83
C LEU MC 237 86.89 -117.46 19.38
N GLY MC 238 88.11 -117.90 19.61
CA GLY MC 238 89.30 -117.14 19.26
C GLY MC 238 89.85 -116.37 20.45
N VAL MC 239 91.11 -115.97 20.31
CA VAL MC 239 91.81 -115.24 21.37
C VAL MC 239 91.47 -113.76 21.22
N THR MC 240 90.80 -113.20 22.24
CA THR MC 240 90.49 -111.78 22.22
C THR MC 240 91.72 -110.92 22.46
N TRP MC 241 92.70 -111.45 23.20
CA TRP MC 241 93.94 -110.71 23.43
C TRP MC 241 94.72 -110.56 22.12
N ARG MC 242 95.33 -109.40 21.94
CA ARG MC 242 96.07 -109.09 20.73
C ARG MC 242 97.52 -108.79 21.08
N THR MC 243 98.44 -109.25 20.23
CA THR MC 243 99.85 -108.97 20.44
C THR MC 243 100.15 -107.48 20.34
N LYS MC 244 99.54 -106.80 19.36
CA LYS MC 244 99.70 -105.36 19.20
C LYS MC 244 98.65 -104.66 20.05
N ASN MC 245 98.93 -104.59 21.35
CA ASN MC 245 98.02 -104.01 22.32
C ASN MC 245 98.75 -102.95 23.14
N ASN MC 246 97.98 -101.96 23.59
CA ASN MC 246 98.55 -100.88 24.40
C ASN MC 246 99.00 -101.35 25.77
N ALA MC 247 98.43 -102.46 26.27
CA ALA MC 247 98.81 -102.94 27.60
C ALA MC 247 100.28 -103.35 27.64
N GLU MC 248 100.75 -104.07 26.62
CA GLU MC 248 102.16 -104.46 26.58
C GLU MC 248 103.05 -103.25 26.32
N ARG MC 249 102.58 -102.30 25.52
CA ARG MC 249 103.38 -101.13 25.19
C ARG MC 249 103.68 -100.29 26.44
N ILE MC 250 102.64 -100.00 27.23
CA ILE MC 250 102.83 -99.19 28.43
C ILE MC 250 103.62 -99.96 29.47
N PHE MC 251 103.41 -101.28 29.55
CA PHE MC 251 104.12 -102.09 30.55
C PHE MC 251 105.63 -102.02 30.33
N ALA MC 252 106.07 -102.08 29.08
CA ALA MC 252 107.49 -101.93 28.79
C ALA MC 252 108.00 -100.54 29.16
N LEU MC 253 107.19 -99.51 28.92
CA LEU MC 253 107.60 -98.14 29.20
C LEU MC 253 107.65 -97.83 30.70
N MET MC 254 107.17 -98.73 31.55
CA MET MC 254 107.19 -98.48 32.98
C MET MC 254 108.63 -98.42 33.49
N PRO MC 255 109.02 -97.35 34.20
CA PRO MC 255 110.38 -97.31 34.74
C PRO MC 255 110.61 -98.31 35.86
N GLU MC 256 109.69 -98.40 36.81
CA GLU MC 256 109.76 -99.35 37.90
C GLU MC 256 108.53 -100.24 37.87
N LYS MC 257 108.74 -101.55 37.94
CA LYS MC 257 107.66 -102.53 37.89
C LYS MC 257 107.65 -103.31 39.19
N ASN MC 258 106.50 -103.33 39.86
CA ASN MC 258 106.35 -104.01 41.13
C ASN MC 258 105.66 -105.36 40.92
N ALA MC 259 105.41 -106.06 42.03
CA ALA MC 259 104.75 -107.36 41.96
C ALA MC 259 103.33 -107.22 41.43
N HIS MC 260 102.63 -106.15 41.84
CA HIS MC 260 101.25 -105.95 41.40
C HIS MC 260 101.17 -105.76 39.89
N SER MC 261 102.16 -105.08 39.30
CA SER MC 261 102.15 -104.85 37.86
C SER MC 261 102.21 -106.16 37.09
N TYR MC 262 103.05 -107.09 37.54
CA TYR MC 262 103.10 -108.41 36.90
C TYR MC 262 101.84 -109.22 37.18
N CYS MC 263 101.31 -109.10 38.41
CA CYS MC 263 100.12 -109.89 38.77
C CYS MC 263 98.91 -109.49 37.93
N THR MC 264 98.68 -108.18 37.74
CA THR MC 264 97.52 -107.76 36.98
C THR MC 264 97.69 -108.05 35.49
N MET MC 265 98.94 -108.12 35.01
CA MET MC 265 99.16 -108.44 33.59
C MET MC 265 98.90 -109.91 33.32
N ILE MC 266 99.30 -110.79 34.23
CA ILE MC 266 99.07 -112.22 34.05
C ILE MC 266 97.58 -112.54 34.05
N ARG MC 267 96.82 -111.93 34.97
CA ARG MC 267 95.39 -112.22 35.07
C ARG MC 267 94.66 -111.82 33.80
N GLY MC 268 95.00 -110.67 33.24
CA GLY MC 268 94.35 -110.24 32.00
C GLY MC 268 94.64 -111.16 30.83
N MET MC 269 95.88 -111.63 30.73
CA MET MC 269 96.24 -112.56 29.65
C MET MC 269 95.48 -113.87 29.77
N VAL MC 270 95.37 -114.40 30.99
CA VAL MC 270 94.63 -115.65 31.18
C VAL MC 270 93.14 -115.43 30.93
N LYS MC 271 92.62 -114.27 31.34
CA LYS MC 271 91.20 -113.98 31.15
C LYS MC 271 90.85 -113.90 29.66
N HIS MC 272 91.74 -113.34 28.84
CA HIS MC 272 91.50 -113.15 27.42
C HIS MC 272 91.97 -114.34 26.59
N GLN MC 273 92.03 -115.53 27.18
CA GLN MC 273 92.40 -116.76 26.46
C GLN MC 273 93.77 -116.64 25.80
N ALA MC 274 94.71 -116.00 26.51
CA ALA MC 274 96.09 -115.90 26.06
C ALA MC 274 97.01 -116.31 27.20
N PRO MC 275 97.06 -117.61 27.51
CA PRO MC 275 97.89 -118.07 28.63
C PRO MC 275 99.36 -118.28 28.29
N THR MC 276 99.70 -118.34 26.99
CA THR MC 276 101.09 -118.53 26.61
C THR MC 276 101.95 -117.35 27.06
N GLN MC 277 101.45 -116.13 26.87
CA GLN MC 277 102.19 -114.95 27.31
C GLN MC 277 102.22 -114.83 28.83
N ALA MC 278 101.14 -115.22 29.49
CA ALA MC 278 101.10 -115.14 30.95
C ALA MC 278 102.12 -116.08 31.59
N LEU MC 279 102.26 -117.30 31.07
CA LEU MC 279 103.24 -118.23 31.61
C LEU MC 279 104.66 -117.72 31.39
N ASN MC 280 104.93 -117.15 30.21
CA ASN MC 280 106.24 -116.58 29.95
C ASN MC 280 106.54 -115.42 30.89
N LEU MC 281 105.54 -114.58 31.16
CA LEU MC 281 105.73 -113.46 32.08
C LEU MC 281 105.97 -113.94 33.51
N TYR MC 282 105.35 -115.05 33.89
CA TYR MC 282 105.57 -115.60 35.23
C TYR MC 282 107.01 -116.05 35.41
N THR MC 283 107.62 -116.61 34.36
CA THR MC 283 109.03 -116.99 34.43
C THR MC 283 109.91 -115.77 34.69
N VAL MC 284 109.61 -114.66 34.01
CA VAL MC 284 110.34 -113.42 34.28
C VAL MC 284 110.05 -112.93 35.70
N LEU MC 285 108.81 -113.14 36.17
CA LEU MC 285 108.46 -112.74 37.52
C LEU MC 285 109.29 -113.50 38.56
N LEU MC 286 109.50 -114.80 38.33
CA LEU MC 286 110.34 -115.58 39.24
C LEU MC 286 111.77 -115.06 39.23
N ASN MC 287 112.28 -114.70 38.05
CA ASN MC 287 113.63 -114.14 37.97
C ASN MC 287 113.74 -112.81 38.71
N ASN MC 288 112.63 -112.10 38.85
CA ASN MC 288 112.61 -110.82 39.57
C ASN MC 288 112.50 -110.99 41.08
N ARG MC 289 112.33 -112.22 41.56
CA ARG MC 289 112.24 -112.50 43.00
C ARG MC 289 111.10 -111.72 43.65
N LEU MC 290 109.98 -111.61 42.94
CA LEU MC 290 108.79 -110.92 43.44
C LEU MC 290 107.68 -111.94 43.65
N ARG MC 291 107.14 -111.95 44.86
CA ARG MC 291 106.11 -112.92 45.20
C ARG MC 291 104.78 -112.58 44.51
N ALA MC 292 104.05 -113.62 44.14
CA ALA MC 292 102.75 -113.50 43.50
C ALA MC 292 101.64 -113.54 44.55
N ASP MC 293 100.57 -112.80 44.29
CA ASP MC 293 99.46 -112.73 45.23
C ASP MC 293 98.55 -113.96 45.05
N VAL MC 294 97.41 -113.96 45.75
CA VAL MC 294 96.50 -115.09 45.70
C VAL MC 294 95.93 -115.26 44.30
N TYR MC 295 95.54 -114.16 43.66
CA TYR MC 295 94.83 -114.24 42.39
C TYR MC 295 95.75 -114.72 41.26
N THR MC 296 97.06 -114.47 41.37
CA THR MC 296 97.97 -114.89 40.31
C THR MC 296 98.00 -116.39 40.17
N PHE MC 297 98.09 -117.11 41.29
CA PHE MC 297 98.08 -118.57 41.25
C PHE MC 297 96.74 -119.11 40.77
N ASN MC 298 95.66 -118.36 40.99
CA ASN MC 298 94.36 -118.79 40.50
C ASN MC 298 94.34 -118.85 38.97
N SER MC 299 94.93 -117.86 38.32
CA SER MC 299 94.98 -117.85 36.86
C SER MC 299 96.01 -118.82 36.31
N LEU MC 300 97.12 -119.02 37.03
CA LEU MC 300 98.19 -119.89 36.54
C LEU MC 300 97.71 -121.34 36.43
N ILE MC 301 96.92 -121.81 37.40
CA ILE MC 301 96.45 -123.19 37.39
C ILE MC 301 95.59 -123.45 36.16
N GLU MC 302 94.67 -122.53 35.86
CA GLU MC 302 93.86 -122.66 34.65
C GLU MC 302 94.72 -122.50 33.39
N ALA MC 303 95.72 -121.61 33.44
CA ALA MC 303 96.55 -121.35 32.27
C ALA MC 303 97.36 -122.57 31.87
N THR MC 304 97.92 -123.30 32.85
CA THR MC 304 98.82 -124.40 32.54
C THR MC 304 98.08 -125.52 31.79
N ALA MC 305 96.86 -125.85 32.22
CA ALA MC 305 96.12 -126.92 31.58
C ALA MC 305 95.73 -126.55 30.14
N LEU MC 306 95.37 -125.29 29.91
CA LEU MC 306 94.88 -124.89 28.60
C LEU MC 306 96.01 -124.71 27.59
N VAL MC 307 97.24 -124.42 28.03
CA VAL MC 307 98.33 -124.13 27.10
C VAL MC 307 98.66 -125.35 26.26
N VAL MC 308 98.84 -126.50 26.91
CA VAL MC 308 99.22 -127.72 26.22
C VAL MC 308 98.12 -128.76 26.40
N ASN MC 309 98.20 -129.82 25.61
CA ASN MC 309 97.24 -130.92 25.65
C ASN MC 309 97.92 -132.21 26.10
N GLU MC 310 98.71 -132.13 27.16
CA GLU MC 310 99.40 -133.29 27.69
C GLU MC 310 98.41 -134.18 28.45
N LYS MC 311 98.89 -135.32 28.91
CA LYS MC 311 98.05 -136.26 29.65
C LYS MC 311 97.76 -135.73 31.05
N PHE MC 312 96.86 -136.42 31.75
CA PHE MC 312 96.46 -135.99 33.09
C PHE MC 312 97.64 -136.02 34.05
N GLU MC 313 98.49 -137.04 33.96
CA GLU MC 313 99.61 -137.16 34.88
C GLU MC 313 100.59 -136.00 34.73
N GLU MC 314 100.90 -135.62 33.50
CA GLU MC 314 101.77 -134.47 33.28
C GLU MC 314 101.11 -133.18 33.76
N LYS MC 315 99.81 -133.03 33.49
CA LYS MC 315 99.10 -131.85 33.97
C LYS MC 315 99.06 -131.80 35.49
N TRP MC 316 98.82 -132.94 36.13
CA TRP MC 316 98.73 -132.96 37.59
C TRP MC 316 100.06 -132.63 38.25
N ASN MC 317 101.17 -133.07 37.64
CA ASN MC 317 102.48 -132.70 38.16
C ASN MC 317 102.70 -131.19 38.08
N ASN MC 318 102.28 -130.57 36.97
CA ASN MC 318 102.36 -129.12 36.86
C ASN MC 318 101.46 -128.43 37.87
N ILE MC 319 100.27 -128.98 38.11
CA ILE MC 319 99.35 -128.40 39.09
C ILE MC 319 99.96 -128.44 40.48
N LEU MC 320 100.54 -129.58 40.85
CA LEU MC 320 101.21 -129.69 42.15
C LEU MC 320 102.43 -128.79 42.23
N ASP MC 321 103.11 -128.57 41.10
CA ASP MC 321 104.28 -127.70 41.09
C ASP MC 321 103.90 -126.27 41.47
N LEU MC 322 102.78 -125.78 40.95
CA LEU MC 322 102.34 -124.42 41.29
C LEU MC 322 102.00 -124.30 42.77
N LEU MC 323 101.37 -125.32 43.33
CA LEU MC 323 101.03 -125.29 44.76
C LEU MC 323 102.29 -125.24 45.62
N LYS MC 324 103.32 -126.01 45.25
CA LYS MC 324 104.57 -125.97 46.00
C LYS MC 324 105.23 -124.60 45.91
N GLN MC 325 105.18 -123.97 44.73
CA GLN MC 325 105.72 -122.62 44.59
C GLN MC 325 104.89 -121.62 45.40
N MET MC 326 103.59 -121.86 45.52
CA MET MC 326 102.74 -120.96 46.29
C MET MC 326 103.09 -120.97 47.77
N VAL MC 327 103.44 -122.15 48.30
CA VAL MC 327 103.84 -122.25 49.71
C VAL MC 327 105.15 -121.52 49.95
N THR MC 328 106.06 -121.56 48.97
CA THR MC 328 107.35 -120.90 49.14
C THR MC 328 107.19 -119.39 49.35
N GLN MC 329 106.23 -118.79 48.65
CA GLN MC 329 105.97 -117.35 48.79
C GLN MC 329 104.97 -117.04 49.88
N ASN MC 330 104.49 -118.05 50.61
CA ASN MC 330 103.54 -117.87 51.72
C ASN MC 330 102.28 -117.14 51.26
N VAL MC 331 101.57 -117.78 50.34
CA VAL MC 331 100.34 -117.25 49.77
C VAL MC 331 99.21 -118.23 50.08
N LYS MC 332 98.12 -117.71 50.66
CA LYS MC 332 96.99 -118.55 51.04
C LYS MC 332 95.94 -118.50 49.95
N PRO MC 333 95.60 -119.62 49.32
CA PRO MC 333 94.57 -119.61 48.28
C PRO MC 333 93.20 -119.29 48.85
N ASN MC 334 92.35 -118.69 48.02
CA ASN MC 334 91.00 -118.33 48.41
C ASN MC 334 90.02 -119.42 47.96
N LEU MC 335 88.73 -119.17 48.14
CA LEU MC 335 87.71 -120.14 47.75
C LEU MC 335 87.69 -120.36 46.24
N GLN MC 336 87.82 -119.28 45.47
CA GLN MC 336 87.77 -119.39 44.01
C GLN MC 336 88.96 -120.15 43.45
N THR MC 337 90.08 -120.22 44.19
CA THR MC 337 91.23 -120.98 43.73
C THR MC 337 90.90 -122.46 43.60
N PHE MC 338 90.17 -123.01 44.57
CA PHE MC 338 89.79 -124.42 44.51
C PHE MC 338 88.64 -124.67 43.54
N ASN MC 339 87.72 -123.71 43.42
CA ASN MC 339 86.56 -123.91 42.55
C ASN MC 339 86.95 -124.04 41.08
N THR MC 340 87.91 -123.22 40.63
CA THR MC 340 88.31 -123.29 39.24
C THR MC 340 89.06 -124.59 38.94
N ILE MC 341 89.72 -125.17 39.93
CA ILE MC 341 90.39 -126.46 39.74
C ILE MC 341 89.36 -127.55 39.48
N LEU MC 342 88.29 -127.58 40.28
CA LEU MC 342 87.26 -128.61 40.11
C LEU MC 342 86.54 -128.45 38.78
N LYS MC 343 86.27 -127.20 38.37
CA LYS MC 343 85.61 -126.98 37.09
C LYS MC 343 86.47 -127.45 35.93
N CYS MC 344 87.79 -127.20 35.99
CA CYS MC 344 88.68 -127.67 34.94
C CYS MC 344 88.83 -129.18 34.96
N LEU MC 345 88.74 -129.80 36.14
CA LEU MC 345 88.82 -131.25 36.24
C LEU MC 345 87.59 -131.96 35.69
N ARG MC 346 86.52 -131.21 35.38
CA ARG MC 346 85.33 -131.83 34.79
C ARG MC 346 85.63 -132.45 33.43
N ARG MC 347 86.66 -131.97 32.73
CA ARG MC 347 87.06 -132.60 31.47
C ARG MC 347 87.50 -134.05 31.69
N PHE MC 348 88.26 -134.29 32.77
CA PHE MC 348 88.66 -135.65 33.14
C PHE MC 348 87.54 -136.24 34.00
N TYR MC 349 86.52 -136.76 33.33
CA TYR MC 349 85.35 -137.28 34.02
C TYR MC 349 85.64 -138.56 34.79
N ALA MC 350 86.77 -139.22 34.51
CA ALA MC 350 87.13 -140.46 35.18
C ALA MC 350 88.39 -140.35 36.01
N PHE MC 351 89.47 -139.82 35.43
CA PHE MC 351 90.75 -139.75 36.14
C PHE MC 351 90.75 -138.69 37.24
N GLY MC 352 89.88 -137.70 37.17
CA GLY MC 352 89.83 -136.64 38.14
C GLY MC 352 88.94 -136.87 39.33
N LYS MC 353 88.31 -138.04 39.45
CA LYS MC 353 87.41 -138.30 40.58
C LYS MC 353 88.18 -138.32 41.89
N LEU MC 354 89.25 -139.13 41.96
CA LEU MC 354 90.03 -139.20 43.19
C LEU MC 354 90.73 -137.88 43.52
N PRO MC 355 91.42 -137.21 42.59
CA PRO MC 355 92.05 -135.93 42.94
C PRO MC 355 91.06 -134.87 43.40
N ALA MC 356 89.83 -134.90 42.92
CA ALA MC 356 88.83 -133.91 43.34
C ALA MC 356 88.55 -134.01 44.83
N LEU MC 357 88.46 -135.23 45.35
CA LEU MC 357 88.21 -135.40 46.78
C LEU MC 357 89.38 -134.88 47.61
N GLN MC 358 90.61 -135.05 47.12
CA GLN MC 358 91.77 -134.58 47.86
C GLN MC 358 91.76 -133.07 48.02
N THR MC 359 91.38 -132.34 46.96
CA THR MC 359 91.29 -130.89 47.06
C THR MC 359 90.19 -130.47 48.03
N LEU MC 360 89.06 -131.18 48.03
CA LEU MC 360 87.96 -130.84 48.92
C LEU MC 360 88.37 -131.01 50.39
N ARG MC 361 89.09 -132.08 50.70
CA ARG MC 361 89.57 -132.26 52.07
C ARG MC 361 90.59 -131.20 52.46
N GLU MC 362 91.37 -130.71 51.48
CA GLU MC 362 92.32 -129.65 51.77
C GLU MC 362 91.61 -128.36 52.16
N MET MC 363 90.47 -128.08 51.54
CA MET MC 363 89.73 -126.86 51.87
C MET MC 363 89.28 -126.84 53.32
N LYS MC 364 88.80 -127.98 53.83
CA LYS MC 364 88.39 -128.05 55.22
C LYS MC 364 89.58 -127.86 56.16
N ALA MC 365 90.73 -128.45 55.83
CA ALA MC 365 91.91 -128.31 56.67
C ALA MC 365 92.43 -126.87 56.66
N ILE MC 366 92.43 -126.21 55.50
CA ILE MC 366 92.89 -124.84 55.43
C ILE MC 366 91.98 -123.93 56.23
N GLY MC 367 90.66 -124.09 56.10
CA GLY MC 367 89.72 -123.30 56.84
C GLY MC 367 88.70 -122.59 55.97
N ILE MC 368 88.90 -122.65 54.65
CA ILE MC 368 87.99 -122.03 53.70
C ILE MC 368 86.78 -122.96 53.56
N GLU MC 369 85.62 -122.50 54.02
CA GLU MC 369 84.42 -123.30 53.95
C GLU MC 369 83.92 -123.35 52.51
N PRO MC 370 83.70 -124.54 51.95
CA PRO MC 370 83.19 -124.63 50.57
C PRO MC 370 81.82 -123.98 50.46
N SER MC 371 81.59 -123.32 49.32
CA SER MC 371 80.32 -122.68 49.04
C SER MC 371 79.45 -123.63 48.21
N LEU MC 372 78.31 -123.11 47.73
CA LEU MC 372 77.44 -123.93 46.89
C LEU MC 372 78.11 -124.27 45.57
N ALA MC 373 78.88 -123.34 45.01
CA ALA MC 373 79.55 -123.60 43.74
C ALA MC 373 80.58 -124.71 43.88
N THR MC 374 81.23 -124.81 45.03
CA THR MC 374 82.24 -125.86 45.23
C THR MC 374 81.63 -127.24 45.13
N TYR MC 375 80.48 -127.45 45.79
CA TYR MC 375 79.79 -128.73 45.65
C TYR MC 375 79.15 -128.90 44.28
N HIS MC 376 78.89 -127.80 43.57
CA HIS MC 376 78.31 -127.90 42.24
C HIS MC 376 79.24 -128.62 41.28
N TYR MC 377 80.53 -128.30 41.33
CA TYR MC 377 81.49 -128.96 40.44
C TYR MC 377 81.78 -130.38 40.90
N VAL MC 378 81.68 -130.66 42.20
CA VAL MC 378 81.96 -132.00 42.71
C VAL MC 378 80.93 -132.99 42.21
N ILE MC 379 79.64 -132.64 42.32
CA ILE MC 379 78.59 -133.59 41.95
C ILE MC 379 78.59 -133.84 40.45
N GLN MC 380 78.80 -132.80 39.64
CA GLN MC 380 78.76 -132.96 38.19
C GLN MC 380 79.94 -133.80 37.70
N LEU MC 381 81.10 -133.67 38.33
CA LEU MC 381 82.26 -134.48 37.94
C LEU MC 381 81.99 -135.96 38.15
N PHE MC 382 81.40 -136.32 39.29
CA PHE MC 382 81.08 -137.71 39.58
C PHE MC 382 79.80 -138.18 38.88
N TYR MC 383 79.00 -137.27 38.33
CA TYR MC 383 77.76 -137.62 37.65
C TYR MC 383 78.01 -137.68 36.16
N GLN MC 384 77.94 -138.88 35.59
CA GLN MC 384 78.09 -139.10 34.16
C GLN MC 384 77.00 -140.04 33.68
N HIS MC 385 77.04 -140.38 32.40
CA HIS MC 385 76.05 -141.28 31.80
C HIS MC 385 76.44 -142.74 32.10
N GLU MC 386 76.36 -143.10 33.37
CA GLU MC 386 76.70 -144.43 33.85
C GLU MC 386 75.50 -145.04 34.54
N SER MC 387 75.14 -146.26 34.13
CA SER MC 387 73.99 -146.94 34.72
C SER MC 387 74.16 -147.22 36.22
N PRO MC 388 75.29 -147.73 36.72
CA PRO MC 388 75.37 -148.01 38.17
C PRO MC 388 75.27 -146.75 39.02
N SER MC 389 76.13 -145.76 38.75
CA SER MC 389 76.15 -144.51 39.52
C SER MC 389 76.33 -144.76 41.01
N LYS MC 390 77.10 -145.80 41.34
CA LYS MC 390 77.36 -146.11 42.74
C LYS MC 390 78.20 -145.03 43.40
N GLY MC 391 79.23 -144.54 42.70
CA GLY MC 391 80.06 -143.49 43.26
C GLY MC 391 79.31 -142.18 43.42
N SER MC 392 78.47 -141.83 42.43
CA SER MC 392 77.71 -140.59 42.51
C SER MC 392 76.75 -140.59 43.69
N SER MC 393 76.15 -141.76 43.98
CA SER MC 393 75.24 -141.85 45.13
C SER MC 393 75.98 -141.56 46.43
N LEU MC 394 77.21 -142.07 46.56
CA LEU MC 394 78.00 -141.78 47.76
C LEU MC 394 78.36 -140.31 47.85
N ILE MC 395 78.62 -139.67 46.70
CA ILE MC 395 79.01 -138.26 46.71
C ILE MC 395 77.86 -137.40 47.22
N ILE MC 396 76.66 -137.59 46.68
CA ILE MC 396 75.55 -136.70 46.99
C ILE MC 396 75.07 -136.92 48.42
N TYR MC 397 75.03 -138.18 48.88
CA TYR MC 397 74.51 -138.47 50.21
C TYR MC 397 75.37 -137.82 51.30
N ASP MC 398 76.70 -137.88 51.15
CA ASP MC 398 77.57 -137.25 52.14
C ASP MC 398 77.43 -135.73 52.14
N ILE MC 399 77.28 -135.14 50.96
CA ILE MC 399 77.17 -133.69 50.86
C ILE MC 399 75.91 -133.19 51.54
N MET MC 400 74.77 -133.84 51.25
CA MET MC 400 73.49 -133.35 51.74
C MET MC 400 73.43 -133.36 53.26
N ASN MC 401 73.99 -134.39 53.89
CA ASN MC 401 74.06 -134.40 55.35
C ASN MC 401 74.93 -133.26 55.86
N GLU MC 402 76.04 -132.98 55.18
CA GLU MC 402 76.91 -131.88 55.59
C GLU MC 402 76.22 -130.53 55.44
N VAL MC 403 75.51 -130.33 54.32
CA VAL MC 403 74.85 -129.04 54.08
C VAL MC 403 73.54 -128.91 54.82
N MET MC 404 73.01 -130.01 55.37
CA MET MC 404 71.73 -129.97 56.07
C MET MC 404 71.77 -128.97 57.23
N GLY MC 405 70.74 -128.15 57.33
CA GLY MC 405 70.65 -127.16 58.39
C GLY MC 405 71.69 -126.08 58.34
N LYS MC 406 71.99 -125.55 57.15
CA LYS MC 406 72.98 -124.48 57.00
C LYS MC 406 72.42 -123.40 56.10
N ARG MC 407 72.71 -122.15 56.44
CA ARG MC 407 72.36 -121.00 55.61
C ARG MC 407 73.62 -120.52 54.90
N PHE MC 408 73.55 -120.43 53.58
CA PHE MC 408 74.71 -120.10 52.75
C PHE MC 408 74.63 -118.67 52.26
N SER MC 409 75.73 -117.92 52.42
CA SER MC 409 75.96 -116.59 51.92
C SER MC 409 76.70 -116.65 50.59
N PRO MC 410 76.51 -115.66 49.71
CA PRO MC 410 77.20 -115.68 48.42
C PRO MC 410 78.71 -115.53 48.59
N ARG MC 411 79.45 -116.49 48.04
CA ARG MC 411 80.91 -116.47 48.12
C ARG MC 411 81.60 -116.84 46.82
N ASP MC 412 80.85 -117.07 45.73
CA ASP MC 412 81.42 -117.47 44.46
C ASP MC 412 80.51 -117.00 43.34
N PRO MC 413 81.06 -116.52 42.23
CA PRO MC 413 80.21 -116.09 41.11
C PRO MC 413 79.36 -117.21 40.53
N ASP MC 414 79.73 -118.47 40.73
CA ASP MC 414 78.98 -119.60 40.21
C ASP MC 414 78.12 -120.28 41.27
N ASP MC 415 77.86 -119.59 42.40
CA ASP MC 415 77.01 -120.16 43.44
C ASP MC 415 75.58 -120.39 42.97
N ASP MC 416 75.13 -119.65 41.94
CA ASP MC 416 73.76 -119.76 41.50
C ASP MC 416 73.48 -121.03 40.70
N MET MC 417 74.53 -121.72 40.25
CA MET MC 417 74.37 -122.90 39.42
C MET MC 417 74.34 -124.20 40.22
N PHE MC 418 74.45 -124.12 41.54
CA PHE MC 418 74.44 -125.33 42.36
C PHE MC 418 73.05 -125.95 42.43
N PHE MC 419 72.02 -125.13 42.66
CA PHE MC 419 70.67 -125.66 42.84
C PHE MC 419 70.15 -126.33 41.57
N GLN MC 420 70.38 -125.70 40.41
CA GLN MC 420 69.98 -126.33 39.16
C GLN MC 420 70.75 -127.62 38.91
N SER MC 421 72.05 -127.63 39.22
CA SER MC 421 72.84 -128.82 39.04
C SER MC 421 72.49 -129.91 40.04
N ALA MC 422 72.12 -129.52 41.27
CA ALA MC 422 71.72 -130.50 42.28
C ALA MC 422 70.45 -131.22 41.85
N MET MC 423 69.51 -130.51 41.22
CA MET MC 423 68.27 -131.14 40.78
C MET MC 423 68.51 -132.08 39.60
N ARG MC 424 69.55 -131.82 38.80
CA ARG MC 424 69.88 -132.74 37.72
C ARG MC 424 70.27 -134.11 38.25
N VAL MC 425 71.04 -134.15 39.34
CA VAL MC 425 71.44 -135.42 39.93
C VAL MC 425 70.21 -136.17 40.45
N CYS MC 426 69.30 -135.46 41.11
CA CYS MC 426 68.11 -136.09 41.64
C CYS MC 426 67.20 -136.62 40.53
N SER MC 427 67.23 -136.00 39.35
CA SER MC 427 66.39 -136.47 38.25
C SER MC 427 66.81 -137.87 37.80
N SER MC 428 68.11 -138.11 37.69
CA SER MC 428 68.58 -139.44 37.29
C SER MC 428 68.37 -140.46 38.40
N LEU MC 429 68.73 -140.10 39.63
CA LEU MC 429 68.59 -141.01 40.75
C LEU MC 429 67.12 -141.27 41.10
N ARG MC 430 66.22 -140.39 40.68
CA ARG MC 430 64.78 -140.54 40.93
C ARG MC 430 64.49 -140.69 42.43
N ASP MC 431 65.21 -139.91 43.23
CA ASP MC 431 65.09 -139.95 44.68
C ASP MC 431 64.28 -138.73 45.13
N LEU MC 432 63.02 -138.96 45.50
CA LEU MC 432 62.19 -137.86 45.98
C LEU MC 432 62.69 -137.33 47.31
N GLU MC 433 63.14 -138.21 48.20
CA GLU MC 433 63.66 -137.77 49.49
C GLU MC 433 64.89 -136.88 49.32
N LEU MC 434 65.76 -137.24 48.37
CA LEU MC 434 66.93 -136.41 48.09
C LEU MC 434 66.52 -135.03 47.59
N ALA MC 435 65.48 -134.97 46.75
CA ALA MC 435 65.02 -133.68 46.22
C ALA MC 435 64.48 -132.79 47.31
N TYR MC 436 63.76 -133.37 48.28
CA TYR MC 436 63.20 -132.57 49.37
C TYR MC 436 64.30 -131.92 50.20
N GLN MC 437 65.40 -132.63 50.43
CA GLN MC 437 66.53 -132.04 51.13
C GLN MC 437 67.11 -130.87 50.35
N VAL MC 438 67.22 -131.01 49.02
CA VAL MC 438 67.68 -129.91 48.18
C VAL MC 438 66.67 -128.77 48.21
N HIS MC 439 65.38 -129.09 48.07
CA HIS MC 439 64.35 -128.06 48.11
C HIS MC 439 64.23 -127.45 49.50
N GLY MC 440 64.37 -128.27 50.55
CA GLY MC 440 64.35 -127.73 51.90
C GLY MC 440 65.48 -126.77 52.16
N LEU MC 441 66.65 -127.05 51.60
CA LEU MC 441 67.79 -126.14 51.73
C LEU MC 441 67.49 -124.81 51.03
N LEU MC 442 66.83 -124.86 49.87
CA LEU MC 442 66.53 -123.64 49.13
C LEU MC 442 65.62 -122.70 49.92
N ASN MC 443 64.71 -123.25 50.71
CA ASN MC 443 63.73 -122.46 51.43
C ASN MC 443 64.21 -121.97 52.79
N THR MC 444 65.46 -122.28 53.17
CA THR MC 444 65.99 -121.85 54.45
C THR MC 444 66.61 -120.47 54.32
N GLY MC 445 66.13 -119.53 55.14
CA GLY MC 445 66.69 -118.19 55.14
C GLY MC 445 66.53 -117.50 53.79
N ASP MC 446 67.62 -116.89 53.32
CA ASP MC 446 67.64 -116.21 52.04
C ASP MC 446 68.36 -117.00 50.96
N ASN MC 447 68.47 -118.33 51.14
CA ASN MC 447 69.14 -119.17 50.16
C ASN MC 447 68.38 -119.28 48.85
N TRP MC 448 67.10 -118.86 48.82
CA TRP MC 448 66.32 -118.91 47.59
C TRP MC 448 66.82 -117.92 46.55
N LYS MC 449 67.58 -116.90 46.94
CA LYS MC 449 68.11 -115.94 45.99
C LYS MC 449 69.25 -116.49 45.16
N LEU MC 450 69.80 -117.65 45.52
CA LEU MC 450 70.89 -118.26 44.78
C LEU MC 450 70.42 -119.36 43.82
N ILE MC 451 69.15 -119.30 43.41
CA ILE MC 451 68.62 -120.34 42.52
C ILE MC 451 69.22 -120.20 41.12
N GLY MC 452 69.41 -118.97 40.64
CA GLY MC 452 69.97 -118.73 39.33
C GLY MC 452 69.11 -117.75 38.56
N SER MC 453 69.23 -117.81 37.24
CA SER MC 453 68.48 -116.92 36.36
C SER MC 453 67.07 -117.45 36.13
N ASP MC 454 66.33 -116.78 35.23
CA ASP MC 454 64.95 -117.16 34.98
C ASP MC 454 64.87 -118.54 34.35
N HIS MC 455 65.66 -118.79 33.29
CA HIS MC 455 65.64 -120.10 32.65
C HIS MC 455 66.21 -121.17 33.57
N ARG MC 456 67.20 -120.82 34.40
CA ARG MC 456 67.69 -121.76 35.40
C ARG MC 456 66.61 -122.08 36.43
N ARG MC 457 65.85 -121.07 36.85
CA ARG MC 457 64.75 -121.33 37.78
C ARG MC 457 63.69 -122.21 37.16
N ASN MC 458 63.33 -121.95 35.91
CA ASN MC 458 62.35 -122.78 35.22
C ASN MC 458 62.86 -124.21 35.06
N PHE MC 459 64.13 -124.36 34.69
CA PHE MC 459 64.70 -125.70 34.56
C PHE MC 459 64.81 -126.40 35.90
N TYR MC 460 65.16 -125.65 36.95
CA TYR MC 460 65.28 -126.25 38.27
C TYR MC 460 63.95 -126.83 38.75
N TYR MC 461 62.86 -126.08 38.56
CA TYR MC 461 61.54 -126.58 38.93
C TYR MC 461 61.00 -127.58 37.92
N SER MC 462 61.51 -127.57 36.68
CA SER MC 462 61.05 -128.53 35.68
C SER MC 462 61.37 -129.96 36.10
N LYS MC 463 62.64 -130.22 36.45
CA LYS MC 463 63.03 -131.55 36.91
C LYS MC 463 62.42 -131.87 38.27
N PHE MC 464 62.36 -130.87 39.16
CA PHE MC 464 61.82 -131.10 40.50
C PHE MC 464 60.34 -131.46 40.47
N PHE MC 465 59.55 -130.74 39.66
CA PHE MC 465 58.12 -131.00 39.61
C PHE MC 465 57.82 -132.35 38.97
N ASN MC 466 58.63 -132.75 37.96
CA ASN MC 466 58.43 -134.05 37.35
C ASN MC 466 58.61 -135.18 38.36
N LEU MC 467 59.57 -135.02 39.28
CA LEU MC 467 59.77 -136.01 40.33
C LEU MC 467 58.60 -136.07 41.28
N LEU MC 468 57.91 -134.93 41.49
CA LEU MC 468 56.77 -134.90 42.40
C LEU MC 468 55.55 -135.63 41.87
N CYS MC 469 55.54 -136.00 40.58
CA CYS MC 469 54.36 -136.60 39.98
C CYS MC 469 54.19 -138.05 40.41
N PHE MC 470 55.16 -138.90 40.08
CA PHE MC 470 55.04 -140.33 40.32
C PHE MC 470 55.65 -140.79 41.63
N MET MC 471 56.67 -140.08 42.13
CA MET MC 471 57.32 -140.51 43.36
C MET MC 471 56.46 -140.28 44.59
N GLU MC 472 55.39 -139.51 44.48
CA GLU MC 472 54.53 -139.20 45.61
C GLU MC 472 53.07 -139.38 45.22
N GLN MC 473 52.21 -139.44 46.23
CA GLN MC 473 50.77 -139.57 46.01
C GLN MC 473 50.23 -138.34 45.29
N ILE MC 474 49.21 -138.56 44.45
CA ILE MC 474 48.63 -137.47 43.68
C ILE MC 474 48.01 -136.42 44.59
N ASP MC 475 47.55 -136.82 45.77
CA ASP MC 475 46.95 -135.86 46.70
C ASP MC 475 47.93 -134.77 47.10
N VAL MC 476 49.17 -135.16 47.40
CA VAL MC 476 50.19 -134.16 47.71
C VAL MC 476 50.74 -133.54 46.43
N THR MC 477 50.72 -134.27 45.32
CA THR MC 477 51.21 -133.73 44.05
C THR MC 477 50.38 -132.54 43.61
N LEU MC 478 49.05 -132.61 43.76
CA LEU MC 478 48.20 -131.49 43.39
C LEU MC 478 48.49 -130.26 44.25
N LYS MC 479 48.78 -130.47 45.54
CA LYS MC 479 49.11 -129.35 46.41
C LYS MC 479 50.39 -128.65 45.95
N TRP MC 480 51.40 -129.42 45.57
CA TRP MC 480 52.62 -128.81 45.03
C TRP MC 480 52.37 -128.17 43.67
N TYR MC 481 51.48 -128.75 42.87
CA TYR MC 481 51.16 -128.17 41.56
C TYR MC 481 50.53 -126.80 41.70
N LYS MC 482 49.64 -126.62 42.67
CA LYS MC 482 49.00 -125.32 42.87
C LYS MC 482 49.98 -124.29 43.39
N ASP MC 483 50.84 -124.68 44.34
CA ASP MC 483 51.75 -123.71 44.96
C ASP MC 483 52.82 -123.25 43.99
N LEU MC 484 53.45 -124.20 43.28
CA LEU MC 484 54.56 -123.85 42.40
C LEU MC 484 54.11 -123.21 41.10
N ILE MC 485 52.88 -123.50 40.66
CA ILE MC 485 52.40 -123.04 39.36
C ILE MC 485 51.09 -122.28 39.54
N PRO MC 486 50.93 -121.09 38.94
CA PRO MC 486 51.90 -120.35 38.13
C PRO MC 486 52.65 -119.29 38.93
N SER MC 487 52.64 -119.38 40.26
CA SER MC 487 53.26 -118.35 41.08
C SER MC 487 54.76 -118.28 40.86
N VAL MC 488 55.42 -119.43 40.76
CA VAL MC 488 56.87 -119.50 40.63
C VAL MC 488 57.30 -119.61 39.18
N PHE MC 489 56.73 -120.55 38.43
CA PHE MC 489 57.15 -120.79 37.06
C PHE MC 489 55.98 -121.29 36.24
N PHE MC 490 56.10 -121.13 34.92
CA PHE MC 490 55.09 -121.59 33.97
C PHE MC 490 55.45 -123.00 33.48
N PRO MC 491 54.52 -123.95 33.55
CA PRO MC 491 54.85 -125.32 33.16
C PRO MC 491 55.13 -125.44 31.67
N HIS MC 492 55.98 -126.41 31.34
CA HIS MC 492 56.30 -126.72 29.95
C HIS MC 492 55.31 -127.74 29.41
N SER MC 493 55.30 -127.89 28.08
CA SER MC 493 54.42 -128.87 27.45
C SER MC 493 54.73 -130.28 27.91
N GLN MC 494 56.01 -130.62 28.01
CA GLN MC 494 56.39 -131.94 28.51
C GLN MC 494 56.01 -132.12 29.98
N THR MC 495 56.11 -131.06 30.77
CA THR MC 495 55.73 -131.14 32.18
C THR MC 495 54.24 -131.44 32.32
N MET MC 496 53.42 -130.86 31.44
CA MET MC 496 51.98 -131.14 31.47
C MET MC 496 51.70 -132.61 31.17
N ILE MC 497 52.48 -133.20 30.25
CA ILE MC 497 52.33 -134.62 29.95
C ILE MC 497 52.61 -135.47 31.18
N ASP MC 498 53.64 -135.09 31.94
CA ASP MC 498 53.97 -135.83 33.15
C ASP MC 498 52.84 -135.78 34.17
N LEU MC 499 52.17 -134.62 34.29
CA LEU MC 499 51.04 -134.50 35.20
C LEU MC 499 49.89 -135.40 34.77
N LEU MC 500 49.63 -135.48 33.46
CA LEU MC 500 48.58 -136.35 32.96
C LEU MC 500 48.89 -137.81 33.24
N GLN MC 501 50.16 -138.21 33.12
CA GLN MC 501 50.55 -139.58 33.43
C GLN MC 501 50.30 -139.90 34.89
N ALA MC 502 50.61 -138.95 35.79
CA ALA MC 502 50.36 -139.18 37.22
C ALA MC 502 48.87 -139.36 37.50
N LEU MC 503 48.02 -138.57 36.84
CA LEU MC 503 46.58 -138.72 37.02
C LEU MC 503 46.10 -140.07 36.53
N ASP MC 504 46.59 -140.51 35.37
CA ASP MC 504 46.16 -141.81 34.82
C ASP MC 504 46.59 -142.96 35.73
N VAL MC 505 47.81 -142.89 36.26
CA VAL MC 505 48.28 -143.93 37.16
C VAL MC 505 47.48 -143.91 38.46
N ALA MC 506 47.13 -142.73 38.95
CA ALA MC 506 46.38 -142.59 40.19
C ALA MC 506 44.89 -142.90 40.03
N ASN MC 507 44.46 -143.32 38.84
CA ASN MC 507 43.06 -143.67 38.57
C ASN MC 507 42.12 -142.50 38.90
N ARG MC 508 42.51 -141.31 38.46
CA ARG MC 508 41.71 -140.10 38.64
C ARG MC 508 41.67 -139.34 37.32
N LEU MC 509 40.54 -139.40 36.64
CA LEU MC 509 40.33 -138.67 35.39
C LEU MC 509 39.33 -137.54 35.54
N ASP MC 510 38.85 -137.27 36.77
CA ASP MC 510 37.87 -136.22 36.97
C ASP MC 510 38.48 -134.83 36.91
N MET MC 511 39.79 -134.71 37.08
CA MET MC 511 40.47 -133.42 37.06
C MET MC 511 40.94 -133.01 35.67
N VAL MC 512 40.69 -133.85 34.66
CA VAL MC 512 41.15 -133.53 33.30
C VAL MC 512 40.56 -132.23 32.78
N PRO MC 513 39.25 -131.97 32.89
CA PRO MC 513 38.73 -130.68 32.39
C PRO MC 513 39.37 -129.47 33.04
N GLN MC 514 39.68 -129.53 34.34
CA GLN MC 514 40.33 -128.41 34.99
C GLN MC 514 41.78 -128.26 34.54
N ILE MC 515 42.44 -129.38 34.21
CA ILE MC 515 43.81 -129.31 33.70
C ILE MC 515 43.85 -128.56 32.37
N TRP MC 516 42.91 -128.87 31.47
CA TRP MC 516 42.86 -128.18 30.19
C TRP MC 516 42.58 -126.69 30.37
N LYS MC 517 41.68 -126.35 31.28
CA LYS MC 517 41.40 -124.94 31.56
C LYS MC 517 42.64 -124.23 32.07
N ASP MC 518 43.39 -124.87 32.97
CA ASP MC 518 44.64 -124.28 33.45
C ASP MC 518 45.70 -124.27 32.35
N SER MC 519 45.66 -125.25 31.44
CA SER MC 519 46.64 -125.30 30.37
C SER MC 519 46.55 -124.07 29.47
N LYS MC 520 45.32 -123.65 29.14
CA LYS MC 520 45.15 -122.47 28.32
C LYS MC 520 45.69 -121.23 29.01
N GLU MC 521 45.48 -121.13 30.33
CA GLU MC 521 45.98 -119.99 31.09
C GLU MC 521 47.51 -119.99 31.13
N TYR MC 522 48.14 -121.16 31.14
CA TYR MC 522 49.58 -121.28 31.28
C TYR MC 522 50.31 -121.22 29.94
N GLY MC 523 49.69 -120.62 28.92
CA GLY MC 523 50.33 -120.49 27.63
C GLY MC 523 50.31 -121.74 26.78
N HIS MC 524 49.58 -122.78 27.19
CA HIS MC 524 49.49 -124.02 26.44
C HIS MC 524 48.15 -124.15 25.72
N THR MC 525 47.62 -123.02 25.22
CA THR MC 525 46.33 -123.04 24.55
C THR MC 525 46.40 -123.80 23.23
N PHE MC 526 47.49 -123.64 22.49
CA PHE MC 526 47.63 -124.20 21.14
C PHE MC 526 48.83 -125.12 21.05
N ARG MC 527 49.01 -126.00 22.04
CA ARG MC 527 50.09 -126.98 22.02
C ARG MC 527 49.54 -128.29 21.44
N ASN MC 528 50.07 -128.68 20.27
CA ASN MC 528 49.59 -129.90 19.62
C ASN MC 528 49.89 -131.14 20.45
N GLU MC 529 51.05 -131.16 21.10
CA GLU MC 529 51.41 -132.31 21.93
C GLU MC 529 50.44 -132.51 23.09
N LEU MC 530 50.03 -131.41 23.73
CA LEU MC 530 49.15 -131.52 24.88
C LEU MC 530 47.71 -131.85 24.47
N LYS MC 531 47.27 -131.32 23.33
CA LYS MC 531 45.91 -131.58 22.87
C LYS MC 531 45.68 -133.06 22.61
N GLU MC 532 46.64 -133.72 21.95
CA GLU MC 532 46.48 -135.13 21.61
C GLU MC 532 46.38 -136.00 22.85
N GLU MC 533 47.21 -135.74 23.86
CA GLU MC 533 47.21 -136.56 25.06
C GLU MC 533 45.88 -136.45 25.81
N ILE MC 534 45.34 -135.24 25.93
CA ILE MC 534 44.09 -135.06 26.65
C ILE MC 534 42.94 -135.76 25.93
N LEU MC 535 42.86 -135.61 24.61
CA LEU MC 535 41.77 -136.24 23.85
C LEU MC 535 41.84 -137.75 23.93
N MET MC 536 43.04 -138.32 23.83
CA MET MC 536 43.17 -139.77 23.90
C MET MC 536 42.76 -140.31 25.26
N LEU MC 537 43.16 -139.64 26.34
CA LEU MC 537 42.85 -140.13 27.68
C LEU MC 537 41.36 -140.08 27.97
N MET MC 538 40.69 -139.00 27.56
CA MET MC 538 39.27 -138.86 27.87
C MET MC 538 38.43 -139.91 27.15
N ALA MC 539 38.76 -140.20 25.89
CA ALA MC 539 37.99 -141.12 25.07
C ALA MC 539 38.60 -142.51 25.00
N ARG MC 540 39.62 -142.80 25.82
CA ARG MC 540 40.24 -144.11 25.80
C ARG MC 540 39.25 -145.20 26.22
N ASP MC 541 38.48 -144.94 27.27
CA ASP MC 541 37.56 -145.92 27.82
C ASP MC 541 36.19 -145.27 28.04
N GLN MC 542 35.17 -146.11 28.12
CA GLN MC 542 33.83 -145.63 28.42
C GLN MC 542 33.75 -145.13 29.86
N HIS MC 543 32.92 -144.12 30.07
CA HIS MC 543 32.75 -143.46 31.36
C HIS MC 543 31.28 -143.29 31.67
N PRO MC 544 30.94 -143.15 32.96
CA PRO MC 544 29.56 -142.86 33.34
C PRO MC 544 29.09 -141.54 32.74
N PRO MC 545 27.79 -141.38 32.48
CA PRO MC 545 27.33 -140.18 31.79
C PRO MC 545 27.67 -138.88 32.51
N GLU MC 546 27.72 -138.89 33.84
CA GLU MC 546 28.11 -137.69 34.57
C GLU MC 546 29.52 -137.26 34.22
N LEU MC 547 30.45 -138.22 34.16
CA LEU MC 547 31.83 -137.91 33.80
C LEU MC 547 31.97 -137.66 32.30
N GLN MC 548 31.18 -138.35 31.48
CA GLN MC 548 31.28 -138.19 30.03
C GLN MC 548 30.92 -136.77 29.60
N VAL MC 549 29.91 -136.18 30.23
CA VAL MC 549 29.51 -134.81 29.88
C VAL MC 549 30.65 -133.84 30.18
N ALA MC 550 31.35 -134.04 31.30
CA ALA MC 550 32.49 -133.17 31.62
C ALA MC 550 33.58 -133.28 30.57
N PHE MC 551 33.85 -134.50 30.09
CA PHE MC 551 34.81 -134.67 29.00
C PHE MC 551 34.32 -134.03 27.71
N ALA MC 552 33.01 -134.13 27.43
CA ALA MC 552 32.45 -133.50 26.24
C ALA MC 552 32.60 -131.99 26.30
N ASP MC 553 32.33 -131.39 27.47
CA ASP MC 553 32.49 -129.95 27.62
C ASP MC 553 33.94 -129.53 27.40
N CYS MC 554 34.88 -130.31 27.93
CA CYS MC 554 36.29 -130.05 27.66
C CYS MC 554 36.61 -130.24 26.18
N ALA MC 555 36.04 -131.28 25.57
CA ALA MC 555 36.28 -131.53 24.15
C ALA MC 555 35.75 -130.38 23.29
N ALA MC 556 34.59 -129.84 23.65
CA ALA MC 556 34.02 -128.72 22.89
C ALA MC 556 34.94 -127.51 22.94
N ASP MC 557 35.53 -127.22 24.11
CA ASP MC 557 36.50 -126.14 24.21
C ASP MC 557 37.73 -126.44 23.36
N ILE MC 558 38.19 -127.69 23.37
CA ILE MC 558 39.33 -128.08 22.54
C ILE MC 558 38.98 -127.92 21.06
N LYS MC 559 37.77 -128.29 20.67
CA LYS MC 559 37.34 -128.12 19.30
C LYS MC 559 37.34 -126.64 18.90
N SER MC 560 36.94 -125.76 19.83
CA SER MC 560 36.97 -124.33 19.56
C SER MC 560 38.39 -123.83 19.34
N THR MC 561 39.36 -124.37 20.10
CA THR MC 561 40.74 -123.95 19.94
C THR MC 561 41.27 -124.27 18.56
N TYR MC 562 40.92 -125.44 18.02
CA TYR MC 562 41.32 -125.79 16.67
C TYR MC 562 40.72 -124.83 15.64
N GLU MC 563 39.48 -124.39 15.87
CA GLU MC 563 38.83 -123.48 14.95
C GLU MC 563 39.54 -122.14 14.88
N SER MC 564 40.02 -121.64 16.03
CA SER MC 564 40.63 -120.32 16.13
C SER MC 564 42.13 -120.40 16.37
N GLN MC 565 42.80 -121.34 15.71
CA GLN MC 565 44.24 -121.45 15.84
C GLN MC 565 44.93 -120.22 15.28
N ASP MC 566 46.01 -119.79 15.95
CA ASP MC 566 46.82 -118.70 15.45
C ASP MC 566 47.73 -119.10 14.30
N ALA MC 567 47.83 -120.40 14.00
CA ALA MC 567 48.62 -120.89 12.89
C ALA MC 567 47.84 -120.97 11.59
N ARG MC 568 46.57 -120.55 11.60
CA ARG MC 568 45.76 -120.58 10.38
C ARG MC 568 46.32 -119.67 9.30
N GLN MC 569 47.09 -118.64 9.67
CA GLN MC 569 47.70 -117.77 8.68
C GLN MC 569 48.70 -118.54 7.81
N THR MC 570 49.49 -119.41 8.43
CA THR MC 570 50.45 -120.22 7.67
C THR MC 570 49.81 -121.52 7.18
N ALA MC 571 49.37 -122.38 8.10
CA ALA MC 571 48.70 -123.62 7.74
C ALA MC 571 47.89 -124.14 8.91
N PRO MC 572 46.57 -124.31 8.73
CA PRO MC 572 45.77 -124.96 9.78
C PRO MC 572 45.72 -126.47 9.58
N GLU MC 573 46.02 -127.23 10.63
CA GLU MC 573 46.07 -128.68 10.54
C GLU MC 573 45.18 -129.28 11.62
N TRP MC 574 44.33 -130.22 11.21
CA TRP MC 574 43.51 -130.99 12.14
C TRP MC 574 44.01 -132.42 12.17
N PRO MC 575 44.59 -132.88 13.28
CA PRO MC 575 45.11 -134.26 13.31
C PRO MC 575 44.01 -135.29 13.12
N ALA MC 576 44.38 -136.41 12.50
CA ALA MC 576 43.42 -137.49 12.27
C ALA MC 576 42.92 -138.06 13.59
N SER MC 577 43.81 -138.27 14.55
CA SER MC 577 43.39 -138.78 15.85
C SER MC 577 42.51 -137.78 16.58
N SER MC 578 42.82 -136.48 16.46
CA SER MC 578 42.04 -135.47 17.16
C SER MC 578 40.58 -135.48 16.73
N LEU MC 579 40.33 -135.62 15.42
CA LEU MC 579 38.96 -135.66 14.93
C LEU MC 579 38.23 -136.91 15.42
N ASN MC 580 38.95 -138.04 15.51
CA ASN MC 580 38.30 -139.30 15.87
C ASN MC 580 37.80 -139.27 17.30
N TYR MC 581 38.66 -138.87 18.25
CA TYR MC 581 38.28 -138.93 19.67
C TYR MC 581 37.17 -137.92 19.98
N VAL MC 582 37.21 -136.75 19.35
CA VAL MC 582 36.17 -135.75 19.59
C VAL MC 582 34.81 -136.28 19.13
N ALA MC 583 34.78 -136.93 17.97
CA ALA MC 583 33.52 -137.49 17.47
C ALA MC 583 33.00 -138.57 18.41
N VAL MC 584 33.89 -139.43 18.92
CA VAL MC 584 33.48 -140.47 19.85
C VAL MC 584 33.00 -139.86 21.16
N LEU MC 585 33.64 -138.77 21.60
CA LEU MC 585 33.30 -138.18 22.90
C LEU MC 585 31.87 -137.67 22.92
N PHE MC 586 31.41 -137.05 21.83
CA PHE MC 586 30.04 -136.54 21.79
C PHE MC 586 29.05 -137.62 21.37
N LEU MC 587 29.14 -138.78 22.00
CA LEU MC 587 28.18 -139.86 21.79
C LEU MC 587 27.51 -140.33 23.07
N ARG MC 588 28.29 -140.53 24.13
CA ARG MC 588 27.81 -141.11 25.37
C ARG MC 588 27.38 -140.07 26.40
N ALA MC 589 27.53 -138.79 26.09
CA ALA MC 589 27.15 -137.71 27.00
C ALA MC 589 25.73 -137.22 26.76
N GLY MC 590 24.86 -138.05 26.19
CA GLY MC 590 23.53 -137.60 25.82
C GLY MC 590 23.56 -136.52 24.76
N ARG MC 591 24.51 -136.59 23.83
CA ARG MC 591 24.72 -135.59 22.79
C ARG MC 591 24.70 -136.25 21.42
N THR MC 592 23.68 -137.07 21.18
CA THR MC 592 23.57 -137.76 19.89
C THR MC 592 23.41 -136.77 18.74
N GLN MC 593 22.71 -135.66 18.98
CA GLN MC 593 22.56 -134.64 17.95
C GLN MC 593 23.90 -134.05 17.56
N GLU MC 594 24.76 -133.78 18.55
CA GLU MC 594 26.09 -133.28 18.25
C GLU MC 594 26.94 -134.31 17.50
N ALA MC 595 26.65 -135.60 17.69
CA ALA MC 595 27.40 -136.63 16.99
C ALA MC 595 27.13 -136.61 15.49
N TRP MC 596 25.92 -136.20 15.08
CA TRP MC 596 25.57 -136.21 13.66
C TRP MC 596 26.46 -135.25 12.87
N LYS MC 597 26.76 -134.08 13.44
CA LYS MC 597 27.66 -133.15 12.78
C LYS MC 597 29.07 -133.72 12.65
N MET MC 598 29.48 -134.62 13.54
CA MET MC 598 30.81 -135.20 13.50
C MET MC 598 30.96 -136.26 12.40
N LEU MC 599 29.86 -136.82 11.92
CA LEU MC 599 29.95 -137.82 10.86
C LEU MC 599 30.51 -137.22 9.58
N GLY MC 600 30.09 -136.00 9.23
CA GLY MC 600 30.52 -135.37 8.00
C GLY MC 600 31.94 -134.84 8.02
N LEU MC 601 32.57 -134.77 9.19
CA LEU MC 601 33.94 -134.30 9.26
C LEU MC 601 34.94 -135.34 8.77
N PHE MC 602 34.62 -136.63 8.93
CA PHE MC 602 35.54 -137.67 8.48
C PHE MC 602 35.73 -137.63 6.98
N ARG MC 603 34.63 -137.49 6.22
CA ARG MC 603 34.74 -137.44 4.76
C ARG MC 603 35.35 -136.13 4.29
N LYS MC 604 35.07 -135.02 4.99
CA LYS MC 604 35.63 -133.73 4.61
C LYS MC 604 37.16 -133.74 4.77
N HIS MC 605 37.65 -134.32 5.86
CA HIS MC 605 39.09 -134.38 6.12
C HIS MC 605 39.72 -135.69 5.67
N ASN MC 606 38.96 -136.56 5.01
CA ASN MC 606 39.47 -137.85 4.51
C ASN MC 606 40.04 -138.69 5.65
N LYS MC 607 39.27 -138.81 6.74
CA LYS MC 607 39.67 -139.59 7.90
C LYS MC 607 38.81 -140.84 7.98
N ILE MC 608 39.46 -141.98 8.17
CA ILE MC 608 38.79 -143.28 8.24
C ILE MC 608 38.38 -143.51 9.70
N PRO MC 609 37.08 -143.60 10.00
CA PRO MC 609 36.67 -143.88 11.38
C PRO MC 609 37.02 -145.31 11.78
N ARG MC 610 37.22 -145.50 13.08
CA ARG MC 610 37.51 -146.83 13.60
C ARG MC 610 36.24 -147.69 13.62
N ALA MC 611 36.46 -149.01 13.61
CA ALA MC 611 35.35 -149.94 13.63
C ALA MC 611 34.56 -149.85 14.92
N GLU MC 612 35.21 -149.49 16.03
CA GLU MC 612 34.51 -149.36 17.30
C GLU MC 612 33.47 -148.25 17.25
N LEU MC 613 33.78 -147.14 16.58
CA LEU MC 613 32.81 -146.07 16.42
C LEU MC 613 31.60 -146.53 15.63
N LEU MC 614 31.84 -147.31 14.57
CA LEU MC 614 30.73 -147.82 13.77
C LEU MC 614 29.87 -148.80 14.56
N ASN MC 615 30.49 -149.65 15.38
CA ASN MC 615 29.73 -150.64 16.13
C ASN MC 615 28.80 -149.99 17.14
N GLU MC 616 29.29 -148.96 17.85
CA GLU MC 616 28.46 -148.26 18.82
C GLU MC 616 27.37 -147.42 18.16
N PHE MC 617 27.45 -147.18 16.85
CA PHE MC 617 26.41 -146.42 16.17
C PHE MC 617 25.09 -147.17 16.15
N LEU MC 618 25.13 -148.51 16.16
CA LEU MC 618 23.91 -149.31 16.09
C LEU MC 618 23.00 -149.05 17.28
N ASP MC 619 23.59 -148.87 18.47
CA ASP MC 619 22.79 -148.62 19.66
C ASP MC 619 22.00 -147.32 19.53
N SER MC 620 22.64 -146.26 19.02
CA SER MC 620 21.93 -145.01 18.80
C SER MC 620 20.86 -145.15 17.72
N ALA MC 621 21.17 -145.89 16.64
CA ALA MC 621 20.22 -146.05 15.56
C ALA MC 621 19.02 -146.89 15.98
N LYS MC 622 19.26 -147.99 16.72
CA LYS MC 622 18.16 -148.86 17.13
C LYS MC 622 17.30 -148.21 18.19
N ALA MC 623 17.87 -147.32 19.01
CA ALA MC 623 17.08 -146.64 20.03
C ALA MC 623 16.00 -145.78 19.41
N SER MC 624 16.34 -145.04 18.35
CA SER MC 624 15.35 -144.20 17.67
C SER MC 624 14.48 -144.99 16.70
N SER MC 625 14.87 -146.22 16.37
CA SER MC 625 14.13 -147.06 15.42
C SER MC 625 13.93 -146.33 14.09
N SER MC 626 14.97 -145.64 13.65
CA SER MC 626 14.93 -144.85 12.42
C SER MC 626 15.82 -145.50 11.37
N PRO MC 627 15.25 -146.16 10.35
CA PRO MC 627 16.09 -146.76 9.31
C PRO MC 627 16.96 -145.77 8.56
N ALA MC 628 16.46 -144.54 8.35
CA ALA MC 628 17.22 -143.56 7.58
C ALA MC 628 18.53 -143.20 8.27
N GLN MC 629 18.50 -143.04 9.60
CA GLN MC 629 19.72 -142.72 10.33
C GLN MC 629 20.73 -143.87 10.25
N ALA MC 630 20.26 -145.11 10.31
CA ALA MC 630 21.16 -146.25 10.21
C ALA MC 630 21.81 -146.33 8.85
N ILE MC 631 21.07 -146.00 7.79
CA ILE MC 631 21.62 -146.06 6.44
C ILE MC 631 22.74 -145.03 6.27
N GLU MC 632 22.65 -143.88 6.95
CA GLU MC 632 23.69 -142.87 6.86
C GLU MC 632 25.05 -143.42 7.30
N LEU MC 633 25.07 -144.32 8.29
CA LEU MC 633 26.31 -144.99 8.65
C LEU MC 633 26.84 -145.83 7.51
N VAL MC 634 25.95 -146.54 6.80
CA VAL MC 634 26.37 -147.39 5.70
C VAL MC 634 26.94 -146.56 4.56
N LYS MC 635 26.33 -145.41 4.28
CA LYS MC 635 26.77 -144.58 3.16
C LYS MC 635 28.20 -144.09 3.37
N LEU MC 636 28.53 -143.65 4.58
CA LEU MC 636 29.88 -143.15 4.85
C LEU MC 636 30.88 -144.29 4.92
N ALA MC 637 30.52 -145.40 5.57
CA ALA MC 637 31.45 -146.51 5.72
C ALA MC 637 31.77 -147.15 4.37
N SER MC 638 30.78 -147.26 3.48
CA SER MC 638 31.02 -147.85 2.17
C SER MC 638 31.95 -146.98 1.32
N ALA MC 639 32.03 -145.69 1.63
CA ALA MC 639 32.93 -144.81 0.87
C ALA MC 639 34.39 -145.16 1.11
N PHE MC 640 34.74 -145.64 2.30
CA PHE MC 640 36.10 -146.00 2.63
C PHE MC 640 36.42 -147.46 2.32
N SER MC 641 35.49 -148.19 1.71
CA SER MC 641 35.69 -149.59 1.33
C SER MC 641 36.06 -150.45 2.54
N LEU MC 642 35.40 -150.21 3.66
CA LEU MC 642 35.65 -150.97 4.87
C LEU MC 642 35.00 -152.35 4.76
N PRO MC 643 35.75 -153.44 4.93
CA PRO MC 643 35.13 -154.78 4.87
C PRO MC 643 34.09 -154.99 5.96
N VAL MC 644 34.20 -154.30 7.09
CA VAL MC 644 33.21 -154.44 8.16
C VAL MC 644 31.85 -153.90 7.70
N CYS MC 645 31.84 -152.86 6.88
CA CYS MC 645 30.58 -152.26 6.44
C CYS MC 645 29.71 -153.28 5.70
N GLU MC 646 30.32 -154.14 4.89
CA GLU MC 646 29.56 -155.18 4.22
C GLU MC 646 28.93 -156.14 5.23
N GLY MC 647 29.68 -156.52 6.25
CA GLY MC 647 29.12 -157.35 7.30
C GLY MC 647 28.06 -156.63 8.12
N LEU MC 648 28.31 -155.36 8.44
CA LEU MC 648 27.35 -154.60 9.23
C LEU MC 648 26.07 -154.31 8.45
N THR MC 649 26.16 -154.19 7.12
CA THR MC 649 24.99 -153.88 6.31
C THR MC 649 23.93 -154.97 6.42
N ARG MC 650 24.35 -156.24 6.40
CA ARG MC 650 23.41 -157.34 6.51
C ARG MC 650 22.69 -157.33 7.85
N ARG MC 651 23.41 -157.03 8.93
CA ARG MC 651 22.79 -156.97 10.25
C ARG MC 651 21.79 -155.82 10.34
N VAL MC 652 22.12 -154.67 9.76
CA VAL MC 652 21.22 -153.52 9.82
C VAL MC 652 19.94 -153.79 9.03
N MET MC 653 20.05 -154.49 7.90
CA MET MC 653 18.88 -154.80 7.09
C MET MC 653 17.88 -155.65 7.87
N ALA MC 654 18.39 -156.64 8.61
CA ALA MC 654 17.50 -157.53 9.36
C ALA MC 654 16.77 -156.80 10.48
N GLU MC 655 17.42 -155.82 11.12
CA GLU MC 655 16.82 -155.15 12.26
C GLU MC 655 15.83 -154.07 11.84
N PHE MC 656 16.32 -153.02 11.18
CA PHE MC 656 15.48 -151.87 10.84
C PHE MC 656 16.00 -151.25 9.55
N THR MC 657 15.30 -151.53 8.44
CA THR MC 657 15.65 -150.94 7.15
C THR MC 657 14.41 -150.96 6.27
N LEU MC 658 14.19 -149.87 5.55
CA LEU MC 658 13.07 -149.80 4.61
C LEU MC 658 13.34 -150.67 3.39
N THR MC 659 12.26 -151.08 2.72
CA THR MC 659 12.38 -151.95 1.56
C THR MC 659 13.16 -151.28 0.44
N GLN MC 660 12.87 -149.99 0.18
CA GLN MC 660 13.56 -149.29 -0.89
C GLN MC 660 15.04 -149.07 -0.57
N GLU MC 661 15.36 -148.87 0.72
CA GLU MC 661 16.73 -148.60 1.11
C GLU MC 661 17.63 -149.82 0.97
N GLN MC 662 17.06 -151.02 1.09
CA GLN MC 662 17.86 -152.24 0.98
C GLN MC 662 18.46 -152.37 -0.42
N ARG MC 663 17.68 -152.09 -1.46
CA ARG MC 663 18.17 -152.24 -2.82
C ARG MC 663 19.26 -151.21 -3.14
N GLU MC 664 19.11 -149.98 -2.63
CA GLU MC 664 20.10 -148.94 -2.89
C GLU MC 664 21.43 -149.25 -2.21
N ALA MC 665 21.39 -149.84 -1.02
CA ALA MC 665 22.62 -150.09 -0.26
C ALA MC 665 23.53 -151.06 -1.01
N LEU MC 666 22.97 -152.13 -1.57
CA LEU MC 666 23.79 -153.10 -2.29
C LEU MC 666 24.42 -152.51 -3.53
N GLY MC 667 23.68 -151.67 -4.25
CA GLY MC 667 24.19 -151.09 -5.48
C GLY MC 667 25.38 -150.18 -5.27
N GLU MC 668 25.43 -149.48 -4.13
CA GLU MC 668 26.52 -148.55 -3.87
C GLU MC 668 27.86 -149.28 -3.80
N LEU MC 669 27.89 -150.44 -3.16
CA LEU MC 669 29.12 -151.20 -3.02
C LEU MC 669 29.55 -151.81 -4.35
N THR NC 70 15.29 -111.17 34.77
CA THR NC 70 16.52 -111.01 35.54
C THR NC 70 16.55 -112.00 36.71
N VAL NC 71 15.85 -113.12 36.56
CA VAL NC 71 15.82 -114.12 37.62
C VAL NC 71 17.20 -114.76 37.81
N ASP NC 72 17.87 -115.07 36.69
CA ASP NC 72 19.19 -115.69 36.78
C ASP NC 72 20.22 -114.73 37.38
N PHE NC 73 20.12 -113.44 37.05
CA PHE NC 73 21.06 -112.47 37.61
C PHE NC 73 20.92 -112.38 39.13
N ILE NC 74 19.68 -112.43 39.63
CA ILE NC 74 19.46 -112.45 41.06
C ILE NC 74 20.07 -113.70 41.68
N LYS NC 75 19.90 -114.86 41.04
CA LYS NC 75 20.45 -116.09 41.56
C LYS NC 75 21.97 -116.04 41.64
N LYS NC 76 22.61 -115.46 40.62
CA LYS NC 76 24.06 -115.32 40.65
C LYS NC 76 24.51 -114.42 41.80
N GLN NC 77 23.77 -113.33 42.04
CA GLN NC 77 24.11 -112.43 43.14
C GLN NC 77 23.95 -113.12 44.48
N ILE NC 78 22.93 -113.97 44.62
CA ILE NC 78 22.68 -114.64 45.90
C ILE NC 78 23.83 -115.58 46.25
N GLU NC 79 24.30 -116.36 45.27
CA GLU NC 79 25.31 -117.37 45.57
C GLU NC 79 26.66 -116.72 45.86
N GLU NC 80 27.02 -115.67 45.12
CA GLU NC 80 28.31 -115.04 45.34
C GLU NC 80 28.32 -114.20 46.61
N PHE NC 81 27.16 -113.67 47.02
CA PHE NC 81 27.09 -112.97 48.29
C PHE NC 81 27.37 -113.89 49.47
N ASN NC 82 26.84 -115.11 49.41
CA ASN NC 82 27.15 -116.10 50.44
C ASN NC 82 28.63 -116.44 50.45
N ILE NC 83 29.22 -116.60 49.27
CA ILE NC 83 30.65 -116.85 49.18
C ILE NC 83 31.44 -115.65 49.67
N GLY NC 84 31.02 -114.44 49.28
CA GLY NC 84 31.69 -113.24 49.76
C GLY NC 84 31.58 -113.07 51.26
N LYS NC 85 30.45 -113.46 51.84
CA LYS NC 85 30.30 -113.43 53.29
C LYS NC 85 31.30 -114.36 53.95
N ARG NC 86 31.54 -115.53 53.35
CA ARG NC 86 32.49 -116.47 53.92
C ARG NC 86 33.91 -115.90 53.94
N HIS NC 87 34.31 -115.22 52.87
CA HIS NC 87 35.63 -114.60 52.85
C HIS NC 87 35.75 -113.50 53.89
N LEU NC 88 34.70 -112.68 54.03
CA LEU NC 88 34.74 -111.61 55.04
C LEU NC 88 34.87 -112.17 56.44
N ALA NC 89 34.15 -113.25 56.73
CA ALA NC 89 34.28 -113.90 58.04
C ALA NC 89 35.67 -114.51 58.23
N ASN NC 90 36.26 -115.03 57.16
CA ASN NC 90 37.57 -115.65 57.26
C ASN NC 90 38.63 -114.62 57.63
N MET NC 91 38.60 -113.45 57.00
CA MET NC 91 39.59 -112.42 57.27
C MET NC 91 39.32 -111.70 58.59
N MET NC 92 38.07 -111.63 59.01
CA MET NC 92 37.72 -110.99 60.28
C MET NC 92 38.03 -111.86 61.49
N GLY NC 93 38.27 -113.15 61.30
CA GLY NC 93 38.57 -114.04 62.41
C GLY NC 93 37.41 -114.25 63.36
N GLU NC 94 36.21 -114.43 62.84
CA GLU NC 94 35.02 -114.71 63.63
C GLU NC 94 34.40 -116.02 63.18
N ASP NC 95 33.23 -116.33 63.74
CA ASP NC 95 32.54 -117.56 63.42
C ASP NC 95 31.67 -117.34 62.18
N PRO NC 96 31.95 -118.01 61.06
CA PRO NC 96 31.16 -117.77 59.84
C PRO NC 96 29.70 -118.16 59.96
N GLU NC 97 29.34 -119.04 60.92
CA GLU NC 97 27.96 -119.44 61.06
C GLU NC 97 27.08 -118.36 61.68
N THR NC 98 27.68 -117.41 62.39
CA THR NC 98 26.95 -116.34 63.05
C THR NC 98 27.47 -114.98 62.59
N PHE NC 99 27.85 -114.88 61.32
CA PHE NC 99 28.32 -113.61 60.74
C PHE NC 99 27.10 -112.83 60.28
N THR NC 100 26.44 -112.18 61.22
CA THR NC 100 25.18 -111.50 60.95
C THR NC 100 25.42 -110.24 60.13
N GLN NC 101 24.32 -109.69 59.60
CA GLN NC 101 24.40 -108.51 58.75
C GLN NC 101 24.97 -107.31 59.51
N GLU NC 102 24.57 -107.14 60.77
CA GLU NC 102 25.11 -106.04 61.57
C GLU NC 102 26.63 -106.17 61.73
N ASP NC 103 27.12 -107.40 61.87
CA ASP NC 103 28.56 -107.62 61.88
C ASP NC 103 29.19 -107.26 60.54
N ILE NC 104 28.49 -107.56 59.44
CA ILE NC 104 29.01 -107.22 58.11
C ILE NC 104 29.12 -105.71 57.94
N ASP NC 105 28.10 -104.97 58.41
CA ASP NC 105 28.12 -103.52 58.28
C ASP NC 105 29.29 -102.90 59.03
N ARG NC 106 29.52 -103.36 60.26
CA ARG NC 106 30.66 -102.85 61.03
C ARG NC 106 31.98 -103.31 60.44
N ALA NC 107 32.00 -104.46 59.77
CA ALA NC 107 33.22 -104.93 59.12
C ALA NC 107 33.53 -104.11 57.89
N ILE NC 108 32.52 -103.84 57.06
CA ILE NC 108 32.73 -103.04 55.85
C ILE NC 108 33.12 -101.62 56.22
N ALA NC 109 32.48 -101.05 57.24
CA ALA NC 109 32.80 -99.69 57.67
C ALA NC 109 34.23 -99.56 58.16
N TYR NC 110 34.86 -100.66 58.59
CA TYR NC 110 36.24 -100.62 59.05
C TYR NC 110 37.22 -100.79 57.90
N LEU NC 111 37.02 -101.81 57.06
CA LEU NC 111 37.94 -102.06 55.96
C LEU NC 111 37.94 -100.92 54.95
N PHE NC 112 36.80 -100.26 54.78
CA PHE NC 112 36.65 -99.17 53.81
C PHE NC 112 36.09 -97.95 54.53
N PRO NC 113 36.95 -97.18 55.20
CA PRO NC 113 36.50 -96.01 55.99
C PRO NC 113 36.18 -94.80 55.12
N SER NC 114 34.97 -94.80 54.57
CA SER NC 114 34.53 -93.75 53.67
C SER NC 114 33.93 -92.60 54.47
N GLY NC 115 34.54 -91.43 54.39
CA GLY NC 115 33.99 -90.26 55.03
C GLY NC 115 33.12 -89.45 54.08
N LEU NC 116 31.81 -89.67 54.15
CA LEU NC 116 30.85 -88.98 53.32
C LEU NC 116 29.60 -88.69 54.13
N PHE NC 117 29.00 -87.53 53.90
CA PHE NC 117 27.83 -87.14 54.67
C PHE NC 117 26.58 -87.88 54.25
N GLU NC 118 26.49 -88.29 52.98
CA GLU NC 118 25.32 -89.01 52.50
C GLU NC 118 25.34 -90.44 53.04
N LYS NC 119 24.31 -90.81 53.78
CA LYS NC 119 24.27 -92.14 54.39
C LYS NC 119 24.12 -93.23 53.34
N ARG NC 120 23.51 -92.92 52.20
CA ARG NC 120 23.31 -93.91 51.14
C ARG NC 120 24.51 -94.05 50.21
N ALA NC 121 25.49 -93.16 50.31
CA ALA NC 121 26.66 -93.19 49.44
C ALA NC 121 27.80 -94.03 49.99
N ARG NC 122 27.69 -94.52 51.21
CA ARG NC 122 28.73 -95.33 51.80
C ARG NC 122 28.73 -96.74 51.19
N PRO NC 123 29.88 -97.40 51.16
CA PRO NC 123 29.92 -98.77 50.64
C PRO NC 123 29.00 -99.71 51.41
N ILE NC 124 28.34 -100.60 50.68
CA ILE NC 124 27.39 -101.53 51.27
C ILE NC 124 27.60 -102.92 50.68
N MET NC 125 27.28 -103.94 51.47
CA MET NC 125 27.26 -105.31 51.00
C MET NC 125 26.15 -106.03 51.75
N LYS NC 126 24.97 -106.12 51.13
CA LYS NC 126 23.81 -106.69 51.80
C LYS NC 126 23.18 -107.79 50.97
N HIS NC 127 22.01 -108.26 51.40
CA HIS NC 127 21.28 -109.28 50.66
C HIS NC 127 20.84 -108.69 49.31
N PRO NC 128 21.14 -109.35 48.19
CA PRO NC 128 20.70 -108.81 46.89
C PRO NC 128 19.20 -108.64 46.78
N GLU NC 129 18.41 -109.45 47.50
CA GLU NC 129 16.97 -109.25 47.51
C GLU NC 129 16.61 -107.89 48.10
N GLU NC 130 17.30 -107.49 49.18
CA GLU NC 130 17.04 -106.19 49.80
C GLU NC 130 17.62 -105.04 48.97
N ILE NC 131 18.69 -105.28 48.22
CA ILE NC 131 19.32 -104.22 47.45
C ILE NC 131 18.58 -103.99 46.14
N PHE NC 132 18.52 -105.01 45.30
CA PHE NC 132 17.83 -104.86 44.02
C PHE NC 132 16.34 -104.66 44.24
N PRO NC 133 15.71 -103.76 43.49
CA PRO NC 133 14.27 -103.54 43.64
C PRO NC 133 13.48 -104.75 43.17
N LYS NC 134 12.28 -104.89 43.74
CA LYS NC 134 11.41 -106.01 43.37
C LYS NC 134 11.05 -105.93 41.89
N GLN NC 135 11.16 -107.06 41.20
CA GLN NC 135 10.96 -107.14 39.77
C GLN NC 135 9.68 -107.89 39.42
N ARG NC 136 9.04 -107.46 38.35
CA ARG NC 136 7.86 -108.15 37.84
C ARG NC 136 8.25 -109.51 37.29
N ALA NC 137 7.42 -110.51 37.58
CA ALA NC 137 7.62 -111.84 37.02
C ALA NC 137 7.09 -111.88 35.59
N ILE NC 138 7.46 -112.95 34.87
CA ILE NC 138 7.00 -113.12 33.50
C ILE NC 138 5.49 -113.32 33.50
N GLN NC 139 4.79 -112.58 32.64
CA GLN NC 139 3.35 -112.54 32.66
C GLN NC 139 2.69 -113.51 31.69
N TRP NC 140 3.46 -114.20 30.85
CA TRP NC 140 2.89 -115.08 29.83
C TRP NC 140 3.80 -116.28 29.63
N GLY NC 141 3.22 -117.35 29.10
CA GLY NC 141 3.95 -118.56 28.83
C GLY NC 141 4.65 -118.50 27.48
N GLU NC 142 5.14 -119.67 27.06
CA GLU NC 142 5.81 -119.75 25.77
C GLU NC 142 4.85 -119.51 24.62
N ASP NC 143 3.58 -119.86 24.80
CA ASP NC 143 2.57 -119.64 23.76
C ASP NC 143 2.00 -118.24 23.78
N GLY NC 144 2.38 -117.41 24.75
CA GLY NC 144 1.93 -116.04 24.82
C GLY NC 144 0.67 -115.82 25.64
N ARG NC 145 0.04 -116.87 26.14
CA ARG NC 145 -1.17 -116.69 26.93
C ARG NC 145 -0.84 -116.11 28.29
N PRO NC 146 -1.42 -114.97 28.66
CA PRO NC 146 -1.17 -114.41 30.00
C PRO NC 146 -1.65 -115.36 31.09
N PHE NC 147 -0.89 -115.40 32.19
CA PHE NC 147 -1.24 -116.30 33.29
C PHE NC 147 -2.46 -115.80 34.04
N HIS NC 148 -2.49 -114.51 34.38
CA HIS NC 148 -3.58 -113.93 35.12
C HIS NC 148 -4.72 -113.54 34.17
N PHE NC 149 -5.93 -113.44 34.72
CA PHE NC 149 -7.10 -113.13 33.92
C PHE NC 149 -7.38 -111.63 33.82
N LEU NC 150 -6.54 -110.80 34.42
CA LEU NC 150 -6.69 -109.35 34.34
C LEU NC 150 -5.45 -108.69 33.75
N PHE NC 151 -4.66 -109.43 32.97
CA PHE NC 151 -3.42 -108.90 32.43
C PHE NC 151 -3.68 -107.78 31.42
N TYR NC 152 -4.82 -107.81 30.74
CA TYR NC 152 -5.14 -106.82 29.71
C TYR NC 152 -5.77 -105.56 30.28
N THR NC 153 -5.89 -105.44 31.60
CA THR NC 153 -6.38 -104.22 32.22
C THR NC 153 -5.27 -103.23 32.52
N GLY NC 154 -4.04 -103.54 32.17
CA GLY NC 154 -2.90 -102.67 32.44
C GLY NC 154 -2.27 -102.86 33.80
N LYS NC 155 -3.09 -102.89 34.84
CA LYS NC 155 -2.63 -103.10 36.21
C LYS NC 155 -3.34 -104.33 36.76
N GLN NC 156 -2.73 -105.50 36.53
CA GLN NC 156 -3.36 -106.75 36.95
C GLN NC 156 -3.36 -106.89 38.47
N SER NC 157 -2.25 -106.51 39.13
CA SER NC 157 -2.13 -106.72 40.57
C SER NC 157 -3.12 -105.84 41.33
N TYR NC 158 -3.23 -104.57 40.97
CA TYR NC 158 -4.13 -103.68 41.68
C TYR NC 158 -5.59 -104.06 41.48
N TYR NC 159 -5.97 -104.38 40.25
CA TYR NC 159 -7.37 -104.71 39.98
C TYR NC 159 -7.76 -106.07 40.53
N SER NC 160 -6.82 -107.01 40.58
CA SER NC 160 -7.10 -108.30 41.22
C SER NC 160 -7.37 -108.11 42.70
N LEU NC 161 -6.60 -107.23 43.36
CA LEU NC 161 -6.85 -106.93 44.76
C LEU NC 161 -8.21 -106.25 44.92
N MET NC 162 -8.55 -105.33 44.02
CA MET NC 162 -9.86 -104.70 44.06
C MET NC 162 -10.98 -105.71 43.83
N HIS NC 163 -10.78 -106.62 42.88
CA HIS NC 163 -11.80 -107.63 42.60
C HIS NC 163 -12.02 -108.54 43.79
N ASP NC 164 -10.93 -108.99 44.42
CA ASP NC 164 -11.06 -109.84 45.60
C ASP NC 164 -11.70 -109.08 46.76
N THR NC 165 -11.28 -107.82 46.96
CA THR NC 165 -11.83 -107.03 48.06
C THR NC 165 -13.33 -106.79 47.88
N TYR NC 166 -13.75 -106.48 46.66
CA TYR NC 166 -15.18 -106.31 46.39
C TYR NC 166 -15.92 -107.63 46.56
N GLY NC 167 -15.32 -108.74 46.13
CA GLY NC 167 -15.94 -110.04 46.30
C GLY NC 167 -16.16 -110.39 47.76
N LYS NC 168 -15.20 -110.02 48.62
CA LYS NC 168 -15.36 -110.26 50.05
C LYS NC 168 -16.54 -109.47 50.61
N LEU NC 169 -16.74 -108.24 50.12
CA LEU NC 169 -17.86 -107.44 50.60
C LEU NC 169 -19.20 -108.09 50.27
N LEU NC 170 -19.33 -108.62 49.05
CA LEU NC 170 -20.56 -109.31 48.68
C LEU NC 170 -20.77 -110.55 49.52
N ASP NC 171 -19.70 -111.32 49.76
CA ASP NC 171 -19.82 -112.51 50.60
C ASP NC 171 -20.23 -112.14 52.01
N VAL NC 172 -19.65 -111.07 52.56
CA VAL NC 172 -20.07 -110.60 53.87
C VAL NC 172 -21.52 -110.15 53.84
N GLU NC 173 -21.90 -109.40 52.81
CA GLU NC 173 -23.29 -108.99 52.66
C GLU NC 173 -24.20 -110.20 52.46
N LYS NC 174 -23.77 -111.16 51.65
CA LYS NC 174 -24.55 -112.39 51.47
C LYS NC 174 -24.61 -113.17 52.78
N HIS NC 175 -23.48 -113.30 53.48
CA HIS NC 175 -23.47 -114.00 54.76
C HIS NC 175 -24.32 -113.27 55.79
N HIS NC 176 -24.23 -111.94 55.83
CA HIS NC 176 -25.05 -111.17 56.75
C HIS NC 176 -26.52 -111.28 56.38
N ASN NC 177 -26.84 -111.31 55.09
CA ASN NC 177 -28.22 -111.49 54.66
C ASN NC 177 -28.76 -112.84 55.13
N GLN NC 178 -27.95 -113.89 55.00
CA GLN NC 178 -28.36 -115.21 55.50
C GLN NC 178 -28.50 -115.19 57.02
N LEU NC 179 -27.58 -114.52 57.72
CA LEU NC 179 -27.69 -114.42 59.17
C LEU NC 179 -28.94 -113.67 59.58
N ARG NC 180 -29.27 -112.59 58.87
CA ARG NC 180 -30.51 -111.88 59.15
C ARG NC 180 -31.73 -112.76 58.90
N ALA NC 181 -31.68 -113.58 57.85
CA ALA NC 181 -32.76 -114.54 57.61
C ALA NC 181 -32.88 -115.54 58.75
N LYS NC 182 -31.74 -116.00 59.27
CA LYS NC 182 -31.73 -116.95 60.38
C LYS NC 182 -31.85 -116.27 61.74
N ASP NC 183 -31.88 -114.94 61.79
CA ASP NC 183 -32.05 -114.17 63.02
C ASP NC 183 -30.90 -114.46 63.99
N LEU NC 184 -29.68 -114.26 63.51
CA LEU NC 184 -28.48 -114.44 64.32
C LEU NC 184 -27.47 -113.35 63.97
N LEU NC 185 -26.89 -112.74 65.00
CA LEU NC 185 -25.87 -111.70 64.85
C LEU NC 185 -24.69 -112.07 65.75
N ALA NC 186 -23.77 -112.87 65.22
CA ALA NC 186 -22.62 -113.34 65.98
C ALA NC 186 -21.34 -112.54 65.71
N GLU NC 187 -21.42 -111.50 64.89
CA GLU NC 187 -20.25 -110.70 64.54
C GLU NC 187 -20.25 -109.37 65.29
N LYS NC 188 -19.05 -108.81 65.42
CA LYS NC 188 -18.86 -107.54 66.11
C LYS NC 188 -17.90 -106.67 65.30
N THR NC 189 -17.99 -105.36 65.52
CA THR NC 189 -17.15 -104.41 64.79
C THR NC 189 -15.78 -104.34 65.48
N LYS NC 190 -14.74 -104.81 64.77
CA LYS NC 190 -13.38 -104.81 65.28
C LYS NC 190 -12.51 -103.75 64.60
N ILE NC 191 -13.14 -102.77 63.96
CA ILE NC 191 -12.38 -101.73 63.27
C ILE NC 191 -11.62 -100.87 64.27
N LEU NC 192 -12.19 -100.64 65.44
CA LEU NC 192 -11.61 -99.73 66.43
C LEU NC 192 -10.35 -100.36 67.02
N LYS NC 193 -9.19 -99.89 66.55
CA LYS NC 193 -7.89 -100.31 67.05
C LYS NC 193 -7.09 -99.12 67.57
N ASP NC 194 -7.78 -98.19 68.23
CA ASP NC 194 -7.12 -96.99 68.74
C ASP NC 194 -6.00 -97.28 69.73
N PRO NC 195 -6.18 -98.13 70.76
CA PRO NC 195 -5.06 -98.39 71.68
C PRO NC 195 -3.83 -98.97 70.99
N ILE NC 196 -4.03 -99.81 69.97
CA ILE NC 196 -2.90 -100.32 69.21
C ILE NC 196 -2.26 -99.22 68.38
N GLY NC 197 -3.05 -98.27 67.91
CA GLY NC 197 -2.55 -97.22 67.03
C GLY NC 197 -2.42 -97.69 65.61
N SER NC 198 -3.54 -98.08 65.00
CA SER NC 198 -3.55 -98.65 63.66
C SER NC 198 -3.79 -97.57 62.62
N ARG NC 199 -3.01 -97.60 61.55
CA ARG NC 199 -3.19 -96.70 60.42
C ARG NC 199 -3.13 -97.51 59.13
N TRP NC 200 -3.82 -97.03 58.12
CA TRP NC 200 -3.86 -97.73 56.84
C TRP NC 200 -2.53 -97.60 56.12
N LEU NC 201 -2.37 -98.41 55.07
CA LEU NC 201 -1.14 -98.40 54.29
C LEU NC 201 -0.94 -97.06 53.61
N ILE NC 202 0.30 -96.60 53.60
CA ILE NC 202 0.66 -95.41 52.83
C ILE NC 202 0.78 -95.79 51.37
N LYS NC 203 0.59 -94.80 50.49
CA LYS NC 203 0.65 -95.07 49.05
C LYS NC 203 2.00 -95.65 48.65
N GLU NC 204 3.09 -95.12 49.20
CA GLU NC 204 4.41 -95.67 48.92
C GLU NC 204 4.53 -97.10 49.43
N GLU NC 205 4.02 -97.37 50.63
CA GLU NC 205 4.07 -98.72 51.16
C GLU NC 205 3.20 -99.67 50.36
N LEU NC 206 2.02 -99.21 49.94
CA LEU NC 206 1.11 -100.07 49.16
C LEU NC 206 1.72 -100.44 47.82
N GLU NC 207 2.40 -99.51 47.16
CA GLU NC 207 3.02 -99.80 45.88
C GLU NC 207 4.11 -100.86 46.01
N GLU NC 208 4.77 -100.92 47.16
CA GLU NC 208 5.80 -101.92 47.40
C GLU NC 208 5.22 -103.26 47.82
N MET NC 209 3.94 -103.32 48.15
CA MET NC 209 3.28 -104.57 48.45
C MET NC 209 2.69 -105.23 47.21
N LEU NC 210 2.09 -104.44 46.32
CA LEU NC 210 1.56 -104.96 45.06
C LEU NC 210 2.61 -104.97 43.95
N VAL NC 211 3.80 -104.43 44.20
CA VAL NC 211 4.91 -104.39 43.24
C VAL NC 211 4.44 -103.69 41.97
N GLU NC 212 3.60 -102.66 42.12
CA GLU NC 212 3.09 -101.93 40.96
C GLU NC 212 2.78 -100.50 41.38
N LYS NC 213 3.05 -99.56 40.48
CA LYS NC 213 2.79 -98.15 40.75
C LYS NC 213 1.29 -97.87 40.78
N LEU NC 214 0.88 -96.99 41.69
CA LEU NC 214 -0.51 -96.60 41.84
C LEU NC 214 -0.62 -95.08 41.70
N SER NC 215 -1.85 -94.58 41.76
CA SER NC 215 -2.13 -93.16 41.67
C SER NC 215 -2.96 -92.73 42.88
N ASP NC 216 -3.00 -91.41 43.11
CA ASP NC 216 -3.72 -90.88 44.26
C ASP NC 216 -5.21 -91.19 44.18
N GLN NC 217 -5.80 -91.08 42.98
CA GLN NC 217 -7.21 -91.40 42.82
C GLN NC 217 -7.47 -92.88 43.08
N ASP NC 218 -6.59 -93.75 42.60
CA ASP NC 218 -6.78 -95.19 42.82
C ASP NC 218 -6.60 -95.54 44.30
N TYR NC 219 -5.63 -94.91 44.96
CA TYR NC 219 -5.38 -95.21 46.37
C TYR NC 219 -6.57 -94.82 47.23
N ALA NC 220 -7.14 -93.64 46.99
CA ALA NC 220 -8.27 -93.19 47.79
C ALA NC 220 -9.49 -94.10 47.61
N GLN NC 221 -9.72 -94.54 46.38
CA GLN NC 221 -10.84 -95.46 46.12
C GLN NC 221 -10.64 -96.78 46.85
N PHE NC 222 -9.42 -97.32 46.83
CA PHE NC 222 -9.16 -98.60 47.48
C PHE NC 222 -9.34 -98.49 48.99
N ILE NC 223 -8.83 -97.42 49.60
CA ILE NC 223 -8.94 -97.26 51.04
C ILE NC 223 -10.40 -97.10 51.47
N ARG NC 224 -11.17 -96.30 50.71
CA ARG NC 224 -12.57 -96.10 51.06
C ARG NC 224 -13.36 -97.39 50.93
N LEU NC 225 -13.00 -98.23 49.97
CA LEU NC 225 -13.66 -99.53 49.84
C LEU NC 225 -13.42 -100.39 51.07
N LEU NC 226 -12.20 -100.36 51.61
CA LEU NC 226 -11.92 -101.09 52.84
C LEU NC 226 -12.75 -100.59 54.00
N GLU NC 227 -12.99 -99.27 54.05
CA GLU NC 227 -13.82 -98.72 55.11
C GLU NC 227 -15.23 -99.29 55.05
N ARG NC 228 -15.79 -99.42 53.85
CA ARG NC 228 -17.09 -100.05 53.71
C ARG NC 228 -17.05 -101.51 54.14
N LEU NC 229 -15.99 -102.22 53.76
CA LEU NC 229 -15.85 -103.62 54.16
C LEU NC 229 -15.68 -103.73 55.67
N SER NC 230 -14.89 -102.84 56.27
CA SER NC 230 -14.65 -102.89 57.71
C SER NC 230 -15.83 -102.41 58.54
N ALA NC 231 -16.70 -101.57 57.97
CA ALA NC 231 -17.87 -101.09 58.69
C ALA NC 231 -18.97 -102.13 58.82
N LEU NC 232 -18.93 -103.17 58.00
CA LEU NC 232 -19.90 -104.26 58.06
C LEU NC 232 -19.51 -105.25 59.13
N PRO NC 233 -20.40 -106.16 59.50
CA PRO NC 233 -20.02 -107.24 60.42
C PRO NC 233 -18.82 -108.01 59.90
N CYS NC 234 -17.91 -108.34 60.80
CA CYS NC 234 -16.59 -108.84 60.45
C CYS NC 234 -16.52 -110.34 60.67
N GLY NC 235 -15.98 -111.06 59.68
CA GLY NC 235 -15.71 -112.47 59.81
C GLY NC 235 -14.24 -112.75 60.11
N ALA NC 236 -13.97 -113.99 60.50
CA ALA NC 236 -12.59 -114.37 60.83
C ALA NC 236 -11.68 -114.27 59.61
N THR NC 237 -12.14 -114.74 58.45
CA THR NC 237 -11.32 -114.67 57.25
C THR NC 237 -11.10 -113.23 56.81
N GLU NC 238 -12.14 -112.40 56.91
CA GLU NC 238 -12.02 -111.01 56.46
C GLU NC 238 -11.01 -110.23 57.29
N GLU NC 239 -10.97 -110.47 58.61
CA GLU NC 239 -10.04 -109.74 59.46
C GLU NC 239 -8.60 -110.05 59.09
N ASP NC 240 -8.30 -111.31 58.77
CA ASP NC 240 -6.96 -111.64 58.31
C ASP NC 240 -6.63 -110.93 57.01
N PHE NC 241 -7.60 -110.82 56.10
CA PHE NC 241 -7.41 -110.06 54.87
C PHE NC 241 -7.20 -108.58 55.16
N VAL NC 242 -7.99 -108.03 56.09
CA VAL NC 242 -7.90 -106.61 56.39
C VAL NC 242 -6.61 -106.29 57.14
N ASN NC 243 -6.21 -107.17 58.07
CA ASN NC 243 -5.06 -106.88 58.92
C ASN NC 243 -3.76 -106.77 58.12
N ARG NC 244 -3.72 -107.33 56.91
CA ARG NC 244 -2.53 -107.14 56.07
C ARG NC 244 -2.39 -105.69 55.64
N PHE NC 245 -3.48 -104.93 55.63
CA PHE NC 245 -3.47 -103.53 55.26
C PHE NC 245 -3.37 -102.60 56.47
N ARG NC 246 -3.15 -103.15 57.66
CA ARG NC 246 -3.04 -102.35 58.87
C ARG NC 246 -1.56 -102.13 59.22
N ARG NC 247 -1.28 -100.93 59.72
CA ARG NC 247 0.06 -100.58 60.19
C ARG NC 247 -0.05 -99.95 61.58
N SER NC 248 0.91 -100.27 62.44
CA SER NC 248 0.90 -99.81 63.82
C SER NC 248 1.86 -98.65 63.99
N ILE NC 249 1.34 -97.53 64.51
CA ILE NC 249 2.14 -96.34 64.76
C ILE NC 249 3.00 -96.58 66.00
N PRO NC 250 4.14 -95.89 66.15
CA PRO NC 250 4.92 -96.05 67.39
C PRO NC 250 4.22 -95.43 68.59
N ILE NC 251 4.75 -95.66 69.78
CA ILE NC 251 4.13 -95.12 70.99
C ILE NC 251 4.27 -93.60 71.00
N GLN NC 252 3.17 -92.90 71.21
CA GLN NC 252 3.14 -91.45 71.25
C GLN NC 252 2.89 -90.99 72.68
N SER NC 253 3.78 -90.15 73.19
CA SER NC 253 3.67 -89.63 74.54
C SER NC 253 4.62 -88.45 74.70
N LYS NC 254 4.21 -87.49 75.54
CA LYS NC 254 5.04 -86.33 75.84
C LYS NC 254 5.45 -86.26 77.30
N LYS NC 255 5.23 -87.33 78.06
CA LYS NC 255 5.70 -87.35 79.44
C LYS NC 255 7.22 -87.41 79.49
N GLN NC 256 7.80 -86.67 80.42
CA GLN NC 256 9.23 -86.67 80.61
C GLN NC 256 9.64 -87.75 81.61
N LEU NC 257 10.91 -88.14 81.54
CA LEU NC 257 11.47 -89.14 82.44
C LEU NC 257 11.87 -88.45 83.74
N ILE NC 258 11.20 -88.82 84.84
CA ILE NC 258 11.48 -88.21 86.13
C ILE NC 258 12.77 -88.81 86.68
N GLU NC 259 13.75 -87.96 86.93
CA GLU NC 259 15.03 -88.41 87.44
C GLU NC 259 14.91 -88.77 88.91
N PRO NC 260 15.28 -89.98 89.33
CA PRO NC 260 15.18 -90.34 90.75
C PRO NC 260 16.10 -89.49 91.60
N LEU NC 261 15.67 -89.25 92.84
CA LEU NC 261 16.48 -88.47 93.77
C LEU NC 261 17.76 -89.21 94.11
N GLN NC 262 18.82 -88.43 94.33
CA GLN NC 262 20.14 -88.96 94.65
C GLN NC 262 20.54 -88.55 96.05
N TYR NC 263 21.20 -89.46 96.77
CA TYR NC 263 21.72 -89.21 98.09
C TYR NC 263 23.23 -89.43 98.07
N ASP NC 264 23.98 -88.48 98.65
CA ASP NC 264 25.44 -88.56 98.60
C ASP NC 264 26.02 -87.89 99.85
N GLU NC 265 26.82 -88.65 100.59
CA GLU NC 265 27.54 -88.15 101.76
C GLU NC 265 26.61 -87.45 102.74
N GLN NC 266 25.64 -88.23 103.25
CA GLN NC 266 24.63 -87.77 104.20
C GLN NC 266 23.77 -86.65 103.66
N GLY NC 267 23.87 -86.35 102.36
CA GLY NC 267 23.03 -85.34 101.74
C GLY NC 267 21.77 -85.96 101.20
N MET NC 268 20.63 -85.39 101.57
CA MET NC 268 19.32 -85.94 101.26
C MET NC 268 18.58 -85.03 100.30
N ALA NC 269 17.94 -85.64 99.29
CA ALA NC 269 17.03 -84.96 98.37
C ALA NC 269 17.74 -83.81 97.65
N PHE NC 270 18.74 -84.18 96.85
CA PHE NC 270 19.39 -83.25 95.93
C PHE NC 270 19.34 -83.84 94.54
N SER NC 271 18.98 -83.02 93.56
CA SER NC 271 18.84 -83.44 92.18
C SER NC 271 19.64 -82.51 91.27
N ARG NC 272 20.00 -83.04 90.11
CA ARG NC 272 20.82 -82.33 89.13
C ARG NC 272 20.05 -82.13 87.83
N GLY NC 273 20.19 -80.94 87.24
CA GLY NC 273 19.51 -80.64 86.00
C GLY NC 273 20.46 -79.98 85.02
N GLU NC 274 20.09 -80.05 83.74
CA GLU NC 274 20.88 -79.51 82.65
C GLU NC 274 20.04 -78.53 81.84
N GLY NC 275 20.59 -77.37 81.55
CA GLY NC 275 19.90 -76.37 80.78
C GLY NC 275 20.85 -75.66 79.82
N LYS NC 276 20.30 -75.26 78.68
CA LYS NC 276 21.07 -74.56 77.67
C LYS NC 276 20.15 -73.66 76.86
N ARG NC 277 20.56 -72.42 76.64
CA ARG NC 277 19.75 -71.48 75.87
C ARG NC 277 20.66 -70.36 75.35
N LYS NC 278 20.72 -70.23 74.03
CA LYS NC 278 21.43 -69.12 73.37
C LYS NC 278 22.89 -69.07 73.78
N THR NC 279 23.60 -70.15 73.47
CA THR NC 279 25.04 -70.27 73.73
C THR NC 279 25.36 -70.01 75.20
N ALA NC 280 24.67 -70.74 76.07
CA ALA NC 280 24.89 -70.61 77.51
C ALA NC 280 24.40 -71.89 78.19
N LYS NC 281 25.31 -72.63 78.81
CA LYS NC 281 24.97 -73.86 79.51
C LYS NC 281 24.96 -73.62 81.01
N ALA NC 282 23.90 -74.05 81.67
CA ALA NC 282 23.72 -73.84 83.10
C ALA NC 282 23.66 -75.20 83.80
N GLU NC 283 24.43 -75.34 84.87
CA GLU NC 283 24.45 -76.55 85.69
C GLU NC 283 23.88 -76.19 87.06
N VAL NC 284 22.71 -76.74 87.37
CA VAL NC 284 21.99 -76.41 88.60
C VAL NC 284 21.75 -77.69 89.39
N VAL NC 285 22.14 -77.66 90.67
CA VAL NC 285 21.83 -78.72 91.62
C VAL NC 285 21.06 -78.11 92.77
N VAL NC 286 19.91 -78.69 93.10
CA VAL NC 286 18.98 -78.12 94.06
C VAL NC 286 18.88 -79.06 95.25
N TYR NC 287 19.06 -78.51 96.45
CA TYR NC 287 18.92 -79.27 97.69
C TYR NC 287 17.55 -78.99 98.29
N GLY NC 288 16.84 -80.06 98.66
CA GLY NC 288 15.52 -79.95 99.22
C GLY NC 288 15.46 -79.83 100.73
N GLN NC 289 16.61 -79.65 101.39
CA GLN NC 289 16.66 -79.58 102.84
C GLN NC 289 17.19 -78.24 103.35
N GLY NC 290 17.30 -77.24 102.48
CA GLY NC 290 17.84 -75.94 102.85
C GLY NC 290 16.81 -74.83 102.73
N SER NC 291 17.25 -73.64 103.12
CA SER NC 291 16.42 -72.44 103.05
C SER NC 291 16.49 -71.85 101.64
N GLY NC 292 15.89 -70.68 101.45
CA GLY NC 292 15.83 -70.07 100.14
C GLY NC 292 17.02 -69.20 99.81
N ARG NC 293 17.98 -69.76 99.06
CA ARG NC 293 19.12 -68.99 98.59
C ARG NC 293 19.71 -69.70 97.38
N ILE NC 294 20.28 -68.92 96.47
CA ILE NC 294 20.90 -69.44 95.25
C ILE NC 294 22.32 -68.90 95.16
N ASP NC 295 23.28 -69.79 94.94
CA ASP NC 295 24.70 -69.44 94.87
C ASP NC 295 25.18 -69.78 93.46
N VAL NC 296 25.38 -68.75 92.64
CA VAL NC 296 25.81 -68.92 91.26
C VAL NC 296 27.29 -68.56 91.17
N ASN NC 297 28.10 -69.51 90.70
CA ASN NC 297 29.53 -69.31 90.48
C ASN NC 297 30.25 -68.84 91.73
N GLY NC 298 29.78 -69.27 92.90
CA GLY NC 298 30.40 -68.92 94.16
C GLY NC 298 29.99 -67.57 94.73
N VAL NC 299 29.05 -66.87 94.11
CA VAL NC 299 28.58 -65.58 94.60
C VAL NC 299 27.07 -65.61 94.69
N ASP NC 300 26.53 -64.69 95.49
CA ASP NC 300 25.09 -64.59 95.68
C ASP NC 300 24.40 -64.19 94.37
N TYR NC 301 23.18 -64.68 94.19
CA TYR NC 301 22.45 -64.43 92.95
C TYR NC 301 22.10 -62.95 92.79
N LEU NC 302 21.83 -62.25 93.90
CA LEU NC 302 21.50 -60.84 93.81
C LEU NC 302 22.66 -60.02 93.24
N LEU NC 303 23.88 -60.30 93.72
CA LEU NC 303 25.05 -59.61 93.19
C LEU NC 303 25.31 -60.01 91.74
N TYR NC 304 25.12 -61.28 91.41
CA TYR NC 304 25.43 -61.78 90.09
C TYR NC 304 24.40 -61.34 89.05
N PHE NC 305 23.18 -61.00 89.46
CA PHE NC 305 22.11 -60.59 88.56
C PHE NC 305 21.55 -59.25 89.03
N PRO NC 306 22.26 -58.15 88.76
CA PRO NC 306 21.74 -56.84 89.17
C PRO NC 306 20.41 -56.48 88.53
N VAL NC 307 20.15 -56.96 87.31
CA VAL NC 307 18.93 -56.59 86.60
C VAL NC 307 17.73 -57.25 87.27
N THR NC 308 16.65 -56.48 87.42
CA THR NC 308 15.43 -57.03 88.02
C THR NC 308 14.84 -58.13 87.15
N GLN NC 309 14.88 -57.96 85.83
CA GLN NC 309 14.30 -58.96 84.93
C GLN NC 309 15.01 -60.30 85.05
N ASP NC 310 16.34 -60.29 85.16
CA ASP NC 310 17.09 -61.54 85.27
C ASP NC 310 16.71 -62.30 86.53
N ARG NC 311 16.58 -61.59 87.66
CA ARG NC 311 16.16 -62.25 88.89
C ARG NC 311 14.69 -62.67 88.86
N GLU NC 312 13.88 -62.03 88.02
CA GLU NC 312 12.50 -62.48 87.84
C GLU NC 312 12.46 -63.82 87.12
N GLN NC 313 13.40 -64.08 86.22
CA GLN NC 313 13.45 -65.37 85.54
C GLN NC 313 13.68 -66.51 86.52
N LEU NC 314 14.60 -66.32 87.48
CA LEU NC 314 14.85 -67.36 88.47
C LEU NC 314 13.64 -67.58 89.36
N MET NC 315 12.85 -66.53 89.61
CA MET NC 315 11.64 -66.69 90.41
C MET NC 315 10.60 -67.55 89.71
N PHE NC 316 10.54 -67.46 88.37
CA PHE NC 316 9.46 -68.09 87.62
C PHE NC 316 9.27 -69.58 87.89
N PRO NC 317 10.30 -70.43 87.95
CA PRO NC 317 10.07 -71.83 88.29
C PRO NC 317 9.59 -72.00 89.73
N LEU NC 318 10.31 -71.39 90.68
CA LEU NC 318 9.98 -71.56 92.09
C LEU NC 318 8.61 -70.97 92.42
N HIS NC 319 8.30 -69.81 91.85
CA HIS NC 319 7.03 -69.16 92.16
C HIS NC 319 5.84 -69.98 91.65
N PHE NC 320 6.00 -70.65 90.51
CA PHE NC 320 4.91 -71.47 89.99
C PHE NC 320 4.59 -72.65 90.89
N LEU NC 321 5.58 -73.13 91.64
CA LEU NC 321 5.41 -74.27 92.53
C LEU NC 321 5.16 -73.86 93.99
N ASP NC 322 5.12 -72.56 94.27
CA ASP NC 322 4.92 -72.04 95.63
C ASP NC 322 5.94 -72.62 96.61
N ARG NC 323 7.20 -72.72 96.15
CA ARG NC 323 8.30 -73.22 96.96
C ARG NC 323 9.52 -72.32 96.79
N LEU NC 324 9.31 -71.01 96.97
CA LEU NC 324 10.39 -70.05 96.80
C LEU NC 324 11.51 -70.27 97.81
N GLY NC 325 11.14 -70.46 99.09
CA GLY NC 325 12.12 -70.59 100.15
C GLY NC 325 12.35 -71.99 100.69
N LYS NC 326 11.86 -73.02 100.01
CA LYS NC 326 11.97 -74.39 100.50
C LYS NC 326 13.12 -75.16 99.85
N HIS NC 327 13.96 -74.49 99.07
CA HIS NC 327 15.04 -75.17 98.37
C HIS NC 327 16.28 -74.29 98.35
N ASP NC 328 17.43 -74.92 98.59
CA ASP NC 328 18.74 -74.26 98.53
C ASP NC 328 19.47 -74.79 97.31
N MET NC 329 19.98 -73.87 96.49
CA MET NC 329 20.55 -74.22 95.19
C MET NC 329 21.93 -73.59 95.03
N THR NC 330 22.78 -74.28 94.28
CA THR NC 330 24.06 -73.75 93.81
C THR NC 330 24.17 -74.01 92.32
N CYS NC 331 24.60 -73.00 91.57
CA CYS NC 331 24.57 -73.05 90.11
C CYS NC 331 25.93 -72.71 89.54
N ALA NC 332 26.15 -73.15 88.31
CA ALA NC 332 27.38 -72.85 87.58
C ALA NC 332 27.01 -72.71 86.11
N VAL NC 333 26.96 -71.46 85.63
CA VAL NC 333 26.58 -71.17 84.26
C VAL NC 333 27.72 -70.42 83.58
N SER NC 334 28.02 -70.79 82.34
CA SER NC 334 29.11 -70.20 81.59
C SER NC 334 28.65 -69.81 80.20
N GLY NC 335 29.24 -68.73 79.68
CA GLY NC 335 28.96 -68.28 78.32
C GLY NC 335 27.70 -67.46 78.19
N GLY NC 336 27.64 -66.61 77.16
CA GLY NC 336 26.47 -65.80 76.91
C GLY NC 336 26.43 -64.53 77.73
N GLY NC 337 25.38 -63.75 77.50
CA GLY NC 337 25.17 -62.50 78.21
C GLY NC 337 24.38 -62.71 79.50
N ARG NC 338 23.93 -61.59 80.06
CA ARG NC 338 23.17 -61.65 81.30
C ARG NC 338 21.84 -62.37 81.10
N SER NC 339 21.15 -62.11 80.00
CA SER NC 339 19.86 -62.74 79.75
C SER NC 339 20.01 -64.19 79.30
N ALA NC 340 21.07 -64.50 78.55
CA ALA NC 340 21.31 -65.89 78.14
C ALA NC 340 21.56 -66.77 79.36
N GLN NC 341 22.37 -66.29 80.30
CA GLN NC 341 22.61 -67.05 81.52
C GLN NC 341 21.33 -67.15 82.37
N ALA NC 342 20.57 -66.05 82.46
CA ALA NC 342 19.35 -66.07 83.25
C ALA NC 342 18.34 -67.07 82.68
N GLY NC 343 18.20 -67.10 81.36
CA GLY NC 343 17.31 -68.07 80.75
C GLY NC 343 17.81 -69.49 80.91
N ALA NC 344 19.12 -69.69 80.79
CA ALA NC 344 19.68 -71.03 80.92
C ALA NC 344 19.48 -71.59 82.33
N VAL NC 345 19.72 -70.76 83.35
CA VAL NC 345 19.53 -71.20 84.73
C VAL NC 345 18.05 -71.49 84.98
N ARG NC 346 17.16 -70.70 84.39
CA ARG NC 346 15.73 -70.94 84.55
C ARG NC 346 15.34 -72.29 83.98
N LEU NC 347 15.85 -72.64 82.80
CA LEU NC 347 15.52 -73.92 82.19
C LEU NC 347 16.08 -75.09 83.01
N ALA NC 348 17.30 -74.94 83.52
CA ALA NC 348 17.90 -76.03 84.29
C ALA NC 348 17.14 -76.29 85.58
N MET NC 349 16.69 -75.24 86.26
CA MET NC 349 15.93 -75.41 87.50
C MET NC 349 14.62 -76.13 87.25
N ALA NC 350 13.94 -75.81 86.14
CA ALA NC 350 12.66 -76.45 85.84
C ALA NC 350 12.83 -77.95 85.65
N ARG NC 351 13.89 -78.36 84.95
CA ARG NC 351 14.13 -79.78 84.75
C ARG NC 351 14.60 -80.45 86.04
N ALA NC 352 15.40 -79.74 86.86
CA ALA NC 352 15.92 -80.33 88.08
C ALA NC 352 14.85 -80.45 89.16
N LEU NC 353 13.82 -79.60 89.14
CA LEU NC 353 12.78 -79.65 90.15
C LEU NC 353 11.71 -80.69 89.87
N CYS NC 354 11.75 -81.37 88.71
CA CYS NC 354 10.74 -82.36 88.40
C CYS NC 354 10.78 -83.55 89.35
N SER NC 355 11.96 -83.84 89.91
CA SER NC 355 12.07 -84.95 90.85
C SER NC 355 11.26 -84.70 92.12
N PHE NC 356 11.31 -83.46 92.64
CA PHE NC 356 10.65 -83.14 93.89
C PHE NC 356 9.16 -82.89 93.74
N VAL NC 357 8.65 -82.77 92.52
CA VAL NC 357 7.25 -82.43 92.28
C VAL NC 357 6.52 -83.66 91.76
N THR NC 358 5.24 -83.77 92.12
CA THR NC 358 4.41 -84.88 91.67
C THR NC 358 4.23 -84.83 90.15
N GLU NC 359 3.80 -85.97 89.60
CA GLU NC 359 3.73 -86.11 88.15
C GLU NC 359 2.66 -85.20 87.55
N ASP NC 360 1.56 -84.98 88.28
CA ASP NC 360 0.47 -84.18 87.75
C ASP NC 360 0.91 -82.74 87.49
N GLU NC 361 1.66 -82.15 88.41
CA GLU NC 361 2.12 -80.78 88.23
C GLU NC 361 3.27 -80.70 87.24
N VAL NC 362 3.94 -81.81 86.94
CA VAL NC 362 4.94 -81.83 85.89
C VAL NC 362 4.29 -81.51 84.55
N GLU NC 363 3.12 -82.07 84.30
CA GLU NC 363 2.37 -81.71 83.10
C GLU NC 363 2.03 -80.22 83.08
N TRP NC 364 1.62 -79.68 84.23
CA TRP NC 364 1.37 -78.25 84.32
C TRP NC 364 2.64 -77.45 84.01
N MET NC 365 3.81 -77.98 84.38
CA MET NC 365 5.06 -77.31 84.06
C MET NC 365 5.27 -77.20 82.56
N ARG NC 366 4.96 -78.28 81.82
CA ARG NC 366 5.09 -78.23 80.37
C ARG NC 366 4.11 -77.25 79.75
N GLN NC 367 2.86 -77.22 80.22
CA GLN NC 367 1.87 -76.32 79.65
C GLN NC 367 2.24 -74.85 79.84
N ALA NC 368 3.09 -74.53 80.81
CA ALA NC 368 3.57 -73.17 81.00
C ALA NC 368 4.85 -72.86 80.24
N GLY NC 369 5.44 -73.84 79.57
CA GLY NC 369 6.63 -73.64 78.79
C GLY NC 369 7.94 -73.70 79.54
N LEU NC 370 7.92 -74.15 80.80
CA LEU NC 370 9.16 -74.20 81.58
C LEU NC 370 10.10 -75.28 81.06
N LEU NC 371 9.57 -76.46 80.73
CA LEU NC 371 10.40 -77.61 80.40
C LEU NC 371 10.84 -77.65 78.94
N THR NC 372 10.34 -76.76 78.10
CA THR NC 372 10.68 -76.77 76.68
C THR NC 372 11.84 -75.84 76.41
N ALA NC 373 12.89 -76.36 75.79
CA ALA NC 373 14.05 -75.54 75.46
C ALA NC 373 13.71 -74.55 74.36
N ASP NC 374 14.39 -73.41 74.38
CA ASP NC 374 14.13 -72.35 73.41
C ASP NC 374 14.99 -72.60 72.16
N PRO NC 375 14.39 -72.85 71.00
CA PRO NC 375 15.18 -73.14 69.80
C PRO NC 375 15.68 -71.89 69.07
N ARG NC 376 15.40 -70.70 69.59
CA ARG NC 376 15.75 -69.46 68.88
C ARG NC 376 17.24 -69.17 69.08
N VAL NC 377 18.00 -69.26 68.00
CA VAL NC 377 19.43 -68.98 68.00
C VAL NC 377 19.72 -67.94 66.94
N ARG NC 378 20.79 -67.18 67.15
CA ARG NC 378 21.19 -66.16 66.19
C ARG NC 378 21.53 -66.79 64.84
N GLU NC 379 21.02 -66.18 63.78
CA GLU NC 379 21.28 -66.68 62.43
C GLU NC 379 22.60 -66.13 61.89
N ARG NC 380 23.05 -66.70 60.79
CA ARG NC 380 24.28 -66.28 60.14
C ARG NC 380 24.05 -65.01 59.32
N LYS NC 381 25.12 -64.53 58.69
CA LYS NC 381 25.07 -63.39 57.80
C LYS NC 381 25.33 -63.88 56.38
N LYS NC 382 24.37 -63.68 55.49
CA LYS NC 382 24.51 -64.16 54.13
C LYS NC 382 25.49 -63.30 53.35
N PRO NC 383 26.29 -63.90 52.46
CA PRO NC 383 27.21 -63.12 51.64
C PRO NC 383 26.46 -62.27 50.64
N GLY NC 384 26.71 -60.96 50.67
CA GLY NC 384 26.00 -60.03 49.84
C GLY NC 384 24.87 -59.29 50.52
N GLN NC 385 24.72 -59.42 51.84
CA GLN NC 385 23.70 -58.73 52.60
C GLN NC 385 24.33 -58.05 53.80
N GLU NC 386 23.73 -56.93 54.22
CA GLU NC 386 24.23 -56.20 55.37
C GLU NC 386 24.11 -57.02 56.65
N GLY NC 387 22.99 -57.70 56.83
CA GLY NC 387 22.78 -58.52 58.01
C GLY NC 387 22.21 -59.89 57.70
N ALA NC 388 21.51 -60.48 58.66
CA ALA NC 388 20.90 -61.79 58.45
C ALA NC 388 19.77 -61.72 57.44
N ARG NC 389 19.01 -60.63 57.42
CA ARG NC 389 17.91 -60.49 56.48
C ARG NC 389 18.01 -59.19 55.70
N ARG NC 390 18.59 -58.16 56.29
CA ARG NC 390 18.69 -56.87 55.63
C ARG NC 390 19.66 -56.92 54.46
N LYS NC 391 19.25 -56.35 53.34
CA LYS NC 391 20.07 -56.25 52.14
C LYS NC 391 20.51 -54.80 51.94
N PHE NC 392 21.46 -54.61 51.03
CA PHE NC 392 21.93 -53.28 50.71
C PHE NC 392 20.82 -52.48 50.03
N THR NC 393 21.01 -51.16 49.99
CA THR NC 393 20.05 -50.28 49.33
C THR NC 393 19.96 -50.65 47.85
N TRP NC 394 18.71 -50.77 47.36
CA TRP NC 394 18.45 -51.23 46.01
C TRP NC 394 18.06 -50.02 45.16
N LYS NC 395 19.03 -49.49 44.42
CA LYS NC 395 18.78 -48.38 43.51
C LYS NC 395 18.18 -48.91 42.21
N LYS NC 396 16.91 -48.57 41.97
CA LYS NC 396 16.23 -49.08 40.79
C LYS NC 396 16.85 -48.55 39.50
N ARG NC 397 17.22 -47.27 39.49
CA ARG NC 397 17.79 -46.65 38.29
C ARG NC 397 19.10 -45.96 38.60
N SER OC 60 -56.01 -62.72 62.97
CA SER OC 60 -55.75 -61.32 62.64
C SER OC 60 -55.63 -61.13 61.13
N SER OC 61 -56.77 -60.92 60.48
CA SER OC 61 -56.81 -60.74 59.03
C SER OC 61 -56.42 -59.30 58.70
N PHE OC 62 -55.28 -59.13 58.04
CA PHE OC 62 -54.79 -57.82 57.63
C PHE OC 62 -54.71 -57.78 56.12
N SER OC 63 -55.26 -56.71 55.53
CA SER OC 63 -55.30 -56.54 54.09
C SER OC 63 -54.30 -55.46 53.68
N ILE OC 64 -53.49 -55.77 52.68
CA ILE OC 64 -52.49 -54.81 52.19
C ILE OC 64 -53.17 -53.64 51.51
N TYR OC 65 -54.25 -53.89 50.79
CA TYR OC 65 -54.90 -52.85 50.01
C TYR OC 65 -55.48 -51.77 50.92
N PRO OC 66 -55.42 -50.50 50.50
CA PRO OC 66 -55.94 -49.41 51.34
C PRO OC 66 -57.44 -49.49 51.47
N PRO OC 67 -58.00 -48.92 52.54
CA PRO OC 67 -59.47 -48.87 52.67
C PRO OC 67 -60.07 -47.94 51.63
N ILE OC 68 -60.96 -48.46 50.80
CA ILE OC 68 -61.56 -47.65 49.75
C ILE OC 68 -62.47 -46.60 50.38
N PRO OC 69 -62.42 -45.34 49.94
CA PRO OC 69 -63.30 -44.31 50.53
C PRO OC 69 -64.77 -44.59 50.34
N GLY OC 70 -65.15 -45.29 49.26
CA GLY OC 70 -66.56 -45.59 49.05
C GLY OC 70 -67.15 -46.46 50.15
N GLN OC 71 -66.41 -47.46 50.60
CA GLN OC 71 -66.88 -48.35 51.65
C GLN OC 71 -66.63 -47.69 53.01
N GLU OC 72 -67.03 -48.36 54.09
CA GLU OC 72 -66.85 -47.85 55.44
C GLU OC 72 -66.06 -48.90 56.24
N ASN OC 73 -64.78 -48.63 56.43
CA ASN OC 73 -63.89 -49.53 57.19
C ASN OC 73 -63.65 -48.95 58.57
N SER OC 74 -63.92 -49.76 59.60
CA SER OC 74 -63.75 -49.33 60.99
C SER OC 74 -62.27 -49.43 61.40
N LEU OC 75 -61.47 -48.58 60.77
CA LEU OC 75 -60.02 -48.53 61.02
C LEU OC 75 -59.61 -47.07 61.11
N ARG OC 76 -59.67 -46.52 62.31
CA ARG OC 76 -59.39 -45.10 62.57
C ARG OC 76 -58.10 -44.97 63.35
N TRP OC 77 -57.21 -44.10 62.88
CA TRP OC 77 -55.98 -43.79 63.60
C TRP OC 77 -56.14 -42.44 64.29
N ALA OC 78 -55.87 -42.42 65.60
CA ALA OC 78 -55.96 -41.20 66.40
C ALA OC 78 -57.32 -40.51 66.25
N GLY OC 79 -58.38 -41.31 66.13
CA GLY OC 79 -59.72 -40.79 66.12
C GLY OC 79 -60.20 -40.23 64.79
N LYS OC 80 -59.41 -40.32 63.73
CA LYS OC 80 -59.79 -39.79 62.43
C LYS OC 80 -59.67 -40.88 61.37
N LYS OC 81 -60.36 -40.67 60.26
CA LYS OC 81 -60.47 -41.67 59.21
C LYS OC 81 -59.17 -41.77 58.43
N PHE OC 82 -59.20 -42.59 57.37
CA PHE OC 82 -58.00 -42.82 56.56
C PHE OC 82 -57.66 -41.60 55.72
N GLU OC 83 -58.66 -40.99 55.08
CA GLU OC 83 -58.40 -39.87 54.19
C GLU OC 83 -58.09 -38.58 54.94
N GLU OC 84 -58.47 -38.49 56.22
CA GLU OC 84 -58.19 -37.28 57.00
C GLU OC 84 -56.73 -37.18 57.42
N ILE OC 85 -55.98 -38.28 57.33
CA ILE OC 85 -54.59 -38.30 57.80
C ILE OC 85 -53.71 -37.51 56.82
N PRO OC 86 -52.81 -36.66 57.31
CA PRO OC 86 -51.98 -35.85 56.41
C PRO OC 86 -51.09 -36.71 55.53
N ILE OC 87 -50.44 -36.04 54.57
CA ILE OC 87 -49.65 -36.69 53.53
C ILE OC 87 -48.21 -36.19 53.61
N ALA OC 88 -47.27 -37.10 53.40
CA ALA OC 88 -45.84 -36.78 53.36
C ALA OC 88 -45.32 -37.09 51.97
N HIS OC 89 -45.06 -36.06 51.18
CA HIS OC 89 -44.54 -36.24 49.83
C HIS OC 89 -43.01 -36.32 49.87
N ILE OC 90 -42.47 -37.35 49.22
CA ILE OC 90 -41.02 -37.58 49.19
C ILE OC 90 -40.59 -37.63 47.74
N LYS OC 91 -39.76 -36.68 47.33
CA LYS OC 91 -39.19 -36.65 45.99
C LYS OC 91 -37.71 -37.01 46.11
N ALA OC 92 -37.38 -38.27 45.83
CA ALA OC 92 -36.02 -38.79 45.95
C ALA OC 92 -35.40 -38.80 44.56
N SER OC 93 -34.73 -37.69 44.22
CA SER OC 93 -34.06 -37.57 42.93
C SER OC 93 -32.67 -38.22 43.03
N TYR OC 94 -31.90 -38.15 41.95
CA TYR OC 94 -30.57 -38.74 41.92
C TYR OC 94 -29.50 -37.81 42.50
N ASN OC 95 -29.85 -36.57 42.82
CA ASN OC 95 -28.92 -35.65 43.44
C ASN OC 95 -29.47 -34.95 44.67
N ASN OC 96 -30.77 -35.04 44.95
CA ASN OC 96 -31.37 -34.36 46.08
C ASN OC 96 -32.61 -35.12 46.52
N THR OC 97 -32.96 -34.96 47.79
CA THR OC 97 -34.18 -35.54 48.36
C THR OC 97 -34.95 -34.43 49.07
N GLN OC 98 -36.19 -34.22 48.65
CA GLN OC 98 -37.04 -33.17 49.18
C GLN OC 98 -38.23 -33.80 49.89
N ILE OC 99 -38.49 -33.35 51.11
CA ILE OC 99 -39.56 -33.91 51.95
C ILE OC 99 -40.51 -32.77 52.32
N GLN OC 100 -41.80 -32.99 52.07
CA GLN OC 100 -42.82 -32.01 52.42
C GLN OC 100 -44.04 -32.75 52.97
N VAL OC 101 -44.60 -32.24 54.06
CA VAL OC 101 -45.80 -32.79 54.67
C VAL OC 101 -46.95 -31.82 54.45
N VAL OC 102 -48.08 -32.34 53.95
CA VAL OC 102 -49.27 -31.54 53.70
C VAL OC 102 -50.45 -32.18 54.41
N SER OC 103 -51.44 -31.36 54.73
CA SER OC 103 -52.62 -31.81 55.44
C SER OC 103 -53.57 -32.54 54.50
N ALA OC 104 -54.68 -33.03 55.05
CA ALA OC 104 -55.69 -33.69 54.22
C ALA OC 104 -56.29 -32.73 53.20
N ALA OC 105 -56.30 -31.43 53.50
CA ALA OC 105 -56.78 -30.42 52.58
C ALA OC 105 -55.67 -29.86 51.69
N HIS OC 106 -54.56 -30.60 51.56
CA HIS OC 106 -53.44 -30.20 50.71
C HIS OC 106 -52.89 -28.82 51.11
N GLN OC 107 -52.84 -28.56 52.42
CA GLN OC 107 -52.24 -27.35 52.94
C GLN OC 107 -50.89 -27.68 53.55
N PRO OC 108 -49.79 -27.10 53.05
CA PRO OC 108 -48.46 -27.49 53.54
C PRO OC 108 -48.27 -27.15 55.01
N LEU OC 109 -47.60 -28.06 55.72
CA LEU OC 109 -47.28 -27.86 57.13
C LEU OC 109 -45.81 -27.53 57.33
N ALA OC 110 -44.92 -28.41 56.84
CA ALA OC 110 -43.48 -28.21 57.01
C ALA OC 110 -42.76 -28.73 55.77
N HIS OC 111 -41.61 -28.13 55.49
CA HIS OC 111 -40.79 -28.50 54.34
C HIS OC 111 -39.35 -28.69 54.78
N ALA OC 112 -38.70 -29.71 54.22
CA ALA OC 112 -37.31 -29.99 54.55
C ALA OC 112 -36.66 -30.70 53.38
N SER OC 113 -35.35 -30.48 53.21
CA SER OC 113 -34.60 -31.07 52.13
C SER OC 113 -33.13 -31.14 52.55
N CYS OC 114 -32.37 -31.95 51.81
CA CYS OC 114 -30.96 -32.13 52.13
C CYS OC 114 -30.19 -30.82 52.00
N GLY OC 115 -30.58 -29.97 51.05
CA GLY OC 115 -29.89 -28.69 50.91
C GLY OC 115 -30.11 -27.77 52.08
N THR OC 116 -31.34 -27.75 52.62
CA THR OC 116 -31.67 -26.86 53.73
C THR OC 116 -31.08 -27.31 55.06
N GLU OC 117 -30.60 -28.56 55.15
CA GLU OC 117 -30.04 -29.09 56.38
C GLU OC 117 -28.53 -28.92 56.49
N GLY OC 118 -27.93 -28.14 55.58
CA GLY OC 118 -26.51 -27.88 55.60
C GLY OC 118 -25.69 -28.68 54.61
N PHE OC 119 -26.22 -29.79 54.10
CA PHE OC 119 -25.52 -30.55 53.08
C PHE OC 119 -25.44 -29.74 51.79
N ARG OC 120 -24.33 -29.86 51.09
CA ARG OC 120 -24.03 -29.04 49.92
C ARG OC 120 -23.42 -29.89 48.83
N ASN OC 121 -23.86 -29.66 47.59
CA ASN OC 121 -23.32 -30.31 46.40
C ASN OC 121 -23.53 -31.82 46.44
N ALA OC 122 -22.47 -32.58 46.13
CA ALA OC 122 -22.58 -34.03 46.05
C ALA OC 122 -22.96 -34.66 47.39
N LYS OC 123 -22.67 -33.96 48.49
CA LYS OC 123 -22.98 -34.52 49.81
C LYS OC 123 -24.47 -34.73 50.01
N LYS OC 124 -25.30 -33.81 49.50
CA LYS OC 124 -26.74 -33.89 49.75
C LYS OC 124 -27.40 -35.06 49.03
N GLY OC 125 -26.73 -35.67 48.05
CA GLY OC 125 -27.28 -36.81 47.35
C GLY OC 125 -27.08 -38.14 48.03
N THR OC 126 -26.33 -38.18 49.12
CA THR OC 126 -26.10 -39.42 49.84
C THR OC 126 -27.31 -39.80 50.70
N GLY OC 127 -27.31 -41.05 51.16
CA GLY OC 127 -28.41 -41.52 52.00
C GLY OC 127 -28.46 -40.82 53.34
N ILE OC 128 -27.30 -40.52 53.92
CA ILE OC 128 -27.28 -39.88 55.23
C ILE OC 128 -27.95 -38.51 55.18
N ALA OC 129 -27.73 -37.77 54.10
CA ALA OC 129 -28.37 -36.46 53.97
C ALA OC 129 -29.90 -36.58 53.96
N ALA OC 130 -30.42 -37.57 53.24
CA ALA OC 130 -31.87 -37.79 53.25
C ALA OC 130 -32.35 -38.27 54.62
N GLN OC 131 -31.52 -39.04 55.32
CA GLN OC 131 -31.91 -39.50 56.65
C GLN OC 131 -32.04 -38.34 57.62
N THR OC 132 -31.10 -37.39 57.56
CA THR OC 132 -31.18 -36.21 58.43
C THR OC 132 -32.38 -35.34 58.09
N ALA OC 133 -32.71 -35.23 56.81
CA ALA OC 133 -33.84 -34.42 56.40
C ALA OC 133 -35.15 -34.99 56.96
N GLY OC 134 -35.28 -36.31 56.97
CA GLY OC 134 -36.47 -36.93 57.52
C GLY OC 134 -36.64 -36.64 59.00
N ILE OC 135 -35.54 -36.66 59.75
CA ILE OC 135 -35.60 -36.33 61.17
C ILE OC 135 -36.02 -34.88 61.37
N ALA OC 136 -35.44 -33.97 60.60
CA ALA OC 136 -35.79 -32.56 60.73
C ALA OC 136 -37.23 -32.30 60.30
N ALA OC 137 -37.68 -32.94 59.22
CA ALA OC 137 -39.05 -32.73 58.76
C ALA OC 137 -40.06 -33.26 59.78
N ALA OC 138 -39.79 -34.42 60.37
CA ALA OC 138 -40.69 -34.95 61.39
C ALA OC 138 -40.73 -34.06 62.62
N ALA OC 139 -39.58 -33.52 63.02
CA ALA OC 139 -39.54 -32.66 64.20
C ALA OC 139 -40.38 -31.40 63.98
N LYS OC 140 -40.27 -30.79 62.80
CA LYS OC 140 -41.09 -29.62 62.51
C LYS OC 140 -42.56 -29.98 62.37
N ALA OC 141 -42.84 -31.15 61.79
CA ALA OC 141 -44.23 -31.60 61.65
C ALA OC 141 -44.85 -31.90 63.01
N THR OC 142 -44.11 -32.60 63.88
CA THR OC 142 -44.64 -32.95 65.19
C THR OC 142 -44.94 -31.72 66.03
N GLY OC 143 -44.23 -30.61 65.77
CA GLY OC 143 -44.53 -29.38 66.48
C GLY OC 143 -45.94 -28.86 66.21
N LYS OC 144 -46.45 -29.08 65.00
CA LYS OC 144 -47.80 -28.67 64.65
C LYS OC 144 -48.86 -29.68 65.06
N GLY OC 145 -48.45 -30.82 65.64
CA GLY OC 145 -49.41 -31.76 66.17
C GLY OC 145 -49.95 -32.77 65.18
N VAL OC 146 -49.07 -33.51 64.52
CA VAL OC 146 -49.46 -34.59 63.62
C VAL OC 146 -48.78 -35.87 64.09
N THR OC 147 -49.56 -36.95 64.22
CA THR OC 147 -49.05 -38.22 64.70
C THR OC 147 -48.86 -39.24 63.58
N HIS OC 148 -49.90 -39.48 62.79
CA HIS OC 148 -49.85 -40.42 61.68
C HIS OC 148 -49.81 -39.66 60.35
N VAL OC 149 -49.15 -40.24 59.37
CA VAL OC 149 -49.00 -39.62 58.05
C VAL OC 149 -48.91 -40.71 57.01
N ARG OC 150 -49.44 -40.43 55.83
CA ARG OC 150 -49.35 -41.32 54.68
C ARG OC 150 -48.24 -40.80 53.77
N VAL OC 151 -47.20 -41.61 53.58
CA VAL OC 151 -46.02 -41.18 52.85
C VAL OC 151 -46.15 -41.58 51.39
N VAL OC 152 -45.90 -40.62 50.50
CA VAL OC 152 -45.94 -40.84 49.06
C VAL OC 152 -44.52 -40.64 48.52
N VAL OC 153 -43.98 -41.65 47.86
CA VAL OC 153 -42.63 -41.62 47.34
C VAL OC 153 -42.68 -41.27 45.86
N LYS OC 154 -41.93 -40.23 45.48
CA LYS OC 154 -41.88 -39.77 44.10
C LYS OC 154 -40.50 -40.05 43.53
N GLY OC 155 -40.46 -40.79 42.42
CA GLY OC 155 -39.22 -41.07 41.74
C GLY OC 155 -38.41 -42.17 42.42
N LEU OC 156 -37.32 -42.55 41.75
CA LEU OC 156 -36.40 -43.56 42.24
C LEU OC 156 -35.05 -42.90 42.46
N GLY OC 157 -34.49 -43.06 43.66
CA GLY OC 157 -33.23 -42.46 44.00
C GLY OC 157 -32.58 -43.11 45.20
N PRO OC 158 -31.38 -42.65 45.55
CA PRO OC 158 -30.67 -43.24 46.70
C PRO OC 158 -31.27 -42.88 48.05
N GLY OC 159 -32.14 -41.87 48.12
CA GLY OC 159 -32.71 -41.42 49.37
C GLY OC 159 -34.08 -41.96 49.70
N ARG OC 160 -34.55 -43.00 49.00
CA ARG OC 160 -35.89 -43.53 49.28
C ARG OC 160 -35.93 -44.22 50.65
N LEU OC 161 -34.97 -45.10 50.93
CA LEU OC 161 -34.97 -45.81 52.20
C LEU OC 161 -34.70 -44.87 53.37
N SER OC 162 -33.74 -43.95 53.21
CA SER OC 162 -33.35 -43.10 54.32
C SER OC 162 -34.49 -42.18 54.75
N ALA OC 163 -35.21 -41.60 53.78
CA ALA OC 163 -36.30 -40.70 54.12
C ALA OC 163 -37.46 -41.44 54.78
N ILE OC 164 -37.70 -42.69 54.38
CA ILE OC 164 -38.77 -43.48 54.99
C ILE OC 164 -38.49 -43.70 56.47
N LYS OC 165 -37.28 -44.17 56.80
CA LYS OC 165 -36.93 -44.38 58.20
C LYS OC 165 -36.52 -43.11 58.90
N GLY OC 166 -36.22 -42.04 58.16
CA GLY OC 166 -35.93 -40.77 58.79
C GLY OC 166 -37.13 -40.20 59.51
N LEU OC 167 -38.32 -40.34 58.92
CA LEU OC 167 -39.54 -39.90 59.59
C LEU OC 167 -39.87 -40.76 60.79
N THR OC 168 -39.59 -42.06 60.72
CA THR OC 168 -39.90 -42.96 61.83
C THR OC 168 -39.07 -42.60 63.06
N MET OC 169 -37.79 -42.31 62.88
CA MET OC 169 -36.93 -41.96 63.99
C MET OC 169 -37.05 -40.50 64.40
N GLY OC 170 -37.78 -39.70 63.65
CA GLY OC 170 -38.00 -38.30 63.98
C GLY OC 170 -39.23 -38.03 64.83
N GLY OC 171 -39.86 -39.07 65.38
CA GLY OC 171 -41.06 -38.88 66.15
C GLY OC 171 -42.34 -38.88 65.34
N LEU OC 172 -42.32 -39.44 64.13
CA LEU OC 172 -43.49 -39.48 63.26
C LEU OC 172 -43.76 -40.91 62.86
N GLU OC 173 -45.03 -41.28 62.81
CA GLU OC 173 -45.46 -42.64 62.50
C GLU OC 173 -46.11 -42.67 61.13
N VAL OC 174 -45.73 -43.65 60.32
CA VAL OC 174 -46.29 -43.83 58.99
C VAL OC 174 -47.12 -45.11 58.99
N ILE OC 175 -48.20 -45.10 58.22
CA ILE OC 175 -49.09 -46.25 58.14
C ILE OC 175 -49.24 -46.79 56.72
N SER OC 176 -49.06 -45.98 55.69
CA SER OC 176 -49.25 -46.41 54.32
C SER OC 176 -48.15 -45.85 53.45
N ILE OC 177 -47.68 -46.66 52.49
CA ILE OC 177 -46.61 -46.27 51.58
C ILE OC 177 -47.16 -46.29 50.17
N THR OC 178 -46.95 -45.20 49.42
CA THR OC 178 -47.39 -45.10 48.05
C THR OC 178 -46.22 -44.66 47.18
N ASP OC 179 -46.05 -45.34 46.03
CA ASP OC 179 -45.03 -45.00 45.07
C ASP OC 179 -45.70 -44.35 43.86
N ASN OC 180 -45.35 -43.10 43.59
CA ASN OC 180 -45.96 -42.36 42.49
C ASN OC 180 -44.90 -41.87 41.52
N THR OC 181 -43.97 -42.75 41.16
CA THR OC 181 -42.91 -42.39 40.24
C THR OC 181 -43.52 -42.04 38.88
N PRO OC 182 -43.13 -40.91 38.27
CA PRO OC 182 -43.69 -40.55 36.97
C PRO OC 182 -43.30 -41.54 35.89
N ILE OC 183 -44.29 -42.28 35.38
CA ILE OC 183 -44.06 -43.33 34.40
C ILE OC 183 -44.84 -42.97 33.13
N PRO OC 184 -44.16 -42.40 32.13
CA PRO OC 184 -44.84 -42.07 30.87
C PRO OC 184 -45.24 -43.34 30.13
N HIS OC 185 -46.33 -43.23 29.37
CA HIS OC 185 -46.82 -44.37 28.61
C HIS OC 185 -46.65 -44.19 27.11
N GLY OC 187 -45.02 -39.98 25.49
CA GLY OC 187 -44.50 -38.99 26.40
C GLY OC 187 -43.33 -38.22 25.84
N CYS OC 188 -42.76 -37.33 26.65
CA CYS OC 188 -41.62 -36.55 26.21
C CYS OC 188 -40.41 -37.45 26.00
N ARG OC 189 -39.63 -37.13 24.97
CA ARG OC 189 -38.42 -37.89 24.67
C ARG OC 189 -37.32 -37.51 25.66
N PRO OC 190 -36.77 -38.45 26.42
CA PRO OC 190 -35.73 -38.10 27.39
C PRO OC 190 -34.40 -37.79 26.71
N ARG OC 191 -33.44 -37.37 27.51
CA ARG OC 191 -32.15 -36.98 26.99
C ARG OC 191 -31.38 -38.18 26.43
N LYS OC 192 -30.34 -37.87 25.66
CA LYS OC 192 -29.54 -38.92 25.03
C LYS OC 192 -28.67 -39.61 26.07
N ALA OC 193 -27.95 -40.64 25.63
CA ALA OC 193 -27.12 -41.43 26.52
C ALA OC 193 -25.84 -40.67 26.86
N ARG OC 194 -25.14 -41.16 27.89
CA ARG OC 194 -23.88 -40.58 28.34
C ARG OC 194 -22.77 -41.59 28.06
N ARG OC 195 -21.88 -41.24 27.14
CA ARG OC 195 -20.74 -42.09 26.80
C ARG OC 195 -19.57 -41.79 27.74
N LEU OC 196 -19.76 -42.17 29.00
CA LEU OC 196 -18.73 -41.95 30.02
C LEU OC 196 -17.57 -42.94 29.84
N MET PC 288 -21.56 -58.13 -55.99
CA MET PC 288 -21.22 -57.76 -54.62
C MET PC 288 -21.51 -56.28 -54.36
N ALA PC 289 -21.90 -55.97 -53.13
CA ALA PC 289 -22.24 -54.60 -52.75
C ALA PC 289 -22.12 -54.45 -51.25
N ARG PC 290 -22.06 -53.19 -50.80
CA ARG PC 290 -22.01 -52.86 -49.39
C ARG PC 290 -22.97 -51.71 -49.11
N LYS PC 291 -23.17 -51.43 -47.83
CA LYS PC 291 -24.06 -50.33 -47.42
C LYS PC 291 -23.36 -48.98 -47.44
N LYS PC 292 -22.07 -48.91 -47.73
CA LYS PC 292 -21.33 -47.65 -47.73
C LYS PC 292 -20.90 -47.25 -49.14
N VAL PC 293 -21.71 -47.60 -50.15
CA VAL PC 293 -21.34 -47.34 -51.53
C VAL PC 293 -21.43 -45.84 -51.80
N ARG PC 294 -20.35 -45.28 -52.37
CA ARG PC 294 -20.28 -43.86 -52.71
C ARG PC 294 -20.56 -43.68 -54.20
N PRO PC 295 -21.49 -42.79 -54.57
CA PRO PC 295 -21.87 -42.63 -55.99
C PRO PC 295 -20.85 -41.84 -56.81
N ARG PC 296 -19.81 -42.54 -57.26
CA ARG PC 296 -18.78 -41.92 -58.08
C ARG PC 296 -19.38 -41.42 -59.40
N LEU PC 297 -19.02 -40.19 -59.77
CA LEU PC 297 -19.53 -39.57 -60.98
C LEU PC 297 -18.45 -39.13 -61.96
N ILE PC 298 -17.23 -38.86 -61.49
CA ILE PC 298 -16.18 -38.38 -62.39
C ILE PC 298 -15.79 -39.44 -63.40
N ALA PC 299 -15.81 -40.72 -62.99
CA ALA PC 299 -15.45 -41.80 -63.92
C ALA PC 299 -16.41 -41.85 -65.09
N GLU PC 300 -17.72 -41.71 -64.82
CA GLU PC 300 -18.69 -41.64 -65.91
C GLU PC 300 -18.52 -40.37 -66.72
N LEU PC 301 -18.19 -39.26 -66.05
CA LEU PC 301 -17.97 -37.99 -66.76
C LEU PC 301 -16.78 -38.09 -67.71
N ALA PC 302 -15.70 -38.73 -67.27
CA ALA PC 302 -14.53 -38.89 -68.13
C ALA PC 302 -14.83 -39.79 -69.32
N ARG PC 303 -15.65 -40.83 -69.09
CA ARG PC 303 -15.98 -41.75 -70.17
C ARG PC 303 -16.74 -41.05 -71.30
N ARG PC 304 -17.70 -40.19 -70.93
CA ARG PC 304 -18.48 -39.47 -71.95
C ARG PC 304 -17.60 -38.52 -72.75
N VAL PC 305 -16.74 -37.77 -72.06
CA VAL PC 305 -15.87 -36.81 -72.74
C VAL PC 305 -14.85 -37.52 -73.60
N ARG PC 306 -14.26 -38.61 -73.09
CA ARG PC 306 -13.27 -39.35 -73.87
C ARG PC 306 -13.92 -39.96 -75.12
N ALA PC 307 -15.12 -40.53 -74.97
CA ALA PC 307 -15.83 -41.07 -76.12
C ALA PC 307 -16.23 -39.95 -77.09
N LEU PC 308 -16.65 -38.81 -76.56
CA LEU PC 308 -16.99 -37.68 -77.42
C LEU PC 308 -15.77 -37.15 -78.15
N ARG PC 309 -14.62 -37.11 -77.48
CA ARG PC 309 -13.42 -36.54 -78.09
C ARG PC 309 -12.95 -37.36 -79.29
N GLU PC 310 -12.93 -38.68 -79.17
CA GLU PC 310 -12.43 -39.51 -80.26
C GLU PC 310 -13.36 -39.45 -81.46
N GLN PC 311 -14.67 -39.39 -81.23
CA GLN PC 311 -15.60 -39.24 -82.35
C GLN PC 311 -15.41 -37.91 -83.05
N ARG PC 312 -15.22 -36.83 -82.28
CA ARG PC 312 -15.01 -35.51 -82.88
C ARG PC 312 -13.63 -35.41 -83.53
N GLU PC 313 -12.62 -36.02 -82.90
CA GLU PC 313 -11.24 -35.95 -83.39
C GLU PC 313 -10.81 -37.24 -84.07
N ARG PC 314 -11.72 -37.90 -84.78
CA ARG PC 314 -11.37 -39.15 -85.45
C ARG PC 314 -10.37 -38.88 -86.56
N PRO PC 315 -9.19 -39.52 -86.54
CA PRO PC 315 -8.19 -39.25 -87.58
C PRO PC 315 -8.72 -39.63 -88.96
N ARG PC 316 -8.35 -38.84 -89.96
CA ARG PC 316 -8.76 -39.12 -91.32
C ARG PC 316 -7.82 -40.15 -91.94
N ASP PC 317 -8.33 -40.85 -92.96
CA ASP PC 317 -7.54 -41.91 -93.58
C ASP PC 317 -6.30 -41.37 -94.29
N SER PC 318 -6.38 -40.15 -94.83
CA SER PC 318 -5.22 -39.57 -95.51
C SER PC 318 -4.08 -39.32 -94.54
N GLN PC 319 -4.37 -38.64 -93.43
CA GLN PC 319 -3.33 -38.32 -92.45
C GLN PC 319 -2.91 -39.54 -91.64
N ARG PC 320 -3.78 -40.53 -91.48
CA ARG PC 320 -3.43 -41.72 -90.71
C ARG PC 320 -2.43 -42.60 -91.46
N TYR PC 321 -2.60 -42.71 -92.77
CA TYR PC 321 -1.78 -43.61 -93.59
C TYR PC 321 -0.73 -42.88 -94.40
N ALA PC 322 -0.54 -41.58 -94.17
CA ALA PC 322 0.52 -40.85 -94.86
C ALA PC 322 1.89 -41.39 -94.43
N LEU PC 323 2.74 -41.67 -95.42
CA LEU PC 323 4.00 -42.35 -95.18
C LEU PC 323 5.14 -41.61 -95.86
N ASP PC 324 6.27 -41.52 -95.17
CA ASP PC 324 7.51 -40.99 -95.75
C ASP PC 324 8.26 -42.12 -96.44
N TYR PC 325 8.66 -41.90 -97.69
CA TYR PC 325 9.24 -42.94 -98.52
C TYR PC 325 10.76 -43.05 -98.38
N GLU PC 326 11.39 -42.22 -97.54
CA GLU PC 326 12.82 -42.31 -97.32
C GLU PC 326 13.17 -43.02 -96.02
N THR PC 327 12.61 -42.57 -94.90
CA THR PC 327 12.86 -43.21 -93.61
C THR PC 327 11.99 -44.44 -93.38
N MET PC 328 10.98 -44.66 -94.23
CA MET PC 328 10.04 -45.78 -94.07
C MET PC 328 9.40 -45.76 -92.67
N MET PC 329 9.08 -44.56 -92.20
CA MET PC 329 8.48 -44.37 -90.88
C MET PC 329 7.15 -43.63 -91.03
N ARG PC 330 6.14 -44.08 -90.30
CA ARG PC 330 4.82 -43.49 -90.37
C ARG PC 330 4.77 -42.29 -89.45
N PRO PC 331 4.60 -41.06 -89.96
CA PRO PC 331 4.59 -39.89 -89.08
C PRO PC 331 3.46 -39.91 -88.04
N HIS PC 332 2.31 -40.49 -88.37
CA HIS PC 332 1.19 -40.48 -87.44
C HIS PC 332 1.37 -41.52 -86.33
N SER PC 333 1.49 -42.79 -86.71
CA SER PC 333 1.58 -43.87 -85.72
C SER PC 333 2.99 -44.07 -85.19
N GLY PC 334 4.00 -43.47 -85.81
CA GLY PC 334 5.37 -43.65 -85.36
C GLY PC 334 5.92 -45.04 -85.60
N ASN PC 335 5.34 -45.78 -86.54
CA ASN PC 335 5.75 -47.15 -86.80
C ASN PC 335 6.65 -47.22 -88.03
N ARG PC 336 7.61 -48.13 -87.99
CA ARG PC 336 8.53 -48.37 -89.09
C ARG PC 336 8.15 -49.67 -89.79
N LEU PC 337 8.01 -49.62 -91.10
CA LEU PC 337 7.58 -50.80 -91.85
C LEU PC 337 8.70 -51.84 -91.88
N PRO PC 338 8.33 -53.12 -91.94
CA PRO PC 338 9.37 -54.17 -92.02
C PRO PC 338 10.12 -54.09 -93.33
N MET PC 339 11.37 -54.57 -93.29
CA MET PC 339 12.22 -54.51 -94.48
C MET PC 339 11.70 -55.37 -95.62
N ARG PC 340 10.86 -56.36 -95.34
CA ARG PC 340 10.28 -57.18 -96.39
C ARG PC 340 9.28 -56.43 -97.25
N ALA PC 341 8.84 -55.24 -96.82
CA ALA PC 341 7.87 -54.45 -97.57
C ALA PC 341 8.45 -53.16 -98.13
N TRP PC 342 9.75 -52.92 -97.93
CA TRP PC 342 10.36 -51.70 -98.45
C TRP PC 342 10.38 -51.70 -99.98
N ALA PC 343 10.69 -52.84 -100.59
CA ALA PC 343 10.83 -52.88 -102.04
C ALA PC 343 9.51 -52.62 -102.75
N ASP PC 344 8.42 -53.19 -102.24
CA ASP PC 344 7.13 -53.07 -102.91
C ASP PC 344 6.56 -51.66 -102.83
N VAL PC 345 6.88 -50.90 -101.77
CA VAL PC 345 6.35 -49.55 -101.65
C VAL PC 345 6.91 -48.64 -102.74
N ARG PC 346 8.22 -48.72 -102.99
CA ARG PC 346 8.85 -47.85 -103.96
C ARG PC 346 8.66 -48.31 -105.40
N HIS PC 347 8.22 -49.56 -105.62
CA HIS PC 347 8.12 -50.11 -106.96
C HIS PC 347 6.69 -50.46 -107.35
N GLU PC 348 5.70 -49.86 -106.68
CA GLU PC 348 4.30 -50.15 -106.98
C GLU PC 348 3.45 -49.01 -106.43
N SER PC 349 2.14 -49.10 -106.70
CA SER PC 349 1.17 -48.13 -106.21
C SER PC 349 0.01 -48.85 -105.56
N ARG PC 350 -0.65 -48.17 -104.62
CA ARG PC 350 -1.75 -48.76 -103.89
C ARG PC 350 -3.01 -48.76 -104.76
N LEU PC 351 -4.14 -49.17 -104.17
CA LEU PC 351 -5.38 -49.30 -104.94
C LEU PC 351 -5.88 -47.93 -105.41
N LEU PC 352 -5.94 -46.96 -104.50
CA LEU PC 352 -6.55 -45.68 -104.84
C LEU PC 352 -5.69 -44.87 -105.80
N GLN PC 353 -4.37 -45.08 -105.79
CA GLN PC 353 -3.51 -44.37 -106.73
C GLN PC 353 -3.79 -44.80 -108.16
N LEU PC 354 -4.12 -46.06 -108.36
CA LEU PC 354 -4.47 -46.58 -109.68
C LEU PC 354 -5.96 -46.55 -109.96
N LEU PC 355 -6.77 -46.01 -109.04
CA LEU PC 355 -8.21 -45.96 -109.20
C LEU PC 355 -8.76 -44.56 -109.36
N ASN PC 356 -8.02 -43.53 -108.97
CA ASN PC 356 -8.51 -42.16 -109.07
C ASN PC 356 -8.71 -41.74 -110.52
N ARG PC 357 -7.80 -42.14 -111.42
CA ARG PC 357 -7.87 -41.73 -112.81
C ARG PC 357 -8.80 -42.65 -113.62
N LEU PC 358 -10.03 -42.75 -113.14
CA LEU PC 358 -11.08 -43.53 -113.80
C LEU PC 358 -12.38 -42.75 -113.70
N PRO PC 359 -13.29 -42.93 -114.68
CA PRO PC 359 -14.51 -42.10 -114.73
C PRO PC 359 -15.36 -42.13 -113.47
N LEU PC 360 -15.82 -43.32 -113.10
CA LEU PC 360 -16.63 -43.51 -111.90
C LEU PC 360 -15.85 -44.25 -110.83
N PHE PC 361 -14.56 -43.96 -110.73
CA PHE PC 361 -13.65 -44.65 -109.80
C PHE PC 361 -13.67 -46.16 -110.06
N GLY PC 362 -13.76 -46.54 -111.33
CA GLY PC 362 -13.63 -47.93 -111.72
C GLY PC 362 -14.70 -48.86 -111.22
N LEU PC 363 -15.97 -48.46 -111.30
CA LEU PC 363 -17.05 -49.37 -110.97
C LEU PC 363 -17.17 -50.46 -112.03
N GLY PC 364 -17.23 -51.71 -111.58
CA GLY PC 364 -17.28 -52.84 -112.49
C GLY PC 364 -15.94 -53.26 -113.04
N ARG PC 365 -14.86 -52.59 -112.68
CA ARG PC 365 -13.54 -52.94 -113.16
C ARG PC 365 -13.00 -54.15 -112.39
N LEU PC 366 -11.95 -54.76 -112.94
CA LEU PC 366 -11.26 -55.87 -112.31
C LEU PC 366 -9.91 -55.39 -111.81
N VAL PC 367 -9.64 -55.62 -110.52
CA VAL PC 367 -8.41 -55.18 -109.88
C VAL PC 367 -7.69 -56.41 -109.33
N THR PC 368 -6.42 -56.53 -109.67
CA THR PC 368 -5.58 -57.63 -109.18
C THR PC 368 -4.56 -57.08 -108.19
N ARG PC 369 -3.82 -58.00 -107.57
CA ARG PC 369 -2.83 -57.66 -106.57
C ARG PC 369 -1.55 -58.45 -106.84
N LYS PC 370 -0.40 -57.81 -106.62
CA LYS PC 370 0.87 -58.45 -106.92
C LYS PC 370 1.11 -59.69 -106.06
N SER PC 371 0.55 -59.72 -104.85
CA SER PC 371 0.76 -60.86 -103.96
C SER PC 371 0.22 -62.15 -104.57
N TRP PC 372 -1.01 -62.10 -105.11
CA TRP PC 372 -1.58 -63.30 -105.71
C TRP PC 372 -0.89 -63.66 -107.02
N LEU PC 373 -0.46 -62.66 -107.79
CA LEU PC 373 0.14 -62.93 -109.09
C LEU PC 373 1.45 -63.70 -108.97
N TRP PC 374 2.28 -63.35 -107.99
CA TRP PC 374 3.59 -64.00 -107.87
C TRP PC 374 3.46 -65.44 -107.40
N GLN PC 375 2.54 -65.71 -106.47
CA GLN PC 375 2.45 -67.04 -105.86
C GLN PC 375 1.45 -67.95 -106.55
N HIS PC 376 0.38 -67.42 -107.12
CA HIS PC 376 -0.68 -68.22 -107.72
C HIS PC 376 -0.67 -68.05 -109.22
N ASP PC 377 -0.57 -69.16 -109.95
CA ASP PC 377 -0.70 -69.12 -111.40
C ASP PC 377 -2.13 -68.80 -111.81
N GLU PC 378 -3.11 -69.30 -111.06
CA GLU PC 378 -4.50 -69.03 -111.35
C GLU PC 378 -4.81 -67.55 -111.13
N PRO PC 379 -5.70 -66.97 -111.93
CA PRO PC 379 -6.00 -65.54 -111.79
C PRO PC 379 -6.82 -65.27 -110.53
N CYS PC 380 -6.48 -64.17 -109.86
CA CYS PC 380 -7.21 -63.68 -108.71
C CYS PC 380 -7.46 -62.19 -108.90
N TYR PC 381 -8.70 -61.77 -108.74
CA TYR PC 381 -9.05 -60.39 -109.05
C TYR PC 381 -10.29 -60.00 -108.25
N TRP PC 382 -10.55 -58.70 -108.20
CA TRP PC 382 -11.69 -58.13 -107.48
C TRP PC 382 -12.57 -57.38 -108.46
N ARG PC 383 -13.88 -57.58 -108.38
CA ARG PC 383 -14.86 -56.84 -109.18
C ARG PC 383 -15.46 -55.76 -108.30
N LEU PC 384 -15.06 -54.51 -108.52
CA LEU PC 384 -15.43 -53.42 -107.64
C LEU PC 384 -16.93 -53.12 -107.75
N THR PC 385 -17.57 -52.95 -106.60
CA THR PC 385 -18.98 -52.60 -106.53
C THR PC 385 -19.18 -51.10 -106.24
N ARG PC 386 -18.58 -50.60 -105.16
CA ARG PC 386 -18.63 -49.19 -104.84
C ARG PC 386 -17.36 -48.81 -104.11
N VAL PC 387 -17.02 -47.52 -104.18
CA VAL PC 387 -15.81 -47.00 -103.57
C VAL PC 387 -16.02 -45.53 -103.26
N ARG PC 388 -15.65 -45.13 -102.04
CA ARG PC 388 -15.78 -43.74 -101.59
C ARG PC 388 -14.45 -43.26 -101.05
N PRO PC 389 -13.73 -42.42 -101.79
CA PRO PC 389 -12.47 -41.88 -101.30
C PRO PC 389 -12.71 -40.78 -100.28
N ASP PC 390 -11.65 -40.43 -99.56
CA ASP PC 390 -11.69 -39.36 -98.58
C ASP PC 390 -11.18 -38.06 -99.21
N TYR PC 391 -11.86 -36.97 -98.90
CA TYR PC 391 -11.53 -35.68 -99.50
C TYR PC 391 -10.36 -34.97 -98.81
N ALA PC 392 -9.87 -35.50 -97.69
CA ALA PC 392 -8.75 -34.86 -97.00
C ALA PC 392 -7.49 -34.89 -97.85
N ALA PC 393 -7.23 -36.00 -98.53
CA ALA PC 393 -6.03 -36.12 -99.34
C ALA PC 393 -6.09 -35.16 -100.53
N GLU PC 394 -5.01 -34.41 -100.74
CA GLU PC 394 -4.96 -33.49 -101.87
C GLU PC 394 -4.87 -34.24 -103.20
N ASN PC 395 -4.19 -35.39 -103.21
CA ASN PC 395 -4.07 -36.20 -104.42
C ASN PC 395 -5.14 -37.28 -104.52
N LEU PC 396 -6.00 -37.41 -103.50
CA LEU PC 396 -7.07 -38.41 -103.48
C LEU PC 396 -6.51 -39.81 -103.70
N ASP PC 397 -5.65 -40.23 -102.77
CA ASP PC 397 -5.00 -41.53 -102.84
C ASP PC 397 -5.38 -42.42 -101.66
N HIS PC 398 -6.55 -42.21 -101.08
CA HIS PC 398 -6.99 -43.03 -99.96
C HIS PC 398 -8.51 -43.18 -100.02
N GLY PC 399 -9.00 -44.22 -99.37
CA GLY PC 399 -10.43 -44.48 -99.34
C GLY PC 399 -10.71 -45.95 -99.10
N LYS PC 400 -11.99 -46.22 -98.81
CA LYS PC 400 -12.46 -47.57 -98.55
C LYS PC 400 -13.33 -48.04 -99.70
N ALA PC 401 -13.14 -49.28 -100.12
CA ALA PC 401 -13.81 -49.82 -101.29
C ALA PC 401 -14.36 -51.21 -100.99
N TRP PC 402 -15.37 -51.60 -101.77
CA TRP PC 402 -15.98 -52.92 -101.70
C TRP PC 402 -15.76 -53.64 -103.04
N GLY PC 403 -16.16 -54.89 -103.10
CA GLY PC 403 -15.97 -55.63 -104.34
C GLY PC 403 -16.47 -57.07 -104.21
N ILE PC 404 -16.25 -57.83 -105.28
CA ILE PC 404 -16.62 -59.23 -105.37
C ILE PC 404 -15.36 -60.06 -105.47
N LEU PC 405 -15.26 -61.10 -104.65
CA LEU PC 405 -14.03 -61.88 -104.52
C LEU PC 405 -13.99 -63.02 -105.53
N THR PC 406 -12.85 -63.16 -106.19
CA THR PC 406 -12.60 -64.24 -107.14
C THR PC 406 -11.22 -64.82 -106.81
N PHE PC 407 -11.19 -65.90 -106.05
CA PHE PC 407 -9.95 -66.54 -105.61
C PHE PC 407 -9.83 -67.90 -106.27
N LYS PC 408 -8.73 -68.11 -107.00
CA LYS PC 408 -8.45 -69.39 -107.66
C LYS PC 408 -9.59 -69.80 -108.58
N GLY PC 409 -10.20 -68.83 -109.23
CA GLY PC 409 -11.33 -69.08 -110.11
C GLY PC 409 -12.65 -69.29 -109.41
N LYS PC 410 -12.70 -69.18 -108.08
CA LYS PC 410 -13.93 -69.36 -107.32
C LYS PC 410 -14.52 -68.00 -107.02
N THR PC 411 -15.78 -67.81 -107.41
CA THR PC 411 -16.46 -66.53 -107.28
C THR PC 411 -17.53 -66.62 -106.19
N GLU PC 412 -17.54 -65.63 -105.31
CA GLU PC 412 -18.54 -65.54 -104.26
C GLU PC 412 -19.73 -64.68 -104.71
N SER PC 413 -20.88 -64.95 -104.10
CA SER PC 413 -22.13 -64.30 -104.47
C SER PC 413 -22.51 -63.14 -103.56
N GLU PC 414 -21.57 -62.68 -102.71
CA GLU PC 414 -21.84 -61.58 -101.80
C GLU PC 414 -20.70 -60.57 -101.89
N ALA PC 415 -21.02 -59.31 -101.60
CA ALA PC 415 -20.05 -58.23 -101.64
C ALA PC 415 -19.37 -58.10 -100.28
N ARG PC 416 -18.04 -57.98 -100.30
CA ARG PC 416 -17.23 -57.87 -99.10
C ARG PC 416 -16.33 -56.65 -99.21
N GLU PC 417 -16.15 -55.96 -98.09
CA GLU PC 417 -15.29 -54.78 -98.06
C GLU PC 417 -13.85 -55.20 -98.35
N ILE PC 418 -13.17 -54.39 -99.16
CA ILE PC 418 -11.82 -54.74 -99.59
C ILE PC 418 -10.83 -54.52 -98.45
N GLU PC 419 -10.06 -55.54 -98.14
CA GLU PC 419 -9.06 -55.49 -97.07
C GLU PC 419 -7.69 -55.22 -97.66
N GLN PC 420 -6.82 -54.61 -96.85
CA GLN PC 420 -5.43 -54.33 -97.23
C GLN PC 420 -5.36 -53.41 -98.45
N VAL PC 421 -6.16 -52.33 -98.40
CA VAL PC 421 -6.18 -51.38 -99.51
C VAL PC 421 -4.90 -50.58 -99.56
N MET PC 422 -4.37 -50.18 -98.40
CA MET PC 422 -3.21 -49.29 -98.35
C MET PC 422 -1.92 -49.96 -98.82
N TYR PC 423 -1.92 -51.27 -98.99
CA TYR PC 423 -0.71 -51.97 -99.40
C TYR PC 423 -0.29 -51.54 -100.82
N HIS PC 424 1.01 -51.32 -101.00
CA HIS PC 424 1.55 -50.87 -102.28
C HIS PC 424 1.86 -52.08 -103.17
N ASP PC 425 0.81 -52.82 -103.50
CA ASP PC 425 0.96 -53.98 -104.39
C ASP PC 425 -0.16 -54.13 -105.41
N TRP PC 426 -1.16 -53.25 -105.45
CA TRP PC 426 -2.29 -53.43 -106.34
C TRP PC 426 -1.93 -53.09 -107.79
N ARG PC 427 -2.62 -53.76 -108.71
CA ARG PC 427 -2.46 -53.52 -110.14
C ARG PC 427 -3.84 -53.53 -110.79
N LEU PC 428 -3.92 -52.93 -111.98
CA LEU PC 428 -5.15 -52.83 -112.73
C LEU PC 428 -5.00 -53.54 -114.08
N VAL PC 429 -5.99 -54.35 -114.43
CA VAL PC 429 -5.94 -55.12 -115.68
C VAL PC 429 -6.53 -54.27 -116.81
N PRO PC 430 -6.07 -54.45 -118.04
CA PRO PC 430 -6.63 -53.69 -119.16
C PRO PC 430 -7.97 -54.23 -119.61
N LYS PC 431 -8.66 -53.43 -120.43
CA LYS PC 431 -9.95 -53.85 -120.97
C LYS PC 431 -9.80 -55.06 -121.89
N HIS PC 432 -8.78 -55.05 -122.76
CA HIS PC 432 -8.61 -56.14 -123.72
C HIS PC 432 -8.13 -57.41 -123.06
N GLU PC 433 -7.50 -57.32 -121.89
CA GLU PC 433 -7.07 -58.49 -121.14
C GLU PC 433 -8.09 -58.94 -120.10
N GLU PC 434 -9.24 -58.28 -120.04
CA GLU PC 434 -10.25 -58.63 -119.04
C GLU PC 434 -10.76 -60.05 -119.23
N GLU PC 435 -11.04 -60.44 -120.48
CA GLU PC 435 -11.53 -61.78 -120.76
C GLU PC 435 -10.44 -62.84 -120.68
N ALA PC 436 -9.18 -62.46 -120.94
CA ALA PC 436 -8.10 -63.44 -120.87
C ALA PC 436 -7.94 -63.97 -119.45
N PHE PC 437 -7.96 -63.08 -118.45
CA PHE PC 437 -7.87 -63.51 -117.07
C PHE PC 437 -9.20 -64.08 -116.56
N THR PC 438 -10.32 -63.61 -117.11
CA THR PC 438 -11.62 -64.10 -116.66
C THR PC 438 -11.80 -65.58 -116.96
N ALA PC 439 -11.36 -66.01 -118.16
CA ALA PC 439 -11.47 -67.42 -118.52
C ALA PC 439 -10.62 -68.27 -117.59
N PHE PC 440 -11.21 -69.36 -117.09
CA PHE PC 440 -10.55 -70.22 -116.11
C PHE PC 440 -10.72 -71.67 -116.53
N THR PC 441 -9.71 -72.47 -116.20
CA THR PC 441 -9.71 -73.91 -116.46
C THR PC 441 -9.89 -74.63 -115.13
N LEU PC 442 -11.05 -75.24 -114.94
CA LEU PC 442 -11.36 -75.91 -113.68
C LEU PC 442 -10.59 -77.22 -113.58
N VAL PC 443 -9.81 -77.37 -112.53
CA VAL PC 443 -9.00 -78.55 -112.27
C VAL PC 443 -9.53 -79.24 -111.02
N PRO PC 444 -10.00 -80.48 -111.09
CA PRO PC 444 -10.48 -81.17 -109.90
C PRO PC 444 -9.37 -81.41 -108.90
N GLU PC 445 -9.75 -81.46 -107.63
CA GLU PC 445 -8.79 -81.68 -106.55
C GLU PC 445 -8.49 -83.17 -106.40
N ASP PC 446 -7.22 -83.48 -106.23
CA ASP PC 446 -6.76 -84.87 -106.10
C ASP PC 446 -6.41 -85.24 -104.65
N THR PC 447 -6.73 -84.38 -103.70
CA THR PC 447 -6.41 -84.66 -102.30
C THR PC 447 -7.22 -85.86 -101.81
N PRO PC 448 -6.63 -86.72 -100.98
CA PRO PC 448 -7.39 -87.84 -100.44
C PRO PC 448 -8.54 -87.38 -99.56
N LEU PC 449 -9.66 -88.10 -99.64
CA LEU PC 449 -10.83 -87.78 -98.83
C LEU PC 449 -10.84 -88.48 -97.49
N SER PC 450 -9.89 -89.39 -97.24
CA SER PC 450 -9.81 -90.09 -95.97
C SER PC 450 -8.36 -90.43 -95.68
N VAL PC 451 -7.97 -90.32 -94.41
CA VAL PC 451 -6.61 -90.63 -93.98
C VAL PC 451 -6.67 -91.56 -92.77
N PRO PC 452 -5.66 -92.38 -92.53
CA PRO PC 452 -5.67 -93.24 -91.35
C PRO PC 452 -5.57 -92.43 -90.06
N TYR PC 453 -6.15 -92.98 -89.01
CA TYR PC 453 -6.11 -92.34 -87.70
C TYR PC 453 -4.70 -92.40 -87.12
N PRO PC 454 -4.39 -91.51 -86.18
CA PRO PC 454 -3.12 -91.62 -85.48
C PRO PC 454 -3.03 -92.94 -84.74
N PRO PC 455 -1.82 -93.50 -84.59
CA PRO PC 455 -1.72 -94.90 -84.12
C PRO PC 455 -2.34 -95.17 -82.77
N LEU PC 456 -2.00 -94.37 -81.75
CA LEU PC 456 -2.57 -94.60 -80.42
C LEU PC 456 -4.08 -94.39 -80.42
N LEU PC 457 -4.55 -93.34 -81.08
CA LEU PC 457 -6.00 -93.09 -81.15
C LEU PC 457 -6.70 -94.16 -81.96
N ARG PC 458 -6.02 -94.75 -82.95
CA ARG PC 458 -6.62 -95.83 -83.72
C ARG PC 458 -6.88 -97.05 -82.85
N ALA PC 459 -5.97 -97.36 -81.93
CA ALA PC 459 -6.13 -98.55 -81.09
C ALA PC 459 -7.37 -98.46 -80.21
N MET PC 460 -7.63 -97.27 -79.65
CA MET PC 460 -8.81 -97.11 -78.80
C MET PC 460 -10.10 -97.31 -79.58
N ILE PC 461 -10.11 -96.92 -80.86
CA ILE PC 461 -11.28 -97.14 -81.69
C ILE PC 461 -11.55 -98.64 -81.85
N LEU PC 462 -10.49 -99.41 -82.13
CA LEU PC 462 -10.65 -100.86 -82.23
C LEU PC 462 -11.01 -101.47 -80.88
N ALA PC 463 -10.41 -100.96 -79.81
CA ALA PC 463 -10.65 -101.53 -78.48
C ALA PC 463 -12.10 -101.35 -78.06
N GLN PC 464 -12.70 -100.18 -78.33
CA GLN PC 464 -14.05 -99.93 -77.88
C GLN PC 464 -15.06 -100.83 -78.58
N ARG PC 465 -14.97 -100.94 -79.91
CA ARG PC 465 -15.94 -101.77 -80.63
C ARG PC 465 -15.75 -103.25 -80.32
N GLN PC 466 -14.51 -103.68 -80.11
CA GLN PC 466 -14.28 -105.06 -79.71
C GLN PC 466 -14.87 -105.33 -78.33
N LYS PC 467 -14.75 -104.38 -77.41
CA LYS PC 467 -15.31 -104.54 -76.08
C LYS PC 467 -16.84 -104.63 -76.13
N TYR PC 468 -17.48 -103.78 -76.93
CA TYR PC 468 -18.93 -103.74 -77.01
C TYR PC 468 -19.52 -104.84 -77.88
N GLY PC 469 -18.70 -105.57 -78.63
CA GLY PC 469 -19.17 -106.68 -79.44
C GLY PC 469 -19.05 -106.47 -80.93
N ASP PC 470 -18.73 -105.27 -81.39
CA ASP PC 470 -18.55 -105.02 -82.82
C ASP PC 470 -17.18 -105.53 -83.23
N THR PC 471 -17.15 -106.69 -83.91
CA THR PC 471 -15.92 -107.37 -84.25
C THR PC 471 -15.48 -107.14 -85.69
N SER PC 472 -16.08 -106.16 -86.37
CA SER PC 472 -15.69 -105.87 -87.75
C SER PC 472 -14.24 -105.39 -87.80
N THR PC 473 -13.50 -105.90 -88.78
CA THR PC 473 -12.07 -105.60 -88.91
C THR PC 473 -11.80 -104.49 -89.93
N GLU PC 474 -12.84 -103.74 -90.32
CA GLU PC 474 -12.65 -102.64 -91.26
C GLU PC 474 -11.83 -101.53 -90.60
N GLU PC 475 -10.82 -101.06 -91.33
CA GLU PC 475 -9.91 -100.07 -90.77
C GLU PC 475 -10.61 -98.72 -90.65
N PRO PC 476 -10.57 -98.07 -89.49
CA PRO PC 476 -11.21 -96.76 -89.36
C PRO PC 476 -10.51 -95.70 -90.19
N MET PC 477 -11.27 -94.72 -90.63
CA MET PC 477 -10.75 -93.64 -91.45
C MET PC 477 -11.31 -92.31 -90.94
N LEU PC 478 -10.56 -91.24 -91.25
CA LEU PC 478 -10.91 -89.89 -90.84
C LEU PC 478 -11.40 -89.12 -92.06
N ASN PC 479 -12.60 -88.55 -91.95
CA ASN PC 479 -13.24 -87.87 -93.07
C ASN PC 479 -12.65 -86.47 -93.21
N LEU PC 480 -11.65 -86.33 -94.10
CA LEU PC 480 -11.04 -85.04 -94.39
C LEU PC 480 -11.82 -84.31 -95.47
N GLU PC 481 -13.08 -84.00 -95.15
CA GLU PC 481 -13.94 -83.26 -96.05
C GLU PC 481 -14.50 -81.99 -95.42
N ARG PC 482 -14.79 -82.01 -94.12
CA ARG PC 482 -15.30 -80.85 -93.41
C ARG PC 482 -14.18 -79.97 -92.87
N ALA PC 483 -12.92 -80.38 -93.04
CA ALA PC 483 -11.78 -79.63 -92.53
C ALA PC 483 -11.03 -78.88 -93.62
N ARG PC 484 -11.75 -78.43 -94.66
CA ARG PC 484 -11.12 -77.63 -95.71
C ARG PC 484 -10.58 -76.33 -95.12
N ILE PC 485 -9.34 -76.01 -95.46
CA ILE PC 485 -8.66 -74.82 -94.93
C ILE PC 485 -8.36 -73.89 -96.09
N ASP PC 486 -8.84 -72.65 -95.99
CA ASP PC 486 -8.52 -71.65 -96.99
C ASP PC 486 -7.06 -71.23 -96.86
N PRO PC 487 -6.42 -70.87 -97.98
CA PRO PC 487 -5.02 -70.39 -97.90
C PRO PC 487 -4.92 -69.12 -97.08
N TRP PC 488 -3.75 -68.95 -96.45
CA TRP PC 488 -3.54 -67.83 -95.54
C TRP PC 488 -3.66 -66.48 -96.22
N ASP PC 489 -3.38 -66.39 -97.52
CA ASP PC 489 -3.47 -65.12 -98.23
C ASP PC 489 -4.91 -64.71 -98.54
N TYR PC 490 -5.87 -65.60 -98.33
CA TYR PC 490 -7.26 -65.26 -98.56
C TYR PC 490 -7.72 -64.22 -97.55
N PRO PC 491 -8.27 -63.09 -97.99
CA PRO PC 491 -8.68 -62.04 -97.04
C PRO PC 491 -9.84 -62.49 -96.17
N ALA PC 492 -9.78 -62.11 -94.90
CA ALA PC 492 -10.83 -62.44 -93.96
C ALA PC 492 -11.92 -61.38 -93.98
N LYS PC 493 -13.11 -61.77 -93.53
CA LYS PC 493 -14.24 -60.86 -93.49
C LYS PC 493 -14.00 -59.76 -92.46
N LEU PC 494 -13.91 -58.51 -92.93
CA LEU PC 494 -13.72 -57.40 -92.01
C LEU PC 494 -14.93 -57.24 -91.10
N GLU PC 495 -16.14 -57.37 -91.65
CA GLU PC 495 -17.34 -57.31 -90.84
C GLU PC 495 -17.48 -58.60 -90.03
N ALA PC 496 -17.94 -58.46 -88.79
CA ALA PC 496 -18.13 -59.61 -87.92
C ALA PC 496 -19.40 -60.37 -88.33
N LYS PC 497 -19.77 -61.37 -87.53
CA LYS PC 497 -20.93 -62.20 -87.81
C LYS PC 497 -21.93 -62.06 -86.67
N THR PC 498 -23.18 -61.78 -87.01
CA THR PC 498 -24.24 -61.69 -86.01
C THR PC 498 -24.78 -63.08 -85.69
N LYS PC 499 -25.62 -63.15 -84.67
CA LYS PC 499 -26.22 -64.41 -84.27
C LYS PC 499 -27.07 -64.98 -85.40
N THR PC 500 -26.90 -66.27 -85.68
CA THR PC 500 -27.63 -66.93 -86.75
C THR PC 500 -28.58 -67.99 -86.20
#